data_9EFK
#
_entry.id   9EFK
#
_cell.length_a   1.00
_cell.length_b   1.00
_cell.length_c   1.00
_cell.angle_alpha   90.00
_cell.angle_beta   90.00
_cell.angle_gamma   90.00
#
_symmetry.space_group_name_H-M   'P 1'
#
loop_
_entity.id
_entity.type
_entity.pdbx_description
1 polymer orf12
2 polymer orf18
3 polymer orf22
4 polymer orf17
#
loop_
_entity_poly.entity_id
_entity_poly.type
_entity_poly.pdbx_seq_one_letter_code
_entity_poly.pdbx_strand_id
1 'polypeptide(L)'
;MVDVKKLLGKRDNSKLYEEIRKETKPKLDVNRLCRMRNDAKSDLDMWRSILQTAYHYAMPDYNPFENYGLAGFLTPGQQY
NADIYDLTLPIAHKRLADKMLMNMVPQGQQWVKFTPGDEFGEPGTPLYQRALDATQRMTDHFFKIIDRSNFYLAVGESLQ
DVLISTGIIAINEGNRKRPVRYEAVPPAQVMFQGDAEGQVDAIFRDWYQVRIENIKSMWPKAEVAKLNKKPEDKVDIWEC
AWIDYEAPEKERYQYVVMTSSKDVLLEQSNSSWPWVVYRMRRLTGEIRGRGPSLSAYPTAATINQALEDELVAAAFQANP
MYMAASDSAFNQQTFTPRPGSIVPVQMVQGEWPIKPFEQSGNIQFNALLVNDFRQQINELLYAFPLGAVNSPTRTATEAE
IRYTENLESFSAMVPRLQNEFFIPVIQRTLWVINKVLPETFANIPDDIRNKMISVDGQILGLSFDTPLMTAKGQVKTAAL
LGFYQAAASLLGPEAATASLDPVEVLTNLADNQGIDVRNIKTREELEQLLQAAGQIAQQEAAQQGVIIGSEQPQ
;
A,B,C,D,E,F,G,H,I,J,K,L
2 'polypeptide(L)'
;MPIRSISNTFNRGELDPTLFARDDLDIYDKGARKLRNMIALWTGAARIAPGTIYIDMMVDRENGNAVIQDPLMVKGFDFT
YDADAEITYTIIIRKSGTNIAFDIYYADTLQTTVTSTAYLATQIQDIHVAAAHDRVLILHENVQIRQLKRGASHSSWSLT
TFNPRVYPTYDFSVIGEAINYQSFTFTLSATTGSITITSSSAVFTHNHVGGLFRSLGGTARITAVASTTSASATVLDNFT
GTSCAGNLSSLAEKLWNSDTTTAPVSANRGWPARGVFYLNRLILGRSLAVKNLVNLSTAGVYDNFDDADLDGLVAFSVTF
NGKGEQSVQSIVADDSILFTTANKLFAQSPLVESPITINNVYFAPQSQSPATSIEAASIDNQTLFVSSDRTKVMQAMYST
ADGKYITLPATMLSNSIVDYINSNGTWEPAGISTRLYLATQDNGTMLLYSTLQTQNVAGWSLRTTTGKFRQVIGEGRQSH
VIVEREINIGASFEQTLDYAYLSDPTFKARYDVTEFFASSPMTSAIGVLENQNDYILIGNQAPFTALDIDFNLVASSDCQ
LQFEYLDGNGFWDVFTPTDNTSGFTVDGTITWTFDDVLNWAPYQVNAIENQYWIRIKRLAETVNTAPVIGQVLINTGNRI
YLERQSFDEYMDSTQIVTSDSNGLVTGLTHLAGQQVYAITEDGATIGSSFVDASGETSVKNVNTTLTVGMQYKPELIPMP
LYAPTQMGDSLYAEKYVQDLYVDYVDSLYLQAGFRPQLTDIPNMHLGNYTLGQSVPPQTGIYRICPRGDWEPRQEFVITQ
SQPGPMTIIGVGYNVEVA
;
M,N,O,P,Q,R
3 'polypeptide(L)'
;MSNIKINDVFQRIQYAASAGQTQFTIPFPFFDNEYVLVWQNGVQLVMGGAPGQYGISGAGSPSGGLITLVTPAALNDIIT
IQGDMPIDRTSIYSATISNLTGSDLNGDFNREVVMMKQIQTTQALLQLQYAPWLEVSQDPDVTKDRYLPLLGSGQVWRMN
DSGTGIEAYTIDETPAPSSSPFIIYQADATLSNAQNLGALTSGILKQTVGGGSSTLSIAQNAVDYWAPGDELTRSQAPVS
PDDVVNKAYADSIASGFTFINPVNAASTANFNSTYNNGSSGVGATLTATSNGAFSLDGQAGVLNKSYLMKDQTNTFENGI
YILTQVGDGSTPAILTRATYFDQPSEIQPGDLVPVLAGTVNNGTLWLQTDTVSAVGTDPITFIAFLPAFSNIVTISGNQT
ITGDKTFTGTTTLDNFIFVGSNIQHLGDTGNQIIFGTATQINTINNNTISDLSSSGLRLGAANARVSTILDEDDMASDSA
TALATQQSIKAYVDNFRAAGAILQTVSTNMTNTFSASLAAGSGFSDVTGFNVSITPSATANKVFIKVDMLLASDTVDIVV
VVRLKRNGTPIDIGNAAGSRIQITTGSTNAKALDGLQAVSFSFLDSPATTSAITYQVDIGQRTSGSAVGIVVNRSGADVD
SSSYTRGASTITAQEIKG
;
AE,AF,AG,AN,AO,AP,AW,AX,AY,BF,BG,BH,BO,BP,BQ,BX,BY,BZ
4 'polypeptide(L)'
;MIELTSAPTTKIEIISAAISMVGKQQTVNTIDGGGALAIDAEKLYDTLVSAELGSNRWRFAQAFQQISIITTLNPTFDGW
LYECQIPADCIMVQYLYPNIQYIVFGDKILTKSNQTFTLIYSRNVPVSKWPPPFSLYIVYHLASMLGISVTNSDRMLARI
SQGMEMWESRALFADAQSSVTLPFRHNPYVDVRYRYKTRGY
;
T,AC,AD,S,X,U,V,W,Y,Z,AA,AB
#
# COMPACT_ATOMS: atom_id res chain seq x y z
N VAL A 30 29.54 -63.17 71.14
CA VAL A 30 28.69 -63.32 69.97
C VAL A 30 27.60 -62.27 69.96
N ASN A 31 27.01 -62.01 71.13
CA ASN A 31 25.99 -60.98 71.22
C ASN A 31 26.59 -59.61 70.94
N ARG A 32 27.82 -59.38 71.38
CA ARG A 32 28.50 -58.13 71.06
C ARG A 32 28.81 -58.04 69.58
N LEU A 33 29.13 -59.17 68.94
CA LEU A 33 29.40 -59.17 67.51
C LEU A 33 28.18 -58.71 66.73
N CYS A 34 26.99 -59.18 67.11
CA CYS A 34 25.78 -58.80 66.38
C CYS A 34 25.44 -57.33 66.57
N ARG A 35 25.71 -56.77 67.75
CA ARG A 35 25.50 -55.34 67.95
C ARG A 35 26.43 -54.51 67.07
N MET A 36 27.70 -54.92 66.97
CA MET A 36 28.62 -54.21 66.09
C MET A 36 28.21 -54.33 64.64
N ARG A 37 27.77 -55.52 64.23
CA ARG A 37 27.39 -55.73 62.84
C ARG A 37 26.16 -54.93 62.47
N ASN A 38 25.19 -54.83 63.38
CA ASN A 38 23.98 -54.07 63.11
C ASN A 38 24.29 -52.58 63.01
N ASP A 39 25.17 -52.07 63.87
CA ASP A 39 25.56 -50.66 63.78
C ASP A 39 26.31 -50.38 62.48
N ALA A 40 27.21 -51.28 62.08
CA ALA A 40 27.92 -51.08 60.82
C ALA A 40 26.99 -51.24 59.62
N LYS A 41 25.92 -52.02 59.77
CA LYS A 41 24.96 -52.19 58.69
C LYS A 41 24.12 -50.93 58.49
N SER A 42 23.79 -50.23 59.57
CA SER A 42 23.03 -48.99 59.46
C SER A 42 23.82 -47.90 58.76
N ASP A 43 25.13 -47.85 58.97
CA ASP A 43 25.95 -46.88 58.25
C ASP A 43 25.92 -47.12 56.75
N LEU A 44 26.00 -48.39 56.35
CA LEU A 44 25.93 -48.73 54.94
C LEU A 44 24.59 -48.34 54.33
N ASP A 45 23.50 -48.54 55.09
CA ASP A 45 22.18 -48.16 54.60
C ASP A 45 22.06 -46.66 54.38
N MET A 46 22.74 -45.85 55.19
CA MET A 46 22.72 -44.42 54.99
C MET A 46 23.57 -43.98 53.81
N TRP A 47 24.50 -44.82 53.35
CA TRP A 47 25.32 -44.52 52.19
C TRP A 47 24.72 -45.01 50.88
N ARG A 48 23.69 -45.87 50.93
CA ARG A 48 23.25 -46.56 49.72
C ARG A 48 22.74 -45.60 48.67
N SER A 49 21.99 -44.58 49.08
CA SER A 49 21.35 -43.69 48.11
C SER A 49 22.40 -42.92 47.31
N ILE A 50 23.36 -42.31 47.99
CA ILE A 50 24.34 -41.49 47.28
C ILE A 50 25.33 -42.36 46.51
N LEU A 51 25.69 -43.53 47.04
CA LEU A 51 26.67 -44.37 46.36
C LEU A 51 26.08 -45.03 45.13
N GLN A 52 24.82 -45.47 45.20
CA GLN A 52 24.20 -46.05 44.01
C GLN A 52 24.08 -45.01 42.90
N THR A 53 23.77 -43.76 43.26
CA THR A 53 23.69 -42.70 42.26
C THR A 53 25.07 -42.38 41.68
N ALA A 54 26.08 -42.28 42.53
CA ALA A 54 27.42 -41.95 42.04
C ALA A 54 27.96 -43.04 41.13
N TYR A 55 27.78 -44.31 41.51
CA TYR A 55 28.23 -45.41 40.67
C TYR A 55 27.48 -45.45 39.35
N HIS A 56 26.19 -45.08 39.37
CA HIS A 56 25.40 -45.14 38.15
C HIS A 56 25.96 -44.22 37.09
N TYR A 57 26.36 -43.01 37.47
CA TYR A 57 26.86 -42.06 36.48
C TYR A 57 28.33 -42.26 36.14
N ALA A 58 29.07 -43.02 36.94
CA ALA A 58 30.49 -43.24 36.70
C ALA A 58 30.80 -44.61 36.13
N MET A 59 30.24 -45.67 36.70
CA MET A 59 30.42 -47.04 36.19
C MET A 59 29.05 -47.71 36.14
N PRO A 60 28.22 -47.36 35.15
CA PRO A 60 26.85 -47.89 35.13
C PRO A 60 26.76 -49.41 35.06
N ASP A 61 27.69 -50.06 34.35
CA ASP A 61 27.60 -51.51 34.18
C ASP A 61 28.22 -52.29 35.34
N TYR A 62 29.01 -51.64 36.19
CA TYR A 62 29.68 -52.30 37.29
C TYR A 62 29.26 -51.71 38.63
N ASN A 63 27.98 -51.41 38.76
CA ASN A 63 27.45 -50.77 39.96
C ASN A 63 27.10 -51.85 40.97
N PRO A 64 27.87 -52.00 42.06
CA PRO A 64 27.58 -53.07 43.02
C PRO A 64 26.41 -52.76 43.95
N PHE A 65 25.90 -51.55 43.94
CA PHE A 65 24.77 -51.18 44.78
C PHE A 65 23.44 -51.39 44.10
N GLU A 66 23.43 -51.88 42.87
CA GLU A 66 22.18 -52.08 42.16
C GLU A 66 21.38 -53.21 42.77
N ASN A 67 20.05 -53.11 42.64
CA ASN A 67 19.13 -54.09 43.21
C ASN A 67 19.35 -54.25 44.71
N TYR A 68 19.55 -53.12 45.40
CA TYR A 68 19.73 -53.08 46.85
C TYR A 68 20.90 -53.97 47.29
N GLY A 69 21.99 -53.94 46.53
CA GLY A 69 23.19 -54.65 46.88
C GLY A 69 23.26 -56.07 46.35
N LEU A 70 22.16 -56.63 45.87
CA LEU A 70 22.20 -57.97 45.30
C LEU A 70 22.92 -58.01 43.96
N ALA A 71 22.97 -56.87 43.25
CA ALA A 71 23.64 -56.79 41.96
C ALA A 71 23.16 -57.88 41.01
N GLY A 72 24.07 -58.74 40.58
CA GLY A 72 23.73 -59.82 39.66
C GLY A 72 23.52 -61.17 40.30
N PHE A 73 23.43 -61.25 41.62
CA PHE A 73 23.27 -62.54 42.28
C PHE A 73 21.92 -63.18 41.96
N LEU A 74 20.85 -62.38 41.95
CA LEU A 74 19.52 -62.94 41.72
C LEU A 74 19.17 -63.00 40.24
N THR A 75 19.37 -61.91 39.50
CA THR A 75 19.02 -61.83 38.09
C THR A 75 20.21 -61.31 37.30
N PRO A 76 21.06 -62.19 36.80
CA PRO A 76 22.17 -61.75 35.95
C PRO A 76 21.70 -61.30 34.59
N GLY A 77 22.55 -60.54 33.91
CA GLY A 77 22.25 -60.12 32.57
C GLY A 77 21.29 -58.96 32.45
N GLN A 78 21.06 -58.20 33.50
CA GLN A 78 20.21 -57.02 33.42
C GLN A 78 20.90 -55.91 32.65
N GLN A 79 20.09 -55.01 32.11
CA GLN A 79 20.61 -53.81 31.46
C GLN A 79 20.64 -52.67 32.46
N TYR A 80 21.79 -52.00 32.55
CA TYR A 80 21.98 -50.94 33.52
C TYR A 80 22.30 -49.57 32.92
N ASN A 81 22.85 -49.51 31.71
CA ASN A 81 23.41 -48.28 31.18
C ASN A 81 22.55 -47.66 30.09
N ALA A 82 21.29 -48.07 29.96
CA ALA A 82 20.47 -47.55 28.87
C ALA A 82 20.19 -46.06 29.02
N ASP A 83 20.10 -45.56 30.25
CA ASP A 83 19.78 -44.16 30.49
C ASP A 83 21.01 -43.29 30.75
N ILE A 84 22.20 -43.80 30.44
CA ILE A 84 23.42 -43.01 30.50
C ILE A 84 23.69 -42.53 29.07
N TYR A 85 23.18 -41.35 28.75
CA TYR A 85 23.33 -40.80 27.41
C TYR A 85 24.71 -40.22 27.18
N ASP A 86 25.32 -39.65 28.21
CA ASP A 86 26.62 -39.02 28.10
C ASP A 86 27.67 -39.88 28.78
N LEU A 87 28.75 -40.18 28.07
CA LEU A 87 29.79 -41.05 28.57
C LEU A 87 31.02 -40.28 29.04
N THR A 88 30.92 -38.97 29.20
CA THR A 88 32.07 -38.18 29.61
C THR A 88 32.63 -38.65 30.95
N LEU A 89 31.78 -38.72 31.97
CA LEU A 89 32.26 -39.16 33.28
C LEU A 89 32.72 -40.62 33.27
N PRO A 90 31.98 -41.58 32.72
CA PRO A 90 32.50 -42.96 32.69
C PRO A 90 33.84 -43.11 32.00
N ILE A 91 34.07 -42.37 30.92
CA ILE A 91 35.34 -42.46 30.21
C ILE A 91 36.47 -41.86 31.04
N ALA A 92 36.23 -40.67 31.59
CA ALA A 92 37.28 -40.02 32.38
C ALA A 92 37.56 -40.78 33.67
N HIS A 93 36.53 -41.35 34.28
CA HIS A 93 36.71 -42.11 35.51
C HIS A 93 37.58 -43.34 35.27
N LYS A 94 37.32 -44.06 34.19
CA LYS A 94 38.09 -45.26 33.88
C LYS A 94 39.53 -44.91 33.55
N ARG A 95 39.74 -43.86 32.74
CA ARG A 95 41.09 -43.49 32.34
C ARG A 95 41.91 -42.97 33.52
N LEU A 96 41.27 -42.27 34.47
CA LEU A 96 41.98 -41.82 35.65
C LEU A 96 42.41 -43.00 36.51
N ALA A 97 41.52 -43.98 36.69
CA ALA A 97 41.88 -45.15 37.50
C ALA A 97 43.00 -45.94 36.84
N ASP A 98 42.94 -46.10 35.51
CA ASP A 98 44.02 -46.78 34.79
C ASP A 98 45.32 -46.01 34.93
N LYS A 99 45.25 -44.68 34.83
CA LYS A 99 46.45 -43.85 34.95
C LYS A 99 47.08 -43.96 36.34
N MET A 100 46.24 -44.01 37.38
CA MET A 100 46.76 -44.17 38.73
C MET A 100 47.45 -45.52 38.90
N LEU A 101 46.91 -46.56 38.27
CA LEU A 101 47.50 -47.89 38.39
C LEU A 101 48.90 -47.92 37.78
N MET A 102 49.08 -47.30 36.62
CA MET A 102 50.38 -47.36 35.95
C MET A 102 51.42 -46.50 36.64
N ASN A 103 50.99 -45.45 37.34
CA ASN A 103 51.94 -44.55 37.98
C ASN A 103 52.24 -44.93 39.42
N MET A 104 51.41 -45.76 40.05
CA MET A 104 51.64 -46.20 41.41
C MET A 104 52.28 -47.58 41.49
N VAL A 105 51.75 -48.53 40.74
CA VAL A 105 52.31 -49.89 40.71
C VAL A 105 52.52 -50.28 39.26
N PRO A 106 53.51 -49.72 38.57
CA PRO A 106 53.73 -50.07 37.16
C PRO A 106 54.09 -51.53 36.99
N GLN A 107 53.19 -52.28 36.34
CA GLN A 107 53.37 -53.72 36.21
C GLN A 107 54.63 -54.02 35.40
N GLY A 108 55.34 -55.07 35.80
CA GLY A 108 56.59 -55.39 35.15
C GLY A 108 57.74 -54.49 35.54
N GLN A 109 57.61 -53.76 36.63
CA GLN A 109 58.70 -52.95 37.17
C GLN A 109 58.80 -53.20 38.66
N GLN A 110 59.95 -52.83 39.22
CA GLN A 110 60.21 -53.04 40.65
C GLN A 110 59.90 -51.75 41.38
N TRP A 111 58.61 -51.54 41.65
CA TRP A 111 58.13 -50.28 42.19
C TRP A 111 58.29 -50.15 43.69
N VAL A 112 58.76 -51.19 44.37
CA VAL A 112 59.08 -51.10 45.79
C VAL A 112 60.32 -51.93 46.06
N LYS A 113 61.09 -51.51 47.06
CA LYS A 113 62.33 -52.18 47.45
C LYS A 113 62.33 -52.41 48.95
N PHE A 114 62.80 -53.59 49.35
CA PHE A 114 63.10 -53.82 50.75
C PHE A 114 64.51 -53.31 51.06
N THR A 115 64.64 -52.66 52.21
CA THR A 115 65.90 -52.11 52.67
C THR A 115 66.15 -52.56 54.10
N PRO A 116 67.41 -52.62 54.52
CA PRO A 116 67.69 -52.96 55.93
C PRO A 116 67.07 -51.93 56.86
N GLY A 117 66.56 -52.42 57.99
CA GLY A 117 65.93 -51.56 58.96
C GLY A 117 66.95 -50.85 59.85
N ASP A 118 66.41 -50.10 60.80
CA ASP A 118 67.26 -49.28 61.67
C ASP A 118 68.17 -50.12 62.56
N GLU A 119 67.84 -51.40 62.78
CA GLU A 119 68.66 -52.24 63.64
C GLU A 119 70.03 -52.55 63.06
N PHE A 120 70.24 -52.32 61.77
CA PHE A 120 71.51 -52.64 61.13
C PHE A 120 72.48 -51.47 61.10
N GLY A 121 72.12 -50.34 61.69
CA GLY A 121 73.04 -49.23 61.80
C GLY A 121 73.00 -48.32 60.59
N GLU A 122 74.04 -47.51 60.48
CA GLU A 122 74.13 -46.54 59.40
C GLU A 122 74.46 -47.22 58.09
N PRO A 123 73.93 -46.75 56.97
CA PRO A 123 74.27 -47.34 55.67
C PRO A 123 75.74 -47.15 55.35
N GLY A 124 76.27 -48.10 54.59
CA GLY A 124 77.64 -48.05 54.12
C GLY A 124 78.62 -48.90 54.91
N THR A 125 78.27 -49.30 56.13
CA THR A 125 79.15 -50.15 56.91
C THR A 125 79.19 -51.56 56.33
N PRO A 126 80.24 -52.32 56.63
CA PRO A 126 80.29 -53.70 56.14
C PRO A 126 79.10 -54.55 56.58
N LEU A 127 78.64 -54.37 57.82
CA LEU A 127 77.50 -55.14 58.30
C LEU A 127 76.23 -54.77 57.56
N TYR A 128 76.00 -53.47 57.34
CA TYR A 128 74.84 -53.03 56.59
C TYR A 128 74.88 -53.52 55.15
N GLN A 129 76.07 -53.64 54.58
CA GLN A 129 76.20 -54.05 53.19
C GLN A 129 75.70 -55.48 52.98
N ARG A 130 75.98 -56.37 53.94
CA ARG A 130 75.52 -57.74 53.82
C ARG A 130 74.01 -57.83 53.97
N ALA A 131 73.42 -57.04 54.87
CA ALA A 131 71.97 -57.00 54.99
C ALA A 131 71.34 -56.43 53.73
N LEU A 132 71.97 -55.42 53.13
CA LEU A 132 71.45 -54.83 51.90
C LEU A 132 71.43 -55.84 50.77
N ASP A 133 72.45 -56.71 50.72
CA ASP A 133 72.47 -57.77 49.71
C ASP A 133 71.31 -58.73 49.91
N ALA A 134 71.01 -59.08 51.17
CA ALA A 134 69.91 -60.00 51.43
C ALA A 134 68.56 -59.39 51.08
N THR A 135 68.36 -58.11 51.41
CA THR A 135 67.07 -57.48 51.10
C THR A 135 66.88 -57.30 49.61
N GLN A 136 67.97 -57.16 48.84
CA GLN A 136 67.84 -57.10 47.39
C GLN A 136 67.41 -58.46 46.84
N ARG A 137 67.89 -59.55 47.44
CA ARG A 137 67.41 -60.87 47.06
C ARG A 137 65.94 -61.05 47.41
N MET A 138 65.52 -60.55 48.58
CA MET A 138 64.13 -60.66 48.98
C MET A 138 63.23 -59.89 48.03
N THR A 139 63.67 -58.71 47.57
CA THR A 139 62.86 -57.92 46.66
C THR A 139 62.64 -58.65 45.33
N ASP A 140 63.68 -59.31 44.82
CA ASP A 140 63.53 -60.06 43.57
C ASP A 140 62.54 -61.20 43.74
N HIS A 141 62.63 -61.93 44.85
CA HIS A 141 61.73 -63.05 45.08
C HIS A 141 60.31 -62.57 45.34
N PHE A 142 60.17 -61.44 46.02
CA PHE A 142 58.84 -60.91 46.30
C PHE A 142 58.10 -60.57 45.02
N PHE A 143 58.79 -59.97 44.05
CA PHE A 143 58.12 -59.55 42.83
C PHE A 143 57.85 -60.73 41.89
N LYS A 144 58.63 -61.80 41.98
CA LYS A 144 58.31 -62.99 41.20
C LYS A 144 56.98 -63.59 41.63
N ILE A 145 56.71 -63.58 42.94
CA ILE A 145 55.44 -64.08 43.45
C ILE A 145 54.30 -63.17 43.02
N ILE A 146 54.48 -61.86 43.17
CA ILE A 146 53.41 -60.92 42.86
C ILE A 146 53.13 -60.87 41.36
N ASP A 147 54.16 -60.99 40.54
CA ASP A 147 53.97 -60.89 39.09
C ASP A 147 53.16 -62.03 38.51
N ARG A 148 53.13 -63.20 39.16
CA ARG A 148 52.35 -64.32 38.67
C ARG A 148 50.99 -64.45 39.36
N SER A 149 50.65 -63.51 40.23
CA SER A 149 49.36 -63.51 40.89
C SER A 149 48.38 -62.60 40.14
N ASN A 150 47.18 -62.46 40.68
CA ASN A 150 46.19 -61.52 40.15
C ASN A 150 46.22 -60.19 40.88
N PHE A 151 47.40 -59.80 41.37
CA PHE A 151 47.53 -58.57 42.14
C PHE A 151 47.09 -57.36 41.34
N TYR A 152 47.60 -57.23 40.10
CA TYR A 152 47.30 -56.05 39.31
C TYR A 152 45.84 -56.01 38.86
N LEU A 153 45.25 -57.18 38.65
CA LEU A 153 43.82 -57.21 38.34
C LEU A 153 42.98 -56.74 39.52
N ALA A 154 43.36 -57.14 40.74
CA ALA A 154 42.60 -56.76 41.91
C ALA A 154 42.79 -55.29 42.27
N VAL A 155 44.03 -54.80 42.15
CA VAL A 155 44.29 -53.39 42.47
C VAL A 155 43.57 -52.48 41.49
N GLY A 156 43.58 -52.84 40.20
CA GLY A 156 42.92 -52.01 39.21
C GLY A 156 41.43 -51.85 39.48
N GLU A 157 40.78 -52.92 39.92
CA GLU A 157 39.35 -52.83 40.23
C GLU A 157 39.11 -52.01 41.49
N SER A 158 39.97 -52.15 42.50
CA SER A 158 39.79 -51.38 43.72
C SER A 158 40.04 -49.89 43.49
N LEU A 159 40.94 -49.54 42.57
CA LEU A 159 41.18 -48.13 42.28
C LEU A 159 39.95 -47.46 41.68
N GLN A 160 39.16 -48.21 40.90
CA GLN A 160 37.92 -47.64 40.38
C GLN A 160 36.91 -47.41 41.48
N ASP A 161 36.96 -48.21 42.55
CA ASP A 161 36.07 -47.99 43.68
C ASP A 161 36.50 -46.78 44.50
N VAL A 162 37.81 -46.60 44.70
CA VAL A 162 38.28 -45.51 45.53
C VAL A 162 38.05 -44.15 44.88
N LEU A 163 37.94 -44.10 43.56
CA LEU A 163 37.64 -42.83 42.91
C LEU A 163 36.23 -42.35 43.23
N ILE A 164 35.37 -43.23 43.74
CA ILE A 164 34.03 -42.82 44.12
C ILE A 164 33.94 -42.67 45.62
N SER A 165 34.08 -43.77 46.36
CA SER A 165 34.12 -43.65 47.81
C SER A 165 35.33 -44.33 48.46
N THR A 166 35.48 -45.62 48.24
CA THR A 166 36.36 -46.45 49.07
C THR A 166 36.69 -47.72 48.31
N GLY A 167 37.96 -48.11 48.35
CA GLY A 167 38.43 -49.37 47.80
C GLY A 167 38.79 -50.33 48.91
N ILE A 168 38.53 -51.61 48.70
CA ILE A 168 38.87 -52.65 49.66
C ILE A 168 39.54 -53.80 48.91
N ILE A 169 40.68 -54.23 49.39
CA ILE A 169 41.42 -55.35 48.80
C ILE A 169 41.56 -56.43 49.87
N ALA A 170 41.16 -57.65 49.53
CA ALA A 170 41.31 -58.80 50.41
C ALA A 170 42.49 -59.63 49.94
N ILE A 171 43.42 -59.89 50.86
CA ILE A 171 44.63 -60.65 50.59
C ILE A 171 44.56 -61.92 51.41
N ASN A 172 44.43 -63.06 50.76
CA ASN A 172 44.14 -64.30 51.44
C ASN A 172 45.21 -65.35 51.15
N GLU A 173 45.30 -66.32 52.04
CA GLU A 173 46.19 -67.45 51.83
C GLU A 173 45.69 -68.32 50.69
N GLY A 174 46.63 -68.96 50.00
CA GLY A 174 46.27 -69.93 48.98
C GLY A 174 46.93 -71.26 49.24
N ASN A 175 47.62 -71.80 48.24
CA ASN A 175 48.38 -73.03 48.37
C ASN A 175 49.70 -72.86 47.64
N ARG A 176 50.49 -73.92 47.58
CA ARG A 176 51.82 -73.80 46.98
C ARG A 176 51.78 -73.44 45.51
N LYS A 177 50.65 -73.66 44.84
CA LYS A 177 50.54 -73.26 43.44
C LYS A 177 50.21 -71.77 43.30
N ARG A 178 49.27 -71.28 44.10
CA ARG A 178 48.92 -69.87 44.14
C ARG A 178 48.99 -69.41 45.59
N PRO A 179 50.19 -69.04 46.07
CA PRO A 179 50.33 -68.72 47.50
C PRO A 179 49.46 -67.56 47.98
N VAL A 180 49.25 -66.54 47.15
CA VAL A 180 48.56 -65.34 47.58
C VAL A 180 47.40 -65.09 46.61
N ARG A 181 46.22 -64.85 47.17
CA ARG A 181 45.03 -64.52 46.39
C ARG A 181 44.59 -63.09 46.73
N TYR A 182 44.42 -62.28 45.69
CA TYR A 182 43.94 -60.91 45.84
C TYR A 182 42.53 -60.80 45.30
N GLU A 183 41.74 -59.89 45.88
CA GLU A 183 40.38 -59.68 45.44
C GLU A 183 39.94 -58.27 45.79
N ALA A 184 39.30 -57.59 44.85
CA ALA A 184 38.70 -56.29 45.12
C ALA A 184 37.30 -56.53 45.69
N VAL A 185 37.14 -56.33 46.99
CA VAL A 185 35.84 -56.58 47.62
C VAL A 185 34.87 -55.48 47.23
N PRO A 186 33.68 -55.80 46.74
CA PRO A 186 32.71 -54.76 46.40
C PRO A 186 32.33 -53.94 47.62
N PRO A 187 32.26 -52.62 47.49
CA PRO A 187 31.94 -51.78 48.66
C PRO A 187 30.55 -51.99 49.21
N ALA A 188 29.62 -52.55 48.43
CA ALA A 188 28.27 -52.77 48.91
C ALA A 188 28.14 -54.04 49.76
N GLN A 189 29.18 -54.86 49.83
CA GLN A 189 29.14 -56.10 50.58
C GLN A 189 30.04 -56.08 51.81
N VAL A 190 30.57 -54.92 52.19
CA VAL A 190 31.37 -54.79 53.40
C VAL A 190 30.79 -53.68 54.26
N MET A 191 30.98 -53.82 55.56
CA MET A 191 30.56 -52.84 56.55
C MET A 191 31.73 -52.58 57.48
N PHE A 192 31.79 -51.36 58.01
CA PHE A 192 32.93 -50.94 58.80
C PHE A 192 32.51 -50.39 60.16
N GLN A 193 33.40 -50.53 61.11
CA GLN A 193 33.41 -49.73 62.32
C GLN A 193 34.71 -48.95 62.37
N GLY A 194 34.65 -47.69 62.76
CA GLY A 194 35.81 -46.83 62.78
C GLY A 194 36.15 -46.39 64.19
N ASP A 195 37.43 -46.12 64.41
CA ASP A 195 37.88 -45.59 65.68
C ASP A 195 37.73 -44.07 65.68
N ALA A 196 38.29 -43.41 66.69
CA ALA A 196 38.12 -41.96 66.81
C ALA A 196 38.92 -41.20 65.77
N GLU A 197 39.97 -41.79 65.22
CA GLU A 197 40.81 -41.12 64.24
C GLU A 197 40.38 -41.39 62.81
N GLY A 198 39.29 -42.12 62.60
CA GLY A 198 38.81 -42.44 61.27
C GLY A 198 39.32 -43.72 60.68
N GLN A 199 40.26 -44.40 61.35
CA GLN A 199 40.75 -45.69 60.88
C GLN A 199 39.73 -46.79 61.14
N VAL A 200 39.80 -47.84 60.33
CA VAL A 200 38.88 -48.96 60.44
C VAL A 200 39.40 -49.94 61.49
N ASP A 201 38.53 -50.34 62.43
CA ASP A 201 38.91 -51.32 63.43
C ASP A 201 37.93 -52.49 63.51
N ALA A 202 37.00 -52.61 62.56
CA ALA A 202 36.14 -53.78 62.49
C ALA A 202 35.54 -53.85 61.10
N ILE A 203 35.61 -55.03 60.48
CA ILE A 203 35.13 -55.24 59.13
C ILE A 203 34.17 -56.42 59.13
N PHE A 204 33.04 -56.27 58.44
CA PHE A 204 32.08 -57.35 58.26
C PHE A 204 31.80 -57.49 56.77
N ARG A 205 32.08 -58.67 56.23
CA ARG A 205 31.87 -58.94 54.82
C ARG A 205 30.81 -60.02 54.66
N ASP A 206 29.85 -59.77 53.77
CA ASP A 206 28.75 -60.69 53.53
C ASP A 206 29.04 -61.56 52.31
N TRP A 207 28.82 -62.86 52.46
CA TRP A 207 28.87 -63.80 51.35
C TRP A 207 27.47 -64.34 51.12
N TYR A 208 26.99 -64.24 49.88
CA TYR A 208 25.62 -64.57 49.55
C TYR A 208 25.57 -65.95 48.89
N GLN A 209 24.82 -66.86 49.51
CA GLN A 209 24.51 -68.17 48.95
C GLN A 209 25.76 -68.92 48.48
N VAL A 210 26.59 -69.24 49.45
CA VAL A 210 27.81 -70.00 49.22
C VAL A 210 27.53 -71.47 49.41
N ARG A 211 27.97 -72.30 48.46
CA ARG A 211 27.82 -73.74 48.59
C ARG A 211 28.72 -74.27 49.69
N ILE A 212 28.26 -75.35 50.34
CA ILE A 212 29.00 -75.93 51.46
C ILE A 212 30.37 -76.41 51.01
N GLU A 213 30.43 -77.05 49.84
CA GLU A 213 31.72 -77.51 49.32
C GLU A 213 32.66 -76.35 49.06
N ASN A 214 32.11 -75.17 48.80
CA ASN A 214 32.93 -73.98 48.57
C ASN A 214 33.51 -73.45 49.86
N ILE A 215 32.84 -73.67 50.99
CA ILE A 215 33.29 -73.12 52.26
C ILE A 215 34.64 -73.70 52.64
N LYS A 216 34.82 -75.00 52.47
CA LYS A 216 36.07 -75.65 52.84
C LYS A 216 37.24 -75.16 51.99
N SER A 217 37.00 -74.80 50.73
CA SER A 217 38.11 -74.35 49.89
C SER A 217 38.58 -72.96 50.27
N MET A 218 37.65 -72.07 50.61
CA MET A 218 38.04 -70.73 51.02
C MET A 218 38.63 -70.73 52.43
N TRP A 219 38.06 -71.52 53.33
CA TRP A 219 38.51 -71.62 54.72
C TRP A 219 38.79 -73.08 55.04
N PRO A 220 40.02 -73.55 54.81
CA PRO A 220 40.30 -74.99 54.98
C PRO A 220 40.02 -75.53 56.37
N LYS A 221 40.19 -74.73 57.42
CA LYS A 221 40.02 -75.20 58.78
C LYS A 221 38.61 -74.96 59.33
N ALA A 222 37.67 -74.53 58.49
CA ALA A 222 36.31 -74.34 58.93
C ALA A 222 35.66 -75.67 59.30
N GLU A 223 34.71 -75.62 60.22
CA GLU A 223 33.99 -76.80 60.69
C GLU A 223 32.63 -76.84 60.00
N VAL A 224 32.59 -77.45 58.81
CA VAL A 224 31.34 -77.52 58.06
C VAL A 224 30.52 -78.76 58.37
N ALA A 225 31.11 -79.74 59.08
CA ALA A 225 30.38 -80.96 59.38
C ALA A 225 29.19 -80.69 60.30
N LYS A 226 29.34 -79.78 61.26
CA LYS A 226 28.29 -79.52 62.22
C LYS A 226 27.01 -78.98 61.57
N LEU A 227 27.10 -78.43 60.36
CA LEU A 227 25.92 -77.91 59.70
C LEU A 227 25.00 -79.01 59.19
N ASN A 228 25.54 -80.20 58.94
CA ASN A 228 24.76 -81.34 58.46
C ASN A 228 23.97 -81.00 57.19
N LYS A 229 24.71 -80.61 56.16
CA LYS A 229 24.12 -80.23 54.89
C LYS A 229 24.87 -80.90 53.75
N LYS A 230 24.17 -81.11 52.64
CA LYS A 230 24.77 -81.70 51.46
C LYS A 230 25.78 -80.74 50.84
N PRO A 231 26.77 -81.25 50.10
CA PRO A 231 27.78 -80.34 49.54
C PRO A 231 27.31 -79.68 48.26
N GLU A 232 26.04 -79.28 48.23
CA GLU A 232 25.53 -78.39 47.20
C GLU A 232 24.53 -77.39 47.76
N ASP A 233 24.21 -77.45 49.04
CA ASP A 233 23.31 -76.49 49.65
C ASP A 233 23.97 -75.12 49.76
N LYS A 234 23.16 -74.08 49.74
CA LYS A 234 23.64 -72.72 49.84
C LYS A 234 23.41 -72.19 51.26
N VAL A 235 24.29 -71.29 51.68
CA VAL A 235 24.17 -70.66 52.99
C VAL A 235 24.84 -69.29 52.93
N ASP A 236 24.27 -68.34 53.65
CA ASP A 236 24.88 -67.02 53.77
C ASP A 236 25.96 -67.06 54.84
N ILE A 237 27.11 -66.46 54.53
CA ILE A 237 28.28 -66.51 55.40
C ILE A 237 28.65 -65.08 55.80
N TRP A 238 28.87 -64.87 57.09
CA TRP A 238 29.37 -63.62 57.62
C TRP A 238 30.83 -63.79 58.00
N GLU A 239 31.70 -63.01 57.37
CA GLU A 239 33.13 -63.02 57.62
C GLU A 239 33.46 -61.77 58.41
N CYS A 240 33.72 -61.93 59.71
CA CYS A 240 33.85 -60.81 60.63
C CYS A 240 35.28 -60.74 61.18
N ALA A 241 35.72 -59.52 61.46
CA ALA A 241 37.01 -59.32 62.10
C ALA A 241 36.97 -57.98 62.84
N TRP A 242 37.75 -57.90 63.91
CA TRP A 242 37.80 -56.66 64.68
C TRP A 242 39.11 -56.63 65.46
N ILE A 243 39.51 -55.43 65.84
CA ILE A 243 40.71 -55.24 66.65
C ILE A 243 40.36 -55.46 68.11
N ASP A 244 41.09 -56.35 68.76
CA ASP A 244 40.96 -56.55 70.20
C ASP A 244 42.00 -55.67 70.88
N TYR A 245 41.52 -54.59 71.52
CA TYR A 245 42.44 -53.60 72.07
C TYR A 245 43.19 -54.12 73.29
N GLU A 246 42.56 -54.95 74.11
CA GLU A 246 43.21 -55.52 75.29
C GLU A 246 43.84 -56.87 74.98
N ALA A 247 44.68 -56.91 73.95
CA ALA A 247 45.34 -58.14 73.52
C ALA A 247 46.75 -57.81 73.05
N PRO A 248 47.66 -58.77 73.10
CA PRO A 248 49.00 -58.55 72.57
C PRO A 248 48.97 -58.44 71.04
N GLU A 249 50.14 -58.13 70.49
CA GLU A 249 50.24 -57.87 69.05
C GLU A 249 49.87 -59.09 68.23
N LYS A 250 50.36 -60.27 68.63
CA LYS A 250 50.10 -61.48 67.87
C LYS A 250 48.65 -61.93 67.95
N GLU A 251 47.88 -61.40 68.90
CA GLU A 251 46.47 -61.74 69.04
C GLU A 251 45.57 -60.54 68.75
N ARG A 252 46.11 -59.52 68.08
CA ARG A 252 45.41 -58.24 68.00
C ARG A 252 44.15 -58.33 67.15
N TYR A 253 44.16 -59.13 66.09
CA TYR A 253 43.05 -59.18 65.14
C TYR A 253 42.25 -60.45 65.35
N GLN A 254 41.01 -60.29 65.81
CA GLN A 254 40.10 -61.41 66.03
C GLN A 254 39.31 -61.67 64.76
N TYR A 255 39.34 -62.90 64.29
CA TYR A 255 38.76 -63.27 62.99
C TYR A 255 37.76 -64.39 63.21
N VAL A 256 36.55 -64.22 62.67
CA VAL A 256 35.46 -65.17 62.86
C VAL A 256 34.73 -65.37 61.55
N VAL A 257 34.40 -66.62 61.23
CA VAL A 257 33.55 -66.96 60.11
C VAL A 257 32.34 -67.71 60.64
N MET A 258 31.15 -67.27 60.26
CA MET A 258 29.92 -67.86 60.75
C MET A 258 28.86 -67.77 59.67
N THR A 259 27.72 -68.41 59.93
CA THR A 259 26.58 -68.36 59.03
C THR A 259 25.57 -67.33 59.51
N SER A 260 24.58 -67.03 58.67
CA SER A 260 23.57 -66.05 59.00
C SER A 260 22.68 -66.49 60.15
N SER A 261 22.67 -67.77 60.50
CA SER A 261 21.96 -68.28 61.66
C SER A 261 22.86 -68.42 62.87
N LYS A 262 23.97 -67.68 62.90
CA LYS A 262 24.90 -67.64 64.04
C LYS A 262 25.48 -69.02 64.36
N ASP A 263 25.86 -69.75 63.32
CA ASP A 263 26.60 -70.99 63.48
C ASP A 263 28.08 -70.69 63.21
N VAL A 264 28.89 -70.69 64.26
CA VAL A 264 30.29 -70.32 64.14
C VAL A 264 31.05 -71.46 63.48
N LEU A 265 31.78 -71.14 62.42
CA LEU A 265 32.54 -72.13 61.66
C LEU A 265 34.04 -72.05 61.91
N LEU A 266 34.55 -70.89 62.33
CA LEU A 266 35.98 -70.71 62.47
C LEU A 266 36.23 -69.50 63.37
N GLU A 267 37.19 -69.65 64.28
CA GLU A 267 37.63 -68.57 65.15
C GLU A 267 39.15 -68.54 65.19
N GLN A 268 39.73 -67.36 65.06
CA GLN A 268 41.17 -67.21 65.00
C GLN A 268 41.58 -65.88 65.62
N SER A 269 42.85 -65.78 65.94
CA SER A 269 43.45 -64.53 66.40
C SER A 269 44.84 -64.44 65.77
N ASN A 270 45.07 -63.38 64.99
CA ASN A 270 46.30 -63.22 64.24
C ASN A 270 46.86 -61.83 64.45
N SER A 271 48.00 -61.57 63.85
CA SER A 271 48.62 -60.26 63.88
C SER A 271 48.14 -59.36 62.74
N SER A 272 47.27 -59.86 61.86
CA SER A 272 46.74 -59.06 60.77
C SER A 272 45.43 -59.68 60.30
N TRP A 273 44.67 -58.90 59.53
CA TRP A 273 43.44 -59.35 58.92
C TRP A 273 43.55 -59.21 57.40
N PRO A 274 42.71 -59.91 56.63
CA PRO A 274 42.92 -59.96 55.17
C PRO A 274 42.81 -58.64 54.45
N TRP A 275 42.12 -57.64 55.00
CA TRP A 275 41.67 -56.51 54.20
C TRP A 275 42.57 -55.28 54.35
N VAL A 276 42.63 -54.51 53.28
CA VAL A 276 43.21 -53.17 53.27
C VAL A 276 42.17 -52.22 52.69
N VAL A 277 41.91 -51.11 53.39
CA VAL A 277 40.86 -50.16 53.03
C VAL A 277 41.51 -48.87 52.54
N TYR A 278 41.07 -48.39 51.38
CA TYR A 278 41.61 -47.20 50.73
C TYR A 278 40.63 -46.05 50.81
N ARG A 279 41.13 -44.86 51.10
CA ARG A 279 40.38 -43.62 50.92
C ARG A 279 41.30 -42.58 50.30
N MET A 280 40.79 -41.85 49.32
CA MET A 280 41.55 -40.71 48.79
C MET A 280 41.35 -39.48 49.65
N ARG A 281 40.11 -39.11 49.92
CA ARG A 281 39.77 -38.04 50.82
C ARG A 281 38.62 -38.51 51.71
N ARG A 282 38.45 -37.83 52.84
CA ARG A 282 37.50 -38.27 53.84
C ARG A 282 36.90 -37.06 54.55
N LEU A 283 35.57 -37.00 54.58
CA LEU A 283 34.89 -36.03 55.43
C LEU A 283 34.95 -36.51 56.87
N THR A 284 35.22 -35.59 57.79
CA THR A 284 35.40 -35.97 59.18
C THR A 284 34.13 -36.57 59.75
N GLY A 285 34.28 -37.60 60.58
CA GLY A 285 33.17 -38.33 61.13
C GLY A 285 32.67 -39.47 60.27
N GLU A 286 33.19 -39.62 59.06
CA GLU A 286 32.82 -40.71 58.16
C GLU A 286 34.00 -41.64 57.99
N ILE A 287 33.70 -42.92 57.82
CA ILE A 287 34.73 -43.93 57.59
C ILE A 287 34.98 -44.13 56.10
N ARG A 288 33.91 -44.25 55.32
CA ARG A 288 34.05 -44.30 53.88
C ARG A 288 34.48 -42.94 53.34
N GLY A 289 35.30 -42.97 52.29
CA GLY A 289 35.83 -41.76 51.72
C GLY A 289 34.89 -41.13 50.72
N ARG A 290 35.37 -40.06 50.10
CA ARG A 290 34.67 -39.38 49.01
C ARG A 290 35.70 -39.00 47.96
N GLY A 291 35.59 -39.60 46.79
CA GLY A 291 36.56 -39.38 45.74
C GLY A 291 36.09 -38.38 44.69
N PRO A 292 36.97 -38.05 43.76
CA PRO A 292 36.62 -37.04 42.75
C PRO A 292 35.44 -37.40 41.88
N SER A 293 35.21 -38.69 41.60
CA SER A 293 34.06 -39.06 40.79
C SER A 293 32.75 -38.81 41.52
N LEU A 294 32.78 -38.82 42.85
CA LEU A 294 31.59 -38.44 43.61
C LEU A 294 31.33 -36.94 43.50
N SER A 295 32.39 -36.14 43.41
CA SER A 295 32.22 -34.71 43.20
C SER A 295 31.64 -34.39 41.83
N ALA A 296 31.79 -35.29 40.86
CA ALA A 296 31.40 -35.01 39.48
C ALA A 296 29.98 -35.41 39.15
N TYR A 297 29.34 -36.23 39.96
CA TYR A 297 28.09 -36.84 39.51
C TYR A 297 26.93 -35.85 39.40
N PRO A 298 26.82 -34.82 40.25
CA PRO A 298 25.76 -33.83 39.97
C PRO A 298 25.91 -33.15 38.63
N THR A 299 27.14 -32.86 38.20
CA THR A 299 27.35 -32.31 36.87
C THR A 299 26.95 -33.32 35.80
N ALA A 300 27.30 -34.58 36.00
CA ALA A 300 26.92 -35.62 35.05
C ALA A 300 25.40 -35.74 34.95
N ALA A 301 24.70 -35.61 36.07
CA ALA A 301 23.25 -35.72 36.05
C ALA A 301 22.63 -34.63 35.18
N THR A 302 23.14 -33.40 35.28
CA THR A 302 22.62 -32.32 34.45
C THR A 302 22.91 -32.57 32.98
N ILE A 303 24.11 -33.05 32.65
CA ILE A 303 24.45 -33.33 31.25
C ILE A 303 23.53 -34.40 30.68
N ASN A 304 23.32 -35.48 31.43
CA ASN A 304 22.50 -36.57 30.91
C ASN A 304 21.06 -36.13 30.68
N GLN A 305 20.53 -35.29 31.58
CA GLN A 305 19.18 -34.77 31.36
C GLN A 305 19.13 -33.88 30.11
N ALA A 306 20.17 -33.08 29.88
CA ALA A 306 20.21 -32.24 28.69
C ALA A 306 20.23 -33.07 27.42
N LEU A 307 21.04 -34.13 27.39
CA LEU A 307 21.13 -34.97 26.20
C LEU A 307 19.85 -35.74 25.97
N GLU A 308 19.18 -36.18 27.04
CA GLU A 308 17.91 -36.87 26.87
C GLU A 308 16.89 -35.97 26.22
N ASP A 309 16.86 -34.69 26.62
CA ASP A 309 15.94 -33.74 26.01
C ASP A 309 16.26 -33.53 24.53
N GLU A 310 17.55 -33.51 24.17
CA GLU A 310 17.91 -33.36 22.77
C GLU A 310 17.45 -34.56 21.94
N LEU A 311 17.57 -35.77 22.49
CA LEU A 311 17.10 -36.95 21.78
C LEU A 311 15.59 -36.93 21.60
N VAL A 312 14.86 -36.48 22.62
CA VAL A 312 13.42 -36.34 22.48
C VAL A 312 13.09 -35.27 21.45
N ALA A 313 13.79 -34.15 21.50
CA ALA A 313 13.51 -33.06 20.57
C ALA A 313 13.82 -33.45 19.13
N ALA A 314 14.94 -34.15 18.90
CA ALA A 314 15.37 -34.45 17.55
C ALA A 314 14.38 -35.33 16.80
N ALA A 315 13.57 -36.10 17.52
CA ALA A 315 12.63 -36.98 16.86
C ALA A 315 11.56 -36.22 16.08
N PHE A 316 11.18 -35.03 16.55
CA PHE A 316 10.18 -34.23 15.86
C PHE A 316 10.67 -32.87 15.43
N GLN A 317 11.95 -32.56 15.62
CA GLN A 317 12.54 -31.33 15.10
C GLN A 317 13.52 -31.57 13.97
N ALA A 318 14.34 -32.62 14.07
CA ALA A 318 15.24 -32.95 12.97
C ALA A 318 14.50 -33.63 11.84
N ASN A 319 13.55 -34.51 12.16
CA ASN A 319 12.80 -35.22 11.13
C ASN A 319 11.81 -34.29 10.43
N PRO A 320 11.59 -34.50 9.14
CA PRO A 320 10.56 -33.73 8.43
C PRO A 320 9.16 -34.15 8.84
N MET A 321 8.43 -33.28 9.51
CA MET A 321 7.09 -33.58 9.95
C MET A 321 6.16 -32.43 9.58
N TYR A 322 4.86 -32.72 9.56
CA TYR A 322 3.87 -31.77 9.08
C TYR A 322 2.73 -31.67 10.07
N MET A 323 2.08 -30.50 10.06
CA MET A 323 0.87 -30.26 10.82
C MET A 323 -0.28 -30.08 9.84
N ALA A 324 -1.40 -30.71 10.14
CA ALA A 324 -2.60 -30.54 9.34
C ALA A 324 -3.80 -30.81 10.22
N ALA A 325 -4.99 -30.54 9.68
CA ALA A 325 -6.20 -30.91 10.39
C ALA A 325 -6.29 -32.41 10.59
N SER A 326 -5.80 -33.20 9.64
CA SER A 326 -5.89 -34.64 9.73
C SER A 326 -4.69 -35.25 9.01
N ASP A 327 -4.30 -36.45 9.44
CA ASP A 327 -3.26 -37.19 8.75
C ASP A 327 -3.73 -37.77 7.43
N SER A 328 -5.00 -37.62 7.08
CA SER A 328 -5.52 -38.00 5.78
C SER A 328 -5.19 -36.99 4.70
N ALA A 329 -4.32 -36.02 4.97
CA ALA A 329 -3.97 -35.04 3.95
C ALA A 329 -3.33 -35.69 2.74
N PHE A 330 -2.56 -36.76 2.94
CA PHE A 330 -2.18 -37.62 1.84
C PHE A 330 -2.25 -39.07 2.28
N ASN A 331 -2.23 -39.96 1.30
CA ASN A 331 -2.37 -41.40 1.54
C ASN A 331 -0.98 -41.97 1.82
N GLN A 332 -0.77 -42.42 3.06
CA GLN A 332 0.53 -42.98 3.44
C GLN A 332 0.82 -44.29 2.73
N GLN A 333 -0.21 -45.04 2.35
CA GLN A 333 0.01 -46.36 1.76
C GLN A 333 0.44 -46.25 0.30
N THR A 334 -0.07 -45.28 -0.44
CA THR A 334 0.29 -45.09 -1.83
C THR A 334 1.35 -44.01 -2.04
N PHE A 335 1.84 -43.40 -0.96
CA PHE A 335 2.88 -42.38 -1.08
C PHE A 335 4.10 -42.94 -1.80
N THR A 336 4.56 -42.22 -2.81
CA THR A 336 5.62 -42.70 -3.70
C THR A 336 6.81 -41.76 -3.67
N PRO A 337 7.83 -42.04 -2.86
CA PRO A 337 9.01 -41.15 -2.79
C PRO A 337 10.09 -41.47 -3.83
N ARG A 338 9.87 -41.00 -5.06
CA ARG A 338 10.82 -41.14 -6.14
C ARG A 338 11.05 -39.78 -6.78
N PRO A 339 12.20 -39.56 -7.41
CA PRO A 339 12.43 -38.28 -8.08
C PRO A 339 11.45 -38.05 -9.20
N GLY A 340 10.88 -36.85 -9.25
CA GLY A 340 9.87 -36.50 -10.21
C GLY A 340 8.46 -36.92 -9.86
N SER A 341 8.26 -37.56 -8.71
CA SER A 341 6.94 -38.07 -8.35
C SER A 341 6.02 -36.95 -7.90
N ILE A 342 4.76 -37.02 -8.30
CA ILE A 342 3.71 -36.13 -7.82
C ILE A 342 2.92 -36.87 -6.75
N VAL A 343 2.79 -36.25 -5.58
CA VAL A 343 2.01 -36.82 -4.48
C VAL A 343 0.68 -36.08 -4.42
N PRO A 344 -0.45 -36.77 -4.59
CA PRO A 344 -1.75 -36.12 -4.31
C PRO A 344 -1.84 -35.72 -2.85
N VAL A 345 -2.06 -34.43 -2.62
CA VAL A 345 -2.11 -33.87 -1.27
C VAL A 345 -3.30 -32.92 -1.18
N GLN A 346 -4.07 -33.04 -0.10
CA GLN A 346 -5.09 -32.05 0.22
C GLN A 346 -4.40 -30.85 0.85
N MET A 347 -4.09 -29.86 0.02
CA MET A 347 -3.23 -28.76 0.47
C MET A 347 -3.94 -27.84 1.45
N VAL A 348 -5.26 -27.80 1.46
CA VAL A 348 -6.02 -27.08 2.47
C VAL A 348 -7.15 -27.98 2.93
N GLN A 349 -7.32 -28.12 4.24
CA GLN A 349 -8.41 -28.88 4.84
C GLN A 349 -9.17 -27.97 5.77
N GLY A 350 -10.36 -27.54 5.35
CA GLY A 350 -11.12 -26.57 6.12
C GLY A 350 -10.44 -25.22 6.21
N GLU A 351 -10.21 -24.75 7.43
CA GLU A 351 -9.56 -23.47 7.66
C GLU A 351 -8.03 -23.56 7.65
N TRP A 352 -7.46 -24.75 7.72
CA TRP A 352 -6.05 -24.89 8.00
C TRP A 352 -5.32 -25.55 6.84
N PRO A 353 -4.23 -24.97 6.35
CA PRO A 353 -3.39 -25.65 5.37
C PRO A 353 -2.37 -26.55 6.05
N ILE A 354 -1.89 -27.52 5.27
CA ILE A 354 -0.81 -28.38 5.74
C ILE A 354 0.50 -27.62 5.62
N LYS A 355 1.30 -27.64 6.68
CA LYS A 355 2.53 -26.87 6.75
C LYS A 355 3.57 -27.69 7.50
N PRO A 356 4.85 -27.34 7.36
CA PRO A 356 5.88 -28.02 8.16
C PRO A 356 5.64 -27.83 9.64
N PHE A 357 5.98 -28.85 10.41
CA PHE A 357 5.90 -28.75 11.86
C PHE A 357 6.77 -27.60 12.34
N GLU A 358 6.24 -26.78 13.22
CA GLU A 358 6.91 -25.55 13.62
C GLU A 358 8.23 -25.85 14.32
N GLN A 359 9.27 -25.14 13.91
CA GLN A 359 10.56 -25.22 14.58
C GLN A 359 10.54 -24.35 15.83
N SER A 360 11.09 -24.89 16.91
CA SER A 360 11.08 -24.19 18.18
C SER A 360 12.35 -24.54 18.93
N GLY A 361 12.70 -23.70 19.89
CA GLY A 361 13.87 -23.96 20.71
C GLY A 361 15.12 -23.30 20.21
N ASN A 362 16.19 -23.53 20.95
CA ASN A 362 17.47 -22.85 20.79
C ASN A 362 18.61 -23.86 20.90
N ILE A 363 18.63 -24.83 19.99
CA ILE A 363 19.59 -25.94 19.97
C ILE A 363 20.99 -25.52 20.42
N GLN A 364 21.47 -24.37 19.96
CA GLN A 364 22.81 -23.93 20.33
C GLN A 364 22.95 -23.70 21.83
N PHE A 365 21.90 -23.16 22.46
CA PHE A 365 21.91 -22.95 23.91
C PHE A 365 22.16 -24.26 24.65
N ASN A 366 21.46 -25.32 24.24
CA ASN A 366 21.65 -26.61 24.92
C ASN A 366 23.05 -27.14 24.71
N ALA A 367 23.57 -27.07 23.49
CA ALA A 367 24.94 -27.51 23.24
C ALA A 367 25.93 -26.39 23.45
N LEU A 368 25.78 -25.65 24.54
CA LEU A 368 26.76 -24.70 25.01
C LEU A 368 26.92 -24.97 26.50
N LEU A 369 25.83 -25.38 27.13
CA LEU A 369 25.89 -25.84 28.51
C LEU A 369 26.51 -27.23 28.59
N VAL A 370 26.16 -28.11 27.66
CA VAL A 370 26.70 -29.47 27.67
C VAL A 370 28.21 -29.43 27.52
N ASN A 371 28.71 -28.63 26.57
CA ASN A 371 30.15 -28.53 26.38
C ASN A 371 30.85 -27.92 27.59
N ASP A 372 30.24 -26.88 28.17
CA ASP A 372 30.83 -26.24 29.34
C ASP A 372 30.94 -27.21 30.52
N PHE A 373 29.88 -27.99 30.75
CA PHE A 373 29.89 -28.91 31.88
C PHE A 373 30.78 -30.12 31.63
N ARG A 374 30.92 -30.54 30.37
CA ARG A 374 31.80 -31.65 30.07
C ARG A 374 33.24 -31.33 30.42
N GLN A 375 33.68 -30.11 30.14
CA GLN A 375 35.06 -29.74 30.41
C GLN A 375 35.33 -29.65 31.90
N GLN A 376 34.33 -29.25 32.70
CA GLN A 376 34.51 -29.24 34.15
C GLN A 376 34.76 -30.65 34.68
N ILE A 377 34.02 -31.64 34.17
CA ILE A 377 34.25 -33.02 34.56
C ILE A 377 35.65 -33.45 34.14
N ASN A 378 36.06 -33.08 32.93
CA ASN A 378 37.38 -33.48 32.45
C ASN A 378 38.49 -32.88 33.28
N GLU A 379 38.37 -31.61 33.66
CA GLU A 379 39.39 -30.98 34.50
C GLU A 379 39.37 -31.56 35.91
N LEU A 380 38.20 -31.92 36.41
CA LEU A 380 38.10 -32.50 37.75
C LEU A 380 38.79 -33.86 37.83
N LEU A 381 38.84 -34.60 36.72
CA LEU A 381 39.40 -35.94 36.70
C LEU A 381 40.69 -36.02 35.89
N TYR A 382 41.34 -34.88 35.64
CA TYR A 382 42.64 -34.83 34.95
C TYR A 382 42.61 -35.54 33.61
N ALA A 383 41.55 -35.29 32.83
CA ALA A 383 41.33 -35.98 31.57
C ALA A 383 41.20 -34.98 30.43
N PHE A 384 41.66 -35.39 29.25
CA PHE A 384 41.55 -34.66 28.00
C PHE A 384 41.96 -33.20 28.15
N PRO A 385 43.25 -32.93 28.34
CA PRO A 385 43.67 -31.54 28.53
C PRO A 385 43.37 -30.62 27.35
N LEU A 386 43.29 -31.18 26.14
CA LEU A 386 43.02 -30.41 24.94
C LEU A 386 41.55 -30.42 24.55
N GLY A 387 40.70 -31.02 25.37
CA GLY A 387 39.29 -31.09 25.03
C GLY A 387 38.99 -32.26 24.10
N ALA A 388 37.81 -32.20 23.50
CA ALA A 388 37.34 -33.27 22.62
C ALA A 388 38.02 -33.16 21.26
N VAL A 389 37.56 -33.99 20.31
CA VAL A 389 38.16 -34.01 18.98
C VAL A 389 37.83 -32.74 18.21
N ASN A 390 36.59 -32.26 18.34
CA ASN A 390 36.15 -31.04 17.65
C ASN A 390 36.53 -29.80 18.47
N SER A 391 37.79 -29.73 18.85
CA SER A 391 38.30 -28.63 19.65
C SER A 391 39.05 -27.63 18.78
N PRO A 392 39.04 -26.35 19.15
CA PRO A 392 39.80 -25.35 18.39
C PRO A 392 41.29 -25.67 18.39
N THR A 393 41.94 -25.30 17.30
CA THR A 393 43.35 -25.65 17.09
C THR A 393 44.26 -24.52 17.58
N ARG A 394 45.23 -24.87 18.41
CA ARG A 394 46.26 -23.96 18.86
C ARG A 394 47.60 -24.68 18.82
N THR A 395 48.66 -23.90 18.65
CA THR A 395 50.00 -24.45 18.45
C THR A 395 50.60 -24.86 19.79
N ALA A 396 51.90 -25.12 19.81
CA ALA A 396 52.58 -25.61 21.01
C ALA A 396 52.52 -24.63 22.17
N THR A 397 52.15 -23.37 21.91
CA THR A 397 51.94 -22.43 22.99
C THR A 397 50.85 -22.91 23.94
N GLU A 398 49.69 -23.27 23.39
CA GLU A 398 48.57 -23.75 24.18
C GLU A 398 48.44 -25.27 24.13
N ALA A 399 49.43 -25.97 23.59
CA ALA A 399 49.42 -27.43 23.57
C ALA A 399 50.41 -28.00 24.58
N GLU A 400 51.68 -27.61 24.49
CA GLU A 400 52.68 -28.10 25.44
C GLU A 400 52.40 -27.60 26.86
N ILE A 401 52.04 -26.31 26.98
CA ILE A 401 51.80 -25.75 28.31
C ILE A 401 50.54 -26.33 28.92
N ARG A 402 49.46 -26.38 28.16
CA ARG A 402 48.20 -26.91 28.68
C ARG A 402 48.30 -28.39 28.99
N TYR A 403 49.13 -29.13 28.25
CA TYR A 403 49.37 -30.53 28.58
C TYR A 403 50.13 -30.66 29.89
N THR A 404 51.19 -29.85 30.08
CA THR A 404 52.02 -29.98 31.27
C THR A 404 51.29 -29.52 32.52
N GLU A 405 50.33 -28.60 32.38
CA GLU A 405 49.53 -28.21 33.52
C GLU A 405 48.70 -29.37 34.05
N ASN A 406 48.08 -30.13 33.13
CA ASN A 406 47.31 -31.29 33.53
C ASN A 406 48.20 -32.36 34.14
N LEU A 407 49.38 -32.59 33.56
CA LEU A 407 50.28 -33.62 34.06
C LEU A 407 50.84 -33.26 35.43
N GLU A 408 51.19 -31.99 35.63
CA GLU A 408 51.76 -31.59 36.92
C GLU A 408 50.74 -31.71 38.04
N SER A 409 49.48 -31.33 37.77
CA SER A 409 48.45 -31.43 38.80
C SER A 409 48.15 -32.87 39.15
N PHE A 410 48.10 -33.75 38.15
CA PHE A 410 47.88 -35.17 38.43
C PHE A 410 49.00 -35.76 39.26
N SER A 411 50.26 -35.43 38.92
CA SER A 411 51.39 -35.99 39.63
C SER A 411 51.54 -35.42 41.04
N ALA A 412 50.77 -34.39 41.39
CA ALA A 412 50.78 -33.84 42.73
C ALA A 412 49.81 -34.54 43.67
N MET A 413 48.71 -35.05 43.14
CA MET A 413 47.69 -35.72 43.95
C MET A 413 48.11 -37.12 44.36
N VAL A 414 48.81 -37.83 43.48
CA VAL A 414 49.02 -39.27 43.58
C VAL A 414 49.99 -39.69 44.67
N PRO A 415 51.23 -39.18 44.73
CA PRO A 415 52.25 -39.83 45.58
C PRO A 415 51.91 -39.89 47.05
N ARG A 416 51.08 -38.97 47.57
CA ARG A 416 50.73 -39.01 48.99
C ARG A 416 49.92 -40.25 49.35
N LEU A 417 49.36 -40.93 48.36
CA LEU A 417 48.54 -42.12 48.59
C LEU A 417 49.33 -43.42 48.52
N GLN A 418 50.66 -43.35 48.32
CA GLN A 418 51.46 -44.56 48.24
C GLN A 418 51.45 -45.31 49.56
N ASN A 419 51.77 -44.63 50.66
CA ASN A 419 51.87 -45.31 51.94
C ASN A 419 50.51 -45.74 52.46
N GLU A 420 49.48 -44.92 52.23
CA GLU A 420 48.13 -45.30 52.65
C GLU A 420 47.66 -46.56 51.95
N PHE A 421 47.94 -46.68 50.65
CA PHE A 421 47.38 -47.77 49.87
C PHE A 421 48.22 -49.03 49.98
N PHE A 422 49.53 -48.92 49.77
CA PHE A 422 50.32 -50.10 49.40
C PHE A 422 51.27 -50.61 50.47
N ILE A 423 51.65 -49.80 51.46
CA ILE A 423 52.42 -50.33 52.58
C ILE A 423 51.65 -51.40 53.35
N PRO A 424 50.38 -51.19 53.72
CA PRO A 424 49.63 -52.30 54.34
C PRO A 424 49.48 -53.51 53.43
N VAL A 425 49.40 -53.30 52.11
CA VAL A 425 49.27 -54.42 51.19
C VAL A 425 50.54 -55.27 51.18
N ILE A 426 51.70 -54.62 51.19
CA ILE A 426 52.96 -55.36 51.22
C ILE A 426 53.13 -56.11 52.53
N GLN A 427 52.76 -55.48 53.64
CA GLN A 427 52.89 -56.15 54.93
C GLN A 427 52.01 -57.39 55.01
N ARG A 428 50.76 -57.29 54.55
CA ARG A 428 49.87 -58.44 54.57
C ARG A 428 50.34 -59.53 53.61
N THR A 429 50.92 -59.14 52.47
CA THR A 429 51.43 -60.12 51.51
C THR A 429 52.55 -60.96 52.12
N LEU A 430 53.48 -60.33 52.83
CA LEU A 430 54.56 -61.07 53.47
C LEU A 430 54.03 -62.00 54.55
N TRP A 431 52.99 -61.57 55.28
CA TRP A 431 52.38 -62.42 56.28
C TRP A 431 51.78 -63.67 55.65
N VAL A 432 51.12 -63.51 54.50
CA VAL A 432 50.54 -64.65 53.81
C VAL A 432 51.63 -65.59 53.33
N ILE A 433 52.71 -65.04 52.78
CA ILE A 433 53.81 -65.87 52.29
C ILE A 433 54.41 -66.69 53.42
N ASN A 434 54.51 -66.11 54.61
CA ASN A 434 55.00 -66.87 55.76
C ASN A 434 54.07 -68.04 56.10
N LYS A 435 52.76 -67.81 56.02
CA LYS A 435 51.80 -68.85 56.36
C LYS A 435 51.76 -69.97 55.33
N VAL A 436 51.88 -69.64 54.05
CA VAL A 436 51.75 -70.63 52.99
C VAL A 436 53.08 -71.31 52.69
N LEU A 437 54.19 -70.59 52.84
CA LEU A 437 55.53 -71.12 52.60
C LEU A 437 56.37 -70.87 53.85
N PRO A 438 56.15 -71.65 54.91
CA PRO A 438 56.88 -71.41 56.17
C PRO A 438 58.38 -71.56 56.05
N GLU A 439 58.86 -72.26 55.02
CA GLU A 439 60.30 -72.44 54.83
C GLU A 439 61.00 -71.14 54.49
N THR A 440 60.29 -70.15 53.95
CA THR A 440 60.94 -68.91 53.54
C THR A 440 61.47 -68.12 54.74
N PHE A 441 60.80 -68.20 55.87
CA PHE A 441 61.21 -67.52 57.10
C PHE A 441 61.68 -68.53 58.14
N ALA A 442 62.28 -69.62 57.70
CA ALA A 442 62.78 -70.65 58.59
C ALA A 442 64.18 -70.31 59.08
N ASN A 443 64.60 -71.01 60.14
CA ASN A 443 65.90 -70.81 60.76
C ASN A 443 66.08 -69.35 61.20
N ILE A 444 65.01 -68.78 61.74
CA ILE A 444 65.00 -67.39 62.19
C ILE A 444 64.37 -67.35 63.57
N PRO A 445 64.95 -66.64 64.53
CA PRO A 445 64.30 -66.51 65.84
C PRO A 445 62.92 -65.88 65.71
N ASP A 446 61.99 -66.36 66.52
CA ASP A 446 60.60 -65.94 66.37
C ASP A 446 60.44 -64.46 66.70
N ASP A 447 61.27 -63.93 67.59
CA ASP A 447 61.18 -62.52 67.95
C ASP A 447 61.48 -61.63 66.75
N ILE A 448 62.55 -61.92 66.03
CA ILE A 448 62.90 -61.08 64.89
C ILE A 448 62.06 -61.44 63.67
N ARG A 449 61.50 -62.65 63.64
CA ARG A 449 60.66 -63.04 62.52
C ARG A 449 59.41 -62.18 62.44
N ASN A 450 58.78 -61.92 63.59
CA ASN A 450 57.60 -61.07 63.60
C ASN A 450 57.94 -59.64 63.22
N LYS A 451 59.08 -59.13 63.67
CA LYS A 451 59.50 -57.79 63.29
C LYS A 451 59.81 -57.73 61.80
N MET A 452 60.37 -58.80 61.25
CA MET A 452 60.74 -58.81 59.84
C MET A 452 59.51 -58.83 58.95
N ILE A 453 58.53 -59.68 59.29
CA ILE A 453 57.31 -59.78 58.50
C ILE A 453 56.54 -58.47 58.54
N SER A 454 56.43 -57.87 59.72
CA SER A 454 55.81 -56.56 59.86
C SER A 454 56.80 -55.50 59.40
N VAL A 455 56.68 -55.05 58.17
CA VAL A 455 57.68 -54.17 57.58
C VAL A 455 57.48 -52.78 58.14
N ASP A 456 58.14 -52.49 59.25
CA ASP A 456 57.92 -51.26 60.00
C ASP A 456 59.15 -50.37 60.09
N GLY A 457 60.29 -50.81 59.56
CA GLY A 457 61.50 -50.04 59.62
C GLY A 457 62.48 -50.47 60.68
N GLN A 458 62.11 -51.42 61.55
CA GLN A 458 63.04 -51.90 62.57
C GLN A 458 64.08 -52.83 61.96
N ILE A 459 63.63 -53.93 61.35
CA ILE A 459 64.53 -54.90 60.73
C ILE A 459 64.43 -54.77 59.22
N LEU A 460 63.25 -54.45 58.72
CA LEU A 460 63.00 -54.37 57.29
C LEU A 460 62.23 -53.09 56.99
N GLY A 461 62.66 -52.38 55.95
CA GLY A 461 62.03 -51.16 55.52
C GLY A 461 61.57 -51.22 54.07
N LEU A 462 60.92 -50.15 53.65
CA LEU A 462 60.39 -50.05 52.29
C LEU A 462 60.86 -48.75 51.65
N SER A 463 60.98 -48.78 50.34
CA SER A 463 61.35 -47.60 49.55
C SER A 463 60.68 -47.70 48.20
N PHE A 464 59.76 -46.80 47.91
CA PHE A 464 59.00 -46.84 46.67
C PHE A 464 59.76 -46.15 45.55
N ASP A 465 59.66 -46.71 44.34
CA ASP A 465 60.24 -46.13 43.14
C ASP A 465 59.16 -46.11 42.05
N THR A 466 58.61 -44.94 41.78
CA THR A 466 57.52 -44.77 40.84
C THR A 466 57.88 -43.67 39.86
N PRO A 467 57.19 -43.59 38.71
CA PRO A 467 57.45 -42.52 37.75
C PRO A 467 57.28 -41.11 38.32
N LEU A 468 56.72 -40.97 39.51
CA LEU A 468 56.51 -39.64 40.10
C LEU A 468 57.65 -39.26 41.05
N MET A 469 57.96 -40.13 42.01
CA MET A 469 59.11 -39.94 42.89
C MET A 469 60.30 -40.61 42.23
N THR A 470 61.18 -39.82 41.61
CA THR A 470 62.17 -40.38 40.70
C THR A 470 63.17 -41.32 41.37
N ALA A 471 64.13 -40.78 42.13
CA ALA A 471 65.08 -41.66 42.81
C ALA A 471 65.50 -41.25 44.21
N LYS A 472 65.56 -39.95 44.53
CA LYS A 472 66.09 -39.41 45.78
C LYS A 472 67.58 -39.66 45.93
N GLY A 473 68.17 -40.44 45.02
CA GLY A 473 69.58 -40.73 45.08
C GLY A 473 70.32 -40.09 43.93
N GLN A 474 69.58 -39.72 42.89
CA GLN A 474 70.17 -38.97 41.79
C GLN A 474 70.60 -37.57 42.24
N VAL A 475 69.92 -37.01 43.24
CA VAL A 475 70.29 -35.70 43.75
C VAL A 475 71.65 -35.77 44.45
N LYS A 476 71.85 -36.80 45.28
CA LYS A 476 73.13 -36.95 45.97
C LYS A 476 74.26 -37.14 44.99
N THR A 477 74.05 -37.98 43.97
CA THR A 477 75.08 -38.21 42.97
C THR A 477 75.37 -36.95 42.17
N ALA A 478 74.33 -36.21 41.79
CA ALA A 478 74.51 -35.00 40.99
C ALA A 478 75.28 -33.95 41.78
N ALA A 479 75.02 -33.83 43.07
CA ALA A 479 75.78 -32.91 43.91
C ALA A 479 77.24 -33.33 44.00
N LEU A 480 77.48 -34.64 44.10
CA LEU A 480 78.85 -35.15 44.16
C LEU A 480 79.60 -34.88 42.87
N LEU A 481 78.94 -35.07 41.72
CA LEU A 481 79.58 -34.77 40.44
C LEU A 481 79.79 -33.28 40.25
N GLY A 482 78.87 -32.45 40.75
CA GLY A 482 79.05 -31.01 40.66
C GLY A 482 80.22 -30.52 41.49
N PHE A 483 80.41 -31.12 42.67
CA PHE A 483 81.56 -30.76 43.49
C PHE A 483 82.86 -31.09 42.79
N TYR A 484 82.94 -32.26 42.17
CA TYR A 484 84.18 -32.68 41.53
C TYR A 484 84.53 -31.80 40.34
N GLN A 485 83.53 -31.41 39.55
CA GLN A 485 83.80 -30.55 38.41
C GLN A 485 84.38 -29.22 38.85
N ALA A 486 83.82 -28.63 39.91
CA ALA A 486 84.38 -27.40 40.45
C ALA A 486 85.76 -27.62 41.02
N ALA A 487 85.95 -28.72 41.75
CA ALA A 487 87.25 -29.00 42.36
C ALA A 487 88.32 -29.23 41.29
N ALA A 488 87.98 -29.95 40.23
CA ALA A 488 88.93 -30.19 39.16
C ALA A 488 89.19 -28.95 38.33
N SER A 489 88.24 -28.02 38.28
CA SER A 489 88.48 -26.78 37.56
C SER A 489 89.49 -25.89 38.30
N LEU A 490 89.50 -25.94 39.62
CA LEU A 490 90.38 -25.08 40.41
C LEU A 490 91.74 -25.71 40.66
N LEU A 491 91.78 -27.00 40.98
CA LEU A 491 93.02 -27.68 41.35
C LEU A 491 93.46 -28.71 40.33
N GLY A 492 92.67 -28.97 39.30
CA GLY A 492 93.02 -29.95 38.31
C GLY A 492 92.68 -31.35 38.76
N PRO A 493 92.66 -32.29 37.84
CA PRO A 493 92.61 -33.71 38.22
C PRO A 493 93.90 -34.10 38.93
N GLU A 494 93.87 -35.29 39.53
CA GLU A 494 94.96 -35.85 40.33
C GLU A 494 95.03 -35.14 41.68
N ALA A 495 94.34 -34.01 41.80
CA ALA A 495 94.19 -33.31 43.07
C ALA A 495 92.78 -33.38 43.60
N ALA A 496 91.79 -33.16 42.73
CA ALA A 496 90.40 -33.40 43.12
C ALA A 496 90.17 -34.87 43.41
N THR A 497 90.73 -35.76 42.60
CA THR A 497 90.62 -37.19 42.85
C THR A 497 91.37 -37.60 44.11
N ALA A 498 92.54 -37.01 44.35
CA ALA A 498 93.30 -37.33 45.54
C ALA A 498 92.58 -36.86 46.81
N SER A 499 91.81 -35.78 46.71
CA SER A 499 91.08 -35.25 47.87
C SER A 499 89.72 -35.93 48.01
N LEU A 500 89.73 -37.26 47.96
CA LEU A 500 88.50 -38.04 47.96
C LEU A 500 88.75 -39.32 48.74
N ASP A 501 87.71 -39.80 49.40
CA ASP A 501 87.77 -41.10 50.05
C ASP A 501 87.21 -42.14 49.09
N PRO A 502 88.06 -42.80 48.31
CA PRO A 502 87.53 -43.64 47.22
C PRO A 502 86.64 -44.78 47.69
N VAL A 503 86.94 -45.38 48.84
CA VAL A 503 86.10 -46.47 49.34
C VAL A 503 84.72 -45.94 49.70
N GLU A 504 84.66 -44.80 50.39
CA GLU A 504 83.37 -44.20 50.73
C GLU A 504 82.62 -43.77 49.48
N VAL A 505 83.32 -43.18 48.51
CA VAL A 505 82.67 -42.70 47.30
C VAL A 505 82.08 -43.86 46.51
N LEU A 506 82.84 -44.95 46.36
CA LEU A 506 82.34 -46.11 45.63
C LEU A 506 81.10 -46.68 46.29
N THR A 507 81.13 -46.83 47.61
CA THR A 507 80.01 -47.42 48.33
C THR A 507 78.78 -46.53 48.26
N ASN A 508 78.97 -45.22 48.38
CA ASN A 508 77.83 -44.30 48.36
C ASN A 508 77.26 -44.14 46.95
N LEU A 509 78.10 -44.18 45.92
CA LEU A 509 77.59 -44.13 44.56
C LEU A 509 76.72 -45.34 44.25
N ALA A 510 77.12 -46.51 44.73
CA ALA A 510 76.33 -47.72 44.49
C ALA A 510 74.98 -47.64 45.18
N ASP A 511 74.95 -47.12 46.41
CA ASP A 511 73.68 -47.01 47.12
C ASP A 511 72.80 -45.91 46.52
N ASN A 512 73.40 -44.82 46.07
CA ASN A 512 72.63 -43.74 45.46
C ASN A 512 71.95 -44.20 44.18
N GLN A 513 72.64 -45.02 43.39
CA GLN A 513 72.08 -45.50 42.13
C GLN A 513 71.15 -46.69 42.31
N GLY A 514 71.04 -47.21 43.52
CA GLY A 514 70.21 -48.39 43.74
C GLY A 514 70.76 -49.62 43.05
N ILE A 515 72.06 -49.79 43.06
CA ILE A 515 72.72 -50.87 42.33
C ILE A 515 72.77 -52.11 43.21
N ASP A 516 72.84 -53.27 42.56
CA ASP A 516 72.97 -54.52 43.28
C ASP A 516 74.34 -54.59 43.95
N VAL A 517 74.35 -54.98 45.22
CA VAL A 517 75.60 -54.99 45.99
C VAL A 517 76.57 -56.02 45.44
N ARG A 518 76.05 -57.16 44.96
CA ARG A 518 76.91 -58.22 44.45
C ARG A 518 77.75 -57.80 43.26
N ASN A 519 77.34 -56.74 42.55
CA ASN A 519 78.08 -56.28 41.39
C ASN A 519 79.37 -55.55 41.74
N ILE A 520 79.57 -55.19 43.00
CA ILE A 520 80.73 -54.40 43.43
C ILE A 520 81.42 -55.14 44.55
N LYS A 521 82.74 -54.96 44.63
CA LYS A 521 83.52 -55.61 45.68
C LYS A 521 83.16 -55.06 47.05
N THR A 522 83.37 -55.87 48.08
CA THR A 522 83.08 -55.45 49.43
C THR A 522 84.06 -54.37 49.88
N ARG A 523 83.78 -53.78 51.04
CA ARG A 523 84.65 -52.73 51.56
C ARG A 523 86.06 -53.25 51.82
N GLU A 524 86.18 -54.44 52.40
CA GLU A 524 87.51 -54.98 52.70
C GLU A 524 88.29 -55.25 51.42
N GLU A 525 87.62 -55.76 50.38
CA GLU A 525 88.30 -55.97 49.11
C GLU A 525 88.73 -54.65 48.49
N LEU A 526 87.91 -53.60 48.63
CA LEU A 526 88.28 -52.31 48.10
C LEU A 526 89.44 -51.69 48.87
N GLU A 527 89.50 -51.92 50.18
CA GLU A 527 90.62 -51.40 50.96
C GLU A 527 91.94 -52.03 50.55
N GLN A 528 91.95 -53.35 50.32
CA GLN A 528 93.16 -54.00 49.86
C GLN A 528 93.57 -53.49 48.48
N LEU A 529 92.60 -53.27 47.61
CA LEU A 529 92.89 -52.70 46.30
C LEU A 529 93.49 -51.31 46.44
N LEU A 530 92.94 -50.49 47.33
CA LEU A 530 93.48 -49.16 47.54
C LEU A 530 94.88 -49.19 48.12
N GLN A 531 95.14 -50.09 49.07
CA GLN A 531 96.48 -50.21 49.64
C GLN A 531 97.48 -50.68 48.59
N ALA A 532 97.09 -51.65 47.76
CA ALA A 532 97.98 -52.11 46.70
C ALA A 532 98.31 -50.99 45.72
N ALA A 533 97.30 -50.18 45.37
CA ALA A 533 97.55 -49.04 44.48
C ALA A 533 98.49 -48.04 45.12
N GLY A 534 98.48 -47.93 46.45
CA GLY A 534 99.43 -47.06 47.12
C GLY A 534 100.85 -47.57 47.00
N GLN A 535 101.05 -48.89 47.11
CA GLN A 535 102.38 -49.46 46.97
C GLN A 535 102.87 -49.41 45.53
N ILE A 536 101.97 -49.55 44.56
CA ILE A 536 102.37 -49.43 43.15
C ILE A 536 102.91 -48.04 42.87
N ALA A 537 102.22 -47.01 43.36
CA ALA A 537 102.70 -45.65 43.16
C ALA A 537 104.00 -45.39 43.91
N GLN A 538 104.18 -46.03 45.07
CA GLN A 538 105.41 -45.85 45.83
C GLN A 538 106.61 -46.43 45.09
N GLN A 539 106.43 -47.60 44.47
CA GLN A 539 107.52 -48.21 43.70
C GLN A 539 107.73 -47.48 42.38
N GLU A 540 106.65 -47.05 41.73
CA GLU A 540 106.76 -46.33 40.48
C GLU A 540 107.50 -45.02 40.67
N ALA A 541 107.21 -44.30 41.75
CA ALA A 541 107.89 -43.05 42.03
C ALA A 541 109.34 -43.27 42.45
N ALA A 542 109.62 -44.39 43.13
CA ALA A 542 110.98 -44.66 43.56
C ALA A 542 111.91 -44.87 42.38
N GLN A 543 111.40 -45.38 41.27
CA GLN A 543 112.21 -45.57 40.08
C GLN A 543 112.52 -44.27 39.35
N GLN A 544 111.83 -43.18 39.69
CA GLN A 544 112.11 -41.87 39.14
C GLN A 544 112.88 -40.98 40.11
N GLY A 545 113.40 -41.56 41.19
CA GLY A 545 114.15 -40.79 42.15
C GLY A 545 113.31 -39.96 43.10
N VAL A 546 112.01 -40.26 43.21
CA VAL A 546 111.11 -39.53 44.08
C VAL A 546 110.66 -40.47 45.19
N ILE A 547 110.74 -40.00 46.44
CA ILE A 547 110.37 -40.78 47.61
C ILE A 547 109.06 -40.24 48.15
N ILE A 548 108.04 -41.08 48.16
CA ILE A 548 106.73 -40.70 48.67
C ILE A 548 106.66 -40.99 50.17
N PRO B 2 -23.65 2.42 -19.56
CA PRO B 2 -24.88 2.39 -18.77
C PRO B 2 -26.00 1.66 -19.47
N ILE B 3 -26.45 0.55 -18.87
CA ILE B 3 -27.50 -0.29 -19.43
C ILE B 3 -28.81 0.03 -18.72
N ARG B 4 -29.84 0.37 -19.49
CA ARG B 4 -31.13 0.80 -18.96
C ARG B 4 -32.23 -0.08 -19.52
N SER B 5 -33.24 -0.36 -18.71
CA SER B 5 -34.40 -1.13 -19.13
C SER B 5 -35.58 -0.18 -19.30
N ILE B 6 -36.17 -0.17 -20.48
CA ILE B 6 -37.29 0.70 -20.79
C ILE B 6 -38.39 -0.11 -21.45
N SER B 7 -39.60 0.45 -21.44
CA SER B 7 -40.78 -0.24 -21.93
C SER B 7 -41.65 0.76 -22.69
N ASN B 8 -42.55 0.22 -23.52
CA ASN B 8 -43.37 1.06 -24.40
C ASN B 8 -44.70 0.37 -24.63
N THR B 9 -45.79 1.06 -24.32
CA THR B 9 -47.14 0.64 -24.67
C THR B 9 -47.73 1.62 -25.68
N PHE B 10 -48.96 1.36 -26.11
CA PHE B 10 -49.48 1.99 -27.32
C PHE B 10 -50.88 2.55 -27.11
N ASN B 11 -51.08 3.25 -25.99
CA ASN B 11 -52.38 3.82 -25.67
C ASN B 11 -52.73 5.04 -26.49
N ARG B 12 -51.73 5.77 -27.01
CA ARG B 12 -51.95 7.00 -27.74
C ARG B 12 -51.87 6.83 -29.25
N GLY B 13 -51.71 5.60 -29.74
CA GLY B 13 -51.72 5.39 -31.18
C GLY B 13 -50.48 5.93 -31.87
N GLU B 14 -50.64 6.26 -33.15
CA GLU B 14 -49.52 6.74 -33.95
C GLU B 14 -49.32 8.23 -33.72
N LEU B 15 -48.08 8.62 -33.43
CA LEU B 15 -47.75 10.00 -33.11
C LEU B 15 -47.08 10.68 -34.29
N ASP B 16 -47.42 11.94 -34.49
CA ASP B 16 -46.87 12.72 -35.58
C ASP B 16 -45.36 12.86 -35.43
N PRO B 17 -44.60 12.83 -36.52
CA PRO B 17 -43.13 12.93 -36.38
C PRO B 17 -42.65 14.23 -35.77
N THR B 18 -43.45 15.30 -35.81
CA THR B 18 -43.06 16.55 -35.19
C THR B 18 -43.14 16.52 -33.67
N LEU B 19 -43.58 15.42 -33.07
CA LEU B 19 -43.63 15.25 -31.63
C LEU B 19 -42.42 14.53 -31.06
N PHE B 20 -41.45 14.16 -31.88
CA PHE B 20 -40.41 13.24 -31.44
C PHE B 20 -39.36 13.88 -30.55
N ALA B 21 -39.40 15.18 -30.33
CA ALA B 21 -38.55 15.83 -29.36
C ALA B 21 -39.30 16.21 -28.09
N ARG B 22 -40.56 15.79 -27.96
CA ARG B 22 -41.39 16.18 -26.83
C ARG B 22 -41.34 15.11 -25.75
N ASP B 23 -40.18 15.03 -25.11
CA ASP B 23 -40.00 14.09 -24.00
C ASP B 23 -40.65 14.57 -22.71
N ASP B 24 -41.03 15.84 -22.64
CA ASP B 24 -41.73 16.34 -21.45
C ASP B 24 -43.15 15.82 -21.37
N LEU B 25 -43.76 15.45 -22.48
CA LEU B 25 -45.12 14.92 -22.47
C LEU B 25 -45.13 13.48 -21.99
N ASP B 26 -46.22 13.10 -21.34
CA ASP B 26 -46.40 11.74 -20.86
C ASP B 26 -46.78 10.76 -21.95
N ILE B 27 -46.64 11.14 -23.22
CA ILE B 27 -47.05 10.28 -24.32
C ILE B 27 -45.88 9.59 -25.00
N TYR B 28 -44.65 9.91 -24.61
CA TYR B 28 -43.50 9.42 -25.37
C TYR B 28 -43.35 7.91 -25.28
N ASP B 29 -43.71 7.31 -24.14
CA ASP B 29 -43.66 5.87 -23.99
C ASP B 29 -45.04 5.22 -24.12
N LYS B 30 -46.04 5.98 -24.56
CA LYS B 30 -47.39 5.45 -24.73
C LYS B 30 -47.87 5.51 -26.18
N GLY B 31 -46.97 5.76 -27.12
CA GLY B 31 -47.38 5.87 -28.51
C GLY B 31 -46.56 5.01 -29.44
N ALA B 32 -46.76 5.19 -30.74
CA ALA B 32 -46.05 4.42 -31.75
C ALA B 32 -45.66 5.33 -32.90
N ARG B 33 -44.50 5.05 -33.48
CA ARG B 33 -44.11 5.72 -34.71
C ARG B 33 -45.04 5.35 -35.86
N LYS B 34 -45.39 4.07 -35.96
CA LYS B 34 -46.32 3.58 -36.96
C LYS B 34 -47.26 2.59 -36.30
N LEU B 35 -48.55 2.72 -36.58
CA LEU B 35 -49.57 1.77 -36.13
C LEU B 35 -50.49 1.55 -37.32
N ARG B 36 -50.17 0.57 -38.14
CA ARG B 36 -50.84 0.34 -39.41
C ARG B 36 -51.57 -0.99 -39.37
N ASN B 37 -52.82 -0.99 -39.84
CA ASN B 37 -53.67 -2.18 -39.85
C ASN B 37 -53.78 -2.80 -38.47
N MET B 38 -53.74 -1.94 -37.44
CA MET B 38 -53.92 -2.33 -36.06
C MET B 38 -54.73 -1.24 -35.38
N ILE B 39 -55.25 -1.56 -34.20
CA ILE B 39 -55.94 -0.58 -33.37
C ILE B 39 -55.33 -0.63 -31.98
N ALA B 40 -55.55 0.44 -31.24
CA ALA B 40 -55.09 0.54 -29.86
C ALA B 40 -56.25 0.20 -28.94
N LEU B 41 -56.10 -0.89 -28.19
CA LEU B 41 -57.09 -1.19 -27.16
C LEU B 41 -56.94 -0.22 -26.00
N TRP B 42 -58.03 -0.05 -25.24
CA TRP B 42 -57.95 0.93 -24.15
C TRP B 42 -57.10 0.44 -22.99
N THR B 43 -56.67 -0.82 -23.00
CA THR B 43 -55.71 -1.30 -22.01
C THR B 43 -54.28 -0.93 -22.36
N GLY B 44 -54.05 -0.37 -23.54
CA GLY B 44 -52.71 -0.04 -23.98
C GLY B 44 -52.12 -1.00 -24.98
N ALA B 45 -52.75 -2.13 -25.22
CA ALA B 45 -52.25 -3.10 -26.18
C ALA B 45 -52.64 -2.69 -27.60
N ALA B 46 -52.01 -3.34 -28.58
CA ALA B 46 -52.27 -3.09 -29.98
C ALA B 46 -52.74 -4.38 -30.62
N ARG B 47 -53.96 -4.36 -31.17
CA ARG B 47 -54.57 -5.54 -31.76
C ARG B 47 -54.67 -5.35 -33.27
N ILE B 48 -54.51 -6.45 -34.01
CA ILE B 48 -54.69 -6.39 -35.46
C ILE B 48 -56.10 -5.90 -35.77
N ALA B 49 -56.21 -5.08 -36.82
CA ALA B 49 -57.48 -4.48 -37.18
C ALA B 49 -58.48 -5.55 -37.62
N PRO B 50 -59.78 -5.30 -37.45
CA PRO B 50 -60.77 -6.28 -37.89
C PRO B 50 -60.77 -6.46 -39.39
N GLY B 51 -61.03 -7.69 -39.83
CA GLY B 51 -61.13 -8.01 -41.23
C GLY B 51 -62.51 -7.69 -41.78
N THR B 52 -62.72 -8.08 -43.03
CA THR B 52 -63.99 -7.81 -43.70
C THR B 52 -64.49 -9.07 -44.39
N ILE B 53 -65.81 -9.11 -44.57
CA ILE B 53 -66.51 -10.22 -45.22
C ILE B 53 -67.20 -9.67 -46.45
N TYR B 54 -66.99 -10.32 -47.60
CA TYR B 54 -67.62 -9.88 -48.83
C TYR B 54 -69.12 -10.08 -48.76
N ILE B 55 -69.88 -9.06 -49.15
CA ILE B 55 -71.34 -9.12 -49.20
C ILE B 55 -71.86 -9.13 -50.62
N ASP B 56 -71.57 -8.08 -51.39
CA ASP B 56 -72.11 -7.97 -52.73
C ASP B 56 -71.29 -6.97 -53.53
N MET B 57 -71.49 -7.01 -54.85
CA MET B 57 -70.89 -6.05 -55.76
C MET B 57 -71.95 -5.06 -56.22
N MET B 58 -71.63 -3.78 -56.15
CA MET B 58 -72.58 -2.74 -56.52
C MET B 58 -72.77 -2.72 -58.03
N VAL B 59 -73.99 -3.02 -58.48
CA VAL B 59 -74.31 -3.01 -59.90
C VAL B 59 -75.63 -2.27 -60.09
N ASP B 60 -75.84 -1.79 -61.32
CA ASP B 60 -77.10 -1.19 -61.73
C ASP B 60 -78.03 -2.34 -62.13
N ARG B 61 -78.83 -2.79 -61.16
CA ARG B 61 -79.62 -4.00 -61.35
C ARG B 61 -80.77 -3.80 -62.34
N GLU B 62 -81.15 -2.57 -62.63
CA GLU B 62 -82.23 -2.30 -63.56
C GLU B 62 -81.74 -2.09 -64.99
N ASN B 63 -80.44 -2.23 -65.24
CA ASN B 63 -79.87 -2.05 -66.56
C ASN B 63 -78.90 -3.18 -66.87
N GLY B 64 -79.36 -4.41 -66.66
CA GLY B 64 -78.55 -5.58 -66.97
C GLY B 64 -77.31 -5.73 -66.12
N ASN B 65 -77.41 -5.39 -64.83
CA ASN B 65 -76.29 -5.51 -63.90
C ASN B 65 -75.06 -4.78 -64.41
N ALA B 66 -75.25 -3.56 -64.89
CA ALA B 66 -74.13 -2.74 -65.31
C ALA B 66 -73.26 -2.42 -64.10
N VAL B 67 -72.00 -2.84 -64.17
CA VAL B 67 -71.08 -2.65 -63.05
C VAL B 67 -70.88 -1.17 -62.80
N ILE B 68 -70.97 -0.77 -61.53
CA ILE B 68 -70.77 0.61 -61.13
C ILE B 68 -69.30 0.80 -60.77
N GLN B 69 -68.64 1.74 -61.44
CA GLN B 69 -67.22 1.99 -61.22
C GLN B 69 -66.93 3.41 -60.74
N ASP B 70 -67.96 4.18 -60.40
CA ASP B 70 -67.77 5.52 -59.89
C ASP B 70 -68.19 5.58 -58.43
N PRO B 71 -67.27 5.83 -57.49
CA PRO B 71 -67.65 5.83 -56.07
C PRO B 71 -68.67 6.89 -55.70
N LEU B 72 -68.81 7.95 -56.49
CA LEU B 72 -69.80 8.97 -56.19
C LEU B 72 -71.23 8.51 -56.46
N MET B 73 -71.41 7.36 -57.10
CA MET B 73 -72.72 6.82 -57.40
C MET B 73 -73.23 5.86 -56.33
N VAL B 74 -72.52 5.71 -55.22
CA VAL B 74 -72.89 4.79 -54.15
C VAL B 74 -72.82 5.54 -52.83
N LYS B 75 -73.83 5.39 -52.00
CA LYS B 75 -73.82 5.95 -50.64
C LYS B 75 -74.75 5.14 -49.77
N GLY B 76 -74.21 4.53 -48.71
CA GLY B 76 -74.97 3.68 -47.83
C GLY B 76 -75.21 4.29 -46.46
N PHE B 77 -76.17 3.70 -45.75
CA PHE B 77 -76.45 4.04 -44.37
C PHE B 77 -77.10 2.86 -43.69
N ASP B 78 -77.00 2.83 -42.37
CA ASP B 78 -77.57 1.77 -41.56
C ASP B 78 -78.88 2.22 -40.94
N PHE B 79 -79.75 1.26 -40.66
CA PHE B 79 -81.05 1.54 -40.05
C PHE B 79 -81.41 0.39 -39.12
N THR B 80 -81.37 0.64 -37.82
CA THR B 80 -81.70 -0.38 -36.84
C THR B 80 -83.22 -0.43 -36.66
N TYR B 81 -83.80 -1.59 -36.92
CA TYR B 81 -85.24 -1.79 -36.85
C TYR B 81 -85.68 -2.47 -35.56
N ASP B 82 -84.87 -3.40 -35.04
CA ASP B 82 -85.19 -4.07 -33.78
C ASP B 82 -83.86 -4.41 -33.11
N ALA B 83 -83.48 -3.60 -32.12
CA ALA B 83 -82.18 -3.76 -31.48
C ALA B 83 -82.09 -5.09 -30.73
N ASP B 84 -83.14 -5.47 -30.03
CA ASP B 84 -83.11 -6.69 -29.24
C ASP B 84 -83.08 -7.94 -30.12
N ALA B 85 -83.76 -7.90 -31.26
CA ALA B 85 -83.67 -9.01 -32.21
C ALA B 85 -82.45 -8.90 -33.11
N GLU B 86 -81.64 -7.86 -32.95
CA GLU B 86 -80.43 -7.64 -33.73
C GLU B 86 -80.75 -7.58 -35.23
N ILE B 87 -81.77 -6.81 -35.56
CA ILE B 87 -82.18 -6.58 -36.94
C ILE B 87 -81.74 -5.19 -37.31
N THR B 88 -80.65 -5.09 -38.08
CA THR B 88 -80.17 -3.82 -38.61
C THR B 88 -80.01 -3.97 -40.11
N TYR B 89 -80.60 -3.05 -40.86
CA TYR B 89 -80.55 -3.07 -42.31
C TYR B 89 -79.46 -2.15 -42.81
N THR B 90 -78.69 -2.63 -43.77
CA THR B 90 -77.70 -1.81 -44.48
C THR B 90 -78.32 -1.43 -45.82
N ILE B 91 -78.70 -0.17 -45.95
CA ILE B 91 -79.37 0.33 -47.13
C ILE B 91 -78.36 1.08 -47.99
N ILE B 92 -78.29 0.74 -49.27
CA ILE B 92 -77.34 1.32 -50.19
C ILE B 92 -78.11 2.11 -51.25
N ILE B 93 -77.80 3.39 -51.37
CA ILE B 93 -78.35 4.23 -52.42
C ILE B 93 -77.37 4.19 -53.58
N ARG B 94 -77.83 3.74 -54.74
CA ARG B 94 -76.95 3.51 -55.86
C ARG B 94 -77.60 4.05 -57.13
N LYS B 95 -76.77 4.22 -58.15
CA LYS B 95 -77.24 4.66 -59.45
C LYS B 95 -78.13 3.60 -60.08
N SER B 96 -79.24 4.05 -60.66
CA SER B 96 -80.16 3.20 -61.40
C SER B 96 -80.59 3.98 -62.64
N GLY B 97 -79.87 3.80 -63.73
CA GLY B 97 -80.08 4.65 -64.89
C GLY B 97 -79.68 6.07 -64.57
N THR B 98 -80.59 7.01 -64.81
CA THR B 98 -80.38 8.40 -64.40
C THR B 98 -81.00 8.70 -63.04
N ASN B 99 -81.60 7.71 -62.39
CA ASN B 99 -82.27 7.85 -61.11
C ASN B 99 -81.57 7.00 -60.07
N ILE B 100 -82.19 6.84 -58.91
CA ILE B 100 -81.59 6.12 -57.79
C ILE B 100 -82.44 4.90 -57.47
N ALA B 101 -81.84 4.03 -56.66
CA ALA B 101 -82.53 2.87 -56.11
C ALA B 101 -81.95 2.57 -54.74
N PHE B 102 -82.76 1.94 -53.89
CA PHE B 102 -82.36 1.57 -52.54
C PHE B 102 -82.21 0.06 -52.47
N ASP B 103 -80.99 -0.41 -52.27
CA ASP B 103 -80.72 -1.82 -52.05
C ASP B 103 -80.67 -2.08 -50.56
N ILE B 104 -81.55 -2.95 -50.08
CA ILE B 104 -81.71 -3.21 -48.65
C ILE B 104 -81.12 -4.58 -48.34
N TYR B 105 -80.12 -4.61 -47.47
CA TYR B 105 -79.42 -5.83 -47.10
C TYR B 105 -79.71 -6.18 -45.65
N TYR B 106 -79.85 -7.47 -45.39
CA TYR B 106 -79.97 -7.97 -44.03
C TYR B 106 -79.38 -9.36 -43.98
N ALA B 107 -78.65 -9.65 -42.91
CA ALA B 107 -77.99 -10.94 -42.73
C ALA B 107 -77.10 -11.28 -43.92
N ASP B 108 -76.34 -10.28 -44.39
CA ASP B 108 -75.40 -10.42 -45.50
C ASP B 108 -76.10 -10.87 -46.78
N THR B 109 -77.37 -10.50 -46.95
CA THR B 109 -78.14 -10.92 -48.10
C THR B 109 -78.98 -9.76 -48.61
N LEU B 110 -79.08 -9.63 -49.94
CA LEU B 110 -79.94 -8.61 -50.53
C LEU B 110 -81.40 -9.01 -50.35
N GLN B 111 -82.15 -8.20 -49.62
CA GLN B 111 -83.55 -8.52 -49.35
C GLN B 111 -84.46 -8.01 -50.47
N THR B 112 -84.37 -6.73 -50.80
CA THR B 112 -85.22 -6.16 -51.84
C THR B 112 -84.57 -4.88 -52.37
N THR B 113 -85.13 -4.37 -53.45
CA THR B 113 -84.70 -3.12 -54.06
C THR B 113 -85.91 -2.23 -54.26
N VAL B 114 -85.79 -0.96 -53.89
CA VAL B 114 -86.84 0.03 -54.06
C VAL B 114 -86.30 1.13 -54.96
N THR B 115 -86.93 1.32 -56.11
CA THR B 115 -86.51 2.35 -57.04
C THR B 115 -87.23 3.65 -56.76
N SER B 116 -86.66 4.74 -57.27
CA SER B 116 -87.26 6.05 -57.12
C SER B 116 -86.79 6.95 -58.26
N THR B 117 -87.74 7.61 -58.92
CA THR B 117 -87.43 8.57 -59.97
C THR B 117 -87.39 10.01 -59.46
N ALA B 118 -87.65 10.23 -58.18
CA ALA B 118 -87.65 11.57 -57.63
C ALA B 118 -86.26 12.14 -57.45
N TYR B 119 -85.22 11.32 -57.57
CA TYR B 119 -83.85 11.75 -57.37
C TYR B 119 -83.01 11.40 -58.59
N LEU B 120 -82.01 12.22 -58.85
CA LEU B 120 -81.06 11.96 -59.93
C LEU B 120 -79.86 11.21 -59.40
N ALA B 121 -79.20 10.48 -60.28
CA ALA B 121 -77.99 9.76 -59.88
C ALA B 121 -76.87 10.73 -59.49
N THR B 122 -76.91 11.96 -60.01
CA THR B 122 -75.91 12.95 -59.68
C THR B 122 -76.17 13.66 -58.35
N GLN B 123 -77.29 13.37 -57.69
CA GLN B 123 -77.62 13.96 -56.40
C GLN B 123 -77.38 13.02 -55.23
N ILE B 124 -76.79 11.85 -55.47
CA ILE B 124 -76.73 10.81 -54.45
C ILE B 124 -75.90 11.27 -53.25
N GLN B 125 -74.75 11.89 -53.50
CA GLN B 125 -73.89 12.28 -52.40
C GLN B 125 -74.47 13.40 -51.55
N ASP B 126 -75.52 14.07 -52.02
CA ASP B 126 -76.16 15.14 -51.27
C ASP B 126 -77.45 14.69 -50.60
N ILE B 127 -77.68 13.40 -50.51
CA ILE B 127 -78.87 12.85 -49.88
C ILE B 127 -78.53 12.49 -48.44
N HIS B 128 -79.24 13.09 -47.49
CA HIS B 128 -79.09 12.79 -46.08
C HIS B 128 -80.35 12.13 -45.55
N VAL B 129 -80.22 11.46 -44.41
CA VAL B 129 -81.32 10.72 -43.82
C VAL B 129 -81.54 11.20 -42.39
N ALA B 130 -82.74 10.94 -41.88
CA ALA B 130 -83.10 11.22 -40.50
C ALA B 130 -83.84 9.99 -39.99
N ALA B 131 -83.12 9.11 -39.30
CA ALA B 131 -83.68 7.84 -38.86
C ALA B 131 -84.49 8.04 -37.59
N ALA B 132 -85.76 7.67 -37.65
CA ALA B 132 -86.63 7.70 -36.48
C ALA B 132 -86.58 6.35 -35.79
N HIS B 133 -87.48 6.14 -34.84
CA HIS B 133 -87.55 4.85 -34.15
C HIS B 133 -88.06 3.75 -35.08
N ASP B 134 -88.87 4.11 -36.09
CA ASP B 134 -89.51 3.10 -36.92
C ASP B 134 -89.58 3.47 -38.40
N ARG B 135 -88.89 4.50 -38.85
CA ARG B 135 -88.90 4.89 -40.25
C ARG B 135 -87.69 5.76 -40.52
N VAL B 136 -87.37 5.94 -41.80
CA VAL B 136 -86.26 6.77 -42.23
C VAL B 136 -86.80 7.83 -43.18
N LEU B 137 -86.43 9.09 -42.94
CA LEU B 137 -86.77 10.18 -43.84
C LEU B 137 -85.60 10.45 -44.78
N ILE B 138 -85.91 10.64 -46.05
CA ILE B 138 -84.90 10.88 -47.09
C ILE B 138 -84.95 12.36 -47.43
N LEU B 139 -83.83 13.05 -47.21
CA LEU B 139 -83.77 14.50 -47.27
C LEU B 139 -82.83 14.95 -48.38
N HIS B 140 -83.30 15.87 -49.21
CA HIS B 140 -82.48 16.55 -50.20
C HIS B 140 -83.00 17.97 -50.33
N GLU B 141 -82.08 18.92 -50.51
CA GLU B 141 -82.46 20.33 -50.49
C GLU B 141 -83.38 20.70 -51.65
N ASN B 142 -83.42 19.90 -52.71
CA ASN B 142 -84.19 20.22 -53.89
C ASN B 142 -85.32 19.24 -54.16
N VAL B 143 -85.51 18.25 -53.30
CA VAL B 143 -86.51 17.21 -53.49
C VAL B 143 -87.34 17.10 -52.22
N GLN B 144 -88.65 16.99 -52.38
CA GLN B 144 -89.54 16.89 -51.23
C GLN B 144 -89.20 15.66 -50.39
N ILE B 145 -89.38 15.80 -49.07
CA ILE B 145 -89.04 14.73 -48.14
C ILE B 145 -89.77 13.45 -48.50
N ARG B 146 -89.05 12.34 -48.53
CA ARG B 146 -89.64 11.02 -48.67
C ARG B 146 -89.51 10.26 -47.36
N GLN B 147 -90.33 9.23 -47.23
CA GLN B 147 -90.33 8.36 -46.06
C GLN B 147 -90.16 6.93 -46.53
N LEU B 148 -89.16 6.25 -45.99
CA LEU B 148 -88.90 4.85 -46.29
C LEU B 148 -89.29 4.03 -45.05
N LYS B 149 -90.31 3.21 -45.18
CA LYS B 149 -90.85 2.47 -44.05
C LYS B 149 -90.94 0.99 -44.39
N ARG B 150 -90.59 0.16 -43.42
CA ARG B 150 -90.59 -1.28 -43.59
C ARG B 150 -91.98 -1.84 -43.31
N GLY B 151 -92.41 -2.79 -44.13
CA GLY B 151 -93.71 -3.40 -43.98
C GLY B 151 -93.72 -4.56 -42.99
N ALA B 152 -94.23 -5.71 -43.42
CA ALA B 152 -94.42 -6.85 -42.53
C ALA B 152 -93.33 -7.91 -42.66
N SER B 153 -92.30 -7.67 -43.47
CA SER B 153 -91.25 -8.66 -43.65
C SER B 153 -89.96 -7.95 -44.05
N HIS B 154 -88.88 -8.73 -44.14
CA HIS B 154 -87.60 -8.17 -44.55
C HIS B 154 -87.66 -7.60 -45.95
N SER B 155 -88.43 -8.22 -46.84
CA SER B 155 -88.42 -7.86 -48.25
C SER B 155 -89.54 -6.90 -48.63
N SER B 156 -90.32 -6.43 -47.67
CA SER B 156 -91.45 -5.55 -47.94
C SER B 156 -91.11 -4.13 -47.48
N TRP B 157 -90.94 -3.23 -48.45
CA TRP B 157 -90.60 -1.85 -48.15
C TRP B 157 -91.38 -0.92 -49.07
N SER B 158 -91.66 0.28 -48.58
CA SER B 158 -92.39 1.28 -49.34
C SER B 158 -91.70 2.63 -49.21
N LEU B 159 -91.69 3.39 -50.29
CA LEU B 159 -91.11 4.73 -50.33
C LEU B 159 -92.21 5.70 -50.76
N THR B 160 -92.64 6.56 -49.84
CA THR B 160 -93.73 7.49 -50.08
C THR B 160 -93.28 8.90 -49.77
N THR B 161 -94.16 9.86 -50.03
CA THR B 161 -93.87 11.26 -49.80
C THR B 161 -94.32 11.67 -48.40
N PHE B 162 -93.48 12.46 -47.73
CA PHE B 162 -93.78 12.99 -46.41
C PHE B 162 -94.53 14.31 -46.58
N ASN B 163 -95.79 14.33 -46.17
CA ASN B 163 -96.62 15.51 -46.35
C ASN B 163 -96.97 16.13 -45.01
N PRO B 164 -96.49 17.33 -44.71
CA PRO B 164 -96.84 17.97 -43.44
C PRO B 164 -98.32 18.27 -43.34
N ARG B 165 -98.85 18.18 -42.12
CA ARG B 165 -100.22 18.62 -41.89
C ARG B 165 -100.36 20.10 -42.18
N VAL B 166 -99.48 20.92 -41.60
CA VAL B 166 -99.43 22.35 -41.86
C VAL B 166 -97.97 22.72 -42.14
N TYR B 167 -97.74 23.44 -43.22
CA TYR B 167 -96.40 23.83 -43.59
C TYR B 167 -95.87 24.95 -42.69
N PRO B 168 -94.57 24.97 -42.44
CA PRO B 168 -93.95 26.13 -41.79
C PRO B 168 -93.94 27.32 -42.73
N THR B 169 -93.89 28.51 -42.14
CA THR B 169 -93.94 29.75 -42.90
C THR B 169 -92.73 30.61 -42.59
N TYR B 170 -92.39 31.48 -43.54
CA TYR B 170 -91.24 32.35 -43.40
C TYR B 170 -91.44 33.59 -44.26
N ASP B 171 -91.02 34.73 -43.74
CA ASP B 171 -91.08 35.99 -44.46
C ASP B 171 -89.73 36.22 -45.14
N PHE B 172 -89.67 35.92 -46.43
CA PHE B 172 -88.40 35.98 -47.15
C PHE B 172 -87.94 37.40 -47.43
N SER B 173 -88.83 38.39 -47.35
CA SER B 173 -88.41 39.77 -47.54
C SER B 173 -87.47 40.24 -46.44
N VAL B 174 -87.48 39.56 -45.29
CA VAL B 174 -86.59 39.93 -44.20
C VAL B 174 -85.13 39.72 -44.59
N ILE B 175 -84.86 38.68 -45.37
CA ILE B 175 -83.52 38.44 -45.90
C ILE B 175 -83.38 38.95 -47.34
N GLY B 176 -84.31 39.78 -47.78
CA GLY B 176 -84.22 40.34 -49.12
C GLY B 176 -84.44 39.37 -50.25
N GLU B 177 -85.09 38.24 -49.98
CA GLU B 177 -85.37 37.24 -51.00
C GLU B 177 -86.81 37.28 -51.48
N ALA B 178 -87.56 38.32 -51.14
CA ALA B 178 -88.93 38.49 -51.59
C ALA B 178 -89.19 39.99 -51.76
N ILE B 179 -90.39 40.31 -52.24
CA ILE B 179 -90.75 41.70 -52.47
C ILE B 179 -90.87 42.44 -51.15
N ASN B 180 -90.27 43.63 -51.09
CA ASN B 180 -90.31 44.45 -49.89
C ASN B 180 -91.63 45.22 -49.85
N TYR B 181 -92.44 44.96 -48.82
CA TYR B 181 -93.77 45.53 -48.71
C TYR B 181 -93.86 46.58 -47.61
N GLN B 182 -92.72 47.13 -47.17
CA GLN B 182 -92.73 48.06 -46.04
C GLN B 182 -93.44 49.37 -46.36
N SER B 183 -93.55 49.73 -47.64
CA SER B 183 -94.25 50.94 -48.04
C SER B 183 -95.64 50.67 -48.58
N PHE B 184 -96.07 49.42 -48.62
CA PHE B 184 -97.38 49.08 -49.16
C PHE B 184 -98.47 49.31 -48.12
N THR B 185 -99.71 49.13 -48.53
CA THR B 185 -100.85 49.16 -47.63
C THR B 185 -101.74 47.97 -47.92
N PHE B 186 -102.09 47.22 -46.88
CA PHE B 186 -102.95 46.06 -47.00
C PHE B 186 -104.33 46.41 -46.49
N THR B 187 -105.36 46.08 -47.27
CA THR B 187 -106.75 46.34 -46.92
C THR B 187 -107.47 45.01 -46.73
N LEU B 188 -108.20 44.89 -45.63
CA LEU B 188 -108.98 43.70 -45.34
C LEU B 188 -110.46 44.00 -45.59
N SER B 189 -111.17 43.01 -46.15
CA SER B 189 -112.60 43.16 -46.34
C SER B 189 -113.35 43.14 -45.02
N ALA B 190 -112.87 42.36 -44.05
CA ALA B 190 -113.49 42.29 -42.73
C ALA B 190 -112.42 41.85 -41.74
N THR B 191 -112.77 41.93 -40.46
CA THR B 191 -111.84 41.55 -39.40
C THR B 191 -112.01 40.11 -38.94
N THR B 192 -113.04 39.40 -39.39
CA THR B 192 -113.33 38.05 -38.93
C THR B 192 -113.76 37.20 -40.11
N GLY B 193 -113.72 35.88 -39.90
CA GLY B 193 -114.21 34.95 -40.89
C GLY B 193 -113.36 34.93 -42.15
N SER B 194 -113.98 34.57 -43.27
CA SER B 194 -113.30 34.55 -44.55
C SER B 194 -113.26 35.95 -45.13
N ILE B 195 -112.05 36.42 -45.46
CA ILE B 195 -111.85 37.79 -45.90
C ILE B 195 -111.01 37.78 -47.17
N THR B 196 -110.87 38.97 -47.76
CA THR B 196 -109.98 39.21 -48.88
C THR B 196 -108.93 40.23 -48.44
N ILE B 197 -107.67 39.93 -48.69
CA ILE B 197 -106.57 40.83 -48.39
C ILE B 197 -106.08 41.42 -49.70
N THR B 198 -106.10 42.74 -49.80
CA THR B 198 -105.72 43.45 -51.01
C THR B 198 -104.49 44.29 -50.73
N SER B 199 -103.53 44.26 -51.64
CA SER B 199 -102.31 45.03 -51.51
C SER B 199 -102.29 46.14 -52.55
N SER B 200 -101.76 47.30 -52.16
CA SER B 200 -101.64 48.42 -53.08
C SER B 200 -100.59 48.19 -54.16
N SER B 201 -99.77 47.15 -54.02
CA SER B 201 -98.74 46.85 -55.01
C SER B 201 -98.56 45.34 -55.08
N ALA B 202 -97.97 44.88 -56.18
CA ALA B 202 -97.78 43.46 -56.41
C ALA B 202 -96.88 42.83 -55.36
N VAL B 203 -97.45 41.97 -54.51
CA VAL B 203 -96.66 41.29 -53.49
C VAL B 203 -96.87 39.78 -53.56
N PHE B 204 -98.13 39.35 -53.72
CA PHE B 204 -98.47 37.94 -53.53
C PHE B 204 -97.90 37.06 -54.62
N THR B 205 -97.54 35.84 -54.22
CA THR B 205 -97.19 34.76 -55.13
C THR B 205 -98.01 33.53 -54.76
N HIS B 206 -98.02 32.54 -55.64
CA HIS B 206 -98.77 31.33 -55.35
C HIS B 206 -98.24 30.59 -54.14
N ASN B 207 -96.95 30.75 -53.80
CA ASN B 207 -96.42 30.11 -52.61
C ASN B 207 -96.99 30.71 -51.32
N HIS B 208 -97.66 31.86 -51.40
CA HIS B 208 -98.30 32.42 -50.22
C HIS B 208 -99.55 31.66 -49.80
N VAL B 209 -100.02 30.72 -50.61
CA VAL B 209 -101.12 29.86 -50.20
C VAL B 209 -100.63 28.96 -49.07
N GLY B 210 -101.33 29.00 -47.94
CA GLY B 210 -100.84 28.37 -46.74
C GLY B 210 -99.96 29.24 -45.89
N GLY B 211 -99.70 30.48 -46.32
CA GLY B 211 -98.94 31.42 -45.53
C GLY B 211 -99.79 32.16 -44.54
N LEU B 212 -99.16 33.11 -43.87
CA LEU B 212 -99.80 33.86 -42.79
C LEU B 212 -99.70 35.35 -43.05
N PHE B 213 -100.70 36.09 -42.60
CA PHE B 213 -100.68 37.54 -42.61
C PHE B 213 -100.99 38.02 -41.20
N ARG B 214 -100.11 38.84 -40.65
CA ARG B 214 -100.25 39.33 -39.28
C ARG B 214 -100.20 40.85 -39.30
N SER B 215 -101.15 41.48 -38.60
CA SER B 215 -101.17 42.91 -38.41
C SER B 215 -102.29 43.23 -37.44
N LEU B 216 -102.12 44.34 -36.71
CA LEU B 216 -103.15 44.86 -35.82
C LEU B 216 -103.57 43.82 -34.77
N GLY B 217 -102.64 42.95 -34.38
CA GLY B 217 -102.92 41.93 -33.40
C GLY B 217 -103.64 40.71 -33.93
N GLY B 218 -103.96 40.68 -35.22
CA GLY B 218 -104.65 39.55 -35.79
C GLY B 218 -103.80 38.70 -36.70
N THR B 219 -104.25 37.48 -36.97
CA THR B 219 -103.56 36.54 -37.84
C THR B 219 -104.56 35.91 -38.79
N ALA B 220 -104.18 35.78 -40.05
CA ALA B 220 -105.02 35.16 -41.06
C ALA B 220 -104.18 34.18 -41.87
N ARG B 221 -104.76 33.04 -42.22
CA ARG B 221 -104.08 32.06 -43.05
C ARG B 221 -104.59 32.19 -44.48
N ILE B 222 -103.69 32.52 -45.40
CA ILE B 222 -104.05 32.68 -46.79
C ILE B 222 -104.44 31.34 -47.38
N THR B 223 -105.57 31.29 -48.07
CA THR B 223 -106.06 30.06 -48.68
C THR B 223 -106.07 30.09 -50.20
N ALA B 224 -106.04 31.26 -50.82
CA ALA B 224 -105.99 31.36 -52.27
C ALA B 224 -105.32 32.66 -52.65
N VAL B 225 -104.64 32.65 -53.79
CA VAL B 225 -103.98 33.83 -54.33
C VAL B 225 -104.54 34.04 -55.74
N ALA B 226 -105.44 35.01 -55.88
CA ALA B 226 -106.04 35.28 -57.18
C ALA B 226 -105.07 36.00 -58.11
N SER B 227 -104.28 36.92 -57.58
CA SER B 227 -103.33 37.70 -58.37
C SER B 227 -102.23 38.19 -57.45
N THR B 228 -101.34 39.02 -57.97
CA THR B 228 -100.26 39.56 -57.16
C THR B 228 -100.74 40.60 -56.16
N THR B 229 -101.99 41.06 -56.27
CA THR B 229 -102.51 42.07 -55.36
C THR B 229 -103.76 41.65 -54.62
N SER B 230 -104.23 40.41 -54.81
CA SER B 230 -105.46 39.98 -54.17
C SER B 230 -105.31 38.54 -53.68
N ALA B 231 -105.79 38.29 -52.47
CA ALA B 231 -105.73 36.95 -51.90
C ALA B 231 -106.90 36.77 -50.94
N SER B 232 -107.27 35.51 -50.73
CA SER B 232 -108.32 35.13 -49.81
C SER B 232 -107.70 34.48 -48.59
N ALA B 233 -108.23 34.76 -47.41
CA ALA B 233 -107.66 34.27 -46.18
C ALA B 233 -108.75 33.97 -45.17
N THR B 234 -108.41 33.11 -44.21
CA THR B 234 -109.28 32.78 -43.09
C THR B 234 -108.69 33.37 -41.82
N VAL B 235 -109.50 34.12 -41.08
CA VAL B 235 -109.02 34.80 -39.88
C VAL B 235 -108.90 33.79 -38.75
N LEU B 236 -107.71 33.67 -38.18
CA LEU B 236 -107.46 32.83 -37.02
C LEU B 236 -107.57 33.62 -35.72
N ASP B 237 -107.00 34.83 -35.69
CA ASP B 237 -107.17 35.76 -34.59
C ASP B 237 -107.68 37.08 -35.14
N ASN B 238 -108.69 37.65 -34.48
CA ASN B 238 -109.40 38.79 -35.02
C ASN B 238 -108.49 40.01 -35.16
N PHE B 239 -108.71 40.77 -36.23
CA PHE B 239 -108.03 42.04 -36.44
C PHE B 239 -108.83 43.16 -35.78
N THR B 240 -108.12 44.23 -35.42
CA THR B 240 -108.77 45.40 -34.83
C THR B 240 -109.15 46.46 -35.86
N GLY B 241 -108.81 46.25 -37.13
CA GLY B 241 -109.13 47.20 -38.17
C GLY B 241 -108.86 46.59 -39.52
N THR B 242 -109.34 47.27 -40.56
CA THR B 242 -109.22 46.77 -41.92
C THR B 242 -108.15 47.46 -42.74
N SER B 243 -107.38 48.36 -42.15
CA SER B 243 -106.29 49.04 -42.84
C SER B 243 -104.99 48.76 -42.10
N CYS B 244 -104.05 48.13 -42.78
CA CYS B 244 -102.80 47.69 -42.17
C CYS B 244 -101.63 48.32 -42.91
N ALA B 245 -100.81 49.07 -42.19
CA ALA B 245 -99.61 49.63 -42.78
C ALA B 245 -98.61 48.53 -43.10
N GLY B 246 -97.94 48.65 -44.24
CA GLY B 246 -97.02 47.61 -44.67
C GLY B 246 -95.86 47.41 -43.71
N ASN B 247 -95.35 48.50 -43.14
CA ASN B 247 -94.21 48.40 -42.24
C ASN B 247 -94.57 47.86 -40.87
N LEU B 248 -95.86 47.81 -40.51
CA LEU B 248 -96.29 47.24 -39.25
C LEU B 248 -96.89 45.85 -39.40
N SER B 249 -96.85 45.27 -40.59
CA SER B 249 -97.45 43.98 -40.88
C SER B 249 -96.37 42.92 -41.05
N SER B 250 -96.82 41.69 -41.27
CA SER B 250 -95.93 40.56 -41.48
C SER B 250 -96.61 39.59 -42.44
N LEU B 251 -96.02 39.41 -43.61
CA LEU B 251 -96.53 38.50 -44.63
C LEU B 251 -95.51 37.39 -44.86
N ALA B 252 -95.93 36.14 -44.68
CA ALA B 252 -95.03 35.01 -44.80
C ALA B 252 -95.61 33.98 -45.75
N GLU B 253 -94.75 33.41 -46.59
CA GLU B 253 -95.12 32.33 -47.49
C GLU B 253 -94.67 31.00 -46.89
N LYS B 254 -94.94 29.92 -47.61
CA LYS B 254 -94.49 28.62 -47.17
C LYS B 254 -92.97 28.52 -47.25
N LEU B 255 -92.36 27.94 -46.21
CA LEU B 255 -90.91 27.83 -46.18
C LEU B 255 -90.41 26.81 -47.19
N TRP B 256 -91.15 25.73 -47.41
CA TRP B 256 -90.75 24.67 -48.32
C TRP B 256 -91.69 24.63 -49.51
N ASN B 257 -91.13 24.70 -50.71
CA ASN B 257 -91.91 24.57 -51.93
C ASN B 257 -90.98 24.47 -53.12
N SER B 258 -91.38 23.66 -54.10
CA SER B 258 -90.62 23.51 -55.33
C SER B 258 -91.44 23.87 -56.56
N ASP B 259 -92.62 24.47 -56.37
CA ASP B 259 -93.50 24.84 -57.47
C ASP B 259 -93.18 26.26 -57.89
N THR B 260 -92.65 26.41 -59.10
CA THR B 260 -92.29 27.73 -59.62
C THR B 260 -93.05 28.09 -60.90
N THR B 261 -94.12 27.36 -61.22
CA THR B 261 -94.84 27.58 -62.47
C THR B 261 -96.28 28.02 -62.29
N THR B 262 -96.93 27.70 -61.17
CA THR B 262 -98.31 28.10 -60.96
C THR B 262 -98.39 29.62 -60.76
N ALA B 263 -99.29 30.25 -61.49
CA ALA B 263 -99.38 31.70 -61.47
C ALA B 263 -100.02 32.18 -60.17
N PRO B 264 -99.50 33.28 -59.58
CA PRO B 264 -98.29 34.01 -59.98
C PRO B 264 -97.05 33.24 -59.57
N VAL B 265 -95.98 33.31 -60.36
CA VAL B 265 -94.87 32.38 -60.20
C VAL B 265 -94.14 32.63 -58.90
N SER B 266 -93.72 31.56 -58.24
CA SER B 266 -93.04 31.59 -56.97
C SER B 266 -91.57 31.23 -57.15
N ALA B 267 -90.77 31.53 -56.13
CA ALA B 267 -89.38 31.12 -56.12
C ALA B 267 -89.25 29.68 -55.65
N ASN B 268 -88.16 29.04 -56.05
CA ASN B 268 -87.87 27.68 -55.62
C ASN B 268 -87.26 27.77 -54.23
N ARG B 269 -88.08 27.54 -53.20
CA ARG B 269 -87.58 27.63 -51.84
C ARG B 269 -86.91 26.35 -51.37
N GLY B 270 -87.13 25.24 -52.06
CA GLY B 270 -86.48 24.00 -51.71
C GLY B 270 -87.10 23.32 -50.49
N TRP B 271 -86.36 22.35 -49.98
CA TRP B 271 -86.80 21.49 -48.89
C TRP B 271 -85.64 21.28 -47.93
N PRO B 272 -85.91 20.88 -46.70
CA PRO B 272 -84.83 20.68 -45.73
C PRO B 272 -83.89 19.57 -46.15
N ALA B 273 -82.61 19.73 -45.83
CA ALA B 273 -81.60 18.73 -46.13
C ALA B 273 -80.97 18.10 -44.89
N ARG B 274 -81.30 18.57 -43.70
CA ARG B 274 -80.83 17.97 -42.46
C ARG B 274 -82.02 17.76 -41.52
N GLY B 275 -81.90 16.77 -40.65
CA GLY B 275 -82.98 16.48 -39.73
C GLY B 275 -82.56 15.52 -38.65
N VAL B 276 -83.36 15.50 -37.59
CA VAL B 276 -83.19 14.56 -36.49
C VAL B 276 -84.50 14.51 -35.72
N PHE B 277 -84.75 13.39 -35.07
CA PHE B 277 -85.88 13.25 -34.15
C PHE B 277 -85.37 13.42 -32.74
N TYR B 278 -85.84 14.46 -32.05
CA TYR B 278 -85.38 14.77 -30.71
C TYR B 278 -86.57 14.74 -29.76
N LEU B 279 -86.57 13.77 -28.85
CA LEU B 279 -87.66 13.58 -27.89
C LEU B 279 -89.00 13.45 -28.62
N ASN B 280 -89.90 14.40 -28.42
CA ASN B 280 -91.22 14.33 -29.02
C ASN B 280 -91.39 15.33 -30.17
N ARG B 281 -90.30 15.82 -30.74
CA ARG B 281 -90.36 16.75 -31.86
C ARG B 281 -89.49 16.25 -33.01
N LEU B 282 -89.84 16.67 -34.21
CA LEU B 282 -89.03 16.46 -35.40
C LEU B 282 -88.40 17.78 -35.80
N ILE B 283 -87.07 17.79 -35.93
CA ILE B 283 -86.32 18.99 -36.29
C ILE B 283 -85.81 18.83 -37.71
N LEU B 284 -86.13 19.80 -38.55
CA LEU B 284 -85.72 19.81 -39.95
C LEU B 284 -85.11 21.17 -40.28
N GLY B 285 -83.99 21.15 -41.01
CA GLY B 285 -83.35 22.42 -41.29
C GLY B 285 -82.48 22.37 -42.52
N ARG B 286 -81.79 23.49 -42.76
CA ARG B 286 -80.92 23.69 -43.91
C ARG B 286 -81.67 23.45 -45.21
N SER B 287 -82.70 24.26 -45.43
CA SER B 287 -83.41 24.22 -46.69
C SER B 287 -82.58 24.90 -47.78
N LEU B 288 -83.07 24.81 -49.02
CA LEU B 288 -82.33 25.40 -50.12
C LEU B 288 -82.22 26.92 -49.99
N ALA B 289 -83.31 27.58 -49.61
CA ALA B 289 -83.34 29.03 -49.59
C ALA B 289 -82.78 29.63 -48.31
N VAL B 290 -83.00 28.99 -47.16
CA VAL B 290 -82.56 29.50 -45.86
C VAL B 290 -81.74 28.39 -45.22
N LYS B 291 -80.44 28.39 -45.46
CA LYS B 291 -79.59 27.31 -44.99
C LYS B 291 -79.24 27.42 -43.51
N ASN B 292 -79.51 28.55 -42.87
CA ASN B 292 -79.14 28.77 -41.48
C ASN B 292 -80.33 28.73 -40.53
N LEU B 293 -81.39 28.03 -40.91
CA LEU B 293 -82.61 27.98 -40.13
C LEU B 293 -83.05 26.53 -39.94
N VAL B 294 -83.52 26.20 -38.73
CA VAL B 294 -84.10 24.91 -38.45
C VAL B 294 -85.52 25.12 -37.93
N ASN B 295 -86.37 24.13 -38.18
CA ASN B 295 -87.76 24.14 -37.75
C ASN B 295 -88.01 22.94 -36.86
N LEU B 296 -88.67 23.18 -35.72
CA LEU B 296 -89.08 22.13 -34.82
C LEU B 296 -90.59 21.94 -34.97
N SER B 297 -91.02 20.69 -35.11
CA SER B 297 -92.43 20.40 -35.31
C SER B 297 -93.20 20.61 -34.01
N THR B 298 -94.51 20.44 -34.08
CA THR B 298 -95.35 20.49 -32.90
C THR B 298 -94.98 19.38 -31.94
N ALA B 299 -95.00 19.69 -30.64
CA ALA B 299 -94.64 18.70 -29.64
C ALA B 299 -95.62 17.53 -29.66
N GLY B 300 -95.12 16.35 -29.98
CA GLY B 300 -95.92 15.15 -30.05
C GLY B 300 -96.53 14.86 -31.41
N VAL B 301 -96.41 15.77 -32.37
CA VAL B 301 -96.94 15.58 -33.71
C VAL B 301 -95.78 15.85 -34.67
N TYR B 302 -95.10 14.79 -35.11
CA TYR B 302 -93.85 14.96 -35.84
C TYR B 302 -94.05 15.60 -37.20
N ASP B 303 -95.22 15.41 -37.81
CA ASP B 303 -95.45 15.86 -39.18
C ASP B 303 -96.25 17.16 -39.25
N ASN B 304 -96.39 17.87 -38.14
CA ASN B 304 -97.12 19.14 -38.11
C ASN B 304 -96.13 20.27 -37.78
N PHE B 305 -96.10 21.28 -38.64
CA PHE B 305 -95.22 22.43 -38.45
C PHE B 305 -96.01 23.73 -38.40
N ASP B 306 -97.23 23.68 -37.87
CA ASP B 306 -98.09 24.84 -37.78
C ASP B 306 -97.50 25.84 -36.79
N ASP B 307 -97.20 27.04 -37.28
CA ASP B 307 -96.59 28.09 -36.46
C ASP B 307 -97.45 29.35 -36.47
N ALA B 308 -98.77 29.18 -36.50
CA ALA B 308 -99.67 30.33 -36.40
C ALA B 308 -99.62 30.94 -35.00
N ASP B 309 -99.47 30.10 -33.98
CA ASP B 309 -99.42 30.56 -32.61
C ASP B 309 -97.97 30.80 -32.18
N LEU B 310 -97.82 31.61 -31.13
CA LEU B 310 -96.50 32.03 -30.67
C LEU B 310 -96.25 31.66 -29.21
N ASP B 311 -96.97 30.68 -28.68
CA ASP B 311 -96.82 30.31 -27.28
C ASP B 311 -97.25 28.86 -27.10
N GLY B 312 -96.64 28.20 -26.12
CA GLY B 312 -97.02 26.85 -25.77
C GLY B 312 -96.15 25.78 -26.39
N LEU B 313 -96.75 24.65 -26.75
CA LEU B 313 -96.05 23.54 -27.37
C LEU B 313 -96.07 23.59 -28.88
N VAL B 314 -96.28 24.77 -29.46
CA VAL B 314 -96.42 24.87 -30.90
C VAL B 314 -95.06 24.72 -31.59
N ALA B 315 -95.12 24.49 -32.89
CA ALA B 315 -93.92 24.47 -33.71
C ALA B 315 -93.32 25.87 -33.81
N PHE B 316 -91.99 25.92 -33.96
CA PHE B 316 -91.30 27.20 -34.03
C PHE B 316 -89.99 27.00 -34.77
N SER B 317 -89.23 28.09 -34.91
CA SER B 317 -88.01 28.12 -35.69
C SER B 317 -86.85 28.63 -34.85
N VAL B 318 -85.65 28.26 -35.25
CA VAL B 318 -84.42 28.82 -34.70
C VAL B 318 -83.55 29.25 -35.86
N THR B 319 -83.10 30.50 -35.85
CA THR B 319 -82.21 31.03 -36.87
C THR B 319 -80.83 31.22 -36.26
N PHE B 320 -79.81 30.75 -36.96
CA PHE B 320 -78.44 30.82 -36.48
C PHE B 320 -77.70 31.94 -37.21
N ASN B 321 -77.23 32.92 -36.45
CA ASN B 321 -76.44 34.01 -37.01
C ASN B 321 -75.28 34.33 -36.08
N GLY B 322 -74.15 34.66 -36.70
CA GLY B 322 -72.98 35.13 -35.99
C GLY B 322 -72.30 36.17 -36.84
N LYS B 323 -71.01 35.99 -37.10
CA LYS B 323 -70.27 36.84 -38.01
C LYS B 323 -70.09 36.05 -39.31
N GLY B 324 -71.09 36.12 -40.19
CA GLY B 324 -70.96 35.49 -41.48
C GLY B 324 -71.89 34.32 -41.71
N GLU B 325 -71.49 33.39 -42.57
CA GLU B 325 -72.35 32.27 -42.94
C GLU B 325 -72.41 31.25 -41.81
N GLN B 326 -73.64 30.83 -41.47
CA GLN B 326 -73.87 29.85 -40.42
C GLN B 326 -74.81 28.76 -40.91
N SER B 327 -74.57 28.27 -42.13
CA SER B 327 -75.44 27.25 -42.70
C SER B 327 -75.30 25.94 -41.93
N VAL B 328 -76.43 25.36 -41.57
CA VAL B 328 -76.43 24.19 -40.67
C VAL B 328 -75.87 22.98 -41.40
N GLN B 329 -74.90 22.32 -40.76
CA GLN B 329 -74.29 21.12 -41.32
C GLN B 329 -74.82 19.84 -40.69
N SER B 330 -75.09 19.85 -39.39
CA SER B 330 -75.49 18.64 -38.70
C SER B 330 -76.27 19.02 -37.46
N ILE B 331 -77.33 18.26 -37.19
CA ILE B 331 -78.16 18.45 -36.01
C ILE B 331 -77.94 17.23 -35.12
N VAL B 332 -77.33 17.44 -33.96
CA VAL B 332 -76.84 16.37 -33.11
C VAL B 332 -77.77 16.23 -31.92
N ALA B 333 -78.25 15.02 -31.68
CA ALA B 333 -79.12 14.73 -30.54
C ALA B 333 -78.29 14.35 -29.31
N ASP B 334 -77.37 15.24 -28.96
CA ASP B 334 -76.57 15.10 -27.75
C ASP B 334 -76.92 16.22 -26.79
N ASP B 335 -77.10 15.87 -25.52
CA ASP B 335 -77.45 16.82 -24.48
C ASP B 335 -78.71 17.59 -24.85
N SER B 336 -78.60 18.91 -25.02
CA SER B 336 -79.72 19.77 -25.35
C SER B 336 -79.68 20.22 -26.80
N ILE B 337 -79.28 19.32 -27.70
CA ILE B 337 -79.17 19.54 -29.14
C ILE B 337 -77.97 20.43 -29.45
N LEU B 338 -77.10 19.97 -30.32
CA LEU B 338 -75.96 20.72 -30.81
C LEU B 338 -76.11 20.94 -32.31
N PHE B 339 -75.80 22.15 -32.77
CA PHE B 339 -75.86 22.49 -34.19
C PHE B 339 -74.46 22.84 -34.67
N THR B 340 -73.88 21.98 -35.50
CA THR B 340 -72.65 22.33 -36.19
C THR B 340 -72.99 23.07 -37.46
N THR B 341 -72.32 24.18 -37.70
CA THR B 341 -72.61 24.98 -38.89
C THR B 341 -71.35 25.21 -39.72
N ALA B 342 -71.46 26.08 -40.72
CA ALA B 342 -70.29 26.41 -41.53
C ALA B 342 -69.23 27.14 -40.72
N ASN B 343 -69.63 27.90 -39.70
CA ASN B 343 -68.67 28.63 -38.88
C ASN B 343 -68.71 28.24 -37.40
N LYS B 344 -69.84 28.41 -36.74
CA LYS B 344 -69.89 28.37 -35.29
C LYS B 344 -70.77 27.22 -34.81
N LEU B 345 -70.43 26.70 -33.63
CA LEU B 345 -71.22 25.66 -32.99
C LEU B 345 -72.23 26.29 -32.05
N PHE B 346 -73.50 25.95 -32.22
CA PHE B 346 -74.59 26.53 -31.44
C PHE B 346 -75.15 25.49 -30.49
N ALA B 347 -75.28 25.85 -29.22
CA ALA B 347 -75.80 24.95 -28.20
C ALA B 347 -76.19 25.78 -27.00
N GLN B 348 -76.94 25.16 -26.09
CA GLN B 348 -77.26 25.77 -24.81
C GLN B 348 -76.65 24.94 -23.69
N SER B 349 -76.41 25.60 -22.56
CA SER B 349 -75.76 24.95 -21.45
C SER B 349 -76.61 23.78 -20.95
N PRO B 350 -76.04 22.59 -20.82
CA PRO B 350 -76.81 21.47 -20.24
C PRO B 350 -77.21 21.71 -18.79
N LEU B 351 -76.53 22.62 -18.09
CA LEU B 351 -76.92 22.95 -16.72
C LEU B 351 -78.22 23.73 -16.68
N VAL B 352 -78.51 24.51 -17.71
CA VAL B 352 -79.77 25.25 -17.77
C VAL B 352 -80.91 24.29 -18.03
N GLU B 353 -82.02 24.47 -17.30
CA GLU B 353 -83.19 23.61 -17.42
C GLU B 353 -84.10 24.20 -18.50
N SER B 354 -83.95 23.70 -19.73
CA SER B 354 -84.71 24.19 -20.86
C SER B 354 -85.68 23.11 -21.35
N PRO B 355 -86.98 23.41 -21.42
CA PRO B 355 -87.95 22.41 -21.88
C PRO B 355 -88.12 22.31 -23.39
N ILE B 356 -87.29 23.01 -24.17
CA ILE B 356 -87.34 22.98 -25.63
C ILE B 356 -88.72 23.40 -26.11
N THR B 357 -89.08 24.65 -25.85
CA THR B 357 -90.31 25.23 -26.35
C THR B 357 -90.01 26.63 -26.87
N ILE B 358 -90.93 27.16 -27.67
CA ILE B 358 -90.75 28.49 -28.23
C ILE B 358 -90.65 29.49 -27.08
N ASN B 359 -89.69 30.42 -27.21
CA ASN B 359 -89.35 31.46 -26.25
C ASN B 359 -88.71 30.93 -24.99
N ASN B 360 -88.45 29.62 -24.89
CA ASN B 360 -87.72 29.04 -23.78
C ASN B 360 -86.49 28.30 -24.28
N VAL B 361 -85.88 28.80 -25.35
CA VAL B 361 -84.74 28.18 -25.99
C VAL B 361 -83.59 29.17 -25.94
N TYR B 362 -82.40 28.66 -25.63
CA TYR B 362 -81.25 29.53 -25.32
C TYR B 362 -80.02 29.12 -26.10
N PHE B 363 -80.18 28.80 -27.38
CA PHE B 363 -79.03 28.43 -28.18
C PHE B 363 -78.16 29.65 -28.43
N ALA B 364 -76.86 29.50 -28.21
CA ALA B 364 -75.90 30.57 -28.33
C ALA B 364 -74.67 30.07 -29.06
N PRO B 365 -73.92 30.95 -29.70
CA PRO B 365 -72.66 30.53 -30.32
C PRO B 365 -71.62 30.12 -29.29
N GLN B 366 -71.29 28.84 -29.24
CA GLN B 366 -70.39 28.35 -28.20
C GLN B 366 -68.93 28.58 -28.58
N SER B 367 -68.53 28.14 -29.77
CA SER B 367 -67.13 28.29 -30.17
C SER B 367 -67.03 28.24 -31.69
N GLN B 368 -65.93 28.79 -32.19
CA GLN B 368 -65.67 28.80 -33.62
C GLN B 368 -65.09 27.46 -34.03
N SER B 369 -65.83 26.69 -34.83
CA SER B 369 -65.36 25.41 -35.32
C SER B 369 -66.10 25.04 -36.59
N PRO B 370 -65.62 25.46 -37.75
CA PRO B 370 -66.30 25.13 -39.00
C PRO B 370 -66.41 23.62 -39.20
N ALA B 371 -67.55 23.20 -39.73
CA ALA B 371 -67.85 21.79 -39.92
C ALA B 371 -68.26 21.54 -41.36
N THR B 372 -68.07 20.30 -41.81
CA THR B 372 -68.46 19.88 -43.15
C THR B 372 -69.79 19.12 -43.08
N SER B 373 -70.24 18.65 -44.24
CA SER B 373 -71.55 18.03 -44.34
C SER B 373 -71.58 16.58 -43.88
N ILE B 374 -70.44 16.00 -43.51
CA ILE B 374 -70.42 14.65 -42.96
C ILE B 374 -71.06 14.67 -41.58
N GLU B 375 -71.98 13.74 -41.34
CA GLU B 375 -72.77 13.76 -40.11
C GLU B 375 -71.90 13.50 -38.89
N ALA B 376 -72.15 14.27 -37.83
CA ALA B 376 -71.38 14.14 -36.60
C ALA B 376 -71.66 12.81 -35.92
N ALA B 377 -70.66 12.32 -35.20
CA ALA B 377 -70.72 11.04 -34.49
C ALA B 377 -70.76 11.28 -32.99
N SER B 378 -71.50 10.43 -32.29
CA SER B 378 -71.61 10.48 -30.85
C SER B 378 -71.09 9.18 -30.27
N ILE B 379 -70.06 9.27 -29.43
CA ILE B 379 -69.44 8.08 -28.86
C ILE B 379 -68.55 8.49 -27.70
N ASP B 380 -68.51 7.66 -26.65
CA ASP B 380 -67.55 7.82 -25.56
C ASP B 380 -67.67 9.20 -24.91
N ASN B 381 -68.90 9.59 -24.60
CA ASN B 381 -69.18 10.82 -23.86
C ASN B 381 -68.67 12.07 -24.57
N GLN B 382 -68.68 12.08 -25.90
CA GLN B 382 -68.21 13.24 -26.65
C GLN B 382 -68.86 13.23 -28.02
N THR B 383 -68.77 14.37 -28.70
CA THR B 383 -69.23 14.52 -30.06
C THR B 383 -68.03 14.77 -30.97
N LEU B 384 -67.94 14.00 -32.05
CA LEU B 384 -66.85 14.13 -33.03
C LEU B 384 -67.43 14.50 -34.38
N PHE B 385 -66.83 15.49 -35.02
CA PHE B 385 -67.29 15.88 -36.35
C PHE B 385 -66.10 16.35 -37.18
N VAL B 386 -66.19 16.16 -38.48
CA VAL B 386 -65.12 16.54 -39.39
C VAL B 386 -65.21 18.04 -39.68
N SER B 387 -64.05 18.69 -39.72
CA SER B 387 -64.00 20.13 -39.97
C SER B 387 -64.37 20.42 -41.42
N SER B 388 -64.57 21.71 -41.71
CA SER B 388 -65.06 22.11 -43.03
C SER B 388 -64.05 21.79 -44.13
N ASP B 389 -62.75 21.99 -43.87
CA ASP B 389 -61.75 21.65 -44.87
C ASP B 389 -61.42 20.17 -44.90
N ARG B 390 -62.00 19.38 -43.99
CA ARG B 390 -61.93 17.94 -43.98
C ARG B 390 -60.54 17.41 -43.67
N THR B 391 -59.67 18.23 -43.10
CA THR B 391 -58.33 17.79 -42.72
C THR B 391 -58.18 17.59 -41.22
N LYS B 392 -59.27 17.71 -40.46
CA LYS B 392 -59.21 17.55 -39.02
C LYS B 392 -60.53 16.94 -38.53
N VAL B 393 -60.44 16.23 -37.41
CA VAL B 393 -61.61 15.78 -36.67
C VAL B 393 -61.68 16.62 -35.40
N MET B 394 -62.83 17.24 -35.17
CA MET B 394 -63.02 18.11 -34.03
C MET B 394 -63.83 17.40 -32.95
N GLN B 395 -63.45 17.64 -31.70
CA GLN B 395 -64.14 17.09 -30.54
C GLN B 395 -64.79 18.22 -29.77
N ALA B 396 -66.07 18.03 -29.41
CA ALA B 396 -66.83 19.03 -28.67
C ALA B 396 -67.29 18.44 -27.35
N MET B 397 -66.90 19.06 -26.25
CA MET B 397 -67.39 18.69 -24.93
C MET B 397 -67.70 19.95 -24.13
N TYR B 398 -68.74 19.88 -23.31
CA TYR B 398 -69.06 20.99 -22.44
C TYR B 398 -68.09 21.03 -21.26
N SER B 399 -67.55 22.21 -20.99
CA SER B 399 -66.63 22.43 -19.87
C SER B 399 -67.31 23.36 -18.88
N THR B 400 -67.67 22.84 -17.71
CA THR B 400 -68.31 23.67 -16.71
C THR B 400 -67.38 24.75 -16.19
N ALA B 401 -66.07 24.47 -16.12
CA ALA B 401 -65.12 25.47 -15.68
C ALA B 401 -65.07 26.66 -16.63
N ASP B 402 -65.37 26.44 -17.91
CA ASP B 402 -65.39 27.51 -18.90
C ASP B 402 -66.78 28.03 -19.19
N GLY B 403 -67.82 27.31 -18.78
CA GLY B 403 -69.18 27.76 -19.02
C GLY B 403 -69.64 27.64 -20.45
N LYS B 404 -69.01 26.81 -21.26
CA LYS B 404 -69.37 26.70 -22.66
C LYS B 404 -68.84 25.38 -23.22
N TYR B 405 -69.24 25.08 -24.45
CA TYR B 405 -68.70 23.94 -25.18
C TYR B 405 -67.32 24.30 -25.71
N ILE B 406 -66.38 23.37 -25.55
CA ILE B 406 -64.99 23.55 -25.97
C ILE B 406 -64.72 22.63 -27.15
N THR B 407 -64.22 23.18 -28.24
CA THR B 407 -63.86 22.41 -29.42
C THR B 407 -62.35 22.38 -29.58
N LEU B 408 -61.79 21.21 -29.81
CA LEU B 408 -60.37 21.05 -30.01
C LEU B 408 -60.14 19.92 -31.01
N PRO B 409 -59.00 19.92 -31.69
CA PRO B 409 -58.72 18.87 -32.68
C PRO B 409 -58.47 17.53 -32.00
N ALA B 410 -59.29 16.54 -32.33
CA ALA B 410 -59.03 15.18 -31.89
C ALA B 410 -57.83 14.56 -32.61
N THR B 411 -57.50 15.06 -33.80
CA THR B 411 -56.33 14.63 -34.54
C THR B 411 -55.09 15.44 -34.17
N MET B 412 -55.06 16.00 -32.97
CA MET B 412 -54.00 16.92 -32.59
C MET B 412 -52.62 16.26 -32.64
N LEU B 413 -52.53 15.03 -32.17
CA LEU B 413 -51.24 14.35 -32.10
C LEU B 413 -50.95 13.47 -33.31
N SER B 414 -51.85 13.39 -34.28
CA SER B 414 -51.68 12.47 -35.40
C SER B 414 -52.01 13.13 -36.71
N ASN B 415 -51.53 14.36 -36.91
CA ASN B 415 -51.86 15.10 -38.11
C ASN B 415 -51.21 14.52 -39.37
N SER B 416 -50.12 13.77 -39.23
CA SER B 416 -49.38 13.31 -40.40
C SER B 416 -50.18 12.31 -41.22
N ILE B 417 -50.94 11.42 -40.56
CA ILE B 417 -51.68 10.39 -41.29
C ILE B 417 -53.04 10.87 -41.79
N VAL B 418 -53.41 12.11 -41.54
CA VAL B 418 -54.72 12.61 -41.90
C VAL B 418 -54.67 13.21 -43.30
N ASP B 419 -55.42 12.59 -44.21
CA ASP B 419 -55.70 13.13 -45.54
C ASP B 419 -57.03 13.85 -45.49
N TYR B 420 -57.72 13.99 -46.62
CA TYR B 420 -59.05 14.58 -46.67
C TYR B 420 -60.10 13.53 -46.35
N ILE B 421 -60.91 13.78 -45.33
CA ILE B 421 -61.90 12.83 -44.85
C ILE B 421 -63.21 13.00 -45.61
N ASN B 422 -63.84 11.88 -45.97
CA ASN B 422 -65.07 11.94 -46.74
C ASN B 422 -66.25 11.17 -46.16
N SER B 423 -66.07 10.45 -45.04
CA SER B 423 -67.19 9.81 -44.35
C SER B 423 -66.71 9.36 -42.98
N ASN B 424 -67.66 9.04 -42.11
CA ASN B 424 -67.31 8.53 -40.80
C ASN B 424 -68.44 7.68 -40.23
N GLY B 425 -68.10 6.89 -39.21
CA GLY B 425 -69.04 6.05 -38.51
C GLY B 425 -68.48 5.68 -37.16
N THR B 426 -69.27 4.94 -36.40
CA THR B 426 -68.86 4.49 -35.08
C THR B 426 -69.09 2.99 -34.96
N TRP B 427 -68.35 2.37 -34.05
CA TRP B 427 -68.44 0.93 -33.84
C TRP B 427 -68.06 0.62 -32.40
N GLU B 428 -68.85 -0.21 -31.74
CA GLU B 428 -68.59 -0.64 -30.37
C GLU B 428 -68.65 -2.16 -30.36
N PRO B 429 -67.60 -2.82 -30.87
CA PRO B 429 -67.69 -4.26 -31.11
C PRO B 429 -67.79 -5.07 -29.83
N ALA B 430 -68.49 -6.19 -29.93
CA ALA B 430 -68.71 -7.06 -28.78
C ALA B 430 -67.45 -7.83 -28.43
N GLY B 431 -67.11 -7.85 -27.15
CA GLY B 431 -65.97 -8.60 -26.66
C GLY B 431 -64.63 -7.94 -26.85
N ILE B 432 -64.58 -6.70 -27.34
CA ILE B 432 -63.34 -6.02 -27.63
C ILE B 432 -63.24 -4.77 -26.76
N SER B 433 -62.06 -4.55 -26.19
CA SER B 433 -61.83 -3.40 -25.31
C SER B 433 -61.50 -2.16 -26.15
N THR B 434 -62.52 -1.67 -26.85
CA THR B 434 -62.33 -0.47 -27.65
C THR B 434 -63.67 0.18 -27.96
N ARG B 435 -63.65 1.51 -28.09
CA ARG B 435 -64.74 2.28 -28.65
C ARG B 435 -64.20 2.99 -29.88
N LEU B 436 -64.76 2.69 -31.04
CA LEU B 436 -64.14 3.06 -32.31
C LEU B 436 -64.90 4.17 -33.02
N TYR B 437 -64.15 5.14 -33.51
CA TYR B 437 -64.60 6.11 -34.49
C TYR B 437 -63.81 5.88 -35.77
N LEU B 438 -64.51 5.70 -36.89
CA LEU B 438 -63.90 5.35 -38.16
C LEU B 438 -64.15 6.46 -39.16
N ALA B 439 -63.21 6.64 -40.10
CA ALA B 439 -63.32 7.70 -41.08
C ALA B 439 -62.46 7.37 -42.30
N THR B 440 -63.08 7.21 -43.46
CA THR B 440 -62.34 6.96 -44.68
C THR B 440 -61.87 8.27 -45.30
N GLN B 441 -60.86 8.18 -46.17
CA GLN B 441 -60.20 9.34 -46.72
C GLN B 441 -60.15 9.24 -48.24
N ASP B 442 -59.83 10.37 -48.88
CA ASP B 442 -59.77 10.43 -50.34
C ASP B 442 -58.67 9.54 -50.89
N ASN B 443 -57.55 9.43 -50.18
CA ASN B 443 -56.44 8.62 -50.67
C ASN B 443 -56.73 7.13 -50.63
N GLY B 444 -57.85 6.72 -50.04
CA GLY B 444 -58.24 5.34 -50.00
C GLY B 444 -57.95 4.61 -48.71
N THR B 445 -57.46 5.31 -47.70
CA THR B 445 -57.19 4.70 -46.40
C THR B 445 -58.36 4.96 -45.47
N MET B 446 -58.29 4.38 -44.29
CA MET B 446 -59.32 4.56 -43.27
C MET B 446 -58.66 4.86 -41.94
N LEU B 447 -59.11 5.92 -41.27
CA LEU B 447 -58.64 6.27 -39.94
C LEU B 447 -59.44 5.49 -38.90
N LEU B 448 -58.74 5.04 -37.87
CA LEU B 448 -59.37 4.34 -36.75
C LEU B 448 -59.00 5.06 -35.47
N TYR B 449 -59.99 5.37 -34.65
CA TYR B 449 -59.80 6.18 -33.45
C TYR B 449 -60.39 5.44 -32.27
N SER B 450 -59.53 4.97 -31.37
CA SER B 450 -59.96 4.30 -30.15
C SER B 450 -59.91 5.30 -29.01
N THR B 451 -61.03 5.48 -28.32
CA THR B 451 -61.14 6.52 -27.32
C THR B 451 -61.80 6.00 -26.06
N LEU B 452 -61.23 6.37 -24.91
CA LEU B 452 -61.85 6.24 -23.59
C LEU B 452 -61.45 7.51 -22.86
N GLN B 453 -62.29 8.54 -22.99
CA GLN B 453 -61.88 9.91 -22.68
C GLN B 453 -61.57 10.09 -21.19
N THR B 454 -62.38 9.50 -20.31
CA THR B 454 -62.13 9.67 -18.89
C THR B 454 -60.83 9.01 -18.45
N GLN B 455 -60.33 8.03 -19.19
CA GLN B 455 -59.09 7.34 -18.87
C GLN B 455 -57.92 7.82 -19.70
N ASN B 456 -58.07 8.96 -20.40
CA ASN B 456 -57.01 9.51 -21.23
C ASN B 456 -56.52 8.52 -22.28
N VAL B 457 -57.47 7.83 -22.91
CA VAL B 457 -57.20 6.91 -24.01
C VAL B 457 -57.66 7.57 -25.29
N ALA B 458 -56.73 7.83 -26.20
CA ALA B 458 -57.07 8.43 -27.49
C ALA B 458 -55.96 8.04 -28.46
N GLY B 459 -56.23 7.02 -29.27
CA GLY B 459 -55.21 6.52 -30.17
C GLY B 459 -55.68 6.38 -31.61
N TRP B 460 -54.97 7.04 -32.51
CA TRP B 460 -55.26 6.95 -33.93
C TRP B 460 -54.41 5.86 -34.59
N SER B 461 -54.93 5.33 -35.69
CA SER B 461 -54.20 4.34 -36.47
C SER B 461 -54.75 4.36 -37.89
N LEU B 462 -53.97 3.83 -38.82
CA LEU B 462 -54.29 3.91 -40.23
C LEU B 462 -54.53 2.52 -40.79
N ARG B 463 -55.63 2.34 -41.50
CA ARG B 463 -56.04 1.07 -42.06
C ARG B 463 -55.95 1.14 -43.58
N THR B 464 -55.22 0.20 -44.17
CA THR B 464 -55.08 0.09 -45.62
C THR B 464 -55.48 -1.30 -46.08
N THR B 465 -55.87 -1.39 -47.34
CA THR B 465 -56.33 -2.65 -47.91
C THR B 465 -55.78 -2.78 -49.33
N THR B 466 -56.00 -3.93 -49.95
CA THR B 466 -55.69 -4.13 -51.35
C THR B 466 -56.82 -3.54 -52.19
N GLY B 467 -56.86 -2.23 -52.21
CA GLY B 467 -57.95 -1.48 -52.80
C GLY B 467 -58.04 -0.11 -52.15
N LYS B 468 -59.20 0.50 -52.26
CA LYS B 468 -59.42 1.84 -51.71
C LYS B 468 -60.73 1.86 -50.94
N PHE B 469 -60.68 2.25 -49.67
CA PHE B 469 -61.90 2.48 -48.92
C PHE B 469 -62.59 3.72 -49.44
N ARG B 470 -63.89 3.62 -49.71
CA ARG B 470 -64.67 4.73 -50.21
C ARG B 470 -65.70 5.26 -49.22
N GLN B 471 -66.22 4.40 -48.34
CA GLN B 471 -67.14 4.85 -47.31
C GLN B 471 -67.11 3.87 -46.15
N VAL B 472 -67.42 4.37 -44.96
CA VAL B 472 -67.61 3.53 -43.78
C VAL B 472 -68.97 3.86 -43.17
N ILE B 473 -69.70 2.82 -42.79
CA ILE B 473 -71.08 2.94 -42.35
C ILE B 473 -71.22 2.27 -40.99
N GLY B 474 -71.92 2.93 -40.07
CA GLY B 474 -72.20 2.31 -38.80
C GLY B 474 -72.49 3.28 -37.67
N GLU B 475 -73.39 2.91 -36.77
CA GLU B 475 -73.75 3.72 -35.63
C GLU B 475 -73.38 3.06 -34.30
N GLY B 476 -72.50 2.07 -34.33
CA GLY B 476 -72.04 1.45 -33.11
C GLY B 476 -72.31 -0.02 -33.03
N ARG B 477 -73.45 -0.47 -33.53
CA ARG B 477 -73.81 -1.87 -33.44
C ARG B 477 -73.04 -2.72 -34.44
N GLN B 478 -72.74 -2.19 -35.61
CA GLN B 478 -72.00 -2.93 -36.62
C GLN B 478 -71.32 -1.92 -37.53
N SER B 479 -70.48 -2.44 -38.44
CA SER B 479 -69.70 -1.58 -39.32
C SER B 479 -69.57 -2.23 -40.69
N HIS B 480 -69.91 -1.47 -41.73
CA HIS B 480 -69.72 -1.88 -43.11
C HIS B 480 -68.80 -0.89 -43.81
N VAL B 481 -68.17 -1.34 -44.88
CA VAL B 481 -67.35 -0.48 -45.71
C VAL B 481 -67.73 -0.68 -47.16
N ILE B 482 -67.49 0.34 -47.97
CA ILE B 482 -67.62 0.28 -49.41
C ILE B 482 -66.23 0.42 -49.99
N VAL B 483 -65.76 -0.62 -50.68
CA VAL B 483 -64.36 -0.73 -51.08
C VAL B 483 -64.29 -0.85 -52.60
N GLU B 484 -63.35 -0.15 -53.19
CA GLU B 484 -63.06 -0.25 -54.61
C GLU B 484 -61.86 -1.17 -54.80
N ARG B 485 -62.05 -2.28 -55.50
CA ARG B 485 -61.01 -3.28 -55.69
C ARG B 485 -60.85 -3.56 -57.18
N GLU B 486 -59.69 -4.09 -57.54
CA GLU B 486 -59.41 -4.51 -58.90
C GLU B 486 -59.56 -6.02 -59.02
N ILE B 487 -60.03 -6.46 -60.18
CA ILE B 487 -60.09 -7.88 -60.51
C ILE B 487 -59.46 -8.09 -61.87
N ASN B 488 -58.96 -9.31 -62.09
CA ASN B 488 -58.40 -9.67 -63.38
C ASN B 488 -59.53 -9.85 -64.39
N ILE B 489 -59.49 -9.11 -65.49
CA ILE B 489 -60.57 -9.15 -66.48
C ILE B 489 -60.10 -9.88 -67.73
N GLY B 490 -59.12 -10.74 -67.59
CA GLY B 490 -58.72 -11.62 -68.68
C GLY B 490 -58.08 -10.96 -69.87
N ALA B 491 -58.75 -11.00 -71.01
CA ALA B 491 -58.20 -10.52 -72.27
C ALA B 491 -58.47 -9.05 -72.54
N SER B 492 -59.20 -8.36 -71.65
CA SER B 492 -59.48 -6.95 -71.82
C SER B 492 -58.61 -6.12 -70.88
N PHE B 493 -58.46 -4.84 -71.22
CA PHE B 493 -57.53 -3.95 -70.53
C PHE B 493 -58.24 -2.66 -70.14
N GLU B 494 -58.15 -2.28 -68.88
CA GLU B 494 -58.76 -1.04 -68.45
C GLU B 494 -57.82 -0.14 -67.64
N GLN B 495 -57.07 -0.69 -66.70
CA GLN B 495 -56.36 0.12 -65.72
C GLN B 495 -54.92 0.38 -66.16
N THR B 496 -54.31 1.37 -65.53
CA THR B 496 -52.92 1.72 -65.77
C THR B 496 -52.07 1.31 -64.56
N LEU B 497 -50.77 1.18 -64.81
CA LEU B 497 -49.86 0.77 -63.75
C LEU B 497 -49.75 1.85 -62.68
N ASP B 498 -49.67 1.41 -61.43
CA ASP B 498 -49.51 2.37 -60.33
C ASP B 498 -48.13 3.00 -60.33
N TYR B 499 -47.10 2.26 -60.73
CA TYR B 499 -45.74 2.77 -60.75
C TYR B 499 -45.02 2.27 -61.98
N ALA B 500 -44.14 3.12 -62.51
CA ALA B 500 -43.31 2.77 -63.65
C ALA B 500 -42.04 3.61 -63.60
N TYR B 501 -40.90 2.96 -63.72
CA TYR B 501 -39.61 3.62 -63.69
C TYR B 501 -38.72 3.08 -64.79
N LEU B 502 -37.78 3.90 -65.21
CA LEU B 502 -36.67 3.45 -66.05
C LEU B 502 -35.41 3.42 -65.19
N SER B 503 -34.55 2.46 -65.47
CA SER B 503 -33.38 2.25 -64.64
C SER B 503 -32.18 1.87 -65.49
N ASP B 504 -31.00 2.09 -64.94
CA ASP B 504 -29.72 1.86 -65.58
C ASP B 504 -29.28 0.42 -65.39
N PRO B 505 -28.17 -0.03 -65.99
CA PRO B 505 -27.76 -1.43 -65.80
C PRO B 505 -27.52 -1.84 -64.36
N THR B 506 -27.13 -0.92 -63.48
CA THR B 506 -26.93 -1.29 -62.08
C THR B 506 -28.22 -1.32 -61.29
N PHE B 507 -29.35 -0.96 -61.91
CA PHE B 507 -30.67 -0.99 -61.27
C PHE B 507 -30.73 -0.07 -60.06
N LYS B 508 -29.96 1.01 -60.08
CA LYS B 508 -29.99 2.00 -59.01
C LYS B 508 -30.68 3.30 -59.40
N ALA B 509 -30.58 3.71 -60.66
CA ALA B 509 -31.27 4.91 -61.11
C ALA B 509 -32.76 4.69 -61.13
N ARG B 510 -33.52 5.76 -60.85
CA ARG B 510 -34.97 5.72 -60.84
C ARG B 510 -35.49 6.94 -61.58
N TYR B 511 -36.03 6.74 -62.77
CA TYR B 511 -36.64 7.80 -63.56
C TYR B 511 -38.12 7.51 -63.68
N ASP B 512 -38.93 8.30 -62.96
CA ASP B 512 -40.35 8.03 -62.85
C ASP B 512 -41.05 8.36 -64.17
N VAL B 513 -41.73 7.37 -64.74
CA VAL B 513 -42.43 7.55 -66.01
C VAL B 513 -43.87 7.07 -65.90
N THR B 514 -44.41 7.08 -64.68
CA THR B 514 -45.77 6.60 -64.47
C THR B 514 -46.79 7.38 -65.27
N GLU B 515 -46.62 8.71 -65.33
CA GLU B 515 -47.57 9.54 -66.07
C GLU B 515 -47.54 9.27 -67.57
N PHE B 516 -46.35 9.07 -68.13
CA PHE B 516 -46.25 8.80 -69.57
C PHE B 516 -46.92 7.48 -69.93
N PHE B 517 -46.71 6.45 -69.11
CA PHE B 517 -47.37 5.17 -69.37
C PHE B 517 -48.87 5.26 -69.19
N ALA B 518 -49.33 6.05 -68.23
CA ALA B 518 -50.77 6.15 -67.95
C ALA B 518 -51.49 7.00 -68.99
N SER B 519 -50.86 8.04 -69.51
CA SER B 519 -51.51 8.96 -70.43
C SER B 519 -51.75 8.30 -71.78
N SER B 520 -52.70 8.86 -72.53
CA SER B 520 -52.96 8.40 -73.87
C SER B 520 -51.75 8.68 -74.77
N PRO B 521 -51.60 7.94 -75.86
CA PRO B 521 -50.40 8.10 -76.70
C PRO B 521 -50.20 9.50 -77.22
N MET B 522 -51.29 10.25 -77.45
CA MET B 522 -51.16 11.60 -78.00
C MET B 522 -50.95 12.68 -76.94
N THR B 523 -51.08 12.35 -75.66
CA THR B 523 -50.83 13.35 -74.63
C THR B 523 -49.39 13.33 -74.13
N SER B 524 -48.83 12.14 -73.90
CA SER B 524 -47.45 12.02 -73.44
C SER B 524 -46.87 10.70 -73.92
N ALA B 525 -45.56 10.71 -74.15
CA ALA B 525 -44.83 9.51 -74.54
C ALA B 525 -43.40 9.63 -74.04
N ILE B 526 -42.75 8.49 -73.92
CA ILE B 526 -41.39 8.46 -73.38
C ILE B 526 -40.61 7.36 -74.08
N GLY B 527 -39.34 7.63 -74.37
CA GLY B 527 -38.48 6.61 -74.94
C GLY B 527 -37.91 5.71 -73.85
N VAL B 528 -37.87 4.41 -74.14
CA VAL B 528 -37.50 3.42 -73.15
C VAL B 528 -36.41 2.52 -73.73
N LEU B 529 -35.67 1.88 -72.83
CA LEU B 529 -34.62 0.92 -73.19
C LEU B 529 -33.62 1.54 -74.17
N GLU B 530 -33.09 2.70 -73.79
CA GLU B 530 -32.22 3.46 -74.69
C GLU B 530 -30.88 2.75 -74.89
N ASN B 531 -30.35 2.11 -73.85
CA ASN B 531 -29.05 1.46 -73.93
C ASN B 531 -29.20 -0.02 -73.57
N GLN B 532 -28.15 -0.77 -73.88
CA GLN B 532 -28.14 -2.18 -73.50
C GLN B 532 -28.14 -2.32 -71.99
N ASN B 533 -28.86 -3.33 -71.51
CA ASN B 533 -29.00 -3.67 -70.10
C ASN B 533 -29.79 -2.63 -69.31
N ASP B 534 -30.53 -1.75 -69.99
CA ASP B 534 -31.44 -0.86 -69.30
C ASP B 534 -32.69 -1.62 -68.85
N TYR B 535 -33.46 -1.00 -67.96
CA TYR B 535 -34.58 -1.65 -67.32
C TYR B 535 -35.85 -0.83 -67.47
N ILE B 536 -36.98 -1.53 -67.38
CA ILE B 536 -38.29 -0.94 -67.12
C ILE B 536 -38.86 -1.61 -65.89
N LEU B 537 -39.06 -0.84 -64.83
CA LEU B 537 -39.62 -1.36 -63.59
C LEU B 537 -41.07 -0.93 -63.47
N ILE B 538 -41.97 -1.88 -63.28
CA ILE B 538 -43.40 -1.61 -63.22
C ILE B 538 -43.97 -2.27 -61.97
N GLY B 539 -44.89 -1.58 -61.32
CA GLY B 539 -45.52 -2.10 -60.12
C GLY B 539 -47.00 -1.75 -60.08
N ASN B 540 -47.75 -2.56 -59.34
CA ASN B 540 -49.18 -2.37 -59.23
C ASN B 540 -49.65 -2.91 -57.89
N GLN B 541 -50.71 -2.29 -57.35
CA GLN B 541 -51.22 -2.71 -56.05
C GLN B 541 -51.78 -4.12 -56.09
N ALA B 542 -52.36 -4.52 -57.21
CA ALA B 542 -52.93 -5.84 -57.40
C ALA B 542 -52.17 -6.60 -58.47
N PRO B 543 -52.18 -7.92 -58.45
CA PRO B 543 -51.50 -8.70 -59.50
C PRO B 543 -52.17 -8.51 -60.84
N PHE B 544 -51.37 -8.61 -61.90
CA PHE B 544 -51.84 -8.51 -63.27
C PHE B 544 -51.12 -9.55 -64.10
N THR B 545 -51.77 -10.01 -65.16
CA THR B 545 -51.19 -11.05 -66.01
C THR B 545 -51.08 -10.64 -67.48
N ALA B 546 -51.22 -9.35 -67.80
CA ALA B 546 -51.09 -8.94 -69.19
C ALA B 546 -50.82 -7.44 -69.26
N LEU B 547 -50.02 -7.06 -70.25
CA LEU B 547 -49.79 -5.68 -70.61
C LEU B 547 -50.27 -5.47 -72.04
N ASP B 548 -50.75 -4.26 -72.32
CA ASP B 548 -51.14 -3.87 -73.68
C ASP B 548 -50.43 -2.56 -73.99
N ILE B 549 -49.51 -2.59 -74.97
CA ILE B 549 -48.59 -1.49 -75.23
C ILE B 549 -48.90 -0.90 -76.59
N ASP B 550 -49.00 0.43 -76.64
CA ASP B 550 -49.08 1.18 -77.88
C ASP B 550 -47.81 2.01 -78.03
N PHE B 551 -47.16 1.90 -79.18
CA PHE B 551 -45.91 2.60 -79.43
C PHE B 551 -46.15 3.80 -80.33
N ASN B 552 -45.64 4.96 -79.92
CA ASN B 552 -45.52 6.08 -80.84
C ASN B 552 -44.37 5.88 -81.80
N LEU B 553 -43.44 4.99 -81.48
CA LEU B 553 -42.31 4.70 -82.37
C LEU B 553 -41.78 3.34 -81.97
N VAL B 554 -41.93 2.35 -82.86
CA VAL B 554 -41.48 1.01 -82.54
C VAL B 554 -39.95 0.93 -82.61
N ALA B 555 -39.40 -0.09 -81.95
CA ALA B 555 -37.97 -0.33 -82.02
C ALA B 555 -37.59 -0.83 -83.40
N SER B 556 -36.43 -0.40 -83.89
CA SER B 556 -36.00 -0.78 -85.23
C SER B 556 -35.65 -2.25 -85.34
N SER B 557 -35.33 -2.91 -84.22
CA SER B 557 -35.04 -4.34 -84.24
C SER B 557 -35.38 -4.90 -82.86
N ASP B 558 -35.34 -6.23 -82.78
CA ASP B 558 -35.71 -6.93 -81.56
C ASP B 558 -34.82 -6.49 -80.40
N CYS B 559 -35.46 -6.07 -79.31
CA CYS B 559 -34.71 -5.63 -78.13
C CYS B 559 -34.24 -6.77 -77.25
N GLN B 560 -34.64 -8.01 -77.54
CA GLN B 560 -34.25 -9.19 -76.78
C GLN B 560 -34.58 -9.02 -75.30
N LEU B 561 -35.88 -8.93 -75.04
CA LEU B 561 -36.36 -8.61 -73.71
C LEU B 561 -36.18 -9.78 -72.75
N GLN B 562 -35.90 -9.45 -71.50
CA GLN B 562 -35.85 -10.42 -70.41
C GLN B 562 -36.80 -9.95 -69.31
N PHE B 563 -37.64 -10.86 -68.84
CA PHE B 563 -38.68 -10.54 -67.86
C PHE B 563 -38.36 -11.19 -66.52
N GLU B 564 -38.54 -10.43 -65.45
CA GLU B 564 -38.35 -10.93 -64.10
C GLU B 564 -39.45 -10.39 -63.20
N TYR B 565 -39.76 -11.14 -62.15
CA TYR B 565 -40.71 -10.71 -61.14
C TYR B 565 -40.08 -10.83 -59.75
N LEU B 566 -40.58 -10.04 -58.82
CA LEU B 566 -40.01 -9.95 -57.48
C LEU B 566 -40.87 -10.76 -56.51
N ASP B 567 -40.27 -11.72 -55.83
CA ASP B 567 -41.00 -12.60 -54.93
C ASP B 567 -40.93 -12.07 -53.50
N GLY B 568 -41.55 -12.82 -52.58
CA GLY B 568 -41.66 -12.39 -51.19
C GLY B 568 -40.36 -12.37 -50.42
N ASN B 569 -39.32 -13.03 -50.91
CA ASN B 569 -38.01 -12.99 -50.29
C ASN B 569 -37.14 -11.85 -50.83
N GLY B 570 -37.66 -11.03 -51.72
CA GLY B 570 -36.86 -10.00 -52.33
C GLY B 570 -35.93 -10.49 -53.42
N PHE B 571 -36.28 -11.59 -54.08
CA PHE B 571 -35.45 -12.21 -55.10
C PHE B 571 -36.13 -12.07 -56.45
N TRP B 572 -35.38 -11.59 -57.44
CA TRP B 572 -35.89 -11.45 -58.80
C TRP B 572 -35.70 -12.75 -59.56
N ASP B 573 -36.78 -13.26 -60.14
CA ASP B 573 -36.76 -14.53 -60.85
C ASP B 573 -37.25 -14.34 -62.28
N VAL B 574 -36.54 -14.97 -63.22
CA VAL B 574 -36.89 -14.86 -64.63
C VAL B 574 -38.13 -15.67 -64.93
N PHE B 575 -39.00 -15.14 -65.78
CA PHE B 575 -40.11 -15.88 -66.34
C PHE B 575 -40.26 -15.54 -67.82
N THR B 576 -40.89 -16.43 -68.55
CA THR B 576 -41.03 -16.27 -69.99
C THR B 576 -42.48 -16.00 -70.35
N PRO B 577 -42.86 -14.78 -70.71
CA PRO B 577 -44.22 -14.52 -71.14
C PRO B 577 -44.42 -14.79 -72.62
N THR B 578 -45.64 -14.62 -73.11
CA THR B 578 -45.91 -14.61 -74.55
C THR B 578 -45.85 -13.17 -75.03
N ASP B 579 -44.79 -12.85 -75.76
CA ASP B 579 -44.50 -11.47 -76.16
C ASP B 579 -44.98 -11.27 -77.59
N ASN B 580 -46.15 -10.65 -77.75
CA ASN B 580 -46.70 -10.36 -79.06
C ASN B 580 -46.18 -9.06 -79.64
N THR B 581 -45.38 -8.30 -78.90
CA THR B 581 -44.71 -7.15 -79.47
C THR B 581 -43.40 -7.53 -80.15
N SER B 582 -42.97 -8.78 -80.01
CA SER B 582 -41.72 -9.30 -80.56
C SER B 582 -40.55 -8.35 -80.27
N GLY B 583 -40.28 -8.18 -78.98
CA GLY B 583 -39.24 -7.27 -78.55
C GLY B 583 -39.51 -5.80 -78.84
N PHE B 584 -40.73 -5.35 -78.56
CA PHE B 584 -41.13 -3.95 -78.72
C PHE B 584 -40.99 -3.46 -80.15
N THR B 585 -41.18 -4.36 -81.12
CA THR B 585 -41.10 -4.00 -82.54
C THR B 585 -42.46 -3.73 -83.16
N VAL B 586 -43.55 -4.14 -82.51
CA VAL B 586 -44.90 -3.93 -83.02
C VAL B 586 -45.83 -3.77 -81.83
N ASP B 587 -46.91 -3.01 -82.02
CA ASP B 587 -47.93 -2.90 -81.00
C ASP B 587 -48.53 -4.27 -80.71
N GLY B 588 -48.84 -4.52 -79.44
CA GLY B 588 -49.42 -5.78 -79.07
C GLY B 588 -49.43 -5.96 -77.57
N THR B 589 -49.76 -7.18 -77.15
CA THR B 589 -49.88 -7.52 -75.75
C THR B 589 -48.73 -8.43 -75.32
N ILE B 590 -48.50 -8.44 -74.01
CA ILE B 590 -47.58 -9.37 -73.38
C ILE B 590 -48.35 -10.06 -72.26
N THR B 591 -48.49 -11.37 -72.35
CA THR B 591 -49.33 -12.12 -71.43
C THR B 591 -48.53 -13.21 -70.74
N TRP B 592 -48.96 -13.58 -69.55
CA TRP B 592 -48.36 -14.67 -68.81
C TRP B 592 -49.41 -15.28 -67.89
N THR B 593 -49.11 -16.47 -67.38
CA THR B 593 -49.99 -17.17 -66.47
C THR B 593 -49.48 -17.04 -65.04
N PHE B 594 -50.38 -17.28 -64.08
CA PHE B 594 -50.00 -17.23 -62.68
C PHE B 594 -48.99 -18.30 -62.31
N ASP B 595 -48.87 -19.37 -63.10
CA ASP B 595 -47.84 -20.36 -62.84
C ASP B 595 -46.45 -19.82 -63.18
N ASP B 596 -46.36 -18.90 -64.14
CA ASP B 596 -45.08 -18.27 -64.45
C ASP B 596 -44.60 -17.39 -63.30
N VAL B 597 -45.52 -16.85 -62.52
CA VAL B 597 -45.21 -15.90 -61.46
C VAL B 597 -45.60 -16.48 -60.10
N LEU B 598 -45.39 -17.79 -59.94
CA LEU B 598 -45.93 -18.51 -58.78
C LEU B 598 -45.56 -17.84 -57.46
N ASN B 599 -44.32 -17.40 -57.31
CA ASN B 599 -43.83 -16.86 -56.05
C ASN B 599 -44.06 -15.36 -55.92
N TRP B 600 -44.78 -14.75 -56.86
CA TRP B 600 -45.05 -13.32 -56.82
C TRP B 600 -45.73 -12.93 -55.51
N ALA B 601 -45.25 -11.85 -54.91
CA ALA B 601 -45.79 -11.38 -53.63
C ALA B 601 -45.53 -9.90 -53.52
N PRO B 602 -46.32 -9.18 -52.73
CA PRO B 602 -46.06 -7.75 -52.52
C PRO B 602 -44.69 -7.54 -51.87
N TYR B 603 -44.01 -6.50 -52.31
CA TYR B 603 -42.68 -6.21 -51.79
C TYR B 603 -42.39 -4.72 -51.95
N GLN B 604 -41.27 -4.30 -51.39
CA GLN B 604 -40.86 -2.91 -51.38
C GLN B 604 -39.68 -2.68 -52.32
N VAL B 605 -39.75 -1.63 -53.11
CA VAL B 605 -38.66 -1.21 -53.97
C VAL B 605 -38.47 0.29 -53.78
N ASN B 606 -37.38 0.68 -53.11
CA ASN B 606 -37.01 2.08 -52.92
C ASN B 606 -38.17 2.89 -52.33
N ALA B 607 -38.56 2.52 -51.12
CA ALA B 607 -39.54 3.20 -50.30
C ALA B 607 -40.97 3.08 -50.81
N ILE B 608 -41.21 2.44 -51.94
CA ILE B 608 -42.56 2.11 -52.38
C ILE B 608 -42.88 0.70 -51.90
N GLU B 609 -43.90 0.58 -51.07
CA GLU B 609 -44.18 -0.66 -50.36
C GLU B 609 -45.41 -1.36 -50.90
N ASN B 610 -45.41 -2.69 -50.78
CA ASN B 610 -46.58 -3.53 -51.02
C ASN B 610 -47.10 -3.41 -52.45
N GLN B 611 -46.21 -3.59 -53.42
CA GLN B 611 -46.58 -3.62 -54.82
C GLN B 611 -46.13 -4.93 -55.44
N TYR B 612 -46.79 -5.31 -56.52
CA TYR B 612 -46.37 -6.44 -57.34
C TYR B 612 -45.47 -5.91 -58.45
N TRP B 613 -44.20 -6.27 -58.41
CA TRP B 613 -43.19 -5.67 -59.27
C TRP B 613 -42.76 -6.63 -60.37
N ILE B 614 -42.52 -6.07 -61.55
CA ILE B 614 -41.94 -6.79 -62.68
C ILE B 614 -40.93 -5.85 -63.33
N ARG B 615 -39.80 -6.38 -63.77
CA ARG B 615 -38.84 -5.57 -64.50
C ARG B 615 -38.52 -6.22 -65.85
N ILE B 616 -38.29 -5.37 -66.84
CA ILE B 616 -38.00 -5.78 -68.20
C ILE B 616 -36.64 -5.23 -68.58
N LYS B 617 -35.74 -6.10 -69.03
CA LYS B 617 -34.36 -5.75 -69.30
C LYS B 617 -34.07 -5.94 -70.78
N ARG B 618 -33.49 -4.91 -71.40
CA ARG B 618 -33.06 -5.01 -72.80
C ARG B 618 -31.71 -5.74 -72.85
N LEU B 619 -31.66 -6.82 -73.62
CA LEU B 619 -30.40 -7.54 -73.80
C LEU B 619 -29.77 -7.32 -75.17
N ALA B 620 -30.49 -6.69 -76.11
CA ALA B 620 -29.98 -6.52 -77.45
C ALA B 620 -28.78 -5.58 -77.45
N GLU B 621 -27.71 -6.00 -78.13
CA GLU B 621 -26.50 -5.20 -78.18
C GLU B 621 -26.67 -3.95 -79.03
N THR B 622 -27.34 -4.07 -80.17
CA THR B 622 -27.43 -2.99 -81.15
C THR B 622 -28.87 -2.87 -81.63
N VAL B 623 -29.51 -1.76 -81.28
CA VAL B 623 -30.76 -1.35 -81.92
C VAL B 623 -30.59 0.12 -82.33
N ASN B 624 -30.95 0.43 -83.57
CA ASN B 624 -30.68 1.76 -84.10
C ASN B 624 -31.66 2.79 -83.57
N THR B 625 -32.94 2.42 -83.42
CA THR B 625 -33.97 3.33 -82.95
C THR B 625 -34.65 2.71 -81.75
N ALA B 626 -34.46 3.31 -80.58
CA ALA B 626 -35.10 2.82 -79.38
C ALA B 626 -36.61 3.10 -79.43
N PRO B 627 -37.42 2.22 -78.84
CA PRO B 627 -38.86 2.42 -78.88
C PRO B 627 -39.31 3.58 -78.01
N VAL B 628 -40.46 4.15 -78.38
CA VAL B 628 -41.11 5.19 -77.60
C VAL B 628 -42.51 4.69 -77.27
N ILE B 629 -42.82 4.61 -75.99
CA ILE B 629 -44.08 4.04 -75.53
C ILE B 629 -45.09 5.17 -75.34
N GLY B 630 -46.29 4.99 -75.88
CA GLY B 630 -47.34 5.96 -75.74
C GLY B 630 -48.26 5.71 -74.56
N GLN B 631 -48.62 4.45 -74.33
CA GLN B 631 -49.50 4.09 -73.23
C GLN B 631 -49.38 2.61 -72.94
N VAL B 632 -49.47 2.25 -71.66
CA VAL B 632 -49.48 0.87 -71.22
C VAL B 632 -50.72 0.65 -70.36
N LEU B 633 -51.48 -0.39 -70.69
CA LEU B 633 -52.65 -0.78 -69.91
C LEU B 633 -52.44 -2.19 -69.36
N ILE B 634 -53.12 -2.50 -68.27
CA ILE B 634 -53.06 -3.82 -67.67
C ILE B 634 -54.47 -4.40 -67.63
N ASN B 635 -54.54 -5.72 -67.52
CA ASN B 635 -55.81 -6.44 -67.63
C ASN B 635 -56.51 -6.55 -66.28
N THR B 636 -56.76 -5.39 -65.67
CA THR B 636 -57.54 -5.31 -64.45
C THR B 636 -58.59 -4.23 -64.59
N GLY B 637 -59.71 -4.41 -63.87
CA GLY B 637 -60.78 -3.43 -63.89
C GLY B 637 -61.29 -3.16 -62.49
N ASN B 638 -61.89 -1.98 -62.33
CA ASN B 638 -62.38 -1.54 -61.03
C ASN B 638 -63.76 -2.09 -60.74
N ARG B 639 -63.97 -2.47 -59.48
CA ARG B 639 -65.27 -2.89 -58.99
C ARG B 639 -65.49 -2.26 -57.62
N ILE B 640 -66.75 -2.12 -57.25
CA ILE B 640 -67.13 -1.54 -55.96
C ILE B 640 -67.91 -2.59 -55.17
N TYR B 641 -67.44 -2.88 -53.97
CA TYR B 641 -68.00 -3.94 -53.15
C TYR B 641 -68.56 -3.38 -51.85
N LEU B 642 -69.55 -4.08 -51.31
CA LEU B 642 -70.01 -3.88 -49.95
C LEU B 642 -69.45 -5.00 -49.09
N GLU B 643 -68.79 -4.63 -48.00
CA GLU B 643 -68.17 -5.61 -47.11
C GLU B 643 -68.52 -5.25 -45.67
N ARG B 644 -68.62 -6.27 -44.82
CA ARG B 644 -68.91 -6.08 -43.41
C ARG B 644 -67.67 -6.36 -42.59
N GLN B 645 -67.32 -5.43 -41.72
CA GLN B 645 -66.15 -5.60 -40.86
C GLN B 645 -66.48 -6.50 -39.68
N SER B 646 -65.47 -7.27 -39.26
CA SER B 646 -65.66 -8.25 -38.19
C SER B 646 -64.33 -8.50 -37.50
N PHE B 647 -64.38 -8.58 -36.18
CA PHE B 647 -63.18 -8.90 -35.40
C PHE B 647 -62.90 -10.39 -35.36
N ASP B 648 -63.77 -11.22 -35.92
CA ASP B 648 -63.48 -12.65 -36.06
C ASP B 648 -62.74 -12.98 -37.34
N GLU B 649 -62.54 -12.00 -38.22
CA GLU B 649 -61.84 -12.20 -39.48
C GLU B 649 -60.46 -11.57 -39.40
N TYR B 650 -59.50 -12.20 -40.07
CA TYR B 650 -58.15 -11.67 -40.15
C TYR B 650 -57.71 -11.43 -41.58
N MET B 651 -58.64 -11.49 -42.53
CA MET B 651 -58.38 -11.22 -43.93
C MET B 651 -59.46 -10.29 -44.46
N ASP B 652 -59.25 -9.78 -45.66
CA ASP B 652 -60.18 -8.86 -46.30
C ASP B 652 -61.00 -9.57 -47.35
N SER B 653 -62.26 -9.16 -47.46
CA SER B 653 -63.18 -9.63 -48.50
C SER B 653 -63.30 -11.15 -48.47
N THR B 654 -63.44 -11.70 -47.27
CA THR B 654 -63.40 -13.13 -47.06
C THR B 654 -64.69 -13.80 -47.55
N GLN B 655 -64.58 -15.10 -47.80
CA GLN B 655 -65.72 -15.92 -48.22
C GLN B 655 -65.46 -17.34 -47.76
N ILE B 656 -66.50 -17.99 -47.26
CA ILE B 656 -66.39 -19.39 -46.84
C ILE B 656 -66.57 -20.28 -48.04
N VAL B 657 -65.62 -21.19 -48.27
CA VAL B 657 -65.63 -22.07 -49.43
C VAL B 657 -65.32 -23.49 -48.96
N THR B 658 -65.47 -24.44 -49.88
CA THR B 658 -65.14 -25.84 -49.62
C THR B 658 -64.35 -26.37 -50.80
N SER B 659 -63.22 -27.02 -50.51
CA SER B 659 -62.39 -27.60 -51.55
C SER B 659 -62.80 -29.03 -51.82
N ASP B 660 -62.54 -29.49 -53.05
CA ASP B 660 -62.86 -30.85 -53.43
C ASP B 660 -61.68 -31.77 -53.15
N SER B 661 -61.73 -33.00 -53.67
CA SER B 661 -60.68 -33.98 -53.40
C SER B 661 -59.33 -33.57 -53.98
N ASN B 662 -59.31 -32.68 -54.96
CA ASN B 662 -58.06 -32.19 -55.53
C ASN B 662 -57.63 -30.86 -54.95
N GLY B 663 -58.37 -30.32 -53.98
CA GLY B 663 -58.09 -29.01 -53.43
C GLY B 663 -58.60 -27.85 -54.25
N LEU B 664 -59.34 -28.11 -55.32
CA LEU B 664 -59.87 -27.03 -56.15
C LEU B 664 -61.01 -26.30 -55.42
N VAL B 665 -61.00 -24.98 -55.53
CA VAL B 665 -62.00 -24.12 -54.92
C VAL B 665 -62.58 -23.23 -56.01
N THR B 666 -63.90 -23.15 -56.09
CA THR B 666 -64.59 -22.35 -57.08
C THR B 666 -65.47 -21.31 -56.41
N GLY B 667 -66.00 -20.39 -57.22
CA GLY B 667 -66.92 -19.39 -56.74
C GLY B 667 -66.29 -18.16 -56.14
N LEU B 668 -65.02 -17.90 -56.42
CA LEU B 668 -64.30 -16.74 -55.89
C LEU B 668 -64.17 -15.64 -56.93
N THR B 669 -65.22 -15.41 -57.72
CA THR B 669 -65.12 -14.47 -58.84
C THR B 669 -64.82 -13.05 -58.38
N HIS B 670 -65.33 -12.64 -57.22
CA HIS B 670 -65.03 -11.30 -56.74
C HIS B 670 -63.57 -11.13 -56.35
N LEU B 671 -62.80 -12.22 -56.26
CA LEU B 671 -61.38 -12.18 -55.97
C LEU B 671 -60.53 -12.59 -57.16
N ALA B 672 -61.08 -12.51 -58.38
CA ALA B 672 -60.36 -12.99 -59.55
C ALA B 672 -59.06 -12.23 -59.73
N GLY B 673 -57.97 -12.97 -59.91
CA GLY B 673 -56.66 -12.38 -60.12
C GLY B 673 -55.92 -11.97 -58.88
N GLN B 674 -56.48 -12.19 -57.70
CA GLN B 674 -55.86 -11.77 -56.45
C GLN B 674 -55.12 -12.91 -55.78
N GLN B 675 -54.21 -12.56 -54.90
CA GLN B 675 -53.52 -13.52 -54.05
C GLN B 675 -54.27 -13.63 -52.73
N VAL B 676 -54.66 -14.85 -52.37
CA VAL B 676 -55.51 -15.08 -51.21
C VAL B 676 -54.87 -16.11 -50.29
N TYR B 677 -55.19 -16.01 -49.01
CA TYR B 677 -54.79 -16.99 -48.01
C TYR B 677 -56.01 -17.80 -47.57
N ALA B 678 -55.75 -19.01 -47.11
CA ALA B 678 -56.80 -19.92 -46.66
C ALA B 678 -56.59 -20.24 -45.19
N ILE B 679 -57.65 -20.13 -44.40
CA ILE B 679 -57.62 -20.39 -42.97
C ILE B 679 -58.63 -21.49 -42.65
N THR B 680 -58.18 -22.51 -41.94
CA THR B 680 -59.07 -23.61 -41.56
C THR B 680 -60.01 -23.19 -40.44
N GLU B 681 -60.99 -24.04 -40.16
CA GLU B 681 -61.92 -23.76 -39.07
C GLU B 681 -61.23 -23.82 -37.71
N ASP B 682 -60.18 -24.64 -37.58
CA ASP B 682 -59.43 -24.68 -36.34
C ASP B 682 -58.59 -23.44 -36.11
N GLY B 683 -58.42 -22.60 -37.13
CA GLY B 683 -57.68 -21.36 -36.96
C GLY B 683 -56.22 -21.48 -37.33
N ALA B 684 -55.91 -22.24 -38.36
CA ALA B 684 -54.55 -22.35 -38.88
C ALA B 684 -54.52 -21.86 -40.32
N THR B 685 -53.61 -20.95 -40.61
CA THR B 685 -53.43 -20.46 -41.97
C THR B 685 -52.53 -21.43 -42.72
N ILE B 686 -53.01 -21.95 -43.84
CA ILE B 686 -52.34 -23.07 -44.51
C ILE B 686 -51.53 -22.65 -45.73
N GLY B 687 -51.68 -21.42 -46.19
CA GLY B 687 -50.87 -20.94 -47.29
C GLY B 687 -51.66 -20.01 -48.18
N SER B 688 -50.99 -19.57 -49.25
CA SER B 688 -51.54 -18.62 -50.19
C SER B 688 -51.55 -19.22 -51.60
N SER B 689 -52.38 -18.63 -52.45
CA SER B 689 -52.48 -19.03 -53.85
C SER B 689 -53.15 -17.91 -54.62
N PHE B 690 -53.05 -17.99 -55.94
CA PHE B 690 -53.65 -17.02 -56.83
C PHE B 690 -55.00 -17.53 -57.33
N VAL B 691 -56.00 -16.67 -57.30
CA VAL B 691 -57.28 -16.95 -57.95
C VAL B 691 -57.14 -16.55 -59.42
N ASP B 692 -57.50 -17.45 -60.33
CA ASP B 692 -57.39 -17.11 -61.73
C ASP B 692 -58.56 -16.22 -62.16
N ALA B 693 -58.59 -15.88 -63.44
CA ALA B 693 -59.62 -14.97 -63.94
C ALA B 693 -61.02 -15.56 -63.88
N SER B 694 -61.16 -16.87 -63.71
CA SER B 694 -62.45 -17.52 -63.66
C SER B 694 -62.94 -17.76 -62.24
N GLY B 695 -62.19 -17.30 -61.24
CA GLY B 695 -62.61 -17.46 -59.87
C GLY B 695 -62.27 -18.79 -59.23
N GLU B 696 -61.26 -19.49 -59.74
CA GLU B 696 -60.86 -20.79 -59.22
C GLU B 696 -59.43 -20.73 -58.70
N THR B 697 -59.16 -21.48 -57.63
CA THR B 697 -57.83 -21.57 -57.08
C THR B 697 -57.68 -22.93 -56.40
N SER B 698 -56.44 -23.34 -56.19
CA SER B 698 -56.13 -24.61 -55.56
C SER B 698 -55.50 -24.36 -54.21
N VAL B 699 -55.97 -25.07 -53.19
CA VAL B 699 -55.46 -24.95 -51.84
C VAL B 699 -54.80 -26.26 -51.43
N LYS B 700 -54.04 -26.22 -50.34
CA LYS B 700 -53.30 -27.41 -49.91
C LYS B 700 -54.24 -28.47 -49.32
N ASN B 701 -55.17 -28.06 -48.47
CA ASN B 701 -56.06 -29.02 -47.82
C ASN B 701 -57.23 -29.37 -48.74
N VAL B 702 -57.47 -30.66 -48.89
CA VAL B 702 -58.54 -31.16 -49.75
C VAL B 702 -59.72 -31.57 -48.89
N ASN B 703 -60.92 -31.49 -49.47
CA ASN B 703 -62.16 -31.87 -48.80
C ASN B 703 -62.33 -31.12 -47.47
N THR B 704 -61.99 -29.84 -47.48
CA THR B 704 -61.96 -29.02 -46.27
C THR B 704 -62.79 -27.77 -46.47
N THR B 705 -63.47 -27.34 -45.41
CA THR B 705 -64.13 -26.04 -45.40
C THR B 705 -63.13 -24.99 -44.94
N LEU B 706 -63.01 -23.91 -45.70
CA LEU B 706 -61.99 -22.91 -45.45
C LEU B 706 -62.59 -21.51 -45.56
N THR B 707 -61.88 -20.56 -44.98
CA THR B 707 -62.13 -19.14 -45.19
C THR B 707 -61.01 -18.59 -46.06
N VAL B 708 -61.37 -17.87 -47.11
CA VAL B 708 -60.42 -17.39 -48.11
C VAL B 708 -60.55 -15.87 -48.22
N GLY B 709 -59.42 -15.18 -48.13
CA GLY B 709 -59.42 -13.73 -48.18
C GLY B 709 -58.03 -13.21 -48.46
N MET B 710 -57.92 -11.89 -48.47
CA MET B 710 -56.67 -11.22 -48.82
C MET B 710 -55.97 -10.69 -47.56
N GLN B 711 -54.64 -10.77 -47.56
CA GLN B 711 -53.86 -10.32 -46.42
C GLN B 711 -53.77 -8.80 -46.39
N TYR B 712 -54.01 -8.23 -45.21
CA TYR B 712 -53.60 -6.86 -44.90
C TYR B 712 -52.59 -6.96 -43.77
N LYS B 713 -51.40 -6.41 -44.00
CA LYS B 713 -50.27 -6.71 -43.14
C LYS B 713 -50.19 -5.71 -41.99
N PRO B 714 -50.32 -6.15 -40.75
CA PRO B 714 -50.15 -5.22 -39.63
C PRO B 714 -48.69 -4.86 -39.42
N GLU B 715 -48.46 -3.62 -39.02
CA GLU B 715 -47.11 -3.15 -38.73
C GLU B 715 -47.13 -2.26 -37.51
N LEU B 716 -46.20 -2.48 -36.59
CA LEU B 716 -46.10 -1.71 -35.35
C LEU B 716 -44.65 -1.29 -35.16
N ILE B 717 -44.38 -0.01 -35.29
CA ILE B 717 -43.05 0.55 -35.05
C ILE B 717 -43.13 1.40 -33.78
N PRO B 718 -42.51 0.99 -32.68
CA PRO B 718 -42.61 1.76 -31.44
C PRO B 718 -41.91 3.11 -31.56
N MET B 719 -42.10 3.92 -30.52
CA MET B 719 -41.49 5.23 -30.44
C MET B 719 -39.97 5.09 -30.30
N PRO B 720 -39.22 6.15 -30.61
CA PRO B 720 -37.77 6.09 -30.43
C PRO B 720 -37.40 5.81 -28.98
N LEU B 721 -36.27 5.14 -28.79
CA LEU B 721 -35.80 4.79 -27.47
C LEU B 721 -35.70 6.04 -26.60
N TYR B 722 -36.26 5.95 -25.39
CA TYR B 722 -36.22 7.05 -24.43
C TYR B 722 -35.71 6.51 -23.10
N ALA B 723 -34.44 6.77 -22.80
CA ALA B 723 -33.80 6.30 -21.57
C ALA B 723 -33.05 7.46 -20.93
N PRO B 724 -33.75 8.35 -20.23
CA PRO B 724 -33.09 9.49 -19.60
C PRO B 724 -32.15 9.05 -18.48
N THR B 725 -30.88 9.42 -18.61
CA THR B 725 -29.87 9.11 -17.61
C THR B 725 -29.70 10.30 -16.67
N GLN B 726 -28.67 10.25 -15.83
CA GLN B 726 -28.39 11.36 -14.93
C GLN B 726 -27.75 12.54 -15.66
N MET B 727 -26.99 12.27 -16.74
CA MET B 727 -26.39 13.36 -17.51
C MET B 727 -27.45 14.26 -18.13
N GLY B 728 -28.65 13.75 -18.32
CA GLY B 728 -29.73 14.52 -18.91
C GLY B 728 -30.56 13.61 -19.78
N ASP B 729 -31.50 14.21 -20.50
CA ASP B 729 -32.26 13.44 -21.47
C ASP B 729 -31.32 12.93 -22.55
N SER B 730 -31.43 11.65 -22.88
CA SER B 730 -30.55 11.04 -23.86
C SER B 730 -31.20 10.98 -25.22
N LEU B 731 -32.00 12.00 -25.53
CA LEU B 731 -32.82 11.99 -26.75
C LEU B 731 -31.98 11.84 -28.00
N TYR B 732 -30.76 12.38 -28.00
CA TYR B 732 -29.90 12.31 -29.18
C TYR B 732 -28.63 11.52 -28.95
N ALA B 733 -28.51 10.81 -27.83
CA ALA B 733 -27.32 10.03 -27.57
C ALA B 733 -27.29 8.78 -28.44
N GLU B 734 -26.08 8.28 -28.69
CA GLU B 734 -25.93 7.01 -29.38
C GLU B 734 -26.43 5.89 -28.48
N LYS B 735 -27.29 5.03 -29.02
CA LYS B 735 -27.89 3.94 -28.26
C LYS B 735 -27.80 2.65 -29.05
N TYR B 736 -27.68 1.53 -28.33
CA TYR B 736 -27.69 0.20 -28.93
C TYR B 736 -28.60 -0.70 -28.11
N VAL B 737 -29.46 -1.44 -28.80
CA VAL B 737 -30.43 -2.32 -28.14
C VAL B 737 -29.82 -3.71 -28.05
N GLN B 738 -29.43 -4.12 -26.84
CA GLN B 738 -28.92 -5.47 -26.65
C GLN B 738 -30.04 -6.50 -26.68
N ASP B 739 -31.16 -6.22 -26.03
CA ASP B 739 -32.28 -7.14 -25.94
C ASP B 739 -33.57 -6.42 -26.27
N LEU B 740 -34.42 -7.09 -27.05
CA LEU B 740 -35.75 -6.61 -27.40
C LEU B 740 -36.77 -7.62 -26.93
N TYR B 741 -37.68 -7.20 -26.07
CA TYR B 741 -38.72 -8.08 -25.55
C TYR B 741 -40.04 -7.77 -26.23
N VAL B 742 -40.65 -8.79 -26.81
CA VAL B 742 -41.97 -8.67 -27.42
C VAL B 742 -42.97 -9.38 -26.52
N ASP B 743 -43.95 -8.65 -26.07
CA ASP B 743 -44.92 -9.12 -25.09
C ASP B 743 -46.28 -9.24 -25.77
N TYR B 744 -46.75 -10.47 -25.96
CA TYR B 744 -47.90 -10.70 -26.82
C TYR B 744 -48.92 -11.58 -26.13
N VAL B 745 -50.17 -11.46 -26.60
CA VAL B 745 -51.31 -12.21 -26.08
C VAL B 745 -52.11 -12.72 -27.27
N ASP B 746 -52.40 -14.01 -27.29
CA ASP B 746 -53.28 -14.63 -28.29
C ASP B 746 -52.85 -14.27 -29.71
N SER B 747 -51.65 -14.67 -30.07
CA SER B 747 -51.05 -14.27 -31.33
C SER B 747 -50.47 -15.47 -32.06
N LEU B 748 -50.36 -15.33 -33.38
CA LEU B 748 -49.70 -16.31 -34.23
C LEU B 748 -48.90 -15.59 -35.29
N TYR B 749 -47.85 -16.27 -35.77
CA TYR B 749 -47.10 -15.87 -36.96
C TYR B 749 -46.40 -14.52 -36.79
N LEU B 750 -45.90 -14.24 -35.59
CA LEU B 750 -45.25 -12.97 -35.36
C LEU B 750 -43.81 -12.99 -35.86
N GLN B 751 -43.29 -11.79 -36.15
CA GLN B 751 -41.87 -11.61 -36.42
C GLN B 751 -41.48 -10.19 -36.05
N ALA B 752 -40.26 -10.03 -35.54
CA ALA B 752 -39.84 -8.76 -34.99
C ALA B 752 -38.35 -8.58 -35.17
N GLY B 753 -37.90 -7.33 -35.08
CA GLY B 753 -36.49 -7.05 -35.06
C GLY B 753 -36.17 -5.80 -35.84
N PHE B 754 -34.93 -5.75 -36.29
CA PHE B 754 -34.36 -4.61 -37.01
C PHE B 754 -34.21 -5.01 -38.47
N ARG B 755 -34.80 -4.23 -39.37
CA ARG B 755 -34.79 -4.59 -40.78
C ARG B 755 -33.38 -4.51 -41.34
N PRO B 756 -33.06 -5.33 -42.35
CA PRO B 756 -33.93 -6.28 -43.06
C PRO B 756 -34.03 -7.68 -42.47
N GLN B 757 -33.14 -8.08 -41.58
CA GLN B 757 -33.12 -9.46 -41.08
C GLN B 757 -33.90 -9.52 -39.77
N LEU B 758 -35.13 -10.02 -39.84
CA LEU B 758 -35.99 -10.13 -38.67
C LEU B 758 -35.91 -11.54 -38.08
N THR B 759 -36.55 -11.70 -36.93
CA THR B 759 -36.60 -12.97 -36.22
C THR B 759 -38.05 -13.41 -36.12
N ASP B 760 -38.33 -14.64 -36.55
CA ASP B 760 -39.67 -15.19 -36.41
C ASP B 760 -39.87 -15.70 -34.98
N ILE B 761 -41.05 -15.48 -34.45
CA ILE B 761 -41.41 -15.92 -33.10
C ILE B 761 -42.15 -17.24 -33.23
N PRO B 762 -41.60 -18.34 -32.71
CA PRO B 762 -42.23 -19.65 -32.91
C PRO B 762 -43.56 -19.76 -32.18
N ASN B 763 -44.45 -20.57 -32.76
CA ASN B 763 -45.72 -20.92 -32.13
C ASN B 763 -45.99 -22.41 -32.30
N MET B 764 -45.02 -23.24 -31.95
CA MET B 764 -45.21 -24.68 -31.95
C MET B 764 -44.24 -25.30 -30.96
N HIS B 765 -44.77 -26.08 -30.02
CA HIS B 765 -43.97 -26.67 -28.95
C HIS B 765 -43.55 -28.08 -29.36
N LEU B 766 -42.31 -28.19 -29.83
CA LEU B 766 -41.76 -29.51 -30.12
C LEU B 766 -41.69 -30.32 -28.84
N GLY B 767 -42.17 -31.55 -28.90
CA GLY B 767 -42.29 -32.40 -27.74
C GLY B 767 -43.64 -32.38 -27.09
N ASN B 768 -44.45 -31.37 -27.37
CA ASN B 768 -45.81 -31.26 -26.86
C ASN B 768 -46.73 -30.78 -27.97
N TYR B 769 -46.64 -31.43 -29.13
CA TYR B 769 -47.51 -31.12 -30.25
C TYR B 769 -47.89 -32.40 -30.95
N THR B 770 -49.18 -32.59 -31.21
CA THR B 770 -49.67 -33.76 -31.91
C THR B 770 -49.98 -33.38 -33.35
N LEU B 771 -49.40 -34.14 -34.29
CA LEU B 771 -49.51 -33.79 -35.70
C LEU B 771 -50.97 -33.77 -36.14
N GLY B 772 -51.30 -32.76 -36.93
CA GLY B 772 -52.64 -32.56 -37.42
C GLY B 772 -53.45 -31.52 -36.66
N GLN B 773 -53.03 -31.19 -35.45
CA GLN B 773 -53.74 -30.22 -34.63
C GLN B 773 -53.24 -28.81 -34.90
N SER B 774 -54.10 -27.83 -34.64
CA SER B 774 -53.75 -26.43 -34.77
C SER B 774 -53.41 -25.89 -33.39
N VAL B 775 -52.19 -25.41 -33.21
CA VAL B 775 -51.84 -24.84 -31.90
C VAL B 775 -52.61 -23.54 -31.71
N PRO B 776 -53.26 -23.34 -30.57
CA PRO B 776 -54.09 -22.16 -30.37
C PRO B 776 -53.25 -20.90 -30.30
N PRO B 777 -53.85 -19.73 -30.44
CA PRO B 777 -53.08 -18.48 -30.33
C PRO B 777 -52.32 -18.43 -29.02
N GLN B 778 -51.08 -17.95 -29.09
CA GLN B 778 -50.12 -18.09 -28.02
C GLN B 778 -49.95 -16.79 -27.24
N THR B 779 -49.61 -16.92 -25.97
CA THR B 779 -49.36 -15.81 -25.07
C THR B 779 -48.00 -16.00 -24.42
N GLY B 780 -47.22 -14.94 -24.35
CA GLY B 780 -45.94 -15.01 -23.68
C GLY B 780 -45.06 -13.84 -24.03
N ILE B 781 -43.80 -13.94 -23.61
CA ILE B 781 -42.78 -12.94 -23.87
C ILE B 781 -41.65 -13.62 -24.63
N TYR B 782 -41.20 -13.00 -25.71
CA TYR B 782 -40.09 -13.52 -26.49
C TYR B 782 -38.97 -12.48 -26.52
N ARG B 783 -37.74 -12.94 -26.28
CA ARG B 783 -36.58 -12.07 -26.21
C ARG B 783 -35.73 -12.27 -27.46
N ILE B 784 -35.32 -11.15 -28.07
CA ILE B 784 -34.65 -11.16 -29.36
C ILE B 784 -33.45 -10.21 -29.30
N CYS B 785 -32.33 -10.62 -29.90
CA CYS B 785 -31.23 -9.71 -30.12
C CYS B 785 -31.37 -9.11 -31.51
N PRO B 786 -31.84 -7.87 -31.65
CA PRO B 786 -32.16 -7.36 -32.99
C PRO B 786 -30.96 -7.14 -33.89
N ARG B 787 -29.78 -6.87 -33.31
CA ARG B 787 -28.58 -6.55 -34.08
C ARG B 787 -28.78 -5.30 -34.94
N GLY B 788 -29.20 -4.22 -34.30
CA GLY B 788 -29.36 -2.95 -34.97
C GLY B 788 -28.12 -2.09 -34.88
N ASP B 789 -28.27 -0.84 -35.32
CA ASP B 789 -27.15 0.09 -35.37
C ASP B 789 -27.09 0.91 -34.09
N TRP B 790 -26.33 2.00 -34.09
CA TRP B 790 -26.17 2.86 -32.92
C TRP B 790 -26.86 4.20 -33.07
N GLU B 791 -27.77 4.34 -34.04
CA GLU B 791 -28.40 5.63 -34.29
C GLU B 791 -29.40 5.97 -33.18
N PRO B 792 -29.50 7.25 -32.81
CA PRO B 792 -30.48 7.63 -31.78
C PRO B 792 -31.91 7.35 -32.17
N ARG B 793 -32.26 7.41 -33.46
CA ARG B 793 -33.62 7.17 -33.90
C ARG B 793 -33.61 6.00 -34.88
N GLN B 794 -33.55 4.80 -34.32
CA GLN B 794 -33.57 3.57 -35.10
C GLN B 794 -34.92 2.89 -34.92
N GLU B 795 -35.32 2.13 -35.93
CA GLU B 795 -36.66 1.57 -36.00
C GLU B 795 -36.61 0.06 -35.79
N PHE B 796 -37.48 -0.42 -34.90
CA PHE B 796 -37.75 -1.84 -34.73
C PHE B 796 -39.19 -2.09 -35.11
N VAL B 797 -39.46 -3.25 -35.72
CA VAL B 797 -40.76 -3.55 -36.31
C VAL B 797 -41.31 -4.82 -35.70
N ILE B 798 -42.59 -4.77 -35.31
CA ILE B 798 -43.37 -5.96 -34.99
C ILE B 798 -44.39 -6.14 -36.11
N THR B 799 -44.38 -7.30 -36.74
CA THR B 799 -45.26 -7.54 -37.89
C THR B 799 -45.66 -9.01 -37.89
N GLN B 800 -46.37 -9.42 -38.94
CA GLN B 800 -46.94 -10.76 -39.04
C GLN B 800 -46.59 -11.34 -40.41
N SER B 801 -46.16 -12.60 -40.44
CA SER B 801 -45.76 -13.21 -41.70
C SER B 801 -46.96 -13.63 -42.55
N GLN B 802 -48.04 -14.08 -41.92
CA GLN B 802 -49.24 -14.48 -42.64
C GLN B 802 -50.45 -14.17 -41.76
N PRO B 803 -51.64 -14.05 -42.35
CA PRO B 803 -52.81 -13.59 -41.57
C PRO B 803 -53.09 -14.48 -40.37
N GLY B 804 -53.52 -13.85 -39.29
CA GLY B 804 -53.87 -14.54 -38.07
C GLY B 804 -54.11 -13.57 -36.93
N PRO B 805 -54.47 -14.08 -35.76
CA PRO B 805 -54.63 -13.20 -34.59
C PRO B 805 -53.31 -12.59 -34.15
N MET B 806 -53.39 -11.38 -33.59
CA MET B 806 -52.20 -10.66 -33.16
C MET B 806 -52.59 -9.61 -32.15
N THR B 807 -51.97 -9.64 -30.97
CA THR B 807 -52.13 -8.60 -29.97
C THR B 807 -50.81 -8.39 -29.26
N ILE B 808 -50.27 -7.18 -29.34
CA ILE B 808 -48.99 -6.84 -28.73
C ILE B 808 -49.29 -5.92 -27.55
N ILE B 809 -48.98 -6.39 -26.34
CA ILE B 809 -49.31 -5.62 -25.14
C ILE B 809 -48.16 -4.73 -24.69
N GLY B 810 -46.98 -4.87 -25.26
CA GLY B 810 -45.87 -4.02 -24.90
C GLY B 810 -44.56 -4.45 -25.52
N VAL B 811 -43.59 -3.55 -25.54
CA VAL B 811 -42.26 -3.82 -26.07
C VAL B 811 -41.24 -3.32 -25.07
N GLY B 812 -40.28 -4.17 -24.71
CA GLY B 812 -39.25 -3.79 -23.77
C GLY B 812 -37.87 -3.79 -24.39
N TYR B 813 -36.91 -3.10 -23.76
CA TYR B 813 -35.56 -3.03 -24.28
C TYR B 813 -34.56 -3.09 -23.13
N ASN B 814 -33.37 -3.58 -23.44
CA ASN B 814 -32.17 -3.34 -22.65
C ASN B 814 -31.24 -2.51 -23.53
N VAL B 815 -31.06 -1.24 -23.18
CA VAL B 815 -30.39 -0.28 -24.05
C VAL B 815 -29.04 0.10 -23.44
N GLU B 816 -28.00 0.02 -24.25
CA GLU B 816 -26.70 0.58 -23.90
C GLU B 816 -26.70 2.05 -24.32
N VAL B 817 -26.83 2.94 -23.35
CA VAL B 817 -26.90 4.38 -23.63
C VAL B 817 -25.48 4.92 -23.52
N ALA B 818 -24.88 5.23 -24.66
CA ALA B 818 -23.53 5.78 -24.71
C ALA B 818 -23.57 7.29 -24.63
N PRO C 2 -29.45 -7.50 -6.77
CA PRO C 2 -29.73 -7.23 -5.36
C PRO C 2 -31.13 -7.67 -4.96
N ILE C 3 -31.36 -7.90 -3.67
CA ILE C 3 -32.64 -8.35 -3.16
C ILE C 3 -33.54 -7.15 -2.94
N ARG C 4 -34.77 -7.23 -3.44
CA ARG C 4 -35.78 -6.21 -3.23
C ARG C 4 -37.00 -6.84 -2.56
N SER C 5 -37.62 -6.10 -1.65
CA SER C 5 -38.79 -6.55 -0.93
C SER C 5 -40.01 -5.83 -1.48
N ILE C 6 -40.99 -6.59 -1.97
CA ILE C 6 -42.19 -6.04 -2.57
C ILE C 6 -43.39 -6.77 -2.00
N SER C 7 -44.57 -6.15 -2.13
CA SER C 7 -45.80 -6.73 -1.64
C SER C 7 -46.93 -6.45 -2.63
N ASN C 8 -48.07 -7.07 -2.39
CA ASN C 8 -49.17 -7.09 -3.35
C ASN C 8 -50.48 -7.30 -2.60
N THR C 9 -51.45 -6.42 -2.81
CA THR C 9 -52.80 -6.57 -2.31
C THR C 9 -53.76 -6.65 -3.50
N PHE C 10 -55.05 -6.84 -3.23
CA PHE C 10 -55.96 -7.30 -4.28
C PHE C 10 -57.26 -6.52 -4.30
N ASN C 11 -57.20 -5.20 -4.14
CA ASN C 11 -58.44 -4.43 -4.15
C ASN C 11 -58.93 -4.09 -5.56
N ARG C 12 -58.16 -4.40 -6.59
CA ARG C 12 -58.61 -4.22 -7.97
C ARG C 12 -59.03 -5.52 -8.64
N GLY C 13 -59.04 -6.64 -7.92
CA GLY C 13 -59.53 -7.87 -8.49
C GLY C 13 -58.62 -8.44 -9.56
N GLU C 14 -59.23 -9.24 -10.44
CA GLU C 14 -58.49 -9.89 -11.51
C GLU C 14 -58.29 -8.93 -12.67
N LEU C 15 -57.07 -8.86 -13.18
CA LEU C 15 -56.71 -7.92 -14.23
C LEU C 15 -56.52 -8.65 -15.55
N ASP C 16 -56.95 -8.00 -16.62
CA ASP C 16 -56.84 -8.57 -17.96
C ASP C 16 -55.38 -8.75 -18.34
N PRO C 17 -55.03 -9.84 -19.02
CA PRO C 17 -53.62 -10.06 -19.38
C PRO C 17 -53.01 -8.99 -20.27
N THR C 18 -53.82 -8.20 -20.95
CA THR C 18 -53.29 -7.13 -21.80
C THR C 18 -52.84 -5.91 -21.02
N LEU C 19 -52.97 -5.92 -19.70
CA LEU C 19 -52.50 -4.84 -18.85
C LEU C 19 -51.14 -5.12 -18.22
N PHE C 20 -50.52 -6.25 -18.52
CA PHE C 20 -49.36 -6.69 -17.75
C PHE C 20 -48.10 -5.90 -18.05
N ALA C 21 -48.11 -5.02 -19.04
CA ALA C 21 -46.99 -4.11 -19.26
C ALA C 21 -47.27 -2.70 -18.74
N ARG C 22 -48.40 -2.49 -18.07
CA ARG C 22 -48.81 -1.16 -17.64
C ARG C 22 -48.32 -0.88 -16.22
N ASP C 23 -47.00 -0.83 -16.07
CA ASP C 23 -46.41 -0.51 -14.78
C ASP C 23 -46.62 0.94 -14.39
N ASP C 24 -46.98 1.81 -15.36
CA ASP C 24 -47.24 3.20 -15.04
C ASP C 24 -48.51 3.36 -14.20
N LEU C 25 -49.49 2.49 -14.40
CA LEU C 25 -50.71 2.56 -13.62
C LEU C 25 -50.45 2.10 -12.18
N ASP C 26 -51.20 2.68 -11.25
CA ASP C 26 -51.08 2.32 -9.84
C ASP C 26 -51.89 1.10 -9.48
N ILE C 27 -52.23 0.25 -10.46
CA ILE C 27 -52.97 -0.97 -10.21
C ILE C 27 -52.09 -2.20 -10.27
N TYR C 28 -50.82 -2.06 -10.61
CA TYR C 28 -49.98 -3.23 -10.85
C TYR C 28 -49.74 -4.02 -9.56
N ASP C 29 -49.65 -3.36 -8.42
CA ASP C 29 -49.49 -4.02 -7.15
C ASP C 29 -50.79 -4.11 -6.36
N LYS C 30 -51.93 -3.82 -6.99
CA LYS C 30 -53.22 -3.90 -6.33
C LYS C 30 -54.17 -4.87 -6.99
N GLY C 31 -53.69 -5.71 -7.90
CA GLY C 31 -54.55 -6.65 -8.59
C GLY C 31 -54.06 -8.07 -8.51
N ALA C 32 -54.72 -8.96 -9.24
CA ALA C 32 -54.34 -10.36 -9.28
C ALA C 32 -54.43 -10.87 -10.72
N ARG C 33 -53.52 -11.78 -11.06
CA ARG C 33 -53.62 -12.47 -12.33
C ARG C 33 -54.88 -13.33 -12.39
N LYS C 34 -55.17 -14.03 -11.30
CA LYS C 34 -56.37 -14.84 -11.18
C LYS C 34 -56.98 -14.63 -9.81
N LEU C 35 -58.29 -14.44 -9.78
CA LEU C 35 -59.06 -14.34 -8.53
C LEU C 35 -60.32 -15.16 -8.76
N ARG C 36 -60.27 -16.44 -8.43
CA ARG C 36 -61.32 -17.38 -8.76
C ARG C 36 -61.93 -17.93 -7.48
N ASN C 37 -63.26 -17.92 -7.42
CA ASN C 37 -64.02 -18.36 -6.25
C ASN C 37 -63.61 -17.58 -5.00
N MET C 38 -63.24 -16.32 -5.20
CA MET C 38 -62.94 -15.40 -4.11
C MET C 38 -63.50 -14.04 -4.48
N ILE C 39 -63.54 -13.14 -3.50
CA ILE C 39 -63.94 -11.77 -3.73
C ILE C 39 -62.89 -10.85 -3.12
N ALA C 40 -62.90 -9.61 -3.57
CA ALA C 40 -62.00 -8.59 -3.05
C ALA C 40 -62.74 -7.73 -2.05
N LEU C 41 -62.35 -7.80 -0.78
CA LEU C 41 -62.89 -6.90 0.21
C LEU C 41 -62.36 -5.48 -0.05
N TRP C 42 -63.11 -4.48 0.43
CA TRP C 42 -62.70 -3.11 0.16
C TRP C 42 -61.46 -2.71 0.96
N THR C 43 -61.01 -3.53 1.91
CA THR C 43 -59.74 -3.26 2.57
C THR C 43 -58.54 -3.72 1.76
N GLY C 44 -58.76 -4.42 0.64
CA GLY C 44 -57.68 -4.94 -0.16
C GLY C 44 -57.44 -6.43 0.01
N ALA C 45 -58.06 -7.06 1.00
CA ALA C 45 -57.89 -8.49 1.20
C ALA C 45 -58.80 -9.27 0.26
N ALA C 46 -58.46 -10.54 0.07
CA ALA C 46 -59.24 -11.45 -0.78
C ALA C 46 -59.84 -12.53 0.10
N ARG C 47 -61.15 -12.67 0.07
CA ARG C 47 -61.87 -13.62 0.89
C ARG C 47 -62.51 -14.68 0.01
N ILE C 48 -62.58 -15.91 0.52
CA ILE C 48 -63.26 -16.97 -0.22
C ILE C 48 -64.71 -16.57 -0.47
N ALA C 49 -65.21 -16.91 -1.64
CA ALA C 49 -66.56 -16.54 -2.04
C ALA C 49 -67.61 -17.20 -1.15
N PRO C 50 -68.78 -16.59 -1.00
CA PRO C 50 -69.84 -17.21 -0.20
C PRO C 50 -70.32 -18.52 -0.81
N GLY C 51 -70.65 -19.47 0.06
CA GLY C 51 -71.22 -20.73 -0.37
C GLY C 51 -72.72 -20.62 -0.58
N THR C 52 -73.33 -21.77 -0.85
CA THR C 52 -74.77 -21.80 -1.11
C THR C 52 -75.43 -22.92 -0.33
N ILE C 53 -76.71 -22.71 -0.03
CA ILE C 53 -77.54 -23.64 0.71
C ILE C 53 -78.65 -24.12 -0.22
N TYR C 54 -78.79 -25.43 -0.35
CA TYR C 54 -79.83 -25.99 -1.22
C TYR C 54 -81.21 -25.68 -0.66
N ILE C 55 -82.11 -25.22 -1.53
CA ILE C 55 -83.49 -24.91 -1.15
C ILE C 55 -84.46 -25.91 -1.77
N ASP C 56 -84.51 -25.99 -3.08
CA ASP C 56 -85.49 -26.85 -3.74
C ASP C 56 -85.06 -27.13 -5.17
N MET C 57 -85.68 -28.15 -5.76
CA MET C 57 -85.48 -28.50 -7.15
C MET C 57 -86.68 -28.03 -7.97
N MET C 58 -86.40 -27.33 -9.07
CA MET C 58 -87.46 -26.78 -9.90
C MET C 58 -88.17 -27.90 -10.66
N VAL C 59 -89.45 -28.08 -10.37
CA VAL C 59 -90.26 -29.10 -11.01
C VAL C 59 -91.59 -28.50 -11.43
N ASP C 60 -92.24 -29.17 -12.38
CA ASP C 60 -93.60 -28.82 -12.80
C ASP C 60 -94.54 -29.52 -11.84
N ARG C 61 -94.94 -28.80 -10.79
CA ARG C 61 -95.71 -29.41 -9.70
C ARG C 61 -97.13 -29.78 -10.09
N GLU C 62 -97.65 -29.21 -11.18
CA GLU C 62 -99.00 -29.50 -11.62
C GLU C 62 -99.06 -30.67 -12.60
N ASN C 63 -97.92 -31.24 -12.97
CA ASN C 63 -97.85 -32.34 -13.93
C ASN C 63 -97.00 -33.48 -13.37
N GLY C 64 -97.30 -33.87 -12.14
CA GLY C 64 -96.61 -34.99 -11.52
C GLY C 64 -95.15 -34.74 -11.23
N ASN C 65 -94.80 -33.52 -10.83
CA ASN C 65 -93.42 -33.15 -10.50
C ASN C 65 -92.48 -33.49 -11.65
N ALA C 66 -92.85 -33.06 -12.84
CA ALA C 66 -91.99 -33.26 -14.00
C ALA C 66 -90.76 -32.39 -13.87
N VAL C 67 -89.58 -33.02 -13.87
CA VAL C 67 -88.33 -32.29 -13.67
C VAL C 67 -88.13 -31.32 -14.82
N ILE C 68 -87.79 -30.08 -14.48
CA ILE C 68 -87.53 -29.03 -15.47
C ILE C 68 -86.03 -29.03 -15.77
N GLN C 69 -85.69 -29.21 -17.05
CA GLN C 69 -84.29 -29.28 -17.46
C GLN C 69 -83.91 -28.20 -18.46
N ASP C 70 -84.82 -27.26 -18.74
CA ASP C 70 -84.53 -26.15 -19.62
C ASP C 70 -84.41 -24.88 -18.80
N PRO C 71 -83.24 -24.23 -18.75
CA PRO C 71 -83.10 -23.02 -17.94
C PRO C 71 -83.98 -21.86 -18.39
N LEU C 72 -84.43 -21.86 -19.64
CA LEU C 72 -85.31 -20.79 -20.10
C LEU C 72 -86.72 -20.89 -19.53
N MET C 73 -87.04 -21.98 -18.85
CA MET C 73 -88.36 -22.17 -18.25
C MET C 73 -88.42 -21.72 -16.80
N VAL C 74 -87.35 -21.12 -16.28
CA VAL C 74 -87.30 -20.68 -14.89
C VAL C 74 -86.79 -19.25 -14.85
N LYS C 75 -87.45 -18.40 -14.07
CA LYS C 75 -87.00 -17.03 -13.86
C LYS C 75 -87.51 -16.56 -12.51
N GLY C 76 -86.61 -16.15 -11.62
CA GLY C 76 -87.01 -15.73 -10.30
C GLY C 76 -86.79 -14.27 -10.00
N PHE C 77 -87.41 -13.78 -8.94
CA PHE C 77 -87.19 -12.41 -8.48
C PHE C 77 -87.52 -12.33 -7.00
N ASP C 78 -86.94 -11.34 -6.34
CA ASP C 78 -87.16 -11.13 -4.92
C ASP C 78 -88.22 -10.07 -4.69
N PHE C 79 -88.86 -10.14 -3.52
CA PHE C 79 -89.90 -9.19 -3.15
C PHE C 79 -89.85 -9.01 -1.64
N THR C 80 -89.35 -7.84 -1.21
CA THR C 80 -89.29 -7.54 0.21
C THR C 80 -90.65 -7.04 0.69
N TYR C 81 -91.20 -7.72 1.69
CA TYR C 81 -92.52 -7.40 2.21
C TYR C 81 -92.47 -6.65 3.54
N ASP C 82 -91.47 -6.93 4.38
CA ASP C 82 -91.33 -6.24 5.66
C ASP C 82 -89.84 -6.24 6.00
N ALA C 83 -89.17 -5.11 5.74
CA ALA C 83 -87.73 -5.06 5.92
C ALA C 83 -87.33 -5.23 7.38
N ASP C 84 -88.06 -4.60 8.29
CA ASP C 84 -87.70 -4.66 9.70
C ASP C 84 -87.93 -6.06 10.27
N ALA C 85 -88.97 -6.74 9.81
CA ALA C 85 -89.19 -8.13 10.22
C ALA C 85 -88.35 -9.12 9.41
N GLU C 86 -87.59 -8.63 8.44
CA GLU C 86 -86.73 -9.46 7.59
C GLU C 86 -87.56 -10.53 6.87
N ILE C 87 -88.62 -10.08 6.22
CA ILE C 87 -89.49 -10.96 5.43
C ILE C 87 -89.28 -10.60 3.97
N THR C 88 -88.54 -11.43 3.25
CA THR C 88 -88.34 -11.28 1.82
C THR C 88 -88.72 -12.59 1.15
N TYR C 89 -89.53 -12.49 0.09
CA TYR C 89 -89.99 -13.67 -0.63
C TYR C 89 -89.19 -13.84 -1.90
N THR C 90 -88.78 -15.07 -2.17
CA THR C 90 -88.14 -15.44 -3.43
C THR C 90 -89.20 -16.12 -4.29
N ILE C 91 -89.66 -15.43 -5.32
CA ILE C 91 -90.73 -15.89 -6.19
C ILE C 91 -90.11 -16.43 -7.47
N ILE C 92 -90.48 -17.65 -7.83
CA ILE C 92 -89.94 -18.32 -9.00
C ILE C 92 -91.07 -18.49 -10.02
N ILE C 93 -90.91 -17.89 -11.19
CA ILE C 93 -91.81 -18.12 -12.30
C ILE C 93 -91.27 -19.32 -13.08
N ARG C 94 -92.09 -20.35 -13.19
CA ARG C 94 -91.63 -21.60 -13.79
C ARG C 94 -92.70 -22.16 -14.71
N LYS C 95 -92.28 -23.09 -15.56
CA LYS C 95 -93.21 -23.74 -16.47
C LYS C 95 -94.22 -24.59 -15.72
N SER C 96 -95.47 -24.54 -16.15
CA SER C 96 -96.55 -25.36 -15.62
C SER C 96 -97.42 -25.77 -16.80
N GLY C 97 -97.13 -26.93 -17.36
CA GLY C 97 -97.77 -27.31 -18.61
C GLY C 97 -97.34 -26.37 -19.71
N THR C 98 -98.31 -25.80 -20.42
CA THR C 98 -98.02 -24.76 -21.40
C THR C 98 -98.13 -23.35 -20.82
N ASN C 99 -98.42 -23.23 -19.54
CA ASN C 99 -98.61 -21.96 -18.87
C ASN C 99 -97.55 -21.79 -17.78
N ILE C 100 -97.73 -20.80 -16.91
CA ILE C 100 -96.75 -20.49 -15.88
C ILE C 100 -97.38 -20.69 -14.50
N ALA C 101 -96.51 -20.68 -13.50
CA ALA C 101 -96.91 -20.69 -12.10
C ALA C 101 -95.86 -19.93 -11.30
N PHE C 102 -96.29 -19.39 -10.17
CA PHE C 102 -95.42 -18.65 -9.27
C PHE C 102 -95.21 -19.46 -8.00
N ASP C 103 -93.97 -19.86 -7.75
CA ASP C 103 -93.59 -20.56 -6.53
C ASP C 103 -93.02 -19.54 -5.56
N ILE C 104 -93.63 -19.42 -4.39
CA ILE C 104 -93.27 -18.40 -3.42
C ILE C 104 -92.55 -19.07 -2.27
N TYR C 105 -91.30 -18.68 -2.04
CA TYR C 105 -90.46 -19.25 -1.00
C TYR C 105 -90.20 -18.23 0.09
N TYR C 106 -90.18 -18.70 1.33
CA TYR C 106 -89.80 -17.88 2.46
C TYR C 106 -89.19 -18.78 3.51
N ALA C 107 -88.13 -18.29 4.15
CA ALA C 107 -87.40 -19.05 5.18
C ALA C 107 -86.97 -20.42 4.65
N ASP C 108 -86.45 -20.42 3.41
CA ASP C 108 -85.95 -21.63 2.76
C ASP C 108 -87.03 -22.69 2.61
N THR C 109 -88.29 -22.27 2.50
CA THR C 109 -89.41 -23.21 2.43
C THR C 109 -90.40 -22.72 1.40
N LEU C 110 -90.98 -23.66 0.65
CA LEU C 110 -92.02 -23.33 -0.32
C LEU C 110 -93.32 -23.06 0.42
N GLN C 111 -93.80 -21.82 0.34
CA GLN C 111 -95.01 -21.44 1.05
C GLN C 111 -96.27 -21.83 0.27
N THR C 112 -96.37 -21.40 -0.98
CA THR C 112 -97.55 -21.68 -1.79
C THR C 112 -97.18 -21.55 -3.26
N THR C 113 -98.10 -21.98 -4.12
CA THR C 113 -97.98 -21.86 -5.55
C THR C 113 -99.21 -21.18 -6.11
N VAL C 114 -99.01 -20.24 -7.02
CA VAL C 114 -100.10 -19.53 -7.69
C VAL C 114 -99.96 -19.77 -9.19
N THR C 115 -100.96 -20.40 -9.78
CA THR C 115 -100.92 -20.69 -11.20
C THR C 115 -101.57 -19.56 -11.99
N SER C 116 -101.26 -19.51 -13.28
CA SER C 116 -101.84 -18.52 -14.17
C SER C 116 -101.85 -19.06 -15.59
N THR C 117 -102.98 -18.94 -16.26
CA THR C 117 -103.11 -19.33 -17.66
C THR C 117 -102.97 -18.14 -18.61
N ALA C 118 -102.75 -16.94 -18.09
CA ALA C 118 -102.64 -15.77 -18.94
C ALA C 118 -101.30 -15.70 -19.66
N TYR C 119 -100.31 -16.47 -19.23
CA TYR C 119 -98.98 -16.44 -19.80
C TYR C 119 -98.61 -17.82 -20.34
N LEU C 120 -97.81 -17.82 -21.39
CA LEU C 120 -97.28 -19.05 -21.94
C LEU C 120 -95.92 -19.37 -21.33
N ALA C 121 -95.60 -20.66 -21.27
CA ALA C 121 -94.30 -21.07 -20.74
C ALA C 121 -93.15 -20.53 -21.59
N THR C 122 -93.40 -20.26 -22.86
CA THR C 122 -92.38 -19.71 -23.75
C THR C 122 -92.22 -18.21 -23.61
N GLN C 123 -93.05 -17.55 -22.79
CA GLN C 123 -92.94 -16.13 -22.54
C GLN C 123 -92.26 -15.80 -21.21
N ILE C 124 -91.73 -16.81 -20.51
CA ILE C 124 -91.27 -16.60 -19.15
C ILE C 124 -90.10 -15.61 -19.11
N GLN C 125 -89.13 -15.78 -20.03
CA GLN C 125 -87.96 -14.92 -19.99
C GLN C 125 -88.26 -13.48 -20.36
N ASP C 126 -89.43 -13.20 -20.91
CA ASP C 126 -89.82 -11.84 -21.28
C ASP C 126 -90.76 -11.20 -20.26
N ILE C 127 -90.92 -11.80 -19.09
CA ILE C 127 -91.79 -11.25 -18.05
C ILE C 127 -90.94 -10.40 -17.12
N HIS C 128 -91.31 -9.14 -16.96
CA HIS C 128 -90.65 -8.22 -16.04
C HIS C 128 -91.62 -7.83 -14.94
N VAL C 129 -91.07 -7.32 -13.83
CA VAL C 129 -91.87 -6.98 -12.67
C VAL C 129 -91.58 -5.53 -12.27
N ALA C 130 -92.53 -4.96 -11.52
CA ALA C 130 -92.38 -3.62 -10.95
C ALA C 130 -92.85 -3.72 -9.50
N ALA C 131 -91.91 -3.85 -8.57
CA ALA C 131 -92.22 -4.05 -7.17
C ALA C 131 -92.56 -2.72 -6.52
N ALA C 132 -93.75 -2.63 -5.94
CA ALA C 132 -94.14 -1.46 -5.18
C ALA C 132 -93.80 -1.69 -3.71
N HIS C 133 -94.32 -0.83 -2.85
CA HIS C 133 -94.11 -0.97 -1.41
C HIS C 133 -94.84 -2.20 -0.87
N ASP C 134 -95.97 -2.58 -1.47
CA ASP C 134 -96.80 -3.64 -0.92
C ASP C 134 -97.41 -4.58 -1.97
N ARG C 135 -96.96 -4.52 -3.23
CA ARG C 135 -97.48 -5.39 -4.27
C ARG C 135 -96.47 -5.44 -5.40
N VAL C 136 -96.64 -6.42 -6.29
CA VAL C 136 -95.78 -6.59 -7.45
C VAL C 136 -96.65 -6.60 -8.69
N LEU C 137 -96.28 -5.81 -9.69
CA LEU C 137 -96.96 -5.83 -10.98
C LEU C 137 -96.19 -6.73 -11.94
N ILE C 138 -96.94 -7.58 -12.65
CA ILE C 138 -96.37 -8.51 -13.62
C ILE C 138 -96.59 -7.93 -15.01
N LEU C 139 -95.50 -7.71 -15.74
CA LEU C 139 -95.53 -6.98 -17.00
C LEU C 139 -95.06 -7.88 -18.13
N HIS C 140 -95.80 -7.85 -19.23
CA HIS C 140 -95.40 -8.50 -20.47
C HIS C 140 -96.02 -7.71 -21.62
N GLU C 141 -95.25 -7.52 -22.70
CA GLU C 141 -95.69 -6.62 -23.76
C GLU C 141 -96.96 -7.09 -24.45
N ASN C 142 -97.33 -8.35 -24.31
CA ASN C 142 -98.48 -8.90 -25.00
C ASN C 142 -99.58 -9.36 -24.05
N VAL C 143 -99.40 -9.20 -22.75
CA VAL C 143 -100.37 -9.64 -21.76
C VAL C 143 -100.69 -8.48 -20.83
N GLN C 144 -101.98 -8.32 -20.51
CA GLN C 144 -102.40 -7.24 -19.64
C GLN C 144 -101.76 -7.36 -18.26
N ILE C 145 -101.47 -6.20 -17.65
CA ILE C 145 -100.79 -6.15 -16.36
C ILE C 145 -101.56 -6.93 -15.31
N ARG C 146 -100.84 -7.69 -14.49
CA ARG C 146 -101.41 -8.38 -13.35
C ARG C 146 -100.82 -7.83 -12.06
N GLN C 147 -101.51 -8.05 -10.96
CA GLN C 147 -101.04 -7.73 -9.62
C GLN C 147 -100.86 -9.01 -8.83
N LEU C 148 -99.71 -9.17 -8.20
CA LEU C 148 -99.47 -10.24 -7.25
C LEU C 148 -99.38 -9.60 -5.87
N LYS C 149 -100.38 -9.86 -5.04
CA LYS C 149 -100.45 -9.24 -3.72
C LYS C 149 -100.62 -10.30 -2.65
N ARG C 150 -99.93 -10.12 -1.55
CA ARG C 150 -99.94 -11.06 -0.44
C ARG C 150 -101.12 -10.79 0.48
N GLY C 151 -101.77 -11.85 0.93
CA GLY C 151 -102.90 -11.74 1.82
C GLY C 151 -102.50 -11.58 3.28
N ALA C 152 -103.10 -12.37 4.16
CA ALA C 152 -102.89 -12.23 5.60
C ALA C 152 -101.87 -13.20 6.16
N SER C 153 -101.25 -14.04 5.33
CA SER C 153 -100.27 -15.00 5.82
C SER C 153 -99.22 -15.23 4.74
N HIS C 154 -98.22 -16.04 5.08
CA HIS C 154 -97.18 -16.37 4.12
C HIS C 154 -97.74 -17.14 2.92
N SER C 155 -98.72 -18.00 3.16
CA SER C 155 -99.22 -18.91 2.13
C SER C 155 -100.44 -18.39 1.39
N SER C 156 -100.89 -17.18 1.69
CA SER C 156 -102.08 -16.61 1.07
C SER C 156 -101.66 -15.56 0.05
N TRP C 157 -101.90 -15.85 -1.23
CA TRP C 157 -101.53 -14.94 -2.31
C TRP C 157 -102.62 -14.94 -3.37
N SER C 158 -102.75 -13.81 -4.05
CA SER C 158 -103.73 -13.63 -5.10
C SER C 158 -103.08 -12.97 -6.31
N LEU C 159 -103.49 -13.39 -7.50
CA LEU C 159 -103.00 -12.84 -8.76
C LEU C 159 -104.21 -12.33 -9.55
N THR C 160 -104.40 -11.03 -9.56
CA THR C 160 -105.54 -10.39 -10.20
C THR C 160 -105.06 -9.52 -11.36
N THR C 161 -106.01 -8.89 -12.04
CA THR C 161 -105.72 -8.05 -13.19
C THR C 161 -105.69 -6.58 -12.76
N PHE C 162 -104.71 -5.86 -13.28
CA PHE C 162 -104.53 -4.44 -13.00
C PHE C 162 -105.35 -3.64 -14.01
N ASN C 163 -106.40 -2.99 -13.55
CA ASN C 163 -107.31 -2.26 -14.44
C ASN C 163 -107.18 -0.76 -14.18
N PRO C 164 -106.67 0.02 -15.14
CA PRO C 164 -106.58 1.47 -14.94
C PRO C 164 -107.94 2.10 -14.79
N ARG C 165 -108.02 3.15 -13.97
CA ARG C 165 -109.24 3.93 -13.88
C ARG C 165 -109.56 4.56 -15.24
N VAL C 166 -108.57 5.21 -15.84
CA VAL C 166 -108.68 5.78 -17.18
C VAL C 166 -107.43 5.37 -17.96
N TYR C 167 -107.62 4.88 -19.16
CA TYR C 167 -106.49 4.45 -19.97
C TYR C 167 -105.74 5.66 -20.54
N PRO C 168 -104.44 5.54 -20.75
CA PRO C 168 -103.71 6.54 -21.52
C PRO C 168 -104.06 6.44 -22.99
N THR C 169 -103.88 7.54 -23.71
CA THR C 169 -104.22 7.61 -25.12
C THR C 169 -103.02 8.03 -25.94
N TYR C 170 -103.04 7.67 -27.21
CA TYR C 170 -101.95 7.96 -28.13
C TYR C 170 -102.51 8.04 -29.54
N ASP C 171 -101.96 8.95 -30.34
CA ASP C 171 -102.34 9.12 -31.73
C ASP C 171 -101.33 8.35 -32.57
N PHE C 172 -101.72 7.16 -33.02
CA PHE C 172 -100.78 6.29 -33.74
C PHE C 172 -100.51 6.74 -35.16
N SER C 173 -101.36 7.59 -35.73
CA SER C 173 -101.08 8.10 -37.07
C SER C 173 -99.85 8.98 -37.10
N VAL C 174 -99.41 9.50 -35.95
CA VAL C 174 -98.23 10.33 -35.90
C VAL C 174 -96.98 9.52 -36.25
N ILE C 175 -96.95 8.26 -35.86
CA ILE C 175 -95.87 7.35 -36.24
C ILE C 175 -96.27 6.48 -37.42
N GLY C 176 -97.32 6.86 -38.15
CA GLY C 176 -97.75 6.11 -39.31
C GLY C 176 -98.23 4.71 -39.01
N GLU C 177 -98.80 4.48 -37.82
CA GLU C 177 -99.33 3.19 -37.44
C GLU C 177 -100.86 3.19 -37.36
N ALA C 178 -101.50 4.19 -37.94
CA ALA C 178 -102.95 4.27 -37.99
C ALA C 178 -103.33 5.08 -39.22
N ILE C 179 -104.64 5.19 -39.45
CA ILE C 179 -105.13 5.88 -40.63
C ILE C 179 -104.78 7.37 -40.53
N ASN C 180 -104.26 7.92 -41.63
CA ASN C 180 -103.92 9.33 -41.69
C ASN C 180 -105.19 10.13 -41.98
N TYR C 181 -105.55 11.05 -41.09
CA TYR C 181 -106.78 11.81 -41.20
C TYR C 181 -106.53 13.29 -41.49
N GLN C 182 -105.35 13.64 -41.99
CA GLN C 182 -105.02 15.05 -42.19
C GLN C 182 -105.89 15.68 -43.27
N SER C 183 -106.40 14.89 -44.21
CA SER C 183 -107.25 15.40 -45.28
C SER C 183 -108.73 15.19 -45.01
N PHE C 184 -109.09 14.62 -43.87
CA PHE C 184 -110.49 14.35 -43.57
C PHE C 184 -111.14 15.58 -42.96
N THR C 185 -112.45 15.49 -42.75
CA THR C 185 -113.20 16.53 -42.07
C THR C 185 -114.08 15.87 -41.02
N PHE C 186 -114.02 16.37 -39.80
CA PHE C 186 -114.81 15.86 -38.70
C PHE C 186 -115.94 16.83 -38.39
N THR C 187 -117.15 16.30 -38.26
CA THR C 187 -118.35 17.09 -37.98
C THR C 187 -118.91 16.69 -36.63
N LEU C 188 -119.20 17.68 -35.80
CA LEU C 188 -119.78 17.46 -34.49
C LEU C 188 -121.27 17.81 -34.52
N SER C 189 -122.07 17.01 -33.83
CA SER C 189 -123.50 17.32 -33.72
C SER C 189 -123.74 18.54 -32.86
N ALA C 190 -122.93 18.75 -31.82
CA ALA C 190 -123.04 19.91 -30.96
C ALA C 190 -121.69 20.17 -30.33
N THR C 191 -121.55 21.33 -29.71
CA THR C 191 -120.29 21.71 -29.08
C THR C 191 -120.22 21.33 -27.60
N THR C 192 -121.33 20.86 -27.00
CA THR C 192 -121.37 20.56 -25.58
C THR C 192 -122.14 19.28 -25.35
N GLY C 193 -121.95 18.70 -24.17
CA GLY C 193 -122.70 17.53 -23.78
C GLY C 193 -122.35 16.30 -24.59
N SER C 194 -123.30 15.37 -24.67
CA SER C 194 -123.13 14.16 -25.46
C SER C 194 -123.37 14.48 -26.93
N ILE C 195 -122.38 14.15 -27.77
CA ILE C 195 -122.40 14.51 -29.18
C ILE C 195 -122.08 13.28 -30.02
N THR C 196 -122.15 13.46 -31.33
CA THR C 196 -121.72 12.47 -32.30
C THR C 196 -120.65 13.09 -33.18
N ILE C 197 -119.56 12.37 -33.38
CA ILE C 197 -118.46 12.82 -34.22
C ILE C 197 -118.49 11.98 -35.50
N THR C 198 -118.58 12.65 -36.64
CA THR C 198 -118.68 12.01 -37.93
C THR C 198 -117.47 12.37 -38.78
N SER C 199 -116.88 11.37 -39.42
CA SER C 199 -115.72 11.57 -40.28
C SER C 199 -116.11 11.35 -41.73
N SER C 200 -115.55 12.18 -42.61
CA SER C 200 -115.79 12.04 -44.05
C SER C 200 -115.17 10.77 -44.61
N SER C 201 -114.29 10.10 -43.88
CA SER C 201 -113.67 8.87 -44.36
C SER C 201 -113.46 7.94 -43.17
N ALA C 202 -113.27 6.65 -43.49
CA ALA C 202 -113.13 5.63 -42.46
C ALA C 202 -111.89 5.87 -41.61
N VAL C 203 -112.08 6.23 -40.34
CA VAL C 203 -110.96 6.45 -39.44
C VAL C 203 -111.11 5.63 -38.16
N PHE C 204 -112.33 5.58 -37.62
CA PHE C 204 -112.52 5.03 -36.27
C PHE C 204 -112.31 3.53 -36.23
N THR C 205 -111.76 3.07 -35.12
CA THR C 205 -111.70 1.66 -34.76
C THR C 205 -112.28 1.49 -33.37
N HIS C 206 -112.53 0.24 -32.98
CA HIS C 206 -113.09 -0.01 -31.66
C HIS C 206 -112.14 0.40 -30.55
N ASN C 207 -110.83 0.46 -30.82
CA ASN C 207 -109.90 0.90 -29.79
C ASN C 207 -110.01 2.39 -29.50
N HIS C 208 -110.72 3.14 -30.34
CA HIS C 208 -110.97 4.55 -30.04
C HIS C 208 -111.95 4.76 -28.92
N VAL C 209 -112.62 3.72 -28.45
CA VAL C 209 -113.49 3.84 -27.28
C VAL C 209 -112.60 4.09 -26.06
N GLY C 210 -112.87 5.18 -25.37
CA GLY C 210 -111.98 5.64 -24.33
C GLY C 210 -110.90 6.58 -24.81
N GLY C 211 -110.87 6.88 -26.11
CA GLY C 211 -109.90 7.82 -26.66
C GLY C 211 -110.39 9.25 -26.58
N LEU C 212 -109.61 10.13 -27.19
CA LEU C 212 -109.86 11.56 -27.12
C LEU C 212 -109.89 12.15 -28.52
N PHE C 213 -110.74 13.16 -28.70
CA PHE C 213 -110.77 13.95 -29.92
C PHE C 213 -110.60 15.41 -29.52
N ARG C 214 -109.63 16.07 -30.12
CA ARG C 214 -109.30 17.46 -29.81
C ARG C 214 -109.33 18.28 -31.09
N SER C 215 -109.99 19.43 -31.03
CA SER C 215 -110.01 20.39 -32.12
C SER C 215 -110.72 21.64 -31.63
N LEU C 216 -110.36 22.77 -32.22
CA LEU C 216 -111.04 24.04 -31.96
C LEU C 216 -111.02 24.40 -30.48
N GLY C 217 -109.98 23.98 -29.77
CA GLY C 217 -109.86 24.26 -28.35
C GLY C 217 -110.67 23.36 -27.46
N GLY C 218 -111.41 22.41 -28.02
CA GLY C 218 -112.22 21.52 -27.22
C GLY C 218 -111.70 20.10 -27.15
N THR C 219 -112.14 19.35 -26.14
CA THR C 219 -111.76 17.97 -25.94
C THR C 219 -113.01 17.15 -25.69
N ALA C 220 -113.08 15.96 -26.27
CA ALA C 220 -114.19 15.05 -26.07
C ALA C 220 -113.65 13.64 -25.89
N ARG C 221 -114.26 12.89 -24.98
CA ARG C 221 -113.88 11.49 -24.75
C ARG C 221 -114.86 10.58 -25.47
N ILE C 222 -114.35 9.75 -26.37
CA ILE C 222 -115.19 8.87 -27.15
C ILE C 222 -115.69 7.74 -26.28
N THR C 223 -117.00 7.49 -26.32
CA THR C 223 -117.62 6.47 -25.50
C THR C 223 -118.14 5.28 -26.29
N ALA C 224 -118.39 5.44 -27.58
CA ALA C 224 -118.82 4.32 -28.41
C ALA C 224 -118.40 4.57 -29.85
N VAL C 225 -118.16 3.50 -30.59
CA VAL C 225 -117.79 3.56 -31.99
C VAL C 225 -118.81 2.72 -32.74
N ALA C 226 -119.75 3.38 -33.42
CA ALA C 226 -120.78 2.66 -34.16
C ALA C 226 -120.22 2.07 -35.44
N SER C 227 -119.33 2.79 -36.12
CA SER C 227 -118.75 2.34 -37.38
C SER C 227 -117.43 3.05 -37.58
N THR C 228 -116.83 2.87 -38.75
CA THR C 228 -115.55 3.51 -39.03
C THR C 228 -115.69 5.01 -39.30
N THR C 229 -116.92 5.52 -39.43
CA THR C 229 -117.13 6.94 -39.70
C THR C 229 -118.01 7.63 -38.67
N SER C 230 -118.48 6.93 -37.64
CA SER C 230 -119.37 7.53 -36.66
C SER C 230 -118.99 7.07 -35.26
N ALA C 231 -119.03 8.01 -34.31
CA ALA C 231 -118.72 7.70 -32.93
C ALA C 231 -119.48 8.65 -32.02
N SER C 232 -119.66 8.22 -30.78
CA SER C 232 -120.31 9.02 -29.74
C SER C 232 -119.26 9.46 -28.74
N ALA C 233 -119.39 10.71 -28.27
CA ALA C 233 -118.40 11.27 -27.37
C ALA C 233 -119.07 12.17 -26.35
N THR C 234 -118.38 12.38 -25.24
CA THR C 234 -118.80 13.27 -24.18
C THR C 234 -117.84 14.46 -24.14
N VAL C 235 -118.38 15.67 -24.25
CA VAL C 235 -117.53 16.86 -24.32
C VAL C 235 -116.96 17.15 -22.94
N LEU C 236 -115.64 17.19 -22.84
CA LEU C 236 -114.96 17.57 -21.61
C LEU C 236 -114.64 19.06 -21.58
N ASP C 237 -114.16 19.61 -22.69
CA ASP C 237 -113.99 21.05 -22.86
C ASP C 237 -114.72 21.47 -24.12
N ASN C 238 -115.46 22.57 -24.03
CA ASN C 238 -116.38 22.96 -25.09
C ASN C 238 -115.63 23.31 -26.37
N PHE C 239 -116.23 22.95 -27.50
CA PHE C 239 -115.72 23.30 -28.82
C PHE C 239 -116.28 24.65 -29.25
N THR C 240 -115.54 25.34 -30.10
CA THR C 240 -115.98 26.62 -30.63
C THR C 240 -116.76 26.48 -31.94
N GLY C 241 -116.88 25.28 -32.48
CA GLY C 241 -117.60 25.07 -33.72
C GLY C 241 -117.79 23.59 -33.95
N THR C 242 -118.60 23.28 -34.96
CA THR C 242 -118.96 21.89 -35.25
C THR C 242 -118.27 21.34 -36.49
N SER C 243 -117.39 22.12 -37.13
CA SER C 243 -116.65 21.65 -38.30
C SER C 243 -115.16 21.73 -37.99
N CYS C 244 -114.48 20.60 -38.03
CA CYS C 244 -113.08 20.51 -37.63
C CYS C 244 -112.27 19.96 -38.79
N ALA C 245 -111.27 20.73 -39.22
CA ALA C 245 -110.37 20.24 -40.26
C ALA C 245 -109.49 19.13 -39.70
N GLY C 246 -109.27 18.09 -40.52
CA GLY C 246 -108.51 16.96 -40.06
C GLY C 246 -107.08 17.30 -39.70
N ASN C 247 -106.45 18.19 -40.48
CA ASN C 247 -105.07 18.55 -40.22
C ASN C 247 -104.91 19.43 -38.99
N LEU C 248 -105.99 20.03 -38.49
CA LEU C 248 -105.94 20.84 -37.29
C LEU C 248 -106.47 20.13 -36.06
N SER C 249 -106.82 18.86 -36.17
CA SER C 249 -107.42 18.09 -35.08
C SER C 249 -106.42 17.06 -34.57
N SER C 250 -106.85 16.33 -33.53
CA SER C 250 -106.06 15.27 -32.93
C SER C 250 -107.00 14.18 -32.47
N LEU C 251 -106.80 12.96 -32.99
CA LEU C 251 -107.60 11.80 -32.63
C LEU C 251 -106.68 10.74 -32.06
N ALA C 252 -106.97 10.31 -30.83
CA ALA C 252 -106.12 9.35 -30.14
C ALA C 252 -106.96 8.16 -29.66
N GLU C 253 -106.43 6.96 -29.84
CA GLU C 253 -107.03 5.75 -29.32
C GLU C 253 -106.35 5.35 -28.02
N LYS C 254 -106.80 4.26 -27.42
CA LYS C 254 -106.17 3.77 -26.22
C LYS C 254 -104.77 3.24 -26.53
N LEU C 255 -103.82 3.60 -25.66
CA LEU C 255 -102.44 3.19 -25.88
C LEU C 255 -102.25 1.70 -25.65
N TRP C 256 -102.97 1.12 -24.71
CA TRP C 256 -102.87 -0.29 -24.37
C TRP C 256 -104.12 -1.02 -24.81
N ASN C 257 -103.96 -2.09 -25.58
CA ASN C 257 -105.11 -2.83 -26.09
C ASN C 257 -104.63 -4.16 -26.65
N SER C 258 -105.39 -5.22 -26.34
CA SER C 258 -105.14 -6.53 -26.93
C SER C 258 -106.36 -7.08 -27.66
N ASP C 259 -107.38 -6.24 -27.88
CA ASP C 259 -108.61 -6.65 -28.53
C ASP C 259 -108.53 -6.27 -30.00
N THR C 260 -108.45 -7.28 -30.86
CA THR C 260 -108.37 -7.06 -32.31
C THR C 260 -109.54 -7.66 -33.06
N THR C 261 -110.61 -8.06 -32.38
CA THR C 261 -111.73 -8.73 -33.01
C THR C 261 -113.04 -7.96 -32.98
N THR C 262 -113.26 -7.12 -31.97
CA THR C 262 -114.50 -6.36 -31.89
C THR C 262 -114.56 -5.35 -33.04
N ALA C 263 -115.71 -5.31 -33.72
CA ALA C 263 -115.88 -4.47 -34.90
C ALA C 263 -116.01 -2.99 -34.49
N PRO C 264 -115.37 -2.08 -35.23
CA PRO C 264 -114.43 -2.34 -36.33
C PRO C 264 -113.08 -2.79 -35.77
N VAL C 265 -112.36 -3.65 -36.49
CA VAL C 265 -111.22 -4.34 -35.91
C VAL C 265 -110.09 -3.37 -35.61
N SER C 266 -109.47 -3.54 -34.45
CA SER C 266 -108.38 -2.70 -33.99
C SER C 266 -107.05 -3.43 -34.15
N ALA C 267 -105.97 -2.70 -33.92
CA ALA C 267 -104.63 -3.27 -33.94
C ALA C 267 -104.22 -3.69 -32.54
N ASN C 268 -103.38 -4.72 -32.47
CA ASN C 268 -102.85 -5.19 -31.19
C ASN C 268 -101.80 -4.20 -30.70
N ARG C 269 -102.20 -3.29 -29.83
CA ARG C 269 -101.27 -2.30 -29.32
C ARG C 269 -100.42 -2.82 -28.17
N GLY C 270 -100.81 -3.94 -27.56
CA GLY C 270 -100.03 -4.51 -26.48
C GLY C 270 -100.15 -3.73 -25.19
N TRP C 271 -99.25 -4.08 -24.27
CA TRP C 271 -99.25 -3.57 -22.90
C TRP C 271 -97.81 -3.25 -22.52
N PRO C 272 -97.62 -2.40 -21.51
CA PRO C 272 -96.26 -2.06 -21.10
C PRO C 272 -95.50 -3.27 -20.57
N ALA C 273 -94.18 -3.26 -20.80
CA ALA C 273 -93.31 -4.32 -20.34
C ALA C 273 -92.26 -3.86 -19.34
N ARG C 274 -92.18 -2.56 -19.07
CA ARG C 274 -91.26 -2.03 -18.07
C ARG C 274 -92.02 -1.09 -17.15
N GLY C 275 -91.58 -1.01 -15.91
CA GLY C 275 -92.25 -0.14 -14.97
C GLY C 275 -91.44 0.06 -13.70
N VAL C 276 -91.78 1.15 -13.00
CA VAL C 276 -91.21 1.43 -11.69
C VAL C 276 -92.18 2.36 -10.97
N PHE C 277 -92.16 2.30 -9.64
CA PHE C 277 -92.90 3.24 -8.81
C PHE C 277 -91.93 4.32 -8.36
N TYR C 278 -92.21 5.57 -8.74
CA TYR C 278 -91.33 6.68 -8.43
C TYR C 278 -92.11 7.72 -7.64
N LEU C 279 -91.71 7.92 -6.38
CA LEU C 279 -92.38 8.84 -5.46
C LEU C 279 -93.89 8.54 -5.40
N ASN C 280 -94.71 9.43 -5.94
CA ASN C 280 -96.15 9.27 -5.88
C ASN C 280 -96.77 8.96 -7.25
N ARG C 281 -95.97 8.48 -8.19
CA ARG C 281 -96.46 8.14 -9.52
C ARG C 281 -96.02 6.74 -9.90
N LEU C 282 -96.79 6.12 -10.78
CA LEU C 282 -96.44 4.84 -11.38
C LEU C 282 -96.05 5.08 -12.84
N ILE C 283 -94.86 4.62 -13.21
CA ILE C 283 -94.32 4.82 -14.55
C ILE C 283 -94.33 3.48 -15.26
N LEU C 284 -95.01 3.42 -16.41
CA LEU C 284 -95.10 2.21 -17.22
C LEU C 284 -94.72 2.55 -18.65
N GLY C 285 -93.88 1.72 -19.27
CA GLY C 285 -93.40 2.05 -20.59
C GLY C 285 -93.02 0.83 -21.40
N ARG C 286 -92.52 1.10 -22.60
CA ARG C 286 -92.09 0.08 -23.56
C ARG C 286 -93.22 -0.91 -23.84
N SER C 287 -94.31 -0.39 -24.38
CA SER C 287 -95.40 -1.25 -24.80
C SER C 287 -95.04 -1.92 -26.11
N LEU C 288 -95.91 -2.84 -26.56
CA LEU C 288 -95.63 -3.57 -27.79
C LEU C 288 -95.56 -2.64 -28.99
N ALA C 289 -96.50 -1.70 -29.09
CA ALA C 289 -96.61 -0.87 -30.28
C ALA C 289 -95.67 0.34 -30.27
N VAL C 290 -95.42 0.93 -29.10
CA VAL C 290 -94.58 2.13 -28.98
C VAL C 290 -93.52 1.82 -27.93
N LYS C 291 -92.39 1.28 -28.37
CA LYS C 291 -91.37 0.83 -27.43
C LYS C 291 -90.56 1.98 -26.84
N ASN C 292 -90.62 3.17 -27.41
CA ASN C 292 -89.81 4.30 -26.96
C ASN C 292 -90.64 5.34 -26.21
N LEU C 293 -91.68 4.90 -25.51
CA LEU C 293 -92.56 5.80 -24.78
C LEU C 293 -92.82 5.26 -23.38
N VAL C 294 -92.85 6.16 -22.40
CA VAL C 294 -93.24 5.82 -21.05
C VAL C 294 -94.40 6.72 -20.63
N ASN C 295 -95.25 6.19 -19.76
CA ASN C 295 -96.41 6.90 -19.23
C ASN C 295 -96.28 7.02 -17.72
N LEU C 296 -96.52 8.22 -17.21
CA LEU C 296 -96.54 8.46 -15.78
C LEU C 296 -97.99 8.66 -15.34
N SER C 297 -98.39 7.96 -14.29
CA SER C 297 -99.76 8.06 -13.81
C SER C 297 -100.01 9.40 -13.13
N THR C 298 -101.28 9.63 -12.79
CA THR C 298 -101.64 10.81 -12.04
C THR C 298 -100.92 10.84 -10.70
N ALA C 299 -100.49 12.02 -10.29
CA ALA C 299 -99.77 12.16 -9.04
C ALA C 299 -100.66 11.76 -7.87
N GLY C 300 -100.23 10.73 -7.14
CA GLY C 300 -100.96 10.23 -5.99
C GLY C 300 -101.97 9.14 -6.29
N VAL C 301 -102.23 8.84 -7.57
CA VAL C 301 -103.18 7.81 -7.97
C VAL C 301 -102.45 6.90 -8.95
N TYR C 302 -101.89 5.79 -8.46
CA TYR C 302 -100.99 4.99 -9.26
C TYR C 302 -101.69 4.30 -10.42
N ASP C 303 -102.98 4.03 -10.30
CA ASP C 303 -103.71 3.26 -11.30
C ASP C 303 -104.53 4.14 -12.23
N ASN C 304 -104.32 5.45 -12.24
CA ASN C 304 -105.05 6.36 -13.11
C ASN C 304 -104.08 7.00 -14.10
N PHE C 305 -104.38 6.87 -15.39
CA PHE C 305 -103.54 7.42 -16.44
C PHE C 305 -104.33 8.39 -17.32
N ASP C 306 -105.28 9.09 -16.73
CA ASP C 306 -106.12 10.04 -17.46
C ASP C 306 -105.26 11.21 -17.94
N ASP C 307 -105.21 11.40 -19.26
CA ASP C 307 -104.42 12.48 -19.85
C ASP C 307 -105.27 13.43 -20.67
N ALA C 308 -106.52 13.63 -20.26
CA ALA C 308 -107.38 14.59 -20.91
C ALA C 308 -106.86 16.01 -20.74
N ASP C 309 -106.34 16.33 -19.56
CA ASP C 309 -105.84 17.65 -19.27
C ASP C 309 -104.34 17.74 -19.57
N LEU C 310 -103.87 18.96 -19.76
CA LEU C 310 -102.50 19.22 -20.18
C LEU C 310 -101.74 20.10 -19.20
N ASP C 311 -102.19 20.15 -17.94
CA ASP C 311 -101.54 21.01 -16.96
C ASP C 311 -101.80 20.45 -15.56
N GLY C 312 -100.86 20.69 -14.66
CA GLY C 312 -101.03 20.31 -13.27
C GLY C 312 -100.40 19.00 -12.90
N LEU C 313 -101.04 18.26 -11.99
CA LEU C 313 -100.54 16.97 -11.54
C LEU C 313 -101.09 15.81 -12.36
N VAL C 314 -101.53 16.06 -13.58
CA VAL C 314 -102.16 15.02 -14.38
C VAL C 314 -101.12 14.04 -14.91
N ALA C 315 -101.62 12.89 -15.37
CA ALA C 315 -100.77 11.93 -16.05
C ALA C 315 -100.30 12.49 -17.39
N PHE C 316 -99.11 12.05 -17.81
CA PHE C 316 -98.54 12.52 -19.06
C PHE C 316 -97.54 11.48 -19.57
N SER C 317 -97.02 11.73 -20.76
CA SER C 317 -96.13 10.81 -21.45
C SER C 317 -94.78 11.47 -21.69
N VAL C 318 -93.76 10.63 -21.84
CA VAL C 318 -92.44 11.05 -22.29
C VAL C 318 -92.03 10.16 -23.45
N THR C 319 -91.63 10.77 -24.56
CA THR C 319 -91.18 10.05 -25.73
C THR C 319 -89.68 10.25 -25.90
N PHE C 320 -88.96 9.17 -26.16
CA PHE C 320 -87.51 9.19 -26.29
C PHE C 320 -87.13 9.05 -27.75
N ASN C 321 -86.45 10.06 -28.29
CA ASN C 321 -85.95 10.02 -29.65
C ASN C 321 -84.57 10.64 -29.71
N GLY C 322 -83.68 9.99 -30.45
CA GLY C 322 -82.39 10.53 -30.78
C GLY C 322 -82.12 10.28 -32.24
N LYS C 323 -81.03 9.58 -32.53
CA LYS C 323 -80.72 9.15 -33.88
C LYS C 323 -80.91 7.64 -33.93
N GLY C 324 -82.11 7.21 -34.25
CA GLY C 324 -82.42 5.79 -34.39
C GLY C 324 -83.34 5.28 -33.30
N GLU C 325 -83.25 3.98 -33.06
CA GLU C 325 -84.14 3.31 -32.12
C GLU C 325 -83.77 3.64 -30.69
N GLN C 326 -84.76 4.02 -29.88
CA GLN C 326 -84.56 4.36 -28.49
C GLN C 326 -85.56 3.60 -27.62
N SER C 327 -85.73 2.31 -27.88
CA SER C 327 -86.70 1.52 -27.13
C SER C 327 -86.24 1.37 -25.68
N VAL C 328 -87.16 1.59 -24.75
CA VAL C 328 -86.81 1.67 -23.34
C VAL C 328 -86.45 0.29 -22.81
N GLN C 329 -85.30 0.19 -22.15
CA GLN C 329 -84.83 -1.08 -21.59
C GLN C 329 -85.12 -1.20 -20.11
N SER C 330 -84.88 -0.15 -19.32
CA SER C 330 -85.17 -0.19 -17.90
C SER C 330 -85.38 1.22 -17.39
N ILE C 331 -86.23 1.34 -16.38
CA ILE C 331 -86.54 2.62 -15.75
C ILE C 331 -85.97 2.58 -14.34
N VAL C 332 -85.05 3.49 -14.06
CA VAL C 332 -84.23 3.44 -12.86
C VAL C 332 -84.60 4.60 -11.94
N ALA C 333 -84.85 4.29 -10.68
CA ALA C 333 -85.15 5.31 -9.68
C ALA C 333 -83.86 5.69 -8.94
N ASP C 334 -83.00 6.41 -9.65
CA ASP C 334 -81.73 6.90 -9.12
C ASP C 334 -81.59 8.37 -9.46
N ASP C 335 -81.52 9.23 -8.44
CA ASP C 335 -81.54 10.69 -8.57
C ASP C 335 -82.91 11.05 -9.13
N SER C 336 -82.99 11.71 -10.29
CA SER C 336 -84.25 11.77 -11.01
C SER C 336 -84.45 10.44 -11.70
N ILE C 337 -85.35 10.36 -12.66
CA ILE C 337 -85.55 9.09 -13.34
C ILE C 337 -84.48 8.93 -14.42
N LEU C 338 -83.86 7.76 -14.46
CA LEU C 338 -82.90 7.39 -15.50
C LEU C 338 -83.55 6.36 -16.42
N PHE C 339 -83.40 6.57 -17.73
CA PHE C 339 -83.94 5.66 -18.74
C PHE C 339 -82.80 5.11 -19.58
N THR C 340 -82.49 3.83 -19.40
CA THR C 340 -81.60 3.15 -20.32
C THR C 340 -82.41 2.65 -21.50
N THR C 341 -81.91 2.88 -22.71
CA THR C 341 -82.63 2.47 -23.90
C THR C 341 -81.75 1.63 -24.82
N ALA C 342 -82.25 1.37 -26.03
CA ALA C 342 -81.46 0.63 -27.01
C ALA C 342 -80.21 1.38 -27.42
N ASN C 343 -80.25 2.71 -27.46
CA ASN C 343 -79.08 3.49 -27.82
C ASN C 343 -78.61 4.44 -26.72
N LYS C 344 -79.45 5.39 -26.30
CA LYS C 344 -78.98 6.49 -25.48
C LYS C 344 -79.60 6.46 -24.10
N LEU C 345 -78.83 6.92 -23.11
CA LEU C 345 -79.31 7.09 -21.76
C LEU C 345 -79.98 8.45 -21.64
N PHE C 346 -81.20 8.47 -21.12
CA PHE C 346 -81.98 9.69 -20.98
C PHE C 346 -82.15 10.05 -19.52
N ALA C 347 -81.82 11.28 -19.17
CA ALA C 347 -81.92 11.73 -17.78
C ALA C 347 -81.90 13.24 -17.78
N GLN C 348 -82.25 13.82 -16.63
CA GLN C 348 -82.14 15.25 -16.41
C GLN C 348 -81.14 15.52 -15.30
N SER C 349 -80.57 16.71 -15.33
CA SER C 349 -79.54 17.06 -14.37
C SER C 349 -80.11 17.03 -12.95
N PRO C 350 -79.46 16.34 -12.02
CA PRO C 350 -79.92 16.40 -10.62
C PRO C 350 -79.79 17.78 -10.00
N LEU C 351 -79.02 18.68 -10.61
CA LEU C 351 -78.88 20.03 -10.08
C LEU C 351 -80.09 20.90 -10.33
N VAL C 352 -80.87 20.63 -11.38
CA VAL C 352 -82.06 21.42 -11.66
C VAL C 352 -83.17 21.00 -10.71
N GLU C 353 -84.22 21.82 -10.64
CA GLU C 353 -85.34 21.62 -9.71
C GLU C 353 -86.55 21.17 -10.52
N SER C 354 -86.66 19.86 -10.75
CA SER C 354 -87.75 19.33 -11.53
C SER C 354 -88.77 18.67 -10.61
N PRO C 355 -90.00 19.18 -10.53
CA PRO C 355 -91.03 18.54 -9.71
C PRO C 355 -91.69 17.33 -10.34
N ILE C 356 -91.22 16.87 -11.50
CA ILE C 356 -91.76 15.71 -12.20
C ILE C 356 -93.25 15.94 -12.50
N THR C 357 -93.53 16.91 -13.34
CA THR C 357 -94.89 17.20 -13.79
C THR C 357 -94.84 17.48 -15.28
N ILE C 358 -96.01 17.41 -15.91
CA ILE C 358 -96.10 17.68 -17.34
C ILE C 358 -95.62 19.10 -17.61
N ASN C 359 -94.82 19.25 -18.67
CA ASN C 359 -94.22 20.49 -19.13
C ASN C 359 -93.14 21.01 -18.20
N ASN C 360 -92.82 20.31 -17.11
CA ASN C 360 -91.72 20.67 -16.23
C ASN C 360 -90.71 19.54 -16.15
N VAL C 361 -90.55 18.81 -17.25
CA VAL C 361 -89.67 17.65 -17.33
C VAL C 361 -88.60 17.95 -18.38
N TYR C 362 -87.35 17.63 -18.05
CA TYR C 362 -86.21 18.04 -18.88
C TYR C 362 -85.30 16.87 -19.18
N PHE C 363 -85.87 15.71 -19.52
CA PHE C 363 -85.06 14.57 -19.89
C PHE C 363 -84.37 14.82 -21.23
N ALA C 364 -83.10 14.49 -21.30
CA ALA C 364 -82.28 14.74 -22.48
C ALA C 364 -81.38 13.54 -22.72
N PRO C 365 -80.93 13.34 -23.96
CA PRO C 365 -79.96 12.28 -24.22
C PRO C 365 -78.61 12.61 -23.60
N GLN C 366 -78.20 11.86 -22.59
CA GLN C 366 -76.97 12.15 -21.86
C GLN C 366 -75.74 11.59 -22.56
N SER C 367 -75.77 10.33 -22.95
CA SER C 367 -74.62 9.72 -23.59
C SER C 367 -75.06 8.49 -24.37
N GLN C 368 -74.22 8.10 -25.32
CA GLN C 368 -74.47 6.93 -26.14
C GLN C 368 -74.02 5.68 -25.37
N SER C 369 -74.98 4.88 -24.92
CA SER C 369 -74.67 3.70 -24.12
C SER C 369 -75.77 2.66 -24.26
N PRO C 370 -75.71 1.83 -25.31
CA PRO C 370 -76.76 0.83 -25.52
C PRO C 370 -76.87 -0.14 -24.35
N ALA C 371 -78.10 -0.49 -24.01
CA ALA C 371 -78.39 -1.37 -22.89
C ALA C 371 -79.26 -2.53 -23.35
N THR C 372 -79.19 -3.62 -22.60
CA THR C 372 -80.00 -4.80 -22.86
C THR C 372 -81.18 -4.82 -21.89
N SER C 373 -81.97 -5.88 -21.96
CA SER C 373 -83.21 -5.96 -21.18
C SER C 373 -83.00 -6.42 -19.76
N ILE C 374 -81.76 -6.70 -19.34
CA ILE C 374 -81.49 -7.00 -17.95
C ILE C 374 -81.62 -5.73 -17.12
N GLU C 375 -82.35 -5.83 -16.01
CA GLU C 375 -82.69 -4.65 -15.24
C GLU C 375 -81.45 -4.05 -14.58
N ALA C 376 -81.36 -2.72 -14.61
CA ALA C 376 -80.22 -2.02 -14.06
C ALA C 376 -80.16 -2.16 -12.54
N ALA C 377 -78.95 -2.11 -12.00
CA ALA C 377 -78.70 -2.27 -10.58
C ALA C 377 -78.23 -0.96 -9.98
N SER C 378 -78.63 -0.70 -8.74
CA SER C 378 -78.27 0.51 -8.03
C SER C 378 -77.50 0.11 -6.77
N ILE C 379 -76.25 0.54 -6.68
CA ILE C 379 -75.40 0.19 -5.55
C ILE C 379 -74.19 1.10 -5.51
N ASP C 380 -73.72 1.44 -4.31
CA ASP C 380 -72.45 2.14 -4.12
C ASP C 380 -72.41 3.44 -4.93
N ASN C 381 -73.48 4.24 -4.80
CA ASN C 381 -73.56 5.58 -5.37
C ASN C 381 -73.40 5.57 -6.88
N GLN C 382 -73.86 4.52 -7.56
CA GLN C 382 -73.74 4.44 -9.01
C GLN C 382 -74.82 3.52 -9.56
N THR C 383 -75.01 3.60 -10.87
CA THR C 383 -75.92 2.73 -11.60
C THR C 383 -75.13 1.84 -12.52
N LEU C 384 -75.39 0.53 -12.45
CA LEU C 384 -74.72 -0.46 -13.28
C LEU C 384 -75.75 -1.17 -14.15
N PHE C 385 -75.46 -1.31 -15.44
CA PHE C 385 -76.37 -2.01 -16.33
C PHE C 385 -75.57 -2.72 -17.41
N VAL C 386 -76.10 -3.83 -17.88
CA VAL C 386 -75.45 -4.62 -18.92
C VAL C 386 -75.68 -3.97 -20.27
N SER C 387 -74.65 -3.98 -21.12
CA SER C 387 -74.75 -3.38 -22.44
C SER C 387 -75.61 -4.25 -23.36
N SER C 388 -75.96 -3.69 -24.52
CA SER C 388 -76.87 -4.38 -25.42
C SER C 388 -76.27 -5.67 -25.96
N ASP C 389 -74.98 -5.68 -26.26
CA ASP C 389 -74.36 -6.92 -26.73
C ASP C 389 -74.00 -7.87 -25.59
N ARG C 390 -74.21 -7.44 -24.34
CA ARG C 390 -74.06 -8.25 -23.14
C ARG C 390 -72.62 -8.67 -22.88
N THR C 391 -71.65 -8.00 -23.49
CA THR C 391 -70.25 -8.30 -23.23
C THR C 391 -69.58 -7.27 -22.31
N LYS C 392 -70.33 -6.30 -21.81
CA LYS C 392 -69.78 -5.29 -20.93
C LYS C 392 -70.82 -4.90 -19.89
N VAL C 393 -70.33 -4.45 -18.74
CA VAL C 393 -71.16 -3.83 -17.71
C VAL C 393 -70.83 -2.35 -17.72
N MET C 394 -71.85 -1.52 -17.88
CA MET C 394 -71.68 -0.08 -17.98
C MET C 394 -72.01 0.59 -16.65
N GLN C 395 -71.25 1.63 -16.32
CA GLN C 395 -71.46 2.42 -15.13
C GLN C 395 -71.88 3.83 -15.53
N ALA C 396 -72.98 4.29 -14.97
CA ALA C 396 -73.49 5.63 -15.23
C ALA C 396 -73.37 6.47 -13.97
N MET C 397 -72.86 7.70 -14.11
CA MET C 397 -72.66 8.57 -12.98
C MET C 397 -72.65 10.01 -13.45
N TYR C 398 -73.36 10.88 -12.74
CA TYR C 398 -73.39 12.29 -13.11
C TYR C 398 -72.07 12.96 -12.77
N SER C 399 -71.55 13.73 -13.72
CA SER C 399 -70.32 14.49 -13.53
C SER C 399 -70.65 15.97 -13.65
N THR C 400 -70.55 16.69 -12.53
CA THR C 400 -70.85 18.12 -12.56
C THR C 400 -69.82 18.89 -13.39
N ALA C 401 -68.58 18.40 -13.44
CA ALA C 401 -67.58 19.04 -14.28
C ALA C 401 -67.93 18.94 -15.76
N ASP C 402 -68.64 17.89 -16.17
CA ASP C 402 -69.05 17.72 -17.55
C ASP C 402 -70.49 18.10 -17.82
N GLY C 403 -71.29 18.34 -16.77
CA GLY C 403 -72.66 18.74 -16.95
C GLY C 403 -73.58 17.67 -17.46
N LYS C 404 -73.21 16.40 -17.36
CA LYS C 404 -74.03 15.33 -17.89
C LYS C 404 -73.67 14.02 -17.20
N TYR C 405 -74.50 13.01 -17.45
CA TYR C 405 -74.20 11.66 -17.00
C TYR C 405 -73.13 11.05 -17.90
N ILE C 406 -72.12 10.45 -17.27
CA ILE C 406 -70.98 9.86 -17.96
C ILE C 406 -71.09 8.35 -17.84
N THR C 407 -70.99 7.66 -18.96
CA THR C 407 -71.04 6.20 -18.99
C THR C 407 -69.68 5.67 -19.43
N LEU C 408 -69.16 4.71 -18.67
CA LEU C 408 -67.89 4.07 -18.98
C LEU C 408 -67.98 2.60 -18.61
N PRO C 409 -67.16 1.76 -19.23
CA PRO C 409 -67.21 0.31 -18.93
C PRO C 409 -66.65 0.04 -17.54
N ALA C 410 -67.48 -0.52 -16.67
CA ALA C 410 -67.00 -0.99 -15.37
C ALA C 410 -66.10 -2.20 -15.50
N THR C 411 -66.16 -2.91 -16.63
CA THR C 411 -65.34 -4.08 -16.88
C THR C 411 -64.09 -3.74 -17.69
N MET C 412 -63.64 -2.49 -17.67
CA MET C 412 -62.57 -2.08 -18.57
C MET C 412 -61.25 -2.76 -18.23
N LEU C 413 -61.01 -3.08 -16.96
CA LEU C 413 -59.78 -3.72 -16.55
C LEU C 413 -59.87 -5.25 -16.47
N SER C 414 -61.05 -5.82 -16.69
CA SER C 414 -61.23 -7.26 -16.52
C SER C 414 -62.03 -7.84 -17.67
N ASN C 415 -61.71 -7.44 -18.89
CA ASN C 415 -62.49 -7.88 -20.05
C ASN C 415 -62.31 -9.36 -20.36
N SER C 416 -61.20 -9.96 -19.93
CA SER C 416 -60.91 -11.33 -20.35
C SER C 416 -61.89 -12.33 -19.73
N ILE C 417 -62.32 -12.11 -18.49
CA ILE C 417 -63.22 -13.07 -17.85
C ILE C 417 -64.69 -12.84 -18.19
N VAL C 418 -65.00 -11.83 -19.00
CA VAL C 418 -66.39 -11.49 -19.30
C VAL C 418 -66.84 -12.28 -20.53
N ASP C 419 -67.82 -13.15 -20.32
CA ASP C 419 -68.57 -13.83 -21.37
C ASP C 419 -69.83 -13.03 -21.64
N TYR C 420 -70.87 -13.66 -22.17
CA TYR C 420 -72.16 -13.01 -22.39
C TYR C 420 -73.00 -13.07 -21.13
N ILE C 421 -73.39 -11.92 -20.61
CA ILE C 421 -74.12 -11.81 -19.35
C ILE C 421 -75.61 -11.96 -19.59
N ASN C 422 -76.29 -12.71 -18.72
CA ASN C 422 -77.72 -12.96 -18.88
C ASN C 422 -78.58 -12.61 -17.67
N SER C 423 -78.01 -12.18 -16.55
CA SER C 423 -78.78 -11.70 -15.41
C SER C 423 -77.82 -11.01 -14.45
N ASN C 424 -78.39 -10.24 -13.52
CA ASN C 424 -77.58 -9.59 -12.50
C ASN C 424 -78.41 -9.31 -11.25
N GLY C 425 -77.70 -9.01 -10.16
CA GLY C 425 -78.30 -8.65 -8.89
C GLY C 425 -77.28 -7.95 -8.03
N THR C 426 -77.74 -7.52 -6.86
CA THR C 426 -76.86 -6.85 -5.90
C THR C 426 -76.97 -7.53 -4.54
N TRP C 427 -75.96 -7.28 -3.71
CA TRP C 427 -75.91 -7.89 -2.38
C TRP C 427 -75.03 -7.05 -1.49
N GLU C 428 -75.50 -6.76 -0.28
CA GLU C 428 -74.74 -6.02 0.72
C GLU C 428 -74.73 -6.86 1.98
N PRO C 429 -73.90 -7.90 2.02
CA PRO C 429 -73.98 -8.88 3.10
C PRO C 429 -73.61 -8.30 4.45
N ALA C 430 -74.27 -8.80 5.48
CA ALA C 430 -74.04 -8.33 6.84
C ALA C 430 -72.68 -8.79 7.36
N GLY C 431 -71.93 -7.87 7.95
CA GLY C 431 -70.66 -8.19 8.56
C GLY C 431 -69.50 -8.35 7.61
N ILE C 432 -69.69 -8.12 6.32
CA ILE C 432 -68.65 -8.31 5.32
C ILE C 432 -68.31 -6.97 4.71
N SER C 433 -67.02 -6.69 4.57
CA SER C 433 -66.53 -5.42 4.02
C SER C 433 -66.58 -5.48 2.48
N THR C 434 -67.80 -5.47 1.95
CA THR C 434 -67.96 -5.46 0.51
C THR C 434 -69.37 -5.01 0.14
N ARG C 435 -69.46 -4.36 -1.02
CA ARG C 435 -70.72 -4.11 -1.71
C ARG C 435 -70.65 -4.85 -3.05
N LEU C 436 -71.56 -5.79 -3.25
CA LEU C 436 -71.45 -6.76 -4.33
C LEU C 436 -72.44 -6.50 -5.45
N TYR C 437 -71.94 -6.53 -6.67
CA TYR C 437 -72.76 -6.65 -7.87
C TYR C 437 -72.46 -7.99 -8.51
N LEU C 438 -73.49 -8.78 -8.77
CA LEU C 438 -73.35 -10.14 -9.26
C LEU C 438 -73.97 -10.24 -10.64
N ALA C 439 -73.44 -11.14 -11.47
CA ALA C 439 -73.93 -11.31 -12.83
C ALA C 439 -73.55 -12.68 -13.35
N THR C 440 -74.53 -13.49 -13.74
CA THR C 440 -74.25 -14.79 -14.30
C THR C 440 -74.07 -14.69 -15.82
N GLN C 441 -73.38 -15.67 -16.38
CA GLN C 441 -73.02 -15.64 -17.80
C GLN C 441 -73.48 -16.91 -18.49
N ASP C 442 -73.48 -16.86 -19.82
CA ASP C 442 -73.94 -17.99 -20.63
C ASP C 442 -73.07 -19.22 -20.42
N ASN C 443 -71.76 -19.03 -20.25
CA ASN C 443 -70.86 -20.17 -20.07
C ASN C 443 -71.03 -20.84 -18.72
N GLY C 444 -71.90 -20.34 -17.85
CA GLY C 444 -72.18 -20.96 -16.58
C GLY C 444 -71.41 -20.42 -15.41
N THR C 445 -70.62 -19.37 -15.59
CA THR C 445 -69.88 -18.77 -14.50
C THR C 445 -70.66 -17.58 -13.95
N MET C 446 -70.14 -16.98 -12.89
CA MET C 446 -70.76 -15.80 -12.31
C MET C 446 -69.69 -14.76 -12.01
N LEU C 447 -69.92 -13.54 -12.47
CA LEU C 447 -69.04 -12.43 -12.16
C LEU C 447 -69.40 -11.83 -10.82
N LEU C 448 -68.38 -11.43 -10.07
CA LEU C 448 -68.56 -10.77 -8.78
C LEU C 448 -67.80 -9.46 -8.83
N TYR C 449 -68.48 -8.37 -8.46
CA TYR C 449 -67.91 -7.03 -8.56
C TYR C 449 -68.03 -6.36 -7.20
N SER C 450 -66.90 -6.20 -6.52
CA SER C 450 -66.84 -5.50 -5.24
C SER C 450 -66.44 -4.06 -5.52
N THR C 451 -67.25 -3.12 -5.05
CA THR C 451 -67.04 -1.72 -5.39
C THR C 451 -67.18 -0.84 -4.16
N LEU C 452 -66.27 0.12 -4.04
CA LEU C 452 -66.39 1.25 -3.11
C LEU C 452 -65.80 2.44 -3.86
N GLN C 453 -66.66 3.14 -4.59
CA GLN C 453 -66.22 4.05 -5.63
C GLN C 453 -65.42 5.22 -5.09
N THR C 454 -65.86 5.83 -3.99
CA THR C 454 -65.16 6.99 -3.45
C THR C 454 -63.77 6.63 -2.95
N GLN C 455 -63.52 5.35 -2.64
CA GLN C 455 -62.23 4.89 -2.16
C GLN C 455 -61.44 4.17 -3.25
N ASN C 456 -61.84 4.33 -4.52
CA ASN C 456 -61.15 3.71 -5.65
C ASN C 456 -61.03 2.20 -5.48
N VAL C 457 -62.12 1.58 -5.04
CA VAL C 457 -62.20 0.12 -4.93
C VAL C 457 -63.11 -0.37 -6.04
N ALA C 458 -62.58 -1.22 -6.91
CA ALA C 458 -63.37 -1.80 -8.00
C ALA C 458 -62.66 -3.10 -8.40
N GLY C 459 -63.16 -4.23 -7.91
CA GLY C 459 -62.50 -5.49 -8.17
C GLY C 459 -63.42 -6.58 -8.67
N TRP C 460 -63.09 -7.14 -9.84
CA TRP C 460 -63.86 -8.23 -10.41
C TRP C 460 -63.23 -9.57 -10.05
N SER C 461 -64.07 -10.58 -9.97
CA SER C 461 -63.62 -11.95 -9.75
C SER C 461 -64.63 -12.89 -10.39
N LEU C 462 -64.21 -14.14 -10.58
CA LEU C 462 -65.01 -15.12 -11.31
C LEU C 462 -65.37 -16.27 -10.37
N ARG C 463 -66.63 -16.65 -10.36
CA ARG C 463 -67.15 -17.69 -9.50
C ARG C 463 -67.58 -18.89 -10.34
N THR C 464 -67.06 -20.06 -10.01
CA THR C 464 -67.42 -21.30 -10.68
C THR C 464 -67.90 -22.32 -9.67
N THR C 465 -68.73 -23.24 -10.12
CA THR C 465 -69.30 -24.28 -9.27
C THR C 465 -69.25 -25.60 -10.02
N THR C 466 -69.60 -26.68 -9.32
CA THR C 466 -69.77 -27.99 -9.95
C THR C 466 -71.14 -28.02 -10.59
N GLY C 467 -71.25 -27.33 -11.72
CA GLY C 467 -72.50 -27.07 -12.37
C GLY C 467 -72.41 -25.79 -13.16
N LYS C 468 -73.56 -25.19 -13.42
CA LYS C 468 -73.63 -23.96 -14.22
C LYS C 468 -74.64 -23.01 -13.62
N PHE C 469 -74.18 -21.82 -13.23
CA PHE C 469 -75.09 -20.78 -12.79
C PHE C 469 -75.97 -20.33 -13.95
N ARG C 470 -77.26 -20.20 -13.69
CA ARG C 470 -78.21 -19.77 -14.71
C ARG C 470 -78.86 -18.43 -14.42
N GLN C 471 -79.01 -18.07 -13.14
CA GLN C 471 -79.54 -16.77 -12.78
C GLN C 471 -79.08 -16.41 -11.37
N VAL C 472 -78.93 -15.12 -11.12
CA VAL C 472 -78.68 -14.61 -9.78
C VAL C 472 -79.77 -13.60 -9.45
N ILE C 473 -80.26 -13.67 -8.22
CA ILE C 473 -81.41 -12.88 -7.78
C ILE C 473 -81.03 -12.14 -6.50
N GLY C 474 -81.40 -10.86 -6.43
CA GLY C 474 -81.20 -10.12 -5.20
C GLY C 474 -81.09 -8.63 -5.38
N GLU C 475 -81.60 -7.88 -4.41
CA GLU C 475 -81.53 -6.42 -4.41
C GLU C 475 -80.76 -5.87 -3.22
N GLY C 476 -79.88 -6.66 -2.64
CA GLY C 476 -79.03 -6.17 -1.58
C GLY C 476 -79.21 -6.89 -0.25
N ARG C 477 -80.44 -7.24 0.08
CA ARG C 477 -80.70 -7.84 1.38
C ARG C 477 -80.27 -9.31 1.42
N GLN C 478 -80.42 -10.03 0.30
CA GLN C 478 -80.04 -11.43 0.23
C GLN C 478 -79.78 -11.77 -1.23
N SER C 479 -79.20 -12.94 -1.45
CA SER C 479 -78.85 -13.36 -2.80
C SER C 479 -79.19 -14.83 -2.98
N HIS C 480 -79.87 -15.14 -4.08
CA HIS C 480 -80.17 -16.51 -4.48
C HIS C 480 -79.59 -16.77 -5.87
N VAL C 481 -79.36 -18.04 -6.16
CA VAL C 481 -78.91 -18.44 -7.49
C VAL C 481 -79.79 -19.59 -7.97
N ILE C 482 -79.89 -19.70 -9.28
CA ILE C 482 -80.51 -20.84 -9.94
C ILE C 482 -79.41 -21.59 -10.68
N VAL C 483 -79.16 -22.83 -10.26
CA VAL C 483 -77.98 -23.57 -10.69
C VAL C 483 -78.43 -24.86 -11.36
N GLU C 484 -77.83 -25.16 -12.51
CA GLU C 484 -78.02 -26.42 -13.19
C GLU C 484 -76.92 -27.38 -12.77
N ARG C 485 -77.30 -28.48 -12.13
CA ARG C 485 -76.35 -29.47 -11.63
C ARG C 485 -76.69 -30.84 -12.22
N GLU C 486 -75.72 -31.75 -12.13
CA GLU C 486 -75.89 -33.12 -12.60
C GLU C 486 -76.00 -34.05 -11.40
N ILE C 487 -76.83 -35.08 -11.54
CA ILE C 487 -76.95 -36.11 -10.52
C ILE C 487 -76.81 -37.47 -11.18
N ASN C 488 -76.31 -38.43 -10.42
CA ASN C 488 -76.25 -39.80 -10.90
C ASN C 488 -77.66 -40.37 -10.99
N ILE C 489 -78.01 -40.91 -12.14
CA ILE C 489 -79.36 -41.44 -12.37
C ILE C 489 -79.36 -42.96 -12.48
N GLY C 490 -78.33 -43.62 -11.96
CA GLY C 490 -78.33 -45.06 -11.87
C GLY C 490 -78.17 -45.79 -13.19
N ALA C 491 -79.22 -46.50 -13.61
CA ALA C 491 -79.15 -47.36 -14.78
C ALA C 491 -79.54 -46.66 -16.07
N SER C 492 -79.98 -45.41 -16.02
CA SER C 492 -80.35 -44.67 -17.21
C SER C 492 -79.23 -43.72 -17.63
N PHE C 493 -79.27 -43.30 -18.89
CA PHE C 493 -78.21 -42.50 -19.49
C PHE C 493 -78.80 -41.29 -20.19
N GLU C 494 -78.28 -40.10 -19.88
CA GLU C 494 -78.77 -38.90 -20.54
C GLU C 494 -77.64 -38.02 -21.07
N GLN C 495 -76.59 -37.81 -20.29
CA GLN C 495 -75.61 -36.79 -20.62
C GLN C 495 -74.44 -37.38 -21.40
N THR C 496 -73.67 -36.49 -22.02
CA THR C 496 -72.46 -36.86 -22.75
C THR C 496 -71.24 -36.36 -21.99
N LEU C 497 -70.10 -36.96 -22.28
CA LEU C 497 -68.86 -36.60 -21.62
C LEU C 497 -68.43 -35.19 -22.01
N ASP C 498 -67.92 -34.44 -21.04
CA ASP C 498 -67.44 -33.09 -21.33
C ASP C 498 -66.19 -33.12 -22.18
N TYR C 499 -65.31 -34.10 -21.96
CA TYR C 499 -64.06 -34.18 -22.70
C TYR C 499 -63.79 -35.62 -23.10
N ALA C 500 -63.18 -35.78 -24.27
CA ALA C 500 -62.79 -37.09 -24.76
C ALA C 500 -61.62 -36.92 -25.70
N TYR C 501 -60.58 -37.73 -25.53
CA TYR C 501 -59.38 -37.67 -26.34
C TYR C 501 -58.93 -39.08 -26.67
N LEU C 502 -58.19 -39.18 -27.76
CA LEU C 502 -57.43 -40.37 -28.07
C LEU C 502 -55.95 -40.06 -27.88
N SER C 503 -55.19 -41.05 -27.44
CA SER C 503 -53.80 -40.83 -27.10
C SER C 503 -52.96 -42.02 -27.53
N ASP C 504 -51.67 -41.79 -27.62
CA ASP C 504 -50.69 -42.78 -28.05
C ASP C 504 -50.13 -43.52 -26.84
N PRO C 505 -49.29 -44.54 -27.03
CA PRO C 505 -48.75 -45.26 -25.87
C PRO C 505 -48.02 -44.39 -24.86
N THR C 506 -47.36 -43.31 -25.29
CA THR C 506 -46.68 -42.46 -24.33
C THR C 506 -47.63 -41.53 -23.59
N PHE C 507 -48.92 -41.52 -23.96
CA PHE C 507 -49.94 -40.70 -23.32
C PHE C 507 -49.63 -39.21 -23.44
N LYS C 508 -48.94 -38.82 -24.50
CA LYS C 508 -48.64 -37.42 -24.78
C LYS C 508 -49.51 -36.84 -25.88
N ALA C 509 -49.89 -37.63 -26.87
CA ALA C 509 -50.72 -37.13 -27.96
C ALA C 509 -52.14 -36.87 -27.46
N ARG C 510 -52.77 -35.85 -28.05
CA ARG C 510 -54.13 -35.46 -27.71
C ARG C 510 -54.91 -35.26 -29.00
N TYR C 511 -55.86 -36.14 -29.26
CA TYR C 511 -56.72 -36.03 -30.44
C TYR C 511 -58.15 -35.90 -29.94
N ASP C 512 -58.68 -34.68 -29.99
CA ASP C 512 -59.98 -34.39 -29.40
C ASP C 512 -61.09 -35.05 -30.19
N VAL C 513 -61.90 -35.87 -29.52
CA VAL C 513 -63.00 -36.57 -30.17
C VAL C 513 -64.29 -36.38 -29.38
N THR C 514 -64.39 -35.27 -28.64
CA THR C 514 -65.57 -35.02 -27.83
C THR C 514 -66.83 -34.94 -28.69
N GLU C 515 -66.75 -34.28 -29.85
CA GLU C 515 -67.92 -34.14 -30.70
C GLU C 515 -68.40 -35.47 -31.24
N PHE C 516 -67.47 -36.35 -31.63
CA PHE C 516 -67.86 -37.66 -32.14
C PHE C 516 -68.56 -38.49 -31.06
N PHE C 517 -68.04 -38.46 -29.84
CA PHE C 517 -68.68 -39.19 -28.75
C PHE C 517 -70.05 -38.62 -28.41
N ALA C 518 -70.18 -37.30 -28.49
CA ALA C 518 -71.44 -36.65 -28.11
C ALA C 518 -72.51 -36.80 -29.18
N SER C 519 -72.12 -36.84 -30.45
CA SER C 519 -73.10 -36.90 -31.53
C SER C 519 -73.77 -38.26 -31.58
N SER C 520 -74.95 -38.30 -32.18
CA SER C 520 -75.63 -39.56 -32.42
C SER C 520 -74.83 -40.41 -33.40
N PRO C 521 -75.03 -41.73 -33.38
CA PRO C 521 -74.20 -42.60 -34.22
C PRO C 521 -74.24 -42.26 -35.70
N MET C 522 -75.37 -41.78 -36.20
CA MET C 522 -75.47 -41.43 -37.62
C MET C 522 -74.96 -40.02 -37.92
N THR C 523 -74.70 -39.20 -36.91
CA THR C 523 -74.14 -37.88 -37.17
C THR C 523 -72.63 -37.94 -37.36
N SER C 524 -71.92 -38.53 -36.41
CA SER C 524 -70.47 -38.63 -36.48
C SER C 524 -70.01 -39.87 -35.73
N ALA C 525 -68.91 -40.44 -36.20
CA ALA C 525 -68.29 -41.59 -35.55
C ALA C 525 -66.79 -41.49 -35.73
N ILE C 526 -66.06 -42.22 -34.87
CA ILE C 526 -64.61 -42.16 -34.88
C ILE C 526 -64.07 -43.53 -34.49
N GLY C 527 -63.01 -43.95 -35.18
CA GLY C 527 -62.34 -45.18 -34.83
C GLY C 527 -61.40 -44.97 -33.64
N VAL C 528 -61.40 -45.93 -32.72
CA VAL C 528 -60.66 -45.80 -31.48
C VAL C 528 -59.81 -47.04 -31.28
N LEU C 529 -58.76 -46.89 -30.47
CA LEU C 529 -57.86 -47.97 -30.11
C LEU C 529 -57.31 -48.67 -31.35
N GLU C 530 -56.71 -47.87 -32.23
CA GLU C 530 -56.24 -48.38 -33.51
C GLU C 530 -55.04 -49.31 -33.34
N ASN C 531 -54.16 -49.01 -32.39
CA ASN C 531 -52.95 -49.78 -32.18
C ASN C 531 -52.89 -50.26 -30.74
N GLN C 532 -52.02 -51.23 -30.50
CA GLN C 532 -51.80 -51.73 -29.16
C GLN C 532 -51.26 -50.61 -28.27
N ASN C 533 -51.73 -50.58 -27.02
CA ASN C 533 -51.33 -49.61 -26.00
C ASN C 533 -51.83 -48.20 -26.29
N ASP C 534 -52.81 -48.04 -27.17
CA ASP C 534 -53.45 -46.75 -27.34
C ASP C 534 -54.43 -46.49 -26.20
N TYR C 535 -54.87 -45.23 -26.08
CA TYR C 535 -55.68 -44.80 -24.97
C TYR C 535 -56.95 -44.11 -25.44
N ILE C 536 -57.96 -44.13 -24.57
CA ILE C 536 -59.12 -43.25 -24.65
C ILE C 536 -59.21 -42.51 -23.32
N LEU C 537 -59.07 -41.20 -23.36
CA LEU C 537 -59.14 -40.36 -22.17
C LEU C 537 -60.47 -39.64 -22.13
N ILE C 538 -61.19 -39.77 -21.03
CA ILE C 538 -62.52 -39.17 -20.89
C ILE C 538 -62.58 -38.39 -19.58
N GLY C 539 -63.29 -37.27 -19.60
CA GLY C 539 -63.41 -36.43 -18.43
C GLY C 539 -64.78 -35.80 -18.35
N ASN C 540 -65.19 -35.49 -17.12
CA ASN C 540 -66.51 -34.91 -16.89
C ASN C 540 -66.45 -34.04 -15.65
N GLN C 541 -67.28 -32.99 -15.63
CA GLN C 541 -67.30 -32.07 -14.51
C GLN C 541 -67.77 -32.74 -13.23
N ALA C 542 -68.67 -33.70 -13.34
CA ALA C 542 -69.22 -34.44 -12.21
C ALA C 542 -68.85 -35.91 -12.31
N PRO C 543 -68.81 -36.62 -11.20
CA PRO C 543 -68.51 -38.06 -11.26
C PRO C 543 -69.61 -38.83 -11.96
N PHE C 544 -69.21 -39.94 -12.59
CA PHE C 544 -70.12 -40.82 -13.29
C PHE C 544 -69.68 -42.25 -13.05
N THR C 545 -70.65 -43.16 -13.01
CA THR C 545 -70.35 -44.56 -12.70
C THR C 545 -70.77 -45.53 -13.81
N ALA C 546 -71.10 -45.04 -15.00
CA ALA C 546 -71.48 -45.94 -16.07
C ALA C 546 -71.32 -45.25 -17.42
N LEU C 547 -70.91 -46.02 -18.42
CA LEU C 547 -70.88 -45.60 -19.80
C LEU C 547 -71.85 -46.48 -20.60
N ASP C 548 -72.43 -45.90 -21.64
CA ASP C 548 -73.28 -46.63 -22.58
C ASP C 548 -72.80 -46.33 -23.98
N ILE C 549 -72.30 -47.35 -24.67
CA ILE C 549 -71.56 -47.18 -25.91
C ILE C 549 -72.31 -47.84 -27.05
N ASP C 550 -72.49 -47.10 -28.14
CA ASP C 550 -73.01 -47.62 -29.39
C ASP C 550 -71.90 -47.65 -30.43
N PHE C 551 -71.72 -48.80 -31.07
CA PHE C 551 -70.67 -48.97 -32.06
C PHE C 551 -71.26 -48.95 -33.46
N ASN C 552 -70.69 -48.12 -34.33
CA ASN C 552 -70.96 -48.26 -35.76
C ASN C 552 -70.24 -49.45 -36.35
N LEU C 553 -69.19 -49.94 -35.69
CA LEU C 553 -68.44 -51.10 -36.15
C LEU C 553 -67.73 -51.67 -34.94
N VAL C 554 -68.13 -52.88 -34.52
CA VAL C 554 -67.53 -53.46 -33.33
C VAL C 554 -66.13 -53.97 -33.65
N ALA C 555 -65.36 -54.19 -32.60
CA ALA C 555 -64.03 -54.77 -32.75
C ALA C 555 -64.14 -56.24 -33.13
N SER C 556 -63.23 -56.69 -34.00
CA SER C 556 -63.26 -58.08 -34.46
C SER C 556 -62.89 -59.07 -33.35
N SER C 557 -62.16 -58.63 -32.34
CA SER C 557 -61.81 -59.49 -31.23
C SER C 557 -61.64 -58.63 -29.97
N ASP C 558 -61.52 -59.32 -28.84
CA ASP C 558 -61.43 -58.63 -27.56
C ASP C 558 -60.21 -57.71 -27.53
N CYS C 559 -60.45 -56.45 -27.15
CA CYS C 559 -59.37 -55.47 -27.09
C CYS C 559 -58.58 -55.54 -25.80
N GLN C 560 -59.00 -56.35 -24.83
CA GLN C 560 -58.31 -56.52 -23.56
C GLN C 560 -58.11 -55.15 -22.87
N LEU C 561 -59.25 -54.57 -22.50
CA LEU C 561 -59.26 -53.22 -21.98
C LEU C 561 -58.70 -53.16 -20.56
N GLN C 562 -58.01 -52.06 -20.26
CA GLN C 562 -57.56 -51.74 -18.92
C GLN C 562 -58.09 -50.37 -18.55
N PHE C 563 -58.66 -50.25 -17.35
CA PHE C 563 -59.30 -49.03 -16.89
C PHE C 563 -58.52 -48.42 -15.74
N GLU C 564 -58.38 -47.10 -15.77
CA GLU C 564 -57.69 -46.35 -14.74
C GLU C 564 -58.42 -45.05 -14.47
N TYR C 565 -58.33 -44.58 -13.22
CA TYR C 565 -58.89 -43.30 -12.82
C TYR C 565 -57.82 -42.46 -12.17
N LEU C 566 -57.98 -41.14 -12.25
CA LEU C 566 -56.97 -40.19 -11.79
C LEU C 566 -57.40 -39.62 -10.44
N ASP C 567 -56.57 -39.83 -9.42
CA ASP C 567 -56.92 -39.41 -8.07
C ASP C 567 -56.37 -38.02 -7.78
N GLY C 568 -56.61 -37.54 -6.55
CA GLY C 568 -56.25 -36.19 -6.17
C GLY C 568 -54.76 -35.92 -6.13
N ASN C 569 -53.95 -36.95 -6.04
CA ASN C 569 -52.50 -36.81 -6.06
C ASN C 569 -51.92 -36.81 -7.47
N GLY C 570 -52.76 -36.93 -8.49
CA GLY C 570 -52.27 -37.04 -9.85
C GLY C 570 -51.75 -38.41 -10.21
N PHE C 571 -52.27 -39.44 -9.57
CA PHE C 571 -51.82 -40.82 -9.77
C PHE C 571 -52.93 -41.62 -10.45
N TRP C 572 -52.57 -42.36 -11.49
CA TRP C 572 -53.52 -43.19 -12.21
C TRP C 572 -53.56 -44.57 -11.58
N ASP C 573 -54.74 -44.99 -11.15
CA ASP C 573 -54.91 -46.25 -10.45
C ASP C 573 -55.87 -47.16 -11.22
N VAL C 574 -55.52 -48.44 -11.33
CA VAL C 574 -56.32 -49.39 -12.06
C VAL C 574 -57.55 -49.78 -11.26
N PHE C 575 -58.69 -49.92 -11.96
CA PHE C 575 -59.89 -50.47 -11.37
C PHE C 575 -60.56 -51.39 -12.37
N THR C 576 -61.38 -52.31 -11.86
CA THR C 576 -62.00 -53.33 -12.70
C THR C 576 -63.51 -53.11 -12.75
N PRO C 577 -64.04 -52.58 -13.85
CA PRO C 577 -65.49 -52.43 -13.98
C PRO C 577 -66.16 -53.68 -14.51
N THR C 578 -67.48 -53.68 -14.56
CA THR C 578 -68.25 -54.71 -15.26
C THR C 578 -68.39 -54.29 -16.72
N ASP C 579 -67.66 -54.96 -17.60
CA ASP C 579 -67.60 -54.58 -19.01
C ASP C 579 -68.56 -55.47 -19.80
N ASN C 580 -69.73 -54.93 -20.12
CA ASN C 580 -70.72 -55.66 -20.90
C ASN C 580 -70.50 -55.54 -22.40
N THR C 581 -69.52 -54.77 -22.84
CA THR C 581 -69.13 -54.76 -24.24
C THR C 581 -68.12 -55.84 -24.57
N SER C 582 -67.60 -56.54 -23.55
CA SER C 582 -66.59 -57.57 -23.69
C SER C 582 -65.44 -57.12 -24.60
N GLY C 583 -64.77 -56.05 -24.17
CA GLY C 583 -63.68 -55.47 -24.94
C GLY C 583 -64.11 -54.82 -26.24
N PHE C 584 -65.20 -54.06 -26.22
CA PHE C 584 -65.68 -53.31 -27.38
C PHE C 584 -66.07 -54.23 -28.54
N THR C 585 -66.54 -55.43 -28.24
CA THR C 585 -66.98 -56.37 -29.26
C THR C 585 -68.49 -56.33 -29.48
N VAL C 586 -69.25 -55.73 -28.57
CA VAL C 586 -70.70 -55.65 -28.71
C VAL C 586 -71.17 -54.39 -28.01
N ASP C 587 -72.26 -53.80 -28.51
CA ASP C 587 -72.86 -52.65 -27.84
C ASP C 587 -73.28 -53.05 -26.43
N GLY C 588 -73.10 -52.12 -25.50
CA GLY C 588 -73.47 -52.39 -24.12
C GLY C 588 -72.96 -51.31 -23.20
N THR C 589 -73.08 -51.58 -21.91
CA THR C 589 -72.69 -50.63 -20.88
C THR C 589 -71.41 -51.10 -20.19
N ILE C 590 -70.74 -50.14 -19.56
CA ILE C 590 -69.62 -50.42 -18.66
C ILE C 590 -69.92 -49.71 -17.35
N THR C 591 -70.02 -50.48 -16.28
CA THR C 591 -70.47 -49.95 -15.00
C THR C 591 -69.43 -50.23 -13.92
N TRP C 592 -69.38 -49.35 -12.93
CA TRP C 592 -68.50 -49.54 -11.79
C TRP C 592 -69.13 -48.86 -10.58
N THR C 593 -68.63 -49.19 -9.40
CA THR C 593 -69.12 -48.63 -8.15
C THR C 593 -68.15 -47.58 -7.63
N PHE C 594 -68.65 -46.72 -6.74
CA PHE C 594 -67.82 -45.68 -6.15
C PHE C 594 -66.69 -46.25 -5.28
N ASP C 595 -66.80 -47.51 -4.85
CA ASP C 595 -65.70 -48.15 -4.14
C ASP C 595 -64.54 -48.47 -5.08
N ASP C 596 -64.84 -48.78 -6.35
CA ASP C 596 -63.77 -49.00 -7.32
C ASP C 596 -62.97 -47.74 -7.56
N VAL C 597 -63.59 -46.57 -7.40
CA VAL C 597 -62.99 -45.29 -7.72
C VAL C 597 -62.87 -44.44 -6.45
N LEU C 598 -62.55 -45.10 -5.34
CA LEU C 598 -62.60 -44.46 -4.02
C LEU C 598 -61.84 -43.14 -3.99
N ASN C 599 -60.66 -43.09 -4.60
CA ASN C 599 -59.78 -41.93 -4.52
C ASN C 599 -60.01 -40.93 -5.63
N TRP C 600 -61.04 -41.13 -6.46
CA TRP C 600 -61.33 -40.23 -7.56
C TRP C 600 -61.53 -38.81 -7.05
N ALA C 601 -60.92 -37.86 -7.75
CA ALA C 601 -60.99 -36.45 -7.37
C ALA C 601 -60.78 -35.61 -8.61
N PRO C 602 -61.27 -34.37 -8.61
CA PRO C 602 -61.02 -33.48 -9.75
C PRO C 602 -59.53 -33.20 -9.91
N TYR C 603 -59.09 -33.11 -11.17
CA TYR C 603 -57.68 -32.90 -11.44
C TYR C 603 -57.53 -32.28 -12.82
N GLN C 604 -56.30 -31.92 -13.15
CA GLN C 604 -55.98 -31.25 -14.40
C GLN C 604 -55.21 -32.18 -15.33
N VAL C 605 -55.59 -32.20 -16.59
CA VAL C 605 -54.89 -32.95 -17.63
C VAL C 605 -54.73 -32.03 -18.83
N ASN C 606 -53.49 -31.59 -19.09
CA ASN C 606 -53.15 -30.79 -20.25
C ASN C 606 -54.04 -29.55 -20.36
N ALA C 607 -53.93 -28.69 -19.35
CA ALA C 607 -54.58 -27.38 -19.28
C ALA C 607 -56.09 -27.45 -19.11
N ILE C 608 -56.69 -28.64 -19.05
CA ILE C 608 -58.10 -28.79 -18.72
C ILE C 608 -58.18 -29.09 -17.23
N GLU C 609 -58.81 -28.21 -16.47
CA GLU C 609 -58.78 -28.27 -15.02
C GLU C 609 -60.11 -28.75 -14.44
N ASN C 610 -60.02 -29.42 -13.29
CA ASN C 610 -61.16 -29.78 -12.45
C ASN C 610 -62.15 -30.68 -13.19
N GLN C 611 -61.67 -31.86 -13.59
CA GLN C 611 -62.50 -32.87 -14.19
C GLN C 611 -62.23 -34.20 -13.50
N TYR C 612 -63.21 -35.10 -13.58
CA TYR C 612 -63.03 -36.49 -13.16
C TYR C 612 -62.62 -37.28 -14.39
N TRP C 613 -61.39 -37.80 -14.38
CA TRP C 613 -60.78 -38.40 -15.56
C TRP C 613 -60.71 -39.91 -15.42
N ILE C 614 -60.93 -40.60 -16.54
CA ILE C 614 -60.74 -42.03 -16.67
C ILE C 614 -60.06 -42.27 -18.01
N ARG C 615 -59.13 -43.21 -18.06
CA ARG C 615 -58.52 -43.59 -19.32
C ARG C 615 -58.64 -45.09 -19.53
N ILE C 616 -58.82 -45.47 -20.80
CA ILE C 616 -59.00 -46.86 -21.20
C ILE C 616 -57.88 -47.22 -22.16
N LYS C 617 -57.17 -48.30 -21.88
CA LYS C 617 -55.99 -48.70 -22.63
C LYS C 617 -56.21 -50.05 -23.28
N ARG C 618 -55.94 -50.13 -24.57
CA ARG C 618 -56.03 -51.41 -25.29
C ARG C 618 -54.75 -52.21 -25.04
N LEU C 619 -54.89 -53.41 -24.51
CA LEU C 619 -53.74 -54.27 -24.29
C LEU C 619 -53.62 -55.37 -25.34
N ALA C 620 -54.65 -55.58 -26.16
CA ALA C 620 -54.64 -56.69 -27.10
C ALA C 620 -53.58 -56.49 -28.18
N GLU C 621 -52.79 -57.53 -28.42
CA GLU C 621 -51.70 -57.44 -29.39
C GLU C 621 -52.23 -57.37 -30.82
N THR C 622 -53.26 -58.15 -31.13
CA THR C 622 -53.74 -58.28 -32.50
C THR C 622 -55.26 -58.19 -32.52
N VAL C 623 -55.78 -57.15 -33.19
CA VAL C 623 -57.18 -57.09 -33.57
C VAL C 623 -57.24 -56.73 -35.05
N ASN C 624 -58.04 -57.46 -35.81
CA ASN C 624 -58.08 -57.24 -37.25
C ASN C 624 -58.82 -55.96 -37.59
N THR C 625 -59.94 -55.70 -36.92
CA THR C 625 -60.76 -54.52 -37.19
C THR C 625 -60.93 -53.74 -35.89
N ALA C 626 -60.39 -52.53 -35.87
CA ALA C 626 -60.54 -51.69 -34.69
C ALA C 626 -61.98 -51.17 -34.59
N PRO C 627 -62.48 -51.01 -33.37
CA PRO C 627 -63.87 -50.55 -33.21
C PRO C 627 -64.04 -49.11 -33.64
N VAL C 628 -65.27 -48.78 -34.04
CA VAL C 628 -65.67 -47.42 -34.38
C VAL C 628 -66.84 -47.06 -33.49
N ILE C 629 -66.69 -45.98 -32.72
CA ILE C 629 -67.67 -45.58 -31.73
C ILE C 629 -68.60 -44.53 -32.34
N GLY C 630 -69.90 -44.75 -32.19
CA GLY C 630 -70.88 -43.81 -32.67
C GLY C 630 -71.33 -42.79 -31.64
N GLN C 631 -71.53 -43.23 -30.39
CA GLN C 631 -71.97 -42.33 -29.34
C GLN C 631 -71.68 -42.95 -27.98
N VAL C 632 -71.33 -42.09 -27.03
CA VAL C 632 -71.10 -42.49 -25.64
C VAL C 632 -71.96 -41.60 -24.75
N LEU C 633 -72.73 -42.23 -23.86
CA LEU C 633 -73.54 -41.54 -22.88
C LEU C 633 -73.10 -41.97 -21.48
N ILE C 634 -73.36 -41.11 -20.50
CA ILE C 634 -73.04 -41.40 -19.11
C ILE C 634 -74.33 -41.34 -18.30
N ASN C 635 -74.28 -41.95 -17.11
CA ASN C 635 -75.47 -42.10 -16.28
C ASN C 635 -75.65 -40.91 -15.35
N THR C 636 -75.71 -39.72 -15.95
CA THR C 636 -76.02 -38.50 -15.22
C THR C 636 -77.12 -37.75 -15.93
N GLY C 637 -77.87 -36.95 -15.17
CA GLY C 637 -78.95 -36.17 -15.74
C GLY C 637 -78.96 -34.77 -15.15
N ASN C 638 -79.54 -33.85 -15.92
CA ASN C 638 -79.56 -32.44 -15.55
C ASN C 638 -80.71 -32.14 -14.61
N ARG C 639 -80.46 -31.27 -13.64
CA ARG C 639 -81.48 -30.76 -12.74
C ARG C 639 -81.24 -29.28 -12.52
N ILE C 640 -82.29 -28.57 -12.14
CA ILE C 640 -82.22 -27.14 -11.88
C ILE C 640 -82.63 -26.90 -10.44
N TYR C 641 -81.77 -26.23 -9.68
CA TYR C 641 -81.96 -26.02 -8.25
C TYR C 641 -82.06 -24.54 -7.93
N LEU C 642 -82.76 -24.24 -6.84
CA LEU C 642 -82.73 -22.94 -6.22
C LEU C 642 -81.87 -23.02 -4.96
N GLU C 643 -80.89 -22.14 -4.85
CA GLU C 643 -79.96 -22.13 -3.73
C GLU C 643 -79.80 -20.71 -3.22
N ARG C 644 -79.55 -20.59 -1.92
CA ARG C 644 -79.35 -19.30 -1.28
C ARG C 644 -77.88 -19.12 -0.94
N GLN C 645 -77.30 -17.99 -1.32
CA GLN C 645 -75.90 -17.72 -1.04
C GLN C 645 -75.73 -17.21 0.38
N SER C 646 -74.66 -17.64 1.03
CA SER C 646 -74.40 -17.28 2.42
C SER C 646 -72.91 -17.20 2.65
N PHE C 647 -72.48 -16.20 3.41
CA PHE C 647 -71.08 -16.08 3.79
C PHE C 647 -70.72 -16.95 4.99
N ASP C 648 -71.69 -17.64 5.58
CA ASP C 648 -71.40 -18.61 6.63
C ASP C 648 -71.15 -20.01 6.08
N GLU C 649 -71.33 -20.22 4.79
CA GLU C 649 -71.10 -21.50 4.16
C GLU C 649 -69.81 -21.45 3.35
N TYR C 650 -69.08 -22.55 3.34
CA TYR C 650 -67.87 -22.66 2.55
C TYR C 650 -67.96 -23.78 1.52
N MET C 651 -69.15 -24.32 1.31
CA MET C 651 -69.41 -25.34 0.31
C MET C 651 -70.65 -24.95 -0.48
N ASP C 652 -70.87 -25.64 -1.59
CA ASP C 652 -72.02 -25.39 -2.45
C ASP C 652 -73.12 -26.39 -2.19
N SER C 653 -74.36 -25.92 -2.33
CA SER C 653 -75.55 -26.77 -2.26
C SER C 653 -75.60 -27.54 -0.95
N THR C 654 -75.29 -26.86 0.15
CA THR C 654 -75.13 -27.54 1.42
C THR C 654 -76.47 -27.97 2.00
N GLN C 655 -76.39 -28.89 2.94
CA GLN C 655 -77.55 -29.38 3.68
C GLN C 655 -77.08 -29.85 5.04
N ILE C 656 -77.89 -29.63 6.06
CA ILE C 656 -77.58 -30.07 7.41
C ILE C 656 -78.14 -31.48 7.62
N VAL C 657 -77.28 -32.40 8.03
CA VAL C 657 -77.64 -33.80 8.18
C VAL C 657 -77.13 -34.28 9.54
N THR C 658 -77.55 -35.49 9.90
CA THR C 658 -77.09 -36.16 11.11
C THR C 658 -76.70 -37.59 10.76
N SER C 659 -75.53 -38.01 11.21
CA SER C 659 -75.04 -39.36 10.98
C SER C 659 -75.48 -40.27 12.12
N ASP C 660 -75.63 -41.56 11.80
CA ASP C 660 -76.03 -42.54 12.80
C ASP C 660 -74.79 -43.17 13.43
N SER C 661 -74.99 -44.25 14.18
CA SER C 661 -73.89 -44.88 14.91
C SER C 661 -72.85 -45.50 13.97
N ASN C 662 -73.18 -45.72 12.72
CA ASN C 662 -72.23 -46.21 11.74
C ASN C 662 -71.68 -45.11 10.83
N GLY C 663 -72.07 -43.86 11.05
CA GLY C 663 -71.67 -42.78 10.17
C GLY C 663 -72.49 -42.65 8.91
N LEU C 664 -73.55 -43.42 8.77
CA LEU C 664 -74.39 -43.35 7.58
C LEU C 664 -75.24 -42.08 7.58
N VAL C 665 -75.31 -41.43 6.43
CA VAL C 665 -76.06 -40.20 6.24
C VAL C 665 -77.00 -40.40 5.06
N THR C 666 -78.27 -40.04 5.25
CA THR C 666 -79.30 -40.22 4.22
C THR C 666 -79.93 -38.89 3.86
N GLY C 667 -80.80 -38.93 2.85
CA GLY C 667 -81.54 -37.75 2.45
C GLY C 667 -80.78 -36.76 1.60
N LEU C 668 -79.71 -37.19 0.94
CA LEU C 668 -78.89 -36.33 0.10
C LEU C 668 -79.18 -36.54 -1.38
N THR C 669 -80.45 -36.73 -1.73
CA THR C 669 -80.81 -37.09 -3.10
C THR C 669 -80.40 -36.02 -4.10
N HIS C 670 -80.49 -34.75 -3.72
CA HIS C 670 -80.09 -33.70 -4.65
C HIS C 670 -78.60 -33.70 -4.93
N LEU C 671 -77.81 -34.42 -4.13
CA LEU C 671 -76.37 -34.54 -4.33
C LEU C 671 -75.97 -35.95 -4.77
N ALA C 672 -76.90 -36.73 -5.30
CA ALA C 672 -76.62 -38.11 -5.66
C ALA C 672 -75.51 -38.17 -6.71
N GLY C 673 -74.52 -39.02 -6.46
CA GLY C 673 -73.41 -39.20 -7.36
C GLY C 673 -72.29 -38.19 -7.24
N GLN C 674 -72.40 -37.22 -6.35
CA GLN C 674 -71.40 -36.18 -6.20
C GLN C 674 -70.44 -36.50 -5.07
N GLN C 675 -69.28 -35.87 -5.12
CA GLN C 675 -68.30 -35.93 -4.04
C GLN C 675 -68.53 -34.75 -3.11
N VAL C 676 -68.72 -35.03 -1.82
CA VAL C 676 -69.10 -34.02 -0.86
C VAL C 676 -68.13 -34.05 0.31
N TYR C 677 -68.01 -32.91 0.98
CA TYR C 677 -67.25 -32.77 2.21
C TYR C 677 -68.20 -32.57 3.38
N ALA C 678 -67.72 -32.88 4.58
CA ALA C 678 -68.49 -32.74 5.81
C ALA C 678 -67.77 -31.80 6.75
N ILE C 679 -68.50 -30.84 7.30
CA ILE C 679 -67.96 -29.86 8.23
C ILE C 679 -68.76 -29.92 9.53
N THR C 680 -68.05 -30.09 10.64
CA THR C 680 -68.70 -30.18 11.94
C THR C 680 -69.20 -28.80 12.38
N GLU C 681 -70.00 -28.80 13.44
CA GLU C 681 -70.51 -27.55 13.98
C GLU C 681 -69.39 -26.68 14.55
N ASP C 682 -68.30 -27.30 15.02
CA ASP C 682 -67.17 -26.54 15.52
C ASP C 682 -66.34 -25.90 14.42
N GLY C 683 -66.58 -26.26 13.17
CA GLY C 683 -65.85 -25.65 12.07
C GLY C 683 -64.60 -26.42 11.67
N ALA C 684 -64.69 -27.74 11.63
CA ALA C 684 -63.59 -28.58 11.18
C ALA C 684 -64.08 -29.46 10.04
N THR C 685 -63.37 -29.42 8.92
CA THR C 685 -63.70 -30.24 7.76
C THR C 685 -63.08 -31.62 7.96
N ILE C 686 -63.92 -32.65 8.11
CA ILE C 686 -63.45 -33.96 8.51
C ILE C 686 -63.15 -34.89 7.34
N GLY C 687 -63.49 -34.49 6.12
CA GLY C 687 -63.15 -35.32 4.98
C GLY C 687 -64.19 -35.33 3.89
N SER C 688 -63.97 -36.12 2.86
CA SER C 688 -64.86 -36.20 1.72
C SER C 688 -65.31 -37.64 1.49
N SER C 689 -66.42 -37.77 0.78
CA SER C 689 -66.99 -39.07 0.46
C SER C 689 -67.92 -38.89 -0.73
N PHE C 690 -68.31 -40.00 -1.33
CA PHE C 690 -69.23 -40.01 -2.45
C PHE C 690 -70.64 -40.34 -1.99
N VAL C 691 -71.61 -39.58 -2.47
CA VAL C 691 -73.01 -39.91 -2.30
C VAL C 691 -73.41 -40.85 -3.42
N ASP C 692 -74.02 -41.98 -3.07
CA ASP C 692 -74.41 -42.93 -4.10
C ASP C 692 -75.69 -42.46 -4.80
N ALA C 693 -76.21 -43.30 -5.70
CA ALA C 693 -77.37 -42.92 -6.48
C ALA C 693 -78.64 -42.82 -5.64
N SER C 694 -78.65 -43.38 -4.44
CA SER C 694 -79.82 -43.34 -3.57
C SER C 694 -79.76 -42.22 -2.55
N GLY C 695 -78.73 -41.38 -2.59
CA GLY C 695 -78.66 -40.27 -1.66
C GLY C 695 -78.04 -40.58 -0.33
N GLU C 696 -77.26 -41.65 -0.23
CA GLU C 696 -76.64 -42.04 1.02
C GLU C 696 -75.12 -41.98 0.91
N THR C 697 -74.48 -41.68 2.03
CA THR C 697 -73.03 -41.61 2.10
C THR C 697 -72.60 -41.93 3.53
N SER C 698 -71.31 -42.21 3.70
CA SER C 698 -70.73 -42.50 5.00
C SER C 698 -69.70 -41.45 5.34
N VAL C 699 -69.77 -40.93 6.57
CA VAL C 699 -68.83 -39.94 7.05
C VAL C 699 -68.00 -40.56 8.18
N LYS C 700 -66.90 -39.89 8.52
CA LYS C 700 -66.02 -40.41 9.57
C LYS C 700 -66.64 -40.27 10.95
N ASN C 701 -67.23 -39.12 11.26
CA ASN C 701 -67.82 -38.89 12.57
C ASN C 701 -69.19 -39.54 12.65
N VAL C 702 -69.44 -40.25 13.75
CA VAL C 702 -70.70 -40.95 13.96
C VAL C 702 -71.51 -40.18 15.00
N ASN C 703 -72.84 -40.29 14.89
CA ASN C 703 -73.76 -39.64 15.81
C ASN C 703 -73.51 -38.14 15.90
N THR C 704 -73.20 -37.52 14.76
CA THR C 704 -72.78 -36.14 14.70
C THR C 704 -73.69 -35.36 13.75
N THR C 705 -74.01 -34.13 14.12
CA THR C 705 -74.66 -33.21 13.21
C THR C 705 -73.62 -32.53 12.34
N LEU C 706 -73.82 -32.55 11.03
CA LEU C 706 -72.82 -32.08 10.08
C LEU C 706 -73.47 -31.23 9.01
N THR C 707 -72.65 -30.43 8.35
CA THR C 707 -73.02 -29.75 7.12
C THR C 707 -72.31 -30.44 5.97
N VAL C 708 -73.05 -30.78 4.93
CA VAL C 708 -72.54 -31.56 3.80
C VAL C 708 -72.76 -30.76 2.53
N GLY C 709 -71.71 -30.63 1.73
CA GLY C 709 -71.79 -29.87 0.50
C GLY C 709 -70.61 -30.16 -0.39
N MET C 710 -70.57 -29.46 -1.52
CA MET C 710 -69.53 -29.67 -2.52
C MET C 710 -68.48 -28.57 -2.45
N GLN C 711 -67.24 -28.93 -2.76
CA GLN C 711 -66.14 -27.99 -2.73
C GLN C 711 -66.10 -27.16 -4.00
N TYR C 712 -65.92 -25.85 -3.84
CA TYR C 712 -65.49 -24.96 -4.91
C TYR C 712 -64.14 -24.39 -4.49
N LYS C 713 -63.14 -24.58 -5.34
CA LYS C 713 -61.76 -24.38 -4.91
C LYS C 713 -61.33 -22.95 -5.17
N PRO C 714 -61.01 -22.17 -4.14
CA PRO C 714 -60.50 -20.82 -4.37
C PRO C 714 -59.09 -20.86 -4.93
N GLU C 715 -58.77 -19.86 -5.75
CA GLU C 715 -57.43 -19.76 -6.31
C GLU C 715 -57.07 -18.30 -6.44
N LEU C 716 -55.88 -17.95 -5.95
CA LEU C 716 -55.37 -16.58 -6.01
C LEU C 716 -53.98 -16.61 -6.62
N ILE C 717 -53.83 -15.98 -7.78
CA ILE C 717 -52.52 -15.84 -8.41
C ILE C 717 -52.18 -14.36 -8.47
N PRO C 718 -51.21 -13.89 -7.71
CA PRO C 718 -50.89 -12.45 -7.71
C PRO C 718 -50.36 -11.98 -9.05
N MET C 719 -50.22 -10.66 -9.15
CA MET C 719 -49.69 -10.04 -10.34
C MET C 719 -48.21 -10.41 -10.53
N PRO C 720 -47.67 -10.27 -11.74
CA PRO C 720 -46.26 -10.55 -11.95
C PRO C 720 -45.39 -9.69 -11.06
N LEU C 721 -44.23 -10.23 -10.68
CA LEU C 721 -43.30 -9.50 -9.82
C LEU C 721 -42.95 -8.16 -10.44
N TYR C 722 -43.05 -7.10 -9.64
CA TYR C 722 -42.71 -5.76 -10.09
C TYR C 722 -41.77 -5.14 -9.07
N ALA C 723 -40.49 -5.08 -9.39
CA ALA C 723 -39.46 -4.55 -8.50
C ALA C 723 -38.57 -3.60 -9.28
N PRO C 724 -39.02 -2.38 -9.52
CA PRO C 724 -38.20 -1.42 -10.29
C PRO C 724 -36.92 -1.06 -9.54
N THR C 725 -35.79 -1.19 -10.23
CA THR C 725 -34.50 -0.83 -9.69
C THR C 725 -34.07 0.53 -10.24
N GLN C 726 -32.82 0.90 -10.00
CA GLN C 726 -32.29 2.14 -10.56
C GLN C 726 -32.00 2.01 -12.05
N MET C 727 -31.67 0.80 -12.52
CA MET C 727 -31.44 0.59 -13.95
C MET C 727 -32.68 0.86 -14.78
N GLY C 728 -33.85 0.85 -14.18
CA GLY C 728 -35.10 1.07 -14.86
C GLY C 728 -36.12 0.09 -14.36
N ASP C 729 -37.27 0.07 -15.03
CA ASP C 729 -38.28 -0.93 -14.71
C ASP C 729 -37.73 -2.31 -15.03
N SER C 730 -37.93 -3.26 -14.12
CA SER C 730 -37.44 -4.61 -14.29
C SER C 730 -38.52 -5.53 -14.81
N LEU C 731 -39.39 -5.00 -15.69
CA LEU C 731 -40.56 -5.73 -16.12
C LEU C 731 -40.21 -7.02 -16.83
N TYR C 732 -39.06 -7.08 -17.49
CA TYR C 732 -38.65 -8.26 -18.25
C TYR C 732 -37.34 -8.85 -17.74
N ALA C 733 -36.81 -8.37 -16.63
CA ALA C 733 -35.58 -8.92 -16.10
C ALA C 733 -35.81 -10.31 -15.49
N GLU C 734 -34.77 -11.13 -15.55
CA GLU C 734 -34.81 -12.41 -14.84
C GLU C 734 -34.92 -12.15 -13.34
N LYS C 735 -35.86 -12.85 -12.70
CA LYS C 735 -36.12 -12.69 -11.28
C LYS C 735 -36.24 -14.05 -10.62
N TYR C 736 -35.81 -14.11 -9.36
CA TYR C 736 -35.96 -15.32 -8.56
C TYR C 736 -36.50 -14.94 -7.19
N VAL C 737 -37.51 -15.67 -6.72
CA VAL C 737 -38.14 -15.38 -5.45
C VAL C 737 -37.49 -16.25 -4.38
N GLN C 738 -36.71 -15.63 -3.51
CA GLN C 738 -36.10 -16.37 -2.40
C GLN C 738 -37.13 -16.67 -1.31
N ASP C 739 -37.96 -15.70 -0.97
CA ASP C 739 -38.92 -15.84 0.11
C ASP C 739 -40.29 -15.37 -0.34
N LEU C 740 -41.31 -16.14 0.01
CA LEU C 740 -42.71 -15.81 -0.27
C LEU C 740 -43.45 -15.71 1.05
N TYR C 741 -44.05 -14.56 1.32
CA TYR C 741 -44.78 -14.33 2.56
C TYR C 741 -46.27 -14.35 2.26
N VAL C 742 -47.00 -15.22 2.95
CA VAL C 742 -48.45 -15.29 2.82
C VAL C 742 -49.05 -14.73 4.10
N ASP C 743 -49.80 -13.65 3.95
CA ASP C 743 -50.37 -12.90 5.06
C ASP C 743 -51.88 -13.20 5.10
N TYR C 744 -52.34 -13.83 6.16
CA TYR C 744 -53.70 -14.34 6.19
C TYR C 744 -54.40 -14.01 7.50
N VAL C 745 -55.73 -14.02 7.44
CA VAL C 745 -56.59 -13.75 8.59
C VAL C 745 -57.72 -14.76 8.58
N ASP C 746 -57.95 -15.41 9.71
CA ASP C 746 -59.07 -16.33 9.91
C ASP C 746 -59.17 -17.34 8.77
N SER C 747 -58.15 -18.17 8.64
CA SER C 747 -58.04 -19.09 7.51
C SER C 747 -57.72 -20.48 8.01
N LEU C 748 -58.07 -21.47 7.19
CA LEU C 748 -57.73 -22.86 7.44
C LEU C 748 -57.38 -23.54 6.12
N TYR C 749 -56.55 -24.57 6.22
CA TYR C 749 -56.26 -25.47 5.10
C TYR C 749 -55.61 -24.76 3.92
N LEU C 750 -54.75 -23.78 4.21
CA LEU C 750 -54.09 -23.04 3.14
C LEU C 750 -52.91 -23.81 2.59
N GLN C 751 -52.62 -23.60 1.31
CA GLN C 751 -51.38 -24.06 0.72
C GLN C 751 -50.96 -23.06 -0.35
N ALA C 752 -49.65 -22.94 -0.55
CA ALA C 752 -49.12 -21.90 -1.42
C ALA C 752 -47.80 -22.33 -2.02
N GLY C 753 -47.43 -21.66 -3.10
CA GLY C 753 -46.12 -21.87 -3.68
C GLY C 753 -46.08 -21.88 -5.19
N PHE C 754 -45.09 -22.57 -5.74
CA PHE C 754 -44.84 -22.66 -7.16
C PHE C 754 -45.19 -24.08 -7.61
N ARG C 755 -46.08 -24.20 -8.59
CA ARG C 755 -46.54 -25.52 -9.00
C ARG C 755 -45.41 -26.28 -9.68
N PRO C 756 -45.42 -27.62 -9.59
CA PRO C 756 -46.43 -28.48 -8.95
C PRO C 756 -46.24 -28.69 -7.45
N GLN C 757 -45.06 -28.50 -6.88
CA GLN C 757 -44.81 -28.83 -5.48
C GLN C 757 -45.11 -27.60 -4.62
N LEU C 758 -46.25 -27.62 -3.95
CA LEU C 758 -46.66 -26.54 -3.06
C LEU C 758 -46.31 -26.89 -1.62
N THR C 759 -46.55 -25.94 -0.74
CA THR C 759 -46.29 -26.08 0.69
C THR C 759 -47.59 -25.84 1.46
N ASP C 760 -47.89 -26.72 2.40
CA ASP C 760 -49.07 -26.55 3.24
C ASP C 760 -48.76 -25.65 4.41
N ILE C 761 -49.71 -24.79 4.76
CA ILE C 761 -49.57 -23.87 5.88
C ILE C 761 -50.23 -24.51 7.10
N PRO C 762 -49.47 -24.87 8.13
CA PRO C 762 -50.06 -25.60 9.25
C PRO C 762 -51.07 -24.76 10.01
N ASN C 763 -52.06 -25.44 10.58
CA ASN C 763 -53.03 -24.81 11.47
C ASN C 763 -53.27 -25.69 12.70
N MET C 764 -52.19 -26.13 13.34
CA MET C 764 -52.31 -26.85 14.60
C MET C 764 -51.02 -26.66 15.39
N HIS C 765 -51.15 -26.22 16.64
CA HIS C 765 -50.00 -25.95 17.49
C HIS C 765 -49.70 -27.17 18.34
N LEU C 766 -48.71 -27.94 17.94
CA LEU C 766 -48.24 -29.05 18.76
C LEU C 766 -47.72 -28.51 20.08
N GLY C 767 -48.14 -29.13 21.17
CA GLY C 767 -47.82 -28.65 22.49
C GLY C 767 -48.84 -27.73 23.09
N ASN C 768 -49.78 -27.23 22.29
CA ASN C 768 -50.88 -26.41 22.77
C ASN C 768 -52.14 -26.77 22.00
N TYR C 769 -52.43 -28.06 21.90
CA TYR C 769 -53.64 -28.54 21.26
C TYR C 769 -54.18 -29.70 22.07
N THR C 770 -55.47 -29.67 22.38
CA THR C 770 -56.11 -30.75 23.11
C THR C 770 -56.91 -31.60 22.14
N LEU C 771 -56.66 -32.91 22.15
CA LEU C 771 -57.27 -33.81 21.19
C LEU C 771 -58.79 -33.75 21.28
N GLY C 772 -59.42 -33.72 20.11
CA GLY C 772 -60.86 -33.62 20.01
C GLY C 772 -61.39 -32.23 19.79
N GLN C 773 -60.57 -31.21 20.02
CA GLN C 773 -61.00 -29.83 19.80
C GLN C 773 -60.72 -29.41 18.37
N SER C 774 -61.44 -28.39 17.92
CA SER C 774 -61.25 -27.84 16.59
C SER C 774 -60.49 -26.52 16.71
N VAL C 775 -59.31 -26.48 16.11
CA VAL C 775 -58.53 -25.23 16.17
C VAL C 775 -59.28 -24.14 15.41
N PRO C 776 -59.48 -22.97 15.98
CA PRO C 776 -60.23 -21.92 15.31
C PRO C 776 -59.47 -21.40 14.11
N PRO C 777 -60.13 -20.67 13.21
CA PRO C 777 -59.41 -20.09 12.07
C PRO C 777 -58.26 -19.20 12.53
N GLN C 778 -57.15 -19.29 11.81
CA GLN C 778 -55.87 -18.78 12.27
C GLN C 778 -55.49 -17.49 11.55
N THR C 779 -54.72 -16.66 12.23
CA THR C 779 -54.21 -15.40 11.71
C THR C 779 -52.70 -15.39 11.86
N GLY C 780 -52.01 -14.93 10.83
CA GLY C 780 -50.57 -14.81 10.91
C GLY C 780 -49.94 -14.68 9.54
N ILE C 781 -48.61 -14.81 9.54
CA ILE C 781 -47.79 -14.74 8.34
C ILE C 781 -46.97 -16.01 8.27
N TYR C 782 -46.99 -16.68 7.12
CA TYR C 782 -46.18 -17.86 6.90
C TYR C 782 -45.20 -17.60 5.77
N ARG C 783 -43.95 -17.98 5.98
CA ARG C 783 -42.86 -17.73 5.04
C ARG C 783 -42.46 -19.03 4.37
N ILE C 784 -42.35 -19.00 3.05
CA ILE C 784 -42.13 -20.17 2.22
C ILE C 784 -41.01 -19.89 1.23
N CYS C 785 -40.17 -20.88 0.98
CA CYS C 785 -39.27 -20.81 -0.15
C CYS C 785 -39.92 -21.57 -1.30
N PRO C 786 -40.44 -20.90 -2.33
CA PRO C 786 -41.23 -21.60 -3.35
C PRO C 786 -40.43 -22.47 -4.29
N ARG C 787 -39.12 -22.22 -4.44
CA ARG C 787 -38.28 -22.95 -5.37
C ARG C 787 -38.82 -22.84 -6.80
N GLY C 788 -39.07 -21.61 -7.23
CA GLY C 788 -39.51 -21.33 -8.57
C GLY C 788 -38.35 -21.16 -9.53
N ASP C 789 -38.68 -20.68 -10.72
CA ASP C 789 -37.69 -20.50 -11.78
C ASP C 789 -37.23 -19.04 -11.84
N TRP C 790 -36.56 -18.69 -12.94
CA TRP C 790 -36.02 -17.35 -13.13
C TRP C 790 -36.78 -16.56 -14.20
N GLU C 791 -37.98 -17.01 -14.57
CA GLU C 791 -38.74 -16.35 -15.63
C GLU C 791 -39.34 -15.04 -15.12
N PRO C 792 -39.39 -14.00 -15.95
CA PRO C 792 -40.01 -12.74 -15.51
C PRO C 792 -41.48 -12.86 -15.15
N ARG C 793 -42.22 -13.75 -15.79
CA ARG C 793 -43.63 -13.94 -15.45
C ARG C 793 -43.84 -15.37 -14.98
N GLN C 794 -43.48 -15.62 -13.74
CA GLN C 794 -43.73 -16.88 -13.07
C GLN C 794 -44.92 -16.72 -12.14
N GLU C 795 -45.68 -17.80 -11.98
CA GLU C 795 -46.92 -17.76 -11.23
C GLU C 795 -46.75 -18.43 -9.88
N PHE C 796 -47.21 -17.76 -8.84
CA PHE C 796 -47.31 -18.33 -7.50
C PHE C 796 -48.79 -18.41 -7.13
N VAL C 797 -49.20 -19.55 -6.59
CA VAL C 797 -50.60 -19.83 -6.32
C VAL C 797 -50.82 -19.89 -4.82
N ILE C 798 -51.93 -19.30 -4.37
CA ILE C 798 -52.44 -19.48 -3.02
C ILE C 798 -53.82 -20.09 -3.14
N THR C 799 -53.99 -21.29 -2.59
CA THR C 799 -55.23 -22.04 -2.75
C THR C 799 -55.54 -22.73 -1.43
N GLN C 800 -56.54 -23.60 -1.44
CA GLN C 800 -57.03 -24.26 -0.24
C GLN C 800 -57.18 -25.74 -0.53
N SER C 801 -56.70 -26.58 0.40
CA SER C 801 -56.74 -28.02 0.17
C SER C 801 -58.14 -28.61 0.39
N GLN C 802 -58.92 -28.06 1.31
CA GLN C 802 -60.27 -28.53 1.56
C GLN C 802 -61.11 -27.36 2.05
N PRO C 803 -62.43 -27.45 1.94
CA PRO C 803 -63.27 -26.27 2.21
C PRO C 803 -63.10 -25.74 3.62
N GLY C 804 -63.16 -24.42 3.74
CA GLY C 804 -63.05 -23.75 5.01
C GLY C 804 -62.90 -22.26 4.83
N PRO C 805 -62.81 -21.50 5.92
CA PRO C 805 -62.59 -20.06 5.81
C PRO C 805 -61.22 -19.74 5.23
N MET C 806 -61.16 -18.61 4.52
CA MET C 806 -59.92 -18.20 3.87
C MET C 806 -59.98 -16.71 3.58
N THR C 807 -59.02 -15.96 4.13
CA THR C 807 -58.87 -14.54 3.82
C THR C 807 -57.38 -14.25 3.70
N ILE C 808 -56.97 -13.79 2.52
CA ILE C 808 -55.57 -13.46 2.24
C ILE C 808 -55.46 -11.95 2.14
N ILE C 809 -54.74 -11.33 3.07
CA ILE C 809 -54.65 -9.88 3.10
C ILE C 809 -53.47 -9.34 2.34
N GLY C 810 -52.53 -10.17 1.92
CA GLY C 810 -51.40 -9.69 1.17
C GLY C 810 -50.41 -10.80 0.90
N VAL C 811 -49.52 -10.52 -0.05
CA VAL C 811 -48.43 -11.42 -0.42
C VAL C 811 -47.15 -10.61 -0.51
N GLY C 812 -46.09 -11.08 0.13
CA GLY C 812 -44.80 -10.41 0.05
C GLY C 812 -43.74 -11.26 -0.61
N TYR C 813 -42.68 -10.65 -1.11
CA TYR C 813 -41.58 -11.39 -1.71
C TYR C 813 -40.25 -10.76 -1.34
N ASN C 814 -39.22 -11.60 -1.31
CA ASN C 814 -37.83 -11.17 -1.39
C ASN C 814 -37.31 -11.66 -2.73
N VAL C 815 -37.08 -10.74 -3.67
CA VAL C 815 -36.79 -11.07 -5.05
C VAL C 815 -35.35 -10.70 -5.36
N GLU C 816 -34.60 -11.64 -5.91
CA GLU C 816 -33.30 -11.37 -6.50
C GLU C 816 -33.51 -10.94 -7.94
N VAL C 817 -33.29 -9.66 -8.22
CA VAL C 817 -33.54 -9.10 -9.55
C VAL C 817 -32.23 -9.08 -10.31
N ALA C 818 -32.13 -9.91 -11.34
CA ALA C 818 -30.93 -10.01 -12.15
C ALA C 818 -31.13 -9.34 -13.50
N PRO D 2 -28.97 -1.62 10.31
CA PRO D 2 -29.52 -0.30 9.94
C PRO D 2 -30.63 0.14 10.88
N ILE D 3 -30.32 1.06 11.78
CA ILE D 3 -31.32 1.55 12.72
C ILE D 3 -32.13 2.65 12.08
N ARG D 4 -33.45 2.56 12.20
CA ARG D 4 -34.37 3.57 11.68
C ARG D 4 -35.23 4.08 12.83
N SER D 5 -35.52 5.37 12.80
CA SER D 5 -36.38 6.00 13.79
C SER D 5 -37.75 6.24 13.18
N ILE D 6 -38.77 5.65 13.79
CA ILE D 6 -40.14 5.76 13.30
C ILE D 6 -41.03 6.14 14.47
N SER D 7 -42.22 6.66 14.15
CA SER D 7 -43.17 7.09 15.16
C SER D 7 -44.58 6.75 14.70
N ASN D 8 -45.51 6.84 15.64
CA ASN D 8 -46.88 6.39 15.40
C ASN D 8 -47.84 7.27 16.18
N THR D 9 -48.87 7.75 15.51
CA THR D 9 -49.97 8.49 16.13
C THR D 9 -51.26 7.70 15.94
N PHE D 10 -52.34 8.17 16.56
CA PHE D 10 -53.55 7.36 16.69
C PHE D 10 -54.78 8.13 16.22
N ASN D 11 -54.62 8.87 15.13
CA ASN D 11 -55.71 9.71 14.63
C ASN D 11 -56.84 8.89 14.02
N ARG D 12 -56.52 7.73 13.44
CA ARG D 12 -57.51 6.91 12.74
C ARG D 12 -58.08 5.79 13.60
N GLY D 13 -57.72 5.72 14.88
CA GLY D 13 -58.33 4.74 15.75
C GLY D 13 -57.86 3.33 15.49
N GLU D 14 -58.69 2.36 15.86
CA GLU D 14 -58.34 0.96 15.71
C GLU D 14 -58.62 0.47 14.30
N LEU D 15 -57.62 -0.15 13.68
CA LEU D 15 -57.71 -0.55 12.29
C LEU D 15 -57.96 -2.05 12.16
N ASP D 16 -58.75 -2.42 11.17
CA ASP D 16 -59.09 -3.81 10.94
C ASP D 16 -57.84 -4.60 10.56
N PRO D 17 -57.70 -5.83 11.05
CA PRO D 17 -56.49 -6.62 10.73
C PRO D 17 -56.29 -6.88 9.25
N THR D 18 -57.32 -6.76 8.42
CA THR D 18 -57.16 -6.96 6.99
C THR D 18 -56.51 -5.77 6.29
N LEU D 19 -56.17 -4.71 7.02
CA LEU D 19 -55.48 -3.56 6.45
C LEU D 19 -53.99 -3.59 6.69
N PHE D 20 -53.46 -4.63 7.31
CA PHE D 20 -52.07 -4.59 7.78
C PHE D 20 -51.04 -4.74 6.68
N ALA D 21 -51.45 -5.00 5.45
CA ALA D 21 -50.54 -4.98 4.32
C ALA D 21 -50.69 -3.73 3.48
N ARG D 22 -51.50 -2.77 3.92
CA ARG D 22 -51.79 -1.58 3.14
C ARG D 22 -50.85 -0.44 3.54
N ASP D 23 -49.57 -0.64 3.23
CA ASP D 23 -48.57 0.39 3.48
C ASP D 23 -48.70 1.55 2.51
N ASP D 24 -49.41 1.36 1.39
CA ASP D 24 -49.61 2.45 0.46
C ASP D 24 -50.52 3.52 1.03
N LEU D 25 -51.45 3.15 1.89
CA LEU D 25 -52.34 4.13 2.51
C LEU D 25 -51.57 4.95 3.54
N ASP D 26 -51.99 6.20 3.70
CA ASP D 26 -51.38 7.10 4.67
C ASP D 26 -51.95 6.91 6.07
N ILE D 27 -52.55 5.76 6.36
CA ILE D 27 -53.08 5.48 7.68
C ILE D 27 -52.23 4.53 8.48
N TYR D 28 -51.17 3.97 7.88
CA TYR D 28 -50.42 2.91 8.55
C TYR D 28 -49.70 3.43 9.80
N ASP D 29 -49.28 4.68 9.80
CA ASP D 29 -48.64 5.29 10.95
C ASP D 29 -49.58 6.20 11.74
N LYS D 30 -50.87 6.16 11.45
CA LYS D 30 -51.85 6.99 12.14
C LYS D 30 -52.93 6.18 12.83
N GLY D 31 -52.77 4.87 12.94
CA GLY D 31 -53.77 4.05 13.57
C GLY D 31 -53.23 3.18 14.69
N ALA D 32 -54.07 2.30 15.21
CA ALA D 32 -53.68 1.39 16.27
C ALA D 32 -54.22 0.00 15.97
N ARG D 33 -53.45 -1.02 16.35
CA ARG D 33 -53.95 -2.38 16.29
C ARG D 33 -55.10 -2.58 17.27
N LYS D 34 -54.99 -2.04 18.47
CA LYS D 34 -56.04 -2.10 19.47
C LYS D 34 -56.16 -0.75 20.14
N LEU D 35 -57.40 -0.28 20.30
CA LEU D 35 -57.67 0.96 21.02
C LEU D 35 -58.90 0.67 21.88
N ARG D 36 -58.66 0.21 23.11
CA ARG D 36 -59.70 -0.27 23.99
C ARG D 36 -59.80 0.64 25.20
N ASN D 37 -61.03 1.03 25.56
CA ASN D 37 -61.29 1.90 26.69
C ASN D 37 -60.52 3.22 26.58
N MET D 38 -60.30 3.65 25.34
CA MET D 38 -59.67 4.92 25.04
C MET D 38 -60.41 5.53 23.86
N ILE D 39 -60.15 6.82 23.62
CA ILE D 39 -60.68 7.51 22.46
C ILE D 39 -59.53 8.21 21.76
N ALA D 40 -59.74 8.54 20.49
CA ALA D 40 -58.76 9.27 19.70
C ALA D 40 -59.16 10.73 19.68
N LEU D 41 -58.29 11.59 20.22
CA LEU D 41 -58.52 13.02 20.11
C LEU D 41 -58.21 13.48 18.69
N TRP D 42 -58.78 14.62 18.30
CA TRP D 42 -58.55 15.08 16.93
C TRP D 42 -57.13 15.59 16.72
N THR D 43 -56.35 15.76 17.78
CA THR D 43 -54.93 16.09 17.63
C THR D 43 -54.09 14.86 17.33
N GLY D 44 -54.65 13.66 17.39
CA GLY D 44 -53.91 12.44 17.19
C GLY D 44 -53.57 11.69 18.46
N ALA D 45 -53.71 12.32 19.62
CA ALA D 45 -53.42 11.63 20.86
C ALA D 45 -54.56 10.68 21.22
N ALA D 46 -54.26 9.76 22.13
CA ALA D 46 -55.25 8.80 22.63
C ALA D 46 -55.45 9.04 24.11
N ARG D 47 -56.71 9.22 24.52
CA ARG D 47 -57.05 9.53 25.89
C ARG D 47 -57.90 8.41 26.47
N ILE D 48 -57.74 8.16 27.77
CA ILE D 48 -58.58 7.18 28.44
C ILE D 48 -60.05 7.60 28.30
N ALA D 49 -60.91 6.60 28.10
CA ALA D 49 -62.32 6.84 27.88
C ALA D 49 -62.96 7.45 29.12
N PRO D 50 -64.05 8.21 28.95
CA PRO D 50 -64.70 8.80 30.13
C PRO D 50 -65.33 7.74 31.02
N GLY D 51 -65.30 7.99 32.32
CA GLY D 51 -65.91 7.12 33.29
C GLY D 51 -67.41 7.39 33.41
N THR D 52 -68.03 6.74 34.39
CA THR D 52 -69.45 6.89 34.61
C THR D 52 -69.75 7.09 36.09
N ILE D 53 -70.86 7.77 36.35
CA ILE D 53 -71.35 8.05 37.68
C ILE D 53 -72.68 7.33 37.87
N TYR D 54 -72.81 6.58 38.95
CA TYR D 54 -74.05 5.84 39.19
C TYR D 54 -75.18 6.81 39.54
N ILE D 55 -76.32 6.64 38.88
CA ILE D 55 -77.50 7.46 39.12
C ILE D 55 -78.58 6.68 39.87
N ASP D 56 -79.07 5.60 39.27
CA ASP D 56 -80.18 4.86 39.88
C ASP D 56 -80.25 3.46 39.29
N MET D 57 -81.00 2.60 39.96
CA MET D 57 -81.28 1.25 39.49
C MET D 57 -82.70 1.19 38.95
N MET D 58 -82.87 0.59 37.78
CA MET D 58 -84.18 0.54 37.14
C MET D 58 -85.06 -0.49 37.85
N VAL D 59 -86.15 -0.02 38.45
CA VAL D 59 -87.09 -0.89 39.14
C VAL D 59 -88.51 -0.52 38.72
N ASP D 60 -89.41 -1.47 38.94
CA ASP D 60 -90.85 -1.24 38.76
C ASP D 60 -91.36 -0.61 40.05
N ARG D 61 -91.40 0.72 40.06
CA ARG D 61 -91.70 1.45 41.28
C ARG D 61 -93.15 1.32 41.71
N GLU D 62 -94.03 0.88 40.83
CA GLU D 62 -95.44 0.72 41.17
C GLU D 62 -95.79 -0.68 41.62
N ASN D 63 -94.80 -1.57 41.72
CA ASN D 63 -95.01 -2.97 42.12
C ASN D 63 -93.99 -3.36 43.16
N GLY D 64 -93.82 -2.53 44.17
CA GLY D 64 -92.89 -2.82 45.25
C GLY D 64 -91.44 -2.84 44.85
N ASN D 65 -91.04 -1.93 43.96
CA ASN D 65 -89.66 -1.83 43.51
C ASN D 65 -89.14 -3.16 42.97
N ALA D 66 -89.94 -3.79 42.12
CA ALA D 66 -89.53 -5.04 41.49
C ALA D 66 -88.36 -4.78 40.55
N VAL D 67 -87.24 -5.43 40.81
CA VAL D 67 -86.05 -5.21 40.01
C VAL D 67 -86.30 -5.63 38.57
N ILE D 68 -85.91 -4.78 37.63
CA ILE D 68 -86.07 -5.06 36.21
C ILE D 68 -84.77 -5.70 35.72
N GLN D 69 -84.89 -6.90 35.15
CA GLN D 69 -83.72 -7.65 34.67
C GLN D 69 -83.77 -7.93 33.18
N ASP D 70 -84.70 -7.31 32.45
CA ASP D 70 -84.80 -7.49 31.01
C ASP D 70 -84.47 -6.18 30.32
N PRO D 71 -83.39 -6.11 29.54
CA PRO D 71 -83.03 -4.83 28.90
C PRO D 71 -84.06 -4.33 27.91
N LEU D 72 -84.94 -5.20 27.40
CA LEU D 72 -85.97 -4.74 26.49
C LEU D 72 -87.08 -3.97 27.18
N MET D 73 -87.09 -3.94 28.51
CA MET D 73 -88.10 -3.24 29.28
C MET D 73 -87.67 -1.82 29.67
N VAL D 74 -86.54 -1.35 29.17
CA VAL D 74 -86.02 -0.03 29.50
C VAL D 74 -85.61 0.66 28.21
N LYS D 75 -85.98 1.93 28.06
CA LYS D 75 -85.54 2.73 26.91
C LYS D 75 -85.57 4.20 27.30
N GLY D 76 -84.43 4.87 27.22
CA GLY D 76 -84.34 6.25 27.65
C GLY D 76 -84.13 7.25 26.53
N PHE D 77 -84.37 8.52 26.83
CA PHE D 77 -84.09 9.59 25.89
C PHE D 77 -83.88 10.88 26.67
N ASP D 78 -83.15 11.80 26.06
CA ASP D 78 -82.86 13.09 26.65
C ASP D 78 -83.81 14.16 26.11
N PHE D 79 -83.97 15.23 26.88
CA PHE D 79 -84.88 16.32 26.51
C PHE D 79 -84.33 17.60 27.13
N THR D 80 -83.75 18.46 26.29
CA THR D 80 -83.23 19.73 26.76
C THR D 80 -84.37 20.73 26.89
N TYR D 81 -84.55 21.25 28.10
CA TYR D 81 -85.61 22.20 28.38
C TYR D 81 -85.12 23.64 28.41
N ASP D 82 -83.89 23.88 28.88
CA ASP D 82 -83.33 25.22 28.92
C ASP D 82 -81.81 25.07 28.74
N ALA D 83 -81.34 25.32 27.52
CA ALA D 83 -79.93 25.10 27.22
C ALA D 83 -79.03 26.07 27.98
N ASP D 84 -79.45 27.33 28.09
CA ASP D 84 -78.61 28.32 28.77
C ASP D 84 -78.56 28.07 30.27
N ALA D 85 -79.63 27.56 30.85
CA ALA D 85 -79.62 27.18 32.26
C ALA D 85 -79.08 25.77 32.48
N GLU D 86 -78.70 25.08 31.40
CA GLU D 86 -78.16 23.72 31.47
C GLU D 86 -79.15 22.77 32.16
N ILE D 87 -80.41 22.84 31.74
CA ILE D 87 -81.45 21.96 32.23
C ILE D 87 -81.76 20.96 31.13
N THR D 88 -81.30 19.73 31.30
CA THR D 88 -81.61 18.64 30.39
C THR D 88 -82.14 17.47 31.20
N TYR D 89 -83.27 16.93 30.80
CA TYR D 89 -83.93 15.84 31.50
C TYR D 89 -83.59 14.51 30.84
N THR D 90 -83.26 13.53 31.66
CA THR D 90 -83.09 12.15 31.21
C THR D 90 -84.35 11.38 31.58
N ILE D 91 -85.14 11.03 30.58
CA ILE D 91 -86.42 10.37 30.77
C ILE D 91 -86.28 8.90 30.42
N ILE D 92 -86.71 8.03 31.31
CA ILE D 92 -86.58 6.59 31.14
C ILE D 92 -87.97 5.99 31.02
N ILE D 93 -88.24 5.34 29.90
CA ILE D 93 -89.46 4.58 29.71
C ILE D 93 -89.19 3.16 30.19
N ARG D 94 -89.92 2.73 31.20
CA ARG D 94 -89.65 1.46 31.84
C ARG D 94 -90.95 0.71 32.07
N LYS D 95 -90.82 -0.60 32.24
CA LYS D 95 -91.96 -1.44 32.55
C LYS D 95 -92.60 -1.04 33.87
N SER D 96 -93.92 -1.02 33.90
CA SER D 96 -94.70 -0.74 35.11
C SER D 96 -95.92 -1.66 35.05
N GLY D 97 -95.80 -2.82 35.67
CA GLY D 97 -96.83 -3.84 35.51
C GLY D 97 -96.85 -4.31 34.07
N THR D 98 -98.03 -4.31 33.46
CA THR D 98 -98.16 -4.60 32.04
C THR D 98 -98.13 -3.33 31.19
N ASN D 99 -97.97 -2.17 31.81
CA ASN D 99 -97.96 -0.88 31.14
C ASN D 99 -96.60 -0.23 31.32
N ILE D 100 -96.51 1.06 30.98
CA ILE D 100 -95.25 1.78 31.03
C ILE D 100 -95.35 2.92 32.03
N ALA D 101 -94.19 3.50 32.33
CA ALA D 101 -94.09 4.70 33.15
C ALA D 101 -92.86 5.49 32.69
N PHE D 102 -92.90 6.79 32.91
CA PHE D 102 -91.80 7.69 32.56
C PHE D 102 -91.12 8.16 33.82
N ASP D 103 -89.84 7.81 33.98
CA ASP D 103 -89.04 8.27 35.10
C ASP D 103 -88.20 9.45 34.63
N ILE D 104 -88.37 10.59 35.26
CA ILE D 104 -87.74 11.83 34.83
C ILE D 104 -86.64 12.17 35.81
N TYR D 105 -85.41 12.28 35.30
CA TYR D 105 -84.24 12.55 36.11
C TYR D 105 -83.66 13.92 35.77
N TYR D 106 -83.22 14.63 36.79
CA TYR D 106 -82.50 15.89 36.62
C TYR D 106 -81.50 16.03 37.76
N ALA D 107 -80.31 16.53 37.42
CA ALA D 107 -79.24 16.71 38.40
C ALA D 107 -78.95 15.42 39.15
N ASP D 108 -78.91 14.31 38.41
CA ASP D 108 -78.61 12.99 38.95
C ASP D 108 -79.61 12.55 40.01
N THR D 109 -80.86 13.02 39.90
CA THR D 109 -81.88 12.75 40.90
C THR D 109 -83.21 12.46 40.22
N LEU D 110 -83.95 11.50 40.75
CA LEU D 110 -85.28 11.19 40.23
C LEU D 110 -86.25 12.27 40.67
N GLN D 111 -86.82 13.00 39.70
CA GLN D 111 -87.71 14.10 40.01
C GLN D 111 -89.15 13.63 40.22
N THR D 112 -89.69 12.90 39.24
CA THR D 112 -91.06 12.42 39.34
C THR D 112 -91.23 11.24 38.40
N THR D 113 -92.36 10.55 38.55
CA THR D 113 -92.75 9.44 37.68
C THR D 113 -94.14 9.70 37.14
N VAL D 114 -94.30 9.55 35.83
CA VAL D 114 -95.58 9.70 35.15
C VAL D 114 -95.95 8.36 34.54
N THR D 115 -97.05 7.78 34.98
CA THR D 115 -97.48 6.50 34.46
C THR D 115 -98.42 6.68 33.29
N SER D 116 -98.58 5.61 32.50
CA SER D 116 -99.47 5.62 31.37
C SER D 116 -99.95 4.20 31.10
N THR D 117 -101.26 4.04 30.97
CA THR D 117 -101.85 2.75 30.61
C THR D 117 -102.10 2.61 29.11
N ALA D 118 -101.78 3.64 28.33
CA ALA D 118 -102.02 3.58 26.89
C ALA D 118 -101.03 2.68 26.17
N TYR D 119 -99.91 2.34 26.80
CA TYR D 119 -98.87 1.55 26.18
C TYR D 119 -98.64 0.27 26.97
N LEU D 120 -98.19 -0.76 26.26
CA LEU D 120 -97.85 -2.03 26.88
C LEU D 120 -96.35 -2.09 27.15
N ALA D 121 -95.97 -2.88 28.16
CA ALA D 121 -94.56 -3.04 28.47
C ALA D 121 -93.81 -3.69 27.32
N THR D 122 -94.51 -4.48 26.50
CA THR D 122 -93.90 -5.13 25.35
C THR D 122 -93.76 -4.22 24.14
N GLN D 123 -94.28 -3.00 24.22
CA GLN D 123 -94.17 -2.04 23.12
C GLN D 123 -93.10 -0.99 23.37
N ILE D 124 -92.29 -1.13 24.41
CA ILE D 124 -91.39 -0.07 24.82
C ILE D 124 -90.35 0.21 23.75
N GLN D 125 -89.73 -0.85 23.21
CA GLN D 125 -88.65 -0.65 22.25
C GLN D 125 -89.13 -0.07 20.93
N ASP D 126 -90.44 -0.05 20.69
CA ASP D 126 -90.99 0.52 19.47
C ASP D 126 -91.55 1.92 19.66
N ILE D 127 -91.28 2.53 20.82
CA ILE D 127 -91.75 3.89 21.09
C ILE D 127 -90.68 4.87 20.67
N HIS D 128 -91.02 5.78 19.77
CA HIS D 128 -90.13 6.83 19.33
C HIS D 128 -90.67 8.18 19.80
N VAL D 129 -89.79 9.18 19.82
CA VAL D 129 -90.15 10.50 20.31
C VAL D 129 -89.83 11.54 19.24
N ALA D 130 -90.50 12.68 19.34
CA ALA D 130 -90.24 13.83 18.49
C ALA D 130 -90.15 15.04 19.40
N ALA D 131 -88.92 15.47 19.69
CA ALA D 131 -88.69 16.54 20.65
C ALA D 131 -88.85 17.88 19.98
N ALA D 132 -89.69 18.72 20.55
CA ALA D 132 -89.89 20.08 20.08
C ALA D 132 -89.10 21.04 20.97
N HIS D 133 -89.30 22.33 20.76
CA HIS D 133 -88.62 23.33 21.57
C HIS D 133 -89.09 23.30 23.02
N ASP D 134 -90.33 22.88 23.26
CA ASP D 134 -90.90 22.95 24.59
C ASP D 134 -91.75 21.75 25.00
N ARG D 135 -91.82 20.70 24.18
CA ARG D 135 -92.57 19.51 24.55
C ARG D 135 -92.06 18.34 23.74
N VAL D 136 -92.41 17.13 24.17
CA VAL D 136 -92.00 15.90 23.51
C VAL D 136 -93.25 15.14 23.10
N LEU D 137 -93.30 14.69 21.85
CA LEU D 137 -94.38 13.85 21.38
C LEU D 137 -93.96 12.38 21.47
N ILE D 138 -94.85 11.55 21.99
CA ILE D 138 -94.62 10.13 22.14
C ILE D 138 -95.34 9.42 20.99
N LEU D 139 -94.58 8.67 20.19
CA LEU D 139 -95.08 8.09 18.95
C LEU D 139 -94.99 6.58 19.00
N HIS D 140 -96.08 5.92 18.64
CA HIS D 140 -96.12 4.48 18.43
C HIS D 140 -97.09 4.21 17.30
N GLU D 141 -96.77 3.22 16.46
CA GLU D 141 -97.55 3.00 15.25
C GLU D 141 -98.97 2.55 15.55
N ASN D 142 -99.24 2.08 16.76
CA ASN D 142 -100.54 1.54 17.11
C ASN D 142 -101.23 2.31 18.23
N VAL D 143 -100.62 3.38 18.74
CA VAL D 143 -101.16 4.17 19.83
C VAL D 143 -101.19 5.63 19.40
N GLN D 144 -102.29 6.31 19.71
CA GLN D 144 -102.42 7.71 19.35
C GLN D 144 -101.33 8.55 20.00
N ILE D 145 -100.90 9.58 19.28
CA ILE D 145 -99.82 10.45 19.76
C ILE D 145 -100.16 11.04 21.12
N ARG D 146 -99.14 11.12 21.98
CA ARG D 146 -99.26 11.77 23.27
C ARG D 146 -98.28 12.92 23.36
N GLN D 147 -98.56 13.88 24.23
CA GLN D 147 -97.66 14.96 24.55
C GLN D 147 -97.16 14.81 25.97
N LEU D 148 -95.86 14.96 26.16
CA LEU D 148 -95.25 15.02 27.47
C LEU D 148 -94.70 16.43 27.64
N LYS D 149 -95.33 17.21 28.52
CA LYS D 149 -94.97 18.60 28.69
C LYS D 149 -94.69 18.90 30.15
N ARG D 150 -93.66 19.70 30.40
CA ARG D 150 -93.26 20.06 31.74
C ARG D 150 -94.06 21.24 32.24
N GLY D 151 -94.48 21.17 33.50
CA GLY D 151 -95.25 22.24 34.12
C GLY D 151 -94.38 23.37 34.64
N ALA D 152 -94.61 23.78 35.89
CA ALA D 152 -93.94 24.93 36.46
C ALA D 152 -92.72 24.57 37.31
N SER D 153 -92.37 23.30 37.41
CA SER D 153 -91.23 22.91 38.23
C SER D 153 -90.61 21.65 37.64
N HIS D 154 -89.50 21.21 38.25
CA HIS D 154 -88.86 19.99 37.80
C HIS D 154 -89.75 18.77 37.96
N SER D 155 -90.57 18.74 39.01
CA SER D 155 -91.33 17.56 39.35
C SER D 155 -92.77 17.60 38.86
N SER D 156 -93.15 18.61 38.09
CA SER D 156 -94.51 18.74 37.58
C SER D 156 -94.51 18.39 36.10
N TRP D 157 -95.14 17.28 35.74
CA TRP D 157 -95.23 16.84 34.36
C TRP D 157 -96.61 16.28 34.08
N SER D 158 -97.04 16.41 32.83
CA SER D 158 -98.34 15.92 32.39
C SER D 158 -98.19 15.18 31.07
N LEU D 159 -98.96 14.11 30.92
CA LEU D 159 -98.97 13.31 29.71
C LEU D 159 -100.41 13.29 29.18
N THR D 160 -100.64 14.01 28.08
CA THR D 160 -101.96 14.16 27.50
C THR D 160 -101.95 13.62 26.07
N THR D 161 -103.12 13.67 25.43
CA THR D 161 -103.28 13.17 24.07
C THR D 161 -103.15 14.33 23.08
N PHE D 162 -102.43 14.08 22.00
CA PHE D 162 -102.24 15.05 20.92
C PHE D 162 -103.39 14.91 19.94
N ASN D 163 -104.25 15.91 19.87
CA ASN D 163 -105.43 15.86 19.02
C ASN D 163 -105.31 16.86 17.88
N PRO D 164 -105.20 16.42 16.63
CA PRO D 164 -105.10 17.37 15.51
C PRO D 164 -106.37 18.19 15.36
N ARG D 165 -106.20 19.43 14.93
CA ARG D 165 -107.35 20.25 14.58
C ARG D 165 -108.13 19.63 13.44
N VAL D 166 -107.43 19.24 12.37
CA VAL D 166 -108.01 18.52 11.25
C VAL D 166 -107.09 17.35 10.93
N TYR D 167 -107.67 16.17 10.75
CA TYR D 167 -106.88 15.00 10.42
C TYR D 167 -106.43 15.01 8.96
N PRO D 168 -105.27 14.43 8.67
CA PRO D 168 -104.91 14.19 7.28
C PRO D 168 -105.75 13.07 6.69
N THR D 169 -105.85 13.08 5.36
CA THR D 169 -106.69 12.12 4.66
C THR D 169 -105.86 11.36 3.62
N TYR D 170 -106.35 10.18 3.26
CA TYR D 170 -105.66 9.32 2.31
C TYR D 170 -106.66 8.38 1.68
N ASP D 171 -106.47 8.11 0.39
CA ASP D 171 -107.32 7.18 -0.35
C ASP D 171 -106.62 5.82 -0.37
N PHE D 172 -107.07 4.93 0.50
CA PHE D 172 -106.38 3.64 0.65
C PHE D 172 -106.65 2.69 -0.50
N SER D 173 -107.69 2.92 -1.30
CA SER D 173 -107.90 2.07 -2.47
C SER D 173 -106.81 2.25 -3.51
N VAL D 174 -106.05 3.35 -3.44
CA VAL D 174 -104.96 3.57 -4.38
C VAL D 174 -103.87 2.52 -4.18
N ILE D 175 -103.64 2.11 -2.95
CA ILE D 175 -102.71 1.02 -2.66
C ILE D 175 -103.44 -0.30 -2.44
N GLY D 176 -104.71 -0.38 -2.84
CA GLY D 176 -105.45 -1.62 -2.73
C GLY D 176 -105.88 -2.01 -1.34
N GLU D 177 -105.81 -1.09 -0.38
CA GLU D 177 -106.18 -1.37 0.99
C GLU D 177 -107.58 -0.92 1.34
N ALA D 178 -108.39 -0.56 0.35
CA ALA D 178 -109.78 -0.17 0.57
C ALA D 178 -110.60 -0.64 -0.62
N ILE D 179 -111.92 -0.44 -0.54
CA ILE D 179 -112.81 -0.88 -1.60
C ILE D 179 -112.55 -0.07 -2.86
N ASN D 180 -112.46 -0.76 -4.00
CA ASN D 180 -112.23 -0.11 -5.27
C ASN D 180 -113.56 0.43 -5.81
N TYR D 181 -113.63 1.75 -5.99
CA TYR D 181 -114.85 2.42 -6.41
C TYR D 181 -114.79 2.95 -7.83
N GLN D 182 -113.85 2.45 -8.64
CA GLN D 182 -113.68 2.99 -9.99
C GLN D 182 -114.88 2.70 -10.89
N SER D 183 -115.67 1.67 -10.57
CA SER D 183 -116.85 1.35 -11.36
C SER D 183 -118.14 1.84 -10.72
N PHE D 184 -118.07 2.51 -9.58
CA PHE D 184 -119.26 2.96 -8.89
C PHE D 184 -119.73 4.30 -9.46
N THR D 185 -120.86 4.78 -8.98
CA THR D 185 -121.38 6.09 -9.32
C THR D 185 -121.82 6.79 -8.05
N PHE D 186 -121.34 8.01 -7.85
CA PHE D 186 -121.69 8.81 -6.69
C PHE D 186 -122.69 9.88 -7.08
N THR D 187 -123.76 10.01 -6.31
CA THR D 187 -124.81 10.99 -6.55
C THR D 187 -124.85 11.98 -5.40
N LEU D 188 -124.86 13.26 -5.72
CA LEU D 188 -124.95 14.32 -4.73
C LEU D 188 -126.36 14.89 -4.70
N SER D 189 -126.85 15.18 -3.49
CA SER D 189 -128.17 15.80 -3.37
C SER D 189 -128.16 17.21 -3.91
N ALA D 190 -127.07 17.95 -3.70
CA ALA D 190 -126.92 19.30 -4.22
C ALA D 190 -125.43 19.56 -4.45
N THR D 191 -125.14 20.69 -5.08
CA THR D 191 -123.77 21.07 -5.36
C THR D 191 -123.17 21.98 -4.31
N THR D 192 -123.96 22.49 -3.37
CA THR D 192 -123.48 23.46 -2.39
C THR D 192 -124.07 23.13 -1.03
N GLY D 193 -123.46 23.71 0.01
CA GLY D 193 -123.99 23.57 1.36
C GLY D 193 -123.89 22.15 1.87
N SER D 194 -124.79 21.80 2.79
CA SER D 194 -124.84 20.45 3.34
C SER D 194 -125.58 19.53 2.37
N ILE D 195 -124.93 18.43 2.01
CA ILE D 195 -125.45 17.51 1.00
C ILE D 195 -125.37 16.09 1.52
N THR D 196 -125.94 15.18 0.74
CA THR D 196 -125.82 13.74 0.97
C THR D 196 -125.14 13.12 -0.23
N ILE D 197 -124.11 12.32 0.01
CA ILE D 197 -123.40 11.61 -1.05
C ILE D 197 -123.85 10.16 -0.99
N THR D 198 -124.36 9.66 -2.11
CA THR D 198 -124.88 8.30 -2.21
C THR D 198 -124.05 7.52 -3.21
N SER D 199 -123.66 6.31 -2.84
CA SER D 199 -122.88 5.43 -3.71
C SER D 199 -123.73 4.27 -4.16
N SER D 200 -123.57 3.88 -5.43
CA SER D 200 -124.28 2.74 -5.98
C SER D 200 -123.85 1.42 -5.36
N SER D 201 -122.74 1.39 -4.63
CA SER D 201 -122.27 0.16 -4.01
C SER D 201 -121.62 0.51 -2.67
N ALA D 202 -121.50 -0.51 -1.82
CA ALA D 202 -120.96 -0.32 -0.49
C ALA D 202 -119.52 0.16 -0.53
N VAL D 203 -119.27 1.40 -0.12
CA VAL D 203 -117.92 1.94 -0.08
C VAL D 203 -117.59 2.52 1.30
N PHE D 204 -118.53 3.26 1.88
CA PHE D 204 -118.23 4.07 3.05
C PHE D 204 -117.95 3.23 4.28
N THR D 205 -117.02 3.70 5.12
CA THR D 205 -116.77 3.17 6.44
C THR D 205 -116.84 4.33 7.43
N HIS D 206 -116.88 4.00 8.72
CA HIS D 206 -116.93 5.05 9.73
C HIS D 206 -115.68 5.93 9.71
N ASN D 207 -114.54 5.39 9.27
CA ASN D 207 -113.34 6.20 9.19
C ASN D 207 -113.41 7.26 8.11
N HIS D 208 -114.40 7.21 7.22
CA HIS D 208 -114.58 8.27 6.25
C HIS D 208 -115.14 9.55 6.87
N VAL D 209 -115.57 9.51 8.13
CA VAL D 209 -115.96 10.74 8.82
C VAL D 209 -114.73 11.60 9.03
N GLY D 210 -114.79 12.82 8.52
CA GLY D 210 -113.61 13.67 8.46
C GLY D 210 -112.81 13.53 7.20
N GLY D 211 -113.24 12.67 6.28
CA GLY D 211 -112.57 12.51 5.00
C GLY D 211 -113.04 13.51 3.98
N LEU D 212 -112.60 13.31 2.75
CA LEU D 212 -112.87 14.23 1.66
C LEU D 212 -113.42 13.48 0.47
N PHE D 213 -114.27 14.16 -0.29
CA PHE D 213 -114.77 13.64 -1.56
C PHE D 213 -114.53 14.70 -2.63
N ARG D 214 -113.86 14.32 -3.70
CA ARG D 214 -113.50 15.23 -4.77
C ARG D 214 -114.00 14.69 -6.10
N SER D 215 -114.66 15.55 -6.87
CA SER D 215 -115.12 15.22 -8.21
C SER D 215 -115.68 16.48 -8.83
N LEU D 216 -115.61 16.56 -10.16
CA LEU D 216 -116.21 17.65 -10.92
C LEU D 216 -115.69 19.01 -10.46
N GLY D 217 -114.45 19.06 -10.00
CA GLY D 217 -113.86 20.30 -9.52
C GLY D 217 -114.26 20.70 -8.13
N GLY D 218 -115.10 19.92 -7.46
CA GLY D 218 -115.55 20.26 -6.12
C GLY D 218 -114.97 19.39 -5.04
N THR D 219 -115.01 19.87 -3.80
CA THR D 219 -114.51 19.16 -2.64
C THR D 219 -115.55 19.25 -1.53
N ALA D 220 -115.78 18.14 -0.84
CA ALA D 220 -116.71 18.10 0.28
C ALA D 220 -116.08 17.32 1.42
N ARG D 221 -116.26 17.80 2.64
CA ARG D 221 -115.77 17.11 3.82
C ARG D 221 -116.90 16.30 4.44
N ILE D 222 -116.70 14.99 4.53
CA ILE D 222 -117.72 14.11 5.08
C ILE D 222 -117.84 14.33 6.58
N THR D 223 -119.06 14.47 7.06
CA THR D 223 -119.31 14.70 8.48
C THR D 223 -120.05 13.57 9.17
N ALA D 224 -120.72 12.69 8.43
CA ALA D 224 -121.39 11.54 9.02
C ALA D 224 -121.49 10.44 7.99
N VAL D 225 -121.46 9.20 8.46
CA VAL D 225 -121.60 8.02 7.62
C VAL D 225 -122.78 7.23 8.17
N ALA D 226 -123.92 7.31 7.48
CA ALA D 226 -125.10 6.59 7.93
C ALA D 226 -125.02 5.10 7.63
N SER D 227 -124.44 4.74 6.49
CA SER D 227 -124.33 3.35 6.08
C SER D 227 -123.17 3.23 5.10
N THR D 228 -123.02 2.06 4.51
CA THR D 228 -121.95 1.86 3.54
C THR D 228 -122.22 2.53 2.21
N THR D 229 -123.44 3.01 1.98
CA THR D 229 -123.79 3.65 0.72
C THR D 229 -124.30 5.09 0.88
N SER D 230 -124.37 5.61 2.09
CA SER D 230 -124.89 6.95 2.31
C SER D 230 -124.03 7.69 3.31
N ALA D 231 -123.77 8.97 3.02
CA ALA D 231 -122.97 9.81 3.90
C ALA D 231 -123.43 11.25 3.76
N SER D 232 -123.17 12.03 4.80
CA SER D 232 -123.48 13.46 4.81
C SER D 232 -122.18 14.24 4.75
N ALA D 233 -122.15 15.27 3.90
CA ALA D 233 -120.92 16.02 3.68
C ALA D 233 -121.24 17.50 3.60
N THR D 234 -120.23 18.32 3.88
CA THR D 234 -120.30 19.77 3.75
C THR D 234 -119.43 20.20 2.58
N VAL D 235 -120.01 20.95 1.65
CA VAL D 235 -119.30 21.36 0.44
C VAL D 235 -118.31 22.47 0.80
N LEU D 236 -117.05 22.25 0.47
CA LEU D 236 -115.99 23.26 0.62
C LEU D 236 -115.74 24.02 -0.67
N ASP D 237 -115.72 23.34 -1.81
CA ASP D 237 -115.67 23.96 -3.12
C ASP D 237 -116.80 23.39 -3.96
N ASN D 238 -117.52 24.26 -4.67
CA ASN D 238 -118.75 23.87 -5.33
C ASN D 238 -118.52 22.85 -6.42
N PHE D 239 -119.45 21.91 -6.56
CA PHE D 239 -119.45 20.94 -7.63
C PHE D 239 -120.19 21.49 -8.85
N THR D 240 -119.81 21.02 -10.03
CA THR D 240 -120.47 21.42 -11.25
C THR D 240 -121.65 20.53 -11.62
N GLY D 241 -121.88 19.46 -10.88
CA GLY D 241 -122.98 18.56 -11.17
C GLY D 241 -123.18 17.61 -10.01
N THR D 242 -124.26 16.84 -10.08
CA THR D 242 -124.64 15.94 -9.00
C THR D 242 -124.41 14.48 -9.34
N SER D 243 -123.81 14.17 -10.49
CA SER D 243 -123.51 12.81 -10.88
C SER D 243 -122.02 12.70 -11.14
N CYS D 244 -121.34 11.83 -10.40
CA CYS D 244 -119.89 11.72 -10.44
C CYS D 244 -119.51 10.27 -10.75
N ALA D 245 -118.78 10.09 -11.85
CA ALA D 245 -118.25 8.77 -12.16
C ALA D 245 -117.19 8.38 -11.15
N GLY D 246 -117.20 7.11 -10.75
CA GLY D 246 -116.27 6.66 -9.74
C GLY D 246 -114.82 6.78 -10.18
N ASN D 247 -114.54 6.47 -11.44
CA ASN D 247 -113.17 6.53 -11.93
C ASN D 247 -112.64 7.94 -12.07
N LEU D 248 -113.52 8.95 -12.06
CA LEU D 248 -113.10 10.35 -12.12
C LEU D 248 -113.15 11.04 -10.77
N SER D 249 -113.47 10.31 -9.70
CA SER D 249 -113.63 10.88 -8.38
C SER D 249 -112.47 10.47 -7.48
N SER D 250 -112.47 11.01 -6.27
CA SER D 250 -111.46 10.71 -5.26
C SER D 250 -112.13 10.72 -3.90
N LEU D 251 -112.11 9.58 -3.23
CA LEU D 251 -112.68 9.43 -1.89
C LEU D 251 -111.57 9.02 -0.93
N ALA D 252 -111.41 9.79 0.14
CA ALA D 252 -110.33 9.57 1.09
C ALA D 252 -110.87 9.55 2.51
N GLU D 253 -110.37 8.61 3.30
CA GLU D 253 -110.70 8.52 4.72
C GLU D 253 -109.58 9.15 5.53
N LYS D 254 -109.74 9.12 6.85
CA LYS D 254 -108.71 9.63 7.73
C LYS D 254 -107.48 8.73 7.70
N LEU D 255 -106.31 9.36 7.62
CA LEU D 255 -105.08 8.59 7.52
C LEU D 255 -104.75 7.89 8.83
N TRP D 256 -105.06 8.51 9.96
CA TRP D 256 -104.78 7.95 11.27
C TRP D 256 -106.10 7.54 11.92
N ASN D 257 -106.16 6.29 12.40
CA ASN D 257 -107.38 5.80 13.02
C ASN D 257 -107.08 4.49 13.74
N SER D 258 -107.62 4.36 14.95
CA SER D 258 -107.52 3.11 15.69
C SER D 258 -108.89 2.54 16.04
N ASP D 259 -109.97 3.13 15.53
CA ASP D 259 -111.33 2.68 15.82
C ASP D 259 -111.77 1.71 14.73
N THR D 260 -112.00 0.45 15.12
CA THR D 260 -112.42 -0.58 14.19
C THR D 260 -113.75 -1.23 14.60
N THR D 261 -114.51 -0.60 15.48
CA THR D 261 -115.75 -1.18 15.99
C THR D 261 -116.99 -0.38 15.65
N THR D 262 -116.90 0.93 15.46
CA THR D 262 -118.07 1.73 15.16
C THR D 262 -118.58 1.42 13.76
N ALA D 263 -119.88 1.18 13.64
CA ALA D 263 -120.45 0.76 12.37
C ALA D 263 -120.50 1.93 11.40
N PRO D 264 -120.22 1.70 10.10
CA PRO D 264 -119.69 0.45 9.53
C PRO D 264 -118.21 0.29 9.87
N VAL D 265 -117.76 -0.95 10.09
CA VAL D 265 -116.47 -1.17 10.71
C VAL D 265 -115.35 -0.71 9.80
N SER D 266 -114.35 -0.06 10.40
CA SER D 266 -113.21 0.49 9.68
C SER D 266 -111.98 -0.38 9.90
N ALA D 267 -110.92 -0.05 9.18
CA ALA D 267 -109.66 -0.74 9.33
C ALA D 267 -108.76 0.02 10.30
N ASN D 268 -107.87 -0.72 10.96
CA ASN D 268 -106.92 -0.12 11.88
C ASN D 268 -105.81 0.53 11.05
N ARG D 269 -105.93 1.83 10.82
CA ARG D 269 -104.92 2.53 10.03
C ARG D 269 -103.71 2.92 10.87
N GLY D 270 -103.82 2.88 12.19
CA GLY D 270 -102.69 3.19 13.03
C GLY D 270 -102.38 4.68 13.09
N TRP D 271 -101.21 4.96 13.66
CA TRP D 271 -100.77 6.31 13.95
C TRP D 271 -99.30 6.43 13.55
N PRO D 272 -98.81 7.64 13.33
CA PRO D 272 -97.39 7.79 12.94
C PRO D 272 -96.45 7.31 14.02
N ALA D 273 -95.31 6.77 13.59
CA ALA D 273 -94.27 6.30 14.49
C ALA D 273 -92.98 7.08 14.38
N ARG D 274 -92.84 7.98 13.42
CA ARG D 274 -91.68 8.84 13.28
C ARG D 274 -92.13 10.28 13.16
N GLY D 275 -91.28 11.20 13.60
CA GLY D 275 -91.62 12.60 13.52
C GLY D 275 -90.45 13.50 13.83
N VAL D 276 -90.56 14.75 13.39
CA VAL D 276 -89.59 15.78 13.70
C VAL D 276 -90.26 17.13 13.51
N PHE D 277 -89.79 18.13 14.25
CA PHE D 277 -90.23 19.50 14.08
C PHE D 277 -89.22 20.21 13.19
N TYR D 278 -89.66 20.70 12.04
CA TYR D 278 -88.78 21.31 11.07
C TYR D 278 -89.27 22.71 10.74
N LEU D 279 -88.48 23.71 11.09
CA LEU D 279 -88.83 25.12 10.90
C LEU D 279 -90.20 25.42 11.51
N ASN D 280 -91.21 25.70 10.69
CA ASN D 280 -92.53 26.04 11.20
C ASN D 280 -93.56 24.95 10.91
N ARG D 281 -93.12 23.73 10.63
CA ARG D 281 -94.03 22.62 10.35
C ARG D 281 -93.68 21.43 11.23
N LEU D 282 -94.69 20.62 11.53
CA LEU D 282 -94.51 19.33 12.18
C LEU D 282 -94.65 18.23 11.15
N ILE D 283 -93.64 17.36 11.06
CA ILE D 283 -93.62 16.28 10.09
C ILE D 283 -93.80 14.98 10.85
N LEU D 284 -94.83 14.21 10.48
CA LEU D 284 -95.12 12.93 11.07
C LEU D 284 -95.27 11.88 9.97
N GLY D 285 -94.70 10.70 10.19
CA GLY D 285 -94.73 9.72 9.13
C GLY D 285 -94.60 8.30 9.65
N ARG D 286 -94.56 7.37 8.70
CA ARG D 286 -94.45 5.94 8.97
C ARG D 286 -95.57 5.46 9.90
N SER D 287 -96.80 5.62 9.43
CA SER D 287 -97.93 5.10 10.17
C SER D 287 -98.01 3.59 9.98
N LEU D 288 -98.94 2.97 10.71
CA LEU D 288 -99.06 1.51 10.64
C LEU D 288 -99.46 1.05 9.24
N ALA D 289 -100.40 1.76 8.61
CA ALA D 289 -100.96 1.31 7.34
C ALA D 289 -100.12 1.73 6.14
N VAL D 290 -99.52 2.92 6.18
CA VAL D 290 -98.74 3.44 5.05
C VAL D 290 -97.38 3.85 5.61
N LYS D 291 -96.43 2.92 5.58
CA LYS D 291 -95.14 3.17 6.22
C LYS D 291 -94.21 4.03 5.36
N ASN D 292 -94.51 4.20 4.08
CA ASN D 292 -93.65 4.96 3.17
C ASN D 292 -94.19 6.36 2.90
N LEU D 293 -94.91 6.94 3.84
CA LEU D 293 -95.55 8.23 3.65
C LEU D 293 -95.32 9.11 4.87
N VAL D 294 -95.04 10.39 4.63
CA VAL D 294 -94.92 11.38 5.68
C VAL D 294 -95.90 12.51 5.41
N ASN D 295 -96.36 13.14 6.49
CA ASN D 295 -97.29 14.26 6.41
C ASN D 295 -96.64 15.47 7.05
N LEU D 296 -96.74 16.61 6.38
CA LEU D 296 -96.28 17.89 6.91
C LEU D 296 -97.50 18.70 7.32
N SER D 297 -97.47 19.27 8.52
CA SER D 297 -98.59 20.04 9.02
C SER D 297 -98.68 21.38 8.29
N THR D 298 -99.76 22.11 8.58
CA THR D 298 -99.92 23.45 8.08
C THR D 298 -98.77 24.33 8.56
N ALA D 299 -98.28 25.19 7.67
CA ALA D 299 -97.17 26.06 8.02
C ALA D 299 -97.57 26.99 9.15
N GLY D 300 -96.89 26.87 10.29
CA GLY D 300 -97.15 27.70 11.44
C GLY D 300 -98.14 27.14 12.44
N VAL D 301 -98.84 26.06 12.11
CA VAL D 301 -99.80 25.43 13.00
C VAL D 301 -99.41 23.96 13.09
N TYR D 302 -98.66 23.61 14.14
CA TYR D 302 -98.05 22.28 14.20
C TYR D 302 -99.07 21.17 14.33
N ASP D 303 -100.24 21.46 14.89
CA ASP D 303 -101.23 20.43 15.17
C ASP D 303 -102.37 20.40 14.15
N ASN D 304 -102.21 21.06 13.01
CA ASN D 304 -103.23 21.07 11.97
C ASN D 304 -102.70 20.38 10.73
N PHE D 305 -103.44 19.39 10.24
CA PHE D 305 -103.05 18.63 9.06
C PHE D 305 -104.13 18.67 8.00
N ASP D 306 -104.85 19.80 7.92
CA ASP D 306 -105.92 19.96 6.95
C ASP D 306 -105.35 20.03 5.54
N ASP D 307 -105.73 19.10 4.69
CA ASP D 307 -105.25 19.02 3.32
C ASP D 307 -106.40 19.10 2.32
N ALA D 308 -107.42 19.90 2.65
CA ALA D 308 -108.51 20.14 1.73
C ALA D 308 -108.03 20.92 0.51
N ASP D 309 -107.14 21.87 0.72
CA ASP D 309 -106.62 22.70 -0.36
C ASP D 309 -105.33 22.12 -0.91
N LEU D 310 -105.01 22.51 -2.15
CA LEU D 310 -103.87 21.95 -2.86
C LEU D 310 -102.86 23.02 -3.26
N ASP D 311 -102.85 24.15 -2.57
CA ASP D 311 -101.96 25.24 -2.92
C ASP D 311 -101.70 26.10 -1.69
N GLY D 312 -100.51 26.70 -1.64
CA GLY D 312 -100.18 27.63 -0.58
C GLY D 312 -99.39 27.02 0.56
N LEU D 313 -99.62 27.51 1.77
CA LEU D 313 -98.94 27.03 2.96
C LEU D 313 -99.68 25.88 3.63
N VAL D 314 -100.55 25.20 2.91
CA VAL D 314 -101.40 24.16 3.49
C VAL D 314 -100.58 22.91 3.83
N ALA D 315 -101.16 22.04 4.64
CA ALA D 315 -100.55 20.75 4.91
C ALA D 315 -100.60 19.88 3.67
N PHE D 316 -99.58 19.03 3.51
CA PHE D 316 -99.49 18.14 2.37
C PHE D 316 -98.70 16.91 2.77
N SER D 317 -98.53 16.01 1.82
CA SER D 317 -97.93 14.71 2.07
C SER D 317 -96.82 14.44 1.04
N VAL D 318 -95.90 13.57 1.43
CA VAL D 318 -94.85 13.10 0.54
C VAL D 318 -94.82 11.57 0.62
N THR D 319 -94.87 10.93 -0.54
CA THR D 319 -94.81 9.47 -0.63
C THR D 319 -93.47 9.06 -1.23
N PHE D 320 -92.85 8.06 -0.62
CA PHE D 320 -91.53 7.59 -1.04
C PHE D 320 -91.67 6.25 -1.74
N ASN D 321 -91.30 6.22 -3.02
CA ASN D 321 -91.29 5.00 -3.79
C ASN D 321 -90.03 4.94 -4.64
N GLY D 322 -89.41 3.76 -4.67
CA GLY D 322 -88.31 3.48 -5.56
C GLY D 322 -88.53 2.14 -6.20
N LYS D 323 -87.60 1.21 -5.98
CA LYS D 323 -87.76 -0.17 -6.41
C LYS D 323 -87.92 -1.01 -5.14
N GLY D 324 -89.16 -1.17 -4.70
CA GLY D 324 -89.43 -2.01 -3.54
C GLY D 324 -89.89 -1.24 -2.32
N GLU D 325 -89.63 -1.80 -1.14
CA GLU D 325 -90.09 -1.20 0.10
C GLU D 325 -89.26 0.04 0.45
N GLN D 326 -89.94 1.12 0.80
CA GLN D 326 -89.30 2.37 1.19
C GLN D 326 -89.91 2.91 2.48
N SER D 327 -90.10 2.05 3.46
CA SER D 327 -90.70 2.47 4.72
C SER D 327 -89.76 3.41 5.47
N VAL D 328 -90.30 4.52 5.97
CA VAL D 328 -89.48 5.57 6.55
C VAL D 328 -88.91 5.11 7.89
N GLN D 329 -87.60 5.29 8.06
CA GLN D 329 -86.92 4.95 9.30
C GLN D 329 -86.62 6.17 10.17
N SER D 330 -86.08 7.23 9.57
CA SER D 330 -85.75 8.43 10.30
C SER D 330 -86.07 9.65 9.45
N ILE D 331 -86.48 10.72 10.12
CA ILE D 331 -86.69 12.02 9.50
C ILE D 331 -85.67 12.96 10.13
N VAL D 332 -84.72 13.42 9.32
CA VAL D 332 -83.53 14.11 9.82
C VAL D 332 -83.63 15.58 9.45
N ALA D 333 -83.45 16.45 10.43
CA ALA D 333 -83.47 17.89 10.21
C ALA D 333 -82.04 18.39 9.98
N ASP D 334 -81.47 17.94 8.87
CA ASP D 334 -80.19 18.43 8.39
C ASP D 334 -80.38 18.94 6.97
N ASP D 335 -79.86 20.13 6.69
CA ASP D 335 -80.10 20.82 5.42
C ASP D 335 -81.59 20.85 5.12
N SER D 336 -81.97 20.63 3.86
CA SER D 336 -83.32 20.22 3.58
C SER D 336 -83.52 18.80 4.09
N ILE D 337 -84.76 18.48 4.48
CA ILE D 337 -85.02 17.26 5.23
C ILE D 337 -84.44 16.05 4.52
N LEU D 338 -83.81 15.16 5.28
CA LEU D 338 -83.33 13.87 4.81
C LEU D 338 -84.22 12.76 5.35
N PHE D 339 -84.55 11.80 4.50
CA PHE D 339 -85.39 10.67 4.88
C PHE D 339 -84.60 9.38 4.65
N THR D 340 -84.19 8.73 5.73
CA THR D 340 -83.66 7.38 5.62
C THR D 340 -84.80 6.39 5.63
N THR D 341 -84.74 5.42 4.71
CA THR D 341 -85.81 4.44 4.60
C THR D 341 -85.25 3.03 4.63
N ALA D 342 -86.10 2.05 4.33
CA ALA D 342 -85.66 0.67 4.27
C ALA D 342 -84.70 0.42 3.11
N ASN D 343 -84.83 1.15 2.02
CA ASN D 343 -83.91 0.99 0.89
C ASN D 343 -83.11 2.24 0.59
N LYS D 344 -83.76 3.35 0.28
CA LYS D 344 -83.10 4.48 -0.36
C LYS D 344 -83.19 5.72 0.50
N LEU D 345 -82.16 6.57 0.40
CA LEU D 345 -82.15 7.85 1.08
C LEU D 345 -82.79 8.90 0.18
N PHE D 346 -83.78 9.60 0.70
CA PHE D 346 -84.52 10.60 -0.05
C PHE D 346 -84.20 11.99 0.46
N ALA D 347 -83.82 12.88 -0.46
CA ALA D 347 -83.47 14.24 -0.10
C ALA D 347 -83.51 15.08 -1.36
N GLN D 348 -83.44 16.39 -1.19
CA GLN D 348 -83.31 17.31 -2.30
C GLN D 348 -82.00 18.09 -2.17
N SER D 349 -81.53 18.60 -3.30
CA SER D 349 -80.25 19.28 -3.33
C SER D 349 -80.29 20.52 -2.45
N PRO D 350 -79.30 20.71 -1.56
CA PRO D 350 -79.26 21.96 -0.79
C PRO D 350 -79.02 23.18 -1.65
N LEU D 351 -78.52 23.01 -2.88
CA LEU D 351 -78.34 24.12 -3.80
C LEU D 351 -79.65 24.59 -4.43
N VAL D 352 -80.75 23.88 -4.20
CA VAL D 352 -82.05 24.26 -4.72
C VAL D 352 -82.76 25.15 -3.70
N GLU D 353 -83.35 26.25 -4.19
CA GLU D 353 -84.07 27.19 -3.34
C GLU D 353 -85.50 26.67 -3.14
N SER D 354 -85.63 25.71 -2.24
CA SER D 354 -86.92 25.07 -1.98
C SER D 354 -87.57 25.68 -0.74
N PRO D 355 -88.75 26.28 -0.85
CA PRO D 355 -89.41 26.85 0.34
C PRO D 355 -90.20 25.86 1.16
N ILE D 356 -90.20 24.58 0.80
CA ILE D 356 -90.93 23.53 1.51
C ILE D 356 -92.42 23.84 1.50
N THR D 357 -93.05 23.74 0.33
CA THR D 357 -94.48 23.86 0.18
C THR D 357 -94.98 22.70 -0.68
N ILE D 358 -96.29 22.66 -0.90
CA ILE D 358 -96.92 21.43 -1.37
C ILE D 358 -96.39 21.03 -2.75
N ASN D 359 -96.27 21.99 -3.67
CA ASN D 359 -95.80 21.67 -5.01
C ASN D 359 -94.42 22.23 -5.29
N ASN D 360 -93.64 22.49 -4.25
CA ASN D 360 -92.29 23.02 -4.41
C ASN D 360 -91.29 22.21 -3.60
N VAL D 361 -91.52 20.92 -3.46
CA VAL D 361 -90.57 20.00 -2.85
C VAL D 361 -90.05 19.06 -3.92
N TYR D 362 -88.75 18.83 -3.91
CA TYR D 362 -88.09 18.05 -4.95
C TYR D 362 -87.31 16.89 -4.35
N PHE D 363 -87.90 16.20 -3.38
CA PHE D 363 -87.25 15.04 -2.80
C PHE D 363 -87.10 13.95 -3.86
N ALA D 364 -85.90 13.43 -3.99
CA ALA D 364 -85.57 12.43 -5.00
C ALA D 364 -84.80 11.30 -4.35
N PRO D 365 -84.86 10.11 -4.92
CA PRO D 365 -84.05 9.01 -4.40
C PRO D 365 -82.56 9.23 -4.63
N GLN D 366 -81.83 9.55 -3.57
CA GLN D 366 -80.38 9.59 -3.64
C GLN D 366 -79.86 8.16 -3.55
N SER D 367 -78.59 7.98 -3.20
CA SER D 367 -77.95 6.68 -3.15
C SER D 367 -78.76 5.60 -2.43
N GLN D 368 -78.52 4.34 -2.79
CA GLN D 368 -79.10 3.20 -2.12
C GLN D 368 -78.38 2.95 -0.80
N SER D 369 -79.12 2.99 0.31
CA SER D 369 -78.51 2.86 1.62
C SER D 369 -79.53 2.45 2.67
N PRO D 370 -79.80 1.16 2.83
CA PRO D 370 -80.80 0.72 3.80
C PRO D 370 -80.45 1.13 5.22
N ALA D 371 -81.48 1.49 5.98
CA ALA D 371 -81.32 1.98 7.33
C ALA D 371 -82.24 1.23 8.28
N THR D 372 -81.86 1.21 9.55
CA THR D 372 -82.65 0.57 10.59
C THR D 372 -83.42 1.63 11.38
N SER D 373 -84.15 1.20 12.40
CA SER D 373 -85.04 2.08 13.13
C SER D 373 -84.34 2.92 14.19
N ILE D 374 -83.02 2.79 14.34
CA ILE D 374 -82.27 3.62 15.27
C ILE D 374 -82.14 5.02 14.68
N GLU D 375 -82.45 6.03 15.47
CA GLU D 375 -82.54 7.39 14.97
C GLU D 375 -81.17 7.91 14.52
N ALA D 376 -81.16 8.59 13.38
CA ALA D 376 -79.93 9.11 12.82
C ALA D 376 -79.36 10.22 13.70
N ALA D 377 -78.03 10.37 13.63
CA ALA D 377 -77.30 11.33 14.44
C ALA D 377 -76.71 12.41 13.54
N SER D 378 -76.67 13.63 14.05
CA SER D 378 -76.11 14.77 13.33
C SER D 378 -74.95 15.33 14.12
N ILE D 379 -73.77 15.32 13.52
CA ILE D 379 -72.56 15.78 14.21
C ILE D 379 -71.45 15.98 13.20
N ASP D 380 -70.61 17.00 13.42
CA ASP D 380 -69.39 17.20 12.64
C ASP D 380 -69.68 17.30 11.14
N ASN D 381 -70.68 18.10 10.80
CA ASN D 381 -71.01 18.42 9.41
C ASN D 381 -71.42 17.18 8.61
N GLN D 382 -72.02 16.19 9.25
CA GLN D 382 -72.40 14.98 8.54
C GLN D 382 -73.56 14.32 9.28
N THR D 383 -74.20 13.37 8.60
CA THR D 383 -75.27 12.56 9.16
C THR D 383 -74.80 11.12 9.26
N LEU D 384 -74.97 10.52 10.43
CA LEU D 384 -74.59 9.13 10.69
C LEU D 384 -75.82 8.33 11.05
N PHE D 385 -75.98 7.16 10.44
CA PHE D 385 -77.11 6.30 10.75
C PHE D 385 -76.71 4.84 10.60
N VAL D 386 -77.32 3.99 11.41
CA VAL D 386 -77.02 2.56 11.39
C VAL D 386 -77.74 1.91 10.22
N SER D 387 -77.06 0.98 9.55
CA SER D 387 -77.65 0.31 8.41
C SER D 387 -78.72 -0.68 8.87
N SER D 388 -79.47 -1.21 7.89
CA SER D 388 -80.62 -2.05 8.21
C SER D 388 -80.21 -3.35 8.89
N ASP D 389 -79.09 -3.93 8.47
CA ASP D 389 -78.63 -5.16 9.13
C ASP D 389 -77.87 -4.87 10.41
N ARG D 390 -77.67 -3.61 10.75
CA ARG D 390 -77.08 -3.14 12.01
C ARG D 390 -75.60 -3.49 12.15
N THR D 391 -74.95 -3.92 11.08
CA THR D 391 -73.53 -4.26 11.15
C THR D 391 -72.63 -3.14 10.63
N LYS D 392 -73.19 -2.00 10.26
CA LYS D 392 -72.41 -0.90 9.72
C LYS D 392 -73.02 0.42 10.16
N VAL D 393 -72.19 1.46 10.19
CA VAL D 393 -72.62 2.83 10.37
C VAL D 393 -72.39 3.55 9.05
N MET D 394 -73.43 4.18 8.53
CA MET D 394 -73.36 4.85 7.24
C MET D 394 -73.25 6.36 7.44
N GLN D 395 -72.47 6.99 6.57
CA GLN D 395 -72.28 8.43 6.58
C GLN D 395 -72.85 9.01 5.29
N ALA D 396 -73.67 10.04 5.42
CA ALA D 396 -74.27 10.71 4.26
C ALA D 396 -73.82 12.16 4.22
N MET D 397 -73.25 12.57 3.09
CA MET D 397 -72.90 13.97 2.86
C MET D 397 -73.25 14.33 1.43
N TYR D 398 -73.57 15.60 1.22
CA TYR D 398 -73.83 16.08 -0.14
C TYR D 398 -72.51 16.38 -0.84
N SER D 399 -72.35 15.85 -2.04
CA SER D 399 -71.18 16.07 -2.87
C SER D 399 -71.62 16.87 -4.09
N THR D 400 -71.19 18.13 -4.15
CA THR D 400 -71.55 18.96 -5.30
C THR D 400 -70.93 18.42 -6.59
N ALA D 401 -69.74 17.82 -6.49
CA ALA D 401 -69.10 17.26 -7.68
C ALA D 401 -69.93 16.13 -8.28
N ASP D 402 -70.70 15.43 -7.47
CA ASP D 402 -71.57 14.36 -7.94
C ASP D 402 -73.03 14.78 -8.05
N GLY D 403 -73.39 15.94 -7.52
CA GLY D 403 -74.76 16.41 -7.60
C GLY D 403 -75.76 15.62 -6.81
N LYS D 404 -75.33 14.94 -5.74
CA LYS D 404 -76.23 14.13 -4.94
C LYS D 404 -75.61 13.85 -3.59
N TYR D 405 -76.40 13.22 -2.72
CA TYR D 405 -75.92 12.76 -1.43
C TYR D 405 -75.19 11.43 -1.62
N ILE D 406 -74.00 11.32 -1.02
CA ILE D 406 -73.15 10.16 -1.13
C ILE D 406 -73.14 9.45 0.22
N THR D 407 -73.44 8.15 0.20
CA THR D 407 -73.42 7.33 1.41
C THR D 407 -72.27 6.35 1.33
N LEU D 408 -71.50 6.24 2.41
CA LEU D 408 -70.38 5.32 2.46
C LEU D 408 -70.24 4.83 3.89
N PRO D 409 -69.66 3.65 4.09
CA PRO D 409 -69.52 3.11 5.45
C PRO D 409 -68.50 3.89 6.25
N ALA D 410 -68.96 4.51 7.33
CA ALA D 410 -68.05 5.15 8.27
C ALA D 410 -67.20 4.13 9.02
N THR D 411 -67.63 2.87 9.07
CA THR D 411 -66.88 1.80 9.72
C THR D 411 -66.01 1.02 8.75
N MET D 412 -65.64 1.62 7.62
CA MET D 412 -64.94 0.87 6.57
C MET D 412 -63.58 0.39 7.04
N LEU D 413 -62.88 1.15 7.86
CA LEU D 413 -61.56 0.79 8.33
C LEU D 413 -61.57 0.03 9.64
N SER D 414 -62.73 -0.17 10.27
CA SER D 414 -62.80 -0.79 11.59
C SER D 414 -63.91 -1.82 11.65
N ASN D 415 -64.03 -2.65 10.62
CA ASN D 415 -65.14 -3.59 10.56
C ASN D 415 -65.01 -4.69 11.60
N SER D 416 -63.79 -4.98 12.06
CA SER D 416 -63.57 -6.13 12.92
C SER D 416 -64.24 -5.96 14.28
N ILE D 417 -64.23 -4.74 14.84
CA ILE D 417 -64.81 -4.52 16.16
C ILE D 417 -66.30 -4.27 16.12
N VAL D 418 -66.91 -4.21 14.95
CA VAL D 418 -68.34 -3.92 14.86
C VAL D 418 -69.13 -5.21 15.00
N ASP D 419 -70.01 -5.25 15.98
CA ASP D 419 -71.04 -6.24 16.19
C ASP D 419 -72.38 -5.62 15.76
N TYR D 420 -73.49 -6.21 16.17
CA TYR D 420 -74.81 -5.67 15.84
C TYR D 420 -75.14 -4.49 16.74
N ILE D 421 -75.37 -3.33 16.14
CA ILE D 421 -75.61 -2.09 16.87
C ILE D 421 -77.09 -1.98 17.23
N ASN D 422 -77.39 -1.54 18.45
CA ASN D 422 -78.77 -1.41 18.88
C ASN D 422 -79.17 -0.03 19.40
N SER D 423 -78.25 0.93 19.47
CA SER D 423 -78.59 2.31 19.83
C SER D 423 -77.40 3.20 19.53
N ASN D 424 -77.66 4.51 19.47
CA ASN D 424 -76.56 5.45 19.27
C ASN D 424 -76.92 6.80 19.87
N GLY D 425 -75.88 7.63 20.02
CA GLY D 425 -76.02 8.98 20.54
C GLY D 425 -74.81 9.79 20.14
N THR D 426 -74.84 11.08 20.51
CA THR D 426 -73.74 11.98 20.23
C THR D 426 -73.35 12.71 21.50
N TRP D 427 -72.12 13.22 21.52
CA TRP D 427 -71.60 13.91 22.68
C TRP D 427 -70.47 14.83 22.25
N GLU D 428 -70.52 16.07 22.72
CA GLU D 428 -69.49 17.07 22.42
C GLU D 428 -69.01 17.60 23.76
N PRO D 429 -68.17 16.84 24.46
CA PRO D 429 -67.85 17.19 25.85
C PRO D 429 -67.06 18.47 25.97
N ALA D 430 -67.27 19.16 27.09
CA ALA D 430 -66.62 20.44 27.33
C ALA D 430 -65.15 20.23 27.67
N GLY D 431 -64.28 21.01 27.03
CA GLY D 431 -62.86 20.98 27.32
C GLY D 431 -62.09 19.86 26.67
N ILE D 432 -62.74 18.98 25.92
CA ILE D 432 -62.10 17.82 25.33
C ILE D 432 -62.05 18.00 23.82
N SER D 433 -60.90 17.69 23.21
CA SER D 433 -60.70 17.85 21.78
C SER D 433 -61.28 16.65 21.03
N THR D 434 -62.60 16.54 21.05
CA THR D 434 -63.24 15.45 20.34
C THR D 434 -64.71 15.78 20.07
N ARG D 435 -65.21 15.25 18.96
CA ARG D 435 -66.64 15.19 18.67
C ARG D 435 -67.02 13.72 18.57
N LEU D 436 -67.91 13.27 19.45
CA LEU D 436 -68.12 11.85 19.67
C LEU D 436 -69.46 11.38 19.14
N TYR D 437 -69.43 10.24 18.45
CA TYR D 437 -70.60 9.45 18.13
C TYR D 437 -70.47 8.11 18.85
N LEU D 438 -71.50 7.75 19.61
CA LEU D 438 -71.47 6.56 20.46
C LEU D 438 -72.51 5.57 19.98
N ALA D 439 -72.26 4.28 20.19
CA ALA D 439 -73.18 3.24 19.71
C ALA D 439 -72.95 1.96 20.49
N THR D 440 -73.97 1.51 21.22
CA THR D 440 -73.86 0.24 21.93
C THR D 440 -74.20 -0.92 21.00
N GLN D 441 -73.76 -2.11 21.39
CA GLN D 441 -73.90 -3.31 20.58
C GLN D 441 -74.51 -4.44 21.39
N ASP D 442 -74.96 -5.47 20.68
CA ASP D 442 -75.60 -6.61 21.33
C ASP D 442 -74.65 -7.35 22.25
N ASN D 443 -73.37 -7.42 21.90
CA ASN D 443 -72.41 -8.15 22.74
C ASN D 443 -72.06 -7.40 24.01
N GLY D 444 -72.63 -6.23 24.25
CA GLY D 444 -72.41 -5.51 25.49
C GLY D 444 -71.31 -4.48 25.46
N THR D 445 -70.69 -4.24 24.31
CA THR D 445 -69.66 -3.23 24.17
C THR D 445 -70.25 -1.96 23.58
N MET D 446 -69.45 -0.91 23.57
CA MET D 446 -69.87 0.37 23.03
C MET D 446 -68.81 0.91 22.07
N LEU D 447 -69.23 1.24 20.86
CA LEU D 447 -68.35 1.87 19.89
C LEU D 447 -68.24 3.36 20.16
N LEU D 448 -67.04 3.90 19.98
CA LEU D 448 -66.78 5.31 20.13
C LEU D 448 -66.14 5.82 18.85
N TYR D 449 -66.73 6.83 18.24
CA TYR D 449 -66.29 7.36 16.96
C TYR D 449 -65.95 8.83 17.14
N SER D 450 -64.68 9.16 17.00
CA SER D 450 -64.22 10.54 17.09
C SER D 450 -63.97 11.04 15.67
N THR D 451 -64.63 12.14 15.31
CA THR D 451 -64.62 12.59 13.92
C THR D 451 -64.36 14.08 13.84
N LEU D 452 -63.52 14.46 12.88
CA LEU D 452 -63.36 15.83 12.42
C LEU D 452 -63.01 15.74 10.93
N GLN D 453 -64.04 15.74 10.10
CA GLN D 453 -63.88 15.24 8.73
C GLN D 453 -63.11 16.19 7.85
N THR D 454 -63.23 17.51 8.06
CA THR D 454 -62.46 18.44 7.26
C THR D 454 -60.97 18.28 7.50
N GLN D 455 -60.59 17.78 8.67
CA GLN D 455 -59.19 17.53 9.01
C GLN D 455 -58.82 16.06 8.87
N ASN D 456 -59.66 15.25 8.25
CA ASN D 456 -59.40 13.83 8.03
C ASN D 456 -59.15 13.10 9.35
N VAL D 457 -59.99 13.39 10.33
CA VAL D 457 -59.98 12.70 11.62
C VAL D 457 -61.20 11.79 11.65
N ALA D 458 -60.96 10.49 11.78
CA ALA D 458 -62.05 9.52 11.89
C ALA D 458 -61.48 8.28 12.60
N GLY D 459 -61.68 8.21 13.91
CA GLY D 459 -61.11 7.14 14.69
C GLY D 459 -62.11 6.36 15.52
N TRP D 460 -62.18 5.06 15.32
CA TRP D 460 -63.05 4.18 16.07
C TRP D 460 -62.29 3.53 17.22
N SER D 461 -63.01 3.28 18.31
CA SER D 461 -62.44 2.57 19.44
C SER D 461 -63.57 1.83 20.15
N LEU D 462 -63.20 0.85 20.96
CA LEU D 462 -64.14 -0.04 21.61
C LEU D 462 -64.10 0.16 23.11
N ARG D 463 -65.26 0.33 23.71
CA ARG D 463 -65.40 0.56 25.15
C ARG D 463 -66.03 -0.67 25.80
N THR D 464 -65.38 -1.18 26.84
CA THR D 464 -65.90 -2.30 27.60
C THR D 464 -65.93 -1.93 29.08
N THR D 465 -66.80 -2.61 29.82
CA THR D 465 -66.99 -2.35 31.24
C THR D 465 -67.17 -3.68 31.96
N THR D 466 -67.21 -3.62 33.29
CA THR D 466 -67.52 -4.81 34.10
C THR D 466 -69.04 -4.96 34.12
N GLY D 467 -69.56 -5.44 33.01
CA GLY D 467 -70.98 -5.49 32.74
C GLY D 467 -71.22 -5.41 31.25
N LYS D 468 -72.42 -4.98 30.88
CA LYS D 468 -72.80 -4.95 29.47
C LYS D 468 -73.61 -3.68 29.20
N PHE D 469 -73.11 -2.85 28.28
CA PHE D 469 -73.86 -1.68 27.85
C PHE D 469 -75.10 -2.12 27.09
N ARG D 470 -76.24 -1.52 27.41
CA ARG D 470 -77.50 -1.83 26.74
C ARG D 470 -78.05 -0.67 25.94
N GLN D 471 -77.75 0.58 26.31
CA GLN D 471 -78.20 1.72 25.54
C GLN D 471 -77.30 2.90 25.87
N VAL D 472 -77.12 3.78 24.88
CA VAL D 472 -76.43 5.05 25.07
C VAL D 472 -77.38 6.17 24.66
N ILE D 473 -77.47 7.19 25.50
CA ILE D 473 -78.42 8.28 25.34
C ILE D 473 -77.64 9.59 25.30
N GLY D 474 -77.96 10.44 24.34
CA GLY D 474 -77.32 11.74 24.28
C GLY D 474 -77.43 12.41 22.93
N GLU D 475 -77.58 13.73 22.95
CA GLU D 475 -77.71 14.52 21.73
C GLU D 475 -76.65 15.61 21.66
N GLY D 476 -75.54 15.41 22.35
CA GLY D 476 -74.42 16.32 22.26
C GLY D 476 -74.05 17.00 23.56
N ARG D 477 -75.05 17.42 24.34
CA ARG D 477 -74.77 18.17 25.54
C ARG D 477 -74.28 17.28 26.68
N GLN D 478 -74.78 16.05 26.75
CA GLN D 478 -74.37 15.11 27.79
C GLN D 478 -74.58 13.69 27.26
N SER D 479 -74.20 12.71 28.06
CA SER D 479 -74.28 11.32 27.63
C SER D 479 -74.55 10.42 28.82
N HIS D 480 -75.59 9.60 28.72
CA HIS D 480 -75.93 8.59 29.71
C HIS D 480 -75.87 7.21 29.08
N VAL D 481 -75.69 6.20 29.92
CA VAL D 481 -75.70 4.82 29.48
C VAL D 481 -76.61 4.02 30.39
N ILE D 482 -77.18 2.96 29.85
CA ILE D 482 -77.94 1.98 30.61
C ILE D 482 -77.14 0.70 30.61
N VAL D 483 -76.72 0.25 31.80
CA VAL D 483 -75.73 -0.80 31.93
C VAL D 483 -76.33 -1.94 32.75
N GLU D 484 -76.09 -3.16 32.29
CA GLU D 484 -76.46 -4.37 33.02
C GLU D 484 -75.24 -4.86 33.79
N ARG D 485 -75.33 -4.87 35.11
CA ARG D 485 -74.24 -5.29 35.97
C ARG D 485 -74.69 -6.39 36.90
N GLU D 486 -73.73 -7.12 37.44
CA GLU D 486 -73.99 -8.17 38.41
C GLU D 486 -73.64 -7.71 39.81
N ILE D 487 -74.41 -8.17 40.78
CA ILE D 487 -74.13 -7.91 42.19
C ILE D 487 -74.16 -9.23 42.94
N ASN D 488 -73.39 -9.29 44.01
CA ASN D 488 -73.43 -10.45 44.90
C ASN D 488 -74.74 -10.45 45.67
N ILE D 489 -75.47 -11.55 45.60
CA ILE D 489 -76.79 -11.62 46.22
C ILE D 489 -76.76 -12.57 47.41
N GLY D 490 -75.58 -12.74 48.00
CA GLY D 490 -75.47 -13.48 49.25
C GLY D 490 -75.73 -14.97 49.15
N ALA D 491 -76.83 -15.42 49.74
CA ALA D 491 -77.12 -16.85 49.84
C ALA D 491 -77.99 -17.38 48.71
N SER D 492 -78.41 -16.53 47.78
CA SER D 492 -79.23 -16.98 46.65
C SER D 492 -78.38 -17.08 45.39
N PHE D 493 -78.87 -17.86 44.43
CA PHE D 493 -78.13 -18.18 43.22
C PHE D 493 -78.98 -17.92 41.99
N GLU D 494 -78.45 -17.15 41.07
CA GLU D 494 -79.17 -16.89 39.83
C GLU D 494 -78.34 -17.11 38.56
N GLN D 495 -77.10 -16.67 38.54
CA GLN D 495 -76.34 -16.62 37.30
C GLN D 495 -75.48 -17.86 37.13
N THR D 496 -75.03 -18.07 35.90
CA THR D 496 -74.13 -19.16 35.56
C THR D 496 -72.75 -18.60 35.23
N LEU D 497 -71.75 -19.47 35.33
CA LEU D 497 -70.37 -19.06 35.08
C LEU D 497 -70.18 -18.72 33.60
N ASP D 498 -69.35 -17.71 33.35
CA ASP D 498 -69.07 -17.31 31.98
C ASP D 498 -68.18 -18.34 31.28
N TYR D 499 -67.24 -18.94 32.00
CA TYR D 499 -66.35 -19.91 31.42
C TYR D 499 -66.17 -21.08 32.36
N ALA D 500 -66.00 -22.27 31.78
CA ALA D 500 -65.76 -23.48 32.54
C ALA D 500 -65.02 -24.47 31.66
N TYR D 501 -63.91 -24.99 32.17
CA TYR D 501 -63.08 -25.94 31.43
C TYR D 501 -62.70 -27.09 32.33
N LEU D 502 -62.37 -28.21 31.70
CA LEU D 502 -61.72 -29.33 32.37
C LEU D 502 -60.29 -29.40 31.87
N SER D 503 -59.36 -29.72 32.76
CA SER D 503 -57.95 -29.72 32.40
C SER D 503 -57.26 -30.94 33.00
N ASP D 504 -56.11 -31.26 32.44
CA ASP D 504 -55.31 -32.42 32.80
C ASP D 504 -54.35 -32.05 33.92
N PRO D 505 -53.57 -32.98 34.47
CA PRO D 505 -52.64 -32.62 35.55
C PRO D 505 -51.63 -31.54 35.18
N THR D 506 -51.24 -31.42 33.92
CA THR D 506 -50.30 -30.37 33.54
C THR D 506 -50.97 -29.02 33.35
N PHE D 507 -52.30 -28.95 33.48
CA PHE D 507 -53.06 -27.71 33.36
C PHE D 507 -52.89 -27.07 31.98
N LYS D 508 -52.60 -27.88 30.97
CA LYS D 508 -52.50 -27.38 29.60
C LYS D 508 -53.72 -27.71 28.76
N ALA D 509 -54.36 -28.85 28.99
CA ALA D 509 -55.55 -29.21 28.23
C ALA D 509 -56.69 -28.27 28.56
N ARG D 510 -57.53 -28.00 27.56
CA ARG D 510 -58.71 -27.16 27.74
C ARG D 510 -59.89 -27.85 27.07
N TYR D 511 -60.85 -28.28 27.87
CA TYR D 511 -62.07 -28.91 27.37
C TYR D 511 -63.25 -28.08 27.84
N ASP D 512 -63.84 -27.32 26.93
CA ASP D 512 -64.86 -26.35 27.29
C ASP D 512 -66.15 -27.05 27.69
N VAL D 513 -66.64 -26.76 28.90
CA VAL D 513 -67.86 -27.37 29.41
C VAL D 513 -68.80 -26.28 29.93
N THR D 514 -68.67 -25.07 29.41
CA THR D 514 -69.50 -23.96 29.89
C THR D 514 -70.98 -24.26 29.69
N GLU D 515 -71.34 -24.82 28.54
CA GLU D 515 -72.76 -25.09 28.26
C GLU D 515 -73.33 -26.14 29.21
N PHE D 516 -72.55 -27.18 29.53
CA PHE D 516 -73.05 -28.21 30.43
C PHE D 516 -73.29 -27.65 31.82
N PHE D 517 -72.37 -26.81 32.32
CA PHE D 517 -72.57 -26.21 33.64
C PHE D 517 -73.74 -25.23 33.64
N ALA D 518 -73.93 -24.51 32.55
CA ALA D 518 -74.99 -23.52 32.48
C ALA D 518 -76.37 -24.13 32.28
N SER D 519 -76.46 -25.25 31.58
CA SER D 519 -77.74 -25.87 31.28
C SER D 519 -78.33 -26.53 32.52
N SER D 520 -79.64 -26.73 32.48
CA SER D 520 -80.32 -27.44 33.56
C SER D 520 -79.87 -28.89 33.59
N PRO D 521 -79.98 -29.56 34.74
CA PRO D 521 -79.47 -30.93 34.84
C PRO D 521 -80.04 -31.89 33.82
N MET D 522 -81.30 -31.69 33.41
CA MET D 522 -81.93 -32.62 32.48
C MET D 522 -81.66 -32.30 31.02
N THR D 523 -81.06 -31.15 30.71
CA THR D 523 -80.73 -30.84 29.33
C THR D 523 -79.31 -31.28 28.97
N SER D 524 -78.34 -31.06 29.86
CA SER D 524 -76.96 -31.43 29.59
C SER D 524 -76.25 -31.70 30.91
N ALA D 525 -75.28 -32.61 30.86
CA ALA D 525 -74.45 -32.94 32.01
C ALA D 525 -73.11 -33.42 31.50
N ILE D 526 -72.12 -33.38 32.38
CA ILE D 526 -70.76 -33.74 31.99
C ILE D 526 -70.04 -34.31 33.20
N GLY D 527 -69.25 -35.36 32.98
CA GLY D 527 -68.46 -35.94 34.05
C GLY D 527 -67.17 -35.15 34.25
N VAL D 528 -66.81 -34.96 35.51
CA VAL D 528 -65.69 -34.11 35.87
C VAL D 528 -64.76 -34.86 36.80
N LEU D 529 -63.51 -34.43 36.84
CA LEU D 529 -62.49 -34.97 37.74
C LEU D 529 -62.37 -36.49 37.56
N GLU D 530 -62.15 -36.90 36.31
CA GLU D 530 -62.14 -38.32 36.00
C GLU D 530 -60.92 -39.02 36.58
N ASN D 531 -59.78 -38.35 36.60
CA ASN D 531 -58.53 -38.94 37.09
C ASN D 531 -57.97 -38.09 38.22
N GLN D 532 -56.98 -38.65 38.91
CA GLN D 532 -56.30 -37.90 39.94
C GLN D 532 -55.55 -36.73 39.33
N ASN D 533 -55.55 -35.61 40.06
CA ASN D 533 -54.89 -34.36 39.67
C ASN D 533 -55.52 -33.69 38.47
N ASP D 534 -56.75 -34.03 38.12
CA ASP D 534 -57.47 -33.29 37.10
C ASP D 534 -58.00 -31.98 37.68
N TYR D 535 -58.42 -31.08 36.80
CA TYR D 535 -58.82 -29.74 37.18
C TYR D 535 -60.20 -29.39 36.66
N ILE D 536 -60.85 -28.47 37.37
CA ILE D 536 -62.00 -27.73 36.87
C ILE D 536 -61.66 -26.26 36.96
N LEU D 537 -61.60 -25.59 35.82
CA LEU D 537 -61.29 -24.17 35.75
C LEU D 537 -62.57 -23.39 35.47
N ILE D 538 -62.87 -22.41 36.31
CA ILE D 538 -64.09 -21.62 36.17
C ILE D 538 -63.72 -20.15 36.22
N GLY D 539 -64.43 -19.34 35.43
CA GLY D 539 -64.18 -17.91 35.39
C GLY D 539 -65.46 -17.14 35.20
N ASN D 540 -65.43 -15.88 35.64
CA ASN D 540 -66.60 -15.03 35.57
C ASN D 540 -66.16 -13.58 35.44
N GLN D 541 -67.00 -12.77 34.78
CA GLN D 541 -66.66 -11.37 34.58
C GLN D 541 -66.62 -10.61 35.90
N ALA D 542 -67.46 -10.98 36.86
CA ALA D 542 -67.54 -10.34 38.16
C ALA D 542 -67.16 -11.34 39.24
N PRO D 543 -66.70 -10.87 40.40
CA PRO D 543 -66.38 -11.80 41.49
C PRO D 543 -67.63 -12.49 42.02
N PHE D 544 -67.43 -13.69 42.52
CA PHE D 544 -68.49 -14.49 43.12
C PHE D 544 -67.93 -15.21 44.35
N THR D 545 -68.80 -15.48 45.32
CA THR D 545 -68.34 -16.09 46.56
C THR D 545 -69.08 -17.38 46.90
N ALA D 546 -69.81 -17.97 45.96
CA ALA D 546 -70.49 -19.22 46.24
C ALA D 546 -70.83 -19.93 44.95
N LEU D 547 -70.80 -21.26 45.01
CA LEU D 547 -71.25 -22.13 43.94
C LEU D 547 -72.38 -23.00 44.46
N ASP D 548 -73.34 -23.32 43.60
CA ASP D 548 -74.42 -24.23 43.94
C ASP D 548 -74.47 -25.31 42.87
N ILE D 549 -74.17 -26.54 43.27
CA ILE D 549 -73.91 -27.63 42.33
C ILE D 549 -75.01 -28.69 42.48
N ASP D 550 -75.56 -29.12 41.35
CA ASP D 550 -76.47 -30.24 41.29
C ASP D 550 -75.81 -31.37 40.52
N PHE D 551 -75.78 -32.56 41.11
CA PHE D 551 -75.13 -33.71 40.51
C PHE D 551 -76.17 -34.66 39.93
N ASN D 552 -75.99 -35.01 38.66
CA ASN D 552 -76.75 -36.13 38.10
C ASN D 552 -76.23 -37.46 38.64
N LEU D 553 -74.98 -37.48 39.10
CA LEU D 553 -74.38 -38.69 39.66
C LEU D 553 -73.27 -38.25 40.59
N VAL D 554 -73.45 -38.45 41.89
CA VAL D 554 -72.45 -38.00 42.85
C VAL D 554 -71.22 -38.91 42.79
N ALA D 555 -70.11 -38.40 43.30
CA ALA D 555 -68.90 -39.20 43.41
C ALA D 555 -69.07 -40.29 44.46
N SER D 556 -68.48 -41.46 44.20
CA SER D 556 -68.62 -42.57 45.13
C SER D 556 -67.93 -42.30 46.45
N SER D 557 -66.79 -41.61 46.42
CA SER D 557 -66.06 -41.26 47.64
C SER D 557 -65.53 -39.85 47.51
N ASP D 558 -65.02 -39.34 48.64
CA ASP D 558 -64.56 -37.96 48.70
C ASP D 558 -63.42 -37.73 47.71
N CYS D 559 -63.56 -36.70 46.88
CA CYS D 559 -62.56 -36.41 45.86
C CYS D 559 -61.34 -35.66 46.38
N GLN D 560 -61.37 -35.22 47.64
CA GLN D 560 -60.27 -34.46 48.26
C GLN D 560 -59.92 -33.22 47.41
N LEU D 561 -60.89 -32.32 47.35
CA LEU D 561 -60.79 -31.15 46.51
C LEU D 561 -59.78 -30.15 47.06
N GLN D 562 -59.08 -29.48 46.15
CA GLN D 562 -58.18 -28.38 46.48
C GLN D 562 -58.59 -27.17 45.65
N PHE D 563 -58.74 -26.03 46.30
CA PHE D 563 -59.23 -24.82 45.65
C PHE D 563 -58.13 -23.78 45.57
N GLU D 564 -58.05 -23.11 44.43
CA GLU D 564 -57.09 -22.04 44.21
C GLU D 564 -57.74 -20.92 43.41
N TYR D 565 -57.25 -19.70 43.61
CA TYR D 565 -57.69 -18.55 42.84
C TYR D 565 -56.48 -17.85 42.22
N LEU D 566 -56.74 -17.14 41.14
CA LEU D 566 -55.69 -16.50 40.36
C LEU D 566 -55.65 -15.01 40.70
N ASP D 567 -54.50 -14.52 41.15
CA ASP D 567 -54.37 -13.14 41.57
C ASP D 567 -53.81 -12.27 40.45
N GLY D 568 -53.63 -10.98 40.73
CA GLY D 568 -53.23 -10.03 39.73
C GLY D 568 -51.82 -10.23 39.17
N ASN D 569 -50.98 -10.97 39.88
CA ASN D 569 -49.64 -11.28 39.41
C ASN D 569 -49.59 -12.57 38.59
N GLY D 570 -50.72 -13.20 38.35
CA GLY D 570 -50.72 -14.47 37.66
C GLY D 570 -50.30 -15.64 38.51
N PHE D 571 -50.48 -15.54 39.83
CA PHE D 571 -50.09 -16.57 40.76
C PHE D 571 -51.33 -17.26 41.32
N TRP D 572 -51.32 -18.59 41.29
CA TRP D 572 -52.42 -19.37 41.82
C TRP D 572 -52.19 -19.65 43.31
N ASP D 573 -53.16 -19.29 44.15
CA ASP D 573 -53.00 -19.35 45.59
C ASP D 573 -54.12 -20.20 46.18
N VAL D 574 -53.76 -21.08 47.11
CA VAL D 574 -54.73 -21.98 47.73
C VAL D 574 -55.60 -21.23 48.72
N PHE D 575 -56.88 -21.55 48.76
CA PHE D 575 -57.78 -21.05 49.79
C PHE D 575 -58.72 -22.18 50.20
N THR D 576 -59.25 -22.08 51.41
CA THR D 576 -60.09 -23.14 51.96
C THR D 576 -61.52 -22.68 52.09
N PRO D 577 -62.43 -23.12 51.22
CA PRO D 577 -63.84 -22.76 51.36
C PRO D 577 -64.58 -23.74 52.26
N THR D 578 -65.83 -23.40 52.54
CA THR D 578 -66.76 -24.30 53.21
C THR D 578 -67.56 -25.02 52.14
N ASP D 579 -67.17 -26.24 51.81
CA ASP D 579 -67.85 -27.00 50.78
C ASP D 579 -68.79 -28.01 51.44
N ASN D 580 -70.08 -27.86 51.19
CA ASN D 580 -71.10 -28.74 51.71
C ASN D 580 -71.37 -29.91 50.80
N THR D 581 -70.66 -30.01 49.68
CA THR D 581 -70.71 -31.20 48.85
C THR D 581 -69.84 -32.33 49.40
N SER D 582 -68.96 -32.03 50.35
CA SER D 582 -68.01 -32.98 50.92
C SER D 582 -67.28 -33.76 49.83
N GLY D 583 -66.53 -33.03 49.01
CA GLY D 583 -65.82 -33.62 47.90
C GLY D 583 -66.70 -34.16 46.80
N PHE D 584 -67.74 -33.41 46.42
CA PHE D 584 -68.65 -33.76 45.32
C PHE D 584 -69.37 -35.08 45.58
N THR D 585 -69.64 -35.39 46.85
CA THR D 585 -70.36 -36.60 47.22
C THR D 585 -71.85 -36.36 47.40
N VAL D 586 -72.28 -35.11 47.56
CA VAL D 586 -73.68 -34.78 47.75
C VAL D 586 -73.93 -33.40 47.14
N ASP D 587 -75.16 -33.18 46.70
CA ASP D 587 -75.55 -31.86 46.21
C ASP D 587 -75.42 -30.84 47.33
N GLY D 588 -75.00 -29.63 46.99
CA GLY D 588 -74.87 -28.60 47.99
C GLY D 588 -74.13 -27.39 47.44
N THR D 589 -73.73 -26.53 48.35
CA THR D 589 -73.07 -25.27 48.02
C THR D 589 -71.63 -25.28 48.51
N ILE D 590 -70.79 -24.51 47.84
CA ILE D 590 -69.44 -24.22 48.25
C ILE D 590 -69.32 -22.72 48.41
N THR D 591 -68.97 -22.26 49.61
CA THR D 591 -68.98 -20.84 49.93
C THR D 591 -67.62 -20.42 50.47
N TRP D 592 -67.27 -19.16 50.23
CA TRP D 592 -66.05 -18.57 50.76
C TRP D 592 -66.26 -17.08 50.95
N THR D 593 -65.34 -16.47 51.70
CA THR D 593 -65.40 -15.04 51.98
C THR D 593 -64.36 -14.30 51.15
N PHE D 594 -64.55 -12.99 51.02
CA PHE D 594 -63.60 -12.17 50.29
C PHE D 594 -62.23 -12.13 50.96
N ASP D 595 -62.14 -12.45 52.25
CA ASP D 595 -60.84 -12.56 52.89
C ASP D 595 -60.08 -13.78 52.41
N ASP D 596 -60.78 -14.85 52.06
CA ASP D 596 -60.11 -16.03 51.51
C ASP D 596 -59.49 -15.73 50.16
N VAL D 597 -60.06 -14.80 49.41
CA VAL D 597 -59.65 -14.50 48.04
C VAL D 597 -59.13 -13.07 47.96
N LEU D 598 -58.42 -12.64 49.01
CA LEU D 598 -58.04 -11.24 49.16
C LEU D 598 -57.36 -10.67 47.90
N ASN D 599 -56.48 -11.44 47.28
CA ASN D 599 -55.69 -10.96 46.15
C ASN D 599 -56.35 -11.20 44.80
N TRP D 600 -57.58 -11.69 44.78
CA TRP D 600 -58.29 -11.99 43.54
C TRP D 600 -58.36 -10.76 42.65
N ALA D 601 -58.07 -10.94 41.37
CA ALA D 601 -58.07 -9.84 40.40
C ALA D 601 -58.34 -10.42 39.02
N PRO D 602 -58.86 -9.60 38.11
CA PRO D 602 -59.06 -10.08 36.74
C PRO D 602 -57.73 -10.46 36.09
N TYR D 603 -57.75 -11.51 35.30
CA TYR D 603 -56.53 -11.99 34.66
C TYR D 603 -56.90 -12.78 33.42
N GLN D 604 -55.88 -13.15 32.66
CA GLN D 604 -56.04 -13.84 31.39
C GLN D 604 -55.60 -15.28 31.52
N VAL D 605 -56.41 -16.20 31.02
CA VAL D 605 -56.08 -17.62 30.94
C VAL D 605 -56.37 -18.08 29.52
N ASN D 606 -55.32 -18.37 28.75
CA ASN D 606 -55.44 -18.91 27.39
C ASN D 606 -56.36 -18.07 26.52
N ALA D 607 -55.95 -16.81 26.33
CA ALA D 607 -56.59 -15.84 25.44
C ALA D 607 -57.95 -15.38 25.92
N ILE D 608 -58.44 -15.84 27.06
CA ILE D 608 -59.64 -15.30 27.68
C ILE D 608 -59.19 -14.28 28.71
N GLU D 609 -59.58 -13.03 28.53
CA GLU D 609 -59.05 -11.92 29.30
C GLU D 609 -60.05 -11.39 30.30
N ASN D 610 -59.53 -10.84 31.41
CA ASN D 610 -60.29 -10.06 32.38
C ASN D 610 -61.41 -10.87 33.02
N GLN D 611 -61.06 -12.00 33.60
CA GLN D 611 -62.00 -12.83 34.34
C GLN D 611 -61.45 -13.11 35.72
N TYR D 612 -62.35 -13.41 36.64
CA TYR D 612 -61.98 -13.90 37.97
C TYR D 612 -61.99 -15.42 37.92
N TRP D 613 -60.81 -16.02 38.05
CA TRP D 613 -60.62 -17.45 37.83
C TRP D 613 -60.46 -18.19 39.15
N ILE D 614 -61.02 -19.38 39.21
CA ILE D 614 -60.81 -20.33 40.29
C ILE D 614 -60.65 -21.71 39.65
N ARG D 615 -59.71 -22.50 40.15
CA ARG D 615 -59.56 -23.87 39.70
C ARG D 615 -59.69 -24.83 40.87
N ILE D 616 -60.29 -25.99 40.60
CA ILE D 616 -60.52 -27.02 41.58
C ILE D 616 -59.78 -28.26 41.14
N LYS D 617 -58.99 -28.84 42.03
CA LYS D 617 -58.10 -29.95 41.72
C LYS D 617 -58.49 -31.16 42.56
N ARG D 618 -58.67 -32.30 41.91
CA ARG D 618 -58.93 -33.55 42.61
C ARG D 618 -57.62 -34.14 43.11
N LEU D 619 -57.55 -34.44 44.40
CA LEU D 619 -56.37 -35.06 44.97
C LEU D 619 -56.54 -36.52 45.31
N ALA D 620 -57.78 -37.01 45.43
CA ALA D 620 -58.01 -38.40 45.80
C ALA D 620 -57.45 -39.35 44.77
N GLU D 621 -56.73 -40.37 45.23
CA GLU D 621 -56.12 -41.32 44.32
C GLU D 621 -57.17 -42.27 43.73
N THR D 622 -58.11 -42.73 44.54
CA THR D 622 -59.04 -43.77 44.13
C THR D 622 -60.47 -43.32 44.38
N VAL D 623 -61.22 -43.09 43.32
CA VAL D 623 -62.68 -42.98 43.39
C VAL D 623 -63.25 -43.91 42.33
N ASN D 624 -64.24 -44.71 42.71
CA ASN D 624 -64.77 -45.71 41.79
C ASN D 624 -65.67 -45.10 40.74
N THR D 625 -66.45 -44.08 41.11
CA THR D 625 -67.38 -43.43 40.19
C THR D 625 -67.14 -41.93 40.25
N ALA D 626 -66.63 -41.37 39.16
CA ALA D 626 -66.42 -39.93 39.09
C ALA D 626 -67.76 -39.20 39.03
N PRO D 627 -67.85 -38.02 39.63
CA PRO D 627 -69.13 -37.30 39.64
C PRO D 627 -69.50 -36.76 38.25
N VAL D 628 -70.80 -36.58 38.07
CA VAL D 628 -71.35 -35.98 36.86
C VAL D 628 -72.15 -34.75 37.29
N ILE D 629 -71.79 -33.59 36.74
CA ILE D 629 -72.38 -32.32 37.14
C ILE D 629 -73.50 -31.97 36.18
N GLY D 630 -74.66 -31.61 36.73
CA GLY D 630 -75.80 -31.21 35.93
C GLY D 630 -75.91 -29.73 35.72
N GLN D 631 -75.66 -28.93 36.77
CA GLN D 631 -75.73 -27.48 36.65
C GLN D 631 -74.95 -26.84 37.78
N VAL D 632 -74.32 -25.72 37.49
CA VAL D 632 -73.61 -24.92 38.47
C VAL D 632 -74.14 -23.48 38.40
N LEU D 633 -74.54 -22.94 39.54
CA LEU D 633 -74.98 -21.56 39.65
C LEU D 633 -74.05 -20.82 40.61
N ILE D 634 -74.04 -19.49 40.48
CA ILE D 634 -73.23 -18.64 41.34
C ILE D 634 -74.13 -17.60 41.98
N ASN D 635 -73.66 -17.04 43.09
CA ASN D 635 -74.47 -16.13 43.90
C ASN D 635 -74.37 -14.69 43.42
N THR D 636 -74.69 -14.49 42.14
CA THR D 636 -74.78 -13.16 41.56
C THR D 636 -76.08 -13.03 40.80
N GLY D 637 -76.57 -11.79 40.71
CA GLY D 637 -77.81 -11.53 40.01
C GLY D 637 -77.68 -10.27 39.16
N ASN D 638 -78.49 -10.22 38.10
CA ASN D 638 -78.44 -9.13 37.14
C ASN D 638 -79.23 -7.92 37.63
N ARG D 639 -78.68 -6.74 37.40
CA ARG D 639 -79.36 -5.48 37.65
C ARG D 639 -79.14 -4.56 36.47
N ILE D 640 -80.03 -3.60 36.30
CA ILE D 640 -79.94 -2.61 35.24
C ILE D 640 -79.83 -1.23 35.88
N TYR D 641 -78.79 -0.50 35.51
CA TYR D 641 -78.48 0.80 36.11
C TYR D 641 -78.54 1.90 35.07
N LEU D 642 -78.78 3.11 35.54
CA LEU D 642 -78.61 4.33 34.76
C LEU D 642 -77.37 5.05 35.27
N GLU D 643 -76.46 5.37 34.36
CA GLU D 643 -75.21 6.01 34.71
C GLU D 643 -74.95 7.17 33.76
N ARG D 644 -74.26 8.20 34.25
CA ARG D 644 -73.91 9.36 33.46
C ARG D 644 -72.42 9.34 33.16
N GLN D 645 -72.07 9.45 31.88
CA GLN D 645 -70.68 9.47 31.48
C GLN D 645 -70.05 10.83 31.73
N SER D 646 -68.80 10.83 32.18
CA SER D 646 -68.11 12.06 32.53
C SER D 646 -66.62 11.91 32.29
N PHE D 647 -66.00 12.93 31.71
CA PHE D 647 -64.57 12.92 31.49
C PHE D 647 -63.78 13.28 32.73
N ASP D 648 -64.44 13.64 33.82
CA ASP D 648 -63.77 13.87 35.09
C ASP D 648 -63.64 12.60 35.92
N GLU D 649 -64.22 11.49 35.46
CA GLU D 649 -64.18 10.22 36.16
C GLU D 649 -63.28 9.26 35.42
N TYR D 650 -62.55 8.43 36.17
CA TYR D 650 -61.69 7.41 35.60
C TYR D 650 -62.09 6.02 36.05
N MET D 651 -63.25 5.88 36.67
CA MET D 651 -63.81 4.60 37.07
C MET D 651 -65.25 4.51 36.60
N ASP D 652 -65.84 3.32 36.72
CA ASP D 652 -67.20 3.08 36.29
C ASP D 652 -68.12 2.98 37.50
N SER D 653 -69.35 3.49 37.33
CA SER D 653 -70.39 3.40 38.35
C SER D 653 -69.95 4.00 39.68
N THR D 654 -69.29 5.15 39.60
CA THR D 654 -68.66 5.75 40.76
C THR D 654 -69.70 6.36 41.71
N GLN D 655 -69.26 6.56 42.95
CA GLN D 655 -70.08 7.18 43.99
C GLN D 655 -69.17 7.84 44.99
N ILE D 656 -69.53 9.04 45.42
CA ILE D 656 -68.75 9.76 46.42
C ILE D 656 -69.15 9.29 47.81
N VAL D 657 -68.16 8.88 48.60
CA VAL D 657 -68.39 8.32 49.92
C VAL D 657 -67.41 8.97 50.90
N THR D 658 -67.61 8.68 52.18
CA THR D 658 -66.73 9.14 53.24
C THR D 658 -66.43 7.98 54.18
N SER D 659 -65.16 7.77 54.48
CA SER D 659 -64.75 6.71 55.38
C SER D 659 -64.73 7.21 56.81
N ASP D 660 -64.93 6.28 57.75
CA ASP D 660 -64.92 6.63 59.16
C ASP D 660 -63.50 6.47 59.72
N SER D 661 -63.38 6.52 61.04
CA SER D 661 -62.06 6.45 61.67
C SER D 661 -61.36 5.13 61.45
N ASN D 662 -62.09 4.07 61.11
CA ASN D 662 -61.51 2.77 60.81
C ASN D 662 -61.35 2.52 59.32
N GLY D 663 -61.69 3.49 58.47
CA GLY D 663 -61.67 3.29 57.04
C GLY D 663 -62.89 2.60 56.47
N LEU D 664 -63.90 2.33 57.30
CA LEU D 664 -65.10 1.66 56.82
C LEU D 664 -65.95 2.60 55.97
N VAL D 665 -66.44 2.09 54.84
CA VAL D 665 -67.28 2.83 53.91
C VAL D 665 -68.56 2.03 53.73
N THR D 666 -69.71 2.70 53.83
CA THR D 666 -71.00 2.07 53.68
C THR D 666 -71.78 2.71 52.54
N GLY D 667 -72.92 2.10 52.22
CA GLY D 667 -73.80 2.65 51.21
C GLY D 667 -73.44 2.31 49.78
N LEU D 668 -72.65 1.26 49.56
CA LEU D 668 -72.24 0.86 48.22
C LEU D 668 -73.01 -0.35 47.73
N THR D 669 -74.31 -0.41 48.03
CA THR D 669 -75.10 -1.60 47.72
C THR D 669 -75.13 -1.88 46.22
N HIS D 670 -75.14 -0.84 45.38
CA HIS D 670 -75.16 -1.08 43.95
C HIS D 670 -73.86 -1.68 43.44
N LEU D 671 -72.80 -1.70 44.25
CA LEU D 671 -71.53 -2.31 43.90
C LEU D 671 -71.23 -3.55 44.74
N ALA D 672 -72.25 -4.15 45.34
CA ALA D 672 -72.02 -5.27 46.25
C ALA D 672 -71.36 -6.44 45.53
N GLY D 673 -70.29 -6.96 46.13
CA GLY D 673 -69.56 -8.07 45.56
C GLY D 673 -68.51 -7.71 44.54
N GLN D 674 -68.37 -6.43 44.19
CA GLN D 674 -67.42 -6.03 43.17
C GLN D 674 -66.10 -5.61 43.81
N GLN D 675 -65.09 -5.48 42.96
CA GLN D 675 -63.79 -4.94 43.35
C GLN D 675 -63.71 -3.48 42.91
N VAL D 676 -63.43 -2.59 43.85
CA VAL D 676 -63.50 -1.16 43.61
C VAL D 676 -62.18 -0.51 43.98
N TYR D 677 -61.87 0.59 43.30
CA TYR D 677 -60.73 1.44 43.62
C TYR D 677 -61.22 2.74 44.25
N ALA D 678 -60.37 3.35 45.06
CA ALA D 678 -60.69 4.60 45.74
C ALA D 678 -59.73 5.67 45.27
N ILE D 679 -60.26 6.84 44.91
CA ILE D 679 -59.48 7.97 44.45
C ILE D 679 -59.78 9.16 45.37
N THR D 680 -58.72 9.77 45.88
CA THR D 680 -58.86 10.93 46.77
C THR D 680 -59.25 12.17 45.98
N GLU D 681 -59.64 13.22 46.72
CA GLU D 681 -59.98 14.48 46.08
C GLU D 681 -58.77 15.13 45.43
N ASP D 682 -57.57 14.85 45.94
CA ASP D 682 -56.36 15.36 45.31
C ASP D 682 -55.99 14.63 44.03
N GLY D 683 -56.63 13.50 43.75
CA GLY D 683 -56.38 12.78 42.53
C GLY D 683 -55.32 11.70 42.65
N ALA D 684 -55.31 10.98 43.76
CA ALA D 684 -54.42 9.86 43.97
C ALA D 684 -55.23 8.60 44.20
N THR D 685 -54.95 7.56 43.41
CA THR D 685 -55.60 6.28 43.60
C THR D 685 -54.88 5.51 44.68
N ILE D 686 -55.61 5.17 45.76
CA ILE D 686 -54.98 4.65 46.97
C ILE D 686 -55.11 3.15 47.10
N GLY D 687 -55.79 2.48 46.17
CA GLY D 687 -55.85 1.04 46.22
C GLY D 687 -57.21 0.45 45.91
N SER D 688 -57.31 -0.87 46.00
CA SER D 688 -58.53 -1.59 45.67
C SER D 688 -58.99 -2.42 46.87
N SER D 689 -60.27 -2.74 46.88
CA SER D 689 -60.87 -3.57 47.92
C SER D 689 -62.17 -4.13 47.39
N PHE D 690 -62.69 -5.14 48.08
CA PHE D 690 -63.94 -5.77 47.71
C PHE D 690 -65.08 -5.21 48.55
N VAL D 691 -66.17 -4.86 47.89
CA VAL D 691 -67.41 -4.54 48.59
C VAL D 691 -68.11 -5.84 48.92
N ASP D 692 -68.51 -6.02 50.18
CA ASP D 692 -69.19 -7.26 50.53
C ASP D 692 -70.65 -7.18 50.11
N ALA D 693 -71.39 -8.25 50.40
CA ALA D 693 -72.79 -8.34 49.95
C ALA D 693 -73.68 -7.30 50.60
N SER D 694 -73.26 -6.68 51.69
CA SER D 694 -74.07 -5.68 52.37
C SER D 694 -73.71 -4.26 51.96
N GLY D 695 -72.81 -4.09 51.00
CA GLY D 695 -72.46 -2.77 50.53
C GLY D 695 -71.41 -2.05 51.33
N GLU D 696 -70.60 -2.76 52.10
CA GLU D 696 -69.56 -2.16 52.93
C GLU D 696 -68.18 -2.63 52.47
N THR D 697 -67.20 -1.75 52.64
CA THR D 697 -65.81 -2.07 52.31
C THR D 697 -64.91 -1.21 53.19
N SER D 698 -63.64 -1.59 53.26
CA SER D 698 -62.64 -0.86 54.01
C SER D 698 -61.58 -0.29 53.07
N VAL D 699 -61.23 0.97 53.28
CA VAL D 699 -60.23 1.64 52.48
C VAL D 699 -59.05 2.02 53.37
N LYS D 700 -57.93 2.34 52.72
CA LYS D 700 -56.72 2.64 53.48
C LYS D 700 -56.81 3.97 54.21
N ASN D 701 -57.34 4.99 53.55
CA ASN D 701 -57.43 6.32 54.16
C ASN D 701 -58.67 6.41 55.04
N VAL D 702 -58.48 6.85 56.28
CA VAL D 702 -59.57 6.98 57.24
C VAL D 702 -59.99 8.44 57.30
N ASN D 703 -61.26 8.67 57.63
CA ASN D 703 -61.83 10.02 57.77
C ASN D 703 -61.62 10.84 56.50
N THR D 704 -61.77 10.20 55.35
CA THR D 704 -61.47 10.81 54.07
C THR D 704 -62.67 10.73 53.15
N THR D 705 -62.92 11.81 52.41
CA THR D 705 -63.89 11.78 51.33
C THR D 705 -63.24 11.22 50.08
N LEU D 706 -63.88 10.22 49.47
CA LEU D 706 -63.29 9.48 48.37
C LEU D 706 -64.31 9.26 47.27
N THR D 707 -63.81 8.95 46.09
CA THR D 707 -64.61 8.46 44.98
C THR D 707 -64.31 6.98 44.81
N VAL D 708 -65.36 6.17 44.71
CA VAL D 708 -65.23 4.72 44.66
C VAL D 708 -65.93 4.20 43.42
N GLY D 709 -65.22 3.37 42.64
CA GLY D 709 -65.77 2.85 41.40
C GLY D 709 -64.93 1.69 40.91
N MET D 710 -65.33 1.16 39.76
CA MET D 710 -64.70 -0.02 39.19
C MET D 710 -63.72 0.37 38.08
N GLN D 711 -62.67 -0.44 37.94
CA GLN D 711 -61.66 -0.16 36.92
C GLN D 711 -62.10 -0.70 35.56
N TYR D 712 -61.95 0.12 34.54
CA TYR D 712 -61.96 -0.32 33.16
C TYR D 712 -60.57 -0.04 32.59
N LYS D 713 -59.91 -1.07 32.09
CA LYS D 713 -58.48 -1.00 31.83
C LYS D 713 -58.23 -0.54 30.41
N PRO D 714 -57.60 0.62 30.20
CA PRO D 714 -57.27 1.04 28.84
C PRO D 714 -56.13 0.22 28.28
N GLU D 715 -56.20 -0.07 26.98
CA GLU D 715 -55.15 -0.80 26.30
C GLU D 715 -54.91 -0.18 24.94
N LEU D 716 -53.66 0.13 24.64
CA LEU D 716 -53.28 0.72 23.37
C LEU D 716 -52.17 -0.12 22.76
N ILE D 717 -52.42 -0.69 21.59
CA ILE D 717 -51.42 -1.46 20.86
C ILE D 717 -51.18 -0.79 19.52
N PRO D 718 -50.01 -0.21 19.28
CA PRO D 718 -49.78 0.50 18.02
C PRO D 718 -49.77 -0.44 16.83
N MET D 719 -49.74 0.17 15.66
CA MET D 719 -49.69 -0.57 14.41
C MET D 719 -48.34 -1.28 14.28
N PRO D 720 -48.25 -2.30 13.43
CA PRO D 720 -46.98 -2.99 13.24
C PRO D 720 -45.90 -2.03 12.78
N LEU D 721 -44.66 -2.31 13.16
CA LEU D 721 -43.53 -1.47 12.79
C LEU D 721 -43.47 -1.30 11.29
N TYR D 722 -43.34 -0.06 10.84
CA TYR D 722 -43.25 0.25 9.42
C TYR D 722 -42.03 1.14 9.20
N ALA D 723 -40.94 0.56 8.70
CA ALA D 723 -39.70 1.27 8.45
C ALA D 723 -39.20 0.92 7.06
N PRO D 724 -39.76 1.54 6.02
CA PRO D 724 -39.32 1.24 4.66
C PRO D 724 -37.88 1.67 4.43
N THR D 725 -37.07 0.75 3.93
CA THR D 725 -35.68 1.02 3.61
C THR D 725 -35.52 1.24 2.12
N GLN D 726 -34.28 1.32 1.66
CA GLN D 726 -34.03 1.46 0.22
C GLN D 726 -34.24 0.14 -0.51
N MET D 727 -34.04 -1.00 0.16
CA MET D 727 -34.30 -2.29 -0.46
C MET D 727 -35.76 -2.47 -0.82
N GLY D 728 -36.65 -1.71 -0.21
CA GLY D 728 -38.06 -1.80 -0.46
C GLY D 728 -38.82 -1.67 0.83
N ASP D 729 -40.12 -1.92 0.78
CA ASP D 729 -40.90 -1.95 2.00
C ASP D 729 -40.44 -3.12 2.86
N SER D 730 -40.28 -2.86 4.16
CA SER D 730 -39.80 -3.88 5.08
C SER D 730 -40.95 -4.52 5.82
N LEU D 731 -42.09 -4.67 5.14
CA LEU D 731 -43.32 -5.09 5.80
C LEU D 731 -43.19 -6.47 6.45
N TYR D 732 -42.35 -7.35 5.88
CA TYR D 732 -42.19 -8.69 6.41
C TYR D 732 -40.78 -8.98 6.89
N ALA D 733 -39.91 -7.99 6.94
CA ALA D 733 -38.54 -8.22 7.37
C ALA D 733 -38.48 -8.44 8.87
N GLU D 734 -37.45 -9.18 9.30
CA GLU D 734 -37.18 -9.32 10.73
C GLU D 734 -36.78 -7.97 11.30
N LYS D 735 -37.42 -7.59 12.41
CA LYS D 735 -37.16 -6.31 13.06
C LYS D 735 -37.00 -6.52 14.55
N TYR D 736 -36.16 -5.70 15.16
CA TYR D 736 -35.98 -5.70 16.61
C TYR D 736 -36.01 -4.27 17.11
N VAL D 737 -36.81 -4.02 18.14
CA VAL D 737 -36.96 -2.68 18.69
C VAL D 737 -35.93 -2.50 19.80
N GLN D 738 -34.91 -1.68 19.53
CA GLN D 738 -33.92 -1.38 20.55
C GLN D 738 -34.46 -0.43 21.60
N ASP D 739 -35.20 0.60 21.17
CA ASP D 739 -35.72 1.62 22.07
C ASP D 739 -37.19 1.87 21.77
N LEU D 740 -37.98 2.05 22.82
CA LEU D 740 -39.39 2.38 22.72
C LEU D 740 -39.64 3.65 23.50
N TYR D 741 -40.15 4.67 22.82
CA TYR D 741 -40.44 5.96 23.44
C TYR D 741 -41.93 6.11 23.64
N VAL D 742 -42.34 6.39 24.86
CA VAL D 742 -43.73 6.64 25.20
C VAL D 742 -43.88 8.12 25.50
N ASP D 743 -44.69 8.80 24.72
CA ASP D 743 -44.87 10.25 24.79
C ASP D 743 -46.24 10.51 25.37
N TYR D 744 -46.30 11.09 26.57
CA TYR D 744 -47.54 11.16 27.32
C TYR D 744 -47.75 12.56 27.89
N VAL D 745 -49.03 12.87 28.14
CA VAL D 745 -49.45 14.15 28.69
C VAL D 745 -50.46 13.89 29.79
N ASP D 746 -50.25 14.52 30.95
CA ASP D 746 -51.19 14.47 32.08
C ASP D 746 -51.62 13.04 32.40
N SER D 747 -50.65 12.21 32.76
CA SER D 747 -50.89 10.79 32.92
C SER D 747 -50.34 10.31 34.24
N LEU D 748 -50.92 9.21 34.73
CA LEU D 748 -50.45 8.53 35.93
C LEU D 748 -50.56 7.03 35.73
N TYR D 749 -49.69 6.30 36.43
CA TYR D 749 -49.77 4.84 36.56
C TYR D 749 -49.60 4.11 35.23
N LEU D 750 -48.76 4.62 34.35
CA LEU D 750 -48.57 4.00 33.04
C LEU D 750 -47.63 2.81 33.13
N GLN D 751 -47.80 1.87 32.21
CA GLN D 751 -46.81 0.81 31.99
C GLN D 751 -46.81 0.44 30.53
N ALA D 752 -45.66 -0.02 30.05
CA ALA D 752 -45.48 -0.23 28.62
C ALA D 752 -44.45 -1.32 28.39
N GLY D 753 -44.47 -1.88 27.19
CA GLY D 753 -43.43 -2.78 26.76
C GLY D 753 -43.99 -3.99 26.06
N PHE D 754 -43.18 -5.03 26.04
CA PHE D 754 -43.46 -6.28 25.36
C PHE D 754 -43.87 -7.32 26.40
N ARG D 755 -45.03 -7.93 26.21
CA ARG D 755 -45.55 -8.85 27.21
C ARG D 755 -44.72 -10.14 27.25
N PRO D 756 -44.64 -10.80 28.41
CA PRO D 756 -45.33 -10.50 29.67
C PRO D 756 -44.62 -9.52 30.60
N GLN D 757 -43.34 -9.24 30.44
CA GLN D 757 -42.61 -8.40 31.38
C GLN D 757 -42.64 -6.97 30.90
N LEU D 758 -43.46 -6.14 31.54
CA LEU D 758 -43.60 -4.74 31.18
C LEU D 758 -42.77 -3.86 32.11
N THR D 759 -42.70 -2.58 31.77
CA THR D 759 -41.96 -1.60 32.54
C THR D 759 -42.91 -0.52 33.03
N ASP D 760 -42.89 -0.26 34.34
CA ASP D 760 -43.71 0.79 34.91
C ASP D 760 -43.04 2.14 34.72
N ILE D 761 -43.83 3.13 34.34
CA ILE D 761 -43.34 4.49 34.14
C ILE D 761 -43.50 5.26 35.45
N PRO D 762 -42.42 5.70 36.08
CA PRO D 762 -42.55 6.35 37.39
C PRO D 762 -43.27 7.69 37.31
N ASN D 763 -43.97 8.03 38.38
CA ASN D 763 -44.58 9.34 38.53
C ASN D 763 -44.35 9.88 39.95
N MET D 764 -43.11 9.84 40.41
CA MET D 764 -42.74 10.49 41.66
C MET D 764 -41.28 10.88 41.61
N HIS D 765 -40.98 12.13 41.91
CA HIS D 765 -39.62 12.66 41.82
C HIS D 765 -38.98 12.60 43.20
N LEU D 766 -38.18 11.56 43.42
CA LEU D 766 -37.40 11.47 44.65
C LEU D 766 -36.46 12.66 44.75
N GLY D 767 -36.44 13.30 45.92
CA GLY D 767 -35.70 14.52 46.10
C GLY D 767 -36.49 15.78 45.88
N ASN D 768 -37.66 15.68 45.25
CA ASN D 768 -38.55 16.81 45.05
C ASN D 768 -40.00 16.37 45.27
N TYR D 769 -40.23 15.66 46.36
CA TYR D 769 -41.57 15.21 46.71
C TYR D 769 -41.74 15.33 48.22
N THR D 770 -42.85 15.91 48.65
CA THR D 770 -43.16 16.04 50.07
C THR D 770 -44.20 15.01 50.45
N LEU D 771 -43.94 14.28 51.53
CA LEU D 771 -44.79 13.16 51.91
C LEU D 771 -46.20 13.65 52.22
N GLY D 772 -47.18 12.89 51.73
CA GLY D 772 -48.58 13.23 51.92
C GLY D 772 -49.22 13.97 50.77
N GLN D 773 -48.42 14.50 49.85
CA GLN D 773 -48.96 15.23 48.71
C GLN D 773 -49.19 14.27 47.54
N SER D 774 -50.14 14.62 46.69
CA SER D 774 -50.44 13.85 45.50
C SER D 774 -49.71 14.48 44.32
N VAL D 775 -48.84 13.71 43.67
CA VAL D 775 -48.17 14.28 42.49
C VAL D 775 -49.22 14.56 41.41
N PRO D 776 -49.15 15.68 40.73
CA PRO D 776 -50.11 15.95 39.67
C PRO D 776 -49.88 15.02 38.49
N PRO D 777 -50.84 14.91 37.58
CA PRO D 777 -50.61 14.13 36.37
C PRO D 777 -49.40 14.66 35.61
N GLN D 778 -48.59 13.74 35.09
CA GLN D 778 -47.26 14.04 34.59
C GLN D 778 -47.23 14.09 33.07
N THR D 779 -46.29 14.87 32.56
CA THR D 779 -46.06 15.04 31.12
C THR D 779 -44.60 14.76 30.83
N GLY D 780 -44.32 14.02 29.77
CA GLY D 780 -42.95 13.80 29.39
C GLY D 780 -42.82 12.64 28.41
N ILE D 781 -41.58 12.22 28.23
CA ILE D 781 -41.21 11.10 27.37
C ILE D 781 -40.41 10.12 28.19
N TYR D 782 -40.78 8.84 28.12
CA TYR D 782 -40.05 7.80 28.82
C TYR D 782 -39.52 6.79 27.80
N ARG D 783 -38.24 6.46 27.93
CA ARG D 783 -37.56 5.56 27.01
C ARG D 783 -37.37 4.20 27.67
N ILE D 784 -37.72 3.14 26.94
CA ILE D 784 -37.78 1.79 27.47
C ILE D 784 -37.11 0.85 26.47
N CYS D 785 -36.35 -0.12 26.98
CA CYS D 785 -35.91 -1.23 26.15
C CYS D 785 -36.89 -2.37 26.35
N PRO D 786 -37.75 -2.67 25.37
CA PRO D 786 -38.83 -3.65 25.62
C PRO D 786 -38.35 -5.08 25.69
N ARG D 787 -37.22 -5.40 25.08
CA ARG D 787 -36.70 -6.78 25.03
C ARG D 787 -37.71 -7.71 24.34
N GLY D 788 -38.17 -7.30 23.16
CA GLY D 788 -39.05 -8.11 22.35
C GLY D 788 -38.28 -9.05 21.43
N ASP D 789 -39.03 -9.69 20.55
CA ASP D 789 -38.47 -10.68 19.63
C ASP D 789 -38.13 -10.04 18.29
N TRP D 790 -37.91 -10.87 17.27
CA TRP D 790 -37.54 -10.41 15.93
C TRP D 790 -38.66 -10.61 14.91
N GLU D 791 -39.89 -10.84 15.36
CA GLU D 791 -40.98 -11.10 14.43
C GLU D 791 -41.41 -9.80 13.73
N PRO D 792 -41.76 -9.87 12.45
CA PRO D 792 -42.19 -8.65 11.75
C PRO D 792 -43.45 -8.02 12.31
N ARG D 793 -44.33 -8.82 12.92
CA ARG D 793 -45.58 -8.30 13.48
C ARG D 793 -45.62 -8.64 14.96
N GLN D 794 -44.90 -7.87 15.76
CA GLN D 794 -44.86 -8.04 17.20
C GLN D 794 -45.63 -6.90 17.86
N GLU D 795 -46.16 -7.18 19.05
CA GLU D 795 -47.07 -6.26 19.72
C GLU D 795 -46.39 -5.62 20.92
N PHE D 796 -46.51 -4.30 21.01
CA PHE D 796 -46.12 -3.54 22.19
C PHE D 796 -47.36 -2.89 22.76
N VAL D 797 -47.45 -2.84 24.08
CA VAL D 797 -48.66 -2.42 24.78
C VAL D 797 -48.38 -1.19 25.62
N ILE D 798 -49.30 -0.24 25.60
CA ILE D 798 -49.35 0.86 26.55
C ILE D 798 -50.63 0.68 27.35
N THR D 799 -50.50 0.57 28.67
CA THR D 799 -51.66 0.30 29.51
C THR D 799 -51.48 1.01 30.84
N GLN D 800 -52.39 0.78 31.77
CA GLN D 800 -52.42 1.48 33.04
C GLN D 800 -52.57 0.47 34.17
N SER D 801 -51.78 0.63 35.23
CA SER D 801 -51.83 -0.33 36.33
C SER D 801 -53.05 -0.12 37.22
N GLN D 802 -53.47 1.12 37.45
CA GLN D 802 -54.64 1.40 38.27
C GLN D 802 -55.32 2.65 37.70
N PRO D 803 -56.60 2.87 38.02
CA PRO D 803 -57.34 3.96 37.37
C PRO D 803 -56.70 5.32 37.61
N GLY D 804 -56.78 6.17 36.60
CA GLY D 804 -56.25 7.51 36.66
C GLY D 804 -56.25 8.16 35.29
N PRO D 805 -55.81 9.41 35.22
CA PRO D 805 -55.72 10.08 33.92
C PRO D 805 -54.66 9.45 33.03
N MET D 806 -54.90 9.51 31.73
CA MET D 806 -54.00 8.91 30.75
C MET D 806 -54.21 9.54 29.38
N THR D 807 -53.12 10.03 28.79
CA THR D 807 -53.16 10.54 27.42
C THR D 807 -51.83 10.23 26.75
N ILE D 808 -51.86 9.42 25.70
CA ILE D 808 -50.67 9.04 24.96
C ILE D 808 -50.69 9.77 23.63
N ILE D 809 -49.71 10.67 23.43
CA ILE D 809 -49.69 11.49 22.22
C ILE D 809 -48.86 10.88 21.12
N GLY D 810 -48.15 9.78 21.38
CA GLY D 810 -47.38 9.13 20.34
C GLY D 810 -46.42 8.09 20.87
N VAL D 811 -45.96 7.22 19.98
CA VAL D 811 -45.01 6.17 20.32
C VAL D 811 -43.89 6.20 19.29
N GLY D 812 -42.65 6.17 19.75
CA GLY D 812 -41.52 6.13 18.84
C GLY D 812 -40.70 4.88 18.99
N TYR D 813 -39.87 4.56 18.01
CA TYR D 813 -39.02 3.38 18.05
C TYR D 813 -37.67 3.66 17.42
N ASN D 814 -36.67 2.93 17.88
CA ASN D 814 -35.41 2.75 17.15
C ASN D 814 -35.37 1.28 16.76
N VAL D 815 -35.56 0.99 15.47
CA VAL D 815 -35.74 -0.37 15.00
C VAL D 815 -34.50 -0.79 14.21
N GLU D 816 -33.94 -1.94 14.56
CA GLU D 816 -32.94 -2.60 13.73
C GLU D 816 -33.68 -3.43 12.68
N VAL D 817 -33.64 -2.98 11.43
CA VAL D 817 -34.35 -3.65 10.34
C VAL D 817 -33.34 -4.58 9.66
N ALA D 818 -33.49 -5.87 9.91
CA ALA D 818 -32.61 -6.85 9.30
C ALA D 818 -33.15 -7.26 7.94
N PRO E 2 -24.76 14.33 12.72
CA PRO E 2 -24.04 15.54 12.31
C PRO E 2 -24.84 16.80 12.59
N ILE E 3 -24.36 17.94 12.12
CA ILE E 3 -24.98 19.23 12.40
C ILE E 3 -25.99 19.54 11.32
N ARG E 4 -27.21 19.88 11.74
CA ARG E 4 -28.27 20.29 10.84
C ARG E 4 -28.72 21.69 11.21
N SER E 5 -29.08 22.47 10.20
CA SER E 5 -29.52 23.84 10.39
C SER E 5 -31.03 23.89 10.17
N ILE E 6 -31.77 24.34 11.18
CA ILE E 6 -33.23 24.37 11.14
C ILE E 6 -33.70 25.74 11.61
N SER E 7 -34.97 26.04 11.28
CA SER E 7 -35.55 27.35 11.53
C SER E 7 -37.00 27.17 11.97
N ASN E 8 -37.55 28.22 12.60
CA ASN E 8 -38.88 28.16 13.17
C ASN E 8 -39.51 29.54 13.12
N THR E 9 -40.69 29.65 12.53
CA THR E 9 -41.51 30.86 12.56
C THR E 9 -42.81 30.55 13.31
N PHE E 10 -43.67 31.57 13.46
CA PHE E 10 -44.73 31.46 14.47
C PHE E 10 -46.07 31.95 13.94
N ASN E 11 -46.44 31.55 12.72
CA ASN E 11 -47.72 31.99 12.18
C ASN E 11 -48.89 31.11 12.59
N ARG E 12 -48.65 30.02 13.31
CA ARG E 12 -49.72 29.18 13.83
C ARG E 12 -49.94 29.35 15.33
N GLY E 13 -49.21 30.25 15.98
CA GLY E 13 -49.46 30.51 17.39
C GLY E 13 -49.01 29.39 18.30
N GLU E 14 -49.62 29.34 19.47
CA GLU E 14 -49.28 28.34 20.47
C GLU E 14 -49.99 27.03 20.17
N LEU E 15 -49.24 25.94 20.16
CA LEU E 15 -49.77 24.63 19.81
C LEU E 15 -49.98 23.79 21.05
N ASP E 16 -51.06 23.03 21.06
CA ASP E 16 -51.39 22.18 22.19
C ASP E 16 -50.32 21.11 22.38
N PRO E 17 -49.98 20.76 23.62
CA PRO E 17 -48.92 19.76 23.83
C PRO E 17 -49.22 18.39 23.24
N THR E 18 -50.49 18.06 22.99
CA THR E 18 -50.83 16.79 22.38
C THR E 18 -50.49 16.73 20.89
N LEU E 19 -50.01 17.82 20.31
CA LEU E 19 -49.61 17.84 18.92
C LEU E 19 -48.12 17.62 18.71
N PHE E 20 -47.35 17.37 19.77
CA PHE E 20 -45.90 17.41 19.66
C PHE E 20 -45.30 16.19 18.99
N ALA E 21 -46.09 15.17 18.66
CA ALA E 21 -45.63 14.06 17.85
C ALA E 21 -46.12 14.14 16.42
N ARG E 22 -46.76 15.24 16.04
CA ARG E 22 -47.36 15.35 14.72
C ARG E 22 -46.39 16.06 13.77
N ASP E 23 -45.32 15.35 13.44
CA ASP E 23 -44.33 15.86 12.49
C ASP E 23 -44.81 15.79 11.05
N ASP E 24 -45.86 15.01 10.78
CA ASP E 24 -46.42 14.96 9.44
C ASP E 24 -47.14 16.25 9.05
N LEU E 25 -47.63 17.01 10.02
CA LEU E 25 -48.31 18.26 9.72
C LEU E 25 -47.32 19.35 9.38
N ASP E 26 -47.75 20.27 8.54
CA ASP E 26 -46.91 21.40 8.13
C ASP E 26 -46.86 22.50 9.18
N ILE E 27 -47.30 22.22 10.41
CA ILE E 27 -47.34 23.23 11.46
C ILE E 27 -46.19 23.10 12.44
N TYR E 28 -45.37 22.06 12.33
CA TYR E 28 -44.39 21.79 13.38
C TYR E 28 -43.32 22.88 13.46
N ASP E 29 -42.95 23.46 12.32
CA ASP E 29 -41.99 24.56 12.30
C ASP E 29 -42.65 25.92 12.16
N LYS E 30 -43.98 25.99 12.29
CA LYS E 30 -44.70 27.25 12.17
C LYS E 30 -45.44 27.62 13.44
N GLY E 31 -45.15 26.95 14.55
CA GLY E 31 -45.85 27.24 15.79
C GLY E 31 -44.92 27.49 16.96
N ALA E 32 -45.49 27.55 18.16
CA ALA E 32 -44.71 27.80 19.36
C ALA E 32 -45.26 26.96 20.50
N ARG E 33 -44.36 26.51 21.36
CA ARG E 33 -44.77 25.85 22.59
C ARG E 33 -45.52 26.81 23.50
N LYS E 34 -45.00 28.03 23.63
CA LYS E 34 -45.64 29.09 24.42
C LYS E 34 -45.57 30.38 23.63
N LEU E 35 -46.69 31.10 23.59
CA LEU E 35 -46.75 32.43 22.99
C LEU E 35 -47.59 33.28 23.94
N ARG E 36 -46.93 33.92 24.89
CA ARG E 36 -47.59 34.62 25.98
C ARG E 36 -47.30 36.10 25.88
N ASN E 37 -48.34 36.91 26.04
CA ASN E 37 -48.24 38.38 25.96
C ASN E 37 -47.62 38.81 24.64
N MET E 38 -47.87 38.02 23.59
CA MET E 38 -47.44 38.33 22.24
C MET E 38 -48.56 37.93 21.30
N ILE E 39 -48.47 38.41 20.07
CA ILE E 39 -49.40 37.99 19.01
C ILE E 39 -48.58 37.54 17.82
N ALA E 40 -49.22 36.77 16.95
CA ALA E 40 -48.61 36.33 15.71
C ALA E 40 -49.06 37.26 14.59
N LEU E 41 -48.12 37.92 13.94
CA LEU E 41 -48.47 38.69 12.75
C LEU E 41 -48.79 37.72 11.61
N TRP E 42 -49.43 38.24 10.55
CA TRP E 42 -49.74 37.33 9.46
C TRP E 42 -48.52 37.00 8.61
N THR E 43 -47.41 37.67 8.83
CA THR E 43 -46.11 37.15 8.42
C THR E 43 -45.73 36.07 9.43
N GLY E 44 -44.50 35.61 9.39
CA GLY E 44 -44.21 34.63 10.41
C GLY E 44 -43.87 35.19 11.78
N ALA E 45 -43.84 36.52 11.93
CA ALA E 45 -43.24 37.13 13.09
C ALA E 45 -44.19 37.10 14.30
N ALA E 46 -43.61 37.31 15.48
CA ALA E 46 -44.35 37.40 16.72
C ALA E 46 -44.03 38.73 17.38
N ARG E 47 -45.06 39.52 17.64
CA ARG E 47 -44.92 40.86 18.18
C ARG E 47 -45.46 40.91 19.60
N ILE E 48 -44.84 41.73 20.45
CA ILE E 48 -45.36 41.91 21.80
C ILE E 48 -46.78 42.43 21.74
N ALA E 49 -47.62 41.96 22.65
CA ALA E 49 -49.02 42.31 22.66
C ALA E 49 -49.22 43.79 22.92
N PRO E 50 -50.30 44.39 22.43
CA PRO E 50 -50.55 45.81 22.70
C PRO E 50 -50.78 46.08 24.17
N GLY E 51 -50.32 47.23 24.64
CA GLY E 51 -50.53 47.66 26.00
C GLY E 51 -51.89 48.32 26.18
N THR E 52 -52.10 48.86 27.37
CA THR E 52 -53.38 49.49 27.69
C THR E 52 -53.13 50.85 28.35
N ILE E 53 -54.14 51.71 28.21
CA ILE E 53 -54.13 53.06 28.76
C ILE E 53 -55.28 53.17 29.75
N TYR E 54 -54.99 53.64 30.96
CA TYR E 54 -56.03 53.79 31.96
C TYR E 54 -57.01 54.88 31.56
N ILE E 55 -58.31 54.58 31.67
CA ILE E 55 -59.37 55.54 31.36
C ILE E 55 -60.09 55.99 32.63
N ASP E 56 -60.71 55.05 33.34
CA ASP E 56 -61.50 55.42 34.51
C ASP E 56 -61.70 54.20 35.39
N MET E 57 -62.14 54.46 36.62
CA MET E 57 -62.50 53.42 37.57
C MET E 57 -64.01 53.35 37.67
N MET E 58 -64.56 52.14 37.57
CA MET E 58 -66.00 51.95 37.62
C MET E 58 -66.52 52.18 39.03
N VAL E 59 -67.34 53.21 39.20
CA VAL E 59 -67.93 53.52 40.50
C VAL E 59 -69.42 53.78 40.31
N ASP E 60 -70.16 53.64 41.40
CA ASP E 60 -71.58 53.99 41.45
C ASP E 60 -71.66 55.49 41.71
N ARG E 61 -71.74 56.26 40.62
CA ARG E 61 -71.63 57.71 40.72
C ARG E 61 -72.84 58.35 41.38
N GLU E 62 -73.96 57.65 41.47
CA GLU E 62 -75.16 58.19 42.09
C GLU E 62 -75.27 57.85 43.57
N ASN E 63 -74.27 57.17 44.14
CA ASN E 63 -74.27 56.78 45.54
C ASN E 63 -72.92 57.09 46.16
N GLY E 64 -72.44 58.32 45.95
CA GLY E 64 -71.19 58.75 46.55
C GLY E 64 -69.96 58.03 46.03
N ASN E 65 -69.94 57.71 44.73
CA ASN E 65 -68.81 57.04 44.10
C ASN E 65 -68.46 55.75 44.83
N ALA E 66 -69.48 54.96 45.15
CA ALA E 66 -69.25 53.66 45.75
C ALA E 66 -68.52 52.76 44.76
N VAL E 67 -67.33 52.32 45.16
CA VAL E 67 -66.49 51.51 44.28
C VAL E 67 -67.20 50.20 43.97
N ILE E 68 -67.21 49.85 42.68
CA ILE E 68 -67.83 48.61 42.23
C ILE E 68 -66.76 47.52 42.21
N GLN E 69 -67.01 46.43 42.93
CA GLN E 69 -66.05 45.34 43.04
C GLN E 69 -66.60 44.01 42.53
N ASP E 70 -67.76 44.02 41.89
CA ASP E 70 -68.34 42.81 41.32
C ASP E 70 -68.33 42.91 39.80
N PRO E 71 -67.59 42.06 39.10
CA PRO E 71 -67.53 42.17 37.63
C PRO E 71 -68.86 41.95 36.94
N LEU E 72 -69.81 41.27 37.58
CA LEU E 72 -71.11 41.07 36.96
C LEU E 72 -71.95 42.34 36.93
N MET E 73 -71.53 43.40 37.60
CA MET E 73 -72.25 44.66 37.62
C MET E 73 -71.78 45.64 36.55
N VAL E 74 -70.89 45.22 35.66
CA VAL E 74 -70.34 46.07 34.61
C VAL E 74 -70.44 45.33 33.29
N LYS E 75 -70.90 46.01 32.24
CA LYS E 75 -70.91 45.45 30.90
C LYS E 75 -70.89 46.59 29.90
N GLY E 76 -69.87 46.63 29.06
CA GLY E 76 -69.70 47.70 28.10
C GLY E 76 -69.93 47.26 26.65
N PHE E 77 -70.11 48.26 25.79
CA PHE E 77 -70.21 48.03 24.36
C PHE E 77 -69.79 49.31 23.65
N ASP E 78 -69.38 49.15 22.39
CA ASP E 78 -68.97 50.27 21.56
C ASP E 78 -70.09 50.69 20.63
N PHE E 79 -70.05 51.94 20.21
CA PHE E 79 -71.06 52.48 19.30
C PHE E 79 -70.39 53.52 18.42
N THR E 80 -70.20 53.18 17.14
CA THR E 80 -69.59 54.11 16.19
C THR E 80 -70.65 55.07 15.67
N TYR E 81 -70.42 56.37 15.88
CA TYR E 81 -71.36 57.40 15.49
C TYR E 81 -70.95 58.11 14.19
N ASP E 82 -69.65 58.28 13.95
CA ASP E 82 -69.17 58.90 12.72
C ASP E 82 -67.81 58.27 12.42
N ALA E 83 -67.79 57.32 11.49
CA ALA E 83 -66.57 56.59 11.19
C ALA E 83 -65.50 57.50 10.60
N ASP E 84 -65.89 58.39 9.70
CA ASP E 84 -64.91 59.26 9.04
C ASP E 84 -64.32 60.29 10.01
N ALA E 85 -65.12 60.78 10.96
CA ALA E 85 -64.60 61.65 11.98
C ALA E 85 -63.97 60.89 13.14
N GLU E 86 -63.96 59.57 13.08
CA GLU E 86 -63.39 58.71 14.12
C GLU E 86 -64.03 58.98 15.48
N ILE E 87 -65.35 59.06 15.49
CA ILE E 87 -66.12 59.26 16.71
C ILE E 87 -66.75 57.92 17.06
N THR E 88 -66.17 57.23 18.05
CA THR E 88 -66.73 55.99 18.57
C THR E 88 -66.87 56.13 20.07
N TYR E 89 -68.07 55.84 20.57
CA TYR E 89 -68.36 55.95 21.99
C TYR E 89 -68.24 54.60 22.66
N THR E 90 -67.59 54.58 23.81
CA THR E 90 -67.53 53.39 24.66
C THR E 90 -68.54 53.58 25.77
N ILE E 91 -69.64 52.85 25.71
CA ILE E 91 -70.74 52.98 26.66
C ILE E 91 -70.65 51.83 27.66
N ILE E 92 -70.70 52.18 28.94
CA ILE E 92 -70.57 51.21 30.02
C ILE E 92 -71.88 51.15 30.79
N ILE E 93 -72.48 49.97 30.86
CA ILE E 93 -73.66 49.75 31.69
C ILE E 93 -73.18 49.27 33.04
N ARG E 94 -73.52 50.01 34.09
CA ARG E 94 -72.98 49.73 35.41
C ARG E 94 -74.10 49.81 36.43
N LYS E 95 -73.83 49.26 37.61
CA LYS E 95 -74.77 49.32 38.72
C LYS E 95 -74.93 50.75 39.19
N SER E 96 -76.17 51.14 39.49
CA SER E 96 -76.50 52.44 40.04
C SER E 96 -77.63 52.20 41.06
N GLY E 97 -77.25 52.00 42.32
CA GLY E 97 -78.21 51.57 43.30
C GLY E 97 -78.71 50.18 42.96
N THR E 98 -80.02 50.01 42.91
CA THR E 98 -80.62 48.78 42.43
C THR E 98 -80.94 48.81 40.95
N ASN E 99 -80.63 49.89 40.27
CA ASN E 99 -80.91 50.09 38.85
C ASN E 99 -79.60 50.24 38.09
N ILE E 100 -79.70 50.65 36.82
CA ILE E 100 -78.53 50.74 35.96
C ILE E 100 -78.32 52.19 35.54
N ALA E 101 -77.15 52.44 34.97
CA ALA E 101 -76.82 53.72 34.37
C ALA E 101 -75.87 53.47 33.21
N PHE E 102 -75.89 54.38 32.25
CA PHE E 102 -75.03 54.31 31.07
C PHE E 102 -73.97 55.40 31.17
N ASP E 103 -72.72 54.99 31.30
CA ASP E 103 -71.58 55.91 31.27
C ASP E 103 -71.04 55.95 29.86
N ILE E 104 -71.03 57.14 29.26
CA ILE E 104 -70.65 57.31 27.87
C ILE E 104 -69.29 57.99 27.82
N TYR E 105 -68.32 57.32 27.23
CA TYR E 105 -66.95 57.81 27.14
C TYR E 105 -66.60 58.13 25.70
N TYR E 106 -65.85 59.21 25.51
CA TYR E 106 -65.30 59.55 24.21
C TYR E 106 -63.98 60.27 24.42
N ALA E 107 -63.00 59.95 23.58
CA ALA E 107 -61.66 60.54 23.68
C ALA E 107 -61.06 60.34 25.07
N ASP E 108 -61.24 59.13 25.62
CA ASP E 108 -60.71 58.76 26.93
C ASP E 108 -61.26 59.65 28.04
N THR E 109 -62.48 60.16 27.87
CA THR E 109 -63.07 61.07 28.84
C THR E 109 -64.54 60.72 29.04
N LEU E 110 -65.01 60.80 30.28
CA LEU E 110 -66.42 60.59 30.56
C LEU E 110 -67.22 61.79 30.08
N GLN E 111 -68.11 61.56 29.12
CA GLN E 111 -68.90 62.65 28.56
C GLN E 111 -70.16 62.92 29.38
N THR E 112 -70.96 61.90 29.61
CA THR E 112 -72.20 62.06 30.37
C THR E 112 -72.63 60.71 30.92
N THR E 113 -73.64 60.75 31.80
CA THR E 113 -74.23 59.57 32.38
C THR E 113 -75.74 59.63 32.21
N VAL E 114 -76.35 58.54 31.78
CA VAL E 114 -77.79 58.42 31.61
C VAL E 114 -78.28 57.31 32.51
N THR E 115 -79.14 57.66 33.46
CA THR E 115 -79.67 56.67 34.37
C THR E 115 -80.97 56.07 33.82
N SER E 116 -81.34 54.92 34.35
CA SER E 116 -82.57 54.25 33.97
C SER E 116 -83.04 53.37 35.10
N THR E 117 -84.32 53.50 35.46
CA THR E 117 -84.93 52.65 36.46
C THR E 117 -85.66 51.46 35.86
N ALA E 118 -85.70 51.34 34.54
CA ALA E 118 -86.39 50.25 33.89
C ALA E 118 -85.67 48.92 34.00
N TYR E 119 -84.41 48.93 34.43
CA TYR E 119 -83.60 47.72 34.53
C TYR E 119 -83.06 47.58 35.94
N LEU E 120 -82.88 46.33 36.36
CA LEU E 120 -82.27 46.04 37.65
C LEU E 120 -80.77 45.83 37.48
N ALA E 121 -80.03 46.06 38.57
CA ALA E 121 -78.60 45.83 38.52
C ALA E 121 -78.27 44.36 38.32
N THR E 122 -79.19 43.47 38.71
CA THR E 122 -78.97 42.05 38.55
C THR E 122 -79.29 41.55 37.14
N GLN E 123 -79.80 42.41 36.26
CA GLN E 123 -80.10 42.05 34.89
C GLN E 123 -79.05 42.53 33.89
N ILE E 124 -77.94 43.10 34.36
CA ILE E 124 -77.01 43.79 33.48
C ILE E 124 -76.40 42.83 32.48
N GLN E 125 -75.97 41.65 32.94
CA GLN E 125 -75.31 40.70 32.05
C GLN E 125 -76.24 40.12 31.00
N ASP E 126 -77.55 40.28 31.14
CA ASP E 126 -78.52 39.78 30.17
C ASP E 126 -79.04 40.88 29.25
N ILE E 127 -78.39 42.03 29.22
CA ILE E 127 -78.79 43.14 28.37
C ILE E 127 -77.97 43.09 27.09
N HIS E 128 -78.65 42.98 25.95
CA HIS E 128 -78.00 42.99 24.65
C HIS E 128 -78.42 44.25 23.89
N VAL E 129 -77.63 44.59 22.88
CA VAL E 129 -77.86 45.81 22.11
C VAL E 129 -77.98 45.44 20.63
N ALA E 130 -78.59 46.35 19.88
CA ALA E 130 -78.70 46.23 18.43
C ALA E 130 -78.37 47.61 17.86
N ALA E 131 -77.12 47.79 17.44
CA ALA E 131 -76.65 49.10 16.99
C ALA E 131 -77.08 49.34 15.56
N ALA E 132 -77.82 50.42 15.34
CA ALA E 132 -78.20 50.83 14.00
C ALA E 132 -77.16 51.81 13.46
N HIS E 133 -77.47 52.44 12.34
CA HIS E 133 -76.56 53.43 11.77
C HIS E 133 -76.48 54.69 12.63
N ASP E 134 -77.55 54.99 13.39
CA ASP E 134 -77.60 56.24 14.12
C ASP E 134 -78.23 56.13 15.51
N ARG E 135 -78.46 54.93 16.02
CA ARG E 135 -79.05 54.75 17.34
C ARG E 135 -78.75 53.34 17.82
N VAL E 136 -78.94 53.11 19.12
CA VAL E 136 -78.73 51.81 19.73
C VAL E 136 -80.01 51.39 20.42
N LEU E 137 -80.45 50.17 20.18
CA LEU E 137 -81.60 49.60 20.87
C LEU E 137 -81.11 48.75 22.04
N ILE E 138 -81.76 48.91 23.18
CA ILE E 138 -81.41 48.17 24.40
C ILE E 138 -82.44 47.08 24.59
N LEU E 139 -81.98 45.83 24.59
CA LEU E 139 -82.85 44.67 24.54
C LEU E 139 -82.69 43.83 25.80
N HIS E 140 -83.81 43.47 26.42
CA HIS E 140 -83.86 42.52 27.51
C HIS E 140 -85.15 41.75 27.39
N GLU E 141 -85.10 40.45 27.70
CA GLU E 141 -86.26 39.59 27.48
C GLU E 141 -87.45 39.96 28.34
N ASN E 142 -87.23 40.71 29.43
CA ASN E 142 -88.30 41.04 30.35
C ASN E 142 -88.59 42.53 30.42
N VAL E 143 -87.92 43.35 29.62
CA VAL E 143 -88.07 44.80 29.66
C VAL E 143 -88.30 45.29 28.24
N GLN E 144 -89.25 46.21 28.08
CA GLN E 144 -89.58 46.75 26.77
C GLN E 144 -88.36 47.44 26.15
N ILE E 145 -88.26 47.33 24.82
CA ILE E 145 -87.13 47.88 24.09
C ILE E 145 -86.98 49.36 24.35
N ARG E 146 -85.74 49.81 24.51
CA ARG E 146 -85.43 51.22 24.66
C ARG E 146 -84.52 51.67 23.52
N GLN E 147 -84.53 52.96 23.25
CA GLN E 147 -83.63 53.59 22.29
C GLN E 147 -82.67 54.50 23.04
N LEU E 148 -81.39 54.36 22.74
CA LEU E 148 -80.37 55.28 23.22
C LEU E 148 -79.85 56.05 22.01
N LYS E 149 -80.17 57.34 21.95
CA LYS E 149 -79.84 58.15 20.79
C LYS E 149 -79.08 59.40 21.22
N ARG E 150 -78.08 59.75 20.43
CA ARG E 150 -77.24 60.91 20.71
C ARG E 150 -77.88 62.18 20.15
N GLY E 151 -77.82 63.25 20.94
CA GLY E 151 -78.37 64.53 20.54
C GLY E 151 -77.42 65.33 19.68
N ALA E 152 -77.21 66.60 20.03
CA ALA E 152 -76.43 67.52 19.21
C ALA E 152 -74.99 67.67 19.68
N SER E 153 -74.57 66.95 20.72
CA SER E 153 -73.21 67.08 21.23
C SER E 153 -72.78 65.76 21.84
N HIS E 154 -71.52 65.71 22.26
CA HIS E 154 -71.01 64.50 22.90
C HIS E 154 -71.74 64.20 24.20
N SER E 155 -72.12 65.25 24.93
CA SER E 155 -72.68 65.08 26.26
C SER E 155 -74.20 65.05 26.30
N SER E 156 -74.86 65.09 25.15
CA SER E 156 -76.31 65.13 25.07
C SER E 156 -76.81 63.77 24.60
N TRP E 157 -77.50 63.05 25.48
CA TRP E 157 -78.03 61.74 25.15
C TRP E 157 -79.40 61.57 25.77
N SER E 158 -80.24 60.76 25.13
CA SER E 158 -81.58 60.49 25.62
C SER E 158 -81.88 59.01 25.54
N LEU E 159 -82.60 58.51 26.53
CA LEU E 159 -83.01 57.10 26.59
C LEU E 159 -84.52 57.06 26.67
N THR E 160 -85.16 56.63 25.59
CA THR E 160 -86.61 56.59 25.47
C THR E 160 -87.07 55.17 25.17
N THR E 161 -88.39 54.99 25.09
CA THR E 161 -88.98 53.69 24.83
C THR E 161 -89.25 53.52 23.34
N PHE E 162 -88.94 52.33 22.84
CA PHE E 162 -89.18 51.98 21.44
C PHE E 162 -90.60 51.44 21.32
N ASN E 163 -91.47 52.17 20.62
CA ASN E 163 -92.86 51.78 20.51
C ASN E 163 -93.19 51.40 19.07
N PRO E 164 -93.50 50.13 18.79
CA PRO E 164 -93.86 49.75 17.42
C PRO E 164 -95.12 50.43 16.95
N ARG E 165 -95.17 50.72 15.65
CA ARG E 165 -96.42 51.21 15.06
C ARG E 165 -97.51 50.17 15.18
N VAL E 166 -97.22 48.93 14.77
CA VAL E 166 -98.13 47.80 14.91
C VAL E 166 -97.34 46.64 15.50
N TYR E 167 -97.87 46.02 16.54
CA TYR E 167 -97.20 44.92 17.18
C TYR E 167 -97.28 43.65 16.34
N PRO E 168 -96.26 42.80 16.41
CA PRO E 168 -96.37 41.46 15.82
C PRO E 168 -97.32 40.60 16.64
N THR E 169 -97.89 39.60 15.99
CA THR E 169 -98.87 38.73 16.60
C THR E 169 -98.43 37.27 16.51
N TYR E 170 -98.94 36.46 17.44
CA TYR E 170 -98.58 35.06 17.51
C TYR E 170 -99.71 34.29 18.18
N ASP E 171 -99.98 33.10 17.68
CA ASP E 171 -100.98 32.22 18.26
C ASP E 171 -100.27 31.26 19.22
N PHE E 172 -100.35 31.56 20.51
CA PHE E 172 -99.61 30.79 21.50
C PHE E 172 -100.22 29.42 21.76
N SER E 173 -101.47 29.19 21.39
CA SER E 173 -102.06 27.88 21.56
C SER E 173 -101.40 26.83 20.67
N VAL E 174 -100.71 27.27 19.62
CA VAL E 174 -100.01 26.33 18.74
C VAL E 174 -98.88 25.63 19.48
N ILE E 175 -98.21 26.33 20.40
CA ILE E 175 -97.19 25.73 21.25
C ILE E 175 -97.74 25.38 22.62
N GLY E 176 -99.06 25.35 22.78
CA GLY E 176 -99.66 24.96 24.04
C GLY E 176 -99.56 25.97 25.15
N GLU E 177 -99.19 27.21 24.84
CA GLU E 177 -99.04 28.26 25.85
C GLU E 177 -100.26 29.16 25.95
N ALA E 178 -101.38 28.77 25.35
CA ALA E 178 -102.61 29.53 25.44
C ALA E 178 -103.78 28.55 25.42
N ILE E 179 -104.99 29.08 25.57
CA ILE E 179 -106.18 28.25 25.61
C ILE E 179 -106.41 27.62 24.24
N ASN E 180 -106.69 26.32 24.22
CA ASN E 180 -106.95 25.60 22.98
C ASN E 180 -108.39 25.83 22.56
N TYR E 181 -108.60 26.43 21.40
CA TYR E 181 -109.92 26.81 20.92
C TYR E 181 -110.37 25.94 19.75
N GLN E 182 -109.76 24.77 19.55
CA GLN E 182 -110.08 23.97 18.38
C GLN E 182 -111.50 23.41 18.41
N SER E 183 -112.10 23.30 19.59
CA SER E 183 -113.48 22.83 19.70
C SER E 183 -114.48 23.95 19.92
N PHE E 184 -114.03 25.19 19.96
CA PHE E 184 -114.93 26.31 20.20
C PHE E 184 -115.63 26.72 18.91
N THR E 185 -116.54 27.67 19.03
CA THR E 185 -117.21 28.28 17.89
C THR E 185 -117.20 29.79 18.06
N PHE E 186 -116.74 30.49 17.02
CA PHE E 186 -116.70 31.94 17.04
C PHE E 186 -117.83 32.48 16.18
N THR E 187 -118.57 33.44 16.72
CA THR E 187 -119.69 34.08 16.03
C THR E 187 -119.36 35.54 15.79
N LEU E 188 -119.56 35.99 14.56
CA LEU E 188 -119.35 37.38 14.19
C LEU E 188 -120.69 38.09 14.05
N SER E 189 -120.75 39.34 14.50
CA SER E 189 -121.95 40.12 14.33
C SER E 189 -122.18 40.51 12.88
N ALA E 190 -121.12 40.73 12.12
CA ALA E 190 -121.21 41.08 10.71
C ALA E 190 -119.90 40.67 10.04
N THR E 191 -119.92 40.69 8.71
CA THR E 191 -118.73 40.32 7.94
C THR E 191 -117.86 41.51 7.57
N THR E 192 -118.31 42.74 7.83
CA THR E 192 -117.56 43.93 7.44
C THR E 192 -117.64 44.97 8.54
N GLY E 193 -116.74 45.95 8.47
CA GLY E 193 -116.77 47.07 9.40
C GLY E 193 -116.41 46.66 10.81
N SER E 194 -116.91 47.44 11.77
CA SER E 194 -116.70 47.14 13.17
C SER E 194 -117.68 46.07 13.62
N ILE E 195 -117.15 44.99 14.20
CA ILE E 195 -117.95 43.82 14.55
C ILE E 195 -117.63 43.42 15.98
N THR E 196 -118.40 42.46 16.48
CA THR E 196 -118.14 41.80 17.75
C THR E 196 -117.89 40.33 17.49
N ILE E 197 -116.83 39.79 18.08
CA ILE E 197 -116.49 38.38 17.97
C ILE E 197 -116.81 37.73 19.30
N THR E 198 -117.66 36.72 19.28
CA THR E 198 -118.10 36.03 20.48
C THR E 198 -117.65 34.58 20.43
N SER E 199 -117.12 34.10 21.54
CA SER E 199 -116.66 32.72 21.64
C SER E 199 -117.58 31.94 22.57
N SER E 200 -117.81 30.68 22.21
CA SER E 200 -118.64 29.80 23.05
C SER E 200 -117.96 29.43 24.36
N SER E 201 -116.66 29.71 24.50
CA SER E 201 -115.96 29.39 25.72
C SER E 201 -114.89 30.46 25.96
N ALA E 202 -114.43 30.55 27.20
CA ALA E 202 -113.46 31.56 27.60
C ALA E 202 -112.15 31.41 26.84
N VAL E 203 -111.84 32.35 25.95
CA VAL E 203 -110.58 32.31 25.22
C VAL E 203 -109.82 33.63 25.36
N PHE E 204 -110.52 34.75 25.25
CA PHE E 204 -109.87 36.04 25.11
C PHE E 204 -109.15 36.47 26.38
N THR E 205 -108.03 37.18 26.18
CA THR E 205 -107.32 37.87 27.23
C THR E 205 -107.08 39.30 26.78
N HIS E 206 -106.66 40.16 27.72
CA HIS E 206 -106.42 41.54 27.37
C HIS E 206 -105.28 41.69 26.37
N ASN E 207 -104.35 40.74 26.35
CA ASN E 207 -103.27 40.81 25.36
C ASN E 207 -103.75 40.58 23.95
N HIS E 208 -104.98 40.10 23.76
CA HIS E 208 -105.53 39.97 22.42
C HIS E 208 -105.89 41.30 21.78
N VAL E 209 -105.85 42.39 22.53
CA VAL E 209 -106.04 43.71 21.94
C VAL E 209 -104.85 44.01 21.04
N GLY E 210 -105.13 44.32 19.78
CA GLY E 210 -104.08 44.41 18.79
C GLY E 210 -103.77 43.10 18.10
N GLY E 211 -104.44 42.02 18.47
CA GLY E 211 -104.27 40.74 17.81
C GLY E 211 -105.13 40.61 16.58
N LEU E 212 -105.09 39.42 16.00
CA LEU E 212 -105.77 39.15 14.74
C LEU E 212 -106.68 37.94 14.90
N PHE E 213 -107.79 37.95 14.17
CA PHE E 213 -108.66 36.80 14.05
C PHE E 213 -108.86 36.51 12.58
N ARG E 214 -108.59 35.27 12.18
CA ARG E 214 -108.67 34.86 10.78
C ARG E 214 -109.58 33.64 10.67
N SER E 215 -110.51 33.69 9.73
CA SER E 215 -111.37 32.56 9.41
C SER E 215 -112.17 32.92 8.17
N LEU E 216 -112.56 31.90 7.43
CA LEU E 216 -113.45 32.06 6.27
C LEU E 216 -112.86 33.04 5.25
N GLY E 217 -111.53 33.11 5.16
CA GLY E 217 -110.88 33.99 4.23
C GLY E 217 -110.78 35.44 4.68
N GLY E 218 -111.31 35.77 5.86
CA GLY E 218 -111.26 37.13 6.34
C GLY E 218 -110.32 37.33 7.49
N THR E 219 -109.96 38.59 7.75
CA THR E 219 -109.07 38.96 8.83
C THR E 219 -109.65 40.16 9.56
N ALA E 220 -109.58 40.13 10.89
CA ALA E 220 -110.07 41.23 11.72
C ALA E 220 -109.02 41.53 12.78
N ARG E 221 -108.83 42.82 13.08
CA ARG E 221 -107.92 43.23 14.13
C ARG E 221 -108.72 43.56 15.38
N ILE E 222 -108.47 42.82 16.46
CA ILE E 222 -109.17 43.04 17.70
C ILE E 222 -108.77 44.38 18.30
N THR E 223 -109.75 45.17 18.70
CA THR E 223 -109.50 46.49 19.27
C THR E 223 -109.88 46.60 20.74
N ALA E 224 -110.73 45.72 21.24
CA ALA E 224 -111.10 45.74 22.66
C ALA E 224 -111.51 44.34 23.07
N VAL E 225 -111.26 44.02 24.34
CA VAL E 225 -111.63 42.74 24.92
C VAL E 225 -112.51 43.04 26.13
N ALA E 226 -113.82 42.86 25.97
CA ALA E 226 -114.75 43.12 27.06
C ALA E 226 -114.69 42.04 28.13
N SER E 227 -114.55 40.79 27.73
CA SER E 227 -114.51 39.66 28.66
C SER E 227 -113.76 38.52 27.98
N THR E 228 -113.75 37.36 28.63
CA THR E 228 -113.07 36.20 28.05
C THR E 228 -113.85 35.60 26.89
N THR E 229 -115.09 36.02 26.65
CA THR E 229 -115.89 35.48 25.57
C THR E 229 -116.38 36.53 24.59
N SER E 230 -116.02 37.80 24.77
CA SER E 230 -116.51 38.85 23.89
C SER E 230 -115.39 39.83 23.58
N ALA E 231 -115.30 40.23 22.31
CA ALA E 231 -114.30 41.18 21.89
C ALA E 231 -114.83 41.97 20.70
N SER E 232 -114.27 43.16 20.51
CA SER E 232 -114.60 44.03 19.40
C SER E 232 -113.44 44.06 18.42
N ALA E 233 -113.74 44.06 17.13
CA ALA E 233 -112.70 43.99 16.12
C ALA E 233 -113.09 44.81 14.91
N THR E 234 -112.08 45.19 14.13
CA THR E 234 -112.26 45.90 12.87
C THR E 234 -111.88 44.96 11.73
N VAL E 235 -112.77 44.81 10.76
CA VAL E 235 -112.55 43.89 9.65
C VAL E 235 -111.57 44.50 8.67
N LEU E 236 -110.47 43.81 8.42
CA LEU E 236 -109.48 44.21 7.43
C LEU E 236 -109.74 43.56 6.08
N ASP E 237 -110.05 42.26 6.08
CA ASP E 237 -110.50 41.55 4.89
C ASP E 237 -111.84 40.88 5.20
N ASN E 238 -112.78 41.00 4.27
CA ASN E 238 -114.16 40.60 4.53
C ASN E 238 -114.26 39.10 4.77
N PHE E 239 -115.15 38.72 5.69
CA PHE E 239 -115.48 37.34 5.94
C PHE E 239 -116.62 36.90 5.03
N THR E 240 -116.67 35.60 4.74
CA THR E 240 -117.73 35.03 3.93
C THR E 240 -118.92 34.54 4.75
N GLY E 241 -118.83 34.60 6.07
CA GLY E 241 -119.92 34.15 6.93
C GLY E 241 -119.65 34.57 8.35
N THR E 242 -120.67 34.39 9.19
CA THR E 242 -120.59 34.82 10.57
C THR E 242 -120.43 33.68 11.57
N SER E 243 -120.28 32.45 11.10
CA SER E 243 -120.07 31.30 11.97
C SER E 243 -118.75 30.65 11.59
N CYS E 244 -117.79 30.67 12.52
CA CYS E 244 -116.44 30.18 12.26
C CYS E 244 -116.14 29.04 13.20
N ALA E 245 -115.81 27.87 12.64
CA ALA E 245 -115.41 26.74 13.45
C ALA E 245 -114.05 27.00 14.09
N GLY E 246 -113.90 26.58 15.35
CA GLY E 246 -112.68 26.86 16.07
C GLY E 246 -111.45 26.22 15.43
N ASN E 247 -111.62 25.01 14.90
CA ASN E 247 -110.48 24.30 14.32
C ASN E 247 -110.09 24.83 12.95
N LEU E 248 -110.94 25.63 12.30
CA LEU E 248 -110.61 26.23 11.02
C LEU E 248 -110.22 27.70 11.15
N SER E 249 -110.13 28.23 12.36
CA SER E 249 -109.85 29.63 12.60
C SER E 249 -108.42 29.81 13.12
N SER E 250 -108.04 31.06 13.32
CA SER E 250 -106.73 31.41 13.84
C SER E 250 -106.86 32.67 14.68
N LEU E 251 -106.60 32.54 15.97
CA LEU E 251 -106.65 33.65 16.91
C LEU E 251 -105.26 33.89 17.46
N ALA E 252 -104.75 35.11 17.32
CA ALA E 252 -103.40 35.45 17.73
C ALA E 252 -103.43 36.69 18.60
N GLU E 253 -102.62 36.68 19.67
CA GLU E 253 -102.45 37.83 20.53
C GLU E 253 -101.14 38.54 20.18
N LYS E 254 -100.85 39.60 20.90
CA LYS E 254 -99.59 40.31 20.69
C LYS E 254 -98.42 39.45 21.14
N LEU E 255 -97.36 39.43 20.33
CA LEU E 255 -96.20 38.62 20.65
C LEU E 255 -95.43 39.19 21.84
N TRP E 256 -95.36 40.51 21.97
CA TRP E 256 -94.62 41.16 23.03
C TRP E 256 -95.59 41.88 23.96
N ASN E 257 -95.50 41.57 25.25
CA ASN E 257 -96.30 42.26 26.26
C ASN E 257 -95.81 41.87 27.64
N SER E 258 -95.84 42.83 28.56
CA SER E 258 -95.48 42.58 29.95
C SER E 258 -96.62 42.91 30.91
N ASP E 259 -97.82 43.16 30.39
CA ASP E 259 -98.97 43.51 31.21
C ASP E 259 -99.71 42.24 31.58
N THR E 260 -99.70 41.89 32.87
CA THR E 260 -100.37 40.69 33.34
C THR E 260 -101.46 40.99 34.37
N THR E 261 -101.89 42.24 34.49
CA THR E 261 -102.86 42.63 35.50
C THR E 261 -104.17 43.16 34.94
N THR E 262 -104.18 43.72 33.74
CA THR E 262 -105.42 44.24 33.17
C THR E 262 -106.37 43.10 32.84
N ALA E 263 -107.61 43.23 33.27
CA ALA E 263 -108.57 42.15 33.10
C ALA E 263 -109.04 42.06 31.65
N PRO E 264 -109.19 40.83 31.11
CA PRO E 264 -108.84 39.55 31.72
C PRO E 264 -107.33 39.34 31.69
N VAL E 265 -106.76 38.69 32.70
CA VAL E 265 -105.32 38.72 32.89
C VAL E 265 -104.62 37.95 31.79
N SER E 266 -103.48 38.48 31.35
CA SER E 266 -102.69 37.92 30.27
C SER E 266 -101.41 37.31 30.83
N ALA E 267 -100.76 36.49 30.01
CA ALA E 267 -99.47 35.94 30.36
C ALA E 267 -98.36 36.95 30.06
N ASN E 268 -97.25 36.80 30.76
CA ASN E 268 -96.08 37.64 30.51
C ASN E 268 -95.35 37.08 29.31
N ARG E 269 -95.58 37.67 28.14
CA ARG E 269 -94.93 37.18 26.94
C ARG E 269 -93.52 37.73 26.75
N GLY E 270 -93.17 38.79 27.47
CA GLY E 270 -91.83 39.33 27.38
C GLY E 270 -91.58 40.14 26.12
N TRP E 271 -90.30 40.38 25.87
CA TRP E 271 -89.84 41.24 24.79
C TRP E 271 -88.61 40.61 24.16
N PRO E 272 -88.28 40.99 22.93
CA PRO E 272 -87.11 40.39 22.27
C PRO E 272 -85.81 40.71 23.00
N ALA E 273 -84.89 39.76 22.97
CA ALA E 273 -83.59 39.92 23.60
C ALA E 273 -82.43 39.93 22.60
N ARG E 274 -82.68 39.67 21.33
CA ARG E 274 -81.66 39.73 20.29
C ARG E 274 -82.19 40.56 19.12
N GLY E 275 -81.28 41.18 18.39
CA GLY E 275 -81.70 42.00 17.27
C GLY E 275 -80.52 42.40 16.40
N VAL E 276 -80.86 42.82 15.18
CA VAL E 276 -79.88 43.35 14.25
C VAL E 276 -80.65 44.13 13.19
N PHE E 277 -79.98 45.11 12.60
CA PHE E 277 -80.52 45.85 11.45
C PHE E 277 -79.90 45.26 10.19
N TYR E 278 -80.74 44.69 9.33
CA TYR E 278 -80.27 44.05 8.10
C TYR E 278 -80.91 44.74 6.92
N LEU E 279 -80.10 45.42 6.11
CA LEU E 279 -80.57 46.17 4.95
C LEU E 279 -81.66 47.16 5.34
N ASN E 280 -82.87 46.95 4.85
CA ASN E 280 -83.98 47.87 5.12
C ASN E 280 -84.99 47.30 6.11
N ARG E 281 -84.61 46.29 6.89
CA ARG E 281 -85.50 45.70 7.87
C ARG E 281 -84.81 45.65 9.23
N LEU E 282 -85.62 45.64 10.28
CA LEU E 282 -85.17 45.40 11.64
C LEU E 282 -85.61 44.01 12.07
N ILE E 283 -84.65 43.19 12.50
CA ILE E 283 -84.92 41.82 12.92
C ILE E 283 -84.78 41.75 14.44
N LEU E 284 -85.82 41.26 15.10
CA LEU E 284 -85.85 41.11 16.55
C LEU E 284 -86.31 39.72 16.90
N GLY E 285 -85.66 39.10 17.88
CA GLY E 285 -86.02 37.73 18.18
C GLY E 285 -85.64 37.33 19.59
N ARG E 286 -85.88 36.05 19.89
CA ARG E 286 -85.63 35.45 21.19
C ARG E 286 -86.35 36.22 22.30
N SER E 287 -87.67 36.24 22.19
CA SER E 287 -88.49 36.83 23.24
C SER E 287 -88.53 35.87 24.43
N LEU E 288 -89.13 36.34 25.53
CA LEU E 288 -89.21 35.52 26.73
C LEU E 288 -90.03 34.26 26.49
N ALA E 289 -91.17 34.39 25.81
CA ALA E 289 -92.09 33.27 25.66
C ALA E 289 -91.75 32.35 24.50
N VAL E 290 -91.24 32.90 23.39
CA VAL E 290 -90.92 32.10 22.20
C VAL E 290 -89.46 32.41 21.86
N LYS E 291 -88.55 31.61 22.42
CA LYS E 291 -87.14 31.90 22.25
C LYS E 291 -86.59 31.47 20.89
N ASN E 292 -87.34 30.70 20.11
CA ASN E 292 -86.86 30.18 18.84
C ASN E 292 -87.51 30.86 17.64
N LEU E 293 -87.96 32.11 17.81
CA LEU E 293 -88.64 32.84 16.77
C LEU E 293 -88.03 34.23 16.60
N VAL E 294 -87.89 34.66 15.35
CA VAL E 294 -87.45 36.02 15.04
C VAL E 294 -88.52 36.69 14.19
N ASN E 295 -88.61 38.00 14.31
CA ASN E 295 -89.55 38.83 13.57
C ASN E 295 -88.78 39.84 12.74
N LEU E 296 -89.16 39.98 11.48
CA LEU E 296 -88.59 40.97 10.59
C LEU E 296 -89.63 42.07 10.39
N SER E 297 -89.21 43.32 10.54
CA SER E 297 -90.13 44.44 10.40
C SER E 297 -90.52 44.64 8.94
N THR E 298 -91.42 45.59 8.71
CA THR E 298 -91.80 45.96 7.36
C THR E 298 -90.60 46.52 6.61
N ALA E 299 -90.50 46.19 5.34
CA ALA E 299 -89.38 46.65 4.53
C ALA E 299 -89.39 48.17 4.42
N GLY E 300 -88.36 48.81 4.95
CA GLY E 300 -88.23 50.24 4.93
C GLY E 300 -88.82 50.97 6.12
N VAL E 301 -89.53 50.26 7.00
CA VAL E 301 -90.13 50.86 8.19
C VAL E 301 -89.66 50.00 9.37
N TYR E 302 -88.60 50.45 10.05
CA TYR E 302 -87.95 49.60 11.04
C TYR E 302 -88.81 49.34 12.26
N ASP E 303 -89.72 50.26 12.58
CA ASP E 303 -90.50 50.17 13.81
C ASP E 303 -91.91 49.65 13.58
N ASN E 304 -92.20 49.10 12.40
CA ASN E 304 -93.51 48.55 12.11
C ASN E 304 -93.41 47.04 11.92
N PHE E 305 -94.21 46.30 12.68
CA PHE E 305 -94.23 44.84 12.61
C PHE E 305 -95.61 44.31 12.26
N ASP E 306 -96.35 45.07 11.46
CA ASP E 306 -97.70 44.69 11.07
C ASP E 306 -97.65 43.46 10.17
N ASP E 307 -98.29 42.38 10.61
CA ASP E 307 -98.29 41.12 9.88
C ASP E 307 -99.71 40.67 9.57
N ALA E 308 -100.60 41.63 9.32
CA ALA E 308 -101.96 41.29 8.90
C ALA E 308 -101.96 40.66 7.51
N ASP E 309 -101.10 41.14 6.62
CA ASP E 309 -101.01 40.63 5.27
C ASP E 309 -99.98 39.52 5.18
N LEU E 310 -100.12 38.70 4.14
CA LEU E 310 -99.29 37.52 3.98
C LEU E 310 -98.54 37.52 2.65
N ASP E 311 -98.33 38.68 2.05
CA ASP E 311 -97.66 38.75 0.76
C ASP E 311 -97.02 40.13 0.60
N GLY E 312 -95.93 40.18 -0.14
CA GLY E 312 -95.29 41.44 -0.46
C GLY E 312 -94.12 41.78 0.44
N LEU E 313 -93.96 43.08 0.74
CA LEU E 313 -92.89 43.56 1.59
C LEU E 313 -93.30 43.66 3.05
N VAL E 314 -94.32 42.92 3.46
CA VAL E 314 -94.84 43.05 4.81
C VAL E 314 -93.89 42.38 5.81
N ALA E 315 -94.10 42.71 7.08
CA ALA E 315 -93.39 42.05 8.17
C ALA E 315 -93.83 40.59 8.28
N PHE E 316 -92.91 39.74 8.73
CA PHE E 316 -93.20 38.32 8.86
C PHE E 316 -92.28 37.72 9.91
N SER E 317 -92.42 36.42 10.13
CA SER E 317 -91.71 35.71 11.17
C SER E 317 -90.96 34.52 10.59
N VAL E 318 -89.93 34.09 11.30
CA VAL E 318 -89.23 32.84 11.01
C VAL E 318 -89.11 32.07 12.30
N THR E 319 -89.56 30.82 12.29
CA THR E 319 -89.46 29.93 13.44
C THR E 319 -88.41 28.88 13.17
N PHE E 320 -87.52 28.67 14.13
CA PHE E 320 -86.42 27.72 13.98
C PHE E 320 -86.74 26.46 14.78
N ASN E 321 -86.82 25.33 14.08
CA ASN E 321 -87.04 24.04 14.71
C ASN E 321 -86.14 23.00 14.07
N GLY E 322 -85.65 22.09 14.90
CA GLY E 322 -84.90 20.93 14.45
C GLY E 322 -85.24 19.76 15.35
N LYS E 323 -84.24 19.13 15.92
CA LYS E 323 -84.42 18.09 16.91
C LYS E 323 -84.10 18.71 18.27
N GLY E 324 -85.11 19.34 18.89
CA GLY E 324 -84.93 19.87 20.23
C GLY E 324 -84.95 21.38 20.31
N GLU E 325 -84.27 21.93 21.32
CA GLU E 325 -84.31 23.36 21.57
C GLU E 325 -83.46 24.10 20.55
N GLN E 326 -84.03 25.16 19.96
CA GLN E 326 -83.35 25.99 18.97
C GLN E 326 -83.49 27.45 19.32
N SER E 327 -83.30 27.79 20.59
CA SER E 327 -83.45 29.18 21.03
C SER E 327 -82.35 30.04 20.42
N VAL E 328 -82.75 31.17 19.85
CA VAL E 328 -81.81 32.00 19.08
C VAL E 328 -80.81 32.66 20.03
N GLN E 329 -79.53 32.53 19.70
CA GLN E 329 -78.46 33.13 20.48
C GLN E 329 -77.91 34.40 19.86
N SER E 330 -77.81 34.45 18.53
CA SER E 330 -77.19 35.58 17.87
C SER E 330 -77.71 35.67 16.45
N ILE E 331 -77.98 36.89 16.00
CA ILE E 331 -78.43 37.15 14.65
C ILE E 331 -77.30 37.89 13.95
N VAL E 332 -76.70 37.26 12.95
CA VAL E 332 -75.46 37.72 12.34
C VAL E 332 -75.78 38.30 10.97
N ALA E 333 -75.33 39.52 10.73
CA ALA E 333 -75.53 40.18 9.44
C ALA E 333 -74.36 39.88 8.50
N ASP E 334 -74.13 38.58 8.30
CA ASP E 334 -73.16 38.09 7.34
C ASP E 334 -73.88 37.35 6.23
N ASP E 335 -73.46 37.61 4.99
CA ASP E 335 -74.04 36.99 3.81
C ASP E 335 -75.55 37.21 3.78
N SER E 336 -76.33 36.14 3.92
CA SER E 336 -77.78 36.20 3.85
C SER E 336 -78.41 35.95 5.21
N ILE E 337 -77.79 36.47 6.27
CA ILE E 337 -78.22 36.34 7.66
C ILE E 337 -77.95 34.94 8.17
N LEU E 338 -77.22 34.83 9.27
CA LEU E 338 -76.97 33.57 9.96
C LEU E 338 -77.57 33.63 11.35
N PHE E 339 -78.18 32.54 11.76
CA PHE E 339 -78.78 32.42 13.10
C PHE E 339 -78.07 31.32 13.86
N THR E 340 -77.30 31.70 14.88
CA THR E 340 -76.75 30.72 15.81
C THR E 340 -77.78 30.47 16.89
N THR E 341 -78.01 29.20 17.21
CA THR E 341 -79.01 28.87 18.21
C THR E 341 -78.41 27.97 19.30
N ALA E 342 -79.26 27.46 20.17
CA ALA E 342 -78.79 26.54 21.20
C ALA E 342 -78.27 25.25 20.60
N ASN E 343 -78.80 24.82 19.45
CA ASN E 343 -78.34 23.59 18.83
C ASN E 343 -77.77 23.79 17.43
N LYS E 344 -78.56 24.31 16.50
CA LYS E 344 -78.22 24.25 15.09
C LYS E 344 -78.04 25.65 14.51
N LEU E 345 -77.20 25.74 13.49
CA LEU E 345 -76.99 26.99 12.78
C LEU E 345 -77.91 27.04 11.57
N PHE E 346 -78.69 28.10 11.46
CA PHE E 346 -79.68 28.26 10.41
C PHE E 346 -79.23 29.34 9.44
N ALA E 347 -79.25 29.03 8.15
CA ALA E 347 -78.84 29.97 7.12
C ALA E 347 -79.36 29.46 5.78
N GLN E 348 -79.31 30.33 4.78
CA GLN E 348 -79.62 29.95 3.42
C GLN E 348 -78.39 30.13 2.55
N SER E 349 -78.35 29.37 1.46
CA SER E 349 -77.19 29.38 0.59
C SER E 349 -76.98 30.77 0.00
N PRO E 350 -75.78 31.33 0.10
CA PRO E 350 -75.52 32.63 -0.55
C PRO E 350 -75.63 32.58 -2.05
N LEU E 351 -75.59 31.39 -2.65
CA LEU E 351 -75.77 31.24 -4.09
C LEU E 351 -77.22 31.31 -4.52
N VAL E 352 -78.16 31.36 -3.57
CA VAL E 352 -79.58 31.48 -3.89
C VAL E 352 -79.94 32.96 -4.03
N GLU E 353 -80.66 33.28 -5.11
CA GLU E 353 -81.10 34.66 -5.36
C GLU E 353 -82.36 34.92 -4.54
N SER E 354 -82.16 35.14 -3.24
CA SER E 354 -83.27 35.26 -2.31
C SER E 354 -83.47 36.70 -1.88
N PRO E 355 -84.57 37.35 -2.26
CA PRO E 355 -84.96 38.58 -1.57
C PRO E 355 -85.56 38.24 -0.22
N ILE E 356 -85.32 39.12 0.74
CA ILE E 356 -85.74 38.84 2.13
C ILE E 356 -87.18 39.30 2.24
N THR E 357 -88.09 38.42 1.82
CA THR E 357 -89.52 38.67 1.93
C THR E 357 -90.19 37.42 2.50
N ILE E 358 -91.50 37.52 2.68
CA ILE E 358 -92.20 36.60 3.59
C ILE E 358 -92.17 35.17 3.07
N ASN E 359 -92.45 34.96 1.78
CA ASN E 359 -92.63 33.61 1.27
C ASN E 359 -91.48 33.11 0.42
N ASN E 360 -90.36 33.81 0.39
CA ASN E 360 -89.18 33.30 -0.31
C ASN E 360 -87.93 33.52 0.52
N VAL E 361 -87.98 33.12 1.79
CA VAL E 361 -86.79 32.91 2.60
C VAL E 361 -86.58 31.42 2.73
N TYR E 362 -85.33 30.99 2.65
CA TYR E 362 -85.01 29.57 2.58
C TYR E 362 -84.04 29.17 3.68
N PHE E 363 -84.28 29.65 4.90
CA PHE E 363 -83.41 29.28 6.01
C PHE E 363 -83.59 27.80 6.33
N ALA E 364 -82.48 27.09 6.39
CA ALA E 364 -82.47 25.66 6.62
C ALA E 364 -81.46 25.33 7.71
N PRO E 365 -81.65 24.24 8.42
CA PRO E 365 -80.67 23.84 9.42
C PRO E 365 -79.36 23.39 8.78
N GLN E 366 -78.33 24.22 8.90
CA GLN E 366 -76.99 23.81 8.52
C GLN E 366 -76.40 22.97 9.63
N SER E 367 -75.09 22.81 9.66
CA SER E 367 -74.40 21.97 10.63
C SER E 367 -74.87 22.14 12.07
N GLN E 368 -74.70 21.09 12.87
CA GLN E 368 -74.97 21.14 14.30
C GLN E 368 -73.83 21.86 15.01
N SER E 369 -74.15 22.94 15.71
CA SER E 369 -73.10 23.75 16.34
C SER E 369 -73.68 24.60 17.46
N PRO E 370 -73.82 24.06 18.67
CA PRO E 370 -74.42 24.85 19.76
C PRO E 370 -73.61 26.09 20.07
N ALA E 371 -74.33 27.18 20.36
CA ALA E 371 -73.73 28.47 20.59
C ALA E 371 -74.23 29.05 21.92
N THR E 372 -73.43 29.93 22.49
CA THR E 372 -73.77 30.62 23.73
C THR E 372 -74.27 32.02 23.41
N SER E 373 -74.60 32.77 24.46
CA SER E 373 -75.22 34.08 24.31
C SER E 373 -74.23 35.19 23.97
N ILE E 374 -72.93 34.90 23.95
CA ILE E 374 -71.95 35.90 23.53
C ILE E 374 -72.10 36.17 22.05
N GLU E 375 -72.15 37.44 21.68
CA GLU E 375 -72.47 37.81 20.30
C GLU E 375 -71.37 37.37 19.34
N ALA E 376 -71.78 36.84 18.20
CA ALA E 376 -70.83 36.36 17.20
C ALA E 376 -70.05 37.51 16.59
N ALA E 377 -68.82 37.21 16.17
CA ALA E 377 -67.91 38.19 15.58
C ALA E 377 -67.73 37.90 14.10
N SER E 378 -67.58 38.97 13.32
CA SER E 378 -67.36 38.87 11.89
C SER E 378 -66.02 39.52 11.56
N ILE E 379 -65.11 38.74 10.99
CA ILE E 379 -63.77 39.23 10.68
C ILE E 379 -63.09 38.26 9.74
N ASP E 380 -62.29 38.79 8.81
CA ASP E 380 -61.41 37.99 7.96
C ASP E 380 -62.20 36.92 7.19
N ASN E 381 -63.29 37.35 6.57
CA ASN E 381 -64.09 36.51 5.68
C ASN E 381 -64.66 35.27 6.38
N GLN E 382 -64.98 35.39 7.66
CA GLN E 382 -65.53 34.26 8.41
C GLN E 382 -66.34 34.78 9.58
N THR E 383 -67.14 33.90 10.16
CA THR E 383 -67.90 34.18 11.36
C THR E 383 -67.37 33.32 12.50
N LEU E 384 -67.09 33.95 13.63
CA LEU E 384 -66.59 33.26 14.82
C LEU E 384 -67.58 33.44 15.96
N PHE E 385 -67.90 32.35 16.64
CA PHE E 385 -68.79 32.44 17.79
C PHE E 385 -68.39 31.40 18.83
N VAL E 386 -68.65 31.73 20.08
CA VAL E 386 -68.30 30.84 21.19
C VAL E 386 -69.36 29.75 21.32
N SER E 387 -68.92 28.53 21.58
CA SER E 387 -69.83 27.40 21.72
C SER E 387 -70.64 27.52 23.01
N SER E 388 -71.66 26.66 23.12
CA SER E 388 -72.59 26.76 24.25
C SER E 388 -71.90 26.47 25.57
N ASP E 389 -70.99 25.50 25.62
CA ASP E 389 -70.27 25.23 26.85
C ASP E 389 -69.11 26.18 27.09
N ARG E 390 -68.85 27.08 26.14
CA ARG E 390 -67.88 28.16 26.27
C ARG E 390 -66.44 27.69 26.35
N THR E 391 -66.16 26.46 25.92
CA THR E 391 -64.81 25.94 25.92
C THR E 391 -64.22 25.88 24.52
N LYS E 392 -64.92 26.39 23.51
CA LYS E 392 -64.44 26.36 22.15
C LYS E 392 -64.91 27.61 21.42
N VAL E 393 -64.15 28.01 20.41
CA VAL E 393 -64.56 29.02 19.45
C VAL E 393 -64.84 28.31 18.14
N MET E 394 -66.03 28.52 17.59
CA MET E 394 -66.44 27.86 16.37
C MET E 394 -66.33 28.82 15.19
N GLN E 395 -65.91 28.30 14.05
CA GLN E 395 -65.79 29.05 12.81
C GLN E 395 -66.81 28.52 11.81
N ALA E 396 -67.56 29.41 11.18
CA ALA E 396 -68.57 29.05 10.19
C ALA E 396 -68.23 29.69 8.86
N MET E 397 -68.07 28.87 7.84
CA MET E 397 -67.87 29.35 6.47
C MET E 397 -68.70 28.50 5.53
N TYR E 398 -69.25 29.12 4.49
CA TYR E 398 -69.97 28.38 3.47
C TYR E 398 -68.99 27.65 2.57
N SER E 399 -69.25 26.38 2.33
CA SER E 399 -68.44 25.54 1.46
C SER E 399 -69.29 25.14 0.25
N THR E 400 -68.95 25.68 -0.92
CA THR E 400 -69.71 25.34 -2.12
C THR E 400 -69.56 23.88 -2.48
N ALA E 401 -68.39 23.29 -2.22
CA ALA E 401 -68.19 21.87 -2.51
C ALA E 401 -69.10 20.99 -1.67
N ASP E 402 -69.51 21.45 -0.50
CA ASP E 402 -70.42 20.72 0.37
C ASP E 402 -71.86 21.20 0.29
N GLY E 403 -72.09 22.36 -0.31
CA GLY E 403 -73.44 22.88 -0.44
C GLY E 403 -74.05 23.40 0.84
N LYS E 404 -73.25 23.71 1.85
CA LYS E 404 -73.78 24.14 3.13
C LYS E 404 -72.71 24.88 3.91
N TYR E 405 -73.11 25.48 5.02
CA TYR E 405 -72.18 26.08 5.95
C TYR E 405 -71.50 25.00 6.78
N ILE E 406 -70.19 25.12 6.92
CA ILE E 406 -69.36 24.16 7.64
C ILE E 406 -68.86 24.82 8.91
N THR E 407 -69.09 24.16 10.05
CA THR E 407 -68.61 24.64 11.33
C THR E 407 -67.52 23.72 11.86
N LEU E 408 -66.42 24.33 12.32
CA LEU E 408 -65.31 23.57 12.87
C LEU E 408 -64.68 24.38 13.99
N PRO E 409 -63.99 23.73 14.92
CA PRO E 409 -63.38 24.46 16.03
C PRO E 409 -62.19 25.28 15.56
N ALA E 410 -62.26 26.60 15.76
CA ALA E 410 -61.11 27.45 15.49
C ALA E 410 -60.00 27.25 16.51
N THR E 411 -60.32 26.68 17.67
CA THR E 411 -59.35 26.40 18.72
C THR E 411 -58.83 24.97 18.67
N MET E 412 -58.93 24.30 17.52
CA MET E 412 -58.62 22.88 17.47
C MET E 412 -57.16 22.59 17.76
N LEU E 413 -56.26 23.51 17.41
CA LEU E 413 -54.84 23.31 17.65
C LEU E 413 -54.35 23.93 18.95
N SER E 414 -55.20 24.62 19.70
CA SER E 414 -54.77 25.35 20.88
C SER E 414 -55.75 25.14 22.02
N ASN E 415 -56.20 23.91 22.22
CA ASN E 415 -57.20 23.63 23.24
C ASN E 415 -56.65 23.79 24.66
N SER E 416 -55.34 23.68 24.85
CA SER E 416 -54.78 23.69 26.20
C SER E 416 -54.95 25.03 26.88
N ILE E 417 -54.81 26.13 26.13
CA ILE E 417 -54.91 27.46 26.75
C ILE E 417 -56.33 27.97 26.87
N VAL E 418 -57.32 27.21 26.44
CA VAL E 418 -58.70 27.67 26.42
C VAL E 418 -59.37 27.29 27.73
N ASP E 419 -59.75 28.31 28.50
CA ASP E 419 -60.60 28.18 29.67
C ASP E 419 -62.05 28.44 29.24
N TYR E 420 -62.91 28.85 30.16
CA TYR E 420 -64.28 29.21 29.83
C TYR E 420 -64.35 30.67 29.38
N ILE E 421 -64.87 30.88 28.18
CA ILE E 421 -64.89 32.20 27.55
C ILE E 421 -66.16 32.94 27.96
N ASN E 422 -66.03 34.24 28.26
CA ASN E 422 -67.17 35.02 28.70
C ASN E 422 -67.43 36.31 27.92
N SER E 423 -66.58 36.66 26.95
CA SER E 423 -66.85 37.79 26.07
C SER E 423 -65.89 37.73 24.89
N ASN E 424 -66.19 38.49 23.85
CA ASN E 424 -65.31 38.56 22.71
C ASN E 424 -65.49 39.88 21.96
N GLY E 425 -64.50 40.19 21.12
CA GLY E 425 -64.51 41.38 20.30
C GLY E 425 -63.54 41.20 19.15
N THR E 426 -63.50 42.21 18.29
CA THR E 426 -62.60 42.20 17.14
C THR E 426 -61.81 43.50 17.10
N TRP E 427 -60.65 43.45 16.45
CA TRP E 427 -59.78 44.60 16.35
C TRP E 427 -58.95 44.48 15.07
N GLU E 428 -58.87 45.56 14.32
CA GLU E 428 -58.09 45.62 13.09
C GLU E 428 -57.19 46.85 13.20
N PRO E 429 -56.12 46.75 13.99
CA PRO E 429 -55.34 47.95 14.33
C PRO E 429 -54.62 48.54 13.13
N ALA E 430 -54.47 49.86 13.15
CA ALA E 430 -53.81 50.57 12.06
C ALA E 430 -52.31 50.35 12.10
N GLY E 431 -51.73 50.07 10.94
CA GLY E 431 -50.31 49.90 10.81
C GLY E 431 -49.75 48.56 11.25
N ILE E 432 -50.61 47.62 11.64
CA ILE E 432 -50.18 46.33 12.16
C ILE E 432 -50.66 45.23 11.23
N SER E 433 -49.79 44.27 10.94
CA SER E 433 -50.11 43.16 10.04
C SER E 433 -50.84 42.06 10.83
N THR E 434 -52.08 42.36 11.22
CA THR E 434 -52.88 41.38 11.94
C THR E 434 -54.36 41.74 11.85
N ARG E 435 -55.19 40.70 11.87
CA ARG E 435 -56.62 40.82 12.10
C ARG E 435 -56.94 40.03 13.35
N LEU E 436 -57.45 40.71 14.37
CA LEU E 436 -57.52 40.15 15.71
C LEU E 436 -58.95 39.81 16.12
N TYR E 437 -59.11 38.62 16.70
CA TYR E 437 -60.29 38.24 17.46
C TYR E 437 -59.85 38.03 18.90
N LEU E 438 -60.53 38.70 19.83
CA LEU E 438 -60.16 38.70 21.24
C LEU E 438 -61.27 38.08 22.06
N ALA E 439 -60.90 37.44 23.17
CA ALA E 439 -61.89 36.77 24.01
C ALA E 439 -61.33 36.58 25.40
N THR E 440 -61.97 37.19 26.40
CA THR E 440 -61.55 37.03 27.78
C THR E 440 -62.16 35.76 28.38
N GLN E 441 -61.55 35.29 29.47
CA GLN E 441 -61.91 34.02 30.07
C GLN E 441 -62.17 34.19 31.56
N ASP E 442 -62.79 33.17 32.15
CA ASP E 442 -63.13 33.22 33.58
C ASP E 442 -61.88 33.27 34.45
N ASN E 443 -60.81 32.59 34.05
CA ASN E 443 -59.59 32.57 34.85
C ASN E 443 -58.88 33.92 34.86
N GLY E 444 -59.32 34.87 34.05
CA GLY E 444 -58.75 36.21 34.04
C GLY E 444 -57.77 36.48 32.93
N THR E 445 -57.59 35.55 32.00
CA THR E 445 -56.70 35.74 30.87
C THR E 445 -57.52 36.19 29.67
N MET E 446 -56.83 36.50 28.58
CA MET E 446 -57.47 36.90 27.34
C MET E 446 -56.84 36.15 26.18
N LEU E 447 -57.66 35.55 25.34
CA LEU E 447 -57.21 34.88 24.13
C LEU E 447 -57.09 35.88 23.01
N LEU E 448 -56.04 35.72 22.21
CA LEU E 448 -55.81 36.55 21.04
C LEU E 448 -55.68 35.66 19.83
N TYR E 449 -56.42 35.96 18.78
CA TYR E 449 -56.48 35.11 17.59
C TYR E 449 -56.19 35.96 16.37
N SER E 450 -55.06 35.69 15.72
CA SER E 450 -54.67 36.39 14.50
C SER E 450 -54.98 35.49 13.33
N THR E 451 -55.76 36.00 12.38
CA THR E 451 -56.24 35.17 11.30
C THR E 451 -56.09 35.87 9.95
N LEU E 452 -55.67 35.10 8.96
CA LEU E 452 -55.72 35.49 7.54
C LEU E 452 -56.07 34.19 6.80
N GLN E 453 -57.37 33.97 6.59
CA GLN E 453 -57.87 32.65 6.26
C GLN E 453 -57.32 32.16 4.92
N THR E 454 -57.29 33.03 3.91
CA THR E 454 -56.84 32.60 2.59
C THR E 454 -55.36 32.25 2.56
N GLN E 455 -54.57 32.79 3.49
CA GLN E 455 -53.15 32.52 3.56
C GLN E 455 -52.79 31.49 4.61
N ASN E 456 -53.78 30.78 5.14
CA ASN E 456 -53.55 29.75 6.16
C ASN E 456 -52.82 30.32 7.38
N VAL E 457 -53.25 31.50 7.81
CA VAL E 457 -52.74 32.13 9.02
C VAL E 457 -53.81 32.01 10.09
N ALA E 458 -53.49 31.31 11.17
CA ALA E 458 -54.43 31.15 12.29
C ALA E 458 -53.59 30.85 13.53
N GLY E 459 -53.34 31.90 14.32
CA GLY E 459 -52.48 31.74 15.48
C GLY E 459 -53.09 32.25 16.77
N TRP E 460 -53.18 31.38 17.76
CA TRP E 460 -53.69 31.74 19.07
C TRP E 460 -52.54 32.11 20.00
N SER E 461 -52.84 32.95 20.98
CA SER E 461 -51.88 33.33 22.00
C SER E 461 -52.64 33.78 23.23
N LEU E 462 -51.95 33.79 24.36
CA LEU E 462 -52.57 34.04 25.66
C LEU E 462 -52.03 35.32 26.24
N ARG E 463 -52.91 36.20 26.70
CA ARG E 463 -52.56 37.50 27.25
C ARG E 463 -52.88 37.51 28.74
N THR E 464 -51.90 37.84 29.56
CA THR E 464 -52.08 37.96 31.00
C THR E 464 -51.62 39.34 31.47
N THR E 465 -52.16 39.76 32.60
CA THR E 465 -51.85 41.07 33.15
C THR E 465 -51.71 40.95 34.66
N THR E 466 -51.30 42.05 35.31
CA THR E 466 -51.28 42.12 36.76
C THR E 466 -52.69 42.44 37.25
N GLY E 467 -53.55 41.44 37.15
CA GLY E 467 -54.96 41.58 37.40
C GLY E 467 -55.72 40.51 36.63
N LYS E 468 -57.00 40.76 36.41
CA LYS E 468 -57.87 39.81 35.71
C LYS E 468 -58.67 40.55 34.66
N PHE E 469 -58.57 40.10 33.41
CA PHE E 469 -59.45 40.61 32.36
C PHE E 469 -60.87 40.11 32.61
N ARG E 470 -61.83 41.02 32.56
CA ARG E 470 -63.23 40.67 32.75
C ARG E 470 -64.09 40.83 31.51
N GLN E 471 -63.73 41.74 30.61
CA GLN E 471 -64.45 41.88 29.36
C GLN E 471 -63.54 42.53 28.33
N VAL E 472 -63.81 42.23 27.06
CA VAL E 472 -63.14 42.90 25.94
C VAL E 472 -64.21 43.43 25.01
N ILE E 473 -64.02 44.67 24.55
CA ILE E 473 -65.03 45.39 23.78
C ILE E 473 -64.39 45.88 22.49
N GLY E 474 -65.10 45.74 21.38
CA GLY E 474 -64.62 46.28 20.13
C GLY E 474 -65.18 45.60 18.90
N GLU E 475 -65.40 46.38 17.84
CA GLU E 475 -65.90 45.86 16.57
C GLU E 475 -64.90 46.05 15.43
N GLY E 476 -63.63 46.27 15.76
CA GLY E 476 -62.62 46.37 14.74
C GLY E 476 -61.88 47.68 14.72
N ARG E 477 -62.58 48.78 14.98
CA ARG E 477 -61.95 50.08 14.92
C ARG E 477 -61.09 50.35 16.13
N GLN E 478 -61.48 49.86 17.31
CA GLN E 478 -60.71 50.05 18.52
C GLN E 478 -61.04 48.93 19.49
N SER E 479 -60.31 48.88 20.60
CA SER E 479 -60.48 47.81 21.57
C SER E 479 -60.31 48.35 22.97
N HIS E 480 -61.27 48.05 23.83
CA HIS E 480 -61.20 48.37 25.25
C HIS E 480 -61.29 47.09 26.06
N VAL E 481 -60.80 47.14 27.29
CA VAL E 481 -60.91 46.03 28.21
C VAL E 481 -61.42 46.55 29.54
N ILE E 482 -62.06 45.67 30.29
CA ILE E 482 -62.47 45.92 31.66
C ILE E 482 -61.66 44.99 32.55
N VAL E 483 -60.82 45.57 33.41
CA VAL E 483 -59.81 44.82 34.14
C VAL E 483 -60.04 45.01 35.63
N GLU E 484 -59.92 43.92 36.37
CA GLU E 484 -59.97 43.94 37.82
C GLU E 484 -58.54 43.93 38.37
N ARG E 485 -58.17 44.98 39.10
CA ARG E 485 -56.83 45.11 39.62
C ARG E 485 -56.88 45.38 41.13
N GLU E 486 -55.77 45.09 41.79
CA GLU E 486 -55.62 45.36 43.21
C GLU E 486 -54.83 46.64 43.43
N ILE E 487 -55.18 47.38 44.47
CA ILE E 487 -54.43 48.55 44.89
C ILE E 487 -54.15 48.43 46.37
N ASN E 488 -53.08 49.09 46.80
CA ASN E 488 -52.75 49.14 48.21
C ASN E 488 -53.72 50.07 48.94
N ILE E 489 -54.40 49.56 49.95
CA ILE E 489 -55.42 50.34 50.65
C ILE E 489 -54.92 50.72 52.04
N GLY E 490 -53.61 50.78 52.22
CA GLY E 490 -53.03 51.31 53.43
C GLY E 490 -53.25 50.49 54.68
N ALA E 491 -54.00 51.04 55.63
CA ALA E 491 -54.18 50.43 56.94
C ALA E 491 -55.36 49.47 57.01
N SER E 492 -56.12 49.31 55.92
CA SER E 492 -57.25 48.40 55.90
C SER E 492 -56.89 47.13 55.12
N PHE E 493 -57.65 46.07 55.38
CA PHE E 493 -57.35 44.74 54.86
C PHE E 493 -58.58 44.14 54.21
N GLU E 494 -58.45 43.69 52.98
CA GLU E 494 -59.57 43.06 52.31
C GLU E 494 -59.24 41.71 51.67
N GLN E 495 -58.11 41.59 50.99
CA GLN E 495 -57.85 40.44 50.15
C GLN E 495 -57.04 39.38 50.88
N THR E 496 -57.05 38.18 50.34
CA THR E 496 -56.28 37.06 50.87
C THR E 496 -55.10 36.75 49.94
N LEU E 497 -54.11 36.07 50.50
CA LEU E 497 -52.93 35.73 49.73
C LEU E 497 -53.26 34.73 48.63
N ASP E 498 -52.63 34.91 47.47
CA ASP E 498 -52.84 33.98 46.37
C ASP E 498 -52.20 32.63 46.65
N TYR E 499 -51.07 32.60 47.34
CA TYR E 499 -50.37 31.36 47.63
C TYR E 499 -49.82 31.41 49.04
N ALA E 500 -49.82 30.25 49.69
CA ALA E 500 -49.25 30.10 51.03
C ALA E 500 -48.81 28.65 51.21
N TYR E 501 -47.58 28.46 51.65
CA TYR E 501 -47.02 27.14 51.87
C TYR E 501 -46.29 27.11 53.19
N LEU E 502 -46.18 25.92 53.76
CA LEU E 502 -45.29 25.64 54.87
C LEU E 502 -44.12 24.82 54.35
N SER E 503 -42.94 25.06 54.90
CA SER E 503 -41.74 24.42 54.39
C SER E 503 -40.81 24.05 55.54
N ASP E 504 -39.94 23.09 55.26
CA ASP E 504 -38.99 22.54 56.21
C ASP E 504 -37.72 23.38 56.25
N PRO E 505 -36.76 23.08 57.13
CA PRO E 505 -35.54 23.91 57.17
C PRO E 505 -34.76 23.95 55.87
N THR E 506 -34.83 22.92 55.03
CA THR E 506 -34.12 22.97 53.76
C THR E 506 -34.87 23.74 52.69
N PHE E 507 -36.08 24.21 52.98
CA PHE E 507 -36.90 24.99 52.05
C PHE E 507 -37.23 24.20 50.79
N LYS E 508 -37.33 22.88 50.90
CA LYS E 508 -37.71 22.04 49.78
C LYS E 508 -39.13 21.49 49.88
N ALA E 509 -39.61 21.21 51.09
CA ALA E 509 -40.97 20.73 51.25
C ALA E 509 -41.97 21.83 50.94
N ARG E 510 -43.10 21.44 50.39
CA ARG E 510 -44.18 22.38 50.05
C ARG E 510 -45.49 21.79 50.54
N TYR E 511 -46.07 22.42 51.56
CA TYR E 511 -47.36 22.01 52.09
C TYR E 511 -48.33 23.17 51.88
N ASP E 512 -49.24 23.01 50.93
CA ASP E 512 -50.12 24.10 50.51
C ASP E 512 -51.15 24.38 51.59
N VAL E 513 -51.18 25.63 52.07
CA VAL E 513 -52.11 26.03 53.12
C VAL E 513 -52.87 27.29 52.70
N THR E 514 -53.00 27.51 51.39
CA THR E 514 -53.65 28.71 50.91
C THR E 514 -55.10 28.80 51.37
N GLU E 515 -55.82 27.67 51.37
CA GLU E 515 -57.22 27.68 51.77
C GLU E 515 -57.38 27.99 53.25
N PHE E 516 -56.50 27.46 54.10
CA PHE E 516 -56.61 27.73 55.53
C PHE E 516 -56.38 29.20 55.84
N PHE E 517 -55.38 29.82 55.18
CA PHE E 517 -55.14 31.23 55.39
C PHE E 517 -56.28 32.08 54.84
N ALA E 518 -56.90 31.65 53.75
CA ALA E 518 -57.96 32.44 53.13
C ALA E 518 -59.28 32.33 53.90
N SER E 519 -59.59 31.17 54.47
CA SER E 519 -60.87 30.96 55.13
C SER E 519 -60.94 31.74 56.43
N SER E 520 -62.17 31.96 56.89
CA SER E 520 -62.39 32.59 58.17
C SER E 520 -61.88 31.69 59.29
N PRO E 521 -61.55 32.25 60.45
CA PRO E 521 -60.96 31.43 61.52
C PRO E 521 -61.82 30.26 61.95
N MET E 522 -63.15 30.38 61.85
CA MET E 522 -64.02 29.27 62.25
C MET E 522 -64.27 28.27 61.14
N THR E 523 -63.85 28.56 59.90
CA THR E 523 -64.00 27.61 58.82
C THR E 523 -62.89 26.56 58.86
N SER E 524 -61.64 27.01 58.82
CA SER E 524 -60.51 26.10 58.90
C SER E 524 -59.30 26.86 59.41
N ALA E 525 -58.38 26.13 60.04
CA ALA E 525 -57.17 26.70 60.59
C ALA E 525 -56.05 25.68 60.48
N ILE E 526 -54.83 26.16 60.54
CA ILE E 526 -53.66 25.30 60.36
C ILE E 526 -52.58 25.74 61.35
N GLY E 527 -51.87 24.77 61.91
CA GLY E 527 -50.73 25.08 62.76
C GLY E 527 -49.49 25.33 61.92
N VAL E 528 -48.71 26.34 62.33
CA VAL E 528 -47.58 26.79 61.54
C VAL E 528 -46.35 26.86 62.44
N LEU E 529 -45.18 26.82 61.81
CA LEU E 529 -43.90 26.95 62.49
C LEU E 529 -43.77 25.94 63.62
N GLU E 530 -43.99 24.66 63.28
CA GLU E 530 -44.01 23.61 64.29
C GLU E 530 -42.63 23.35 64.86
N ASN E 531 -41.59 23.43 64.04
CA ASN E 531 -40.23 23.15 64.47
C ASN E 531 -39.35 24.36 64.22
N GLN E 532 -38.16 24.33 64.83
CA GLN E 532 -37.19 25.38 64.59
C GLN E 532 -36.75 25.36 63.14
N ASN E 533 -36.55 26.56 62.59
CA ASN E 533 -36.10 26.78 61.22
C ASN E 533 -37.15 26.40 60.18
N ASP E 534 -38.41 26.22 60.58
CA ASP E 534 -39.47 26.04 59.62
C ASP E 534 -39.82 27.37 58.96
N TYR E 535 -40.58 27.29 57.86
CA TYR E 535 -40.85 28.45 57.03
C TYR E 535 -42.35 28.61 56.80
N ILE E 536 -42.74 29.84 56.50
CA ILE E 536 -44.03 30.17 55.90
C ILE E 536 -43.74 30.94 54.62
N LEU E 537 -44.11 30.38 53.48
CA LEU E 537 -43.91 31.02 52.20
C LEU E 537 -45.24 31.58 51.70
N ILE E 538 -45.28 32.87 51.38
CA ILE E 538 -46.50 33.53 50.95
C ILE E 538 -46.22 34.30 49.67
N GLY E 539 -47.19 34.28 48.75
CA GLY E 539 -47.04 34.97 47.49
C GLY E 539 -48.35 35.61 47.07
N ASN E 540 -48.23 36.65 46.25
CA ASN E 540 -49.39 37.38 45.78
C ASN E 540 -49.09 37.97 44.42
N GLN E 541 -50.12 38.10 43.59
CA GLN E 541 -49.95 38.64 42.25
C GLN E 541 -49.49 40.09 42.28
N ALA E 542 -49.95 40.86 43.25
CA ALA E 542 -49.61 42.25 43.42
C ALA E 542 -48.82 42.45 44.70
N PRO E 543 -48.00 43.50 44.78
CA PRO E 543 -47.27 43.76 46.02
C PRO E 543 -48.20 44.16 47.14
N PHE E 544 -47.79 43.83 48.37
CA PHE E 544 -48.53 44.15 49.57
C PHE E 544 -47.55 44.59 50.64
N THR E 545 -48.00 45.44 51.55
CA THR E 545 -47.13 45.96 52.60
C THR E 545 -47.65 45.70 54.01
N ALA E 546 -48.63 44.81 54.18
CA ALA E 546 -49.11 44.53 55.52
C ALA E 546 -49.86 43.19 55.53
N LEU E 547 -49.74 42.48 56.64
CA LEU E 547 -50.51 41.29 56.93
C LEU E 547 -51.34 41.54 58.18
N ASP E 548 -52.52 40.93 58.24
CA ASP E 548 -53.37 40.97 59.42
C ASP E 548 -53.72 39.55 59.79
N ILE E 549 -53.25 39.08 60.95
CA ILE E 549 -53.31 37.68 61.32
C ILE E 549 -54.24 37.52 62.52
N ASP E 550 -55.15 36.55 62.43
CA ASP E 550 -55.97 36.12 63.56
C ASP E 550 -55.57 34.70 63.93
N PHE E 551 -55.28 34.47 65.21
CA PHE E 551 -54.84 33.18 65.69
C PHE E 551 -55.98 32.47 66.39
N ASN E 552 -56.22 31.22 66.01
CA ASN E 552 -57.05 30.35 66.84
C ASN E 552 -56.30 29.87 68.07
N LEU E 553 -54.97 29.95 68.05
CA LEU E 553 -54.16 29.55 69.20
C LEU E 553 -52.82 30.25 69.06
N VAL E 554 -52.54 31.19 69.97
CA VAL E 554 -51.29 31.93 69.87
C VAL E 554 -50.12 31.06 70.32
N ALA E 555 -48.93 31.46 69.92
CA ALA E 555 -47.72 30.77 70.35
C ALA E 555 -47.46 31.04 71.82
N SER E 556 -46.99 30.02 72.54
CA SER E 556 -46.75 30.16 73.97
C SER E 556 -45.59 31.10 74.28
N SER E 557 -44.67 31.29 73.35
CA SER E 557 -43.56 32.22 73.53
C SER E 557 -43.14 32.76 72.18
N ASP E 558 -42.32 33.80 72.21
CA ASP E 558 -41.90 34.48 71.00
C ASP E 558 -41.18 33.52 70.05
N CYS E 559 -41.62 33.50 68.80
CA CYS E 559 -41.05 32.57 67.82
C CYS E 559 -39.77 33.08 67.18
N GLN E 560 -39.38 34.32 67.46
CA GLN E 560 -38.16 34.93 66.91
C GLN E 560 -38.18 34.86 65.38
N LEU E 561 -39.14 35.57 64.81
CA LEU E 561 -39.38 35.51 63.38
C LEU E 561 -38.30 36.23 62.59
N GLN E 562 -38.00 35.70 61.42
CA GLN E 562 -37.10 36.32 60.46
C GLN E 562 -37.84 36.46 59.14
N PHE E 563 -37.79 37.65 58.54
CA PHE E 563 -38.53 37.96 57.33
C PHE E 563 -37.58 38.16 56.17
N GLU E 564 -37.92 37.58 55.02
CA GLU E 564 -37.14 37.74 53.80
C GLU E 564 -38.09 37.93 52.63
N TYR E 565 -37.60 38.61 51.59
CA TYR E 565 -38.35 38.79 50.36
C TYR E 565 -37.47 38.37 49.18
N LEU E 566 -38.11 37.98 48.08
CA LEU E 566 -37.42 37.45 46.92
C LEU E 566 -37.34 38.53 45.84
N ASP E 567 -36.12 38.85 45.40
CA ASP E 567 -35.91 39.91 44.44
C ASP E 567 -35.83 39.34 43.03
N GLY E 568 -35.62 40.22 42.05
CA GLY E 568 -35.63 39.85 40.65
C GLY E 568 -34.50 38.95 40.21
N ASN E 569 -33.43 38.87 40.99
CA ASN E 569 -32.33 37.95 40.69
C ASN E 569 -32.51 36.59 41.32
N GLY E 570 -33.63 36.35 42.00
CA GLY E 570 -33.82 35.10 42.70
C GLY E 570 -33.07 35.00 44.00
N PHE E 571 -32.80 36.12 44.65
CA PHE E 571 -32.05 36.17 45.89
C PHE E 571 -32.96 36.61 47.02
N TRP E 572 -32.93 35.85 48.12
CA TRP E 572 -33.73 36.17 49.30
C TRP E 572 -32.96 37.14 50.19
N ASP E 573 -33.59 38.25 50.55
CA ASP E 573 -32.95 39.28 51.34
C ASP E 573 -33.78 39.56 52.59
N VAL E 574 -33.08 39.70 53.72
CA VAL E 574 -33.74 39.94 55.00
C VAL E 574 -34.24 41.37 55.05
N PHE E 575 -35.43 41.56 55.63
CA PHE E 575 -35.92 42.88 55.97
C PHE E 575 -36.60 42.83 57.33
N THR E 576 -36.70 43.98 57.97
CA THR E 576 -37.25 44.07 59.32
C THR E 576 -38.58 44.79 59.29
N PRO E 577 -39.70 44.10 59.45
CA PRO E 577 -40.99 44.78 59.52
C PRO E 577 -41.32 45.24 60.93
N THR E 578 -42.45 45.90 61.10
CA THR E 578 -43.00 46.19 62.42
C THR E 578 -43.96 45.07 62.78
N ASP E 579 -43.55 44.21 63.71
CA ASP E 579 -44.28 43.00 64.05
C ASP E 579 -45.11 43.27 65.30
N ASN E 580 -46.40 43.51 65.12
CA ASN E 580 -47.30 43.75 66.25
C ASN E 580 -47.87 42.46 66.81
N THR E 581 -47.57 41.30 66.22
CA THR E 581 -47.90 40.03 66.84
C THR E 581 -46.85 39.58 67.84
N SER E 582 -45.71 40.27 67.90
CA SER E 582 -44.59 39.95 68.78
C SER E 582 -44.24 38.45 68.70
N GLY E 583 -43.85 38.04 67.50
CA GLY E 583 -43.53 36.64 67.26
C GLY E 583 -44.71 35.71 67.34
N PHE E 584 -45.84 36.09 66.75
CA PHE E 584 -47.04 35.25 66.68
C PHE E 584 -47.59 34.91 68.07
N THR E 585 -47.40 35.80 69.04
CA THR E 585 -47.90 35.60 70.39
C THR E 585 -49.24 36.29 70.65
N VAL E 586 -49.64 37.23 69.79
CA VAL E 586 -50.89 37.95 69.95
C VAL E 586 -51.41 38.31 68.56
N ASP E 587 -52.72 38.38 68.43
CA ASP E 587 -53.32 38.85 67.18
C ASP E 587 -52.85 40.27 66.88
N GLY E 588 -52.61 40.54 65.61
CA GLY E 588 -52.17 41.86 65.21
C GLY E 588 -51.73 41.88 63.78
N THR E 589 -51.11 43.00 63.39
CA THR E 589 -50.66 43.22 62.04
C THR E 589 -49.13 43.18 61.97
N ILE E 590 -48.64 42.93 60.76
CA ILE E 590 -47.22 43.04 60.45
C ILE E 590 -47.11 43.95 59.24
N THR E 591 -46.42 45.07 59.40
CA THR E 591 -46.37 46.10 58.38
C THR E 591 -44.92 46.40 57.99
N TRP E 592 -44.73 46.85 56.77
CA TRP E 592 -43.43 47.27 56.29
C TRP E 592 -43.62 48.31 55.20
N THR E 593 -42.53 49.01 54.88
CA THR E 593 -42.53 50.03 53.85
C THR E 593 -41.90 49.49 52.58
N PHE E 594 -42.19 50.15 51.45
CA PHE E 594 -41.61 49.76 50.18
C PHE E 594 -40.10 49.93 50.16
N ASP E 595 -39.54 50.77 51.04
CA ASP E 595 -38.09 50.87 51.12
C ASP E 595 -37.47 49.62 51.74
N ASP E 596 -38.20 48.93 52.61
CA ASP E 596 -37.70 47.67 53.16
C ASP E 596 -37.62 46.59 52.08
N VAL E 597 -38.46 46.67 51.06
CA VAL E 597 -38.56 45.65 50.03
C VAL E 597 -38.17 46.23 48.68
N LEU E 598 -37.16 47.11 48.68
CA LEU E 598 -36.84 47.90 47.49
C LEU E 598 -36.66 47.04 46.25
N ASN E 599 -35.98 45.91 46.36
CA ASN E 599 -35.65 45.08 45.21
C ASN E 599 -36.72 44.05 44.90
N TRP E 600 -37.85 44.09 45.59
CA TRP E 600 -38.93 43.15 45.36
C TRP E 600 -39.37 43.15 43.90
N ALA E 601 -39.55 41.96 43.34
CA ALA E 601 -39.93 41.82 41.94
C ALA E 601 -40.64 40.49 41.77
N PRO E 602 -41.49 40.36 40.75
CA PRO E 602 -42.12 39.06 40.49
C PRO E 602 -41.08 38.00 40.17
N TYR E 603 -41.32 36.80 40.67
CA TYR E 603 -40.38 35.70 40.46
C TYR E 603 -41.12 34.38 40.56
N GLN E 604 -40.41 33.30 40.25
CA GLN E 604 -40.97 31.97 40.22
C GLN E 604 -40.45 31.14 41.39
N VAL E 605 -41.35 30.43 42.05
CA VAL E 605 -41.00 29.49 43.10
C VAL E 605 -41.75 28.19 42.84
N ASN E 606 -41.01 27.16 42.42
CA ASN E 606 -41.55 25.82 42.20
C ASN E 606 -42.77 25.85 41.29
N ALA E 607 -42.55 26.29 40.06
CA ALA E 607 -43.52 26.30 38.97
C ALA E 607 -44.63 27.31 39.13
N ILE E 608 -44.68 28.06 40.22
CA ILE E 608 -45.59 29.19 40.36
C ILE E 608 -44.84 30.45 39.93
N GLU E 609 -45.33 31.11 38.89
CA GLU E 609 -44.60 32.19 38.25
C GLU E 609 -45.22 33.55 38.54
N ASN E 610 -44.36 34.57 38.53
CA ASN E 610 -44.77 35.97 38.56
C ASN E 610 -45.57 36.32 39.81
N GLN E 611 -45.02 35.99 40.97
CA GLN E 611 -45.62 36.36 42.24
C GLN E 611 -44.62 37.16 43.06
N TYR E 612 -45.14 37.95 43.98
CA TYR E 612 -44.32 38.65 44.97
C TYR E 612 -44.24 37.77 46.22
N TRP E 613 -43.05 37.25 46.51
CA TRP E 613 -42.88 36.23 47.53
C TRP E 613 -42.22 36.80 48.78
N ILE E 614 -42.67 36.32 49.93
CA ILE E 614 -42.06 36.62 51.22
C ILE E 614 -42.04 35.31 52.01
N ARG E 615 -40.98 35.06 52.75
CA ARG E 615 -40.93 33.90 53.62
C ARG E 615 -40.61 34.33 55.05
N ILE E 616 -41.21 33.61 55.99
CA ILE E 616 -41.06 33.86 57.42
C ILE E 616 -40.48 32.61 58.05
N LYS E 617 -39.37 32.78 58.77
CA LYS E 617 -38.62 31.67 59.34
C LYS E 617 -38.63 31.75 60.86
N ARG E 618 -38.99 30.66 61.51
CA ARG E 618 -38.93 30.58 62.96
C ARG E 618 -37.49 30.32 63.40
N LEU E 619 -36.98 31.16 64.30
CA LEU E 619 -35.64 30.97 64.82
C LEU E 619 -35.61 30.50 66.27
N ALA E 620 -36.74 30.58 66.99
CA ALA E 620 -36.76 30.18 68.39
C ALA E 620 -36.49 28.69 68.53
N GLU E 621 -35.61 28.35 69.47
CA GLU E 621 -35.27 26.94 69.67
C GLU E 621 -36.40 26.16 70.30
N THR E 622 -37.06 26.73 71.31
CA THR E 622 -38.07 26.03 72.07
C THR E 622 -39.30 26.91 72.23
N VAL E 623 -40.43 26.44 71.71
CA VAL E 623 -41.75 26.97 72.04
C VAL E 623 -42.63 25.80 72.41
N ASN E 624 -43.35 25.91 73.52
CA ASN E 624 -44.13 24.79 74.01
C ASN E 624 -45.36 24.54 73.15
N THR E 625 -46.02 25.61 72.70
CA THR E 625 -47.24 25.49 71.90
C THR E 625 -47.05 26.31 70.62
N ALA E 626 -47.01 25.62 69.49
CA ALA E 626 -46.90 26.30 68.21
C ALA E 626 -48.20 27.01 67.88
N PRO E 627 -48.12 28.15 67.19
CA PRO E 627 -49.34 28.90 66.86
C PRO E 627 -50.18 28.18 65.81
N VAL E 628 -51.47 28.50 65.84
CA VAL E 628 -52.43 28.03 64.85
C VAL E 628 -53.08 29.25 64.23
N ILE E 629 -52.96 29.41 62.92
CA ILE E 629 -53.44 30.59 62.23
C ILE E 629 -54.84 30.32 61.70
N GLY E 630 -55.76 31.25 61.96
CA GLY E 630 -57.11 31.13 61.49
C GLY E 630 -57.37 31.80 60.15
N GLN E 631 -56.79 32.99 59.96
CA GLN E 631 -56.97 33.72 58.71
C GLN E 631 -55.88 34.77 58.58
N VAL E 632 -55.44 35.00 57.35
CA VAL E 632 -54.48 36.05 57.03
C VAL E 632 -55.07 36.92 55.93
N LEU E 633 -55.07 38.23 56.15
CA LEU E 633 -55.52 39.19 55.15
C LEU E 633 -54.35 40.11 54.80
N ILE E 634 -54.41 40.68 53.60
CA ILE E 634 -53.40 41.63 53.15
C ILE E 634 -54.09 42.95 52.82
N ASN E 635 -53.29 44.02 52.81
CA ASN E 635 -53.82 45.37 52.68
C ASN E 635 -53.96 45.78 51.21
N THR E 636 -54.72 44.98 50.47
CA THR E 636 -55.06 45.30 49.09
C THR E 636 -56.56 45.12 48.88
N GLY E 637 -57.10 45.87 47.93
CA GLY E 637 -58.52 45.77 47.61
C GLY E 637 -58.73 45.77 46.12
N ASN E 638 -59.87 45.21 45.72
CA ASN E 638 -60.20 45.06 44.30
C ASN E 638 -60.82 46.33 43.74
N ARG E 639 -60.44 46.65 42.50
CA ARG E 639 -61.03 47.74 41.76
C ARG E 639 -61.26 47.28 40.33
N ILE E 640 -62.20 47.91 39.65
CA ILE E 640 -62.54 47.58 38.27
C ILE E 640 -62.28 48.82 37.41
N TYR E 641 -61.46 48.65 36.38
CA TYR E 641 -61.03 49.76 35.55
C TYR E 641 -61.48 49.56 34.11
N LEU E 642 -61.66 50.68 33.41
CA LEU E 642 -61.81 50.69 31.97
C LEU E 642 -60.49 51.14 31.36
N GLU E 643 -59.96 50.36 30.43
CA GLU E 643 -58.69 50.66 29.80
C GLU E 643 -58.82 50.47 28.30
N ARG E 644 -58.06 51.26 27.54
CA ARG E 644 -58.06 51.17 26.09
C ARG E 644 -56.76 50.55 25.62
N GLN E 645 -56.87 49.53 24.78
CA GLN E 645 -55.69 48.86 24.24
C GLN E 645 -55.09 49.67 23.10
N SER E 646 -53.76 49.61 22.99
CA SER E 646 -53.05 50.40 22.00
C SER E 646 -51.73 49.72 21.67
N PHE E 647 -51.40 49.69 20.38
CA PHE E 647 -50.12 49.14 19.94
C PHE E 647 -48.97 50.12 20.09
N ASP E 648 -49.24 51.35 20.51
CA ASP E 648 -48.19 52.30 20.83
C ASP E 648 -47.73 52.21 22.27
N GLU E 649 -48.39 51.39 23.09
CA GLU E 649 -48.05 51.22 24.49
C GLU E 649 -47.39 49.86 24.69
N TYR E 650 -46.44 49.82 25.62
CA TYR E 650 -45.77 48.58 25.97
C TYR E 650 -45.93 48.24 27.44
N MET E 651 -46.82 48.94 28.14
CA MET E 651 -47.13 48.69 29.54
C MET E 651 -48.63 48.68 29.71
N ASP E 652 -49.08 48.26 30.89
CA ASP E 652 -50.50 48.16 31.20
C ASP E 652 -50.92 49.32 32.09
N SER E 653 -52.15 49.79 31.86
CA SER E 653 -52.79 50.82 32.69
C SER E 653 -51.94 52.08 32.75
N THR E 654 -51.41 52.48 31.59
CA THR E 654 -50.45 53.56 31.54
C THR E 654 -51.11 54.91 31.75
N GLN E 655 -50.28 55.89 32.13
CA GLN E 655 -50.71 57.26 32.33
C GLN E 655 -49.53 58.17 32.07
N ILE E 656 -49.78 59.29 31.40
CA ILE E 656 -48.73 60.27 31.13
C ILE E 656 -48.60 61.19 32.33
N VAL E 657 -47.39 61.32 32.85
CA VAL E 657 -47.12 62.11 34.05
C VAL E 657 -45.90 62.97 33.79
N THR E 658 -45.64 63.89 34.72
CA THR E 658 -44.47 64.76 34.67
C THR E 658 -43.82 64.78 36.05
N SER E 659 -42.51 64.57 36.08
CA SER E 659 -41.78 64.59 37.34
C SER E 659 -41.26 65.98 37.63
N ASP E 660 -41.07 66.28 38.91
CA ASP E 660 -40.56 67.58 39.32
C ASP E 660 -39.03 67.54 39.41
N SER E 661 -38.44 68.57 40.01
CA SER E 661 -36.98 68.66 40.08
C SER E 661 -36.37 67.56 40.92
N ASN E 662 -37.13 66.93 41.81
CA ASN E 662 -36.64 65.82 42.62
C ASN E 662 -37.01 64.46 42.04
N GLY E 663 -37.67 64.43 40.88
CA GLY E 663 -38.14 63.18 40.31
C GLY E 663 -39.43 62.66 40.87
N LEU E 664 -40.09 63.42 41.75
CA LEU E 664 -41.35 62.98 42.34
C LEU E 664 -42.47 63.05 41.31
N VAL E 665 -43.31 62.02 41.30
CA VAL E 665 -44.45 61.92 40.39
C VAL E 665 -45.69 61.67 41.24
N THR E 666 -46.75 62.44 40.98
CA THR E 666 -47.99 62.33 41.73
C THR E 666 -49.14 62.01 40.77
N GLY E 667 -50.30 61.69 41.36
CA GLY E 667 -51.49 61.44 40.58
C GLY E 667 -51.64 60.04 40.06
N LEU E 668 -50.91 59.07 40.61
CA LEU E 668 -50.97 57.68 40.16
C LEU E 668 -51.81 56.82 41.11
N THR E 669 -52.93 57.36 41.60
CA THR E 669 -53.70 56.67 42.63
C THR E 669 -54.24 55.34 42.14
N HIS E 670 -54.60 55.23 40.86
CA HIS E 670 -55.10 53.96 40.35
C HIS E 670 -54.02 52.89 40.31
N LEU E 671 -52.75 53.26 40.49
CA LEU E 671 -51.65 52.31 40.55
C LEU E 671 -51.04 52.21 41.94
N ALA E 672 -51.78 52.59 42.98
CA ALA E 672 -51.23 52.62 44.33
C ALA E 672 -50.77 51.24 44.75
N GLY E 673 -49.54 51.15 45.25
CA GLY E 673 -48.98 49.90 45.71
C GLY E 673 -48.38 49.01 44.65
N GLN E 674 -48.38 49.43 43.40
CA GLN E 674 -47.89 48.61 42.30
C GLN E 674 -46.47 48.99 41.92
N GLN E 675 -45.79 48.07 41.26
CA GLN E 675 -44.48 48.32 40.68
C GLN E 675 -44.66 48.76 39.24
N VAL E 676 -44.11 49.92 38.89
CA VAL E 676 -44.32 50.53 37.59
C VAL E 676 -42.99 50.86 36.94
N TYR E 677 -42.98 50.87 35.62
CA TYR E 677 -41.84 51.31 34.82
C TYR E 677 -42.14 52.65 34.18
N ALA E 678 -41.09 53.40 33.90
CA ALA E 678 -41.20 54.72 33.29
C ALA E 678 -40.49 54.71 31.94
N ILE E 679 -41.17 55.22 30.92
CA ILE E 679 -40.63 55.28 29.56
C ILE E 679 -40.64 56.74 29.11
N THR E 680 -39.50 57.20 28.61
CA THR E 680 -39.39 58.57 28.13
C THR E 680 -40.08 58.73 26.79
N GLU E 681 -40.23 59.98 26.35
CA GLU E 681 -40.83 60.24 25.05
C GLU E 681 -39.95 59.75 23.91
N ASP E 682 -38.63 59.74 24.10
CA ASP E 682 -37.74 59.20 23.08
C ASP E 682 -37.84 57.68 22.96
N GLY E 683 -38.47 57.00 23.91
CA GLY E 683 -38.65 55.58 23.81
C GLY E 683 -37.58 54.77 24.53
N ALA E 684 -37.12 55.26 25.68
CA ALA E 684 -36.16 54.55 26.50
C ALA E 684 -36.78 54.29 27.86
N THR E 685 -36.74 53.02 28.28
CA THR E 685 -37.23 52.65 29.60
C THR E 685 -36.13 52.91 30.61
N ILE E 686 -36.43 53.72 31.64
CA ILE E 686 -35.40 54.22 32.53
C ILE E 686 -35.34 53.49 33.86
N GLY E 687 -36.34 52.71 34.21
CA GLY E 687 -36.29 51.92 35.42
C GLY E 687 -37.67 51.74 36.00
N SER E 688 -37.69 51.07 37.16
CA SER E 688 -38.92 50.74 37.85
C SER E 688 -38.90 51.33 39.26
N SER E 689 -40.08 51.46 39.84
CA SER E 689 -40.23 51.96 41.20
C SER E 689 -41.62 51.56 41.69
N PHE E 690 -41.81 51.67 43.00
CA PHE E 690 -43.09 51.36 43.63
C PHE E 690 -43.88 52.64 43.85
N VAL E 691 -45.15 52.60 43.50
CA VAL E 691 -46.09 53.66 43.86
C VAL E 691 -46.58 53.39 45.28
N ASP E 692 -46.51 54.39 46.14
CA ASP E 692 -46.98 54.18 47.50
C ASP E 692 -48.50 54.24 47.55
N ALA E 693 -49.05 54.10 48.76
CA ALA E 693 -50.50 54.07 48.92
C ALA E 693 -51.17 55.39 48.57
N SER E 694 -50.42 56.48 48.51
CA SER E 694 -50.97 57.79 48.21
C SER E 694 -50.84 58.17 46.73
N GLY E 695 -50.33 57.27 45.90
CA GLY E 695 -50.22 57.54 44.48
C GLY E 695 -48.98 58.29 44.06
N GLU E 696 -47.92 58.27 44.86
CA GLU E 696 -46.69 58.98 44.55
C GLU E 696 -45.54 57.99 44.38
N THR E 697 -44.62 58.33 43.48
CA THR E 697 -43.42 57.53 43.26
C THR E 697 -42.31 58.44 42.76
N SER E 698 -41.09 57.97 42.89
CA SER E 698 -39.91 58.72 42.46
C SER E 698 -39.27 58.01 41.28
N VAL E 699 -38.94 58.78 40.25
CA VAL E 699 -38.31 58.25 39.05
C VAL E 699 -36.91 58.83 38.92
N LYS E 700 -36.11 58.24 38.05
CA LYS E 700 -34.72 58.66 37.90
C LYS E 700 -34.62 60.01 37.20
N ASN E 701 -35.37 60.21 36.12
CA ASN E 701 -35.28 61.45 35.36
C ASN E 701 -36.15 62.53 36.00
N VAL E 702 -35.57 63.70 36.19
CA VAL E 702 -36.26 64.82 36.82
C VAL E 702 -36.69 65.80 35.73
N ASN E 703 -37.77 66.54 36.01
CA ASN E 703 -38.30 67.54 35.10
C ASN E 703 -38.58 66.95 33.71
N THR E 704 -39.11 65.74 33.68
CA THR E 704 -39.31 64.99 32.46
C THR E 704 -40.77 64.54 32.35
N THR E 705 -41.28 64.54 31.12
CA THR E 705 -42.58 63.94 30.84
C THR E 705 -42.37 62.46 30.55
N LEU E 706 -43.14 61.61 31.22
CA LEU E 706 -42.94 60.16 31.14
C LEU E 706 -44.27 59.46 30.98
N THR E 707 -44.20 58.23 30.50
CA THR E 707 -45.31 57.29 30.53
C THR E 707 -45.03 56.25 31.60
N VAL E 708 -46.01 55.99 32.46
CA VAL E 708 -45.82 55.11 33.61
C VAL E 708 -46.89 54.02 33.56
N GLY E 709 -46.45 52.77 33.70
CA GLY E 709 -47.38 51.65 33.63
C GLY E 709 -46.71 50.40 34.17
N MET E 710 -47.45 49.29 34.10
CA MET E 710 -47.02 48.03 34.68
C MET E 710 -46.52 47.08 33.59
N GLN E 711 -45.47 46.32 33.90
CA GLN E 711 -44.90 45.39 32.95
C GLN E 711 -45.78 44.15 32.80
N TYR E 712 -46.03 43.76 31.56
CA TYR E 712 -46.50 42.41 31.24
C TYR E 712 -45.41 41.76 30.40
N LYS E 713 -44.91 40.61 30.86
CA LYS E 713 -43.67 40.07 30.32
C LYS E 713 -43.96 39.14 29.15
N PRO E 714 -43.50 39.46 27.95
CA PRO E 714 -43.68 38.54 26.83
C PRO E 714 -42.76 37.34 26.94
N GLU E 715 -43.26 36.19 26.51
CA GLU E 715 -42.47 34.96 26.51
C GLU E 715 -42.76 34.18 25.25
N LEU E 716 -41.70 33.69 24.60
CA LEU E 716 -41.81 32.93 23.36
C LEU E 716 -40.94 31.68 23.49
N ILE E 717 -41.57 30.52 23.57
CA ILE E 717 -40.86 29.24 23.60
C ILE E 717 -41.15 28.52 22.28
N PRO E 718 -40.16 28.37 21.40
CA PRO E 718 -40.42 27.72 20.11
C PRO E 718 -40.76 26.24 20.27
N MET E 719 -41.16 25.65 19.16
CA MET E 719 -41.50 24.24 19.13
C MET E 719 -40.25 23.39 19.36
N PRO E 720 -40.43 22.13 19.74
CA PRO E 720 -39.27 21.25 19.92
C PRO E 720 -38.46 21.13 18.64
N LEU E 721 -37.16 20.93 18.79
CA LEU E 721 -36.27 20.80 17.64
C LEU E 721 -36.77 19.70 16.72
N TYR E 722 -36.85 20.01 15.43
CA TYR E 722 -37.28 19.05 14.42
C TYR E 722 -36.24 19.06 13.30
N ALA E 723 -35.37 18.06 13.28
CA ALA E 723 -34.31 17.93 12.28
C ALA E 723 -34.30 16.51 11.75
N PRO E 724 -35.23 16.17 10.85
CA PRO E 724 -35.24 14.82 10.29
C PRO E 724 -33.96 14.54 9.51
N THR E 725 -33.46 13.32 9.66
CA THR E 725 -32.26 12.87 8.99
C THR E 725 -32.61 11.72 8.04
N GLN E 726 -31.57 11.08 7.49
CA GLN E 726 -31.81 9.92 6.64
C GLN E 726 -32.26 8.72 7.46
N MET E 727 -31.80 8.60 8.71
CA MET E 727 -32.19 7.48 9.56
C MET E 727 -33.70 7.50 9.81
N GLY E 728 -34.27 8.66 10.06
CA GLY E 728 -35.69 8.76 10.34
C GLY E 728 -36.03 10.14 10.83
N ASP E 729 -37.23 10.24 11.42
CA ASP E 729 -37.72 11.53 11.88
C ASP E 729 -36.87 12.09 13.00
N SER E 730 -36.24 11.22 13.80
CA SER E 730 -35.39 11.64 14.92
C SER E 730 -36.14 12.57 15.88
N LEU E 731 -37.44 12.32 16.04
CA LEU E 731 -38.25 13.13 16.94
C LEU E 731 -37.87 12.92 18.39
N TYR E 732 -37.32 11.76 18.73
CA TYR E 732 -36.93 11.44 20.08
C TYR E 732 -35.43 11.25 20.24
N ALA E 733 -34.65 11.61 19.24
CA ALA E 733 -33.21 11.46 19.34
C ALA E 733 -32.61 12.49 20.27
N GLU E 734 -31.46 12.15 20.86
CA GLU E 734 -30.71 13.11 21.65
C GLU E 734 -30.19 14.22 20.75
N LYS E 735 -30.42 15.47 21.14
CA LYS E 735 -30.03 16.62 20.36
C LYS E 735 -29.35 17.64 21.25
N TYR E 736 -28.39 18.37 20.67
CA TYR E 736 -27.71 19.45 21.36
C TYR E 736 -27.64 20.66 20.44
N VAL E 737 -27.98 21.83 20.96
CA VAL E 737 -28.00 23.06 20.16
C VAL E 737 -26.66 23.76 20.35
N GLN E 738 -25.84 23.73 19.30
CA GLN E 738 -24.57 24.46 19.35
C GLN E 738 -24.77 25.95 19.21
N ASP E 739 -25.63 26.37 18.28
CA ASP E 739 -25.87 27.79 18.01
C ASP E 739 -27.36 28.06 17.96
N LEU E 740 -27.76 29.18 18.56
CA LEU E 740 -29.13 29.65 18.54
C LEU E 740 -29.15 31.04 17.93
N TYR E 741 -29.90 31.20 16.85
CA TYR E 741 -30.01 32.48 16.17
C TYR E 741 -31.34 33.12 16.49
N VAL E 742 -31.31 34.35 16.99
CA VAL E 742 -32.51 35.12 17.26
C VAL E 742 -32.60 36.22 16.21
N ASP E 743 -33.69 36.21 15.47
CA ASP E 743 -33.89 37.10 14.33
C ASP E 743 -34.99 38.09 14.69
N TYR E 744 -34.63 39.36 14.86
CA TYR E 744 -35.54 40.33 15.44
C TYR E 744 -35.60 41.60 14.60
N VAL E 745 -36.71 42.31 14.75
CA VAL E 745 -36.99 43.55 14.04
C VAL E 745 -37.55 44.56 15.04
N ASP E 746 -36.96 45.74 15.10
CA ASP E 746 -37.47 46.86 15.91
C ASP E 746 -37.71 46.43 17.36
N SER E 747 -36.65 46.03 18.03
CA SER E 747 -36.76 45.45 19.35
C SER E 747 -35.75 46.09 20.30
N LEU E 748 -36.07 46.02 21.59
CA LEU E 748 -35.17 46.45 22.65
C LEU E 748 -35.27 45.48 23.82
N TYR E 749 -34.18 45.41 24.59
CA TYR E 749 -34.15 44.72 25.87
C TYR E 749 -34.42 43.22 25.76
N LEU E 750 -33.94 42.60 24.69
CA LEU E 750 -34.19 41.18 24.51
C LEU E 750 -33.22 40.34 25.34
N GLN E 751 -33.65 39.12 25.67
CA GLN E 751 -32.77 38.12 26.25
C GLN E 751 -33.27 36.75 25.85
N ALA E 752 -32.33 35.83 25.62
CA ALA E 752 -32.67 34.53 25.06
C ALA E 752 -31.74 33.47 25.59
N GLY E 753 -32.18 32.23 25.49
CA GLY E 753 -31.32 31.11 25.83
C GLY E 753 -32.00 29.97 26.56
N PHE E 754 -31.19 29.19 27.27
CA PHE E 754 -31.63 28.02 28.02
C PHE E 754 -31.61 28.38 29.49
N ARG E 755 -32.76 28.22 30.15
CA ARG E 755 -32.86 28.62 31.55
C ARG E 755 -32.00 27.73 32.44
N PRO E 756 -31.49 28.25 33.55
CA PRO E 756 -31.72 29.59 34.12
C PRO E 756 -30.79 30.69 33.63
N GLN E 757 -29.65 30.39 33.01
CA GLN E 757 -28.67 31.40 32.65
C GLN E 757 -28.90 31.82 31.20
N LEU E 758 -29.52 32.98 31.02
CA LEU E 758 -29.82 33.50 29.69
C LEU E 758 -28.74 34.49 29.26
N THR E 759 -28.85 34.92 28.00
CA THR E 759 -27.94 35.88 27.42
C THR E 759 -28.71 37.12 27.01
N ASP E 760 -28.27 38.28 27.46
CA ASP E 760 -28.89 39.54 27.05
C ASP E 760 -28.39 39.94 25.67
N ILE E 761 -29.28 40.45 24.85
CA ILE E 761 -28.96 40.91 23.50
C ILE E 761 -28.71 42.41 23.57
N PRO E 762 -27.50 42.88 23.29
CA PRO E 762 -27.20 44.31 23.43
C PRO E 762 -27.96 45.17 22.44
N ASN E 763 -28.24 46.40 22.85
CA ASN E 763 -28.83 47.41 21.97
C ASN E 763 -28.15 48.75 22.19
N MET E 764 -26.82 48.76 22.14
CA MET E 764 -26.07 50.00 22.24
C MET E 764 -24.72 49.80 21.56
N HIS E 765 -24.39 50.68 20.62
CA HIS E 765 -23.16 50.54 19.83
C HIS E 765 -22.07 51.39 20.46
N LEU E 766 -21.15 50.74 21.17
CA LEU E 766 -19.97 51.43 21.66
C LEU E 766 -19.18 51.98 20.48
N GLY E 767 -18.78 53.24 20.57
CA GLY E 767 -18.09 53.90 19.50
C GLY E 767 -18.99 54.66 18.54
N ASN E 768 -20.28 54.37 18.54
CA ASN E 768 -21.25 55.08 17.71
C ASN E 768 -22.49 55.37 18.53
N TYR E 769 -22.30 55.92 19.73
CA TYR E 769 -23.41 56.30 20.58
C TYR E 769 -23.05 57.61 21.27
N THR E 770 -23.96 58.56 21.25
CA THR E 770 -23.77 59.85 21.90
C THR E 770 -24.57 59.86 23.19
N LEU E 771 -23.90 60.17 24.30
CA LEU E 771 -24.53 60.10 25.61
C LEU E 771 -25.74 61.01 25.68
N GLY E 772 -26.81 60.49 26.28
CA GLY E 772 -28.05 61.20 26.42
C GLY E 772 -29.10 60.83 25.40
N GLN E 773 -28.71 60.22 24.29
CA GLN E 773 -29.64 59.85 23.24
C GLN E 773 -30.20 58.45 23.51
N SER E 774 -31.39 58.21 22.96
CA SER E 774 -32.03 56.91 23.06
C SER E 774 -31.81 56.16 21.76
N VAL E 775 -31.14 55.02 21.84
CA VAL E 775 -30.93 54.23 20.60
C VAL E 775 -32.27 53.69 20.13
N PRO E 776 -32.60 53.83 18.85
CA PRO E 776 -33.90 53.41 18.37
C PRO E 776 -34.04 51.90 18.40
N PRO E 777 -35.25 51.37 18.28
CA PRO E 777 -35.42 49.91 18.26
C PRO E 777 -34.57 49.29 17.16
N GLN E 778 -33.97 48.16 17.49
CA GLN E 778 -32.90 47.57 16.69
C GLN E 778 -33.40 46.38 15.87
N THR E 779 -32.76 46.17 14.73
CA THR E 779 -33.05 45.07 13.83
C THR E 779 -31.75 44.33 13.54
N GLY E 780 -31.82 43.01 13.57
CA GLY E 780 -30.65 42.21 13.23
C GLY E 780 -30.81 40.78 13.68
N ILE E 781 -29.71 40.04 13.58
CA ILE E 781 -29.63 38.65 13.99
C ILE E 781 -28.54 38.54 15.05
N TYR E 782 -28.85 37.87 16.15
CA TYR E 782 -27.88 37.66 17.22
C TYR E 782 -27.69 36.16 17.42
N ARG E 783 -26.45 35.73 17.53
CA ARG E 783 -26.09 34.33 17.66
C ARG E 783 -25.63 34.06 19.09
N ILE E 784 -26.15 32.98 19.68
CA ILE E 784 -25.95 32.68 21.09
C ILE E 784 -25.64 31.19 21.24
N CYS E 785 -24.69 30.87 22.12
CA CYS E 785 -24.49 29.49 22.52
C CYS E 785 -25.30 29.24 23.78
N PRO E 786 -26.45 28.56 23.70
CA PRO E 786 -27.33 28.49 24.88
C PRO E 786 -26.77 27.64 26.01
N ARG E 787 -25.93 26.65 25.71
CA ARG E 787 -25.40 25.72 26.71
C ARG E 787 -26.54 24.95 27.39
N GLY E 788 -27.37 24.31 26.58
CA GLY E 788 -28.45 23.47 27.08
C GLY E 788 -28.04 22.03 27.22
N ASP E 789 -29.02 21.18 27.51
CA ASP E 789 -28.77 19.76 27.75
C ASP E 789 -28.93 18.99 26.45
N TRP E 790 -29.06 17.66 26.54
CA TRP E 790 -29.18 16.79 25.37
C TRP E 790 -30.58 16.20 25.23
N GLU E 791 -31.57 16.72 25.94
CA GLU E 791 -32.91 16.16 25.88
C GLU E 791 -33.61 16.52 24.57
N PRO E 792 -34.46 15.63 24.05
CA PRO E 792 -35.19 15.96 22.83
C PRO E 792 -36.25 17.04 22.99
N ARG E 793 -36.75 17.28 24.20
CA ARG E 793 -37.79 18.26 24.44
C ARG E 793 -37.29 19.47 25.21
N GLN E 794 -36.02 19.81 25.07
CA GLN E 794 -35.48 20.96 25.77
C GLN E 794 -36.11 22.25 25.27
N GLU E 795 -36.19 23.23 26.15
CA GLU E 795 -36.89 24.49 25.89
C GLU E 795 -35.90 25.64 25.83
N PHE E 796 -36.09 26.51 24.84
CA PHE E 796 -35.37 27.77 24.75
C PHE E 796 -36.38 28.91 24.81
N VAL E 797 -35.99 30.03 25.41
CA VAL E 797 -36.90 31.11 25.71
C VAL E 797 -36.39 32.40 25.09
N ILE E 798 -37.27 33.13 24.42
CA ILE E 798 -37.04 34.52 24.03
C ILE E 798 -37.95 35.38 24.88
N THR E 799 -37.39 36.34 25.59
CA THR E 799 -38.17 37.17 26.50
C THR E 799 -37.55 38.56 26.54
N GLN E 800 -38.08 39.41 27.42
CA GLN E 800 -37.70 40.81 27.50
C GLN E 800 -37.41 41.17 28.95
N SER E 801 -36.31 41.88 29.18
CA SER E 801 -35.94 42.22 30.56
C SER E 801 -36.77 43.37 31.12
N GLN E 802 -37.15 44.34 30.30
CA GLN E 802 -37.97 45.45 30.74
C GLN E 802 -38.86 45.88 29.58
N PRO E 803 -39.96 46.58 29.86
CA PRO E 803 -40.93 46.88 28.78
C PRO E 803 -40.31 47.65 27.63
N GLY E 804 -40.76 47.33 26.43
CA GLY E 804 -40.30 47.98 25.22
C GLY E 804 -40.81 47.27 23.98
N PRO E 805 -40.48 47.80 22.81
CA PRO E 805 -40.88 47.11 21.57
C PRO E 805 -40.16 45.79 21.39
N MET E 806 -40.83 44.84 20.74
CA MET E 806 -40.29 43.50 20.55
C MET E 806 -41.00 42.84 19.38
N THR E 807 -40.23 42.38 18.40
CA THR E 807 -40.76 41.59 17.29
C THR E 807 -39.73 40.55 16.91
N ILE E 808 -40.10 39.27 17.02
CA ILE E 808 -39.22 38.15 16.70
C ILE E 808 -39.72 37.52 15.42
N ILE E 809 -38.92 37.60 14.35
CA ILE E 809 -39.36 37.10 13.06
C ILE E 809 -38.94 35.66 12.80
N GLY E 810 -38.10 35.08 13.66
CA GLY E 810 -37.71 33.70 13.50
C GLY E 810 -36.62 33.27 14.45
N VAL E 811 -36.45 31.97 14.62
CA VAL E 811 -35.41 31.41 15.48
C VAL E 811 -34.71 30.29 14.70
N GLY E 812 -33.39 30.34 14.67
CA GLY E 812 -32.63 29.31 13.97
C GLY E 812 -31.75 28.51 14.90
N TYR E 813 -31.32 27.33 14.47
CA TYR E 813 -30.45 26.48 15.27
C TYR E 813 -29.41 25.80 14.40
N ASN E 814 -28.28 25.47 15.01
CA ASN E 814 -27.36 24.46 14.51
C ASN E 814 -27.39 23.32 15.52
N VAL E 815 -27.96 22.18 15.13
CA VAL E 815 -28.25 21.08 16.04
C VAL E 815 -27.35 19.90 15.74
N GLU E 816 -26.63 19.43 16.74
CA GLU E 816 -25.95 18.14 16.67
C GLU E 816 -26.97 17.05 16.99
N VAL E 817 -27.37 16.31 15.97
CA VAL E 817 -28.38 15.27 16.11
C VAL E 817 -27.67 13.94 16.29
N ALA E 818 -27.68 13.43 17.52
CA ALA E 818 -27.04 12.15 17.83
C ALA E 818 -28.01 11.01 17.58
N PRO F 2 -19.04 24.62 0.15
CA PRO F 2 -18.96 24.54 -1.31
C PRO F 2 -19.65 25.70 -1.99
N ILE F 3 -19.40 25.89 -3.28
CA ILE F 3 -19.97 27.01 -4.02
C ILE F 3 -21.36 26.62 -4.51
N ARG F 4 -22.33 27.49 -4.26
CA ARG F 4 -23.69 27.33 -4.74
C ARG F 4 -24.02 28.48 -5.68
N SER F 5 -24.72 28.17 -6.76
CA SER F 5 -25.10 29.17 -7.75
C SER F 5 -26.59 29.44 -7.64
N ILE F 6 -26.95 30.67 -7.30
CA ILE F 6 -28.33 31.05 -7.06
C ILE F 6 -28.64 32.33 -7.82
N SER F 7 -29.93 32.60 -8.00
CA SER F 7 -30.36 33.79 -8.71
C SER F 7 -31.65 34.31 -8.07
N ASN F 8 -32.02 35.53 -8.43
CA ASN F 8 -33.12 36.23 -7.79
C ASN F 8 -33.76 37.19 -8.79
N THR F 9 -35.08 37.11 -8.94
CA THR F 9 -35.86 38.05 -9.73
C THR F 9 -36.80 38.81 -8.81
N PHE F 10 -37.59 39.74 -9.37
CA PHE F 10 -38.24 40.76 -8.57
C PHE F 10 -39.72 40.86 -8.90
N ASN F 11 -40.39 39.71 -9.01
CA ASN F 11 -41.80 39.69 -9.37
C ASN F 11 -42.69 40.18 -8.23
N ARG F 12 -42.27 40.00 -6.98
CA ARG F 12 -43.08 40.34 -5.82
C ARG F 12 -42.74 41.69 -5.22
N GLY F 13 -41.84 42.46 -5.84
CA GLY F 13 -41.56 43.79 -5.33
C GLY F 13 -40.82 43.77 -4.01
N GLU F 14 -41.00 44.84 -3.24
CA GLU F 14 -40.31 44.98 -1.96
C GLU F 14 -41.03 44.20 -0.88
N LEU F 15 -40.28 43.45 -0.09
CA LEU F 15 -40.84 42.57 0.92
C LEU F 15 -40.57 43.12 2.32
N ASP F 16 -41.55 42.98 3.19
CA ASP F 16 -41.43 43.47 4.55
C ASP F 16 -40.31 42.73 5.28
N PRO F 17 -39.54 43.42 6.13
CA PRO F 17 -38.44 42.75 6.83
C PRO F 17 -38.86 41.61 7.74
N THR F 18 -40.12 41.56 8.15
CA THR F 18 -40.59 40.47 9.01
C THR F 18 -40.82 39.18 8.25
N LEU F 19 -40.60 39.15 6.94
CA LEU F 19 -40.71 37.95 6.13
C LEU F 19 -39.37 37.28 5.87
N PHE F 20 -38.27 37.79 6.42
CA PHE F 20 -36.95 37.35 5.98
C PHE F 20 -36.56 35.98 6.51
N ALA F 21 -37.38 35.37 7.37
CA ALA F 21 -37.15 33.99 7.78
C ALA F 21 -38.12 33.03 7.10
N ARG F 22 -38.91 33.50 6.15
CA ARG F 22 -39.94 32.68 5.53
C ARG F 22 -39.42 32.04 4.25
N ASP F 23 -38.42 31.17 4.41
CA ASP F 23 -37.88 30.43 3.27
C ASP F 23 -38.85 29.41 2.73
N ASP F 24 -39.87 29.03 3.51
CA ASP F 24 -40.87 28.10 3.03
C ASP F 24 -41.72 28.70 1.92
N LEU F 25 -41.94 30.01 1.96
CA LEU F 25 -42.72 30.65 0.91
C LEU F 25 -41.93 30.73 -0.38
N ASP F 26 -42.64 30.65 -1.50
CA ASP F 26 -42.02 30.71 -2.82
C ASP F 26 -41.74 32.13 -3.27
N ILE F 27 -41.68 33.08 -2.34
CA ILE F 27 -41.41 34.47 -2.67
C ILE F 27 -39.99 34.89 -2.30
N TYR F 28 -39.22 34.03 -1.65
CA TYR F 28 -37.93 34.44 -1.13
C TYR F 28 -36.95 34.78 -2.24
N ASP F 29 -37.05 34.11 -3.38
CA ASP F 29 -36.20 34.40 -4.54
C ASP F 29 -36.95 35.18 -5.61
N LYS F 30 -38.08 35.79 -5.28
CA LYS F 30 -38.85 36.58 -6.23
C LYS F 30 -39.11 38.00 -5.73
N GLY F 31 -38.45 38.43 -4.66
CA GLY F 31 -38.67 39.75 -4.13
C GLY F 31 -37.40 40.55 -3.96
N ALA F 32 -37.52 41.73 -3.34
CA ALA F 32 -36.38 42.58 -3.09
C ALA F 32 -36.48 43.15 -1.69
N ARG F 33 -35.32 43.33 -1.05
CA ARG F 33 -35.26 44.03 0.21
C ARG F 33 -35.68 45.49 0.04
N LYS F 34 -35.20 46.12 -1.03
CA LYS F 34 -35.57 47.50 -1.35
C LYS F 34 -35.84 47.59 -2.85
N LEU F 35 -36.93 48.26 -3.21
CA LEU F 35 -37.26 48.55 -4.61
C LEU F 35 -37.75 49.99 -4.62
N ARG F 36 -36.84 50.92 -4.81
CA ARG F 36 -37.11 52.34 -4.67
C ARG F 36 -36.94 53.04 -6.00
N ASN F 37 -37.92 53.85 -6.38
CA ASN F 37 -37.93 54.56 -7.66
C ASN F 37 -37.81 53.60 -8.83
N MET F 38 -38.36 52.40 -8.66
CA MET F 38 -38.45 51.40 -9.72
C MET F 38 -39.80 50.72 -9.62
N ILE F 39 -40.16 49.97 -10.65
CA ILE F 39 -41.36 49.16 -10.63
C ILE F 39 -41.00 47.74 -11.05
N ALA F 40 -41.89 46.82 -10.72
CA ALA F 40 -41.71 45.42 -11.09
C ALA F 40 -42.57 45.12 -12.31
N LEU F 41 -41.93 44.84 -13.44
CA LEU F 41 -42.67 44.38 -14.60
C LEU F 41 -43.21 42.98 -14.35
N TRP F 42 -44.27 42.62 -15.08
CA TRP F 42 -44.88 41.30 -14.84
C TRP F 42 -44.02 40.15 -15.35
N THR F 43 -42.94 40.44 -16.09
CA THR F 43 -42.00 39.39 -16.45
C THR F 43 -41.01 39.07 -15.34
N GLY F 44 -41.01 39.84 -14.25
CA GLY F 44 -40.07 39.66 -13.17
C GLY F 44 -38.93 40.64 -13.15
N ALA F 45 -38.76 41.43 -14.20
CA ALA F 45 -37.70 42.42 -14.23
C ALA F 45 -38.11 43.67 -13.46
N ALA F 46 -37.12 44.48 -13.10
CA ALA F 46 -37.34 45.74 -12.40
C ALA F 46 -36.91 46.89 -13.30
N ARG F 47 -37.82 47.81 -13.57
CA ARG F 47 -37.56 48.93 -14.45
C ARG F 47 -37.60 50.23 -13.67
N ILE F 48 -36.76 51.19 -14.07
CA ILE F 48 -36.79 52.50 -13.43
C ILE F 48 -38.18 53.11 -13.57
N ALA F 49 -38.62 53.79 -12.52
CA ALA F 49 -39.96 54.36 -12.49
C ALA F 49 -40.11 55.45 -13.54
N PRO F 50 -41.33 55.69 -14.02
CA PRO F 50 -41.54 56.77 -15.00
C PRO F 50 -41.25 58.14 -14.41
N GLY F 51 -40.69 59.01 -15.25
CA GLY F 51 -40.43 60.38 -14.86
C GLY F 51 -41.67 61.25 -15.02
N THR F 52 -41.49 62.54 -14.82
CA THR F 52 -42.60 63.48 -14.90
C THR F 52 -42.21 64.70 -15.72
N ILE F 53 -43.23 65.30 -16.33
CA ILE F 53 -43.09 66.48 -17.16
C ILE F 53 -43.85 67.63 -16.49
N TYR F 54 -43.17 68.75 -16.29
CA TYR F 54 -43.81 69.90 -15.65
C TYR F 54 -44.90 70.47 -16.54
N ILE F 55 -46.06 70.73 -15.96
CA ILE F 55 -47.20 71.32 -16.68
C ILE F 55 -47.45 72.76 -16.23
N ASP F 56 -47.75 72.96 -14.96
CA ASP F 56 -48.10 74.29 -14.48
C ASP F 56 -47.95 74.37 -12.97
N MET F 57 -47.93 75.59 -12.46
CA MET F 57 -47.89 75.86 -11.04
C MET F 57 -49.27 76.30 -10.57
N MET F 58 -49.75 75.68 -9.50
CA MET F 58 -51.09 75.98 -8.99
C MET F 58 -51.10 77.36 -8.34
N VAL F 59 -51.88 78.26 -8.91
CA VAL F 59 -52.00 79.62 -8.39
C VAL F 59 -53.47 80.02 -8.36
N ASP F 60 -53.78 81.02 -7.53
CA ASP F 60 -55.10 81.63 -7.48
C ASP F 60 -55.14 82.68 -8.58
N ARG F 61 -55.64 82.27 -9.75
CA ARG F 61 -55.57 83.13 -10.94
C ARG F 61 -56.49 84.33 -10.86
N GLU F 62 -57.50 84.31 -9.99
CA GLU F 62 -58.43 85.41 -9.85
C GLU F 62 -57.99 86.44 -8.82
N ASN F 63 -56.87 86.21 -8.14
CA ASN F 63 -56.36 87.10 -7.11
C ASN F 63 -54.89 87.41 -7.35
N GLY F 64 -54.57 87.81 -8.58
CA GLY F 64 -53.22 88.20 -8.92
C GLY F 64 -52.21 87.07 -8.88
N ASN F 65 -52.62 85.87 -9.28
CA ASN F 65 -51.74 84.70 -9.30
C ASN F 65 -51.09 84.47 -7.94
N ALA F 66 -51.92 84.47 -6.90
CA ALA F 66 -51.43 84.19 -5.56
C ALA F 66 -51.02 82.73 -5.47
N VAL F 67 -49.75 82.50 -5.14
CA VAL F 67 -49.22 81.14 -5.09
C VAL F 67 -49.95 80.35 -4.02
N ILE F 68 -50.38 79.15 -4.37
CA ILE F 68 -51.07 78.25 -3.44
C ILE F 68 -50.02 77.35 -2.79
N GLN F 69 -49.96 77.39 -1.46
CA GLN F 69 -48.97 76.60 -0.72
C GLN F 69 -49.60 75.62 0.25
N ASP F 70 -50.92 75.45 0.22
CA ASP F 70 -51.61 74.49 1.04
C ASP F 70 -52.12 73.35 0.17
N PRO F 71 -51.62 72.12 0.36
CA PRO F 71 -52.08 71.01 -0.50
C PRO F 71 -53.57 70.71 -0.38
N LEU F 72 -54.21 71.09 0.73
CA LEU F 72 -55.63 70.83 0.88
C LEU F 72 -56.48 71.74 -0.01
N MET F 73 -55.89 72.74 -0.65
CA MET F 73 -56.60 73.65 -1.52
C MET F 73 -56.59 73.22 -2.98
N VAL F 74 -56.04 72.04 -3.28
CA VAL F 74 -55.95 71.55 -4.65
C VAL F 74 -56.44 70.11 -4.68
N LYS F 75 -57.28 69.80 -5.67
CA LYS F 75 -57.73 68.43 -5.89
C LYS F 75 -58.10 68.27 -7.35
N GLY F 76 -57.47 67.31 -8.03
CA GLY F 76 -57.70 67.13 -9.44
C GLY F 76 -58.37 65.82 -9.80
N PHE F 77 -58.89 65.73 -11.02
CA PHE F 77 -59.48 64.49 -11.53
C PHE F 77 -59.40 64.51 -13.04
N ASP F 78 -59.43 63.32 -13.63
CA ASP F 78 -59.38 63.18 -15.07
C ASP F 78 -60.79 62.98 -15.64
N PHE F 79 -60.94 63.33 -16.91
CA PHE F 79 -62.21 63.21 -17.60
C PHE F 79 -61.93 62.90 -19.06
N THR F 80 -62.18 61.66 -19.46
CA THR F 80 -61.98 61.26 -20.85
C THR F 80 -63.20 61.68 -21.68
N TYR F 81 -62.95 62.46 -22.72
CA TYR F 81 -64.01 62.99 -23.57
C TYR F 81 -64.13 62.25 -24.90
N ASP F 82 -63.01 61.79 -25.45
CA ASP F 82 -63.02 61.05 -26.72
C ASP F 82 -61.82 60.10 -26.69
N ALA F 83 -62.10 58.84 -26.40
CA ALA F 83 -61.02 57.87 -26.22
C ALA F 83 -60.25 57.63 -27.52
N ASP F 84 -60.98 57.52 -28.64
CA ASP F 84 -60.32 57.23 -29.90
C ASP F 84 -59.49 58.42 -30.39
N ALA F 85 -59.95 59.64 -30.13
CA ALA F 85 -59.16 60.81 -30.46
C ALA F 85 -58.11 61.13 -29.39
N GLU F 86 -58.08 60.36 -28.31
CA GLU F 86 -57.13 60.55 -27.21
C GLU F 86 -57.25 61.95 -26.62
N ILE F 87 -58.48 62.33 -26.29
CA ILE F 87 -58.77 63.61 -25.66
C ILE F 87 -59.19 63.32 -24.22
N THR F 88 -58.29 63.57 -23.28
CA THR F 88 -58.57 63.45 -21.86
C THR F 88 -58.20 64.76 -21.19
N TYR F 89 -59.12 65.29 -20.38
CA TYR F 89 -58.91 66.55 -19.68
C TYR F 89 -58.50 66.29 -18.25
N THR F 90 -57.50 67.02 -17.78
CA THR F 90 -57.09 67.01 -16.39
C THR F 90 -57.67 68.27 -15.74
N ILE F 91 -58.68 68.10 -14.92
CA ILE F 91 -59.40 69.21 -14.29
C ILE F 91 -58.92 69.35 -12.86
N ILE F 92 -58.52 70.56 -12.49
CA ILE F 92 -57.97 70.85 -11.18
C ILE F 92 -58.95 71.77 -10.45
N ILE F 93 -59.49 71.30 -9.33
CA ILE F 93 -60.29 72.13 -8.44
C ILE F 93 -59.33 72.80 -7.47
N ARG F 94 -59.32 74.12 -7.45
CA ARG F 94 -58.35 74.86 -6.67
C ARG F 94 -59.02 76.04 -5.99
N LYS F 95 -58.33 76.57 -4.99
CA LYS F 95 -58.83 77.74 -4.27
C LYS F 95 -58.88 78.96 -5.17
N SER F 96 -59.96 79.73 -5.05
CA SER F 96 -60.13 81.00 -5.75
C SER F 96 -60.80 81.96 -4.78
N GLY F 97 -60.00 82.73 -4.07
CA GLY F 97 -60.54 83.53 -2.98
C GLY F 97 -61.06 82.62 -1.89
N THR F 98 -62.31 82.84 -1.50
CA THR F 98 -62.97 81.93 -0.56
C THR F 98 -63.79 80.86 -1.27
N ASN F 99 -63.77 80.83 -2.60
CA ASN F 99 -64.55 79.90 -3.39
C ASN F 99 -63.60 79.02 -4.20
N ILE F 100 -64.14 78.29 -5.17
CA ILE F 100 -63.36 77.35 -5.96
C ILE F 100 -63.37 77.77 -7.42
N ALA F 101 -62.48 77.15 -8.19
CA ALA F 101 -62.45 77.29 -9.64
C ALA F 101 -61.95 75.98 -10.23
N PHE F 102 -62.35 75.71 -11.47
CA PHE F 102 -61.93 74.52 -12.20
C PHE F 102 -60.96 74.93 -13.29
N ASP F 103 -59.74 74.44 -13.22
CA ASP F 103 -58.73 74.64 -14.25
C ASP F 103 -58.70 73.42 -15.14
N ILE F 104 -58.95 73.60 -16.42
CA ILE F 104 -59.09 72.50 -17.37
C ILE F 104 -57.85 72.48 -18.25
N TYR F 105 -57.11 71.38 -18.20
CA TYR F 105 -55.88 71.22 -18.96
C TYR F 105 -56.05 70.16 -20.04
N TYR F 106 -55.47 70.42 -21.20
CA TYR F 106 -55.43 69.45 -22.28
C TYR F 106 -54.14 69.68 -23.07
N ALA F 107 -53.50 68.59 -23.47
CA ALA F 107 -52.25 68.65 -24.22
C ALA F 107 -51.21 69.48 -23.49
N ASP F 108 -51.11 69.26 -22.18
CA ASP F 108 -50.15 69.95 -21.32
C ASP F 108 -50.32 71.47 -21.34
N THR F 109 -51.55 71.93 -21.57
CA THR F 109 -51.82 73.35 -21.70
C THR F 109 -53.11 73.69 -20.98
N LEU F 110 -53.14 74.84 -20.31
CA LEU F 110 -54.35 75.32 -19.65
C LEU F 110 -55.32 75.84 -20.70
N GLN F 111 -56.46 75.18 -20.84
CA GLN F 111 -57.44 75.58 -21.84
C GLN F 111 -58.32 76.72 -21.36
N THR F 112 -58.96 76.56 -20.21
CA THR F 112 -59.86 77.57 -19.68
C THR F 112 -60.02 77.37 -18.18
N THR F 113 -60.64 78.35 -17.54
CA THR F 113 -60.96 78.31 -16.13
C THR F 113 -62.44 78.59 -15.94
N VAL F 114 -63.09 77.80 -15.09
CA VAL F 114 -64.50 77.98 -14.76
C VAL F 114 -64.61 78.21 -13.26
N THR F 115 -65.10 79.37 -12.87
CA THR F 115 -65.23 79.70 -11.46
C THR F 115 -66.61 79.28 -10.95
N SER F 116 -66.71 79.16 -9.63
CA SER F 116 -67.98 78.83 -8.99
C SER F 116 -67.99 79.37 -7.57
N THR F 117 -69.06 80.04 -7.21
CA THR F 117 -69.25 80.53 -5.86
C THR F 117 -70.11 79.61 -5.00
N ALA F 118 -70.57 78.49 -5.55
CA ALA F 118 -71.42 77.58 -4.80
C ALA F 118 -70.63 76.76 -3.79
N TYR F 119 -69.31 76.71 -3.91
CA TYR F 119 -68.47 75.90 -3.05
C TYR F 119 -67.47 76.79 -2.31
N LEU F 120 -67.11 76.39 -1.11
CA LEU F 120 -66.09 77.07 -0.34
C LEU F 120 -64.73 76.42 -0.59
N ALA F 121 -63.68 77.22 -0.45
CA ALA F 121 -62.32 76.69 -0.63
C ALA F 121 -62.01 75.63 0.42
N THR F 122 -62.66 75.68 1.57
CA THR F 122 -62.45 74.70 2.62
C THR F 122 -63.24 73.41 2.40
N GLN F 123 -64.05 73.34 1.36
CA GLN F 123 -64.80 72.15 1.02
C GLN F 123 -64.19 71.36 -0.13
N ILE F 124 -63.00 71.76 -0.59
CA ILE F 124 -62.45 71.19 -1.82
C ILE F 124 -62.18 69.69 -1.66
N GLN F 125 -61.58 69.30 -0.53
CA GLN F 125 -61.22 67.90 -0.36
C GLN F 125 -62.43 67.00 -0.19
N ASP F 126 -63.62 67.55 0.04
CA ASP F 126 -64.84 66.76 0.18
C ASP F 126 -65.69 66.76 -1.08
N ILE F 127 -65.16 67.23 -2.20
CA ILE F 127 -65.90 67.25 -3.46
C ILE F 127 -65.57 65.98 -4.23
N HIS F 128 -66.60 65.21 -4.58
CA HIS F 128 -66.45 64.02 -5.38
C HIS F 128 -67.16 64.22 -6.72
N VAL F 129 -66.80 63.39 -7.69
CA VAL F 129 -67.33 63.50 -9.04
C VAL F 129 -67.92 62.17 -9.48
N ALA F 130 -68.80 62.24 -10.47
CA ALA F 130 -69.39 61.06 -11.11
C ALA F 130 -69.33 61.31 -12.61
N ALA F 131 -68.30 60.77 -13.26
CA ALA F 131 -68.10 60.99 -14.68
C ALA F 131 -69.01 60.10 -15.49
N ALA F 132 -69.79 60.70 -16.38
CA ALA F 132 -70.63 59.99 -17.30
C ALA F 132 -69.90 59.85 -18.64
N HIS F 133 -70.62 59.37 -19.65
CA HIS F 133 -70.03 59.24 -20.98
C HIS F 133 -69.71 60.61 -21.58
N ASP F 134 -70.45 61.65 -21.20
CA ASP F 134 -70.32 62.95 -21.87
C ASP F 134 -70.39 64.14 -20.92
N ARG F 135 -70.46 63.93 -19.61
CA ARG F 135 -70.48 65.04 -18.67
C ARG F 135 -70.04 64.54 -17.30
N VAL F 136 -69.71 65.48 -16.42
CA VAL F 136 -69.25 65.17 -15.07
C VAL F 136 -70.19 65.83 -14.07
N LEU F 137 -70.64 65.07 -13.09
CA LEU F 137 -71.44 65.63 -12.00
C LEU F 137 -70.54 65.95 -10.82
N ILE F 138 -70.74 67.12 -10.22
CA ILE F 138 -69.97 67.58 -9.08
C ILE F 138 -70.83 67.38 -7.84
N LEU F 139 -70.32 66.60 -6.89
CA LEU F 139 -71.09 66.15 -5.74
C LEU F 139 -70.46 66.65 -4.45
N HIS F 140 -71.29 67.18 -3.56
CA HIS F 140 -70.88 67.55 -2.21
C HIS F 140 -72.11 67.42 -1.32
N GLU F 141 -71.91 66.89 -0.11
CA GLU F 141 -73.05 66.54 0.74
C GLU F 141 -73.87 67.75 1.15
N ASN F 142 -73.33 68.95 1.03
CA ASN F 142 -74.01 70.15 1.47
C ASN F 142 -74.33 71.11 0.33
N VAL F 143 -73.98 70.77 -0.90
CA VAL F 143 -74.19 71.64 -2.06
C VAL F 143 -74.94 70.85 -3.13
N GLN F 144 -75.91 71.50 -3.76
CA GLN F 144 -76.69 70.84 -4.79
C GLN F 144 -75.81 70.42 -5.96
N ILE F 145 -76.17 69.29 -6.58
CA ILE F 145 -75.39 68.72 -7.67
C ILE F 145 -75.23 69.71 -8.80
N ARG F 146 -74.02 69.79 -9.37
CA ARG F 146 -73.75 70.59 -10.55
C ARG F 146 -73.34 69.67 -11.69
N GLN F 147 -73.46 70.19 -12.91
CA GLN F 147 -72.99 69.52 -14.12
C GLN F 147 -71.87 70.35 -14.73
N LEU F 148 -70.77 69.70 -15.05
CA LEU F 148 -69.69 70.31 -15.83
C LEU F 148 -69.69 69.64 -17.19
N LYS F 149 -70.08 70.39 -18.22
CA LYS F 149 -70.21 69.85 -19.56
C LYS F 149 -69.42 70.69 -20.54
N ARG F 150 -68.74 70.01 -21.46
CA ARG F 150 -67.91 70.67 -22.46
C ARG F 150 -68.74 71.11 -23.66
N GLY F 151 -68.46 72.31 -24.16
CA GLY F 151 -69.16 72.84 -25.29
C GLY F 151 -68.62 72.35 -26.62
N ALA F 152 -68.36 73.25 -27.55
CA ALA F 152 -67.95 72.90 -28.90
C ALA F 152 -66.45 72.98 -29.12
N SER F 153 -65.67 73.32 -28.10
CA SER F 153 -64.22 73.41 -28.26
C SER F 153 -63.55 73.03 -26.95
N HIS F 154 -62.22 73.01 -26.97
CA HIS F 154 -61.47 72.71 -25.76
C HIS F 154 -61.69 73.76 -24.68
N SER F 155 -61.84 75.02 -25.06
CA SER F 155 -61.89 76.12 -24.11
C SER F 155 -63.30 76.54 -23.74
N SER F 156 -64.32 75.85 -24.22
CA SER F 156 -65.71 76.19 -23.96
C SER F 156 -66.29 75.21 -22.96
N TRP F 157 -66.60 75.68 -21.75
CA TRP F 157 -67.14 74.84 -20.70
C TRP F 157 -68.21 75.59 -19.94
N SER F 158 -69.17 74.85 -19.40
CA SER F 158 -70.26 75.41 -18.62
C SER F 158 -70.48 74.60 -17.36
N LEU F 159 -70.80 75.29 -16.28
CA LEU F 159 -71.08 74.66 -14.99
C LEU F 159 -72.48 75.08 -14.56
N THR F 160 -73.44 74.18 -14.70
CA THR F 160 -74.84 74.45 -14.41
C THR F 160 -75.30 73.57 -13.24
N THR F 161 -76.56 73.72 -12.87
CA THR F 161 -77.15 72.99 -11.76
C THR F 161 -77.92 71.79 -12.28
N PHE F 162 -77.76 70.66 -11.61
CA PHE F 162 -78.45 69.42 -11.96
C PHE F 162 -79.79 69.39 -11.24
N ASN F 163 -80.88 69.50 -12.00
CA ASN F 163 -82.21 69.56 -11.42
C ASN F 163 -82.99 68.30 -11.76
N PRO F 164 -83.32 67.45 -10.78
CA PRO F 164 -84.09 66.24 -11.07
C PRO F 164 -85.48 66.59 -11.59
N ARG F 165 -85.98 65.76 -12.50
CA ARG F 165 -87.37 65.88 -12.94
C ARG F 165 -88.32 65.71 -11.76
N VAL F 166 -88.13 64.64 -10.99
CA VAL F 166 -88.88 64.38 -9.77
C VAL F 166 -87.88 63.99 -8.68
N TYR F 167 -88.01 64.59 -7.52
CA TYR F 167 -87.09 64.29 -6.44
C TYR F 167 -87.41 62.93 -5.81
N PRO F 168 -86.41 62.24 -5.29
CA PRO F 168 -86.67 61.06 -4.45
C PRO F 168 -87.22 61.49 -3.10
N THR F 169 -87.94 60.58 -2.46
CA THR F 169 -88.57 60.85 -1.18
C THR F 169 -88.13 59.85 -0.14
N TYR F 170 -88.23 60.26 1.12
CA TYR F 170 -87.81 59.43 2.24
C TYR F 170 -88.62 59.83 3.47
N ASP F 171 -88.96 58.85 4.29
CA ASP F 171 -89.68 59.08 5.54
C ASP F 171 -88.65 59.12 6.66
N PHE F 172 -88.31 60.33 7.10
CA PHE F 172 -87.24 60.48 8.09
C PHE F 172 -87.66 60.09 9.49
N SER F 173 -88.96 59.99 9.77
CA SER F 173 -89.39 59.54 11.09
C SER F 173 -89.02 58.09 11.34
N VAL F 174 -88.75 57.33 10.28
CA VAL F 174 -88.36 55.93 10.45
C VAL F 174 -87.02 55.82 11.15
N ILE F 175 -86.10 56.75 10.89
CA ILE F 175 -84.84 56.82 11.59
C ILE F 175 -84.88 57.85 12.72
N GLY F 176 -86.07 58.30 13.09
CA GLY F 176 -86.20 59.22 14.20
C GLY F 176 -85.73 60.63 13.91
N GLU F 177 -85.55 60.99 12.65
CA GLU F 177 -85.08 62.32 12.27
C GLU F 177 -86.22 63.25 11.85
N ALA F 178 -87.46 62.90 12.14
CA ALA F 178 -88.61 63.74 11.84
C ALA F 178 -89.68 63.47 12.88
N ILE F 179 -90.79 64.19 12.78
CA ILE F 179 -91.87 64.06 13.75
C ILE F 179 -92.51 62.69 13.62
N ASN F 180 -92.73 62.03 14.76
CA ASN F 180 -93.37 60.73 14.77
C ASN F 180 -94.88 60.91 14.69
N TYR F 181 -95.50 60.35 13.66
CA TYR F 181 -96.93 60.53 13.41
C TYR F 181 -97.72 59.25 13.63
N GLN F 182 -97.17 58.29 14.36
CA GLN F 182 -97.86 57.01 14.51
C GLN F 182 -99.16 57.14 15.29
N SER F 183 -99.26 58.14 16.16
CA SER F 183 -100.48 58.37 16.94
C SER F 183 -101.39 59.42 16.34
N PHE F 184 -101.02 60.00 15.20
CA PHE F 184 -101.83 61.05 14.60
C PHE F 184 -102.94 60.44 13.76
N THR F 185 -103.82 61.31 13.25
CA THR F 185 -104.86 60.92 12.32
C THR F 185 -104.86 61.88 11.16
N PHE F 186 -104.83 61.35 9.94
CA PHE F 186 -104.84 62.15 8.73
C PHE F 186 -106.22 62.07 8.09
N THR F 187 -106.76 63.22 7.71
CA THR F 187 -108.07 63.32 7.09
C THR F 187 -107.92 63.86 5.69
N LEU F 188 -108.56 63.21 4.73
CA LEU F 188 -108.54 63.63 3.34
C LEU F 188 -109.88 64.28 2.99
N SER F 189 -109.82 65.34 2.19
CA SER F 189 -111.05 65.98 1.72
C SER F 189 -111.79 65.10 0.73
N ALA F 190 -111.06 64.35 -0.10
CA ALA F 190 -111.66 63.44 -1.06
C ALA F 190 -110.66 62.35 -1.36
N THR F 191 -111.13 61.30 -2.03
CA THR F 191 -110.28 60.17 -2.38
C THR F 191 -109.64 60.30 -3.75
N THR F 192 -110.03 61.30 -4.56
CA THR F 192 -109.54 61.44 -5.92
C THR F 192 -109.25 62.90 -6.22
N GLY F 193 -108.47 63.13 -7.26
CA GLY F 193 -108.22 64.48 -7.72
C GLY F 193 -107.38 65.29 -6.75
N SER F 194 -107.53 66.61 -6.82
CA SER F 194 -106.86 67.51 -5.91
C SER F 194 -107.58 67.53 -4.57
N ILE F 195 -106.84 67.25 -3.49
CA ILE F 195 -107.41 67.10 -2.17
C ILE F 195 -106.60 67.93 -1.18
N THR F 196 -107.09 67.95 0.06
CA THR F 196 -106.38 68.53 1.18
C THR F 196 -106.18 67.47 2.24
N ILE F 197 -104.96 67.36 2.75
CA ILE F 197 -104.61 66.40 3.79
C ILE F 197 -104.43 67.18 5.09
N THR F 198 -105.18 66.81 6.12
CA THR F 198 -105.16 67.48 7.40
C THR F 198 -104.69 66.52 8.47
N SER F 199 -103.78 66.99 9.32
CA SER F 199 -103.24 66.19 10.41
C SER F 199 -103.74 66.72 11.73
N SER F 200 -104.05 65.80 12.66
CA SER F 200 -104.48 66.19 14.00
C SER F 200 -103.36 66.84 14.80
N SER F 201 -102.11 66.75 14.36
CA SER F 201 -101.01 67.37 15.07
C SER F 201 -99.99 67.86 14.06
N ALA F 202 -99.12 68.78 14.52
CA ALA F 202 -98.13 69.39 13.64
C ALA F 202 -97.16 68.37 13.09
N VAL F 203 -97.22 68.10 11.79
CA VAL F 203 -96.30 67.15 11.17
C VAL F 203 -95.61 67.78 9.96
N PHE F 204 -96.35 68.52 9.15
CA PHE F 204 -95.84 68.96 7.85
C PHE F 204 -94.74 70.00 7.98
N THR F 205 -93.78 69.92 7.08
CA THR F 205 -92.77 70.96 6.87
C THR F 205 -92.77 71.33 5.40
N HIS F 206 -92.09 72.43 5.07
CA HIS F 206 -92.04 72.86 3.68
C HIS F 206 -91.31 71.85 2.80
N ASN F 207 -90.43 71.01 3.36
CA ASN F 207 -89.77 70.01 2.55
C ASN F 207 -90.71 68.89 2.12
N HIS F 208 -91.90 68.81 2.70
CA HIS F 208 -92.89 67.84 2.23
C HIS F 208 -93.49 68.20 0.89
N VAL F 209 -93.23 69.39 0.37
CA VAL F 209 -93.67 69.73 -0.98
C VAL F 209 -92.88 68.88 -1.97
N GLY F 210 -93.59 68.13 -2.80
CA GLY F 210 -92.96 67.13 -3.63
C GLY F 210 -92.85 65.78 -2.98
N GLY F 211 -93.33 65.63 -1.75
CA GLY F 211 -93.32 64.35 -1.07
C GLY F 211 -94.55 63.53 -1.38
N LEU F 212 -94.66 62.41 -0.68
CA LEU F 212 -95.72 61.44 -0.92
C LEU F 212 -96.44 61.12 0.37
N PHE F 213 -97.74 60.88 0.26
CA PHE F 213 -98.55 60.38 1.37
C PHE F 213 -99.23 59.11 0.90
N ARG F 214 -99.04 58.03 1.65
CA ARG F 214 -99.60 56.73 1.31
C ARG F 214 -100.43 56.22 2.47
N SER F 215 -101.63 55.72 2.16
CA SER F 215 -102.50 55.08 3.13
C SER F 215 -103.68 54.51 2.39
N LEU F 216 -104.27 53.46 2.95
CA LEU F 216 -105.49 52.86 2.43
C LEU F 216 -105.35 52.44 0.96
N GLY F 217 -104.14 52.06 0.57
CA GLY F 217 -103.89 51.64 -0.79
C GLY F 217 -103.72 52.77 -1.79
N GLY F 218 -103.82 54.02 -1.34
CA GLY F 218 -103.68 55.15 -2.24
C GLY F 218 -102.40 55.94 -2.05
N THR F 219 -102.02 56.70 -3.07
CA THR F 219 -100.83 57.53 -3.05
C THR F 219 -101.20 58.92 -3.53
N ALA F 220 -100.65 59.94 -2.88
CA ALA F 220 -100.87 61.32 -3.26
C ALA F 220 -99.55 62.07 -3.20
N ARG F 221 -99.32 62.96 -4.15
CA ARG F 221 -98.11 63.79 -4.17
C ARG F 221 -98.45 65.17 -3.63
N ILE F 222 -97.77 65.58 -2.56
CA ILE F 222 -98.03 66.85 -1.93
C ILE F 222 -97.51 67.97 -2.81
N THR F 223 -98.34 68.98 -3.05
CA THR F 223 -97.97 70.10 -3.91
C THR F 223 -97.81 71.41 -3.17
N ALA F 224 -98.40 71.55 -1.99
CA ALA F 224 -98.23 72.76 -1.20
C ALA F 224 -98.41 72.42 0.27
N VAL F 225 -97.75 73.18 1.13
CA VAL F 225 -97.84 73.02 2.57
C VAL F 225 -98.26 74.37 3.13
N ALA F 226 -99.53 74.49 3.51
CA ALA F 226 -100.04 75.75 4.05
C ALA F 226 -99.55 75.98 5.46
N SER F 227 -99.50 74.93 6.27
CA SER F 227 -99.09 75.02 7.66
C SER F 227 -98.58 73.66 8.11
N THR F 228 -98.30 73.53 9.40
CA THR F 228 -97.82 72.26 9.92
C THR F 228 -98.91 71.20 10.02
N THR F 229 -100.18 71.57 9.82
CA THR F 229 -101.27 70.62 9.91
C THR F 229 -102.13 70.54 8.64
N SER F 230 -101.79 71.29 7.59
CA SER F 230 -102.60 71.30 6.38
C SER F 230 -101.69 71.29 5.15
N ALA F 231 -102.08 70.51 4.15
CA ALA F 231 -101.33 70.45 2.91
C ALA F 231 -102.27 70.10 1.77
N SER F 232 -101.84 70.44 0.56
CA SER F 232 -102.58 70.13 -0.66
C SER F 232 -101.83 69.05 -1.42
N ALA F 233 -102.58 68.12 -2.01
CA ALA F 233 -101.98 67.00 -2.69
C ALA F 233 -102.79 66.61 -3.92
N THR F 234 -102.14 65.93 -4.85
CA THR F 234 -102.76 65.41 -6.04
C THR F 234 -102.77 63.89 -5.95
N VAL F 235 -103.95 63.28 -6.08
CA VAL F 235 -104.07 61.84 -5.91
C VAL F 235 -103.49 61.14 -7.14
N LEU F 236 -102.51 60.28 -6.92
CA LEU F 236 -101.95 59.45 -7.98
C LEU F 236 -102.62 58.10 -8.06
N ASP F 237 -102.87 57.46 -6.91
CA ASP F 237 -103.67 56.25 -6.83
C ASP F 237 -104.78 56.48 -5.82
N ASN F 238 -106.00 56.08 -6.19
CA ASN F 238 -107.18 56.43 -5.41
C ASN F 238 -107.14 55.80 -4.02
N PHE F 239 -107.63 56.54 -3.04
CA PHE F 239 -107.78 56.07 -1.67
C PHE F 239 -109.14 55.41 -1.51
N THR F 240 -109.22 54.48 -0.56
CA THR F 240 -110.47 53.80 -0.26
C THR F 240 -111.28 54.50 0.83
N GLY F 241 -110.75 55.56 1.43
CA GLY F 241 -111.46 56.27 2.47
C GLY F 241 -110.74 57.56 2.77
N THR F 242 -111.39 58.40 3.59
CA THR F 242 -110.86 59.72 3.90
C THR F 242 -110.30 59.83 5.31
N SER F 243 -110.28 58.74 6.07
CA SER F 243 -109.71 58.74 7.42
C SER F 243 -108.58 57.72 7.47
N CYS F 244 -107.38 58.19 7.76
CA CYS F 244 -106.18 57.36 7.73
C CYS F 244 -105.51 57.38 9.09
N ALA F 245 -105.34 56.20 9.68
CA ALA F 245 -104.61 56.10 10.93
C ALA F 245 -103.13 56.38 10.70
N GLY F 246 -102.53 57.12 11.63
CA GLY F 246 -101.14 57.50 11.46
C GLY F 246 -100.20 56.31 11.43
N ASN F 247 -100.47 55.30 12.25
CA ASN F 247 -99.60 54.13 12.30
C ASN F 247 -99.73 53.24 11.07
N LEU F 248 -100.79 53.40 10.28
CA LEU F 248 -100.97 52.63 9.06
C LEU F 248 -100.64 53.42 7.80
N SER F 249 -100.13 54.65 7.94
CA SER F 249 -99.84 55.52 6.81
C SER F 249 -98.34 55.66 6.64
N SER F 250 -97.96 56.40 5.59
CA SER F 250 -96.56 56.68 5.29
C SER F 250 -96.48 58.08 4.72
N LEU F 251 -95.70 58.95 5.36
CA LEU F 251 -95.49 60.32 4.93
C LEU F 251 -94.01 60.53 4.68
N ALA F 252 -93.67 60.95 3.46
CA ALA F 252 -92.27 61.11 3.08
C ALA F 252 -92.05 62.50 2.51
N GLU F 253 -90.94 63.13 2.92
CA GLU F 253 -90.53 64.41 2.37
C GLU F 253 -89.45 64.18 1.31
N LYS F 254 -88.98 65.27 0.72
CA LYS F 254 -87.91 65.15 -0.26
C LYS F 254 -86.62 64.72 0.42
N LEU F 255 -85.92 63.78 -0.22
CA LEU F 255 -84.69 63.26 0.35
C LEU F 255 -83.57 64.29 0.31
N TRP F 256 -83.53 65.11 -0.73
CA TRP F 256 -82.48 66.12 -0.90
C TRP F 256 -83.08 67.50 -0.73
N ASN F 257 -82.47 68.30 0.14
CA ASN F 257 -82.99 69.63 0.43
C ASN F 257 -81.96 70.42 1.20
N SER F 258 -81.77 71.68 0.81
CA SER F 258 -80.91 72.61 1.55
C SER F 258 -81.67 73.84 2.01
N ASP F 259 -82.99 73.84 1.91
CA ASP F 259 -83.82 74.99 2.28
C ASP F 259 -84.35 74.77 3.69
N THR F 260 -83.87 75.57 4.63
CA THR F 260 -84.29 75.48 6.03
C THR F 260 -84.97 76.73 6.53
N THR F 261 -85.36 77.65 5.64
CA THR F 261 -85.93 78.92 6.05
C THR F 261 -87.38 79.13 5.64
N THR F 262 -87.83 78.53 4.54
CA THR F 262 -89.20 78.70 4.10
C THR F 262 -90.15 78.05 5.11
N ALA F 263 -91.19 78.78 5.50
CA ALA F 263 -92.12 78.34 6.52
C ALA F 263 -93.04 77.23 5.98
N PRO F 264 -93.31 76.19 6.77
CA PRO F 264 -92.70 75.89 8.07
C PRO F 264 -91.28 75.36 7.89
N VAL F 265 -90.38 75.65 8.84
CA VAL F 265 -88.96 75.43 8.60
C VAL F 265 -88.65 73.95 8.50
N SER F 266 -87.81 73.59 7.54
CA SER F 266 -87.40 72.22 7.28
C SER F 266 -85.99 71.98 7.82
N ALA F 267 -85.58 70.73 7.79
CA ALA F 267 -84.23 70.34 8.18
C ALA F 267 -83.33 70.30 6.95
N ASN F 268 -82.05 70.57 7.18
CA ASN F 268 -81.06 70.50 6.11
C ASN F 268 -80.77 69.04 5.80
N ARG F 269 -81.43 68.50 4.78
CA ARG F 269 -81.22 67.11 4.43
C ARG F 269 -79.99 66.89 3.56
N GLY F 270 -79.44 67.95 2.97
CA GLY F 270 -78.25 67.82 2.16
C GLY F 270 -78.51 67.19 0.81
N TRP F 271 -77.42 66.82 0.17
CA TRP F 271 -77.39 66.30 -1.18
C TRP F 271 -76.43 65.12 -1.25
N PRO F 272 -76.57 64.26 -2.26
CA PRO F 272 -75.66 63.11 -2.34
C PRO F 272 -74.23 63.54 -2.58
N ALA F 273 -73.30 62.73 -2.05
CA ALA F 273 -71.88 62.98 -2.21
C ALA F 273 -71.15 61.88 -2.96
N ARG F 274 -71.82 60.80 -3.33
CA ARG F 274 -71.23 59.73 -4.11
C ARG F 274 -72.17 59.39 -5.26
N GLY F 275 -71.59 58.94 -6.37
CA GLY F 275 -72.41 58.60 -7.51
C GLY F 275 -71.64 57.83 -8.56
N VAL F 276 -72.40 57.16 -9.42
CA VAL F 276 -71.84 56.46 -10.58
C VAL F 276 -72.96 56.27 -11.58
N PHE F 277 -72.59 56.19 -12.86
CA PHE F 277 -73.52 55.86 -13.93
C PHE F 277 -73.37 54.38 -14.24
N TYR F 278 -74.40 53.60 -13.97
CA TYR F 278 -74.36 52.16 -14.18
C TYR F 278 -75.41 51.76 -15.21
N LEU F 279 -74.95 51.25 -16.35
CA LEU F 279 -75.81 50.89 -17.47
C LEU F 279 -76.73 52.04 -17.86
N ASN F 280 -78.03 51.90 -17.62
CA ASN F 280 -79.00 52.92 -18.01
C ASN F 280 -79.58 53.65 -16.81
N ARG F 281 -78.92 53.62 -15.65
CA ARG F 281 -79.39 54.31 -14.47
C ARG F 281 -78.27 55.16 -13.88
N LEU F 282 -78.67 56.18 -13.12
CA LEU F 282 -77.75 57.00 -12.35
C LEU F 282 -77.95 56.69 -10.88
N ILE F 283 -76.87 56.33 -10.19
CA ILE F 283 -76.92 55.98 -8.78
C ILE F 283 -76.28 57.12 -7.99
N LEU F 284 -77.02 57.67 -7.03
CA LEU F 284 -76.54 58.74 -6.18
C LEU F 284 -76.81 58.37 -4.73
N GLY F 285 -75.81 58.53 -3.88
CA GLY F 285 -75.97 58.09 -2.51
C GLY F 285 -75.12 58.87 -1.54
N ARG F 286 -75.20 58.46 -0.27
CA ARG F 286 -74.47 59.07 0.84
C ARG F 286 -74.77 60.56 0.92
N SER F 287 -76.03 60.88 1.14
CA SER F 287 -76.42 62.27 1.36
C SER F 287 -76.04 62.68 2.78
N LEU F 288 -76.23 63.96 3.09
CA LEU F 288 -75.85 64.47 4.39
C LEU F 288 -76.67 63.80 5.50
N ALA F 289 -77.98 63.66 5.29
CA ALA F 289 -78.86 63.17 6.35
C ALA F 289 -78.90 61.66 6.45
N VAL F 290 -78.82 60.94 5.33
CA VAL F 290 -78.92 59.48 5.31
C VAL F 290 -77.68 58.98 4.57
N LYS F 291 -76.60 58.70 5.31
CA LYS F 291 -75.35 58.35 4.68
C LYS F 291 -75.28 56.91 4.23
N ASN F 292 -76.22 56.06 4.65
CA ASN F 292 -76.21 54.64 4.32
C ASN F 292 -77.28 54.28 3.29
N LEU F 293 -77.62 55.21 2.42
CA LEU F 293 -78.66 54.99 1.43
C LEU F 293 -78.20 55.47 0.06
N VAL F 294 -78.53 54.70 -0.98
CA VAL F 294 -78.29 55.10 -2.35
C VAL F 294 -79.62 55.09 -3.10
N ASN F 295 -79.71 55.94 -4.11
CA ASN F 295 -80.90 56.07 -4.95
C ASN F 295 -80.51 55.76 -6.38
N LEU F 296 -81.32 54.94 -7.04
CA LEU F 296 -81.15 54.63 -8.45
C LEU F 296 -82.24 55.34 -9.23
N SER F 297 -81.85 56.03 -10.30
CA SER F 297 -82.82 56.78 -11.09
C SER F 297 -83.68 55.84 -11.91
N THR F 298 -84.68 56.41 -12.58
CA THR F 298 -85.52 55.66 -13.49
C THR F 298 -84.68 55.07 -14.61
N ALA F 299 -84.99 53.85 -15.01
CA ALA F 299 -84.23 53.20 -16.06
C ALA F 299 -84.37 53.95 -17.37
N GLY F 300 -83.25 54.43 -17.89
CA GLY F 300 -83.21 55.18 -19.13
C GLY F 300 -83.36 56.67 -18.99
N VAL F 301 -83.67 57.18 -17.79
CA VAL F 301 -83.82 58.60 -17.54
C VAL F 301 -82.96 58.94 -16.34
N TYR F 302 -81.74 59.42 -16.59
CA TYR F 302 -80.75 59.55 -15.53
C TYR F 302 -81.13 60.62 -14.52
N ASP F 303 -81.90 61.62 -14.92
CA ASP F 303 -82.20 62.76 -14.06
C ASP F 303 -83.59 62.67 -13.42
N ASN F 304 -84.24 61.51 -13.49
CA ASN F 304 -85.56 61.33 -12.89
C ASN F 304 -85.46 60.31 -11.76
N PHE F 305 -85.92 60.71 -10.57
CA PHE F 305 -85.89 59.85 -9.40
C PHE F 305 -87.28 59.65 -8.82
N ASP F 306 -88.29 59.65 -9.68
CA ASP F 306 -89.68 59.49 -9.25
C ASP F 306 -89.88 58.09 -8.68
N ASP F 307 -90.27 58.02 -7.41
CA ASP F 307 -90.49 56.74 -6.74
C ASP F 307 -91.91 56.59 -6.23
N ALA F 308 -92.87 57.18 -6.94
CA ALA F 308 -94.27 57.02 -6.59
C ALA F 308 -94.72 55.58 -6.76
N ASP F 309 -94.24 54.91 -7.80
CA ASP F 309 -94.62 53.54 -8.08
C ASP F 309 -93.63 52.56 -7.43
N LEU F 310 -94.08 51.33 -7.25
CA LEU F 310 -93.31 50.32 -6.54
C LEU F 310 -93.06 49.08 -7.39
N ASP F 311 -93.13 49.21 -8.71
CA ASP F 311 -92.95 48.05 -9.58
C ASP F 311 -92.46 48.53 -10.94
N GLY F 312 -91.69 47.69 -11.61
CA GLY F 312 -91.25 47.97 -12.97
C GLY F 312 -89.87 48.58 -13.06
N LEU F 313 -89.68 49.47 -14.03
CA LEU F 313 -88.40 50.13 -14.24
C LEU F 313 -88.28 51.44 -13.48
N VAL F 314 -89.06 51.62 -12.42
CA VAL F 314 -89.08 52.89 -11.70
C VAL F 314 -87.82 53.05 -10.87
N ALA F 315 -87.59 54.29 -10.44
CA ALA F 315 -86.52 54.58 -9.50
C ALA F 315 -86.83 53.96 -8.14
N PHE F 316 -85.77 53.62 -7.40
CA PHE F 316 -85.93 52.99 -6.10
C PHE F 316 -84.67 53.23 -5.28
N SER F 317 -84.71 52.81 -4.02
CA SER F 317 -83.64 53.03 -3.06
C SER F 317 -83.10 51.70 -2.57
N VAL F 318 -81.85 51.74 -2.11
CA VAL F 318 -81.23 50.63 -1.41
C VAL F 318 -80.65 51.16 -0.11
N THR F 319 -81.00 50.54 1.01
CA THR F 319 -80.50 50.92 2.31
C THR F 319 -79.55 49.85 2.82
N PHE F 320 -78.39 50.26 3.32
CA PHE F 320 -77.35 49.35 3.79
C PHE F 320 -77.32 49.36 5.30
N ASN F 321 -77.58 48.20 5.90
CA ASN F 321 -77.51 48.04 7.34
C ASN F 321 -76.87 46.70 7.68
N GLY F 322 -76.01 46.72 8.69
CA GLY F 322 -75.46 45.52 9.27
C GLY F 322 -75.43 45.67 10.77
N LYS F 323 -74.26 45.55 11.36
CA LYS F 323 -74.07 45.82 12.78
C LYS F 323 -73.27 47.11 12.89
N GLY F 324 -73.98 48.23 12.96
CA GLY F 324 -73.37 49.52 13.13
C GLY F 324 -73.47 50.41 11.90
N GLU F 325 -72.55 51.36 11.81
CA GLU F 325 -72.58 52.35 10.75
C GLU F 325 -72.16 51.73 9.43
N GLN F 326 -72.95 51.98 8.38
CA GLN F 326 -72.67 51.48 7.04
C GLN F 326 -72.74 52.61 6.02
N SER F 327 -72.14 53.75 6.35
CA SER F 327 -72.19 54.90 5.46
C SER F 327 -71.41 54.61 4.18
N VAL F 328 -72.01 54.93 3.04
CA VAL F 328 -71.46 54.53 1.75
C VAL F 328 -70.21 55.34 1.44
N GLN F 329 -69.13 54.66 1.09
CA GLN F 329 -67.86 55.30 0.77
C GLN F 329 -67.64 55.45 -0.73
N SER F 330 -67.92 54.41 -1.51
CA SER F 330 -67.78 54.51 -2.95
C SER F 330 -68.70 53.49 -3.62
N ILE F 331 -69.15 53.83 -4.81
CA ILE F 331 -70.03 52.98 -5.60
C ILE F 331 -69.26 52.53 -6.83
N VAL F 332 -69.03 51.23 -6.93
CA VAL F 332 -68.10 50.66 -7.90
C VAL F 332 -68.89 49.97 -9.00
N ALA F 333 -68.60 50.33 -10.25
CA ALA F 333 -69.25 49.71 -11.40
C ALA F 333 -68.45 48.51 -11.91
N ASP F 334 -68.20 47.57 -11.00
CA ASP F 334 -67.57 46.30 -11.32
C ASP F 334 -68.57 45.18 -11.09
N ASP F 335 -68.67 44.26 -12.06
CA ASP F 335 -69.67 43.20 -12.04
C ASP F 335 -71.04 43.79 -11.77
N SER F 336 -71.84 43.12 -10.94
CA SER F 336 -72.95 43.79 -10.31
C SER F 336 -72.42 44.76 -9.28
N ILE F 337 -73.15 45.85 -9.06
CA ILE F 337 -72.62 47.00 -8.34
C ILE F 337 -72.03 46.58 -6.99
N LEU F 338 -70.87 47.15 -6.67
CA LEU F 338 -70.22 46.96 -5.38
C LEU F 338 -70.31 48.25 -4.57
N PHE F 339 -70.60 48.12 -3.28
CA PHE F 339 -70.69 49.25 -2.37
C PHE F 339 -69.70 49.05 -1.23
N THR F 340 -68.63 49.83 -1.22
CA THR F 340 -67.77 49.89 -0.05
C THR F 340 -68.34 50.89 0.94
N THR F 341 -68.40 50.49 2.21
CA THR F 341 -68.97 51.37 3.22
C THR F 341 -68.01 51.55 4.39
N ALA F 342 -68.50 52.16 5.46
CA ALA F 342 -67.69 52.34 6.66
C ALA F 342 -67.32 51.01 7.30
N ASN F 343 -68.18 50.00 7.20
CA ASN F 343 -67.88 48.69 7.78
C ASN F 343 -67.87 47.58 6.74
N LYS F 344 -68.97 47.32 6.05
CA LYS F 344 -69.11 46.10 5.28
C LYS F 344 -69.22 46.39 3.80
N LEU F 345 -68.70 45.48 2.98
CA LEU F 345 -68.85 45.54 1.54
C LEU F 345 -70.16 44.87 1.17
N PHE F 346 -70.95 45.56 0.34
CA PHE F 346 -72.27 45.08 -0.07
C PHE F 346 -72.25 44.78 -1.56
N ALA F 347 -72.72 43.60 -1.93
CA ALA F 347 -72.73 43.18 -3.32
C ALA F 347 -73.66 41.99 -3.45
N GLN F 348 -73.99 41.66 -4.69
CA GLN F 348 -74.74 40.45 -5.00
C GLN F 348 -73.89 39.53 -5.87
N SER F 349 -74.22 38.25 -5.82
CA SER F 349 -73.44 37.25 -6.54
C SER F 349 -73.48 37.52 -8.03
N PRO F 350 -72.34 37.57 -8.71
CA PRO F 350 -72.37 37.70 -10.18
C PRO F 350 -73.00 36.51 -10.87
N LEU F 351 -73.11 35.37 -10.19
CA LEU F 351 -73.79 34.21 -10.74
C LEU F 351 -75.31 34.31 -10.68
N VAL F 352 -75.83 35.34 -10.02
CA VAL F 352 -77.27 35.56 -9.93
C VAL F 352 -77.72 36.33 -11.17
N GLU F 353 -78.80 35.85 -11.80
CA GLU F 353 -79.38 36.50 -12.98
C GLU F 353 -80.29 37.62 -12.51
N SER F 354 -79.66 38.72 -12.08
CA SER F 354 -80.39 39.82 -11.46
C SER F 354 -80.47 41.01 -12.39
N PRO F 355 -81.66 41.37 -12.90
CA PRO F 355 -81.82 42.69 -13.51
C PRO F 355 -81.95 43.74 -12.43
N ILE F 356 -81.38 44.91 -12.68
CA ILE F 356 -81.33 45.94 -11.66
C ILE F 356 -82.69 46.64 -11.61
N THR F 357 -83.61 46.11 -10.81
CA THR F 357 -84.94 46.68 -10.66
C THR F 357 -85.31 46.66 -9.18
N ILE F 358 -86.48 47.23 -8.87
CA ILE F 358 -86.78 47.61 -7.50
C ILE F 358 -86.86 46.39 -6.59
N ASN F 359 -87.55 45.34 -7.03
CA ASN F 359 -87.76 44.17 -6.19
C ASN F 359 -86.93 42.97 -6.62
N ASN F 360 -85.98 43.16 -7.52
CA ASN F 360 -85.12 42.09 -7.99
C ASN F 360 -83.66 42.41 -7.71
N VAL F 361 -83.39 42.93 -6.52
CA VAL F 361 -82.07 43.33 -6.09
C VAL F 361 -81.71 42.53 -4.86
N TYR F 362 -80.51 41.98 -4.83
CA TYR F 362 -80.10 41.02 -3.81
C TYR F 362 -78.76 41.41 -3.20
N PHE F 363 -78.56 42.69 -2.92
CA PHE F 363 -77.33 43.11 -2.27
C PHE F 363 -77.29 42.60 -0.83
N ALA F 364 -76.15 42.09 -0.43
CA ALA F 364 -75.98 41.47 0.89
C ALA F 364 -74.61 41.86 1.44
N PRO F 365 -74.45 41.84 2.76
CA PRO F 365 -73.12 42.08 3.34
C PRO F 365 -72.17 40.94 3.02
N GLN F 366 -71.16 41.20 2.20
CA GLN F 366 -70.26 40.14 1.77
C GLN F 366 -69.17 39.87 2.79
N SER F 367 -68.50 40.91 3.26
CA SER F 367 -67.41 40.72 4.21
C SER F 367 -67.17 42.02 4.97
N GLN F 368 -66.51 41.88 6.11
CA GLN F 368 -66.17 43.02 6.96
C GLN F 368 -64.88 43.64 6.43
N SER F 369 -65.00 44.82 5.82
CA SER F 369 -63.85 45.47 5.21
C SER F 369 -64.04 46.99 5.19
N PRO F 370 -63.73 47.69 6.28
CA PRO F 370 -63.95 49.14 6.32
C PRO F 370 -63.15 49.87 5.25
N ALA F 371 -63.77 50.87 4.65
CA ALA F 371 -63.18 51.65 3.58
C ALA F 371 -63.21 53.12 3.91
N THR F 372 -62.31 53.87 3.30
CA THR F 372 -62.24 55.31 3.46
C THR F 372 -62.88 55.98 2.24
N SER F 373 -62.83 57.30 2.20
CA SER F 373 -63.52 58.07 1.17
C SER F 373 -62.74 58.17 -0.12
N ILE F 374 -61.55 57.59 -0.21
CA ILE F 374 -60.82 57.54 -1.46
C ILE F 374 -61.50 56.57 -2.41
N GLU F 375 -61.73 56.99 -3.64
CA GLU F 375 -62.53 56.22 -4.57
C GLU F 375 -61.82 54.93 -4.96
N ALA F 376 -62.59 53.84 -5.03
CA ALA F 376 -62.03 52.54 -5.35
C ALA F 376 -61.54 52.49 -6.79
N ALA F 377 -60.54 51.65 -7.03
CA ALA F 377 -59.90 51.50 -8.32
C ALA F 377 -60.23 50.13 -8.91
N SER F 378 -60.42 50.08 -10.22
CA SER F 378 -60.71 48.84 -10.92
C SER F 378 -59.60 48.57 -11.92
N ILE F 379 -58.91 47.45 -11.75
CA ILE F 379 -57.78 47.12 -12.62
C ILE F 379 -57.42 45.65 -12.44
N ASP F 380 -57.03 45.01 -13.54
CA ASP F 380 -56.47 43.65 -13.50
C ASP F 380 -57.43 42.68 -12.81
N ASN F 381 -58.69 42.72 -13.23
CA ASN F 381 -59.72 41.77 -12.81
C ASN F 381 -59.95 41.79 -11.31
N GLN F 382 -59.80 42.95 -10.67
CA GLN F 382 -60.01 43.05 -9.24
C GLN F 382 -60.37 44.49 -8.89
N THR F 383 -60.86 44.66 -7.67
CA THR F 383 -61.19 45.97 -7.11
C THR F 383 -60.27 46.25 -5.94
N LEU F 384 -59.62 47.41 -5.96
CA LEU F 384 -58.70 47.84 -4.91
C LEU F 384 -59.24 49.11 -4.27
N PHE F 385 -59.25 49.14 -2.94
CA PHE F 385 -59.71 50.33 -2.23
C PHE F 385 -58.93 50.48 -0.92
N VAL F 386 -58.74 51.72 -0.51
CA VAL F 386 -58.00 52.01 0.71
C VAL F 386 -58.92 51.76 1.91
N SER F 387 -58.34 51.21 2.98
CA SER F 387 -59.10 50.91 4.18
C SER F 387 -59.42 52.20 4.94
N SER F 388 -60.31 52.08 5.93
CA SER F 388 -60.78 53.26 6.65
C SER F 388 -59.65 53.94 7.42
N ASP F 389 -58.76 53.17 8.02
CA ASP F 389 -57.64 53.80 8.72
C ASP F 389 -56.51 54.21 7.78
N ARG F 390 -56.63 53.91 6.49
CA ARG F 390 -55.73 54.35 5.44
C ARG F 390 -54.33 53.75 5.56
N THR F 391 -54.16 52.68 6.32
CA THR F 391 -52.87 52.02 6.43
C THR F 391 -52.79 50.73 5.63
N LYS F 392 -53.84 50.40 4.87
CA LYS F 392 -53.84 49.19 4.07
C LYS F 392 -54.61 49.44 2.78
N VAL F 393 -54.25 48.69 1.74
CA VAL F 393 -55.01 48.63 0.50
C VAL F 393 -55.69 47.27 0.46
N MET F 394 -57.01 47.28 0.30
CA MET F 394 -57.80 46.06 0.32
C MET F 394 -58.14 45.63 -1.10
N GLN F 395 -58.16 44.32 -1.32
CA GLN F 395 -58.50 43.73 -2.60
C GLN F 395 -59.77 42.92 -2.44
N ALA F 396 -60.75 43.18 -3.30
CA ALA F 396 -62.02 42.48 -3.28
C ALA F 396 -62.15 41.63 -4.54
N MET F 397 -62.55 40.38 -4.37
CA MET F 397 -62.69 39.48 -5.51
C MET F 397 -63.70 38.39 -5.16
N TYR F 398 -64.59 38.10 -6.09
CA TYR F 398 -65.58 37.06 -5.86
C TYR F 398 -64.94 35.68 -5.92
N SER F 399 -65.24 34.85 -4.94
CA SER F 399 -64.75 33.47 -4.88
C SER F 399 -65.95 32.54 -4.99
N THR F 400 -66.05 31.82 -6.10
CA THR F 400 -67.17 30.89 -6.27
C THR F 400 -67.08 29.73 -5.29
N ALA F 401 -65.86 29.34 -4.90
CA ALA F 401 -65.71 28.29 -3.90
C ALA F 401 -66.26 28.71 -2.54
N ASP F 402 -66.24 30.01 -2.23
CA ASP F 402 -66.77 30.51 -0.98
C ASP F 402 -68.15 31.12 -1.09
N GLY F 403 -68.64 31.34 -2.31
CA GLY F 403 -69.96 31.90 -2.51
C GLY F 403 -70.10 33.36 -2.14
N LYS F 404 -69.01 34.10 -2.04
CA LYS F 404 -69.09 35.50 -1.63
C LYS F 404 -67.85 36.23 -2.10
N TYR F 405 -67.89 37.56 -1.98
CA TYR F 405 -66.72 38.38 -2.22
C TYR F 405 -65.75 38.27 -1.05
N ILE F 406 -64.48 38.06 -1.36
CA ILE F 406 -63.43 37.87 -0.37
C ILE F 406 -62.54 39.10 -0.39
N THR F 407 -62.32 39.68 0.78
CA THR F 407 -61.45 40.85 0.91
C THR F 407 -60.21 40.47 1.71
N LEU F 408 -59.05 40.82 1.18
CA LEU F 408 -57.77 40.55 1.83
C LEU F 408 -56.84 41.72 1.58
N PRO F 409 -55.86 41.93 2.44
CA PRO F 409 -54.93 43.06 2.25
C PRO F 409 -54.00 42.81 1.07
N ALA F 410 -54.08 43.68 0.07
CA ALA F 410 -53.12 43.64 -1.02
C ALA F 410 -51.72 44.04 -0.58
N THR F 411 -51.60 44.74 0.55
CA THR F 411 -50.31 45.14 1.11
C THR F 411 -49.80 44.15 2.16
N MET F 412 -50.22 42.89 2.09
CA MET F 412 -49.89 41.95 3.15
C MET F 412 -48.40 41.67 3.24
N LEU F 413 -47.70 41.70 2.10
CA LEU F 413 -46.27 41.39 2.08
C LEU F 413 -45.39 42.64 2.12
N SER F 414 -45.97 43.84 2.09
CA SER F 414 -45.18 45.06 2.00
C SER F 414 -45.70 46.11 2.97
N ASN F 415 -46.00 45.70 4.20
CA ASN F 415 -46.58 46.62 5.17
C ASN F 415 -45.60 47.68 5.64
N SER F 416 -44.30 47.42 5.55
CA SER F 416 -43.33 48.35 6.13
C SER F 416 -43.29 49.68 5.39
N ILE F 417 -43.46 49.68 4.06
CA ILE F 417 -43.39 50.93 3.31
C ILE F 417 -44.70 51.69 3.27
N VAL F 418 -45.75 51.16 3.89
CA VAL F 418 -47.07 51.78 3.82
C VAL F 418 -47.21 52.78 4.97
N ASP F 419 -47.35 54.06 4.61
CA ASP F 419 -47.74 55.13 5.50
C ASP F 419 -49.25 55.32 5.39
N TYR F 420 -49.76 56.50 5.71
CA TYR F 420 -51.17 56.81 5.56
C TYR F 420 -51.47 57.28 4.15
N ILE F 421 -52.35 56.57 3.45
CA ILE F 421 -52.66 56.83 2.05
C ILE F 421 -53.74 57.90 1.95
N ASN F 422 -53.58 58.83 1.00
CA ASN F 422 -54.53 59.92 0.84
C ASN F 422 -55.10 60.08 -0.56
N SER F 423 -54.67 59.30 -1.55
CA SER F 423 -55.28 59.30 -2.88
C SER F 423 -54.76 58.09 -3.64
N ASN F 424 -55.44 57.77 -4.74
CA ASN F 424 -55.00 56.67 -5.59
C ASN F 424 -55.48 56.86 -7.02
N GLY F 425 -54.88 56.09 -7.92
CA GLY F 425 -55.25 56.09 -9.33
C GLY F 425 -54.72 54.83 -9.98
N THR F 426 -55.04 54.68 -11.26
CA THR F 426 -54.58 53.54 -12.04
C THR F 426 -53.91 54.01 -13.31
N TRP F 427 -53.12 53.13 -13.90
CA TRP F 427 -52.39 53.46 -15.11
C TRP F 427 -52.03 52.17 -15.84
N GLU F 428 -52.27 52.15 -17.15
CA GLU F 428 -51.93 51.01 -18.00
C GLU F 428 -51.09 51.54 -19.15
N PRO F 429 -49.83 51.83 -18.89
CA PRO F 429 -49.03 52.57 -19.88
C PRO F 429 -48.79 51.76 -21.14
N ALA F 430 -48.72 52.48 -22.26
CA ALA F 430 -48.52 51.84 -23.56
C ALA F 430 -47.09 51.33 -23.70
N GLY F 431 -46.97 50.09 -24.16
CA GLY F 431 -45.67 49.50 -24.43
C GLY F 431 -44.92 48.98 -23.22
N ILE F 432 -45.52 49.03 -22.04
CA ILE F 432 -44.86 48.62 -20.80
C ILE F 432 -45.58 47.42 -20.24
N SER F 433 -44.81 46.40 -19.83
CA SER F 433 -45.38 45.16 -19.29
C SER F 433 -45.75 45.35 -17.82
N THR F 434 -46.79 46.16 -17.60
CA THR F 434 -47.26 46.38 -16.23
C THR F 434 -48.67 46.93 -16.26
N ARG F 435 -49.42 46.62 -15.20
CA ARG F 435 -50.68 47.29 -14.89
C ARG F 435 -50.52 47.90 -13.50
N LEU F 436 -50.64 49.22 -13.42
CA LEU F 436 -50.21 49.97 -12.25
C LEU F 436 -51.39 50.47 -11.43
N TYR F 437 -51.30 50.29 -10.13
CA TYR F 437 -52.13 50.99 -9.16
C TYR F 437 -51.21 51.91 -8.35
N LEU F 438 -51.55 53.18 -8.29
CA LEU F 438 -50.72 54.20 -7.67
C LEU F 438 -51.45 54.78 -6.46
N ALA F 439 -50.69 55.23 -5.47
CA ALA F 439 -51.28 55.77 -4.25
C ALA F 439 -50.26 56.65 -3.54
N THR F 440 -50.59 57.92 -3.33
CA THR F 440 -49.71 58.81 -2.61
C THR F 440 -50.00 58.75 -1.11
N GLN F 441 -49.01 59.14 -0.31
CA GLN F 441 -49.09 59.00 1.14
C GLN F 441 -48.82 60.34 1.81
N ASP F 442 -49.16 60.41 3.10
CA ASP F 442 -49.00 61.65 3.86
C ASP F 442 -47.53 62.04 3.97
N ASN F 443 -46.64 61.06 4.10
CA ASN F 443 -45.22 61.38 4.24
C ASN F 443 -44.60 61.90 2.95
N GLY F 444 -45.35 61.97 1.86
CA GLY F 444 -44.87 62.53 0.62
C GLY F 444 -44.35 61.54 -0.38
N THR F 445 -44.45 60.25 -0.11
CA THR F 445 -44.02 59.22 -1.03
C THR F 445 -45.22 58.74 -1.84
N MET F 446 -44.95 57.85 -2.81
CA MET F 446 -46.00 57.26 -3.62
C MET F 446 -45.77 55.76 -3.74
N LEU F 447 -46.81 54.99 -3.45
CA LEU F 447 -46.77 53.56 -3.63
C LEU F 447 -47.09 53.19 -5.07
N LEU F 448 -46.40 52.19 -5.59
CA LEU F 448 -46.64 51.68 -6.93
C LEU F 448 -46.89 50.18 -6.82
N TYR F 449 -47.99 49.73 -7.42
CA TYR F 449 -48.42 48.34 -7.31
C TYR F 449 -48.60 47.78 -8.71
N SER F 450 -47.69 46.90 -9.11
CA SER F 450 -47.78 46.21 -10.39
C SER F 450 -48.44 44.86 -10.16
N THR F 451 -49.51 44.59 -10.88
CA THR F 451 -50.31 43.40 -10.62
C THR F 451 -50.66 42.69 -11.93
N LEU F 452 -50.55 41.36 -11.91
CA LEU F 452 -51.10 40.49 -12.93
C LEU F 452 -51.59 39.25 -12.16
N GLN F 453 -52.85 39.30 -11.75
CA GLN F 453 -53.33 38.41 -10.70
C GLN F 453 -53.33 36.95 -11.13
N THR F 454 -53.78 36.66 -12.36
CA THR F 454 -53.83 35.28 -12.80
C THR F 454 -52.46 34.64 -12.92
N GLN F 455 -51.40 35.45 -13.05
CA GLN F 455 -50.05 34.96 -13.15
C GLN F 455 -49.26 35.14 -11.86
N ASN F 456 -49.96 35.37 -10.75
CA ASN F 456 -49.34 35.52 -9.42
C ASN F 456 -48.27 36.62 -9.44
N VAL F 457 -48.59 37.74 -10.07
CA VAL F 457 -47.72 38.91 -10.06
C VAL F 457 -48.37 39.96 -9.16
N ALA F 458 -47.65 40.36 -8.12
CA ALA F 458 -48.13 41.40 -7.21
C ALA F 458 -46.89 42.00 -6.54
N GLY F 459 -46.45 43.15 -7.04
CA GLY F 459 -45.24 43.74 -6.53
C GLY F 459 -45.37 45.21 -6.17
N TRP F 460 -45.06 45.54 -4.93
CA TRP F 460 -45.09 46.92 -4.45
C TRP F 460 -43.70 47.54 -4.53
N SER F 461 -43.68 48.85 -4.73
CA SER F 461 -42.44 49.61 -4.71
C SER F 461 -42.77 51.04 -4.26
N LEU F 462 -41.73 51.76 -3.87
CA LEU F 462 -41.89 53.08 -3.28
C LEU F 462 -41.21 54.12 -4.16
N ARG F 463 -41.93 55.20 -4.44
CA ARG F 463 -41.46 56.26 -5.32
C ARG F 463 -41.24 57.53 -4.50
N THR F 464 -40.05 58.10 -4.61
CA THR F 464 -39.70 59.34 -3.93
C THR F 464 -39.18 60.35 -4.94
N THR F 465 -39.35 61.62 -4.62
CA THR F 465 -38.92 62.71 -5.49
C THR F 465 -38.24 63.78 -4.64
N THR F 466 -37.67 64.77 -5.31
CA THR F 466 -37.13 65.95 -4.64
C THR F 466 -38.29 66.88 -4.34
N GLY F 467 -39.07 66.51 -3.33
CA GLY F 467 -40.32 67.14 -3.02
C GLY F 467 -41.23 66.15 -2.35
N LYS F 468 -42.54 66.42 -2.42
CA LYS F 468 -43.53 65.57 -1.76
C LYS F 468 -44.74 65.40 -2.67
N PHE F 469 -45.04 64.15 -3.04
CA PHE F 469 -46.26 63.87 -3.77
C PHE F 469 -47.47 64.17 -2.89
N ARG F 470 -48.46 64.84 -3.45
CA ARG F 470 -49.68 65.18 -2.73
C ARG F 470 -50.92 64.52 -3.29
N GLN F 471 -50.95 64.22 -4.59
CA GLN F 471 -52.07 63.50 -5.17
C GLN F 471 -51.61 62.82 -6.45
N VAL F 472 -52.24 61.70 -6.78
CA VAL F 472 -52.05 61.03 -8.05
C VAL F 472 -53.42 60.88 -8.72
N ILE F 473 -53.45 61.14 -10.02
CA ILE F 473 -54.68 61.21 -10.79
C ILE F 473 -54.57 60.30 -12.00
N GLY F 474 -55.61 59.52 -12.26
CA GLY F 474 -55.62 58.72 -13.47
C GLY F 474 -56.51 57.49 -13.41
N GLU F 475 -57.10 57.13 -14.55
CA GLU F 475 -57.95 55.95 -14.64
C GLU F 475 -57.44 54.96 -15.67
N GLY F 476 -56.15 55.01 -16.01
CA GLY F 476 -55.57 54.02 -16.89
C GLY F 476 -54.90 54.57 -18.12
N ARG F 477 -55.49 55.58 -18.74
CA ARG F 477 -54.92 56.11 -19.98
C ARG F 477 -53.70 56.98 -19.73
N GLN F 478 -53.69 57.73 -18.64
CA GLN F 478 -52.57 58.61 -18.32
C GLN F 478 -52.54 58.81 -16.82
N SER F 479 -51.43 59.34 -16.33
CA SER F 479 -51.25 59.58 -14.91
C SER F 479 -50.65 60.95 -14.69
N HIS F 480 -51.25 61.72 -13.79
CA HIS F 480 -50.72 63.00 -13.36
C HIS F 480 -50.47 62.97 -11.86
N VAL F 481 -49.56 63.82 -11.41
CA VAL F 481 -49.30 63.98 -9.99
C VAL F 481 -49.35 65.45 -9.64
N ILE F 482 -49.68 65.72 -8.39
CA ILE F 482 -49.59 67.05 -7.80
C ILE F 482 -48.48 67.02 -6.76
N VAL F 483 -47.42 67.78 -7.00
CA VAL F 483 -46.19 67.67 -6.24
C VAL F 483 -45.88 69.00 -5.59
N GLU F 484 -45.52 68.96 -4.31
CA GLU F 484 -45.04 70.13 -3.59
C GLU F 484 -43.53 70.16 -3.65
N ARG F 485 -42.98 71.18 -4.29
CA ARG F 485 -41.54 71.33 -4.45
C ARG F 485 -41.07 72.65 -3.85
N GLU F 486 -39.77 72.75 -3.62
CA GLU F 486 -39.16 73.97 -3.11
C GLU F 486 -38.38 74.66 -4.21
N ILE F 487 -38.38 75.99 -4.17
CA ILE F 487 -37.58 76.79 -5.09
C ILE F 487 -36.80 77.82 -4.31
N ASN F 488 -35.64 78.19 -4.85
CA ASN F 488 -34.86 79.26 -4.26
C ASN F 488 -35.59 80.59 -4.46
N ILE F 489 -35.80 81.34 -3.38
CA ILE F 489 -36.53 82.59 -3.44
C ILE F 489 -35.61 83.78 -3.20
N GLY F 490 -34.31 83.62 -3.40
CA GLY F 490 -33.39 84.74 -3.37
C GLY F 490 -33.14 85.32 -1.99
N ALA F 491 -33.58 86.56 -1.78
CA ALA F 491 -33.28 87.29 -0.56
C ALA F 491 -34.31 87.09 0.55
N SER F 492 -35.40 86.39 0.28
CA SER F 492 -36.42 86.14 1.28
C SER F 492 -36.27 84.74 1.88
N PHE F 493 -36.86 84.54 3.05
CA PHE F 493 -36.71 83.31 3.81
C PHE F 493 -38.06 82.79 4.25
N GLU F 494 -38.34 81.52 3.97
CA GLU F 494 -39.61 80.94 4.39
C GLU F 494 -39.44 79.60 5.10
N GLN F 495 -38.60 78.72 4.58
CA GLN F 495 -38.58 77.34 5.04
C GLN F 495 -37.52 77.14 6.13
N THR F 496 -37.65 76.02 6.84
CA THR F 496 -36.69 75.62 7.86
C THR F 496 -35.91 74.41 7.38
N LEU F 497 -34.75 74.20 7.98
CA LEU F 497 -33.89 73.09 7.61
C LEU F 497 -34.54 71.75 7.96
N ASP F 498 -34.39 70.78 7.08
CA ASP F 498 -34.94 69.45 7.36
C ASP F 498 -34.19 68.77 8.49
N TYR F 499 -32.88 68.96 8.57
CA TYR F 499 -32.07 68.31 9.59
C TYR F 499 -31.07 69.30 10.16
N ALA F 500 -30.79 69.15 11.45
CA ALA F 500 -29.80 69.98 12.13
C ALA F 500 -29.26 69.19 13.31
N TYR F 501 -27.94 69.17 13.45
CA TYR F 501 -27.27 68.44 14.51
C TYR F 501 -26.14 69.29 15.07
N LEU F 502 -25.79 69.00 16.31
CA LEU F 502 -24.55 69.49 16.89
C LEU F 502 -23.59 68.31 17.03
N SER F 503 -22.30 68.57 16.87
CA SER F 503 -21.32 67.51 16.85
C SER F 503 -20.06 67.95 17.57
N ASP F 504 -19.25 66.97 17.94
CA ASP F 504 -18.02 67.17 18.68
C ASP F 504 -16.85 67.31 17.71
N PRO F 505 -15.64 67.60 18.18
CA PRO F 505 -14.51 67.72 17.24
C PRO F 505 -14.26 66.51 16.37
N THR F 506 -14.54 65.29 16.84
CA THR F 506 -14.34 64.13 16.01
C THR F 506 -15.45 63.93 14.99
N PHE F 507 -16.50 64.75 15.04
CA PHE F 507 -17.62 64.69 14.10
C PHE F 507 -18.34 63.35 14.17
N LYS F 508 -18.32 62.71 15.34
CA LYS F 508 -19.03 61.45 15.55
C LYS F 508 -20.30 61.63 16.36
N ALA F 509 -20.33 62.56 17.30
CA ALA F 509 -21.52 62.79 18.11
C ALA F 509 -22.63 63.42 17.28
N ARG F 510 -23.86 63.06 17.59
CA ARG F 510 -25.04 63.58 16.91
C ARG F 510 -26.06 64.01 17.94
N TYR F 511 -26.29 65.31 18.06
CA TYR F 511 -27.28 65.86 18.98
C TYR F 511 -28.31 66.61 18.14
N ASP F 512 -29.47 65.99 17.96
CA ASP F 512 -30.48 66.51 17.05
C ASP F 512 -31.09 67.79 17.62
N VAL F 513 -31.03 68.88 16.84
CA VAL F 513 -31.57 70.17 17.26
C VAL F 513 -32.47 70.74 16.18
N THR F 514 -33.05 69.87 15.35
CA THR F 514 -33.90 70.34 14.26
C THR F 514 -35.09 71.14 14.79
N GLU F 515 -35.72 70.67 15.87
CA GLU F 515 -36.88 71.36 16.41
C GLU F 515 -36.54 72.74 16.93
N PHE F 516 -35.39 72.88 17.60
CA PHE F 516 -35.00 74.19 18.11
C PHE F 516 -34.75 75.17 16.97
N PHE F 517 -34.09 74.73 15.91
CA PHE F 517 -33.85 75.60 14.77
C PHE F 517 -35.15 75.97 14.06
N ALA F 518 -36.08 75.03 13.99
CA ALA F 518 -37.33 75.28 13.27
C ALA F 518 -38.30 76.14 14.07
N SER F 519 -38.29 76.05 15.39
CA SER F 519 -39.24 76.79 16.21
C SER F 519 -38.90 78.28 16.21
N SER F 520 -39.91 79.09 16.51
CA SER F 520 -39.69 80.51 16.68
C SER F 520 -38.80 80.76 17.90
N PRO F 521 -38.13 81.91 17.94
CA PRO F 521 -37.16 82.14 19.03
C PRO F 521 -37.76 82.03 20.43
N MET F 522 -39.02 82.40 20.60
CA MET F 522 -39.65 82.31 21.91
C MET F 522 -40.21 80.93 22.21
N THR F 523 -40.29 80.03 21.23
CA THR F 523 -40.75 78.68 21.49
C THR F 523 -39.63 77.81 22.04
N SER F 524 -38.51 77.75 21.35
CA SER F 524 -37.38 76.93 21.77
C SER F 524 -36.08 77.55 21.26
N ALA F 525 -35.02 77.35 22.02
CA ALA F 525 -33.69 77.81 21.64
C ALA F 525 -32.67 76.81 22.16
N ILE F 526 -31.47 76.85 21.56
CA ILE F 526 -30.43 75.91 21.91
C ILE F 526 -29.08 76.61 21.79
N GLY F 527 -28.19 76.33 22.74
CA GLY F 527 -26.84 76.85 22.66
C GLY F 527 -25.99 76.01 21.72
N VAL F 528 -25.18 76.67 20.91
CA VAL F 528 -24.41 76.01 19.88
C VAL F 528 -22.95 76.43 19.99
N LEU F 529 -22.07 75.59 19.44
CA LEU F 529 -20.64 75.86 19.40
C LEU F 529 -20.09 76.16 20.79
N GLU F 530 -20.36 75.24 21.72
CA GLU F 530 -19.99 75.45 23.11
C GLU F 530 -18.48 75.41 23.30
N ASN F 531 -17.78 74.55 22.58
CA ASN F 531 -16.35 74.38 22.73
C ASN F 531 -15.67 74.60 21.39
N GLN F 532 -14.35 74.80 21.45
CA GLN F 532 -13.57 74.94 20.24
C GLN F 532 -13.64 73.66 19.42
N ASN F 533 -13.71 73.82 18.10
CA ASN F 533 -13.77 72.73 17.13
C ASN F 533 -15.08 71.96 17.16
N ASP F 534 -16.12 72.51 17.77
CA ASP F 534 -17.44 71.92 17.67
C ASP F 534 -18.07 72.24 16.31
N TYR F 535 -19.15 71.52 15.99
CA TYR F 535 -19.76 71.59 14.68
C TYR F 535 -21.25 71.88 14.78
N ILE F 536 -21.78 72.44 13.69
CA ILE F 536 -23.21 72.49 13.41
C ILE F 536 -23.42 71.86 12.05
N LEU F 537 -24.14 70.75 12.01
CA LEU F 537 -24.43 70.04 10.77
C LEU F 537 -25.86 70.30 10.35
N ILE F 538 -26.06 70.75 9.13
CA ILE F 538 -27.39 71.10 8.63
C ILE F 538 -27.60 70.42 7.28
N GLY F 539 -28.84 69.99 7.03
CA GLY F 539 -29.17 69.30 5.81
C GLY F 539 -30.56 69.66 5.34
N ASN F 540 -30.77 69.56 4.03
CA ASN F 540 -32.05 69.91 3.44
C ASN F 540 -32.26 69.09 2.18
N GLN F 541 -33.52 68.79 1.88
CA GLN F 541 -33.84 67.98 0.72
C GLN F 541 -33.48 68.69 -0.58
N ALA F 542 -33.57 70.01 -0.61
CA ALA F 542 -33.26 70.83 -1.77
C ALA F 542 -32.10 71.76 -1.46
N PRO F 543 -31.36 72.19 -2.47
CA PRO F 543 -30.26 73.13 -2.21
C PRO F 543 -30.76 74.48 -1.73
N PHE F 544 -29.93 75.14 -0.93
CA PHE F 544 -30.23 76.45 -0.40
C PHE F 544 -28.96 77.28 -0.40
N THR F 545 -29.11 78.59 -0.60
CA THR F 545 -27.94 79.47 -0.70
C THR F 545 -27.92 80.57 0.34
N ALA F 546 -28.74 80.49 1.39
CA ALA F 546 -28.73 81.53 2.41
C ALA F 546 -29.36 81.00 3.68
N LEU F 547 -28.81 81.44 4.82
CA LEU F 547 -29.38 81.21 6.14
C LEU F 547 -29.76 82.56 6.74
N ASP F 548 -30.80 82.56 7.56
CA ASP F 548 -31.20 83.74 8.32
C ASP F 548 -31.36 83.32 9.78
N ILE F 549 -30.50 83.85 10.64
CA ILE F 549 -30.36 83.36 12.01
C ILE F 549 -30.80 84.44 12.99
N ASP F 550 -31.64 84.06 13.94
CA ASP F 550 -32.01 84.92 15.06
C ASP F 550 -31.41 84.33 16.33
N PHE F 551 -30.71 85.17 17.10
CA PHE F 551 -30.06 84.74 18.32
C PHE F 551 -30.85 85.21 19.53
N ASN F 552 -31.14 84.28 20.44
CA ASN F 552 -31.60 84.68 21.77
C ASN F 552 -30.46 85.21 22.61
N LEU F 553 -29.22 84.88 22.27
CA LEU F 553 -28.06 85.36 22.99
C LEU F 553 -26.87 85.27 22.04
N VAL F 554 -26.33 86.41 21.64
CA VAL F 554 -25.23 86.40 20.68
C VAL F 554 -23.94 85.96 21.37
N ALA F 555 -22.98 85.55 20.55
CA ALA F 555 -21.67 85.20 21.07
C ALA F 555 -20.93 86.45 21.54
N SER F 556 -20.16 86.31 22.61
CA SER F 556 -19.44 87.46 23.16
C SER F 556 -18.29 87.89 22.28
N SER F 557 -17.79 87.03 21.41
CA SER F 557 -16.71 87.38 20.51
C SER F 557 -16.81 86.49 19.27
N ASP F 558 -16.04 86.86 18.25
CA ASP F 558 -16.08 86.15 16.97
C ASP F 558 -15.74 84.68 17.16
N CYS F 559 -16.60 83.81 16.64
CA CYS F 559 -16.39 82.38 16.76
C CYS F 559 -15.44 81.83 15.71
N GLN F 560 -15.02 82.64 14.73
CA GLN F 560 -14.10 82.23 13.67
C GLN F 560 -14.65 80.99 12.95
N LEU F 561 -15.77 81.20 12.27
CA LEU F 561 -16.49 80.12 11.65
C LEU F 561 -15.78 79.61 10.40
N GLN F 562 -15.87 78.30 10.18
CA GLN F 562 -15.41 77.66 8.97
C GLN F 562 -16.56 76.88 8.35
N PHE F 563 -16.78 77.04 7.06
CA PHE F 563 -17.91 76.45 6.36
C PHE F 563 -17.44 75.39 5.38
N GLU F 564 -18.16 74.27 5.34
CA GLU F 564 -17.86 73.18 4.43
C GLU F 564 -19.15 72.59 3.88
N TYR F 565 -19.07 72.07 2.66
CA TYR F 565 -20.19 71.38 2.04
C TYR F 565 -19.75 70.00 1.59
N LEU F 566 -20.71 69.08 1.52
CA LEU F 566 -20.44 67.68 1.23
C LEU F 566 -20.79 67.39 -0.22
N ASP F 567 -19.80 66.95 -1.00
CA ASP F 567 -19.99 66.72 -2.43
C ASP F 567 -20.38 65.27 -2.69
N GLY F 568 -20.56 64.95 -3.98
CA GLY F 568 -21.05 63.64 -4.37
C GLY F 568 -20.09 62.50 -4.09
N ASN F 569 -18.82 62.79 -3.89
CA ASN F 569 -17.83 61.78 -3.53
C ASN F 569 -17.74 61.54 -2.03
N GLY F 570 -18.53 62.24 -1.24
CA GLY F 570 -18.42 62.14 0.21
C GLY F 570 -17.27 62.92 0.80
N PHE F 571 -16.86 64.00 0.14
CA PHE F 571 -15.72 64.80 0.56
C PHE F 571 -16.21 66.17 1.01
N TRP F 572 -15.74 66.60 2.17
CA TRP F 572 -16.10 67.91 2.72
C TRP F 572 -15.13 68.96 2.21
N ASP F 573 -15.64 69.99 1.56
CA ASP F 573 -14.82 71.02 0.95
C ASP F 573 -15.16 72.38 1.54
N VAL F 574 -14.12 73.17 1.83
CA VAL F 574 -14.31 74.48 2.44
C VAL F 574 -14.81 75.48 1.40
N PHE F 575 -15.72 76.36 1.81
CA PHE F 575 -16.14 77.47 0.99
C PHE F 575 -16.31 78.69 1.89
N THR F 576 -16.23 79.87 1.27
CA THR F 576 -16.27 81.12 2.02
C THR F 576 -17.55 81.89 1.70
N PRO F 577 -18.53 81.91 2.58
CA PRO F 577 -19.75 82.69 2.35
C PRO F 577 -19.56 84.12 2.82
N THR F 578 -20.58 84.94 2.55
CA THR F 578 -20.68 86.28 3.13
C THR F 578 -21.40 86.17 4.46
N ASP F 579 -20.66 86.33 5.55
CA ASP F 579 -21.17 86.12 6.90
C ASP F 579 -21.53 87.46 7.51
N ASN F 580 -22.81 87.79 7.50
CA ASN F 580 -23.28 89.04 8.07
C ASN F 580 -23.55 88.94 9.57
N THR F 581 -23.41 87.77 10.17
CA THR F 581 -23.45 87.63 11.61
C THR F 581 -22.10 87.88 12.26
N SER F 582 -21.04 88.00 11.46
CA SER F 582 -19.67 88.19 11.93
C SER F 582 -19.31 87.21 13.04
N GLY F 583 -19.37 85.93 12.70
CA GLY F 583 -19.10 84.87 13.66
C GLY F 583 -20.13 84.74 14.76
N PHE F 584 -21.42 84.81 14.41
CA PHE F 584 -22.52 84.63 15.35
C PHE F 584 -22.52 85.69 16.46
N THR F 585 -22.04 86.89 16.15
CA THR F 585 -22.04 87.98 17.11
C THR F 585 -23.25 88.91 16.97
N VAL F 586 -23.96 88.84 15.86
CA VAL F 586 -25.13 89.68 15.63
C VAL F 586 -26.10 88.93 14.74
N ASP F 587 -27.39 89.19 14.92
CA ASP F 587 -28.40 88.61 14.03
C ASP F 587 -28.14 89.06 12.59
N GLY F 588 -28.35 88.14 11.66
CA GLY F 588 -28.13 88.48 10.26
C GLY F 588 -28.20 87.23 9.40
N THR F 589 -27.82 87.41 8.15
CA THR F 589 -27.87 86.34 7.16
C THR F 589 -26.46 85.86 6.84
N ILE F 590 -26.40 84.64 6.31
CA ILE F 590 -25.18 84.08 5.73
C ILE F 590 -25.53 83.61 4.33
N THR F 591 -24.87 84.18 3.33
CA THR F 591 -25.23 83.93 1.95
C THR F 591 -24.03 83.42 1.17
N TRP F 592 -24.30 82.62 0.15
CA TRP F 592 -23.25 82.12 -0.73
C TRP F 592 -23.86 81.88 -2.11
N THR F 593 -23.00 81.72 -3.10
CA THR F 593 -23.41 81.49 -4.47
C THR F 593 -23.21 80.02 -4.83
N PHE F 594 -23.91 79.59 -5.89
CA PHE F 594 -23.79 78.21 -6.35
C PHE F 594 -22.39 77.89 -6.87
N ASP F 595 -21.60 78.90 -7.20
CA ASP F 595 -20.20 78.65 -7.58
C ASP F 595 -19.36 78.27 -6.36
N ASP F 596 -19.70 78.80 -5.18
CA ASP F 596 -18.99 78.39 -3.97
C ASP F 596 -19.23 76.93 -3.65
N VAL F 597 -20.38 76.39 -4.06
CA VAL F 597 -20.80 75.04 -3.71
C VAL F 597 -20.94 74.21 -4.98
N LEU F 598 -20.02 74.43 -5.93
CA LEU F 598 -20.14 73.84 -7.27
C LEU F 598 -20.39 72.34 -7.22
N ASN F 599 -19.68 71.62 -6.36
CA ASN F 599 -19.73 70.17 -6.33
C ASN F 599 -20.79 69.62 -5.39
N TRP F 600 -21.63 70.49 -4.82
CA TRP F 600 -22.66 70.06 -3.90
C TRP F 600 -23.57 69.03 -4.55
N ALA F 601 -23.88 67.97 -3.81
CA ALA F 601 -24.71 66.89 -4.32
C ALA F 601 -25.37 66.20 -3.14
N PRO F 602 -26.50 65.54 -3.36
CA PRO F 602 -27.15 64.79 -2.27
C PRO F 602 -26.24 63.66 -1.79
N TYR F 603 -26.27 63.42 -0.48
CA TYR F 603 -25.40 62.41 0.10
C TYR F 603 -26.01 61.94 1.42
N GLN F 604 -25.40 60.93 2.01
CA GLN F 604 -25.87 60.31 3.23
C GLN F 604 -24.94 60.64 4.39
N VAL F 605 -25.52 61.00 5.53
CA VAL F 605 -24.78 61.24 6.76
C VAL F 605 -25.52 60.52 7.88
N ASN F 606 -24.94 59.43 8.39
CA ASN F 606 -25.47 58.71 9.54
C ASN F 606 -26.92 58.29 9.32
N ALA F 607 -27.12 57.46 8.30
CA ALA F 607 -28.40 56.84 7.95
C ALA F 607 -29.44 57.83 7.45
N ILE F 608 -29.12 59.11 7.34
CA ILE F 608 -30.01 60.07 6.69
C ILE F 608 -29.53 60.24 5.25
N GLU F 609 -30.36 59.86 4.30
CA GLU F 609 -29.95 59.78 2.90
C GLU F 609 -30.51 60.93 2.08
N ASN F 610 -29.75 61.30 1.05
CA ASN F 610 -30.19 62.21 -0.01
C ASN F 610 -30.54 63.60 0.55
N GLN F 611 -29.55 64.24 1.15
CA GLN F 611 -29.68 65.61 1.61
C GLN F 611 -28.49 66.42 1.13
N TYR F 612 -28.68 67.73 1.05
CA TYR F 612 -27.59 68.67 0.80
C TYR F 612 -27.08 69.13 2.15
N TRP F 613 -25.84 68.78 2.48
CA TRP F 613 -25.29 68.96 3.81
C TRP F 613 -24.27 70.09 3.83
N ILE F 614 -24.28 70.86 4.92
CA ILE F 614 -23.28 71.86 5.21
C ILE F 614 -22.94 71.75 6.69
N ARG F 615 -21.67 71.90 7.04
CA ARG F 615 -21.29 71.93 8.44
C ARG F 615 -20.49 73.19 8.74
N ILE F 616 -20.69 73.71 9.95
CA ILE F 616 -20.06 74.94 10.42
C ILE F 616 -19.23 74.60 11.64
N LYS F 617 -17.97 75.00 11.64
CA LYS F 617 -17.01 74.63 12.67
C LYS F 617 -16.49 75.88 13.37
N ARG F 618 -16.54 75.88 14.69
CA ARG F 618 -15.98 76.98 15.47
C ARG F 618 -14.48 76.79 15.59
N LEU F 619 -13.70 77.79 15.18
CA LEU F 619 -12.26 77.72 15.32
C LEU F 619 -11.71 78.57 16.45
N ALA F 620 -12.50 79.50 16.98
CA ALA F 620 -12.02 80.39 18.02
C ALA F 620 -11.69 79.63 19.29
N GLU F 621 -10.53 79.93 19.87
CA GLU F 621 -10.09 79.21 21.07
C GLU F 621 -10.90 79.60 22.29
N THR F 622 -11.16 80.89 22.47
CA THR F 622 -11.80 81.38 23.67
C THR F 622 -12.95 82.31 23.30
N VAL F 623 -14.16 81.93 23.67
CA VAL F 623 -15.31 82.83 23.69
C VAL F 623 -15.95 82.70 25.07
N ASN F 624 -16.25 83.84 25.68
CA ASN F 624 -16.77 83.82 27.05
C ASN F 624 -18.19 83.32 27.09
N THR F 625 -19.03 83.74 26.16
CA THR F 625 -20.44 83.37 26.11
C THR F 625 -20.74 82.75 24.75
N ALA F 626 -21.08 81.47 24.75
CA ALA F 626 -21.44 80.80 23.52
C ALA F 626 -22.80 81.29 23.02
N PRO F 627 -22.99 81.36 21.71
CA PRO F 627 -24.27 81.85 21.18
C PRO F 627 -25.40 80.87 21.44
N VAL F 628 -26.61 81.41 21.51
CA VAL F 628 -27.84 80.63 21.63
C VAL F 628 -28.73 81.00 20.46
N ILE F 629 -29.10 80.00 19.65
CA ILE F 629 -29.84 80.21 18.43
C ILE F 629 -31.33 80.02 18.71
N GLY F 630 -32.13 80.98 18.27
CA GLY F 630 -33.57 80.90 18.42
C GLY F 630 -34.28 80.30 17.23
N GLN F 631 -33.87 80.66 16.02
CA GLN F 631 -34.50 80.14 14.82
C GLN F 631 -33.57 80.32 13.62
N VAL F 632 -33.62 79.36 12.71
CA VAL F 632 -32.88 79.41 11.46
C VAL F 632 -33.85 79.19 10.31
N LEU F 633 -33.83 80.07 9.32
CA LEU F 633 -34.63 79.95 8.12
C LEU F 633 -33.70 79.89 6.91
N ILE F 634 -34.19 79.30 5.83
CA ILE F 634 -33.44 79.21 4.59
C ILE F 634 -34.25 79.90 3.49
N ASN F 635 -33.55 80.24 2.41
CA ASN F 635 -34.15 81.03 1.33
C ASN F 635 -34.80 80.12 0.28
N THR F 636 -35.73 79.30 0.75
CA THR F 636 -36.54 78.47 -0.14
C THR F 636 -38.00 78.62 0.23
N GLY F 637 -38.87 78.41 -0.75
CA GLY F 637 -40.30 78.51 -0.54
C GLY F 637 -41.04 77.38 -1.22
N ASN F 638 -42.21 77.07 -0.68
CA ASN F 638 -43.01 75.96 -1.17
C ASN F 638 -43.85 76.37 -2.37
N ARG F 639 -43.96 75.44 -3.33
CA ARG F 639 -44.82 75.62 -4.49
C ARG F 639 -45.51 74.29 -4.76
N ILE F 640 -46.65 74.36 -5.45
CA ILE F 640 -47.42 73.18 -5.81
C ILE F 640 -47.53 73.12 -7.32
N TYR F 641 -47.13 72.00 -7.90
CA TYR F 641 -47.05 71.83 -9.35
C TYR F 641 -47.98 70.72 -9.81
N LEU F 642 -48.42 70.83 -11.06
CA LEU F 642 -49.06 69.74 -11.76
C LEU F 642 -48.07 69.16 -12.77
N GLU F 643 -47.86 67.86 -12.71
CA GLU F 643 -46.90 67.18 -13.58
C GLU F 643 -47.54 65.93 -14.15
N ARG F 644 -47.12 65.57 -15.36
CA ARG F 644 -47.62 64.39 -16.04
C ARG F 644 -46.55 63.31 -16.04
N GLN F 645 -46.91 62.10 -15.62
CA GLN F 645 -45.96 61.00 -15.58
C GLN F 645 -45.82 60.37 -16.96
N SER F 646 -44.59 59.99 -17.30
CA SER F 646 -44.29 59.43 -18.61
C SER F 646 -43.17 58.42 -18.48
N PHE F 647 -43.29 57.31 -19.20
CA PHE F 647 -42.23 56.32 -19.25
C PHE F 647 -41.13 56.67 -20.25
N ASP F 648 -41.28 57.76 -20.99
CA ASP F 648 -40.22 58.25 -21.86
C ASP F 648 -39.30 59.23 -21.15
N GLU F 649 -39.61 59.61 -19.92
CA GLU F 649 -38.79 60.52 -19.15
C GLU F 649 -38.05 59.75 -18.06
N TYR F 650 -36.82 60.16 -17.79
CA TYR F 650 -36.04 59.56 -16.72
C TYR F 650 -35.66 60.58 -15.66
N MET F 651 -36.26 61.76 -15.69
CA MET F 651 -36.06 62.79 -14.70
C MET F 651 -37.42 63.33 -14.27
N ASP F 652 -37.42 64.10 -13.19
CA ASP F 652 -38.64 64.69 -12.64
C ASP F 652 -38.78 66.13 -13.08
N SER F 653 -40.03 66.54 -13.27
CA SER F 653 -40.38 67.94 -13.55
C SER F 653 -39.63 68.46 -14.77
N THR F 654 -39.55 67.64 -15.81
CA THR F 654 -38.71 67.96 -16.95
C THR F 654 -39.30 69.08 -17.80
N GLN F 655 -38.45 69.68 -18.61
CA GLN F 655 -38.84 70.71 -19.56
C GLN F 655 -37.87 70.68 -20.72
N ILE F 656 -38.37 70.92 -21.92
CA ILE F 656 -37.54 70.95 -23.12
C ILE F 656 -37.04 72.37 -23.33
N VAL F 657 -35.73 72.53 -23.44
CA VAL F 657 -35.09 73.83 -23.56
C VAL F 657 -34.08 73.77 -24.71
N THR F 658 -33.56 74.95 -25.06
CA THR F 658 -32.52 75.08 -26.06
C THR F 658 -31.41 75.98 -25.51
N SER F 659 -30.17 75.54 -25.63
CA SER F 659 -29.03 76.32 -25.18
C SER F 659 -28.52 77.20 -26.30
N ASP F 660 -27.90 78.33 -25.92
CA ASP F 660 -27.37 79.26 -26.89
C ASP F 660 -25.90 78.92 -27.17
N SER F 661 -25.19 79.83 -27.85
CA SER F 661 -23.81 79.58 -28.23
C SER F 661 -22.87 79.48 -27.03
N ASN F 662 -23.28 79.99 -25.87
CA ASN F 662 -22.49 79.86 -24.65
C ASN F 662 -22.97 78.73 -23.75
N GLY F 663 -24.00 77.98 -24.15
CA GLY F 663 -24.57 76.97 -23.31
C GLY F 663 -25.57 77.47 -22.30
N LEU F 664 -25.92 78.74 -22.34
CA LEU F 664 -26.88 79.31 -21.39
C LEU F 664 -28.29 78.85 -21.70
N VAL F 665 -29.03 78.49 -20.66
CA VAL F 665 -30.40 78.00 -20.76
C VAL F 665 -31.27 78.84 -19.83
N THR F 666 -32.38 79.34 -20.34
CA THR F 666 -33.28 80.20 -19.58
C THR F 666 -34.67 79.58 -19.49
N GLY F 667 -35.54 80.24 -18.72
CA GLY F 667 -36.91 79.81 -18.61
C GLY F 667 -37.16 78.64 -17.69
N LEU F 668 -36.25 78.37 -16.75
CA LEU F 668 -36.38 77.26 -15.82
C LEU F 668 -36.82 77.73 -14.44
N THR F 669 -37.74 78.70 -14.39
CA THR F 669 -38.10 79.32 -13.12
C THR F 669 -38.70 78.31 -12.15
N HIS F 670 -39.47 77.35 -12.64
CA HIS F 670 -40.04 76.36 -11.73
C HIS F 670 -38.99 75.45 -11.11
N LEU F 671 -37.76 75.46 -11.64
CA LEU F 671 -36.66 74.68 -11.09
C LEU F 671 -35.60 75.57 -10.45
N ALA F 672 -35.94 76.80 -10.09
CA ALA F 672 -34.95 77.73 -9.56
C ALA F 672 -34.34 77.18 -8.27
N GLY F 673 -33.01 77.21 -8.21
CA GLY F 673 -32.29 76.73 -7.06
C GLY F 673 -32.04 75.24 -6.99
N GLN F 674 -32.51 74.47 -7.97
CA GLN F 674 -32.38 73.03 -7.95
C GLN F 674 -31.20 72.59 -8.79
N GLN F 675 -30.72 71.38 -8.52
CA GLN F 675 -29.70 70.73 -9.33
C GLN F 675 -30.38 69.88 -10.38
N VAL F 676 -30.04 70.11 -11.65
CA VAL F 676 -30.73 69.47 -12.76
C VAL F 676 -29.70 68.79 -13.65
N TYR F 677 -30.16 67.77 -14.37
CA TYR F 677 -29.39 67.08 -15.40
C TYR F 677 -29.94 67.43 -16.77
N ALA F 678 -29.10 67.26 -17.79
CA ALA F 678 -29.47 67.53 -19.17
C ALA F 678 -29.29 66.27 -19.99
N ILE F 679 -30.30 65.92 -20.78
CA ILE F 679 -30.28 64.75 -21.63
C ILE F 679 -30.53 65.19 -23.07
N THR F 680 -29.63 64.78 -23.97
CA THR F 680 -29.76 65.15 -25.37
C THR F 680 -30.88 64.34 -26.04
N GLU F 681 -31.23 64.75 -27.25
CA GLU F 681 -32.25 64.04 -28.00
C GLU F 681 -31.81 62.62 -28.35
N ASP F 682 -30.51 62.40 -28.51
CA ASP F 682 -30.02 61.05 -28.79
C ASP F 682 -30.06 60.14 -27.58
N GLY F 683 -30.29 60.68 -26.39
CA GLY F 683 -30.39 59.85 -25.20
C GLY F 683 -29.09 59.71 -24.44
N ALA F 684 -28.32 60.79 -24.35
CA ALA F 684 -27.10 60.81 -23.56
C ALA F 684 -27.20 61.88 -22.49
N THR F 685 -26.96 61.50 -21.24
CA THR F 685 -26.97 62.45 -20.13
C THR F 685 -25.61 63.12 -20.06
N ILE F 686 -25.57 64.44 -20.28
CA ILE F 686 -24.31 65.13 -20.46
C ILE F 686 -23.77 65.77 -19.19
N GLY F 687 -24.54 65.79 -18.12
CA GLY F 687 -24.04 66.28 -16.85
C GLY F 687 -25.11 67.02 -16.10
N SER F 688 -24.70 67.61 -14.97
CA SER F 688 -25.60 68.32 -14.07
C SER F 688 -25.10 69.73 -13.84
N SER F 689 -26.01 70.58 -13.40
CA SER F 689 -25.70 71.97 -13.10
C SER F 689 -26.79 72.52 -12.19
N PHE F 690 -26.53 73.68 -11.62
CA PHE F 690 -27.48 74.35 -10.75
C PHE F 690 -28.22 75.44 -11.51
N VAL F 691 -29.52 75.49 -11.33
CA VAL F 691 -30.34 76.61 -11.79
C VAL F 691 -30.31 77.69 -10.73
N ASP F 692 -29.99 78.92 -11.12
CA ASP F 692 -29.94 79.99 -10.13
C ASP F 692 -31.35 80.47 -9.82
N ALA F 693 -31.43 81.53 -8.98
CA ALA F 693 -32.73 82.02 -8.54
C ALA F 693 -33.54 82.66 -9.67
N SER F 694 -32.90 83.00 -10.78
CA SER F 694 -33.60 83.62 -11.91
C SER F 694 -34.01 82.62 -12.98
N GLY F 695 -33.78 81.32 -12.76
CA GLY F 695 -34.18 80.32 -13.72
C GLY F 695 -33.21 80.09 -14.85
N GLU F 696 -31.94 80.42 -14.67
CA GLU F 696 -30.92 80.25 -15.70
C GLU F 696 -29.87 79.26 -15.23
N THR F 697 -29.29 78.54 -16.19
CA THR F 697 -28.23 77.58 -15.91
C THR F 697 -27.38 77.44 -17.17
N SER F 698 -26.20 76.84 -17.00
CA SER F 698 -25.28 76.60 -18.10
C SER F 698 -25.08 75.11 -18.28
N VAL F 699 -25.16 74.65 -19.52
CA VAL F 699 -24.95 73.24 -19.84
C VAL F 699 -23.69 73.12 -20.69
N LYS F 700 -23.21 71.88 -20.82
CA LYS F 700 -21.97 71.66 -21.58
C LYS F 700 -22.20 71.82 -23.07
N ASN F 701 -23.28 71.25 -23.60
CA ASN F 701 -23.54 71.34 -25.03
C ASN F 701 -24.14 72.68 -25.38
N VAL F 702 -23.63 73.30 -26.44
CA VAL F 702 -24.09 74.61 -26.89
C VAL F 702 -24.92 74.43 -28.16
N ASN F 703 -25.87 75.35 -28.35
CA ASN F 703 -26.74 75.33 -29.52
C ASN F 703 -27.46 74.00 -29.68
N THR F 704 -27.89 73.42 -28.55
CA THR F 704 -28.45 72.09 -28.50
C THR F 704 -29.84 72.13 -27.88
N THR F 705 -30.76 71.33 -28.41
CA THR F 705 -32.03 71.10 -27.76
C THR F 705 -31.88 69.99 -26.73
N LEU F 706 -32.33 70.25 -25.51
CA LEU F 706 -32.10 69.34 -24.39
C LEU F 706 -33.37 69.17 -23.59
N THR F 707 -33.42 68.09 -22.82
CA THR F 707 -34.40 67.89 -21.77
C THR F 707 -33.71 68.09 -20.44
N VAL F 708 -34.31 68.91 -19.57
CA VAL F 708 -33.72 69.29 -18.30
C VAL F 708 -34.68 68.91 -17.18
N GLY F 709 -34.16 68.22 -16.17
CA GLY F 709 -35.00 67.80 -15.06
C GLY F 709 -34.14 67.36 -13.90
N MET F 710 -34.81 66.88 -12.85
CA MET F 710 -34.15 66.48 -11.62
C MET F 710 -34.02 64.97 -11.54
N GLN F 711 -32.94 64.51 -10.90
CA GLN F 711 -32.70 63.09 -10.75
C GLN F 711 -33.49 62.52 -9.59
N TYR F 712 -34.13 61.38 -9.81
CA TYR F 712 -34.62 60.51 -8.74
C TYR F 712 -33.86 59.20 -8.87
N LYS F 713 -33.19 58.79 -7.81
CA LYS F 713 -32.18 57.74 -7.91
C LYS F 713 -32.82 56.38 -7.68
N PRO F 714 -32.82 55.49 -8.66
CA PRO F 714 -33.33 54.14 -8.43
C PRO F 714 -32.38 53.34 -7.55
N GLU F 715 -32.96 52.43 -6.77
CA GLU F 715 -32.16 51.58 -5.90
C GLU F 715 -32.82 50.21 -5.83
N LEU F 716 -32.03 49.17 -6.03
CA LEU F 716 -32.50 47.79 -5.98
C LEU F 716 -31.60 47.00 -5.05
N ILE F 717 -32.15 46.52 -3.95
CA ILE F 717 -31.42 45.65 -3.04
C ILE F 717 -32.09 44.29 -3.03
N PRO F 718 -31.47 43.25 -3.56
CA PRO F 718 -32.13 41.94 -3.62
C PRO F 718 -32.35 41.35 -2.23
N MET F 719 -33.08 40.24 -2.21
CA MET F 719 -33.35 39.53 -0.98
C MET F 719 -32.07 38.92 -0.42
N PRO F 720 -32.04 38.58 0.86
CA PRO F 720 -30.85 37.94 1.43
C PRO F 720 -30.54 36.64 0.69
N LEU F 721 -29.24 36.32 0.65
CA LEU F 721 -28.79 35.10 -0.01
C LEU F 721 -29.51 33.89 0.55
N TYR F 722 -30.05 33.06 -0.33
CA TYR F 722 -30.75 31.84 0.08
C TYR F 722 -30.19 30.69 -0.75
N ALA F 723 -29.34 29.87 -0.13
CA ALA F 723 -28.70 28.74 -0.80
C ALA F 723 -28.77 27.52 0.09
N PRO F 724 -29.93 26.86 0.15
CA PRO F 724 -30.06 25.67 0.99
C PRO F 724 -29.11 24.56 0.54
N THR F 725 -28.51 23.88 1.51
CA THR F 725 -27.55 22.82 1.26
C THR F 725 -28.10 21.50 1.80
N GLN F 726 -27.24 20.48 1.85
CA GLN F 726 -27.64 19.20 2.43
C GLN F 726 -27.85 19.32 3.93
N MET F 727 -27.00 20.10 4.60
CA MET F 727 -27.11 20.26 6.05
C MET F 727 -28.45 20.86 6.48
N GLY F 728 -29.14 21.53 5.58
CA GLY F 728 -30.41 22.15 5.87
C GLY F 728 -30.46 23.52 5.24
N ASP F 729 -31.46 24.31 5.63
CA ASP F 729 -31.51 25.68 5.17
C ASP F 729 -30.33 26.45 5.74
N SER F 730 -29.70 27.27 4.91
CA SER F 730 -28.53 28.03 5.32
C SER F 730 -28.90 29.47 5.63
N LEU F 731 -30.08 29.67 6.22
CA LEU F 731 -30.60 31.01 6.42
C LEU F 731 -29.70 31.86 7.30
N TYR F 732 -28.97 31.24 8.21
CA TYR F 732 -28.11 31.96 9.14
C TYR F 732 -26.64 31.57 9.02
N ALA F 733 -26.28 30.77 8.02
CA ALA F 733 -24.89 30.39 7.85
C ALA F 733 -24.06 31.55 7.33
N GLU F 734 -22.78 31.56 7.69
CA GLU F 734 -21.84 32.51 7.11
C GLU F 734 -21.73 32.26 5.61
N LYS F 735 -21.85 33.33 4.83
CA LYS F 735 -21.80 33.25 3.37
C LYS F 735 -20.89 34.33 2.82
N TYR F 736 -20.23 34.01 1.71
CA TYR F 736 -19.40 34.98 1.01
C TYR F 736 -19.72 34.91 -0.48
N VAL F 737 -19.91 36.06 -1.11
CA VAL F 737 -20.25 36.13 -2.52
C VAL F 737 -18.97 36.30 -3.33
N GLN F 738 -18.56 35.26 -4.03
CA GLN F 738 -17.39 35.36 -4.89
C GLN F 738 -17.71 36.15 -6.17
N ASP F 739 -18.86 35.87 -6.78
CA ASP F 739 -19.22 36.49 -8.04
C ASP F 739 -20.65 37.01 -7.97
N LEU F 740 -20.85 38.21 -8.49
CA LEU F 740 -22.17 38.84 -8.59
C LEU F 740 -22.46 39.11 -10.05
N TYR F 741 -23.56 38.58 -10.55
CA TYR F 741 -23.96 38.74 -11.94
C TYR F 741 -25.13 39.71 -12.00
N VAL F 742 -24.97 40.78 -12.76
CA VAL F 742 -26.04 41.75 -12.99
C VAL F 742 -26.54 41.58 -14.41
N ASP F 743 -27.80 41.20 -14.54
CA ASP F 743 -28.43 40.88 -15.81
C ASP F 743 -29.34 42.04 -16.17
N TYR F 744 -29.06 42.74 -17.26
CA TYR F 744 -29.75 43.97 -17.58
C TYR F 744 -30.16 44.04 -19.04
N VAL F 745 -31.16 44.88 -19.30
CA VAL F 745 -31.71 45.10 -20.63
C VAL F 745 -31.92 46.60 -20.81
N ASP F 746 -31.42 47.15 -21.90
CA ASP F 746 -31.64 48.54 -22.28
C ASP F 746 -31.36 49.49 -21.12
N SER F 747 -30.12 49.51 -20.67
CA SER F 747 -29.73 50.25 -19.48
C SER F 747 -28.50 51.10 -19.77
N LEU F 748 -28.35 52.16 -18.97
CA LEU F 748 -27.18 53.02 -19.02
C LEU F 748 -26.81 53.43 -17.61
N TYR F 749 -25.52 53.71 -17.41
CA TYR F 749 -25.00 54.33 -16.19
C TYR F 749 -25.25 53.47 -14.95
N LEU F 750 -25.15 52.16 -15.11
CA LEU F 750 -25.37 51.26 -13.99
C LEU F 750 -24.14 51.17 -13.10
N GLN F 751 -24.36 50.94 -11.81
CA GLN F 751 -23.29 50.57 -10.90
C GLN F 751 -23.85 49.63 -9.86
N ALA F 752 -23.00 48.74 -9.36
CA ALA F 752 -23.45 47.67 -8.48
C ALA F 752 -22.34 47.24 -7.55
N GLY F 753 -22.73 46.58 -6.47
CA GLY F 753 -21.76 45.98 -5.58
C GLY F 753 -22.09 46.08 -4.11
N PHE F 754 -21.05 46.06 -3.29
CA PHE F 754 -21.15 46.10 -1.84
C PHE F 754 -20.64 47.45 -1.37
N ARG F 755 -21.46 48.18 -0.62
CA ARG F 755 -21.08 49.53 -0.22
C ARG F 755 -19.93 49.49 0.77
N PRO F 756 -19.08 50.53 0.79
CA PRO F 756 -19.15 51.77 0.00
C PRO F 756 -18.52 51.69 -1.38
N GLN F 757 -17.63 50.76 -1.67
CA GLN F 757 -16.90 50.75 -2.94
C GLN F 757 -17.68 49.90 -3.94
N LEU F 758 -18.36 50.57 -4.87
CA LEU F 758 -19.13 49.91 -5.91
C LEU F 758 -18.30 49.83 -7.19
N THR F 759 -18.87 49.16 -8.19
CA THR F 759 -18.24 49.00 -9.50
C THR F 759 -19.17 49.55 -10.56
N ASP F 760 -18.63 50.34 -11.47
CA ASP F 760 -19.40 50.88 -12.57
C ASP F 760 -19.45 49.87 -13.71
N ILE F 761 -20.62 49.78 -14.35
CA ILE F 761 -20.82 48.87 -15.48
C ILE F 761 -20.63 49.67 -16.76
N PRO F 762 -19.59 49.41 -17.55
CA PRO F 762 -19.32 50.24 -18.72
C PRO F 762 -20.40 50.15 -19.77
N ASN F 763 -20.59 51.25 -20.50
CA ASN F 763 -21.49 51.28 -21.64
C ASN F 763 -20.82 52.01 -22.81
N MET F 764 -19.60 51.64 -23.13
CA MET F 764 -18.93 52.15 -24.32
C MET F 764 -17.91 51.14 -24.80
N HIS F 765 -17.98 50.77 -26.07
CA HIS F 765 -17.10 49.76 -26.65
C HIS F 765 -15.91 50.46 -27.31
N LEU F 766 -14.79 50.48 -26.61
CA LEU F 766 -13.56 50.98 -27.19
C LEU F 766 -13.13 50.07 -28.33
N GLY F 767 -13.04 50.62 -29.54
CA GLY F 767 -12.74 49.86 -30.74
C GLY F 767 -13.79 49.97 -31.81
N ASN F 768 -15.06 50.10 -31.42
CA ASN F 768 -16.13 50.42 -32.35
C ASN F 768 -17.08 51.43 -31.70
N TYR F 769 -16.51 52.55 -31.26
CA TYR F 769 -17.28 53.73 -30.89
C TYR F 769 -16.79 54.90 -31.71
N THR F 770 -17.70 55.63 -32.33
CA THR F 770 -17.35 56.81 -33.11
C THR F 770 -17.65 58.05 -32.30
N LEU F 771 -16.65 58.91 -32.15
CA LEU F 771 -16.77 60.07 -31.29
C LEU F 771 -17.92 60.95 -31.73
N GLY F 772 -18.68 61.45 -30.77
CA GLY F 772 -19.82 62.28 -31.02
C GLY F 772 -21.15 61.55 -31.05
N GLN F 773 -21.12 60.23 -31.14
CA GLN F 773 -22.34 59.44 -31.16
C GLN F 773 -22.74 59.06 -29.74
N SER F 774 -24.03 58.77 -29.57
CA SER F 774 -24.55 58.33 -28.28
C SER F 774 -24.76 56.82 -28.33
N VAL F 775 -24.11 56.11 -27.42
CA VAL F 775 -24.30 54.66 -27.43
C VAL F 775 -25.74 54.35 -27.03
N PRO F 776 -26.42 53.42 -27.71
CA PRO F 776 -27.78 53.09 -27.33
C PRO F 776 -27.82 52.35 -26.01
N PRO F 777 -28.97 52.29 -25.35
CA PRO F 777 -29.07 51.49 -24.13
C PRO F 777 -28.65 50.05 -24.36
N GLN F 778 -27.91 49.50 -23.41
CA GLN F 778 -27.17 48.26 -23.59
C GLN F 778 -27.85 47.09 -22.91
N THR F 779 -27.62 45.90 -23.46
CA THR F 779 -28.16 44.65 -22.93
C THR F 779 -27.00 43.68 -22.73
N GLY F 780 -27.01 42.99 -21.59
CA GLY F 780 -25.99 41.99 -21.36
C GLY F 780 -25.93 41.62 -19.89
N ILE F 781 -24.86 40.90 -19.56
CA ILE F 781 -24.58 40.44 -18.20
C ILE F 781 -23.19 40.93 -17.83
N TYR F 782 -23.07 41.55 -16.66
CA TYR F 782 -21.78 41.99 -16.16
C TYR F 782 -21.47 41.25 -14.86
N ARG F 783 -20.25 40.77 -14.73
CA ARG F 783 -19.81 39.98 -13.59
C ARG F 783 -18.87 40.81 -12.73
N ILE F 784 -19.12 40.81 -11.43
CA ILE F 784 -18.43 41.67 -10.48
C ILE F 784 -18.01 40.84 -9.28
N CYS F 785 -16.82 41.11 -8.75
CA CYS F 785 -16.47 40.60 -7.44
C CYS F 785 -16.75 41.70 -6.43
N PRO F 786 -17.79 41.57 -5.61
CA PRO F 786 -18.20 42.71 -4.76
C PRO F 786 -17.29 42.96 -3.58
N ARG F 787 -16.50 41.97 -3.16
CA ARG F 787 -15.64 42.10 -1.98
C ARG F 787 -16.45 42.46 -0.74
N GLY F 788 -17.51 41.70 -0.50
CA GLY F 788 -18.33 41.87 0.68
C GLY F 788 -17.79 41.10 1.87
N ASP F 789 -18.62 41.03 2.90
CA ASP F 789 -18.25 40.36 4.14
C ASP F 789 -18.82 38.94 4.20
N TRP F 790 -18.80 38.34 5.39
CA TRP F 790 -19.28 36.99 5.59
C TRP F 790 -20.59 36.93 6.37
N GLU F 791 -21.29 38.06 6.48
CA GLU F 791 -22.53 38.10 7.26
C GLU F 791 -23.66 37.42 6.52
N PRO F 792 -24.55 36.71 7.23
CA PRO F 792 -25.68 36.07 6.55
C PRO F 792 -26.63 37.05 5.86
N ARG F 793 -26.78 38.25 6.38
CA ARG F 793 -27.63 39.25 5.74
C ARG F 793 -26.79 40.46 5.35
N GLN F 794 -26.07 40.31 4.25
CA GLN F 794 -25.31 41.40 3.65
C GLN F 794 -26.08 41.93 2.45
N GLU F 795 -25.94 43.23 2.21
CA GLU F 795 -26.72 43.91 1.19
C GLU F 795 -25.85 44.21 -0.02
N PHE F 796 -26.36 43.89 -1.20
CA PHE F 796 -25.77 44.28 -2.46
C PHE F 796 -26.73 45.23 -3.16
N VAL F 797 -26.20 46.32 -3.71
CA VAL F 797 -27.01 47.39 -4.27
C VAL F 797 -26.78 47.44 -5.78
N ILE F 798 -27.87 47.63 -6.51
CA ILE F 798 -27.82 47.98 -7.93
C ILE F 798 -28.50 49.32 -8.09
N THR F 799 -27.75 50.32 -8.56
CA THR F 799 -28.24 51.68 -8.63
C THR F 799 -27.73 52.30 -9.93
N GLN F 800 -27.94 53.60 -10.09
CA GLN F 800 -27.62 54.32 -11.31
C GLN F 800 -26.87 55.59 -10.94
N SER F 801 -25.78 55.87 -11.65
CA SER F 801 -24.97 57.04 -11.31
C SER F 801 -25.59 58.34 -11.82
N GLN F 802 -26.30 58.32 -12.94
CA GLN F 802 -26.96 59.50 -13.46
C GLN F 802 -28.20 59.07 -14.23
N PRO F 803 -29.15 59.97 -14.43
CA PRO F 803 -30.44 59.56 -14.99
C PRO F 803 -30.31 58.91 -16.36
N GLY F 804 -31.15 57.92 -16.61
CA GLY F 804 -31.17 57.21 -17.86
C GLY F 804 -32.03 55.97 -17.78
N PRO F 805 -32.17 55.24 -18.88
CA PRO F 805 -32.93 53.99 -18.84
C PRO F 805 -32.25 52.93 -17.98
N MET F 806 -33.08 52.07 -17.37
CA MET F 806 -32.56 51.04 -16.48
C MET F 806 -33.59 49.93 -16.35
N THR F 807 -33.20 48.71 -16.69
CA THR F 807 -34.05 47.54 -16.49
C THR F 807 -33.16 46.39 -16.04
N ILE F 808 -33.39 45.88 -14.85
CA ILE F 808 -32.63 44.78 -14.27
C ILE F 808 -33.51 43.55 -14.27
N ILE F 809 -33.13 42.54 -15.05
CA ILE F 809 -33.96 41.35 -15.19
C ILE F 809 -33.60 40.25 -14.21
N GLY F 810 -32.48 40.36 -13.51
CA GLY F 810 -32.11 39.35 -12.56
C GLY F 810 -30.74 39.61 -11.97
N VAL F 811 -30.48 38.93 -10.87
CA VAL F 811 -29.20 38.98 -10.18
C VAL F 811 -28.77 37.57 -9.85
N GLY F 812 -27.53 37.22 -10.17
CA GLY F 812 -27.00 35.92 -9.85
C GLY F 812 -25.84 35.98 -8.88
N TYR F 813 -25.54 34.87 -8.21
CA TYR F 813 -24.41 34.82 -7.29
C TYR F 813 -23.71 33.48 -7.38
N ASN F 814 -22.42 33.49 -7.10
CA ASN F 814 -21.66 32.29 -6.72
C ASN F 814 -21.30 32.47 -5.26
N VAL F 815 -21.91 31.69 -4.38
CA VAL F 815 -21.81 31.89 -2.94
C VAL F 815 -21.04 30.73 -2.33
N GLU F 816 -20.03 31.04 -1.53
CA GLU F 816 -19.36 30.07 -0.68
C GLU F 816 -20.15 29.99 0.63
N VAL F 817 -20.86 28.90 0.83
CA VAL F 817 -21.72 28.72 1.99
C VAL F 817 -20.90 27.93 3.02
N ALA F 818 -20.44 28.62 4.05
CA ALA F 818 -19.67 28.00 5.11
C ALA F 818 -20.59 27.44 6.19
N PRO G 2 -18.18 18.36 -16.71
CA PRO G 2 -19.48 17.72 -16.59
C PRO G 2 -20.35 17.99 -17.80
N ILE G 3 -20.49 17.01 -18.68
CA ILE G 3 -21.30 17.16 -19.89
C ILE G 3 -22.75 16.85 -19.54
N ARG G 4 -23.63 17.76 -19.94
CA ARG G 4 -25.07 17.58 -19.78
C ARG G 4 -25.74 17.66 -21.14
N SER G 5 -26.71 16.80 -21.37
CA SER G 5 -27.47 16.80 -22.61
C SER G 5 -28.83 17.44 -22.35
N ILE G 6 -29.12 18.51 -23.08
CA ILE G 6 -30.34 19.29 -22.90
C ILE G 6 -31.02 19.42 -24.25
N SER G 7 -32.27 19.91 -24.22
CA SER G 7 -33.10 19.95 -25.40
C SER G 7 -34.03 21.15 -25.33
N ASN G 8 -34.55 21.55 -26.48
CA ASN G 8 -35.33 22.77 -26.61
C ASN G 8 -36.37 22.60 -27.70
N THR G 9 -37.63 22.90 -27.40
CA THR G 9 -38.69 22.99 -28.38
C THR G 9 -39.28 24.40 -28.34
N PHE G 10 -40.22 24.68 -29.23
CA PHE G 10 -40.61 26.06 -29.52
C PHE G 10 -42.11 26.26 -29.43
N ASN G 11 -42.71 25.70 -28.39
CA ASN G 11 -44.16 25.74 -28.24
C ASN G 11 -44.65 27.13 -27.83
N ARG G 12 -43.82 27.91 -27.15
CA ARG G 12 -44.21 29.21 -26.64
C ARG G 12 -43.73 30.38 -27.49
N GLY G 13 -43.15 30.09 -28.66
CA GLY G 13 -42.79 31.17 -29.56
C GLY G 13 -41.60 31.99 -29.06
N GLU G 14 -41.54 33.24 -29.53
CA GLU G 14 -40.44 34.12 -29.19
C GLU G 14 -40.69 34.79 -27.84
N LEU G 15 -39.70 34.72 -26.95
CA LEU G 15 -39.84 35.19 -25.59
C LEU G 15 -39.14 36.53 -25.41
N ASP G 16 -39.73 37.39 -24.60
CA ASP G 16 -39.18 38.71 -24.34
C ASP G 16 -37.84 38.58 -23.62
N PRO G 17 -36.86 39.41 -23.94
CA PRO G 17 -35.54 39.30 -23.28
C PRO G 17 -35.58 39.50 -21.78
N THR G 18 -36.63 40.12 -21.23
CA THR G 18 -36.72 40.30 -19.79
C THR G 18 -37.14 39.03 -19.06
N LEU G 19 -37.37 37.94 -19.77
CA LEU G 19 -37.72 36.66 -19.17
C LEU G 19 -36.52 35.73 -19.03
N PHE G 20 -35.33 36.15 -19.42
CA PHE G 20 -34.21 35.23 -19.56
C PHE G 20 -33.60 34.81 -18.23
N ALA G 21 -34.04 35.37 -17.11
CA ALA G 21 -33.64 34.89 -15.81
C ALA G 21 -34.73 34.06 -15.13
N ARG G 22 -35.82 33.78 -15.83
CA ARG G 22 -36.96 33.10 -15.24
C ARG G 22 -36.87 31.60 -15.50
N ASP G 23 -35.85 30.99 -14.89
CA ASP G 23 -35.70 29.55 -14.98
C ASP G 23 -36.75 28.79 -14.18
N ASP G 24 -37.43 29.47 -13.25
CA ASP G 24 -38.48 28.82 -12.48
C ASP G 24 -39.69 28.51 -13.36
N LEU G 25 -39.94 29.31 -14.38
CA LEU G 25 -41.06 29.04 -15.28
C LEU G 25 -40.75 27.85 -16.16
N ASP G 26 -41.81 27.11 -16.49
CA ASP G 26 -41.68 25.95 -17.38
C ASP G 26 -41.64 26.33 -18.85
N ILE G 27 -41.33 27.58 -19.16
CA ILE G 27 -41.24 28.02 -20.54
C ILE G 27 -39.81 28.17 -21.02
N TYR G 28 -38.82 27.99 -20.16
CA TYR G 28 -37.44 28.29 -20.54
C TYR G 28 -36.94 27.34 -21.62
N ASP G 29 -37.39 26.09 -21.62
CA ASP G 29 -37.02 25.12 -22.64
C ASP G 29 -38.10 24.94 -23.69
N LYS G 30 -39.11 25.80 -23.71
CA LYS G 30 -40.19 25.70 -24.68
C LYS G 30 -40.32 26.94 -25.55
N GLY G 31 -39.36 27.84 -25.51
CA GLY G 31 -39.46 29.06 -26.28
C GLY G 31 -38.24 29.30 -27.17
N ALA G 32 -38.19 30.47 -27.78
CA ALA G 32 -37.09 30.84 -28.65
C ALA G 32 -36.71 32.29 -28.37
N ARG G 33 -35.41 32.56 -28.47
CA ARG G 33 -34.95 33.95 -28.42
C ARG G 33 -35.46 34.74 -29.62
N LYS G 34 -35.42 34.14 -30.80
CA LYS G 34 -35.92 34.76 -32.02
C LYS G 34 -36.70 33.72 -32.80
N LEU G 35 -37.87 34.11 -33.30
CA LEU G 35 -38.68 33.25 -34.17
C LEU G 35 -39.21 34.17 -35.27
N ARG G 36 -38.46 34.27 -36.35
CA ARG G 36 -38.73 35.22 -37.42
C ARG G 36 -39.07 34.47 -38.69
N ASN G 37 -40.15 34.89 -39.36
CA ASN G 37 -40.61 34.28 -40.60
C ASN G 37 -40.88 32.79 -40.41
N MET G 38 -41.28 32.42 -39.21
CA MET G 38 -41.67 31.07 -38.87
C MET G 38 -42.88 31.14 -37.95
N ILE G 39 -43.55 30.01 -37.76
CA ILE G 39 -44.65 29.89 -36.82
C ILE G 39 -44.38 28.69 -35.94
N ALA G 40 -45.04 28.68 -34.79
CA ALA G 40 -44.95 27.57 -33.85
C ALA G 40 -46.17 26.67 -34.05
N LEU G 41 -45.93 25.42 -34.43
CA LEU G 41 -47.01 24.46 -34.50
C LEU G 41 -47.40 24.02 -33.09
N TRP G 42 -48.62 23.52 -32.94
CA TRP G 42 -49.06 23.14 -31.61
C TRP G 42 -48.38 21.86 -31.12
N THR G 43 -47.65 21.16 -31.96
CA THR G 43 -46.83 20.04 -31.51
C THR G 43 -45.51 20.49 -30.91
N GLY G 44 -45.17 21.76 -31.00
CA GLY G 44 -43.91 22.27 -30.51
C GLY G 44 -42.87 22.52 -31.57
N ALA G 45 -43.10 22.08 -32.80
CA ALA G 45 -42.16 22.33 -33.88
C ALA G 45 -42.33 23.74 -34.41
N ALA G 46 -41.33 24.19 -35.16
CA ALA G 46 -41.35 25.49 -35.80
C ALA G 46 -41.30 25.31 -37.30
N ARG G 47 -42.24 25.93 -38.02
CA ARG G 47 -42.37 25.77 -39.45
C ARG G 47 -42.17 27.13 -40.12
N ILE G 48 -41.59 27.11 -41.32
CA ILE G 48 -41.45 28.34 -42.08
C ILE G 48 -42.83 28.94 -42.33
N ALA G 49 -42.91 30.26 -42.26
CA ALA G 49 -44.16 30.97 -42.41
C ALA G 49 -44.72 30.79 -43.81
N PRO G 50 -46.05 30.89 -43.97
CA PRO G 50 -46.62 30.73 -45.31
C PRO G 50 -46.22 31.87 -46.24
N GLY G 51 -46.04 31.55 -47.51
CA GLY G 51 -45.73 32.52 -48.52
C GLY G 51 -46.98 33.23 -49.01
N THR G 52 -46.80 34.04 -50.05
CA THR G 52 -47.91 34.79 -50.62
C THR G 52 -47.91 34.69 -52.14
N ILE G 53 -49.10 34.83 -52.71
CA ILE G 53 -49.32 34.80 -54.15
C ILE G 53 -49.83 36.17 -54.58
N TYR G 54 -49.19 36.75 -55.59
CA TYR G 54 -49.60 38.06 -56.07
C TYR G 54 -50.96 37.98 -56.74
N ILE G 55 -51.87 38.89 -56.36
CA ILE G 55 -53.21 38.96 -56.95
C ILE G 55 -53.34 40.17 -57.87
N ASP G 56 -53.18 41.37 -57.32
CA ASP G 56 -53.42 42.57 -58.11
C ASP G 56 -52.75 43.77 -57.43
N MET G 57 -52.62 44.84 -58.19
CA MET G 57 -52.10 46.10 -57.69
C MET G 57 -53.26 47.08 -57.51
N MET G 58 -53.29 47.75 -56.35
CA MET G 58 -54.38 48.66 -56.04
C MET G 58 -54.23 49.94 -56.85
N VAL G 59 -55.19 50.21 -57.73
CA VAL G 59 -55.19 51.41 -58.55
C VAL G 59 -56.58 52.04 -58.51
N ASP G 60 -56.62 53.32 -58.87
CA ASP G 60 -57.86 54.06 -59.05
C ASP G 60 -58.34 53.77 -60.47
N ARG G 61 -59.18 52.76 -60.60
CA ARG G 61 -59.58 52.27 -61.91
C ARG G 61 -60.46 53.24 -62.68
N GLU G 62 -61.08 54.20 -61.99
CA GLU G 62 -61.95 55.17 -62.64
C GLU G 62 -61.22 56.44 -63.04
N ASN G 63 -59.92 56.52 -62.82
CA ASN G 63 -59.12 57.70 -63.14
C ASN G 63 -57.85 57.28 -63.87
N GLY G 64 -58.00 56.44 -64.88
CA GLY G 64 -56.88 56.01 -65.68
C GLY G 64 -55.87 55.15 -64.94
N ASN G 65 -56.34 54.28 -64.05
CA ASN G 65 -55.48 53.37 -63.30
C ASN G 65 -54.40 54.13 -62.55
N ALA G 66 -54.81 55.20 -61.86
CA ALA G 66 -53.87 55.97 -61.05
C ALA G 66 -53.39 55.12 -59.89
N VAL G 67 -52.09 54.91 -59.81
CA VAL G 67 -51.52 54.06 -58.78
C VAL G 67 -51.79 54.67 -57.41
N ILE G 68 -52.26 53.84 -56.48
CA ILE G 68 -52.53 54.28 -55.12
C ILE G 68 -51.29 54.02 -54.28
N GLN G 69 -50.76 55.08 -53.65
CA GLN G 69 -49.55 54.97 -52.85
C GLN G 69 -49.76 55.35 -51.40
N ASP G 70 -51.02 55.51 -50.96
CA ASP G 70 -51.32 55.83 -49.58
C ASP G 70 -52.05 54.67 -48.94
N PRO G 71 -51.47 54.00 -47.94
CA PRO G 71 -52.15 52.84 -47.34
C PRO G 71 -53.47 53.17 -46.67
N LEU G 72 -53.70 54.44 -46.31
CA LEU G 72 -54.98 54.80 -45.71
C LEU G 72 -56.12 54.81 -46.72
N MET G 73 -55.83 54.70 -48.01
CA MET G 73 -56.84 54.70 -49.06
C MET G 73 -57.30 53.31 -49.45
N VAL G 74 -56.85 52.28 -48.73
CA VAL G 74 -57.22 50.90 -49.03
C VAL G 74 -57.64 50.21 -47.74
N LYS G 75 -58.75 49.47 -47.79
CA LYS G 75 -59.19 48.67 -46.66
C LYS G 75 -60.03 47.52 -47.17
N GLY G 76 -59.61 46.29 -46.87
CA GLY G 76 -60.30 45.13 -47.38
C GLY G 76 -61.03 44.31 -46.34
N PHE G 77 -61.92 43.43 -46.79
CA PHE G 77 -62.61 42.50 -45.90
C PHE G 77 -63.07 41.30 -46.71
N ASP G 78 -63.23 40.18 -46.03
CA ASP G 78 -63.68 38.95 -46.64
C ASP G 78 -65.18 38.75 -46.44
N PHE G 79 -65.78 37.96 -47.31
CA PHE G 79 -67.22 37.71 -47.26
C PHE G 79 -67.46 36.31 -47.84
N THR G 80 -67.76 35.36 -46.96
CA THR G 80 -68.05 33.99 -47.39
C THR G 80 -69.49 33.91 -47.88
N TYR G 81 -69.66 33.51 -49.12
CA TYR G 81 -70.98 33.40 -49.74
C TYR G 81 -71.50 31.97 -49.79
N ASP G 82 -70.61 30.99 -49.96
CA ASP G 82 -71.01 29.59 -49.98
C ASP G 82 -69.83 28.78 -49.43
N ALA G 83 -69.93 28.40 -48.15
CA ALA G 83 -68.81 27.72 -47.50
C ALA G 83 -68.57 26.34 -48.10
N ASP G 84 -69.64 25.60 -48.42
CA ASP G 84 -69.46 24.26 -48.95
C ASP G 84 -68.92 24.28 -50.38
N ALA G 85 -69.24 25.31 -51.16
CA ALA G 85 -68.67 25.47 -52.48
C ALA G 85 -67.33 26.22 -52.45
N GLU G 86 -66.87 26.61 -51.26
CA GLU G 86 -65.61 27.34 -51.10
C GLU G 86 -65.60 28.63 -51.91
N ILE G 87 -66.67 29.40 -51.78
CA ILE G 87 -66.80 30.69 -52.45
C ILE G 87 -66.67 31.75 -51.37
N THR G 88 -65.53 32.41 -51.32
CA THR G 88 -65.29 33.53 -50.42
C THR G 88 -64.78 34.70 -51.24
N TYR G 89 -65.38 35.86 -51.07
CA TYR G 89 -65.02 37.05 -51.82
C TYR G 89 -64.11 37.94 -51.00
N THR G 90 -63.06 38.44 -51.62
CA THR G 90 -62.18 39.44 -51.02
C THR G 90 -62.56 40.79 -51.62
N ILE G 91 -63.16 41.65 -50.81
CA ILE G 91 -63.67 42.93 -51.24
C ILE G 91 -62.73 44.02 -50.74
N ILE G 92 -62.30 44.89 -51.64
CA ILE G 92 -61.35 45.94 -51.32
C ILE G 92 -62.05 47.29 -51.49
N ILE G 93 -62.13 48.05 -50.40
CA ILE G 93 -62.61 49.43 -50.45
C ILE G 93 -61.41 50.31 -50.73
N ARG G 94 -61.44 51.03 -51.85
CA ARG G 94 -60.30 51.79 -52.30
C ARG G 94 -60.75 53.17 -52.76
N LYS G 95 -59.80 54.09 -52.79
CA LYS G 95 -60.06 55.43 -53.28
C LYS G 95 -60.47 55.39 -54.75
N SER G 96 -61.46 56.20 -55.09
CA SER G 96 -61.93 56.37 -56.46
C SER G 96 -62.28 57.85 -56.63
N GLY G 97 -61.32 58.62 -57.10
CA GLY G 97 -61.49 60.07 -57.11
C GLY G 97 -61.56 60.57 -55.68
N THR G 98 -62.59 61.36 -55.38
CA THR G 98 -62.85 61.78 -54.01
C THR G 98 -63.81 60.85 -53.29
N ASN G 99 -64.27 59.79 -53.93
CA ASN G 99 -65.22 58.83 -53.40
C ASN G 99 -64.57 57.46 -53.31
N ILE G 100 -65.38 56.44 -53.07
CA ILE G 100 -64.87 55.08 -52.87
C ILE G 100 -65.42 54.17 -53.97
N ALA G 101 -64.84 52.97 -54.02
CA ALA G 101 -65.32 51.91 -54.89
C ALA G 101 -64.99 50.57 -54.23
N PHE G 102 -65.78 49.56 -54.56
CA PHE G 102 -65.60 48.21 -54.02
C PHE G 102 -65.08 47.32 -55.13
N ASP G 103 -63.88 46.77 -54.94
CA ASP G 103 -63.30 45.82 -55.87
C ASP G 103 -63.50 44.41 -55.32
N ILE G 104 -64.20 43.58 -56.07
CA ILE G 104 -64.60 42.26 -55.61
C ILE G 104 -63.76 41.22 -56.32
N TYR G 105 -63.02 40.43 -55.55
CA TYR G 105 -62.12 39.42 -56.08
C TYR G 105 -62.62 38.03 -55.72
N TYR G 106 -62.49 37.11 -56.67
CA TYR G 106 -62.77 35.70 -56.43
C TYR G 106 -61.84 34.87 -57.31
N ALA G 107 -61.34 33.77 -56.74
CA ALA G 107 -60.42 32.88 -57.45
C ALA G 107 -59.22 33.65 -57.99
N ASP G 108 -58.68 34.55 -57.17
CA ASP G 108 -57.51 35.35 -57.50
C ASP G 108 -57.74 36.22 -58.74
N THR G 109 -58.97 36.65 -58.96
CA THR G 109 -59.32 37.41 -60.16
C THR G 109 -60.31 38.51 -59.80
N LEU G 110 -60.14 39.68 -60.41
CA LEU G 110 -61.07 40.77 -60.20
C LEU G 110 -62.36 40.50 -60.95
N GLN G 111 -63.46 40.37 -60.20
CA GLN G 111 -64.74 40.03 -60.81
C GLN G 111 -65.46 41.28 -61.31
N THR G 112 -65.65 42.27 -60.43
CA THR G 112 -66.36 43.49 -60.81
C THR G 112 -65.99 44.59 -59.84
N THR G 113 -66.37 45.81 -60.20
CA THR G 113 -66.17 46.99 -59.37
C THR G 113 -67.51 47.70 -59.19
N VAL G 114 -67.84 48.03 -57.95
CA VAL G 114 -69.06 48.76 -57.61
C VAL G 114 -68.65 50.09 -56.99
N THR G 115 -69.02 51.18 -57.63
CA THR G 115 -68.65 52.49 -57.13
C THR G 115 -69.75 53.05 -56.23
N SER G 116 -69.39 54.03 -55.42
CA SER G 116 -70.34 54.69 -54.52
C SER G 116 -69.87 56.10 -54.26
N THR G 117 -70.78 57.07 -54.43
CA THR G 117 -70.51 58.46 -54.12
C THR G 117 -70.97 58.85 -52.72
N ALA G 118 -71.55 57.92 -51.97
CA ALA G 118 -72.04 58.23 -50.64
C ALA G 118 -70.91 58.38 -49.63
N TYR G 119 -69.71 57.90 -49.94
CA TYR G 119 -68.59 57.92 -49.02
C TYR G 119 -67.44 58.70 -49.63
N LEU G 120 -66.63 59.30 -48.75
CA LEU G 120 -65.44 60.02 -49.16
C LEU G 120 -64.21 59.11 -49.06
N ALA G 121 -63.21 59.41 -49.87
CA ALA G 121 -61.98 58.63 -49.82
C ALA G 121 -61.29 58.77 -48.47
N THR G 122 -61.51 59.89 -47.78
CA THR G 122 -60.93 60.11 -46.47
C THR G 122 -61.68 59.43 -45.35
N GLN G 123 -62.81 58.79 -45.65
CA GLN G 123 -63.58 58.07 -44.64
C GLN G 123 -63.37 56.55 -44.71
N ILE G 124 -62.44 56.08 -45.52
CA ILE G 124 -62.33 54.66 -45.79
C ILE G 124 -61.97 53.88 -44.53
N GLN G 125 -60.98 54.37 -43.77
CA GLN G 125 -60.53 53.63 -42.60
C GLN G 125 -61.56 53.58 -41.49
N ASP G 126 -62.61 54.40 -41.57
CA ASP G 126 -63.66 54.41 -40.56
C ASP G 126 -64.90 53.64 -41.01
N ILE G 127 -64.82 52.89 -42.11
CA ILE G 127 -65.93 52.11 -42.60
C ILE G 127 -65.84 50.71 -42.02
N HIS G 128 -66.87 50.29 -41.31
CA HIS G 128 -66.97 48.96 -40.76
C HIS G 128 -68.10 48.20 -41.45
N VAL G 129 -68.06 46.88 -41.35
CA VAL G 129 -69.03 46.03 -42.02
C VAL G 129 -69.69 45.11 -41.00
N ALA G 130 -70.87 44.62 -41.35
CA ALA G 130 -71.60 43.63 -40.57
C ALA G 130 -72.06 42.56 -41.54
N ALA G 131 -71.36 41.44 -41.58
CA ALA G 131 -71.62 40.38 -42.54
C ALA G 131 -72.73 39.48 -42.04
N ALA G 132 -73.79 39.38 -42.83
CA ALA G 132 -74.89 38.48 -42.54
C ALA G 132 -74.65 37.15 -43.25
N HIS G 133 -75.67 36.31 -43.27
CA HIS G 133 -75.58 35.03 -43.97
C HIS G 133 -75.52 35.23 -45.48
N ASP G 134 -76.20 36.26 -46.01
CA ASP G 134 -76.33 36.43 -47.45
C ASP G 134 -76.14 37.87 -47.91
N ARG G 135 -75.64 38.76 -47.08
CA ARG G 135 -75.43 40.15 -47.46
C ARG G 135 -74.45 40.78 -46.49
N VAL G 136 -73.91 41.94 -46.87
CA VAL G 136 -72.99 42.70 -46.04
C VAL G 136 -73.55 44.11 -45.87
N LEU G 137 -73.60 44.57 -44.63
CA LEU G 137 -74.01 45.94 -44.34
C LEU G 137 -72.77 46.83 -44.21
N ILE G 138 -72.79 47.99 -44.86
CA ILE G 138 -71.70 48.94 -44.82
C ILE G 138 -72.07 50.03 -43.83
N LEU G 139 -71.23 50.22 -42.81
CA LEU G 139 -71.54 51.08 -41.68
C LEU G 139 -70.52 52.21 -41.58
N HIS G 140 -71.02 53.43 -41.41
CA HIS G 140 -70.20 54.59 -41.10
C HIS G 140 -71.03 55.50 -40.22
N GLU G 141 -70.38 56.13 -39.25
CA GLU G 141 -71.12 56.90 -38.25
C GLU G 141 -71.83 58.11 -38.85
N ASN G 142 -71.44 58.53 -40.04
CA ASN G 142 -71.99 59.73 -40.65
C ASN G 142 -72.72 59.46 -41.95
N VAL G 143 -72.81 58.21 -42.40
CA VAL G 143 -73.44 57.84 -43.65
C VAL G 143 -74.46 56.75 -43.36
N GLN G 144 -75.64 56.88 -43.98
CA GLN G 144 -76.70 55.89 -43.79
C GLN G 144 -76.25 54.50 -44.24
N ILE G 145 -76.74 53.48 -43.52
CA ILE G 145 -76.36 52.11 -43.79
C ILE G 145 -76.64 51.74 -45.23
N ARG G 146 -75.74 50.98 -45.84
CA ARG G 146 -75.92 50.43 -47.17
C ARG G 146 -75.87 48.91 -47.11
N GLN G 147 -76.47 48.28 -48.12
CA GLN G 147 -76.40 46.84 -48.29
C GLN G 147 -75.60 46.52 -49.54
N LEU G 148 -74.68 45.57 -49.42
CA LEU G 148 -73.95 45.03 -50.55
C LEU G 148 -74.38 43.58 -50.72
N LYS G 149 -75.18 43.31 -51.74
CA LYS G 149 -75.75 41.99 -51.95
C LYS G 149 -75.36 41.46 -53.32
N ARG G 150 -75.00 40.17 -53.37
CA ARG G 150 -74.58 39.54 -54.60
C ARG G 150 -75.80 39.07 -55.39
N GLY G 151 -75.75 39.28 -56.71
CA GLY G 151 -76.83 38.87 -57.59
C GLY G 151 -76.76 37.41 -57.98
N ALA G 152 -76.88 37.13 -59.27
CA ALA G 152 -76.95 35.76 -59.76
C ALA G 152 -75.63 35.22 -60.27
N SER G 153 -74.55 35.97 -60.18
CA SER G 153 -73.26 35.51 -60.67
C SER G 153 -72.16 36.16 -59.85
N HIS G 154 -70.91 35.77 -60.14
CA HIS G 154 -69.78 36.35 -59.44
C HIS G 154 -69.65 37.84 -59.70
N SER G 155 -70.00 38.28 -60.92
CA SER G 155 -69.75 39.65 -61.34
C SER G 155 -70.96 40.56 -61.20
N SER G 156 -72.06 40.06 -60.62
CA SER G 156 -73.28 40.84 -60.47
C SER G 156 -73.42 41.24 -59.00
N TRP G 157 -73.29 42.53 -58.72
CA TRP G 157 -73.40 43.04 -57.37
C TRP G 157 -74.16 44.36 -57.38
N SER G 158 -74.85 44.64 -56.28
CA SER G 158 -75.63 45.86 -56.13
C SER G 158 -75.38 46.46 -54.75
N LEU G 159 -75.32 47.78 -54.70
CA LEU G 159 -75.12 48.52 -53.46
C LEU G 159 -76.31 49.46 -53.28
N THR G 160 -77.19 49.14 -52.35
CA THR G 160 -78.41 49.89 -52.10
C THR G 160 -78.41 50.43 -50.67
N THR G 161 -79.46 51.17 -50.34
CA THR G 161 -79.59 51.77 -49.02
C THR G 161 -80.46 50.88 -48.13
N PHE G 162 -80.02 50.72 -46.89
CA PHE G 162 -80.74 49.93 -45.88
C PHE G 162 -81.74 50.84 -45.19
N ASN G 163 -83.02 50.60 -45.42
CA ASN G 163 -84.09 51.44 -44.87
C ASN G 163 -84.88 50.68 -43.83
N PRO G 164 -84.82 51.06 -42.55
CA PRO G 164 -85.60 50.36 -41.53
C PRO G 164 -87.09 50.52 -41.76
N ARG G 165 -87.84 49.47 -41.40
CA ARG G 165 -89.30 49.58 -41.40
C ARG G 165 -89.76 50.65 -40.44
N VAL G 166 -89.25 50.61 -39.20
CA VAL G 166 -89.50 51.63 -38.19
C VAL G 166 -88.17 51.99 -37.56
N TYR G 167 -87.92 53.29 -37.43
CA TYR G 167 -86.68 53.74 -36.83
C TYR G 167 -86.70 53.57 -35.31
N PRO G 168 -85.54 53.33 -34.70
CA PRO G 168 -85.45 53.41 -33.25
C PRO G 168 -85.53 54.86 -32.78
N THR G 169 -85.93 55.02 -31.53
CA THR G 169 -86.12 56.35 -30.96
C THR G 169 -85.28 56.52 -29.70
N TYR G 170 -85.00 57.78 -29.36
CA TYR G 170 -84.18 58.09 -28.21
C TYR G 170 -84.49 59.50 -27.75
N ASP G 171 -84.49 59.70 -26.44
CA ASP G 171 -84.72 61.02 -25.84
C ASP G 171 -83.36 61.64 -25.54
N PHE G 172 -82.94 62.55 -26.41
CA PHE G 172 -81.60 63.11 -26.30
C PHE G 172 -81.47 64.11 -25.16
N SER G 173 -82.58 64.64 -24.66
CA SER G 173 -82.49 65.54 -23.51
C SER G 173 -82.04 64.82 -22.26
N VAL G 174 -82.14 63.48 -22.24
CA VAL G 174 -81.68 62.71 -21.09
C VAL G 174 -80.17 62.83 -20.93
N ILE G 175 -79.44 62.92 -22.03
CA ILE G 175 -78.01 63.17 -22.00
C ILE G 175 -77.68 64.63 -22.27
N GLY G 176 -78.67 65.52 -22.18
CA GLY G 176 -78.42 66.93 -22.34
C GLY G 176 -78.17 67.38 -23.76
N GLU G 177 -78.48 66.54 -24.75
CA GLU G 177 -78.24 66.86 -26.15
C GLU G 177 -79.50 67.35 -26.86
N ALA G 178 -80.56 67.65 -26.13
CA ALA G 178 -81.78 68.20 -26.70
C ALA G 178 -82.39 69.18 -25.70
N ILE G 179 -83.47 69.83 -26.12
CA ILE G 179 -84.13 70.82 -25.26
C ILE G 179 -84.73 70.13 -24.05
N ASN G 180 -84.50 70.70 -22.87
CA ASN G 180 -85.04 70.17 -21.64
C ASN G 180 -86.50 70.61 -21.49
N TYR G 181 -87.41 69.64 -21.44
CA TYR G 181 -88.84 69.92 -21.38
C TYR G 181 -89.46 69.59 -20.03
N GLN G 182 -88.64 69.46 -18.98
CA GLN G 182 -89.17 69.05 -17.69
C GLN G 182 -90.09 70.09 -17.07
N SER G 183 -89.98 71.36 -17.48
CA SER G 183 -90.84 72.41 -16.97
C SER G 183 -91.96 72.78 -17.94
N PHE G 184 -92.05 72.11 -19.09
CA PHE G 184 -93.06 72.44 -20.08
C PHE G 184 -94.38 71.74 -19.73
N THR G 185 -95.41 72.02 -20.53
CA THR G 185 -96.69 71.35 -20.42
C THR G 185 -97.16 70.97 -21.81
N PHE G 186 -97.49 69.70 -22.00
CA PHE G 186 -97.97 69.20 -23.28
C PHE G 186 -99.49 69.02 -23.22
N THR G 187 -100.18 69.51 -24.25
CA THR G 187 -101.62 69.42 -24.34
C THR G 187 -101.99 68.58 -25.55
N LEU G 188 -102.88 67.62 -25.34
CA LEU G 188 -103.36 66.76 -26.42
C LEU G 188 -104.77 67.19 -26.83
N SER G 189 -105.03 67.17 -28.14
CA SER G 189 -106.37 67.49 -28.62
C SER G 189 -107.36 66.43 -28.22
N ALA G 190 -106.96 65.16 -28.22
CA ALA G 190 -107.80 64.06 -27.80
C ALA G 190 -106.92 62.96 -27.25
N THR G 191 -107.55 61.94 -26.66
CA THR G 191 -106.82 60.83 -26.10
C THR G 191 -106.69 59.64 -27.05
N THR G 192 -107.37 59.66 -28.19
CA THR G 192 -107.38 58.53 -29.11
C THR G 192 -107.30 59.03 -30.54
N GLY G 193 -106.96 58.13 -31.45
CA GLY G 193 -106.94 58.45 -32.85
C GLY G 193 -105.85 59.45 -33.21
N SER G 194 -106.10 60.19 -34.28
CA SER G 194 -105.17 61.23 -34.72
C SER G 194 -105.37 62.48 -33.87
N ILE G 195 -104.29 62.98 -33.27
CA ILE G 195 -104.36 64.09 -32.34
C ILE G 195 -103.29 65.11 -32.72
N THR G 196 -103.34 66.24 -32.02
CA THR G 196 -102.30 67.27 -32.09
C THR G 196 -101.70 67.43 -30.71
N ILE G 197 -100.38 67.40 -30.63
CA ILE G 197 -99.65 67.60 -29.38
C ILE G 197 -99.07 69.01 -29.42
N THR G 198 -99.41 69.81 -28.41
CA THR G 198 -98.98 71.19 -28.32
C THR G 198 -98.11 71.38 -27.10
N SER G 199 -96.98 72.04 -27.26
CA SER G 199 -96.06 72.32 -26.17
C SER G 199 -96.09 73.79 -25.82
N SER G 200 -96.03 74.10 -24.53
CA SER G 200 -95.98 75.48 -24.07
C SER G 200 -94.69 76.19 -24.46
N SER G 201 -93.67 75.46 -24.89
CA SER G 201 -92.41 76.07 -25.28
C SER G 201 -91.82 75.29 -26.44
N ALA G 202 -90.90 75.94 -27.15
CA ALA G 202 -90.30 75.34 -28.33
C ALA G 202 -89.52 74.08 -27.99
N VAL G 203 -90.01 72.92 -28.43
CA VAL G 203 -89.32 71.66 -28.19
C VAL G 203 -89.11 70.89 -29.49
N PHE G 204 -90.13 70.84 -30.34
CA PHE G 204 -90.13 69.92 -31.47
C PHE G 204 -89.11 70.30 -32.53
N THR G 205 -88.50 69.28 -33.15
CA THR G 205 -87.68 69.43 -34.33
C THR G 205 -88.21 68.49 -35.40
N HIS G 206 -87.73 68.66 -36.63
CA HIS G 206 -88.18 67.78 -37.71
C HIS G 206 -87.80 66.33 -37.46
N ASN G 207 -86.71 66.09 -36.72
CA ASN G 207 -86.33 64.71 -36.43
C ASN G 207 -87.31 64.02 -35.49
N HIS G 208 -88.22 64.74 -34.86
CA HIS G 208 -89.25 64.11 -34.06
C HIS G 208 -90.31 63.41 -34.90
N VAL G 209 -90.31 63.59 -36.21
CA VAL G 209 -91.20 62.83 -37.08
C VAL G 209 -90.77 61.38 -37.06
N GLY G 210 -91.69 60.50 -36.68
CA GLY G 210 -91.35 59.12 -36.42
C GLY G 210 -90.96 58.84 -34.99
N GLY G 211 -90.97 59.85 -34.13
CA GLY G 211 -90.67 59.67 -32.73
C GLY G 211 -91.90 59.27 -31.94
N LEU G 212 -91.73 59.25 -30.62
CA LEU G 212 -92.76 58.79 -29.71
C LEU G 212 -93.00 59.83 -28.62
N PHE G 213 -94.23 59.90 -28.15
CA PHE G 213 -94.58 60.71 -26.99
C PHE G 213 -95.31 59.82 -26.00
N ARG G 214 -94.83 59.81 -24.76
CA ARG G 214 -95.39 58.95 -23.72
C ARG G 214 -95.74 59.80 -22.51
N SER G 215 -96.95 59.60 -22.00
CA SER G 215 -97.41 60.25 -20.78
C SER G 215 -98.76 59.67 -20.42
N LEU G 216 -99.07 59.68 -19.13
CA LEU G 216 -100.38 59.27 -18.62
C LEU G 216 -100.73 57.85 -19.06
N GLY G 217 -99.72 57.00 -19.22
CA GLY G 217 -99.93 55.63 -19.64
C GLY G 217 -100.15 55.44 -21.12
N GLY G 218 -100.14 56.51 -21.91
CA GLY G 218 -100.36 56.41 -23.34
C GLY G 218 -99.13 56.65 -24.17
N THR G 219 -99.16 56.19 -25.41
CA THR G 219 -98.07 56.34 -26.36
C THR G 219 -98.64 56.82 -27.69
N ALA G 220 -97.96 57.77 -28.31
CA ALA G 220 -98.36 58.28 -29.62
C ALA G 220 -97.14 58.40 -30.51
N ARG G 221 -97.28 58.03 -31.77
CA ARG G 221 -96.20 58.17 -32.74
C ARG G 221 -96.40 59.44 -33.54
N ILE G 222 -95.42 60.34 -33.47
CA ILE G 222 -95.50 61.61 -34.16
C ILE G 222 -95.36 61.38 -35.66
N THR G 223 -96.25 61.99 -36.44
CA THR G 223 -96.25 61.85 -37.88
C THR G 223 -95.92 63.13 -38.63
N ALA G 224 -96.06 64.29 -38.00
CA ALA G 224 -95.71 65.55 -38.64
C ALA G 224 -95.34 66.56 -37.57
N VAL G 225 -94.44 67.47 -37.92
CA VAL G 225 -94.02 68.55 -37.03
C VAL G 225 -94.28 69.85 -37.78
N ALA G 226 -95.34 70.56 -37.39
CA ALA G 226 -95.67 71.81 -38.05
C ALA G 226 -94.76 72.95 -37.61
N SER G 227 -94.37 72.96 -36.34
CA SER G 227 -93.52 74.02 -35.80
C SER G 227 -92.82 73.47 -34.56
N THR G 228 -92.11 74.34 -33.85
CA THR G 228 -91.42 73.92 -32.65
C THR G 228 -92.37 73.68 -31.47
N THR G 229 -93.64 74.08 -31.59
CA THR G 229 -94.60 73.90 -30.50
C THR G 229 -95.82 73.10 -30.90
N SER G 230 -95.90 72.62 -32.13
CA SER G 230 -97.08 71.88 -32.58
C SER G 230 -96.65 70.68 -33.41
N ALA G 231 -97.32 69.55 -33.17
CA ALA G 231 -97.03 68.33 -33.92
C ALA G 231 -98.30 67.49 -34.00
N SER G 232 -98.35 66.64 -35.01
CA SER G 232 -99.46 65.72 -35.22
C SER G 232 -98.99 64.30 -34.92
N ALA G 233 -99.79 63.55 -34.18
CA ALA G 233 -99.41 62.22 -33.75
C ALA G 233 -100.58 61.27 -33.87
N THR G 234 -100.27 59.99 -33.95
CA THR G 234 -101.26 58.91 -33.96
C THR G 234 -101.15 58.13 -32.67
N VAL G 235 -102.27 57.99 -31.97
CA VAL G 235 -102.29 57.33 -30.67
C VAL G 235 -102.15 55.83 -30.87
N LEU G 236 -101.15 55.23 -30.23
CA LEU G 236 -100.96 53.79 -30.21
C LEU G 236 -101.55 53.14 -28.98
N ASP G 237 -101.36 53.75 -27.81
CA ASP G 237 -102.02 53.35 -26.58
C ASP G 237 -102.72 54.57 -25.99
N ASN G 238 -103.96 54.39 -25.55
CA ASN G 238 -104.80 55.52 -25.18
C ASN G 238 -104.25 56.27 -23.97
N PHE G 239 -104.41 57.58 -23.98
CA PHE G 239 -104.06 58.43 -22.86
C PHE G 239 -105.24 58.56 -21.91
N THR G 240 -104.95 58.79 -20.64
CA THR G 240 -105.99 59.00 -19.64
C THR G 240 -106.41 60.46 -19.49
N GLY G 241 -105.73 61.38 -20.17
CA GLY G 241 -106.06 62.79 -20.08
C GLY G 241 -105.34 63.54 -21.17
N THR G 242 -105.70 64.82 -21.29
CA THR G 242 -105.16 65.67 -22.35
C THR G 242 -104.16 66.69 -21.85
N SER G 243 -103.81 66.66 -20.57
CA SER G 243 -102.83 67.57 -20.01
C SER G 243 -101.70 66.75 -19.39
N CYS G 244 -100.49 66.95 -19.87
CA CYS G 244 -99.34 66.14 -19.47
C CYS G 244 -98.24 67.05 -18.95
N ALA G 245 -97.83 66.83 -17.71
CA ALA G 245 -96.70 67.56 -17.16
C ALA G 245 -95.42 67.12 -17.85
N GLY G 246 -94.55 68.10 -18.13
CA GLY G 246 -93.32 67.78 -18.85
C GLY G 246 -92.42 66.82 -18.09
N ASN G 247 -92.32 66.99 -16.77
CA ASN G 247 -91.45 66.15 -15.98
C ASN G 247 -91.96 64.72 -15.85
N LEU G 248 -93.24 64.48 -16.14
CA LEU G 248 -93.80 63.14 -16.10
C LEU G 248 -93.96 62.51 -17.49
N SER G 249 -93.49 63.18 -18.53
CA SER G 249 -93.65 62.73 -19.90
C SER G 249 -92.31 62.25 -20.46
N SER G 250 -92.36 61.73 -21.68
CA SER G 250 -91.18 61.25 -22.38
C SER G 250 -91.36 61.54 -23.87
N LEU G 251 -90.47 62.37 -24.41
CA LEU G 251 -90.49 62.72 -25.82
C LEU G 251 -89.18 62.27 -26.45
N ALA G 252 -89.28 61.48 -27.52
CA ALA G 252 -88.11 60.90 -28.16
C ALA G 252 -88.16 61.13 -29.66
N GLU G 253 -87.02 61.49 -30.23
CA GLU G 253 -86.87 61.65 -31.67
C GLU G 253 -86.23 60.39 -32.25
N LYS G 254 -86.02 60.40 -33.56
CA LYS G 254 -85.35 59.28 -34.21
C LYS G 254 -83.89 59.23 -33.81
N LEU G 255 -83.42 58.02 -33.50
CA LEU G 255 -82.05 57.87 -33.05
C LEU G 255 -81.05 58.10 -34.17
N TRP G 256 -81.40 57.71 -35.40
CA TRP G 256 -80.54 57.87 -36.56
C TRP G 256 -81.10 58.94 -37.46
N ASN G 257 -80.27 59.91 -37.83
CA ASN G 257 -80.72 61.00 -38.68
C ASN G 257 -79.52 61.78 -39.20
N SER G 258 -79.55 62.11 -40.48
CA SER G 258 -78.52 62.96 -41.07
C SER G 258 -79.11 64.22 -41.69
N ASP G 259 -80.41 64.48 -41.50
CA ASP G 259 -81.07 65.64 -42.07
C ASP G 259 -81.06 66.77 -41.04
N THR G 260 -80.36 67.86 -41.37
CA THR G 260 -80.25 69.01 -40.47
C THR G 260 -80.74 70.30 -41.13
N THR G 261 -81.49 70.20 -42.22
CA THR G 261 -81.94 71.38 -42.95
C THR G 261 -83.44 71.56 -42.99
N THR G 262 -84.23 70.49 -42.90
CA THR G 262 -85.68 70.62 -42.95
C THR G 262 -86.20 71.30 -41.69
N ALA G 263 -87.05 72.30 -41.86
CA ALA G 263 -87.52 73.10 -40.74
C ALA G 263 -88.51 72.30 -39.91
N PRO G 264 -88.46 72.41 -38.58
CA PRO G 264 -87.44 73.10 -37.78
C PRO G 264 -86.15 72.29 -37.75
N VAL G 265 -84.99 72.95 -37.75
CA VAL G 265 -83.74 72.27 -38.02
C VAL G 265 -83.41 71.29 -36.91
N SER G 266 -82.92 70.12 -37.31
CA SER G 266 -82.59 69.04 -36.39
C SER G 266 -81.07 68.94 -36.23
N ALA G 267 -80.65 68.09 -35.31
CA ALA G 267 -79.25 67.82 -35.10
C ALA G 267 -78.82 66.59 -35.89
N ASN G 268 -77.53 66.56 -36.26
CA ASN G 268 -76.98 65.43 -36.96
C ASN G 268 -76.75 64.31 -35.95
N ARG G 269 -77.70 63.38 -35.87
CA ARG G 269 -77.57 62.27 -34.93
C ARG G 269 -76.71 61.15 -35.48
N GLY G 270 -76.45 61.13 -36.78
CA GLY G 270 -75.60 60.12 -37.36
C GLY G 270 -76.28 58.77 -37.46
N TRP G 271 -75.44 57.77 -37.76
CA TRP G 271 -75.87 56.42 -38.04
C TRP G 271 -74.95 55.45 -37.32
N PRO G 272 -75.39 54.21 -37.09
CA PRO G 272 -74.53 53.26 -36.40
C PRO G 272 -73.26 52.95 -37.17
N ALA G 273 -72.17 52.71 -36.43
CA ALA G 273 -70.89 52.36 -37.02
C ALA G 273 -70.43 50.95 -36.67
N ARG G 274 -71.12 50.25 -35.78
CA ARG G 274 -70.81 48.87 -35.45
C ARG G 274 -72.07 48.03 -35.55
N GLY G 275 -71.90 46.75 -35.86
CA GLY G 275 -73.05 45.88 -35.98
C GLY G 275 -72.66 44.43 -36.08
N VAL G 276 -73.63 43.56 -35.78
CA VAL G 276 -73.46 42.12 -35.94
C VAL G 276 -74.85 41.50 -36.03
N PHE G 277 -74.94 40.37 -36.72
CA PHE G 277 -76.17 39.58 -36.77
C PHE G 277 -76.06 38.48 -35.74
N TYR G 278 -76.95 38.47 -34.75
CA TYR G 278 -76.90 37.52 -33.66
C TYR G 278 -78.22 36.77 -33.59
N LEU G 279 -78.17 35.46 -33.81
CA LEU G 279 -79.36 34.62 -33.83
C LEU G 279 -80.41 35.16 -34.77
N ASN G 280 -81.53 35.65 -34.24
CA ASN G 280 -82.61 36.16 -35.09
C ASN G 280 -82.78 37.67 -34.97
N ARG G 281 -81.76 38.38 -34.49
CA ARG G 281 -81.82 39.83 -34.34
C ARG G 281 -80.61 40.47 -35.01
N LEU G 282 -80.79 41.70 -35.47
CA LEU G 282 -79.70 42.53 -35.95
C LEU G 282 -79.37 43.57 -34.88
N ILE G 283 -78.10 43.62 -34.48
CA ILE G 283 -77.64 44.54 -33.45
C ILE G 283 -76.79 45.60 -34.12
N LEU G 284 -77.16 46.86 -33.94
CA LEU G 284 -76.44 48.00 -34.48
C LEU G 284 -76.18 49.00 -33.37
N GLY G 285 -74.97 49.55 -33.33
CA GLY G 285 -74.63 50.43 -32.23
C GLY G 285 -73.53 51.41 -32.59
N ARG G 286 -73.15 52.19 -31.58
CA ARG G 286 -72.11 53.21 -31.69
C ARG G 286 -72.43 54.20 -32.82
N SER G 287 -73.56 54.88 -32.67
CA SER G 287 -73.91 55.92 -33.61
C SER G 287 -73.08 57.17 -33.32
N LEU G 288 -73.21 58.17 -34.19
CA LEU G 288 -72.42 59.39 -34.03
C LEU G 288 -72.76 60.11 -32.74
N ALA G 289 -74.05 60.21 -32.41
CA ALA G 289 -74.49 61.00 -31.28
C ALA G 289 -74.41 60.25 -29.95
N VAL G 290 -74.70 58.95 -29.94
CA VAL G 290 -74.72 58.15 -28.71
C VAL G 290 -73.81 56.95 -28.97
N LYS G 291 -72.54 57.08 -28.63
CA LYS G 291 -71.58 56.03 -28.95
C LYS G 291 -71.62 54.86 -27.98
N ASN G 292 -72.27 55.00 -26.83
CA ASN G 292 -72.31 53.96 -25.82
C ASN G 292 -73.64 53.23 -25.79
N LEU G 293 -74.35 53.18 -26.91
CA LEU G 293 -75.65 52.55 -26.98
C LEU G 293 -75.73 51.63 -28.18
N VAL G 294 -76.34 50.47 -28.00
CA VAL G 294 -76.62 49.54 -29.10
C VAL G 294 -78.12 49.30 -29.15
N ASN G 295 -78.59 48.99 -30.35
CA ASN G 295 -80.00 48.70 -30.61
C ASN G 295 -80.13 47.30 -31.18
N LEU G 296 -81.06 46.52 -30.64
CA LEU G 296 -81.38 45.21 -31.16
C LEU G 296 -82.70 45.31 -31.91
N SER G 297 -82.75 44.72 -33.10
CA SER G 297 -83.94 44.78 -33.92
C SER G 297 -85.02 43.86 -33.35
N THR G 298 -86.21 43.93 -33.95
CA THR G 298 -87.28 43.02 -33.61
C THR G 298 -86.86 41.59 -33.88
N ALA G 299 -87.24 40.69 -32.98
CA ALA G 299 -86.86 39.29 -33.12
C ALA G 299 -87.46 38.72 -34.39
N GLY G 300 -86.60 38.31 -35.33
CA GLY G 300 -87.02 37.71 -36.57
C GLY G 300 -87.20 38.68 -37.72
N VAL G 301 -87.12 39.98 -37.48
CA VAL G 301 -87.24 41.00 -38.52
C VAL G 301 -86.02 41.89 -38.39
N TYR G 302 -84.99 41.61 -39.19
CA TYR G 302 -83.69 42.26 -39.00
C TYR G 302 -83.74 43.75 -39.27
N ASP G 303 -84.66 44.21 -40.11
CA ASP G 303 -84.70 45.60 -40.53
C ASP G 303 -85.77 46.41 -39.81
N ASN G 304 -86.33 45.90 -38.73
CA ASN G 304 -87.35 46.61 -37.97
C ASN G 304 -86.82 46.92 -36.58
N PHE G 305 -86.87 48.20 -36.20
CA PHE G 305 -86.39 48.65 -34.91
C PHE G 305 -87.48 49.38 -34.14
N ASP G 306 -88.73 48.95 -34.32
CA ASP G 306 -89.86 49.57 -33.66
C ASP G 306 -89.82 49.27 -32.16
N ASP G 307 -89.73 50.32 -31.36
CA ASP G 307 -89.64 50.19 -29.91
C ASP G 307 -90.79 50.91 -29.22
N ALA G 308 -91.97 50.91 -29.85
CA ALA G 308 -93.15 51.48 -29.23
C ALA G 308 -93.57 50.67 -28.01
N ASP G 309 -93.46 49.35 -28.08
CA ASP G 309 -93.84 48.48 -26.98
C ASP G 309 -92.64 48.18 -26.09
N LEU G 310 -92.94 47.79 -24.86
CA LEU G 310 -91.91 47.57 -23.84
C LEU G 310 -91.91 46.14 -23.31
N ASP G 311 -92.45 45.19 -24.07
CA ASP G 311 -92.54 43.82 -23.61
C ASP G 311 -92.59 42.89 -24.81
N GLY G 312 -92.04 41.68 -24.63
CA GLY G 312 -92.13 40.66 -25.65
C GLY G 312 -90.89 40.55 -26.52
N LEU G 313 -91.07 40.22 -27.79
CA LEU G 313 -89.98 40.08 -28.74
C LEU G 313 -89.67 41.38 -29.47
N VAL G 314 -90.05 42.52 -28.90
CA VAL G 314 -89.91 43.80 -29.58
C VAL G 314 -88.45 44.23 -29.60
N ALA G 315 -88.14 45.22 -30.43
CA ALA G 315 -86.82 45.83 -30.45
C ALA G 315 -86.60 46.63 -29.17
N PHE G 316 -85.34 46.70 -28.76
CA PHE G 316 -84.96 47.42 -27.55
C PHE G 316 -83.50 47.81 -27.65
N SER G 317 -83.05 48.60 -26.68
CA SER G 317 -81.70 49.12 -26.67
C SER G 317 -81.00 48.76 -25.38
N VAL G 318 -79.67 48.78 -25.41
CA VAL G 318 -78.83 48.59 -24.24
C VAL G 318 -77.86 49.75 -24.17
N THR G 319 -77.78 50.39 -23.01
CA THR G 319 -76.86 51.49 -22.78
C THR G 319 -75.76 51.05 -21.84
N PHE G 320 -74.52 51.40 -22.18
CA PHE G 320 -73.35 50.97 -21.42
C PHE G 320 -72.79 52.16 -20.65
N ASN G 321 -72.79 52.05 -19.32
CA ASN G 321 -72.20 53.05 -18.45
C ASN G 321 -71.48 52.37 -17.32
N GLY G 322 -70.19 52.69 -17.18
CA GLY G 322 -69.41 52.25 -16.04
C GLY G 322 -68.95 53.46 -15.25
N LYS G 323 -67.72 53.86 -15.49
CA LYS G 323 -67.14 55.07 -14.89
C LYS G 323 -66.37 55.78 -15.99
N GLY G 324 -67.03 56.70 -16.68
CA GLY G 324 -66.40 57.40 -17.78
C GLY G 324 -66.93 56.97 -19.13
N GLU G 325 -66.11 57.13 -20.17
CA GLU G 325 -66.55 56.83 -21.53
C GLU G 325 -66.61 55.33 -21.76
N GLN G 326 -67.72 54.87 -22.31
CA GLN G 326 -67.93 53.46 -22.63
C GLN G 326 -68.40 53.29 -24.07
N SER G 327 -67.77 54.01 -25.00
CA SER G 327 -68.18 53.94 -26.39
C SER G 327 -67.88 52.57 -26.97
N VAL G 328 -68.86 51.99 -27.67
CA VAL G 328 -68.76 50.62 -28.14
C VAL G 328 -67.73 50.51 -29.25
N GLN G 329 -66.79 49.57 -29.10
CA GLN G 329 -65.77 49.35 -30.10
C GLN G 329 -66.08 48.18 -31.03
N SER G 330 -66.58 47.07 -30.50
CA SER G 330 -66.95 45.95 -31.35
C SER G 330 -67.98 45.10 -30.62
N ILE G 331 -68.86 44.49 -31.42
CA ILE G 331 -69.92 43.63 -30.90
C ILE G 331 -69.59 42.21 -31.34
N VAL G 332 -69.37 41.34 -30.36
CA VAL G 332 -68.80 40.01 -30.60
C VAL G 332 -69.89 38.97 -30.39
N ALA G 333 -70.05 38.08 -31.37
CA ALA G 333 -71.02 36.99 -31.28
C ALA G 333 -70.33 35.73 -30.76
N ASP G 334 -69.87 35.81 -29.52
CA ASP G 334 -69.33 34.69 -28.79
C ASP G 334 -70.13 34.52 -27.51
N ASP G 335 -70.53 33.28 -27.21
CA ASP G 335 -71.42 32.99 -26.10
C ASP G 335 -72.64 33.90 -26.18
N SER G 336 -73.10 34.40 -25.04
CA SER G 336 -73.97 35.57 -25.08
C SER G 336 -73.11 36.78 -25.44
N ILE G 337 -73.74 37.76 -26.09
CA ILE G 337 -72.99 38.82 -26.77
C ILE G 337 -71.97 39.47 -25.84
N LEU G 338 -70.78 39.71 -26.36
CA LEU G 338 -69.74 40.46 -25.68
C LEU G 338 -69.59 41.84 -26.33
N PHE G 339 -69.43 42.87 -25.50
CA PHE G 339 -69.26 44.24 -25.98
C PHE G 339 -67.93 44.78 -25.46
N THR G 340 -66.97 44.93 -26.36
CA THR G 340 -65.75 45.65 -26.02
C THR G 340 -65.99 47.14 -26.21
N THR G 341 -65.58 47.94 -25.23
CA THR G 341 -65.80 49.37 -25.30
C THR G 341 -64.50 50.12 -25.09
N ALA G 342 -64.60 51.44 -24.91
CA ALA G 342 -63.42 52.24 -24.62
C ALA G 342 -62.83 51.92 -23.25
N ASN G 343 -63.65 51.51 -22.29
CA ASN G 343 -63.14 51.19 -20.96
C ASN G 343 -63.39 49.74 -20.57
N LYS G 344 -64.64 49.29 -20.51
CA LYS G 344 -64.97 48.03 -19.86
C LYS G 344 -65.60 47.05 -20.84
N LEU G 345 -65.45 45.78 -20.53
CA LEU G 345 -66.05 44.71 -21.31
C LEU G 345 -67.39 44.35 -20.67
N PHE G 346 -68.47 44.42 -21.45
CA PHE G 346 -69.81 44.15 -20.96
C PHE G 346 -70.28 42.81 -21.52
N ALA G 347 -70.77 41.93 -20.64
CA ALA G 347 -71.22 40.62 -21.06
C ALA G 347 -72.14 40.04 -19.99
N GLN G 348 -72.85 38.98 -20.37
CA GLN G 348 -73.63 38.18 -19.43
C GLN G 348 -72.84 36.94 -19.03
N SER G 349 -73.24 36.35 -17.93
CA SER G 349 -72.69 35.07 -17.53
C SER G 349 -73.26 33.99 -18.44
N PRO G 350 -72.43 33.20 -19.12
CA PRO G 350 -72.96 32.11 -19.94
C PRO G 350 -73.72 31.07 -19.13
N LEU G 351 -73.42 30.93 -17.83
CA LEU G 351 -74.20 30.01 -16.99
C LEU G 351 -75.62 30.49 -16.81
N VAL G 352 -75.83 31.81 -16.78
CA VAL G 352 -77.17 32.35 -16.63
C VAL G 352 -77.94 32.18 -17.93
N GLU G 353 -79.15 31.64 -17.83
CA GLU G 353 -80.02 31.55 -19.00
C GLU G 353 -80.50 32.94 -19.40
N SER G 354 -80.56 33.19 -20.69
CA SER G 354 -81.05 34.48 -21.17
C SER G 354 -81.62 34.36 -22.58
N PRO G 355 -82.91 34.60 -22.75
CA PRO G 355 -83.51 34.51 -24.08
C PRO G 355 -83.25 35.73 -24.96
N ILE G 356 -82.49 36.71 -24.47
CA ILE G 356 -82.20 37.94 -25.19
C ILE G 356 -83.51 38.65 -25.55
N THR G 357 -84.18 39.18 -24.54
CA THR G 357 -85.38 40.00 -24.72
C THR G 357 -85.21 41.28 -23.91
N ILE G 358 -86.22 42.15 -23.99
CA ILE G 358 -86.03 43.53 -23.56
C ILE G 358 -85.73 43.62 -22.07
N ASN G 359 -86.46 42.88 -21.23
CA ASN G 359 -86.26 42.96 -19.80
C ASN G 359 -85.64 41.68 -19.23
N ASN G 360 -85.05 40.85 -20.07
CA ASN G 360 -84.39 39.63 -19.64
C ASN G 360 -82.95 39.63 -20.10
N VAL G 361 -82.30 40.78 -19.97
CA VAL G 361 -80.92 40.98 -20.40
C VAL G 361 -80.13 41.45 -19.19
N TYR G 362 -78.95 40.87 -18.99
CA TYR G 362 -78.18 41.08 -17.77
C TYR G 362 -76.73 41.41 -18.08
N PHE G 363 -76.50 42.29 -19.06
CA PHE G 363 -75.13 42.70 -19.36
C PHE G 363 -74.58 43.54 -18.21
N ALA G 364 -73.37 43.24 -17.80
CA ALA G 364 -72.72 43.89 -16.68
C ALA G 364 -71.27 44.15 -17.02
N PRO G 365 -70.65 45.14 -16.39
CA PRO G 365 -69.21 45.37 -16.62
C PRO G 365 -68.37 44.25 -16.04
N GLN G 366 -67.75 43.44 -16.90
CA GLN G 366 -67.01 42.28 -16.43
C GLN G 366 -65.63 42.65 -15.93
N SER G 367 -64.87 43.42 -16.71
CA SER G 367 -63.53 43.78 -16.32
C SER G 367 -63.09 45.02 -17.07
N GLN G 368 -62.09 45.70 -16.50
CA GLN G 368 -61.53 46.90 -17.10
C GLN G 368 -60.53 46.48 -18.18
N SER G 369 -60.86 46.77 -19.44
CA SER G 369 -60.02 46.35 -20.55
C SER G 369 -60.29 47.22 -21.77
N PRO G 370 -59.66 48.38 -21.87
CA PRO G 370 -59.90 49.27 -23.01
C PRO G 370 -59.56 48.62 -24.33
N ALA G 371 -60.38 48.88 -25.34
CA ALA G 371 -60.24 48.28 -26.65
C ALA G 371 -60.23 49.36 -27.72
N THR G 372 -59.63 49.05 -28.86
CA THR G 372 -59.57 49.95 -29.99
C THR G 372 -60.62 49.52 -31.03
N SER G 373 -60.65 50.22 -32.15
CA SER G 373 -61.70 50.03 -33.15
C SER G 373 -61.43 48.85 -34.07
N ILE G 374 -60.33 48.13 -33.90
CA ILE G 374 -60.07 46.93 -34.68
C ILE G 374 -60.98 45.82 -34.20
N GLU G 375 -61.66 45.15 -35.13
CA GLU G 375 -62.69 44.18 -34.78
C GLU G 375 -62.10 42.98 -34.06
N ALA G 376 -62.78 42.52 -33.02
CA ALA G 376 -62.31 41.40 -32.23
C ALA G 376 -62.35 40.10 -33.05
N ALA G 377 -61.49 39.17 -32.66
CA ALA G 377 -61.35 37.89 -33.35
C ALA G 377 -61.79 36.76 -32.44
N SER G 378 -62.41 35.75 -33.02
CA SER G 378 -62.87 34.57 -32.28
C SER G 378 -62.14 33.36 -32.82
N ILE G 379 -61.39 32.68 -31.96
CA ILE G 379 -60.62 31.52 -32.38
C ILE G 379 -60.16 30.75 -31.15
N ASP G 380 -60.11 29.43 -31.25
CA ASP G 380 -59.52 28.56 -30.23
C ASP G 380 -60.15 28.80 -28.86
N ASN G 381 -61.48 28.82 -28.83
CA ASN G 381 -62.25 28.91 -27.59
C ASN G 381 -61.95 30.18 -26.80
N GLN G 382 -61.66 31.28 -27.47
CA GLN G 382 -61.36 32.53 -26.78
C GLN G 382 -61.64 33.70 -27.71
N THR G 383 -61.69 34.89 -27.13
CA THR G 383 -61.85 36.13 -27.86
C THR G 383 -60.58 36.96 -27.73
N LEU G 384 -60.05 37.44 -28.85
CA LEU G 384 -58.85 38.25 -28.89
C LEU G 384 -59.19 39.62 -29.47
N PHE G 385 -58.72 40.67 -28.80
CA PHE G 385 -58.95 42.02 -29.31
C PHE G 385 -57.78 42.92 -28.95
N VAL G 386 -57.53 43.89 -29.80
CA VAL G 386 -56.42 44.83 -29.60
C VAL G 386 -56.84 45.88 -28.57
N SER G 387 -55.91 46.24 -27.69
CA SER G 387 -56.20 47.23 -26.67
C SER G 387 -56.29 48.62 -27.28
N SER G 388 -56.75 49.58 -26.47
CA SER G 388 -57.01 50.92 -26.98
C SER G 388 -55.73 51.62 -27.43
N ASP G 389 -54.63 51.42 -26.72
CA ASP G 389 -53.37 52.03 -27.14
C ASP G 389 -52.66 51.23 -28.23
N ARG G 390 -53.22 50.09 -28.61
CA ARG G 390 -52.78 49.25 -29.72
C ARG G 390 -51.42 48.60 -29.48
N THR G 391 -50.91 48.62 -28.25
CA THR G 391 -49.63 48.00 -27.95
C THR G 391 -49.78 46.61 -27.33
N LYS G 392 -51.00 46.11 -27.20
CA LYS G 392 -51.23 44.81 -26.58
C LYS G 392 -52.40 44.12 -27.26
N VAL G 393 -52.41 42.79 -27.18
CA VAL G 393 -53.55 41.97 -27.58
C VAL G 393 -54.13 41.38 -26.31
N MET G 394 -55.42 41.59 -26.10
CA MET G 394 -56.09 41.13 -24.89
C MET G 394 -56.91 39.88 -25.19
N GLN G 395 -56.92 38.97 -24.21
CA GLN G 395 -57.67 37.73 -24.30
C GLN G 395 -58.76 37.73 -23.24
N ALA G 396 -59.99 37.43 -23.64
CA ALA G 396 -61.12 37.38 -22.73
C ALA G 396 -61.71 35.98 -22.71
N MET G 397 -61.79 35.39 -21.53
CA MET G 397 -62.45 34.10 -21.35
C MET G 397 -63.26 34.14 -20.07
N TYR G 398 -64.35 33.39 -20.04
CA TYR G 398 -65.16 33.30 -18.84
C TYR G 398 -64.53 32.31 -17.87
N SER G 399 -64.37 32.72 -16.62
CA SER G 399 -63.83 31.88 -15.56
C SER G 399 -64.95 31.63 -14.55
N THR G 400 -65.43 30.38 -14.49
CA THR G 400 -66.49 30.06 -13.54
C THR G 400 -65.99 30.20 -12.10
N ALA G 401 -64.71 29.93 -11.85
CA ALA G 401 -64.17 30.06 -10.51
C ALA G 401 -64.22 31.51 -10.02
N ASP G 402 -64.18 32.47 -10.93
CA ASP G 402 -64.28 33.88 -10.59
C ASP G 402 -65.66 34.47 -10.87
N GLY G 403 -66.52 33.74 -11.57
CA GLY G 403 -67.85 34.23 -11.86
C GLY G 403 -67.92 35.41 -12.80
N LYS G 404 -66.92 35.58 -13.66
CA LYS G 404 -66.90 36.71 -14.58
C LYS G 404 -65.94 36.42 -15.71
N TYR G 405 -65.94 37.32 -16.70
CA TYR G 405 -64.98 37.27 -17.78
C TYR G 405 -63.65 37.87 -17.33
N ILE G 406 -62.56 37.16 -17.62
CA ILE G 406 -61.22 37.55 -17.20
C ILE G 406 -60.45 38.00 -18.44
N THR G 407 -59.88 39.19 -18.39
CA THR G 407 -59.08 39.72 -19.49
C THR G 407 -57.62 39.79 -19.05
N LEU G 408 -56.73 39.28 -19.89
CA LEU G 408 -55.30 39.31 -19.61
C LEU G 408 -54.56 39.49 -20.91
N PRO G 409 -53.34 40.03 -20.86
CA PRO G 409 -52.58 40.26 -22.11
C PRO G 409 -52.11 38.93 -22.70
N ALA G 410 -52.57 38.65 -23.92
CA ALA G 410 -52.06 37.51 -24.66
C ALA G 410 -50.62 37.71 -25.09
N THR G 411 -50.15 38.95 -25.14
CA THR G 411 -48.77 39.27 -25.49
C THR G 411 -47.87 39.42 -24.28
N MET G 412 -48.23 38.82 -23.15
CA MET G 412 -47.50 39.06 -21.91
C MET G 412 -46.07 38.55 -22.00
N LEU G 413 -45.83 37.44 -22.69
CA LEU G 413 -44.50 36.88 -22.78
C LEU G 413 -43.72 37.35 -24.00
N SER G 414 -44.31 38.17 -24.87
CA SER G 414 -43.66 38.58 -26.11
C SER G 414 -43.85 40.07 -26.35
N ASN G 415 -43.68 40.88 -25.31
CA ASN G 415 -43.93 42.31 -25.44
C ASN G 415 -42.90 43.01 -26.31
N SER G 416 -41.70 42.44 -26.45
CA SER G 416 -40.62 43.14 -27.14
C SER G 416 -40.90 43.30 -28.62
N ILE G 417 -41.54 42.31 -29.25
CA ILE G 417 -41.78 42.38 -30.70
C ILE G 417 -43.05 43.11 -31.05
N VAL G 418 -43.81 43.57 -30.08
CA VAL G 418 -45.09 44.22 -30.35
C VAL G 418 -44.88 45.71 -30.57
N ASP G 419 -45.19 46.17 -31.76
CA ASP G 419 -45.30 47.58 -32.11
C ASP G 419 -46.77 47.99 -31.98
N TYR G 420 -47.18 49.06 -32.67
CA TYR G 420 -48.57 49.48 -32.68
C TYR G 420 -49.35 48.69 -33.73
N ILE G 421 -50.38 47.99 -33.30
CA ILE G 421 -51.17 47.11 -34.16
C ILE G 421 -52.25 47.90 -34.86
N ASN G 422 -52.47 47.64 -36.15
CA ASN G 422 -53.48 48.36 -36.92
C ASN G 422 -54.50 47.50 -37.63
N SER G 423 -54.40 46.18 -37.57
CA SER G 423 -55.43 45.30 -38.12
C SER G 423 -55.17 43.88 -37.63
N ASN G 424 -56.18 43.02 -37.72
CA ASN G 424 -56.00 41.63 -37.35
C ASN G 424 -56.95 40.74 -38.13
N GLY G 425 -56.67 39.44 -38.10
CA GLY G 425 -57.47 38.43 -38.75
C GLY G 425 -57.18 37.08 -38.15
N THR G 426 -57.91 36.06 -38.61
CA THR G 426 -57.71 34.70 -38.16
C THR G 426 -57.57 33.78 -39.36
N TRP G 427 -56.95 32.62 -39.13
CA TRP G 427 -56.71 31.66 -40.19
C TRP G 427 -56.55 30.29 -39.58
N GLU G 428 -57.24 29.31 -40.16
CA GLU G 428 -57.17 27.92 -39.71
C GLU G 428 -56.82 27.08 -40.93
N PRO G 429 -55.56 27.09 -41.34
CA PRO G 429 -55.19 26.52 -42.64
C PRO G 429 -55.37 25.01 -42.67
N ALA G 430 -55.70 24.52 -43.87
CA ALA G 430 -55.94 23.09 -44.05
C ALA G 430 -54.63 22.32 -44.01
N GLY G 431 -54.61 21.23 -43.25
CA GLY G 431 -53.47 20.33 -43.19
C GLY G 431 -52.35 20.78 -42.28
N ILE G 432 -52.47 21.93 -41.64
CA ILE G 432 -51.41 22.49 -40.81
C ILE G 432 -51.86 22.44 -39.35
N SER G 433 -50.95 22.02 -38.47
CA SER G 433 -51.23 21.89 -37.04
C SER G 433 -51.09 23.25 -36.36
N THR G 434 -52.01 24.16 -36.69
CA THR G 434 -51.98 25.47 -36.05
C THR G 434 -53.34 26.13 -36.18
N ARG G 435 -53.66 26.98 -35.20
CA ARG G 435 -54.75 27.93 -35.28
C ARG G 435 -54.17 29.32 -35.11
N LEU G 436 -54.33 30.16 -36.13
CA LEU G 436 -53.55 31.38 -36.28
C LEU G 436 -54.40 32.62 -36.03
N TYR G 437 -53.83 33.54 -35.26
CA TYR G 437 -54.29 34.92 -35.16
C TYR G 437 -53.20 35.82 -35.72
N LEU G 438 -53.55 36.66 -36.67
CA LEU G 438 -52.59 37.50 -37.38
C LEU G 438 -52.88 38.96 -37.08
N ALA G 439 -51.83 39.79 -37.12
CA ALA G 439 -51.99 41.21 -36.79
C ALA G 439 -50.84 42.01 -37.38
N THR G 440 -51.15 42.93 -38.29
CA THR G 440 -50.11 43.78 -38.84
C THR G 440 -49.85 44.97 -37.92
N GLN G 441 -48.69 45.60 -38.10
CA GLN G 441 -48.25 46.68 -37.24
C GLN G 441 -47.81 47.88 -38.07
N ASP G 442 -47.69 49.02 -37.42
CA ASP G 442 -47.30 50.25 -38.10
C ASP G 442 -45.91 50.16 -38.70
N ASN G 443 -44.99 49.45 -38.05
CA ASN G 443 -43.63 49.35 -38.57
C ASN G 443 -43.53 48.45 -39.78
N GLY G 444 -44.62 47.87 -40.24
CA GLY G 444 -44.60 47.07 -41.45
C GLY G 444 -44.43 45.58 -41.25
N THR G 445 -44.39 45.11 -40.01
CA THR G 445 -44.27 43.69 -39.71
C THR G 445 -45.65 43.12 -39.39
N MET G 446 -45.71 41.81 -39.28
CA MET G 446 -46.95 41.11 -38.96
C MET G 446 -46.72 40.12 -37.83
N LEU G 447 -47.52 40.21 -36.79
CA LEU G 447 -47.48 39.27 -35.69
C LEU G 447 -48.27 38.01 -36.05
N LEU G 448 -47.74 36.87 -35.64
CA LEU G 448 -48.39 35.59 -35.84
C LEU G 448 -48.53 34.91 -34.49
N TYR G 449 -49.75 34.54 -34.13
CA TYR G 449 -50.05 33.96 -32.83
C TYR G 449 -50.67 32.59 -33.05
N SER G 450 -49.97 31.55 -32.63
CA SER G 450 -50.45 30.18 -32.72
C SER G 450 -50.92 29.75 -31.33
N THR G 451 -52.17 29.34 -31.23
CA THR G 451 -52.78 29.10 -29.94
C THR G 451 -53.54 27.79 -29.91
N LEU G 452 -53.37 27.05 -28.81
CA LEU G 452 -54.23 25.93 -28.45
C LEU G 452 -54.26 25.92 -26.93
N GLN G 453 -55.24 26.64 -26.36
CA GLN G 453 -55.13 27.06 -24.97
C GLN G 453 -55.36 25.91 -24.00
N THR G 454 -56.21 24.95 -24.35
CA THR G 454 -56.41 23.80 -23.47
C THR G 454 -55.13 22.99 -23.32
N GLN G 455 -54.25 23.04 -24.31
CA GLN G 455 -52.98 22.33 -24.27
C GLN G 455 -51.81 23.25 -23.95
N ASN G 456 -52.09 24.47 -23.47
CA ASN G 456 -51.05 25.42 -23.08
C ASN G 456 -50.10 25.70 -24.25
N VAL G 457 -50.67 25.91 -25.42
CA VAL G 457 -49.93 26.33 -26.60
C VAL G 457 -50.26 27.80 -26.86
N ALA G 458 -49.24 28.65 -26.81
CA ALA G 458 -49.43 30.07 -27.11
C ALA G 458 -48.07 30.62 -27.55
N GLY G 459 -47.87 30.69 -28.85
CA GLY G 459 -46.59 31.11 -29.38
C GLY G 459 -46.65 32.26 -30.36
N TRP G 460 -45.95 33.34 -30.07
CA TRP G 460 -45.87 34.50 -30.93
C TRP G 460 -44.63 34.43 -31.80
N SER G 461 -44.75 34.99 -33.00
CA SER G 461 -43.61 35.09 -33.91
C SER G 461 -43.83 36.30 -34.80
N LEU G 462 -42.75 36.77 -35.41
CA LEU G 462 -42.75 38.00 -36.19
C LEU G 462 -42.48 37.69 -37.65
N ARG G 463 -43.31 38.23 -38.52
CA ARG G 463 -43.22 38.01 -39.96
C ARG G 463 -42.77 39.31 -40.64
N THR G 464 -41.72 39.21 -41.45
CA THR G 464 -41.22 40.34 -42.22
C THR G 464 -41.13 39.95 -43.68
N THR G 465 -41.18 40.96 -44.55
CA THR G 465 -41.14 40.75 -45.98
C THR G 465 -40.28 41.84 -46.62
N THR G 466 -40.04 41.71 -47.92
CA THR G 466 -39.35 42.76 -48.68
C THR G 466 -40.38 43.82 -49.04
N GLY G 467 -40.72 44.61 -48.05
CA GLY G 467 -41.82 45.54 -48.13
C GLY G 467 -42.41 45.76 -46.75
N LYS G 468 -43.66 46.20 -46.71
CA LYS G 468 -44.31 46.54 -45.45
C LYS G 468 -45.76 46.06 -45.48
N PHE G 469 -46.12 45.19 -44.55
CA PHE G 469 -47.50 44.78 -44.41
C PHE G 469 -48.34 45.96 -43.93
N ARG G 470 -49.49 46.16 -44.56
CA ARG G 470 -50.40 47.24 -44.18
C ARG G 470 -51.72 46.75 -43.64
N GLN G 471 -52.18 45.56 -44.03
CA GLN G 471 -53.41 45.01 -43.49
C GLN G 471 -53.39 43.51 -43.69
N VAL G 472 -54.05 42.80 -42.77
CA VAL G 472 -54.27 41.36 -42.90
C VAL G 472 -55.77 41.11 -42.82
N ILE G 473 -56.27 40.29 -43.73
CA ILE G 473 -57.70 40.04 -43.88
C ILE G 473 -57.94 38.54 -43.78
N GLY G 474 -58.92 38.15 -42.98
CA GLY G 474 -59.25 36.74 -42.90
C GLY G 474 -60.14 36.37 -41.73
N GLU G 475 -61.04 35.43 -41.96
CA GLU G 475 -61.97 34.96 -40.93
C GLU G 475 -61.74 33.51 -40.55
N GLY G 476 -60.65 32.91 -41.03
CA GLY G 476 -60.35 31.54 -40.70
C GLY G 476 -60.22 30.64 -41.91
N ARG G 477 -61.05 30.87 -42.92
CA ARG G 477 -61.02 30.02 -44.10
C ARG G 477 -59.84 30.33 -45.02
N GLN G 478 -59.43 31.60 -45.09
CA GLN G 478 -58.31 32.00 -45.92
C GLN G 478 -57.71 33.27 -45.33
N SER G 479 -56.63 33.74 -45.92
CA SER G 479 -55.94 34.92 -45.40
C SER G 479 -55.30 35.69 -46.54
N HIS G 480 -55.60 36.99 -46.61
CA HIS G 480 -54.98 37.90 -47.57
C HIS G 480 -54.23 38.98 -46.83
N VAL G 481 -53.27 39.60 -47.50
CA VAL G 481 -52.53 40.71 -46.97
C VAL G 481 -52.49 41.82 -48.01
N ILE G 482 -52.39 43.06 -47.52
CA ILE G 482 -52.17 44.22 -48.36
C ILE G 482 -50.77 44.72 -48.06
N VAL G 483 -49.90 44.71 -49.07
CA VAL G 483 -48.47 44.91 -48.88
C VAL G 483 -48.02 46.10 -49.71
N GLU G 484 -47.19 46.95 -49.11
CA GLU G 484 -46.55 48.05 -49.81
C GLU G 484 -45.15 47.61 -50.21
N ARG G 485 -44.89 47.57 -51.52
CA ARG G 485 -43.61 47.14 -52.05
C ARG G 485 -43.04 48.20 -52.97
N GLU G 486 -41.74 48.13 -53.19
CA GLU G 486 -41.05 49.04 -54.10
C GLU G 486 -40.75 48.33 -55.42
N ILE G 487 -40.80 49.09 -56.49
CA ILE G 487 -40.43 48.59 -57.82
C ILE G 487 -39.45 49.57 -58.44
N ASN G 488 -38.57 49.05 -59.28
CA ASN G 488 -37.68 49.90 -60.05
C ASN G 488 -38.49 50.65 -61.10
N ILE G 489 -38.34 51.97 -61.14
CA ILE G 489 -39.14 52.79 -62.05
C ILE G 489 -38.25 53.42 -63.10
N GLY G 490 -37.12 52.77 -63.39
CA GLY G 490 -36.29 53.18 -64.50
C GLY G 490 -35.58 54.50 -64.34
N ALA G 491 -35.97 55.50 -65.13
CA ALA G 491 -35.28 56.77 -65.18
C ALA G 491 -35.88 57.82 -64.24
N SER G 492 -36.93 57.50 -63.51
CA SER G 492 -37.54 58.44 -62.58
C SER G 492 -37.15 58.10 -61.15
N PHE G 493 -37.26 59.10 -60.27
CA PHE G 493 -36.79 58.99 -58.89
C PHE G 493 -37.89 59.41 -57.93
N GLU G 494 -38.18 58.57 -56.96
CA GLU G 494 -39.18 58.93 -55.97
C GLU G 494 -38.73 58.69 -54.53
N GLN G 495 -38.07 57.58 -54.25
CA GLN G 495 -37.83 57.16 -52.87
C GLN G 495 -36.45 57.61 -52.40
N THR G 496 -36.28 57.60 -51.08
CA THR G 496 -35.03 57.92 -50.45
C THR G 496 -34.41 56.66 -49.84
N LEU G 497 -33.11 56.71 -49.64
CA LEU G 497 -32.39 55.57 -49.09
C LEU G 497 -32.81 55.29 -47.65
N ASP G 498 -32.89 54.01 -47.30
CA ASP G 498 -33.24 53.65 -45.94
C ASP G 498 -32.12 53.96 -44.96
N TYR G 499 -30.87 53.78 -45.38
CA TYR G 499 -29.73 54.03 -44.52
C TYR G 499 -28.65 54.75 -45.30
N ALA G 500 -27.92 55.62 -44.60
CA ALA G 500 -26.81 56.35 -45.18
C ALA G 500 -25.85 56.74 -44.05
N TYR G 501 -24.57 56.42 -44.24
CA TYR G 501 -23.55 56.70 -43.25
C TYR G 501 -22.33 57.29 -43.93
N LEU G 502 -21.54 58.02 -43.15
CA LEU G 502 -20.21 58.42 -43.55
C LEU G 502 -19.22 57.63 -42.71
N SER G 503 -18.11 57.23 -43.33
CA SER G 503 -17.14 56.39 -42.64
C SER G 503 -15.73 56.87 -42.95
N ASP G 504 -14.80 56.43 -42.12
CA ASP G 504 -13.40 56.82 -42.19
C ASP G 504 -12.64 55.82 -43.07
N PRO G 505 -11.35 56.04 -43.33
CA PRO G 505 -10.61 55.08 -44.17
C PRO G 505 -10.62 53.65 -43.67
N THR G 506 -10.70 53.41 -42.37
CA THR G 506 -10.74 52.05 -41.86
C THR G 506 -12.13 51.43 -41.96
N PHE G 507 -13.14 52.18 -42.39
CA PHE G 507 -14.50 51.70 -42.57
C PHE G 507 -15.10 51.21 -41.25
N LYS G 508 -14.63 51.74 -40.13
CA LYS G 508 -15.18 51.42 -38.82
C LYS G 508 -16.09 52.50 -38.28
N ALA G 509 -15.81 53.76 -38.56
CA ALA G 509 -16.65 54.84 -38.08
C ALA G 509 -18.01 54.79 -38.75
N ARG G 510 -19.04 55.19 -38.01
CA ARG G 510 -20.41 55.26 -38.53
C ARG G 510 -21.01 56.58 -38.10
N TYR G 511 -21.28 57.44 -39.07
CA TYR G 511 -21.91 58.73 -38.83
C TYR G 511 -23.20 58.78 -39.64
N ASP G 512 -24.33 58.63 -38.96
CA ASP G 512 -25.61 58.47 -39.64
C ASP G 512 -26.05 59.78 -40.26
N VAL G 513 -26.28 59.77 -41.57
CA VAL G 513 -26.71 60.95 -42.31
C VAL G 513 -27.95 60.64 -43.13
N THR G 514 -28.75 59.66 -42.69
CA THR G 514 -29.93 59.28 -43.45
C THR G 514 -30.91 60.45 -43.58
N GLU G 515 -31.11 61.21 -42.51
CA GLU G 515 -32.06 62.32 -42.56
C GLU G 515 -31.60 63.41 -43.52
N PHE G 516 -30.30 63.71 -43.55
CA PHE G 516 -29.81 64.75 -44.46
C PHE G 516 -30.02 64.34 -45.91
N PHE G 517 -29.74 63.08 -46.25
CA PHE G 517 -29.94 62.62 -47.62
C PHE G 517 -31.42 62.58 -47.98
N ALA G 518 -32.29 62.24 -47.03
CA ALA G 518 -33.71 62.13 -47.30
C ALA G 518 -34.41 63.48 -47.40
N SER G 519 -33.94 64.48 -46.64
CA SER G 519 -34.60 65.77 -46.63
C SER G 519 -34.33 66.54 -47.91
N SER G 520 -35.19 67.53 -48.17
CA SER G 520 -34.99 68.40 -49.31
C SER G 520 -33.73 69.25 -49.10
N PRO G 521 -33.13 69.74 -50.18
CA PRO G 521 -31.86 70.48 -50.03
C PRO G 521 -31.95 71.67 -49.10
N MET G 522 -33.09 72.34 -49.03
CA MET G 522 -33.24 73.49 -48.16
C MET G 522 -33.60 73.12 -46.73
N THR G 523 -33.96 71.88 -46.46
CA THR G 523 -34.24 71.46 -45.10
C THR G 523 -32.96 71.11 -44.36
N SER G 524 -32.15 70.22 -44.93
CA SER G 524 -30.92 69.78 -44.30
C SER G 524 -29.91 69.41 -45.37
N ALA G 525 -28.63 69.55 -45.04
CA ALA G 525 -27.55 69.18 -45.93
C ALA G 525 -26.36 68.76 -45.07
N ILE G 526 -25.43 68.02 -45.69
CA ILE G 526 -24.30 67.50 -44.96
C ILE G 526 -23.11 67.39 -45.92
N GLY G 527 -21.93 67.74 -45.42
CA GLY G 527 -20.73 67.61 -46.21
C GLY G 527 -20.21 66.18 -46.17
N VAL G 528 -19.76 65.70 -47.32
CA VAL G 528 -19.37 64.31 -47.47
C VAL G 528 -17.98 64.25 -48.10
N LEU G 529 -17.31 63.12 -47.87
CA LEU G 529 -15.99 62.84 -48.44
C LEU G 529 -15.01 63.95 -48.12
N GLU G 530 -14.89 64.26 -46.82
CA GLU G 530 -14.08 65.39 -46.39
C GLU G 530 -12.59 65.13 -46.60
N ASN G 531 -12.14 63.89 -46.41
CA ASN G 531 -10.74 63.54 -46.54
C ASN G 531 -10.58 62.43 -47.57
N GLN G 532 -9.33 62.20 -47.95
CA GLN G 532 -9.03 61.10 -48.85
C GLN G 532 -9.34 59.77 -48.18
N ASN G 533 -9.87 58.84 -48.98
CA ASN G 533 -10.23 57.49 -48.55
C ASN G 533 -11.41 57.45 -47.60
N ASP G 534 -12.20 58.52 -47.52
CA ASP G 534 -13.44 58.48 -46.77
C ASP G 534 -14.52 57.73 -47.57
N TYR G 535 -15.59 57.37 -46.89
CA TYR G 535 -16.64 56.52 -47.47
C TYR G 535 -18.00 57.16 -47.33
N ILE G 536 -18.90 56.79 -48.25
CA ILE G 536 -20.33 56.97 -48.11
C ILE G 536 -20.97 55.60 -48.24
N LEU G 537 -21.61 55.14 -47.17
CA LEU G 537 -22.28 53.85 -47.15
C LEU G 537 -23.78 54.06 -47.25
N ILE G 538 -24.42 53.41 -48.22
CA ILE G 538 -25.85 53.56 -48.44
C ILE G 538 -26.48 52.18 -48.52
N GLY G 539 -27.69 52.06 -48.01
CA GLY G 539 -28.40 50.79 -48.02
C GLY G 539 -29.88 51.00 -48.21
N ASN G 540 -30.53 49.96 -48.73
CA ASN G 540 -31.96 50.02 -49.01
C ASN G 540 -32.56 48.63 -48.90
N GLN G 541 -33.84 48.58 -48.54
CA GLN G 541 -34.52 47.30 -48.39
C GLN G 541 -34.64 46.56 -49.71
N ALA G 542 -34.82 47.29 -50.81
CA ALA G 542 -34.96 46.74 -52.14
C ALA G 542 -33.79 47.19 -53.01
N PRO G 543 -33.47 46.43 -54.06
CA PRO G 543 -32.39 46.86 -54.96
C PRO G 543 -32.77 48.13 -55.71
N PHE G 544 -31.75 48.92 -56.04
CA PHE G 544 -31.90 50.14 -56.81
C PHE G 544 -30.75 50.24 -57.79
N THR G 545 -31.00 50.91 -58.92
CA THR G 545 -29.99 51.01 -59.96
C THR G 545 -29.65 52.44 -60.36
N ALA G 546 -30.06 53.44 -59.59
CA ALA G 546 -29.71 54.81 -59.92
C ALA G 546 -29.84 55.68 -58.68
N LEU G 547 -28.97 56.70 -58.62
CA LEU G 547 -29.03 57.75 -57.62
C LEU G 547 -29.21 59.08 -58.32
N ASP G 548 -29.94 59.99 -57.70
CA ASP G 548 -30.11 61.35 -58.21
C ASP G 548 -29.72 62.31 -57.09
N ILE G 549 -28.63 63.05 -57.29
CA ILE G 549 -27.99 63.82 -56.23
C ILE G 549 -28.11 65.31 -56.55
N ASP G 550 -28.53 66.08 -55.55
CA ASP G 550 -28.53 67.53 -55.61
C ASP G 550 -27.52 68.06 -54.62
N PHE G 551 -26.62 68.92 -55.08
CA PHE G 551 -25.56 69.47 -54.24
C PHE G 551 -25.90 70.89 -53.86
N ASN G 552 -25.86 71.18 -52.55
CA ASN G 552 -25.84 72.55 -52.09
C ASN G 552 -24.51 73.23 -52.36
N LEU G 553 -23.45 72.43 -52.52
CA LEU G 553 -22.12 72.96 -52.83
C LEU G 553 -21.33 71.84 -53.49
N VAL G 554 -21.02 72.01 -54.78
CA VAL G 554 -20.32 70.96 -55.50
C VAL G 554 -18.87 70.92 -55.08
N ALA G 555 -18.23 69.77 -55.35
CA ALA G 555 -16.80 69.64 -55.10
C ALA G 555 -16.01 70.50 -56.08
N SER G 556 -14.91 71.07 -55.60
CA SER G 556 -14.11 71.94 -56.45
C SER G 556 -13.36 71.19 -57.54
N SER G 557 -13.12 69.89 -57.35
CA SER G 557 -12.47 69.09 -58.39
C SER G 557 -12.95 67.65 -58.25
N ASP G 558 -12.59 66.84 -59.24
CA ASP G 558 -13.03 65.45 -59.30
C ASP G 558 -12.58 64.70 -58.07
N CYS G 559 -13.52 64.07 -57.38
CA CYS G 559 -13.21 63.32 -56.17
C CYS G 559 -12.66 61.93 -56.45
N GLN G 560 -12.65 61.50 -57.71
CA GLN G 560 -12.15 60.18 -58.11
C GLN G 560 -12.86 59.07 -57.33
N LEU G 561 -14.15 58.97 -57.58
CA LEU G 561 -15.01 58.06 -56.83
C LEU G 561 -14.74 56.61 -57.22
N GLN G 562 -14.85 55.74 -56.23
CA GLN G 562 -14.78 54.29 -56.44
C GLN G 562 -16.03 53.67 -55.83
N PHE G 563 -16.71 52.82 -56.59
CA PHE G 563 -17.98 52.24 -56.18
C PHE G 563 -17.81 50.75 -55.93
N GLU G 564 -18.45 50.28 -54.86
CA GLU G 564 -18.44 48.86 -54.51
C GLU G 564 -19.81 48.46 -53.99
N TYR G 565 -20.15 47.19 -54.17
CA TYR G 565 -21.39 46.63 -53.64
C TYR G 565 -21.06 45.40 -52.81
N LEU G 566 -21.95 45.08 -51.87
CA LEU G 566 -21.75 43.99 -50.94
C LEU G 566 -22.57 42.79 -51.38
N ASP G 567 -21.91 41.65 -51.57
CA ASP G 567 -22.56 40.46 -52.06
C ASP G 567 -22.95 39.53 -50.92
N GLY G 568 -23.55 38.39 -51.26
CA GLY G 568 -24.08 37.48 -50.27
C GLY G 568 -23.03 36.82 -49.39
N ASN G 569 -21.78 36.81 -49.81
CA ASN G 569 -20.70 36.25 -49.00
C ASN G 569 -20.05 37.30 -48.09
N GLY G 570 -20.57 38.51 -48.08
CA GLY G 570 -19.94 39.57 -47.30
C GLY G 570 -18.70 40.15 -47.93
N PHE G 571 -18.58 40.07 -49.25
CA PHE G 571 -17.41 40.54 -49.97
C PHE G 571 -17.79 41.80 -50.75
N TRP G 572 -16.97 42.84 -50.61
CA TRP G 572 -17.18 44.09 -51.33
C TRP G 572 -16.48 44.03 -52.67
N ASP G 573 -17.23 44.28 -53.75
CA ASP G 573 -16.73 44.12 -55.11
C ASP G 573 -16.90 45.42 -55.87
N VAL G 574 -15.86 45.81 -56.61
CA VAL G 574 -15.89 47.06 -57.36
C VAL G 574 -16.76 46.92 -58.59
N PHE G 575 -17.50 47.98 -58.92
CA PHE G 575 -18.23 48.06 -60.17
C PHE G 575 -18.15 49.49 -60.69
N THR G 576 -18.34 49.64 -61.99
CA THR G 576 -18.18 50.94 -62.64
C THR G 576 -19.52 51.46 -63.15
N PRO G 577 -20.11 52.44 -62.49
CA PRO G 577 -21.36 53.02 -63.00
C PRO G 577 -21.09 54.16 -63.97
N THR G 578 -22.18 54.66 -64.55
CA THR G 578 -22.14 55.89 -65.35
C THR G 578 -22.35 57.07 -64.42
N ASP G 579 -21.28 57.81 -64.15
CA ASP G 579 -21.29 58.89 -63.18
C ASP G 579 -21.47 60.22 -63.91
N ASN G 580 -22.69 60.74 -63.89
CA ASN G 580 -22.98 62.02 -64.54
C ASN G 580 -22.72 63.21 -63.63
N THR G 581 -22.31 62.97 -62.39
CA THR G 581 -21.85 64.04 -61.53
C THR G 581 -20.36 64.33 -61.71
N SER G 582 -19.65 63.49 -62.45
CA SER G 582 -18.21 63.62 -62.69
C SER G 582 -17.46 63.87 -61.39
N GLY G 583 -17.54 62.89 -60.50
CA GLY G 583 -16.90 63.00 -59.19
C GLY G 583 -17.49 64.06 -58.28
N PHE G 584 -18.83 64.15 -58.23
CA PHE G 584 -19.54 65.08 -57.35
C PHE G 584 -19.20 66.54 -57.66
N THR G 585 -18.91 66.84 -58.93
CA THR G 585 -18.62 68.19 -59.35
C THR G 585 -19.83 68.92 -59.91
N VAL G 586 -20.88 68.19 -60.29
CA VAL G 586 -22.09 68.80 -60.83
C VAL G 586 -23.27 67.94 -60.40
N ASP G 587 -24.44 68.56 -60.29
CA ASP G 587 -25.65 67.81 -60.02
C ASP G 587 -25.92 66.84 -61.17
N GLY G 588 -26.45 65.67 -60.83
CA GLY G 588 -26.75 64.69 -61.85
C GLY G 588 -27.07 63.34 -61.24
N THR G 589 -27.08 62.34 -62.11
CA THR G 589 -27.44 60.98 -61.72
C THR G 589 -26.24 60.06 -61.84
N ILE G 590 -26.30 58.96 -61.09
CA ILE G 590 -25.35 57.87 -61.19
C ILE G 590 -26.15 56.61 -61.44
N THR G 591 -25.90 55.94 -62.55
CA THR G 591 -26.71 54.81 -62.98
C THR G 591 -25.83 53.59 -63.22
N TRP G 592 -26.41 52.41 -63.01
CA TRP G 592 -25.73 51.16 -63.28
C TRP G 592 -26.77 50.11 -63.64
N THR G 593 -26.29 49.00 -64.19
CA THR G 593 -27.14 47.90 -64.61
C THR G 593 -27.02 46.75 -63.61
N PHE G 594 -28.01 45.85 -63.65
CA PHE G 594 -27.98 44.68 -62.78
C PHE G 594 -26.82 43.75 -63.10
N ASP G 595 -26.25 43.83 -64.31
CA ASP G 595 -25.06 43.06 -64.61
C ASP G 595 -23.84 43.58 -63.86
N ASP G 596 -23.79 44.89 -63.60
CA ASP G 596 -22.69 45.43 -62.81
C ASP G 596 -22.73 44.93 -61.37
N VAL G 597 -23.92 44.62 -60.87
CA VAL G 597 -24.12 44.25 -59.47
C VAL G 597 -24.64 42.82 -59.39
N LEU G 598 -24.12 41.95 -60.27
CA LEU G 598 -24.67 40.61 -60.44
C LEU G 598 -24.82 39.86 -59.12
N ASN G 599 -23.83 39.96 -58.23
CA ASN G 599 -23.81 39.18 -57.00
C ASN G 599 -24.47 39.90 -55.83
N TRP G 600 -25.09 41.05 -56.06
CA TRP G 600 -25.72 41.82 -55.00
C TRP G 600 -26.76 40.99 -54.25
N ALA G 601 -26.73 41.06 -52.93
CA ALA G 601 -27.65 40.28 -52.10
C ALA G 601 -27.83 41.01 -50.78
N PRO G 602 -28.93 40.78 -50.08
CA PRO G 602 -29.11 41.39 -48.76
C PRO G 602 -28.04 40.92 -47.79
N TYR G 603 -27.59 41.82 -46.94
CA TYR G 603 -26.54 41.48 -45.99
C TYR G 603 -26.62 42.44 -44.81
N GLN G 604 -25.80 42.16 -43.80
CA GLN G 604 -25.80 42.91 -42.55
C GLN G 604 -24.55 43.74 -42.45
N VAL G 605 -24.71 45.00 -42.08
CA VAL G 605 -23.60 45.91 -41.81
C VAL G 605 -23.86 46.58 -40.46
N ASN G 606 -23.08 46.21 -39.44
CA ASN G 606 -23.16 46.82 -38.12
C ASN G 606 -24.57 46.81 -37.56
N ALA G 607 -25.09 45.59 -37.38
CA ALA G 607 -26.38 45.31 -36.76
C ALA G 607 -27.58 45.75 -37.59
N ILE G 608 -27.39 46.32 -38.77
CA ILE G 608 -28.47 46.59 -39.70
C ILE G 608 -28.52 45.43 -40.68
N GLU G 609 -29.63 44.71 -40.69
CA GLU G 609 -29.74 43.45 -41.42
C GLU G 609 -30.58 43.57 -42.66
N ASN G 610 -30.26 42.73 -43.66
CA ASN G 610 -31.09 42.51 -44.84
C ASN G 610 -31.27 43.78 -45.66
N GLN G 611 -30.17 44.40 -46.05
CA GLN G 611 -30.18 45.56 -46.91
C GLN G 611 -29.26 45.32 -48.09
N TYR G 612 -29.53 46.04 -49.17
CA TYR G 612 -28.63 46.08 -50.33
C TYR G 612 -27.70 47.27 -50.16
N TRP G 613 -26.42 47.00 -49.95
CA TRP G 613 -25.45 48.01 -49.57
C TRP G 613 -24.55 48.38 -50.75
N ILE G 614 -24.22 49.66 -50.83
CA ILE G 614 -23.22 50.18 -51.75
C ILE G 614 -22.40 51.20 -50.98
N ARG G 615 -21.08 51.20 -51.17
CA ARG G 615 -20.23 52.21 -50.58
C ARG G 615 -19.45 52.93 -51.66
N ILE G 616 -19.24 54.23 -51.44
CA ILE G 616 -18.54 55.11 -52.37
C ILE G 616 -17.32 55.64 -51.66
N LYS G 617 -16.15 55.52 -52.28
CA LYS G 617 -14.88 55.88 -51.68
C LYS G 617 -14.21 56.98 -52.48
N ARG G 618 -13.81 58.04 -51.79
CA ARG G 618 -13.05 59.11 -52.44
C ARG G 618 -11.59 58.72 -52.55
N LEU G 619 -11.04 58.81 -53.76
CA LEU G 619 -9.63 58.51 -53.97
C LEU G 619 -8.78 59.73 -54.24
N ALA G 620 -9.38 60.87 -54.57
CA ALA G 620 -8.60 62.06 -54.88
C ALA G 620 -7.81 62.52 -53.67
N GLU G 621 -6.54 62.85 -53.87
CA GLU G 621 -5.69 63.27 -52.77
C GLU G 621 -6.03 64.66 -52.28
N THR G 622 -6.27 65.60 -53.21
CA THR G 622 -6.48 67.00 -52.86
C THR G 622 -7.72 67.53 -53.56
N VAL G 623 -8.71 67.92 -52.78
CA VAL G 623 -9.82 68.74 -53.26
C VAL G 623 -9.95 69.92 -52.30
N ASN G 624 -10.08 71.12 -52.86
CA ASN G 624 -10.07 72.31 -52.01
C ASN G 624 -11.38 72.47 -51.25
N THR G 625 -12.50 72.12 -51.89
CA THR G 625 -13.82 72.26 -51.27
C THR G 625 -14.55 70.93 -51.40
N ALA G 626 -14.78 70.27 -50.28
CA ALA G 626 -15.54 69.03 -50.28
C ALA G 626 -17.00 69.31 -50.59
N PRO G 627 -17.66 68.39 -51.29
CA PRO G 627 -19.06 68.62 -51.67
C PRO G 627 -20.00 68.54 -50.46
N VAL G 628 -21.13 69.22 -50.61
CA VAL G 628 -22.20 69.20 -49.62
C VAL G 628 -23.45 68.70 -50.33
N ILE G 629 -24.04 67.62 -49.81
CA ILE G 629 -25.17 66.97 -50.45
C ILE G 629 -26.46 67.47 -49.81
N GLY G 630 -27.42 67.86 -50.65
CA GLY G 630 -28.70 68.33 -50.17
C GLY G 630 -29.77 67.24 -50.13
N GLN G 631 -29.81 66.39 -51.14
CA GLN G 631 -30.78 65.32 -51.18
C GLN G 631 -30.32 64.24 -52.16
N VAL G 632 -30.62 62.99 -51.81
CA VAL G 632 -30.37 61.84 -52.67
C VAL G 632 -31.66 61.07 -52.83
N LEU G 633 -32.04 60.78 -54.08
CA LEU G 633 -33.19 59.97 -54.40
C LEU G 633 -32.73 58.74 -55.18
N ILE G 634 -33.57 57.71 -55.16
CA ILE G 634 -33.29 56.47 -55.87
C ILE G 634 -34.46 56.16 -56.79
N ASN G 635 -34.19 55.33 -57.80
CA ASN G 635 -35.17 55.07 -58.85
C ASN G 635 -36.10 53.92 -58.49
N THR G 636 -36.77 54.06 -57.34
CA THR G 636 -37.80 53.14 -56.92
C THR G 636 -39.04 53.90 -56.51
N GLY G 637 -40.19 53.26 -56.64
CA GLY G 637 -41.46 53.88 -56.27
C GLY G 637 -42.33 52.90 -55.53
N ASN G 638 -43.22 53.44 -54.70
CA ASN G 638 -44.09 52.64 -53.86
C ASN G 638 -45.31 52.15 -54.62
N ARG G 639 -45.69 50.91 -54.36
CA ARG G 639 -46.92 50.33 -54.88
C ARG G 639 -47.61 49.57 -53.76
N ILE G 640 -48.91 49.38 -53.89
CA ILE G 640 -49.71 48.65 -52.93
C ILE G 640 -50.32 47.45 -53.63
N TYR G 641 -50.09 46.26 -53.09
CA TYR G 641 -50.53 45.02 -53.71
C TYR G 641 -51.50 44.28 -52.81
N LEU G 642 -52.32 43.45 -53.43
CA LEU G 642 -53.13 42.45 -52.73
C LEU G 642 -52.53 41.09 -52.99
N GLU G 643 -52.27 40.34 -51.92
CA GLU G 643 -51.65 39.04 -52.02
C GLU G 643 -52.40 38.06 -51.13
N ARG G 644 -52.41 36.79 -51.53
CA ARG G 644 -53.06 35.73 -50.78
C ARG G 644 -52.00 34.84 -50.14
N GLN G 645 -52.11 34.65 -48.82
CA GLN G 645 -51.18 33.81 -48.10
C GLN G 645 -51.50 32.33 -48.31
N SER G 646 -50.45 31.52 -48.45
CA SER G 646 -50.62 30.10 -48.72
C SER G 646 -49.46 29.31 -48.12
N PHE G 647 -49.78 28.18 -47.51
CA PHE G 647 -48.76 27.32 -46.95
C PHE G 647 -48.09 26.44 -47.99
N ASP G 648 -48.55 26.48 -49.23
CA ASP G 648 -47.89 25.79 -50.33
C ASP G 648 -46.80 26.63 -50.99
N GLU G 649 -46.66 27.88 -50.59
CA GLU G 649 -45.67 28.79 -51.14
C GLU G 649 -44.58 29.05 -50.13
N TYR G 650 -43.35 29.17 -50.62
CA TYR G 650 -42.21 29.49 -49.76
C TYR G 650 -41.53 30.78 -50.18
N MET G 651 -42.18 31.56 -51.05
CA MET G 651 -41.69 32.86 -51.47
C MET G 651 -42.82 33.87 -51.35
N ASP G 652 -42.49 35.14 -51.48
CA ASP G 652 -43.46 36.21 -51.39
C ASP G 652 -43.81 36.77 -52.77
N SER G 653 -45.07 37.14 -52.94
CA SER G 653 -45.56 37.78 -54.16
C SER G 653 -45.28 36.92 -55.39
N THR G 654 -45.53 35.61 -55.26
CA THR G 654 -45.15 34.66 -56.29
C THR G 654 -46.08 34.75 -57.50
N GLN G 655 -45.58 34.22 -58.62
CA GLN G 655 -46.33 34.16 -59.87
C GLN G 655 -45.82 32.99 -60.69
N ILE G 656 -46.73 32.25 -61.28
CA ILE G 656 -46.36 31.11 -62.12
C ILE G 656 -46.03 31.62 -63.52
N VAL G 657 -44.85 31.27 -64.02
CA VAL G 657 -44.36 31.72 -65.30
C VAL G 657 -43.79 30.53 -66.07
N THR G 658 -43.48 30.77 -67.34
CA THR G 658 -42.85 29.77 -68.20
C THR G 658 -41.69 30.41 -68.93
N SER G 659 -40.53 29.76 -68.90
CA SER G 659 -39.34 30.26 -69.57
C SER G 659 -39.29 29.73 -71.00
N ASP G 660 -38.64 30.49 -71.88
CA ASP G 660 -38.52 30.11 -73.27
C ASP G 660 -37.23 29.30 -73.47
N SER G 661 -36.85 29.08 -74.72
CA SER G 661 -35.67 28.26 -75.01
C SER G 661 -34.38 28.87 -74.51
N ASN G 662 -34.35 30.18 -74.26
CA ASN G 662 -33.18 30.86 -73.72
C ASN G 662 -33.26 31.08 -72.22
N GLY G 663 -34.31 30.60 -71.57
CA GLY G 663 -34.52 30.87 -70.16
C GLY G 663 -35.14 32.21 -69.85
N LEU G 664 -35.54 32.98 -70.86
CA LEU G 664 -36.13 34.29 -70.63
C LEU G 664 -37.55 34.15 -70.10
N VAL G 665 -37.86 34.95 -69.08
CA VAL G 665 -39.17 34.97 -68.44
C VAL G 665 -39.68 36.41 -68.49
N THR G 666 -40.93 36.58 -68.92
CA THR G 666 -41.54 37.89 -69.04
C THR G 666 -42.79 37.97 -68.18
N GLY G 667 -43.33 39.19 -68.07
CA GLY G 667 -44.57 39.40 -67.36
C GLY G 667 -44.44 39.56 -65.87
N LEU G 668 -43.25 39.90 -65.37
CA LEU G 668 -43.01 40.07 -63.94
C LEU G 668 -42.95 41.54 -63.55
N THR G 669 -43.82 42.36 -64.14
CA THR G 669 -43.74 43.80 -63.92
C THR G 669 -43.95 44.17 -62.46
N HIS G 670 -44.80 43.45 -61.74
CA HIS G 670 -45.01 43.75 -60.34
C HIS G 670 -43.79 43.46 -59.49
N LEU G 671 -42.79 42.75 -60.02
CA LEU G 671 -41.55 42.47 -59.32
C LEU G 671 -40.36 43.17 -59.96
N ALA G 672 -40.59 44.23 -60.74
CA ALA G 672 -39.51 44.88 -61.46
C ALA G 672 -38.47 45.44 -60.51
N GLY G 673 -37.21 45.13 -60.79
CA GLY G 673 -36.10 45.59 -59.97
C GLY G 673 -35.79 44.74 -58.76
N GLN G 674 -36.56 43.70 -58.50
CA GLN G 674 -36.34 42.88 -57.33
C GLN G 674 -35.47 41.68 -57.66
N GLN G 675 -34.99 41.01 -56.61
CA GLN G 675 -34.26 39.76 -56.73
C GLN G 675 -35.22 38.61 -56.41
N VAL G 676 -35.33 37.66 -57.31
CA VAL G 676 -36.33 36.61 -57.22
C VAL G 676 -35.66 35.25 -57.33
N TYR G 677 -36.28 34.25 -56.69
CA TYR G 677 -35.87 32.86 -56.80
C TYR G 677 -36.90 32.10 -57.63
N ALA G 678 -36.45 31.03 -58.28
CA ALA G 678 -37.29 30.19 -59.10
C ALA G 678 -37.36 28.80 -58.52
N ILE G 679 -38.57 28.26 -58.39
CA ILE G 679 -38.80 26.93 -57.86
C ILE G 679 -39.53 26.10 -58.92
N THR G 680 -39.00 24.92 -59.22
CA THR G 680 -39.61 24.04 -60.20
C THR G 680 -40.86 23.38 -59.65
N GLU G 681 -41.63 22.75 -60.53
CA GLU G 681 -42.82 22.03 -60.11
C GLU G 681 -42.47 20.84 -59.24
N ASP G 682 -41.28 20.26 -59.43
CA ASP G 682 -40.84 19.15 -58.58
C ASP G 682 -40.42 19.60 -57.19
N GLY G 683 -40.29 20.91 -56.96
CA GLY G 683 -39.92 21.39 -55.66
C GLY G 683 -38.43 21.61 -55.44
N ALA G 684 -37.71 22.04 -56.46
CA ALA G 684 -36.29 22.34 -56.34
C ALA G 684 -36.07 23.82 -56.65
N THR G 685 -35.40 24.52 -55.74
CA THR G 685 -35.06 25.91 -55.95
C THR G 685 -33.77 25.97 -56.78
N ILE G 686 -33.85 26.59 -57.96
CA ILE G 686 -32.77 26.50 -58.92
C ILE G 686 -31.85 27.72 -58.94
N GLY G 687 -32.22 28.80 -58.28
CA GLY G 687 -31.33 29.93 -58.18
C GLY G 687 -32.10 31.24 -58.12
N SER G 688 -31.34 32.33 -58.12
CA SER G 688 -31.89 33.67 -58.02
C SER G 688 -31.41 34.50 -59.20
N SER G 689 -32.17 35.56 -59.49
CA SER G 689 -31.84 36.49 -60.56
C SER G 689 -32.59 37.78 -60.31
N PHE G 690 -32.19 38.83 -61.02
CA PHE G 690 -32.81 40.13 -60.91
C PHE G 690 -33.82 40.33 -62.04
N VAL G 691 -35.01 40.79 -61.69
CA VAL G 691 -35.97 41.25 -62.68
C VAL G 691 -35.60 42.68 -63.06
N ASP G 692 -35.49 42.94 -64.36
CA ASP G 692 -35.15 44.30 -64.76
C ASP G 692 -36.39 45.19 -64.72
N ALA G 693 -36.21 46.46 -65.08
CA ALA G 693 -37.29 47.43 -64.98
C ALA G 693 -38.47 47.11 -65.89
N SER G 694 -38.28 46.29 -66.92
CA SER G 694 -39.33 45.94 -67.85
C SER G 694 -40.05 44.65 -67.48
N GLY G 695 -39.70 44.04 -66.35
CA GLY G 695 -40.37 42.84 -65.92
C GLY G 695 -39.85 41.56 -66.50
N GLU G 696 -38.61 41.54 -67.00
CA GLU G 696 -38.01 40.36 -67.60
C GLU G 696 -36.81 39.91 -66.80
N THR G 697 -36.58 38.60 -66.78
CA THR G 697 -35.43 38.01 -66.12
C THR G 697 -35.08 36.71 -66.81
N SER G 698 -33.88 36.22 -66.56
CA SER G 698 -33.39 34.97 -67.11
C SER G 698 -33.19 33.96 -66.00
N VAL G 699 -33.64 32.73 -66.23
CA VAL G 699 -33.51 31.65 -65.26
C VAL G 699 -32.65 30.55 -65.87
N LYS G 700 -32.16 29.66 -65.01
CA LYS G 700 -31.26 28.61 -65.48
C LYS G 700 -31.99 27.56 -66.32
N ASN G 701 -33.19 27.15 -65.90
CA ASN G 701 -33.92 26.13 -66.63
C ASN G 701 -34.70 26.75 -67.78
N VAL G 702 -34.54 26.18 -68.97
CA VAL G 702 -35.20 26.67 -70.16
C VAL G 702 -36.40 25.79 -70.45
N ASN G 703 -37.41 26.37 -71.09
CA ASN G 703 -38.64 25.66 -71.48
C ASN G 703 -39.30 25.00 -70.27
N THR G 704 -39.29 25.68 -69.14
CA THR G 704 -39.74 25.14 -67.87
C THR G 704 -40.82 26.02 -67.27
N THR G 705 -41.85 25.39 -66.70
CA THR G 705 -42.81 26.11 -65.89
C THR G 705 -42.26 26.25 -64.47
N LEU G 706 -42.29 27.47 -63.95
CA LEU G 706 -41.64 27.78 -62.69
C LEU G 706 -42.53 28.68 -61.84
N THR G 707 -42.25 28.71 -60.56
CA THR G 707 -42.81 29.68 -59.63
C THR G 707 -41.70 30.67 -59.27
N VAL G 708 -42.01 31.96 -59.35
CA VAL G 708 -41.02 33.01 -59.15
C VAL G 708 -41.51 33.96 -58.07
N GLY G 709 -40.67 34.22 -57.08
CA GLY G 709 -41.04 35.08 -55.97
C GLY G 709 -39.81 35.51 -55.20
N MET G 710 -40.05 36.27 -54.14
CA MET G 710 -38.98 36.84 -53.33
C MET G 710 -38.76 36.03 -52.06
N GLN G 711 -37.51 36.01 -51.60
CA GLN G 711 -37.16 35.25 -50.41
C GLN G 711 -37.49 36.07 -49.15
N TYR G 712 -38.13 35.41 -48.19
CA TYR G 712 -38.19 35.89 -46.82
C TYR G 712 -37.46 34.85 -45.97
N LYS G 713 -36.44 35.29 -45.24
CA LYS G 713 -35.48 34.37 -44.65
C LYS G 713 -35.92 33.97 -43.25
N PRO G 714 -36.23 32.70 -43.00
CA PRO G 714 -36.56 32.28 -41.64
C PRO G 714 -35.33 32.26 -40.75
N GLU G 715 -35.51 32.65 -39.50
CA GLU G 715 -34.43 32.63 -38.52
C GLU G 715 -34.97 32.10 -37.20
N LEU G 716 -34.30 31.11 -36.65
CA LEU G 716 -34.68 30.52 -35.37
C LEU G 716 -33.48 30.54 -34.45
N ILE G 717 -33.60 31.22 -33.32
CA ILE G 717 -32.54 31.28 -32.32
C ILE G 717 -33.10 30.72 -31.02
N PRO G 718 -32.64 29.56 -30.56
CA PRO G 718 -33.21 28.97 -29.34
C PRO G 718 -32.90 29.80 -28.11
N MET G 719 -33.54 29.40 -27.02
CA MET G 719 -33.34 30.05 -25.73
C MET G 719 -31.92 29.78 -25.23
N PRO G 720 -31.42 30.60 -24.30
CA PRO G 720 -30.09 30.36 -23.76
C PRO G 720 -29.99 28.98 -23.13
N LEU G 721 -28.79 28.40 -23.20
CA LEU G 721 -28.57 27.07 -22.63
C LEU G 721 -28.99 27.03 -21.17
N TYR G 722 -29.76 26.02 -20.82
CA TYR G 722 -30.22 25.84 -19.44
C TYR G 722 -29.93 24.41 -19.03
N ALA G 723 -28.89 24.22 -18.22
CA ALA G 723 -28.47 22.91 -17.75
C ALA G 723 -28.20 22.99 -16.25
N PRO G 724 -29.25 22.97 -15.43
CA PRO G 724 -29.03 23.01 -13.98
C PRO G 724 -28.24 21.80 -13.50
N THR G 725 -27.31 22.04 -12.59
CA THR G 725 -26.46 21.01 -12.01
C THR G 725 -26.78 20.85 -10.53
N GLN G 726 -25.96 20.04 -9.85
CA GLN G 726 -26.12 19.90 -8.41
C GLN G 726 -25.71 21.17 -7.67
N MET G 727 -24.71 21.89 -8.19
CA MET G 727 -24.26 23.12 -7.55
C MET G 727 -25.34 24.19 -7.55
N GLY G 728 -26.35 24.07 -8.38
CA GLY G 728 -27.43 25.02 -8.47
C GLY G 728 -27.75 25.30 -9.92
N ASP G 729 -28.59 26.30 -10.14
CA ASP G 729 -28.87 26.71 -11.51
C ASP G 729 -27.59 27.27 -12.13
N SER G 730 -27.32 26.87 -13.37
CA SER G 730 -26.11 27.30 -14.06
C SER G 730 -26.40 28.45 -15.01
N LEU G 731 -27.33 29.32 -14.60
CA LEU G 731 -27.83 30.36 -15.51
C LEU G 731 -26.73 31.30 -15.98
N TYR G 732 -25.69 31.50 -15.17
CA TYR G 732 -24.61 32.41 -15.52
C TYR G 732 -23.25 31.72 -15.62
N ALA G 733 -23.21 30.40 -15.55
CA ALA G 733 -21.94 29.70 -15.62
C ALA G 733 -21.39 29.71 -17.04
N GLU G 734 -20.07 29.61 -17.15
CA GLU G 734 -19.45 29.43 -18.45
C GLU G 734 -19.84 28.08 -19.04
N LYS G 735 -20.29 28.09 -20.28
CA LYS G 735 -20.74 26.89 -20.96
C LYS G 735 -20.13 26.81 -22.34
N TYR G 736 -19.87 25.60 -22.80
CA TYR G 736 -19.38 25.36 -24.16
C TYR G 736 -20.17 24.22 -24.78
N VAL G 737 -20.69 24.44 -25.98
CA VAL G 737 -21.50 23.44 -26.67
C VAL G 737 -20.57 22.57 -27.50
N GLN G 738 -20.39 21.31 -27.08
CA GLN G 738 -19.59 20.38 -27.85
C GLN G 738 -20.34 19.89 -29.07
N ASP G 739 -21.62 19.57 -28.92
CA ASP G 739 -22.43 19.03 -30.00
C ASP G 739 -23.76 19.77 -30.08
N LEU G 740 -24.21 20.03 -31.30
CA LEU G 740 -25.49 20.66 -31.56
C LEU G 740 -26.28 19.76 -32.49
N TYR G 741 -27.46 19.34 -32.04
CA TYR G 741 -28.32 18.46 -32.82
C TYR G 741 -29.48 19.25 -33.38
N VAL G 742 -29.66 19.19 -34.69
CA VAL G 742 -30.79 19.83 -35.36
C VAL G 742 -31.74 18.74 -35.82
N ASP G 743 -32.96 18.79 -35.32
CA ASP G 743 -33.97 17.76 -35.53
C ASP G 743 -35.04 18.35 -36.45
N TYR G 744 -35.14 17.83 -37.67
CA TYR G 744 -35.92 18.47 -38.71
C TYR G 744 -36.82 17.47 -39.43
N VAL G 745 -37.91 18.00 -40.00
CA VAL G 745 -38.89 17.21 -40.74
C VAL G 745 -39.22 17.95 -42.03
N ASP G 746 -39.16 17.24 -43.15
CA ASP G 746 -39.57 17.76 -44.46
C ASP G 746 -38.94 19.12 -44.75
N SER G 747 -37.61 19.13 -44.80
CA SER G 747 -36.86 20.37 -44.89
C SER G 747 -35.84 20.31 -46.00
N LEU G 748 -35.47 21.48 -46.51
CA LEU G 748 -34.42 21.61 -47.49
C LEU G 748 -33.62 22.88 -47.20
N TYR G 749 -32.34 22.85 -47.61
CA TYR G 749 -31.48 24.04 -47.64
C TYR G 749 -31.23 24.61 -46.25
N LEU G 750 -31.10 23.75 -45.25
CA LEU G 750 -30.89 24.22 -43.89
C LEU G 750 -29.42 24.55 -43.64
N GLN G 751 -29.19 25.47 -42.71
CA GLN G 751 -27.85 25.71 -42.18
C GLN G 751 -27.97 26.12 -40.72
N ALA G 752 -26.94 25.80 -39.95
CA ALA G 752 -27.01 25.97 -38.51
C ALA G 752 -25.62 26.20 -37.94
N GLY G 753 -25.58 26.76 -36.74
CA GLY G 753 -24.35 26.86 -36.00
C GLY G 753 -24.19 28.22 -35.35
N PHE G 754 -22.93 28.53 -35.08
CA PHE G 754 -22.53 29.75 -34.37
C PHE G 754 -21.94 30.72 -35.39
N ARG G 755 -22.48 31.93 -35.43
CA ARG G 755 -22.05 32.89 -36.44
C ARG G 755 -20.61 33.34 -36.18
N PRO G 756 -19.87 33.70 -37.23
CA PRO G 756 -20.28 33.80 -38.65
C PRO G 756 -20.14 32.54 -39.47
N GLN G 757 -19.41 31.52 -39.02
CA GLN G 757 -19.14 30.32 -39.83
C GLN G 757 -20.18 29.26 -39.47
N LEU G 758 -21.15 29.08 -40.35
CA LEU G 758 -22.21 28.10 -40.16
C LEU G 758 -21.91 26.82 -40.93
N THR G 759 -22.74 25.82 -40.71
CA THR G 759 -22.61 24.52 -41.36
C THR G 759 -23.87 24.23 -42.15
N ASP G 760 -23.70 23.90 -43.43
CA ASP G 760 -24.83 23.55 -44.27
C ASP G 760 -25.21 22.09 -44.06
N ILE G 761 -26.51 21.84 -43.93
CA ILE G 761 -27.03 20.49 -43.74
C ILE G 761 -27.33 19.92 -45.12
N PRO G 762 -26.64 18.85 -45.53
CA PRO G 762 -26.83 18.34 -46.89
C PRO G 762 -28.20 17.72 -47.09
N ASN G 763 -28.74 17.90 -48.30
CA ASN G 763 -29.91 17.12 -48.76
C ASN G 763 -29.60 16.59 -50.16
N MET G 764 -28.79 15.53 -50.20
CA MET G 764 -28.57 14.73 -51.41
C MET G 764 -27.75 13.52 -51.02
N HIS G 765 -28.19 12.33 -51.41
CA HIS G 765 -27.52 11.10 -51.02
C HIS G 765 -26.65 10.63 -52.18
N LEU G 766 -25.38 10.99 -52.13
CA LEU G 766 -24.43 10.48 -53.10
C LEU G 766 -24.41 8.96 -53.04
N GLY G 767 -24.54 8.32 -54.20
CA GLY G 767 -24.68 6.89 -54.31
C GLY G 767 -26.11 6.43 -54.47
N ASN G 768 -27.07 7.21 -53.97
CA ASN G 768 -28.49 6.96 -54.20
C ASN G 768 -29.12 8.28 -54.63
N TYR G 769 -28.92 8.65 -55.89
CA TYR G 769 -29.51 9.85 -56.46
C TYR G 769 -29.32 9.82 -57.96
N THR G 770 -30.39 10.02 -58.72
CA THR G 770 -30.31 10.03 -60.18
C THR G 770 -30.34 11.47 -60.67
N LEU G 771 -29.41 11.79 -61.57
CA LEU G 771 -29.26 13.16 -62.04
C LEU G 771 -30.54 13.64 -62.71
N GLY G 772 -30.92 14.87 -62.40
CA GLY G 772 -32.13 15.47 -62.92
C GLY G 772 -33.34 15.34 -62.02
N GLN G 773 -33.29 14.51 -60.99
CA GLN G 773 -34.40 14.36 -60.06
C GLN G 773 -34.26 15.35 -58.92
N SER G 774 -35.38 15.72 -58.33
CA SER G 774 -35.40 16.62 -57.18
C SER G 774 -35.52 15.80 -55.91
N VAL G 775 -34.52 15.87 -55.04
CA VAL G 775 -34.62 15.13 -53.78
C VAL G 775 -35.76 15.70 -52.95
N PRO G 776 -36.68 14.86 -52.48
CA PRO G 776 -37.83 15.37 -51.73
C PRO G 776 -37.39 16.01 -50.43
N PRO G 777 -38.26 16.74 -49.76
CA PRO G 777 -37.91 17.29 -48.44
C PRO G 777 -37.51 16.19 -47.48
N GLN G 778 -36.48 16.45 -46.70
CA GLN G 778 -35.78 15.44 -45.92
C GLN G 778 -36.14 15.51 -44.44
N THR G 779 -36.05 14.36 -43.78
CA THR G 779 -36.33 14.22 -42.36
C THR G 779 -35.14 13.54 -41.70
N GLY G 780 -34.72 14.05 -40.55
CA GLY G 780 -33.64 13.40 -39.83
C GLY G 780 -33.05 14.31 -38.76
N ILE G 781 -31.91 13.87 -38.25
CA ILE G 781 -31.16 14.59 -37.23
C ILE G 781 -29.74 14.79 -37.76
N TYR G 782 -29.24 16.02 -37.68
CA TYR G 782 -27.88 16.32 -38.09
C TYR G 782 -27.11 16.87 -36.90
N ARG G 783 -25.93 16.31 -36.66
CA ARG G 783 -25.09 16.69 -35.54
C ARG G 783 -23.95 17.58 -36.03
N ILE G 784 -23.72 18.68 -35.32
CA ILE G 784 -22.78 19.72 -35.73
C ILE G 784 -21.94 20.12 -34.54
N CYS G 785 -20.65 20.37 -34.76
CA CYS G 785 -19.83 21.03 -33.77
C CYS G 785 -19.82 22.51 -34.09
N PRO G 786 -20.50 23.36 -33.33
CA PRO G 786 -20.64 24.76 -33.73
C PRO G 786 -19.38 25.58 -33.56
N ARG G 787 -18.48 25.18 -32.68
CA ARG G 787 -17.25 25.94 -32.39
C ARG G 787 -17.59 27.35 -31.89
N GLY G 788 -18.47 27.41 -30.88
CA GLY G 788 -18.81 28.66 -30.25
C GLY G 788 -17.88 28.99 -29.09
N ASP G 789 -18.25 30.04 -28.36
CA ASP G 789 -17.44 30.53 -27.26
C ASP G 789 -17.90 29.94 -25.93
N TRP G 790 -17.47 30.53 -24.82
CA TRP G 790 -17.80 30.06 -23.48
C TRP G 790 -18.75 31.00 -22.74
N GLU G 791 -19.42 31.90 -23.45
CA GLU G 791 -20.29 32.85 -22.79
C GLU G 791 -21.58 32.17 -22.32
N PRO G 792 -22.11 32.55 -21.16
CA PRO G 792 -23.36 31.93 -20.68
C PRO G 792 -24.55 32.17 -21.59
N ARG G 793 -24.57 33.28 -22.32
CA ARG G 793 -25.69 33.61 -23.20
C ARG G 793 -25.16 33.78 -24.61
N GLN G 794 -24.91 32.66 -25.28
CA GLN G 794 -24.43 32.64 -26.65
C GLN G 794 -25.55 32.18 -27.57
N GLU G 795 -25.50 32.63 -28.81
CA GLU G 795 -26.59 32.42 -29.77
C GLU G 795 -26.19 31.39 -30.82
N PHE G 796 -27.07 30.43 -31.05
CA PHE G 796 -26.98 29.50 -32.16
C PHE G 796 -28.17 29.71 -33.07
N VAL G 797 -27.95 29.61 -34.37
CA VAL G 797 -28.95 29.99 -35.37
C VAL G 797 -29.30 28.77 -36.22
N ILE G 798 -30.58 28.61 -36.49
CA ILE G 798 -31.08 27.70 -37.52
C ILE G 798 -31.74 28.57 -38.59
N THR G 799 -31.25 28.46 -39.82
CA THR G 799 -31.75 29.32 -40.89
C THR G 799 -31.74 28.54 -42.19
N GLN G 800 -32.05 29.21 -43.29
CA GLN G 800 -32.21 28.58 -44.58
C GLN G 800 -31.43 29.37 -45.63
N SER G 801 -30.68 28.66 -46.47
CA SER G 801 -29.86 29.34 -47.48
C SER G 801 -30.69 29.86 -48.65
N GLN G 802 -31.72 29.14 -49.07
CA GLN G 802 -32.58 29.57 -50.17
C GLN G 802 -33.99 29.07 -49.88
N PRO G 803 -35.01 29.67 -50.51
CA PRO G 803 -36.39 29.32 -50.16
C PRO G 803 -36.70 27.85 -50.35
N GLY G 804 -37.52 27.32 -49.45
CA GLY G 804 -37.94 25.95 -49.50
C GLY G 804 -38.67 25.55 -48.24
N PRO G 805 -39.14 24.31 -48.17
CA PRO G 805 -39.81 23.84 -46.95
C PRO G 805 -38.83 23.75 -45.78
N MET G 806 -39.36 23.96 -44.58
CA MET G 806 -38.54 23.95 -43.38
C MET G 806 -39.42 23.71 -42.15
N THR G 807 -39.05 22.70 -41.36
CA THR G 807 -39.72 22.45 -40.09
C THR G 807 -38.69 21.92 -39.10
N ILE G 808 -38.47 22.65 -38.03
CA ILE G 808 -37.51 22.28 -36.99
C ILE G 808 -38.30 21.83 -35.77
N ILE G 809 -38.18 20.55 -35.42
CA ILE G 809 -38.96 20.00 -34.32
C ILE G 809 -38.22 20.05 -32.99
N GLY G 810 -36.96 20.45 -32.99
CA GLY G 810 -36.23 20.56 -31.75
C GLY G 810 -34.74 20.74 -31.93
N VAL G 811 -34.06 21.18 -30.89
CA VAL G 811 -32.62 21.39 -30.89
C VAL G 811 -32.05 20.75 -29.62
N GLY G 812 -30.98 19.98 -29.77
CA GLY G 812 -30.34 19.38 -28.63
C GLY G 812 -28.91 19.84 -28.48
N TYR G 813 -28.33 19.67 -27.29
CA TYR G 813 -26.95 20.06 -27.05
C TYR G 813 -26.26 19.05 -26.15
N ASN G 814 -24.95 18.96 -26.29
CA ASN G 814 -24.07 18.39 -25.27
C ASN G 814 -23.21 19.53 -24.76
N VAL G 815 -23.49 19.98 -23.54
CA VAL G 815 -22.89 21.20 -23.00
C VAL G 815 -21.90 20.83 -21.90
N GLU G 816 -20.69 21.34 -22.01
CA GLU G 816 -19.72 21.31 -20.92
C GLU G 816 -20.00 22.49 -20.01
N VAL G 817 -20.56 22.24 -18.83
CA VAL G 817 -20.94 23.28 -17.89
C VAL G 817 -19.77 23.44 -16.91
N ALA G 818 -19.01 24.51 -17.07
CA ALA G 818 -17.89 24.79 -16.19
C ALA G 818 -18.36 25.56 -14.97
N SER H 2 -24.32 -34.60 -29.31
CA SER H 2 -25.55 -35.38 -29.47
C SER H 2 -25.74 -35.85 -30.90
N ASN H 3 -25.27 -35.05 -31.86
CA ASN H 3 -25.25 -35.49 -33.24
C ASN H 3 -24.20 -36.58 -33.42
N ILE H 4 -24.34 -37.34 -34.51
CA ILE H 4 -23.45 -38.45 -34.78
C ILE H 4 -22.36 -37.97 -35.75
N LYS H 5 -21.25 -38.71 -35.76
CA LYS H 5 -20.08 -38.34 -36.56
C LYS H 5 -20.31 -38.71 -38.02
N ILE H 6 -20.56 -37.71 -38.86
CA ILE H 6 -20.83 -37.90 -40.28
C ILE H 6 -19.83 -37.14 -41.14
N ASN H 7 -19.58 -35.89 -40.80
CA ASN H 7 -18.82 -35.00 -41.68
C ASN H 7 -17.41 -35.54 -41.90
N ASP H 8 -17.08 -35.79 -43.17
CA ASP H 8 -15.75 -36.26 -43.57
C ASP H 8 -15.41 -37.59 -42.92
N VAL H 9 -16.41 -38.42 -42.64
CA VAL H 9 -16.22 -39.74 -42.05
C VAL H 9 -16.86 -40.73 -43.00
N PHE H 10 -16.05 -41.40 -43.81
CA PHE H 10 -16.56 -42.38 -44.75
C PHE H 10 -17.13 -43.59 -44.02
N GLN H 11 -18.10 -44.24 -44.65
CA GLN H 11 -18.73 -45.44 -44.11
C GLN H 11 -18.00 -46.71 -44.52
N ARG H 12 -16.69 -46.62 -44.72
CA ARG H 12 -15.87 -47.79 -45.05
C ARG H 12 -14.48 -47.56 -44.46
N ILE H 13 -13.87 -48.64 -43.99
CA ILE H 13 -12.50 -48.60 -43.48
C ILE H 13 -11.82 -49.92 -43.81
N GLN H 14 -10.52 -49.88 -44.01
CA GLN H 14 -9.73 -51.07 -44.30
C GLN H 14 -8.45 -51.03 -43.49
N TYR H 15 -8.07 -52.18 -42.95
CA TYR H 15 -6.92 -52.29 -42.05
C TYR H 15 -5.96 -53.38 -42.52
N ALA H 16 -4.69 -53.19 -42.17
CA ALA H 16 -3.67 -54.23 -42.30
C ALA H 16 -3.36 -54.71 -40.89
N ALA H 17 -3.77 -55.93 -40.58
CA ALA H 17 -3.67 -56.44 -39.23
C ALA H 17 -2.22 -56.72 -38.85
N SER H 18 -1.93 -56.55 -37.56
CA SER H 18 -0.68 -57.03 -36.99
C SER H 18 -0.88 -58.43 -36.44
N ALA H 19 0.22 -59.15 -36.27
CA ALA H 19 0.17 -60.54 -35.85
C ALA H 19 -0.47 -60.67 -34.47
N GLY H 20 -1.55 -61.44 -34.39
CA GLY H 20 -2.24 -61.68 -33.14
C GLY H 20 -3.31 -60.67 -32.77
N GLN H 21 -3.63 -59.72 -33.64
CA GLN H 21 -4.62 -58.70 -33.33
C GLN H 21 -6.04 -59.26 -33.45
N THR H 22 -6.91 -58.84 -32.54
CA THR H 22 -8.31 -59.20 -32.59
C THR H 22 -9.28 -58.02 -32.61
N GLN H 23 -8.87 -56.85 -32.17
CA GLN H 23 -9.78 -55.71 -32.02
C GLN H 23 -9.58 -54.73 -33.17
N PHE H 24 -10.65 -54.45 -33.90
CA PHE H 24 -10.62 -53.53 -35.03
C PHE H 24 -11.74 -52.52 -34.87
N THR H 25 -11.38 -51.23 -34.86
CA THR H 25 -12.34 -50.16 -34.65
C THR H 25 -13.29 -50.04 -35.84
N ILE H 26 -14.57 -49.85 -35.53
CA ILE H 26 -15.55 -49.36 -36.51
C ILE H 26 -15.61 -47.85 -36.37
N PRO H 27 -15.00 -47.08 -37.27
CA PRO H 27 -14.89 -45.63 -37.07
C PRO H 27 -16.10 -44.82 -37.52
N PHE H 28 -17.20 -45.44 -37.87
CA PHE H 28 -18.38 -44.71 -38.31
C PHE H 28 -19.61 -45.22 -37.58
N PRO H 29 -20.59 -44.35 -37.35
CA PRO H 29 -21.79 -44.78 -36.64
C PRO H 29 -22.61 -45.76 -37.44
N PHE H 30 -23.31 -46.64 -36.72
CA PHE H 30 -24.24 -47.58 -37.32
C PHE H 30 -25.36 -47.84 -36.32
N PHE H 31 -26.49 -48.31 -36.84
CA PHE H 31 -27.68 -48.48 -36.02
C PHE H 31 -27.98 -49.92 -35.63
N ASP H 32 -27.48 -50.90 -36.38
CA ASP H 32 -27.79 -52.29 -36.12
C ASP H 32 -26.61 -53.15 -36.51
N ASN H 33 -26.38 -54.22 -35.75
CA ASN H 33 -25.22 -55.08 -36.01
C ASN H 33 -25.29 -55.70 -37.40
N GLU H 34 -26.48 -56.05 -37.88
CA GLU H 34 -26.62 -56.69 -39.17
C GLU H 34 -26.25 -55.77 -40.33
N TYR H 35 -26.21 -54.46 -40.10
CA TYR H 35 -25.93 -53.51 -41.17
C TYR H 35 -24.46 -53.16 -41.26
N VAL H 36 -23.58 -54.02 -40.78
CA VAL H 36 -22.13 -53.85 -40.89
C VAL H 36 -21.57 -55.10 -41.55
N LEU H 37 -20.79 -54.91 -42.61
CA LEU H 37 -20.20 -56.00 -43.38
C LEU H 37 -18.71 -56.06 -43.12
N VAL H 38 -18.21 -57.26 -42.85
CA VAL H 38 -16.80 -57.48 -42.53
C VAL H 38 -16.23 -58.51 -43.49
N TRP H 39 -15.09 -58.21 -44.09
CA TRP H 39 -14.34 -59.13 -44.92
C TRP H 39 -12.95 -59.32 -44.35
N GLN H 40 -12.40 -60.52 -44.52
CA GLN H 40 -11.01 -60.79 -44.17
C GLN H 40 -10.35 -61.47 -45.36
N ASN H 41 -9.41 -60.78 -46.00
CA ASN H 41 -8.76 -61.25 -47.22
C ASN H 41 -9.77 -61.57 -48.31
N GLY H 42 -10.77 -60.72 -48.45
CA GLY H 42 -11.76 -60.88 -49.50
C GLY H 42 -12.84 -61.90 -49.23
N VAL H 43 -12.88 -62.48 -48.04
CA VAL H 43 -13.89 -63.47 -47.66
C VAL H 43 -14.75 -62.86 -46.57
N GLN H 44 -16.07 -62.84 -46.79
CA GLN H 44 -16.98 -62.22 -45.85
C GLN H 44 -17.14 -63.09 -44.61
N LEU H 45 -17.01 -62.47 -43.44
CA LEU H 45 -17.10 -63.17 -42.17
C LEU H 45 -18.54 -63.18 -41.68
N VAL H 46 -18.80 -64.05 -40.71
CA VAL H 46 -20.11 -64.22 -40.11
C VAL H 46 -20.02 -63.84 -38.65
N MET H 47 -21.00 -63.09 -38.15
CA MET H 47 -21.05 -62.76 -36.74
C MET H 47 -21.36 -64.00 -35.92
N GLY H 48 -20.56 -64.24 -34.88
CA GLY H 48 -20.77 -65.40 -34.03
C GLY H 48 -19.60 -65.59 -33.09
N GLY H 49 -19.58 -66.75 -32.45
CA GLY H 49 -18.57 -67.05 -31.46
C GLY H 49 -17.60 -68.15 -31.85
N ALA H 50 -17.88 -68.81 -32.97
CA ALA H 50 -17.01 -69.88 -33.45
C ALA H 50 -15.72 -69.30 -34.02
N PRO H 51 -14.67 -70.11 -34.12
CA PRO H 51 -13.44 -69.63 -34.78
C PRO H 51 -13.72 -69.21 -36.21
N GLY H 52 -13.06 -68.14 -36.62
CA GLY H 52 -13.30 -67.54 -37.91
C GLY H 52 -14.49 -66.61 -37.96
N GLN H 53 -15.16 -66.39 -36.85
CA GLN H 53 -16.28 -65.47 -36.75
C GLN H 53 -15.87 -64.25 -35.92
N TYR H 54 -16.79 -63.30 -35.75
CA TYR H 54 -16.46 -62.07 -35.05
C TYR H 54 -17.60 -61.64 -34.16
N GLY H 55 -17.26 -60.87 -33.13
CA GLY H 55 -18.24 -60.19 -32.31
C GLY H 55 -18.26 -58.71 -32.65
N ILE H 56 -19.37 -58.04 -32.35
CA ILE H 56 -19.54 -56.64 -32.72
C ILE H 56 -20.25 -55.91 -31.59
N SER H 57 -19.83 -54.68 -31.33
CA SER H 57 -20.47 -53.85 -30.32
C SER H 57 -20.47 -52.40 -30.78
N GLY H 58 -21.34 -51.60 -30.19
CA GLY H 58 -21.40 -50.18 -30.47
C GLY H 58 -22.57 -49.72 -31.32
N ALA H 59 -23.54 -50.58 -31.59
CA ALA H 59 -24.71 -50.15 -32.34
C ALA H 59 -25.47 -49.07 -31.59
N GLY H 60 -25.85 -48.02 -32.30
CA GLY H 60 -26.49 -46.87 -31.70
C GLY H 60 -25.54 -45.85 -31.11
N SER H 61 -24.25 -46.13 -31.09
CA SER H 61 -23.28 -45.17 -30.59
C SER H 61 -23.09 -44.04 -31.59
N PRO H 62 -22.92 -42.80 -31.13
CA PRO H 62 -22.76 -41.69 -32.07
C PRO H 62 -21.44 -41.71 -32.83
N SER H 63 -20.45 -42.46 -32.38
CA SER H 63 -19.12 -42.40 -32.98
C SER H 63 -18.64 -43.70 -33.61
N GLY H 64 -19.19 -44.84 -33.25
CA GLY H 64 -18.78 -46.09 -33.85
C GLY H 64 -18.75 -47.19 -32.82
N GLY H 65 -18.05 -48.26 -33.15
CA GLY H 65 -18.00 -49.44 -32.30
C GLY H 65 -16.72 -50.21 -32.47
N LEU H 66 -16.81 -51.54 -32.30
CA LEU H 66 -15.63 -52.38 -32.30
C LEU H 66 -15.97 -53.76 -32.86
N ILE H 67 -15.06 -54.30 -33.65
CA ILE H 67 -15.12 -55.66 -34.17
C ILE H 67 -14.05 -56.48 -33.46
N THR H 68 -14.46 -57.61 -32.87
CA THR H 68 -13.54 -58.47 -32.14
C THR H 68 -13.52 -59.85 -32.80
N LEU H 69 -12.41 -60.18 -33.46
CA LEU H 69 -12.28 -61.48 -34.08
C LEU H 69 -12.14 -62.58 -33.04
N VAL H 70 -12.76 -63.73 -33.29
CA VAL H 70 -12.57 -64.89 -32.43
C VAL H 70 -11.16 -65.45 -32.61
N THR H 71 -10.69 -65.55 -33.85
CA THR H 71 -9.37 -66.08 -34.13
C THR H 71 -8.40 -64.92 -34.35
N PRO H 72 -7.29 -64.86 -33.63
CA PRO H 72 -6.34 -63.77 -33.84
C PRO H 72 -5.82 -63.76 -35.28
N ALA H 73 -5.66 -62.56 -35.82
CA ALA H 73 -5.31 -62.40 -37.22
C ALA H 73 -3.83 -62.66 -37.46
N ALA H 74 -3.49 -62.91 -38.71
CA ALA H 74 -2.11 -63.04 -39.13
C ALA H 74 -1.58 -61.71 -39.62
N LEU H 75 -0.26 -61.61 -39.72
CA LEU H 75 0.35 -60.36 -40.15
C LEU H 75 -0.07 -60.02 -41.58
N ASN H 76 -0.49 -58.76 -41.77
CA ASN H 76 -0.89 -58.22 -43.06
C ASN H 76 -2.15 -58.89 -43.62
N ASP H 77 -2.99 -59.44 -42.75
CA ASP H 77 -4.35 -59.76 -43.15
C ASP H 77 -5.11 -58.46 -43.37
N ILE H 78 -5.98 -58.45 -44.39
CA ILE H 78 -6.71 -57.24 -44.75
C ILE H 78 -8.13 -57.37 -44.22
N ILE H 79 -8.51 -56.45 -43.34
CA ILE H 79 -9.84 -56.41 -42.75
C ILE H 79 -10.58 -55.22 -43.33
N THR H 80 -11.74 -55.46 -43.91
CA THR H 80 -12.55 -54.41 -44.51
C THR H 80 -13.90 -54.35 -43.80
N ILE H 81 -14.30 -53.15 -43.42
CA ILE H 81 -15.56 -52.93 -42.72
C ILE H 81 -16.36 -51.87 -43.48
N GLN H 82 -17.61 -52.18 -43.79
CA GLN H 82 -18.44 -51.29 -44.58
C GLN H 82 -19.85 -51.25 -44.01
N GLY H 83 -20.44 -50.05 -44.00
CA GLY H 83 -21.83 -49.89 -43.56
C GLY H 83 -22.78 -50.10 -44.71
N ASP H 84 -23.80 -50.94 -44.49
CA ASP H 84 -24.70 -51.38 -45.55
C ASP H 84 -26.16 -51.40 -45.06
N MET H 85 -26.62 -50.28 -44.53
CA MET H 85 -27.98 -50.18 -44.04
C MET H 85 -28.98 -50.21 -45.19
N PRO H 86 -30.14 -50.85 -45.00
CA PRO H 86 -31.20 -50.78 -46.03
C PRO H 86 -31.75 -49.37 -46.15
N ILE H 87 -32.18 -49.04 -47.37
CA ILE H 87 -32.73 -47.72 -47.67
C ILE H 87 -34.24 -47.88 -47.72
N ASP H 88 -34.90 -47.56 -46.61
CA ASP H 88 -36.33 -47.72 -46.48
C ASP H 88 -36.80 -46.87 -45.31
N ARG H 89 -38.10 -46.91 -45.04
CA ARG H 89 -38.66 -46.18 -43.90
C ARG H 89 -39.94 -46.89 -43.49
N THR H 90 -39.87 -47.66 -42.42
CA THR H 90 -41.01 -48.45 -41.97
C THR H 90 -41.68 -47.93 -40.71
N SER H 91 -41.03 -47.07 -39.95
CA SER H 91 -41.66 -46.41 -38.81
C SER H 91 -42.04 -44.99 -39.23
N ILE H 92 -43.34 -44.69 -39.19
CA ILE H 92 -43.88 -43.44 -39.70
C ILE H 92 -44.77 -42.81 -38.64
N TYR H 93 -45.07 -41.53 -38.84
CA TYR H 93 -45.95 -40.82 -37.93
C TYR H 93 -47.41 -41.11 -38.26
N SER H 94 -48.24 -41.20 -37.23
CA SER H 94 -49.65 -41.42 -37.44
C SER H 94 -50.33 -40.11 -37.85
N ALA H 95 -51.48 -40.24 -38.51
CA ALA H 95 -52.21 -39.06 -38.94
C ALA H 95 -52.95 -38.38 -37.80
N THR H 96 -53.18 -39.07 -36.69
CA THR H 96 -54.01 -38.54 -35.62
C THR H 96 -53.33 -38.45 -34.27
N ILE H 97 -52.57 -39.45 -33.87
CA ILE H 97 -52.09 -39.52 -32.50
C ILE H 97 -50.58 -39.60 -32.39
N SER H 98 -49.87 -38.90 -33.26
CA SER H 98 -48.42 -38.81 -33.18
C SER H 98 -48.02 -37.52 -32.47
N ASN H 99 -47.35 -37.65 -31.33
CA ASN H 99 -46.79 -36.51 -30.62
C ASN H 99 -45.36 -36.31 -31.13
N LEU H 100 -45.14 -35.21 -31.84
CA LEU H 100 -43.83 -34.95 -32.43
C LEU H 100 -42.84 -34.55 -31.35
N THR H 101 -41.70 -35.23 -31.34
CA THR H 101 -40.65 -35.01 -30.35
C THR H 101 -39.34 -34.69 -31.06
N GLY H 102 -38.46 -33.99 -30.34
CA GLY H 102 -37.14 -33.74 -30.87
C GLY H 102 -36.36 -35.02 -31.12
N SER H 103 -36.59 -36.04 -30.30
CA SER H 103 -35.96 -37.34 -30.52
C SER H 103 -36.45 -37.97 -31.82
N ASP H 104 -37.73 -37.80 -32.13
CA ASP H 104 -38.26 -38.33 -33.39
C ASP H 104 -37.58 -37.68 -34.58
N LEU H 105 -37.49 -36.35 -34.58
CA LEU H 105 -36.89 -35.65 -35.71
C LEU H 105 -35.42 -36.00 -35.83
N ASN H 106 -34.69 -36.04 -34.71
CA ASN H 106 -33.28 -36.40 -34.77
C ASN H 106 -33.08 -37.80 -35.31
N GLY H 107 -33.93 -38.75 -34.89
CA GLY H 107 -33.82 -40.11 -35.38
C GLY H 107 -34.04 -40.22 -36.87
N ASP H 108 -35.04 -39.51 -37.40
CA ASP H 108 -35.35 -39.60 -38.82
C ASP H 108 -34.27 -38.97 -39.68
N PHE H 109 -33.78 -37.79 -39.28
CA PHE H 109 -32.71 -37.14 -40.06
C PHE H 109 -31.42 -37.93 -39.99
N ASN H 110 -31.11 -38.51 -38.83
CA ASN H 110 -29.88 -39.29 -38.69
C ASN H 110 -29.87 -40.49 -39.62
N ARG H 111 -31.01 -41.19 -39.73
CA ARG H 111 -31.07 -42.35 -40.61
C ARG H 111 -30.83 -41.96 -42.07
N GLU H 112 -31.44 -40.87 -42.51
CA GLU H 112 -31.30 -40.48 -43.91
C GLU H 112 -29.91 -39.94 -44.21
N VAL H 113 -29.28 -39.28 -43.24
CA VAL H 113 -27.92 -38.80 -43.44
C VAL H 113 -26.95 -39.98 -43.56
N VAL H 114 -27.13 -41.01 -42.75
CA VAL H 114 -26.26 -42.18 -42.83
C VAL H 114 -26.48 -42.91 -44.16
N MET H 115 -27.73 -43.07 -44.58
CA MET H 115 -28.01 -43.66 -45.88
C MET H 115 -27.30 -42.90 -46.99
N MET H 116 -27.41 -41.58 -46.96
CA MET H 116 -26.79 -40.75 -47.99
C MET H 116 -25.28 -40.84 -47.95
N LYS H 117 -24.70 -40.93 -46.76
CA LYS H 117 -23.26 -41.05 -46.63
C LYS H 117 -22.77 -42.40 -47.15
N GLN H 118 -23.56 -43.46 -46.97
CA GLN H 118 -23.18 -44.76 -47.50
C GLN H 118 -23.17 -44.75 -49.03
N ILE H 119 -24.14 -44.07 -49.64
CA ILE H 119 -24.18 -43.96 -51.09
C ILE H 119 -23.00 -43.16 -51.60
N GLN H 120 -22.66 -42.06 -50.92
CA GLN H 120 -21.54 -41.24 -51.36
C GLN H 120 -20.20 -41.92 -51.12
N THR H 121 -20.12 -42.78 -50.11
CA THR H 121 -18.89 -43.54 -49.87
C THR H 121 -18.59 -44.47 -51.04
N THR H 122 -19.63 -45.17 -51.53
CA THR H 122 -19.45 -46.02 -52.69
C THR H 122 -19.06 -45.20 -53.93
N GLN H 123 -19.67 -44.04 -54.10
CA GLN H 123 -19.39 -43.21 -55.27
C GLN H 123 -17.96 -42.67 -55.23
N ALA H 124 -17.47 -42.31 -54.04
CA ALA H 124 -16.17 -41.66 -53.95
C ALA H 124 -15.01 -42.65 -53.97
N LEU H 125 -15.15 -43.79 -53.31
CA LEU H 125 -14.02 -44.69 -53.14
C LEU H 125 -14.05 -45.90 -54.05
N LEU H 126 -15.21 -46.32 -54.54
CA LEU H 126 -15.30 -47.58 -55.26
C LEU H 126 -15.72 -47.46 -56.71
N GLN H 127 -16.20 -46.31 -57.15
CA GLN H 127 -16.71 -46.16 -58.51
C GLN H 127 -15.80 -45.27 -59.35
N LEU H 128 -15.91 -45.41 -60.66
CA LEU H 128 -15.18 -44.61 -61.62
C LEU H 128 -15.98 -43.38 -62.01
N GLN H 129 -15.28 -42.35 -62.47
CA GLN H 129 -15.94 -41.17 -62.99
C GLN H 129 -14.98 -40.38 -63.85
N TYR H 130 -15.53 -39.57 -64.75
CA TYR H 130 -14.75 -38.57 -65.44
C TYR H 130 -14.39 -37.44 -64.49
N ALA H 131 -13.27 -36.79 -64.75
CA ALA H 131 -12.89 -35.65 -63.93
C ALA H 131 -13.94 -34.55 -64.09
N PRO H 132 -14.26 -33.82 -63.01
CA PRO H 132 -15.39 -32.88 -63.07
C PRO H 132 -15.23 -31.79 -64.11
N TRP H 133 -14.00 -31.50 -64.54
CA TRP H 133 -13.77 -30.42 -65.50
C TRP H 133 -13.76 -30.88 -66.95
N LEU H 134 -13.85 -32.18 -67.21
CA LEU H 134 -13.82 -32.67 -68.58
C LEU H 134 -15.05 -32.21 -69.36
N GLU H 135 -14.87 -32.04 -70.66
CA GLU H 135 -15.92 -31.49 -71.51
C GLU H 135 -16.87 -32.59 -71.99
N VAL H 136 -17.56 -33.19 -71.03
CA VAL H 136 -18.62 -34.14 -71.36
C VAL H 136 -19.88 -33.38 -71.74
N SER H 137 -20.76 -34.07 -72.47
CA SER H 137 -22.03 -33.45 -72.85
C SER H 137 -22.85 -33.14 -71.61
N GLN H 138 -23.35 -31.92 -71.53
CA GLN H 138 -24.15 -31.50 -70.39
C GLN H 138 -25.61 -31.94 -70.51
N ASP H 139 -25.99 -32.55 -71.63
CA ASP H 139 -27.31 -33.12 -71.79
C ASP H 139 -27.24 -34.61 -71.46
N PRO H 140 -27.94 -35.08 -70.42
CA PRO H 140 -27.89 -36.52 -70.10
C PRO H 140 -28.45 -37.41 -71.19
N ASP H 141 -29.25 -36.88 -72.10
CA ASP H 141 -29.78 -37.69 -73.20
C ASP H 141 -28.69 -38.09 -74.20
N VAL H 142 -27.58 -37.36 -74.25
CA VAL H 142 -26.44 -37.73 -75.09
C VAL H 142 -25.63 -38.77 -74.32
N THR H 143 -25.75 -40.03 -74.71
CA THR H 143 -25.18 -41.14 -73.96
C THR H 143 -23.88 -41.67 -74.55
N LYS H 144 -23.24 -40.91 -75.45
CA LYS H 144 -22.07 -41.39 -76.15
C LYS H 144 -20.97 -41.82 -75.19
N ASP H 145 -20.63 -40.97 -74.24
CA ASP H 145 -19.55 -41.25 -73.30
C ASP H 145 -20.00 -41.99 -72.05
N ARG H 146 -21.31 -42.17 -71.86
CA ARG H 146 -21.83 -42.64 -70.60
C ARG H 146 -22.37 -44.07 -70.63
N TYR H 147 -23.21 -44.40 -71.61
CA TYR H 147 -23.83 -45.71 -71.63
C TYR H 147 -22.84 -46.79 -72.06
N LEU H 148 -22.90 -47.93 -71.39
CA LEU H 148 -22.04 -49.06 -71.67
C LEU H 148 -22.85 -50.23 -72.21
N PRO H 149 -22.28 -51.02 -73.11
CA PRO H 149 -22.91 -52.28 -73.51
C PRO H 149 -22.41 -53.44 -72.66
N LEU H 150 -23.20 -54.52 -72.68
CA LEU H 150 -22.77 -55.73 -72.00
C LEU H 150 -21.60 -56.36 -72.74
N LEU H 151 -20.65 -56.90 -71.98
CA LEU H 151 -19.45 -57.51 -72.55
C LEU H 151 -19.67 -59.01 -72.69
N GLY H 152 -19.48 -59.51 -73.90
CA GLY H 152 -19.38 -60.94 -74.12
C GLY H 152 -18.00 -61.44 -73.80
N SER H 153 -17.82 -62.75 -73.96
CA SER H 153 -16.54 -63.38 -73.64
C SER H 153 -15.41 -62.79 -74.47
N GLY H 154 -14.30 -62.49 -73.80
CA GLY H 154 -13.13 -61.95 -74.47
C GLY H 154 -13.34 -60.60 -75.12
N GLN H 155 -14.12 -59.72 -74.49
CA GLN H 155 -14.46 -58.44 -75.08
C GLN H 155 -14.14 -57.30 -74.11
N VAL H 156 -13.75 -56.16 -74.67
CA VAL H 156 -13.46 -54.96 -73.92
C VAL H 156 -14.41 -53.86 -74.40
N TRP H 157 -14.44 -52.76 -73.64
CA TRP H 157 -15.19 -51.58 -74.04
C TRP H 157 -14.30 -50.70 -74.92
N ARG H 158 -14.79 -50.36 -76.10
CA ARG H 158 -14.02 -49.58 -77.07
C ARG H 158 -14.95 -48.62 -77.77
N MET H 159 -14.60 -47.34 -77.74
CA MET H 159 -15.33 -46.35 -78.53
C MET H 159 -15.22 -46.70 -80.00
N ASN H 160 -16.34 -46.66 -80.71
CA ASN H 160 -16.34 -47.13 -82.09
C ASN H 160 -15.58 -46.15 -82.99
N ASP H 161 -15.35 -46.58 -84.23
CA ASP H 161 -14.56 -45.80 -85.17
C ASP H 161 -15.20 -44.47 -85.53
N SER H 162 -16.52 -44.34 -85.36
CA SER H 162 -17.21 -43.10 -85.67
C SER H 162 -17.29 -42.14 -84.50
N GLY H 163 -16.86 -42.57 -83.31
CA GLY H 163 -16.99 -41.72 -82.13
C GLY H 163 -18.43 -41.41 -81.76
N THR H 164 -19.31 -42.39 -81.85
CA THR H 164 -20.71 -42.20 -81.51
C THR H 164 -21.18 -43.02 -80.32
N GLY H 165 -20.45 -44.06 -79.93
CA GLY H 165 -20.83 -44.85 -78.79
C GLY H 165 -19.76 -45.86 -78.45
N ILE H 166 -19.87 -46.40 -77.25
CA ILE H 166 -18.98 -47.46 -76.79
C ILE H 166 -19.62 -48.79 -77.08
N GLU H 167 -18.86 -49.71 -77.68
CA GLU H 167 -19.39 -51.01 -78.03
C GLU H 167 -18.40 -52.10 -77.63
N ALA H 168 -18.95 -53.29 -77.37
CA ALA H 168 -18.13 -54.44 -77.02
C ALA H 168 -17.26 -54.84 -78.19
N TYR H 169 -16.01 -55.21 -77.89
CA TYR H 169 -14.99 -55.38 -78.93
C TYR H 169 -14.16 -56.60 -78.57
N THR H 170 -14.22 -57.64 -79.40
CA THR H 170 -13.52 -58.87 -79.11
C THR H 170 -12.01 -58.70 -79.29
N ILE H 171 -11.26 -59.14 -78.29
CA ILE H 171 -9.80 -59.18 -78.36
C ILE H 171 -9.38 -60.60 -77.98
N ASP H 172 -8.63 -61.25 -78.86
CA ASP H 172 -8.18 -62.60 -78.59
C ASP H 172 -7.07 -62.61 -77.54
N GLU H 173 -7.07 -63.65 -76.72
CA GLU H 173 -6.10 -63.76 -75.63
C GLU H 173 -4.71 -64.07 -76.17
N SER I 2 -49.50 -40.16 -48.25
CA SER I 2 -48.17 -39.88 -47.72
C SER I 2 -47.95 -40.58 -46.38
N ASN I 3 -49.05 -41.00 -45.75
CA ASN I 3 -48.97 -41.79 -44.52
C ASN I 3 -48.81 -43.27 -44.87
N ILE I 4 -47.72 -43.58 -45.57
CA ILE I 4 -47.43 -44.92 -46.04
C ILE I 4 -46.00 -45.28 -45.62
N LYS I 5 -45.71 -46.57 -45.63
CA LYS I 5 -44.36 -47.07 -45.44
C LYS I 5 -43.65 -47.19 -46.76
N ILE I 6 -42.33 -47.03 -46.73
CA ILE I 6 -41.47 -47.25 -47.88
C ILE I 6 -40.68 -48.52 -47.61
N ASN I 7 -40.95 -49.57 -48.36
CA ASN I 7 -40.25 -50.83 -48.17
C ASN I 7 -38.92 -50.82 -48.91
N ASP I 8 -38.06 -51.78 -48.54
CA ASP I 8 -36.74 -51.91 -49.15
C ASP I 8 -36.87 -52.72 -50.42
N VAL I 9 -37.15 -52.03 -51.52
CA VAL I 9 -37.38 -52.67 -52.82
C VAL I 9 -36.64 -51.88 -53.88
N PHE I 10 -35.92 -52.57 -54.76
CA PHE I 10 -35.24 -51.90 -55.86
C PHE I 10 -36.23 -51.14 -56.73
N GLN I 11 -35.83 -49.95 -57.17
CA GLN I 11 -36.67 -49.09 -57.98
C GLN I 11 -36.61 -49.43 -59.46
N ARG I 12 -36.33 -50.68 -59.79
CA ARG I 12 -36.27 -51.14 -61.17
C ARG I 12 -36.67 -52.62 -61.20
N ILE I 13 -37.51 -52.98 -62.17
CA ILE I 13 -37.94 -54.36 -62.35
C ILE I 13 -37.91 -54.67 -63.84
N GLN I 14 -37.57 -55.93 -64.16
CA GLN I 14 -37.53 -56.38 -65.55
C GLN I 14 -38.24 -57.73 -65.67
N TYR I 15 -38.96 -57.91 -66.78
CA TYR I 15 -39.73 -59.11 -67.01
C TYR I 15 -39.46 -59.65 -68.41
N ALA I 16 -39.56 -60.97 -68.54
CA ALA I 16 -39.66 -61.63 -69.83
C ALA I 16 -41.11 -62.02 -70.02
N ALA I 17 -41.79 -61.35 -70.94
CA ALA I 17 -43.23 -61.50 -71.08
C ALA I 17 -43.60 -62.89 -71.57
N SER I 18 -44.75 -63.37 -71.10
CA SER I 18 -45.37 -64.54 -71.69
C SER I 18 -46.13 -64.14 -72.95
N ALA I 19 -46.61 -65.15 -73.68
CA ALA I 19 -47.35 -64.89 -74.91
C ALA I 19 -48.67 -64.22 -74.59
N GLY I 20 -48.86 -63.00 -75.08
CA GLY I 20 -50.09 -62.27 -74.88
C GLY I 20 -50.23 -61.55 -73.55
N GLN I 21 -49.19 -61.55 -72.73
CA GLN I 21 -49.27 -60.89 -71.44
C GLN I 21 -49.39 -59.38 -71.60
N THR I 22 -50.25 -58.78 -70.79
CA THR I 22 -50.46 -57.33 -70.82
C THR I 22 -50.21 -56.65 -69.49
N GLN I 23 -50.37 -57.34 -68.37
CA GLN I 23 -50.25 -56.73 -67.06
C GLN I 23 -48.91 -57.09 -66.43
N PHE I 24 -48.17 -56.07 -66.01
CA PHE I 24 -46.87 -56.24 -65.36
C PHE I 24 -46.87 -55.45 -64.06
N THR I 25 -46.44 -56.11 -62.99
CA THR I 25 -46.52 -55.51 -61.66
C THR I 25 -45.35 -54.54 -61.43
N ILE I 26 -45.65 -53.41 -60.80
CA ILE I 26 -44.63 -52.50 -60.28
C ILE I 26 -44.48 -52.80 -58.80
N PRO I 27 -43.37 -53.40 -58.36
CA PRO I 27 -43.22 -53.77 -56.95
C PRO I 27 -42.69 -52.66 -56.05
N PHE I 28 -42.41 -51.48 -56.58
CA PHE I 28 -41.85 -50.41 -55.77
C PHE I 28 -42.81 -49.22 -55.73
N PRO I 29 -42.82 -48.49 -54.63
CA PRO I 29 -43.72 -47.33 -54.54
C PRO I 29 -43.31 -46.22 -55.47
N PHE I 30 -44.31 -45.47 -55.95
CA PHE I 30 -44.08 -44.31 -56.78
C PHE I 30 -45.23 -43.34 -56.55
N PHE I 31 -44.92 -42.05 -56.60
CA PHE I 31 -45.85 -41.02 -56.19
C PHE I 31 -46.61 -40.38 -57.35
N ASP I 32 -46.16 -40.57 -58.58
CA ASP I 32 -46.79 -39.92 -59.72
C ASP I 32 -46.56 -40.78 -60.96
N ASN I 33 -47.55 -40.77 -61.85
CA ASN I 33 -47.45 -41.59 -63.05
C ASN I 33 -46.31 -41.14 -63.96
N GLU I 34 -46.05 -39.85 -64.01
CA GLU I 34 -45.01 -39.34 -64.90
C GLU I 34 -43.61 -39.74 -64.46
N TYR I 35 -43.44 -40.21 -63.23
CA TYR I 35 -42.13 -40.53 -62.69
C TYR I 35 -41.77 -42.00 -62.86
N VAL I 36 -42.35 -42.68 -63.85
CA VAL I 36 -42.06 -44.07 -64.14
C VAL I 36 -41.74 -44.19 -65.62
N LEU I 37 -40.64 -44.87 -65.95
CA LEU I 37 -40.24 -45.09 -67.32
C LEU I 37 -40.42 -46.56 -67.68
N VAL I 38 -40.97 -46.80 -68.87
CA VAL I 38 -41.26 -48.14 -69.34
C VAL I 38 -40.53 -48.35 -70.67
N TRP I 39 -39.81 -49.46 -70.77
CA TRP I 39 -39.14 -49.87 -72.00
C TRP I 39 -39.64 -51.23 -72.43
N GLN I 40 -39.79 -51.42 -73.74
CA GLN I 40 -40.11 -52.71 -74.31
C GLN I 40 -39.09 -52.99 -75.41
N ASN I 41 -38.22 -53.97 -75.18
CA ASN I 41 -37.14 -54.32 -76.10
C ASN I 41 -36.26 -53.11 -76.40
N GLY I 42 -35.97 -52.32 -75.38
CA GLY I 42 -35.08 -51.19 -75.53
C GLY I 42 -35.70 -49.95 -76.15
N VAL I 43 -37.01 -49.92 -76.32
CA VAL I 43 -37.70 -48.77 -76.89
C VAL I 43 -38.63 -48.21 -75.84
N GLN I 44 -38.48 -46.93 -75.52
CA GLN I 44 -39.28 -46.33 -74.47
C GLN I 44 -40.72 -46.14 -74.94
N LEU I 45 -41.66 -46.58 -74.11
CA LEU I 45 -43.07 -46.50 -74.44
C LEU I 45 -43.65 -45.17 -73.95
N VAL I 46 -44.84 -44.85 -74.46
CA VAL I 46 -45.56 -43.64 -74.10
C VAL I 46 -46.83 -44.04 -73.37
N MET I 47 -47.17 -43.29 -72.32
CA MET I 47 -48.39 -43.54 -71.58
C MET I 47 -49.59 -43.02 -72.38
N GLY I 48 -50.57 -43.89 -72.59
CA GLY I 48 -51.75 -43.51 -73.36
C GLY I 48 -52.63 -44.71 -73.61
N GLY I 49 -53.57 -44.52 -74.53
CA GLY I 49 -54.53 -45.57 -74.86
C GLY I 49 -54.39 -46.12 -76.27
N ALA I 50 -53.53 -45.52 -77.07
CA ALA I 50 -53.30 -45.99 -78.43
C ALA I 50 -52.52 -47.31 -78.40
N PRO I 51 -52.60 -48.10 -79.48
CA PRO I 51 -51.78 -49.31 -79.56
C PRO I 51 -50.30 -48.97 -79.50
N GLY I 52 -49.53 -49.85 -78.86
CA GLY I 52 -48.13 -49.59 -78.62
C GLY I 52 -47.87 -48.70 -77.43
N GLN I 53 -48.86 -48.44 -76.59
CA GLN I 53 -48.74 -47.60 -75.41
C GLN I 53 -49.17 -48.40 -74.20
N TYR I 54 -49.18 -47.75 -73.03
CA TYR I 54 -49.48 -48.44 -71.79
C TYR I 54 -50.28 -47.53 -70.88
N GLY I 55 -51.01 -48.15 -69.95
CA GLY I 55 -51.69 -47.45 -68.88
C GLY I 55 -51.08 -47.86 -67.55
N ILE I 56 -51.12 -46.97 -66.57
CA ILE I 56 -50.46 -47.19 -65.29
C ILE I 56 -51.40 -46.79 -64.18
N SER I 57 -51.40 -47.57 -63.10
CA SER I 57 -52.22 -47.28 -61.93
C SER I 57 -51.41 -47.61 -60.68
N GLY I 58 -51.92 -47.17 -59.54
CA GLY I 58 -51.31 -47.47 -58.26
C GLY I 58 -50.41 -46.41 -57.69
N ALA I 59 -50.47 -45.18 -58.19
CA ALA I 59 -49.62 -44.12 -57.65
C ALA I 59 -50.00 -43.81 -56.21
N GLY I 60 -48.98 -43.68 -55.36
CA GLY I 60 -49.17 -43.40 -53.95
C GLY I 60 -49.32 -44.62 -53.08
N SER I 61 -49.49 -45.79 -53.66
CA SER I 61 -49.65 -47.02 -52.90
C SER I 61 -48.30 -47.52 -52.38
N PRO I 62 -48.25 -48.00 -51.13
CA PRO I 62 -46.98 -48.50 -50.60
C PRO I 62 -46.47 -49.76 -51.31
N SER I 63 -47.35 -50.52 -51.96
CA SER I 63 -46.98 -51.79 -52.57
C SER I 63 -46.82 -51.70 -54.08
N GLY I 64 -46.72 -50.48 -54.62
CA GLY I 64 -46.57 -50.32 -56.05
C GLY I 64 -47.89 -50.46 -56.78
N GLY I 65 -47.81 -50.48 -58.10
CA GLY I 65 -48.97 -50.47 -58.96
C GLY I 65 -48.88 -51.51 -60.05
N LEU I 66 -49.33 -51.12 -61.24
CA LEU I 66 -49.50 -52.06 -62.34
C LEU I 66 -49.35 -51.33 -63.67
N ILE I 67 -48.70 -51.99 -64.62
CA ILE I 67 -48.54 -51.51 -65.99
C ILE I 67 -49.39 -52.41 -66.88
N THR I 68 -50.26 -51.79 -67.69
CA THR I 68 -51.14 -52.53 -68.58
C THR I 68 -50.85 -52.09 -70.02
N LEU I 69 -50.27 -52.99 -70.81
CA LEU I 69 -50.00 -52.70 -72.20
C LEU I 69 -51.29 -52.70 -73.01
N VAL I 70 -51.41 -51.74 -73.92
CA VAL I 70 -52.53 -51.75 -74.85
C VAL I 70 -52.41 -52.94 -75.80
N THR I 71 -51.23 -53.12 -76.40
CA THR I 71 -50.99 -54.23 -77.30
C THR I 71 -50.36 -55.37 -76.54
N PRO I 72 -50.93 -56.58 -76.57
CA PRO I 72 -50.32 -57.70 -75.86
C PRO I 72 -48.91 -57.97 -76.35
N ALA I 73 -48.04 -58.33 -75.42
CA ALA I 73 -46.63 -58.52 -75.74
C ALA I 73 -46.39 -59.89 -76.35
N ALA I 74 -45.39 -59.95 -77.22
CA ALA I 74 -44.97 -61.22 -77.79
C ALA I 74 -44.17 -62.01 -76.76
N LEU I 75 -44.00 -63.31 -77.04
CA LEU I 75 -43.25 -64.16 -76.12
C LEU I 75 -41.81 -63.67 -76.00
N ASN I 76 -41.32 -63.65 -74.77
CA ASN I 76 -39.95 -63.25 -74.44
C ASN I 76 -39.65 -61.80 -74.80
N ASP I 77 -40.68 -60.96 -74.82
CA ASP I 77 -40.44 -59.52 -74.88
C ASP I 77 -39.95 -59.02 -73.53
N ILE I 78 -38.94 -58.15 -73.56
CA ILE I 78 -38.34 -57.65 -72.33
C ILE I 78 -39.04 -56.35 -71.95
N ILE I 79 -39.62 -56.33 -70.75
CA ILE I 79 -40.31 -55.15 -70.23
C ILE I 79 -39.51 -54.65 -69.03
N THR I 80 -39.08 -53.39 -69.09
CA THR I 80 -38.30 -52.78 -68.02
C THR I 80 -39.06 -51.59 -67.46
N ILE I 81 -39.18 -51.53 -66.13
CA ILE I 81 -39.89 -50.47 -65.44
C ILE I 81 -38.95 -49.87 -64.40
N GLN I 82 -38.78 -48.56 -64.43
CA GLN I 82 -37.84 -47.89 -63.55
C GLN I 82 -38.43 -46.58 -63.05
N GLY I 83 -38.21 -46.28 -61.76
CA GLY I 83 -38.65 -45.01 -61.21
C GLY I 83 -37.63 -43.91 -61.48
N ASP I 84 -38.15 -42.72 -61.82
CA ASP I 84 -37.31 -41.59 -62.22
C ASP I 84 -37.87 -40.28 -61.66
N MET I 85 -38.10 -40.23 -60.35
CA MET I 85 -38.61 -39.02 -59.73
C MET I 85 -37.55 -37.92 -59.72
N PRO I 86 -37.92 -36.67 -60.01
CA PRO I 86 -36.95 -35.58 -59.93
C PRO I 86 -36.52 -35.31 -58.49
N ILE I 87 -35.30 -34.82 -58.35
CA ILE I 87 -34.75 -34.51 -57.03
C ILE I 87 -34.86 -32.99 -56.86
N ASP I 88 -35.94 -32.56 -56.22
CA ASP I 88 -36.16 -31.16 -55.92
C ASP I 88 -37.09 -31.07 -54.72
N ARG I 89 -37.50 -29.84 -54.38
CA ARG I 89 -38.44 -29.64 -53.28
C ARG I 89 -39.20 -28.35 -53.59
N THR I 90 -40.42 -28.48 -54.09
CA THR I 90 -41.22 -27.34 -54.50
C THR I 90 -42.36 -27.00 -53.55
N SER I 91 -42.60 -27.81 -52.53
CA SER I 91 -43.60 -27.50 -51.52
C SER I 91 -42.90 -27.35 -50.17
N ILE I 92 -42.92 -26.13 -49.63
CA ILE I 92 -42.19 -25.82 -48.42
C ILE I 92 -43.17 -25.33 -47.36
N TYR I 93 -42.73 -25.37 -46.12
CA TYR I 93 -43.55 -24.93 -45.01
C TYR I 93 -43.47 -23.42 -44.85
N SER I 94 -44.43 -22.87 -44.13
CA SER I 94 -44.36 -21.45 -43.76
C SER I 94 -43.29 -21.24 -42.71
N ALA I 95 -42.91 -19.98 -42.52
CA ALA I 95 -41.83 -19.66 -41.58
C ALA I 95 -42.20 -20.10 -40.17
N THR I 96 -43.42 -19.81 -39.72
CA THR I 96 -43.90 -20.21 -38.40
C THR I 96 -45.21 -20.97 -38.59
N ILE I 97 -45.10 -22.27 -38.83
CA ILE I 97 -46.29 -23.09 -39.01
C ILE I 97 -46.98 -23.29 -37.68
N SER I 98 -48.31 -23.31 -37.70
CA SER I 98 -49.10 -23.69 -36.54
C SER I 98 -49.91 -24.94 -36.78
N ASN I 99 -49.65 -25.64 -37.87
CA ASN I 99 -50.33 -26.91 -38.16
C ASN I 99 -49.43 -27.71 -39.09
N LEU I 100 -48.88 -28.79 -38.57
CA LEU I 100 -47.98 -29.67 -39.33
C LEU I 100 -48.62 -31.04 -39.40
N THR I 101 -49.14 -31.39 -40.57
CA THR I 101 -49.88 -32.63 -40.73
C THR I 101 -48.94 -33.82 -40.81
N GLY I 102 -49.44 -34.99 -40.40
CA GLY I 102 -48.66 -36.20 -40.55
C GLY I 102 -48.30 -36.50 -41.99
N SER I 103 -49.23 -36.23 -42.92
CA SER I 103 -48.95 -36.46 -44.33
C SER I 103 -47.82 -35.57 -44.82
N ASP I 104 -47.77 -34.32 -44.37
CA ASP I 104 -46.69 -33.43 -44.79
C ASP I 104 -45.35 -33.90 -44.25
N LEU I 105 -45.30 -34.26 -42.97
CA LEU I 105 -44.05 -34.70 -42.38
C LEU I 105 -43.59 -36.03 -42.97
N ASN I 106 -44.51 -36.99 -43.08
CA ASN I 106 -44.17 -38.25 -43.72
C ASN I 106 -43.79 -38.04 -45.17
N GLY I 107 -44.47 -37.11 -45.85
CA GLY I 107 -44.18 -36.87 -47.25
C GLY I 107 -42.76 -36.42 -47.48
N ASP I 108 -42.25 -35.52 -46.64
CA ASP I 108 -40.89 -35.03 -46.81
C ASP I 108 -39.86 -36.11 -46.54
N PHE I 109 -40.08 -36.94 -45.51
CA PHE I 109 -39.13 -38.00 -45.22
C PHE I 109 -39.19 -39.13 -46.23
N ASN I 110 -40.40 -39.58 -46.60
CA ASN I 110 -40.53 -40.67 -47.57
C ASN I 110 -39.99 -40.27 -48.93
N ARG I 111 -40.25 -39.02 -49.33
CA ARG I 111 -39.85 -38.55 -50.64
C ARG I 111 -38.34 -38.63 -50.83
N GLU I 112 -37.58 -38.28 -49.79
CA GLU I 112 -36.13 -38.36 -49.90
C GLU I 112 -35.62 -39.79 -49.85
N VAL I 113 -36.33 -40.68 -49.15
CA VAL I 113 -35.95 -42.08 -49.13
C VAL I 113 -36.10 -42.70 -50.51
N VAL I 114 -37.18 -42.38 -51.22
CA VAL I 114 -37.38 -42.91 -52.56
C VAL I 114 -36.34 -42.33 -53.52
N MET I 115 -35.96 -41.07 -53.34
CA MET I 115 -34.90 -40.49 -54.16
C MET I 115 -33.59 -41.25 -53.96
N MET I 116 -33.22 -41.50 -52.71
CA MET I 116 -31.98 -42.21 -52.44
C MET I 116 -32.04 -43.65 -52.96
N LYS I 117 -33.21 -44.27 -52.87
CA LYS I 117 -33.34 -45.64 -53.36
C LYS I 117 -33.17 -45.69 -54.88
N GLN I 118 -33.66 -44.68 -55.60
CA GLN I 118 -33.44 -44.64 -57.04
C GLN I 118 -31.97 -44.48 -57.39
N ILE I 119 -31.25 -43.64 -56.64
CA ILE I 119 -29.81 -43.50 -56.87
C ILE I 119 -29.09 -44.79 -56.57
N GLN I 120 -29.44 -45.43 -55.44
CA GLN I 120 -28.76 -46.65 -55.05
C GLN I 120 -29.12 -47.81 -55.97
N THR I 121 -30.35 -47.85 -56.49
CA THR I 121 -30.71 -48.90 -57.44
C THR I 121 -29.87 -48.82 -58.70
N THR I 122 -29.63 -47.60 -59.20
CA THR I 122 -28.77 -47.43 -60.36
C THR I 122 -27.35 -47.90 -60.06
N GLN I 123 -26.80 -47.50 -58.92
CA GLN I 123 -25.41 -47.85 -58.65
C GLN I 123 -25.25 -49.31 -58.23
N ALA I 124 -26.30 -49.96 -57.76
CA ALA I 124 -26.20 -51.37 -57.39
C ALA I 124 -26.42 -52.30 -58.57
N LEU I 125 -27.26 -51.92 -59.54
CA LEU I 125 -27.63 -52.81 -60.63
C LEU I 125 -27.09 -52.40 -61.99
N LEU I 126 -26.79 -51.12 -62.19
CA LEU I 126 -26.45 -50.63 -63.52
C LEU I 126 -25.08 -50.00 -63.63
N GLN I 127 -24.30 -49.98 -62.56
CA GLN I 127 -23.00 -49.30 -62.59
C GLN I 127 -21.89 -50.25 -62.20
N LEU I 128 -20.67 -49.86 -62.55
CA LEU I 128 -19.47 -50.62 -62.22
C LEU I 128 -18.86 -50.10 -60.93
N GLN I 129 -18.17 -50.99 -60.22
CA GLN I 129 -17.45 -50.61 -59.02
C GLN I 129 -16.40 -51.66 -58.72
N TYR I 130 -15.36 -51.24 -58.01
CA TYR I 130 -14.42 -52.20 -57.47
C TYR I 130 -15.07 -52.99 -56.35
N ALA I 131 -14.59 -54.21 -56.15
CA ALA I 131 -15.12 -55.02 -55.05
C ALA I 131 -14.84 -54.30 -53.73
N PRO I 132 -15.76 -54.36 -52.77
CA PRO I 132 -15.60 -53.55 -51.55
C PRO I 132 -14.34 -53.87 -50.76
N TRP I 133 -13.75 -55.06 -50.94
CA TRP I 133 -12.58 -55.47 -50.18
C TRP I 133 -11.26 -55.17 -50.89
N LEU I 134 -11.30 -54.65 -52.12
CA LEU I 134 -10.06 -54.38 -52.82
C LEU I 134 -9.32 -53.22 -52.16
N GLU I 135 -8.01 -53.19 -52.35
CA GLU I 135 -7.17 -52.18 -51.71
C GLU I 135 -7.09 -50.91 -52.57
N VAL I 136 -8.26 -50.29 -52.76
CA VAL I 136 -8.30 -48.98 -53.38
C VAL I 136 -7.81 -47.94 -52.38
N SER I 137 -7.25 -46.85 -52.89
CA SER I 137 -6.72 -45.82 -52.01
C SER I 137 -7.85 -45.19 -51.20
N GLN I 138 -7.66 -45.13 -49.88
CA GLN I 138 -8.69 -44.61 -49.00
C GLN I 138 -8.72 -43.09 -48.96
N ASP I 139 -7.78 -42.44 -49.63
CA ASP I 139 -7.83 -41.00 -49.82
C ASP I 139 -8.50 -40.71 -51.16
N PRO I 140 -9.65 -40.04 -51.18
CA PRO I 140 -10.30 -39.75 -52.48
C PRO I 140 -9.50 -38.84 -53.39
N ASP I 141 -8.53 -38.10 -52.87
CA ASP I 141 -7.70 -37.25 -53.72
C ASP I 141 -6.75 -38.05 -54.59
N VAL I 142 -6.53 -39.33 -54.30
CA VAL I 142 -5.72 -40.20 -55.13
C VAL I 142 -6.64 -40.79 -56.20
N THR I 143 -6.57 -40.23 -57.41
CA THR I 143 -7.50 -40.57 -58.48
C THR I 143 -6.91 -41.56 -59.47
N LYS I 144 -5.86 -42.29 -59.08
CA LYS I 144 -5.17 -43.17 -60.02
C LYS I 144 -6.11 -44.22 -60.61
N ASP I 145 -6.90 -44.87 -59.77
CA ASP I 145 -7.79 -45.93 -60.20
C ASP I 145 -9.20 -45.45 -60.47
N ARG I 146 -9.49 -44.17 -60.30
CA ARG I 146 -10.86 -43.71 -60.26
C ARG I 146 -11.24 -42.73 -61.36
N TYR I 147 -10.31 -41.90 -61.83
CA TYR I 147 -10.63 -40.89 -62.83
C TYR I 147 -10.38 -41.44 -64.23
N LEU I 148 -11.35 -41.28 -65.11
CA LEU I 148 -11.28 -41.75 -66.48
C LEU I 148 -11.11 -40.58 -67.45
N PRO I 149 -10.36 -40.78 -68.53
CA PRO I 149 -10.32 -39.79 -69.60
C PRO I 149 -11.41 -40.05 -70.63
N LEU I 150 -11.71 -39.02 -71.41
CA LEU I 150 -12.62 -39.19 -72.53
C LEU I 150 -11.97 -40.07 -73.59
N LEU I 151 -12.78 -40.96 -74.18
CA LEU I 151 -12.29 -41.85 -75.22
C LEU I 151 -12.49 -41.23 -76.59
N GLY I 152 -11.42 -41.19 -77.37
CA GLY I 152 -11.52 -40.88 -78.78
C GLY I 152 -11.97 -42.09 -79.57
N SER I 153 -12.12 -41.87 -80.88
CA SER I 153 -12.57 -42.95 -81.75
C SER I 153 -11.58 -44.10 -81.73
N GLY I 154 -12.09 -45.32 -81.56
CA GLY I 154 -11.25 -46.50 -81.54
C GLY I 154 -10.29 -46.58 -80.37
N GLN I 155 -10.70 -46.13 -79.19
CA GLN I 155 -9.82 -46.11 -78.03
C GLN I 155 -10.46 -46.87 -76.87
N VAL I 156 -9.61 -47.37 -75.98
CA VAL I 156 -10.01 -48.11 -74.79
C VAL I 156 -9.31 -47.48 -73.59
N TRP I 157 -9.84 -47.78 -72.40
CA TRP I 157 -9.20 -47.34 -71.17
C TRP I 157 -8.09 -48.31 -70.79
N ARG I 158 -6.90 -47.77 -70.55
CA ARG I 158 -5.74 -48.59 -70.26
C ARG I 158 -4.85 -47.88 -69.26
N MET I 159 -4.52 -48.56 -68.17
CA MET I 159 -3.58 -47.99 -67.21
C MET I 159 -2.22 -47.80 -67.87
N ASN I 160 -1.63 -46.62 -67.67
CA ASN I 160 -0.40 -46.31 -68.39
C ASN I 160 0.76 -47.16 -67.88
N ASP I 161 1.87 -47.09 -68.60
CA ASP I 161 3.03 -47.94 -68.29
C ASP I 161 3.58 -47.66 -66.90
N SER I 162 3.47 -46.42 -66.43
CA SER I 162 3.98 -46.07 -65.11
C SER I 162 3.04 -46.52 -63.99
N GLY I 163 1.83 -46.95 -64.31
CA GLY I 163 0.86 -47.28 -63.29
C GLY I 163 0.45 -46.09 -62.45
N THR I 164 0.30 -44.92 -63.08
CA THR I 164 -0.07 -43.70 -62.37
C THR I 164 -1.44 -43.15 -62.78
N GLY I 165 -2.04 -43.66 -63.84
CA GLY I 165 -3.35 -43.19 -64.23
C GLY I 165 -3.85 -43.94 -65.45
N ILE I 166 -5.15 -43.84 -65.66
CA ILE I 166 -5.81 -44.47 -66.80
C ILE I 166 -5.80 -43.49 -67.96
N GLU I 167 -5.37 -43.95 -69.12
CA GLU I 167 -5.28 -43.11 -70.31
C GLU I 167 -5.98 -43.79 -71.48
N ALA I 168 -6.40 -42.97 -72.45
CA ALA I 168 -7.02 -43.47 -73.65
C ALA I 168 -5.98 -44.06 -74.59
N TYR I 169 -6.23 -45.27 -75.07
CA TYR I 169 -5.27 -46.03 -75.85
C TYR I 169 -5.94 -46.55 -77.11
N THR I 170 -5.32 -46.32 -78.27
CA THR I 170 -5.94 -46.62 -79.55
C THR I 170 -5.68 -48.06 -79.97
N ILE I 171 -6.73 -48.74 -80.40
CA ILE I 171 -6.65 -50.09 -80.96
C ILE I 171 -7.27 -50.08 -82.35
N ASP I 172 -6.53 -50.56 -83.33
CA ASP I 172 -7.00 -50.60 -84.72
C ASP I 172 -7.17 -52.03 -85.25
N GLU I 173 -7.08 -53.03 -84.38
CA GLU I 173 -7.21 -54.42 -84.81
C GLU I 173 -8.57 -54.70 -85.42
N SER J 2 -33.56 -18.72 -44.64
CA SER J 2 -34.29 -18.54 -45.89
C SER J 2 -35.23 -19.71 -46.15
N ASN J 3 -36.40 -19.40 -46.68
CA ASN J 3 -37.39 -20.41 -47.04
C ASN J 3 -37.55 -20.34 -48.56
N ILE J 4 -36.66 -21.04 -49.26
CA ILE J 4 -36.66 -21.04 -50.71
C ILE J 4 -37.15 -22.39 -51.20
N LYS J 5 -37.45 -22.46 -52.49
CA LYS J 5 -37.79 -23.71 -53.15
C LYS J 5 -36.57 -24.21 -53.91
N ILE J 6 -36.35 -25.51 -53.88
CA ILE J 6 -35.23 -26.14 -54.59
C ILE J 6 -35.75 -26.61 -55.94
N ASN J 7 -35.24 -26.03 -57.02
CA ASN J 7 -35.63 -26.42 -58.36
C ASN J 7 -34.81 -27.62 -58.82
N ASP J 8 -35.34 -28.32 -59.82
CA ASP J 8 -34.68 -29.51 -60.36
C ASP J 8 -33.65 -29.07 -61.41
N VAL J 9 -32.45 -28.76 -60.93
CA VAL J 9 -31.36 -28.28 -61.79
C VAL J 9 -30.10 -29.06 -61.43
N PHE J 10 -29.38 -29.48 -62.46
CA PHE J 10 -28.09 -30.15 -62.24
C PHE J 10 -27.15 -29.25 -61.47
N GLN J 11 -26.38 -29.84 -60.55
CA GLN J 11 -25.47 -29.11 -59.70
C GLN J 11 -24.11 -28.90 -60.34
N ARG J 12 -24.06 -28.84 -61.67
CA ARG J 12 -22.84 -28.61 -62.42
C ARG J 12 -23.18 -27.85 -63.69
N ILE J 13 -22.36 -26.87 -64.04
CA ILE J 13 -22.51 -26.11 -65.26
C ILE J 13 -21.12 -25.86 -65.85
N GLN J 14 -21.04 -25.81 -67.16
CA GLN J 14 -19.78 -25.59 -67.85
C GLN J 14 -19.99 -24.59 -68.98
N TYR J 15 -19.02 -23.69 -69.15
CA TYR J 15 -19.09 -22.65 -70.17
C TYR J 15 -17.82 -22.64 -70.99
N ALA J 16 -17.95 -22.13 -72.22
CA ALA J 16 -16.80 -21.73 -73.04
C ALA J 16 -16.81 -20.21 -73.06
N ALA J 17 -15.76 -19.61 -72.51
CA ALA J 17 -15.75 -18.18 -72.27
C ALA J 17 -15.66 -17.39 -73.56
N SER J 18 -16.31 -16.23 -73.55
CA SER J 18 -16.10 -15.23 -74.59
C SER J 18 -14.80 -14.48 -74.33
N ALA J 19 -14.41 -13.65 -75.29
CA ALA J 19 -13.18 -12.87 -75.14
C ALA J 19 -13.35 -11.84 -74.02
N GLY J 20 -12.52 -11.95 -72.99
CA GLY J 20 -12.59 -11.01 -71.89
C GLY J 20 -13.75 -11.18 -70.94
N GLN J 21 -14.43 -12.32 -70.97
CA GLN J 21 -15.57 -12.53 -70.09
C GLN J 21 -15.11 -12.69 -68.65
N THR J 22 -15.87 -12.11 -67.72
CA THR J 22 -15.58 -12.25 -66.30
C THR J 22 -16.72 -12.82 -65.48
N GLN J 23 -17.97 -12.66 -65.91
CA GLN J 23 -19.12 -13.05 -65.12
C GLN J 23 -19.75 -14.31 -65.70
N PHE J 24 -19.96 -15.30 -64.85
CA PHE J 24 -20.58 -16.57 -65.21
C PHE J 24 -21.68 -16.89 -64.21
N THR J 25 -22.82 -17.32 -64.70
CA THR J 25 -24.00 -17.54 -63.86
C THR J 25 -23.97 -18.93 -63.24
N ILE J 26 -24.43 -19.02 -61.99
CA ILE J 26 -24.61 -20.30 -61.31
C ILE J 26 -26.11 -20.63 -61.33
N PRO J 27 -26.54 -21.57 -62.16
CA PRO J 27 -27.99 -21.83 -62.27
C PRO J 27 -28.57 -22.68 -61.15
N PHE J 28 -27.75 -23.28 -60.30
CA PHE J 28 -28.26 -24.13 -59.24
C PHE J 28 -28.11 -23.46 -57.88
N PRO J 29 -28.97 -23.79 -56.92
CA PRO J 29 -28.85 -23.18 -55.59
C PRO J 29 -27.65 -23.69 -54.81
N PHE J 30 -27.09 -22.82 -53.98
CA PHE J 30 -26.05 -23.21 -53.05
C PHE J 30 -26.23 -22.39 -51.77
N PHE J 31 -25.68 -22.89 -50.67
CA PHE J 31 -25.87 -22.27 -49.38
C PHE J 31 -24.62 -21.62 -48.79
N ASP J 32 -23.43 -22.05 -49.19
CA ASP J 32 -22.20 -21.47 -48.69
C ASP J 32 -21.23 -21.29 -49.84
N ASN J 33 -20.44 -20.20 -49.78
CA ASN J 33 -19.49 -19.93 -50.84
C ASN J 33 -18.40 -21.00 -50.93
N GLU J 34 -17.98 -21.55 -49.79
CA GLU J 34 -16.93 -22.56 -49.79
C GLU J 34 -17.37 -23.87 -50.40
N TYR J 35 -18.65 -24.06 -50.66
CA TYR J 35 -19.17 -25.32 -51.19
C TYR J 35 -19.47 -25.25 -52.67
N VAL J 36 -18.82 -24.34 -53.39
CA VAL J 36 -18.93 -24.23 -54.84
C VAL J 36 -17.53 -24.25 -55.42
N LEU J 37 -17.23 -25.25 -56.24
CA LEU J 37 -15.91 -25.42 -56.82
C LEU J 37 -15.89 -24.83 -58.23
N VAL J 38 -14.79 -24.16 -58.57
CA VAL J 38 -14.62 -23.53 -59.87
C VAL J 38 -13.30 -24.01 -60.47
N TRP J 39 -13.36 -24.46 -61.72
CA TRP J 39 -12.17 -24.81 -62.48
C TRP J 39 -12.10 -23.94 -63.71
N GLN J 40 -10.87 -23.65 -64.15
CA GLN J 40 -10.62 -22.96 -65.40
C GLN J 40 -9.56 -23.75 -66.15
N ASN J 41 -9.97 -24.38 -67.25
CA ASN J 41 -9.10 -25.26 -68.04
C ASN J 41 -8.50 -26.37 -67.17
N GLY J 42 -9.31 -26.89 -66.27
CA GLY J 42 -8.89 -28.02 -65.45
C GLY J 42 -8.06 -27.66 -64.22
N VAL J 43 -7.92 -26.39 -63.90
CA VAL J 43 -7.17 -25.94 -62.73
C VAL J 43 -8.14 -25.27 -61.77
N GLN J 44 -8.21 -25.77 -60.54
CA GLN J 44 -9.15 -25.22 -59.58
C GLN J 44 -8.71 -23.85 -59.12
N LEU J 45 -9.64 -22.91 -59.10
CA LEU J 45 -9.39 -21.54 -58.68
C LEU J 45 -9.68 -21.37 -57.19
N VAL J 46 -9.27 -20.23 -56.66
CA VAL J 46 -9.44 -19.88 -55.26
C VAL J 46 -10.20 -18.58 -55.17
N MET J 47 -11.06 -18.45 -54.15
CA MET J 47 -11.75 -17.19 -53.92
C MET J 47 -10.78 -16.13 -53.44
N GLY J 48 -11.01 -14.89 -53.87
CA GLY J 48 -10.17 -13.79 -53.43
C GLY J 48 -10.19 -12.66 -54.43
N GLY J 49 -9.30 -11.70 -54.19
CA GLY J 49 -9.21 -10.51 -55.01
C GLY J 49 -7.92 -10.38 -55.80
N ALA J 50 -7.01 -11.31 -55.61
CA ALA J 50 -5.76 -11.34 -56.36
C ALA J 50 -6.01 -11.79 -57.79
N PRO J 51 -5.12 -11.45 -58.72
CA PRO J 51 -5.26 -11.95 -60.10
C PRO J 51 -5.22 -13.47 -60.14
N GLY J 52 -6.03 -14.05 -61.01
CA GLY J 52 -6.19 -15.48 -61.08
C GLY J 52 -7.20 -16.07 -60.13
N GLN J 53 -7.87 -15.25 -59.34
CA GLN J 53 -8.86 -15.68 -58.37
C GLN J 53 -10.25 -15.24 -58.83
N TYR J 54 -11.25 -15.48 -57.98
CA TYR J 54 -12.62 -15.15 -58.34
C TYR J 54 -13.41 -14.72 -57.11
N GLY J 55 -14.49 -14.00 -57.35
CA GLY J 55 -15.47 -13.70 -56.33
C GLY J 55 -16.77 -14.42 -56.61
N ILE J 56 -17.58 -14.65 -55.59
CA ILE J 56 -18.82 -15.40 -55.73
C ILE J 56 -19.91 -14.71 -54.93
N SER J 57 -21.11 -14.68 -55.47
CA SER J 57 -22.27 -14.16 -54.76
C SER J 57 -23.48 -15.04 -55.06
N GLY J 58 -24.50 -14.91 -54.23
CA GLY J 58 -25.75 -15.60 -54.42
C GLY J 58 -26.06 -16.74 -53.46
N ALA J 59 -25.31 -16.86 -52.37
CA ALA J 59 -25.56 -17.94 -51.43
C ALA J 59 -26.92 -17.77 -50.76
N GLY J 60 -27.66 -18.87 -50.67
CA GLY J 60 -28.97 -18.88 -50.06
C GLY J 60 -30.11 -18.53 -50.99
N SER J 61 -29.83 -18.17 -52.18
CA SER J 61 -30.77 -17.77 -53.23
C SER J 61 -31.25 -19.00 -54.00
N PRO J 62 -32.48 -18.96 -54.54
CA PRO J 62 -32.94 -20.10 -55.34
C PRO J 62 -32.08 -20.41 -56.55
N SER J 63 -31.53 -19.40 -57.19
CA SER J 63 -30.71 -19.55 -58.38
C SER J 63 -30.09 -18.19 -58.71
N GLY J 64 -29.39 -18.11 -59.82
CA GLY J 64 -28.88 -16.84 -60.28
C GLY J 64 -27.67 -16.32 -59.53
N GLY J 65 -26.88 -17.21 -58.95
CA GLY J 65 -25.61 -16.81 -58.39
C GLY J 65 -24.65 -16.36 -59.47
N LEU J 66 -23.52 -15.83 -59.04
CA LEU J 66 -22.58 -15.25 -59.98
C LEU J 66 -21.15 -15.57 -59.58
N ILE J 67 -20.33 -15.89 -60.58
CA ILE J 67 -18.89 -16.04 -60.43
C ILE J 67 -18.22 -14.92 -61.22
N THR J 68 -17.37 -14.15 -60.57
CA THR J 68 -16.67 -13.03 -61.22
C THR J 68 -15.18 -13.28 -61.16
N LEU J 69 -14.58 -13.55 -62.32
CA LEU J 69 -13.14 -13.71 -62.38
C LEU J 69 -12.43 -12.38 -62.22
N VAL J 70 -11.35 -12.38 -61.44
CA VAL J 70 -10.52 -11.19 -61.33
C VAL J 70 -9.83 -10.91 -62.66
N THR J 71 -9.21 -11.92 -63.25
CA THR J 71 -8.57 -11.78 -64.55
C THR J 71 -9.54 -12.18 -65.64
N PRO J 72 -9.83 -11.31 -66.61
CA PRO J 72 -10.77 -11.68 -67.68
C PRO J 72 -10.30 -12.91 -68.43
N ALA J 73 -11.24 -13.79 -68.73
CA ALA J 73 -10.93 -15.06 -69.37
C ALA J 73 -10.57 -14.85 -70.84
N ALA J 74 -9.74 -15.75 -71.36
CA ALA J 74 -9.43 -15.76 -72.77
C ALA J 74 -10.55 -16.48 -73.53
N LEU J 75 -10.58 -16.25 -74.84
CA LEU J 75 -11.58 -16.90 -75.69
C LEU J 75 -11.46 -18.41 -75.60
N ASN J 76 -12.60 -19.08 -75.45
CA ASN J 76 -12.71 -20.54 -75.38
C ASN J 76 -12.04 -21.12 -74.14
N ASP J 77 -11.85 -20.34 -73.09
CA ASP J 77 -11.49 -20.91 -71.80
C ASP J 77 -12.68 -21.69 -71.24
N ILE J 78 -12.41 -22.87 -70.71
CA ILE J 78 -13.47 -23.71 -70.18
C ILE J 78 -13.62 -23.42 -68.69
N ILE J 79 -14.80 -22.98 -68.29
CA ILE J 79 -15.13 -22.70 -66.90
C ILE J 79 -16.11 -23.75 -66.42
N THR J 80 -15.77 -24.43 -65.32
CA THR J 80 -16.63 -25.46 -64.74
C THR J 80 -16.98 -25.05 -63.33
N ILE J 81 -18.28 -25.10 -63.01
CA ILE J 81 -18.79 -24.73 -61.71
C ILE J 81 -19.60 -25.90 -61.18
N GLN J 82 -19.23 -26.41 -60.01
CA GLN J 82 -19.87 -27.58 -59.44
C GLN J 82 -20.14 -27.38 -57.96
N GLY J 83 -21.29 -27.87 -57.49
CA GLY J 83 -21.62 -27.81 -56.08
C GLY J 83 -21.03 -29.00 -55.34
N ASP J 84 -20.41 -28.72 -54.19
CA ASP J 84 -19.80 -29.78 -53.39
C ASP J 84 -19.99 -29.43 -51.90
N MET J 85 -21.10 -29.89 -51.34
CA MET J 85 -21.41 -29.63 -49.95
C MET J 85 -21.28 -30.91 -49.15
N PRO J 86 -20.54 -30.91 -48.04
CA PRO J 86 -20.37 -32.15 -47.27
C PRO J 86 -21.68 -32.62 -46.68
N ILE J 87 -21.84 -33.93 -46.62
CA ILE J 87 -23.02 -34.54 -46.01
C ILE J 87 -22.88 -34.44 -44.50
N ASP J 88 -23.89 -33.88 -43.86
CA ASP J 88 -23.84 -33.64 -42.42
C ASP J 88 -25.21 -33.19 -41.95
N ARG J 89 -25.47 -33.36 -40.65
CA ARG J 89 -26.62 -32.73 -40.04
C ARG J 89 -26.40 -31.23 -39.96
N THR J 90 -27.41 -30.45 -40.33
CA THR J 90 -27.35 -29.00 -40.23
C THR J 90 -28.32 -28.47 -39.18
N SER J 91 -28.73 -29.33 -38.24
CA SER J 91 -29.71 -28.96 -37.24
C SER J 91 -29.49 -29.81 -36.00
N ILE J 92 -30.05 -29.35 -34.89
CA ILE J 92 -30.05 -30.11 -33.65
C ILE J 92 -31.33 -29.76 -32.89
N TYR J 93 -32.02 -30.78 -32.39
CA TYR J 93 -33.29 -30.60 -31.71
C TYR J 93 -33.19 -31.09 -30.28
N SER J 94 -33.80 -30.34 -29.37
CA SER J 94 -33.78 -30.70 -27.96
C SER J 94 -34.72 -31.87 -27.68
N ALA J 95 -34.33 -32.71 -26.73
CA ALA J 95 -35.22 -33.77 -26.27
C ALA J 95 -36.33 -33.23 -25.37
N THR J 96 -36.05 -32.19 -24.59
CA THR J 96 -37.08 -31.56 -23.78
C THR J 96 -37.94 -30.65 -24.64
N ILE J 97 -39.09 -30.25 -24.08
CA ILE J 97 -40.07 -29.48 -24.83
C ILE J 97 -39.46 -28.14 -25.22
N SER J 98 -39.47 -27.83 -26.50
CA SER J 98 -38.76 -26.70 -27.06
C SER J 98 -39.64 -26.06 -28.13
N ASN J 99 -39.05 -25.20 -28.96
CA ASN J 99 -39.77 -24.54 -30.03
C ASN J 99 -39.40 -25.14 -31.38
N LEU J 100 -40.33 -25.08 -32.32
CA LEU J 100 -40.10 -25.51 -33.69
C LEU J 100 -40.67 -24.48 -34.65
N THR J 101 -39.97 -24.24 -35.75
CA THR J 101 -40.44 -23.38 -36.81
C THR J 101 -40.35 -24.11 -38.13
N GLY J 102 -41.15 -23.65 -39.10
CA GLY J 102 -41.03 -24.17 -40.45
C GLY J 102 -39.72 -23.80 -41.12
N SER J 103 -39.09 -22.72 -40.66
CA SER J 103 -37.76 -22.37 -41.17
C SER J 103 -36.75 -23.46 -40.82
N ASP J 104 -36.85 -24.04 -39.63
CA ASP J 104 -35.96 -25.13 -39.26
C ASP J 104 -36.14 -26.33 -40.18
N LEU J 105 -37.39 -26.73 -40.40
CA LEU J 105 -37.66 -27.90 -41.25
C LEU J 105 -37.24 -27.64 -42.69
N ASN J 106 -37.53 -26.45 -43.21
CA ASN J 106 -37.16 -26.13 -44.58
C ASN J 106 -35.66 -26.19 -44.78
N GLY J 107 -34.89 -25.67 -43.82
CA GLY J 107 -33.45 -25.70 -43.95
C GLY J 107 -32.89 -27.11 -43.99
N ASP J 108 -33.46 -28.00 -43.18
CA ASP J 108 -33.00 -29.39 -43.16
C ASP J 108 -33.33 -30.12 -44.44
N PHE J 109 -34.58 -30.01 -44.91
CA PHE J 109 -34.99 -30.77 -46.08
C PHE J 109 -34.38 -30.19 -47.36
N ASN J 110 -34.26 -28.87 -47.45
CA ASN J 110 -33.66 -28.28 -48.65
C ASN J 110 -32.20 -28.67 -48.78
N ARG J 111 -31.45 -28.64 -47.68
CA ARG J 111 -30.03 -28.98 -47.76
C ARG J 111 -29.82 -30.45 -48.07
N GLU J 112 -30.69 -31.33 -47.57
CA GLU J 112 -30.58 -32.74 -47.90
C GLU J 112 -30.96 -33.02 -49.35
N VAL J 113 -31.93 -32.27 -49.89
CA VAL J 113 -32.26 -32.41 -51.31
C VAL J 113 -31.10 -31.98 -52.18
N VAL J 114 -30.44 -30.87 -51.82
CA VAL J 114 -29.29 -30.40 -52.59
C VAL J 114 -28.15 -31.40 -52.52
N MET J 115 -27.92 -31.97 -51.34
CA MET J 115 -26.87 -32.99 -51.21
C MET J 115 -27.17 -34.19 -52.08
N MET J 116 -28.42 -34.64 -52.13
CA MET J 116 -28.78 -35.76 -52.99
C MET J 116 -28.61 -35.39 -54.46
N LYS J 117 -28.97 -34.17 -54.83
CA LYS J 117 -28.83 -33.75 -56.22
C LYS J 117 -27.38 -33.73 -56.65
N GLN J 118 -26.46 -33.37 -55.76
CA GLN J 118 -25.04 -33.38 -56.12
C GLN J 118 -24.55 -34.80 -56.39
N ILE J 119 -25.01 -35.77 -55.60
CA ILE J 119 -24.67 -37.17 -55.86
C ILE J 119 -25.25 -37.61 -57.20
N GLN J 120 -26.50 -37.28 -57.45
CA GLN J 120 -27.15 -37.70 -58.69
C GLN J 120 -26.62 -36.95 -59.90
N THR J 121 -26.12 -35.73 -59.71
CA THR J 121 -25.52 -35.00 -60.82
C THR J 121 -24.23 -35.68 -61.28
N THR J 122 -23.41 -36.13 -60.32
CA THR J 122 -22.21 -36.89 -60.68
C THR J 122 -22.57 -38.20 -61.36
N GLN J 123 -23.60 -38.88 -60.84
CA GLN J 123 -24.03 -40.15 -61.42
C GLN J 123 -24.52 -39.98 -62.85
N ALA J 124 -25.31 -38.94 -63.11
CA ALA J 124 -25.92 -38.77 -64.42
C ALA J 124 -24.95 -38.23 -65.47
N LEU J 125 -24.06 -37.31 -65.08
CA LEU J 125 -23.22 -36.63 -66.05
C LEU J 125 -21.79 -37.12 -66.10
N LEU J 126 -21.25 -37.66 -65.01
CA LEU J 126 -19.83 -37.95 -64.94
C LEU J 126 -19.51 -39.44 -64.78
N GLN J 127 -20.50 -40.31 -64.75
CA GLN J 127 -20.26 -41.72 -64.47
C GLN J 127 -20.80 -42.60 -65.58
N LEU J 128 -20.26 -43.81 -65.65
CA LEU J 128 -20.69 -44.81 -66.62
C LEU J 128 -21.78 -45.69 -66.03
N GLN J 129 -22.68 -46.14 -66.90
CA GLN J 129 -23.71 -47.09 -66.51
C GLN J 129 -24.17 -47.86 -67.73
N TYR J 130 -24.68 -49.06 -67.49
CA TYR J 130 -25.39 -49.79 -68.53
C TYR J 130 -26.70 -49.08 -68.84
N ALA J 131 -27.17 -49.23 -70.07
CA ALA J 131 -28.47 -48.70 -70.42
C ALA J 131 -29.53 -49.37 -69.55
N PRO J 132 -30.54 -48.63 -69.09
CA PRO J 132 -31.47 -49.18 -68.11
C PRO J 132 -32.23 -50.41 -68.60
N TRP J 133 -32.39 -50.56 -69.91
CA TRP J 133 -33.16 -51.66 -70.47
C TRP J 133 -32.35 -52.92 -70.73
N LEU J 134 -31.03 -52.87 -70.52
CA LEU J 134 -30.20 -54.04 -70.77
C LEU J 134 -30.53 -55.17 -69.79
N GLU J 135 -30.32 -56.40 -70.23
CA GLU J 135 -30.66 -57.57 -69.43
C GLU J 135 -29.49 -57.92 -68.51
N VAL J 136 -29.30 -57.06 -67.54
CA VAL J 136 -28.32 -57.29 -66.49
C VAL J 136 -29.00 -58.11 -65.39
N SER J 137 -28.20 -58.80 -64.58
CA SER J 137 -28.75 -59.61 -63.51
C SER J 137 -29.41 -58.71 -62.46
N GLN J 138 -30.62 -59.07 -62.06
CA GLN J 138 -31.37 -58.26 -61.10
C GLN J 138 -31.03 -58.59 -59.65
N ASP J 139 -30.18 -59.58 -59.42
CA ASP J 139 -29.68 -59.87 -58.09
C ASP J 139 -28.28 -59.29 -57.95
N PRO J 140 -28.07 -58.31 -57.06
CA PRO J 140 -26.74 -57.68 -56.97
C PRO J 140 -25.64 -58.62 -56.54
N ASP J 141 -25.97 -59.77 -55.94
CA ASP J 141 -24.94 -60.73 -55.58
C ASP J 141 -24.28 -61.38 -56.79
N VAL J 142 -24.89 -61.29 -57.97
CA VAL J 142 -24.28 -61.75 -59.21
C VAL J 142 -23.44 -60.59 -59.74
N THR J 143 -22.13 -60.67 -59.52
CA THR J 143 -21.23 -59.56 -59.77
C THR J 143 -20.49 -59.69 -61.09
N LYS J 144 -20.94 -60.56 -61.99
CA LYS J 144 -20.20 -60.83 -63.23
C LYS J 144 -19.99 -59.55 -64.03
N ASP J 145 -21.05 -58.75 -64.20
CA ASP J 145 -20.97 -57.58 -65.06
C ASP J 145 -20.59 -56.31 -64.34
N ARG J 146 -20.50 -56.32 -63.01
CA ARG J 146 -20.42 -55.07 -62.27
C ARG J 146 -19.18 -54.90 -61.41
N TYR J 147 -18.49 -55.98 -61.04
CA TYR J 147 -17.30 -55.86 -60.19
C TYR J 147 -16.05 -55.80 -61.06
N LEU J 148 -15.22 -54.82 -60.81
CA LEU J 148 -13.99 -54.61 -61.55
C LEU J 148 -12.78 -54.99 -60.71
N PRO J 149 -11.72 -55.50 -61.34
CA PRO J 149 -10.45 -55.67 -60.66
C PRO J 149 -9.58 -54.42 -60.79
N LEU J 150 -8.59 -54.33 -59.92
CA LEU J 150 -7.59 -53.27 -60.05
C LEU J 150 -6.71 -53.54 -61.27
N LEU J 151 -6.34 -52.47 -61.97
CA LEU J 151 -5.55 -52.58 -63.19
C LEU J 151 -4.08 -52.38 -62.89
N GLY J 152 -3.25 -53.30 -63.36
CA GLY J 152 -1.82 -53.11 -63.34
C GLY J 152 -1.37 -52.26 -64.50
N SER J 153 -0.05 -52.10 -64.61
CA SER J 153 0.52 -51.30 -65.68
C SER J 153 0.21 -51.91 -67.04
N GLY J 154 -0.32 -51.09 -67.94
CA GLY J 154 -0.58 -51.53 -69.29
C GLY J 154 -1.75 -52.47 -69.46
N GLN J 155 -2.69 -52.48 -68.53
CA GLN J 155 -3.77 -53.46 -68.55
C GLN J 155 -5.12 -52.78 -68.77
N VAL J 156 -6.04 -53.54 -69.35
CA VAL J 156 -7.39 -53.08 -69.63
C VAL J 156 -8.36 -54.02 -68.93
N TRP J 157 -9.63 -53.63 -68.90
CA TRP J 157 -10.70 -54.48 -68.38
C TRP J 157 -11.25 -55.34 -69.51
N ARG J 158 -11.18 -56.66 -69.33
CA ARG J 158 -11.62 -57.59 -70.36
C ARG J 158 -12.39 -58.73 -69.72
N MET J 159 -13.60 -58.96 -70.21
CA MET J 159 -14.36 -60.12 -69.77
C MET J 159 -13.64 -61.40 -70.16
N ASN J 160 -13.51 -62.33 -69.23
CA ASN J 160 -12.73 -63.52 -69.49
C ASN J 160 -13.46 -64.45 -70.47
N ASP J 161 -12.72 -65.41 -71.00
CA ASP J 161 -13.25 -66.29 -72.03
C ASP J 161 -14.40 -67.16 -71.54
N SER J 162 -14.48 -67.42 -70.24
CA SER J 162 -15.60 -68.18 -69.69
C SER J 162 -16.86 -67.33 -69.54
N GLY J 163 -16.75 -66.02 -69.67
CA GLY J 163 -17.89 -65.14 -69.45
C GLY J 163 -18.38 -65.15 -68.02
N THR J 164 -17.46 -65.23 -67.05
CA THR J 164 -17.82 -65.28 -65.65
C THR J 164 -17.39 -64.05 -64.85
N GLY J 165 -16.52 -63.21 -65.39
CA GLY J 165 -16.12 -62.03 -64.67
C GLY J 165 -15.13 -61.22 -65.48
N ILE J 166 -14.97 -59.96 -65.06
CA ILE J 166 -14.05 -59.04 -65.70
C ILE J 166 -12.70 -59.15 -65.03
N GLU J 167 -11.65 -59.31 -65.82
CA GLU J 167 -10.31 -59.46 -65.29
C GLU J 167 -9.36 -58.50 -66.00
N ALA J 168 -8.27 -58.17 -65.31
CA ALA J 168 -7.27 -57.28 -65.90
C ALA J 168 -6.48 -58.04 -66.96
N TYR J 169 -6.34 -57.43 -68.12
CA TYR J 169 -5.73 -58.09 -69.28
C TYR J 169 -4.61 -57.21 -69.82
N THR J 170 -3.42 -57.78 -69.96
CA THR J 170 -2.28 -57.05 -70.50
C THR J 170 -2.33 -57.06 -72.02
N ILE J 171 -2.26 -55.88 -72.62
CA ILE J 171 -2.26 -55.75 -74.07
C ILE J 171 -0.83 -55.80 -74.56
N ASP J 172 -0.55 -56.73 -75.48
CA ASP J 172 0.82 -56.94 -75.94
C ASP J 172 1.38 -55.72 -76.66
N GLU J 173 0.52 -54.90 -77.25
CA GLU J 173 0.92 -53.66 -77.91
C GLU J 173 1.95 -53.90 -79.02
N SER K 2 -31.35 -35.85 19.39
CA SER K 2 -32.54 -36.05 20.23
C SER K 2 -33.19 -37.40 19.93
N ASN K 3 -33.13 -37.84 18.69
CA ASN K 3 -33.58 -39.18 18.36
C ASN K 3 -32.61 -40.21 18.91
N ILE K 4 -33.09 -41.44 19.01
CA ILE K 4 -32.28 -42.52 19.58
C ILE K 4 -31.63 -43.31 18.45
N LYS K 5 -30.61 -44.09 18.79
CA LYS K 5 -29.82 -44.82 17.80
C LYS K 5 -30.53 -46.11 17.44
N ILE K 6 -31.01 -46.21 16.20
CA ILE K 6 -31.78 -47.36 15.77
C ILE K 6 -31.18 -47.99 14.52
N ASN K 7 -31.02 -47.20 13.46
CA ASN K 7 -30.70 -47.75 12.15
C ASN K 7 -29.31 -48.38 12.14
N ASP K 8 -29.24 -49.61 11.62
CA ASP K 8 -28.02 -50.41 11.61
C ASP K 8 -27.48 -50.67 13.01
N VAL K 9 -28.36 -50.65 14.01
CA VAL K 9 -27.99 -50.92 15.40
C VAL K 9 -28.88 -52.05 15.87
N PHE K 10 -28.38 -53.28 15.80
CA PHE K 10 -29.15 -54.44 16.24
C PHE K 10 -29.37 -54.38 17.76
N GLN K 11 -30.48 -54.97 18.19
CA GLN K 11 -30.82 -55.04 19.61
C GLN K 11 -30.21 -56.25 20.29
N ARG K 12 -29.07 -56.75 19.79
CA ARG K 12 -28.37 -57.87 20.39
C ARG K 12 -26.88 -57.64 20.19
N ILE K 13 -26.08 -58.05 21.18
CA ILE K 13 -24.63 -57.96 21.10
C ILE K 13 -24.04 -59.11 21.90
N GLN K 14 -22.89 -59.60 21.44
CA GLN K 14 -22.20 -60.70 22.11
C GLN K 14 -20.72 -60.39 22.20
N TYR K 15 -20.13 -60.69 23.35
CA TYR K 15 -18.76 -60.32 23.67
C TYR K 15 -17.96 -61.54 24.09
N ALA K 16 -16.65 -61.46 23.89
CA ALA K 16 -15.69 -62.40 24.43
C ALA K 16 -14.87 -61.67 25.48
N ALA K 17 -15.12 -61.98 26.74
CA ALA K 17 -14.54 -61.21 27.83
C ALA K 17 -13.04 -61.43 27.95
N SER K 18 -12.35 -60.41 28.44
CA SER K 18 -10.97 -60.53 28.85
C SER K 18 -10.91 -60.96 30.31
N ALA K 19 -9.73 -61.42 30.72
CA ALA K 19 -9.55 -61.87 32.09
C ALA K 19 -9.69 -60.69 33.05
N GLY K 20 -10.66 -60.78 33.96
CA GLY K 20 -10.87 -59.75 34.95
C GLY K 20 -11.75 -58.59 34.52
N GLN K 21 -12.39 -58.65 33.36
CA GLN K 21 -13.24 -57.58 32.89
C GLN K 21 -14.61 -57.63 33.58
N THR K 22 -15.15 -56.45 33.90
CA THR K 22 -16.47 -56.35 34.48
C THR K 22 -17.44 -55.45 33.72
N GLN K 23 -16.95 -54.53 32.89
CA GLN K 23 -17.80 -53.55 32.23
C GLN K 23 -18.04 -53.97 30.79
N PHE K 24 -19.32 -54.12 30.43
CA PHE K 24 -19.71 -54.51 29.07
C PHE K 24 -20.75 -53.53 28.56
N THR K 25 -20.47 -52.90 27.43
CA THR K 25 -21.35 -51.88 26.88
C THR K 25 -22.64 -52.48 26.36
N ILE K 26 -23.75 -51.79 26.63
CA ILE K 26 -25.01 -52.05 25.94
C ILE K 26 -25.10 -51.06 24.78
N PRO K 27 -24.89 -51.50 23.54
CA PRO K 27 -24.80 -50.55 22.42
C PRO K 27 -26.14 -50.14 21.81
N PHE K 28 -27.26 -50.52 22.40
CA PHE K 28 -28.56 -50.15 21.86
C PHE K 28 -29.41 -49.52 22.95
N PRO K 29 -30.28 -48.60 22.58
CA PRO K 29 -31.13 -47.95 23.59
C PRO K 29 -32.15 -48.92 24.18
N PHE K 30 -32.50 -48.66 25.43
CA PHE K 30 -33.54 -49.42 26.12
C PHE K 30 -34.25 -48.48 27.08
N PHE K 31 -35.46 -48.84 27.47
CA PHE K 31 -36.28 -47.97 28.29
C PHE K 31 -36.35 -48.38 29.75
N ASP K 32 -36.09 -49.64 30.06
CA ASP K 32 -36.23 -50.12 31.43
C ASP K 32 -35.22 -51.24 31.67
N ASN K 33 -34.69 -51.30 32.89
CA ASN K 33 -33.68 -52.30 33.20
C ASN K 33 -34.19 -53.72 33.01
N GLU K 34 -35.47 -53.96 33.30
CA GLU K 34 -36.03 -55.30 33.18
C GLU K 34 -36.05 -55.80 31.74
N TYR K 35 -36.02 -54.90 30.76
CA TYR K 35 -36.18 -55.26 29.36
C TYR K 35 -34.84 -55.58 28.70
N VAL K 36 -33.80 -55.86 29.48
CA VAL K 36 -32.50 -56.25 28.95
C VAL K 36 -32.16 -57.61 29.54
N LEU K 37 -31.82 -58.57 28.67
CA LEU K 37 -31.49 -59.93 29.07
C LEU K 37 -30.00 -60.16 28.92
N VAL K 38 -29.38 -60.74 29.94
CA VAL K 38 -27.94 -60.99 29.96
C VAL K 38 -27.70 -62.47 30.20
N TRP K 39 -26.87 -63.07 29.37
CA TRP K 39 -26.40 -64.43 29.54
C TRP K 39 -24.88 -64.45 29.65
N GLN K 40 -24.37 -65.37 30.44
CA GLN K 40 -22.92 -65.61 30.54
C GLN K 40 -22.69 -67.10 30.35
N ASN K 41 -22.04 -67.47 29.25
CA ASN K 41 -21.81 -68.87 28.89
C ASN K 41 -23.13 -69.64 28.81
N GLY K 42 -24.17 -68.98 28.28
CA GLY K 42 -25.44 -69.63 28.09
C GLY K 42 -26.32 -69.72 29.32
N VAL K 43 -25.93 -69.09 30.42
CA VAL K 43 -26.71 -69.09 31.66
C VAL K 43 -27.19 -67.66 31.90
N GLN K 44 -28.49 -67.48 32.03
CA GLN K 44 -29.05 -66.15 32.22
C GLN K 44 -28.71 -65.63 33.61
N LEU K 45 -28.23 -64.39 33.66
CA LEU K 45 -27.85 -63.76 34.92
C LEU K 45 -29.02 -63.00 35.51
N VAL K 46 -28.88 -62.65 36.79
CA VAL K 46 -29.88 -61.91 37.54
C VAL K 46 -29.29 -60.57 37.95
N MET K 47 -30.09 -59.52 37.80
CA MET K 47 -29.65 -58.20 38.26
C MET K 47 -29.59 -58.18 39.78
N GLY K 48 -28.50 -57.67 40.33
CA GLY K 48 -28.34 -57.60 41.77
C GLY K 48 -26.93 -57.24 42.14
N GLY K 49 -26.63 -57.42 43.43
CA GLY K 49 -25.33 -57.06 43.96
C GLY K 49 -24.52 -58.24 44.46
N ALA K 50 -25.10 -59.42 44.46
CA ALA K 50 -24.40 -60.62 44.89
C ALA K 50 -23.42 -61.09 43.83
N PRO K 51 -22.43 -61.89 44.21
CA PRO K 51 -21.54 -62.48 43.19
C PRO K 51 -22.32 -63.32 42.19
N GLY K 52 -21.90 -63.25 40.94
CA GLY K 52 -22.63 -63.88 39.85
C GLY K 52 -23.77 -63.06 39.31
N GLN K 53 -24.01 -61.87 39.83
CA GLN K 53 -25.06 -60.97 39.37
C GLN K 53 -24.44 -59.75 38.70
N TYR K 54 -25.28 -58.83 38.25
CA TYR K 54 -24.80 -57.67 37.51
C TYR K 54 -25.60 -56.44 37.87
N GLY K 55 -24.98 -55.28 37.68
CA GLY K 55 -25.66 -54.01 37.75
C GLY K 55 -25.84 -53.43 36.37
N ILE K 56 -26.80 -52.53 36.19
CA ILE K 56 -27.11 -51.99 34.86
C ILE K 56 -27.44 -50.51 35.00
N SER K 57 -26.98 -49.72 34.03
CA SER K 57 -27.26 -48.30 33.98
C SER K 57 -27.50 -47.88 32.54
N GLY K 58 -28.17 -46.73 32.38
CA GLY K 58 -28.40 -46.19 31.06
C GLY K 58 -29.81 -46.32 30.52
N ALA K 59 -30.78 -46.71 31.35
CA ALA K 59 -32.16 -46.76 30.89
C ALA K 59 -32.64 -45.37 30.52
N GLY K 60 -33.29 -45.27 29.35
CA GLY K 60 -33.73 -43.99 28.83
C GLY K 60 -32.67 -43.22 28.09
N SER K 61 -31.43 -43.70 28.06
CA SER K 61 -30.39 -43.03 27.31
C SER K 61 -30.61 -43.24 25.81
N PRO K 62 -30.35 -42.21 24.98
CA PRO K 62 -30.57 -42.37 23.54
C PRO K 62 -29.63 -43.36 22.88
N SER K 63 -28.50 -43.70 23.48
CA SER K 63 -27.50 -44.52 22.81
C SER K 63 -27.22 -45.86 23.46
N GLY K 64 -27.57 -46.06 24.73
CA GLY K 64 -27.34 -47.32 25.38
C GLY K 64 -26.84 -47.11 26.78
N GLY K 65 -26.25 -48.15 27.35
CA GLY K 65 -25.80 -48.11 28.72
C GLY K 65 -24.67 -49.05 28.99
N LEU K 66 -24.62 -49.56 30.22
CA LEU K 66 -23.50 -50.36 30.69
C LEU K 66 -23.97 -51.49 31.59
N ILE K 67 -23.35 -52.65 31.45
CA ILE K 67 -23.53 -53.79 32.35
C ILE K 67 -22.25 -53.97 33.14
N THR K 68 -22.37 -54.06 34.46
CA THR K 68 -21.22 -54.23 35.34
C THR K 68 -21.37 -55.52 36.13
N LEU K 69 -20.55 -56.51 35.80
CA LEU K 69 -20.57 -57.77 36.53
C LEU K 69 -20.00 -57.58 37.93
N VAL K 70 -20.64 -58.23 38.91
CA VAL K 70 -20.10 -58.23 40.27
C VAL K 70 -18.81 -59.04 40.33
N THR K 71 -18.82 -60.22 39.72
CA THR K 71 -17.65 -61.09 39.71
C THR K 71 -16.88 -60.91 38.41
N PRO K 72 -15.60 -60.58 38.45
CA PRO K 72 -14.85 -60.40 37.20
C PRO K 72 -14.85 -61.67 36.36
N ALA K 73 -14.96 -61.48 35.06
CA ALA K 73 -15.11 -62.59 34.13
C ALA K 73 -13.79 -63.31 33.92
N ALA K 74 -13.88 -64.51 33.36
CA ALA K 74 -12.72 -65.26 32.93
C ALA K 74 -12.44 -65.02 31.45
N LEU K 75 -11.24 -65.40 31.02
CA LEU K 75 -10.88 -65.21 29.63
C LEU K 75 -11.80 -66.04 28.72
N ASN K 76 -12.30 -65.39 27.67
CA ASN K 76 -13.16 -66.00 26.67
C ASN K 76 -14.51 -66.47 27.24
N ASP K 77 -14.96 -65.85 28.33
CA ASP K 77 -16.36 -65.97 28.70
C ASP K 77 -17.22 -65.23 27.69
N ILE K 78 -18.35 -65.82 27.32
CA ILE K 78 -19.23 -65.26 26.31
C ILE K 78 -20.37 -64.53 27.01
N ILE K 79 -20.46 -63.23 26.78
CA ILE K 79 -21.52 -62.39 27.36
C ILE K 79 -22.48 -62.03 26.24
N THR K 80 -23.77 -62.30 26.44
CA THR K 80 -24.79 -61.98 25.46
C THR K 80 -25.79 -61.01 26.08
N ILE K 81 -26.10 -59.94 25.36
CA ILE K 81 -27.04 -58.92 25.82
C ILE K 81 -28.08 -58.73 24.73
N GLN K 82 -29.35 -58.78 25.11
CA GLN K 82 -30.45 -58.70 24.14
C GLN K 82 -31.57 -57.86 24.71
N GLY K 83 -32.20 -57.05 23.85
CA GLY K 83 -33.35 -56.26 24.25
C GLY K 83 -34.64 -57.05 24.07
N ASP K 84 -35.47 -57.05 25.12
CA ASP K 84 -36.66 -57.88 25.17
C ASP K 84 -37.85 -57.12 25.77
N MET K 85 -38.16 -55.97 25.18
CA MET K 85 -39.27 -55.15 25.66
C MET K 85 -40.61 -55.80 25.34
N PRO K 86 -41.59 -55.72 26.23
CA PRO K 86 -42.94 -56.20 25.90
C PRO K 86 -43.58 -55.37 24.81
N ILE K 87 -44.39 -56.03 24.00
CA ILE K 87 -45.08 -55.40 22.88
C ILE K 87 -46.50 -55.11 23.33
N ASP K 88 -46.74 -53.89 23.79
CA ASP K 88 -48.04 -53.48 24.30
C ASP K 88 -48.10 -51.97 24.27
N ARG K 89 -49.23 -51.42 24.72
CA ARG K 89 -49.39 -49.97 24.82
C ARG K 89 -50.41 -49.69 25.91
N THR K 90 -49.93 -49.23 27.07
CA THR K 90 -50.79 -49.02 28.23
C THR K 90 -51.00 -47.56 28.60
N SER K 91 -50.16 -46.65 28.12
CA SER K 91 -50.37 -45.22 28.31
C SER K 91 -50.95 -44.64 27.03
N ILE K 92 -52.21 -44.23 27.10
CA ILE K 92 -52.95 -43.80 25.92
C ILE K 92 -53.46 -42.39 26.15
N TYR K 93 -53.83 -41.72 25.06
CA TYR K 93 -54.38 -40.38 25.14
C TYR K 93 -55.84 -40.43 25.55
N SER K 94 -56.27 -39.42 26.28
CA SER K 94 -57.66 -39.34 26.67
C SER K 94 -58.49 -38.73 25.55
N ALA K 95 -59.79 -39.02 25.58
CA ALA K 95 -60.68 -38.52 24.55
C ALA K 95 -61.01 -37.04 24.75
N THR K 96 -60.81 -36.49 25.93
CA THR K 96 -61.26 -35.15 26.23
C THR K 96 -60.16 -34.20 26.69
N ILE K 97 -59.23 -34.65 27.54
CA ILE K 97 -58.31 -33.72 28.18
C ILE K 97 -56.85 -34.08 27.94
N SER K 98 -56.52 -34.53 26.75
CA SER K 98 -55.14 -34.81 26.40
C SER K 98 -54.57 -33.64 25.59
N ASN K 99 -53.51 -33.02 26.12
CA ASN K 99 -52.79 -31.99 25.40
C ASN K 99 -51.65 -32.63 24.64
N LEU K 100 -51.79 -32.72 23.32
CA LEU K 100 -50.78 -33.38 22.50
C LEU K 100 -49.50 -32.57 22.49
N THR K 101 -48.38 -33.25 22.75
CA THR K 101 -47.08 -32.61 22.88
C THR K 101 -46.08 -33.30 21.98
N GLY K 102 -45.05 -32.56 21.57
CA GLY K 102 -43.98 -33.17 20.80
C GLY K 102 -43.29 -34.30 21.53
N SER K 103 -43.17 -34.18 22.85
CA SER K 103 -42.59 -35.27 23.63
C SER K 103 -43.48 -36.50 23.63
N ASP K 104 -44.81 -36.30 23.59
CA ASP K 104 -45.72 -37.43 23.53
C ASP K 104 -45.52 -38.22 22.23
N LEU K 105 -45.50 -37.53 21.10
CA LEU K 105 -45.35 -38.20 19.82
C LEU K 105 -43.99 -38.87 19.70
N ASN K 106 -42.93 -38.19 20.15
CA ASN K 106 -41.60 -38.80 20.10
C ASN K 106 -41.55 -40.04 20.96
N GLY K 107 -42.14 -39.99 22.15
CA GLY K 107 -42.12 -41.16 23.02
C GLY K 107 -42.87 -42.34 22.43
N ASP K 108 -44.03 -42.08 21.83
CA ASP K 108 -44.82 -43.17 21.25
C ASP K 108 -44.13 -43.77 20.03
N PHE K 109 -43.57 -42.95 19.16
CA PHE K 109 -42.89 -43.48 17.98
C PHE K 109 -41.62 -44.23 18.37
N ASN K 110 -40.90 -43.74 19.38
CA ASN K 110 -39.67 -44.40 19.79
C ASN K 110 -39.93 -45.80 20.31
N ARG K 111 -40.99 -45.97 21.10
CA ARG K 111 -41.30 -47.30 21.63
C ARG K 111 -41.62 -48.29 20.50
N GLU K 112 -42.37 -47.85 19.51
CA GLU K 112 -42.76 -48.76 18.43
C GLU K 112 -41.58 -49.09 17.53
N VAL K 113 -40.69 -48.13 17.32
CA VAL K 113 -39.50 -48.39 16.51
C VAL K 113 -38.57 -49.38 17.22
N VAL K 114 -38.42 -49.24 18.54
CA VAL K 114 -37.59 -50.19 19.28
C VAL K 114 -38.22 -51.58 19.26
N MET K 115 -39.54 -51.66 19.42
CA MET K 115 -40.22 -52.94 19.30
C MET K 115 -39.98 -53.57 17.95
N MET K 116 -40.11 -52.79 16.89
CA MET K 116 -39.92 -53.32 15.54
C MET K 116 -38.49 -53.77 15.31
N LYS K 117 -37.52 -53.01 15.85
CA LYS K 117 -36.13 -53.39 15.70
C LYS K 117 -35.81 -54.68 16.43
N GLN K 118 -36.44 -54.93 17.58
CA GLN K 118 -36.21 -56.18 18.30
C GLN K 118 -36.73 -57.38 17.51
N ILE K 119 -37.89 -57.24 16.89
CA ILE K 119 -38.43 -58.32 16.06
C ILE K 119 -37.52 -58.57 14.87
N GLN K 120 -37.06 -57.50 14.23
CA GLN K 120 -36.17 -57.66 13.07
C GLN K 120 -34.82 -58.21 13.46
N THR K 121 -34.32 -57.86 14.66
CA THR K 121 -33.05 -58.42 15.12
C THR K 121 -33.14 -59.93 15.27
N THR K 122 -34.23 -60.43 15.84
CA THR K 122 -34.43 -61.88 15.92
C THR K 122 -34.52 -62.50 14.53
N GLN K 123 -35.23 -61.85 13.62
CA GLN K 123 -35.40 -62.39 12.28
C GLN K 123 -34.07 -62.46 11.53
N ALA K 124 -33.25 -61.40 11.63
CA ALA K 124 -32.04 -61.32 10.83
C ALA K 124 -30.93 -62.22 11.37
N LEU K 125 -30.77 -62.29 12.68
CA LEU K 125 -29.60 -62.96 13.25
C LEU K 125 -29.87 -64.35 13.78
N LEU K 126 -31.10 -64.66 14.20
CA LEU K 126 -31.37 -65.89 14.91
C LEU K 126 -32.28 -66.86 14.17
N GLN K 127 -32.91 -66.45 13.08
CA GLN K 127 -33.87 -67.29 12.39
C GLN K 127 -33.36 -67.72 11.03
N LEU K 128 -33.94 -68.80 10.51
CA LEU K 128 -33.62 -69.32 9.19
C LEU K 128 -34.57 -68.74 8.15
N GLN K 129 -34.10 -68.70 6.91
CA GLN K 129 -34.95 -68.28 5.81
C GLN K 129 -34.39 -68.79 4.50
N TYR K 130 -35.26 -68.86 3.49
CA TYR K 130 -34.80 -69.09 2.13
C TYR K 130 -34.18 -67.81 1.60
N ALA K 131 -33.24 -67.97 0.66
CA ALA K 131 -32.66 -66.81 0.02
C ALA K 131 -33.75 -66.05 -0.72
N PRO K 132 -33.73 -64.72 -0.69
CA PRO K 132 -34.86 -63.95 -1.24
C PRO K 132 -35.11 -64.19 -2.71
N TRP K 133 -34.11 -64.65 -3.47
CA TRP K 133 -34.28 -64.86 -4.90
C TRP K 133 -34.75 -66.27 -5.25
N LEU K 134 -34.88 -67.18 -4.28
CA LEU K 134 -35.30 -68.53 -4.58
C LEU K 134 -36.75 -68.56 -5.04
N GLU K 135 -37.06 -69.55 -5.88
CA GLU K 135 -38.38 -69.64 -6.51
C GLU K 135 -39.35 -70.40 -5.59
N VAL K 136 -39.63 -69.79 -4.45
CA VAL K 136 -40.69 -70.29 -3.59
C VAL K 136 -42.04 -69.85 -4.13
N SER K 137 -43.09 -70.52 -3.67
CA SER K 137 -44.43 -70.15 -4.09
C SER K 137 -44.79 -68.77 -3.57
N GLN K 138 -45.27 -67.92 -4.46
CA GLN K 138 -45.67 -66.57 -4.07
C GLN K 138 -47.05 -66.53 -3.45
N ASP K 139 -47.75 -67.65 -3.43
CA ASP K 139 -49.03 -67.76 -2.74
C ASP K 139 -48.79 -68.36 -1.35
N PRO K 140 -49.04 -67.62 -0.27
CA PRO K 140 -48.81 -68.19 1.07
C PRO K 140 -49.70 -69.38 1.38
N ASP K 141 -50.81 -69.56 0.67
CA ASP K 141 -51.64 -70.74 0.88
C ASP K 141 -50.96 -72.02 0.45
N VAL K 142 -49.96 -71.93 -0.43
CA VAL K 142 -49.15 -73.08 -0.81
C VAL K 142 -48.08 -73.27 0.26
N THR K 143 -48.24 -74.28 1.11
CA THR K 143 -47.41 -74.46 2.29
C THR K 143 -46.39 -75.57 2.12
N LYS K 144 -46.10 -75.99 0.89
CA LYS K 144 -45.23 -77.13 0.67
C LYS K 144 -43.85 -76.91 1.28
N ASP K 145 -43.23 -75.77 0.98
CA ASP K 145 -41.88 -75.49 1.45
C ASP K 145 -41.86 -74.78 2.79
N ARG K 146 -43.01 -74.44 3.36
CA ARG K 146 -43.07 -73.56 4.52
C ARG K 146 -43.51 -74.25 5.80
N TYR K 147 -44.64 -74.96 5.78
CA TYR K 147 -45.16 -75.54 7.00
C TYR K 147 -44.35 -76.75 7.44
N LEU K 148 -44.07 -76.83 8.73
CA LEU K 148 -43.33 -77.91 9.34
C LEU K 148 -44.22 -78.76 10.24
N PRO K 149 -43.97 -80.06 10.32
CA PRO K 149 -44.63 -80.89 11.31
C PRO K 149 -43.82 -81.00 12.59
N LEU K 150 -44.50 -81.37 13.66
CA LEU K 150 -43.82 -81.63 14.92
C LEU K 150 -42.95 -82.88 14.80
N LEU K 151 -41.76 -82.81 15.39
CA LEU K 151 -40.83 -83.93 15.35
C LEU K 151 -41.02 -84.81 16.57
N GLY K 152 -41.24 -86.10 16.34
CA GLY K 152 -41.17 -87.08 17.39
C GLY K 152 -39.73 -87.47 17.65
N SER K 153 -39.55 -88.37 18.62
CA SER K 153 -38.22 -88.78 19.02
C SER K 153 -37.46 -89.41 17.86
N GLY K 154 -36.21 -88.99 17.69
CA GLY K 154 -35.36 -89.52 16.64
C GLY K 154 -35.84 -89.25 15.23
N GLN K 155 -36.40 -88.06 14.99
CA GLN K 155 -36.97 -87.75 13.69
C GLN K 155 -36.39 -86.45 13.14
N VAL K 156 -36.31 -86.38 11.82
CA VAL K 156 -35.81 -85.22 11.10
C VAL K 156 -36.88 -84.73 10.15
N TRP K 157 -36.73 -83.49 9.71
CA TRP K 157 -37.61 -82.95 8.67
C TRP K 157 -37.12 -83.40 7.31
N ARG K 158 -38.02 -84.01 6.54
CA ARG K 158 -37.67 -84.54 5.24
C ARG K 158 -38.82 -84.32 4.28
N MET K 159 -38.54 -83.68 3.14
CA MET K 159 -39.54 -83.56 2.09
C MET K 159 -39.94 -84.95 1.61
N ASN K 160 -41.23 -85.17 1.46
CA ASN K 160 -41.70 -86.52 1.17
C ASN K 160 -41.35 -86.91 -0.26
N ASP K 161 -41.57 -88.18 -0.58
CA ASP K 161 -41.18 -88.73 -1.88
C ASP K 161 -41.95 -88.10 -3.02
N SER K 162 -43.14 -87.55 -2.76
CA SER K 162 -43.93 -86.93 -3.82
C SER K 162 -43.62 -85.45 -4.00
N GLY K 163 -42.80 -84.87 -3.14
CA GLY K 163 -42.53 -83.44 -3.21
C GLY K 163 -43.75 -82.58 -2.97
N THR K 164 -44.58 -82.95 -1.98
CA THR K 164 -45.77 -82.19 -1.67
C THR K 164 -45.78 -81.59 -0.28
N GLY K 165 -44.93 -82.06 0.62
CA GLY K 165 -44.87 -81.49 1.95
C GLY K 165 -43.71 -82.06 2.73
N ILE K 166 -43.33 -81.34 3.78
CA ILE K 166 -42.28 -81.77 4.69
C ILE K 166 -42.93 -82.58 5.81
N GLU K 167 -42.39 -83.75 6.09
CA GLU K 167 -42.93 -84.61 7.12
C GLU K 167 -41.82 -85.17 7.99
N ALA K 168 -42.16 -85.51 9.23
CA ALA K 168 -41.19 -86.08 10.15
C ALA K 168 -40.77 -87.46 9.68
N TYR K 169 -39.50 -87.79 9.87
CA TYR K 169 -38.90 -88.98 9.30
C TYR K 169 -37.98 -89.61 10.34
N THR K 170 -38.29 -90.82 10.77
CA THR K 170 -37.49 -91.47 11.80
C THR K 170 -36.15 -91.93 11.23
N ILE K 171 -35.07 -91.63 11.95
CA ILE K 171 -33.74 -92.11 11.63
C ILE K 171 -33.14 -92.69 12.91
N ASP K 172 -32.63 -93.91 12.82
CA ASP K 172 -32.09 -94.58 14.00
C ASP K 172 -30.80 -93.90 14.46
N GLU K 173 -30.60 -93.86 15.77
CA GLU K 173 -29.42 -93.25 16.36
C GLU K 173 -28.17 -94.01 15.97
N SER L 2 -61.32 -47.10 20.10
CA SER L 2 -59.89 -46.94 19.86
C SER L 2 -59.20 -46.34 21.07
N ASN L 3 -59.99 -45.78 22.00
CA ASN L 3 -59.45 -45.30 23.27
C ASN L 3 -59.38 -46.44 24.28
N ILE L 4 -58.58 -47.44 23.94
CA ILE L 4 -58.40 -48.63 24.76
C ILE L 4 -56.91 -48.88 24.96
N LYS L 5 -56.59 -49.72 25.92
CA LYS L 5 -55.23 -50.18 26.13
C LYS L 5 -55.02 -51.50 25.42
N ILE L 6 -53.78 -51.71 24.95
CA ILE L 6 -53.38 -52.97 24.34
C ILE L 6 -52.47 -53.66 25.34
N ASN L 7 -52.93 -54.78 25.89
CA ASN L 7 -52.16 -55.52 26.86
C ASN L 7 -51.17 -56.47 26.19
N ASP L 8 -50.17 -56.90 26.94
CA ASP L 8 -49.13 -57.80 26.45
C ASP L 8 -49.66 -59.23 26.53
N VAL L 9 -50.37 -59.65 25.49
CA VAL L 9 -50.99 -60.97 25.42
C VAL L 9 -50.70 -61.57 24.05
N PHE L 10 -50.31 -62.84 24.02
CA PHE L 10 -50.08 -63.52 22.75
C PHE L 10 -51.36 -63.51 21.92
N GLN L 11 -51.19 -63.31 20.61
CA GLN L 11 -52.30 -63.24 19.67
C GLN L 11 -52.75 -64.62 19.19
N ARG L 12 -52.51 -65.67 19.98
CA ARG L 12 -52.92 -67.01 19.64
C ARG L 12 -53.25 -67.75 20.94
N ILE L 13 -54.36 -68.48 20.94
CA ILE L 13 -54.77 -69.26 22.09
C ILE L 13 -55.25 -70.62 21.61
N GLN L 14 -54.97 -71.66 22.38
CA GLN L 14 -55.38 -73.02 22.04
C GLN L 14 -56.04 -73.66 23.26
N TYR L 15 -57.10 -74.43 23.02
CA TYR L 15 -57.86 -75.05 24.08
C TYR L 15 -58.08 -76.54 23.78
N ALA L 16 -58.16 -77.31 24.85
CA ALA L 16 -58.64 -78.69 24.78
C ALA L 16 -60.08 -78.66 25.30
N ALA L 17 -61.03 -78.88 24.41
CA ALA L 17 -62.44 -78.71 24.75
C ALA L 17 -62.88 -79.76 25.78
N SER L 18 -63.78 -79.34 26.66
CA SER L 18 -64.48 -80.28 27.50
C SER L 18 -65.64 -80.89 26.73
N ALA L 19 -66.30 -81.87 27.35
CA ALA L 19 -67.42 -82.55 26.71
C ALA L 19 -68.59 -81.59 26.60
N GLY L 20 -68.93 -81.22 25.36
CA GLY L 20 -70.05 -80.34 25.12
C GLY L 20 -69.77 -78.86 25.24
N GLN L 21 -68.51 -78.47 25.40
CA GLN L 21 -68.17 -77.05 25.52
C GLN L 21 -68.46 -76.33 24.21
N THR L 22 -69.01 -75.12 24.32
CA THR L 22 -69.28 -74.29 23.16
C THR L 22 -68.62 -72.92 23.21
N GLN L 23 -68.35 -72.38 24.39
CA GLN L 23 -67.81 -71.04 24.52
C GLN L 23 -66.32 -71.09 24.83
N PHE L 24 -65.53 -70.39 24.01
CA PHE L 24 -64.08 -70.31 24.16
C PHE L 24 -63.67 -68.84 24.19
N THR L 25 -62.86 -68.48 25.18
CA THR L 25 -62.50 -67.08 25.37
C THR L 25 -61.36 -66.67 24.44
N ILE L 26 -61.48 -65.46 23.89
CA ILE L 26 -60.39 -64.82 23.16
C ILE L 26 -59.71 -63.85 24.12
N PRO L 27 -58.49 -64.14 24.59
CA PRO L 27 -57.85 -63.27 25.58
C PRO L 27 -57.09 -62.09 25.00
N PHE L 28 -57.06 -61.92 23.69
CA PHE L 28 -56.30 -60.84 23.08
C PHE L 28 -57.23 -59.90 22.33
N PRO L 29 -56.88 -58.61 22.26
CA PRO L 29 -57.77 -57.66 21.56
C PRO L 29 -57.74 -57.87 20.05
N PHE L 30 -58.90 -57.65 19.44
CA PHE L 30 -59.03 -57.67 17.99
C PHE L 30 -60.03 -56.60 17.59
N PHE L 31 -59.89 -56.10 16.37
CA PHE L 31 -60.66 -54.95 15.94
C PHE L 31 -61.79 -55.29 14.98
N ASP L 32 -61.79 -56.47 14.38
CA ASP L 32 -62.80 -56.83 13.41
C ASP L 32 -62.97 -58.35 13.41
N ASN L 33 -64.21 -58.80 13.26
CA ASN L 33 -64.48 -60.23 13.34
C ASN L 33 -63.77 -61.01 12.25
N GLU L 34 -63.58 -60.40 11.08
CA GLU L 34 -62.93 -61.08 9.97
C GLU L 34 -61.44 -61.29 10.20
N TYR L 35 -60.84 -60.65 11.20
CA TYR L 35 -59.41 -60.75 11.45
C TYR L 35 -59.07 -61.78 12.50
N VAL L 36 -59.94 -62.78 12.70
CA VAL L 36 -59.70 -63.86 13.63
C VAL L 36 -59.91 -65.18 12.89
N LEU L 37 -58.95 -66.09 13.02
CA LEU L 37 -59.02 -67.40 12.40
C LEU L 37 -59.25 -68.46 13.47
N VAL L 38 -60.17 -69.38 13.20
CA VAL L 38 -60.54 -70.42 14.14
C VAL L 38 -60.32 -71.77 13.47
N TRP L 39 -59.63 -72.67 14.17
CA TRP L 39 -59.42 -74.04 13.72
C TRP L 39 -59.99 -75.00 14.75
N GLN L 40 -60.60 -76.07 14.27
CA GLN L 40 -61.03 -77.18 15.13
C GLN L 40 -60.42 -78.45 14.56
N ASN L 41 -59.51 -79.05 15.32
CA ASN L 41 -58.80 -80.27 14.89
C ASN L 41 -58.10 -80.07 13.55
N GLY L 42 -57.52 -78.89 13.36
CA GLY L 42 -56.79 -78.61 12.14
C GLY L 42 -57.61 -78.24 10.94
N VAL L 43 -58.93 -78.08 11.10
CA VAL L 43 -59.82 -77.70 10.02
C VAL L 43 -60.35 -76.31 10.30
N GLN L 44 -60.17 -75.40 9.37
CA GLN L 44 -60.58 -74.02 9.58
C GLN L 44 -62.10 -73.91 9.52
N LEU L 45 -62.68 -73.25 10.51
CA LEU L 45 -64.12 -73.07 10.59
C LEU L 45 -64.53 -71.81 9.84
N VAL L 46 -65.83 -71.71 9.58
CA VAL L 46 -66.43 -70.55 8.93
C VAL L 46 -67.34 -69.87 9.94
N MET L 47 -67.33 -68.54 9.94
CA MET L 47 -68.23 -67.78 10.81
C MET L 47 -69.64 -67.82 10.24
N GLY L 48 -70.61 -68.16 11.09
CA GLY L 48 -71.99 -68.24 10.66
C GLY L 48 -72.86 -68.85 11.74
N GLY L 49 -74.07 -69.21 11.33
CA GLY L 49 -75.04 -69.79 12.26
C GLY L 49 -75.38 -71.23 11.97
N ALA L 50 -74.86 -71.76 10.87
CA ALA L 50 -75.11 -73.15 10.51
C ALA L 50 -74.31 -74.08 11.42
N PRO L 51 -74.70 -75.34 11.53
CA PRO L 51 -73.90 -76.30 12.30
C PRO L 51 -72.51 -76.45 11.69
N GLY L 52 -71.53 -76.68 12.57
CA GLY L 52 -70.15 -76.71 12.16
C GLY L 52 -69.53 -75.35 11.97
N GLN L 53 -70.18 -74.30 12.43
CA GLN L 53 -69.69 -72.93 12.31
C GLN L 53 -69.65 -72.30 13.69
N TYR L 54 -69.30 -71.02 13.75
CA TYR L 54 -69.12 -70.33 15.02
C TYR L 54 -69.58 -68.89 14.91
N GLY L 55 -69.93 -68.32 16.06
CA GLY L 55 -70.21 -66.90 16.18
C GLY L 55 -69.16 -66.26 17.07
N ILE L 56 -68.86 -65.00 16.80
CA ILE L 56 -67.79 -64.29 17.49
C ILE L 56 -68.31 -62.94 17.94
N SER L 57 -67.91 -62.54 19.16
CA SER L 57 -68.28 -61.23 19.69
C SER L 57 -67.09 -60.63 20.40
N GLY L 58 -67.18 -59.34 20.69
CA GLY L 58 -66.16 -58.66 21.45
C GLY L 58 -65.16 -57.85 20.66
N ALA L 59 -65.43 -57.57 19.39
CA ALA L 59 -64.50 -56.76 18.61
C ALA L 59 -64.39 -55.35 19.19
N GLY L 60 -63.15 -54.88 19.32
CA GLY L 60 -62.88 -53.57 19.88
C GLY L 60 -62.65 -53.55 21.38
N SER L 61 -62.95 -54.62 22.07
CA SER L 61 -62.79 -54.67 23.52
C SER L 61 -61.33 -54.89 23.88
N PRO L 62 -60.81 -54.17 24.88
CA PRO L 62 -59.40 -54.36 25.28
C PRO L 62 -59.12 -55.75 25.82
N SER L 63 -60.13 -56.43 26.38
CA SER L 63 -59.93 -57.72 27.01
C SER L 63 -60.31 -58.88 26.11
N GLY L 64 -60.47 -58.64 24.82
CA GLY L 64 -60.83 -59.71 23.91
C GLY L 64 -62.30 -60.04 23.97
N GLY L 65 -62.65 -61.15 23.31
CA GLY L 65 -64.04 -61.53 23.19
C GLY L 65 -64.32 -62.99 23.42
N LEU L 66 -65.18 -63.58 22.59
CA LEU L 66 -65.70 -64.91 22.83
C LEU L 66 -66.03 -65.59 21.51
N ILE L 67 -65.75 -66.89 21.44
CA ILE L 67 -66.10 -67.74 20.31
C ILE L 67 -67.15 -68.72 20.78
N THR L 68 -68.28 -68.79 20.06
CA THR L 68 -69.38 -69.68 20.40
C THR L 68 -69.59 -70.64 19.24
N LEU L 69 -69.31 -71.92 19.48
CA LEU L 69 -69.55 -72.93 18.45
C LEU L 69 -71.04 -73.23 18.35
N VAL L 70 -71.53 -73.35 17.12
CA VAL L 70 -72.89 -73.80 16.91
C VAL L 70 -73.05 -75.24 17.39
N THR L 71 -72.16 -76.12 16.94
CA THR L 71 -72.19 -77.52 17.35
C THR L 71 -71.26 -77.72 18.55
N PRO L 72 -71.76 -78.22 19.68
CA PRO L 72 -70.87 -78.41 20.83
C PRO L 72 -69.72 -79.35 20.51
N ALA L 73 -68.56 -79.05 21.08
CA ALA L 73 -67.34 -79.78 20.75
C ALA L 73 -67.27 -81.10 21.52
N ALA L 74 -66.62 -82.07 20.92
CA ALA L 74 -66.35 -83.34 21.58
C ALA L 74 -65.23 -83.18 22.59
N LEU L 75 -65.12 -84.15 23.49
CA LEU L 75 -64.06 -84.11 24.50
C LEU L 75 -62.70 -84.13 23.83
N ASN L 76 -61.81 -83.26 24.31
CA ASN L 76 -60.43 -83.14 23.85
C ASN L 76 -60.32 -82.68 22.40
N ASP L 77 -61.35 -82.05 21.85
CA ASP L 77 -61.20 -81.38 20.57
C ASP L 77 -60.30 -80.16 20.75
N ILE L 78 -59.42 -79.95 19.78
CA ILE L 78 -58.45 -78.86 19.83
C ILE L 78 -59.03 -77.64 19.12
N ILE L 79 -59.15 -76.54 19.84
CA ILE L 79 -59.67 -75.28 19.29
C ILE L 79 -58.55 -74.26 19.31
N THR L 80 -58.21 -73.73 18.14
CA THR L 80 -57.13 -72.75 18.00
C THR L 80 -57.70 -71.45 17.47
N ILE L 81 -57.34 -70.34 18.10
CA ILE L 81 -57.81 -69.01 17.74
C ILE L 81 -56.59 -68.12 17.55
N GLN L 82 -56.52 -67.43 16.41
CA GLN L 82 -55.36 -66.62 16.07
C GLN L 82 -55.81 -65.32 15.41
N GLY L 83 -55.13 -64.22 15.75
CA GLY L 83 -55.41 -62.94 15.13
C GLY L 83 -54.60 -62.75 13.86
N ASP L 84 -55.27 -62.30 12.80
CA ASP L 84 -54.67 -62.23 11.46
C ASP L 84 -55.06 -60.93 10.75
N MET L 85 -54.83 -59.80 11.41
CA MET L 85 -55.16 -58.51 10.83
C MET L 85 -54.21 -58.18 9.67
N PRO L 86 -54.72 -57.61 8.57
CA PRO L 86 -53.83 -57.18 7.50
C PRO L 86 -52.95 -56.02 7.92
N ILE L 87 -51.78 -55.94 7.29
CA ILE L 87 -50.81 -54.89 7.59
C ILE L 87 -50.91 -53.87 6.44
N ASP L 88 -51.72 -52.83 6.67
CA ASP L 88 -51.90 -51.78 5.69
C ASP L 88 -52.36 -50.52 6.44
N ARG L 89 -52.67 -49.47 5.69
CA ARG L 89 -53.20 -48.24 6.29
C ARG L 89 -54.06 -47.57 5.23
N THR L 90 -55.37 -47.74 5.34
CA THR L 90 -56.31 -47.22 4.36
C THR L 90 -57.03 -45.96 4.83
N SER L 91 -56.95 -45.61 6.11
CA SER L 91 -57.53 -44.37 6.61
C SER L 91 -56.40 -43.43 7.00
N ILE L 92 -56.33 -42.28 6.36
CA ILE L 92 -55.23 -41.35 6.54
C ILE L 92 -55.79 -39.97 6.87
N TYR L 93 -54.93 -39.12 7.40
CA TYR L 93 -55.32 -37.76 7.75
C TYR L 93 -55.27 -36.84 6.55
N SER L 94 -55.93 -35.70 6.67
CA SER L 94 -55.77 -34.63 5.70
C SER L 94 -54.41 -33.97 5.88
N ALA L 95 -54.01 -33.21 4.87
CA ALA L 95 -52.68 -32.58 4.89
C ALA L 95 -52.58 -31.57 6.03
N THR L 96 -53.64 -30.79 6.27
CA THR L 96 -53.63 -29.73 7.27
C THR L 96 -54.80 -29.91 8.22
N ILE L 97 -54.88 -31.09 8.84
CA ILE L 97 -55.96 -31.41 9.76
C ILE L 97 -56.14 -30.30 10.78
N SER L 98 -57.41 -29.99 11.06
CA SER L 98 -57.79 -29.02 12.07
C SER L 98 -58.39 -29.66 13.31
N ASN L 99 -58.71 -30.95 13.26
CA ASN L 99 -59.29 -31.66 14.38
C ASN L 99 -58.71 -33.06 14.40
N LEU L 100 -57.98 -33.40 15.45
CA LEU L 100 -57.34 -34.70 15.59
C LEU L 100 -57.88 -35.36 16.86
N THR L 101 -58.71 -36.38 16.67
CA THR L 101 -59.42 -37.00 17.79
C THR L 101 -58.50 -37.97 18.52
N GLY L 102 -58.77 -38.13 19.82
CA GLY L 102 -58.05 -39.12 20.59
C GLY L 102 -58.23 -40.52 20.05
N SER L 103 -59.42 -40.84 19.54
CA SER L 103 -59.66 -42.14 18.95
C SER L 103 -58.79 -42.36 17.71
N ASP L 104 -58.66 -41.33 16.87
CA ASP L 104 -57.84 -41.46 15.67
C ASP L 104 -56.37 -41.67 16.02
N LEU L 105 -55.83 -40.84 16.91
CA LEU L 105 -54.42 -40.95 17.24
C LEU L 105 -54.13 -42.24 17.99
N ASN L 106 -55.00 -42.62 18.93
CA ASN L 106 -54.84 -43.90 19.61
C ASN L 106 -54.97 -45.06 18.63
N GLY L 107 -55.90 -44.96 17.68
CA GLY L 107 -56.10 -46.04 16.74
C GLY L 107 -54.87 -46.32 15.89
N ASP L 108 -54.19 -45.28 15.45
CA ASP L 108 -53.00 -45.48 14.63
C ASP L 108 -51.86 -46.13 15.42
N PHE L 109 -51.66 -45.71 16.67
CA PHE L 109 -50.62 -46.33 17.48
C PHE L 109 -51.00 -47.75 17.87
N ASN L 110 -52.27 -47.98 18.23
CA ASN L 110 -52.68 -49.28 18.73
C ASN L 110 -52.63 -50.34 17.64
N ARG L 111 -53.10 -50.00 16.43
CA ARG L 111 -53.18 -51.01 15.39
C ARG L 111 -51.81 -51.52 14.98
N GLU L 112 -50.79 -50.66 15.07
CA GLU L 112 -49.43 -51.12 14.77
C GLU L 112 -48.86 -51.97 15.88
N VAL L 113 -49.25 -51.71 17.13
CA VAL L 113 -48.83 -52.57 18.24
C VAL L 113 -49.43 -53.97 18.07
N VAL L 114 -50.69 -54.05 17.65
CA VAL L 114 -51.32 -55.35 17.44
C VAL L 114 -50.70 -56.06 16.24
N MET L 115 -50.34 -55.32 15.19
CA MET L 115 -49.68 -55.93 14.04
C MET L 115 -48.34 -56.53 14.46
N MET L 116 -47.55 -55.79 15.24
CA MET L 116 -46.27 -56.31 15.69
C MET L 116 -46.45 -57.47 16.65
N LYS L 117 -47.49 -57.45 17.48
CA LYS L 117 -47.73 -58.57 18.37
C LYS L 117 -48.09 -59.84 17.61
N GLN L 118 -48.83 -59.71 16.51
CA GLN L 118 -49.13 -60.88 15.70
C GLN L 118 -47.87 -61.44 15.05
N ILE L 119 -46.98 -60.57 14.57
CA ILE L 119 -45.70 -61.03 14.01
C ILE L 119 -44.88 -61.72 15.08
N GLN L 120 -44.80 -61.10 16.26
CA GLN L 120 -43.97 -61.65 17.33
C GLN L 120 -44.56 -62.93 17.91
N THR L 121 -45.89 -63.04 17.95
CA THR L 121 -46.52 -64.28 18.41
C THR L 121 -46.15 -65.44 17.52
N THR L 122 -46.16 -65.23 16.20
CA THR L 122 -45.77 -66.29 15.27
C THR L 122 -44.31 -66.68 15.48
N GLN L 123 -43.42 -65.71 15.65
CA GLN L 123 -42.01 -66.03 15.75
C GLN L 123 -41.62 -66.53 17.14
N ALA L 124 -42.47 -66.33 18.15
CA ALA L 124 -42.18 -66.84 19.48
C ALA L 124 -42.77 -68.23 19.72
N LEU L 125 -43.90 -68.55 19.08
CA LEU L 125 -44.59 -69.80 19.34
C LEU L 125 -44.58 -70.78 18.19
N LEU L 126 -44.39 -70.32 16.96
CA LEU L 126 -44.56 -71.16 15.79
C LEU L 126 -43.32 -71.27 14.91
N GLN L 127 -42.24 -70.56 15.21
CA GLN L 127 -41.07 -70.57 14.34
C GLN L 127 -39.87 -71.12 15.09
N LEU L 128 -38.82 -71.42 14.32
CA LEU L 128 -37.58 -71.94 14.84
C LEU L 128 -36.55 -70.81 14.95
N GLN L 129 -35.67 -70.93 15.93
CA GLN L 129 -34.58 -69.98 16.05
C GLN L 129 -33.45 -70.61 16.85
N TYR L 130 -32.24 -70.13 16.60
CA TYR L 130 -31.12 -70.49 17.46
C TYR L 130 -31.31 -69.87 18.83
N ALA L 131 -30.72 -70.50 19.84
CA ALA L 131 -30.79 -69.93 21.18
C ALA L 131 -30.12 -68.56 21.18
N PRO L 132 -30.65 -67.59 21.92
CA PRO L 132 -30.11 -66.22 21.84
C PRO L 132 -28.65 -66.12 22.24
N TRP L 133 -28.12 -67.07 23.00
CA TRP L 133 -26.74 -67.01 23.46
C TRP L 133 -25.76 -67.76 22.56
N LEU L 134 -26.24 -68.41 21.50
CA LEU L 134 -25.32 -69.14 20.63
C LEU L 134 -24.44 -68.18 19.85
N GLU L 135 -23.28 -68.68 19.43
CA GLU L 135 -22.31 -67.85 18.70
C GLU L 135 -22.62 -67.86 17.21
N VAL L 136 -23.75 -67.27 16.87
CA VAL L 136 -24.09 -67.05 15.47
C VAL L 136 -23.34 -65.82 14.99
N SER L 137 -23.03 -65.78 13.70
CA SER L 137 -22.30 -64.64 13.15
C SER L 137 -23.11 -63.36 13.34
N GLN L 138 -22.47 -62.34 13.89
CA GLN L 138 -23.16 -61.08 14.14
C GLN L 138 -23.22 -60.19 12.92
N ASP L 139 -22.61 -60.61 11.81
CA ASP L 139 -22.77 -59.94 10.54
C ASP L 139 -23.86 -60.65 9.75
N PRO L 140 -24.98 -59.99 9.46
CA PRO L 140 -26.05 -60.67 8.71
C PRO L 140 -25.66 -61.07 7.30
N ASP L 141 -24.60 -60.49 6.73
CA ASP L 141 -24.16 -60.89 5.40
C ASP L 141 -23.57 -62.29 5.38
N VAL L 142 -23.23 -62.84 6.54
CA VAL L 142 -22.70 -64.21 6.63
C VAL L 142 -23.91 -65.13 6.79
N THR L 143 -24.27 -65.83 5.72
CA THR L 143 -25.49 -66.62 5.66
C THR L 143 -25.27 -68.10 5.90
N LYS L 144 -24.09 -68.49 6.39
CA LYS L 144 -23.75 -69.91 6.51
C LYS L 144 -24.79 -70.68 7.31
N ASP L 145 -25.17 -70.15 8.47
CA ASP L 145 -26.11 -70.83 9.33
C ASP L 145 -27.56 -70.41 9.11
N ARG L 146 -27.80 -69.44 8.23
CA ARG L 146 -29.12 -68.81 8.16
C ARG L 146 -29.89 -69.12 6.89
N TYR L 147 -29.25 -69.17 5.74
CA TYR L 147 -29.95 -69.38 4.48
C TYR L 147 -30.18 -70.86 4.23
N LEU L 148 -31.34 -71.19 3.68
CA LEU L 148 -31.76 -72.55 3.41
C LEU L 148 -31.99 -72.75 1.92
N PRO L 149 -31.64 -73.91 1.38
CA PRO L 149 -32.03 -74.25 0.01
C PRO L 149 -33.40 -74.91 -0.04
N LEU L 150 -34.01 -74.85 -1.22
CA LEU L 150 -35.24 -75.59 -1.44
C LEU L 150 -34.98 -77.08 -1.41
N LEU L 151 -35.88 -77.82 -0.78
CA LEU L 151 -35.74 -79.26 -0.65
C LEU L 151 -36.44 -79.96 -1.81
N GLY L 152 -35.72 -80.84 -2.48
CA GLY L 152 -36.33 -81.75 -3.43
C GLY L 152 -36.96 -82.94 -2.73
N SER L 153 -37.54 -83.82 -3.54
CA SER L 153 -38.21 -84.99 -3.00
C SER L 153 -37.23 -85.87 -2.23
N GLY L 154 -37.61 -86.24 -1.01
CA GLY L 154 -36.78 -87.08 -0.17
C GLY L 154 -35.46 -86.48 0.26
N GLN L 155 -35.43 -85.17 0.53
CA GLN L 155 -34.20 -84.48 0.89
C GLN L 155 -34.36 -83.79 2.24
N VAL L 156 -33.23 -83.62 2.92
CA VAL L 156 -33.16 -82.97 4.22
C VAL L 156 -32.12 -81.87 4.17
N TRP L 157 -32.21 -80.94 5.12
CA TRP L 157 -31.20 -79.90 5.24
C TRP L 157 -29.99 -80.45 5.99
N ARG L 158 -28.81 -80.29 5.40
CA ARG L 158 -27.59 -80.83 5.97
C ARG L 158 -26.45 -79.87 5.68
N MET L 159 -25.72 -79.48 6.73
CA MET L 159 -24.53 -78.66 6.54
C MET L 159 -23.51 -79.45 5.73
N ASN L 160 -22.94 -78.80 4.72
CA ASN L 160 -22.07 -79.54 3.81
C ASN L 160 -20.76 -79.91 4.50
N ASP L 161 -19.95 -80.71 3.80
CA ASP L 161 -18.72 -81.24 4.38
C ASP L 161 -17.74 -80.13 4.73
N SER L 162 -17.69 -79.06 3.94
CA SER L 162 -16.80 -77.96 4.22
C SER L 162 -17.26 -77.10 5.39
N GLY L 163 -18.51 -77.27 5.84
CA GLY L 163 -19.05 -76.41 6.88
C GLY L 163 -19.21 -74.98 6.43
N THR L 164 -19.60 -74.75 5.18
CA THR L 164 -19.74 -73.41 4.64
C THR L 164 -21.18 -73.04 4.31
N GLY L 165 -22.10 -73.98 4.31
CA GLY L 165 -23.48 -73.66 4.02
C GLY L 165 -24.34 -74.91 4.07
N ILE L 166 -25.63 -74.69 4.24
CA ILE L 166 -26.61 -75.76 4.31
C ILE L 166 -27.05 -76.12 2.91
N GLU L 167 -27.05 -77.41 2.60
CA GLU L 167 -27.44 -77.89 1.28
C GLU L 167 -28.45 -79.03 1.42
N ALA L 168 -29.24 -79.22 0.37
CA ALA L 168 -30.22 -80.30 0.34
C ALA L 168 -29.51 -81.63 0.10
N TYR L 169 -29.84 -82.62 0.91
CA TYR L 169 -29.17 -83.92 0.91
C TYR L 169 -30.22 -85.02 0.80
N THR L 170 -30.06 -85.90 -0.18
CA THR L 170 -31.07 -86.92 -0.45
C THR L 170 -30.91 -88.10 0.52
N ILE L 171 -32.03 -88.53 1.08
CA ILE L 171 -32.10 -89.72 1.92
C ILE L 171 -33.21 -90.62 1.40
N ASP L 172 -32.90 -91.87 1.14
CA ASP L 172 -33.90 -92.90 0.80
C ASP L 172 -33.76 -94.01 1.83
N GLU L 173 -34.46 -93.83 2.96
CA GLU L 173 -34.34 -94.72 4.12
C GLU L 173 -32.89 -94.94 4.53
N SER M 2 -46.73 -35.95 0.53
CA SER M 2 -47.26 -37.19 -0.04
C SER M 2 -48.16 -37.91 0.96
N ASN M 3 -49.46 -37.84 0.74
CA ASN M 3 -50.45 -38.46 1.60
C ASN M 3 -51.12 -39.58 0.81
N ILE M 4 -50.49 -40.76 0.81
CA ILE M 4 -50.99 -41.91 0.08
C ILE M 4 -51.54 -42.92 1.06
N LYS M 5 -52.28 -43.89 0.54
CA LYS M 5 -52.76 -45.01 1.32
C LYS M 5 -51.88 -46.23 1.04
N ILE M 6 -51.60 -46.99 2.08
CA ILE M 6 -50.78 -48.20 1.98
C ILE M 6 -51.72 -49.38 1.83
N ASN M 7 -51.64 -50.07 0.70
CA ASN M 7 -52.46 -51.24 0.46
C ASN M 7 -51.79 -52.49 1.04
N ASP M 8 -52.59 -53.54 1.20
CA ASP M 8 -52.12 -54.81 1.73
C ASP M 8 -51.56 -55.64 0.59
N VAL M 9 -50.29 -55.39 0.27
CA VAL M 9 -49.59 -56.08 -0.80
C VAL M 9 -48.25 -56.58 -0.26
N PHE M 10 -47.88 -57.80 -0.62
CA PHE M 10 -46.58 -58.32 -0.21
C PHE M 10 -45.46 -57.44 -0.77
N GLN M 11 -44.41 -57.28 0.03
CA GLN M 11 -43.28 -56.45 -0.36
C GLN M 11 -42.24 -57.23 -1.15
N ARG M 12 -42.68 -58.22 -1.92
CA ARG M 12 -41.80 -59.03 -2.76
C ARG M 12 -42.59 -59.50 -3.96
N ILE M 13 -41.97 -59.47 -5.14
CA ILE M 13 -42.57 -59.96 -6.36
C ILE M 13 -41.48 -60.66 -7.17
N GLN M 14 -41.86 -61.71 -7.88
CA GLN M 14 -40.93 -62.45 -8.71
C GLN M 14 -41.57 -62.73 -10.08
N TYR M 15 -40.76 -62.58 -11.13
CA TYR M 15 -41.22 -62.75 -12.50
C TYR M 15 -40.31 -63.72 -13.24
N ALA M 16 -40.88 -64.38 -14.24
CA ALA M 16 -40.12 -65.09 -15.26
C ALA M 16 -40.18 -64.27 -16.54
N ALA M 17 -39.03 -63.83 -17.02
CA ALA M 17 -39.00 -62.85 -18.10
C ALA M 17 -39.43 -63.46 -19.42
N SER M 18 -40.11 -62.65 -20.23
CA SER M 18 -40.31 -62.97 -21.62
C SER M 18 -39.03 -62.73 -22.40
N ALA M 19 -39.04 -63.10 -23.68
CA ALA M 19 -37.87 -62.88 -24.53
C ALA M 19 -37.68 -61.39 -24.74
N GLY M 20 -36.54 -60.87 -24.29
CA GLY M 20 -36.22 -59.48 -24.49
C GLY M 20 -37.00 -58.49 -23.64
N GLN M 21 -37.56 -58.95 -22.52
CA GLN M 21 -38.33 -58.06 -21.66
C GLN M 21 -37.39 -57.13 -20.88
N THR M 22 -37.81 -55.88 -20.72
CA THR M 22 -37.04 -54.91 -19.94
C THR M 22 -37.82 -54.28 -18.80
N GLN M 23 -39.13 -54.19 -18.89
CA GLN M 23 -39.93 -53.48 -17.89
C GLN M 23 -40.65 -54.47 -16.99
N PHE M 24 -40.53 -54.25 -15.68
CA PHE M 24 -41.16 -55.09 -14.67
C PHE M 24 -41.85 -54.19 -13.64
N THR M 25 -43.07 -54.56 -13.28
CA THR M 25 -43.89 -53.73 -12.41
C THR M 25 -43.57 -54.00 -10.94
N ILE M 26 -43.58 -52.94 -10.14
CA ILE M 26 -43.43 -53.06 -8.69
C ILE M 26 -44.81 -52.89 -8.07
N PRO M 27 -45.48 -53.96 -7.65
CA PRO M 27 -46.85 -53.83 -7.14
C PRO M 27 -46.96 -53.22 -5.76
N PHE M 28 -45.88 -53.12 -5.00
CA PHE M 28 -45.94 -52.63 -3.65
C PHE M 28 -45.37 -51.22 -3.54
N PRO M 29 -45.80 -50.44 -2.56
CA PRO M 29 -45.28 -49.07 -2.42
C PRO M 29 -43.87 -49.05 -1.85
N PHE M 30 -43.08 -48.09 -2.32
CA PHE M 30 -41.76 -47.81 -1.75
C PHE M 30 -41.54 -46.31 -1.76
N PHE M 31 -40.62 -45.86 -0.91
CA PHE M 31 -40.38 -44.44 -0.72
C PHE M 31 -39.05 -43.93 -1.26
N ASP M 32 -38.02 -44.77 -1.30
CA ASP M 32 -36.73 -44.37 -1.83
C ASP M 32 -36.22 -45.44 -2.79
N ASN M 33 -35.53 -45.01 -3.84
CA ASN M 33 -35.03 -45.95 -4.84
C ASN M 33 -34.00 -46.90 -4.25
N GLU M 34 -33.18 -46.44 -3.31
CA GLU M 34 -32.15 -47.28 -2.73
C GLU M 34 -32.71 -48.40 -1.87
N TYR M 35 -33.99 -48.35 -1.51
CA TYR M 35 -34.58 -49.33 -0.62
C TYR M 35 -35.40 -50.39 -1.37
N VAL M 36 -35.06 -50.62 -2.63
CA VAL M 36 -35.67 -51.67 -3.44
C VAL M 36 -34.55 -52.52 -4.02
N LEU M 37 -34.54 -53.80 -3.67
CA LEU M 37 -33.50 -54.72 -4.12
C LEU M 37 -33.99 -55.51 -5.33
N VAL M 38 -33.12 -55.68 -6.31
CA VAL M 38 -33.42 -56.41 -7.53
C VAL M 38 -32.38 -57.49 -7.73
N TRP M 39 -32.84 -58.71 -8.00
CA TRP M 39 -31.98 -59.82 -8.38
C TRP M 39 -32.38 -60.32 -9.77
N GLN M 40 -31.40 -60.82 -10.49
CA GLN M 40 -31.62 -61.50 -11.77
C GLN M 40 -30.85 -62.80 -11.73
N ASN M 41 -31.59 -63.92 -11.68
CA ASN M 41 -31.00 -65.25 -11.56
C ASN M 41 -30.08 -65.35 -10.34
N GLY M 42 -30.51 -64.73 -9.24
CA GLY M 42 -29.77 -64.81 -8.00
C GLY M 42 -28.62 -63.85 -7.84
N VAL M 43 -28.43 -62.92 -8.77
CA VAL M 43 -27.34 -61.95 -8.71
C VAL M 43 -27.95 -60.57 -8.56
N GLN M 44 -27.57 -59.86 -7.50
CA GLN M 44 -28.13 -58.54 -7.26
C GLN M 44 -27.60 -57.54 -8.28
N LEU M 45 -28.50 -56.70 -8.79
CA LEU M 45 -28.15 -55.69 -9.78
C LEU M 45 -27.92 -54.35 -9.09
N VAL M 46 -27.45 -53.39 -9.89
CA VAL M 46 -27.11 -52.06 -9.43
C VAL M 46 -27.87 -51.04 -10.29
N MET M 47 -28.32 -49.96 -9.66
CA MET M 47 -28.96 -48.89 -10.42
C MET M 47 -27.93 -48.19 -11.30
N GLY M 48 -28.36 -47.83 -12.50
CA GLY M 48 -27.49 -47.09 -13.40
C GLY M 48 -27.89 -47.26 -14.85
N GLY M 49 -27.04 -46.75 -15.72
CA GLY M 49 -27.27 -46.79 -17.15
C GLY M 49 -26.30 -47.67 -17.91
N ALA M 50 -25.35 -48.28 -17.21
CA ALA M 50 -24.43 -49.20 -17.83
C ALA M 50 -25.15 -50.51 -18.16
N PRO M 51 -24.63 -51.28 -19.12
CA PRO M 51 -25.23 -52.59 -19.39
C PRO M 51 -25.15 -53.49 -18.17
N GLY M 52 -26.20 -54.27 -17.96
CA GLY M 52 -26.32 -55.09 -16.78
C GLY M 52 -26.90 -54.40 -15.57
N GLN M 53 -27.31 -53.16 -15.69
CA GLN M 53 -27.88 -52.37 -14.60
C GLN M 53 -29.35 -52.08 -14.89
N TYR M 54 -29.97 -51.30 -14.02
CA TYR M 54 -31.39 -51.02 -14.19
C TYR M 54 -31.71 -49.61 -13.72
N GLY M 55 -32.82 -49.07 -14.24
CA GLY M 55 -33.40 -47.85 -13.75
C GLY M 55 -34.68 -48.13 -13.00
N ILE M 56 -35.07 -47.25 -12.09
CA ILE M 56 -36.25 -47.45 -11.27
C ILE M 56 -37.03 -46.14 -11.17
N SER M 57 -38.35 -46.25 -11.19
CA SER M 57 -39.22 -45.10 -11.01
C SER M 57 -40.41 -45.51 -10.14
N GLY M 58 -41.10 -44.52 -9.60
CA GLY M 58 -42.30 -44.75 -8.84
C GLY M 58 -42.21 -44.53 -7.34
N ALA M 59 -41.13 -43.91 -6.85
CA ALA M 59 -41.00 -43.70 -5.42
C ALA M 59 -42.07 -42.74 -4.92
N GLY M 60 -42.65 -43.07 -3.76
CA GLY M 60 -43.68 -42.26 -3.16
C GLY M 60 -45.08 -42.49 -3.70
N SER M 61 -45.24 -43.36 -4.62
CA SER M 61 -46.50 -43.68 -5.26
C SER M 61 -47.19 -44.84 -4.53
N PRO M 62 -48.53 -44.87 -4.54
CA PRO M 62 -49.22 -45.98 -3.85
C PRO M 62 -48.87 -47.35 -4.39
N SER M 63 -48.69 -47.47 -5.69
CA SER M 63 -48.37 -48.73 -6.33
C SER M 63 -47.81 -48.42 -7.71
N GLY M 64 -47.62 -49.45 -8.51
CA GLY M 64 -46.93 -49.19 -9.75
C GLY M 64 -45.48 -48.87 -9.46
N GLY M 65 -44.86 -48.21 -10.41
CA GLY M 65 -43.42 -48.07 -10.32
C GLY M 65 -42.81 -49.17 -11.15
N LEU M 66 -41.66 -48.90 -11.74
CA LEU M 66 -41.17 -49.76 -12.81
C LEU M 66 -39.69 -50.01 -12.63
N ILE M 67 -39.26 -51.23 -12.94
CA ILE M 67 -37.86 -51.59 -13.07
C ILE M 67 -37.60 -51.75 -14.56
N THR M 68 -36.65 -50.99 -15.08
CA THR M 68 -36.28 -51.07 -16.50
C THR M 68 -34.85 -51.56 -16.60
N LEU M 69 -34.67 -52.80 -17.05
CA LEU M 69 -33.34 -53.32 -17.27
C LEU M 69 -32.67 -52.62 -18.45
N VAL M 70 -31.40 -52.31 -18.31
CA VAL M 70 -30.64 -51.78 -19.43
C VAL M 70 -30.47 -52.85 -20.50
N THR M 71 -30.04 -54.04 -20.11
CA THR M 71 -29.91 -55.16 -21.03
C THR M 71 -31.19 -55.97 -21.04
N PRO M 72 -31.82 -56.17 -22.19
CA PRO M 72 -33.06 -56.97 -22.22
C PRO M 72 -32.82 -58.37 -21.69
N ALA M 73 -33.79 -58.85 -20.92
CA ALA M 73 -33.64 -60.15 -20.27
C ALA M 73 -33.82 -61.28 -21.27
N ALA M 74 -33.18 -62.40 -20.97
CA ALA M 74 -33.40 -63.61 -21.75
C ALA M 74 -34.66 -64.31 -21.29
N LEU M 75 -35.17 -65.19 -22.14
CA LEU M 75 -36.37 -65.95 -21.81
C LEU M 75 -36.15 -66.75 -20.53
N ASN M 76 -37.14 -66.70 -19.64
CA ASN M 76 -37.15 -67.43 -18.37
C ASN M 76 -36.07 -66.97 -17.39
N ASP M 77 -35.58 -65.74 -17.53
CA ASP M 77 -34.76 -65.16 -16.47
C ASP M 77 -35.64 -64.81 -15.29
N ILE M 78 -35.17 -65.14 -14.09
CA ILE M 78 -35.93 -64.90 -12.87
C ILE M 78 -35.56 -63.52 -12.35
N ILE M 79 -36.55 -62.63 -12.26
CA ILE M 79 -36.36 -61.29 -11.73
C ILE M 79 -37.08 -61.22 -10.40
N THR M 80 -36.36 -60.86 -9.34
CA THR M 80 -36.91 -60.75 -8.00
C THR M 80 -36.78 -59.31 -7.52
N ILE M 81 -37.86 -58.75 -7.00
CA ILE M 81 -37.90 -57.38 -6.51
C ILE M 81 -38.43 -57.40 -5.08
N GLN M 82 -37.69 -56.78 -4.16
CA GLN M 82 -38.02 -56.83 -2.75
C GLN M 82 -37.75 -55.50 -2.07
N GLY M 83 -38.62 -55.11 -1.15
CA GLY M 83 -38.43 -53.87 -0.38
C GLY M 83 -37.57 -54.10 0.84
N ASP M 84 -36.60 -53.21 1.06
CA ASP M 84 -35.61 -53.36 2.12
C ASP M 84 -35.32 -52.02 2.81
N MET M 85 -36.35 -51.35 3.29
CA MET M 85 -36.18 -50.08 3.99
C MET M 85 -35.67 -50.32 5.40
N PRO M 86 -34.64 -49.60 5.85
CA PRO M 86 -34.16 -49.77 7.23
C PRO M 86 -35.12 -49.19 8.25
N ILE M 87 -35.12 -49.79 9.43
CA ILE M 87 -35.99 -49.35 10.52
C ILE M 87 -35.36 -48.15 11.21
N ASP M 88 -36.08 -47.04 11.28
CA ASP M 88 -35.55 -45.79 11.80
C ASP M 88 -36.70 -44.81 11.98
N ARG M 89 -36.46 -43.79 12.81
CA ARG M 89 -37.37 -42.66 12.90
C ARG M 89 -37.21 -41.78 11.66
N THR M 90 -38.33 -41.40 11.06
CA THR M 90 -38.31 -40.54 9.88
C THR M 90 -38.87 -39.15 10.19
N SER M 91 -38.97 -38.80 11.46
CA SER M 91 -39.48 -37.49 11.87
C SER M 91 -38.79 -37.06 13.14
N ILE M 92 -38.99 -35.80 13.50
CA ILE M 92 -38.51 -35.26 14.77
C ILE M 92 -39.43 -34.12 15.16
N TYR M 93 -39.87 -34.11 16.42
CA TYR M 93 -40.82 -33.14 16.92
C TYR M 93 -40.20 -32.32 18.04
N SER M 94 -40.44 -31.02 18.00
CA SER M 94 -39.93 -30.12 19.03
C SER M 94 -40.68 -30.32 20.34
N ALA M 95 -39.97 -30.13 21.44
CA ALA M 95 -40.62 -30.10 22.75
C ALA M 95 -41.36 -28.79 22.97
N THR M 96 -40.86 -27.68 22.43
CA THR M 96 -41.55 -26.41 22.54
C THR M 96 -42.71 -26.36 21.57
N ILE M 97 -43.61 -25.40 21.79
CA ILE M 97 -44.82 -25.28 20.98
C ILE M 97 -44.44 -24.98 19.54
N SER M 98 -44.85 -25.85 18.63
CA SER M 98 -44.49 -25.74 17.22
C SER M 98 -45.72 -26.11 16.39
N ASN M 99 -45.50 -26.39 15.11
CA ASN M 99 -46.59 -26.72 14.20
C ASN M 99 -46.67 -28.22 13.97
N LEU M 100 -47.86 -28.68 13.57
CA LEU M 100 -48.09 -30.06 13.21
C LEU M 100 -49.03 -30.12 12.02
N THR M 101 -48.75 -31.02 11.08
CA THR M 101 -49.60 -31.24 9.93
C THR M 101 -49.93 -32.72 9.83
N GLY M 102 -51.05 -33.02 9.16
CA GLY M 102 -51.37 -34.40 8.88
C GLY M 102 -50.41 -35.07 7.93
N SER M 103 -49.69 -34.29 7.13
CA SER M 103 -48.65 -34.86 6.27
C SER M 103 -47.54 -35.46 7.12
N ASP M 104 -47.20 -34.82 8.24
CA ASP M 104 -46.19 -35.37 9.14
C ASP M 104 -46.64 -36.72 9.70
N LEU M 105 -47.87 -36.78 10.20
CA LEU M 105 -48.37 -38.02 10.78
C LEU M 105 -48.48 -39.12 9.74
N ASN M 106 -48.99 -38.80 8.55
CA ASN M 106 -49.13 -39.81 7.52
C ASN M 106 -47.78 -40.38 7.11
N GLY M 107 -46.76 -39.52 7.01
CA GLY M 107 -45.45 -39.99 6.65
C GLY M 107 -44.86 -40.97 7.65
N ASP M 108 -45.08 -40.71 8.94
CA ASP M 108 -44.56 -41.60 9.97
C ASP M 108 -45.30 -42.93 9.97
N PHE M 109 -46.62 -42.91 9.94
CA PHE M 109 -47.38 -44.15 10.06
C PHE M 109 -47.28 -44.99 8.79
N ASN M 110 -47.25 -44.35 7.62
CA ASN M 110 -47.12 -45.09 6.37
C ASN M 110 -45.78 -45.80 6.30
N ARG M 111 -44.71 -45.13 6.69
CA ARG M 111 -43.39 -45.75 6.63
C ARG M 111 -43.25 -46.86 7.65
N GLU M 112 -43.87 -46.70 8.83
CA GLU M 112 -43.82 -47.77 9.82
C GLU M 112 -44.67 -48.97 9.41
N VAL M 113 -45.76 -48.74 8.67
CA VAL M 113 -46.56 -49.85 8.17
C VAL M 113 -45.80 -50.62 7.11
N VAL M 114 -45.09 -49.91 6.23
CA VAL M 114 -44.32 -50.58 5.19
C VAL M 114 -43.19 -51.40 5.80
N MET M 115 -42.52 -50.85 6.82
CA MET M 115 -41.47 -51.60 7.50
C MET M 115 -42.01 -52.89 8.10
N MET M 116 -43.18 -52.82 8.73
CA MET M 116 -43.79 -54.03 9.29
C MET M 116 -44.15 -55.02 8.20
N LYS M 117 -44.65 -54.53 7.07
CA LYS M 117 -45.01 -55.43 5.98
C LYS M 117 -43.79 -56.13 5.40
N GLN M 118 -42.63 -55.46 5.36
CA GLN M 118 -41.42 -56.11 4.89
C GLN M 118 -41.00 -57.24 5.83
N ILE M 119 -41.11 -57.02 7.14
CA ILE M 119 -40.83 -58.09 8.10
C ILE M 119 -41.81 -59.23 7.92
N GLN M 120 -43.08 -58.91 7.76
CA GLN M 120 -44.09 -59.96 7.65
C GLN M 120 -44.05 -60.67 6.31
N THR M 121 -43.58 -59.98 5.27
CA THR M 121 -43.43 -60.64 3.97
C THR M 121 -42.35 -61.72 4.02
N THR M 122 -41.23 -61.44 4.68
CA THR M 122 -40.20 -62.45 4.86
C THR M 122 -40.73 -63.62 5.68
N GLN M 123 -41.46 -63.32 6.74
CA GLN M 123 -42.02 -64.35 7.60
C GLN M 123 -43.03 -65.24 6.89
N ALA M 124 -43.83 -64.69 5.98
CA ALA M 124 -44.88 -65.45 5.33
C ALA M 124 -44.41 -66.20 4.09
N LEU M 125 -43.44 -65.65 3.35
CA LEU M 125 -43.03 -66.24 2.09
C LEU M 125 -41.68 -66.93 2.14
N LEU M 126 -40.80 -66.58 3.06
CA LEU M 126 -39.43 -67.08 3.02
C LEU M 126 -39.02 -67.87 4.26
N GLN M 127 -39.87 -67.97 5.27
CA GLN M 127 -39.48 -68.61 6.52
C GLN M 127 -40.35 -69.84 6.80
N LEU M 128 -39.82 -70.72 7.63
CA LEU M 128 -40.53 -71.91 8.06
C LEU M 128 -41.30 -71.65 9.35
N GLN M 129 -42.42 -72.33 9.50
CA GLN M 129 -43.19 -72.28 10.73
C GLN M 129 -44.01 -73.55 10.87
N TYR M 130 -44.34 -73.89 12.10
CA TYR M 130 -45.34 -74.91 12.35
C TYR M 130 -46.71 -74.42 11.93
N ALA M 131 -47.56 -75.35 11.52
CA ALA M 131 -48.93 -74.98 11.20
C ALA M 131 -49.59 -74.36 12.43
N PRO M 132 -50.40 -73.33 12.26
CA PRO M 132 -50.94 -72.61 13.43
C PRO M 132 -51.75 -73.49 14.36
N TRP M 133 -52.36 -74.55 13.84
CA TRP M 133 -53.23 -75.41 14.63
C TRP M 133 -52.48 -76.52 15.35
N LEU M 134 -51.18 -76.68 15.14
CA LEU M 134 -50.44 -77.74 15.80
C LEU M 134 -50.34 -77.47 17.29
N GLU M 135 -50.16 -78.55 18.05
CA GLU M 135 -50.12 -78.47 19.51
C GLU M 135 -48.69 -78.25 20.00
N VAL M 136 -48.20 -77.05 19.75
CA VAL M 136 -46.94 -76.63 20.34
C VAL M 136 -47.20 -76.08 21.74
N SER M 137 -46.17 -76.06 22.57
CA SER M 137 -46.30 -75.50 23.90
C SER M 137 -46.58 -74.01 23.81
N GLN M 138 -47.60 -73.56 24.53
CA GLN M 138 -47.97 -72.16 24.52
C GLN M 138 -47.13 -71.31 25.48
N ASP M 139 -46.23 -71.94 26.24
CA ASP M 139 -45.26 -71.23 27.05
C ASP M 139 -43.96 -71.14 26.28
N PRO M 140 -43.51 -69.96 25.87
CA PRO M 140 -42.27 -69.88 25.09
C PRO M 140 -41.04 -70.34 25.84
N ASP M 141 -41.09 -70.41 27.18
CA ASP M 141 -39.95 -70.91 27.93
C ASP M 141 -39.71 -72.40 27.70
N VAL M 142 -40.70 -73.12 27.15
CA VAL M 142 -40.51 -74.51 26.75
C VAL M 142 -39.98 -74.47 25.32
N THR M 143 -38.67 -74.72 25.18
CA THR M 143 -37.99 -74.54 23.91
C THR M 143 -37.73 -75.85 23.18
N LYS M 144 -38.44 -76.92 23.55
CA LYS M 144 -38.17 -78.24 22.98
C LYS M 144 -38.31 -78.24 21.46
N ASP M 145 -39.38 -77.62 20.95
CA ASP M 145 -39.66 -77.65 19.52
C ASP M 145 -39.08 -76.47 18.76
N ARG M 146 -38.54 -75.48 19.43
CA ARG M 146 -38.26 -74.22 18.75
C ARG M 146 -36.79 -73.81 18.75
N TYR M 147 -35.99 -74.23 19.72
CA TYR M 147 -34.59 -73.85 19.76
C TYR M 147 -33.74 -74.85 19.00
N LEU M 148 -32.94 -74.35 18.08
CA LEU M 148 -32.06 -75.14 17.25
C LEU M 148 -30.61 -75.04 17.72
N PRO M 149 -29.83 -76.09 17.56
CA PRO M 149 -28.39 -75.99 17.75
C PRO M 149 -27.68 -75.63 16.46
N LEU M 150 -26.45 -75.13 16.61
CA LEU M 150 -25.59 -74.91 15.46
C LEU M 150 -25.18 -76.25 14.85
N LEU M 151 -25.11 -76.30 13.53
CA LEU M 151 -24.79 -77.52 12.81
C LEU M 151 -23.31 -77.56 12.46
N GLY M 152 -22.66 -78.67 12.79
CA GLY M 152 -21.32 -78.93 12.31
C GLY M 152 -21.34 -79.53 10.93
N SER M 153 -20.15 -79.81 10.41
CA SER M 153 -20.03 -80.37 9.07
C SER M 153 -20.75 -81.71 8.98
N GLY M 154 -21.60 -81.85 7.97
CA GLY M 154 -22.30 -83.09 7.73
C GLY M 154 -23.41 -83.40 8.70
N GLN M 155 -23.94 -82.42 9.42
CA GLN M 155 -24.92 -82.68 10.46
C GLN M 155 -26.29 -82.13 10.06
N VAL M 156 -27.32 -82.73 10.64
CA VAL M 156 -28.70 -82.36 10.41
C VAL M 156 -29.35 -82.10 11.77
N TRP M 157 -30.54 -81.50 11.74
CA TRP M 157 -31.32 -81.29 12.94
C TRP M 157 -32.18 -82.52 13.20
N ARG M 158 -32.04 -83.11 14.38
CA ARG M 158 -32.75 -84.32 14.74
C ARG M 158 -33.20 -84.24 16.18
N MET M 159 -34.49 -84.45 16.42
CA MET M 159 -34.99 -84.53 17.78
C MET M 159 -34.35 -85.73 18.47
N ASN M 160 -33.87 -85.54 19.70
CA ASN M 160 -33.17 -86.62 20.37
C ASN M 160 -34.15 -87.71 20.78
N ASP M 161 -33.60 -88.87 21.17
CA ASP M 161 -34.41 -90.04 21.48
C ASP M 161 -35.30 -89.82 22.69
N SER M 162 -34.93 -88.93 23.60
CA SER M 162 -35.78 -88.63 24.75
C SER M 162 -36.92 -87.69 24.42
N GLY M 163 -36.91 -87.08 23.24
CA GLY M 163 -37.92 -86.09 22.89
C GLY M 163 -37.88 -84.84 23.74
N THR M 164 -36.68 -84.37 24.09
CA THR M 164 -36.52 -83.19 24.93
C THR M 164 -35.92 -82.00 24.21
N GLY M 165 -35.31 -82.19 23.04
CA GLY M 165 -34.76 -81.08 22.30
C GLY M 165 -34.14 -81.55 21.01
N ILE M 166 -33.90 -80.58 20.13
CA ILE M 166 -33.32 -80.84 18.82
C ILE M 166 -31.81 -80.73 18.94
N GLU M 167 -31.10 -81.74 18.46
CA GLU M 167 -29.65 -81.77 18.55
C GLU M 167 -29.06 -82.02 17.17
N ALA M 168 -27.82 -81.57 17.01
CA ALA M 168 -27.10 -81.79 15.75
C ALA M 168 -26.69 -83.26 15.66
N TYR M 169 -26.98 -83.87 14.51
CA TYR M 169 -26.79 -85.31 14.32
C TYR M 169 -25.96 -85.54 13.07
N THR M 170 -24.81 -86.19 13.23
CA THR M 170 -23.99 -86.54 12.09
C THR M 170 -24.61 -87.73 11.36
N ILE M 171 -24.74 -87.60 10.05
CA ILE M 171 -25.36 -88.64 9.23
C ILE M 171 -24.26 -89.40 8.50
N ASP M 172 -24.18 -90.70 8.76
CA ASP M 172 -23.26 -91.55 8.01
C ASP M 172 -23.80 -91.76 6.60
N GLU M 173 -22.90 -91.70 5.62
CA GLU M 173 -23.28 -91.85 4.23
C GLU M 173 -23.13 -93.29 3.76
N SER N 2 -9.33 5.57 -51.80
CA SER N 2 -8.17 6.38 -51.49
C SER N 2 -7.69 7.13 -52.73
N ASN N 3 -7.23 8.35 -52.54
CA ASN N 3 -6.77 9.17 -53.66
C ASN N 3 -5.47 8.61 -54.22
N ILE N 4 -5.15 9.04 -55.44
CA ILE N 4 -3.95 8.58 -56.12
C ILE N 4 -2.82 9.57 -55.86
N LYS N 5 -1.59 9.10 -56.08
CA LYS N 5 -0.39 9.84 -55.70
C LYS N 5 -0.08 10.88 -56.78
N ILE N 6 -0.37 12.15 -56.48
CA ILE N 6 -0.25 13.23 -57.45
C ILE N 6 0.67 14.34 -56.97
N ASN N 7 0.50 14.79 -55.73
CA ASN N 7 1.17 16.00 -55.25
C ASN N 7 2.69 15.82 -55.31
N ASP N 8 3.34 16.72 -56.06
CA ASP N 8 4.80 16.72 -56.22
C ASP N 8 5.31 15.42 -56.81
N VAL N 9 4.51 14.76 -57.64
CA VAL N 9 4.91 13.55 -58.34
C VAL N 9 4.82 13.85 -59.82
N PHE N 10 5.95 14.16 -60.45
CA PHE N 10 5.98 14.43 -61.87
C PHE N 10 5.60 13.18 -62.67
N GLN N 11 4.99 13.40 -63.82
CA GLN N 11 4.60 12.30 -64.71
C GLN N 11 5.70 11.97 -65.72
N ARG N 12 6.92 11.84 -65.22
CA ARG N 12 8.09 11.52 -66.03
C ARG N 12 9.23 11.14 -65.10
N ILE N 13 10.01 10.14 -65.50
CA ILE N 13 11.16 9.70 -64.73
C ILE N 13 12.20 9.18 -65.71
N GLN N 14 13.46 9.36 -65.34
CA GLN N 14 14.57 8.89 -66.15
C GLN N 14 15.58 8.18 -65.28
N TYR N 15 16.11 7.07 -65.77
CA TYR N 15 16.99 6.20 -65.02
C TYR N 15 18.29 5.95 -65.77
N ALA N 16 19.35 5.70 -65.00
CA ALA N 16 20.61 5.18 -65.53
C ALA N 16 20.70 3.73 -65.08
N ALA N 17 20.54 2.81 -66.02
CA ALA N 17 20.46 1.40 -65.68
C ALA N 17 21.80 0.85 -65.22
N SER N 18 21.75 -0.17 -64.39
CA SER N 18 22.92 -0.97 -64.05
C SER N 18 22.99 -2.18 -64.97
N ALA N 19 24.16 -2.78 -65.03
CA ALA N 19 24.39 -3.91 -65.92
C ALA N 19 23.51 -5.09 -65.52
N GLY N 20 22.66 -5.54 -66.45
CA GLY N 20 21.79 -6.67 -66.23
C GLY N 20 20.43 -6.36 -65.64
N GLN N 21 20.12 -5.09 -65.39
CA GLN N 21 18.84 -4.73 -64.78
C GLN N 21 17.69 -4.89 -65.78
N THR N 22 16.55 -5.36 -65.28
CA THR N 22 15.35 -5.47 -66.10
C THR N 22 14.13 -4.77 -65.52
N GLN N 23 14.09 -4.46 -64.23
CA GLN N 23 12.92 -3.91 -63.58
C GLN N 23 13.11 -2.43 -63.32
N PHE N 24 12.21 -1.62 -63.84
CA PHE N 24 12.26 -0.16 -63.68
C PHE N 24 10.92 0.34 -63.19
N THR N 25 10.92 1.05 -62.07
CA THR N 25 9.69 1.50 -61.44
C THR N 25 9.01 2.59 -62.27
N ILE N 26 7.69 2.49 -62.38
CA ILE N 26 6.86 3.61 -62.84
C ILE N 26 6.36 4.33 -61.60
N PRO N 27 6.92 5.47 -61.24
CA PRO N 27 6.59 6.12 -59.96
C PRO N 27 5.33 6.97 -59.96
N PHE N 28 4.56 6.97 -61.04
CA PHE N 28 3.36 7.80 -61.09
C PHE N 28 2.18 6.95 -61.54
N PRO N 29 0.97 7.30 -61.10
CA PRO N 29 -0.20 6.51 -61.49
C PRO N 29 -0.52 6.67 -62.96
N PHE N 30 -1.07 5.60 -63.54
CA PHE N 30 -1.56 5.63 -64.91
C PHE N 30 -2.78 4.73 -64.99
N PHE N 31 -3.61 4.96 -66.00
CA PHE N 31 -4.88 4.24 -66.11
C PHE N 31 -4.86 3.13 -67.16
N ASP N 32 -3.93 3.16 -68.10
CA ASP N 32 -3.94 2.19 -69.18
C ASP N 32 -2.50 2.00 -69.67
N ASN N 33 -2.17 0.75 -70.02
CA ASN N 33 -0.80 0.45 -70.42
C ASN N 33 -0.38 1.26 -71.63
N GLU N 34 -1.31 1.51 -72.55
CA GLU N 34 -0.98 2.23 -73.78
C GLU N 34 -0.61 3.68 -73.53
N TYR N 35 -0.95 4.24 -72.37
CA TYR N 35 -0.70 5.64 -72.07
C TYR N 35 0.62 5.86 -71.37
N VAL N 36 1.55 4.92 -71.47
CA VAL N 36 2.90 5.06 -70.90
C VAL N 36 3.89 4.88 -72.04
N LEU N 37 4.81 5.83 -72.18
CA LEU N 37 5.82 5.84 -73.22
C LEU N 37 7.17 5.51 -72.61
N VAL N 38 7.91 4.61 -73.24
CA VAL N 38 9.21 4.15 -72.76
C VAL N 38 10.24 4.37 -73.86
N TRP N 39 11.36 4.99 -73.51
CA TRP N 39 12.50 5.13 -74.39
C TRP N 39 13.71 4.48 -73.75
N GLN N 40 14.61 3.98 -74.59
CA GLN N 40 15.90 3.46 -74.13
C GLN N 40 16.98 4.02 -75.05
N ASN N 41 17.84 4.87 -74.50
CA ASN N 41 18.86 5.58 -75.28
C ASN N 41 18.24 6.35 -76.43
N GLY N 42 17.09 6.96 -76.18
CA GLY N 42 16.45 7.80 -77.17
C GLY N 42 15.64 7.08 -78.22
N VAL N 43 15.48 5.76 -78.11
CA VAL N 43 14.72 4.97 -79.06
C VAL N 43 13.48 4.45 -78.34
N GLN N 44 12.30 4.75 -78.88
CA GLN N 44 11.07 4.35 -78.24
C GLN N 44 10.88 2.84 -78.36
N LEU N 45 10.51 2.20 -77.26
CA LEU N 45 10.34 0.76 -77.20
C LEU N 45 8.88 0.38 -77.45
N VAL N 46 8.66 -0.90 -77.70
CA VAL N 46 7.34 -1.46 -77.96
C VAL N 46 7.01 -2.44 -76.84
N MET N 47 5.76 -2.46 -76.41
CA MET N 47 5.31 -3.43 -75.43
C MET N 47 5.15 -4.79 -76.08
N GLY N 48 5.74 -5.82 -75.48
CA GLY N 48 5.65 -7.15 -76.02
C GLY N 48 6.57 -8.11 -75.28
N GLY N 49 6.76 -9.28 -75.88
CA GLY N 49 7.57 -10.31 -75.27
C GLY N 49 8.85 -10.64 -76.02
N ALA N 50 9.04 -10.02 -77.17
CA ALA N 50 10.24 -10.24 -77.97
C ALA N 50 11.42 -9.50 -77.36
N PRO N 51 12.65 -9.92 -77.66
CA PRO N 51 13.81 -9.17 -77.18
C PRO N 51 13.79 -7.74 -77.69
N GLY N 52 14.21 -6.82 -76.83
CA GLY N 52 14.10 -5.41 -77.11
C GLY N 52 12.78 -4.78 -76.77
N GLN N 53 11.81 -5.56 -76.30
CA GLN N 53 10.51 -5.08 -75.91
C GLN N 53 10.38 -5.10 -74.38
N TYR N 54 9.23 -4.68 -73.88
CA TYR N 54 9.04 -4.60 -72.43
C TYR N 54 7.63 -5.05 -72.07
N GLY N 55 7.50 -5.54 -70.83
CA GLY N 55 6.21 -5.76 -70.22
C GLY N 55 5.91 -4.65 -69.22
N ILE N 56 4.64 -4.48 -68.90
CA ILE N 56 4.20 -3.41 -68.03
C ILE N 56 3.06 -3.91 -67.15
N SER N 57 3.07 -3.49 -65.88
CA SER N 57 2.00 -3.80 -64.95
C SER N 57 1.76 -2.60 -64.05
N GLY N 58 0.60 -2.59 -63.39
CA GLY N 58 0.25 -1.54 -62.48
C GLY N 58 -0.79 -0.54 -62.97
N ALA N 59 -1.44 -0.81 -64.09
CA ALA N 59 -2.49 0.09 -64.57
C ALA N 59 -3.63 0.12 -63.57
N GLY N 60 -4.12 1.33 -63.27
CA GLY N 60 -5.15 1.50 -62.27
C GLY N 60 -4.67 1.52 -60.84
N SER N 61 -3.39 1.32 -60.60
CA SER N 61 -2.85 1.36 -59.25
C SER N 61 -2.72 2.82 -58.79
N PRO N 62 -3.03 3.10 -57.52
CA PRO N 62 -2.93 4.48 -57.06
C PRO N 62 -1.51 5.03 -57.01
N SER N 63 -0.49 4.18 -57.00
CA SER N 63 0.88 4.63 -56.78
C SER N 63 1.78 4.51 -57.99
N GLY N 64 1.53 3.59 -58.90
CA GLY N 64 2.38 3.41 -60.06
C GLY N 64 2.47 1.95 -60.42
N GLY N 65 3.51 1.61 -61.16
CA GLY N 65 3.67 0.25 -61.66
C GLY N 65 5.11 -0.11 -61.92
N LEU N 66 5.32 -0.98 -62.91
CA LEU N 66 6.63 -1.55 -63.15
C LEU N 66 6.80 -1.81 -64.64
N ILE N 67 8.00 -1.50 -65.15
CA ILE N 67 8.42 -1.85 -66.51
C ILE N 67 9.45 -2.96 -66.39
N THR N 68 9.26 -4.03 -67.16
CA THR N 68 10.19 -5.16 -67.16
C THR N 68 10.72 -5.35 -68.57
N LEU N 69 11.99 -5.01 -68.79
CA LEU N 69 12.61 -5.23 -70.09
C LEU N 69 12.81 -6.71 -70.33
N VAL N 70 12.56 -7.14 -71.57
CA VAL N 70 12.85 -8.52 -71.95
C VAL N 70 14.36 -8.75 -71.98
N THR N 71 15.10 -7.84 -72.60
CA THR N 71 16.54 -7.95 -72.69
C THR N 71 17.19 -7.16 -71.57
N PRO N 72 18.04 -7.76 -70.74
CA PRO N 72 18.69 -7.00 -69.66
C PRO N 72 19.51 -5.86 -70.22
N ALA N 73 19.46 -4.73 -69.52
CA ALA N 73 20.08 -3.50 -70.00
C ALA N 73 21.59 -3.53 -69.77
N ALA N 74 22.28 -2.64 -70.48
CA ALA N 74 23.70 -2.44 -70.29
C ALA N 74 23.94 -1.30 -69.31
N LEU N 75 25.18 -1.23 -68.81
CA LEU N 75 25.52 -0.20 -67.84
C LEU N 75 25.35 1.19 -68.46
N ASN N 76 24.69 2.07 -67.71
CA ASN N 76 24.44 3.46 -68.09
C ASN N 76 23.54 3.61 -69.31
N ASP N 77 22.71 2.62 -69.61
CA ASP N 77 21.61 2.84 -70.54
C ASP N 77 20.60 3.77 -69.88
N ILE N 78 20.07 4.70 -70.67
CA ILE N 78 19.13 5.69 -70.16
C ILE N 78 17.72 5.22 -70.48
N ILE N 79 16.92 5.04 -69.44
CA ILE N 79 15.53 4.61 -69.57
C ILE N 79 14.64 5.78 -69.20
N THR N 80 13.78 6.20 -70.11
CA THR N 80 12.86 7.32 -69.88
C THR N 80 11.44 6.79 -69.92
N ILE N 81 10.64 7.18 -68.93
CA ILE N 81 9.25 6.78 -68.84
C ILE N 81 8.41 8.04 -68.67
N GLN N 82 7.41 8.22 -69.54
CA GLN N 82 6.58 9.41 -69.51
C GLN N 82 5.12 9.01 -69.64
N GLY N 83 4.25 9.68 -68.89
CA GLY N 83 2.82 9.46 -69.00
C GLY N 83 2.24 10.34 -70.09
N ASP N 84 1.47 9.72 -70.98
CA ASP N 84 0.88 10.42 -72.13
C ASP N 84 -0.52 9.87 -72.37
N MET N 85 -1.50 10.47 -71.74
CA MET N 85 -2.91 10.10 -71.81
C MET N 85 -3.67 11.06 -72.71
N PRO N 86 -4.59 10.55 -73.53
CA PRO N 86 -5.41 11.45 -74.36
C PRO N 86 -6.23 12.38 -73.48
N ILE N 87 -6.40 13.60 -73.94
CA ILE N 87 -7.17 14.62 -73.22
C ILE N 87 -8.54 14.64 -73.88
N ASP N 88 -9.46 13.83 -73.35
CA ASP N 88 -10.80 13.73 -73.88
C ASP N 88 -11.74 13.32 -72.74
N ARG N 89 -13.00 13.08 -73.08
CA ARG N 89 -13.97 12.58 -72.10
C ARG N 89 -15.08 11.89 -72.88
N THR N 90 -15.04 10.56 -72.92
CA THR N 90 -16.00 9.79 -73.71
C THR N 90 -17.05 9.06 -72.89
N SER N 91 -16.85 8.89 -71.58
CA SER N 91 -17.86 8.32 -70.71
C SER N 91 -18.51 9.45 -69.94
N ILE N 92 -19.78 9.70 -70.21
CA ILE N 92 -20.50 10.85 -69.67
C ILE N 92 -21.76 10.35 -68.96
N TYR N 93 -22.37 11.25 -68.19
CA TYR N 93 -23.58 10.91 -67.48
C TYR N 93 -24.80 11.09 -68.37
N SER N 94 -25.77 10.19 -68.25
CA SER N 94 -26.99 10.33 -68.99
C SER N 94 -27.87 11.41 -68.36
N ALA N 95 -28.77 11.96 -69.17
CA ALA N 95 -29.66 13.00 -68.70
C ALA N 95 -30.79 12.47 -67.84
N THR N 96 -31.08 11.17 -67.90
CA THR N 96 -32.25 10.63 -67.23
C THR N 96 -31.94 9.53 -66.22
N ILE N 97 -31.03 8.61 -66.54
CA ILE N 97 -30.89 7.39 -65.75
C ILE N 97 -29.48 7.20 -65.21
N SER N 98 -28.80 8.27 -64.84
CA SER N 98 -27.48 8.19 -64.23
C SER N 98 -27.60 8.31 -62.72
N ASN N 99 -27.20 7.27 -62.01
CA ASN N 99 -27.15 7.29 -60.55
C ASN N 99 -25.75 7.76 -60.15
N LEU N 100 -25.69 8.97 -59.59
CA LEU N 100 -24.40 9.55 -59.21
C LEU N 100 -23.81 8.79 -58.03
N THR N 101 -22.53 8.45 -58.13
CA THR N 101 -21.85 7.66 -57.12
C THR N 101 -20.53 8.34 -56.77
N GLY N 102 -20.07 8.14 -55.54
CA GLY N 102 -18.76 8.63 -55.15
C GLY N 102 -17.65 8.07 -56.01
N SER N 103 -17.79 6.84 -56.48
CA SER N 103 -16.81 6.28 -57.40
C SER N 103 -16.81 7.03 -58.73
N ASP N 104 -17.98 7.43 -59.21
CA ASP N 104 -18.05 8.22 -60.44
C ASP N 104 -17.30 9.54 -60.30
N LEU N 105 -17.57 10.27 -59.22
CA LEU N 105 -16.92 11.56 -59.04
C LEU N 105 -15.41 11.40 -58.86
N ASN N 106 -14.99 10.40 -58.08
CA ASN N 106 -13.56 10.17 -57.90
C ASN N 106 -12.90 9.84 -59.24
N GLY N 107 -13.54 9.01 -60.06
CA GLY N 107 -12.96 8.66 -61.34
C GLY N 107 -12.78 9.84 -62.26
N ASP N 108 -13.78 10.72 -62.31
CA ASP N 108 -13.71 11.87 -63.21
C ASP N 108 -12.68 12.89 -62.74
N PHE N 109 -12.63 13.18 -61.45
CA PHE N 109 -11.64 14.12 -60.95
C PHE N 109 -10.22 13.57 -61.09
N ASN N 110 -10.05 12.27 -60.82
CA ASN N 110 -8.73 11.66 -60.97
C ASN N 110 -8.26 11.73 -62.41
N ARG N 111 -9.17 11.53 -63.35
CA ARG N 111 -8.79 11.62 -64.76
C ARG N 111 -8.26 13.00 -65.11
N GLU N 112 -8.94 14.04 -64.67
CA GLU N 112 -8.56 15.39 -65.06
C GLU N 112 -7.32 15.88 -64.32
N VAL N 113 -7.13 15.45 -63.08
CA VAL N 113 -5.92 15.82 -62.34
C VAL N 113 -4.69 15.19 -62.98
N VAL N 114 -4.79 13.96 -63.46
CA VAL N 114 -3.66 13.31 -64.12
C VAL N 114 -3.37 14.00 -65.46
N MET N 115 -4.41 14.37 -66.20
CA MET N 115 -4.20 15.13 -67.44
C MET N 115 -3.50 16.44 -67.15
N MET N 116 -3.94 17.15 -66.12
CA MET N 116 -3.34 18.43 -65.78
C MET N 116 -1.91 18.27 -65.29
N LYS N 117 -1.61 17.17 -64.59
CA LYS N 117 -0.25 16.94 -64.14
C LYS N 117 0.67 16.65 -65.31
N GLN N 118 0.18 15.94 -66.32
CA GLN N 118 1.00 15.65 -67.49
C GLN N 118 1.34 16.93 -68.25
N ILE N 119 0.38 17.85 -68.38
CA ILE N 119 0.66 19.13 -69.01
C ILE N 119 1.69 19.92 -68.22
N GLN N 120 1.54 19.95 -66.90
CA GLN N 120 2.47 20.72 -66.07
C GLN N 120 3.85 20.07 -66.02
N THR N 121 3.92 18.75 -66.13
CA THR N 121 5.20 18.08 -66.19
C THR N 121 5.99 18.49 -67.42
N THR N 122 5.32 18.58 -68.57
CA THR N 122 5.98 19.06 -69.78
C THR N 122 6.42 20.51 -69.61
N GLN N 123 5.58 21.35 -69.01
CA GLN N 123 5.91 22.76 -68.85
C GLN N 123 7.10 22.96 -67.90
N ALA N 124 7.14 22.21 -66.81
CA ALA N 124 8.16 22.43 -65.79
C ALA N 124 9.53 21.87 -66.19
N LEU N 125 9.56 20.72 -66.86
CA LEU N 125 10.81 20.01 -67.07
C LEU N 125 11.35 20.11 -68.49
N LEU N 126 10.49 20.32 -69.48
CA LEU N 126 10.91 20.20 -70.87
C LEU N 126 10.80 21.49 -71.67
N GLN N 127 10.16 22.53 -71.16
CA GLN N 127 9.96 23.75 -71.91
C GLN N 127 10.78 24.89 -71.34
N LEU N 128 10.96 25.93 -72.16
CA LEU N 128 11.68 27.13 -71.78
C LEU N 128 10.70 28.20 -71.30
N GLN N 129 11.17 29.07 -70.41
CA GLN N 129 10.36 30.19 -69.97
C GLN N 129 11.25 31.30 -69.44
N TYR N 130 10.72 32.51 -69.45
CA TYR N 130 11.35 33.61 -68.76
C TYR N 130 11.18 33.44 -67.25
N ALA N 131 12.13 33.97 -66.50
CA ALA N 131 12.00 33.93 -65.05
C ALA N 131 10.74 34.69 -64.64
N PRO N 132 10.00 34.21 -63.64
CA PRO N 132 8.70 34.83 -63.33
C PRO N 132 8.79 36.29 -62.95
N TRP N 133 9.93 36.75 -62.45
CA TRP N 133 10.10 38.14 -62.03
C TRP N 133 10.56 39.06 -63.15
N LEU N 134 10.88 38.54 -64.32
CA LEU N 134 11.35 39.39 -65.41
C LEU N 134 10.25 40.33 -65.89
N GLU N 135 10.67 41.50 -66.35
CA GLU N 135 9.73 42.57 -66.71
C GLU N 135 9.25 42.40 -68.15
N VAL N 136 8.54 41.31 -68.37
CA VAL N 136 7.90 41.11 -69.66
C VAL N 136 6.59 41.90 -69.70
N SER N 137 6.13 42.17 -70.91
CA SER N 137 4.86 42.89 -71.07
C SER N 137 3.72 42.09 -70.47
N GLN N 138 2.92 42.75 -69.63
CA GLN N 138 1.80 42.08 -69.00
C GLN N 138 0.58 42.00 -69.91
N ASP N 139 0.65 42.61 -71.09
CA ASP N 139 -0.41 42.49 -72.08
C ASP N 139 -0.05 41.38 -73.05
N PRO N 140 -0.81 40.29 -73.12
CA PRO N 140 -0.47 39.21 -74.05
C PRO N 140 -0.52 39.62 -75.51
N ASP N 141 -1.22 40.71 -75.84
CA ASP N 141 -1.25 41.18 -77.22
C ASP N 141 0.09 41.74 -77.67
N VAL N 142 0.95 42.14 -76.74
CA VAL N 142 2.30 42.59 -77.07
C VAL N 142 3.18 41.35 -77.21
N THR N 143 3.54 41.00 -78.45
CA THR N 143 4.21 39.75 -78.74
C THR N 143 5.70 39.93 -79.03
N LYS N 144 6.29 41.04 -78.59
CA LYS N 144 7.68 41.33 -78.94
C LYS N 144 8.62 40.24 -78.43
N ASP N 145 8.47 39.85 -77.17
CA ASP N 145 9.36 38.89 -76.54
C ASP N 145 8.87 37.45 -76.63
N ARG N 146 7.71 37.20 -77.20
CA ARG N 146 7.11 35.89 -77.06
C ARG N 146 6.84 35.17 -78.37
N TYR N 147 6.40 35.87 -79.42
CA TYR N 147 6.13 35.22 -80.69
C TYR N 147 7.43 34.95 -81.44
N LEU N 148 7.55 33.75 -81.98
CA LEU N 148 8.72 33.32 -82.73
C LEU N 148 8.38 33.13 -84.20
N PRO N 149 9.32 33.40 -85.10
CA PRO N 149 9.14 33.04 -86.50
C PRO N 149 9.73 31.67 -86.80
N LEU N 150 9.28 31.09 -87.92
CA LEU N 150 9.85 29.85 -88.38
C LEU N 150 11.29 30.08 -88.83
N LEU N 151 12.15 29.09 -88.56
CA LEU N 151 13.56 29.18 -88.91
C LEU N 151 13.80 28.51 -90.25
N GLY N 152 14.39 29.24 -91.19
CA GLY N 152 14.91 28.65 -92.40
C GLY N 152 16.26 28.03 -92.16
N SER N 153 16.81 27.42 -93.20
CA SER N 153 18.07 26.71 -93.09
C SER N 153 19.19 27.66 -92.66
N GLY N 154 19.98 27.22 -91.70
CA GLY N 154 21.09 28.02 -91.20
C GLY N 154 20.70 29.32 -90.56
N GLN N 155 19.58 29.36 -89.83
CA GLN N 155 19.09 30.57 -89.23
C GLN N 155 18.86 30.38 -87.74
N VAL N 156 19.06 31.47 -86.99
CA VAL N 156 18.85 31.50 -85.55
C VAL N 156 17.79 32.54 -85.23
N TRP N 157 17.28 32.49 -84.01
CA TRP N 157 16.37 33.52 -83.52
C TRP N 157 17.18 34.70 -82.99
N ARG N 158 16.85 35.90 -83.47
CA ARG N 158 17.57 37.10 -83.09
C ARG N 158 16.60 38.26 -83.01
N MET N 159 16.60 38.95 -81.88
CA MET N 159 15.82 40.18 -81.76
C MET N 159 16.36 41.19 -82.76
N ASN N 160 15.46 41.85 -83.49
CA ASN N 160 15.91 42.73 -84.55
C ASN N 160 16.57 43.99 -83.98
N ASP N 161 17.18 44.77 -84.87
CA ASP N 161 17.93 45.94 -84.44
C ASP N 161 17.06 47.01 -83.80
N SER N 162 15.76 47.01 -84.07
CA SER N 162 14.85 47.99 -83.50
C SER N 162 14.26 47.55 -82.17
N GLY N 163 14.49 46.31 -81.76
CA GLY N 163 13.88 45.80 -80.53
C GLY N 163 12.37 45.74 -80.59
N THR N 164 11.81 45.31 -81.72
CA THR N 164 10.37 45.20 -81.87
C THR N 164 9.88 43.77 -82.07
N GLY N 165 10.75 42.84 -82.42
CA GLY N 165 10.33 41.47 -82.59
C GLY N 165 11.52 40.57 -82.86
N ILE N 166 11.30 39.28 -82.68
CA ILE N 166 12.31 38.26 -82.96
C ILE N 166 12.12 37.79 -84.39
N GLU N 167 13.20 37.74 -85.16
CA GLU N 167 13.13 37.31 -86.53
C GLU N 167 14.25 36.33 -86.85
N ALA N 168 14.01 35.48 -87.84
CA ALA N 168 15.02 34.53 -88.29
C ALA N 168 16.20 35.28 -88.89
N TYR N 169 17.40 34.75 -88.66
CA TYR N 169 18.62 35.46 -88.96
C TYR N 169 19.66 34.47 -89.44
N THR N 170 20.06 34.59 -90.71
CA THR N 170 21.00 33.63 -91.29
C THR N 170 22.39 33.82 -90.71
N ILE N 171 23.00 32.71 -90.28
CA ILE N 171 24.39 32.67 -89.87
C ILE N 171 25.04 31.52 -90.62
N ASP N 172 26.09 31.81 -91.37
CA ASP N 172 26.74 30.78 -92.16
C ASP N 172 27.72 29.97 -91.31
N GLU N 173 27.93 28.73 -91.72
CA GLU N 173 28.81 27.82 -91.01
C GLU N 173 30.20 27.75 -91.65
N SER O 2 -24.73 19.98 -73.34
CA SER O 2 -23.68 19.61 -72.40
C SER O 2 -23.61 18.11 -72.21
N ASN O 3 -24.65 17.40 -72.61
CA ASN O 3 -24.65 15.94 -72.59
C ASN O 3 -24.01 15.40 -73.87
N ILE O 4 -22.76 15.80 -74.10
CA ILE O 4 -22.00 15.40 -75.28
C ILE O 4 -20.68 14.82 -74.84
N LYS O 5 -20.07 14.04 -75.72
CA LYS O 5 -18.72 13.55 -75.54
C LYS O 5 -17.72 14.57 -76.08
N ILE O 6 -16.53 14.58 -75.49
CA ILE O 6 -15.42 15.39 -75.95
C ILE O 6 -14.39 14.44 -76.53
N ASN O 7 -14.18 14.52 -77.84
CA ASN O 7 -13.24 13.61 -78.49
C ASN O 7 -11.82 14.16 -78.42
N ASP O 8 -10.85 13.30 -78.73
CA ASP O 8 -9.44 13.66 -78.67
C ASP O 8 -9.05 14.28 -80.01
N VAL O 9 -9.27 15.58 -80.14
CA VAL O 9 -8.99 16.31 -81.37
C VAL O 9 -8.27 17.59 -81.00
N PHE O 10 -7.21 17.92 -81.74
CA PHE O 10 -6.50 19.17 -81.53
C PHE O 10 -7.44 20.35 -81.72
N GLN O 11 -7.26 21.37 -80.88
CA GLN O 11 -8.10 22.56 -80.90
C GLN O 11 -7.62 23.60 -81.89
N ARG O 12 -6.93 23.18 -82.94
CA ARG O 12 -6.45 24.06 -83.99
C ARG O 12 -6.42 23.30 -85.30
N ILE O 13 -6.90 23.93 -86.37
CA ILE O 13 -6.90 23.33 -87.69
C ILE O 13 -6.46 24.38 -88.69
N GLN O 14 -5.71 23.95 -89.70
CA GLN O 14 -5.24 24.83 -90.75
C GLN O 14 -5.55 24.22 -92.11
N TYR O 15 -5.90 25.07 -93.07
CA TYR O 15 -6.28 24.65 -94.41
C TYR O 15 -5.56 25.48 -95.45
N ALA O 16 -5.32 24.86 -96.60
CA ALA O 16 -4.90 25.56 -97.81
C ALA O 16 -6.11 25.59 -98.73
N ALA O 17 -6.70 26.78 -98.89
CA ALA O 17 -7.97 26.91 -99.59
C ALA O 17 -7.83 26.55 -101.06
N SER O 18 -8.88 25.94 -101.60
CA SER O 18 -9.01 25.79 -103.04
C SER O 18 -9.55 27.07 -103.64
N ALA O 19 -9.56 27.12 -104.98
CA ALA O 19 -10.04 28.31 -105.67
C ALA O 19 -11.55 28.47 -105.43
N GLY O 20 -11.92 29.56 -104.77
CA GLY O 20 -13.32 29.85 -104.52
C GLY O 20 -13.94 29.14 -103.33
N GLN O 21 -13.14 28.42 -102.54
CA GLN O 21 -13.69 27.73 -101.39
C GLN O 21 -14.19 28.72 -100.35
N THR O 22 -15.35 28.42 -99.75
CA THR O 22 -15.91 29.25 -98.70
C THR O 22 -16.17 28.51 -97.40
N GLN O 23 -16.39 27.20 -97.43
CA GLN O 23 -16.73 26.45 -96.24
C GLN O 23 -15.52 25.66 -95.74
N PHE O 24 -15.19 25.86 -94.46
CA PHE O 24 -14.08 25.18 -93.82
C PHE O 24 -14.59 24.53 -92.54
N THR O 25 -14.25 23.25 -92.36
CA THR O 25 -14.78 22.48 -91.25
C THR O 25 -14.00 22.75 -89.96
N ILE O 26 -14.73 22.86 -88.85
CA ILE O 26 -14.13 22.92 -87.52
C ILE O 26 -14.23 21.51 -86.93
N PRO O 27 -13.13 20.76 -86.82
CA PRO O 27 -13.22 19.37 -86.34
C PRO O 27 -13.25 19.22 -84.83
N PHE O 28 -13.16 20.30 -84.07
CA PHE O 28 -13.10 20.20 -82.63
C PHE O 28 -14.32 20.86 -82.00
N PRO O 29 -14.77 20.37 -80.84
CA PRO O 29 -15.93 20.98 -80.18
C PRO O 29 -15.63 22.37 -79.67
N PHE O 30 -16.65 23.23 -79.70
CA PHE O 30 -16.58 24.53 -79.08
C PHE O 30 -17.97 24.88 -78.57
N PHE O 31 -18.02 25.71 -77.54
CA PHE O 31 -19.26 25.98 -76.83
C PHE O 31 -19.89 27.32 -77.17
N ASP O 32 -19.12 28.26 -77.72
CA ASP O 32 -19.62 29.59 -78.00
C ASP O 32 -18.90 30.13 -79.23
N ASN O 33 -19.62 30.88 -80.06
CA ASN O 33 -19.02 31.39 -81.30
C ASN O 33 -17.89 32.36 -81.01
N GLU O 34 -17.96 33.10 -79.91
CA GLU O 34 -16.93 34.07 -79.61
C GLU O 34 -15.62 33.43 -79.17
N TYR O 35 -15.60 32.12 -78.94
CA TYR O 35 -14.40 31.43 -78.46
C TYR O 35 -13.64 30.74 -79.58
N VAL O 36 -13.79 31.22 -80.81
CA VAL O 36 -13.09 30.66 -81.96
C VAL O 36 -12.42 31.81 -82.71
N LEU O 37 -11.14 31.67 -82.99
CA LEU O 37 -10.37 32.66 -83.70
C LEU O 37 -10.06 32.17 -85.11
N VAL O 38 -10.24 33.06 -86.08
CA VAL O 38 -10.04 32.74 -87.49
C VAL O 38 -9.01 33.70 -88.06
N TRP O 39 -8.01 33.15 -88.74
CA TRP O 39 -7.02 33.93 -89.48
C TRP O 39 -7.04 33.53 -90.94
N GLN O 40 -6.85 34.50 -91.81
CA GLN O 40 -6.67 34.27 -93.23
C GLN O 40 -5.38 34.96 -93.65
N ASN O 41 -4.36 34.18 -94.00
CA ASN O 41 -3.05 34.69 -94.35
C ASN O 41 -2.47 35.58 -93.26
N GLY O 42 -2.65 35.17 -92.01
CA GLY O 42 -2.08 35.90 -90.89
C GLY O 42 -2.85 37.11 -90.44
N VAL O 43 -4.02 37.37 -90.99
CA VAL O 43 -4.86 38.50 -90.60
C VAL O 43 -6.11 37.94 -89.94
N GLN O 44 -6.39 38.39 -88.72
CA GLN O 44 -7.55 37.88 -87.99
C GLN O 44 -8.83 38.44 -88.57
N LEU O 45 -9.77 37.55 -88.88
CA LEU O 45 -11.05 37.94 -89.44
C LEU O 45 -12.03 38.31 -88.33
N VAL O 46 -13.09 39.00 -88.73
CA VAL O 46 -14.17 39.40 -87.84
C VAL O 46 -15.42 38.64 -88.24
N MET O 47 -16.18 38.17 -87.24
CA MET O 47 -17.42 37.47 -87.51
C MET O 47 -18.49 38.47 -87.92
N GLY O 48 -19.17 38.18 -89.03
CA GLY O 48 -20.20 39.08 -89.52
C GLY O 48 -20.66 38.66 -90.90
N GLY O 49 -21.37 39.57 -91.56
CA GLY O 49 -21.92 39.29 -92.88
C GLY O 49 -21.35 40.16 -93.98
N ALA O 50 -20.50 41.12 -93.62
CA ALA O 50 -19.86 41.96 -94.61
C ALA O 50 -18.78 41.19 -95.36
N PRO O 51 -18.40 41.65 -96.55
CA PRO O 51 -17.28 41.01 -97.25
C PRO O 51 -16.00 41.10 -96.44
N GLY O 52 -15.18 40.05 -96.54
CA GLY O 52 -14.00 39.93 -95.72
C GLY O 52 -14.26 39.42 -94.32
N GLN O 53 -15.45 38.92 -94.05
CA GLN O 53 -15.84 38.39 -92.75
C GLN O 53 -16.32 36.95 -92.92
N TYR O 54 -16.78 36.35 -91.82
CA TYR O 54 -17.15 34.95 -91.84
C TYR O 54 -18.35 34.73 -90.92
N GLY O 55 -19.08 33.65 -91.20
CA GLY O 55 -20.12 33.18 -90.32
C GLY O 55 -19.76 31.80 -89.78
N ILE O 56 -20.24 31.50 -88.58
CA ILE O 56 -19.84 30.29 -87.88
C ILE O 56 -21.08 29.62 -87.32
N SER O 57 -21.12 28.29 -87.38
CA SER O 57 -22.23 27.52 -86.85
C SER O 57 -21.70 26.24 -86.22
N GLY O 58 -22.53 25.62 -85.41
CA GLY O 58 -22.20 24.35 -84.79
C GLY O 58 -21.77 24.41 -83.35
N ALA O 59 -22.02 25.52 -82.64
CA ALA O 59 -21.62 25.61 -81.25
C ALA O 59 -22.40 24.61 -80.40
N GLY O 60 -21.69 23.91 -79.53
CA GLY O 60 -22.27 22.89 -78.69
C GLY O 60 -22.27 21.50 -79.26
N SER O 61 -21.98 21.35 -80.54
CA SER O 61 -21.97 20.05 -81.19
C SER O 61 -20.70 19.30 -80.83
N PRO O 62 -20.79 18.00 -80.53
CA PRO O 62 -19.58 17.23 -80.22
C PRO O 62 -18.62 17.11 -81.38
N SER O 63 -19.10 17.23 -82.61
CA SER O 63 -18.28 17.02 -83.80
C SER O 63 -17.82 18.33 -84.42
N GLY O 64 -17.93 19.43 -83.71
CA GLY O 64 -17.50 20.71 -84.25
C GLY O 64 -18.52 21.29 -85.21
N GLY O 65 -18.08 22.31 -85.93
CA GLY O 65 -18.98 23.05 -86.80
C GLY O 65 -18.40 23.45 -88.14
N LEU O 66 -18.68 24.68 -88.57
CA LEU O 66 -18.36 25.10 -89.91
C LEU O 66 -18.08 26.60 -89.93
N ILE O 67 -17.11 26.99 -90.75
CA ILE O 67 -16.77 28.40 -90.99
C ILE O 67 -17.11 28.71 -92.45
N THR O 68 -17.91 29.74 -92.67
CA THR O 68 -18.32 30.13 -94.01
C THR O 68 -17.83 31.54 -94.28
N LEU O 69 -16.86 31.68 -95.18
CA LEU O 69 -16.38 32.99 -95.58
C LEU O 69 -17.40 33.70 -96.43
N VAL O 70 -17.57 34.99 -96.19
CA VAL O 70 -18.41 35.82 -97.07
C VAL O 70 -17.77 35.93 -98.44
N THR O 71 -16.48 36.27 -98.48
CA THR O 71 -15.75 36.38 -99.73
C THR O 71 -15.03 35.07 -100.03
N PRO O 72 -15.26 34.45 -101.18
CA PRO O 72 -14.55 33.20 -101.50
C PRO O 72 -13.04 33.40 -101.48
N ALA O 73 -12.34 32.38 -100.98
CA ALA O 73 -10.91 32.48 -100.78
C ALA O 73 -10.15 32.24 -102.08
N ALA O 74 -9.00 32.89 -102.22
CA ALA O 74 -8.13 32.65 -103.35
C ALA O 74 -7.42 31.32 -103.19
N LEU O 75 -6.84 30.84 -104.29
CA LEU O 75 -6.12 29.57 -104.25
C LEU O 75 -4.94 29.67 -103.29
N ASN O 76 -4.77 28.63 -102.48
CA ASN O 76 -3.67 28.49 -101.52
C ASN O 76 -3.70 29.56 -100.43
N ASP O 77 -4.85 30.15 -100.17
CA ASP O 77 -4.99 31.00 -98.99
C ASP O 77 -4.98 30.12 -97.74
N ILE O 78 -4.27 30.57 -96.71
CA ILE O 78 -4.12 29.81 -95.48
C ILE O 78 -5.21 30.23 -94.51
N ILE O 79 -6.03 29.28 -94.10
CA ILE O 79 -7.12 29.51 -93.15
C ILE O 79 -6.79 28.77 -91.86
N THR O 80 -6.67 29.51 -90.76
CA THR O 80 -6.34 28.93 -89.46
C THR O 80 -7.50 29.16 -88.50
N ILE O 81 -7.92 28.11 -87.81
CA ILE O 81 -9.03 28.15 -86.87
C ILE O 81 -8.55 27.58 -85.54
N GLN O 82 -8.75 28.33 -84.46
CA GLN O 82 -8.25 27.93 -83.15
C GLN O 82 -9.29 28.22 -82.08
N GLY O 83 -9.43 27.29 -81.13
CA GLY O 83 -10.32 27.49 -79.99
C GLY O 83 -9.63 28.25 -78.89
N ASP O 84 -10.31 29.26 -78.35
CA ASP O 84 -9.72 30.19 -77.38
C ASP O 84 -10.71 30.52 -76.27
N MET O 85 -11.26 29.50 -75.62
CA MET O 85 -12.19 29.71 -74.52
C MET O 85 -11.47 30.31 -73.31
N PRO O 86 -12.10 31.23 -72.59
CA PRO O 86 -11.51 31.72 -71.34
C PRO O 86 -11.51 30.65 -70.27
N ILE O 87 -10.55 30.75 -69.36
CA ILE O 87 -10.41 29.81 -68.25
C ILE O 87 -10.95 30.49 -67.01
N ASP O 88 -12.21 30.22 -66.70
CA ASP O 88 -12.85 30.76 -65.51
C ASP O 88 -14.03 29.87 -65.16
N ARG O 89 -14.81 30.27 -64.16
CA ARG O 89 -16.00 29.52 -63.77
C ARG O 89 -16.97 30.52 -63.13
N THR O 90 -17.97 30.93 -63.90
CA THR O 90 -18.93 31.94 -63.45
C THR O 90 -20.29 31.37 -63.09
N SER O 91 -20.59 30.13 -63.45
CA SER O 91 -21.83 29.47 -63.05
C SER O 91 -21.50 28.40 -62.02
N ILE O 92 -21.99 28.58 -60.81
CA ILE O 92 -21.65 27.71 -59.69
C ILE O 92 -22.94 27.12 -59.12
N TYR O 93 -22.78 26.13 -58.27
CA TYR O 93 -23.91 25.47 -57.63
C TYR O 93 -24.28 26.18 -56.33
N SER O 94 -25.51 25.95 -55.89
CA SER O 94 -25.89 26.38 -54.56
C SER O 94 -25.20 25.52 -53.51
N ALA O 95 -25.16 26.03 -52.28
CA ALA O 95 -24.46 25.31 -51.22
C ALA O 95 -25.09 23.95 -50.96
N THR O 96 -26.42 23.87 -50.98
CA THR O 96 -27.14 22.65 -50.65
C THR O 96 -28.10 22.29 -51.80
N ILE O 97 -27.54 22.20 -53.01
CA ILE O 97 -28.32 21.85 -54.19
C ILE O 97 -29.23 20.66 -53.91
N SER O 98 -30.47 20.77 -54.38
CA SER O 98 -31.44 19.70 -54.31
C SER O 98 -31.69 19.05 -55.66
N ASN O 99 -31.24 19.65 -56.75
CA ASN O 99 -31.40 19.11 -58.09
C ASN O 99 -30.12 19.35 -58.86
N LEU O 100 -29.41 18.28 -59.18
CA LEU O 100 -28.17 18.34 -59.95
C LEU O 100 -28.40 17.64 -61.28
N THR O 101 -28.45 18.40 -62.36
CA THR O 101 -28.83 17.85 -63.65
C THR O 101 -27.61 17.29 -64.38
N GLY O 102 -27.89 16.42 -65.36
CA GLY O 102 -26.82 15.83 -66.13
C GLY O 102 -26.04 16.85 -66.94
N SER O 103 -26.74 17.86 -67.47
CA SER O 103 -26.07 18.88 -68.26
C SER O 103 -25.10 19.70 -67.42
N ASP O 104 -25.49 20.05 -66.19
CA ASP O 104 -24.60 20.84 -65.34
C ASP O 104 -23.36 20.06 -64.95
N LEU O 105 -23.53 18.79 -64.57
CA LEU O 105 -22.38 18.00 -64.16
C LEU O 105 -21.49 17.66 -65.33
N ASN O 106 -22.09 17.27 -66.47
CA ASN O 106 -21.30 17.05 -67.67
C ASN O 106 -20.62 18.33 -68.13
N GLY O 107 -21.32 19.46 -68.02
CA GLY O 107 -20.75 20.72 -68.48
C GLY O 107 -19.50 21.10 -67.73
N ASP O 108 -19.49 20.93 -66.41
CA ASP O 108 -18.32 21.29 -65.62
C ASP O 108 -17.13 20.41 -65.96
N PHE O 109 -17.34 19.12 -66.13
CA PHE O 109 -16.24 18.23 -66.49
C PHE O 109 -15.78 18.47 -67.93
N ASN O 110 -16.72 18.68 -68.85
CA ASN O 110 -16.34 18.83 -70.26
C ASN O 110 -15.59 20.12 -70.50
N ARG O 111 -16.02 21.23 -69.90
CA ARG O 111 -15.38 22.51 -70.17
C ARG O 111 -13.94 22.52 -69.69
N GLU O 112 -13.63 21.83 -68.59
CA GLU O 112 -12.26 21.77 -68.13
C GLU O 112 -11.41 20.87 -69.03
N VAL O 113 -12.01 19.85 -69.62
CA VAL O 113 -11.28 19.03 -70.59
C VAL O 113 -10.94 19.85 -71.83
N VAL O 114 -11.88 20.66 -72.31
CA VAL O 114 -11.63 21.50 -73.48
C VAL O 114 -10.57 22.55 -73.17
N MET O 115 -10.60 23.13 -71.96
CA MET O 115 -9.58 24.09 -71.58
C MET O 115 -8.20 23.46 -71.59
N MET O 116 -8.08 22.26 -71.02
CA MET O 116 -6.78 21.58 -71.00
C MET O 116 -6.35 21.19 -72.40
N LYS O 117 -7.30 20.82 -73.26
CA LYS O 117 -6.94 20.49 -74.64
C LYS O 117 -6.43 21.71 -75.39
N GLN O 118 -7.00 22.89 -75.13
CA GLN O 118 -6.49 24.10 -75.76
C GLN O 118 -5.07 24.42 -75.29
N ILE O 119 -4.78 24.21 -74.01
CA ILE O 119 -3.43 24.40 -73.51
C ILE O 119 -2.48 23.40 -74.14
N GLN O 120 -2.90 22.13 -74.21
CA GLN O 120 -2.03 21.10 -74.73
C GLN O 120 -1.83 21.23 -76.23
N THR O 121 -2.84 21.71 -76.96
CA THR O 121 -2.69 21.93 -78.40
C THR O 121 -1.63 22.99 -78.66
N THR O 122 -1.62 24.06 -77.88
CA THR O 122 -0.60 25.08 -78.04
C THR O 122 0.79 24.52 -77.75
N GLN O 123 0.93 23.72 -76.70
CA GLN O 123 2.26 23.24 -76.33
C GLN O 123 2.71 22.07 -77.19
N ALA O 124 1.81 21.42 -77.92
CA ALA O 124 2.20 20.34 -78.81
C ALA O 124 2.49 20.80 -80.23
N LEU O 125 1.84 21.87 -80.68
CA LEU O 125 1.97 22.31 -82.07
C LEU O 125 2.67 23.65 -82.23
N LEU O 126 2.68 24.49 -81.21
CA LEU O 126 3.17 25.85 -81.36
C LEU O 126 4.33 26.20 -80.46
N GLN O 127 4.76 25.31 -79.56
CA GLN O 127 5.80 25.66 -78.61
C GLN O 127 7.00 24.73 -78.76
N LEU O 128 8.14 25.21 -78.27
CA LEU O 128 9.38 24.45 -78.26
C LEU O 128 9.50 23.63 -76.99
N GLN O 129 10.20 22.51 -77.09
CA GLN O 129 10.50 21.70 -75.93
C GLN O 129 11.71 20.82 -76.23
N TYR O 130 12.46 20.49 -75.19
CA TYR O 130 13.48 19.47 -75.33
C TYR O 130 12.83 18.12 -75.62
N ALA O 131 13.56 17.27 -76.33
CA ALA O 131 13.03 15.94 -76.60
C ALA O 131 12.80 15.21 -75.27
N PRO O 132 11.74 14.42 -75.16
CA PRO O 132 11.38 13.84 -73.86
C PRO O 132 12.44 12.94 -73.27
N TRP O 133 13.35 12.40 -74.07
CA TRP O 133 14.37 11.48 -73.58
C TRP O 133 15.70 12.15 -73.27
N LEU O 134 15.81 13.46 -73.46
CA LEU O 134 17.07 14.13 -73.18
C LEU O 134 17.31 14.20 -71.67
N GLU O 135 18.58 14.28 -71.28
CA GLU O 135 18.94 14.27 -69.86
C GLU O 135 18.87 15.68 -69.30
N VAL O 136 17.65 16.20 -69.23
CA VAL O 136 17.40 17.46 -68.56
C VAL O 136 17.37 17.21 -67.06
N SER O 137 17.71 18.24 -66.29
CA SER O 137 17.73 18.09 -64.84
C SER O 137 16.32 17.80 -64.33
N GLN O 138 16.19 16.72 -63.58
CA GLN O 138 14.88 16.32 -63.08
C GLN O 138 14.45 17.13 -61.86
N ASP O 139 15.31 18.02 -61.36
CA ASP O 139 14.93 18.97 -60.33
C ASP O 139 14.53 20.28 -60.99
N PRO O 140 13.28 20.71 -60.89
CA PRO O 140 12.87 21.97 -61.53
C PRO O 140 13.59 23.20 -61.01
N ASP O 141 14.20 23.12 -59.83
CA ASP O 141 14.95 24.27 -59.31
C ASP O 141 16.23 24.53 -60.08
N VAL O 142 16.70 23.57 -60.87
CA VAL O 142 17.88 23.75 -61.70
C VAL O 142 17.41 24.33 -63.03
N THR O 143 17.62 25.62 -63.22
CA THR O 143 17.07 26.35 -64.35
C THR O 143 18.11 26.61 -65.43
N LYS O 144 19.22 25.87 -65.43
CA LYS O 144 20.31 26.14 -66.37
C LYS O 144 19.83 26.08 -67.81
N ASP O 145 19.09 25.04 -68.16
CA ASP O 145 18.61 24.86 -69.52
C ASP O 145 17.22 25.43 -69.76
N ARG O 146 16.56 25.95 -68.73
CA ARG O 146 15.15 26.26 -68.81
C ARG O 146 14.82 27.75 -68.77
N TYR O 147 15.50 28.54 -67.95
CA TYR O 147 15.18 29.95 -67.80
C TYR O 147 15.91 30.77 -68.86
N LEU O 148 15.17 31.68 -69.50
CA LEU O 148 15.67 32.53 -70.56
C LEU O 148 15.74 33.99 -70.10
N PRO O 149 16.75 34.73 -70.54
CA PRO O 149 16.77 36.17 -70.30
C PRO O 149 16.04 36.91 -71.41
N LEU O 150 15.67 38.15 -71.10
CA LEU O 150 15.10 39.03 -72.12
C LEU O 150 16.18 39.40 -73.13
N LEU O 151 15.79 39.48 -74.40
CA LEU O 151 16.71 39.78 -75.48
C LEU O 151 16.68 41.28 -75.77
N GLY O 152 17.85 41.90 -75.78
CA GLY O 152 17.99 43.25 -76.28
C GLY O 152 18.09 43.27 -77.78
N SER O 153 18.19 44.48 -78.32
CA SER O 153 18.27 44.64 -79.77
C SER O 153 19.49 43.93 -80.33
N GLY O 154 19.28 43.12 -81.36
CA GLY O 154 20.35 42.39 -82.00
C GLY O 154 21.01 41.32 -81.16
N GLN O 155 20.24 40.62 -80.32
CA GLN O 155 20.80 39.64 -79.41
C GLN O 155 20.15 38.28 -79.61
N VAL O 156 20.90 37.23 -79.29
CA VAL O 156 20.44 35.85 -79.38
C VAL O 156 20.65 35.18 -78.03
N TRP O 157 19.97 34.05 -77.84
CA TRP O 157 20.16 33.24 -76.65
C TRP O 157 21.37 32.34 -76.83
N ARG O 158 22.28 32.37 -75.86
CA ARG O 158 23.52 31.62 -75.97
C ARG O 158 23.94 31.15 -74.58
N MET O 159 24.21 29.85 -74.46
CA MET O 159 24.73 29.32 -73.20
C MET O 159 26.08 29.94 -72.91
N ASN O 160 26.27 30.41 -71.69
CA ASN O 160 27.50 31.13 -71.37
C ASN O 160 28.69 30.18 -71.39
N ASP O 161 29.89 30.77 -71.34
CA ASP O 161 31.11 29.98 -71.45
C ASP O 161 31.23 28.96 -70.31
N SER O 162 30.78 29.31 -69.12
CA SER O 162 30.83 28.38 -68.00
C SER O 162 29.82 27.25 -68.12
N GLY O 163 28.87 27.35 -69.03
CA GLY O 163 27.82 26.36 -69.13
C GLY O 163 26.91 26.31 -67.93
N THR O 164 26.60 27.47 -67.34
CA THR O 164 25.75 27.54 -66.16
C THR O 164 24.42 28.25 -66.39
N GLY O 165 24.21 28.84 -67.56
CA GLY O 165 22.95 29.49 -67.83
C GLY O 165 22.98 30.15 -69.19
N ILE O 166 21.78 30.40 -69.71
CA ILE O 166 21.60 31.03 -70.99
C ILE O 166 21.59 32.54 -70.80
N GLU O 167 22.37 33.26 -71.61
CA GLU O 167 22.45 34.69 -71.52
C GLU O 167 22.27 35.32 -72.90
N ALA O 168 21.96 36.61 -72.91
CA ALA O 168 21.77 37.34 -74.15
C ALA O 168 23.12 37.75 -74.71
N TYR O 169 23.33 37.48 -76.00
CA TYR O 169 24.61 37.69 -76.67
C TYR O 169 24.38 38.51 -77.93
N THR O 170 25.17 39.56 -78.11
CA THR O 170 24.96 40.50 -79.21
C THR O 170 25.68 40.03 -80.47
N ILE O 171 24.97 40.07 -81.59
CA ILE O 171 25.52 39.73 -82.91
C ILE O 171 25.25 40.89 -83.85
N ASP O 172 26.28 41.33 -84.58
CA ASP O 172 26.16 42.42 -85.53
C ASP O 172 26.57 42.03 -86.95
N GLU O 173 26.79 40.75 -87.21
CA GLU O 173 27.21 40.32 -88.55
C GLU O 173 26.08 40.46 -89.56
N SER P 2 -16.56 26.12 -51.52
CA SER P 2 -16.03 27.36 -52.08
C SER P 2 -17.07 28.01 -52.97
N ASN P 3 -17.99 28.76 -52.37
CA ASN P 3 -19.09 29.33 -53.13
C ASN P 3 -18.75 30.71 -53.68
N ILE P 4 -17.62 30.80 -54.37
CA ILE P 4 -17.23 32.02 -55.08
C ILE P 4 -17.18 31.71 -56.56
N LYS P 5 -17.15 32.77 -57.36
CA LYS P 5 -16.96 32.64 -58.80
C LYS P 5 -15.54 32.98 -59.17
N ILE P 6 -14.97 32.23 -60.11
CA ILE P 6 -13.61 32.45 -60.57
C ILE P 6 -13.68 33.31 -61.82
N ASN P 7 -13.11 34.51 -61.75
CA ASN P 7 -13.06 35.40 -62.89
C ASN P 7 -11.87 35.06 -63.79
N ASP P 8 -11.91 35.58 -65.01
CA ASP P 8 -10.86 35.35 -65.99
C ASP P 8 -9.79 36.43 -65.83
N VAL P 9 -8.87 36.18 -64.89
CA VAL P 9 -7.79 37.08 -64.58
C VAL P 9 -6.49 36.29 -64.56
N PHE P 10 -5.44 36.86 -65.15
CA PHE P 10 -4.13 36.22 -65.11
C PHE P 10 -3.68 36.01 -63.66
N GLN P 11 -3.01 34.90 -63.42
CA GLN P 11 -2.52 34.56 -62.09
C GLN P 11 -1.15 35.15 -61.80
N ARG P 12 -0.84 36.29 -62.41
CA ARG P 12 0.42 36.99 -62.21
C ARG P 12 0.18 38.47 -62.35
N ILE P 13 0.80 39.27 -61.48
CA ILE P 13 0.72 40.72 -61.55
C ILE P 13 2.09 41.27 -61.17
N GLN P 14 2.46 42.40 -61.78
CA GLN P 14 3.73 43.04 -61.51
C GLN P 14 3.51 44.53 -61.35
N TYR P 15 4.23 45.13 -60.41
CA TYR P 15 4.11 46.54 -60.08
C TYR P 15 5.49 47.20 -60.04
N ALA P 16 5.52 48.48 -60.36
CA ALA P 16 6.65 49.35 -60.06
C ALA P 16 6.25 50.23 -58.90
N ALA P 17 6.98 50.13 -57.79
CA ALA P 17 6.55 50.68 -56.53
C ALA P 17 6.72 52.20 -56.50
N SER P 18 5.77 52.86 -55.85
CA SER P 18 5.93 54.26 -55.49
C SER P 18 6.92 54.39 -54.34
N ALA P 19 7.28 55.62 -54.03
CA ALA P 19 8.21 55.88 -52.93
C ALA P 19 7.52 55.51 -51.61
N GLY P 20 8.09 54.54 -50.90
CA GLY P 20 7.55 54.15 -49.61
C GLY P 20 6.28 53.33 -49.66
N GLN P 21 5.97 52.72 -50.79
CA GLN P 21 4.74 51.93 -50.90
C GLN P 21 4.87 50.62 -50.14
N THR P 22 3.78 50.23 -49.48
CA THR P 22 3.76 48.97 -48.74
C THR P 22 2.65 48.02 -49.17
N GLN P 23 1.54 48.53 -49.72
CA GLN P 23 0.38 47.70 -50.04
C GLN P 23 0.28 47.50 -51.54
N PHE P 24 0.12 46.25 -51.96
CA PHE P 24 -0.02 45.88 -53.36
C PHE P 24 -1.20 44.93 -53.49
N THR P 25 -2.03 45.15 -54.49
CA THR P 25 -3.27 44.40 -54.66
C THR P 25 -3.03 43.10 -55.41
N ILE P 26 -3.69 42.03 -54.96
CA ILE P 26 -3.69 40.75 -55.66
C ILE P 26 -5.00 40.67 -56.43
N PRO P 27 -4.98 40.83 -57.75
CA PRO P 27 -6.25 40.85 -58.50
C PRO P 27 -6.81 39.47 -58.82
N PHE P 28 -6.08 38.40 -58.58
CA PHE P 28 -6.56 37.08 -58.92
C PHE P 28 -6.91 36.28 -57.66
N PRO P 29 -7.85 35.35 -57.74
CA PRO P 29 -8.21 34.56 -56.56
C PRO P 29 -7.12 33.59 -56.15
N PHE P 30 -7.05 33.33 -54.84
CA PHE P 30 -6.19 32.30 -54.30
C PHE P 30 -6.84 31.74 -53.05
N PHE P 31 -6.44 30.53 -52.67
CA PHE P 31 -7.09 29.81 -51.57
C PHE P 31 -6.22 29.64 -50.34
N ASP P 32 -4.90 29.65 -50.47
CA ASP P 32 -4.01 29.51 -49.32
C ASP P 32 -2.89 30.52 -49.43
N ASN P 33 -2.45 31.05 -48.28
CA ASN P 33 -1.39 32.05 -48.28
C ASN P 33 -0.07 31.47 -48.79
N GLU P 34 0.20 30.20 -48.49
CA GLU P 34 1.44 29.57 -48.92
C GLU P 34 1.54 29.40 -50.42
N TYR P 35 0.45 29.55 -51.16
CA TYR P 35 0.43 29.32 -52.59
C TYR P 35 0.47 30.62 -53.40
N VAL P 36 1.00 31.68 -52.82
CA VAL P 36 1.20 32.95 -53.52
C VAL P 36 2.65 33.35 -53.36
N LEU P 37 3.38 33.43 -54.47
CA LEU P 37 4.79 33.77 -54.45
C LEU P 37 4.98 35.26 -54.72
N VAL P 38 5.90 35.86 -53.98
CA VAL P 38 6.18 37.30 -54.08
C VAL P 38 7.68 37.49 -54.29
N TRP P 39 8.04 38.27 -55.29
CA TRP P 39 9.42 38.68 -55.52
C TRP P 39 9.54 40.18 -55.42
N GLN P 40 10.70 40.64 -54.98
CA GLN P 40 11.05 42.05 -54.97
C GLN P 40 12.42 42.19 -55.61
N ASN P 41 12.46 42.80 -56.80
CA ASN P 41 13.70 42.95 -57.58
C ASN P 41 14.34 41.59 -57.85
N GLY P 42 13.52 40.58 -58.09
CA GLY P 42 14.03 39.27 -58.43
C GLY P 42 14.42 38.40 -57.27
N VAL P 43 14.16 38.82 -56.03
CA VAL P 43 14.48 38.03 -54.85
C VAL P 43 13.18 37.67 -54.17
N GLN P 44 12.95 36.37 -53.97
CA GLN P 44 11.71 35.92 -53.35
C GLN P 44 11.68 36.32 -51.88
N LEU P 45 10.52 36.79 -51.43
CA LEU P 45 10.31 37.19 -50.05
C LEU P 45 9.66 36.06 -49.27
N VAL P 46 9.61 36.23 -47.95
CA VAL P 46 9.04 35.27 -47.02
C VAL P 46 7.95 35.98 -46.21
N MET P 47 6.92 35.23 -45.84
CA MET P 47 5.87 35.77 -45.00
C MET P 47 6.36 35.94 -43.57
N GLY P 48 5.96 37.03 -42.94
CA GLY P 48 6.33 37.25 -41.55
C GLY P 48 6.21 38.71 -41.17
N GLY P 49 6.73 39.01 -39.98
CA GLY P 49 6.68 40.35 -39.43
C GLY P 49 8.04 40.99 -39.27
N ALA P 50 9.09 40.28 -39.64
CA ALA P 50 10.44 40.83 -39.59
C ALA P 50 10.68 41.74 -40.78
N PRO P 51 11.62 42.67 -40.66
CA PRO P 51 11.94 43.54 -41.81
C PRO P 51 12.41 42.72 -43.01
N GLY P 52 11.97 43.13 -44.20
CA GLY P 52 12.23 42.39 -45.41
C GLY P 52 11.21 41.32 -45.74
N GLN P 53 10.19 41.14 -44.92
CA GLN P 53 9.16 40.14 -45.13
C GLN P 53 7.85 40.82 -45.48
N TYR P 54 6.77 40.04 -45.58
CA TYR P 54 5.49 40.60 -45.97
C TYR P 54 4.36 39.84 -45.30
N GLY P 55 3.21 40.50 -45.21
CA GLY P 55 1.97 39.88 -44.78
C GLY P 55 1.01 39.80 -45.96
N ILE P 56 0.12 38.82 -45.92
CA ILE P 56 -0.83 38.59 -47.00
C ILE P 56 -2.20 38.34 -46.41
N SER P 57 -3.23 38.84 -47.10
CA SER P 57 -4.61 38.61 -46.70
C SER P 57 -5.46 38.45 -47.95
N GLY P 58 -6.62 37.83 -47.78
CA GLY P 58 -7.59 37.68 -48.84
C GLY P 58 -7.80 36.28 -49.37
N ALA P 59 -7.28 35.25 -48.71
CA ALA P 59 -7.47 33.90 -49.18
C ALA P 59 -8.95 33.52 -49.16
N GLY P 60 -9.39 32.83 -50.20
CA GLY P 60 -10.76 32.44 -50.34
C GLY P 60 -11.67 33.46 -50.98
N SER P 61 -11.22 34.69 -51.10
CA SER P 61 -11.98 35.77 -51.70
C SER P 61 -11.94 35.70 -53.22
N PRO P 62 -12.97 36.21 -53.90
CA PRO P 62 -12.93 36.23 -55.36
C PRO P 62 -11.77 37.01 -55.93
N SER P 63 -11.38 38.11 -55.29
CA SER P 63 -10.27 38.95 -55.73
C SER P 63 -10.00 39.96 -54.62
N GLY P 64 -9.09 40.89 -54.88
CA GLY P 64 -8.85 41.97 -53.93
C GLY P 64 -8.01 41.60 -52.73
N GLY P 65 -7.16 40.59 -52.85
CA GLY P 65 -6.21 40.29 -51.80
C GLY P 65 -5.19 41.39 -51.68
N LEU P 66 -4.37 41.31 -50.63
CA LEU P 66 -3.45 42.38 -50.33
C LEU P 66 -2.11 41.83 -49.84
N ILE P 67 -1.03 42.40 -50.36
CA ILE P 67 0.33 42.14 -49.90
C ILE P 67 0.82 43.39 -49.19
N THR P 68 1.28 43.24 -47.95
CA THR P 68 1.78 44.37 -47.17
C THR P 68 3.25 44.10 -46.82
N LEU P 69 4.15 44.86 -47.44
CA LEU P 69 5.56 44.76 -47.10
C LEU P 69 5.83 45.32 -45.71
N VAL P 70 6.66 44.63 -44.95
CA VAL P 70 7.11 45.16 -43.67
C VAL P 70 8.00 46.38 -43.87
N THR P 71 8.96 46.28 -44.77
CA THR P 71 9.82 47.41 -45.09
C THR P 71 9.26 48.14 -46.30
N PRO P 72 8.97 49.44 -46.20
CA PRO P 72 8.43 50.16 -47.36
C PRO P 72 9.37 50.09 -48.55
N ALA P 73 8.80 49.91 -49.74
CA ALA P 73 9.58 49.76 -50.94
C ALA P 73 10.19 51.09 -51.37
N ALA P 74 11.34 51.01 -52.03
CA ALA P 74 11.93 52.19 -52.65
C ALA P 74 11.26 52.45 -53.99
N LEU P 75 11.48 53.66 -54.51
CA LEU P 75 10.90 54.03 -55.80
C LEU P 75 11.40 53.09 -56.89
N ASN P 76 10.47 52.68 -57.75
CA ASN P 76 10.73 51.82 -58.91
C ASN P 76 11.23 50.44 -58.54
N ASP P 77 10.95 49.98 -57.32
CA ASP P 77 11.15 48.57 -57.00
C ASP P 77 10.12 47.73 -57.72
N ILE P 78 10.56 46.61 -58.28
CA ILE P 78 9.67 45.73 -59.04
C ILE P 78 9.11 44.67 -58.10
N ILE P 79 7.79 44.65 -57.95
CA ILE P 79 7.10 43.68 -57.12
C ILE P 79 6.34 42.73 -58.03
N THR P 80 6.62 41.44 -57.92
CA THR P 80 5.95 40.43 -58.72
C THR P 80 5.18 39.49 -57.80
N ILE P 81 3.92 39.24 -58.15
CA ILE P 81 3.05 38.37 -57.37
C ILE P 81 2.48 37.32 -58.30
N GLN P 82 2.69 36.04 -57.96
CA GLN P 82 2.28 34.95 -58.83
C GLN P 82 1.64 33.84 -58.02
N GLY P 83 0.56 33.27 -58.55
CA GLY P 83 -0.06 32.12 -57.90
C GLY P 83 0.63 30.83 -58.28
N ASP P 84 0.85 29.97 -57.27
CA ASP P 84 1.52 28.70 -57.50
C ASP P 84 0.91 27.67 -56.54
N MET P 85 -0.13 26.99 -57.01
CA MET P 85 -0.82 25.99 -56.21
C MET P 85 -0.53 24.60 -56.76
N PRO P 86 -0.06 23.67 -55.93
CA PRO P 86 0.25 22.33 -56.44
C PRO P 86 -0.99 21.64 -56.97
N ILE P 87 -0.80 20.86 -58.03
CA ILE P 87 -1.89 20.08 -58.62
C ILE P 87 -2.13 18.86 -57.74
N ASP P 88 -3.34 18.75 -57.22
CA ASP P 88 -3.69 17.66 -56.30
C ASP P 88 -5.20 17.63 -56.16
N ARG P 89 -5.71 16.48 -55.73
CA ARG P 89 -7.11 16.38 -55.37
C ARG P 89 -7.36 17.11 -54.05
N THR P 90 -8.46 17.85 -53.99
CA THR P 90 -8.82 18.59 -52.79
C THR P 90 -10.06 18.04 -52.11
N SER P 91 -10.49 16.84 -52.50
CA SER P 91 -11.68 16.23 -51.92
C SER P 91 -11.53 14.72 -51.96
N ILE P 92 -12.41 14.04 -51.26
CA ILE P 92 -12.48 12.59 -51.27
C ILE P 92 -13.92 12.20 -51.07
N TYR P 93 -14.42 11.28 -51.89
CA TYR P 93 -15.82 10.87 -51.85
C TYR P 93 -15.92 9.41 -51.47
N SER P 94 -16.84 9.12 -50.56
CA SER P 94 -17.05 7.75 -50.11
C SER P 94 -17.73 6.92 -51.20
N ALA P 95 -17.35 5.64 -51.27
CA ALA P 95 -18.00 4.71 -52.18
C ALA P 95 -19.39 4.33 -51.68
N THR P 96 -19.58 4.21 -50.37
CA THR P 96 -20.90 3.94 -49.83
C THR P 96 -21.75 5.20 -49.81
N ILE P 97 -23.05 5.00 -49.65
CA ILE P 97 -24.01 6.10 -49.73
C ILE P 97 -23.72 7.12 -48.63
N SER P 98 -23.48 8.36 -49.03
CA SER P 98 -23.11 9.43 -48.11
C SER P 98 -23.81 10.72 -48.56
N ASN P 99 -23.36 11.84 -48.04
CA ASN P 99 -23.94 13.14 -48.35
C ASN P 99 -23.10 13.87 -49.39
N LEU P 100 -23.77 14.74 -50.15
CA LEU P 100 -23.10 15.59 -51.13
C LEU P 100 -23.70 16.98 -51.05
N THR P 101 -22.84 18.00 -51.16
CA THR P 101 -23.26 19.39 -51.18
C THR P 101 -22.68 20.08 -52.40
N GLY P 102 -23.32 21.18 -52.80
CA GLY P 102 -22.77 22.00 -53.87
C GLY P 102 -21.50 22.71 -53.49
N SER P 103 -21.28 22.93 -52.20
CA SER P 103 -20.00 23.50 -51.76
C SER P 103 -18.85 22.56 -52.08
N ASP P 104 -19.07 21.25 -51.95
CA ASP P 104 -18.03 20.28 -52.30
C ASP P 104 -17.68 20.37 -53.78
N LEU P 105 -18.70 20.39 -54.65
CA LEU P 105 -18.44 20.47 -56.08
C LEU P 105 -17.80 21.79 -56.45
N ASN P 106 -18.27 22.89 -55.88
CA ASN P 106 -17.69 24.20 -56.19
C ASN P 106 -16.22 24.25 -55.78
N GLY P 107 -15.88 23.71 -54.62
CA GLY P 107 -14.49 23.70 -54.20
C GLY P 107 -13.60 22.94 -55.15
N ASP P 108 -14.06 21.80 -55.64
CA ASP P 108 -13.26 21.02 -56.57
C ASP P 108 -13.07 21.73 -57.90
N PHE P 109 -14.16 22.21 -58.51
CA PHE P 109 -14.06 22.80 -59.83
C PHE P 109 -13.34 24.14 -59.80
N ASN P 110 -13.56 24.94 -58.74
CA ASN P 110 -12.88 26.22 -58.64
C ASN P 110 -11.37 26.02 -58.49
N ARG P 111 -10.96 25.06 -57.67
CA ARG P 111 -9.54 24.79 -57.51
C ARG P 111 -8.91 24.34 -58.81
N GLU P 112 -9.59 23.48 -59.56
CA GLU P 112 -9.04 22.97 -60.81
C GLU P 112 -9.00 24.05 -61.88
N VAL P 113 -9.95 24.98 -61.88
CA VAL P 113 -9.90 26.10 -62.82
C VAL P 113 -8.73 27.01 -62.50
N VAL P 114 -8.48 27.27 -61.22
CA VAL P 114 -7.36 28.12 -60.83
C VAL P 114 -6.03 27.45 -61.21
N MET P 115 -5.93 26.13 -61.01
CA MET P 115 -4.73 25.42 -61.41
C MET P 115 -4.48 25.53 -62.91
N MET P 116 -5.54 25.36 -63.71
CA MET P 116 -5.39 25.49 -65.16
C MET P 116 -5.00 26.91 -65.55
N LYS P 117 -5.58 27.90 -64.88
CA LYS P 117 -5.24 29.28 -65.19
C LYS P 117 -3.77 29.58 -64.89
N GLN P 118 -3.23 28.99 -63.82
CA GLN P 118 -1.81 29.20 -63.51
C GLN P 118 -0.91 28.60 -64.59
N ILE P 119 -1.28 27.43 -65.12
CA ILE P 119 -0.53 26.86 -66.23
C ILE P 119 -0.65 27.74 -67.47
N GLN P 120 -1.85 28.23 -67.75
CA GLN P 120 -2.05 29.04 -68.95
C GLN P 120 -1.46 30.43 -68.81
N THR P 121 -1.36 30.95 -67.59
CA THR P 121 -0.72 32.24 -67.38
C THR P 121 0.77 32.17 -67.71
N THR P 122 1.44 31.10 -67.29
CA THR P 122 2.84 30.92 -67.65
C THR P 122 2.99 30.75 -69.15
N GLN P 123 2.09 29.99 -69.77
CA GLN P 123 2.15 29.77 -71.20
C GLN P 123 1.96 31.07 -71.98
N ALA P 124 1.03 31.92 -71.54
CA ALA P 124 0.69 33.12 -72.29
C ALA P 124 1.67 34.25 -72.05
N LEU P 125 2.19 34.40 -70.84
CA LEU P 125 3.01 35.56 -70.50
C LEU P 125 4.49 35.27 -70.40
N LEU P 126 4.89 34.05 -70.09
CA LEU P 126 6.30 33.77 -69.81
C LEU P 126 6.95 32.80 -70.77
N GLN P 127 6.25 32.33 -71.80
CA GLN P 127 6.81 31.33 -72.68
C GLN P 127 6.81 31.81 -74.13
N LEU P 128 7.53 31.08 -74.97
CA LEU P 128 7.66 31.36 -76.38
C LEU P 128 6.77 30.43 -77.19
N GLN P 129 6.18 30.95 -78.26
CA GLN P 129 5.40 30.13 -79.17
C GLN P 129 5.46 30.73 -80.56
N TYR P 130 5.29 29.88 -81.55
CA TYR P 130 5.04 30.35 -82.90
C TYR P 130 3.69 31.04 -82.96
N ALA P 131 3.58 32.02 -83.86
CA ALA P 131 2.29 32.66 -84.06
C ALA P 131 1.26 31.63 -84.50
N PRO P 132 0.02 31.73 -84.02
CA PRO P 132 -0.95 30.66 -84.29
C PRO P 132 -1.20 30.42 -85.77
N TRP P 133 -1.02 31.44 -86.60
CA TRP P 133 -1.33 31.34 -88.03
C TRP P 133 -0.18 30.79 -88.85
N LEU P 134 1.00 30.59 -88.26
CA LEU P 134 2.14 30.11 -89.03
C LEU P 134 1.91 28.67 -89.48
N GLU P 135 2.63 28.29 -90.53
CA GLU P 135 2.43 26.98 -91.16
C GLU P 135 3.41 25.96 -90.58
N VAL P 136 3.21 25.66 -89.30
CA VAL P 136 3.89 24.54 -88.68
C VAL P 136 3.21 23.25 -89.08
N SER P 137 3.94 22.14 -88.97
CA SER P 137 3.35 20.84 -89.26
C SER P 137 2.26 20.52 -88.25
N GLN P 138 1.11 20.09 -88.73
CA GLN P 138 0.00 19.77 -87.84
C GLN P 138 0.10 18.36 -87.28
N ASP P 139 1.12 17.60 -87.67
CA ASP P 139 1.39 16.30 -87.07
C ASP P 139 2.48 16.48 -86.02
N PRO P 140 2.20 16.26 -84.74
CA PRO P 140 3.24 16.48 -83.72
C PRO P 140 4.43 15.54 -83.86
N ASP P 141 4.29 14.42 -84.57
CA ASP P 141 5.42 13.54 -84.79
C ASP P 141 6.49 14.17 -85.66
N VAL P 142 6.15 15.19 -86.45
CA VAL P 142 7.15 15.96 -87.18
C VAL P 142 7.72 17.00 -86.22
N THR P 143 8.94 16.77 -85.74
CA THR P 143 9.53 17.57 -84.68
C THR P 143 10.57 18.54 -85.19
N LYS P 144 10.57 18.83 -86.49
CA LYS P 144 11.61 19.69 -87.07
C LYS P 144 11.65 21.05 -86.40
N ASP P 145 10.48 21.69 -86.24
CA ASP P 145 10.44 23.03 -85.68
C ASP P 145 10.26 23.04 -84.17
N ARG P 146 10.01 21.90 -83.54
CA ARG P 146 9.59 21.88 -82.15
C ARG P 146 10.63 21.36 -81.18
N TYR P 147 11.38 20.32 -81.53
CA TYR P 147 12.32 19.70 -80.60
C TYR P 147 13.64 20.45 -80.59
N LEU P 148 14.14 20.72 -79.39
CA LEU P 148 15.40 21.41 -79.20
C LEU P 148 16.46 20.46 -78.66
N PRO P 149 17.73 20.70 -79.00
CA PRO P 149 18.82 19.98 -78.34
C PRO P 149 19.33 20.74 -77.13
N LEU P 150 20.02 20.01 -76.26
CA LEU P 150 20.72 20.65 -75.15
C LEU P 150 21.88 21.47 -75.68
N LEU P 151 22.09 22.64 -75.07
CA LEU P 151 23.14 23.55 -75.50
C LEU P 151 24.40 23.34 -74.67
N GLY P 152 25.53 23.18 -75.34
CA GLY P 152 26.81 23.21 -74.69
C GLY P 152 27.30 24.62 -74.48
N SER P 153 28.49 24.74 -73.89
CA SER P 153 29.06 26.04 -73.60
C SER P 153 29.24 26.85 -74.88
N GLY P 154 28.78 28.10 -74.86
CA GLY P 154 28.92 28.99 -75.98
C GLY P 154 28.17 28.59 -77.23
N GLN P 155 27.01 27.97 -77.11
CA GLN P 155 26.27 27.48 -78.26
C GLN P 155 24.88 28.10 -78.32
N VAL P 156 24.35 28.18 -79.54
CA VAL P 156 23.03 28.73 -79.80
C VAL P 156 22.22 27.67 -80.54
N TRP P 157 20.92 27.91 -80.65
CA TRP P 157 20.04 27.04 -81.42
C TRP P 157 20.01 27.53 -82.86
N ARG P 158 20.36 26.65 -83.79
CA ARG P 158 20.44 26.99 -85.20
C ARG P 158 19.86 25.86 -86.03
N MET P 159 18.90 26.19 -86.90
CA MET P 159 18.39 25.22 -87.85
C MET P 159 19.52 24.81 -88.79
N ASN P 160 19.66 23.50 -89.01
CA ASN P 160 20.78 23.03 -89.81
C ASN P 160 20.56 23.36 -91.28
N ASP P 161 21.64 23.23 -92.06
CA ASP P 161 21.62 23.63 -93.46
C ASP P 161 20.66 22.80 -94.30
N SER P 162 20.34 21.59 -93.88
CA SER P 162 19.37 20.76 -94.59
C SER P 162 17.93 21.13 -94.26
N GLY P 163 17.71 21.95 -93.25
CA GLY P 163 16.36 22.28 -92.82
C GLY P 163 15.59 21.10 -92.28
N THR P 164 16.25 20.23 -91.52
CA THR P 164 15.61 19.04 -90.97
C THR P 164 15.49 19.06 -89.46
N GLY P 165 16.21 19.92 -88.76
CA GLY P 165 16.10 19.99 -87.32
C GLY P 165 17.01 21.06 -86.76
N ILE P 166 16.75 21.40 -85.51
CA ILE P 166 17.51 22.42 -84.80
C ILE P 166 18.66 21.75 -84.08
N GLU P 167 19.86 22.29 -84.26
CA GLU P 167 21.05 21.71 -83.65
C GLU P 167 21.80 22.79 -82.87
N ALA P 168 22.59 22.34 -81.90
CA ALA P 168 23.44 23.26 -81.15
C ALA P 168 24.62 23.70 -82.00
N TYR P 169 24.85 25.00 -82.07
CA TYR P 169 25.85 25.57 -82.95
C TYR P 169 26.79 26.47 -82.16
N THR P 170 28.08 26.20 -82.25
CA THR P 170 29.08 27.01 -81.56
C THR P 170 29.32 28.31 -82.31
N ILE P 171 29.40 29.40 -81.57
CA ILE P 171 29.57 30.73 -82.14
C ILE P 171 30.90 31.30 -81.66
N ASP P 172 31.70 31.81 -82.59
CA ASP P 172 32.98 32.42 -82.31
C ASP P 172 32.94 33.90 -82.72
N GLU P 173 34.09 34.56 -82.63
CA GLU P 173 34.21 35.95 -83.03
C GLU P 173 33.98 36.12 -84.53
N SER Q 2 -22.02 5.86 47.52
CA SER Q 2 -22.27 4.47 47.21
C SER Q 2 -22.72 3.71 48.46
N ASN Q 3 -22.99 2.41 48.29
CA ASN Q 3 -23.53 1.62 49.38
C ASN Q 3 -22.44 1.30 50.40
N ILE Q 4 -22.86 0.77 51.53
CA ILE Q 4 -22.00 0.46 52.65
C ILE Q 4 -21.61 -1.01 52.58
N LYS Q 5 -20.40 -1.32 53.05
CA LYS Q 5 -19.82 -2.65 52.92
C LYS Q 5 -20.44 -3.59 53.96
N ILE Q 6 -21.35 -4.46 53.51
CA ILE Q 6 -22.12 -5.32 54.41
C ILE Q 6 -21.96 -6.80 54.06
N ASN Q 7 -22.10 -7.14 52.79
CA ASN Q 7 -22.22 -8.54 52.38
C ASN Q 7 -21.00 -9.34 52.81
N ASP Q 8 -21.22 -10.38 53.61
CA ASP Q 8 -20.17 -11.27 54.11
C ASP Q 8 -19.12 -10.52 54.92
N VAL Q 9 -19.51 -9.43 55.58
CA VAL Q 9 -18.62 -8.68 56.46
C VAL Q 9 -19.24 -8.72 57.84
N PHE Q 10 -18.73 -9.60 58.70
CA PHE Q 10 -19.23 -9.68 60.06
C PHE Q 10 -18.93 -8.41 60.84
N GLN Q 11 -19.78 -8.13 61.82
CA GLN Q 11 -19.62 -6.96 62.68
C GLN Q 11 -18.77 -7.26 63.90
N ARG Q 12 -17.82 -8.18 63.79
CA ARG Q 12 -16.91 -8.51 64.87
C ARG Q 12 -15.59 -8.96 64.26
N ILE Q 13 -14.49 -8.60 64.92
CA ILE Q 13 -13.16 -9.00 64.48
C ILE Q 13 -12.29 -9.17 65.71
N GLN Q 14 -11.33 -10.09 65.62
CA GLN Q 14 -10.41 -10.34 66.71
C GLN Q 14 -9.01 -10.51 66.17
N TYR Q 15 -8.04 -9.92 66.85
CA TYR Q 15 -6.65 -9.89 66.40
C TYR Q 15 -5.71 -10.43 67.47
N ALA Q 16 -4.59 -10.97 67.02
CA ALA Q 16 -3.46 -11.28 67.88
C ALA Q 16 -2.38 -10.25 67.58
N ALA Q 17 -2.13 -9.36 68.53
CA ALA Q 17 -1.24 -8.23 68.29
C ALA Q 17 0.21 -8.68 68.21
N SER Q 18 1.01 -7.90 67.51
CA SER Q 18 2.46 -8.04 67.52
C SER Q 18 3.05 -7.05 68.52
N ALA Q 19 4.29 -7.32 68.92
CA ALA Q 19 4.94 -6.49 69.93
C ALA Q 19 5.11 -5.07 69.42
N GLY Q 20 4.53 -4.11 70.16
CA GLY Q 20 4.64 -2.70 69.83
C GLY Q 20 3.57 -2.16 68.91
N GLN Q 21 2.61 -2.97 68.48
CA GLN Q 21 1.58 -2.52 67.57
C GLN Q 21 0.58 -1.60 68.27
N THR Q 22 0.12 -0.56 67.56
CA THR Q 22 -0.90 0.34 68.07
C THR Q 22 -2.11 0.50 67.16
N GLN Q 23 -2.01 0.17 65.88
CA GLN Q 23 -3.07 0.42 64.92
C GLN Q 23 -3.79 -0.89 64.58
N PHE Q 24 -5.10 -0.91 64.80
CA PHE Q 24 -5.92 -2.10 64.55
C PHE Q 24 -7.12 -1.69 63.71
N THR Q 25 -7.28 -2.34 62.56
CA THR Q 25 -8.34 -1.98 61.63
C THR Q 25 -9.71 -2.33 62.18
N ILE Q 26 -10.67 -1.43 61.98
CA ILE Q 26 -12.09 -1.75 62.13
C ILE Q 26 -12.62 -2.11 60.75
N PRO Q 27 -12.82 -3.39 60.44
CA PRO Q 27 -13.14 -3.79 59.06
C PRO Q 27 -14.62 -3.66 58.70
N PHE Q 28 -15.45 -3.11 59.56
CA PHE Q 28 -16.87 -3.00 59.26
C PHE Q 28 -17.35 -1.57 59.49
N PRO Q 29 -18.35 -1.13 58.74
CA PRO Q 29 -18.83 0.24 58.90
C PRO Q 29 -19.52 0.45 60.24
N PHE Q 30 -19.42 1.67 60.75
CA PHE Q 30 -20.12 2.07 61.95
C PHE Q 30 -20.50 3.54 61.81
N PHE Q 31 -21.50 3.96 62.57
CA PHE Q 31 -22.02 5.31 62.44
C PHE Q 31 -21.58 6.26 63.55
N ASP Q 32 -21.13 5.74 64.68
CA ASP Q 32 -20.78 6.58 65.81
C ASP Q 32 -19.71 5.89 66.64
N ASN Q 33 -18.77 6.68 67.17
CA ASN Q 33 -17.65 6.10 67.91
C ASN Q 33 -18.14 5.31 69.11
N GLU Q 34 -19.21 5.77 69.76
CA GLU Q 34 -19.70 5.11 70.95
C GLU Q 34 -20.26 3.73 70.69
N TYR Q 35 -20.59 3.41 69.43
CA TYR Q 35 -21.20 2.14 69.09
C TYR Q 35 -20.18 1.08 68.70
N VAL Q 36 -18.93 1.25 69.10
CA VAL Q 36 -17.88 0.26 68.86
C VAL Q 36 -17.29 -0.12 70.21
N LEU Q 37 -17.23 -1.42 70.48
CA LEU Q 37 -16.72 -1.97 71.73
C LEU Q 37 -15.36 -2.60 71.49
N VAL Q 38 -14.41 -2.30 72.36
CA VAL Q 38 -13.04 -2.80 72.24
C VAL Q 38 -12.66 -3.51 73.52
N TRP Q 39 -12.13 -4.72 73.40
CA TRP Q 39 -11.58 -5.47 74.52
C TRP Q 39 -10.12 -5.77 74.25
N GLN Q 40 -9.33 -5.84 75.31
CA GLN Q 40 -7.93 -6.28 75.22
C GLN Q 40 -7.70 -7.31 76.32
N ASN Q 41 -7.45 -8.56 75.92
CA ASN Q 41 -7.30 -9.67 76.86
C ASN Q 41 -8.53 -9.80 77.76
N GLY Q 42 -9.71 -9.58 77.19
CA GLY Q 42 -10.94 -9.75 77.92
C GLY Q 42 -11.35 -8.61 78.80
N VAL Q 43 -10.62 -7.50 78.77
CA VAL Q 43 -10.93 -6.31 79.57
C VAL Q 43 -11.37 -5.21 78.62
N GLN Q 44 -12.55 -4.65 78.86
CA GLN Q 44 -13.07 -3.63 77.97
C GLN Q 44 -12.31 -2.31 78.17
N LEU Q 45 -11.92 -1.70 77.07
CA LEU Q 45 -11.15 -0.47 77.09
C LEU Q 45 -12.07 0.75 77.02
N VAL Q 46 -11.49 1.90 77.32
CA VAL Q 46 -12.19 3.18 77.30
C VAL Q 46 -11.56 4.06 76.22
N MET Q 47 -12.38 4.81 75.51
CA MET Q 47 -11.88 5.77 74.53
C MET Q 47 -11.31 6.97 75.24
N GLY Q 48 -10.09 7.36 74.89
CA GLY Q 48 -9.45 8.49 75.52
C GLY Q 48 -8.00 8.60 75.10
N GLY Q 49 -7.28 9.46 75.81
CA GLY Q 49 -5.88 9.72 75.50
C GLY Q 49 -4.91 9.24 76.56
N ALA Q 50 -5.43 8.75 77.66
CA ALA Q 50 -4.58 8.24 78.74
C ALA Q 50 -4.01 6.87 78.36
N PRO Q 51 -2.91 6.47 78.98
CA PRO Q 51 -2.38 5.12 78.74
C PRO Q 51 -3.41 4.06 79.10
N GLY Q 52 -3.46 3.01 78.29
CA GLY Q 52 -4.48 2.00 78.42
C GLY Q 52 -5.78 2.29 77.72
N GLN Q 53 -5.91 3.47 77.11
CA GLN Q 53 -7.09 3.86 76.37
C GLN Q 53 -6.80 3.83 74.88
N TYR Q 54 -7.81 4.17 74.07
CA TYR Q 54 -7.66 4.11 72.62
C TYR Q 54 -8.35 5.30 71.97
N GLY Q 55 -7.85 5.65 70.79
CA GLY Q 55 -8.52 6.57 69.90
C GLY Q 55 -9.19 5.82 68.77
N ILE Q 56 -10.18 6.45 68.14
CA ILE Q 56 -10.96 5.80 67.10
C ILE Q 56 -11.29 6.83 66.02
N SER Q 57 -11.25 6.39 64.76
CA SER Q 57 -11.63 7.22 63.64
C SER Q 57 -12.37 6.35 62.62
N GLY Q 58 -13.05 7.01 61.68
CA GLY Q 58 -13.75 6.33 60.63
C GLY Q 58 -15.26 6.24 60.78
N ALA Q 59 -15.86 6.95 61.74
CA ALA Q 59 -17.30 6.94 61.87
C ALA Q 59 -17.94 7.55 60.63
N GLY Q 60 -18.97 6.87 60.12
CA GLY Q 60 -19.63 7.29 58.89
C GLY Q 60 -18.93 6.86 57.62
N SER Q 61 -17.80 6.20 57.71
CA SER Q 61 -17.10 5.72 56.53
C SER Q 61 -17.79 4.47 55.99
N PRO Q 62 -17.88 4.34 54.67
CA PRO Q 62 -18.56 3.15 54.10
C PRO Q 62 -17.84 1.84 54.36
N SER Q 63 -16.55 1.87 54.67
CA SER Q 63 -15.75 0.65 54.75
C SER Q 63 -15.29 0.28 56.15
N GLY Q 64 -15.13 1.24 57.05
CA GLY Q 64 -14.65 0.95 58.38
C GLY Q 64 -13.76 2.07 58.88
N GLY Q 65 -12.95 1.75 59.87
CA GLY Q 65 -12.11 2.75 60.51
C GLY Q 65 -10.87 2.16 61.13
N LEU Q 66 -10.41 2.79 62.21
CA LEU Q 66 -9.14 2.43 62.81
C LEU Q 66 -9.19 2.66 64.32
N ILE Q 67 -8.62 1.73 65.07
CA ILE Q 67 -8.41 1.85 66.51
C ILE Q 67 -6.92 2.06 66.74
N THR Q 68 -6.58 3.08 67.52
CA THR Q 68 -5.19 3.38 67.84
C THR Q 68 -5.01 3.32 69.35
N LEU Q 69 -4.33 2.29 69.84
CA LEU Q 69 -4.04 2.18 71.26
C LEU Q 69 -3.03 3.24 71.67
N VAL Q 70 -3.24 3.83 72.84
CA VAL Q 70 -2.26 4.76 73.40
C VAL Q 70 -1.00 4.01 73.80
N THR Q 71 -1.15 2.89 74.50
CA THR Q 71 -0.03 2.09 74.94
C THR Q 71 0.22 0.97 73.94
N PRO Q 72 1.43 0.85 73.39
CA PRO Q 72 1.71 -0.24 72.46
C PRO Q 72 1.47 -1.60 73.08
N ALA Q 73 0.90 -2.50 72.30
CA ALA Q 73 0.49 -3.80 72.80
C ALA Q 73 1.69 -4.74 72.95
N ALA Q 74 1.49 -5.80 73.73
CA ALA Q 74 2.46 -6.85 73.86
C ALA Q 74 2.18 -7.97 72.87
N LEU Q 75 3.16 -8.84 72.68
CA LEU Q 75 3.01 -9.93 71.74
C LEU Q 75 1.88 -10.86 72.17
N ASN Q 76 1.01 -11.20 71.22
CA ASN Q 76 -0.11 -12.10 71.41
C ASN Q 76 -1.17 -11.55 72.36
N ASP Q 77 -1.25 -10.24 72.55
CA ASP Q 77 -2.42 -9.65 73.15
C ASP Q 77 -3.61 -9.80 72.20
N ILE Q 78 -4.77 -10.14 72.75
CA ILE Q 78 -5.96 -10.37 71.96
C ILE Q 78 -6.79 -9.10 71.97
N ILE Q 79 -7.06 -8.56 70.78
CA ILE Q 79 -7.86 -7.35 70.62
C ILE Q 79 -9.16 -7.74 69.95
N THR Q 80 -10.29 -7.44 70.59
CA THR Q 80 -11.60 -7.76 70.04
C THR Q 80 -12.36 -6.47 69.79
N ILE Q 81 -12.97 -6.36 68.61
CA ILE Q 81 -13.76 -5.20 68.23
C ILE Q 81 -15.12 -5.67 67.76
N GLN Q 82 -16.18 -5.08 68.30
CA GLN Q 82 -17.53 -5.50 67.99
C GLN Q 82 -18.42 -4.28 67.82
N GLY Q 83 -19.34 -4.34 66.85
CA GLY Q 83 -20.31 -3.28 66.64
C GLY Q 83 -21.54 -3.49 67.49
N ASP Q 84 -21.95 -2.44 68.20
CA ASP Q 84 -23.00 -2.53 69.21
C ASP Q 84 -23.96 -1.33 69.14
N MET Q 85 -24.51 -1.08 67.96
CA MET Q 85 -25.43 0.04 67.79
C MET Q 85 -26.76 -0.23 68.48
N PRO Q 86 -27.38 0.80 69.08
CA PRO Q 86 -28.73 0.64 69.63
C PRO Q 86 -29.74 0.37 68.53
N ILE Q 87 -30.77 -0.38 68.87
CA ILE Q 87 -31.82 -0.75 67.92
C ILE Q 87 -33.02 0.14 68.23
N ASP Q 88 -33.10 1.28 67.55
CA ASP Q 88 -34.16 2.24 67.75
C ASP Q 88 -34.33 3.05 66.47
N ARG Q 89 -35.23 4.04 66.52
CA ARG Q 89 -35.42 4.94 65.38
C ARG Q 89 -36.01 6.24 65.93
N THR Q 90 -35.17 7.27 66.07
CA THR Q 90 -35.59 8.51 66.67
C THR Q 90 -35.72 9.67 65.68
N SER Q 91 -35.17 9.56 64.48
CA SER Q 91 -35.36 10.57 63.45
C SER Q 91 -36.36 10.03 62.44
N ILE Q 92 -37.54 10.64 62.40
CA ILE Q 92 -38.65 10.16 61.60
C ILE Q 92 -39.11 11.26 60.66
N TYR Q 93 -39.94 10.89 59.70
CA TYR Q 93 -40.47 11.83 58.74
C TYR Q 93 -41.70 12.52 59.30
N SER Q 94 -41.84 13.82 59.03
CA SER Q 94 -43.03 14.53 59.44
C SER Q 94 -44.20 14.18 58.53
N ALA Q 95 -45.40 14.38 59.05
CA ALA Q 95 -46.60 14.08 58.29
C ALA Q 95 -46.92 15.12 57.24
N THR Q 96 -46.34 16.31 57.34
CA THR Q 96 -46.72 17.41 56.46
C THR Q 96 -45.57 18.00 55.66
N ILE Q 97 -44.38 18.17 56.25
CA ILE Q 97 -43.33 18.97 55.61
C ILE Q 97 -42.03 18.19 55.47
N SER Q 98 -42.11 16.91 55.16
CA SER Q 98 -40.92 16.11 54.90
C SER Q 98 -40.73 15.96 53.40
N ASN Q 99 -39.60 16.46 52.90
CA ASN Q 99 -39.23 16.28 51.50
C ASN Q 99 -38.38 15.02 51.38
N LEU Q 100 -38.96 13.98 50.79
CA LEU Q 100 -38.26 12.70 50.67
C LEU Q 100 -37.08 12.82 49.72
N THR Q 101 -35.93 12.31 50.16
CA THR Q 101 -34.69 12.41 49.40
C THR Q 101 -34.04 11.04 49.32
N GLY Q 102 -33.27 10.82 48.26
CA GLY Q 102 -32.51 9.58 48.16
C GLY Q 102 -31.54 9.39 49.30
N SER Q 103 -30.99 10.48 49.82
CA SER Q 103 -30.13 10.39 51.00
C SER Q 103 -30.91 9.92 52.22
N ASP Q 104 -32.16 10.37 52.37
CA ASP Q 104 -32.99 9.91 53.47
C ASP Q 104 -33.22 8.40 53.41
N LEU Q 105 -33.62 7.91 52.24
CA LEU Q 105 -33.88 6.48 52.11
C LEU Q 105 -32.62 5.65 52.32
N ASN Q 106 -31.51 6.10 51.74
CA ASN Q 106 -30.25 5.38 51.93
C ASN Q 106 -29.87 5.33 53.41
N GLY Q 107 -30.03 6.45 54.12
CA GLY Q 107 -29.67 6.48 55.52
C GLY Q 107 -30.50 5.53 56.36
N ASP Q 108 -31.81 5.48 56.10
CA ASP Q 108 -32.69 4.63 56.89
C ASP Q 108 -32.44 3.15 56.61
N PHE Q 109 -32.27 2.77 55.35
CA PHE Q 109 -32.00 1.37 55.03
C PHE Q 109 -30.63 0.95 55.55
N ASN Q 110 -29.64 1.83 55.47
CA ASN Q 110 -28.29 1.48 55.94
C ASN Q 110 -28.29 1.21 57.43
N ARG Q 111 -29.04 2.01 58.20
CA ARG Q 111 -29.10 1.78 59.64
C ARG Q 111 -29.71 0.42 59.96
N GLU Q 112 -30.79 0.06 59.27
CA GLU Q 112 -31.47 -1.19 59.59
C GLU Q 112 -30.67 -2.40 59.14
N VAL Q 113 -29.95 -2.28 58.03
CA VAL Q 113 -29.11 -3.38 57.57
C VAL Q 113 -27.95 -3.61 58.53
N VAL Q 114 -27.36 -2.53 59.07
CA VAL Q 114 -26.28 -2.68 60.04
C VAL Q 114 -26.80 -3.26 61.35
N MET Q 115 -28.00 -2.85 61.78
CA MET Q 115 -28.60 -3.46 62.96
C MET Q 115 -28.81 -4.95 62.74
N MET Q 116 -29.34 -5.32 61.58
CA MET Q 116 -29.61 -6.72 61.29
C MET Q 116 -28.33 -7.53 61.18
N LYS Q 117 -27.26 -6.92 60.66
CA LYS Q 117 -25.99 -7.63 60.56
C LYS Q 117 -25.38 -7.87 61.94
N GLN Q 118 -25.56 -6.93 62.87
CA GLN Q 118 -25.05 -7.11 64.21
C GLN Q 118 -25.77 -8.26 64.93
N ILE Q 119 -27.09 -8.37 64.73
CA ILE Q 119 -27.83 -9.48 65.31
C ILE Q 119 -27.36 -10.81 64.72
N GLN Q 120 -27.18 -10.85 63.40
CA GLN Q 120 -26.76 -12.09 62.75
C GLN Q 120 -25.32 -12.44 63.09
N THR Q 121 -24.47 -11.44 63.33
CA THR Q 121 -23.10 -11.72 63.75
C THR Q 121 -23.07 -12.43 65.09
N THR Q 122 -23.89 -11.99 66.04
CA THR Q 122 -24.00 -12.67 67.32
C THR Q 122 -24.52 -14.09 67.14
N GLN Q 123 -25.52 -14.27 66.29
CA GLN Q 123 -26.11 -15.59 66.10
C GLN Q 123 -25.13 -16.56 65.44
N ALA Q 124 -24.37 -16.09 64.46
CA ALA Q 124 -23.50 -16.99 63.70
C ALA Q 124 -22.23 -17.37 64.45
N LEU Q 125 -21.64 -16.42 65.20
CA LEU Q 125 -20.32 -16.63 65.76
C LEU Q 125 -20.32 -16.92 67.26
N LEU Q 126 -21.32 -16.46 68.00
CA LEU Q 126 -21.26 -16.52 69.45
C LEU Q 126 -22.33 -17.39 70.09
N GLN Q 127 -23.32 -17.86 69.35
CA GLN Q 127 -24.41 -18.63 69.92
C GLN Q 127 -24.34 -20.09 69.49
N LEU Q 128 -25.11 -20.91 70.20
CA LEU Q 128 -25.23 -22.33 69.92
C LEU Q 128 -26.50 -22.60 69.13
N GLN Q 129 -26.47 -23.65 68.31
CA GLN Q 129 -27.68 -24.06 67.60
C GLN Q 129 -27.56 -25.52 67.21
N TYR Q 130 -28.72 -26.14 67.00
CA TYR Q 130 -28.76 -27.45 66.38
C TYR Q 130 -28.43 -27.32 64.90
N ALA Q 131 -27.86 -28.39 64.34
CA ALA Q 131 -27.60 -28.40 62.92
C ALA Q 131 -28.90 -28.25 62.16
N PRO Q 132 -28.93 -27.49 61.06
CA PRO Q 132 -30.21 -27.20 60.40
C PRO Q 132 -30.95 -28.43 59.93
N TRP Q 133 -30.25 -29.54 59.67
CA TRP Q 133 -30.90 -30.75 59.19
C TRP Q 133 -31.40 -31.67 60.30
N LEU Q 134 -31.12 -31.35 61.56
CA LEU Q 134 -31.55 -32.22 62.65
C LEU Q 134 -33.07 -32.22 62.78
N GLU Q 135 -33.59 -33.36 63.22
CA GLU Q 135 -35.04 -33.59 63.26
C GLU Q 135 -35.63 -33.04 64.56
N VAL Q 136 -35.56 -31.73 64.69
CA VAL Q 136 -36.22 -31.06 65.80
C VAL Q 136 -37.70 -30.86 65.46
N SER Q 137 -38.51 -30.69 66.50
CA SER Q 137 -39.92 -30.45 66.29
C SER Q 137 -40.13 -29.17 65.50
N GLN Q 138 -40.94 -29.25 64.45
CA GLN Q 138 -41.21 -28.08 63.62
C GLN Q 138 -42.29 -27.19 64.22
N ASP Q 139 -42.90 -27.61 65.32
CA ASP Q 139 -43.85 -26.78 66.04
C ASP Q 139 -43.12 -26.05 67.16
N PRO Q 140 -43.03 -24.72 67.14
CA PRO Q 140 -42.33 -24.02 68.21
C PRO Q 140 -42.97 -24.18 69.57
N ASP Q 141 -44.25 -24.57 69.64
CA ASP Q 141 -44.89 -24.79 70.93
C ASP Q 141 -44.35 -26.03 71.63
N VAL Q 142 -43.71 -26.94 70.90
CA VAL Q 142 -43.06 -28.10 71.50
C VAL Q 142 -41.66 -27.67 71.95
N THR Q 143 -41.48 -27.54 73.26
CA THR Q 143 -40.26 -26.96 73.83
C THR Q 143 -39.34 -28.00 74.44
N LYS Q 144 -39.49 -29.28 74.06
CA LYS Q 144 -38.69 -30.33 74.69
C LYS Q 144 -37.21 -30.10 74.51
N ASP Q 145 -36.77 -29.82 73.29
CA ASP Q 145 -35.36 -29.64 73.00
C ASP Q 145 -34.90 -28.19 73.08
N ARG Q 146 -35.80 -27.25 73.35
CA ARG Q 146 -35.51 -25.84 73.20
C ARG Q 146 -35.44 -25.09 74.52
N TYR Q 147 -36.48 -25.17 75.34
CA TYR Q 147 -36.51 -24.39 76.57
C TYR Q 147 -35.53 -24.95 77.60
N LEU Q 148 -34.83 -24.06 78.27
CA LEU Q 148 -33.87 -24.40 79.31
C LEU Q 148 -34.36 -23.91 80.66
N PRO Q 149 -34.05 -24.63 81.73
CA PRO Q 149 -34.28 -24.12 83.07
C PRO Q 149 -33.07 -23.38 83.63
N LEU Q 150 -33.31 -22.56 84.64
CA LEU Q 150 -32.22 -21.90 85.34
C LEU Q 150 -31.40 -22.94 86.09
N LEU Q 151 -30.08 -22.73 86.11
CA LEU Q 151 -29.16 -23.64 86.78
C LEU Q 151 -28.89 -23.15 88.19
N GLY Q 152 -29.13 -24.00 89.18
CA GLY Q 152 -28.66 -23.77 90.53
C GLY Q 152 -27.21 -24.14 90.66
N SER Q 153 -26.67 -23.91 91.86
CA SER Q 153 -25.26 -24.17 92.10
C SER Q 153 -24.92 -25.64 91.88
N GLY Q 154 -23.81 -25.88 91.17
CA GLY Q 154 -23.37 -27.22 90.90
C GLY Q 154 -24.32 -28.05 90.06
N GLN Q 155 -24.99 -27.44 89.10
CA GLN Q 155 -25.98 -28.13 88.29
C GLN Q 155 -25.67 -27.97 86.81
N VAL Q 156 -26.02 -29.00 86.04
CA VAL Q 156 -25.85 -29.01 84.60
C VAL Q 156 -27.22 -29.20 83.95
N TRP Q 157 -27.27 -28.95 82.64
CA TRP Q 157 -28.48 -29.23 81.87
C TRP Q 157 -28.48 -30.69 81.45
N ARG Q 158 -29.58 -31.38 81.74
CA ARG Q 158 -29.70 -32.80 81.43
C ARG Q 158 -31.12 -33.11 81.04
N MET Q 159 -31.28 -33.74 79.87
CA MET Q 159 -32.60 -34.22 79.47
C MET Q 159 -33.06 -35.27 80.49
N ASN Q 160 -34.31 -35.16 80.92
CA ASN Q 160 -34.78 -36.03 81.99
C ASN Q 160 -34.93 -37.47 81.47
N ASP Q 161 -35.17 -38.38 82.42
CA ASP Q 161 -35.23 -39.80 82.08
C ASP Q 161 -36.40 -40.14 81.16
N SER Q 162 -37.43 -39.31 81.12
CA SER Q 162 -38.58 -39.57 80.26
C SER Q 162 -38.44 -38.96 78.88
N GLY Q 163 -37.39 -38.17 78.63
CA GLY Q 163 -37.24 -37.50 77.36
C GLY Q 163 -38.34 -36.51 77.05
N THR Q 164 -38.76 -35.73 78.05
CA THR Q 164 -39.81 -34.75 77.85
C THR Q 164 -39.34 -33.31 78.05
N GLY Q 165 -38.20 -33.09 78.67
CA GLY Q 165 -37.69 -31.75 78.86
C GLY Q 165 -36.32 -31.78 79.47
N ILE Q 166 -35.64 -30.65 79.37
CA ILE Q 166 -34.32 -30.46 79.96
C ILE Q 166 -34.51 -29.85 81.33
N GLU Q 167 -33.85 -30.41 82.33
CA GLU Q 167 -33.97 -29.92 83.70
C GLU Q 167 -32.59 -29.83 84.34
N ALA Q 168 -32.49 -28.93 85.32
CA ALA Q 168 -31.25 -28.78 86.07
C ALA Q 168 -30.96 -30.03 86.88
N TYR Q 169 -29.70 -30.41 86.95
CA TYR Q 169 -29.30 -31.69 87.50
C TYR Q 169 -28.01 -31.52 88.30
N THR Q 170 -28.09 -31.74 89.61
CA THR Q 170 -26.94 -31.52 90.47
C THR Q 170 -25.89 -32.59 90.23
N ILE Q 171 -24.64 -32.17 90.08
CA ILE Q 171 -23.49 -33.06 90.00
C ILE Q 171 -22.46 -32.56 91.00
N ASP Q 172 -22.04 -33.44 91.90
CA ASP Q 172 -21.05 -33.08 92.90
C ASP Q 172 -19.69 -32.86 92.26
N GLU Q 173 -18.95 -31.90 92.81
CA GLU Q 173 -17.64 -31.55 92.28
C GLU Q 173 -16.60 -32.62 92.65
N SER R 2 -48.36 5.97 63.36
CA SER R 2 -47.12 5.53 62.73
C SER R 2 -46.08 6.64 62.70
N ASN R 3 -46.52 7.87 62.90
CA ASN R 3 -45.61 9.01 63.01
C ASN R 3 -45.11 9.14 64.45
N ILE R 4 -44.46 8.07 64.93
CA ILE R 4 -43.94 8.02 66.28
C ILE R 4 -42.47 7.61 66.22
N LYS R 5 -41.75 7.91 67.29
CA LYS R 5 -40.39 7.43 67.47
C LYS R 5 -40.41 6.07 68.15
N ILE R 6 -39.38 5.28 67.87
CA ILE R 6 -39.17 3.99 68.52
C ILE R 6 -37.95 4.14 69.41
N ASN R 7 -38.14 4.07 70.72
CA ASN R 7 -37.04 4.25 71.64
C ASN R 7 -36.31 2.93 71.87
N ASP R 8 -35.12 3.03 72.45
CA ASP R 8 -34.27 1.86 72.71
C ASP R 8 -34.67 1.26 74.05
N VAL R 9 -35.69 0.39 74.01
CA VAL R 9 -36.24 -0.25 75.20
C VAL R 9 -36.40 -1.73 74.91
N PHE R 10 -35.98 -2.58 75.85
CA PHE R 10 -36.19 -4.02 75.71
C PHE R 10 -37.66 -4.34 75.56
N GLN R 11 -37.96 -5.31 74.71
CA GLN R 11 -39.33 -5.72 74.43
C GLN R 11 -39.85 -6.74 75.41
N ARG R 12 -39.33 -6.75 76.63
CA ARG R 12 -39.77 -7.65 77.69
C ARG R 12 -39.59 -6.96 79.02
N ILE R 13 -40.59 -7.07 79.89
CA ILE R 13 -40.53 -6.49 81.22
C ILE R 13 -41.09 -7.50 82.20
N GLN R 14 -40.51 -7.54 83.40
CA GLN R 14 -40.96 -8.43 84.45
C GLN R 14 -41.14 -7.65 85.75
N TYR R 15 -42.15 -8.01 86.52
CA TYR R 15 -42.48 -7.33 87.75
C TYR R 15 -42.71 -8.34 88.87
N ALA R 16 -42.43 -7.90 90.09
CA ALA R 16 -42.83 -8.61 91.30
C ALA R 16 -43.98 -7.81 91.90
N ALA R 17 -45.19 -8.35 91.81
CA ALA R 17 -46.38 -7.61 92.17
C ALA R 17 -46.41 -7.29 93.66
N SER R 18 -46.95 -6.12 93.99
CA SER R 18 -47.29 -5.80 95.36
C SER R 18 -48.63 -6.41 95.71
N ALA R 19 -48.99 -6.33 96.99
CA ALA R 19 -50.25 -6.89 97.44
C ALA R 19 -51.42 -6.11 96.84
N GLY R 20 -52.21 -6.79 96.02
CA GLY R 20 -53.38 -6.18 95.42
C GLY R 20 -53.12 -5.34 94.19
N GLN R 21 -51.90 -5.33 93.67
CA GLN R 21 -51.60 -4.55 92.48
C GLN R 21 -52.33 -5.10 91.27
N THR R 22 -52.87 -4.19 90.45
CA THR R 22 -53.56 -4.58 89.23
C THR R 22 -52.99 -3.96 87.96
N GLN R 23 -52.34 -2.80 88.06
CA GLN R 23 -51.85 -2.09 86.89
C GLN R 23 -50.34 -2.27 86.75
N PHE R 24 -49.91 -2.74 85.59
CA PHE R 24 -48.51 -2.96 85.28
C PHE R 24 -48.17 -2.24 83.99
N THR R 25 -47.09 -1.47 84.00
CA THR R 25 -46.74 -0.63 82.85
C THR R 25 -46.02 -1.43 81.78
N ILE R 26 -46.36 -1.17 80.53
CA ILE R 26 -45.63 -1.69 79.38
C ILE R 26 -44.69 -0.58 78.90
N PRO R 27 -43.38 -0.69 79.12
CA PRO R 27 -42.47 0.39 78.75
C PRO R 27 -42.04 0.41 77.29
N PHE R 28 -42.47 -0.55 76.48
CA PHE R 28 -42.02 -0.61 75.11
C PHE R 28 -43.19 -0.44 74.15
N PRO R 29 -42.94 0.13 72.97
CA PRO R 29 -44.03 0.31 72.01
C PRO R 29 -44.55 -1.00 71.46
N PHE R 30 -45.85 -1.03 71.18
CA PHE R 30 -46.46 -2.14 70.48
C PHE R 30 -47.59 -1.60 69.62
N PHE R 31 -47.90 -2.30 68.55
CA PHE R 31 -48.83 -1.80 67.54
C PHE R 31 -50.21 -2.44 67.61
N ASP R 32 -50.34 -3.59 68.25
CA ASP R 32 -51.61 -4.30 68.29
C ASP R 32 -51.70 -5.07 69.60
N ASN R 33 -52.90 -5.13 70.17
CA ASN R 33 -53.07 -5.79 71.46
C ASN R 33 -52.76 -7.27 71.38
N GLU R 34 -53.01 -7.90 70.24
CA GLU R 34 -52.77 -9.32 70.10
C GLU R 34 -51.28 -9.67 70.05
N TYR R 35 -50.40 -8.69 69.94
CA TYR R 35 -48.96 -8.93 69.81
C TYR R 35 -48.23 -8.77 71.14
N VAL R 36 -48.93 -8.94 72.25
CA VAL R 36 -48.34 -8.85 73.58
C VAL R 36 -48.73 -10.09 74.37
N LEU R 37 -47.75 -10.75 74.96
CA LEU R 37 -47.96 -11.95 75.74
C LEU R 37 -47.76 -11.64 77.22
N VAL R 38 -48.69 -12.14 78.05
CA VAL R 38 -48.67 -11.89 79.48
C VAL R 38 -48.63 -13.23 80.20
N TRP R 39 -47.70 -13.36 81.14
CA TRP R 39 -47.63 -14.52 82.02
C TRP R 39 -47.74 -14.08 83.47
N GLN R 40 -48.41 -14.88 84.27
CA GLN R 40 -48.47 -14.69 85.71
C GLN R 40 -48.03 -15.99 86.36
N ASN R 41 -46.87 -15.98 87.01
CA ASN R 41 -46.29 -17.17 87.62
C ASN R 41 -46.15 -18.32 86.63
N GLY R 42 -45.74 -17.99 85.41
CA GLY R 42 -45.49 -19.01 84.40
C GLY R 42 -46.71 -19.51 83.67
N VAL R 43 -47.89 -18.94 83.91
CA VAL R 43 -49.11 -19.33 83.23
C VAL R 43 -49.54 -18.17 82.34
N GLN R 44 -49.75 -18.46 81.06
CA GLN R 44 -50.11 -17.41 80.12
C GLN R 44 -51.56 -17.00 80.34
N LEU R 45 -51.79 -15.69 80.48
CA LEU R 45 -53.11 -15.15 80.69
C LEU R 45 -53.82 -14.91 79.36
N VAL R 46 -55.13 -14.79 79.43
CA VAL R 46 -55.98 -14.50 78.27
C VAL R 46 -56.53 -13.10 78.43
N MET R 47 -56.56 -12.35 77.32
CA MET R 47 -57.12 -11.01 77.34
C MET R 47 -58.64 -11.08 77.40
N GLY R 48 -59.24 -10.34 78.34
CA GLY R 48 -60.68 -10.36 78.49
C GLY R 48 -61.09 -9.62 79.75
N GLY R 49 -62.35 -9.84 80.13
CA GLY R 49 -62.91 -9.18 81.30
C GLY R 49 -63.26 -10.11 82.44
N ALA R 50 -63.15 -11.42 82.19
CA ALA R 50 -63.44 -12.40 83.24
C ALA R 50 -62.33 -12.39 84.29
N PRO R 51 -62.61 -12.88 85.49
CA PRO R 51 -61.55 -13.02 86.49
C PRO R 51 -60.45 -13.95 86.01
N GLY R 52 -59.22 -13.63 86.39
CA GLY R 52 -58.06 -14.34 85.90
C GLY R 52 -57.59 -13.90 84.53
N GLN R 53 -58.11 -12.80 84.02
CA GLN R 53 -57.76 -12.26 82.71
C GLN R 53 -57.26 -10.83 82.87
N TYR R 54 -56.99 -10.17 81.75
CA TYR R 54 -56.40 -8.83 81.81
C TYR R 54 -56.93 -8.00 80.66
N GLY R 55 -56.86 -6.68 80.83
CA GLY R 55 -57.15 -5.73 79.77
C GLY R 55 -55.90 -4.94 79.47
N ILE R 56 -55.79 -4.50 78.21
CA ILE R 56 -54.57 -3.87 77.73
C ILE R 56 -54.94 -2.62 76.94
N SER R 57 -54.16 -1.56 77.11
CA SER R 57 -54.39 -0.32 76.40
C SER R 57 -53.05 0.29 76.02
N GLY R 58 -53.09 1.24 75.09
CA GLY R 58 -51.91 1.96 74.68
C GLY R 58 -51.28 1.53 73.39
N ALA R 59 -51.97 0.76 72.56
CA ALA R 59 -51.41 0.32 71.29
C ALA R 59 -51.17 1.51 70.37
N GLY R 60 -49.99 1.55 69.75
CA GLY R 60 -49.61 2.63 68.87
C GLY R 60 -48.87 3.76 69.56
N SER R 61 -48.87 3.80 70.88
CA SER R 61 -48.21 4.87 71.61
C SER R 61 -46.70 4.64 71.64
N PRO R 62 -45.90 5.69 71.44
CA PRO R 62 -44.44 5.52 71.48
C PRO R 62 -43.91 5.10 72.85
N SER R 63 -44.64 5.38 73.93
CA SER R 63 -44.17 5.13 75.28
C SER R 63 -44.81 3.91 75.90
N GLY R 64 -45.37 3.01 75.11
CA GLY R 64 -45.99 1.82 75.63
C GLY R 64 -47.36 2.09 76.20
N GLY R 65 -47.85 1.13 76.97
CA GLY R 65 -49.21 1.18 77.49
C GLY R 65 -49.31 0.60 78.88
N LEU R 66 -50.39 -0.14 79.13
CA LEU R 66 -50.72 -0.56 80.49
C LEU R 66 -51.44 -1.90 80.45
N ILE R 67 -51.16 -2.74 81.43
CA ILE R 67 -51.83 -4.02 81.63
C ILE R 67 -52.61 -3.94 82.93
N THR R 68 -53.92 -4.22 82.86
CA THR R 68 -54.79 -4.17 84.03
C THR R 68 -55.36 -5.56 84.29
N LEU R 69 -54.93 -6.17 85.39
CA LEU R 69 -55.49 -7.47 85.77
C LEU R 69 -56.90 -7.31 86.29
N VAL R 70 -57.77 -8.24 85.91
CA VAL R 70 -59.11 -8.29 86.50
C VAL R 70 -59.03 -8.66 87.97
N THR R 71 -58.29 -9.72 88.29
CA THR R 71 -58.11 -10.15 89.65
C THR R 71 -56.83 -9.55 90.23
N PRO R 72 -56.89 -8.83 91.35
CA PRO R 72 -55.67 -8.27 91.92
C PRO R 72 -54.65 -9.36 92.24
N ALA R 73 -53.38 -9.05 92.01
CA ALA R 73 -52.32 -10.03 92.15
C ALA R 73 -51.92 -10.20 93.62
N ALA R 74 -51.50 -11.41 93.96
CA ALA R 74 -50.97 -11.67 95.29
C ALA R 74 -49.57 -11.09 95.41
N LEU R 75 -49.10 -10.97 96.66
CA LEU R 75 -47.77 -10.44 96.90
C LEU R 75 -46.72 -11.32 96.25
N ASN R 76 -45.75 -10.69 95.59
CA ASN R 76 -44.62 -11.34 94.94
C ASN R 76 -45.04 -12.25 93.80
N ASP R 77 -46.21 -12.02 93.21
CA ASP R 77 -46.55 -12.69 91.96
C ASP R 77 -45.70 -12.12 90.82
N ILE R 78 -45.22 -13.01 89.96
CA ILE R 78 -44.33 -12.61 88.87
C ILE R 78 -45.18 -12.34 87.63
N ILE R 79 -45.10 -11.12 87.12
CA ILE R 79 -45.83 -10.71 85.92
C ILE R 79 -44.82 -10.45 84.82
N THR R 80 -44.92 -11.17 83.72
CA THR R 80 -44.01 -11.05 82.59
C THR R 80 -44.79 -10.59 81.37
N ILE R 81 -44.28 -9.57 80.69
CA ILE R 81 -44.92 -8.99 79.51
C ILE R 81 -43.89 -8.95 78.39
N GLN R 82 -44.25 -9.51 77.23
CA GLN R 82 -43.31 -9.62 76.12
C GLN R 82 -44.01 -9.29 74.81
N GLY R 83 -43.31 -8.56 73.93
CA GLY R 83 -43.83 -8.26 72.61
C GLY R 83 -43.53 -9.38 71.64
N ASP R 84 -44.53 -9.79 70.87
CA ASP R 84 -44.44 -10.95 69.99
C ASP R 84 -45.12 -10.70 68.65
N MET R 85 -44.74 -9.62 67.98
CA MET R 85 -45.30 -9.30 66.68
C MET R 85 -44.84 -10.31 65.62
N PRO R 86 -45.72 -10.70 64.70
CA PRO R 86 -45.29 -11.55 63.59
C PRO R 86 -44.36 -10.81 62.65
N ILE R 87 -43.49 -11.57 61.99
CA ILE R 87 -42.53 -11.01 61.03
C ILE R 87 -43.07 -11.32 59.64
N ASP R 88 -43.76 -10.35 59.05
CA ASP R 88 -44.29 -10.47 57.71
C ASP R 88 -44.52 -9.07 57.16
N ARG R 89 -45.14 -8.99 55.98
CA ARG R 89 -45.47 -7.69 55.39
C ARG R 89 -46.67 -7.92 54.46
N THR R 90 -47.85 -7.55 54.94
CA THR R 90 -49.09 -7.78 54.19
C THR R 90 -49.68 -6.52 53.58
N SER R 91 -49.18 -5.34 53.93
CA SER R 91 -49.60 -4.10 53.31
C SER R 91 -48.45 -3.56 52.48
N ILE R 92 -48.65 -3.47 51.17
CA ILE R 92 -47.60 -3.10 50.24
C ILE R 92 -48.07 -1.89 49.42
N TYR R 93 -47.13 -1.29 48.72
CA TYR R 93 -47.41 -0.13 47.89
C TYR R 93 -47.83 -0.56 46.49
N SER R 94 -48.49 0.34 45.78
CA SER R 94 -48.75 0.12 44.37
C SER R 94 -47.45 0.22 43.58
N ALA R 95 -47.48 -0.29 42.34
CA ALA R 95 -46.28 -0.31 41.53
C ALA R 95 -45.77 1.11 41.27
N THR R 96 -46.67 2.03 40.92
CA THR R 96 -46.31 3.42 40.69
C THR R 96 -47.19 4.29 41.58
N ILE R 97 -46.76 4.45 42.83
CA ILE R 97 -47.51 5.28 43.77
C ILE R 97 -47.35 6.75 43.40
N SER R 98 -48.45 7.50 43.50
CA SER R 98 -48.41 8.94 43.33
C SER R 98 -48.64 9.68 44.65
N ASN R 99 -48.87 8.96 45.74
CA ASN R 99 -49.05 9.58 47.05
C ASN R 99 -48.46 8.63 48.08
N LEU R 100 -47.38 9.05 48.73
CA LEU R 100 -46.72 8.27 49.77
C LEU R 100 -46.80 9.05 51.07
N THR R 101 -47.54 8.53 52.03
CA THR R 101 -47.82 9.23 53.28
C THR R 101 -46.68 9.01 54.28
N GLY R 102 -46.49 10.01 55.15
CA GLY R 102 -45.51 9.86 56.20
C GLY R 102 -45.78 8.69 57.11
N SER R 103 -47.06 8.42 57.39
CA SER R 103 -47.42 7.28 58.22
C SER R 103 -47.04 5.95 57.57
N ASP R 104 -47.26 5.83 56.26
CA ASP R 104 -46.91 4.60 55.58
C ASP R 104 -45.40 4.38 55.55
N LEU R 105 -44.64 5.43 55.27
CA LEU R 105 -43.19 5.28 55.21
C LEU R 105 -42.60 5.09 56.59
N ASN R 106 -43.07 5.85 57.58
CA ASN R 106 -42.62 5.63 58.96
C ASN R 106 -43.02 4.26 59.45
N GLY R 107 -44.21 3.80 59.09
CA GLY R 107 -44.69 2.51 59.54
C GLY R 107 -43.81 1.36 59.09
N ASP R 108 -43.38 1.38 57.83
CA ASP R 108 -42.54 0.31 57.31
C ASP R 108 -41.18 0.29 57.99
N PHE R 109 -40.58 1.45 58.23
CA PHE R 109 -39.30 1.49 58.91
C PHE R 109 -39.45 1.13 60.39
N ASN R 110 -40.49 1.64 61.05
CA ASN R 110 -40.65 1.42 62.48
C ASN R 110 -40.93 -0.05 62.78
N ARG R 111 -41.82 -0.68 62.02
CA ARG R 111 -42.21 -2.05 62.33
C ARG R 111 -41.03 -3.01 62.18
N GLU R 112 -40.11 -2.72 61.26
CA GLU R 112 -38.94 -3.56 61.14
C GLU R 112 -37.95 -3.34 62.28
N VAL R 113 -37.91 -2.12 62.82
CA VAL R 113 -37.08 -1.86 63.99
C VAL R 113 -37.62 -2.61 65.21
N VAL R 114 -38.94 -2.61 65.37
CA VAL R 114 -39.54 -3.33 66.50
C VAL R 114 -39.33 -4.83 66.35
N MET R 115 -39.43 -5.37 65.13
CA MET R 115 -39.17 -6.79 64.93
C MET R 115 -37.74 -7.14 65.32
N MET R 116 -36.78 -6.34 64.90
CA MET R 116 -35.38 -6.61 65.25
C MET R 116 -35.15 -6.46 66.74
N LYS R 117 -35.84 -5.51 67.38
CA LYS R 117 -35.69 -5.35 68.83
C LYS R 117 -36.24 -6.56 69.57
N GLN R 118 -37.34 -7.15 69.08
CA GLN R 118 -37.86 -8.35 69.71
C GLN R 118 -36.88 -9.52 69.57
N ILE R 119 -36.24 -9.64 68.41
CA ILE R 119 -35.22 -10.68 68.24
C ILE R 119 -34.04 -10.43 69.16
N GLN R 120 -33.58 -9.18 69.23
CA GLN R 120 -32.42 -8.87 70.04
C GLN R 120 -32.71 -8.97 71.52
N THR R 121 -33.94 -8.65 71.95
CA THR R 121 -34.30 -8.80 73.35
C THR R 121 -34.23 -10.25 73.77
N THR R 122 -34.71 -11.16 72.92
CA THR R 122 -34.61 -12.58 73.23
C THR R 122 -33.15 -13.02 73.33
N GLN R 123 -32.31 -12.58 72.42
CA GLN R 123 -30.93 -13.06 72.43
C GLN R 123 -30.07 -12.36 73.47
N ALA R 124 -30.51 -11.22 73.99
CA ALA R 124 -29.75 -10.53 75.04
C ALA R 124 -30.16 -10.97 76.44
N LEU R 125 -31.42 -11.36 76.64
CA LEU R 125 -31.92 -11.67 77.97
C LEU R 125 -32.28 -13.13 78.18
N LEU R 126 -32.56 -13.88 77.13
CA LEU R 126 -33.07 -15.23 77.29
C LEU R 126 -32.21 -16.31 76.65
N GLN R 127 -31.11 -15.96 75.98
CA GLN R 127 -30.31 -16.94 75.29
C GLN R 127 -28.89 -16.96 75.80
N LEU R 128 -28.20 -18.06 75.54
CA LEU R 128 -26.81 -18.24 75.89
C LEU R 128 -25.90 -17.79 74.76
N GLN R 129 -24.71 -17.35 75.11
CA GLN R 129 -23.70 -17.00 74.13
C GLN R 129 -22.34 -17.05 74.78
N TYR R 130 -21.31 -17.33 73.98
CA TYR R 130 -19.96 -17.16 74.44
C TYR R 130 -19.68 -15.68 74.69
N ALA R 131 -18.78 -15.41 75.61
CA ALA R 131 -18.40 -14.02 75.86
C ALA R 131 -17.82 -13.43 74.59
N PRO R 132 -18.09 -12.15 74.29
CA PRO R 132 -17.69 -11.61 72.99
C PRO R 132 -16.19 -11.61 72.75
N TRP R 133 -15.37 -11.69 73.79
CA TRP R 133 -13.92 -11.64 73.64
C TRP R 133 -13.28 -13.02 73.60
N LEU R 134 -14.04 -14.09 73.70
CA LEU R 134 -13.45 -15.42 73.67
C LEU R 134 -12.96 -15.75 72.27
N GLU R 135 -11.97 -16.62 72.18
CA GLU R 135 -11.36 -16.97 70.90
C GLU R 135 -12.15 -18.08 70.22
N VAL R 136 -13.36 -17.72 69.83
CA VAL R 136 -14.17 -18.62 69.01
C VAL R 136 -13.68 -18.52 67.57
N SER R 137 -13.88 -19.60 66.81
CA SER R 137 -13.44 -19.62 65.43
C SER R 137 -14.18 -18.56 64.63
N GLN R 138 -13.43 -17.70 63.94
CA GLN R 138 -14.05 -16.62 63.18
C GLN R 138 -14.57 -17.09 61.83
N ASP R 139 -14.37 -18.36 61.48
CA ASP R 139 -14.99 -18.95 60.31
C ASP R 139 -16.27 -19.66 60.75
N PRO R 140 -17.45 -19.23 60.31
CA PRO R 140 -18.68 -19.90 60.74
C PRO R 140 -18.79 -21.35 60.30
N ASP R 141 -18.01 -21.77 59.31
CA ASP R 141 -18.03 -23.17 58.89
C ASP R 141 -17.40 -24.11 59.91
N VAL R 142 -16.65 -23.58 60.88
CA VAL R 142 -16.07 -24.39 61.94
C VAL R 142 -17.10 -24.44 63.07
N THR R 143 -17.81 -25.56 63.17
CA THR R 143 -18.93 -25.70 64.08
C THR R 143 -18.58 -26.46 65.35
N LYS R 144 -17.29 -26.56 65.67
CA LYS R 144 -16.87 -27.37 66.82
C LYS R 144 -17.53 -26.90 68.11
N ASP R 145 -17.57 -25.60 68.35
CA ASP R 145 -18.09 -25.06 69.58
C ASP R 145 -19.55 -24.64 69.50
N ARG R 146 -20.17 -24.70 68.32
CA ARG R 146 -21.46 -24.05 68.13
C ARG R 146 -22.59 -24.97 67.71
N TYR R 147 -22.32 -26.12 67.11
CA TYR R 147 -23.37 -27.04 66.71
C TYR R 147 -23.63 -28.07 67.81
N LEU R 148 -24.88 -28.22 68.18
CA LEU R 148 -25.30 -29.11 69.25
C LEU R 148 -26.03 -30.33 68.70
N PRO R 149 -25.84 -31.50 69.29
CA PRO R 149 -26.67 -32.66 68.95
C PRO R 149 -27.94 -32.69 69.78
N LEU R 150 -28.91 -33.45 69.29
CA LEU R 150 -30.12 -33.70 70.07
C LEU R 150 -29.79 -34.57 71.27
N LEU R 151 -30.43 -34.28 72.40
CA LEU R 151 -30.19 -34.99 73.64
C LEU R 151 -31.21 -36.12 73.79
N GLY R 152 -30.72 -37.33 74.02
CA GLY R 152 -31.57 -38.43 74.42
C GLY R 152 -31.87 -38.37 75.90
N SER R 153 -32.67 -39.34 76.35
CA SER R 153 -33.06 -39.39 77.76
C SER R 153 -31.84 -39.55 78.65
N GLY R 154 -31.74 -38.70 79.65
CA GLY R 154 -30.64 -38.74 80.60
C GLY R 154 -29.28 -38.38 80.03
N GLN R 155 -29.22 -37.45 79.09
CA GLN R 155 -27.98 -37.10 78.43
C GLN R 155 -27.67 -35.61 78.59
N VAL R 156 -26.38 -35.28 78.54
CA VAL R 156 -25.89 -33.92 78.63
C VAL R 156 -25.00 -33.63 77.44
N TRP R 157 -24.76 -32.36 77.19
CA TRP R 157 -23.83 -31.95 76.15
C TRP R 157 -22.41 -31.98 76.69
N ARG R 158 -21.51 -32.64 75.96
CA ARG R 158 -20.15 -32.82 76.42
C ARG R 158 -19.21 -32.82 75.22
N MET R 159 -18.17 -31.99 75.28
CA MET R 159 -17.16 -32.00 74.23
C MET R 159 -16.47 -33.37 74.22
N ASN R 160 -16.32 -33.95 73.03
CA ASN R 160 -15.77 -35.30 72.96
C ASN R 160 -14.29 -35.29 73.33
N ASP R 161 -13.75 -36.51 73.52
CA ASP R 161 -12.38 -36.64 73.97
C ASP R 161 -11.37 -36.06 72.98
N SER R 162 -11.71 -36.06 71.71
CA SER R 162 -10.82 -35.47 70.71
C SER R 162 -10.87 -33.96 70.67
N GLY R 163 -11.84 -33.35 71.34
CA GLY R 163 -12.01 -31.90 71.26
C GLY R 163 -12.39 -31.42 69.87
N THR R 164 -13.21 -32.19 69.17
CA THR R 164 -13.62 -31.84 67.82
C THR R 164 -15.10 -31.56 67.66
N GLY R 165 -15.91 -31.79 68.70
CA GLY R 165 -17.33 -31.50 68.60
C GLY R 165 -18.05 -31.92 69.86
N ILE R 166 -19.21 -31.31 70.07
CA ILE R 166 -20.05 -31.58 71.22
C ILE R 166 -20.94 -32.77 70.89
N GLU R 167 -20.99 -33.74 71.80
CA GLU R 167 -21.80 -34.93 71.61
C GLU R 167 -22.65 -35.20 72.85
N ALA R 168 -23.70 -35.98 72.66
CA ALA R 168 -24.59 -36.34 73.74
C ALA R 168 -23.97 -37.44 74.59
N TYR R 169 -23.95 -37.26 75.90
CA TYR R 169 -23.29 -38.15 76.83
C TYR R 169 -24.27 -38.56 77.93
N THR R 170 -24.41 -39.86 78.15
CA THR R 170 -25.39 -40.37 79.10
C THR R 170 -24.85 -40.33 80.52
N ILE R 171 -25.67 -39.83 81.44
CA ILE R 171 -25.33 -39.77 82.85
C ILE R 171 -26.47 -40.40 83.65
N ASP R 172 -26.12 -41.35 84.52
CA ASP R 172 -27.05 -41.91 85.49
C ASP R 172 -26.50 -41.67 86.88
N GLU R 173 -27.30 -41.04 87.75
CA GLU R 173 -26.87 -40.69 89.10
C GLU R 173 -25.56 -39.90 89.10
N SER S 2 -40.85 -5.74 43.69
CA SER S 2 -41.37 -6.98 44.26
C SER S 2 -42.76 -6.77 44.82
N ASN S 3 -43.77 -6.83 43.96
CA ASN S 3 -45.13 -6.53 44.38
C ASN S 3 -45.86 -7.77 44.87
N ILE S 4 -45.24 -8.48 45.81
CA ILE S 4 -45.88 -9.61 46.47
C ILE S 4 -46.01 -9.27 47.95
N LYS S 5 -46.84 -10.04 48.63
CA LYS S 5 -46.98 -9.94 50.07
C LYS S 5 -46.19 -11.06 50.73
N ILE S 6 -45.53 -10.74 51.84
CA ILE S 6 -44.75 -11.71 52.59
C ILE S 6 -45.63 -12.24 53.72
N ASN S 7 -45.91 -13.54 53.69
CA ASN S 7 -46.71 -14.16 54.73
C ASN S 7 -45.83 -14.56 55.91
N ASP S 8 -46.48 -14.86 57.04
CA ASP S 8 -45.77 -15.24 58.26
C ASP S 8 -45.60 -16.76 58.27
N VAL S 9 -44.54 -17.21 57.61
CA VAL S 9 -44.22 -18.63 57.48
C VAL S 9 -42.75 -18.81 57.84
N PHE S 10 -42.45 -19.85 58.61
CA PHE S 10 -41.08 -20.16 58.94
C PHE S 10 -40.26 -20.41 57.67
N GLN S 11 -39.02 -19.97 57.68
CA GLN S 11 -38.12 -20.12 56.54
C GLN S 11 -37.40 -21.46 56.54
N ARG S 12 -38.02 -22.50 57.11
CA ARG S 12 -37.46 -23.83 57.15
C ARG S 12 -38.60 -24.83 57.10
N ILE S 13 -38.42 -25.91 56.34
CA ILE S 13 -39.39 -26.99 56.26
C ILE S 13 -38.63 -28.30 56.17
N GLN S 14 -39.20 -29.35 56.77
CA GLN S 14 -38.58 -30.66 56.75
C GLN S 14 -39.63 -31.71 56.42
N TYR S 15 -39.24 -32.70 55.63
CA TYR S 15 -40.13 -33.76 55.17
C TYR S 15 -39.50 -35.12 55.41
N ALA S 16 -40.35 -36.11 55.61
CA ALA S 16 -39.97 -37.52 55.53
C ALA S 16 -40.54 -38.05 54.22
N ALA S 17 -39.66 -38.52 53.34
CA ALA S 17 -40.03 -38.79 51.96
C ALA S 17 -40.84 -40.09 51.85
N SER S 18 -41.80 -40.07 50.93
CA SER S 18 -42.46 -41.28 50.51
C SER S 18 -41.53 -42.10 49.62
N ALA S 19 -41.95 -43.31 49.31
CA ALA S 19 -41.15 -44.17 48.43
C ALA S 19 -41.12 -43.58 47.03
N GLY S 20 -39.93 -43.24 46.56
CA GLY S 20 -39.79 -42.71 45.22
C GLY S 20 -40.23 -41.27 45.03
N GLN S 21 -40.35 -40.51 46.10
CA GLN S 21 -40.81 -39.12 45.98
C GLN S 21 -39.72 -38.24 45.39
N THR S 22 -40.13 -37.32 44.52
CA THR S 22 -39.19 -36.39 43.91
C THR S 22 -39.54 -34.93 44.14
N GLN S 23 -40.81 -34.58 44.36
CA GLN S 23 -41.24 -33.20 44.47
C GLN S 23 -41.55 -32.85 45.92
N PHE S 24 -40.99 -31.73 46.38
CA PHE S 24 -41.19 -31.24 47.73
C PHE S 24 -41.52 -29.76 47.66
N THR S 25 -42.52 -29.33 48.42
CA THR S 25 -43.02 -27.96 48.35
C THR S 25 -42.21 -27.03 49.24
N ILE S 26 -41.93 -25.83 48.74
CA ILE S 26 -41.31 -24.77 49.52
C ILE S 26 -42.42 -23.83 49.97
N PRO S 27 -42.82 -23.86 51.23
CA PRO S 27 -43.95 -23.02 51.67
C PRO S 27 -43.61 -21.57 51.94
N PHE S 28 -42.33 -21.21 51.98
CA PHE S 28 -41.95 -19.84 52.30
C PHE S 28 -41.42 -19.12 51.06
N PRO S 29 -41.55 -17.80 51.00
CA PRO S 29 -41.05 -17.06 49.83
C PRO S 29 -39.53 -17.01 49.78
N PHE S 30 -39.02 -16.97 48.55
CA PHE S 30 -37.59 -16.75 48.32
C PHE S 30 -37.45 -16.01 47.01
N PHE S 31 -36.30 -15.34 46.83
CA PHE S 31 -36.08 -14.49 45.69
C PHE S 31 -35.02 -14.99 44.72
N ASP S 32 -34.09 -15.83 45.16
CA ASP S 32 -33.06 -16.36 44.27
C ASP S 32 -32.87 -17.83 44.56
N ASN S 33 -32.61 -18.61 43.50
CA ASN S 33 -32.43 -20.05 43.68
C ASN S 33 -31.20 -20.36 44.51
N GLU S 34 -30.16 -19.55 44.41
CA GLU S 34 -28.93 -19.80 45.17
C GLU S 34 -29.11 -19.62 46.66
N TYR S 35 -30.19 -18.98 47.10
CA TYR S 35 -30.40 -18.67 48.50
C TYR S 35 -31.38 -19.65 49.17
N VAL S 36 -31.48 -20.86 48.67
CA VAL S 36 -32.29 -21.91 49.27
C VAL S 36 -31.42 -23.15 49.43
N LEU S 37 -31.18 -23.55 50.67
CA LEU S 37 -30.34 -24.70 50.97
C LEU S 37 -31.19 -25.95 51.14
N VAL S 38 -30.70 -27.06 50.60
CA VAL S 38 -31.41 -28.34 50.64
C VAL S 38 -30.46 -29.40 51.17
N TRP S 39 -30.91 -30.15 52.17
CA TRP S 39 -30.20 -31.30 52.69
C TRP S 39 -31.02 -32.56 52.49
N GLN S 40 -30.32 -33.68 52.30
CA GLN S 40 -30.95 -35.00 52.26
C GLN S 40 -30.15 -35.90 53.19
N ASN S 41 -30.79 -36.30 54.29
CA ASN S 41 -30.14 -37.11 55.34
C ASN S 41 -28.88 -36.43 55.87
N GLY S 42 -28.93 -35.11 55.99
CA GLY S 42 -27.81 -34.37 56.55
C GLY S 42 -26.70 -34.04 55.60
N VAL S 43 -26.86 -34.31 54.30
CA VAL S 43 -25.85 -34.00 53.29
C VAL S 43 -26.44 -32.96 52.36
N GLN S 44 -25.76 -31.82 52.22
CA GLN S 44 -26.26 -30.76 51.36
C GLN S 44 -26.18 -31.17 49.90
N LEU S 45 -27.22 -30.86 49.15
CA LEU S 45 -27.30 -31.16 47.74
C LEU S 45 -26.90 -29.93 46.91
N VAL S 46 -26.73 -30.16 45.61
CA VAL S 46 -26.34 -29.13 44.66
C VAL S 46 -27.40 -29.07 43.56
N MET S 47 -27.62 -27.88 43.02
CA MET S 47 -28.53 -27.72 41.90
C MET S 47 -27.93 -28.28 40.63
N GLY S 48 -28.76 -28.94 39.82
CA GLY S 48 -28.29 -29.44 38.55
C GLY S 48 -29.19 -30.55 38.03
N GLY S 49 -28.69 -31.21 36.99
CA GLY S 49 -29.44 -32.26 36.33
C GLY S 49 -28.78 -33.63 36.45
N ALA S 50 -27.64 -33.70 37.11
CA ALA S 50 -26.96 -34.96 37.34
C ALA S 50 -27.64 -35.72 38.47
N PRO S 51 -27.48 -37.04 38.50
CA PRO S 51 -28.06 -37.81 39.61
C PRO S 51 -27.48 -37.36 40.95
N GLY S 52 -28.35 -37.32 41.96
CA GLY S 52 -27.99 -36.80 43.26
C GLY S 52 -28.15 -35.31 43.43
N GLN S 53 -28.62 -34.60 42.41
CA GLN S 53 -28.82 -33.16 42.45
C GLN S 53 -30.31 -32.85 42.42
N TYR S 54 -30.65 -31.56 42.32
CA TYR S 54 -32.05 -31.18 42.35
C TYR S 54 -32.26 -29.93 41.49
N GLY S 55 -33.50 -29.74 41.08
CA GLY S 55 -33.94 -28.53 40.43
C GLY S 55 -34.88 -27.77 41.34
N ILE S 56 -34.95 -26.46 41.16
CA ILE S 56 -35.77 -25.60 42.01
C ILE S 56 -36.51 -24.60 41.13
N SER S 57 -37.75 -24.29 41.51
CA SER S 57 -38.53 -23.28 40.82
C SER S 57 -39.37 -22.53 41.84
N GLY S 58 -39.80 -21.33 41.44
CA GLY S 58 -40.69 -20.54 42.26
C GLY S 58 -40.10 -19.27 42.84
N ALA S 59 -38.92 -18.85 42.40
CA ALA S 59 -38.34 -17.63 42.93
C ALA S 59 -39.20 -16.42 42.59
N GLY S 60 -39.34 -15.52 43.57
CA GLY S 60 -40.15 -14.34 43.40
C GLY S 60 -41.62 -14.53 43.71
N SER S 61 -42.07 -15.76 43.86
CA SER S 61 -43.46 -16.07 44.14
C SER S 61 -43.75 -15.91 45.63
N PRO S 62 -45.01 -15.62 46.00
CA PRO S 62 -45.34 -15.54 47.43
C PRO S 62 -45.09 -16.83 48.18
N SER S 63 -45.33 -17.97 47.56
CA SER S 63 -45.13 -19.28 48.17
C SER S 63 -45.28 -20.33 47.08
N GLY S 64 -45.25 -21.60 47.45
CA GLY S 64 -45.50 -22.67 46.52
C GLY S 64 -44.36 -23.00 45.59
N GLY S 65 -43.13 -22.73 45.99
CA GLY S 65 -41.99 -23.18 45.22
C GLY S 65 -41.87 -24.68 45.26
N LEU S 66 -40.97 -25.21 44.45
CA LEU S 66 -40.87 -26.65 44.28
C LEU S 66 -39.41 -27.09 44.18
N ILE S 67 -39.08 -28.16 44.89
CA ILE S 67 -37.80 -28.83 44.79
C ILE S 67 -38.03 -30.18 44.12
N THR S 68 -37.31 -30.45 43.04
CA THR S 68 -37.44 -31.70 42.31
C THR S 68 -36.10 -32.44 42.34
N LEU S 69 -36.04 -33.53 43.09
CA LEU S 69 -34.84 -34.35 43.11
C LEU S 69 -34.66 -35.08 41.78
N VAL S 70 -33.43 -35.13 41.30
CA VAL S 70 -33.12 -35.92 40.11
C VAL S 70 -33.26 -37.41 40.42
N THR S 71 -32.69 -37.85 41.53
CA THR S 71 -32.82 -39.24 41.95
C THR S 71 -33.99 -39.37 42.93
N PRO S 72 -34.98 -40.20 42.66
CA PRO S 72 -36.11 -40.33 43.59
C PRO S 72 -35.65 -40.76 44.97
N ALA S 73 -36.25 -40.16 45.99
CA ALA S 73 -35.86 -40.43 47.36
C ALA S 73 -36.33 -41.81 47.81
N ALA S 74 -35.58 -42.41 48.72
CA ALA S 74 -36.02 -43.64 49.36
C ALA S 74 -37.00 -43.31 50.48
N LEU S 75 -37.71 -44.34 50.94
CA LEU S 75 -38.68 -44.16 52.01
C LEU S 75 -37.99 -43.65 53.27
N ASN S 76 -38.63 -42.67 53.91
CA ASN S 76 -38.18 -42.07 55.17
C ASN S 76 -36.86 -41.33 55.05
N ASP S 77 -36.49 -40.91 53.84
CA ASP S 77 -35.39 -39.96 53.70
C ASP S 77 -35.82 -38.60 54.24
N ILE S 78 -34.92 -37.94 54.94
CA ILE S 78 -35.22 -36.64 55.54
C ILE S 78 -34.76 -35.54 54.60
N ILE S 79 -35.69 -34.72 54.14
CA ILE S 79 -35.40 -33.60 53.25
C ILE S 79 -35.61 -32.33 54.04
N THR S 80 -34.58 -31.48 54.09
CA THR S 80 -34.65 -30.22 54.80
C THR S 80 -34.41 -29.08 53.82
N ILE S 81 -35.25 -28.05 53.88
CA ILE S 81 -35.18 -26.91 52.98
C ILE S 81 -35.18 -25.65 53.84
N GLN S 82 -34.19 -24.79 53.64
CA GLN S 82 -34.01 -23.61 54.46
C GLN S 82 -33.60 -22.42 53.61
N GLY S 83 -34.05 -21.22 53.98
CA GLY S 83 -33.67 -20.01 53.27
C GLY S 83 -32.45 -19.36 53.91
N ASP S 84 -31.50 -18.96 53.05
CA ASP S 84 -30.20 -18.45 53.49
C ASP S 84 -29.77 -17.24 52.66
N MET S 85 -30.61 -16.22 52.60
CA MET S 85 -30.26 -15.00 51.87
C MET S 85 -29.27 -14.16 52.65
N PRO S 86 -28.16 -13.73 52.05
CA PRO S 86 -27.22 -12.86 52.76
C PRO S 86 -27.81 -11.48 53.01
N ILE S 87 -27.36 -10.86 54.09
CA ILE S 87 -27.82 -9.53 54.48
C ILE S 87 -27.02 -8.50 53.73
N ASP S 88 -27.70 -7.64 52.98
CA ASP S 88 -27.07 -6.52 52.29
C ASP S 88 -28.17 -5.64 51.67
N ARG S 89 -27.76 -4.46 51.22
CA ARG S 89 -28.66 -3.59 50.48
C ARG S 89 -28.98 -4.19 49.13
N THR S 90 -30.24 -4.06 48.71
CA THR S 90 -30.67 -4.52 47.40
C THR S 90 -31.12 -3.37 46.52
N SER S 91 -30.78 -2.13 46.90
CA SER S 91 -31.20 -0.95 46.16
C SER S 91 -30.10 0.10 46.30
N ILE S 92 -30.20 1.13 45.46
CA ILE S 92 -29.34 2.29 45.56
C ILE S 92 -30.12 3.48 45.04
N TYR S 93 -30.14 4.57 45.81
CA TYR S 93 -30.93 5.74 45.47
C TYR S 93 -30.00 6.92 45.20
N SER S 94 -30.29 7.64 44.12
CA SER S 94 -29.48 8.79 43.76
C SER S 94 -29.73 9.94 44.72
N ALA S 95 -28.67 10.71 44.99
CA ALA S 95 -28.81 11.92 45.79
C ALA S 95 -29.49 13.04 45.01
N THR S 96 -29.25 13.14 43.71
CA THR S 96 -29.93 14.12 42.89
C THR S 96 -31.35 13.66 42.57
N ILE S 97 -32.17 14.61 42.11
CA ILE S 97 -33.59 14.35 41.88
C ILE S 97 -33.73 13.28 40.80
N SER S 98 -34.43 12.20 41.14
CA SER S 98 -34.57 11.04 40.28
C SER S 98 -35.99 10.53 40.39
N ASN S 99 -36.22 9.31 39.92
CA ASN S 99 -37.54 8.68 39.96
C ASN S 99 -37.63 7.69 41.11
N LEU S 100 -38.85 7.50 41.61
CA LEU S 100 -39.12 6.51 42.64
C LEU S 100 -40.42 5.78 42.31
N THR S 101 -40.43 4.48 42.54
CA THR S 101 -41.62 3.67 42.33
C THR S 101 -41.90 2.85 43.58
N GLY S 102 -43.16 2.44 43.73
CA GLY S 102 -43.52 1.54 44.82
C GLY S 102 -42.91 0.17 44.69
N SER S 103 -42.56 -0.25 43.48
CA SER S 103 -41.86 -1.52 43.31
C SER S 103 -40.49 -1.47 43.98
N ASP S 104 -39.81 -0.32 43.91
CA ASP S 104 -38.53 -0.19 44.58
C ASP S 104 -38.68 -0.35 46.09
N LEU S 105 -39.65 0.34 46.69
CA LEU S 105 -39.85 0.23 48.13
C LEU S 105 -40.27 -1.17 48.53
N ASN S 106 -41.17 -1.78 47.77
CA ASN S 106 -41.62 -3.14 48.09
C ASN S 106 -40.47 -4.13 48.05
N GLY S 107 -39.59 -4.01 47.05
CA GLY S 107 -38.46 -4.91 46.97
C GLY S 107 -37.53 -4.80 48.17
N ASP S 108 -37.29 -3.58 48.63
CA ASP S 108 -36.43 -3.38 49.80
C ASP S 108 -37.06 -3.95 51.06
N PHE S 109 -38.30 -3.58 51.34
CA PHE S 109 -38.92 -3.99 52.60
C PHE S 109 -39.21 -5.48 52.63
N ASN S 110 -39.65 -6.05 51.50
CA ASN S 110 -39.92 -7.49 51.46
C ASN S 110 -38.66 -8.29 51.70
N ARG S 111 -37.55 -7.91 51.05
CA ARG S 111 -36.31 -8.64 51.24
C ARG S 111 -35.76 -8.49 52.65
N GLU S 112 -35.93 -7.32 53.26
CA GLU S 112 -35.50 -7.15 54.64
C GLU S 112 -36.38 -7.93 55.61
N VAL S 113 -37.68 -8.06 55.33
CA VAL S 113 -38.54 -8.86 56.18
C VAL S 113 -38.16 -10.33 56.09
N VAL S 114 -37.83 -10.81 54.89
CA VAL S 114 -37.43 -12.20 54.73
C VAL S 114 -36.13 -12.47 55.46
N MET S 115 -35.18 -11.53 55.40
CA MET S 115 -33.93 -11.69 56.14
C MET S 115 -34.17 -11.80 57.64
N MET S 116 -35.06 -10.94 58.17
CA MET S 116 -35.37 -11.01 59.60
C MET S 116 -36.06 -12.33 59.95
N LYS S 117 -36.93 -12.81 59.08
CA LYS S 117 -37.62 -14.06 59.34
C LYS S 117 -36.63 -15.23 59.38
N GLN S 118 -35.61 -15.20 58.53
CA GLN S 118 -34.61 -16.26 58.54
C GLN S 118 -33.83 -16.27 59.85
N ILE S 119 -33.50 -15.08 60.38
CA ILE S 119 -32.85 -15.01 61.68
C ILE S 119 -33.78 -15.52 62.76
N GLN S 120 -35.04 -15.13 62.72
CA GLN S 120 -35.98 -15.53 63.77
C GLN S 120 -36.37 -17.00 63.65
N THR S 121 -36.33 -17.56 62.45
CA THR S 121 -36.60 -18.99 62.28
C THR S 121 -35.53 -19.83 62.97
N THR S 122 -34.26 -19.45 62.81
CA THR S 122 -33.19 -20.14 63.51
C THR S 122 -33.32 -19.98 65.02
N GLN S 123 -33.68 -18.78 65.47
CA GLN S 123 -33.84 -18.53 66.88
C GLN S 123 -34.97 -19.36 67.48
N ALA S 124 -36.08 -19.47 66.76
CA ALA S 124 -37.25 -20.13 67.31
C ALA S 124 -37.18 -21.65 67.21
N LEU S 125 -36.60 -22.20 66.15
CA LEU S 125 -36.62 -23.63 65.92
C LEU S 125 -35.30 -24.34 66.20
N LEU S 126 -34.17 -23.66 66.12
CA LEU S 126 -32.88 -24.33 66.19
C LEU S 126 -32.02 -23.89 67.36
N GLN S 127 -32.49 -22.99 68.22
CA GLN S 127 -31.66 -22.47 69.30
C GLN S 127 -32.30 -22.71 70.65
N LEU S 128 -31.49 -22.56 71.69
CA LEU S 128 -31.93 -22.75 73.07
C LEU S 128 -32.21 -21.39 73.71
N GLN S 129 -33.22 -21.35 74.57
CA GLN S 129 -33.51 -20.15 75.33
C GLN S 129 -34.17 -20.53 76.63
N TYR S 130 -34.03 -19.66 77.62
CA TYR S 130 -34.83 -19.77 78.83
C TYR S 130 -36.29 -19.47 78.51
N ALA S 131 -37.18 -20.09 79.27
CA ALA S 131 -38.59 -19.78 79.11
C ALA S 131 -38.82 -18.29 79.37
N PRO S 132 -39.70 -17.64 78.61
CA PRO S 132 -39.83 -16.18 78.73
C PRO S 132 -40.22 -15.72 80.12
N TRP S 133 -40.91 -16.55 80.88
CA TRP S 133 -41.42 -16.16 82.20
C TRP S 133 -40.41 -16.38 83.31
N LEU S 134 -39.27 -16.99 83.04
CA LEU S 134 -38.30 -17.26 84.09
C LEU S 134 -37.68 -15.97 84.60
N GLU S 135 -37.16 -16.02 85.82
CA GLU S 135 -36.65 -14.83 86.50
C GLU S 135 -35.15 -14.69 86.25
N VAL S 136 -34.80 -14.45 84.99
CA VAL S 136 -33.45 -14.06 84.64
C VAL S 136 -33.26 -12.58 84.99
N SER S 137 -32.00 -12.19 85.14
CA SER S 137 -31.70 -10.78 85.39
C SER S 137 -32.06 -9.95 84.17
N GLN S 138 -32.78 -8.85 84.40
CA GLN S 138 -33.20 -7.99 83.31
C GLN S 138 -32.12 -7.00 82.91
N ASP S 139 -30.98 -7.00 83.58
CA ASP S 139 -29.83 -6.21 83.19
C ASP S 139 -28.87 -7.12 82.43
N PRO S 140 -28.65 -6.88 81.14
CA PRO S 140 -27.75 -7.78 80.38
C PRO S 140 -26.32 -7.78 80.87
N ASP S 141 -25.90 -6.76 81.63
CA ASP S 141 -24.55 -6.75 82.18
C ASP S 141 -24.35 -7.84 83.23
N VAL S 142 -25.42 -8.35 83.81
CA VAL S 142 -25.34 -9.50 84.72
C VAL S 142 -25.32 -10.74 83.83
N THR S 143 -24.15 -11.35 83.67
CA THR S 143 -23.95 -12.43 82.70
C THR S 143 -23.89 -13.79 83.37
N LYS S 144 -24.37 -13.92 84.61
CA LYS S 144 -24.26 -15.17 85.33
C LYS S 144 -24.92 -16.32 84.58
N ASP S 145 -26.14 -16.11 84.10
CA ASP S 145 -26.91 -17.17 83.47
C ASP S 145 -26.68 -17.28 81.97
N ARG S 146 -25.99 -16.32 81.36
CA ARG S 146 -26.02 -16.23 79.90
C ARG S 146 -24.68 -16.41 79.22
N TYR S 147 -23.57 -16.04 79.85
CA TYR S 147 -22.26 -16.19 79.23
C TYR S 147 -21.72 -17.59 79.47
N LEU S 148 -21.22 -18.21 78.41
CA LEU S 148 -20.66 -19.55 78.47
C LEU S 148 -19.15 -19.51 78.29
N PRO S 149 -18.43 -20.44 78.90
CA PRO S 149 -17.01 -20.62 78.59
C PRO S 149 -16.81 -21.63 77.47
N LEU S 150 -15.64 -21.57 76.87
CA LEU S 150 -15.26 -22.58 75.89
C LEU S 150 -15.03 -23.90 76.59
N LEU S 151 -15.52 -24.98 75.99
CA LEU S 151 -15.40 -26.31 76.57
C LEU S 151 -14.11 -26.98 76.10
N GLY S 152 -13.32 -27.46 77.05
CA GLY S 152 -12.19 -28.32 76.73
C GLY S 152 -12.63 -29.74 76.50
N SER S 153 -11.65 -30.58 76.20
CA SER S 153 -11.93 -31.98 75.92
C SER S 153 -12.60 -32.65 77.11
N GLY S 154 -13.71 -33.33 76.85
CA GLY S 154 -14.43 -34.06 77.88
C GLY S 154 -15.05 -33.21 78.97
N GLN S 155 -15.54 -32.02 78.64
CA GLN S 155 -16.07 -31.09 79.63
C GLN S 155 -17.51 -30.72 79.32
N VAL S 156 -18.25 -30.38 80.37
CA VAL S 156 -19.63 -29.95 80.26
C VAL S 156 -19.76 -28.55 80.88
N TRP S 157 -20.90 -27.92 80.65
CA TRP S 157 -21.20 -26.63 81.26
C TRP S 157 -21.87 -26.87 82.61
N ARG S 158 -21.28 -26.32 83.67
CA ARG S 158 -21.78 -26.52 85.02
C ARG S 158 -21.71 -25.22 85.78
N MET S 159 -22.84 -24.80 86.35
CA MET S 159 -22.84 -23.65 87.24
C MET S 159 -21.97 -23.93 88.45
N ASN S 160 -21.11 -22.99 88.81
CA ASN S 160 -20.18 -23.24 89.89
C ASN S 160 -20.91 -23.24 91.24
N ASP S 161 -20.21 -23.75 92.26
CA ASP S 161 -20.82 -23.91 93.58
C ASP S 161 -21.20 -22.59 94.23
N SER S 162 -20.57 -21.49 93.84
CA SER S 162 -20.94 -20.19 94.37
C SER S 162 -22.17 -19.61 93.68
N GLY S 163 -22.61 -20.20 92.58
CA GLY S 163 -23.73 -19.65 91.83
C GLY S 163 -23.43 -18.31 91.20
N THR S 164 -22.22 -18.11 90.70
CA THR S 164 -21.82 -16.84 90.11
C THR S 164 -21.57 -16.89 88.62
N GLY S 165 -21.40 -18.07 88.05
CA GLY S 165 -21.20 -18.18 86.62
C GLY S 165 -21.05 -19.63 86.20
N ILE S 166 -21.14 -19.85 84.90
CA ILE S 166 -21.04 -21.17 84.32
C ILE S 166 -19.59 -21.42 83.95
N GLU S 167 -19.06 -22.57 84.37
CA GLU S 167 -17.67 -22.92 84.11
C GLU S 167 -17.60 -24.29 83.45
N ALA S 168 -16.50 -24.52 82.74
CA ALA S 168 -16.27 -25.81 82.13
C ALA S 168 -15.85 -26.82 83.20
N TYR S 169 -16.50 -27.98 83.20
CA TYR S 169 -16.32 -28.97 84.24
C TYR S 169 -15.98 -30.32 83.61
N THR S 170 -14.88 -30.92 84.05
CA THR S 170 -14.47 -32.21 83.53
C THR S 170 -15.29 -33.31 84.19
N ILE S 171 -15.72 -34.29 83.39
CA ILE S 171 -16.55 -35.39 83.85
C ILE S 171 -15.86 -36.70 83.52
N ASP S 172 -15.77 -37.58 84.51
CA ASP S 172 -15.25 -38.92 84.37
C ASP S 172 -16.32 -39.93 84.77
N GLU S 173 -15.94 -41.21 84.77
CA GLU S 173 -16.83 -42.26 85.23
C GLU S 173 -17.19 -42.09 86.71
N SER T 2 3.50 45.82 -23.25
CA SER T 2 2.90 46.66 -24.27
C SER T 2 3.17 48.13 -24.02
N ASN T 3 3.16 48.54 -22.75
CA ASN T 3 3.57 49.88 -22.40
C ASN T 3 5.08 50.03 -22.59
N ILE T 4 5.52 51.26 -22.80
CA ILE T 4 6.92 51.54 -23.06
C ILE T 4 7.64 51.82 -21.75
N LYS T 5 8.97 51.75 -21.79
CA LYS T 5 9.79 51.90 -20.59
C LYS T 5 9.96 53.38 -20.27
N ILE T 6 9.29 53.85 -19.22
CA ILE T 6 9.32 55.25 -18.82
C ILE T 6 9.79 55.40 -17.36
N ASN T 7 9.24 54.59 -16.46
CA ASN T 7 9.44 54.78 -15.03
C ASN T 7 10.92 54.66 -14.69
N ASP T 8 11.48 55.73 -14.13
CA ASP T 8 12.87 55.77 -13.68
C ASP T 8 13.85 55.55 -14.83
N VAL T 9 13.46 55.91 -16.05
CA VAL T 9 14.31 55.77 -17.23
C VAL T 9 14.47 57.17 -17.82
N PHE T 10 15.60 57.81 -17.53
CA PHE T 10 15.85 59.14 -18.05
C PHE T 10 16.03 59.11 -19.56
N GLN T 11 15.67 60.22 -20.21
CA GLN T 11 15.80 60.38 -21.66
C GLN T 11 17.17 60.88 -22.07
N ARG T 12 18.20 60.59 -21.28
CA ARG T 12 19.57 60.99 -21.59
C ARG T 12 20.50 59.91 -21.06
N ILE T 13 21.58 59.65 -21.80
CA ILE T 13 22.59 58.68 -21.38
C ILE T 13 23.93 59.15 -21.91
N GLN T 14 24.99 58.86 -21.15
CA GLN T 14 26.33 59.23 -21.54
C GLN T 14 27.28 58.06 -21.30
N TYR T 15 28.18 57.83 -22.25
CA TYR T 15 29.05 56.66 -22.26
C TYR T 15 30.50 57.08 -22.38
N ALA T 16 31.38 56.22 -21.88
CA ALA T 16 32.82 56.33 -22.09
C ALA T 16 33.23 55.15 -22.97
N ALA T 17 33.49 55.42 -24.24
CA ALA T 17 33.74 54.36 -25.20
C ALA T 17 35.04 53.64 -24.93
N SER T 18 35.05 52.35 -25.26
CA SER T 18 36.30 51.59 -25.31
C SER T 18 36.89 51.68 -26.69
N ALA T 19 38.17 51.31 -26.80
CA ALA T 19 38.89 51.43 -28.06
C ALA T 19 38.29 50.52 -29.11
N GLY T 20 37.83 51.10 -30.22
CA GLY T 20 37.28 50.35 -31.32
C GLY T 20 35.80 50.04 -31.24
N GLN T 21 35.09 50.59 -30.26
CA GLN T 21 33.67 50.32 -30.11
C GLN T 21 32.84 51.15 -31.09
N THR T 22 31.79 50.54 -31.63
CA THR T 22 30.88 51.23 -32.52
C THR T 22 29.41 51.20 -32.09
N GLN T 23 29.01 50.25 -31.25
CA GLN T 23 27.61 50.07 -30.89
C GLN T 23 27.34 50.66 -29.52
N PHE T 24 26.39 51.60 -29.46
CA PHE T 24 26.02 52.26 -28.21
C PHE T 24 24.52 52.19 -28.04
N THR T 25 24.07 51.62 -26.93
CA THR T 25 22.65 51.42 -26.70
C THR T 25 21.92 52.73 -26.46
N ILE T 26 20.73 52.86 -27.04
CA ILE T 26 19.79 53.90 -26.66
C ILE T 26 18.83 53.29 -25.64
N PRO T 27 18.97 53.60 -24.35
CA PRO T 27 18.18 52.90 -23.32
C PRO T 27 16.78 53.46 -23.08
N PHE T 28 16.32 54.40 -23.89
CA PHE T 28 14.99 54.97 -23.71
C PHE T 28 14.23 54.91 -25.01
N PRO T 29 12.91 54.76 -24.95
CA PRO T 29 12.12 54.70 -26.17
C PRO T 29 12.10 56.03 -26.91
N PHE T 30 12.00 55.94 -28.23
CA PHE T 30 11.86 57.11 -29.08
C PHE T 30 10.96 56.74 -30.26
N PHE T 31 10.37 57.75 -30.88
CA PHE T 31 9.39 57.52 -31.92
C PHE T 31 9.93 57.76 -33.33
N ASP T 32 11.00 58.53 -33.48
CA ASP T 32 11.51 58.87 -34.79
C ASP T 32 13.01 59.10 -34.70
N ASN T 33 13.74 58.69 -35.74
CA ASN T 33 15.20 58.80 -35.70
C ASN T 33 15.65 60.24 -35.53
N GLU T 34 14.92 61.20 -36.09
CA GLU T 34 15.32 62.60 -36.03
C GLU T 34 15.22 63.17 -34.62
N TYR T 35 14.49 62.53 -33.73
CA TYR T 35 14.27 63.03 -32.38
C TYR T 35 15.29 62.52 -31.38
N VAL T 36 16.42 62.02 -31.85
CA VAL T 36 17.52 61.56 -31.00
C VAL T 36 18.76 62.37 -31.37
N LEU T 37 19.39 62.97 -30.37
CA LEU T 37 20.58 63.81 -30.56
C LEU T 37 21.80 63.07 -30.03
N VAL T 38 22.87 63.05 -30.83
CA VAL T 38 24.09 62.35 -30.49
C VAL T 38 25.25 63.34 -30.53
N TRP T 39 26.06 63.36 -29.48
CA TRP T 39 27.29 64.12 -29.42
C TRP T 39 28.46 63.16 -29.16
N GLN T 40 29.61 63.51 -29.73
CA GLN T 40 30.86 62.79 -29.45
C GLN T 40 31.91 63.82 -29.09
N ASN T 41 32.37 63.80 -27.84
CA ASN T 41 33.31 64.79 -27.32
C ASN T 41 32.79 66.21 -27.49
N GLY T 42 31.48 66.38 -27.28
CA GLY T 42 30.88 67.70 -27.35
C GLY T 42 30.58 68.20 -28.74
N VAL T 43 30.75 67.38 -29.77
CA VAL T 43 30.46 67.76 -31.15
C VAL T 43 29.27 66.92 -31.61
N GLN T 44 28.21 67.58 -32.07
CA GLN T 44 27.02 66.87 -32.49
C GLN T 44 27.28 66.13 -33.80
N LEU T 45 26.88 64.87 -33.85
CA LEU T 45 27.08 64.04 -35.02
C LEU T 45 25.87 64.12 -35.94
N VAL T 46 26.07 63.65 -37.18
CA VAL T 46 25.03 63.64 -38.20
C VAL T 46 24.74 62.19 -38.57
N MET T 47 23.46 61.87 -38.71
CA MET T 47 23.08 60.53 -39.16
C MET T 47 23.46 60.35 -40.62
N GLY T 48 24.10 59.23 -40.93
CA GLY T 48 24.51 58.96 -42.29
C GLY T 48 25.44 57.76 -42.35
N GLY T 49 26.08 57.61 -43.50
CA GLY T 49 26.96 56.48 -43.74
C GLY T 49 28.41 56.85 -43.93
N ALA T 50 28.71 58.14 -43.96
CA ALA T 50 30.08 58.60 -44.12
C ALA T 50 30.85 58.45 -42.81
N PRO T 51 32.18 58.43 -42.88
CA PRO T 51 32.97 58.42 -41.63
C PRO T 51 32.67 59.65 -40.78
N GLY T 52 32.64 59.44 -39.47
CA GLY T 52 32.23 60.47 -38.54
C GLY T 52 30.74 60.59 -38.36
N GLN T 53 29.94 59.76 -39.01
CA GLN T 53 28.49 59.76 -38.91
C GLN T 53 28.04 58.47 -38.21
N TYR T 54 26.73 58.31 -38.06
CA TYR T 54 26.19 57.17 -37.32
C TYR T 54 24.92 56.68 -37.98
N GLY T 55 24.62 55.41 -37.73
CA GLY T 55 23.33 54.83 -38.07
C GLY T 55 22.52 54.61 -36.82
N ILE T 56 21.20 54.52 -36.95
CA ILE T 56 20.32 54.41 -35.79
C ILE T 56 19.18 53.44 -36.13
N SER T 57 18.80 52.62 -35.14
CA SER T 57 17.70 51.69 -35.29
C SER T 57 16.91 51.64 -33.99
N GLY T 58 15.68 51.17 -34.08
CA GLY T 58 14.84 51.00 -32.91
C GLY T 58 13.74 52.02 -32.72
N ALA T 59 13.46 52.86 -33.71
CA ALA T 59 12.34 53.80 -33.59
C ALA T 59 11.03 53.04 -33.46
N GLY T 60 10.20 53.46 -32.50
CA GLY T 60 8.97 52.78 -32.21
C GLY T 60 9.09 51.59 -31.30
N SER T 61 10.31 51.20 -30.94
CA SER T 61 10.49 50.09 -30.02
C SER T 61 10.11 50.51 -28.60
N PRO T 62 9.47 49.62 -27.83
CA PRO T 62 9.06 50.01 -26.47
C PRO T 62 10.22 50.26 -25.51
N SER T 63 11.42 49.77 -25.81
CA SER T 63 12.50 49.85 -24.84
C SER T 63 13.71 50.66 -25.31
N GLY T 64 13.87 50.92 -26.59
CA GLY T 64 14.99 51.70 -27.06
C GLY T 64 15.55 51.10 -28.33
N GLY T 65 16.77 51.50 -28.66
CA GLY T 65 17.41 51.08 -29.90
C GLY T 65 18.91 51.09 -29.79
N LEU T 66 19.57 51.37 -30.91
CA LEU T 66 21.01 51.24 -31.03
C LEU T 66 21.57 52.34 -31.93
N ILE T 67 22.72 52.87 -31.54
CA ILE T 67 23.50 53.80 -32.35
C ILE T 67 24.76 53.07 -32.80
N THR T 68 25.05 53.11 -34.09
CA THR T 68 26.22 52.45 -34.65
C THR T 68 27.10 53.49 -35.34
N LEU T 69 28.24 53.78 -34.75
CA LEU T 69 29.19 54.71 -35.35
C LEU T 69 29.82 54.09 -36.59
N VAL T 70 29.98 54.91 -37.64
CA VAL T 70 30.71 54.46 -38.82
C VAL T 70 32.19 54.29 -38.50
N THR T 71 32.77 55.26 -37.82
CA THR T 71 34.18 55.22 -37.46
C THR T 71 34.33 54.72 -36.03
N PRO T 72 35.09 53.64 -35.79
CA PRO T 72 35.25 53.15 -34.42
C PRO T 72 35.83 54.21 -33.50
N ALA T 73 35.33 54.25 -32.28
CA ALA T 73 35.68 55.28 -31.32
C ALA T 73 37.07 55.04 -30.74
N ALA T 74 37.61 56.08 -30.12
CA ALA T 74 38.85 55.98 -29.37
C ALA T 74 38.54 55.75 -27.89
N LEU T 75 39.57 55.34 -27.15
CA LEU T 75 39.39 55.09 -25.72
C LEU T 75 39.00 56.37 -25.01
N ASN T 76 37.98 56.27 -24.16
CA ASN T 76 37.48 57.38 -23.35
C ASN T 76 36.90 58.52 -24.18
N ASP T 77 36.43 58.23 -25.39
CA ASP T 77 35.55 59.16 -26.08
C ASP T 77 34.20 59.19 -25.37
N ILE T 78 33.65 60.39 -25.24
CA ILE T 78 32.39 60.58 -24.51
C ILE T 78 31.27 60.66 -25.52
N ILE T 79 30.32 59.72 -25.44
CA ILE T 79 29.16 59.69 -26.32
C ILE T 79 27.95 60.09 -25.49
N THR T 80 27.20 61.08 -25.97
CA THR T 80 26.00 61.55 -25.30
C THR T 80 24.81 61.36 -26.22
N ILE T 81 23.73 60.77 -25.69
CA ILE T 81 22.51 60.53 -26.44
C ILE T 81 21.35 61.12 -25.65
N GLN T 82 20.52 61.91 -26.31
CA GLN T 82 19.43 62.61 -25.64
C GLN T 82 18.20 62.61 -26.53
N GLY T 83 17.03 62.44 -25.92
CA GLY T 83 15.77 62.50 -26.65
C GLY T 83 15.25 63.93 -26.72
N ASP T 84 14.88 64.36 -27.93
CA ASP T 84 14.52 65.75 -28.19
C ASP T 84 13.30 65.83 -29.12
N MET T 85 12.21 65.18 -28.72
CA MET T 85 11.00 65.19 -29.52
C MET T 85 10.32 66.56 -29.47
N PRO T 86 9.74 67.02 -30.59
CA PRO T 86 8.95 68.26 -30.55
C PRO T 86 7.69 68.11 -29.72
N ILE T 87 7.31 69.19 -29.07
CA ILE T 87 6.14 69.22 -28.19
C ILE T 87 5.00 69.85 -28.99
N ASP T 88 4.20 69.00 -29.62
CA ASP T 88 3.08 69.45 -30.43
C ASP T 88 2.08 68.30 -30.55
N ARG T 89 1.01 68.53 -31.29
CA ARG T 89 0.01 67.50 -31.55
C ARG T 89 -0.66 67.81 -32.88
N THR T 90 -0.31 67.06 -33.92
CA THR T 90 -0.81 67.34 -35.26
C THR T 90 -1.78 66.30 -35.80
N SER T 91 -1.83 65.11 -35.21
CA SER T 91 -2.83 64.11 -35.57
C SER T 91 -3.92 64.13 -34.52
N ILE T 92 -5.11 64.59 -34.92
CA ILE T 92 -6.21 64.80 -33.99
C ILE T 92 -7.41 64.00 -34.46
N TYR T 93 -8.36 63.80 -33.54
CA TYR T 93 -9.58 63.09 -33.86
C TYR T 93 -10.55 64.00 -34.60
N SER T 94 -11.32 63.41 -35.50
CA SER T 94 -12.32 64.18 -36.22
C SER T 94 -13.58 64.32 -35.38
N ALA T 95 -14.36 65.35 -35.69
CA ALA T 95 -15.59 65.60 -34.95
C ALA T 95 -16.70 64.64 -35.35
N THR T 96 -16.61 63.99 -36.49
CA THR T 96 -17.71 63.19 -37.00
C THR T 96 -17.37 61.73 -37.27
N ILE T 97 -16.20 61.44 -37.83
CA ILE T 97 -15.94 60.09 -38.31
C ILE T 97 -14.68 59.48 -37.70
N SER T 98 -14.43 59.74 -36.43
CA SER T 98 -13.31 59.13 -35.73
C SER T 98 -13.80 57.94 -34.93
N ASN T 99 -13.26 56.77 -35.22
CA ASN T 99 -13.53 55.56 -34.46
C ASN T 99 -12.46 55.41 -33.38
N LEU T 100 -12.84 55.63 -32.13
CA LEU T 100 -11.88 55.59 -31.03
C LEU T 100 -11.42 54.17 -30.79
N THR T 101 -10.10 53.98 -30.74
CA THR T 101 -9.49 52.67 -30.61
C THR T 101 -8.54 52.68 -29.42
N GLY T 102 -8.31 51.50 -28.85
CA GLY T 102 -7.32 51.38 -27.80
C GLY T 102 -5.93 51.77 -28.24
N SER T 103 -5.59 51.50 -29.50
CA SER T 103 -4.30 51.92 -30.03
C SER T 103 -4.21 53.43 -30.14
N ASP T 104 -5.33 54.11 -30.43
CA ASP T 104 -5.33 55.56 -30.49
C ASP T 104 -5.00 56.16 -29.12
N LEU T 105 -5.68 55.71 -28.09
CA LEU T 105 -5.44 56.24 -26.75
C LEU T 105 -4.04 55.92 -26.26
N ASN T 106 -3.57 54.70 -26.50
CA ASN T 106 -2.22 54.33 -26.11
C ASN T 106 -1.20 55.22 -26.81
N GLY T 107 -1.38 55.45 -28.11
CA GLY T 107 -0.44 56.29 -28.84
C GLY T 107 -0.40 57.72 -28.34
N ASP T 108 -1.57 58.28 -28.04
CA ASP T 108 -1.61 59.66 -27.56
C ASP T 108 -1.02 59.80 -26.17
N PHE T 109 -1.33 58.86 -25.26
CA PHE T 109 -0.79 58.95 -23.92
C PHE T 109 0.71 58.70 -23.90
N ASN T 110 1.19 57.72 -24.68
CA ASN T 110 2.62 57.45 -24.73
C ASN T 110 3.38 58.65 -25.25
N ARG T 111 2.82 59.32 -26.25
CA ARG T 111 3.47 60.48 -26.85
C ARG T 111 3.64 61.60 -25.83
N GLU T 112 2.63 61.83 -25.00
CA GLU T 112 2.70 62.91 -24.01
C GLU T 112 3.56 62.53 -22.82
N VAL T 113 3.58 61.26 -22.43
CA VAL T 113 4.44 60.83 -21.32
C VAL T 113 5.91 60.96 -21.69
N VAL T 114 6.26 60.65 -22.94
CA VAL T 114 7.65 60.82 -23.37
C VAL T 114 8.04 62.29 -23.39
N MET T 115 7.14 63.16 -23.84
CA MET T 115 7.40 64.59 -23.79
C MET T 115 7.65 65.05 -22.36
N MET T 116 6.81 64.60 -21.43
CA MET T 116 6.95 65.02 -20.05
C MET T 116 8.25 64.50 -19.45
N LYS T 117 8.63 63.27 -19.79
CA LYS T 117 9.87 62.71 -19.27
C LYS T 117 11.09 63.46 -19.80
N GLN T 118 11.04 63.94 -21.04
CA GLN T 118 12.16 64.72 -21.58
C GLN T 118 12.33 66.04 -20.84
N ILE T 119 11.23 66.71 -20.53
CA ILE T 119 11.30 67.95 -19.76
C ILE T 119 11.85 67.69 -18.37
N GLN T 120 11.38 66.62 -17.72
CA GLN T 120 11.87 66.30 -16.39
C GLN T 120 13.32 65.84 -16.40
N THR T 121 13.76 65.18 -17.47
CA THR T 121 15.15 64.77 -17.57
C THR T 121 16.07 65.99 -17.60
N THR T 122 15.70 67.01 -18.37
CA THR T 122 16.46 68.26 -18.38
C THR T 122 16.45 68.91 -17.00
N GLN T 123 15.30 68.92 -16.34
CA GLN T 123 15.19 69.57 -15.04
C GLN T 123 16.04 68.85 -13.99
N ALA T 124 16.03 67.52 -13.99
CA ALA T 124 16.69 66.77 -12.92
C ALA T 124 18.21 66.73 -13.10
N LEU T 125 18.69 66.58 -14.33
CA LEU T 125 20.11 66.33 -14.54
C LEU T 125 20.90 67.53 -15.00
N LEU T 126 20.27 68.50 -15.68
CA LEU T 126 21.01 69.58 -16.32
C LEU T 126 20.74 70.96 -15.73
N GLN T 127 19.75 71.12 -14.87
CA GLN T 127 19.39 72.43 -14.37
C GLN T 127 19.72 72.56 -12.89
N LEU T 128 19.83 73.81 -12.44
CA LEU T 128 20.08 74.13 -11.04
C LEU T 128 18.77 74.35 -10.30
N GLN T 129 18.79 74.13 -9.00
CA GLN T 129 17.62 74.43 -8.18
C GLN T 129 18.06 74.58 -6.73
N TYR T 130 17.21 75.27 -5.96
CA TYR T 130 17.37 75.27 -4.51
C TYR T 130 16.92 73.94 -3.95
N ALA T 131 17.50 73.56 -2.82
CA ALA T 131 17.06 72.35 -2.14
C ALA T 131 15.59 72.50 -1.76
N PRO T 132 14.79 71.44 -1.90
CA PRO T 132 13.33 71.59 -1.69
C PRO T 132 12.95 72.06 -0.31
N TRP T 133 13.80 71.86 0.70
CA TRP T 133 13.47 72.25 2.06
C TRP T 133 13.90 73.67 2.41
N LEU T 134 14.60 74.37 1.51
CA LEU T 134 15.06 75.72 1.82
C LEU T 134 13.88 76.68 1.92
N GLU T 135 14.06 77.71 2.74
CA GLU T 135 12.99 78.66 3.04
C GLU T 135 12.95 79.78 1.99
N VAL T 136 12.63 79.38 0.77
CA VAL T 136 12.36 80.35 -0.27
C VAL T 136 10.94 80.89 -0.11
N SER T 137 10.69 82.03 -0.75
CA SER T 137 9.36 82.61 -0.69
C SER T 137 8.35 81.71 -1.40
N GLN T 138 7.25 81.41 -0.72
CA GLN T 138 6.21 80.57 -1.32
C GLN T 138 5.30 81.35 -2.25
N ASP T 139 5.48 82.66 -2.34
CA ASP T 139 4.76 83.48 -3.30
C ASP T 139 5.64 83.68 -4.54
N PRO T 140 5.25 83.17 -5.70
CA PRO T 140 6.09 83.36 -6.90
C PRO T 140 6.25 84.81 -7.31
N ASP T 141 5.36 85.70 -6.87
CA ASP T 141 5.52 87.12 -7.17
C ASP T 141 6.72 87.73 -6.48
N VAL T 142 7.20 87.11 -5.40
CA VAL T 142 8.43 87.55 -4.75
C VAL T 142 9.60 86.93 -5.51
N THR T 143 10.31 87.75 -6.28
CA THR T 143 11.32 87.27 -7.21
C THR T 143 12.73 87.52 -6.71
N LYS T 144 12.91 87.77 -5.41
CA LYS T 144 14.23 88.14 -4.90
C LYS T 144 15.26 87.06 -5.18
N ASP T 145 14.95 85.81 -4.83
CA ASP T 145 15.89 84.72 -5.00
C ASP T 145 15.79 84.04 -6.35
N ARG T 146 14.85 84.44 -7.20
CA ARG T 146 14.54 83.69 -8.41
C ARG T 146 14.94 84.40 -9.70
N TYR T 147 14.53 85.65 -9.88
CA TYR T 147 14.80 86.32 -11.15
C TYR T 147 16.26 86.73 -11.27
N LEU T 148 16.81 86.50 -12.45
CA LEU T 148 18.19 86.84 -12.77
C LEU T 148 18.27 87.97 -13.78
N PRO T 149 19.27 88.83 -13.68
CA PRO T 149 19.53 89.81 -14.73
C PRO T 149 20.51 89.28 -15.76
N LEU T 150 20.47 89.89 -16.95
CA LEU T 150 21.43 89.55 -17.98
C LEU T 150 22.83 89.98 -17.55
N LEU T 151 23.81 89.13 -17.80
CA LEU T 151 25.20 89.42 -17.45
C LEU T 151 25.88 90.14 -18.59
N GLY T 152 26.41 91.33 -18.31
CA GLY T 152 27.31 91.99 -19.22
C GLY T 152 28.69 91.38 -19.15
N SER T 153 29.58 91.90 -19.99
CA SER T 153 30.94 91.38 -20.06
C SER T 153 31.64 91.48 -18.71
N GLY T 154 32.28 90.39 -18.31
CA GLY T 154 33.01 90.34 -17.05
C GLY T 154 32.19 90.53 -15.80
N GLN T 155 30.98 89.97 -15.77
CA GLN T 155 30.08 90.19 -14.65
C GLN T 155 29.58 88.87 -14.09
N VAL T 156 29.29 88.88 -12.78
CA VAL T 156 28.78 87.73 -12.07
C VAL T 156 27.44 88.09 -11.45
N TRP T 157 26.68 87.07 -11.08
CA TRP T 157 25.44 87.27 -10.34
C TRP T 157 25.75 87.44 -8.86
N ARG T 158 25.28 88.53 -8.28
CA ARG T 158 25.56 88.84 -6.89
C ARG T 158 24.33 89.46 -6.25
N MET T 159 23.87 88.88 -5.15
CA MET T 159 22.80 89.50 -4.38
C MET T 159 23.25 90.87 -3.90
N ASN T 160 22.38 91.86 -4.03
CA ASN T 160 22.81 93.22 -3.75
C ASN T 160 22.96 93.43 -2.24
N ASP T 161 23.52 94.59 -1.88
CA ASP T 161 23.84 94.88 -0.50
C ASP T 161 22.60 94.98 0.38
N SER T 162 21.43 95.26 -0.20
CA SER T 162 20.20 95.35 0.58
C SER T 162 19.48 94.02 0.70
N GLY T 163 19.93 92.99 0.02
CA GLY T 163 19.23 91.71 0.02
C GLY T 163 17.84 91.78 -0.57
N THR T 164 17.68 92.51 -1.67
CA THR T 164 16.39 92.62 -2.34
C THR T 164 16.35 92.04 -3.74
N GLY T 165 17.50 91.80 -4.36
CA GLY T 165 17.50 91.20 -5.68
C GLY T 165 18.91 90.87 -6.12
N ILE T 166 19.00 89.98 -7.10
CA ILE T 166 20.26 89.59 -7.70
C ILE T 166 20.53 90.52 -8.86
N GLU T 167 21.73 91.09 -8.89
CA GLU T 167 22.10 92.02 -9.95
C GLU T 167 23.48 91.68 -10.50
N ALA T 168 23.71 92.05 -11.75
CA ALA T 168 25.00 91.83 -12.37
C ALA T 168 26.06 92.70 -11.72
N TYR T 169 27.24 92.12 -11.51
CA TYR T 169 28.29 92.76 -10.72
C TYR T 169 29.62 92.56 -11.42
N THR T 170 30.26 93.66 -11.80
CA THR T 170 31.49 93.57 -12.57
C THR T 170 32.65 93.14 -11.68
N ILE T 171 33.38 92.12 -12.13
CA ILE T 171 34.62 91.69 -11.49
C ILE T 171 35.68 91.62 -12.58
N ASP T 172 36.75 92.38 -12.41
CA ASP T 172 37.82 92.42 -13.40
C ASP T 172 38.75 91.24 -13.24
N GLU T 173 39.41 90.88 -14.35
CA GLU T 173 40.31 89.74 -14.36
C GLU T 173 41.77 90.19 -14.24
N SER U 2 -11.81 73.06 -30.07
CA SER U 2 -10.89 72.07 -29.52
C SER U 2 -10.46 71.06 -30.57
N ASN U 3 -11.17 71.05 -31.70
CA ASN U 3 -10.78 70.24 -32.85
C ASN U 3 -9.77 71.00 -33.71
N ILE U 4 -8.63 71.31 -33.11
CA ILE U 4 -7.56 72.06 -33.76
C ILE U 4 -6.25 71.30 -33.57
N LYS U 5 -5.26 71.67 -34.36
CA LYS U 5 -3.90 71.18 -34.20
C LYS U 5 -3.09 72.14 -33.35
N ILE U 6 -2.17 71.57 -32.58
CA ILE U 6 -1.22 72.35 -31.79
C ILE U 6 0.13 72.25 -32.48
N ASN U 7 0.61 73.36 -33.01
CA ASN U 7 1.88 73.37 -33.72
C ASN U 7 3.04 73.56 -32.75
N ASP U 8 4.24 73.21 -33.21
CA ASP U 8 5.45 73.31 -32.41
C ASP U 8 5.96 74.75 -32.49
N VAL U 9 5.46 75.60 -31.60
CA VAL U 9 5.80 77.02 -31.58
C VAL U 9 6.05 77.42 -30.13
N PHE U 10 7.13 78.19 -29.90
CA PHE U 10 7.41 78.69 -28.56
C PHE U 10 6.26 79.54 -28.05
N GLN U 11 5.97 79.40 -26.76
CA GLN U 11 4.85 80.09 -26.15
C GLN U 11 5.26 81.47 -25.65
N ARG U 12 6.26 82.07 -26.30
CA ARG U 12 6.72 83.40 -25.96
C ARG U 12 7.23 84.07 -27.22
N ILE U 13 6.87 85.33 -27.41
CA ILE U 13 7.33 86.11 -28.57
C ILE U 13 7.69 87.51 -28.10
N GLN U 14 8.73 88.08 -28.68
CA GLN U 14 9.18 89.42 -28.36
C GLN U 14 9.37 90.23 -29.62
N TYR U 15 9.01 91.51 -29.58
CA TYR U 15 9.08 92.37 -30.74
C TYR U 15 9.76 93.68 -30.37
N ALA U 16 10.44 94.26 -31.36
CA ALA U 16 10.91 95.64 -31.29
C ALA U 16 9.95 96.46 -32.14
N ALA U 17 9.15 97.30 -31.48
CA ALA U 17 8.09 98.01 -32.16
C ALA U 17 8.65 99.02 -33.18
N SER U 18 7.92 99.17 -34.27
CA SER U 18 8.19 100.27 -35.18
C SER U 18 7.52 101.54 -34.66
N ALA U 19 7.79 102.65 -35.34
CA ALA U 19 7.23 103.93 -34.92
C ALA U 19 5.72 103.92 -35.17
N GLY U 20 4.94 103.95 -34.09
CA GLY U 20 3.50 103.97 -34.20
C GLY U 20 2.82 102.64 -34.37
N GLN U 21 3.56 101.54 -34.26
CA GLN U 21 2.96 100.21 -34.41
C GLN U 21 1.98 99.93 -33.28
N THR U 22 0.85 99.33 -33.62
CA THR U 22 -0.15 98.94 -32.63
C THR U 22 -0.49 97.47 -32.64
N GLN U 23 -0.34 96.78 -33.76
CA GLN U 23 -0.74 95.38 -33.87
C GLN U 23 0.47 94.47 -33.81
N PHE U 24 0.43 93.51 -32.88
CA PHE U 24 1.51 92.53 -32.70
C PHE U 24 0.91 91.14 -32.75
N THR U 25 1.52 90.26 -33.55
CA THR U 25 0.97 88.93 -33.77
C THR U 25 1.35 87.98 -32.63
N ILE U 26 0.38 87.17 -32.21
CA ILE U 26 0.62 86.05 -31.31
C ILE U 26 0.76 84.79 -32.17
N PRO U 27 1.96 84.22 -32.30
CA PRO U 27 2.14 83.06 -33.18
C PRO U 27 1.83 81.71 -32.54
N PHE U 28 1.44 81.68 -31.27
CA PHE U 28 1.18 80.42 -30.60
C PHE U 28 -0.28 80.32 -30.18
N PRO U 29 -0.84 79.12 -30.12
CA PRO U 29 -2.24 78.98 -29.74
C PRO U 29 -2.47 79.25 -28.26
N PHE U 30 -3.61 79.86 -27.96
CA PHE U 30 -4.04 80.07 -26.59
C PHE U 30 -5.55 79.89 -26.53
N PHE U 31 -6.04 79.51 -25.36
CA PHE U 31 -7.44 79.13 -25.23
C PHE U 31 -8.30 80.18 -24.55
N ASP U 32 -7.70 81.15 -23.87
CA ASP U 32 -8.47 82.14 -23.13
C ASP U 32 -7.65 83.42 -23.04
N ASN U 33 -8.33 84.56 -23.16
CA ASN U 33 -7.63 85.84 -23.17
C ASN U 33 -6.88 86.10 -21.89
N GLU U 34 -7.39 85.60 -20.76
CA GLU U 34 -6.75 85.81 -19.47
C GLU U 34 -5.44 85.04 -19.32
N TYR U 35 -5.15 84.09 -20.21
CA TYR U 35 -3.97 83.25 -20.10
C TYR U 35 -2.82 83.76 -20.95
N VAL U 36 -2.80 85.05 -21.25
CA VAL U 36 -1.73 85.68 -22.02
C VAL U 36 -1.25 86.89 -21.24
N LEU U 37 0.06 87.00 -21.06
CA LEU U 37 0.67 88.12 -20.36
C LEU U 37 1.42 88.99 -21.35
N VAL U 38 1.24 90.30 -21.24
CA VAL U 38 1.83 91.27 -22.15
C VAL U 38 2.68 92.25 -21.34
N TRP U 39 3.91 92.45 -21.77
CA TRP U 39 4.81 93.44 -21.17
C TRP U 39 5.23 94.44 -22.22
N GLN U 40 5.33 95.70 -21.83
CA GLN U 40 5.89 96.75 -22.65
C GLN U 40 7.00 97.42 -21.85
N ASN U 41 8.25 97.26 -22.31
CA ASN U 41 9.43 97.80 -21.63
C ASN U 41 9.50 97.32 -20.18
N GLY U 42 9.15 96.06 -19.95
CA GLY U 42 9.24 95.49 -18.63
C GLY U 42 8.11 95.82 -17.69
N VAL U 43 7.07 96.50 -18.18
CA VAL U 43 5.90 96.85 -17.37
C VAL U 43 4.71 96.07 -17.89
N GLN U 44 4.06 95.32 -17.02
CA GLN U 44 2.95 94.49 -17.44
C GLN U 44 1.73 95.35 -17.76
N LEU U 45 1.13 95.11 -18.91
CA LEU U 45 -0.05 95.85 -19.34
C LEU U 45 -1.31 95.19 -18.82
N VAL U 46 -2.41 95.94 -18.89
CA VAL U 46 -3.73 95.46 -18.51
C VAL U 46 -4.60 95.42 -19.75
N MET U 47 -5.41 94.37 -19.86
CA MET U 47 -6.35 94.26 -20.98
C MET U 47 -7.51 95.22 -20.77
N GLY U 48 -7.82 96.01 -21.79
CA GLY U 48 -8.91 96.97 -21.69
C GLY U 48 -8.92 97.89 -22.90
N GLY U 49 -9.70 98.96 -22.76
CA GLY U 49 -9.84 99.93 -23.84
C GLY U 49 -9.27 101.29 -23.52
N ALA U 50 -8.82 101.48 -22.29
CA ALA U 50 -8.23 102.74 -21.88
C ALA U 50 -6.83 102.89 -22.49
N PRO U 51 -6.32 104.12 -22.58
CA PRO U 51 -4.94 104.30 -23.05
C PRO U 51 -3.95 103.61 -22.12
N GLY U 52 -2.87 103.10 -22.72
CA GLY U 52 -1.92 102.31 -21.99
C GLY U 52 -2.33 100.87 -21.77
N GLN U 53 -3.37 100.41 -22.47
CA GLN U 53 -3.89 99.06 -22.35
C GLN U 53 -3.92 98.42 -23.72
N TYR U 54 -4.44 97.20 -23.80
CA TYR U 54 -4.43 96.45 -25.05
C TYR U 54 -5.69 95.62 -25.18
N GLY U 55 -6.03 95.30 -26.42
CA GLY U 55 -7.09 94.35 -26.73
C GLY U 55 -6.50 93.13 -27.39
N ILE U 56 -7.13 91.98 -27.16
CA ILE U 56 -6.59 90.71 -27.64
C ILE U 56 -7.71 89.92 -28.31
N SER U 57 -7.39 89.28 -29.42
CA SER U 57 -8.34 88.44 -30.13
C SER U 57 -7.65 87.16 -30.56
N GLY U 58 -8.44 86.22 -31.08
CA GLY U 58 -7.91 85.00 -31.63
C GLY U 58 -7.84 83.82 -30.69
N ALA U 59 -8.53 83.86 -29.55
CA ALA U 59 -8.50 82.72 -28.64
C ALA U 59 -9.15 81.51 -29.29
N GLY U 60 -8.49 80.36 -29.19
CA GLY U 60 -9.01 79.11 -29.71
C GLY U 60 -8.52 78.75 -31.10
N SER U 61 -7.92 79.68 -31.82
CA SER U 61 -7.45 79.36 -33.17
C SER U 61 -6.07 78.71 -33.12
N PRO U 62 -5.81 77.75 -34.01
CA PRO U 62 -4.51 77.08 -34.01
C PRO U 62 -3.34 77.98 -34.36
N SER U 63 -3.58 79.08 -35.06
CA SER U 63 -2.52 79.94 -35.56
C SER U 63 -2.28 81.16 -34.66
N GLY U 64 -2.88 81.19 -33.48
CA GLY U 64 -2.71 82.32 -32.59
C GLY U 64 -3.56 83.50 -33.01
N GLY U 65 -3.39 84.60 -32.29
CA GLY U 65 -4.23 85.77 -32.46
C GLY U 65 -3.42 87.03 -32.63
N LEU U 66 -3.90 88.10 -32.00
CA LEU U 66 -3.37 89.43 -32.24
C LEU U 66 -3.51 90.29 -31.00
N ILE U 67 -2.51 91.13 -30.75
CA ILE U 67 -2.51 92.11 -29.67
C ILE U 67 -2.58 93.49 -30.29
N THR U 68 -3.55 94.29 -29.86
CA THR U 68 -3.74 95.65 -30.37
C THR U 68 -3.58 96.63 -29.22
N LEU U 69 -2.52 97.43 -29.27
CA LEU U 69 -2.32 98.45 -28.26
C LEU U 69 -3.26 99.62 -28.49
N VAL U 70 -3.85 100.12 -27.40
CA VAL U 70 -4.64 101.34 -27.48
C VAL U 70 -3.75 102.51 -27.86
N THR U 71 -2.64 102.68 -27.15
CA THR U 71 -1.70 103.76 -27.43
C THR U 71 -0.60 103.24 -28.36
N PRO U 72 -0.39 103.84 -29.53
CA PRO U 72 0.67 103.35 -30.42
C PRO U 72 2.03 103.40 -29.75
N ALA U 73 2.85 102.39 -30.04
CA ALA U 73 4.13 102.23 -29.38
C ALA U 73 5.18 103.14 -29.99
N ALA U 74 6.13 103.55 -29.17
CA ALA U 74 7.27 104.32 -29.64
C ALA U 74 8.26 103.41 -30.36
N LEU U 75 9.16 104.02 -31.12
CA LEU U 75 10.16 103.25 -31.85
C LEU U 75 11.04 102.48 -30.88
N ASN U 76 11.27 101.21 -31.21
CA ASN U 76 12.12 100.29 -30.44
C ASN U 76 11.57 99.99 -29.05
N ASP U 77 10.29 100.19 -28.81
CA ASP U 77 9.67 99.68 -27.60
C ASP U 77 9.63 98.15 -27.65
N ILE U 78 9.92 97.51 -26.53
CA ILE U 78 9.99 96.06 -26.44
C ILE U 78 8.63 95.54 -25.99
N ILE U 79 8.02 94.69 -26.81
CA ILE U 79 6.72 94.08 -26.51
C ILE U 79 6.93 92.59 -26.35
N THR U 80 6.58 92.06 -25.18
CA THR U 80 6.75 90.64 -24.88
C THR U 80 5.39 90.03 -24.61
N ILE U 81 5.12 88.89 -25.22
CA ILE U 81 3.85 88.16 -25.10
C ILE U 81 4.16 86.73 -24.70
N GLN U 82 3.52 86.25 -23.64
CA GLN U 82 3.80 84.92 -23.10
C GLN U 82 2.51 84.24 -22.68
N GLY U 83 2.41 82.94 -22.95
CA GLY U 83 1.26 82.16 -22.51
C GLY U 83 1.46 81.63 -21.11
N ASP U 84 0.41 81.78 -20.28
CA ASP U 84 0.49 81.47 -18.85
C ASP U 84 -0.77 80.76 -18.38
N MET U 85 -1.14 79.67 -19.06
CA MET U 85 -2.33 78.92 -18.67
C MET U 85 -2.10 78.18 -17.35
N PRO U 86 -3.09 78.15 -16.46
CA PRO U 86 -2.95 77.35 -15.24
C PRO U 86 -2.92 75.86 -15.54
N ILE U 87 -2.24 75.12 -14.66
CA ILE U 87 -2.10 73.67 -14.80
C ILE U 87 -3.09 73.05 -13.81
N ASP U 88 -4.27 72.70 -14.31
CA ASP U 88 -5.30 72.08 -13.50
C ASP U 88 -6.24 71.33 -14.44
N ARG U 89 -7.30 70.76 -13.88
CA ARG U 89 -8.31 70.08 -14.68
C ARG U 89 -9.64 70.18 -13.92
N THR U 90 -10.48 71.12 -14.32
CA THR U 90 -11.74 71.38 -13.64
C THR U 90 -12.95 70.80 -14.38
N SER U 91 -12.80 70.37 -15.62
CA SER U 91 -13.89 69.72 -16.35
C SER U 91 -13.52 68.26 -16.55
N ILE U 92 -14.35 67.36 -16.01
CA ILE U 92 -14.07 65.94 -16.00
C ILE U 92 -15.26 65.19 -16.57
N TYR U 93 -15.02 63.95 -16.93
CA TYR U 93 -16.07 63.10 -17.48
C TYR U 93 -16.89 62.46 -16.38
N SER U 94 -18.05 61.94 -16.76
CA SER U 94 -18.84 61.12 -15.86
C SER U 94 -18.18 59.75 -15.69
N ALA U 95 -18.62 59.02 -14.68
CA ALA U 95 -18.03 57.71 -14.40
C ALA U 95 -18.25 56.75 -15.56
N THR U 96 -19.44 56.74 -16.13
CA THR U 96 -19.76 55.89 -17.30
C THR U 96 -20.35 56.79 -18.37
N ILE U 97 -19.49 57.42 -19.16
CA ILE U 97 -19.94 58.28 -20.24
C ILE U 97 -20.53 57.42 -21.35
N SER U 98 -21.61 57.89 -21.94
CA SER U 98 -22.19 57.25 -23.11
C SER U 98 -22.03 58.10 -24.36
N ASN U 99 -21.49 59.31 -24.24
CA ASN U 99 -21.21 60.16 -25.38
C ASN U 99 -19.91 60.90 -25.10
N LEU U 100 -18.91 60.69 -25.94
CA LEU U 100 -17.60 61.30 -25.81
C LEU U 100 -17.29 62.05 -27.10
N THR U 101 -17.32 63.38 -27.03
CA THR U 101 -17.20 64.20 -28.23
C THR U 101 -15.74 64.34 -28.64
N GLY U 102 -15.53 64.51 -29.94
CA GLY U 102 -14.18 64.77 -30.44
C GLY U 102 -13.58 66.02 -29.84
N SER U 103 -14.41 67.04 -29.61
CA SER U 103 -13.91 68.27 -28.98
C SER U 103 -13.43 68.00 -27.56
N ASP U 104 -14.16 67.19 -26.81
CA ASP U 104 -13.75 66.88 -25.44
C ASP U 104 -12.44 66.11 -25.41
N LEU U 105 -12.35 65.05 -26.21
CA LEU U 105 -11.14 64.23 -26.19
C LEU U 105 -9.94 64.99 -26.73
N ASN U 106 -10.14 65.75 -27.82
CA ASN U 106 -9.06 66.59 -28.33
C ASN U 106 -8.67 67.66 -27.31
N GLY U 107 -9.66 68.24 -26.63
CA GLY U 107 -9.37 69.28 -25.67
C GLY U 107 -8.47 68.81 -24.54
N ASP U 108 -8.71 67.61 -24.04
CA ASP U 108 -7.89 67.10 -22.94
C ASP U 108 -6.46 66.84 -23.38
N PHE U 109 -6.27 66.28 -24.57
CA PHE U 109 -4.91 66.05 -25.05
C PHE U 109 -4.21 67.37 -25.40
N ASN U 110 -4.93 68.28 -26.05
CA ASN U 110 -4.31 69.53 -26.51
C ASN U 110 -3.89 70.41 -25.34
N ARG U 111 -4.72 70.52 -24.32
CA ARG U 111 -4.42 71.44 -23.23
C ARG U 111 -3.16 71.02 -22.48
N GLU U 112 -2.91 69.72 -22.39
CA GLU U 112 -1.68 69.26 -21.74
C GLU U 112 -0.46 69.48 -22.62
N VAL U 113 -0.62 69.42 -23.94
CA VAL U 113 0.49 69.75 -24.83
C VAL U 113 0.87 71.21 -24.70
N VAL U 114 -0.13 72.09 -24.59
CA VAL U 114 0.15 73.52 -24.42
C VAL U 114 0.79 73.78 -23.05
N MET U 115 0.33 73.08 -22.01
CA MET U 115 0.93 73.24 -20.69
C MET U 115 2.40 72.84 -20.72
N MET U 116 2.72 71.71 -21.35
CA MET U 116 4.11 71.28 -21.44
C MET U 116 4.92 72.22 -22.31
N LYS U 117 4.32 72.78 -23.36
CA LYS U 117 5.06 73.72 -24.19
C LYS U 117 5.39 75.00 -23.44
N GLN U 118 4.50 75.45 -22.56
CA GLN U 118 4.81 76.62 -21.74
C GLN U 118 5.95 76.33 -20.77
N ILE U 119 5.95 75.13 -20.16
CA ILE U 119 7.06 74.75 -19.28
C ILE U 119 8.36 74.68 -20.07
N GLN U 120 8.32 74.06 -21.24
CA GLN U 120 9.53 73.88 -22.02
C GLN U 120 10.02 75.19 -22.62
N THR U 121 9.11 76.10 -22.96
CA THR U 121 9.51 77.42 -23.46
C THR U 121 10.30 78.17 -22.41
N THR U 122 9.85 78.13 -21.15
CA THR U 122 10.58 78.78 -20.07
C THR U 122 11.96 78.17 -19.89
N GLN U 123 12.06 76.84 -19.92
CA GLN U 123 13.34 76.21 -19.67
C GLN U 123 14.27 76.25 -20.87
N ALA U 124 13.75 76.53 -22.06
CA ALA U 124 14.60 76.64 -23.24
C ALA U 124 15.08 78.06 -23.49
N LEU U 125 14.28 79.06 -23.12
CA LEU U 125 14.60 80.45 -23.43
C LEU U 125 14.94 81.30 -22.23
N LEU U 126 14.51 80.93 -21.04
CA LEU U 126 14.62 81.79 -19.88
C LEU U 126 15.41 81.18 -18.72
N GLN U 127 15.84 79.93 -18.81
CA GLN U 127 16.52 79.29 -17.69
C GLN U 127 17.94 78.91 -18.08
N LEU U 128 18.72 78.56 -17.06
CA LEU U 128 20.10 78.14 -17.23
C LEU U 128 20.19 76.62 -17.18
N GLN U 129 21.15 76.08 -17.91
CA GLN U 129 21.42 74.65 -17.85
C GLN U 129 22.84 74.38 -18.30
N TYR U 130 23.39 73.27 -17.81
CA TYR U 130 24.64 72.79 -18.34
C TYR U 130 24.44 72.31 -19.76
N ALA U 131 25.52 72.35 -20.55
CA ALA U 131 25.43 71.83 -21.91
C ALA U 131 25.08 70.35 -21.86
N PRO U 132 24.26 69.86 -22.79
CA PRO U 132 23.80 68.46 -22.70
C PRO U 132 24.92 67.44 -22.75
N TRP U 133 26.09 67.79 -23.27
CA TRP U 133 27.20 66.85 -23.40
C TRP U 133 28.18 66.90 -22.23
N LEU U 134 27.97 67.79 -21.26
CA LEU U 134 28.90 67.87 -20.14
C LEU U 134 28.77 66.64 -19.26
N GLU U 135 29.85 66.34 -18.53
CA GLU U 135 29.89 65.16 -17.67
C GLU U 135 29.30 65.48 -16.30
N VAL U 136 28.02 65.75 -16.29
CA VAL U 136 27.29 65.91 -15.03
C VAL U 136 26.97 64.52 -14.49
N SER U 137 26.87 64.41 -13.17
CA SER U 137 26.57 63.12 -12.56
C SER U 137 25.23 62.60 -13.05
N GLN U 138 25.21 61.37 -13.51
CA GLN U 138 23.97 60.79 -14.03
C GLN U 138 23.08 60.24 -12.94
N ASP U 139 23.53 60.27 -11.69
CA ASP U 139 22.69 59.96 -10.55
C ASP U 139 22.12 61.26 -9.99
N PRO U 140 20.79 61.47 -10.02
CA PRO U 140 20.24 62.72 -9.50
C PRO U 140 20.46 62.92 -8.01
N ASP U 141 20.75 61.86 -7.26
CA ASP U 141 21.02 62.02 -5.83
C ASP U 141 22.33 62.72 -5.55
N VAL U 142 23.21 62.86 -6.54
CA VAL U 142 24.47 63.59 -6.39
C VAL U 142 24.18 65.04 -6.75
N THR U 143 24.08 65.90 -5.74
CA THR U 143 23.63 67.28 -5.92
C THR U 143 24.78 68.27 -5.97
N LYS U 144 26.01 67.81 -6.13
CA LYS U 144 27.18 68.68 -6.04
C LYS U 144 27.08 69.86 -7.00
N ASP U 145 26.75 69.59 -8.26
CA ASP U 145 26.66 70.64 -9.26
C ASP U 145 25.27 71.22 -9.42
N ARG U 146 24.28 70.69 -8.71
CA ARG U 146 22.88 71.03 -9.01
C ARG U 146 22.20 71.85 -7.94
N TYR U 147 22.43 71.59 -6.67
CA TYR U 147 21.74 72.30 -5.60
C TYR U 147 22.43 73.61 -5.29
N LEU U 148 21.63 74.63 -5.01
CA LEU U 148 22.10 75.98 -4.73
C LEU U 148 21.70 76.41 -3.33
N PRO U 149 22.55 77.14 -2.62
CA PRO U 149 22.15 77.76 -1.35
C PRO U 149 21.52 79.13 -1.58
N LEU U 150 20.74 79.56 -0.59
CA LEU U 150 20.22 80.92 -0.61
C LEU U 150 21.36 81.92 -0.45
N LEU U 151 21.29 83.00 -1.21
CA LEU U 151 22.32 84.03 -1.18
C LEU U 151 21.96 85.10 -0.17
N GLY U 152 22.88 85.40 0.73
CA GLY U 152 22.76 86.57 1.58
C GLY U 152 23.19 87.82 0.85
N SER U 153 23.12 88.94 1.57
CA SER U 153 23.47 90.22 0.99
C SER U 153 24.93 90.24 0.55
N GLY U 154 25.16 90.65 -0.68
CA GLY U 154 26.51 90.72 -1.23
C GLY U 154 27.22 89.39 -1.38
N GLN U 155 26.50 88.33 -1.74
CA GLN U 155 27.07 87.01 -1.86
C GLN U 155 26.85 86.45 -3.26
N VAL U 156 27.76 85.56 -3.67
CA VAL U 156 27.71 84.91 -4.97
C VAL U 156 27.79 83.40 -4.76
N TRP U 157 27.38 82.66 -5.78
CA TRP U 157 27.51 81.21 -5.74
C TRP U 157 28.93 80.82 -6.13
N ARG U 158 29.57 80.01 -5.30
CA ARG U 158 30.96 79.62 -5.51
C ARG U 158 31.15 78.20 -5.04
N MET U 159 31.70 77.35 -5.91
CA MET U 159 32.04 76.00 -5.52
C MET U 159 33.09 76.04 -4.42
N ASN U 160 32.88 75.27 -3.36
CA ASN U 160 33.76 75.37 -2.21
C ASN U 160 35.15 74.80 -2.54
N ASP U 161 36.07 74.98 -1.60
CA ASP U 161 37.46 74.58 -1.83
C ASP U 161 37.59 73.08 -2.03
N SER U 162 36.78 72.28 -1.32
CA SER U 162 36.83 70.84 -1.49
C SER U 162 36.23 70.37 -2.81
N GLY U 163 35.51 71.24 -3.52
CA GLY U 163 34.82 70.81 -4.73
C GLY U 163 33.70 69.83 -4.45
N THR U 164 32.97 70.00 -3.36
CA THR U 164 31.90 69.09 -2.98
C THR U 164 30.52 69.71 -3.03
N GLY U 165 30.42 71.02 -3.18
CA GLY U 165 29.12 71.66 -3.25
C GLY U 165 29.26 73.16 -3.40
N ILE U 166 28.20 73.77 -3.90
CA ILE U 166 28.15 75.20 -4.11
C ILE U 166 27.71 75.88 -2.82
N GLU U 167 28.43 76.92 -2.41
CA GLU U 167 28.11 77.64 -1.20
C GLU U 167 28.11 79.14 -1.46
N ALA U 168 27.39 79.86 -0.62
CA ALA U 168 27.33 81.32 -0.73
C ALA U 168 28.61 81.94 -0.22
N TYR U 169 29.19 82.84 -1.01
CA TYR U 169 30.49 83.44 -0.72
C TYR U 169 30.36 84.96 -0.78
N THR U 170 30.77 85.62 0.29
CA THR U 170 30.60 87.06 0.39
C THR U 170 31.67 87.79 -0.41
N ILE U 171 31.24 88.75 -1.21
CA ILE U 171 32.13 89.64 -1.95
C ILE U 171 31.71 91.08 -1.66
N ASP U 172 32.66 91.89 -1.21
CA ASP U 172 32.47 93.33 -1.10
C ASP U 172 33.60 94.02 -1.86
N GLU U 173 33.22 94.92 -2.76
CA GLU U 173 34.18 95.61 -3.63
C GLU U 173 35.01 94.62 -4.44
N SER V 2 -10.45 58.22 -11.48
CA SER V 2 -10.31 59.32 -10.53
C SER V 2 -11.31 60.42 -10.82
N ASN V 3 -12.47 60.36 -10.17
CA ASN V 3 -13.56 61.27 -10.47
C ASN V 3 -13.49 62.55 -9.65
N ILE V 4 -12.30 62.99 -9.28
CA ILE V 4 -12.12 64.25 -8.60
C ILE V 4 -11.68 65.30 -9.61
N LYS V 5 -11.72 66.57 -9.21
CA LYS V 5 -11.19 67.66 -9.99
C LYS V 5 -9.84 68.09 -9.42
N ILE V 6 -8.94 68.47 -10.32
CA ILE V 6 -7.60 68.91 -9.94
C ILE V 6 -7.59 70.43 -9.92
N ASN V 7 -7.36 71.01 -8.76
CA ASN V 7 -7.29 72.46 -8.62
C ASN V 7 -5.89 72.97 -8.92
N ASP V 8 -5.80 74.28 -9.16
CA ASP V 8 -4.52 74.92 -9.46
C ASP V 8 -3.86 75.31 -8.15
N VAL V 9 -3.14 74.37 -7.56
CA VAL V 9 -2.44 74.56 -6.29
C VAL V 9 -1.01 74.07 -6.46
N PHE V 10 -0.06 74.82 -5.93
CA PHE V 10 1.33 74.38 -5.96
C PHE V 10 1.49 73.05 -5.23
N GLN V 11 2.37 72.21 -5.75
CA GLN V 11 2.62 70.89 -5.19
C GLN V 11 3.68 70.92 -4.11
N ARG V 12 3.78 72.04 -3.38
CA ARG V 12 4.73 72.18 -2.29
C ARG V 12 4.15 73.15 -1.28
N ILE V 13 4.32 72.83 0.00
CA ILE V 13 3.89 73.70 1.09
C ILE V 13 4.94 73.64 2.18
N GLN V 14 5.14 74.75 2.87
CA GLN V 14 6.09 74.82 3.97
C GLN V 14 5.46 75.55 5.15
N TYR V 15 5.72 75.02 6.35
CA TYR V 15 5.16 75.56 7.58
C TYR V 15 6.26 75.81 8.60
N ALA V 16 6.01 76.76 9.49
CA ALA V 16 6.78 76.93 10.71
C ALA V 16 5.91 76.45 11.86
N ALA V 17 6.39 75.43 12.57
CA ALA V 17 5.55 74.73 13.53
C ALA V 17 5.29 75.57 14.78
N SER V 18 4.08 75.43 15.32
CA SER V 18 3.80 75.93 16.64
C SER V 18 4.42 75.01 17.69
N ALA V 19 4.34 75.43 18.95
CA ALA V 19 4.87 74.60 20.02
C ALA V 19 4.04 73.34 20.16
N GLY V 20 4.68 72.18 19.94
CA GLY V 20 4.00 70.92 20.09
C GLY V 20 3.02 70.56 19.00
N GLN V 21 3.13 71.18 17.82
CA GLN V 21 2.21 70.87 16.74
C GLN V 21 2.53 69.51 16.13
N THR V 22 1.48 68.77 15.78
CA THR V 22 1.63 67.48 15.12
C THR V 22 0.94 67.37 13.77
N GLN V 23 -0.12 68.14 13.53
CA GLN V 23 -0.92 67.99 12.31
C GLN V 23 -0.63 69.13 11.35
N PHE V 24 -0.34 68.78 10.10
CA PHE V 24 -0.05 69.75 9.05
C PHE V 24 -0.89 69.39 7.83
N THR V 25 -1.48 70.40 7.20
CA THR V 25 -2.40 70.17 6.10
C THR V 25 -1.66 70.05 4.77
N ILE V 26 -2.12 69.15 3.92
CA ILE V 26 -1.61 69.02 2.56
C ILE V 26 -2.62 69.67 1.62
N PRO V 27 -2.35 70.88 1.14
CA PRO V 27 -3.34 71.58 0.31
C PRO V 27 -3.46 71.08 -1.12
N PHE V 28 -2.52 70.28 -1.59
CA PHE V 28 -2.54 69.83 -2.97
C PHE V 28 -2.96 68.37 -3.06
N PRO V 29 -3.55 67.95 -4.18
CA PRO V 29 -3.97 66.54 -4.32
C PRO V 29 -2.79 65.61 -4.53
N PHE V 30 -2.90 64.41 -3.96
CA PHE V 30 -1.95 63.34 -4.21
C PHE V 30 -2.72 62.03 -4.27
N PHE V 31 -2.11 61.03 -4.92
CA PHE V 31 -2.78 59.76 -5.17
C PHE V 31 -2.22 58.59 -4.37
N ASP V 32 -0.94 58.60 -4.01
CA ASP V 32 -0.35 57.54 -3.22
C ASP V 32 0.47 58.14 -2.09
N ASN V 33 0.46 57.46 -0.94
CA ASN V 33 1.17 57.97 0.23
C ASN V 33 2.68 58.02 -0.02
N GLU V 34 3.22 57.08 -0.78
CA GLU V 34 4.66 57.04 -1.02
C GLU V 34 5.15 58.18 -1.90
N TYR V 35 4.24 58.91 -2.55
CA TYR V 35 4.62 59.97 -3.47
C TYR V 35 4.48 61.35 -2.84
N VAL V 36 4.58 61.44 -1.52
CA VAL V 36 4.60 62.70 -0.80
C VAL V 36 5.83 62.72 0.09
N LEU V 37 6.71 63.68 -0.13
CA LEU V 37 7.95 63.81 0.62
C LEU V 37 7.77 64.82 1.74
N VAL V 38 8.30 64.48 2.92
CA VAL V 38 8.23 65.35 4.10
C VAL V 38 9.64 65.57 4.63
N TRP V 39 9.97 66.82 4.89
CA TRP V 39 11.22 67.19 5.54
C TRP V 39 10.91 67.95 6.83
N GLN V 40 11.77 67.78 7.82
CA GLN V 40 11.72 68.55 9.05
C GLN V 40 13.12 69.10 9.30
N ASN V 41 13.28 70.42 9.18
CA ASN V 41 14.57 71.08 9.32
C ASN V 41 15.61 70.49 8.37
N GLY V 42 15.17 70.18 7.15
CA GLY V 42 16.06 69.68 6.13
C GLY V 42 16.38 68.20 6.17
N VAL V 43 15.71 67.44 7.04
CA VAL V 43 15.94 66.00 7.16
C VAL V 43 14.65 65.29 6.76
N GLN V 44 14.74 64.41 5.76
CA GLN V 44 13.57 63.71 5.27
C GLN V 44 13.11 62.69 6.30
N LEU V 45 11.80 62.63 6.51
CA LEU V 45 11.19 61.71 7.46
C LEU V 45 10.69 60.46 6.74
N VAL V 46 10.26 59.49 7.55
CA VAL V 46 9.79 58.21 7.07
C VAL V 46 8.40 57.95 7.62
N MET V 47 7.54 57.33 6.82
CA MET V 47 6.22 56.96 7.31
C MET V 47 6.33 55.86 8.36
N GLY V 48 5.51 55.95 9.39
CA GLY V 48 5.48 54.90 10.40
C GLY V 48 4.94 55.40 11.72
N GLY V 49 5.06 54.56 12.72
CA GLY V 49 4.57 54.85 14.06
C GLY V 49 5.65 55.00 15.10
N ALA V 50 6.91 54.81 14.70
CA ALA V 50 8.03 55.03 15.60
C ALA V 50 8.22 56.52 15.85
N PRO V 51 8.86 56.87 16.96
CA PRO V 51 9.16 58.29 17.20
C PRO V 51 10.07 58.84 16.12
N GLY V 52 9.82 60.09 15.73
CA GLY V 52 10.52 60.70 14.62
C GLY V 52 9.95 60.42 13.25
N GLN V 53 8.83 59.72 13.16
CA GLN V 53 8.19 59.37 11.92
C GLN V 53 6.84 60.08 11.82
N TYR V 54 6.08 59.77 10.77
CA TYR V 54 4.81 60.45 10.55
C TYR V 54 3.80 59.51 9.91
N GLY V 55 2.53 59.83 10.10
CA GLY V 55 1.46 59.19 9.38
C GLY V 55 0.85 60.15 8.38
N ILE V 56 0.23 59.63 7.33
CA ILE V 56 -0.33 60.46 6.26
C ILE V 56 -1.70 59.91 5.88
N SER V 57 -2.62 60.82 5.59
CA SER V 57 -3.95 60.46 5.11
C SER V 57 -4.38 61.45 4.05
N GLY V 58 -5.36 61.04 3.25
CA GLY V 58 -5.93 61.89 2.24
C GLY V 58 -5.65 61.53 0.80
N ALA V 59 -5.11 60.34 0.53
CA ALA V 59 -4.81 59.95 -0.83
C ALA V 59 -6.08 59.83 -1.66
N GLY V 60 -6.04 60.35 -2.89
CA GLY V 60 -7.17 60.31 -3.77
C GLY V 60 -8.19 61.41 -3.57
N SER V 61 -8.00 62.25 -2.64
CA SER V 61 -8.89 63.34 -2.29
C SER V 61 -8.50 64.61 -3.05
N PRO V 62 -9.45 65.50 -3.33
CA PRO V 62 -9.09 66.75 -4.03
C PRO V 62 -8.07 67.58 -3.27
N SER V 63 -8.16 67.61 -1.95
CA SER V 63 -7.26 68.41 -1.11
C SER V 63 -7.54 68.00 0.34
N GLY V 64 -6.90 68.69 1.27
CA GLY V 64 -7.17 68.47 2.68
C GLY V 64 -6.54 67.22 3.25
N GLY V 65 -5.46 66.73 2.65
CA GLY V 65 -4.70 65.68 3.27
C GLY V 65 -4.07 66.15 4.57
N LEU V 66 -3.51 65.21 5.31
CA LEU V 66 -3.00 65.52 6.64
C LEU V 66 -1.72 64.74 6.91
N ILE V 67 -0.73 65.44 7.47
CA ILE V 67 0.50 64.84 7.96
C ILE V 67 0.48 64.93 9.48
N THR V 68 0.62 63.78 10.15
CA THR V 68 0.62 63.74 11.60
C THR V 68 1.97 63.23 12.08
N LEU V 69 2.75 64.12 12.69
CA LEU V 69 4.03 63.72 13.26
C LEU V 69 3.81 62.87 14.49
N VAL V 70 4.63 61.82 14.64
CA VAL V 70 4.59 61.03 15.86
C VAL V 70 5.14 61.84 17.03
N THR V 71 6.29 62.48 16.85
CA THR V 71 6.86 63.34 17.88
C THR V 71 6.41 64.77 17.66
N PRO V 72 5.78 65.42 18.64
CA PRO V 72 5.35 66.81 18.44
C PRO V 72 6.53 67.71 18.10
N ALA V 73 6.28 68.62 17.17
CA ALA V 73 7.35 69.48 16.68
C ALA V 73 7.68 70.56 17.71
N ALA V 74 8.93 71.02 17.66
CA ALA V 74 9.33 72.16 18.47
C ALA V 74 8.93 73.45 17.78
N LEU V 75 8.90 74.52 18.57
CA LEU V 75 8.55 75.83 18.01
C LEU V 75 9.52 76.21 16.90
N ASN V 76 8.96 76.70 15.79
CA ASN V 76 9.70 77.18 14.63
C ASN V 76 10.45 76.07 13.90
N ASP V 77 10.03 74.81 14.05
CA ASP V 77 10.54 73.76 13.17
C ASP V 77 9.94 73.94 11.78
N ILE V 78 10.79 73.81 10.76
CA ILE V 78 10.35 73.98 9.38
C ILE V 78 9.91 72.64 8.84
N ILE V 79 8.63 72.53 8.48
CA ILE V 79 8.06 71.33 7.89
C ILE V 79 7.79 71.61 6.42
N THR V 80 8.39 70.81 5.54
CA THR V 80 8.22 70.95 4.10
C THR V 80 7.55 69.71 3.54
N ILE V 81 6.49 69.90 2.76
CA ILE V 81 5.74 68.82 2.16
C ILE V 81 5.69 69.04 0.66
N GLN V 82 6.12 68.04 -0.11
CA GLN V 82 6.23 68.18 -1.55
C GLN V 82 5.75 66.92 -2.24
N GLY V 83 5.01 67.09 -3.34
CA GLY V 83 4.57 65.95 -4.12
C GLY V 83 5.64 65.50 -5.09
N ASP V 84 5.88 64.19 -5.14
CA ASP V 84 6.91 63.61 -6.02
C ASP V 84 6.39 62.27 -6.54
N MET V 85 5.69 62.32 -7.68
CA MET V 85 5.13 61.14 -8.30
C MET V 85 5.90 60.82 -9.58
N PRO V 86 6.40 59.60 -9.74
CA PRO V 86 7.18 59.29 -10.94
C PRO V 86 6.34 59.42 -12.21
N ILE V 87 6.97 59.92 -13.26
CA ILE V 87 6.31 60.02 -14.55
C ILE V 87 6.21 58.63 -15.15
N ASP V 88 4.99 58.16 -15.35
CA ASP V 88 4.78 56.79 -15.83
C ASP V 88 3.39 56.72 -16.43
N ARG V 89 3.16 55.65 -17.17
CA ARG V 89 1.87 55.34 -17.75
C ARG V 89 1.04 54.59 -16.72
N THR V 90 -0.12 55.14 -16.36
CA THR V 90 -0.96 54.56 -15.32
C THR V 90 -2.17 53.83 -15.89
N SER V 91 -2.15 53.50 -17.16
CA SER V 91 -3.28 52.82 -17.79
C SER V 91 -2.75 51.89 -18.88
N ILE V 92 -3.62 50.98 -19.31
CA ILE V 92 -3.33 50.12 -20.45
C ILE V 92 -4.65 49.82 -21.15
N TYR V 93 -4.69 50.01 -22.47
CA TYR V 93 -5.89 49.80 -23.25
C TYR V 93 -5.68 48.69 -24.25
N SER V 94 -6.68 47.83 -24.37
CA SER V 94 -6.60 46.71 -25.30
C SER V 94 -6.78 47.18 -26.74
N ALA V 95 -6.06 46.53 -27.65
CA ALA V 95 -6.29 46.76 -29.07
C ALA V 95 -7.58 46.10 -29.55
N THR V 96 -7.95 44.97 -28.96
CA THR V 96 -9.22 44.33 -29.25
C THR V 96 -10.37 45.17 -28.69
N ILE V 97 -11.55 45.00 -29.29
CA ILE V 97 -12.72 45.75 -28.85
C ILE V 97 -13.02 45.41 -27.40
N SER V 98 -13.04 46.44 -26.55
CA SER V 98 -13.14 46.26 -25.11
C SER V 98 -14.06 47.35 -24.56
N ASN V 99 -14.02 47.54 -23.25
CA ASN V 99 -14.85 48.53 -22.58
C ASN V 99 -14.03 49.78 -22.25
N LEU V 100 -14.74 50.90 -22.11
CA LEU V 100 -14.13 52.16 -21.69
C LEU V 100 -15.09 52.89 -20.76
N THR V 101 -14.54 53.49 -19.71
CA THR V 101 -15.32 54.29 -18.79
C THR V 101 -14.67 55.66 -18.65
N GLY V 102 -15.48 56.64 -18.23
CA GLY V 102 -14.93 57.95 -17.92
C GLY V 102 -14.01 57.95 -16.72
N SER V 103 -14.15 56.96 -15.83
CA SER V 103 -13.23 56.84 -14.72
C SER V 103 -11.82 56.54 -15.22
N ASP V 104 -11.69 55.73 -16.28
CA ASP V 104 -10.39 55.46 -16.85
C ASP V 104 -9.75 56.73 -17.40
N LEU V 105 -10.51 57.51 -18.17
CA LEU V 105 -9.97 58.73 -18.76
C LEU V 105 -9.62 59.75 -17.68
N ASN V 106 -10.49 59.91 -16.69
CA ASN V 106 -10.22 60.88 -15.63
C ASN V 106 -8.96 60.52 -14.86
N GLY V 107 -8.76 59.23 -14.59
CA GLY V 107 -7.55 58.83 -13.87
C GLY V 107 -6.28 59.13 -14.63
N ASP V 108 -6.32 58.95 -15.95
CA ASP V 108 -5.13 59.23 -16.76
C ASP V 108 -4.84 60.72 -16.82
N PHE V 109 -5.85 61.54 -17.12
CA PHE V 109 -5.61 62.96 -17.30
C PHE V 109 -5.31 63.66 -15.97
N ASN V 110 -5.97 63.25 -14.89
CA ASN V 110 -5.71 63.86 -13.59
C ASN V 110 -4.28 63.59 -13.14
N ARG V 111 -3.81 62.35 -13.32
CA ARG V 111 -2.45 62.03 -12.88
C ARG V 111 -1.42 62.72 -13.75
N GLU V 112 -1.69 62.88 -15.04
CA GLU V 112 -0.76 63.60 -15.90
C GLU V 112 -0.75 65.10 -15.61
N VAL V 113 -1.88 65.65 -15.17
CA VAL V 113 -1.91 67.06 -14.78
C VAL V 113 -1.11 67.28 -13.51
N VAL V 114 -1.24 66.37 -12.55
CA VAL V 114 -0.49 66.50 -11.30
C VAL V 114 1.01 66.37 -11.56
N MET V 115 1.40 65.44 -12.43
CA MET V 115 2.81 65.32 -12.79
C MET V 115 3.36 66.61 -13.38
N MET V 116 2.59 67.24 -14.27
CA MET V 116 3.03 68.51 -14.85
C MET V 116 3.11 69.59 -13.80
N LYS V 117 2.15 69.62 -12.87
CA LYS V 117 2.19 70.63 -11.82
C LYS V 117 3.40 70.47 -10.91
N GLN V 118 3.84 69.24 -10.66
CA GLN V 118 5.03 69.03 -9.86
C GLN V 118 6.27 69.57 -10.56
N ILE V 119 6.37 69.36 -11.87
CA ILE V 119 7.47 69.93 -12.65
C ILE V 119 7.40 71.44 -12.61
N GLN V 120 6.21 72.02 -12.80
CA GLN V 120 6.09 73.47 -12.84
C GLN V 120 6.24 74.10 -11.46
N THR V 121 5.91 73.37 -10.41
CA THR V 121 6.13 73.88 -9.05
C THR V 121 7.61 74.07 -8.76
N THR V 122 8.43 73.09 -9.15
CA THR V 122 9.87 73.23 -9.00
C THR V 122 10.41 74.38 -9.82
N GLN V 123 9.91 74.53 -11.05
CA GLN V 123 10.34 75.60 -11.93
C GLN V 123 9.98 76.97 -11.40
N ALA V 124 8.81 77.12 -10.77
CA ALA V 124 8.35 78.43 -10.31
C ALA V 124 8.88 78.81 -8.94
N LEU V 125 9.07 77.85 -8.04
CA LEU V 125 9.45 78.17 -6.67
C LEU V 125 10.90 77.86 -6.33
N LEU V 126 11.55 76.96 -7.05
CA LEU V 126 12.88 76.50 -6.64
C LEU V 126 13.97 76.77 -7.68
N GLN V 127 13.64 77.29 -8.85
CA GLN V 127 14.62 77.44 -9.91
C GLN V 127 14.80 78.91 -10.29
N LEU V 128 15.95 79.20 -10.88
CA LEU V 128 16.26 80.53 -11.36
C LEU V 128 15.83 80.70 -12.81
N GLN V 129 15.45 81.91 -13.17
CA GLN V 129 15.14 82.24 -14.56
C GLN V 129 15.34 83.73 -14.77
N TYR V 130 15.60 84.09 -16.02
CA TYR V 130 15.55 85.49 -16.42
C TYR V 130 14.12 85.99 -16.37
N ALA V 131 13.96 87.28 -16.11
CA ALA V 131 12.63 87.86 -16.15
C ALA V 131 12.05 87.69 -17.55
N PRO V 132 10.75 87.40 -17.66
CA PRO V 132 10.19 87.07 -18.99
C PRO V 132 10.35 88.19 -20.00
N TRP V 133 10.43 89.44 -19.56
CA TRP V 133 10.49 90.58 -20.46
C TRP V 133 11.91 90.92 -20.89
N LEU V 134 12.92 90.25 -20.35
CA LEU V 134 14.29 90.56 -20.72
C LEU V 134 14.56 90.18 -22.17
N GLU V 135 15.53 90.86 -22.78
CA GLU V 135 15.85 90.66 -24.19
C GLU V 135 16.89 89.54 -24.34
N VAL V 136 16.44 88.33 -24.08
CA VAL V 136 17.24 87.15 -24.33
C VAL V 136 17.04 86.73 -25.78
N SER V 137 18.05 86.06 -26.34
CA SER V 137 17.93 85.59 -27.71
C SER V 137 16.78 84.61 -27.83
N GLN V 138 15.93 84.80 -28.83
CA GLN V 138 14.79 83.94 -29.04
C GLN V 138 15.12 82.70 -29.84
N ASP V 139 16.36 82.56 -30.29
CA ASP V 139 16.83 81.34 -30.93
C ASP V 139 17.56 80.52 -29.88
N PRO V 140 17.06 79.34 -29.49
CA PRO V 140 17.74 78.57 -28.44
C PRO V 140 19.13 78.11 -28.83
N ASP V 141 19.46 78.08 -30.11
CA ASP V 141 20.81 77.72 -30.53
C ASP V 141 21.85 78.75 -30.14
N VAL V 142 21.43 79.96 -29.77
CA VAL V 142 22.34 80.97 -29.22
C VAL V 142 22.38 80.72 -27.72
N THR V 143 23.47 80.12 -27.25
CA THR V 143 23.57 79.66 -25.88
C THR V 143 24.40 80.58 -25.00
N LYS V 144 24.63 81.82 -25.44
CA LYS V 144 25.50 82.73 -24.71
C LYS V 144 25.03 82.95 -23.27
N ASP V 145 23.74 83.17 -23.09
CA ASP V 145 23.20 83.50 -21.77
C ASP V 145 22.71 82.29 -20.99
N ARG V 146 22.66 81.11 -21.59
CA ARG V 146 21.94 80.01 -20.98
C ARG V 146 22.77 78.77 -20.67
N TYR V 147 23.88 78.54 -21.36
CA TYR V 147 24.70 77.36 -21.11
C TYR V 147 25.77 77.67 -20.09
N LEU V 148 25.84 76.88 -19.05
CA LEU V 148 26.79 77.01 -17.96
C LEU V 148 27.91 75.99 -18.08
N PRO V 149 29.11 76.35 -17.66
CA PRO V 149 30.18 75.35 -17.51
C PRO V 149 30.17 74.74 -16.12
N LEU V 150 30.81 73.58 -16.02
CA LEU V 150 31.04 72.98 -14.71
C LEU V 150 32.04 73.82 -13.92
N LEU V 151 31.81 73.92 -12.62
CA LEU V 151 32.63 74.74 -11.74
C LEU V 151 33.68 73.88 -11.05
N GLY V 152 34.93 74.31 -11.11
CA GLY V 152 35.98 73.73 -10.31
C GLY V 152 36.00 74.32 -8.93
N SER V 153 36.95 73.84 -8.13
CA SER V 153 37.07 74.32 -6.75
C SER V 153 37.34 75.82 -6.72
N GLY V 154 36.54 76.53 -5.93
CA GLY V 154 36.73 77.95 -5.76
C GLY V 154 36.33 78.81 -6.94
N GLN V 155 35.50 78.31 -7.83
CA GLN V 155 35.17 79.04 -9.05
C GLN V 155 33.72 79.49 -9.04
N VAL V 156 33.46 80.55 -9.80
CA VAL V 156 32.13 81.14 -9.95
C VAL V 156 31.81 81.22 -11.43
N TRP V 157 30.55 81.50 -11.74
CA TRP V 157 30.12 81.71 -13.11
C TRP V 157 30.30 83.18 -13.46
N ARG V 158 31.06 83.46 -14.52
CA ARG V 158 31.36 84.82 -14.93
C ARG V 158 31.32 84.90 -16.44
N MET V 159 30.54 85.85 -16.96
CA MET V 159 30.55 86.12 -18.39
C MET V 159 31.93 86.60 -18.81
N ASN V 160 32.46 86.04 -19.90
CA ASN V 160 33.81 86.38 -20.29
C ASN V 160 33.87 87.81 -20.84
N ASP V 161 35.10 88.30 -21.00
CA ASP V 161 35.30 89.69 -21.40
C ASP V 161 34.82 89.99 -22.80
N SER V 162 34.70 88.97 -23.65
CA SER V 162 34.16 89.17 -24.99
C SER V 162 32.64 89.18 -25.02
N GLY V 163 31.98 88.81 -23.93
CA GLY V 163 30.54 88.72 -23.91
C GLY V 163 29.99 87.65 -24.82
N THR V 164 30.68 86.50 -24.90
CA THR V 164 30.26 85.41 -25.78
C THR V 164 29.81 84.17 -25.04
N GLY V 165 30.11 84.05 -23.75
CA GLY V 165 29.66 82.89 -23.01
C GLY V 165 30.10 82.98 -21.56
N ILE V 166 29.47 82.17 -20.73
CA ILE V 166 29.74 82.11 -19.30
C ILE V 166 30.84 81.07 -19.07
N GLU V 167 31.88 81.47 -18.34
CA GLU V 167 33.01 80.58 -18.09
C GLU V 167 33.27 80.52 -16.59
N ALA V 168 33.91 79.43 -16.16
CA ALA V 168 34.26 79.28 -14.77
C ALA V 168 35.45 80.17 -14.44
N TYR V 169 35.35 80.92 -13.36
CA TYR V 169 36.34 81.94 -13.00
C TYR V 169 36.79 81.71 -11.57
N THR V 170 38.09 81.55 -11.38
CA THR V 170 38.65 81.38 -10.04
C THR V 170 38.75 82.75 -9.36
N ILE V 171 38.32 82.80 -8.11
CA ILE V 171 38.32 84.03 -7.33
C ILE V 171 39.40 83.92 -6.26
N ASP V 172 40.31 84.90 -6.25
CA ASP V 172 41.42 84.91 -5.32
C ASP V 172 41.05 85.70 -4.07
N GLU V 173 42.04 85.98 -3.23
CA GLU V 173 41.84 86.74 -2.00
C GLU V 173 41.50 88.21 -2.31
N SER W 2 -3.69 44.55 25.50
CA SER W 2 -4.16 45.93 25.41
C SER W 2 -4.35 46.53 26.80
N ASN W 3 -4.72 45.70 27.78
CA ASN W 3 -4.75 46.15 29.15
C ASN W 3 -3.33 46.37 29.67
N ILE W 4 -3.22 47.12 30.75
CA ILE W 4 -1.94 47.45 31.33
C ILE W 4 -1.65 46.50 32.48
N LYS W 5 -0.37 46.39 32.86
CA LYS W 5 0.06 45.45 33.88
C LYS W 5 -0.25 46.01 35.26
N ILE W 6 -1.24 45.43 35.94
CA ILE W 6 -1.66 45.87 37.26
C ILE W 6 -1.58 44.73 38.27
N ASN W 7 -2.09 43.55 37.90
CA ASN W 7 -2.25 42.46 38.84
C ASN W 7 -0.92 42.03 39.44
N ASP W 8 -0.81 42.12 40.77
CA ASP W 8 0.40 41.76 41.50
C ASP W 8 1.63 42.54 41.03
N VAL W 9 1.42 43.77 40.58
CA VAL W 9 2.52 44.64 40.15
C VAL W 9 2.42 45.89 41.02
N PHE W 10 3.26 45.96 42.05
CA PHE W 10 3.26 47.12 42.93
C PHE W 10 3.76 48.35 42.19
N GLN W 11 3.28 49.52 42.63
CA GLN W 11 3.68 50.79 42.06
C GLN W 11 4.93 51.36 42.72
N ARG W 12 5.80 50.49 43.25
CA ARG W 12 7.06 50.92 43.85
C ARG W 12 8.09 49.83 43.59
N ILE W 13 9.34 50.25 43.39
CA ILE W 13 10.45 49.32 43.21
C ILE W 13 11.70 49.96 43.80
N GLN W 14 12.60 49.13 44.31
CA GLN W 14 13.85 49.60 44.86
C GLN W 14 14.98 48.71 44.38
N TYR W 15 16.12 49.32 44.06
CA TYR W 15 17.25 48.64 43.45
C TYR W 15 18.54 48.92 44.22
N ALA W 16 19.44 47.96 44.17
CA ALA W 16 20.82 48.12 44.63
C ALA W 16 21.70 48.19 43.39
N ALA W 17 22.21 49.38 43.09
CA ALA W 17 22.93 49.60 41.85
C ALA W 17 24.27 48.89 41.84
N SER W 18 24.70 48.46 40.67
CA SER W 18 26.06 48.01 40.45
C SER W 18 26.91 49.18 39.99
N ALA W 19 28.22 49.03 40.15
CA ALA W 19 29.14 50.13 39.85
C ALA W 19 29.07 50.50 38.38
N GLY W 20 28.77 51.76 38.10
CA GLY W 20 28.70 52.27 36.75
C GLY W 20 27.36 52.13 36.05
N GLN W 21 26.33 51.65 36.73
CA GLN W 21 25.02 51.45 36.12
C GLN W 21 24.29 52.78 35.94
N THR W 22 23.58 52.91 34.81
CA THR W 22 22.75 54.07 34.56
C THR W 22 21.29 53.76 34.25
N GLN W 23 20.98 52.55 33.82
CA GLN W 23 19.63 52.22 33.36
C GLN W 23 18.90 51.42 34.44
N PHE W 24 17.74 51.92 34.87
CA PHE W 24 16.93 51.29 35.89
C PHE W 24 15.50 51.17 35.40
N THR W 25 14.98 49.95 35.36
CA THR W 25 13.64 49.70 34.83
C THR W 25 12.57 50.28 35.74
N ILE W 26 11.57 50.91 35.13
CA ILE W 26 10.31 51.22 35.80
C ILE W 26 9.36 50.06 35.51
N PRO W 27 9.12 49.16 36.46
CA PRO W 27 8.35 47.95 36.19
C PRO W 27 6.84 48.10 36.26
N PHE W 28 6.32 49.31 36.38
CA PHE W 28 4.88 49.49 36.47
C PHE W 28 4.44 50.59 35.52
N PRO W 29 3.23 50.51 34.99
CA PRO W 29 2.77 51.53 34.04
C PRO W 29 2.58 52.88 34.72
N PHE W 30 2.77 53.93 33.92
CA PHE W 30 2.51 55.29 34.36
C PHE W 30 2.08 56.11 33.16
N PHE W 31 1.40 57.22 33.42
CA PHE W 31 0.82 58.02 32.35
C PHE W 31 1.58 59.29 32.03
N ASP W 32 2.37 59.82 32.96
CA ASP W 32 3.06 61.08 32.74
C ASP W 32 4.39 61.04 33.48
N ASN W 33 5.41 61.68 32.89
CA ASN W 33 6.74 61.66 33.49
C ASN W 33 6.75 62.27 34.88
N GLU W 34 5.96 63.34 35.08
CA GLU W 34 5.94 64.03 36.35
C GLU W 34 5.37 63.19 37.48
N TYR W 35 4.65 62.12 37.16
CA TYR W 35 4.01 61.29 38.17
C TYR W 35 4.87 60.10 38.60
N VAL W 36 6.18 60.19 38.40
CA VAL W 36 7.13 59.18 38.84
C VAL W 36 8.17 59.86 39.73
N LEU W 37 8.38 59.32 40.92
CA LEU W 37 9.31 59.87 41.90
C LEU W 37 10.53 58.97 42.00
N VAL W 38 11.71 59.56 41.96
CA VAL W 38 12.97 58.83 42.01
C VAL W 38 13.81 59.37 43.16
N TRP W 39 14.33 58.48 43.99
CA TRP W 39 15.27 58.80 45.05
C TRP W 39 16.56 58.03 44.84
N GLN W 40 17.68 58.64 45.24
CA GLN W 40 18.96 57.96 45.26
C GLN W 40 19.60 58.19 46.62
N ASN W 41 19.72 57.12 47.40
CA ASN W 41 20.20 57.18 48.79
C ASN W 41 19.39 58.15 49.62
N GLY W 42 18.07 58.12 49.45
CA GLY W 42 17.19 58.95 50.24
C GLY W 42 17.08 60.39 49.81
N VAL W 43 17.69 60.77 48.70
CA VAL W 43 17.64 62.14 48.18
C VAL W 43 16.88 62.10 46.86
N GLN W 44 15.83 62.92 46.76
CA GLN W 44 14.99 62.93 45.58
C GLN W 44 15.70 63.59 44.42
N LEU W 45 15.69 62.94 43.27
CA LEU W 45 16.36 63.43 42.07
C LEU W 45 15.41 64.29 41.25
N VAL W 46 15.99 65.05 40.32
CA VAL W 46 15.26 65.94 39.44
C VAL W 46 15.45 65.46 38.01
N MET W 47 14.37 65.45 37.25
CA MET W 47 14.46 65.10 35.84
C MET W 47 15.20 66.19 35.08
N GLY W 48 16.18 65.79 34.27
CA GLY W 48 16.95 66.75 33.51
C GLY W 48 18.17 66.10 32.90
N GLY W 49 19.05 66.94 32.37
CA GLY W 49 20.23 66.46 31.69
C GLY W 49 21.54 66.75 32.39
N ALA W 50 21.48 67.53 33.46
CA ALA W 50 22.68 67.86 34.22
C ALA W 50 23.15 66.66 35.03
N PRO W 51 24.41 66.65 35.45
CA PRO W 51 24.87 65.57 36.34
C PRO W 51 24.06 65.53 37.62
N GLY W 52 23.79 64.32 38.09
CA GLY W 52 22.94 64.12 39.23
C GLY W 52 21.45 64.13 38.91
N GLN W 53 21.08 64.29 37.65
CA GLN W 53 19.69 64.25 37.21
C GLN W 53 19.45 62.97 36.41
N TYR W 54 18.22 62.80 35.94
CA TYR W 54 17.86 61.58 35.24
C TYR W 54 16.96 61.87 34.07
N GLY W 55 16.97 60.97 33.09
CA GLY W 55 16.02 60.98 32.00
C GLY W 55 15.00 59.87 32.20
N ILE W 56 13.83 60.01 31.60
CA ILE W 56 12.74 59.05 31.79
C ILE W 56 12.03 58.83 30.47
N SER W 57 11.64 57.59 30.22
CA SER W 57 10.89 57.25 29.01
C SER W 57 9.88 56.16 29.34
N GLY W 58 8.88 56.02 28.49
CA GLY W 58 7.88 54.98 28.63
C GLY W 58 6.52 55.42 29.13
N ALA W 59 6.26 56.72 29.23
CA ALA W 59 4.94 57.17 29.65
C ALA W 59 3.89 56.73 28.65
N GLY W 60 2.77 56.20 29.16
CA GLY W 60 1.74 55.65 28.31
C GLY W 60 1.96 54.22 27.89
N SER W 61 3.10 53.64 28.20
CA SER W 61 3.34 52.24 27.86
C SER W 61 2.54 51.34 28.79
N PRO W 62 2.00 50.22 28.28
CA PRO W 62 1.21 49.33 29.14
C PRO W 62 2.03 48.60 30.18
N SER W 63 3.35 48.53 30.04
CA SER W 63 4.16 47.71 30.94
C SER W 63 5.16 48.48 31.78
N GLY W 64 5.56 49.67 31.38
CA GLY W 64 6.50 50.44 32.18
C GLY W 64 7.45 51.21 31.28
N GLY W 65 8.56 51.63 31.86
CA GLY W 65 9.53 52.44 31.14
C GLY W 65 10.93 52.27 31.69
N LEU W 66 11.72 53.34 31.61
CA LEU W 66 13.12 53.27 31.96
C LEU W 66 13.59 54.59 32.54
N ILE W 67 14.42 54.52 33.57
CA ILE W 67 15.09 55.67 34.16
C ILE W 67 16.57 55.59 33.80
N THR W 68 17.10 56.66 33.23
CA THR W 68 18.51 56.71 32.82
C THR W 68 19.21 57.83 33.58
N LEU W 69 20.09 57.45 34.50
CA LEU W 69 20.85 58.44 35.25
C LEU W 69 21.90 59.12 34.37
N VAL W 70 22.08 60.42 34.57
CA VAL W 70 23.14 61.13 33.88
C VAL W 70 24.50 60.71 34.43
N THR W 71 24.62 60.61 35.74
CA THR W 71 25.87 60.22 36.38
C THR W 71 25.82 58.74 36.73
N PRO W 72 26.78 57.93 36.29
CA PRO W 72 26.76 56.51 36.63
C PRO W 72 26.80 56.31 38.14
N ALA W 73 26.05 55.32 38.61
CA ALA W 73 25.88 55.09 40.03
C ALA W 73 27.09 54.40 40.63
N ALA W 74 27.20 54.49 41.95
CA ALA W 74 28.21 53.77 42.69
C ALA W 74 27.66 52.44 43.17
N LEU W 75 28.57 51.55 43.59
CA LEU W 75 28.14 50.23 44.04
C LEU W 75 27.28 50.35 45.29
N ASN W 76 26.14 49.65 45.27
CA ASN W 76 25.20 49.59 46.38
C ASN W 76 24.54 50.93 46.67
N ASP W 77 24.47 51.81 45.68
CA ASP W 77 23.54 52.94 45.77
C ASP W 77 22.11 52.42 45.69
N ILE W 78 21.23 53.02 46.47
CA ILE W 78 19.84 52.58 46.54
C ILE W 78 18.98 53.52 45.71
N ILE W 79 18.35 52.96 44.68
CA ILE W 79 17.47 53.70 43.78
C ILE W 79 16.04 53.27 44.07
N THR W 80 15.19 54.23 44.41
CA THR W 80 13.78 53.97 44.69
C THR W 80 12.92 54.70 43.67
N ILE W 81 11.96 53.98 43.09
CA ILE W 81 11.05 54.53 42.10
C ILE W 81 9.63 54.26 42.56
N GLN W 82 8.83 55.31 42.63
CA GLN W 82 7.46 55.20 43.13
C GLN W 82 6.52 55.98 42.23
N GLY W 83 5.35 55.39 41.95
CA GLY W 83 4.33 56.08 41.18
C GLY W 83 3.47 56.94 42.08
N ASP W 84 3.32 58.21 41.72
CA ASP W 84 2.55 59.18 42.53
C ASP W 84 1.76 60.07 41.57
N MET W 85 0.56 59.63 41.24
CA MET W 85 -0.35 60.32 40.34
C MET W 85 -1.42 61.06 41.12
N PRO W 86 -1.80 62.27 40.69
CA PRO W 86 -2.90 62.97 41.36
C PRO W 86 -4.19 62.18 41.27
N ILE W 87 -4.98 62.23 42.33
CA ILE W 87 -6.27 61.54 42.38
C ILE W 87 -7.32 62.60 42.08
N ASP W 88 -7.69 62.70 40.81
CA ASP W 88 -8.63 63.70 40.35
C ASP W 88 -9.22 63.22 39.02
N ARG W 89 -10.12 64.02 38.47
CA ARG W 89 -10.72 63.71 37.17
C ARG W 89 -11.15 65.02 36.53
N THR W 90 -10.34 65.51 35.60
CA THR W 90 -10.61 66.78 34.93
C THR W 90 -11.10 66.62 33.50
N SER W 91 -10.98 65.43 32.92
CA SER W 91 -11.52 65.14 31.59
C SER W 91 -12.82 64.37 31.77
N ILE W 92 -13.95 65.01 31.44
CA ILE W 92 -15.26 64.45 31.69
C ILE W 92 -16.05 64.41 30.39
N TYR W 93 -17.16 63.68 30.42
CA TYR W 93 -18.01 63.53 29.26
C TYR W 93 -19.00 64.69 29.17
N SER W 94 -19.30 65.09 27.95
CA SER W 94 -20.28 66.14 27.71
C SER W 94 -21.69 65.62 27.94
N ALA W 95 -22.58 66.52 28.34
CA ALA W 95 -23.97 66.14 28.53
C ALA W 95 -24.72 65.99 27.22
N THR W 96 -24.22 66.57 26.12
CA THR W 96 -24.95 66.58 24.86
C THR W 96 -24.18 65.98 23.69
N ILE W 97 -22.89 66.27 23.56
CA ILE W 97 -22.16 65.92 22.34
C ILE W 97 -20.96 65.04 22.62
N SER W 98 -21.07 64.12 23.57
CA SER W 98 -20.02 63.17 23.86
C SER W 98 -20.33 61.84 23.18
N ASN W 99 -19.46 61.42 22.27
CA ASN W 99 -19.58 60.12 21.60
C ASN W 99 -18.78 59.11 22.39
N LEU W 100 -19.47 58.17 23.04
CA LEU W 100 -18.80 57.21 23.89
C LEU W 100 -18.04 56.19 23.05
N THR W 101 -16.77 55.99 23.37
CA THR W 101 -15.89 55.10 22.63
C THR W 101 -15.27 54.10 23.60
N GLY W 102 -14.88 52.94 23.06
CA GLY W 102 -14.16 51.97 23.86
C GLY W 102 -12.85 52.50 24.40
N SER W 103 -12.18 53.37 23.63
CA SER W 103 -10.96 54.00 24.12
C SER W 103 -11.26 54.91 25.32
N ASP W 104 -12.39 55.60 25.29
CA ASP W 104 -12.77 56.45 26.43
C ASP W 104 -12.95 55.63 27.69
N LEU W 105 -13.72 54.53 27.59
CA LEU W 105 -13.96 53.70 28.76
C LEU W 105 -12.68 53.08 29.27
N ASN W 106 -11.84 52.56 28.37
CA ASN W 106 -10.58 51.97 28.78
C ASN W 106 -9.69 52.99 29.47
N GLY W 107 -9.64 54.22 28.94
CA GLY W 107 -8.83 55.24 29.56
C GLY W 107 -9.27 55.58 30.96
N ASP W 108 -10.59 55.71 31.16
CA ASP W 108 -11.10 56.11 32.47
C ASP W 108 -10.88 55.01 33.51
N PHE W 109 -11.15 53.75 33.15
CA PHE W 109 -10.95 52.67 34.10
C PHE W 109 -9.46 52.47 34.40
N ASN W 110 -8.61 52.66 33.40
CA ASN W 110 -7.17 52.43 33.60
C ASN W 110 -6.60 53.40 34.62
N ARG W 111 -6.95 54.69 34.54
CA ARG W 111 -6.36 55.63 35.48
C ARG W 111 -6.92 55.45 36.89
N GLU W 112 -8.16 55.00 37.02
CA GLU W 112 -8.69 54.74 38.35
C GLU W 112 -8.09 53.49 38.97
N VAL W 113 -7.80 52.48 38.14
CA VAL W 113 -7.15 51.28 38.65
C VAL W 113 -5.72 51.59 39.10
N VAL W 114 -5.01 52.43 38.36
CA VAL W 114 -3.66 52.80 38.76
C VAL W 114 -3.68 53.61 40.05
N MET W 115 -4.62 54.56 40.17
CA MET W 115 -4.76 55.30 41.42
C MET W 115 -4.98 54.36 42.59
N MET W 116 -5.88 53.39 42.42
CA MET W 116 -6.17 52.45 43.49
C MET W 116 -4.97 51.59 43.83
N LYS W 117 -4.21 51.19 42.81
CA LYS W 117 -3.02 50.38 43.05
C LYS W 117 -1.95 51.18 43.78
N GLN W 118 -1.83 52.48 43.50
CA GLN W 118 -0.87 53.30 44.22
C GLN W 118 -1.23 53.42 45.70
N ILE W 119 -2.52 53.54 46.00
CA ILE W 119 -2.97 53.60 47.38
C ILE W 119 -2.70 52.29 48.09
N GLN W 120 -2.97 51.16 47.42
CA GLN W 120 -2.75 49.87 48.04
C GLN W 120 -1.27 49.55 48.19
N THR W 121 -0.43 50.08 47.30
CA THR W 121 1.01 49.88 47.43
C THR W 121 1.54 50.53 48.71
N THR W 122 1.08 51.75 49.00
CA THR W 122 1.46 52.40 50.24
C THR W 122 0.95 51.63 51.46
N GLN W 123 -0.27 51.12 51.38
CA GLN W 123 -0.85 50.40 52.51
C GLN W 123 -0.11 49.08 52.77
N ALA W 124 0.32 48.40 51.71
CA ALA W 124 0.91 47.08 51.87
C ALA W 124 2.38 47.13 52.25
N LEU W 125 3.14 48.05 51.67
CA LEU W 125 4.59 48.04 51.85
C LEU W 125 5.10 49.08 52.83
N LEU W 126 4.38 50.17 53.06
CA LEU W 126 4.92 51.27 53.84
C LEU W 126 4.18 51.56 55.13
N GLN W 127 3.01 50.99 55.35
CA GLN W 127 2.21 51.30 56.53
C GLN W 127 2.14 50.12 57.48
N LEU W 128 1.83 50.42 58.74
CA LEU W 128 1.65 49.41 59.78
C LEU W 128 0.20 48.99 59.86
N GLN W 129 -0.02 47.78 60.38
CA GLN W 129 -1.38 47.32 60.63
C GLN W 129 -1.35 46.18 61.63
N TYR W 130 -2.48 45.97 62.29
CA TYR W 130 -2.68 44.76 63.06
C TYR W 130 -2.89 43.58 62.13
N ALA W 131 -2.52 42.39 62.59
CA ALA W 131 -2.76 41.20 61.80
C ALA W 131 -4.26 41.01 61.60
N PRO W 132 -4.69 40.55 60.43
CA PRO W 132 -6.13 40.52 60.14
C PRO W 132 -6.93 39.66 61.09
N TRP W 133 -6.31 38.70 61.77
CA TRP W 133 -7.03 37.80 62.66
C TRP W 133 -7.08 38.28 64.11
N LEU W 134 -6.40 39.37 64.45
CA LEU W 134 -6.40 39.85 65.82
C LEU W 134 -7.79 40.31 66.23
N GLU W 135 -8.07 40.18 67.53
CA GLU W 135 -9.40 40.48 68.06
C GLU W 135 -9.53 41.98 68.39
N VAL W 136 -9.46 42.78 67.34
CA VAL W 136 -9.73 44.21 67.49
C VAL W 136 -11.24 44.43 67.50
N SER W 137 -11.65 45.57 68.05
CA SER W 137 -13.07 45.91 68.06
C SER W 137 -13.58 46.07 66.64
N GLN W 138 -14.69 45.43 66.34
CA GLN W 138 -15.28 45.51 65.01
C GLN W 138 -16.12 46.76 64.82
N ASP W 139 -16.30 47.57 65.86
CA ASP W 139 -16.96 48.84 65.75
C ASP W 139 -15.91 49.93 65.57
N PRO W 140 -15.90 50.64 64.44
CA PRO W 140 -14.89 51.71 64.27
C PRO W 140 -15.01 52.84 65.26
N ASP W 141 -16.16 53.01 65.91
CA ASP W 141 -16.31 54.05 66.92
C ASP W 141 -15.49 53.78 68.17
N VAL W 142 -15.12 52.53 68.42
CA VAL W 142 -14.24 52.18 69.54
C VAL W 142 -12.81 52.42 69.07
N THR W 143 -12.21 53.51 69.53
CA THR W 143 -10.91 53.95 69.04
C THR W 143 -9.76 53.61 69.96
N LYS W 144 -9.97 52.70 70.92
CA LYS W 144 -8.96 52.41 71.92
C LYS W 144 -7.64 51.98 71.29
N ASP W 145 -7.69 51.02 70.37
CA ASP W 145 -6.48 50.49 69.75
C ASP W 145 -6.07 51.24 68.49
N ARG W 146 -6.89 52.17 68.01
CA ARG W 146 -6.69 52.77 66.69
C ARG W 146 -6.20 54.20 66.74
N TYR W 147 -6.87 55.08 67.49
CA TYR W 147 -6.52 56.49 67.49
C TYR W 147 -5.22 56.75 68.24
N LEU W 148 -4.39 57.60 67.66
CA LEU W 148 -3.11 57.98 68.25
C LEU W 148 -3.12 59.44 68.68
N PRO W 149 -2.42 59.78 69.74
CA PRO W 149 -2.21 61.19 70.09
C PRO W 149 -0.93 61.72 69.48
N LEU W 150 -0.85 63.05 69.40
CA LEU W 150 0.38 63.68 68.93
C LEU W 150 1.48 63.51 69.97
N LEU W 151 2.69 63.22 69.49
CA LEU W 151 3.82 63.00 70.38
C LEU W 151 4.54 64.33 70.62
N GLY W 152 4.66 64.70 71.88
CA GLY W 152 5.54 65.79 72.25
C GLY W 152 6.98 65.33 72.31
N SER W 153 7.87 66.28 72.58
CA SER W 153 9.29 66.00 72.61
C SER W 153 9.61 64.91 73.64
N GLY W 154 10.41 63.94 73.22
CA GLY W 154 10.83 62.85 74.09
C GLY W 154 9.71 61.96 74.58
N GLN W 155 8.74 61.68 73.72
CA GLN W 155 7.56 60.90 74.12
C GLN W 155 7.34 59.74 73.16
N VAL W 156 6.78 58.67 73.71
CA VAL W 156 6.43 57.47 72.96
C VAL W 156 4.92 57.23 73.09
N TRP W 157 4.41 56.33 72.27
CA TRP W 157 3.02 55.91 72.38
C TRP W 157 2.93 54.75 73.37
N ARG W 158 2.06 54.89 74.36
CA ARG W 158 1.92 53.89 75.41
C ARG W 158 0.47 53.76 75.80
N MET W 159 -0.06 52.54 75.75
CA MET W 159 -1.41 52.30 76.24
C MET W 159 -1.46 52.62 77.73
N ASN W 160 -2.50 53.34 78.14
CA ASN W 160 -2.54 53.82 79.52
C ASN W 160 -2.79 52.66 80.48
N ASP W 161 -2.65 52.97 81.77
CA ASP W 161 -2.76 51.94 82.81
C ASP W 161 -4.15 51.34 82.89
N SER W 162 -5.18 52.04 82.40
CA SER W 162 -6.54 51.53 82.43
C SER W 162 -6.91 50.73 81.19
N GLY W 163 -6.04 50.70 80.18
CA GLY W 163 -6.38 50.02 78.94
C GLY W 163 -7.56 50.62 78.22
N THR W 164 -7.64 51.96 78.18
CA THR W 164 -8.72 52.64 77.48
C THR W 164 -8.27 53.48 76.30
N GLY W 165 -6.99 53.80 76.19
CA GLY W 165 -6.51 54.56 75.07
C GLY W 165 -5.01 54.67 75.08
N ILE W 166 -4.46 55.04 73.93
CA ILE W 166 -3.03 55.27 73.78
C ILE W 166 -2.76 56.74 74.04
N GLU W 167 -1.77 57.03 74.86
CA GLU W 167 -1.43 58.40 75.19
C GLU W 167 0.07 58.61 75.13
N ALA W 168 0.47 59.85 74.85
CA ALA W 168 1.87 60.21 74.80
C ALA W 168 2.51 60.08 76.18
N TYR W 169 3.73 59.57 76.22
CA TYR W 169 4.36 59.17 77.46
C TYR W 169 5.83 59.57 77.43
N THR W 170 6.22 60.46 78.34
CA THR W 170 7.58 60.97 78.32
C THR W 170 8.57 59.92 78.80
N ILE W 171 9.62 59.70 78.01
CA ILE W 171 10.73 58.83 78.37
C ILE W 171 12.01 59.65 78.29
N ASP W 172 12.75 59.70 79.39
CA ASP W 172 13.98 60.47 79.42
C ASP W 172 15.11 59.72 78.72
N GLU W 173 16.04 60.49 78.18
CA GLU W 173 17.18 59.91 77.48
C GLU W 173 18.45 59.96 78.32
N SER X 2 -23.56 66.10 38.30
CA SER X 2 -22.62 65.01 38.06
C SER X 2 -21.70 65.32 36.88
N ASN X 3 -22.11 66.27 36.04
CA ASN X 3 -21.26 66.73 34.94
C ASN X 3 -20.31 67.82 35.44
N ILE X 4 -19.47 67.44 36.41
CA ILE X 4 -18.53 68.35 37.04
C ILE X 4 -17.15 67.71 37.01
N LYS X 5 -16.13 68.54 37.21
CA LYS X 5 -14.77 68.07 37.37
C LYS X 5 -14.48 67.83 38.84
N ILE X 6 -13.59 66.89 39.10
CA ILE X 6 -13.08 66.63 40.44
C ILE X 6 -11.63 67.10 40.47
N ASN X 7 -11.37 68.15 41.24
CA ASN X 7 -10.02 68.68 41.32
C ASN X 7 -9.20 67.91 42.34
N ASP X 8 -7.89 68.10 42.28
CA ASP X 8 -6.96 67.42 43.20
C ASP X 8 -6.85 68.24 44.47
N VAL X 9 -7.76 67.98 45.41
CA VAL X 9 -7.84 68.72 46.67
C VAL X 9 -8.03 67.73 47.80
N PHE X 10 -7.28 67.91 48.89
CA PHE X 10 -7.44 67.06 50.06
C PHE X 10 -8.87 67.15 50.59
N GLN X 11 -9.40 66.01 51.02
CA GLN X 11 -10.77 65.93 51.49
C GLN X 11 -10.86 66.27 52.97
N ARG X 12 -9.94 67.11 53.46
CA ARG X 12 -9.94 67.56 54.84
C ARG X 12 -9.33 68.96 54.89
N ILE X 13 -9.96 69.83 55.69
CA ILE X 13 -9.47 71.19 55.88
C ILE X 13 -9.61 71.55 57.35
N GLN X 14 -8.66 72.34 57.86
CA GLN X 14 -8.69 72.78 59.24
C GLN X 14 -8.41 74.28 59.30
N TYR X 15 -9.08 74.96 60.22
CA TYR X 15 -8.97 76.40 60.37
C TYR X 15 -8.77 76.77 61.82
N ALA X 16 -8.08 77.89 62.04
CA ALA X 16 -8.05 78.57 63.33
C ALA X 16 -8.93 79.79 63.20
N ALA X 17 -10.08 79.77 63.87
CA ALA X 17 -11.09 80.79 63.67
C ALA X 17 -10.62 82.15 64.17
N SER X 18 -11.07 83.19 63.49
CA SER X 18 -10.94 84.54 64.01
C SER X 18 -12.05 84.81 65.02
N ALA X 19 -11.96 85.95 65.69
CA ALA X 19 -12.97 86.31 66.68
C ALA X 19 -14.30 86.58 66.00
N GLY X 20 -15.31 85.78 66.33
CA GLY X 20 -16.64 85.96 65.78
C GLY X 20 -16.87 85.38 64.40
N GLN X 21 -15.89 84.67 63.85
CA GLN X 21 -16.06 84.09 62.52
C GLN X 21 -17.13 83.00 62.53
N THR X 22 -17.95 83.00 61.49
CA THR X 22 -19.01 82.00 61.34
C THR X 22 -18.93 81.20 60.06
N GLN X 23 -18.35 81.74 58.99
CA GLN X 23 -18.33 81.08 57.70
C GLN X 23 -16.95 80.48 57.44
N PHE X 24 -16.93 79.19 57.13
CA PHE X 24 -15.71 78.46 56.83
C PHE X 24 -15.88 77.73 55.50
N THR X 25 -14.90 77.89 54.62
CA THR X 25 -15.01 77.35 53.27
C THR X 25 -14.68 75.86 53.24
N ILE X 26 -15.46 75.11 52.47
CA ILE X 26 -15.14 73.73 52.13
C ILE X 26 -14.49 73.74 50.75
N PRO X 27 -13.18 73.48 50.65
CA PRO X 27 -12.51 73.56 49.35
C PRO X 27 -12.58 72.29 48.51
N PHE X 28 -13.23 71.24 48.99
CA PHE X 28 -13.28 69.99 48.25
C PHE X 28 -14.72 69.65 47.88
N PRO X 29 -14.93 68.99 46.75
CA PRO X 29 -16.31 68.64 46.35
C PRO X 29 -16.91 67.60 47.26
N PHE X 30 -18.23 67.68 47.42
CA PHE X 30 -18.98 66.70 48.18
C PHE X 30 -20.39 66.64 47.60
N PHE X 31 -20.96 65.44 47.61
CA PHE X 31 -22.21 65.19 46.90
C PHE X 31 -23.44 65.25 47.79
N ASP X 32 -23.29 65.23 49.11
CA ASP X 32 -24.42 65.21 50.00
C ASP X 32 -24.02 65.84 51.33
N ASN X 33 -24.97 66.53 51.96
CA ASN X 33 -24.67 67.22 53.21
C ASN X 33 -24.31 66.24 54.32
N GLU X 34 -24.94 65.06 54.34
CA GLU X 34 -24.69 64.09 55.39
C GLU X 34 -23.29 63.49 55.33
N TYR X 35 -22.57 63.65 54.22
CA TYR X 35 -21.26 63.04 54.04
C TYR X 35 -20.12 63.97 54.42
N VAL X 36 -20.38 64.95 55.29
CA VAL X 36 -19.36 65.88 55.76
C VAL X 36 -19.41 65.91 57.28
N LEU X 37 -18.24 65.79 57.91
CA LEU X 37 -18.13 65.82 59.36
C LEU X 37 -17.44 67.11 59.79
N VAL X 38 -17.99 67.74 60.82
CA VAL X 38 -17.48 69.01 61.34
C VAL X 38 -17.12 68.83 62.80
N TRP X 39 -15.92 69.25 63.17
CA TRP X 39 -15.46 69.26 64.55
C TRP X 39 -15.09 70.67 64.96
N GLN X 40 -15.40 71.02 66.21
CA GLN X 40 -14.97 72.28 66.80
C GLN X 40 -14.30 71.95 68.13
N ASN X 41 -12.99 72.16 68.19
CA ASN X 41 -12.18 71.84 69.37
C ASN X 41 -12.35 70.37 69.77
N GLY X 42 -12.38 69.49 68.79
CA GLY X 42 -12.45 68.06 69.05
C GLY X 42 -13.83 67.54 69.39
N VAL X 43 -14.87 68.34 69.25
CA VAL X 43 -16.24 67.92 69.53
C VAL X 43 -17.03 67.98 68.24
N GLN X 44 -17.63 66.86 67.87
CA GLN X 44 -18.36 66.79 66.60
C GLN X 44 -19.65 67.58 66.70
N LEU X 45 -19.89 68.43 65.71
CA LEU X 45 -21.07 69.28 65.69
C LEU X 45 -22.21 68.56 64.96
N VAL X 46 -23.42 69.09 65.14
CA VAL X 46 -24.62 68.56 64.52
C VAL X 46 -25.15 69.60 63.55
N MET X 47 -25.62 69.14 62.39
CA MET X 47 -26.20 70.03 61.41
C MET X 47 -27.61 70.44 61.85
N GLY X 48 -27.85 71.74 61.89
CA GLY X 48 -29.14 72.23 62.32
C GLY X 48 -29.12 73.74 62.46
N GLY X 49 -30.16 74.26 63.11
CA GLY X 49 -30.31 75.70 63.28
C GLY X 49 -30.20 76.17 64.73
N ALA X 50 -30.12 75.22 65.66
CA ALA X 50 -29.98 75.56 67.07
C ALA X 50 -28.58 76.11 67.34
N PRO X 51 -28.41 76.85 68.43
CA PRO X 51 -27.06 77.31 68.81
C PRO X 51 -26.15 76.11 69.07
N GLY X 52 -24.87 76.27 68.71
CA GLY X 52 -23.94 75.18 68.79
C GLY X 52 -24.00 74.22 67.63
N GLN X 53 -24.70 74.57 66.55
CA GLN X 53 -24.85 73.74 65.37
C GLN X 53 -24.39 74.53 64.16
N TYR X 54 -24.52 73.92 62.98
CA TYR X 54 -24.03 74.54 61.75
C TYR X 54 -24.97 74.25 60.60
N GLY X 55 -24.91 75.11 59.60
CA GLY X 55 -25.59 74.89 58.33
C GLY X 55 -24.57 74.72 57.24
N ILE X 56 -24.92 73.97 56.20
CA ILE X 56 -23.97 73.63 55.14
C ILE X 56 -24.67 73.81 53.80
N SER X 57 -23.92 74.33 52.83
CA SER X 57 -24.43 74.51 51.47
C SER X 57 -23.34 74.16 50.48
N GLY X 58 -23.71 74.08 49.21
CA GLY X 58 -22.76 73.84 48.15
C GLY X 58 -22.60 72.40 47.72
N ALA X 59 -23.52 71.51 48.08
CA ALA X 59 -23.39 70.11 47.68
C ALA X 59 -23.53 69.98 46.17
N GLY X 60 -22.63 69.22 45.56
CA GLY X 60 -22.65 68.97 44.14
C GLY X 60 -21.80 69.90 43.31
N SER X 61 -21.32 71.00 43.87
CA SER X 61 -20.50 71.92 43.09
C SER X 61 -19.05 71.43 43.06
N PRO X 62 -18.34 71.69 41.96
CA PRO X 62 -16.94 71.25 41.87
C PRO X 62 -16.00 71.99 42.79
N SER X 63 -16.37 73.19 43.26
CA SER X 63 -15.49 74.03 44.04
C SER X 63 -15.77 73.95 45.53
N GLY X 64 -16.61 73.02 45.97
CA GLY X 64 -16.94 72.92 47.37
C GLY X 64 -17.97 73.94 47.80
N GLY X 65 -18.28 73.94 49.08
CA GLY X 65 -19.35 74.74 49.63
C GLY X 65 -18.88 75.58 50.81
N LEU X 66 -19.74 75.65 51.83
CA LEU X 66 -19.54 76.58 52.93
C LEU X 66 -20.20 76.03 54.19
N ILE X 67 -19.53 76.22 55.32
CA ILE X 67 -20.04 75.86 56.64
C ILE X 67 -20.33 77.16 57.38
N THR X 68 -21.55 77.29 57.89
CA THR X 68 -21.97 78.49 58.62
C THR X 68 -22.36 78.09 60.03
N LEU X 69 -21.56 78.50 61.01
CA LEU X 69 -21.87 78.22 62.40
C LEU X 69 -23.02 79.09 62.87
N VAL X 70 -23.93 78.50 63.64
CA VAL X 70 -24.98 79.28 64.28
C VAL X 70 -24.38 80.20 65.33
N THR X 71 -23.53 79.67 66.20
CA THR X 71 -22.88 80.46 67.23
C THR X 71 -21.51 80.89 66.74
N PRO X 72 -21.20 82.19 66.73
CA PRO X 72 -19.88 82.63 66.28
C PRO X 72 -18.77 82.01 67.12
N ALA X 73 -17.68 81.66 66.46
CA ALA X 73 -16.58 80.96 67.11
C ALA X 73 -15.70 81.94 67.88
N ALA X 74 -15.11 81.44 68.96
CA ALA X 74 -14.15 82.22 69.72
C ALA X 74 -12.82 82.25 68.99
N LEU X 75 -11.96 83.18 69.41
CA LEU X 75 -10.65 83.30 68.77
C LEU X 75 -9.85 82.02 68.96
N ASN X 76 -9.20 81.59 67.87
CA ASN X 76 -8.34 80.40 67.86
C ASN X 76 -9.11 79.12 68.15
N ASP X 77 -10.40 79.10 67.86
CA ASP X 77 -11.13 77.83 67.85
C ASP X 77 -10.75 77.03 66.61
N ILE X 78 -10.55 75.73 66.81
CA ILE X 78 -10.12 74.85 65.71
C ILE X 78 -11.34 74.24 65.07
N ILE X 79 -11.52 74.48 63.78
CA ILE X 79 -12.64 73.95 63.00
C ILE X 79 -12.07 72.96 61.99
N THR X 80 -12.54 71.73 62.05
CA THR X 80 -12.08 70.67 61.15
C THR X 80 -13.25 70.16 60.33
N ILE X 81 -13.05 70.08 59.01
CA ILE X 81 -14.08 69.64 58.08
C ILE X 81 -13.50 68.50 57.24
N GLN X 82 -14.21 67.38 57.18
CA GLN X 82 -13.71 66.19 56.51
C GLN X 82 -14.84 65.49 55.77
N GLY X 83 -14.55 65.02 54.57
CA GLY X 83 -15.54 64.25 53.82
C GLY X 83 -15.52 62.78 54.23
N ASP X 84 -16.73 62.21 54.34
CA ASP X 84 -16.91 60.84 54.83
C ASP X 84 -18.00 60.11 54.04
N MET X 85 -17.89 60.12 52.71
CA MET X 85 -18.88 59.43 51.88
C MET X 85 -18.76 57.92 52.04
N PRO X 86 -19.89 57.20 52.13
CA PRO X 86 -19.81 55.74 52.19
C PRO X 86 -19.32 55.14 50.87
N ILE X 87 -18.68 53.98 50.98
CA ILE X 87 -18.15 53.28 49.82
C ILE X 87 -19.13 52.17 49.50
N ASP X 88 -20.05 52.45 48.58
CA ASP X 88 -21.00 51.46 48.12
C ASP X 88 -21.47 51.87 46.73
N ARG X 89 -22.45 51.13 46.20
CA ARG X 89 -23.03 51.47 44.90
C ARG X 89 -24.46 50.95 44.90
N THR X 90 -25.42 51.87 45.11
CA THR X 90 -26.82 51.50 45.22
C THR X 90 -27.66 51.86 44.00
N SER X 91 -27.09 52.56 43.02
CA SER X 91 -27.80 52.85 41.77
C SER X 91 -27.04 52.18 40.63
N ILE X 92 -27.69 51.20 40.00
CA ILE X 92 -27.04 50.40 38.97
C ILE X 92 -27.83 50.54 37.68
N TYR X 93 -27.17 50.20 36.58
CA TYR X 93 -27.80 50.26 35.28
C TYR X 93 -28.64 49.01 35.02
N SER X 94 -29.54 49.12 34.04
CA SER X 94 -30.28 47.96 33.58
C SER X 94 -29.34 47.03 32.81
N ALA X 95 -29.80 45.79 32.61
CA ALA X 95 -28.98 44.81 31.93
C ALA X 95 -28.64 45.25 30.50
N THR X 96 -29.62 45.74 29.76
CA THR X 96 -29.42 46.24 28.40
C THR X 96 -29.97 47.66 28.34
N ILE X 97 -29.14 48.63 28.72
CA ILE X 97 -29.56 50.03 28.66
C ILE X 97 -29.62 50.49 27.22
N SER X 98 -30.61 51.34 26.93
CA SER X 98 -30.68 52.02 25.64
C SER X 98 -30.57 53.53 25.79
N ASN X 99 -30.21 54.02 26.96
CA ASN X 99 -30.02 55.45 27.19
C ASN X 99 -29.08 55.60 28.37
N LEU X 100 -27.86 56.03 28.10
CA LEU X 100 -26.83 56.23 29.11
C LEU X 100 -26.48 57.71 29.14
N THR X 101 -26.92 58.40 30.18
CA THR X 101 -26.74 59.84 30.28
C THR X 101 -25.31 60.19 30.68
N GLY X 102 -24.87 61.36 30.26
CA GLY X 102 -23.57 61.85 30.69
C GLY X 102 -23.47 61.99 32.19
N SER X 103 -24.54 62.44 32.84
CA SER X 103 -24.53 62.57 34.29
C SER X 103 -24.36 61.22 34.97
N ASP X 104 -25.01 60.18 34.46
CA ASP X 104 -24.88 58.85 35.06
C ASP X 104 -23.45 58.33 34.91
N LEU X 105 -22.88 58.46 33.72
CA LEU X 105 -21.54 57.92 33.49
C LEU X 105 -20.49 58.75 34.22
N ASN X 106 -20.61 60.08 34.19
CA ASN X 106 -19.71 60.92 34.97
C ASN X 106 -19.89 60.65 36.46
N GLY X 107 -21.13 60.41 36.89
CA GLY X 107 -21.38 60.16 38.29
C GLY X 107 -20.64 58.94 38.82
N ASP X 108 -20.64 57.86 38.06
CA ASP X 108 -19.98 56.64 38.51
C ASP X 108 -18.47 56.82 38.58
N PHE X 109 -17.87 57.52 37.60
CA PHE X 109 -16.44 57.73 37.63
C PHE X 109 -16.02 58.74 38.70
N ASN X 110 -16.73 59.86 38.80
CA ASN X 110 -16.39 60.88 39.79
C ASN X 110 -16.56 60.35 41.21
N ARG X 111 -17.62 59.57 41.44
CA ARG X 111 -17.92 59.07 42.76
C ARG X 111 -16.79 58.21 43.31
N GLU X 112 -16.19 57.38 42.46
CA GLU X 112 -15.09 56.55 42.92
C GLU X 112 -13.81 57.34 43.10
N VAL X 113 -13.62 58.42 42.33
CA VAL X 113 -12.46 59.27 42.52
C VAL X 113 -12.52 59.95 43.88
N VAL X 114 -13.69 60.44 44.28
CA VAL X 114 -13.83 61.09 45.57
C VAL X 114 -13.64 60.08 46.70
N MET X 115 -14.10 58.84 46.51
CA MET X 115 -13.86 57.80 47.51
C MET X 115 -12.37 57.57 47.70
N MET X 116 -11.63 57.43 46.60
CA MET X 116 -10.20 57.19 46.69
C MET X 116 -9.48 58.39 47.30
N LYS X 117 -9.94 59.60 46.98
CA LYS X 117 -9.32 60.79 47.55
C LYS X 117 -9.51 60.85 49.06
N GLN X 118 -10.67 60.42 49.55
CA GLN X 118 -10.89 60.38 50.99
C GLN X 118 -9.96 59.37 51.66
N ILE X 119 -9.77 58.20 51.05
CA ILE X 119 -8.84 57.22 51.60
C ILE X 119 -7.43 57.76 51.58
N GLN X 120 -7.02 58.37 50.47
CA GLN X 120 -5.66 58.88 50.36
C GLN X 120 -5.42 60.08 51.26
N THR X 121 -6.45 60.91 51.47
CA THR X 121 -6.29 62.03 52.39
C THR X 121 -6.02 61.56 53.80
N THR X 122 -6.71 60.51 54.24
CA THR X 122 -6.45 59.94 55.55
C THR X 122 -5.03 59.40 55.64
N GLN X 123 -4.60 58.65 54.64
CA GLN X 123 -3.27 58.04 54.73
C GLN X 123 -2.15 59.04 54.50
N ALA X 124 -2.42 60.16 53.84
CA ALA X 124 -1.38 61.16 53.63
C ALA X 124 -1.25 62.13 54.80
N LEU X 125 -2.34 62.43 55.50
CA LEU X 125 -2.33 63.45 56.54
C LEU X 125 -2.51 62.91 57.96
N LEU X 126 -3.12 61.74 58.11
CA LEU X 126 -3.49 61.26 59.44
C LEU X 126 -2.88 59.93 59.82
N GLN X 127 -2.05 59.33 58.96
CA GLN X 127 -1.51 58.00 59.24
C GLN X 127 0.00 58.02 59.21
N LEU X 128 0.58 56.99 59.81
CA LEU X 128 2.02 56.81 59.84
C LEU X 128 2.48 55.92 58.69
N GLN X 129 3.71 56.12 58.25
CA GLN X 129 4.30 55.28 57.23
C GLN X 129 5.81 55.42 57.28
N TYR X 130 6.49 54.39 56.80
CA TYR X 130 7.92 54.51 56.59
C TYR X 130 8.19 55.44 55.41
N ALA X 131 9.35 56.07 55.43
CA ALA X 131 9.72 56.92 54.31
C ALA X 131 9.80 56.09 53.04
N PRO X 132 9.38 56.63 51.90
CA PRO X 132 9.29 55.80 50.69
C PRO X 132 10.61 55.19 50.26
N TRP X 133 11.75 55.77 50.66
CA TRP X 133 13.06 55.30 50.24
C TRP X 133 13.69 54.31 51.22
N LEU X 134 13.05 54.03 52.36
CA LEU X 134 13.64 53.11 53.31
C LEU X 134 13.63 51.69 52.75
N GLU X 135 14.54 50.86 53.25
CA GLU X 135 14.69 49.50 52.74
C GLU X 135 13.76 48.54 53.48
N VAL X 136 12.47 48.79 53.33
CA VAL X 136 11.47 47.85 53.82
C VAL X 136 11.43 46.65 52.87
N SER X 137 11.05 45.50 53.41
CA SER X 137 11.01 44.29 52.59
C SER X 137 9.97 44.44 51.49
N GLN X 138 10.40 44.17 50.26
CA GLN X 138 9.51 44.32 49.12
C GLN X 138 8.56 43.15 48.94
N ASP X 139 8.69 42.11 49.75
CA ASP X 139 7.71 41.04 49.81
C ASP X 139 6.71 41.34 50.92
N PRO X 140 5.43 41.54 50.61
CA PRO X 140 4.46 41.83 51.68
C PRO X 140 4.29 40.69 52.68
N ASP X 141 4.67 39.47 52.34
CA ASP X 141 4.56 38.37 53.29
C ASP X 141 5.56 38.47 54.43
N VAL X 142 6.58 39.31 54.31
CA VAL X 142 7.53 39.56 55.38
C VAL X 142 6.95 40.68 56.24
N THR X 143 6.37 40.30 57.38
CA THR X 143 5.64 41.23 58.23
C THR X 143 6.45 41.73 59.41
N LYS X 144 7.78 41.61 59.34
CA LYS X 144 8.62 41.95 60.49
C LYS X 144 8.43 43.39 60.93
N ASP X 145 8.44 44.32 59.98
CA ASP X 145 8.33 45.74 60.28
C ASP X 145 6.91 46.26 60.16
N ARG X 146 5.94 45.42 59.82
CA ARG X 146 4.64 45.92 59.42
C ARG X 146 3.49 45.48 60.30
N TYR X 147 3.55 44.29 60.90
CA TYR X 147 2.45 43.79 61.72
C TYR X 147 2.65 44.18 63.18
N LEU X 148 1.62 44.74 63.78
CA LEU X 148 1.63 45.17 65.16
C LEU X 148 0.80 44.24 66.04
N PRO X 149 1.23 44.02 67.28
CA PRO X 149 0.39 43.32 68.24
C PRO X 149 -0.51 44.28 69.01
N LEU X 150 -1.56 43.73 69.60
CA LEU X 150 -2.40 44.53 70.48
C LEU X 150 -1.62 44.90 71.74
N LEU X 151 -1.81 46.14 72.19
CA LEU X 151 -1.14 46.62 73.39
C LEU X 151 -2.00 46.38 74.61
N GLY X 152 -1.42 45.74 75.62
CA GLY X 152 -2.02 45.69 76.93
C GLY X 152 -1.80 46.96 77.69
N SER X 153 -2.35 47.01 78.90
CA SER X 153 -2.23 48.20 79.74
C SER X 153 -0.77 48.49 80.05
N GLY X 154 -0.35 49.73 79.86
CA GLY X 154 1.01 50.13 80.14
C GLY X 154 2.06 49.51 79.24
N GLN X 155 1.75 49.30 77.97
CA GLN X 155 2.67 48.65 77.05
C GLN X 155 2.94 49.54 75.85
N VAL X 156 4.10 49.33 75.23
CA VAL X 156 4.54 50.05 74.04
C VAL X 156 4.95 49.02 73.00
N TRP X 157 5.04 49.49 71.75
CA TRP X 157 5.53 48.64 70.67
C TRP X 157 7.05 48.67 70.65
N ARG X 158 7.67 47.50 70.66
CA ARG X 158 9.11 47.40 70.74
C ARG X 158 9.57 46.20 69.92
N MET X 159 10.51 46.43 68.99
CA MET X 159 11.08 45.33 68.23
C MET X 159 11.82 44.39 69.18
N ASN X 160 11.58 43.08 69.03
CA ASN X 160 12.13 42.14 69.99
C ASN X 160 13.65 42.05 69.85
N ASP X 161 14.27 41.36 70.81
CA ASP X 161 15.72 41.28 70.84
C ASP X 161 16.30 40.60 69.61
N SER X 162 15.56 39.66 69.03
CA SER X 162 16.03 38.96 67.84
C SER X 162 15.88 39.80 66.58
N GLY X 163 15.17 40.91 66.63
CA GLY X 163 14.89 41.68 65.43
C GLY X 163 14.05 40.94 64.43
N THR X 164 13.06 40.17 64.90
CA THR X 164 12.19 39.39 64.03
C THR X 164 10.74 39.85 64.04
N GLY X 165 10.35 40.71 64.98
CA GLY X 165 8.99 41.19 65.00
C GLY X 165 8.79 42.18 66.12
N ILE X 166 7.70 42.93 66.01
CA ILE X 166 7.33 43.93 67.01
C ILE X 166 6.45 43.26 68.05
N GLU X 167 6.78 43.45 69.33
CA GLU X 167 6.04 42.84 70.42
C GLU X 167 5.67 43.90 71.44
N ALA X 168 4.62 43.60 72.21
CA ALA X 168 4.18 44.50 73.27
C ALA X 168 5.09 44.38 74.47
N TYR X 169 5.55 45.52 74.98
CA TYR X 169 6.55 45.59 76.04
C TYR X 169 6.06 46.52 77.13
N THR X 170 6.10 46.04 78.37
CA THR X 170 5.52 46.77 79.50
C THR X 170 6.51 47.76 80.08
N ILE X 171 6.05 48.99 80.30
CA ILE X 171 6.82 50.04 80.97
C ILE X 171 6.02 50.53 82.16
N ASP X 172 6.66 50.53 83.34
CA ASP X 172 6.00 50.97 84.56
C ASP X 172 6.62 52.24 85.15
N GLU X 173 7.53 52.89 84.42
CA GLU X 173 8.19 54.10 84.92
C GLU X 173 7.19 55.21 85.17
N SER Y 2 -22.75 42.29 36.40
CA SER Y 2 -23.04 42.13 37.82
C SER Y 2 -24.22 43.00 38.22
N ASN Y 3 -25.43 42.50 38.02
CA ASN Y 3 -26.62 43.30 38.29
C ASN Y 3 -27.07 43.18 39.74
N ILE Y 4 -26.14 43.39 40.67
CA ILE Y 4 -26.45 43.47 42.09
C ILE Y 4 -26.07 44.84 42.58
N LYS Y 5 -26.56 45.18 43.76
CA LYS Y 5 -26.20 46.42 44.44
C LYS Y 5 -25.16 46.10 45.50
N ILE Y 6 -24.18 46.99 45.64
CA ILE Y 6 -23.12 46.85 46.63
C ILE Y 6 -23.53 47.66 47.85
N ASN Y 7 -23.77 46.98 48.97
CA ASN Y 7 -24.14 47.65 50.20
C ASN Y 7 -22.89 48.11 50.95
N ASP Y 8 -23.09 49.07 51.85
CA ASP Y 8 -21.99 49.64 52.63
C ASP Y 8 -21.74 48.74 53.85
N VAL Y 9 -20.92 47.72 53.65
CA VAL Y 9 -20.61 46.74 54.70
C VAL Y 9 -19.11 46.53 54.72
N PHE Y 10 -18.54 46.50 55.92
CA PHE Y 10 -17.12 46.20 56.07
C PHE Y 10 -16.79 44.85 55.48
N GLN Y 11 -15.63 44.76 54.82
CA GLN Y 11 -15.20 43.55 54.15
C GLN Y 11 -14.46 42.60 55.08
N ARG Y 12 -14.78 42.64 56.37
CA ARG Y 12 -14.19 41.76 57.37
C ARG Y 12 -15.22 41.49 58.45
N ILE Y 13 -15.30 40.24 58.90
CA ILE Y 13 -16.17 39.85 59.99
C ILE Y 13 -15.43 38.85 60.86
N GLN Y 14 -15.72 38.86 62.15
CA GLN Y 14 -15.07 37.96 63.09
C GLN Y 14 -16.12 37.41 64.05
N TYR Y 15 -16.01 36.13 64.37
CA TYR Y 15 -16.94 35.44 65.25
C TYR Y 15 -16.19 34.72 66.36
N ALA Y 16 -16.89 34.50 67.45
CA ALA Y 16 -16.48 33.54 68.49
C ALA Y 16 -17.43 32.36 68.40
N ALA Y 17 -16.89 31.21 68.05
CA ALA Y 17 -17.72 30.06 67.69
C ALA Y 17 -18.45 29.50 68.90
N SER Y 18 -19.66 29.00 68.66
CA SER Y 18 -20.36 28.18 69.62
C SER Y 18 -19.78 26.77 69.61
N ALA Y 19 -20.25 25.94 70.55
CA ALA Y 19 -19.78 24.57 70.64
C ALA Y 19 -20.28 23.78 69.44
N GLY Y 20 -19.35 23.26 68.64
CA GLY Y 20 -19.72 22.47 67.48
C GLY Y 20 -20.23 23.25 66.30
N GLN Y 21 -20.07 24.57 66.27
CA GLN Y 21 -20.57 25.36 65.16
C GLN Y 21 -19.78 25.07 63.89
N THR Y 22 -20.48 25.01 62.76
CA THR Y 22 -19.84 24.83 61.47
C THR Y 22 -20.15 25.92 60.45
N GLN Y 23 -21.28 26.58 60.56
CA GLN Y 23 -21.71 27.55 59.55
C GLN Y 23 -21.54 28.96 60.07
N PHE Y 24 -20.87 29.80 59.28
CA PHE Y 24 -20.64 31.21 59.59
C PHE Y 24 -21.03 32.04 58.37
N THR Y 25 -21.73 33.15 58.62
CA THR Y 25 -22.26 33.97 57.55
C THR Y 25 -21.24 34.99 57.07
N ILE Y 26 -21.23 35.24 55.77
CA ILE Y 26 -20.41 36.28 55.16
C ILE Y 26 -21.33 37.47 54.86
N PRO Y 27 -21.26 38.55 55.64
CA PRO Y 27 -22.21 39.66 55.42
C PRO Y 27 -21.85 40.58 54.27
N PHE Y 28 -20.66 40.47 53.70
CA PHE Y 28 -20.26 41.36 52.62
C PHE Y 28 -20.24 40.62 51.29
N PRO Y 29 -20.45 41.34 50.18
CA PRO Y 29 -20.42 40.67 48.87
C PRO Y 29 -19.02 40.26 48.45
N PHE Y 30 -18.94 39.17 47.70
CA PHE Y 30 -17.70 38.75 47.08
C PHE Y 30 -18.05 38.11 45.73
N PHE Y 31 -17.06 38.07 44.84
CA PHE Y 31 -17.28 37.59 43.49
C PHE Y 31 -16.61 36.26 43.17
N ASP Y 32 -15.55 35.90 43.87
CA ASP Y 32 -14.87 34.63 43.63
C ASP Y 32 -14.53 33.99 44.96
N ASN Y 33 -14.60 32.65 45.00
CA ASN Y 33 -14.31 31.93 46.23
C ASN Y 33 -12.86 32.10 46.66
N GLU Y 34 -11.93 32.17 45.71
CA GLU Y 34 -10.52 32.30 46.03
C GLU Y 34 -10.18 33.65 46.65
N TYR Y 35 -11.08 34.62 46.61
CA TYR Y 35 -10.81 35.96 47.10
C TYR Y 35 -11.44 36.22 48.46
N VAL Y 36 -11.69 35.17 49.23
CA VAL Y 36 -12.19 35.28 50.59
C VAL Y 36 -11.27 34.46 51.49
N LEU Y 37 -10.63 35.13 52.44
CA LEU Y 37 -9.68 34.50 53.34
C LEU Y 37 -10.34 34.15 54.65
N VAL Y 38 -10.03 32.97 55.18
CA VAL Y 38 -10.60 32.49 56.43
C VAL Y 38 -9.46 32.09 57.36
N TRP Y 39 -9.52 32.57 58.60
CA TRP Y 39 -8.59 32.17 59.65
C TRP Y 39 -9.37 31.55 60.79
N GLN Y 40 -8.73 30.61 61.48
CA GLN Y 40 -9.28 30.02 62.69
C GLN Y 40 -8.17 30.05 63.74
N ASN Y 41 -8.35 30.89 64.76
CA ASN Y 41 -7.34 31.09 65.80
C ASN Y 41 -6.01 31.51 65.20
N GLY Y 42 -6.06 32.35 64.17
CA GLY Y 42 -4.86 32.89 63.57
C GLY Y 42 -4.17 32.01 62.56
N VAL Y 43 -4.78 30.90 62.17
CA VAL Y 43 -4.21 29.98 61.18
C VAL Y 43 -5.13 29.98 59.98
N GLN Y 44 -4.57 30.30 58.81
CA GLN Y 44 -5.39 30.39 57.60
C GLN Y 44 -5.81 28.99 57.16
N LEU Y 45 -7.08 28.85 56.82
CA LEU Y 45 -7.64 27.58 56.37
C LEU Y 45 -7.60 27.51 54.83
N VAL Y 46 -7.88 26.32 54.33
CA VAL Y 46 -7.88 26.03 52.90
C VAL Y 46 -9.25 25.48 52.52
N MET Y 47 -9.72 25.83 51.32
CA MET Y 47 -10.97 25.26 50.82
C MET Y 47 -10.78 23.78 50.50
N GLY Y 48 -11.83 23.00 50.75
CA GLY Y 48 -11.79 21.59 50.43
C GLY Y 48 -12.74 20.80 51.30
N GLY Y 49 -12.60 19.48 51.21
CA GLY Y 49 -13.46 18.56 51.92
C GLY Y 49 -12.77 17.73 52.97
N ALA Y 50 -11.45 17.87 53.09
CA ALA Y 50 -10.70 17.18 54.11
C ALA Y 50 -10.94 17.81 55.48
N PRO Y 51 -10.72 17.07 56.56
CA PRO Y 51 -10.84 17.67 57.90
C PRO Y 51 -9.87 18.83 58.08
N GLY Y 52 -10.33 19.86 58.78
CA GLY Y 52 -9.58 21.08 58.93
C GLY Y 52 -9.74 22.09 57.81
N GLN Y 53 -10.56 21.79 56.83
CA GLN Y 53 -10.80 22.66 55.69
C GLN Y 53 -12.21 23.22 55.76
N TYR Y 54 -12.61 23.96 54.72
CA TYR Y 54 -13.93 24.58 54.72
C TYR Y 54 -14.49 24.62 53.31
N GLY Y 55 -15.81 24.76 53.22
CA GLY Y 55 -16.48 25.04 51.97
C GLY Y 55 -17.07 26.44 51.99
N ILE Y 56 -17.29 27.03 50.83
CA ILE Y 56 -17.79 28.40 50.74
C ILE Y 56 -18.84 28.47 49.64
N SER Y 57 -19.89 29.24 49.88
CA SER Y 57 -20.90 29.49 48.87
C SER Y 57 -21.34 30.95 48.95
N GLY Y 58 -21.98 31.42 47.89
CA GLY Y 58 -22.54 32.75 47.84
C GLY Y 58 -21.83 33.73 46.93
N ALA Y 59 -20.93 33.28 46.07
CA ALA Y 59 -20.22 34.20 45.18
C ALA Y 59 -21.19 34.86 44.21
N GLY Y 60 -21.03 36.16 44.02
CA GLY Y 60 -21.86 36.93 43.12
C GLY Y 60 -23.16 37.43 43.72
N SER Y 61 -23.44 37.09 44.91
CA SER Y 61 -24.63 37.46 45.66
C SER Y 61 -24.43 38.78 46.40
N PRO Y 62 -25.49 39.54 46.63
CA PRO Y 62 -25.33 40.80 47.39
C PRO Y 62 -24.78 40.60 48.79
N SER Y 63 -25.16 39.52 49.46
CA SER Y 63 -24.73 39.23 50.82
C SER Y 63 -25.19 37.82 51.16
N GLY Y 64 -24.98 37.42 52.40
CA GLY Y 64 -25.51 36.14 52.86
C GLY Y 64 -24.73 34.93 52.38
N GLY Y 65 -23.45 35.09 52.09
CA GLY Y 65 -22.62 33.94 51.81
C GLY Y 65 -22.44 33.08 53.05
N LEU Y 66 -21.82 31.92 52.86
CA LEU Y 66 -21.70 30.97 53.94
C LEU Y 66 -20.34 30.30 53.92
N ILE Y 67 -19.77 30.12 55.11
CA ILE Y 67 -18.56 29.34 55.32
C ILE Y 67 -18.95 28.12 56.15
N THR Y 68 -18.63 26.92 55.66
CA THR Y 68 -18.96 25.69 56.35
C THR Y 68 -17.68 24.95 56.68
N LEU Y 69 -17.34 24.88 57.96
CA LEU Y 69 -16.17 24.12 58.38
C LEU Y 69 -16.43 22.63 58.28
N VAL Y 70 -15.42 21.90 57.79
CA VAL Y 70 -15.51 20.45 57.79
C VAL Y 70 -15.47 19.90 59.21
N THR Y 71 -14.52 20.38 60.01
CA THR Y 71 -14.44 19.98 61.41
C THR Y 71 -15.19 20.98 62.27
N PRO Y 72 -16.18 20.56 63.06
CA PRO Y 72 -16.91 21.52 63.89
C PRO Y 72 -15.98 22.25 64.84
N ALA Y 73 -16.23 23.55 64.99
CA ALA Y 73 -15.36 24.40 65.79
C ALA Y 73 -15.57 24.13 67.28
N ALA Y 74 -14.51 24.36 68.05
CA ALA Y 74 -14.62 24.31 69.50
C ALA Y 74 -15.18 25.62 70.02
N LEU Y 75 -15.66 25.57 71.27
CA LEU Y 75 -16.21 26.76 71.90
C LEU Y 75 -15.15 27.87 71.97
N ASN Y 76 -15.56 29.09 71.62
CA ASN Y 76 -14.72 30.28 71.64
C ASN Y 76 -13.56 30.21 70.66
N ASP Y 77 -13.65 29.40 69.61
CA ASP Y 77 -12.72 29.51 68.50
C ASP Y 77 -13.00 30.79 67.74
N ILE Y 78 -11.94 31.51 67.38
CA ILE Y 78 -12.08 32.78 66.69
C ILE Y 78 -12.02 32.53 65.20
N ILE Y 79 -13.08 32.88 64.49
CA ILE Y 79 -13.16 32.75 63.04
C ILE Y 79 -13.13 34.13 62.43
N THR Y 80 -12.19 34.36 61.51
CA THR Y 80 -12.06 35.64 60.84
C THR Y 80 -12.24 35.43 59.34
N ILE Y 81 -13.10 36.23 58.74
CA ILE Y 81 -13.40 36.17 57.31
C ILE Y 81 -13.16 37.54 56.71
N GLN Y 82 -12.28 37.60 55.71
CA GLN Y 82 -11.90 38.86 55.11
C GLN Y 82 -11.87 38.75 53.60
N GLY Y 83 -12.32 39.79 52.91
CA GLY Y 83 -12.26 39.84 51.46
C GLY Y 83 -10.92 40.35 50.99
N ASP Y 84 -10.35 39.67 50.00
CA ASP Y 84 -9.04 40.04 49.44
C ASP Y 84 -9.06 39.76 47.94
N MET Y 85 -9.46 40.75 47.16
CA MET Y 85 -9.52 40.62 45.72
C MET Y 85 -8.44 41.47 45.08
N PRO Y 86 -7.62 40.92 44.20
CA PRO Y 86 -6.54 41.70 43.59
C PRO Y 86 -7.09 42.84 42.74
N ILE Y 87 -6.37 43.96 42.77
CA ILE Y 87 -6.74 45.11 41.96
C ILE Y 87 -6.34 44.82 40.52
N ASP Y 88 -7.29 44.94 39.59
CA ASP Y 88 -7.06 44.61 38.20
C ASP Y 88 -8.25 45.06 37.39
N ARG Y 89 -8.03 45.25 36.08
CA ARG Y 89 -9.13 45.43 35.16
C ARG Y 89 -9.90 44.13 35.00
N THR Y 90 -11.22 44.21 34.95
CA THR Y 90 -12.06 43.04 34.72
C THR Y 90 -12.86 43.16 33.44
N SER Y 91 -12.41 44.01 32.51
CA SER Y 91 -13.10 44.19 31.24
C SER Y 91 -12.08 44.60 30.19
N ILE Y 92 -12.48 44.43 28.93
CA ILE Y 92 -11.80 45.02 27.79
C ILE Y 92 -12.84 45.52 26.82
N TYR Y 93 -12.60 46.69 26.25
CA TYR Y 93 -13.51 47.29 25.28
C TYR Y 93 -12.78 47.49 23.96
N SER Y 94 -13.44 47.14 22.87
CA SER Y 94 -12.86 47.29 21.55
C SER Y 94 -12.78 48.76 21.16
N ALA Y 95 -11.74 49.10 20.38
CA ALA Y 95 -11.65 50.44 19.81
C ALA Y 95 -12.62 50.63 18.66
N THR Y 96 -12.90 49.58 17.89
CA THR Y 96 -13.86 49.67 16.81
C THR Y 96 -15.29 49.56 17.35
N ILE Y 97 -16.25 49.85 16.47
CA ILE Y 97 -17.66 49.86 16.88
C ILE Y 97 -18.04 48.48 17.37
N SER Y 98 -18.55 48.41 18.60
CA SER Y 98 -18.83 47.14 19.25
C SER Y 98 -20.15 47.28 20.00
N ASN Y 99 -20.44 46.33 20.89
CA ASN Y 99 -21.64 46.34 21.69
C ASN Y 99 -21.32 46.69 23.13
N LEU Y 100 -22.28 47.31 23.80
CA LEU Y 100 -22.17 47.62 25.22
C LEU Y 100 -23.47 47.25 25.92
N THR Y 101 -23.35 46.73 27.13
CA THR Y 101 -24.50 46.44 27.97
C THR Y 101 -24.29 47.06 29.34
N GLY Y 102 -25.40 47.29 30.04
CA GLY Y 102 -25.32 47.72 31.42
C GLY Y 102 -24.71 46.67 32.34
N SER Y 103 -24.80 45.40 31.97
CA SER Y 103 -24.14 44.36 32.73
C SER Y 103 -22.63 44.54 32.73
N ASP Y 104 -22.06 44.96 31.60
CA ASP Y 104 -20.63 45.22 31.55
C ASP Y 104 -20.25 46.35 32.49
N LEU Y 105 -20.98 47.46 32.44
CA LEU Y 105 -20.67 48.61 33.29
C LEU Y 105 -20.85 48.27 34.77
N ASN Y 106 -21.93 47.56 35.09
CA ASN Y 106 -22.18 47.20 36.49
C ASN Y 106 -21.07 46.33 37.04
N GLY Y 107 -20.58 45.37 36.25
CA GLY Y 107 -19.52 44.51 36.71
C GLY Y 107 -18.24 45.26 36.99
N ASP Y 108 -17.91 46.24 36.15
CA ASP Y 108 -16.69 47.02 36.35
C ASP Y 108 -16.80 47.92 37.58
N PHE Y 109 -17.91 48.63 37.72
CA PHE Y 109 -18.03 49.59 38.82
C PHE Y 109 -18.22 48.88 40.15
N ASN Y 110 -18.99 47.78 40.17
CA ASN Y 110 -19.19 47.06 41.42
C ASN Y 110 -17.89 46.47 41.94
N ARG Y 111 -17.09 45.88 41.06
CA ARG Y 111 -15.83 45.28 41.50
C ARG Y 111 -14.84 46.32 41.98
N GLU Y 112 -14.83 47.50 41.36
CA GLU Y 112 -13.95 48.56 41.82
C GLU Y 112 -14.41 49.13 43.16
N VAL Y 113 -15.72 49.19 43.39
CA VAL Y 113 -16.22 49.63 44.69
C VAL Y 113 -15.83 48.64 45.78
N VAL Y 114 -15.94 47.34 45.49
CA VAL Y 114 -15.56 46.33 46.47
C VAL Y 114 -14.07 46.39 46.76
N MET Y 115 -13.25 46.59 45.72
CA MET Y 115 -11.81 46.73 45.93
C MET Y 115 -11.50 47.92 46.82
N MET Y 116 -12.17 49.05 46.59
CA MET Y 116 -11.94 50.22 47.43
C MET Y 116 -12.39 49.95 48.87
N LYS Y 117 -13.51 49.25 49.03
CA LYS Y 117 -14.00 48.97 50.38
C LYS Y 117 -13.03 48.08 51.14
N GLN Y 118 -12.36 47.15 50.47
CA GLN Y 118 -11.37 46.31 51.15
C GLN Y 118 -10.19 47.13 51.65
N ILE Y 119 -9.75 48.12 50.86
CA ILE Y 119 -8.69 49.01 51.31
C ILE Y 119 -9.16 49.83 52.50
N GLN Y 120 -10.37 50.37 52.42
CA GLN Y 120 -10.88 51.21 53.50
C GLN Y 120 -11.24 50.40 54.73
N THR Y 121 -11.57 49.13 54.57
CA THR Y 121 -11.84 48.27 55.72
C THR Y 121 -10.57 48.03 56.52
N THR Y 122 -9.45 47.80 55.84
CA THR Y 122 -8.17 47.67 56.54
C THR Y 122 -7.79 48.98 57.22
N GLN Y 123 -8.02 50.10 56.53
CA GLN Y 123 -7.68 51.41 57.09
C GLN Y 123 -8.50 51.71 58.35
N ALA Y 124 -9.80 51.40 58.32
CA ALA Y 124 -10.68 51.76 59.43
C ALA Y 124 -10.52 50.82 60.62
N LEU Y 125 -10.34 49.53 60.39
CA LEU Y 125 -10.37 48.56 61.47
C LEU Y 125 -9.01 48.05 61.90
N LEU Y 126 -8.01 48.05 61.03
CA LEU Y 126 -6.74 47.40 61.33
C LEU Y 126 -5.55 48.33 61.36
N GLN Y 127 -5.73 49.64 61.17
CA GLN Y 127 -4.61 50.56 61.07
C GLN Y 127 -4.74 51.67 62.09
N LEU Y 128 -3.60 52.29 62.40
CA LEU Y 128 -3.53 53.41 63.32
C LEU Y 128 -3.67 54.73 62.57
N GLN Y 129 -4.27 55.70 63.23
CA GLN Y 129 -4.34 57.05 62.68
C GLN Y 129 -4.50 58.04 63.82
N TYR Y 130 -4.08 59.27 63.56
CA TYR Y 130 -4.41 60.37 64.47
C TYR Y 130 -5.91 60.66 64.39
N ALA Y 131 -6.45 61.17 65.48
CA ALA Y 131 -7.84 61.60 65.47
C ALA Y 131 -8.01 62.70 64.43
N PRO Y 132 -9.12 62.71 63.68
CA PRO Y 132 -9.24 63.64 62.56
C PRO Y 132 -9.15 65.10 62.96
N TRP Y 133 -9.50 65.43 64.21
CA TRP Y 133 -9.54 66.81 64.66
C TRP Y 133 -8.20 67.31 65.19
N LEU Y 134 -7.20 66.44 65.30
CA LEU Y 134 -5.91 66.85 65.83
C LEU Y 134 -5.23 67.83 64.88
N GLU Y 135 -4.37 68.68 65.44
CA GLU Y 135 -3.70 69.72 64.68
C GLU Y 135 -2.39 69.19 64.08
N VAL Y 136 -2.55 68.26 63.14
CA VAL Y 136 -1.42 67.83 62.35
C VAL Y 136 -1.15 68.86 61.24
N SER Y 137 0.06 68.83 60.70
CA SER Y 137 0.38 69.72 59.59
C SER Y 137 -0.41 69.32 58.36
N GLN Y 138 -1.01 70.30 57.71
CA GLN Y 138 -1.83 70.06 56.53
C GLN Y 138 -1.00 69.99 55.25
N ASP Y 139 0.30 70.24 55.34
CA ASP Y 139 1.20 70.04 54.22
C ASP Y 139 1.85 68.68 54.36
N PRO Y 140 1.61 67.73 53.45
CA PRO Y 140 2.20 66.40 53.60
C PRO Y 140 3.72 66.40 53.54
N ASP Y 141 4.34 67.45 53.00
CA ASP Y 141 5.80 67.53 52.97
C ASP Y 141 6.40 67.72 54.35
N VAL Y 142 5.60 68.13 55.33
CA VAL Y 142 6.05 68.21 56.72
C VAL Y 142 5.84 66.84 57.33
N THR Y 143 6.91 66.07 57.45
CA THR Y 143 6.84 64.66 57.81
C THR Y 143 7.17 64.41 59.27
N LYS Y 144 7.15 65.45 60.11
CA LYS Y 144 7.57 65.30 61.51
C LYS Y 144 6.75 64.25 62.22
N ASP Y 145 5.43 64.29 62.07
CA ASP Y 145 4.55 63.42 62.83
C ASP Y 145 4.22 62.12 62.11
N ARG Y 146 4.61 61.96 60.84
CA ARG Y 146 4.06 60.88 60.04
C ARG Y 146 5.10 59.90 59.49
N TYR Y 147 6.37 60.28 59.39
CA TYR Y 147 7.38 59.39 58.84
C TYR Y 147 8.08 58.63 59.97
N LEU Y 148 8.15 57.33 59.84
CA LEU Y 148 8.75 56.47 60.84
C LEU Y 148 10.10 55.94 60.35
N PRO Y 149 11.05 55.74 61.25
CA PRO Y 149 12.27 55.02 60.91
C PRO Y 149 12.11 53.52 61.14
N LEU Y 150 13.01 52.76 60.52
CA LEU Y 150 13.07 51.32 60.80
C LEU Y 150 13.60 51.10 62.21
N LEU Y 151 13.05 50.10 62.88
CA LEU Y 151 13.41 49.79 64.27
C LEU Y 151 14.46 48.69 64.31
N GLY Y 152 15.54 48.93 65.04
CA GLY Y 152 16.50 47.90 65.35
C GLY Y 152 16.03 47.05 66.50
N SER Y 153 16.90 46.12 66.90
CA SER Y 153 16.56 45.23 68.01
C SER Y 153 16.38 46.02 69.31
N GLY Y 154 15.26 45.78 69.98
CA GLY Y 154 15.01 46.40 71.26
C GLY Y 154 14.68 47.87 71.23
N GLN Y 155 14.22 48.39 70.10
CA GLN Y 155 14.01 49.82 69.94
C GLN Y 155 12.53 50.14 69.79
N VAL Y 156 12.17 51.36 70.19
CA VAL Y 156 10.81 51.87 70.10
C VAL Y 156 10.84 53.14 69.27
N TRP Y 157 9.65 53.63 68.91
CA TRP Y 157 9.51 54.90 68.22
C TRP Y 157 9.37 56.01 69.25
N ARG Y 158 10.27 56.98 69.21
CA ARG Y 158 10.28 58.06 70.18
C ARG Y 158 10.57 59.38 69.47
N MET Y 159 9.69 60.36 69.67
CA MET Y 159 9.94 61.70 69.16
C MET Y 159 11.18 62.27 69.82
N ASN Y 160 12.07 62.84 69.03
CA ASN Y 160 13.35 63.30 69.57
C ASN Y 160 13.16 64.55 70.42
N ASP Y 161 14.21 64.89 71.16
CA ASP Y 161 14.13 66.00 72.11
C ASP Y 161 13.93 67.35 71.44
N SER Y 162 14.31 67.48 70.18
CA SER Y 162 14.07 68.71 69.45
C SER Y 162 12.62 68.83 68.95
N GLY Y 163 11.86 67.75 69.00
CA GLY Y 163 10.52 67.76 68.44
C GLY Y 163 10.48 67.94 66.95
N THR Y 164 11.44 67.35 66.24
CA THR Y 164 11.54 67.51 64.79
C THR Y 164 11.28 66.22 64.02
N GLY Y 165 11.29 65.07 64.67
CA GLY Y 165 11.03 63.83 63.97
C GLY Y 165 11.08 62.66 64.92
N ILE Y 166 10.51 61.54 64.46
CA ILE Y 166 10.47 60.31 65.23
C ILE Y 166 11.72 59.50 64.89
N GLU Y 167 12.41 59.04 65.93
CA GLU Y 167 13.63 58.28 65.75
C GLU Y 167 13.58 57.01 66.58
N ALA Y 168 14.34 56.01 66.14
CA ALA Y 168 14.42 54.76 66.87
C ALA Y 168 15.22 54.95 68.15
N TYR Y 169 14.68 54.47 69.26
CA TYR Y 169 15.26 54.69 70.57
C TYR Y 169 15.41 53.36 71.29
N THR Y 170 16.62 53.07 71.77
CA THR Y 170 16.87 51.84 72.49
C THR Y 170 16.40 51.97 73.94
N ILE Y 171 15.57 51.05 74.37
CA ILE Y 171 14.99 51.09 75.70
C ILE Y 171 15.97 50.46 76.69
N ASP Y 172 15.93 50.94 77.94
CA ASP Y 172 16.81 50.43 78.98
C ASP Y 172 16.03 50.13 80.26
N GLU Y 173 16.76 49.88 81.35
CA GLU Y 173 16.14 49.61 82.64
C GLU Y 173 16.38 50.77 83.61
N VAL Z 30 40.42 -25.92 87.16
CA VAL Z 30 39.35 -26.42 86.31
C VAL Z 30 38.35 -25.32 86.03
N ASN Z 31 38.05 -24.52 87.06
CA ASN Z 31 37.16 -23.38 86.87
C ASN Z 31 37.75 -22.38 85.90
N ARG Z 32 39.07 -22.17 85.96
CA ARG Z 32 39.73 -21.32 84.98
C ARG Z 32 39.70 -21.96 83.59
N LEU Z 33 39.85 -23.28 83.53
CA LEU Z 33 39.81 -23.96 82.24
C LEU Z 33 38.47 -23.78 81.55
N CYS Z 34 37.37 -23.86 82.31
CA CYS Z 34 36.05 -23.71 81.72
C CYS Z 34 35.85 -22.31 81.16
N ARG Z 35 36.35 -21.28 81.84
CA ARG Z 35 36.24 -19.93 81.31
C ARG Z 35 37.03 -19.78 80.02
N MET Z 36 38.25 -20.33 79.98
CA MET Z 36 39.05 -20.24 78.77
C MET Z 36 38.39 -20.98 77.61
N ARG Z 37 37.84 -22.17 77.89
CA ARG Z 37 37.20 -22.95 76.83
C ARG Z 37 35.95 -22.26 76.32
N ASN Z 38 35.15 -21.68 77.21
CA ASN Z 38 33.94 -20.99 76.77
C ASN Z 38 34.26 -19.75 75.95
N ASP Z 39 35.32 -19.04 76.31
CA ASP Z 39 35.75 -17.91 75.49
C ASP Z 39 36.21 -18.37 74.11
N ALA Z 40 37.00 -19.44 74.06
CA ALA Z 40 37.45 -19.96 72.78
C ALA Z 40 36.29 -20.48 71.94
N LYS Z 41 35.26 -21.01 72.59
CA LYS Z 41 34.09 -21.50 71.87
C LYS Z 41 33.30 -20.36 71.26
N SER Z 42 33.25 -19.21 71.94
CA SER Z 42 32.52 -18.08 71.39
C SER Z 42 33.16 -17.57 70.11
N ASP Z 43 34.50 -17.57 70.05
CA ASP Z 43 35.17 -17.17 68.82
C ASP Z 43 34.85 -18.10 67.67
N LEU Z 44 34.80 -19.41 67.94
CA LEU Z 44 34.46 -20.37 66.90
C LEU Z 44 33.03 -20.15 66.41
N ASP Z 45 32.11 -19.82 67.32
CA ASP Z 45 30.73 -19.56 66.90
C ASP Z 45 30.64 -18.33 66.01
N MET Z 46 31.48 -17.32 66.24
CA MET Z 46 31.47 -16.15 65.38
C MET Z 46 32.00 -16.48 63.98
N TRP Z 47 32.90 -17.45 63.88
CA TRP Z 47 33.50 -17.81 62.60
C TRP Z 47 32.66 -18.80 61.80
N ARG Z 48 31.66 -19.44 62.41
CA ARG Z 48 31.00 -20.57 61.75
C ARG Z 48 30.30 -20.14 60.46
N SER Z 49 29.66 -18.97 60.47
CA SER Z 49 28.87 -18.56 59.31
C SER Z 49 29.74 -18.38 58.08
N ILE Z 50 30.82 -17.60 58.22
CA ILE Z 50 31.66 -17.31 57.05
C ILE Z 50 32.44 -18.54 56.62
N LEU Z 51 32.90 -19.36 57.57
CA LEU Z 51 33.73 -20.51 57.21
C LEU Z 51 32.91 -21.61 56.56
N GLN Z 52 31.70 -21.85 57.04
CA GLN Z 52 30.86 -22.85 56.40
C GLN Z 52 30.53 -22.43 54.97
N THR Z 53 30.27 -21.15 54.75
CA THR Z 53 30.03 -20.66 53.39
C THR Z 53 31.28 -20.80 52.53
N ALA Z 54 32.44 -20.41 53.06
CA ALA Z 54 33.67 -20.49 52.28
C ALA Z 54 34.02 -21.92 51.92
N TYR Z 55 33.89 -22.84 52.87
CA TYR Z 55 34.14 -24.25 52.58
C TYR Z 55 33.14 -24.81 51.60
N HIS Z 56 31.90 -24.32 51.62
CA HIS Z 56 30.89 -24.83 50.71
C HIS Z 56 31.25 -24.56 49.25
N TYR Z 57 31.76 -23.37 48.96
CA TYR Z 57 32.10 -23.03 47.59
C TYR Z 57 33.47 -23.55 47.17
N ALA Z 58 34.32 -23.93 48.12
CA ALA Z 58 35.67 -24.36 47.81
C ALA Z 58 35.84 -25.88 47.89
N MET Z 59 35.39 -26.50 48.97
CA MET Z 59 35.44 -27.95 49.15
C MET Z 59 34.09 -28.44 49.64
N PRO Z 60 33.08 -28.46 48.78
CA PRO Z 60 31.71 -28.78 49.25
C PRO Z 60 31.59 -30.14 49.91
N ASP Z 61 32.33 -31.14 49.46
CA ASP Z 61 32.20 -32.49 50.01
C ASP Z 61 33.03 -32.73 51.26
N TYR Z 62 33.92 -31.81 51.63
CA TYR Z 62 34.78 -31.98 52.79
C TYR Z 62 34.67 -30.77 53.70
N ASN Z 63 33.45 -30.34 53.95
CA ASN Z 63 33.15 -29.18 54.77
C ASN Z 63 32.99 -29.59 56.23
N PRO Z 64 33.99 -29.35 57.07
CA PRO Z 64 33.88 -29.79 58.47
C PRO Z 64 32.85 -29.01 59.29
N PHE Z 65 32.41 -27.86 58.81
CA PHE Z 65 31.44 -27.04 59.54
C PHE Z 65 30.00 -27.43 59.27
N GLU Z 66 29.76 -28.39 58.38
CA GLU Z 66 28.40 -28.79 58.07
C GLU Z 66 27.76 -29.44 59.28
N ASN Z 67 26.43 -29.30 59.38
CA ASN Z 67 25.65 -29.83 60.50
C ASN Z 67 26.19 -29.34 61.83
N TYR Z 68 26.49 -28.04 61.89
CA TYR Z 68 26.97 -27.39 63.10
C TYR Z 68 28.21 -28.08 63.66
N GLY Z 69 29.16 -28.38 62.77
CA GLY Z 69 30.42 -28.94 63.15
C GLY Z 69 30.45 -30.44 63.32
N LEU Z 70 29.29 -31.10 63.36
CA LEU Z 70 29.25 -32.55 63.52
C LEU Z 70 29.62 -33.28 62.24
N ALA Z 71 29.39 -32.66 61.08
CA ALA Z 71 29.71 -33.25 59.78
C ALA Z 71 29.09 -34.64 59.63
N GLY Z 72 29.91 -35.66 59.45
CA GLY Z 72 29.42 -37.01 59.28
C GLY Z 72 29.26 -37.82 60.52
N PHE Z 73 29.53 -37.25 61.70
CA PHE Z 73 29.35 -38.00 62.94
C PHE Z 73 27.89 -38.33 63.18
N LEU Z 74 26.99 -37.42 62.80
CA LEU Z 74 25.57 -37.65 63.03
C LEU Z 74 24.98 -38.56 61.94
N THR Z 75 25.04 -38.12 60.70
CA THR Z 75 24.48 -38.88 59.57
C THR Z 75 25.51 -38.96 58.45
N PRO Z 76 26.10 -40.13 58.20
CA PRO Z 76 27.04 -40.27 57.09
C PRO Z 76 26.31 -40.38 55.76
N GLY Z 77 27.08 -40.26 54.68
CA GLY Z 77 26.55 -40.44 53.35
C GLY Z 77 25.59 -39.36 52.90
N GLN Z 78 25.72 -38.16 53.44
CA GLN Z 78 24.81 -37.06 53.11
C GLN Z 78 25.30 -36.35 51.86
N GLN Z 79 24.36 -35.85 51.07
CA GLN Z 79 24.70 -35.10 49.87
C GLN Z 79 24.98 -33.64 50.22
N TYR Z 80 26.06 -33.10 49.68
CA TYR Z 80 26.47 -31.74 50.02
C TYR Z 80 26.67 -30.84 48.82
N ASN Z 81 27.06 -31.41 47.69
CA ASN Z 81 27.54 -30.62 46.55
C ASN Z 81 26.53 -30.54 45.41
N ALA Z 82 25.26 -30.81 45.68
CA ALA Z 82 24.27 -30.80 44.61
C ALA Z 82 24.02 -29.39 44.07
N ASP Z 83 24.17 -28.36 44.91
CA ASP Z 83 23.90 -26.99 44.53
C ASP Z 83 25.17 -26.22 44.14
N ILE Z 84 26.26 -26.93 43.85
CA ILE Z 84 27.49 -26.31 43.36
C ILE Z 84 27.54 -26.56 41.85
N TYR Z 85 27.11 -25.58 41.07
CA TYR Z 85 27.04 -25.74 39.63
C TYR Z 85 28.36 -25.44 38.94
N ASP Z 86 29.16 -24.54 39.50
CA ASP Z 86 30.43 -24.16 38.92
C ASP Z 86 31.56 -24.73 39.76
N LEU Z 87 32.44 -25.48 39.12
CA LEU Z 87 33.55 -26.14 39.79
C LEU Z 87 34.86 -25.38 39.67
N THR Z 88 34.82 -24.13 39.20
CA THR Z 88 36.05 -23.38 39.00
C THR Z 88 36.83 -23.22 40.30
N LEU Z 89 36.16 -22.73 41.35
CA LEU Z 89 36.86 -22.55 42.62
C LEU Z 89 37.29 -23.89 43.23
N PRO Z 90 36.44 -24.92 43.30
CA PRO Z 90 36.94 -26.20 43.84
C PRO Z 90 38.13 -26.77 43.09
N ILE Z 91 38.18 -26.63 41.77
CA ILE Z 91 39.30 -27.15 41.00
C ILE Z 91 40.56 -26.35 41.28
N ALA Z 92 40.46 -25.02 41.21
CA ALA Z 92 41.63 -24.17 41.45
C ALA Z 92 42.13 -24.31 42.87
N HIS Z 93 41.22 -24.42 43.83
CA HIS Z 93 41.59 -24.58 45.23
C HIS Z 93 42.37 -25.87 45.44
N LYS Z 94 41.89 -26.97 44.88
CA LYS Z 94 42.57 -28.25 45.06
C LYS Z 94 43.93 -28.25 44.39
N ARG Z 95 44.02 -27.68 43.18
CA ARG Z 95 45.28 -27.69 42.45
C ARG Z 95 46.31 -26.79 43.11
N LEU Z 96 45.88 -25.68 43.73
CA LEU Z 96 46.84 -24.81 44.42
C LEU Z 96 47.38 -25.49 45.67
N ALA Z 97 46.52 -26.16 46.43
CA ALA Z 97 46.99 -26.87 47.62
C ALA Z 97 47.94 -27.99 47.24
N ASP Z 98 47.62 -28.73 46.18
CA ASP Z 98 48.54 -29.76 45.70
C ASP Z 98 49.86 -29.16 45.25
N LYS Z 99 49.79 -28.03 44.55
CA LYS Z 99 51.01 -27.38 44.07
C LYS Z 99 51.88 -26.90 45.22
N MET Z 100 51.26 -26.37 46.27
CA MET Z 100 52.03 -25.93 47.44
C MET Z 100 52.70 -27.13 48.12
N LEU Z 101 52.02 -28.27 48.16
CA LEU Z 101 52.59 -29.45 48.80
C LEU Z 101 53.85 -29.92 48.10
N MET Z 102 53.83 -29.97 46.77
CA MET Z 102 54.98 -30.45 46.02
C MET Z 102 56.13 -29.47 45.97
N ASN Z 103 55.89 -28.19 46.31
CA ASN Z 103 56.94 -27.19 46.28
C ASN Z 103 57.51 -26.87 47.66
N MET Z 104 56.81 -27.22 48.73
CA MET Z 104 57.29 -26.99 50.09
C MET Z 104 57.91 -28.24 50.70
N VAL Z 105 57.25 -29.38 50.57
CA VAL Z 105 57.78 -30.64 51.09
C VAL Z 105 57.70 -31.69 49.99
N PRO Z 106 58.54 -31.60 48.96
CA PRO Z 106 58.47 -32.58 47.86
C PRO Z 106 58.77 -33.99 48.37
N GLN Z 107 57.79 -34.87 48.22
CA GLN Z 107 57.88 -36.21 48.77
C GLN Z 107 58.98 -37.01 48.07
N GLY Z 108 59.68 -37.82 48.85
CA GLY Z 108 60.79 -38.56 48.29
C GLY Z 108 62.01 -37.72 48.02
N GLN Z 109 62.13 -36.55 48.64
CA GLN Z 109 63.30 -35.71 48.53
C GLN Z 109 63.68 -35.21 49.92
N GLN Z 110 64.90 -34.69 50.03
CA GLN Z 110 65.42 -34.21 51.30
C GLN Z 110 65.26 -32.70 51.34
N TRP Z 111 64.06 -32.26 51.70
CA TRP Z 111 63.72 -30.84 51.65
C TRP Z 111 64.14 -30.08 52.90
N VAL Z 112 64.76 -30.73 53.87
CA VAL Z 112 65.31 -30.05 55.03
C VAL Z 112 66.55 -30.82 55.48
N LYS Z 113 67.52 -30.09 56.00
CA LYS Z 113 68.79 -30.65 56.46
C LYS Z 113 69.11 -30.16 57.85
N PHE Z 114 69.58 -31.06 58.70
CA PHE Z 114 70.13 -30.66 59.99
C PHE Z 114 71.56 -30.19 59.79
N THR Z 115 71.92 -29.12 60.48
CA THR Z 115 73.24 -28.54 60.44
C THR Z 115 73.71 -28.27 61.86
N PRO Z 116 75.02 -28.24 62.09
CA PRO Z 116 75.51 -27.91 63.43
C PRO Z 116 75.09 -26.50 63.84
N GLY Z 117 74.80 -26.35 65.12
CA GLY Z 117 74.37 -25.08 65.65
C GLY Z 117 75.53 -24.12 65.89
N ASP Z 118 75.20 -22.98 66.49
CA ASP Z 118 76.20 -21.95 66.74
C ASP Z 118 77.26 -22.39 67.74
N GLU Z 119 76.97 -23.40 68.57
CA GLU Z 119 77.90 -23.84 69.58
C GLU Z 119 79.13 -24.54 69.01
N PHE Z 120 79.11 -24.94 67.75
CA PHE Z 120 80.22 -25.67 67.16
C PHE Z 120 81.21 -24.76 66.44
N GLY Z 121 81.05 -23.45 66.53
CA GLY Z 121 82.02 -22.53 65.98
C GLY Z 121 81.83 -22.28 64.51
N GLU Z 122 82.87 -21.70 63.90
CA GLU Z 122 82.81 -21.33 62.51
C GLU Z 122 82.84 -22.59 61.63
N PRO Z 123 82.10 -22.60 60.53
CA PRO Z 123 82.14 -23.76 59.63
C PRO Z 123 83.53 -23.95 59.03
N GLY Z 124 83.87 -25.21 58.77
CA GLY Z 124 85.12 -25.56 58.15
C GLY Z 124 86.18 -26.06 59.11
N THR Z 125 86.05 -25.78 60.40
CA THR Z 125 87.03 -26.24 61.36
C THR Z 125 86.91 -27.76 61.54
N PRO Z 126 87.98 -28.41 62.02
CA PRO Z 126 87.91 -29.86 62.21
C PRO Z 126 86.78 -30.31 63.14
N LEU Z 127 86.52 -29.58 64.22
CA LEU Z 127 85.43 -29.96 65.12
C LEU Z 127 84.07 -29.77 64.46
N TYR Z 128 83.91 -28.67 63.72
CA TYR Z 128 82.66 -28.44 63.01
C TYR Z 128 82.43 -29.53 61.98
N GLN Z 129 83.49 -29.99 61.32
CA GLN Z 129 83.35 -31.00 60.28
C GLN Z 129 82.89 -32.34 60.85
N ARG Z 130 83.30 -32.67 62.07
CA ARG Z 130 82.81 -33.90 62.69
C ARG Z 130 81.35 -33.77 63.09
N ALA Z 131 80.94 -32.58 63.56
CA ALA Z 131 79.54 -32.35 63.87
C ALA Z 131 78.69 -32.39 62.60
N LEU Z 132 79.22 -31.89 61.48
CA LEU Z 132 78.46 -31.90 60.24
C LEU Z 132 78.20 -33.32 59.77
N ASP Z 133 79.19 -34.22 59.94
CA ASP Z 133 78.98 -35.61 59.59
C ASP Z 133 77.87 -36.23 60.44
N ALA Z 134 77.81 -35.87 61.72
CA ALA Z 134 76.76 -36.40 62.59
C ALA Z 134 75.38 -35.92 62.16
N THR Z 135 75.24 -34.63 61.84
CA THR Z 135 73.93 -34.11 61.48
C THR Z 135 73.48 -34.62 60.11
N GLN Z 136 74.42 -34.94 59.23
CA GLN Z 136 74.06 -35.54 57.96
C GLN Z 136 73.51 -36.95 58.16
N ARG Z 137 74.08 -37.70 59.11
CA ARG Z 137 73.49 -38.99 59.46
C ARG Z 137 72.12 -38.83 60.08
N MET Z 138 71.95 -37.81 60.93
CA MET Z 138 70.65 -37.56 61.54
C MET Z 138 69.60 -37.21 60.50
N THR Z 139 69.98 -36.43 59.49
CA THR Z 139 69.02 -36.06 58.44
C THR Z 139 68.54 -37.30 57.69
N ASP Z 140 69.45 -38.21 57.37
CA ASP Z 140 69.06 -39.43 56.66
C ASP Z 140 68.08 -40.25 57.49
N HIS Z 141 68.38 -40.43 58.78
CA HIS Z 141 67.53 -41.24 59.63
C HIS Z 141 66.18 -40.56 59.89
N PHE Z 142 66.19 -39.23 59.98
CA PHE Z 142 64.95 -38.49 60.19
C PHE Z 142 63.99 -38.68 59.02
N PHE Z 143 64.52 -38.64 57.80
CA PHE Z 143 63.65 -38.79 56.64
C PHE Z 143 63.19 -40.23 56.43
N LYS Z 144 63.93 -41.21 56.91
CA LYS Z 144 63.44 -42.58 56.88
C LYS Z 144 62.18 -42.73 57.73
N ILE Z 145 62.16 -42.10 58.90
CA ILE Z 145 60.98 -42.12 59.75
C ILE Z 145 59.84 -41.32 59.11
N ILE Z 146 60.17 -40.19 58.50
CA ILE Z 146 59.15 -39.37 57.85
C ILE Z 146 58.51 -40.10 56.69
N ASP Z 147 59.33 -40.78 55.88
CA ASP Z 147 58.86 -41.33 54.62
C ASP Z 147 57.94 -42.53 54.79
N ARG Z 148 57.96 -43.19 55.94
CA ARG Z 148 57.08 -44.33 56.16
C ARG Z 148 55.87 -43.99 57.01
N SER Z 149 55.66 -42.71 57.32
CA SER Z 149 54.52 -42.28 58.10
C SER Z 149 53.47 -41.64 57.19
N ASN Z 150 52.39 -41.14 57.79
CA ASN Z 150 51.36 -40.41 57.05
C ASN Z 150 51.61 -38.91 57.06
N PHE Z 151 52.86 -38.49 57.10
CA PHE Z 151 53.18 -37.07 57.14
C PHE Z 151 52.60 -36.34 55.93
N TYR Z 152 52.86 -36.84 54.73
CA TYR Z 152 52.43 -36.15 53.53
C TYR Z 152 50.92 -36.19 53.37
N LEU Z 153 50.27 -37.25 53.86
CA LEU Z 153 48.82 -37.30 53.84
C LEU Z 153 48.22 -36.22 54.74
N ALA Z 154 48.79 -36.03 55.93
CA ALA Z 154 48.27 -35.04 56.85
C ALA Z 154 48.55 -33.62 56.37
N VAL Z 155 49.75 -33.38 55.85
CA VAL Z 155 50.10 -32.04 55.40
C VAL Z 155 49.26 -31.65 54.19
N GLY Z 156 48.99 -32.61 53.30
CA GLY Z 156 48.17 -32.31 52.14
C GLY Z 156 46.78 -31.84 52.50
N GLU Z 157 46.18 -32.44 53.53
CA GLU Z 157 44.86 -32.03 53.95
C GLU Z 157 44.86 -30.73 54.74
N SER Z 158 45.90 -30.48 55.53
CA SER Z 158 45.98 -29.22 56.26
C SER Z 158 46.20 -28.05 55.32
N LEU Z 159 46.92 -28.26 54.21
CA LEU Z 159 47.13 -27.18 53.26
C LEU Z 159 45.82 -26.75 52.61
N GLN Z 160 44.91 -27.69 52.37
CA GLN Z 160 43.61 -27.32 51.84
C GLN Z 160 42.81 -26.50 52.84
N ASP Z 161 43.02 -26.73 54.13
CA ASP Z 161 42.35 -25.93 55.14
C ASP Z 161 42.93 -24.53 55.24
N VAL Z 162 44.26 -24.42 55.14
CA VAL Z 162 44.91 -23.11 55.30
C VAL Z 162 44.59 -22.19 54.13
N LEU Z 163 44.26 -22.73 52.97
CA LEU Z 163 43.86 -21.88 51.85
C LEU Z 163 42.54 -21.17 52.13
N ILE Z 164 41.77 -21.64 53.10
CA ILE Z 164 40.53 -20.96 53.46
C ILE Z 164 40.76 -20.11 54.71
N SER Z 165 41.00 -20.76 55.85
CA SER Z 165 41.32 -19.99 57.04
C SER Z 165 42.61 -20.40 57.74
N THR Z 166 42.69 -21.67 58.14
CA THR Z 166 43.67 -22.09 59.13
C THR Z 166 43.86 -23.60 59.02
N GLY Z 167 45.11 -24.03 59.09
CA GLY Z 167 45.45 -25.44 59.10
C GLY Z 167 46.00 -25.84 60.47
N ILE Z 168 45.64 -27.02 60.93
CA ILE Z 168 46.11 -27.56 62.20
C ILE Z 168 46.61 -28.97 61.96
N ILE Z 169 47.82 -29.25 62.43
CA ILE Z 169 48.41 -30.58 62.35
C ILE Z 169 48.72 -31.05 63.75
N ALA Z 170 48.27 -32.25 64.09
CA ALA Z 170 48.56 -32.88 65.36
C ALA Z 170 49.65 -33.93 65.17
N ILE Z 171 50.69 -33.84 66.00
CA ILE Z 171 51.84 -34.73 65.91
C ILE Z 171 51.91 -35.47 67.24
N ASN Z 172 51.44 -36.72 67.26
CA ASN Z 172 51.28 -37.46 68.50
C ASN Z 172 52.23 -38.66 68.56
N GLU Z 173 52.47 -39.11 69.78
CA GLU Z 173 53.32 -40.27 69.99
C GLU Z 173 52.62 -41.55 69.54
N GLY Z 174 53.39 -42.48 69.02
CA GLY Z 174 52.88 -43.80 68.69
C GLY Z 174 53.63 -44.88 69.45
N ASN Z 175 53.91 -45.99 68.78
CA ASN Z 175 54.67 -47.07 69.37
C ASN Z 175 55.86 -47.43 68.50
N ARG Z 176 56.52 -48.55 68.78
CA ARG Z 176 57.67 -48.96 67.99
C ARG Z 176 57.31 -49.13 66.52
N LYS Z 177 56.09 -49.60 66.24
CA LYS Z 177 55.68 -49.83 64.86
C LYS Z 177 55.48 -48.51 64.11
N ARG Z 178 54.77 -47.57 64.73
CA ARG Z 178 54.53 -46.24 64.14
C ARG Z 178 54.90 -45.21 65.18
N PRO Z 179 56.17 -44.79 65.23
CA PRO Z 179 56.59 -43.84 66.28
C PRO Z 179 55.87 -42.50 66.24
N VAL Z 180 55.54 -41.98 65.07
CA VAL Z 180 54.94 -40.65 64.94
C VAL Z 180 53.63 -40.78 64.17
N ARG Z 181 52.58 -40.19 64.71
CA ARG Z 181 51.27 -40.14 64.08
C ARG Z 181 50.92 -38.70 63.74
N TYR Z 182 50.60 -38.45 62.48
CA TYR Z 182 50.20 -37.13 62.02
C TYR Z 182 48.72 -37.13 61.70
N GLU Z 183 48.08 -35.98 61.91
CA GLU Z 183 46.66 -35.83 61.65
C GLU Z 183 46.35 -34.40 61.32
N ALA Z 184 45.55 -34.18 60.27
CA ALA Z 184 45.05 -32.86 59.96
C ALA Z 184 43.77 -32.64 60.75
N VAL Z 185 43.85 -31.84 61.80
CA VAL Z 185 42.70 -31.62 62.68
C VAL Z 185 41.67 -30.74 61.96
N PRO Z 186 40.42 -31.16 61.86
CA PRO Z 186 39.41 -30.31 61.23
C PRO Z 186 39.24 -29.02 61.99
N PRO Z 187 39.25 -27.87 61.29
CA PRO Z 187 39.19 -26.58 61.98
C PRO Z 187 37.92 -26.35 62.76
N ALA Z 188 36.84 -27.06 62.45
CA ALA Z 188 35.59 -26.89 63.19
C ALA Z 188 35.59 -27.59 64.53
N GLN Z 189 36.62 -28.38 64.83
CA GLN Z 189 36.68 -29.15 66.06
C GLN Z 189 37.78 -28.69 67.01
N VAL Z 190 38.45 -27.58 66.68
CA VAL Z 190 39.46 -26.99 67.56
C VAL Z 190 39.05 -25.57 67.88
N MET Z 191 39.50 -25.10 69.04
CA MET Z 191 39.24 -23.76 69.51
C MET Z 191 40.54 -23.16 70.04
N PHE Z 192 40.69 -21.85 69.90
CA PHE Z 192 41.95 -21.20 70.16
C PHE Z 192 41.78 -20.05 71.14
N GLN Z 193 42.85 -19.79 71.88
CA GLN Z 193 43.06 -18.53 72.58
C GLN Z 193 44.38 -17.96 72.09
N GLY Z 194 44.43 -16.65 71.87
CA GLY Z 194 45.58 -16.00 71.30
C GLY Z 194 46.23 -15.04 72.28
N ASP Z 195 47.53 -14.84 72.13
CA ASP Z 195 48.24 -13.83 72.90
C ASP Z 195 48.11 -12.48 72.17
N ALA Z 196 48.84 -11.48 72.66
CA ALA Z 196 48.69 -10.14 72.10
C ALA Z 196 49.29 -10.01 70.71
N GLU Z 197 50.15 -10.93 70.30
CA GLU Z 197 50.81 -10.86 69.01
C GLU Z 197 50.19 -11.80 67.98
N GLY Z 198 49.04 -12.37 68.27
CA GLY Z 198 48.34 -13.23 67.35
C GLY Z 198 48.75 -14.70 67.39
N GLN Z 199 49.74 -15.05 68.19
CA GLN Z 199 50.13 -16.44 68.33
C GLN Z 199 49.17 -17.19 69.24
N VAL Z 200 48.99 -18.47 68.97
CA VAL Z 200 48.10 -19.31 69.76
C VAL Z 200 48.81 -19.69 71.06
N ASP Z 201 48.08 -19.61 72.18
CA ASP Z 201 48.62 -20.05 73.45
C ASP Z 201 47.65 -20.91 74.25
N ALA Z 202 46.58 -21.40 73.64
CA ALA Z 202 45.68 -22.35 74.27
C ALA Z 202 44.84 -23.01 73.19
N ILE Z 203 44.78 -24.34 73.21
CA ILE Z 203 44.08 -25.11 72.19
C ILE Z 203 43.14 -26.08 72.87
N PHE Z 204 41.89 -26.14 72.39
CA PHE Z 204 40.89 -27.06 72.91
C PHE Z 204 40.32 -27.86 71.75
N ARG Z 205 40.52 -29.17 71.78
CA ARG Z 205 40.05 -30.06 70.73
C ARG Z 205 38.94 -30.96 71.29
N ASP Z 206 37.82 -31.02 70.59
CA ASP Z 206 36.66 -31.80 71.01
C ASP Z 206 36.65 -33.14 70.30
N TRP Z 207 36.43 -34.20 71.07
CA TRP Z 207 36.28 -35.55 70.54
C TRP Z 207 34.85 -36.01 70.78
N TYR Z 208 34.20 -36.47 69.72
CA TYR Z 208 32.77 -36.79 69.76
C TYR Z 208 32.59 -38.30 69.83
N GLN Z 209 32.00 -38.77 70.93
CA GLN Z 209 31.56 -40.15 71.09
C GLN Z 209 32.71 -41.15 70.87
N VAL Z 210 33.67 -41.09 71.78
CA VAL Z 210 34.83 -41.97 71.75
C VAL Z 210 34.57 -43.17 72.65
N ARG Z 211 34.85 -44.36 72.13
CA ARG Z 211 34.71 -45.57 72.92
C ARG Z 211 35.79 -45.64 74.00
N ILE Z 212 35.45 -46.27 75.12
CA ILE Z 212 36.36 -46.33 76.26
C ILE Z 212 37.62 -47.11 75.88
N GLU Z 213 37.47 -48.23 75.18
CA GLU Z 213 38.64 -49.00 74.75
C GLU Z 213 39.50 -48.19 73.79
N ASN Z 214 38.91 -47.22 73.09
CA ASN Z 214 39.67 -46.38 72.18
C ASN Z 214 40.53 -45.37 72.93
N ILE Z 215 40.11 -44.97 74.13
CA ILE Z 215 40.81 -43.93 74.88
C ILE Z 215 42.23 -44.37 75.20
N LYS Z 216 42.39 -45.62 75.66
CA LYS Z 216 43.70 -46.10 76.08
C LYS Z 216 44.70 -46.14 74.93
N SER Z 217 44.23 -46.36 73.71
CA SER Z 217 45.16 -46.44 72.58
C SER Z 217 45.68 -45.07 72.19
N MET Z 218 44.85 -44.04 72.24
CA MET Z 218 45.30 -42.70 71.91
C MET Z 218 46.15 -42.11 73.02
N TRP Z 219 45.75 -42.32 74.28
CA TRP Z 219 46.46 -41.79 75.45
C TRP Z 219 46.77 -42.95 76.39
N PRO Z 220 47.92 -43.59 76.22
CA PRO Z 220 48.20 -44.82 76.98
C PRO Z 220 48.18 -44.65 78.49
N LYS Z 221 48.61 -43.50 79.02
CA LYS Z 221 48.69 -43.31 80.46
C LYS Z 221 47.44 -42.68 81.05
N ALA Z 222 46.33 -42.69 80.31
CA ALA Z 222 45.09 -42.15 80.84
C ALA Z 222 44.54 -43.06 81.93
N GLU Z 223 43.77 -42.47 82.84
CA GLU Z 223 43.14 -43.20 83.94
C GLU Z 223 41.70 -43.50 83.54
N VAL Z 224 41.55 -44.53 82.70
CA VAL Z 224 40.22 -44.90 82.23
C VAL Z 224 39.49 -45.80 83.21
N ALA Z 225 40.22 -46.49 84.10
CA ALA Z 225 39.60 -47.45 84.99
C ALA Z 225 38.64 -46.77 85.97
N LYS Z 226 38.97 -45.56 86.42
CA LYS Z 226 38.15 -44.88 87.41
C LYS Z 226 36.77 -44.49 86.89
N LEU Z 227 36.54 -44.56 85.58
CA LEU Z 227 35.24 -44.19 85.03
C LEU Z 227 34.18 -45.26 85.31
N ASN Z 228 34.59 -46.52 85.49
CA ASN Z 228 33.68 -47.64 85.71
C ASN Z 228 32.68 -47.76 84.55
N LYS Z 229 33.22 -47.96 83.36
CA LYS Z 229 32.42 -48.12 82.16
C LYS Z 229 32.90 -49.31 81.35
N LYS Z 230 31.96 -49.94 80.65
CA LYS Z 230 32.31 -51.05 79.78
C LYS Z 230 33.10 -50.54 78.57
N PRO Z 231 33.94 -51.40 77.97
CA PRO Z 231 34.80 -50.91 76.87
C PRO Z 231 34.07 -50.82 75.54
N GLU Z 232 32.83 -50.37 75.57
CA GLU Z 232 32.10 -50.02 74.36
C GLU Z 232 31.23 -48.79 74.53
N ASP Z 233 31.17 -48.19 75.71
CA ASP Z 233 30.40 -46.98 75.90
C ASP Z 233 31.10 -45.78 75.28
N LYS Z 234 30.31 -44.80 74.89
CA LYS Z 234 30.82 -43.60 74.24
C LYS Z 234 30.85 -42.44 75.23
N VAL Z 235 31.94 -41.68 75.20
CA VAL Z 235 32.11 -40.51 76.05
C VAL Z 235 32.76 -39.40 75.23
N ASP Z 236 32.29 -38.17 75.42
CA ASP Z 236 32.93 -37.02 74.83
C ASP Z 236 34.19 -36.66 75.60
N ILE Z 237 35.25 -36.34 74.86
CA ILE Z 237 36.57 -36.09 75.44
C ILE Z 237 37.00 -34.67 75.07
N TRP Z 238 37.48 -33.94 76.06
CA TRP Z 238 38.07 -32.62 75.86
C TRP Z 238 39.58 -32.72 76.01
N GLU Z 239 40.30 -32.40 74.96
CA GLU Z 239 41.75 -32.41 74.94
C GLU Z 239 42.22 -30.96 74.97
N CYS Z 240 42.70 -30.52 76.12
CA CYS Z 240 43.05 -29.12 76.36
C CYS Z 240 44.54 -28.96 76.56
N ALA Z 241 45.07 -27.83 76.11
CA ALA Z 241 46.45 -27.49 76.35
C ALA Z 241 46.58 -25.97 76.35
N TRP Z 242 47.50 -25.46 77.17
CA TRP Z 242 47.70 -24.03 77.26
C TRP Z 242 49.13 -23.76 77.74
N ILE Z 243 49.60 -22.56 77.44
CA ILE Z 243 50.93 -22.13 77.88
C ILE Z 243 50.82 -21.59 79.29
N ASP Z 244 51.63 -22.13 80.20
CA ASP Z 244 51.74 -21.63 81.56
C ASP Z 244 52.87 -20.62 81.59
N TYR Z 245 52.53 -19.34 81.72
CA TYR Z 245 53.52 -18.29 81.53
C TYR Z 245 54.53 -18.23 82.68
N GLU Z 246 54.10 -18.50 83.91
CA GLU Z 246 55.01 -18.46 85.05
C GLU Z 246 55.53 -19.86 85.38
N ALA Z 247 56.13 -20.49 84.38
CA ALA Z 247 56.64 -21.84 84.51
C ALA Z 247 57.96 -21.96 83.74
N PRO Z 248 58.84 -22.87 84.16
CA PRO Z 248 60.08 -23.08 83.43
C PRO Z 248 59.83 -23.66 82.04
N GLU Z 249 60.91 -23.72 81.26
CA GLU Z 249 60.81 -24.12 79.86
C GLU Z 249 60.31 -25.55 79.72
N LYS Z 250 60.75 -26.45 80.59
CA LYS Z 250 60.36 -27.85 80.48
C LYS Z 250 58.95 -28.12 80.97
N GLU Z 251 58.32 -27.17 81.66
CA GLU Z 251 56.93 -27.32 82.09
C GLU Z 251 56.02 -26.29 81.42
N ARG Z 252 56.46 -25.71 80.30
CA ARG Z 252 55.77 -24.56 79.74
C ARG Z 252 54.37 -24.91 79.25
N TYR Z 253 54.21 -26.08 78.63
CA TYR Z 253 52.94 -26.44 78.01
C TYR Z 253 52.18 -27.41 78.90
N GLN Z 254 51.08 -26.94 79.48
CA GLN Z 254 50.21 -27.77 80.28
C GLN Z 254 49.26 -28.54 79.37
N TYR Z 255 49.13 -29.85 79.61
CA TYR Z 255 48.35 -30.72 78.75
C TYR Z 255 47.39 -31.53 79.61
N VAL Z 256 46.10 -31.46 79.28
CA VAL Z 256 45.05 -32.11 80.07
C VAL Z 256 44.09 -32.81 79.13
N VAL Z 257 43.72 -34.05 79.47
CA VAL Z 257 42.67 -34.79 78.80
C VAL Z 257 41.59 -35.11 79.83
N MET Z 258 40.34 -34.81 79.49
CA MET Z 258 39.23 -34.98 80.43
C MET Z 258 37.97 -35.28 79.65
N THR Z 259 36.93 -35.69 80.36
CA THR Z 259 35.63 -35.95 79.75
C THR Z 259 34.75 -34.71 79.82
N SER Z 260 33.69 -34.71 79.01
CA SER Z 260 32.78 -33.58 78.96
C SER Z 260 32.06 -33.35 80.28
N SER Z 261 32.01 -34.34 81.16
CA SER Z 261 31.43 -34.18 82.49
C SER Z 261 32.47 -33.81 83.53
N LYS Z 262 33.59 -33.23 83.11
CA LYS Z 262 34.63 -32.73 84.01
C LYS Z 262 35.23 -33.85 84.85
N ASP Z 263 35.73 -34.88 84.18
CA ASP Z 263 36.43 -35.98 84.83
C ASP Z 263 37.81 -36.07 84.22
N VAL Z 264 38.83 -35.72 85.01
CA VAL Z 264 40.18 -35.61 84.48
C VAL Z 264 40.79 -36.98 84.34
N LEU Z 265 41.30 -37.29 83.14
CA LEU Z 265 41.91 -38.56 82.84
C LEU Z 265 43.42 -38.50 82.70
N LEU Z 266 43.99 -37.31 82.48
CA LEU Z 266 45.43 -37.19 82.28
C LEU Z 266 45.84 -35.74 82.48
N GLU Z 267 46.96 -35.55 83.17
CA GLU Z 267 47.57 -34.23 83.35
C GLU Z 267 49.07 -34.36 83.12
N GLN Z 268 49.62 -33.45 82.33
CA GLN Z 268 51.04 -33.44 82.03
C GLN Z 268 51.52 -32.00 81.91
N SER Z 269 52.84 -31.85 81.79
CA SER Z 269 53.44 -30.54 81.54
C SER Z 269 54.78 -30.78 80.86
N ASN Z 270 54.83 -30.51 79.56
CA ASN Z 270 55.98 -30.83 78.73
C ASN Z 270 56.54 -29.55 78.11
N SER Z 271 57.58 -29.72 77.30
CA SER Z 271 58.19 -28.60 76.59
C SER Z 271 57.53 -28.32 75.25
N SER Z 272 56.49 -29.08 74.88
CA SER Z 272 55.77 -28.84 73.65
C SER Z 272 54.39 -29.45 73.76
N TRP Z 273 53.51 -29.06 72.85
CA TRP Z 273 52.17 -29.62 72.72
C TRP Z 273 52.00 -30.20 71.33
N PRO Z 274 51.01 -31.08 71.12
CA PRO Z 274 50.94 -31.82 69.86
C PRO Z 274 50.77 -30.97 68.61
N TRP Z 275 50.11 -29.83 68.69
CA TRP Z 275 49.57 -29.17 67.51
C TRP Z 275 50.51 -28.10 66.96
N VAL Z 276 50.40 -27.89 65.65
CA VAL Z 276 51.01 -26.76 64.95
C VAL Z 276 49.92 -26.09 64.13
N VAL Z 277 49.82 -24.77 64.23
CA VAL Z 277 48.73 -24.00 63.62
C VAL Z 277 49.31 -23.15 62.49
N TYR Z 278 48.66 -23.20 61.33
CA TYR Z 278 49.10 -22.53 60.11
C TYR Z 278 48.17 -21.38 59.77
N ARG Z 279 48.74 -20.25 59.36
CA ARG Z 279 47.98 -19.17 58.75
C ARG Z 279 48.77 -18.62 57.57
N MET Z 280 48.11 -18.40 56.45
CA MET Z 280 48.76 -17.73 55.33
C MET Z 280 48.77 -16.22 55.52
N ARG Z 281 47.61 -15.65 55.82
CA ARG Z 281 47.48 -14.24 56.16
C ARG Z 281 46.54 -14.14 57.35
N ARG Z 282 46.56 -12.97 58.00
CA ARG Z 282 45.81 -12.81 59.23
C ARG Z 282 45.38 -11.35 59.39
N LEU Z 283 44.09 -11.13 59.57
CA LEU Z 283 43.60 -9.82 59.97
C LEU Z 283 43.98 -9.56 61.43
N THR Z 284 44.36 -8.32 61.72
CA THR Z 284 44.79 -7.99 63.07
C THR Z 284 43.63 -8.14 64.05
N GLY Z 285 43.92 -8.76 65.20
CA GLY Z 285 42.90 -9.04 66.19
C GLY Z 285 42.24 -10.39 66.06
N GLU Z 286 42.50 -11.13 65.00
CA GLU Z 286 41.94 -12.45 64.78
C GLU Z 286 43.03 -13.49 64.91
N ILE Z 287 42.68 -14.66 65.45
CA ILE Z 287 43.64 -15.76 65.56
C ILE Z 287 43.60 -16.64 64.32
N ARG Z 288 42.42 -16.99 63.85
CA ARG Z 288 42.30 -17.72 62.60
C ARG Z 288 42.65 -16.79 61.43
N GLY Z 289 43.21 -17.39 60.38
CA GLY Z 289 43.66 -16.64 59.23
C GLY Z 289 42.59 -16.46 58.17
N ARG Z 290 42.99 -15.83 57.07
CA ARG Z 290 42.14 -15.68 55.90
C ARG Z 290 42.98 -15.98 54.68
N GLY Z 291 42.67 -17.07 54.00
CA GLY Z 291 43.42 -17.49 52.84
C GLY Z 291 42.80 -17.03 51.54
N PRO Z 292 43.50 -17.24 50.44
CA PRO Z 292 42.99 -16.77 49.14
C PRO Z 292 41.66 -17.36 48.73
N SER Z 293 41.37 -18.60 49.11
CA SER Z 293 40.08 -19.19 48.77
C SER Z 293 38.94 -18.50 49.51
N LEU Z 294 39.21 -17.87 50.64
CA LEU Z 294 38.19 -17.06 51.28
C LEU Z 294 37.94 -15.77 50.53
N SER Z 295 38.97 -15.20 49.91
CA SER Z 295 38.81 -14.00 49.11
C SER Z 295 38.03 -14.24 47.83
N ALA Z 296 37.88 -15.50 47.42
CA ALA Z 296 37.29 -15.81 46.13
C ALA Z 296 35.84 -16.25 46.20
N TYR Z 297 35.34 -16.60 47.37
CA TYR Z 297 34.02 -17.23 47.42
C TYR Z 297 32.88 -16.29 47.05
N PRO Z 298 32.92 -14.98 47.34
CA PRO Z 298 31.84 -14.12 46.82
C PRO Z 298 31.77 -14.12 45.30
N THR Z 299 32.91 -14.18 44.63
CA THR Z 299 32.90 -14.32 43.17
C THR Z 299 32.29 -15.66 42.76
N ALA Z 300 32.63 -16.73 43.48
CA ALA Z 300 32.05 -18.03 43.17
C ALA Z 300 30.54 -18.06 43.41
N ALA Z 301 30.07 -17.32 44.40
CA ALA Z 301 28.63 -17.27 44.65
C ALA Z 301 27.88 -16.66 43.47
N THR Z 302 28.43 -15.60 42.88
CA THR Z 302 27.78 -14.99 41.73
C THR Z 302 27.77 -15.93 40.53
N ILE Z 303 28.89 -16.62 40.28
CA ILE Z 303 28.95 -17.56 39.17
C ILE Z 303 27.94 -18.69 39.35
N ASN Z 304 27.86 -19.23 40.55
CA ASN Z 304 26.94 -20.33 40.80
C ASN Z 304 25.49 -19.89 40.60
N GLN Z 305 25.16 -18.68 41.04
CA GLN Z 305 23.81 -18.17 40.81
C GLN Z 305 23.54 -17.95 39.33
N ALA Z 306 24.54 -17.47 38.59
CA ALA Z 306 24.38 -17.26 37.16
C ALA Z 306 24.15 -18.58 36.43
N LEU Z 307 24.90 -19.63 36.80
CA LEU Z 307 24.74 -20.92 36.14
C LEU Z 307 23.40 -21.57 36.48
N GLU Z 308 22.94 -21.41 37.73
CA GLU Z 308 21.64 -21.97 38.09
C GLU Z 308 20.53 -21.35 37.26
N ASP Z 309 20.59 -20.04 37.03
CA ASP Z 309 19.61 -19.39 36.18
C ASP Z 309 19.69 -19.91 34.75
N GLU Z 310 20.90 -20.20 34.27
CA GLU Z 310 21.03 -20.76 32.92
C GLU Z 310 20.40 -22.14 32.81
N LEU Z 311 20.56 -22.97 33.85
CA LEU Z 311 19.93 -24.29 33.83
C LEU Z 311 18.42 -24.18 33.84
N VAL Z 312 17.88 -23.26 34.64
CA VAL Z 312 16.43 -23.04 34.65
C VAL Z 312 15.96 -22.53 33.30
N ALA Z 313 16.70 -21.59 32.72
CA ALA Z 313 16.30 -21.02 31.44
C ALA Z 313 16.36 -22.06 30.32
N ALA Z 314 17.36 -22.92 30.33
CA ALA Z 314 17.56 -23.85 29.23
C ALA Z 314 16.41 -24.84 29.11
N ALA Z 315 15.75 -25.17 30.22
CA ALA Z 315 14.70 -26.18 30.18
C ALA Z 315 13.51 -25.73 29.32
N PHE Z 316 13.26 -24.42 29.25
CA PHE Z 316 12.15 -23.94 28.43
C PHE Z 316 12.57 -22.99 27.33
N GLN Z 317 13.87 -22.72 27.16
CA GLN Z 317 14.35 -21.94 26.03
C GLN Z 317 15.15 -22.77 25.03
N ALA Z 318 15.87 -23.79 25.48
CA ALA Z 318 16.57 -24.66 24.55
C ALA Z 318 15.64 -25.74 24.00
N ASN Z 319 14.76 -26.28 24.84
CA ASN Z 319 13.83 -27.29 24.38
C ASN Z 319 12.76 -26.68 23.48
N PRO Z 320 12.30 -27.43 22.49
CA PRO Z 320 11.18 -26.94 21.66
C PRO Z 320 9.87 -27.01 22.40
N MET Z 321 9.33 -25.88 22.82
CA MET Z 321 8.04 -25.82 23.49
C MET Z 321 7.10 -24.92 22.71
N TYR Z 322 5.83 -25.02 23.02
CA TYR Z 322 4.81 -24.28 22.30
C TYR Z 322 3.84 -23.63 23.28
N MET Z 323 3.27 -22.52 22.85
CA MET Z 323 2.22 -21.83 23.57
C MET Z 323 0.91 -21.97 22.80
N ALA Z 324 -0.17 -22.17 23.53
CA ALA Z 324 -1.48 -22.29 22.92
C ALA Z 324 -2.52 -21.98 23.99
N ALA Z 325 -3.78 -21.90 23.57
CA ALA Z 325 -4.86 -21.76 24.52
C ALA Z 325 -4.95 -22.97 25.44
N SER Z 326 -4.65 -24.16 24.92
CA SER Z 326 -4.78 -25.38 25.70
C SER Z 326 -3.76 -26.40 25.20
N ASP Z 327 -3.31 -27.26 26.12
CA ASP Z 327 -2.44 -28.36 25.73
C ASP Z 327 -3.17 -29.43 24.95
N SER Z 328 -4.48 -29.28 24.74
CA SER Z 328 -5.24 -30.17 23.89
C SER Z 328 -5.11 -29.83 22.41
N ALA Z 329 -4.12 -29.01 22.04
CA ALA Z 329 -3.93 -28.66 20.64
C ALA Z 329 -3.55 -29.88 19.80
N PHE Z 330 -2.79 -30.81 20.36
CA PHE Z 330 -2.63 -32.12 19.75
C PHE Z 330 -2.65 -33.19 20.83
N ASN Z 331 -2.87 -34.43 20.39
CA ASN Z 331 -3.00 -35.57 21.28
C ASN Z 331 -1.61 -36.10 21.60
N GLN Z 332 -1.15 -35.87 22.83
CA GLN Z 332 0.19 -36.33 23.21
C GLN Z 332 0.31 -37.84 23.20
N GLN Z 333 -0.82 -38.54 23.40
CA GLN Z 333 -0.77 -40.00 23.48
C GLN Z 333 -0.62 -40.66 22.11
N THR Z 334 -1.14 -40.03 21.05
CA THR Z 334 -1.02 -40.59 19.72
C THR Z 334 -0.01 -39.82 18.85
N PHE Z 335 0.71 -38.86 19.43
CA PHE Z 335 1.73 -38.12 18.70
C PHE Z 335 2.77 -39.09 18.13
N THR Z 336 3.05 -38.96 16.84
CA THR Z 336 3.89 -39.89 16.12
C THR Z 336 5.09 -39.16 15.52
N PRO Z 337 6.24 -39.14 16.19
CA PRO Z 337 7.43 -38.42 15.69
C PRO Z 337 8.33 -39.23 14.78
N ARG Z 338 7.92 -39.39 13.53
CA ARG Z 338 8.66 -40.11 12.51
C ARG Z 338 8.79 -39.24 11.27
N PRO Z 339 9.81 -39.47 10.44
CA PRO Z 339 9.92 -38.68 9.21
C PRO Z 339 8.72 -38.91 8.30
N GLY Z 340 8.20 -37.81 7.76
CA GLY Z 340 7.04 -37.83 6.90
C GLY Z 340 5.71 -37.87 7.61
N SER Z 341 5.69 -37.89 8.94
CA SER Z 341 4.45 -38.03 9.68
C SER Z 341 3.66 -36.73 9.69
N ILE Z 342 2.34 -36.85 9.56
CA ILE Z 342 1.42 -35.73 9.74
C ILE Z 342 0.82 -35.83 11.13
N VAL Z 343 0.95 -34.77 11.90
CA VAL Z 343 0.36 -34.69 13.24
C VAL Z 343 -0.92 -33.87 13.14
N PRO Z 344 -2.06 -34.40 13.55
CA PRO Z 344 -3.28 -33.57 13.62
C PRO Z 344 -3.12 -32.52 14.71
N VAL Z 345 -3.22 -31.25 14.33
CA VAL Z 345 -3.02 -30.14 15.24
C VAL Z 345 -4.14 -29.13 15.04
N GLN Z 346 -4.76 -28.70 16.13
CA GLN Z 346 -5.66 -27.55 16.09
C GLN Z 346 -4.80 -26.31 15.98
N MET Z 347 -4.59 -25.84 14.75
CA MET Z 347 -3.62 -24.79 14.51
C MET Z 347 -4.05 -23.44 15.06
N VAL Z 348 -5.35 -23.20 15.19
CA VAL Z 348 -5.87 -22.02 15.86
C VAL Z 348 -6.95 -22.46 16.83
N GLN Z 349 -6.88 -21.97 18.07
CA GLN Z 349 -7.89 -22.26 19.08
C GLN Z 349 -8.49 -20.95 19.54
N GLY Z 350 -9.78 -20.76 19.26
CA GLY Z 350 -10.41 -19.48 19.53
C GLY Z 350 -9.81 -18.39 18.67
N GLU Z 351 -9.08 -17.48 19.30
CA GLU Z 351 -8.41 -16.40 18.57
C GLU Z 351 -6.90 -16.49 18.70
N TRP Z 352 -6.37 -17.54 19.31
CA TRP Z 352 -4.93 -17.67 19.53
C TRP Z 352 -4.38 -18.84 18.73
N PRO Z 353 -3.44 -18.61 17.83
CA PRO Z 353 -2.77 -19.73 17.16
C PRO Z 353 -1.71 -20.34 18.05
N ILE Z 354 -1.40 -21.60 17.78
CA ILE Z 354 -0.30 -22.27 18.46
C ILE Z 354 1.01 -21.81 17.82
N LYS Z 355 1.97 -21.42 18.64
CA LYS Z 355 3.22 -20.84 18.19
C LYS Z 355 4.34 -21.34 19.08
N PRO Z 356 5.59 -21.26 18.62
CA PRO Z 356 6.71 -21.61 19.50
C PRO Z 356 6.74 -20.73 20.73
N PHE Z 357 7.17 -21.32 21.84
CA PHE Z 357 7.33 -20.53 23.06
C PHE Z 357 8.30 -19.40 22.82
N GLU Z 358 7.92 -18.21 23.27
CA GLU Z 358 8.62 -17.00 22.85
C GLU Z 358 10.02 -16.95 23.46
N GLN Z 359 11.03 -16.76 22.62
CA GLN Z 359 12.39 -16.63 23.09
C GLN Z 359 12.59 -15.29 23.78
N SER Z 360 13.36 -15.29 24.85
CA SER Z 360 13.63 -14.08 25.61
C SER Z 360 15.00 -14.19 26.26
N GLY Z 361 15.57 -13.04 26.58
CA GLY Z 361 16.86 -13.03 27.26
C GLY Z 361 18.01 -12.78 26.31
N ASN Z 362 19.19 -12.76 26.91
CA ASN Z 362 20.44 -12.37 26.25
C ASN Z 362 21.54 -13.36 26.64
N ILE Z 363 21.36 -14.62 26.30
CA ILE Z 363 22.29 -15.72 26.62
C ILE Z 363 23.76 -15.31 26.58
N GLN Z 364 24.14 -14.52 25.57
CA GLN Z 364 25.54 -14.10 25.46
C GLN Z 364 25.97 -13.24 26.64
N PHE Z 365 25.08 -12.37 27.12
CA PHE Z 365 25.38 -11.54 28.27
C PHE Z 365 25.72 -12.38 29.49
N ASN Z 366 24.93 -13.42 29.75
CA ASN Z 366 25.19 -14.28 30.91
C ASN Z 366 26.52 -14.99 30.77
N ALA Z 367 26.84 -15.49 29.58
CA ALA Z 367 28.14 -16.11 29.36
C ALA Z 367 29.18 -15.10 28.89
N LEU Z 368 29.23 -13.95 29.54
CA LEU Z 368 30.31 -12.99 29.37
C LEU Z 368 30.74 -12.57 30.77
N LEU Z 369 29.78 -12.53 31.69
CA LEU Z 369 30.10 -12.32 33.09
C LEU Z 369 30.70 -13.57 33.72
N VAL Z 370 30.16 -14.75 33.36
CA VAL Z 370 30.65 -16.00 33.94
C VAL Z 370 32.11 -16.22 33.56
N ASN Z 371 32.45 -16.02 32.28
CA ASN Z 371 33.84 -16.20 31.86
C ASN Z 371 34.75 -15.16 32.49
N ASP Z 372 34.28 -13.92 32.62
CA ASP Z 372 35.10 -12.88 33.22
C ASP Z 372 35.38 -13.18 34.69
N PHE Z 373 34.37 -13.61 35.44
CA PHE Z 373 34.55 -13.89 36.85
C PHE Z 373 35.35 -15.17 37.07
N ARG Z 374 35.23 -16.14 36.17
CA ARG Z 374 36.00 -17.38 36.30
C ARG Z 374 37.49 -17.10 36.21
N GLN Z 375 37.91 -16.21 35.30
CA GLN Z 375 39.32 -15.93 35.17
C GLN Z 375 39.86 -15.16 36.36
N GLN Z 376 39.03 -14.34 37.01
CA GLN Z 376 39.46 -13.66 38.22
C GLN Z 376 39.78 -14.65 39.33
N ILE Z 377 38.94 -15.67 39.48
CA ILE Z 377 39.22 -16.72 40.46
C ILE Z 377 40.51 -17.45 40.11
N ASN Z 378 40.71 -17.74 38.82
CA ASN Z 378 41.91 -18.45 38.39
C ASN Z 378 43.17 -17.64 38.66
N GLU Z 379 43.13 -16.34 38.37
CA GLU Z 379 44.29 -15.50 38.65
C GLU Z 379 44.53 -15.37 40.15
N LEU Z 380 43.47 -15.36 40.95
CA LEU Z 380 43.61 -15.25 42.38
C LEU Z 380 44.28 -16.47 42.98
N LEU Z 381 44.09 -17.64 42.38
CA LEU Z 381 44.62 -18.90 42.90
C LEU Z 381 45.73 -19.47 42.04
N TYR Z 382 46.32 -18.67 41.16
CA TYR Z 382 47.47 -19.07 40.35
C TYR Z 382 47.17 -20.33 39.53
N ALA Z 383 45.97 -20.41 38.97
CA ALA Z 383 45.53 -21.56 38.21
C ALA Z 383 45.20 -21.16 36.78
N PHE Z 384 45.49 -22.08 35.85
CA PHE Z 384 45.14 -21.96 34.44
C PHE Z 384 45.56 -20.62 33.85
N PRO Z 385 46.87 -20.39 33.67
CA PRO Z 385 47.30 -19.12 33.09
C PRO Z 385 46.75 -18.86 31.70
N LEU Z 386 46.45 -19.91 30.93
CA LEU Z 386 45.95 -19.77 29.57
C LEU Z 386 44.44 -19.89 29.48
N GLY Z 387 43.73 -19.86 30.60
CA GLY Z 387 42.29 -19.99 30.57
C GLY Z 387 41.85 -21.42 30.36
N ALA Z 388 40.60 -21.56 29.93
CA ALA Z 388 40.00 -22.87 29.73
C ALA Z 388 40.47 -23.48 28.41
N VAL Z 389 39.95 -24.67 28.11
CA VAL Z 389 40.34 -25.38 26.88
C VAL Z 389 39.88 -24.60 25.65
N ASN Z 390 38.64 -24.12 25.65
CA ASN Z 390 38.10 -23.36 24.53
C ASN Z 390 38.53 -21.90 24.70
N SER Z 391 39.79 -21.65 24.37
CA SER Z 391 40.41 -20.34 24.49
C SER Z 391 41.10 -19.98 23.19
N PRO Z 392 41.30 -18.69 22.92
CA PRO Z 392 41.95 -18.28 21.68
C PRO Z 392 43.41 -18.72 21.64
N THR Z 393 43.99 -18.64 20.45
CA THR Z 393 45.37 -19.06 20.23
C THR Z 393 46.34 -18.01 20.76
N ARG Z 394 47.59 -18.42 20.92
CA ARG Z 394 48.67 -17.54 21.34
C ARG Z 394 49.90 -17.87 20.49
N THR Z 395 51.04 -17.32 20.89
CA THR Z 395 52.31 -17.60 20.24
C THR Z 395 53.27 -18.22 21.25
N ALA Z 396 54.33 -18.83 20.73
CA ALA Z 396 55.33 -19.50 21.57
C ALA Z 396 56.07 -18.54 22.50
N THR Z 397 55.81 -17.24 22.41
CA THR Z 397 56.37 -16.26 23.32
C THR Z 397 55.30 -15.57 24.16
N GLU Z 398 54.13 -15.28 23.59
CA GLU Z 398 53.06 -14.66 24.35
C GLU Z 398 52.57 -15.60 25.46
N ALA Z 399 52.29 -16.85 25.10
CA ALA Z 399 51.86 -17.82 26.10
C ALA Z 399 53.00 -18.21 27.03
N GLU Z 400 54.23 -18.21 26.53
CA GLU Z 400 55.38 -18.48 27.39
C GLU Z 400 55.53 -17.41 28.45
N ILE Z 401 55.31 -16.15 28.08
CA ILE Z 401 55.39 -15.06 29.06
C ILE Z 401 54.27 -15.19 30.09
N ARG Z 402 53.06 -15.48 29.64
CA ARG Z 402 51.94 -15.62 30.56
C ARG Z 402 52.15 -16.79 31.51
N TYR Z 403 52.83 -17.85 31.06
CA TYR Z 403 53.13 -18.96 31.93
C TYR Z 403 54.17 -18.58 32.98
N THR Z 404 55.20 -17.83 32.59
CA THR Z 404 56.21 -17.41 33.54
C THR Z 404 55.70 -16.32 34.48
N GLU Z 405 54.74 -15.52 34.04
CA GLU Z 405 54.13 -14.54 34.92
C GLU Z 405 53.41 -15.22 36.08
N ASN Z 406 52.67 -16.29 35.78
CA ASN Z 406 51.94 -17.01 36.82
C ASN Z 406 52.89 -17.79 37.72
N LEU Z 407 53.94 -18.38 37.16
CA LEU Z 407 54.87 -19.17 37.96
C LEU Z 407 55.69 -18.28 38.89
N GLU Z 408 56.11 -17.12 38.39
CA GLU Z 408 56.89 -16.21 39.22
C GLU Z 408 56.08 -15.68 40.40
N SER Z 409 54.80 -15.34 40.16
CA SER Z 409 53.97 -14.84 41.25
C SER Z 409 53.70 -15.93 42.29
N PHE Z 410 53.47 -17.17 41.84
CA PHE Z 410 53.29 -18.27 42.77
C PHE Z 410 54.54 -18.52 43.60
N SER Z 411 55.71 -18.51 42.96
CA SER Z 411 56.95 -18.80 43.65
C SER Z 411 57.38 -17.71 44.62
N ALA Z 412 56.71 -16.56 44.59
CA ALA Z 412 56.98 -15.49 45.54
C ALA Z 412 56.18 -15.62 46.82
N MET Z 413 54.97 -16.16 46.75
CA MET Z 413 54.12 -16.27 47.92
C MET Z 413 54.58 -17.38 48.85
N VAL Z 414 54.97 -18.52 48.30
CA VAL Z 414 55.19 -19.76 49.05
C VAL Z 414 56.35 -19.70 50.04
N PRO Z 415 57.57 -19.30 49.64
CA PRO Z 415 58.72 -19.55 50.52
C PRO Z 415 58.64 -18.89 51.89
N ARG Z 416 57.96 -17.75 52.02
CA ARG Z 416 57.88 -17.09 53.32
C ARG Z 416 57.12 -17.93 54.34
N LEU Z 417 56.35 -18.93 53.91
CA LEU Z 417 55.59 -19.77 54.81
C LEU Z 417 56.35 -21.01 55.27
N GLN Z 418 57.58 -21.20 54.80
CA GLN Z 418 58.34 -22.40 55.17
C GLN Z 418 58.61 -22.44 56.66
N ASN Z 419 59.16 -21.36 57.22
CA ASN Z 419 59.50 -21.36 58.63
C ASN Z 419 58.24 -21.40 59.51
N GLU Z 420 57.19 -20.70 59.11
CA GLU Z 420 55.96 -20.67 59.89
C GLU Z 420 55.33 -22.05 59.97
N PHE Z 421 55.32 -22.78 58.86
CA PHE Z 421 54.62 -24.06 58.83
C PHE Z 421 55.47 -25.19 59.40
N PHE Z 422 56.68 -25.38 58.88
CA PHE Z 422 57.34 -26.66 59.00
C PHE Z 422 58.47 -26.73 60.02
N ILE Z 423 59.03 -25.60 60.46
CA ILE Z 423 59.99 -25.65 61.56
C ILE Z 423 59.35 -26.17 62.85
N PRO Z 424 58.20 -25.67 63.30
CA PRO Z 424 57.56 -26.29 64.48
C PRO Z 424 57.21 -27.75 64.28
N VAL Z 425 56.90 -28.15 63.04
CA VAL Z 425 56.60 -29.56 62.76
C VAL Z 425 57.83 -30.42 63.01
N ILE Z 426 58.98 -29.97 62.52
CA ILE Z 426 60.22 -30.73 62.70
C ILE Z 426 60.60 -30.80 64.16
N GLN Z 427 60.45 -29.68 64.89
CA GLN Z 427 60.79 -29.69 66.30
C GLN Z 427 59.92 -30.65 67.09
N ARG Z 428 58.61 -30.65 66.82
CA ARG Z 428 57.72 -31.57 67.51
C ARG Z 428 57.96 -33.01 67.10
N THR Z 429 58.33 -33.24 65.84
CA THR Z 429 58.63 -34.60 65.40
C THR Z 429 59.83 -35.18 66.15
N LEU Z 430 60.89 -34.38 66.31
CA LEU Z 430 62.05 -34.85 67.06
C LEU Z 430 61.71 -35.08 68.52
N TRP Z 431 60.83 -34.26 69.08
CA TRP Z 431 60.39 -34.47 70.46
C TRP Z 431 59.66 -35.81 70.59
N VAL Z 432 58.80 -36.13 69.63
CA VAL Z 432 58.09 -37.41 69.67
C VAL Z 432 59.06 -38.56 69.51
N ILE Z 433 60.02 -38.43 68.59
CA ILE Z 433 61.00 -39.50 68.37
C ILE Z 433 61.79 -39.78 69.64
N ASN Z 434 62.18 -38.73 70.37
CA ASN Z 434 62.90 -38.94 71.62
C ASN Z 434 62.02 -39.63 72.66
N LYS Z 435 60.75 -39.27 72.74
CA LYS Z 435 59.85 -39.86 73.71
C LYS Z 435 59.56 -41.32 73.41
N VAL Z 436 59.32 -41.67 72.15
CA VAL Z 436 58.95 -43.03 71.78
C VAL Z 436 60.17 -43.93 71.66
N LEU Z 437 61.27 -43.43 71.11
CA LEU Z 437 62.52 -44.16 70.98
C LEU Z 437 63.56 -43.48 71.86
N PRO Z 438 63.52 -43.71 73.17
CA PRO Z 438 64.42 -42.98 74.08
C PRO Z 438 65.89 -43.31 73.85
N GLU Z 439 66.21 -44.41 73.17
CA GLU Z 439 67.60 -44.77 72.94
C GLU Z 439 68.26 -43.91 71.86
N THR Z 440 67.47 -43.22 71.03
CA THR Z 440 68.07 -42.43 69.96
C THR Z 440 68.85 -41.24 70.51
N PHE Z 441 68.44 -40.69 71.64
CA PHE Z 441 69.14 -39.58 72.30
C PHE Z 441 69.77 -40.05 73.61
N ALA Z 442 70.26 -41.28 73.63
CA ALA Z 442 70.85 -41.86 74.83
C ALA Z 442 72.33 -41.46 74.94
N ASN Z 443 72.85 -41.58 76.15
CA ASN Z 443 74.24 -41.23 76.47
C ASN Z 443 74.51 -39.75 76.14
N ILE Z 444 73.55 -38.89 76.43
CA ILE Z 444 73.65 -37.46 76.18
C ILE Z 444 73.26 -36.73 77.44
N PRO Z 445 74.03 -35.74 77.90
CA PRO Z 445 73.62 -34.98 79.09
C PRO Z 445 72.27 -34.32 78.88
N ASP Z 446 71.48 -34.25 79.95
CA ASP Z 446 70.10 -33.79 79.82
C ASP Z 446 70.05 -32.35 79.34
N ASP Z 447 71.00 -31.52 79.77
CA ASP Z 447 71.01 -30.11 79.37
C ASP Z 447 71.15 -29.98 77.86
N ILE Z 448 72.11 -30.69 77.26
CA ILE Z 448 72.32 -30.57 75.83
C ILE Z 448 71.27 -31.37 75.06
N ARG Z 449 70.70 -32.40 75.68
CA ARG Z 449 69.65 -33.17 75.02
C ARG Z 449 68.43 -32.31 74.74
N ASN Z 450 68.04 -31.49 75.71
CA ASN Z 450 66.89 -30.61 75.52
C ASN Z 450 67.18 -29.53 74.48
N LYS Z 451 68.39 -28.99 74.49
CA LYS Z 451 68.77 -27.99 73.49
C LYS Z 451 68.85 -28.61 72.10
N MET Z 452 69.19 -29.90 72.03
CA MET Z 452 69.27 -30.58 70.74
C MET Z 452 67.88 -30.87 70.19
N ILE Z 453 66.98 -31.34 71.04
CA ILE Z 453 65.62 -31.66 70.61
C ILE Z 453 64.91 -30.40 70.14
N SER Z 454 65.06 -29.32 70.89
CA SER Z 454 64.59 -28.02 70.43
C SER Z 454 65.53 -27.51 69.36
N VAL Z 455 65.12 -27.59 68.10
CA VAL Z 455 66.01 -27.28 66.97
C VAL Z 455 65.96 -25.77 66.81
N ASP Z 456 66.76 -25.08 67.62
CA ASP Z 456 66.69 -23.63 67.73
C ASP Z 456 67.95 -22.94 67.23
N GLY Z 457 68.89 -23.69 66.65
CA GLY Z 457 70.11 -23.11 66.15
C GLY Z 457 71.26 -23.06 67.15
N GLN Z 458 71.02 -23.43 68.40
CA GLN Z 458 72.11 -23.44 69.38
C GLN Z 458 73.02 -24.65 69.17
N ILE Z 459 72.45 -25.85 69.33
CA ILE Z 459 73.18 -27.08 69.07
C ILE Z 459 72.85 -27.63 67.69
N LEU Z 460 71.59 -27.52 67.28
CA LEU Z 460 71.12 -28.10 66.04
C LEU Z 460 70.33 -27.05 65.28
N GLY Z 461 70.66 -26.86 64.00
CA GLY Z 461 69.96 -25.94 63.14
C GLY Z 461 69.26 -26.66 62.00
N LEU Z 462 68.54 -25.87 61.19
CA LEU Z 462 67.81 -26.37 60.06
C LEU Z 462 68.17 -25.56 58.82
N SER Z 463 67.99 -26.18 57.66
CA SER Z 463 68.25 -25.52 56.39
C SER Z 463 67.36 -26.17 55.34
N PHE Z 464 66.51 -25.37 54.70
CA PHE Z 464 65.54 -25.90 53.75
C PHE Z 464 66.10 -25.90 52.33
N ASP Z 465 65.68 -26.91 51.56
CA ASP Z 465 66.13 -27.09 50.18
C ASP Z 465 64.90 -27.49 49.37
N THR Z 466 64.25 -26.50 48.75
CA THR Z 466 63.01 -26.66 48.03
C THR Z 466 63.18 -26.21 46.59
N PRO Z 467 62.27 -26.61 45.68
CA PRO Z 467 62.36 -26.15 44.29
C PRO Z 467 62.31 -24.64 44.12
N LEU Z 468 62.02 -23.88 45.17
CA LEU Z 468 61.98 -22.42 45.07
C LEU Z 468 63.28 -21.77 45.54
N MET Z 469 63.84 -22.22 46.66
CA MET Z 469 65.15 -21.77 47.12
C MET Z 469 66.18 -22.83 46.74
N THR Z 470 66.95 -22.57 45.69
CA THR Z 470 67.77 -23.62 45.10
C THR Z 470 68.86 -24.15 46.03
N ALA Z 471 69.93 -23.38 46.28
CA ALA Z 471 70.96 -23.88 47.18
C ALA Z 471 71.59 -22.84 48.12
N LYS Z 472 71.71 -21.57 47.70
CA LYS Z 472 72.45 -20.53 48.42
C LYS Z 472 73.95 -20.83 48.47
N GLY Z 473 74.36 -22.01 48.01
CA GLY Z 473 75.76 -22.37 48.02
C GLY Z 473 76.33 -22.40 46.62
N GLN Z 474 75.45 -22.61 45.65
CA GLN Z 474 75.87 -22.52 44.25
C GLN Z 474 76.34 -21.12 43.90
N VAL Z 475 75.81 -20.10 44.58
CA VAL Z 475 76.26 -18.73 44.34
C VAL Z 475 77.69 -18.55 44.81
N LYS Z 476 78.02 -19.12 45.98
CA LYS Z 476 79.39 -19.06 46.47
C LYS Z 476 80.37 -19.76 45.53
N THR Z 477 79.98 -20.93 45.03
CA THR Z 477 80.85 -21.67 44.13
C THR Z 477 81.00 -20.96 42.79
N ALA Z 478 79.91 -20.40 42.27
CA ALA Z 478 79.97 -19.72 40.98
C ALA Z 478 80.88 -18.51 41.05
N ALA Z 479 80.85 -17.77 42.16
CA ALA Z 479 81.77 -16.65 42.32
C ALA Z 479 83.21 -17.14 42.39
N LEU Z 480 83.44 -18.27 43.05
CA LEU Z 480 84.79 -18.83 43.13
C LEU Z 480 85.29 -19.26 41.76
N LEU Z 481 84.43 -19.89 40.96
CA LEU Z 481 84.83 -20.31 39.62
C LEU Z 481 85.05 -19.11 38.71
N GLY Z 482 84.23 -18.08 38.84
CA GLY Z 482 84.43 -16.87 38.05
C GLY Z 482 85.72 -16.17 38.40
N PHE Z 483 86.09 -16.20 39.68
CA PHE Z 483 87.38 -15.64 40.09
C PHE Z 483 88.54 -16.39 39.45
N TYR Z 484 88.47 -17.72 39.43
CA TYR Z 484 89.57 -18.50 38.90
C TYR Z 484 89.71 -18.31 37.39
N GLN Z 485 88.60 -18.23 36.67
CA GLN Z 485 88.67 -18.01 35.23
C GLN Z 485 89.36 -16.68 34.92
N ALA Z 486 89.02 -15.64 35.67
CA ALA Z 486 89.68 -14.35 35.47
C ALA Z 486 91.16 -14.42 35.81
N ALA Z 487 91.50 -15.07 36.94
CA ALA Z 487 92.90 -15.15 37.34
C ALA Z 487 93.72 -15.98 36.37
N ALA Z 488 93.16 -17.08 35.88
CA ALA Z 488 93.88 -17.93 34.92
C ALA Z 488 93.96 -17.28 33.55
N SER Z 489 93.12 -16.29 33.25
CA SER Z 489 93.27 -15.58 32.00
C SER Z 489 94.43 -14.59 32.05
N LEU Z 490 94.63 -13.95 33.20
CA LEU Z 490 95.68 -12.93 33.32
C LEU Z 490 97.02 -13.57 33.64
N LEU Z 491 97.04 -14.60 34.47
CA LEU Z 491 98.27 -15.18 34.96
C LEU Z 491 98.50 -16.61 34.50
N GLY Z 492 97.53 -17.23 33.82
CA GLY Z 492 97.66 -18.59 33.39
C GLY Z 492 97.41 -19.56 34.52
N PRO Z 493 97.19 -20.83 34.19
CA PRO Z 493 97.19 -21.87 35.22
C PRO Z 493 98.58 -22.04 35.79
N GLU Z 494 98.64 -22.80 36.89
CA GLU Z 494 99.86 -23.05 37.68
C GLU Z 494 100.24 -21.80 38.46
N ALA Z 495 99.58 -20.68 38.17
CA ALA Z 495 99.72 -19.46 38.93
C ALA Z 495 98.43 -19.08 39.65
N ALA Z 496 97.29 -19.19 38.97
CA ALA Z 496 96.01 -19.05 39.64
C ALA Z 496 95.80 -20.17 40.66
N THR Z 497 96.16 -21.39 40.29
CA THR Z 497 96.07 -22.50 41.24
C THR Z 497 97.03 -22.33 42.40
N ALA Z 498 98.24 -21.84 42.12
CA ALA Z 498 99.22 -21.64 43.18
C ALA Z 498 98.76 -20.59 44.19
N SER Z 499 97.98 -19.62 43.75
CA SER Z 499 97.48 -18.57 44.64
C SER Z 499 96.15 -18.96 45.28
N LEU Z 500 96.09 -20.15 45.83
CA LEU Z 500 94.88 -20.69 46.42
C LEU Z 500 95.25 -21.45 47.68
N ASP Z 501 94.33 -21.47 48.64
CA ASP Z 501 94.49 -22.34 49.79
C ASP Z 501 93.73 -23.63 49.50
N PRO Z 502 94.41 -24.66 48.98
CA PRO Z 502 93.68 -25.84 48.49
C PRO Z 502 92.86 -26.55 49.56
N VAL Z 503 93.36 -26.61 50.80
CA VAL Z 503 92.60 -27.27 51.85
C VAL Z 503 91.31 -26.51 52.15
N GLU Z 504 91.40 -25.19 52.25
CA GLU Z 504 90.20 -24.38 52.46
C GLU Z 504 89.26 -24.47 51.28
N VAL Z 505 89.81 -24.48 50.06
CA VAL Z 505 88.97 -24.53 48.87
C VAL Z 505 88.19 -25.83 48.84
N LEU Z 506 88.85 -26.96 49.12
CA LEU Z 506 88.17 -28.25 49.11
C LEU Z 506 87.06 -28.30 50.13
N THR Z 507 87.35 -27.86 51.36
CA THR Z 507 86.35 -27.92 52.42
C THR Z 507 85.16 -27.00 52.12
N ASN Z 508 85.43 -25.81 51.59
CA ASN Z 508 84.34 -24.88 51.30
C ASN Z 508 83.53 -25.34 50.09
N LEU Z 509 84.17 -25.94 49.10
CA LEU Z 509 83.42 -26.47 47.97
C LEU Z 509 82.46 -27.57 48.40
N ALA Z 510 82.92 -28.44 49.31
CA ALA Z 510 82.05 -29.50 49.82
C ALA Z 510 80.87 -28.91 50.57
N ASP Z 511 81.10 -27.90 51.40
CA ASP Z 511 80.01 -27.27 52.14
C ASP Z 511 79.05 -26.55 51.20
N ASN Z 512 79.58 -25.87 50.19
CA ASN Z 512 78.72 -25.13 49.26
C ASN Z 512 77.81 -26.08 48.49
N GLN Z 513 78.33 -27.22 48.06
CA GLN Z 513 77.55 -28.19 47.30
C GLN Z 513 76.63 -29.03 48.19
N GLY Z 514 76.74 -28.91 49.50
CA GLY Z 514 75.94 -29.74 50.38
C GLY Z 514 76.28 -31.21 50.25
N ILE Z 515 77.56 -31.53 50.17
CA ILE Z 515 78.01 -32.88 49.90
C ILE Z 515 78.21 -33.61 51.23
N ASP Z 516 78.15 -34.94 51.16
CA ASP Z 516 78.40 -35.76 52.33
C ASP Z 516 79.86 -35.62 52.76
N VAL Z 517 80.06 -35.40 54.06
CA VAL Z 517 81.41 -35.15 54.57
C VAL Z 517 82.28 -36.39 54.41
N ARG Z 518 81.69 -37.57 54.59
CA ARG Z 518 82.46 -38.81 54.52
C ARG Z 518 83.07 -39.04 53.14
N ASN Z 519 82.53 -38.42 52.10
CA ASN Z 519 83.05 -38.62 50.76
C ASN Z 519 84.40 -37.95 50.53
N ILE Z 520 84.86 -37.10 51.44
CA ILE Z 520 86.10 -36.36 51.26
C ILE Z 520 86.98 -36.60 52.47
N LYS Z 521 88.29 -36.52 52.26
CA LYS Z 521 89.24 -36.69 53.34
C LYS Z 521 89.15 -35.52 54.32
N THR Z 522 89.53 -35.79 55.57
CA THR Z 522 89.49 -34.77 56.61
C THR Z 522 90.57 -33.72 56.36
N ARG Z 523 90.48 -32.62 57.10
CA ARG Z 523 91.43 -31.53 56.93
C ARG Z 523 92.85 -31.97 57.24
N GLU Z 524 93.03 -32.76 58.30
CA GLU Z 524 94.36 -33.24 58.64
C GLU Z 524 94.92 -34.16 57.56
N GLU Z 525 94.06 -35.01 56.99
CA GLU Z 525 94.50 -35.86 55.89
C GLU Z 525 94.83 -35.04 54.65
N LEU Z 526 94.03 -34.02 54.36
CA LEU Z 526 94.29 -33.17 53.20
C LEU Z 526 95.59 -32.40 53.37
N GLU Z 527 95.85 -31.88 54.57
CA GLU Z 527 97.09 -31.14 54.80
C GLU Z 527 98.30 -32.05 54.73
N GLN Z 528 98.19 -33.28 55.20
CA GLN Z 528 99.28 -34.24 55.03
C GLN Z 528 99.53 -34.53 53.56
N LEU Z 529 98.45 -34.67 52.77
CA LEU Z 529 98.59 -34.89 51.34
C LEU Z 529 99.26 -33.70 50.66
N LEU Z 530 98.86 -32.49 51.03
CA LEU Z 530 99.46 -31.30 50.44
C LEU Z 530 100.93 -31.18 50.82
N GLN Z 531 101.27 -31.51 52.06
CA GLN Z 531 102.65 -31.45 52.50
C GLN Z 531 103.51 -32.45 51.74
N ALA Z 532 102.97 -33.64 51.46
CA ALA Z 532 103.69 -34.61 50.66
C ALA Z 532 103.86 -34.13 49.22
N ALA Z 533 102.84 -33.49 48.67
CA ALA Z 533 102.92 -32.98 47.30
C ALA Z 533 103.98 -31.89 47.17
N GLY Z 534 104.25 -31.15 48.25
CA GLY Z 534 105.34 -30.20 48.22
C GLY Z 534 106.69 -30.87 48.15
N GLN Z 535 106.86 -31.96 48.88
CA GLN Z 535 108.12 -32.69 48.87
C GLN Z 535 108.38 -33.34 47.51
N ILE Z 536 107.33 -33.79 46.84
CA ILE Z 536 107.50 -34.33 45.49
C ILE Z 536 108.01 -33.25 44.54
N ALA Z 537 107.46 -32.03 44.65
CA ALA Z 537 107.91 -30.95 43.79
C ALA Z 537 109.36 -30.58 44.07
N GLN Z 538 109.77 -30.60 45.33
CA GLN Z 538 111.17 -30.29 45.66
C GLN Z 538 112.12 -31.29 45.02
N GLN Z 539 111.80 -32.58 45.13
CA GLN Z 539 112.69 -33.59 44.59
C GLN Z 539 112.71 -33.56 43.07
N GLU Z 540 111.54 -33.41 42.44
CA GLU Z 540 111.50 -33.37 40.98
C GLU Z 540 112.21 -32.13 40.44
N ALA Z 541 112.06 -30.99 41.12
CA ALA Z 541 112.79 -29.80 40.73
C ALA Z 541 114.29 -29.97 40.95
N ALA Z 542 114.67 -30.62 42.05
CA ALA Z 542 116.09 -30.82 42.34
C ALA Z 542 116.76 -31.72 41.30
N GLN Z 543 116.01 -32.63 40.69
CA GLN Z 543 116.55 -33.46 39.63
C GLN Z 543 116.76 -32.71 38.34
N GLN Z 544 116.15 -31.54 38.17
CA GLN Z 544 116.37 -30.69 37.02
C GLN Z 544 117.39 -29.59 37.29
N GLY Z 545 117.99 -29.58 38.47
CA GLY Z 545 119.01 -28.60 38.81
C GLY Z 545 118.49 -27.32 39.42
N VAL Z 546 117.18 -27.16 39.58
CA VAL Z 546 116.60 -25.97 40.17
C VAL Z 546 116.18 -26.31 41.61
N ILE Z 547 116.59 -25.46 42.54
CA ILE Z 547 116.28 -25.66 43.96
C ILE Z 547 115.14 -24.72 44.33
N ILE Z 548 114.07 -25.29 44.88
CA ILE Z 548 112.93 -24.50 45.31
C ILE Z 548 113.10 -24.04 46.75
N VAL AA 30 55.14 13.10 81.92
CA VAL AA 30 53.95 12.33 81.60
C VAL AA 30 52.90 13.23 80.96
N ASN AA 31 52.76 14.44 81.47
CA ASN AA 31 51.80 15.37 80.90
C ASN AA 31 52.20 15.75 79.48
N ARG AA 32 53.50 15.89 79.23
CA ARG AA 32 53.98 16.16 77.87
C ARG AA 32 53.74 14.96 76.97
N LEU AA 33 53.87 13.74 77.51
CA LEU AA 33 53.61 12.55 76.71
C LEU AA 33 52.18 12.52 76.22
N CYS AA 34 51.22 12.86 77.08
CA CYS AA 34 49.82 12.83 76.68
C CYS AA 34 49.52 13.89 75.63
N ARG AA 35 50.15 15.06 75.73
CA ARG AA 35 49.94 16.07 74.70
C ARG AA 35 50.47 15.60 73.34
N MET AA 36 51.64 14.98 73.33
CA MET AA 36 52.18 14.46 72.08
C MET AA 36 51.30 13.35 71.52
N ARG AA 37 50.81 12.47 72.39
CA ARG AA 37 49.97 11.37 71.93
C ARG AA 37 48.65 11.86 71.37
N ASN AA 38 48.06 12.88 71.99
CA ASN AA 38 46.80 13.42 71.49
C ASN AA 38 46.99 14.08 70.12
N ASP AA 39 48.10 14.77 69.92
CA ASP AA 39 48.36 15.37 68.61
C ASP AA 39 48.61 14.31 67.55
N ALA AA 40 49.34 13.25 67.90
CA ALA AA 40 49.55 12.17 66.96
C ALA AA 40 48.27 11.40 66.68
N LYS AA 41 47.36 11.39 67.64
CA LYS AA 41 46.08 10.70 67.45
C LYS AA 41 45.16 11.47 66.51
N SER AA 42 45.20 12.80 66.55
CA SER AA 42 44.39 13.59 65.64
C SER AA 42 44.85 13.44 64.20
N ASP AA 43 46.15 13.26 63.97
CA ASP AA 43 46.63 12.99 62.62
C ASP AA 43 46.08 11.68 62.09
N LEU AA 44 46.07 10.64 62.93
CA LEU AA 44 45.54 9.35 62.51
C LEU AA 44 44.05 9.46 62.19
N ASP AA 45 43.30 10.20 63.00
CA ASP AA 45 41.87 10.36 62.74
C ASP AA 45 41.61 11.06 61.42
N MET AA 46 42.50 11.97 61.01
CA MET AA 46 42.34 12.62 59.71
C MET AA 46 42.68 11.69 58.56
N TRP AA 47 43.48 10.66 58.78
CA TRP AA 47 43.82 9.70 57.73
C TRP AA 47 42.83 8.55 57.61
N ARG AA 48 41.92 8.38 58.58
CA ARG AA 48 41.12 7.16 58.64
C ARG AA 48 40.24 6.99 57.42
N SER AA 49 39.62 8.06 56.95
CA SER AA 49 38.66 7.93 55.87
C SER AA 49 39.33 7.46 54.58
N ILE AA 50 40.43 8.11 54.19
CA ILE AA 50 41.07 7.76 52.92
C ILE AA 50 41.77 6.41 53.03
N LEU AA 51 42.33 6.07 54.19
CA LEU AA 51 43.05 4.81 54.31
C LEU AA 51 42.11 3.63 54.39
N GLN AA 52 40.97 3.78 55.09
CA GLN AA 52 40.00 2.69 55.10
C GLN AA 52 39.46 2.44 53.70
N THR AA 53 39.21 3.50 52.95
CA THR AA 53 38.75 3.33 51.56
C THR AA 53 39.82 2.68 50.71
N ALA AA 54 41.07 3.14 50.83
CA ALA AA 54 42.14 2.59 49.99
C ALA AA 54 42.39 1.12 50.32
N TYR AA 55 42.41 0.77 51.60
CA TYR AA 55 42.58 -0.63 51.97
C TYR AA 55 41.41 -1.48 51.52
N HIS AA 56 40.21 -0.91 51.47
CA HIS AA 56 39.05 -1.68 51.08
C HIS AA 56 39.17 -2.19 49.66
N TYR AA 57 39.63 -1.34 48.74
CA TYR AA 57 39.71 -1.75 47.34
C TYR AA 57 40.99 -2.53 47.03
N ALA AA 58 42.02 -2.42 47.85
CA ALA AA 58 43.28 -3.11 47.61
C ALA AA 58 43.42 -4.40 48.40
N MET AA 59 43.10 -4.38 49.69
CA MET AA 59 43.17 -5.57 50.55
C MET AA 59 41.90 -5.66 51.38
N PRO AA 60 40.77 -6.01 50.77
CA PRO AA 60 39.50 -5.98 51.50
C PRO AA 60 39.47 -6.84 52.75
N ASP AA 61 40.10 -8.02 52.72
CA ASP AA 61 40.03 -8.94 53.85
C ASP AA 61 41.05 -8.64 54.94
N TYR AA 62 42.05 -7.80 54.68
CA TYR AA 62 43.09 -7.51 55.64
C TYR AA 62 43.16 -6.02 55.92
N ASN AA 63 41.99 -5.39 56.02
CA ASN AA 63 41.88 -3.96 56.23
C ASN AA 63 41.96 -3.67 57.72
N PRO AA 64 43.05 -3.09 58.23
CA PRO AA 64 43.16 -2.87 59.67
C PRO AA 64 42.34 -1.68 60.17
N PHE AA 65 41.85 -0.82 59.27
CA PHE AA 65 41.06 0.33 59.66
C PHE AA 65 39.58 0.02 59.79
N GLU AA 66 39.17 -1.22 59.53
CA GLU AA 66 37.77 -1.57 59.61
C GLU AA 66 37.27 -1.51 61.05
N ASN AA 67 35.98 -1.21 61.20
CA ASN AA 67 35.35 -1.05 62.51
C ASN AA 67 36.07 0.00 63.35
N TYR AA 68 36.45 1.10 62.71
CA TYR AA 68 37.12 2.22 63.37
C TYR AA 68 38.39 1.77 64.08
N GLY AA 69 39.15 0.90 63.42
CA GLY AA 69 40.43 0.45 63.92
C GLY AA 69 40.38 -0.79 64.78
N LEU AA 70 39.20 -1.19 65.26
CA LEU AA 70 39.11 -2.39 66.08
C LEU AA 70 39.37 -3.65 65.26
N ALA AA 71 38.97 -3.65 63.99
CA ALA AA 71 39.19 -4.77 63.07
C ALA AA 71 38.55 -6.01 63.68
N GLY AA 72 39.27 -7.10 63.89
CA GLY AA 72 38.70 -8.32 64.42
C GLY AA 72 38.75 -8.49 65.92
N PHE AA 73 39.17 -7.46 66.66
CA PHE AA 73 39.28 -7.61 68.11
C PHE AA 73 37.93 -7.83 68.76
N LEU AA 74 36.90 -7.11 68.32
CA LEU AA 74 35.58 -7.23 68.93
C LEU AA 74 34.75 -8.33 68.28
N THR AA 75 34.67 -8.34 66.95
CA THR AA 75 33.84 -9.29 66.21
C THR AA 75 34.67 -9.98 65.15
N PRO AA 76 35.29 -11.11 65.48
CA PRO AA 76 36.02 -11.88 64.46
C PRO AA 76 35.06 -12.58 63.52
N GLY AA 77 35.60 -12.99 62.37
CA GLY AA 77 34.81 -13.72 61.40
C GLY AA 77 33.86 -12.89 60.58
N GLN AA 78 34.00 -11.57 60.60
CA GLN AA 78 33.13 -10.69 59.85
C GLN AA 78 33.45 -10.75 58.35
N GLN AA 79 32.44 -10.56 57.52
CA GLN AA 79 32.62 -10.53 56.08
C GLN AA 79 32.96 -9.13 55.62
N TYR AA 80 34.00 -8.99 54.81
CA TYR AA 80 34.47 -7.69 54.37
C TYR AA 80 34.50 -7.50 52.87
N ASN AA 81 34.59 -8.55 52.07
CA ASN AA 81 34.88 -8.42 50.65
C ASN AA 81 33.68 -8.74 49.76
N ALA AA 82 32.47 -8.75 50.30
CA ALA AA 82 31.31 -9.13 49.50
C ALA AA 82 31.01 -8.10 48.42
N ASP AA 83 31.37 -6.84 48.62
CA ASP AA 83 31.08 -5.78 47.67
C ASP AA 83 32.28 -5.42 46.80
N ILE AA 84 33.31 -6.25 46.78
CA ILE AA 84 34.44 -6.06 45.87
C ILE AA 84 34.19 -6.99 44.69
N TYR AA 85 33.52 -6.47 43.66
CA TYR AA 85 33.18 -7.29 42.50
C TYR AA 85 34.37 -7.49 41.58
N ASP AA 86 35.27 -6.52 41.50
CA ASP AA 86 36.42 -6.59 40.62
C ASP AA 86 37.68 -6.79 41.44
N LEU AA 87 38.48 -7.79 41.06
CA LEU AA 87 39.69 -8.14 41.79
C LEU AA 87 40.96 -7.69 41.10
N THR AA 88 40.85 -6.76 40.15
CA THR AA 88 42.04 -6.30 39.43
C THR AA 88 43.05 -5.66 40.38
N LEU AA 89 42.59 -4.70 41.19
CA LEU AA 89 43.50 -4.05 42.13
C LEU AA 89 44.02 -5.01 43.20
N PRO AA 90 43.18 -5.79 43.89
CA PRO AA 90 43.74 -6.71 44.90
C PRO AA 90 44.75 -7.70 44.35
N ILE AA 91 44.54 -8.21 43.14
CA ILE AA 91 45.51 -9.15 42.56
C ILE AA 91 46.82 -8.44 42.23
N ALA AA 92 46.73 -7.29 41.56
CA ALA AA 92 47.95 -6.57 41.19
C ALA AA 92 48.69 -6.07 42.42
N HIS AA 93 47.96 -5.66 43.45
CA HIS AA 93 48.59 -5.17 44.67
C HIS AA 93 49.37 -6.28 45.37
N LYS AA 94 48.76 -7.46 45.52
CA LYS AA 94 49.45 -8.57 46.18
C LYS AA 94 50.64 -9.04 45.36
N ARG AA 95 50.51 -9.10 44.04
CA ARG AA 95 51.62 -9.56 43.20
C ARG AA 95 52.77 -8.57 43.21
N LEU AA 96 52.47 -7.27 43.24
CA LEU AA 96 53.54 -6.28 43.29
C LEU AA 96 54.30 -6.36 44.61
N ALA AA 97 53.60 -6.51 45.72
CA ALA AA 97 54.28 -6.63 47.02
C ALA AA 97 55.13 -7.89 47.07
N ASP AA 98 54.61 -9.01 46.54
CA ASP AA 98 55.39 -10.24 46.51
C ASP AA 98 56.61 -10.07 45.63
N LYS AA 99 56.47 -9.38 44.50
CA LYS AA 99 57.59 -9.15 43.60
C LYS AA 99 58.66 -8.28 44.26
N MET AA 100 58.25 -7.27 45.03
CA MET AA 100 59.21 -6.43 45.73
C MET AA 100 59.95 -7.21 46.79
N LEU AA 101 59.28 -8.16 47.46
CA LEU AA 101 59.94 -8.96 48.48
C LEU AA 101 61.04 -9.82 47.88
N MET AA 102 60.79 -10.44 46.74
CA MET AA 102 61.77 -11.34 46.15
C MET AA 102 62.93 -10.62 45.48
N ASN AA 103 62.76 -9.34 45.15
CA ASN AA 103 63.82 -8.58 44.50
C ASN AA 103 64.64 -7.73 45.46
N MET AA 104 64.11 -7.44 46.65
CA MET AA 104 64.84 -6.69 47.65
C MET AA 104 65.51 -7.58 48.69
N VAL AA 105 64.81 -8.58 49.19
CA VAL AA 105 65.36 -9.51 50.18
C VAL AA 105 65.09 -10.93 49.74
N PRO AA 106 65.73 -11.42 48.68
CA PRO AA 106 65.45 -12.79 48.21
C PRO AA 106 65.81 -13.82 49.27
N GLN AA 107 64.79 -14.52 49.76
CA GLN AA 107 64.97 -15.46 50.85
C GLN AA 107 65.87 -16.60 50.41
N GLY AA 108 66.73 -17.04 51.32
CA GLY AA 108 67.68 -18.06 50.98
C GLY AA 108 68.86 -17.57 50.16
N GLN AA 109 69.08 -16.26 50.14
CA GLN AA 109 70.24 -15.68 49.50
C GLN AA 109 70.87 -14.67 50.45
N GLN AA 110 72.11 -14.30 50.17
CA GLN AA 110 72.86 -13.38 51.01
C GLN AA 110 72.78 -11.99 50.38
N TRP AA 111 71.64 -11.33 50.61
CA TRP AA 111 71.35 -10.08 49.93
C TRP AA 111 72.02 -8.87 50.54
N VAL AA 112 72.74 -9.02 51.66
CA VAL AA 112 73.53 -7.94 52.22
C VAL AA 112 74.81 -8.53 52.78
N LYS AA 113 75.88 -7.73 52.75
CA LYS AA 113 77.19 -8.14 53.24
C LYS AA 113 77.73 -7.09 54.19
N PHE AA 114 78.35 -7.54 55.27
CA PHE AA 114 79.12 -6.66 56.13
C PHE AA 114 80.52 -6.48 55.57
N THR AA 115 81.00 -5.24 55.58
CA THR AA 115 82.32 -4.90 55.07
C THR AA 115 83.07 -4.07 56.10
N PRO AA 116 84.40 -4.11 56.06
CA PRO AA 116 85.17 -3.27 57.00
C PRO AA 116 84.87 -1.80 56.79
N GLY AA 117 84.82 -1.05 57.88
CA GLY AA 117 84.54 0.36 57.82
C GLY AA 117 85.75 1.17 57.41
N ASP AA 118 85.56 2.49 57.40
CA ASP AA 118 86.61 3.40 56.96
C ASP AA 118 87.81 3.41 57.90
N GLU AA 119 87.66 2.93 59.14
CA GLU AA 119 88.75 2.95 60.09
C GLU AA 119 89.85 1.95 59.74
N PHE AA 120 89.57 0.98 58.87
CA PHE AA 120 90.54 -0.05 58.53
C PHE AA 120 91.39 0.32 57.32
N GLY AA 121 91.22 1.51 56.75
CA GLY AA 121 92.06 1.95 55.67
C GLY AA 121 91.57 1.51 54.31
N GLU AA 122 92.47 1.63 53.34
CA GLU AA 122 92.12 1.32 51.97
C GLU AA 122 92.01 -0.20 51.78
N PRO AA 123 91.08 -0.66 50.94
CA PRO AA 123 90.99 -2.09 50.67
C PRO AA 123 92.25 -2.63 50.02
N GLY AA 124 92.54 -3.90 50.31
CA GLY AA 124 93.67 -4.59 49.71
C GLY AA 124 94.90 -4.70 50.60
N THR AA 125 94.99 -3.89 51.65
CA THR AA 125 96.13 -3.97 52.55
C THR AA 125 96.02 -5.22 53.42
N PRO AA 126 97.14 -5.69 53.97
CA PRO AA 126 97.07 -6.87 54.86
C PRO AA 126 96.16 -6.67 56.05
N LEU AA 127 96.14 -5.47 56.64
CA LEU AA 127 95.26 -5.22 57.78
C LEU AA 127 93.79 -5.26 57.37
N TYR AA 128 93.47 -4.66 56.23
CA TYR AA 128 92.10 -4.70 55.73
C TYR AA 128 91.67 -6.13 55.40
N GLN AA 129 92.60 -6.96 54.95
CA GLN AA 129 92.25 -8.32 54.57
C GLN AA 129 91.79 -9.14 55.77
N ARG AA 130 92.40 -8.91 56.93
CA ARG AA 130 91.99 -9.65 58.12
C ARG AA 130 90.64 -9.17 58.64
N ALA AA 131 90.38 -7.86 58.56
CA ALA AA 131 89.06 -7.36 58.92
C ALA AA 131 88.00 -7.88 57.96
N LEU AA 132 88.33 -7.97 56.67
CA LEU AA 132 87.39 -8.48 55.68
C LEU AA 132 87.05 -9.95 55.95
N ASP AA 133 88.01 -10.72 56.44
CA ASP AA 133 87.73 -12.10 56.80
C ASP AA 133 86.75 -12.17 57.97
N ALA AA 134 86.91 -11.29 58.96
CA ALA AA 134 86.01 -11.29 60.11
C ALA AA 134 84.61 -10.89 59.73
N THR AA 135 84.46 -9.88 58.88
CA THR AA 135 83.13 -9.43 58.48
C THR AA 135 82.43 -10.46 57.60
N GLN AA 136 83.18 -11.24 56.84
CA GLN AA 136 82.57 -12.32 56.08
C GLN AA 136 82.03 -13.41 57.01
N ARG AA 137 82.73 -13.69 58.10
CA ARG AA 137 82.18 -14.61 59.10
C ARG AA 137 80.95 -14.03 59.77
N MET AA 138 80.96 -12.72 60.05
CA MET AA 138 79.79 -12.09 60.66
C MET AA 138 78.58 -12.16 59.74
N THR AA 139 78.79 -11.98 58.43
CA THR AA 139 77.67 -12.04 57.49
C THR AA 139 77.03 -13.43 57.49
N ASP AA 140 77.85 -14.47 57.51
CA ASP AA 140 77.31 -15.83 57.52
C ASP AA 140 76.48 -16.09 58.77
N HIS AA 141 76.98 -15.68 59.93
CA HIS AA 141 76.24 -15.91 61.17
C HIS AA 141 75.01 -15.04 61.25
N PHE AA 142 75.06 -13.82 60.71
CA PHE AA 142 73.91 -12.94 60.72
C PHE AA 142 72.75 -13.55 59.95
N PHE AA 143 73.03 -14.16 58.81
CA PHE AA 143 71.96 -14.74 58.00
C PHE AA 143 71.44 -16.06 58.56
N LYS AA 144 72.23 -16.79 59.33
CA LYS AA 144 71.71 -17.97 59.99
C LYS AA 144 70.64 -17.60 61.01
N ILE AA 145 70.86 -16.51 61.73
CA ILE AA 145 69.86 -16.04 62.70
C ILE AA 145 68.61 -15.57 61.98
N ILE AA 146 68.78 -14.78 60.91
CA ILE AA 146 67.63 -14.21 60.22
C ILE AA 146 66.83 -15.30 59.50
N ASP AA 147 67.51 -16.30 58.94
CA ASP AA 147 66.82 -17.33 58.18
C ASP AA 147 65.93 -18.21 59.03
N ARG AA 148 66.19 -18.33 60.33
CA ARG AA 148 65.34 -19.13 61.20
C ARG AA 148 64.31 -18.30 61.97
N SER AA 149 64.22 -17.01 61.70
CA SER AA 149 63.25 -16.15 62.34
C SER AA 149 62.06 -15.94 61.40
N ASN AA 150 61.12 -15.10 61.83
CA ASN AA 150 59.97 -14.74 61.02
C ASN AA 150 60.20 -13.43 60.28
N PHE AA 151 61.44 -13.16 59.90
CA PHE AA 151 61.78 -11.90 59.24
C PHE AA 151 61.03 -11.75 57.92
N TYR AA 152 61.06 -12.77 57.07
CA TYR AA 152 60.46 -12.64 55.76
C TYR AA 152 58.95 -12.60 55.82
N LEU AA 153 58.36 -13.25 56.82
CA LEU AA 153 56.91 -13.13 57.03
C LEU AA 153 56.53 -11.72 57.40
N ALA AA 154 57.32 -11.08 58.27
CA ALA AA 154 57.01 -9.72 58.71
C ALA AA 154 57.24 -8.72 57.58
N VAL AA 155 58.33 -8.86 56.84
CA VAL AA 155 58.63 -7.91 55.77
C VAL AA 155 57.57 -7.98 54.68
N GLY AA 156 57.13 -9.20 54.33
CA GLY AA 156 56.13 -9.34 53.30
C GLY AA 156 54.82 -8.65 53.64
N GLU AA 157 54.39 -8.74 54.89
CA GLU AA 157 53.17 -8.07 55.32
C GLU AA 157 53.34 -6.55 55.29
N SER AA 158 54.49 -6.06 55.75
CA SER AA 158 54.69 -4.62 55.78
C SER AA 158 54.83 -4.03 54.38
N LEU AA 159 55.31 -4.80 53.42
CA LEU AA 159 55.39 -4.31 52.04
C LEU AA 159 54.00 -4.11 51.46
N GLN AA 160 53.03 -4.91 51.87
CA GLN AA 160 51.65 -4.67 51.44
C GLN AA 160 51.09 -3.40 52.05
N ASP AA 161 51.52 -3.05 53.26
CA ASP AA 161 51.08 -1.80 53.86
C ASP AA 161 51.71 -0.60 53.17
N VAL AA 162 53.00 -0.70 52.83
CA VAL AA 162 53.69 0.45 52.25
C VAL AA 162 53.17 0.76 50.85
N LEU AA 163 52.63 -0.24 50.15
CA LEU AA 163 52.06 0.02 48.84
C LEU AA 163 50.85 0.92 48.93
N ILE AA 164 50.23 1.05 50.10
CA ILE AA 164 49.10 1.95 50.24
C ILE AA 164 49.55 3.25 50.89
N SER AA 165 49.97 3.20 52.14
CA SER AA 165 50.52 4.39 52.77
C SER AA 165 51.90 4.21 53.39
N THR AA 166 52.02 3.28 54.33
CA THR AA 166 53.14 3.25 55.25
C THR AA 166 53.27 1.87 55.86
N GLY AA 167 54.47 1.33 55.87
CA GLY AA 167 54.77 0.06 56.52
C GLY AA 167 55.55 0.31 57.80
N ILE AA 168 55.28 -0.51 58.81
CA ILE AA 168 55.98 -0.43 60.10
C ILE AA 168 56.42 -1.84 60.48
N ILE AA 169 57.67 -1.97 60.89
CA ILE AA 169 58.21 -3.24 61.37
C ILE AA 169 58.77 -3.03 62.77
N ALA AA 170 58.33 -3.86 63.70
CA ALA AA 170 58.84 -3.84 65.07
C ALA AA 170 59.83 -4.98 65.24
N ILE AA 171 61.03 -4.65 65.69
CA ILE AA 171 62.11 -5.62 65.92
C ILE AA 171 62.38 -5.64 67.41
N ASN AA 172 62.07 -6.77 68.04
CA ASN AA 172 62.08 -6.85 69.50
C ASN AA 172 63.02 -7.95 69.97
N GLU AA 173 63.48 -7.79 71.21
CA GLU AA 173 64.29 -8.82 71.84
C GLU AA 173 63.46 -10.05 72.13
N GLY AA 174 64.11 -11.21 72.04
CA GLY AA 174 63.47 -12.45 72.41
C GLY AA 174 64.22 -13.16 73.51
N ASN AA 175 64.60 -14.41 73.26
CA ASN AA 175 65.41 -15.19 74.19
C ASN AA 175 66.36 -16.06 73.38
N ARG AA 176 67.13 -16.90 74.06
CA ARG AA 176 68.15 -17.67 73.36
C ARG AA 176 67.57 -18.63 72.33
N LYS AA 177 66.29 -18.98 72.46
CA LYS AA 177 65.68 -19.85 71.45
C LYS AA 177 65.24 -19.05 70.23
N ARG AA 178 64.64 -17.89 70.42
CA ARG AA 178 64.26 -16.98 69.34
C ARG AA 178 64.81 -15.61 69.68
N PRO AA 179 66.07 -15.34 69.33
CA PRO AA 179 66.69 -14.07 69.75
C PRO AA 179 66.01 -12.82 69.22
N VAL AA 180 65.48 -12.85 68.00
CA VAL AA 180 64.91 -11.67 67.37
C VAL AA 180 63.50 -11.97 66.93
N ARG AA 181 62.57 -11.08 67.28
CA ARG AA 181 61.18 -11.20 66.88
C ARG AA 181 60.82 -10.03 65.98
N TYR AA 182 60.21 -10.33 64.85
CA TYR AA 182 59.75 -9.31 63.91
C TYR AA 182 58.23 -9.30 63.87
N GLU AA 183 57.66 -8.13 63.62
CA GLU AA 183 56.21 -8.01 63.50
C GLU AA 183 55.89 -6.84 62.59
N ALA AA 184 54.96 -7.05 61.66
CA ALA AA 184 54.42 -5.97 60.85
C ALA AA 184 53.33 -5.28 61.65
N VAL AA 185 53.60 -4.10 62.17
CA VAL AA 185 52.63 -3.38 62.99
C VAL AA 185 51.54 -2.82 62.09
N PRO AA 186 50.27 -3.07 62.39
CA PRO AA 186 49.18 -2.48 61.59
C PRO AA 186 49.23 -0.97 61.64
N PRO AA 187 49.04 -0.30 60.50
CA PRO AA 187 49.11 1.17 60.49
C PRO AA 187 48.01 1.84 61.29
N ALA AA 188 46.90 1.17 61.56
CA ALA AA 188 45.81 1.79 62.30
C ALA AA 188 46.03 1.78 63.81
N GLN AA 189 47.09 1.13 64.28
CA GLN AA 189 47.37 1.04 65.71
C GLN AA 189 48.65 1.78 66.10
N VAL AA 190 49.23 2.55 65.19
CA VAL AA 190 50.41 3.36 65.48
C VAL AA 190 50.09 4.81 65.15
N MET AA 191 50.75 5.71 65.87
CA MET AA 191 50.64 7.14 65.67
C MET AA 191 52.04 7.73 65.67
N PHE AA 192 52.23 8.78 64.88
CA PHE AA 192 53.56 9.34 64.66
C PHE AA 192 53.59 10.82 64.96
N GLN AA 193 54.74 11.27 65.44
CA GLN AA 193 55.14 12.67 65.39
C GLN AA 193 56.34 12.78 64.47
N GLY AA 194 56.36 13.82 63.64
CA GLY AA 194 57.41 14.00 62.66
C GLY AA 194 58.22 15.25 62.93
N ASP AA 195 59.48 15.23 62.53
CA ASP AA 195 60.34 16.40 62.64
C ASP AA 195 60.10 17.30 61.43
N ALA AA 196 60.96 18.31 61.26
CA ALA AA 196 60.76 19.27 60.17
C ALA AA 196 61.10 18.69 58.81
N GLU AA 197 61.89 17.62 58.76
CA GLU AA 197 62.29 17.01 57.51
C GLU AA 197 61.41 15.83 57.11
N GLY AA 198 60.37 15.52 57.87
CA GLY AA 198 59.49 14.42 57.56
C GLY AA 198 59.83 13.11 58.22
N GLN AA 199 60.97 13.02 58.90
CA GLN AA 199 61.33 11.81 59.61
C GLN AA 199 60.52 11.66 60.88
N VAL AA 200 60.33 10.42 61.31
CA VAL AA 200 59.56 10.12 62.51
C VAL AA 200 60.45 10.27 63.72
N ASP AA 201 59.98 11.01 64.74
CA ASP AA 201 60.73 11.17 65.98
C ASP AA 201 59.89 10.86 67.22
N ALA AA 202 58.72 10.26 67.06
CA ALA AA 202 57.94 9.77 68.19
C ALA AA 202 56.90 8.80 67.68
N ILE AA 203 56.79 7.64 68.33
CA ILE AA 203 55.89 6.59 67.91
C ILE AA 203 55.06 6.16 69.11
N PHE AA 204 53.75 6.04 68.91
CA PHE AA 204 52.83 5.55 69.93
C PHE AA 204 52.06 4.37 69.36
N ARG AA 205 52.19 3.21 69.99
CA ARG AA 205 51.51 2.00 69.54
C ARG AA 205 50.51 1.57 70.60
N ASP AA 206 49.27 1.30 70.16
CA ASP AA 206 48.20 0.90 71.06
C ASP AA 206 48.09 -0.61 71.09
N TRP AA 207 47.99 -1.16 72.30
CA TRP AA 207 47.70 -2.57 72.51
C TRP AA 207 46.32 -2.69 73.16
N TYR AA 208 45.47 -3.52 72.57
CA TYR AA 208 44.08 -3.60 72.98
C TYR AA 208 43.86 -4.87 73.80
N GLN AA 209 43.41 -4.70 75.04
CA GLN AA 209 42.99 -5.80 75.91
C GLN AA 209 44.04 -6.90 76.00
N VAL AA 210 45.19 -6.52 76.55
CA VAL AA 210 46.28 -7.46 76.79
C VAL AA 210 46.13 -8.05 78.18
N ARG AA 211 46.27 -9.37 78.28
CA ARG AA 211 46.24 -10.01 79.59
C ARG AA 211 47.48 -9.66 80.39
N ILE AA 212 47.32 -9.65 81.72
CA ILE AA 212 48.42 -9.29 82.61
C ILE AA 212 49.56 -10.29 82.46
N GLU AA 213 49.24 -11.58 82.40
CA GLU AA 213 50.28 -12.58 82.22
C GLU AA 213 51.02 -12.39 80.90
N ASN AA 214 50.36 -11.80 79.92
CA ASN AA 214 51.00 -11.54 78.63
C ASN AA 214 51.98 -10.38 78.71
N ILE AA 215 51.74 -9.44 79.62
CA ILE AA 215 52.58 -8.24 79.71
C ILE AA 215 54.02 -8.61 80.06
N LYS AA 216 54.19 -9.51 81.03
CA LYS AA 216 55.52 -9.90 81.46
C LYS AA 216 56.29 -10.61 80.36
N SER AA 217 55.61 -11.33 79.47
CA SER AA 217 56.32 -12.06 78.42
C SER AA 217 56.83 -11.11 77.34
N MET AA 218 56.05 -10.09 76.98
CA MET AA 218 56.51 -9.13 75.99
C MET AA 218 57.56 -8.18 76.56
N TRP AA 219 57.36 -7.72 77.79
CA TRP AA 219 58.29 -6.79 78.45
C TRP AA 219 58.73 -7.41 79.77
N PRO AA 220 59.83 -8.19 79.76
CA PRO AA 220 60.21 -8.94 80.97
C PRO AA 220 60.45 -8.09 82.20
N LYS AA 221 60.93 -6.86 82.06
CA LYS AA 221 61.26 -6.02 83.21
C LYS AA 221 60.13 -5.09 83.60
N ALA AA 222 58.95 -5.25 83.03
CA ALA AA 222 57.81 -4.42 83.41
C ALA AA 222 57.38 -4.72 84.84
N GLU AA 223 56.83 -3.71 85.50
CA GLU AA 223 56.37 -3.81 86.88
C GLU AA 223 54.85 -4.00 86.84
N VAL AA 224 54.41 -5.26 86.79
CA VAL AA 224 52.99 -5.55 86.73
C VAL AA 224 52.38 -5.75 88.10
N ALA AA 225 53.19 -5.97 89.14
CA ALA AA 225 52.66 -6.25 90.47
C ALA AA 225 51.89 -5.06 91.03
N LYS AA 226 52.31 -3.84 90.67
CA LYS AA 226 51.66 -2.65 91.22
C LYS AA 226 50.22 -2.50 90.76
N LEU AA 227 49.82 -3.17 89.68
CA LEU AA 227 48.45 -3.06 89.20
C LEU AA 227 47.48 -3.82 90.08
N ASN AA 228 47.95 -4.87 90.76
CA ASN AA 228 47.13 -5.70 91.63
C ASN AA 228 45.93 -6.28 90.88
N LYS AA 229 46.24 -7.07 89.86
CA LYS AA 229 45.23 -7.69 89.03
C LYS AA 229 45.56 -9.16 88.84
N LYS AA 230 44.53 -9.97 88.61
CA LYS AA 230 44.72 -11.39 88.37
C LYS AA 230 45.40 -11.61 87.03
N PRO AA 231 46.10 -12.73 86.85
CA PRO AA 231 46.81 -12.94 85.58
C PRO AA 231 45.89 -13.45 84.49
N GLU AA 232 44.67 -12.91 84.44
CA GLU AA 232 43.80 -13.08 83.30
C GLU AA 232 43.01 -11.82 82.98
N ASP AA 233 43.17 -10.74 83.75
CA ASP AA 233 42.50 -9.49 83.47
C ASP AA 233 43.10 -8.83 82.24
N LYS AA 234 42.27 -8.07 81.54
CA LYS AA 234 42.69 -7.34 80.35
C LYS AA 234 42.94 -5.89 80.69
N VAL AA 235 43.87 -5.27 79.96
CA VAL AA 235 44.18 -3.87 80.13
C VAL AA 235 44.72 -3.33 78.82
N ASP AA 236 44.41 -2.07 78.51
CA ASP AA 236 44.94 -1.41 77.33
C ASP AA 236 46.32 -0.87 77.65
N ILE AA 237 47.28 -1.13 76.75
CA ILE AA 237 48.68 -0.77 76.96
C ILE AA 237 49.09 0.23 75.90
N TRP AA 238 49.74 1.31 76.33
CA TRP AA 238 50.36 2.28 75.43
C TRP AA 238 51.86 2.06 75.42
N GLU AA 239 52.42 1.89 74.24
CA GLU AA 239 53.84 1.69 74.05
C GLU AA 239 54.38 2.93 73.34
N CYS AA 240 55.09 3.77 74.08
CA CYS AA 240 55.50 5.08 73.61
C CYS AA 240 57.02 5.15 73.49
N ALA AA 241 57.49 5.95 72.54
CA ALA AA 241 58.91 6.21 72.37
C ALA AA 241 59.08 7.52 71.63
N TRP AA 242 60.15 8.23 71.97
CA TRP AA 242 60.42 9.51 71.31
C TRP AA 242 61.90 9.81 71.38
N ILE AA 243 62.35 10.65 70.46
CA ILE AA 243 63.75 11.07 70.44
C ILE AA 243 63.94 12.20 71.43
N ASP AA 244 64.89 12.03 72.35
CA ASP AA 244 65.26 13.08 73.28
C ASP AA 244 66.43 13.85 72.69
N TYR AA 245 66.15 15.07 72.21
CA TYR AA 245 67.16 15.80 71.45
C TYR AA 245 68.31 16.26 72.34
N GLU AA 246 68.03 16.64 73.57
CA GLU AA 246 69.07 17.08 74.50
C GLU AA 246 69.62 15.93 75.34
N ALA AA 247 70.03 14.86 74.67
CA ALA AA 247 70.55 13.67 75.33
C ALA AA 247 71.70 13.11 74.52
N PRO AA 248 72.62 12.38 75.16
CA PRO AA 248 73.69 11.73 74.40
C PRO AA 248 73.14 10.60 73.52
N GLU AA 249 74.03 10.05 72.70
CA GLU AA 249 73.62 9.05 71.72
C GLU AA 249 73.07 7.80 72.39
N LYS AA 250 73.72 7.34 73.46
CA LYS AA 250 73.29 6.13 74.14
C LYS AA 250 71.96 6.30 74.88
N GLU AA 251 71.51 7.55 75.09
CA GLU AA 251 70.24 7.81 75.74
C GLU AA 251 69.25 8.49 74.79
N ARG AA 252 69.50 8.41 73.49
CA ARG AA 252 68.77 9.23 72.54
C ARG AA 252 67.29 8.87 72.47
N TYR AA 253 66.96 7.59 72.59
CA TYR AA 253 65.60 7.12 72.42
C TYR AA 253 65.00 6.80 73.78
N GLN AA 254 63.95 7.52 74.15
CA GLN AA 254 63.24 7.30 75.40
C GLN AA 254 62.06 6.36 75.15
N TYR AA 255 61.97 5.31 75.96
CA TYR AA 255 61.01 4.24 75.75
C TYR AA 255 60.17 4.05 77.01
N VAL AA 256 58.86 4.10 76.87
CA VAL AA 256 57.94 4.01 78.00
C VAL AA 256 56.81 3.05 77.64
N VAL AA 257 56.48 2.16 78.57
CA VAL AA 257 55.31 1.31 78.48
C VAL AA 257 54.39 1.63 79.65
N MET AA 258 53.12 1.87 79.36
CA MET AA 258 52.17 2.29 80.39
C MET AA 258 50.80 1.76 80.02
N THR AA 259 49.84 1.97 80.91
CA THR AA 259 48.45 1.59 80.68
C THR AA 259 47.63 2.82 80.29
N SER AA 260 46.40 2.57 79.84
CA SER AA 260 45.52 3.64 79.43
C SER AA 260 45.08 4.52 80.60
N SER AA 261 45.26 4.06 81.84
CA SER AA 261 45.00 4.87 83.02
C SER AA 261 46.26 5.51 83.56
N LYS AA 262 47.29 5.66 82.71
CA LYS AA 262 48.54 6.34 83.07
C LYS AA 262 49.24 5.67 84.24
N ASP AA 263 49.33 4.35 84.22
CA ASP AA 263 50.15 3.59 85.16
C ASP AA 263 51.41 3.16 84.44
N VAL AA 264 52.54 3.75 84.81
CA VAL AA 264 53.80 3.50 84.11
C VAL AA 264 54.34 2.14 84.54
N LEU AA 265 54.59 1.27 83.56
CA LEU AA 265 55.09 -0.07 83.82
C LEU AA 265 56.57 -0.22 83.53
N LEU AA 266 57.13 0.62 82.67
CA LEU AA 266 58.52 0.45 82.26
C LEU AA 266 59.02 1.76 81.66
N GLU AA 267 60.26 2.12 82.01
CA GLU AA 267 60.92 3.30 81.45
C GLU AA 267 62.36 2.95 81.13
N GLN AA 268 62.80 3.32 79.94
CA GLN AA 268 64.13 2.98 79.46
C GLN AA 268 64.66 4.10 78.59
N SER AA 269 65.98 4.08 78.37
CA SER AA 269 66.63 4.97 77.43
C SER AA 269 67.72 4.18 76.73
N ASN AA 270 67.61 4.08 75.40
CA ASN AA 270 68.52 3.26 74.63
C ASN AA 270 69.05 4.07 73.45
N SER AA 271 69.88 3.42 72.63
CA SER AA 271 70.39 4.01 71.42
C SER AA 271 69.51 3.73 70.21
N SER AA 272 68.42 3.00 70.39
CA SER AA 272 67.49 2.71 69.30
C SER AA 272 66.14 2.34 69.87
N TRP AA 273 65.12 2.39 69.03
CA TRP AA 273 63.77 1.97 69.36
C TRP AA 273 63.36 0.82 68.44
N PRO AA 274 62.34 0.05 68.82
CA PRO AA 274 62.05 -1.18 68.07
C PRO AA 274 61.65 -0.98 66.61
N TRP AA 275 61.11 0.17 66.24
CA TRP AA 275 60.38 0.28 64.98
C TRP AA 275 61.22 0.85 63.85
N VAL AA 276 60.86 0.41 62.64
CA VAL AA 276 61.35 1.00 61.40
C VAL AA 276 60.12 1.35 60.56
N VAL AA 277 60.10 2.56 60.01
CA VAL AA 277 58.94 3.08 59.30
C VAL AA 277 59.30 3.26 57.83
N TYR AA 278 58.46 2.73 56.95
CA TYR AA 278 58.68 2.74 55.51
C TYR AA 278 57.74 3.70 54.83
N ARG AA 279 58.26 4.45 53.86
CA ARG AA 279 57.44 5.22 52.92
C ARG AA 279 58.03 5.07 51.53
N MET AA 280 57.18 4.82 50.54
CA MET AA 280 57.65 4.82 49.16
C MET AA 280 57.74 6.24 48.61
N ARG AA 281 56.64 6.99 48.69
CA ARG AA 281 56.61 8.39 48.34
C ARG AA 281 55.87 9.15 49.44
N ARG AA 282 56.06 10.46 49.47
CA ARG AA 282 55.55 11.26 50.56
C ARG AA 282 55.15 12.63 50.05
N LEU AA 283 53.93 13.05 50.37
CA LEU AA 283 53.54 14.43 50.15
C LEU AA 283 54.10 15.30 51.27
N THR AA 284 54.64 16.45 50.90
CA THR AA 284 55.31 17.29 51.88
C THR AA 284 54.35 17.74 52.98
N GLY AA 285 54.85 17.76 54.21
CA GLY AA 285 54.03 18.07 55.35
C GLY AA 285 53.30 16.90 55.96
N GLU AA 286 53.37 15.73 55.35
CA GLU AA 286 52.74 14.52 55.86
C GLU AA 286 53.82 13.53 56.29
N ILE AA 287 53.56 12.81 57.37
CA ILE AA 287 54.48 11.79 57.83
C ILE AA 287 54.20 10.44 57.19
N ARG AA 288 52.93 10.06 57.11
CA ARG AA 288 52.56 8.86 56.38
C ARG AA 288 52.74 9.06 54.88
N GLY AA 289 53.11 8.00 54.19
CA GLY AA 289 53.36 8.07 52.76
C GLY AA 289 52.11 7.87 51.94
N ARG AA 290 52.32 7.86 50.62
CA ARG AA 290 51.27 7.57 49.66
C ARG AA 290 51.86 6.67 48.58
N GLY AA 291 51.38 5.45 48.49
CA GLY AA 291 51.91 4.49 47.55
C GLY AA 291 51.04 4.36 46.30
N PRO AA 292 51.52 3.57 45.34
CA PRO AA 292 50.78 3.44 44.07
C PRO AA 292 49.38 2.88 44.22
N SER AA 293 49.15 1.98 45.19
CA SER AA 293 47.81 1.44 45.38
C SER AA 293 46.84 2.52 45.82
N LEU AA 294 47.31 3.51 46.58
CA LEU AA 294 46.44 4.63 46.94
C LEU AA 294 46.08 5.45 45.71
N SER AA 295 47.01 5.57 44.76
CA SER AA 295 46.72 6.27 43.51
C SER AA 295 45.71 5.52 42.64
N ALA AA 296 45.56 4.22 42.84
CA ALA AA 296 44.71 3.40 41.98
C ALA AA 296 43.28 3.27 42.47
N TYR AA 297 42.99 3.63 43.72
CA TYR AA 297 41.69 3.24 44.25
C TYR AA 297 40.53 4.01 43.62
N PRO AA 298 40.67 5.29 43.24
CA PRO AA 298 39.53 5.92 42.52
C PRO AA 298 39.17 5.19 41.24
N THR AA 299 40.16 4.67 40.51
CA THR AA 299 39.87 3.85 39.35
C THR AA 299 39.17 2.56 39.74
N ALA AA 300 39.62 1.93 40.83
CA ALA AA 300 38.97 0.71 41.29
C ALA AA 300 37.52 0.96 41.69
N ALA AA 301 37.25 2.11 42.32
CA ALA AA 301 35.89 2.42 42.72
C ALA AA 301 34.96 2.51 41.52
N THR AA 302 35.42 3.12 40.43
CA THR AA 302 34.61 3.20 39.23
C THR AA 302 34.35 1.83 38.62
N ILE AA 303 35.39 0.99 38.57
CA ILE AA 303 35.23 -0.36 38.01
C ILE AA 303 34.23 -1.16 38.82
N ASN AA 304 34.34 -1.12 40.15
CA ASN AA 304 33.45 -1.89 40.99
C ASN AA 304 32.00 -1.43 40.84
N GLN AA 305 31.78 -0.13 40.70
CA GLN AA 305 30.42 0.35 40.49
C GLN AA 305 29.90 -0.09 39.12
N ALA AA 306 30.77 -0.11 38.11
CA ALA AA 306 30.36 -0.57 36.79
C ALA AA 306 29.99 -2.05 36.82
N LEU AA 307 30.78 -2.87 37.52
CA LEU AA 307 30.49 -4.30 37.57
C LEU AA 307 29.22 -4.57 38.37
N GLU AA 308 28.98 -3.82 39.44
CA GLU AA 308 27.77 -4.01 40.21
C GLU AA 308 26.54 -3.74 39.36
N ASP AA 309 26.60 -2.72 38.50
CA ASP AA 309 25.49 -2.43 37.60
C ASP AA 309 25.26 -3.58 36.62
N GLU AA 310 26.34 -4.16 36.10
CA GLU AA 310 26.18 -5.29 35.19
C GLU AA 310 25.54 -6.48 35.89
N LEU AA 311 25.91 -6.75 37.14
CA LEU AA 311 25.28 -7.84 37.88
C LEU AA 311 23.80 -7.58 38.09
N VAL AA 312 23.43 -6.34 38.43
CA VAL AA 312 22.02 -6.00 38.58
C VAL AA 312 21.29 -6.13 37.26
N ALA AA 313 21.91 -5.67 36.18
CA ALA AA 313 21.27 -5.71 34.87
C ALA AA 313 21.10 -7.15 34.38
N ALA AA 314 22.08 -8.01 34.63
CA ALA AA 314 22.06 -9.35 34.07
C ALA AA 314 20.89 -10.16 34.60
N ALA AA 315 20.40 -9.86 35.79
CA ALA AA 315 19.34 -10.65 36.38
C ALA AA 315 18.03 -10.53 35.59
N PHE AA 316 17.77 -9.39 34.97
CA PHE AA 316 16.55 -9.22 34.18
C PHE AA 316 16.81 -8.93 32.71
N GLN AA 317 18.06 -8.95 32.27
CA GLN AA 317 18.38 -8.83 30.86
C GLN AA 317 18.92 -10.11 30.25
N ALA AA 318 19.78 -10.82 30.98
CA ALA AA 318 20.25 -12.11 30.49
C ALA AA 318 19.19 -13.20 30.64
N ASN AA 319 18.43 -13.16 31.73
CA ASN AA 319 17.41 -14.17 31.96
C ASN AA 319 16.21 -13.96 31.04
N PRO AA 320 15.55 -15.04 30.64
CA PRO AA 320 14.29 -14.91 29.88
C PRO AA 320 13.18 -14.44 30.81
N MET AA 321 12.66 -13.25 30.53
CA MET AA 321 11.58 -12.70 31.33
C MET AA 321 10.53 -12.12 30.41
N TYR AA 322 9.33 -11.94 30.93
CA TYR AA 322 8.19 -11.53 30.12
C TYR AA 322 7.46 -10.39 30.79
N MET AA 323 6.81 -9.58 29.96
CA MET AA 323 5.93 -8.51 30.42
C MET AA 323 4.50 -8.88 30.06
N ALA AA 324 3.58 -8.64 30.97
CA ALA AA 324 2.17 -8.89 30.71
C ALA AA 324 1.35 -8.00 31.63
N ALA AA 325 0.04 -8.02 31.40
CA ALA AA 325 -0.86 -7.35 32.34
C ALA AA 325 -0.79 -7.98 33.72
N SER AA 326 -0.66 -9.31 33.77
CA SER AA 326 -0.63 -10.03 35.03
C SER AA 326 0.29 -11.23 34.90
N ASP AA 327 0.88 -11.63 36.02
CA ASP AA 327 1.66 -12.86 36.05
C ASP AA 327 0.79 -14.11 36.01
N SER AA 328 -0.53 -13.96 35.95
CA SER AA 328 -1.42 -15.08 35.75
C SER AA 328 -1.57 -15.47 34.28
N ALA AA 329 -0.70 -14.94 33.42
CA ALA AA 329 -0.76 -15.29 32.01
C ALA AA 329 -0.57 -16.79 31.79
N PHE AA 330 0.26 -17.43 32.61
CA PHE AA 330 0.27 -18.89 32.68
C PHE AA 330 0.41 -19.31 34.13
N ASN AA 331 0.11 -20.59 34.38
CA ASN AA 331 0.13 -21.17 35.71
C ASN AA 331 1.56 -21.62 36.01
N GLN AA 332 2.23 -20.92 36.94
CA GLN AA 332 3.60 -21.27 37.30
C GLN AA 332 3.68 -22.63 37.98
N GLN AA 333 2.62 -23.06 38.66
CA GLN AA 333 2.66 -24.32 39.39
C GLN AA 333 2.56 -25.53 38.48
N THR AA 334 1.80 -25.43 37.39
CA THR AA 334 1.69 -26.53 36.45
C THR AA 334 2.55 -26.35 35.20
N PHE AA 335 3.37 -25.30 35.15
CA PHE AA 335 4.24 -25.08 34.00
C PHE AA 335 5.17 -26.28 33.82
N THR AA 336 5.25 -26.78 32.60
CA THR AA 336 5.95 -28.03 32.30
C THR AA 336 7.07 -27.79 31.29
N PRO AA 337 8.31 -27.60 31.74
CA PRO AA 337 9.43 -27.37 30.81
C PRO AA 337 10.00 -28.67 30.24
N ARG AA 338 9.31 -29.22 29.24
CA ARG AA 338 9.68 -30.47 28.61
C ARG AA 338 9.69 -30.29 27.10
N PRO AA 339 10.56 -31.00 26.39
CA PRO AA 339 10.56 -30.90 24.92
C PRO AA 339 9.26 -31.42 24.34
N GLY AA 340 8.66 -30.61 23.47
CA GLY AA 340 7.36 -30.93 22.91
C GLY AA 340 6.18 -30.50 23.74
N SER AA 341 6.40 -29.91 24.90
CA SER AA 341 5.31 -29.54 25.79
C SER AA 341 4.56 -28.32 25.27
N ILE AA 342 3.23 -28.35 25.42
CA ILE AA 342 2.38 -27.20 25.18
C ILE AA 342 2.05 -26.56 26.52
N VAL AA 343 2.33 -25.27 26.65
CA VAL AA 343 2.00 -24.51 27.85
C VAL AA 343 0.76 -23.69 27.55
N PRO AA 344 -0.33 -23.85 28.31
CA PRO AA 344 -1.48 -22.96 28.16
C PRO AA 344 -1.10 -21.54 28.58
N VAL AA 345 -1.28 -20.59 27.67
CA VAL AA 345 -0.90 -19.20 27.92
C VAL AA 345 -2.03 -18.29 27.47
N GLN AA 346 -2.41 -17.34 28.32
CA GLN AA 346 -3.31 -16.26 27.91
C GLN AA 346 -2.50 -15.31 27.06
N MET AA 347 -2.55 -15.49 25.74
CA MET AA 347 -1.63 -14.77 24.86
C MET AA 347 -1.99 -13.29 24.73
N VAL AA 348 -3.21 -12.90 25.07
CA VAL AA 348 -3.61 -11.49 25.17
C VAL AA 348 -4.44 -11.32 26.43
N GLN AA 349 -4.13 -10.29 27.21
CA GLN AA 349 -4.91 -9.96 28.40
C GLN AA 349 -5.35 -8.51 28.28
N GLY AA 350 -6.63 -8.30 28.01
CA GLY AA 350 -7.12 -6.94 27.79
C GLY AA 350 -6.51 -6.35 26.53
N GLU AA 351 -5.86 -5.20 26.68
CA GLU AA 351 -5.24 -4.51 25.56
C GLU AA 351 -3.82 -4.96 25.29
N TRP AA 352 -3.20 -5.68 26.20
CA TRP AA 352 -1.77 -5.92 26.15
C TRP AA 352 -1.46 -7.39 25.93
N PRO AA 353 -0.64 -7.73 24.94
CA PRO AA 353 -0.18 -9.11 24.80
C PRO AA 353 1.07 -9.36 25.63
N ILE AA 354 1.29 -10.64 25.92
CA ILE AA 354 2.50 -11.03 26.64
C ILE AA 354 3.66 -11.07 25.65
N LYS AA 355 4.79 -10.49 26.03
CA LYS AA 355 5.92 -10.32 25.14
C LYS AA 355 7.20 -10.45 25.96
N PRO AA 356 8.33 -10.68 25.31
CA PRO AA 356 9.60 -10.70 26.05
C PRO AA 356 9.85 -9.37 26.71
N PHE AA 357 10.51 -9.42 27.87
CA PHE AA 357 10.91 -8.21 28.55
C PHE AA 357 11.84 -7.41 27.65
N GLU AA 358 11.59 -6.11 27.55
CA GLU AA 358 12.31 -5.30 26.58
C GLU AA 358 13.80 -5.26 26.89
N GLN AA 359 14.62 -5.44 25.86
CA GLN AA 359 16.05 -5.30 25.98
C GLN AA 359 16.43 -3.83 25.91
N SER AA 360 17.36 -3.43 26.78
CA SER AA 360 17.77 -2.03 26.85
C SER AA 360 19.23 -1.98 27.24
N GLY AA 361 19.87 -0.86 26.91
CA GLY AA 361 21.24 -0.66 27.30
C GLY AA 361 22.22 -1.01 26.20
N ASN AA 362 23.49 -0.84 26.54
CA ASN AA 362 24.60 -0.91 25.60
C ASN AA 362 25.75 -1.71 26.23
N ILE AA 363 25.49 -2.98 26.53
CA ILE AA 363 26.44 -3.86 27.20
C ILE AA 363 27.89 -3.66 26.76
N GLN AA 364 28.12 -3.49 25.46
CA GLN AA 364 29.49 -3.31 24.97
C GLN AA 364 30.12 -2.03 25.48
N PHE AA 365 29.32 -0.98 25.68
CA PHE AA 365 29.84 0.26 26.24
C PHE AA 365 30.43 0.04 27.62
N ASN AA 366 29.71 -0.68 28.48
CA ASN AA 366 30.21 -0.90 29.84
C ASN AA 366 31.47 -1.74 29.83
N ALA AA 367 31.52 -2.80 29.04
CA ALA AA 367 32.75 -3.58 28.91
C ALA AA 367 33.67 -3.01 27.86
N LEU AA 368 33.85 -1.69 27.87
CA LEU AA 368 34.87 -1.01 27.09
C LEU AA 368 35.58 -0.07 28.03
N LEU AA 369 34.81 0.52 28.95
CA LEU AA 369 35.37 1.30 30.04
C LEU AA 369 36.01 0.42 31.09
N VAL AA 370 35.37 -0.70 31.43
CA VAL AA 370 35.91 -1.60 32.44
C VAL AA 370 37.27 -2.12 32.02
N ASN AA 371 37.39 -2.55 30.76
CA ASN AA 371 38.68 -3.06 30.27
C ASN AA 371 39.72 -1.95 30.20
N ASP AA 372 39.31 -0.74 29.82
CA ASP AA 372 40.24 0.37 29.75
C ASP AA 372 40.80 0.74 31.12
N PHE AA 373 39.93 0.78 32.13
CA PHE AA 373 40.38 1.15 33.47
C PHE AA 373 41.16 0.02 34.12
N ARG AA 374 40.87 -1.24 33.78
CA ARG AA 374 41.64 -2.36 34.31
C ARG AA 374 43.10 -2.27 33.88
N GLN AA 375 43.34 -1.90 32.62
CA GLN AA 375 44.71 -1.85 32.13
C GLN AA 375 45.49 -0.70 32.76
N GLN AA 376 44.82 0.41 33.06
CA GLN AA 376 45.50 1.50 33.75
C GLN AA 376 45.97 1.08 35.13
N ILE AA 377 45.13 0.33 35.86
CA ILE AA 377 45.53 -0.19 37.15
C ILE AA 377 46.72 -1.13 37.01
N ASN AA 378 46.68 -1.99 36.00
CA ASN AA 378 47.78 -2.95 35.79
C ASN AA 378 49.08 -2.22 35.47
N GLU AA 379 49.04 -1.20 34.61
CA GLU AA 379 50.24 -0.46 34.29
C GLU AA 379 50.77 0.32 35.48
N LEU AA 380 49.85 0.84 36.31
CA LEU AA 380 50.26 1.60 37.49
C LEU AA 380 50.99 0.72 38.49
N LEU AA 381 50.65 -0.57 38.56
CA LEU AA 381 51.23 -1.49 39.53
C LEU AA 381 52.16 -2.51 38.89
N TYR AA 382 52.64 -2.25 37.66
CA TYR AA 382 53.63 -3.09 36.99
C TYR AA 382 53.16 -4.54 36.90
N ALA AA 383 51.89 -4.74 36.56
CA ALA AA 383 51.29 -6.06 36.53
C ALA AA 383 50.74 -6.36 35.15
N PHE AA 384 50.81 -7.65 34.77
CA PHE AA 384 50.26 -8.19 33.54
C PHE AA 384 50.70 -7.35 32.33
N PRO AA 385 51.97 -7.43 31.94
CA PRO AA 385 52.46 -6.57 30.86
C PRO AA 385 51.72 -6.78 29.54
N LEU AA 386 51.18 -7.96 29.30
CA LEU AA 386 50.39 -8.22 28.09
C LEU AA 386 49.02 -8.73 28.50
N GLY AA 387 48.13 -7.79 28.87
CA GLY AA 387 46.72 -8.04 29.05
C GLY AA 387 46.30 -9.19 29.95
N ALA AA 388 45.03 -9.53 29.88
CA ALA AA 388 44.46 -10.67 30.58
C ALA AA 388 44.49 -11.90 29.66
N VAL AA 389 43.77 -12.95 30.05
CA VAL AA 389 43.71 -14.17 29.24
C VAL AA 389 43.07 -13.89 27.88
N ASN AA 390 41.97 -13.12 27.87
CA ASN AA 390 41.28 -12.81 26.62
C ASN AA 390 41.90 -11.56 25.99
N SER AA 391 43.14 -11.73 25.52
CA SER AA 391 43.90 -10.64 24.94
C SER AA 391 44.41 -11.04 23.56
N PRO AA 392 44.64 -10.06 22.69
CA PRO AA 392 45.23 -10.36 21.37
C PRO AA 392 46.62 -10.97 21.51
N THR AA 393 47.13 -11.45 20.37
CA THR AA 393 48.36 -12.22 20.33
C THR AA 393 49.38 -11.52 19.45
N ARG AA 394 50.61 -11.40 19.95
CA ARG AA 394 51.72 -10.87 19.17
C ARG AA 394 52.94 -11.76 19.41
N THR AA 395 53.84 -11.78 18.44
CA THR AA 395 55.01 -12.65 18.52
C THR AA 395 56.06 -12.01 19.42
N ALA AA 396 57.27 -12.57 19.42
CA ALA AA 396 58.35 -12.02 20.23
C ALA AA 396 58.71 -10.59 19.85
N THR AA 397 58.15 -10.09 18.75
CA THR AA 397 58.39 -8.71 18.35
C THR AA 397 57.81 -7.74 19.36
N GLU AA 398 56.58 -7.99 19.81
CA GLU AA 398 55.84 -7.07 20.66
C GLU AA 398 55.66 -7.58 22.08
N ALA AA 399 55.41 -8.88 22.25
CA ALA AA 399 55.28 -9.44 23.58
C ALA AA 399 56.57 -9.35 24.36
N GLU AA 400 57.71 -9.66 23.71
CA GLU AA 400 58.98 -9.60 24.41
C GLU AA 400 59.37 -8.16 24.73
N ILE AA 401 59.15 -7.24 23.80
CA ILE AA 401 59.50 -5.84 24.06
C ILE AA 401 58.62 -5.28 25.17
N ARG AA 402 57.32 -5.54 25.11
CA ARG AA 402 56.44 -5.03 26.16
C ARG AA 402 56.72 -5.69 27.50
N TYR AA 403 57.21 -6.93 27.50
CA TYR AA 403 57.63 -7.55 28.74
C TYR AA 403 58.81 -6.82 29.34
N THR AA 404 59.84 -6.55 28.53
CA THR AA 404 61.03 -5.86 29.04
C THR AA 404 60.73 -4.41 29.39
N GLU AA 405 59.71 -3.81 28.78
CA GLU AA 405 59.31 -2.46 29.16
C GLU AA 405 58.76 -2.45 30.58
N ASN AA 406 57.92 -3.42 30.90
CA ASN AA 406 57.37 -3.52 32.26
C ASN AA 406 58.47 -3.87 33.26
N LEU AA 407 59.40 -4.76 32.87
CA LEU AA 407 60.45 -5.17 33.79
C LEU AA 407 61.44 -4.04 34.06
N GLU AA 408 61.79 -3.27 33.02
CA GLU AA 408 62.74 -2.18 33.20
C GLU AA 408 62.15 -1.08 34.08
N SER AA 409 60.87 -0.78 33.93
CA SER AA 409 60.24 0.25 34.75
C SER AA 409 60.14 -0.19 36.21
N PHE AA 410 59.81 -1.46 36.44
CA PHE AA 410 59.76 -1.97 37.81
C PHE AA 410 61.14 -1.92 38.46
N SER AA 411 62.17 -2.34 37.73
CA SER AA 411 63.52 -2.40 38.27
C SER AA 411 64.12 -1.01 38.48
N ALA AA 412 63.46 0.04 38.00
CA ALA AA 412 63.90 1.41 38.24
C ALA AA 412 63.34 2.00 39.51
N MET AA 413 62.14 1.57 39.91
CA MET AA 413 61.49 2.11 41.10
C MET AA 413 62.10 1.56 42.38
N VAL AA 414 62.47 0.28 42.38
CA VAL AA 414 62.75 -0.48 43.59
C VAL AA 414 64.07 -0.11 44.26
N PRO AA 415 65.22 -0.12 43.56
CA PRO AA 415 66.50 -0.09 44.28
C PRO AA 415 66.71 1.12 45.19
N ARG AA 416 66.09 2.25 44.89
CA ARG AA 416 66.27 3.44 45.73
C ARG AA 416 65.67 3.26 47.12
N LEU AA 417 64.83 2.26 47.33
CA LEU AA 417 64.20 2.02 48.63
C LEU AA 417 65.00 1.07 49.51
N GLN AA 418 66.15 0.60 49.04
CA GLN AA 418 66.97 -0.31 49.85
C GLN AA 418 67.47 0.37 51.11
N ASN AA 419 68.07 1.55 50.97
CA ASN AA 419 68.64 2.23 52.13
C ASN AA 419 67.56 2.66 53.11
N GLU AA 420 66.44 3.17 52.59
CA GLU AA 420 65.36 3.62 53.47
C GLU AA 420 64.76 2.46 54.25
N PHE AA 421 64.58 1.31 53.60
CA PHE AA 421 63.85 0.22 54.24
C PHE AA 421 64.73 -0.61 55.16
N PHE AA 422 65.88 -1.07 54.64
CA PHE AA 422 66.53 -2.22 55.25
C PHE AA 422 67.82 -1.93 56.00
N ILE AA 423 68.49 -0.80 55.75
CA ILE AA 423 69.63 -0.43 56.59
C ILE AA 423 69.21 -0.21 58.04
N PRO AA 424 68.13 0.53 58.34
CA PRO AA 424 67.68 0.60 59.74
C PRO AA 424 67.27 -0.76 60.31
N VAL AA 425 66.74 -1.65 59.48
CA VAL AA 425 66.36 -2.98 59.96
C VAL AA 425 67.58 -3.78 60.38
N ILE AA 426 68.65 -3.73 59.58
CA ILE AA 426 69.87 -4.44 59.93
C ILE AA 426 70.50 -3.85 61.18
N GLN AA 427 70.51 -2.53 61.30
CA GLN AA 427 71.11 -1.89 62.47
C GLN AA 427 70.38 -2.28 63.75
N ARG AA 428 69.05 -2.31 63.71
CA ARG AA 428 68.29 -2.69 64.90
C ARG AA 428 68.43 -4.18 65.19
N THR AA 429 68.56 -5.02 64.16
CA THR AA 429 68.74 -6.45 64.38
C THR AA 429 70.05 -6.73 65.12
N LEU AA 430 71.13 -6.06 64.73
CA LEU AA 430 72.40 -6.26 65.43
C LEU AA 430 72.32 -5.77 66.87
N TRP AA 431 71.58 -4.69 67.10
CA TRP AA 431 71.40 -4.20 68.47
C TRP AA 431 70.68 -5.23 69.34
N VAL AA 432 69.64 -5.86 68.78
CA VAL AA 432 68.92 -6.89 69.52
C VAL AA 432 69.81 -8.09 69.79
N ILE AA 433 70.61 -8.50 68.79
CA ILE AA 433 71.50 -9.64 68.95
C ILE AA 433 72.49 -9.38 70.08
N ASN AA 434 72.98 -8.15 70.21
CA ASN AA 434 73.86 -7.83 71.32
C ASN AA 434 73.16 -7.97 72.66
N LYS AA 435 71.90 -7.52 72.75
CA LYS AA 435 71.18 -7.55 74.00
C LYS AA 435 70.83 -8.97 74.43
N VAL AA 436 70.48 -9.83 73.49
CA VAL AA 436 70.04 -11.19 73.81
C VAL AA 436 71.21 -12.15 73.91
N LEU AA 437 72.26 -11.93 73.13
CA LEU AA 437 73.47 -12.76 73.13
C LEU AA 437 74.68 -11.86 73.36
N PRO AA 438 74.87 -11.40 74.60
CA PRO AA 438 75.97 -10.46 74.86
C PRO AA 438 77.35 -11.04 74.60
N GLU AA 439 77.48 -12.37 74.55
CA GLU AA 439 78.77 -13.00 74.27
C GLU AA 439 79.26 -12.72 72.86
N THR AA 440 78.36 -12.40 71.92
CA THR AA 440 78.78 -12.18 70.54
C THR AA 440 79.65 -10.94 70.40
N PHE AA 441 79.42 -9.91 71.20
CA PHE AA 441 80.20 -8.69 71.17
C PHE AA 441 81.02 -8.54 72.45
N ALA AA 442 81.49 -9.67 72.99
CA ALA AA 442 82.30 -9.67 74.19
C ALA AA 442 83.76 -9.47 73.83
N ASN AA 443 84.56 -9.13 74.85
CA ASN AA 443 85.99 -8.88 74.69
C ASN AA 443 86.25 -7.78 73.67
N ILE AA 444 85.39 -6.77 73.69
CA ILE AA 444 85.48 -5.64 72.76
C ILE AA 444 85.38 -4.36 73.58
N PRO AA 445 86.22 -3.35 73.34
CA PRO AA 445 86.06 -2.08 74.05
C PRO AA 445 84.68 -1.48 73.78
N ASP AA 446 84.11 -0.87 74.81
CA ASP AA 446 82.73 -0.37 74.70
C ASP AA 446 82.63 0.75 73.67
N ASP AA 447 83.70 1.53 73.50
CA ASP AA 447 83.67 2.62 72.54
C ASP AA 447 83.50 2.10 71.12
N ILE AA 448 84.28 1.07 70.75
CA ILE AA 448 84.17 0.56 69.39
C ILE AA 448 82.98 -0.38 69.25
N ARG AA 449 82.50 -0.94 70.37
CA ARG AA 449 81.34 -1.83 70.32
C ARG AA 449 80.10 -1.08 69.85
N ASN AA 450 79.90 0.14 70.35
CA ASN AA 450 78.77 0.94 69.92
C ASN AA 450 78.88 1.33 68.45
N LYS AA 451 80.10 1.67 67.99
CA LYS AA 451 80.30 1.99 66.59
C LYS AA 451 80.07 0.76 65.71
N MET AA 452 80.43 -0.42 66.21
CA MET AA 452 80.30 -1.64 65.42
C MET AA 452 78.83 -2.03 65.27
N ILE AA 453 78.07 -1.96 66.38
CA ILE AA 453 76.66 -2.31 66.33
C ILE AA 453 75.90 -1.37 65.41
N SER AA 454 76.16 -0.08 65.53
CA SER AA 454 75.56 0.91 64.64
C SER AA 454 76.31 0.89 63.31
N VAL AA 455 75.75 0.20 62.32
CA VAL AA 455 76.46 -0.01 61.06
C VAL AA 455 76.40 1.27 60.25
N ASP AA 456 77.38 2.15 60.45
CA ASP AA 456 77.37 3.48 59.86
C ASP AA 456 78.53 3.71 58.90
N GLY AA 457 79.40 2.72 58.72
CA GLY AA 457 80.54 2.85 57.84
C GLY AA 457 81.83 3.23 58.52
N GLN AA 458 81.83 3.44 59.83
CA GLN AA 458 83.07 3.75 60.54
C GLN AA 458 83.88 2.48 60.78
N ILE AA 459 83.29 1.52 61.48
CA ILE AA 459 83.97 0.25 61.79
C ILE AA 459 83.35 -0.85 60.95
N LEU AA 460 82.04 -0.74 60.70
CA LEU AA 460 81.31 -1.75 59.95
C LEU AA 460 80.43 -1.08 58.92
N GLY AA 461 80.45 -1.60 57.69
CA GLY AA 461 79.64 -1.08 56.61
C GLY AA 461 78.73 -2.15 56.02
N LEU AA 462 77.92 -1.73 55.06
CA LEU AA 462 76.97 -2.59 54.39
C LEU AA 462 77.13 -2.50 52.89
N SER AA 463 76.79 -3.59 52.21
CA SER AA 463 76.81 -3.63 50.75
C SER AA 463 75.72 -4.58 50.30
N PHE AA 464 74.74 -4.07 49.55
CA PHE AA 464 73.62 -4.87 49.12
C PHE AA 464 73.91 -5.58 47.80
N ASP AA 465 73.34 -6.77 47.66
CA ASP AA 465 73.47 -7.57 46.43
C ASP AA 465 72.10 -8.16 46.12
N THR AA 466 71.42 -7.59 45.15
CA THR AA 466 70.06 -7.94 44.79
C THR AA 466 69.99 -8.21 43.30
N PRO AA 467 68.94 -8.87 42.82
CA PRO AA 467 68.80 -9.10 41.37
C PRO AA 467 68.75 -7.82 40.54
N LEU AA 468 68.66 -6.64 41.16
CA LEU AA 468 68.62 -5.37 40.44
C LEU AA 468 69.98 -4.69 40.35
N MET AA 469 70.70 -4.59 41.46
CA MET AA 469 72.07 -4.10 41.47
C MET AA 469 73.00 -5.31 41.43
N THR AA 470 73.59 -5.58 40.26
CA THR AA 470 74.23 -6.87 40.05
C THR AA 470 75.43 -7.12 40.96
N ALA AA 471 76.58 -6.46 40.69
CA ALA AA 471 77.73 -6.67 41.55
C ALA AA 471 78.58 -5.44 41.83
N LYS AA 472 78.68 -4.48 40.90
CA LYS AA 472 79.56 -3.31 40.98
C LYS AA 472 81.03 -3.71 40.90
N GLY AA 473 81.33 -5.01 40.94
CA GLY AA 473 82.70 -5.48 40.89
C GLY AA 473 82.96 -6.23 39.60
N GLN AA 474 81.88 -6.71 38.97
CA GLN AA 474 82.01 -7.32 37.66
C GLN AA 474 82.49 -6.33 36.62
N VAL AA 475 82.15 -5.05 36.79
CA VAL AA 475 82.62 -4.03 35.87
C VAL AA 475 84.13 -3.87 35.96
N LYS AA 476 84.67 -3.84 37.17
CA LYS AA 476 86.12 -3.72 37.34
C LYS AA 476 86.84 -4.92 36.75
N THR AA 477 86.33 -6.12 36.99
CA THR AA 477 86.94 -7.32 36.43
C THR AA 477 86.87 -7.32 34.91
N ALA AA 478 85.73 -6.91 34.35
CA ALA AA 478 85.59 -6.88 32.90
C ALA AA 478 86.55 -5.88 32.27
N ALA AA 479 86.74 -4.73 32.91
CA ALA AA 479 87.70 -3.76 32.41
C ALA AA 479 89.12 -4.31 32.46
N LEU AA 480 89.44 -5.03 33.53
CA LEU AA 480 90.77 -5.61 33.66
C LEU AA 480 91.01 -6.70 32.60
N LEU AA 481 90.00 -7.53 32.34
CA LEU AA 481 90.14 -8.55 31.31
C LEU AA 481 90.21 -7.95 29.92
N GLY AA 482 89.47 -6.87 29.67
CA GLY AA 482 89.55 -6.20 28.39
C GLY AA 482 90.90 -5.57 28.13
N PHE AA 483 91.51 -5.01 29.19
CA PHE AA 483 92.85 -4.46 29.05
C PHE AA 483 93.86 -5.54 28.70
N TYR AA 484 93.76 -6.70 29.35
CA TYR AA 484 94.72 -7.76 29.09
C TYR AA 484 94.60 -8.30 27.67
N GLN AA 485 93.38 -8.43 27.15
CA GLN AA 485 93.21 -8.92 25.79
C GLN AA 485 93.86 -7.98 24.78
N ALA AA 486 93.68 -6.67 24.97
CA ALA AA 486 94.33 -5.71 24.09
C ALA AA 486 95.84 -5.74 24.25
N ALA AA 487 96.32 -5.86 25.49
CA ALA AA 487 97.76 -5.92 25.73
C ALA AA 487 98.37 -7.19 25.12
N ALA AA 488 97.69 -8.32 25.26
CA ALA AA 488 98.20 -9.56 24.70
C ALA AA 488 98.12 -9.57 23.18
N SER AA 489 97.18 -8.84 22.59
CA SER AA 489 97.13 -8.77 21.13
C SER AA 489 98.29 -7.95 20.57
N LEU AA 490 98.73 -6.93 21.29
CA LEU AA 490 99.78 -6.05 20.80
C LEU AA 490 101.18 -6.55 21.13
N LEU AA 491 101.38 -7.08 22.34
CA LEU AA 491 102.70 -7.50 22.78
C LEU AA 491 102.83 -9.00 22.98
N GLY AA 492 101.73 -9.74 22.91
CA GLY AA 492 101.76 -11.16 23.15
C GLY AA 492 101.70 -11.47 24.62
N PRO AA 493 101.38 -12.71 24.97
CA PRO AA 493 101.55 -13.17 26.34
C PRO AA 493 103.03 -13.17 26.72
N GLU AA 494 103.27 -13.36 28.02
CA GLU AA 494 104.59 -13.31 28.64
C GLU AA 494 105.09 -11.86 28.71
N ALA AA 495 104.41 -10.96 27.99
CA ALA AA 495 104.67 -9.54 28.08
C ALA AA 495 103.53 -8.79 28.75
N ALA AA 496 102.28 -9.10 28.37
CA ALA AA 496 101.14 -8.56 29.08
C ALA AA 496 101.09 -9.07 30.51
N THR AA 497 101.39 -10.35 30.71
CA THR AA 497 101.45 -10.89 32.07
C THR AA 497 102.61 -10.31 32.85
N ALA AA 498 103.76 -10.11 32.19
CA ALA AA 498 104.90 -9.54 32.89
C ALA AA 498 104.65 -8.10 33.30
N SER AA 499 103.84 -7.37 32.54
CA SER AA 499 103.50 -5.98 32.87
C SER AA 499 102.31 -5.91 33.81
N LEU AA 500 102.36 -6.68 34.88
CA LEU AA 500 101.24 -6.81 35.79
C LEU AA 500 101.79 -6.99 37.19
N ASP AA 501 101.10 -6.45 38.18
CA ASP AA 501 101.46 -6.67 39.57
C ASP AA 501 100.62 -7.85 40.07
N PRO AA 502 101.18 -9.07 40.04
CA PRO AA 502 100.34 -10.25 40.31
C PRO AA 502 99.72 -10.28 41.69
N VAL AA 503 100.42 -9.82 42.71
CA VAL AA 503 99.84 -9.79 44.05
C VAL AA 503 98.65 -8.84 44.11
N GLU AA 504 98.79 -7.65 43.51
CA GLU AA 504 97.68 -6.71 43.46
C GLU AA 504 96.52 -7.27 42.65
N VAL AA 505 96.82 -7.92 41.53
CA VAL AA 505 95.77 -8.45 40.66
C VAL AA 505 94.98 -9.54 41.37
N LEU AA 506 95.68 -10.45 42.05
CA LEU AA 506 94.99 -11.52 42.77
C LEU AA 506 94.09 -10.95 43.86
N THR AA 507 94.60 -9.99 44.63
CA THR AA 507 93.83 -9.43 45.72
C THR AA 507 92.62 -8.65 45.22
N ASN AA 508 92.80 -7.88 44.14
CA ASN AA 508 91.69 -7.08 43.62
C ASN AA 508 90.65 -7.96 42.93
N LEU AA 509 91.09 -9.00 42.22
CA LEU AA 509 90.14 -9.92 41.61
C LEU AA 509 89.31 -10.63 42.68
N ALA AA 510 89.94 -10.98 43.80
CA ALA AA 510 89.21 -11.63 44.88
C ALA AA 510 88.13 -10.72 45.45
N ASP AA 511 88.46 -9.44 45.66
CA ASP AA 511 87.48 -8.52 46.22
C ASP AA 511 86.40 -8.15 45.21
N ASN AA 512 86.75 -8.07 43.93
CA ASN AA 512 85.75 -7.75 42.92
C ASN AA 512 84.70 -8.84 42.80
N GLN AA 513 85.13 -10.10 42.89
CA GLN AA 513 84.20 -11.23 42.78
C GLN AA 513 83.45 -11.52 44.06
N GLY AA 514 83.82 -10.89 45.17
CA GLY AA 514 83.16 -11.19 46.43
C GLY AA 514 83.52 -12.55 46.98
N ILE AA 515 84.67 -13.09 46.61
CA ILE AA 515 85.08 -14.40 47.10
C ILE AA 515 85.45 -14.30 48.59
N ASP AA 516 85.36 -15.44 49.26
CA ASP AA 516 85.79 -15.51 50.65
C ASP AA 516 87.30 -15.40 50.73
N VAL AA 517 87.78 -14.62 51.70
CA VAL AA 517 89.21 -14.33 51.79
C VAL AA 517 89.99 -15.61 52.13
N ARG AA 518 89.40 -16.48 52.94
CA ARG AA 518 90.09 -17.69 53.37
C ARG AA 518 90.44 -18.62 52.22
N ASN AA 519 89.75 -18.49 51.08
CA ASN AA 519 90.02 -19.36 49.93
C ASN AA 519 91.32 -19.02 49.22
N ILE AA 520 91.93 -17.89 49.53
CA ILE AA 520 93.12 -17.43 48.82
C ILE AA 520 94.21 -17.14 49.85
N LYS AA 521 95.45 -17.29 49.42
CA LYS AA 521 96.58 -17.03 50.30
C LYS AA 521 96.69 -15.54 50.62
N THR AA 522 97.30 -15.25 51.76
CA THR AA 522 97.48 -13.87 52.19
C THR AA 522 98.51 -13.16 51.31
N ARG AA 523 98.62 -11.84 51.51
CA ARG AA 523 99.56 -11.07 50.70
C ARG AA 523 101.00 -11.50 50.95
N GLU AA 524 101.36 -11.76 52.21
CA GLU AA 524 102.73 -12.18 52.51
C GLU AA 524 103.04 -13.54 51.89
N GLU AA 525 102.08 -14.47 51.91
CA GLU AA 525 102.29 -15.76 51.27
C GLU AA 525 102.41 -15.63 49.77
N LEU AA 526 101.61 -14.75 49.16
CA LEU AA 526 101.69 -14.57 47.71
C LEU AA 526 103.01 -13.92 47.31
N GLU AA 527 103.49 -12.97 48.11
CA GLU AA 527 104.77 -12.33 47.81
C GLU AA 527 105.92 -13.32 47.95
N GLN AA 528 105.87 -14.18 48.97
CA GLN AA 528 106.89 -15.23 49.10
C GLN AA 528 106.83 -16.18 47.91
N LEU AA 529 105.62 -16.53 47.47
CA LEU AA 529 105.47 -17.38 46.29
C LEU AA 529 106.01 -16.69 45.05
N LEU AA 530 105.75 -15.39 44.91
CA LEU AA 530 106.25 -14.66 43.74
C LEU AA 530 107.77 -14.59 43.73
N GLN AA 531 108.38 -14.38 44.89
CA GLN AA 531 109.83 -14.36 44.96
C GLN AA 531 110.44 -15.70 44.60
N ALA AA 532 109.82 -16.79 45.05
CA ALA AA 532 110.32 -18.12 44.70
C ALA AA 532 110.24 -18.36 43.20
N ALA AA 533 109.14 -17.95 42.57
CA ALA AA 533 109.02 -18.09 41.12
C ALA AA 533 110.06 -17.26 40.39
N GLY AA 534 110.51 -16.16 41.00
CA GLY AA 534 111.59 -15.40 40.41
C GLY AA 534 112.90 -16.16 40.43
N GLN AA 535 113.20 -16.84 41.53
CA GLN AA 535 114.42 -17.63 41.63
C GLN AA 535 114.39 -18.84 40.71
N ILE AA 536 113.21 -19.45 40.53
CA ILE AA 536 113.09 -20.59 39.62
C ILE AA 536 113.43 -20.17 38.20
N ALA AA 537 112.92 -19.02 37.77
CA ALA AA 537 113.23 -18.53 36.42
C ALA AA 537 114.70 -18.17 36.29
N GLN AA 538 115.31 -17.65 37.36
CA GLN AA 538 116.73 -17.29 37.30
C GLN AA 538 117.60 -18.54 37.13
N GLN AA 539 117.28 -19.62 37.85
CA GLN AA 539 118.05 -20.85 37.71
C GLN AA 539 117.76 -21.54 36.38
N GLU AA 540 116.51 -21.51 35.94
CA GLU AA 540 116.14 -22.12 34.66
C GLU AA 540 116.85 -21.43 33.51
N ALA AA 541 116.92 -20.09 33.55
CA ALA AA 541 117.60 -19.36 32.50
C ALA AA 541 119.11 -19.58 32.56
N ALA AA 542 119.66 -19.73 33.77
CA ALA AA 542 121.10 -19.94 33.91
C ALA AA 542 121.53 -21.25 33.25
N GLN AA 543 120.70 -22.29 33.31
CA GLN AA 543 121.02 -23.55 32.67
C GLN AA 543 120.97 -23.49 31.15
N GLN AA 544 120.39 -22.43 30.59
CA GLN AA 544 120.40 -22.20 29.15
C GLN AA 544 121.41 -21.16 28.74
N GLY AA 545 122.32 -20.79 29.63
CA GLY AA 545 123.33 -19.81 29.32
C GLY AA 545 122.85 -18.38 29.27
N VAL AA 546 121.72 -18.08 29.88
CA VAL AA 546 121.15 -16.74 29.91
C VAL AA 546 121.20 -16.23 31.35
N ILE AA 547 121.71 -15.02 31.53
CA ILE AA 547 121.84 -14.40 32.84
C ILE AA 547 120.79 -13.30 32.96
N ILE AA 548 119.92 -13.41 33.95
CA ILE AA 548 118.89 -12.42 34.16
C ILE AA 548 119.01 -11.82 35.55
N VAL BA 30 69.33 43.63 56.58
CA VAL BA 30 68.06 42.96 56.84
C VAL BA 30 66.96 43.59 56.03
N ASN BA 31 66.97 44.92 55.95
CA ASN BA 31 65.99 45.61 55.12
C ASN BA 31 66.16 45.23 53.65
N ARG BA 32 67.41 45.04 53.21
CA ARG BA 32 67.64 44.58 51.85
C ARG BA 32 67.18 43.14 51.68
N LEU BA 33 67.33 42.32 52.71
CA LEU BA 33 66.87 40.93 52.64
C LEU BA 33 65.37 40.86 52.43
N CYS BA 34 64.61 41.72 53.11
CA CYS BA 34 63.15 41.69 52.98
C CYS BA 34 62.73 42.08 51.57
N ARG BA 35 63.41 43.05 50.96
CA ARG BA 35 63.07 43.41 49.58
C ARG BA 35 63.37 42.27 48.62
N MET BA 36 64.51 41.60 48.78
CA MET BA 36 64.84 40.48 47.92
C MET BA 36 63.85 39.33 48.10
N ARG BA 37 63.47 39.05 49.34
CA ARG BA 37 62.56 37.94 49.61
C ARG BA 37 61.17 38.23 49.08
N ASN BA 38 60.71 39.48 49.21
CA ASN BA 38 59.39 39.84 48.71
C ASN BA 38 59.34 39.80 47.19
N ASP BA 39 60.42 40.20 46.53
CA ASP BA 39 60.48 40.08 45.07
C ASP BA 39 60.45 38.63 44.65
N ALA BA 40 61.22 37.77 45.33
CA ALA BA 40 61.23 36.35 45.01
C ALA BA 40 59.89 35.70 45.30
N LYS BA 41 59.17 36.21 46.30
CA LYS BA 41 57.84 35.67 46.60
C LYS BA 41 56.84 36.04 45.53
N SER BA 42 56.96 37.23 44.95
CA SER BA 42 56.06 37.64 43.89
C SER BA 42 56.20 36.76 42.66
N ASP BA 43 57.43 36.35 42.34
CA ASP BA 43 57.63 35.44 41.21
C ASP BA 43 56.95 34.10 41.45
N LEU BA 44 57.06 33.58 42.67
CA LEU BA 44 56.42 32.30 42.98
C LEU BA 44 54.90 32.40 42.86
N ASP BA 45 54.33 33.52 43.30
CA ASP BA 45 52.88 33.70 43.18
C ASP BA 45 52.43 33.72 41.73
N MET BA 46 53.26 34.24 40.82
CA MET BA 46 52.91 34.22 39.41
C MET BA 46 52.94 32.81 38.85
N TRP BA 47 53.78 31.94 39.40
CA TRP BA 47 53.91 30.56 38.94
C TRP BA 47 52.89 29.61 39.56
N ARG BA 48 52.22 30.01 40.64
CA ARG BA 48 51.41 29.07 41.41
C ARG BA 48 50.29 28.48 40.57
N SER BA 49 49.64 29.29 39.75
CA SER BA 49 48.47 28.82 39.02
C SER BA 49 48.83 27.71 38.04
N ILE BA 50 49.86 27.94 37.22
CA ILE BA 50 50.20 26.96 36.19
C ILE BA 50 50.86 25.72 36.80
N LEU BA 51 51.68 25.91 37.84
CA LEU BA 51 52.39 24.79 38.41
C LEU BA 51 51.45 23.86 39.19
N GLN BA 52 50.48 24.42 39.91
CA GLN BA 52 49.51 23.58 40.58
C GLN BA 52 48.69 22.78 39.58
N THR BA 53 48.34 23.38 38.44
CA THR BA 53 47.62 22.66 37.42
C THR BA 53 48.47 21.57 36.80
N ALA BA 54 49.74 21.88 36.48
CA ALA BA 54 50.60 20.88 35.86
C ALA BA 54 50.87 19.72 36.80
N TYR BA 55 51.11 19.99 38.07
CA TYR BA 55 51.32 18.92 39.05
C TYR BA 55 50.06 18.09 39.23
N HIS BA 56 48.89 18.73 39.16
CA HIS BA 56 47.64 18.00 39.36
C HIS BA 56 47.46 16.91 38.31
N TYR BA 57 47.78 17.20 37.06
CA TYR BA 57 47.61 16.22 36.00
C TYR BA 57 48.77 15.23 35.91
N ALA BA 58 49.91 15.54 36.53
CA ALA BA 58 51.09 14.69 36.42
C ALA BA 58 51.35 13.86 37.67
N MET BA 59 51.34 14.50 38.85
CA MET BA 59 51.52 13.83 40.13
C MET BA 59 50.44 14.29 41.09
N PRO BA 60 49.19 13.85 40.89
CA PRO BA 60 48.09 14.38 41.69
C PRO BA 60 48.24 14.20 43.19
N ASP BA 61 48.82 13.08 43.64
CA ASP BA 61 48.94 12.82 45.06
C ASP BA 61 50.16 13.48 45.70
N TYR BA 62 51.11 13.97 44.91
CA TYR BA 62 52.33 14.58 45.43
C TYR BA 62 52.47 16.01 44.95
N ASN BA 63 51.37 16.75 44.99
CA ASN BA 63 51.33 18.12 44.50
C ASN BA 63 51.71 19.05 45.64
N PRO BA 64 52.88 19.67 45.63
CA PRO BA 64 53.28 20.54 46.73
C PRO BA 64 52.63 21.92 46.72
N PHE BA 65 51.97 22.29 45.64
CA PHE BA 65 51.30 23.58 45.55
C PHE BA 65 49.88 23.54 46.05
N GLU BA 66 49.39 22.38 46.46
CA GLU BA 66 48.03 22.27 46.97
C GLU BA 66 47.88 23.03 48.29
N ASN BA 67 46.68 23.53 48.53
CA ASN BA 67 46.37 24.31 49.73
C ASN BA 67 47.31 25.50 49.87
N TYR BA 68 47.54 26.19 48.76
CA TYR BA 68 48.38 27.38 48.72
C TYR BA 68 49.77 27.12 49.29
N GLY BA 69 50.35 25.98 48.91
CA GLY BA 69 51.70 25.64 49.28
C GLY BA 69 51.84 24.92 50.60
N LEU BA 70 50.80 24.93 51.44
CA LEU BA 70 50.89 24.23 52.72
C LEU BA 70 50.83 22.72 52.53
N ALA BA 71 50.14 22.24 51.50
CA ALA BA 71 50.05 20.82 51.16
C ALA BA 71 49.51 20.08 52.37
N GLY BA 72 50.24 19.15 52.96
CA GLY BA 72 49.76 18.39 54.10
C GLY BA 72 50.09 18.95 55.46
N PHE BA 73 50.71 20.14 55.53
CA PHE BA 73 51.04 20.71 56.82
C PHE BA 73 49.80 21.04 57.62
N LEU BA 74 48.76 21.55 56.97
CA LEU BA 74 47.53 21.90 57.68
C LEU BA 74 46.64 20.67 57.89
N THR BA 75 46.21 20.04 56.81
CA THR BA 75 45.30 18.90 56.88
C THR BA 75 45.89 17.69 56.19
N PRO BA 76 46.42 16.73 56.94
CA PRO BA 76 46.92 15.50 56.32
C PRO BA 76 45.78 14.59 55.90
N GLY BA 77 46.13 13.58 55.09
CA GLY BA 77 45.17 12.58 54.70
C GLY BA 77 44.07 13.06 53.78
N GLN BA 78 44.34 14.10 53.00
CA GLN BA 78 43.33 14.67 52.11
C GLN BA 78 43.34 13.93 50.78
N GLN BA 79 42.17 13.89 50.14
CA GLN BA 79 42.04 13.26 48.84
C GLN BA 79 42.35 14.27 47.75
N TYR BA 80 43.14 13.86 46.76
CA TYR BA 80 43.59 14.78 45.73
C TYR BA 80 43.32 14.27 44.31
N ASN BA 81 43.31 12.95 44.13
CA ASN BA 81 43.34 12.36 42.80
C ASN BA 81 42.00 11.78 42.37
N ALA BA 82 40.90 12.19 43.02
CA ALA BA 82 39.60 11.60 42.69
C ALA BA 82 39.13 12.00 41.29
N ASP BA 83 39.53 13.17 40.82
CA ASP BA 83 39.08 13.69 39.53
C ASP BA 83 40.11 13.48 38.42
N ILE BA 84 41.08 12.59 38.62
CA ILE BA 84 42.04 12.23 37.58
C ILE BA 84 41.56 10.88 37.03
N TYR BA 85 40.76 10.95 35.97
CA TYR BA 85 40.19 9.75 35.37
C TYR BA 85 41.19 9.01 34.50
N ASP BA 86 42.07 9.74 33.84
CA ASP BA 86 43.05 9.14 32.94
C ASP BA 86 44.44 9.21 33.57
N LEU BA 87 45.10 8.07 33.63
CA LEU BA 87 46.41 7.97 34.27
C LEU BA 87 47.55 7.93 33.28
N THR BA 88 47.30 8.28 32.01
CA THR BA 88 48.36 8.22 31.01
C THR BA 88 49.53 9.11 31.37
N LEU BA 89 49.25 10.39 31.64
CA LEU BA 89 50.33 11.30 32.00
C LEU BA 89 50.99 10.91 33.32
N PRO BA 90 50.27 10.62 34.41
CA PRO BA 90 50.97 10.23 35.65
C PRO BA 90 51.85 9.00 35.48
N ILE BA 91 51.43 8.02 34.68
CA ILE BA 91 52.24 6.83 34.48
C ILE BA 91 53.48 7.15 33.66
N ALA BA 92 53.31 7.88 32.56
CA ALA BA 92 54.44 8.20 31.70
C ALA BA 92 55.42 9.14 32.41
N HIS BA 93 54.90 10.07 33.20
CA HIS BA 93 55.76 11.00 33.94
C HIS BA 93 56.63 10.25 34.93
N LYS BA 94 56.04 9.31 35.67
CA LYS BA 94 56.81 8.57 36.67
C LYS BA 94 57.84 7.68 36.02
N ARG BA 95 57.47 7.01 34.92
CA ARG BA 95 58.41 6.10 34.27
C ARG BA 95 59.56 6.84 33.61
N LEU BA 96 59.32 8.05 33.12
CA LEU BA 96 60.41 8.83 32.54
C LEU BA 96 61.38 9.31 33.61
N ALA BA 97 60.87 9.75 34.75
CA ALA BA 97 61.75 10.16 35.84
C ALA BA 97 62.56 8.98 36.37
N ASP BA 98 61.92 7.82 36.50
CA ASP BA 98 62.64 6.62 36.90
C ASP BA 98 63.71 6.25 35.87
N LYS BA 99 63.37 6.37 34.59
CA LYS BA 99 64.32 6.01 33.53
C LYS BA 99 65.51 6.97 33.52
N MET BA 100 65.26 8.25 33.77
CA MET BA 100 66.37 9.21 33.82
C MET BA 100 67.29 8.91 35.00
N LEU BA 101 66.73 8.48 36.13
CA LEU BA 101 67.54 8.18 37.30
C LEU BA 101 68.49 7.03 37.02
N MET BA 102 68.00 5.97 36.40
CA MET BA 102 68.83 4.78 36.17
C MET BA 102 69.86 5.00 35.07
N ASN BA 103 69.67 5.98 34.21
CA ASN BA 103 70.61 6.24 33.13
C ASN BA 103 71.61 7.35 33.44
N MET BA 104 71.33 8.19 34.44
CA MET BA 104 72.26 9.25 34.83
C MET BA 104 73.09 8.88 36.04
N VAL BA 105 72.46 8.34 37.08
CA VAL BA 105 73.19 7.92 38.27
C VAL BA 105 72.78 6.48 38.58
N PRO BA 106 73.24 5.51 37.80
CA PRO BA 106 72.85 4.12 38.06
C PRO BA 106 73.35 3.63 39.40
N GLN BA 107 72.42 3.36 40.31
CA GLN BA 107 72.77 3.00 41.68
C GLN BA 107 73.56 1.70 41.71
N GLY BA 108 74.55 1.64 42.58
CA GLY BA 108 75.42 0.49 42.64
C GLY BA 108 76.45 0.43 41.54
N GLN BA 109 76.69 1.52 40.83
CA GLN BA 109 77.73 1.60 39.82
C GLN BA 109 78.53 2.86 40.05
N GLN BA 110 79.69 2.92 39.40
CA GLN BA 110 80.61 4.05 39.55
C GLN BA 110 80.41 4.98 38.35
N TRP BA 111 79.40 5.84 38.45
CA TRP BA 111 78.99 6.68 37.35
C TRP BA 111 79.78 7.98 37.25
N VAL BA 112 80.72 8.22 38.15
CA VAL BA 112 81.62 9.35 38.04
C VAL BA 112 82.97 8.95 38.62
N LYS BA 113 84.03 9.51 38.06
CA LYS BA 113 85.40 9.22 38.47
C LYS BA 113 86.17 10.51 38.69
N PHE BA 114 86.92 10.56 39.78
CA PHE BA 114 87.88 11.64 39.97
C PHE BA 114 89.12 11.37 39.15
N THR BA 115 89.64 12.41 38.53
CA THR BA 115 90.85 12.35 37.72
C THR BA 115 91.78 13.48 38.12
N PRO BA 116 93.08 13.33 37.92
CA PRO BA 116 94.00 14.43 38.20
C PRO BA 116 93.67 15.65 37.33
N GLY BA 117 93.85 16.83 37.91
CA GLY BA 117 93.57 18.07 37.22
C GLY BA 117 94.70 18.47 36.31
N ASP BA 118 94.55 19.68 35.74
CA ASP BA 118 95.53 20.20 34.79
C ASP BA 118 96.87 20.47 35.45
N GLU BA 119 96.92 20.61 36.77
CA GLU BA 119 98.17 20.92 37.45
C GLU BA 119 99.18 19.78 37.44
N PHE BA 120 98.75 18.56 37.13
CA PHE BA 120 99.64 17.41 37.17
C PHE BA 120 100.27 17.09 35.82
N GLY BA 121 100.04 17.92 34.81
CA GLY BA 121 100.71 17.74 33.53
C GLY BA 121 100.02 16.74 32.63
N GLU BA 122 100.77 16.29 31.63
CA GLU BA 122 100.21 15.40 30.64
C GLU BA 122 100.01 14.01 31.24
N PRO BA 123 98.93 13.32 30.86
CA PRO BA 123 98.72 11.96 31.36
C PRO BA 123 99.79 11.01 30.85
N GLY BA 124 100.09 10.00 31.67
CA GLY BA 124 101.05 8.99 31.33
C GLY BA 124 102.41 9.18 31.95
N THR BA 125 102.74 10.37 32.42
CA THR BA 125 104.01 10.61 33.08
C THR BA 125 104.02 9.94 34.45
N PRO BA 126 105.21 9.64 34.99
CA PRO BA 126 105.25 9.00 36.32
C PRO BA 126 104.60 9.84 37.41
N LEU BA 127 104.74 11.16 37.35
CA LEU BA 127 104.12 12.03 38.36
C LEU BA 127 102.61 12.00 38.24
N TYR BA 128 102.09 12.06 37.01
CA TYR BA 128 100.65 11.98 36.80
C TYR BA 128 100.11 10.63 37.26
N GLN BA 129 100.88 9.56 37.03
CA GLN BA 129 100.41 8.22 37.37
C GLN BA 129 100.25 8.03 38.86
N ARG BA 130 101.05 8.71 39.67
CA ARG BA 130 100.88 8.63 41.12
C ARG BA 130 99.65 9.41 41.58
N ALA BA 131 99.34 10.53 40.92
CA ALA BA 131 98.11 11.25 41.23
C ALA BA 131 96.88 10.47 40.80
N LEU BA 132 96.97 9.73 39.69
CA LEU BA 132 95.83 8.94 39.24
C LEU BA 132 95.50 7.83 40.23
N ASP BA 133 96.52 7.24 40.85
CA ASP BA 133 96.26 6.25 41.88
C ASP BA 133 95.52 6.86 43.06
N ALA BA 134 95.89 8.08 43.44
CA ALA BA 134 95.22 8.75 44.55
C ALA BA 134 93.77 9.06 44.22
N THR BA 135 93.50 9.57 43.01
CA THR BA 135 92.13 9.91 42.66
C THR BA 135 91.25 8.68 42.53
N GLN BA 136 91.82 7.55 42.12
CA GLN BA 136 91.06 6.30 42.07
C GLN BA 136 90.70 5.84 43.48
N ARG BA 137 91.59 6.04 44.45
CA ARG BA 137 91.25 5.76 45.84
C ARG BA 137 90.16 6.70 46.35
N MET BA 138 90.23 7.98 45.96
CA MET BA 138 89.21 8.93 46.37
C MET BA 138 87.85 8.56 45.80
N THR BA 139 87.81 8.07 44.56
CA THR BA 139 86.54 7.69 43.95
C THR BA 139 85.89 6.54 44.70
N ASP BA 140 86.67 5.54 45.10
CA ASP BA 140 86.11 4.41 45.84
C ASP BA 140 85.54 4.87 47.17
N HIS BA 141 86.27 5.73 47.88
CA HIS BA 141 85.80 6.22 49.17
C HIS BA 141 84.59 7.14 49.02
N PHE BA 142 84.57 7.93 47.95
CA PHE BA 142 83.45 8.83 47.73
C PHE BA 142 82.15 8.06 47.53
N PHE BA 143 82.21 6.97 46.77
CA PHE BA 143 80.99 6.20 46.51
C PHE BA 143 80.55 5.38 47.71
N LYS BA 144 81.48 5.01 48.59
CA LYS BA 144 81.08 4.33 49.82
C LYS BA 144 80.22 5.24 50.68
N ILE BA 145 80.55 6.53 50.74
CA ILE BA 145 79.74 7.48 51.49
C ILE BA 145 78.39 7.70 50.82
N ILE BA 146 78.39 7.83 49.49
CA ILE BA 146 77.15 8.10 48.77
C ILE BA 146 76.22 6.90 48.81
N ASP BA 147 76.77 5.69 48.70
CA ASP BA 147 75.94 4.49 48.61
C ASP BA 147 75.19 4.20 49.91
N ARG BA 148 75.64 4.70 51.04
CA ARG BA 148 74.95 4.47 52.30
C ARG BA 148 74.10 5.65 52.74
N SER BA 149 73.99 6.69 51.92
CA SER BA 149 73.16 7.84 52.23
C SER BA 149 71.82 7.71 51.52
N ASN BA 150 71.00 8.76 51.62
CA ASN BA 150 69.73 8.84 50.91
C ASN BA 150 69.86 9.64 49.62
N PHE BA 151 71.03 9.56 48.98
CA PHE BA 151 71.28 10.32 47.76
C PHE BA 151 70.29 9.93 46.65
N TYR BA 152 70.13 8.63 46.42
CA TYR BA 152 69.29 8.19 45.31
C TYR BA 152 67.82 8.43 45.59
N LEU BA 153 67.42 8.39 46.86
CA LEU BA 153 66.04 8.75 47.21
C LEU BA 153 65.78 10.22 46.90
N ALA BA 154 66.71 11.09 47.25
CA ALA BA 154 66.51 12.52 47.03
C ALA BA 154 66.56 12.88 45.56
N VAL BA 155 67.49 12.29 44.81
CA VAL BA 155 67.61 12.61 43.39
C VAL BA 155 66.38 12.12 42.64
N GLY BA 156 65.87 10.94 42.99
CA GLY BA 156 64.71 10.42 42.30
C GLY BA 156 63.48 11.30 42.46
N GLU BA 157 63.32 11.94 43.62
CA GLU BA 157 62.20 12.83 43.83
C GLU BA 157 62.41 14.18 43.14
N SER BA 158 63.65 14.67 43.10
CA SER BA 158 63.90 15.92 42.41
C SER BA 158 63.74 15.77 40.90
N LEU BA 159 64.05 14.59 40.36
CA LEU BA 159 63.85 14.37 38.93
C LEU BA 159 62.38 14.44 38.54
N GLN BA 160 61.49 14.01 39.43
CA GLN BA 160 60.06 14.13 39.13
C GLN BA 160 59.63 15.59 39.13
N ASP BA 161 60.29 16.44 39.91
CA ASP BA 161 59.98 17.86 39.90
C ASP BA 161 60.50 18.54 38.64
N VAL BA 162 61.70 18.19 38.20
CA VAL BA 162 62.30 18.85 37.05
C VAL BA 162 61.56 18.51 35.76
N LEU BA 163 60.87 17.38 35.71
CA LEU BA 163 60.07 17.07 34.53
C LEU BA 163 58.90 18.02 34.37
N ILE BA 164 58.54 18.75 35.41
CA ILE BA 164 57.47 19.74 35.30
C ILE BA 164 58.07 21.13 35.19
N SER BA 165 58.72 21.60 36.26
CA SER BA 165 59.39 22.89 36.16
C SER BA 165 60.87 22.85 36.57
N THR BA 166 61.13 22.43 37.81
CA THR BA 166 62.41 22.70 38.45
C THR BA 166 62.61 21.72 39.59
N GLY BA 167 63.81 21.18 39.68
CA GLY BA 167 64.21 20.33 40.81
C GLY BA 167 65.20 21.06 41.69
N ILE BA 168 65.08 20.88 43.00
CA ILE BA 168 65.98 21.49 43.96
C ILE BA 168 66.44 20.40 44.93
N ILE BA 169 67.75 20.27 45.11
CA ILE BA 169 68.33 19.31 46.02
C ILE BA 169 69.15 20.08 47.06
N ALA BA 170 68.89 19.79 48.33
CA ALA BA 170 69.65 20.38 49.44
C ALA BA 170 70.64 19.36 49.96
N ILE BA 171 71.89 19.78 50.09
CA ILE BA 171 72.98 18.91 50.53
C ILE BA 171 73.54 19.52 51.80
N ASN BA 172 73.14 18.99 52.95
CA ASN BA 172 73.46 19.58 54.23
C ASN BA 172 74.45 18.71 55.00
N GLU BA 173 75.08 19.33 55.99
CA GLU BA 173 76.01 18.62 56.85
C GLU BA 173 75.26 17.74 57.84
N GLY BA 174 75.90 16.65 58.24
CA GLY BA 174 75.37 15.81 59.29
C GLY BA 174 76.40 15.60 60.38
N ASN BA 175 76.34 14.46 61.05
CA ASN BA 175 77.34 14.07 62.03
C ASN BA 175 78.16 12.91 61.48
N ARG BA 176 79.05 12.37 62.30
CA ARG BA 176 79.92 11.30 61.84
C ARG BA 176 79.17 10.01 61.52
N LYS BA 177 77.92 9.87 61.98
CA LYS BA 177 77.14 8.70 61.62
C LYS BA 177 76.49 8.85 60.26
N ARG BA 178 75.99 10.04 59.94
CA ARG BA 178 75.44 10.36 58.62
C ARG BA 178 76.07 11.66 58.16
N PRO BA 179 77.26 11.60 57.54
CA PRO BA 179 77.96 12.85 57.19
C PRO BA 179 77.21 13.76 56.24
N VAL BA 180 76.46 13.22 55.29
CA VAL BA 180 75.81 14.02 54.26
C VAL BA 180 74.33 13.71 54.25
N ARG BA 181 73.51 14.75 54.27
CA ARG BA 181 72.06 14.63 54.20
C ARG BA 181 71.57 15.24 52.90
N TYR BA 182 70.83 14.46 52.12
CA TYR BA 182 70.24 14.93 50.87
C TYR BA 182 68.73 15.08 51.04
N GLU BA 183 68.16 16.06 50.36
CA GLU BA 183 66.73 16.31 50.44
C GLU BA 183 66.24 16.96 49.17
N ALA BA 184 65.15 16.45 48.61
CA ALA BA 184 64.50 17.10 47.48
C ALA BA 184 63.57 18.17 48.03
N VAL BA 185 63.96 19.43 47.88
CA VAL BA 185 63.15 20.53 48.42
C VAL BA 185 61.91 20.72 47.55
N PRO BA 186 60.72 20.73 48.12
CA PRO BA 186 59.51 20.98 47.32
C PRO BA 186 59.59 22.33 46.64
N PRO BA 187 59.29 22.38 45.34
CA PRO BA 187 59.42 23.65 44.60
C PRO BA 187 58.49 24.74 45.09
N ALA BA 188 57.42 24.41 45.81
CA ALA BA 188 56.51 25.43 46.30
C ALA BA 188 57.00 26.10 47.57
N GLN BA 189 58.08 25.62 48.17
CA GLN BA 189 58.60 26.16 49.42
C GLN BA 189 59.94 26.86 49.26
N VAL BA 190 60.39 27.07 48.03
CA VAL BA 190 61.62 27.80 47.75
C VAL BA 190 61.30 28.95 46.81
N MET BA 191 62.07 30.02 46.95
CA MET BA 191 61.94 31.22 46.13
C MET BA 191 63.32 31.59 45.60
N PHE BA 192 63.36 32.18 44.42
CA PHE BA 192 64.61 32.42 43.72
C PHE BA 192 64.76 33.87 43.31
N GLN BA 193 66.01 34.30 43.20
CA GLN BA 193 66.39 35.47 42.44
C GLN BA 193 67.42 35.04 41.42
N GLY BA 194 67.29 35.54 40.19
CA GLY BA 194 68.16 35.15 39.11
C GLY BA 194 69.03 36.30 38.64
N ASP BA 195 70.21 35.97 38.13
CA ASP BA 195 71.08 36.98 37.53
C ASP BA 195 70.66 37.18 36.07
N ALA BA 196 71.47 37.91 35.31
CA ALA BA 196 71.09 38.25 33.95
C ALA BA 196 71.16 37.05 33.00
N GLU BA 197 71.88 36.01 33.36
CA GLU BA 197 72.06 34.85 32.49
C GLU BA 197 71.17 33.67 32.89
N GLY BA 198 70.21 33.89 33.79
CA GLY BA 198 69.29 32.85 34.18
C GLY BA 198 69.73 31.99 35.34
N GLN BA 199 70.93 32.20 35.87
CA GLN BA 199 71.41 31.43 37.01
C GLN BA 199 70.85 31.99 38.31
N VAL BA 200 70.65 31.11 39.28
CA VAL BA 200 70.13 31.51 40.58
C VAL BA 200 71.27 32.12 41.39
N ASP BA 201 70.99 33.27 42.01
CA ASP BA 201 71.96 33.90 42.91
C ASP BA 201 71.37 34.29 44.25
N ALA BA 202 70.17 33.83 44.57
CA ALA BA 202 69.58 34.03 45.89
C ALA BA 202 68.46 33.02 46.06
N ILE BA 203 68.45 32.33 47.20
CA ILE BA 203 67.48 31.28 47.49
C ILE BA 203 66.87 31.55 48.86
N PHE BA 204 65.55 31.42 48.94
CA PHE BA 204 64.82 31.59 50.19
C PHE BA 204 63.92 30.38 50.40
N ARG BA 205 64.18 29.62 51.46
CA ARG BA 205 63.41 28.43 51.77
C ARG BA 205 62.64 28.66 53.06
N ASP BA 206 61.34 28.38 53.02
CA ASP BA 206 60.44 28.59 54.15
C ASP BA 206 60.23 27.29 54.91
N TRP BA 207 60.35 27.35 56.23
CA TRP BA 207 60.07 26.23 57.11
C TRP BA 207 58.84 26.54 57.94
N TYR BA 208 57.87 25.65 57.91
CA TYR BA 208 56.56 25.89 58.53
C TYR BA 208 56.49 25.16 59.87
N GLN BA 209 56.35 25.92 60.95
CA GLN BA 209 56.05 25.41 62.29
C GLN BA 209 57.09 24.37 62.74
N VAL BA 210 58.30 24.86 62.95
CA VAL BA 210 59.41 24.04 63.40
C VAL BA 210 59.52 24.14 64.91
N ARG BA 211 59.64 23.00 65.58
CA ARG BA 211 59.84 22.99 67.02
C ARG BA 211 61.24 23.47 67.38
N ILE BA 212 61.35 24.11 68.55
CA ILE BA 212 62.61 24.71 68.95
C ILE BA 212 63.68 23.65 69.12
N GLU BA 213 63.35 22.51 69.73
CA GLU BA 213 64.31 21.43 69.87
C GLU BA 213 64.76 20.89 68.52
N ASN BA 214 63.94 21.07 67.48
CA ASN BA 214 64.30 20.62 66.14
C ASN BA 214 65.32 21.53 65.49
N ILE BA 215 65.33 22.81 65.86
CA ILE BA 215 66.20 23.78 65.20
C ILE BA 215 67.66 23.43 65.42
N LYS BA 216 68.02 23.05 66.66
CA LYS BA 216 69.42 22.76 66.97
C LYS BA 216 69.95 21.57 66.18
N SER BA 217 69.10 20.58 65.91
CA SER BA 217 69.58 19.41 65.19
C SER BA 217 69.87 19.72 63.72
N MET BA 218 69.04 20.56 63.10
CA MET BA 218 69.28 20.93 61.70
C MET BA 218 70.45 21.90 61.58
N TRP BA 219 70.52 22.90 62.46
CA TRP BA 219 71.58 23.91 62.46
C TRP BA 219 72.24 23.90 63.83
N PRO BA 220 73.33 23.14 63.99
CA PRO BA 220 73.90 22.96 65.34
C PRO BA 220 74.37 24.25 66.00
N LYS BA 221 74.87 25.21 65.24
CA LYS BA 221 75.44 26.42 65.81
C LYS BA 221 74.45 27.57 65.90
N ALA BA 222 73.17 27.31 65.67
CA ALA BA 222 72.16 28.35 65.78
C ALA BA 222 72.03 28.81 67.23
N GLU BA 223 71.67 30.08 67.40
CA GLU BA 223 71.47 30.67 68.72
C GLU BA 223 70.00 30.57 69.07
N VAL BA 224 69.60 29.39 69.53
CA VAL BA 224 68.21 29.17 69.90
C VAL BA 224 67.90 29.67 71.31
N ALA BA 225 68.91 29.77 72.17
CA ALA BA 225 68.67 30.14 73.56
C ALA BA 225 68.11 31.54 73.70
N LYS BA 226 68.52 32.46 72.83
CA LYS BA 226 68.08 33.85 72.94
C LYS BA 226 66.59 34.03 72.67
N LEU BA 227 65.91 33.02 72.13
CA LEU BA 227 64.48 33.13 71.86
C LEU BA 227 63.63 33.03 73.11
N ASN BA 228 64.14 32.43 74.18
CA ASN BA 228 63.41 32.24 75.43
C ASN BA 228 62.09 31.50 75.18
N LYS BA 229 62.21 30.28 74.68
CA LYS BA 229 61.06 29.45 74.39
C LYS BA 229 61.30 28.03 74.87
N LYS BA 230 60.22 27.33 75.17
CA LYS BA 230 60.29 25.94 75.57
C LYS BA 230 60.56 25.06 74.35
N PRO BA 231 61.16 23.88 74.55
CA PRO BA 231 61.53 23.06 73.38
C PRO BA 231 60.37 22.26 72.82
N GLU BA 232 59.20 22.87 72.76
CA GLU BA 232 58.07 22.31 72.04
C GLU BA 232 57.26 23.37 71.30
N ASP BA 233 57.60 24.64 71.42
CA ASP BA 233 56.90 25.68 70.67
C ASP BA 233 57.30 25.65 69.20
N LYS BA 234 56.38 26.09 68.35
CA LYS BA 234 56.59 26.11 66.91
C LYS BA 234 56.88 27.51 66.44
N VAL BA 235 57.88 27.64 65.56
CA VAL BA 235 58.27 28.92 64.99
C VAL BA 235 58.56 28.74 63.51
N ASP BA 236 58.10 29.67 62.69
CA ASP BA 236 58.45 29.68 61.28
C ASP BA 236 59.90 30.13 61.10
N ILE BA 237 60.60 29.49 60.18
CA ILE BA 237 62.02 29.74 59.94
C ILE BA 237 62.23 30.09 58.49
N TRP BA 238 63.01 31.14 58.24
CA TRP BA 238 63.44 31.53 56.91
C TRP BA 238 64.92 31.19 56.74
N GLU BA 239 65.22 30.36 55.77
CA GLU BA 239 66.59 29.95 55.46
C GLU BA 239 66.97 30.65 54.16
N CYS BA 240 67.78 31.70 54.28
CA CYS BA 240 68.10 32.58 53.17
C CYS BA 240 69.57 32.45 52.81
N ALA BA 241 69.86 32.59 51.52
CA ALA BA 241 71.23 32.63 51.04
C ALA BA 241 71.27 33.43 49.76
N TRP BA 242 72.41 34.09 49.53
CA TRP BA 242 72.58 34.88 48.33
C TRP BA 242 74.06 35.03 48.04
N ILE BA 243 74.36 35.36 46.80
CA ILE BA 243 75.73 35.58 46.37
C ILE BA 243 76.11 37.03 46.66
N ASP BA 244 77.21 37.21 47.39
CA ASP BA 244 77.77 38.53 47.64
C ASP BA 244 78.79 38.81 46.55
N TYR BA 245 78.43 39.70 45.62
CA TYR BA 245 79.25 39.88 44.42
C TYR BA 245 80.58 40.55 44.72
N GLU BA 246 80.63 41.45 45.68
CA GLU BA 246 81.88 42.13 46.04
C GLU BA 246 82.52 41.47 47.26
N ALA BA 247 82.84 40.19 47.11
CA ALA BA 247 83.43 39.41 48.19
C ALA BA 247 84.37 38.38 47.59
N PRO BA 248 85.38 37.93 48.35
CA PRO BA 248 86.27 36.89 47.82
C PRO BA 248 85.58 35.54 47.65
N GLU BA 249 86.31 34.58 47.09
CA GLU BA 249 85.73 33.28 46.79
C GLU BA 249 85.27 32.56 48.05
N LYS BA 250 86.04 32.62 49.12
CA LYS BA 250 85.72 31.90 50.34
C LYS BA 250 84.57 32.52 51.12
N GLU BA 251 84.16 33.75 50.79
CA GLU BA 251 83.03 34.39 51.44
C GLU BA 251 81.91 34.69 50.44
N ARG BA 252 81.89 34.00 49.31
CA ARG BA 252 81.00 34.38 48.22
C ARG BA 252 79.55 34.18 48.58
N TYR BA 253 79.22 33.11 49.29
CA TYR BA 253 77.83 32.74 49.56
C TYR BA 253 77.46 33.11 51.00
N GLN BA 254 76.66 34.15 51.15
CA GLN BA 254 76.13 34.53 52.44
C GLN BA 254 74.98 33.61 52.81
N TYR BA 255 74.94 33.19 54.07
CA TYR BA 255 73.96 32.23 54.55
C TYR BA 255 73.40 32.69 55.88
N VAL BA 256 72.08 32.82 55.95
CA VAL BA 256 71.39 33.37 57.12
C VAL BA 256 70.19 32.50 57.45
N VAL BA 257 70.02 32.20 58.74
CA VAL BA 257 68.84 31.52 59.25
C VAL BA 257 68.19 32.42 60.29
N MET BA 258 66.89 32.65 60.14
CA MET BA 258 66.18 33.58 61.00
C MET BA 258 64.73 33.14 61.13
N THR BA 259 64.06 33.65 62.15
CA THR BA 259 62.64 33.37 62.33
C THR BA 259 61.80 34.34 61.49
N SER BA 260 60.52 34.02 61.36
CA SER BA 260 59.63 34.85 60.56
C SER BA 260 59.40 36.22 61.17
N SER BA 261 59.72 36.42 62.45
CA SER BA 261 59.63 37.72 63.08
C SER BA 261 60.96 38.46 63.09
N LYS BA 262 61.85 38.11 62.16
CA LYS BA 262 63.13 38.80 61.96
C LYS BA 262 64.01 38.69 63.21
N ASP BA 263 64.27 37.46 63.60
CA ASP BA 263 65.17 37.15 64.72
C ASP BA 263 66.30 36.28 64.16
N VAL BA 264 67.47 36.87 63.99
CA VAL BA 264 68.57 36.17 63.32
C VAL BA 264 69.15 35.14 64.25
N LEU BA 265 69.22 33.89 63.79
CA LEU BA 265 69.75 32.78 64.56
C LEU BA 265 71.12 32.30 64.11
N LEU BA 266 71.52 32.61 62.88
CA LEU BA 266 72.79 32.15 62.35
C LEU BA 266 73.19 33.00 61.16
N GLU BA 267 74.47 33.36 61.10
CA GLU BA 267 75.05 34.09 59.99
C GLU BA 267 76.37 33.45 59.61
N GLN BA 268 76.57 33.18 58.32
CA GLN BA 268 77.78 32.56 57.82
C GLN BA 268 78.11 33.14 56.46
N SER BA 269 79.31 32.80 55.97
CA SER BA 269 79.73 33.15 54.62
C SER BA 269 80.74 32.11 54.18
N ASN BA 270 80.31 31.20 53.32
CA ASN BA 270 81.11 30.07 52.88
C ASN BA 270 81.38 30.18 51.38
N SER BA 271 82.07 29.17 50.85
CA SER BA 271 82.34 29.09 49.43
C SER BA 271 81.26 28.35 48.65
N SER BA 272 80.20 27.91 49.32
CA SER BA 272 79.09 27.23 48.65
C SER BA 272 77.86 27.33 49.53
N TRP BA 273 76.71 27.05 48.93
CA TRP BA 273 75.44 27.00 49.64
C TRP BA 273 74.83 25.61 49.47
N PRO BA 274 73.86 25.24 50.32
CA PRO BA 274 73.38 23.85 50.31
C PRO BA 274 72.73 23.38 49.01
N TRP BA 275 72.15 24.28 48.23
CA TRP BA 275 71.20 23.86 47.21
C TRP BA 275 71.82 23.75 45.83
N VAL BA 276 71.24 22.86 45.02
CA VAL BA 276 71.51 22.78 43.59
C VAL BA 276 70.17 22.80 42.88
N VAL BA 277 70.05 23.65 41.85
CA VAL BA 277 68.79 23.87 41.14
C VAL BA 277 68.91 23.31 39.74
N TYR BA 278 67.89 22.55 39.31
CA TYR BA 278 67.87 21.86 38.03
C TYR BA 278 66.81 22.46 37.11
N ARG BA 279 67.16 22.62 35.84
CA ARG BA 279 66.19 22.93 34.80
C ARG BA 279 66.52 22.10 33.57
N MET BA 280 65.49 21.52 32.96
CA MET BA 280 65.69 20.83 31.69
C MET BA 280 65.68 21.80 30.53
N ARG BA 281 64.68 22.67 30.48
CA ARG BA 281 64.60 23.76 29.52
C ARG BA 281 64.11 24.99 30.24
N ARG BA 282 64.37 26.15 29.65
CA ARG BA 282 64.07 27.41 30.31
C ARG BA 282 63.65 28.44 29.28
N LEU BA 283 62.47 29.03 29.45
CA LEU BA 283 62.09 30.19 28.68
C LEU BA 283 62.90 31.41 29.14
N THR BA 284 63.34 32.21 28.18
CA THR BA 284 64.18 33.35 28.52
C THR BA 284 63.43 34.35 29.38
N GLY BA 285 64.11 34.89 30.38
CA GLY BA 285 63.51 35.79 31.33
C GLY BA 285 62.94 35.11 32.56
N GLU BA 286 62.86 33.79 32.59
CA GLU BA 286 62.34 33.04 33.71
C GLU BA 286 63.46 32.27 34.39
N ILE BA 287 63.36 32.12 35.70
CA ILE BA 287 64.34 31.35 36.46
C ILE BA 287 63.92 29.90 36.58
N ARG BA 288 62.66 29.64 36.91
CA ARG BA 288 62.14 28.29 36.91
C ARG BA 288 62.02 27.78 35.49
N GLY BA 289 62.27 26.48 35.32
CA GLY BA 289 62.25 25.86 34.02
C GLY BA 289 60.86 25.46 33.57
N ARG BA 290 60.82 24.85 32.39
CA ARG BA 290 59.61 24.25 31.86
C ARG BA 290 59.97 22.90 31.27
N GLY BA 291 59.43 21.83 31.84
CA GLY BA 291 59.76 20.49 31.44
C GLY BA 291 58.70 19.85 30.58
N PRO BA 292 59.00 18.66 30.05
CA PRO BA 292 58.06 18.01 29.12
C PRO BA 292 56.70 17.71 29.72
N SER BA 293 56.62 17.41 31.01
CA SER BA 293 55.31 17.17 31.62
C SER BA 293 54.47 18.43 31.69
N LEU BA 294 55.10 19.60 31.67
CA LEU BA 294 54.34 20.84 31.55
C LEU BA 294 53.77 20.99 30.15
N SER BA 295 54.50 20.54 29.12
CA SER BA 295 54.00 20.60 27.76
C SER BA 295 52.83 19.65 27.54
N ALA BA 296 52.64 18.67 28.40
CA ALA BA 296 51.66 17.62 28.15
C ALA BA 296 50.33 17.86 28.83
N TYR BA 297 50.27 18.75 29.81
CA TYR BA 297 49.08 18.80 30.65
C TYR BA 297 47.83 19.35 29.95
N PRO BA 298 47.93 20.28 28.98
CA PRO BA 298 46.71 20.63 28.25
C PRO BA 298 46.11 19.45 27.51
N THR BA 299 46.94 18.58 26.95
CA THR BA 299 46.43 17.35 26.35
C THR BA 299 45.78 16.45 27.38
N ALA BA 300 46.40 16.34 28.56
CA ALA BA 300 45.82 15.53 29.63
C ALA BA 300 44.48 16.10 30.08
N ALA BA 301 44.35 17.43 30.10
CA ALA BA 301 43.10 18.04 30.52
C ALA BA 301 41.95 17.65 29.58
N THR BA 302 42.22 17.64 28.27
CA THR BA 302 41.19 17.24 27.32
C THR BA 302 40.81 15.78 27.49
N ILE BA 303 41.81 14.91 27.69
CA ILE BA 303 41.54 13.48 27.87
C ILE BA 303 40.70 13.25 29.13
N ASN BA 304 41.04 13.91 30.23
CA ASN BA 304 40.29 13.73 31.46
C ASN BA 304 38.85 14.20 31.32
N GLN BA 305 38.64 15.30 30.60
CA GLN BA 305 37.27 15.76 30.36
C GLN BA 305 36.49 14.77 29.51
N ALA BA 306 37.14 14.18 28.50
CA ALA BA 306 36.47 13.19 27.67
C ALA BA 306 36.06 11.97 28.47
N LEU BA 307 36.95 11.48 29.33
CA LEU BA 307 36.62 10.29 30.12
C LEU BA 307 35.55 10.57 31.16
N GLU BA 308 35.54 11.77 31.74
CA GLU BA 308 34.48 12.10 32.68
C GLU BA 308 33.12 12.08 32.00
N ASP BA 309 33.05 12.58 30.76
CA ASP BA 309 31.79 12.53 30.02
C ASP BA 309 31.38 11.10 29.71
N GLU BA 310 32.35 10.23 29.43
CA GLU BA 310 32.03 8.83 29.17
C GLU BA 310 31.45 8.16 30.41
N LEU BA 311 32.01 8.45 31.58
CA LEU BA 311 31.48 7.89 32.82
C LEU BA 311 30.07 8.40 33.10
N VAL BA 312 29.81 9.68 32.84
CA VAL BA 312 28.46 10.22 32.99
C VAL BA 312 27.52 9.55 32.01
N ALA BA 313 27.96 9.39 30.76
CA ALA BA 313 27.11 8.79 29.74
C ALA BA 313 26.80 7.34 30.04
N ALA BA 314 27.81 6.57 30.47
CA ALA BA 314 27.63 5.13 30.65
C ALA BA 314 26.58 4.81 31.70
N ALA BA 315 26.37 5.71 32.66
CA ALA BA 315 25.41 5.43 33.72
C ALA BA 315 23.99 5.29 33.20
N PHE BA 316 23.65 5.99 32.11
CA PHE BA 316 22.31 5.88 31.56
C PHE BA 316 22.28 5.42 30.11
N GLN BA 317 23.42 5.12 29.51
CA GLN BA 317 23.47 4.52 28.18
C GLN BA 317 23.88 3.07 28.20
N ALA BA 318 24.82 2.68 29.06
CA ALA BA 318 25.18 1.28 29.19
C ALA BA 318 24.14 0.50 29.99
N ASN BA 319 23.61 1.10 31.05
CA ASN BA 319 22.64 0.42 31.89
C ASN BA 319 21.30 0.32 31.18
N PRO BA 320 20.55 -0.74 31.43
CA PRO BA 320 19.20 -0.84 30.86
C PRO BA 320 18.22 0.06 31.59
N MET BA 321 17.76 1.12 30.94
CA MET BA 321 16.81 2.04 31.53
C MET BA 321 15.62 2.20 30.60
N TYR BA 322 14.55 2.75 31.14
CA TYR BA 322 13.30 2.88 30.40
C TYR BA 322 12.74 4.27 30.56
N MET BA 323 12.01 4.71 29.54
CA MET BA 323 11.24 5.93 29.59
C MET BA 323 9.76 5.59 29.61
N ALA BA 324 9.01 6.26 30.47
CA ALA BA 324 7.58 6.08 30.53
C ALA BA 324 6.97 7.36 31.08
N ALA BA 325 5.64 7.43 31.05
CA ALA BA 325 4.97 8.57 31.66
C ALA BA 325 5.22 8.62 33.16
N SER BA 326 5.39 7.47 33.81
CA SER BA 326 5.58 7.42 35.24
C SER BA 326 6.40 6.20 35.59
N ASP BA 327 7.15 6.29 36.69
CA ASP BA 327 7.88 5.13 37.19
C ASP BA 327 6.98 4.11 37.83
N SER BA 328 5.69 4.38 37.98
CA SER BA 328 4.74 3.40 38.45
C SER BA 328 4.31 2.41 37.37
N ALA BA 329 5.04 2.36 36.25
CA ALA BA 329 4.71 1.41 35.20
C ALA BA 329 4.86 -0.03 35.68
N PHE BA 330 5.83 -0.29 36.55
CA PHE BA 330 5.84 -1.56 37.28
C PHE BA 330 6.27 -1.30 38.72
N ASN BA 331 5.95 -2.26 39.57
CA ASN BA 331 6.20 -2.16 41.00
C ASN BA 331 7.63 -2.58 41.30
N GLN BA 332 8.47 -1.61 41.69
CA GLN BA 332 9.87 -1.91 41.95
C GLN BA 332 10.04 -2.80 43.19
N GLN BA 333 9.09 -2.75 44.12
CA GLN BA 333 9.23 -3.53 45.35
C GLN BA 333 8.93 -5.00 45.14
N THR BA 334 8.02 -5.34 44.24
CA THR BA 334 7.68 -6.73 43.97
C THR BA 334 8.30 -7.26 42.69
N PHE BA 335 9.11 -6.46 42.01
CA PHE BA 335 9.77 -6.90 40.78
C PHE BA 335 10.60 -8.15 41.05
N THR BA 336 10.38 -9.19 40.25
CA THR BA 336 11.02 -10.49 40.45
C THR BA 336 11.90 -10.83 39.27
N PRO BA 337 13.21 -10.58 39.35
CA PRO BA 337 14.14 -10.89 38.24
C PRO BA 337 14.63 -12.34 38.25
N ARG BA 338 13.79 -13.23 37.75
CA ARG BA 338 14.04 -14.66 37.71
C ARG BA 338 13.82 -15.17 36.29
N PRO BA 339 14.50 -16.25 35.90
CA PRO BA 339 14.22 -16.85 34.60
C PRO BA 339 12.80 -17.39 34.55
N GLY BA 340 12.07 -17.05 33.50
CA GLY BA 340 10.69 -17.42 33.34
C GLY BA 340 9.70 -16.54 34.06
N SER BA 341 10.14 -15.48 34.73
CA SER BA 341 9.24 -14.65 35.50
C SER BA 341 8.43 -13.73 34.60
N ILE BA 342 7.16 -13.54 34.96
CA ILE BA 342 6.30 -12.54 34.32
C ILE BA 342 6.23 -11.33 35.24
N VAL BA 343 6.55 -10.16 34.72
CA VAL BA 343 6.48 -8.91 35.46
C VAL BA 343 5.21 -8.19 35.04
N PRO BA 344 4.29 -7.91 35.95
CA PRO BA 344 3.16 -7.03 35.61
C PRO BA 344 3.66 -5.64 35.24
N VAL BA 345 3.34 -5.21 34.03
CA VAL BA 345 3.80 -3.92 33.50
C VAL BA 345 2.62 -3.22 32.84
N GLN BA 346 2.46 -1.93 33.12
CA GLN BA 346 1.54 -1.09 32.36
C GLN BA 346 2.24 -0.72 31.06
N MET BA 347 1.98 -1.48 30.00
CA MET BA 347 2.76 -1.36 28.79
C MET BA 347 2.49 -0.05 28.05
N VAL BA 348 1.31 0.52 28.20
CA VAL BA 348 0.99 1.85 27.70
C VAL BA 348 0.32 2.62 28.82
N GLN BA 349 0.78 3.85 29.05
CA GLN BA 349 0.18 4.74 30.04
C GLN BA 349 -0.27 6.01 29.32
N GLY BA 350 -1.58 6.20 29.23
CA GLY BA 350 -2.12 7.30 28.47
C GLY BA 350 -1.83 7.17 27.00
N GLU BA 351 -1.00 8.06 26.46
CA GLU BA 351 -0.61 8.02 25.06
C GLU BA 351 0.74 7.35 24.83
N TRP BA 352 1.57 7.23 25.86
CA TRP BA 352 2.96 6.89 25.69
C TRP BA 352 3.23 5.46 26.15
N PRO BA 353 3.78 4.61 25.28
CA PRO BA 353 4.24 3.30 25.74
C PRO BA 353 5.57 3.41 26.47
N ILE BA 354 5.84 2.41 27.31
CA ILE BA 354 7.13 2.31 27.95
C ILE BA 354 8.11 1.70 26.95
N LYS BA 355 9.28 2.32 26.83
CA LYS BA 355 10.27 1.94 25.83
C LYS BA 355 11.66 2.05 26.43
N PRO BA 356 12.65 1.41 25.82
CA PRO BA 356 14.02 1.58 26.30
C PRO BA 356 14.44 3.04 26.20
N PHE BA 357 15.26 3.48 27.16
CA PHE BA 357 15.78 4.83 27.10
C PHE BA 357 16.58 5.01 25.82
N GLU BA 358 16.31 6.10 25.12
CA GLU BA 358 16.78 6.25 23.75
C GLU BA 358 18.29 6.39 23.70
N GLN BA 359 18.93 5.56 22.88
CA GLN BA 359 20.38 5.64 22.70
C GLN BA 359 20.74 6.87 21.88
N SER BA 360 21.85 7.50 22.25
CA SER BA 360 22.27 8.72 21.57
C SER BA 360 23.79 8.80 21.65
N GLY BA 361 24.37 9.58 20.76
CA GLY BA 361 25.81 9.78 20.78
C GLY BA 361 26.56 8.87 19.85
N ASN BA 362 27.88 9.03 19.88
CA ASN BA 362 28.81 8.41 18.96
C ASN BA 362 30.03 7.88 19.73
N ILE BA 363 29.78 6.94 20.64
CA ILE BA 363 30.80 6.35 21.52
C ILE BA 363 32.15 6.17 20.82
N GLN BA 364 32.14 5.69 19.57
CA GLN BA 364 33.39 5.47 18.85
C GLN BA 364 34.16 6.76 18.64
N PHE BA 365 33.45 7.86 18.34
CA PHE BA 365 34.10 9.15 18.14
C PHE BA 365 34.87 9.57 19.40
N ASN BA 366 34.26 9.40 20.57
CA ASN BA 366 34.95 9.79 21.80
C ASN BA 366 36.19 8.94 22.03
N ALA BA 367 36.10 7.63 21.78
CA ALA BA 367 37.26 6.75 21.91
C ALA BA 367 38.02 6.63 20.59
N LEU BA 368 38.25 7.75 19.93
CA LEU BA 368 39.15 7.85 18.80
C LEU BA 368 40.03 9.06 19.06
N LEU BA 369 39.45 10.06 19.72
CA LEU BA 369 40.21 11.22 20.18
C LEU BA 369 41.05 10.88 21.41
N VAL BA 370 40.48 10.10 22.33
CA VAL BA 370 41.21 9.73 23.54
C VAL BA 370 42.46 8.93 23.19
N ASN BA 371 42.32 7.94 22.32
CA ASN BA 371 43.47 7.14 21.93
C ASN BA 371 44.51 7.98 21.19
N ASP BA 372 44.06 8.88 20.32
CA ASP BA 372 45.00 9.72 19.59
C ASP BA 372 45.77 10.64 20.52
N PHE BA 373 45.08 11.24 21.49
CA PHE BA 373 45.75 12.16 22.41
C PHE BA 373 46.65 11.42 23.39
N ARG BA 374 46.28 10.19 23.77
CA ARG BA 374 47.11 9.43 24.69
C ARG BA 374 48.48 9.13 24.07
N GLN BA 375 48.51 8.78 22.79
CA GLN BA 375 49.78 8.45 22.17
C GLN BA 375 50.66 9.68 21.98
N GLN BA 376 50.06 10.86 21.83
CA GLN BA 376 50.86 12.08 21.79
C GLN BA 376 51.57 12.31 23.12
N ILE BA 377 50.88 12.08 24.23
CA ILE BA 377 51.51 12.17 25.54
C ILE BA 377 52.63 11.13 25.67
N ASN BA 378 52.37 9.91 25.20
CA ASN BA 378 53.38 8.85 25.29
C ASN BA 378 54.61 9.18 24.47
N GLU BA 379 54.43 9.73 23.26
CA GLU BA 379 55.59 10.10 22.45
C GLU BA 379 56.33 11.29 23.04
N LEU BA 380 55.61 12.22 23.67
CA LEU BA 380 56.24 13.38 24.26
C LEU BA 380 57.13 13.01 25.44
N LEU BA 381 56.81 11.93 26.14
CA LEU BA 381 57.55 11.51 27.33
C LEU BA 381 58.32 10.21 27.11
N TYR BA 382 58.53 9.81 25.86
CA TYR BA 382 59.35 8.64 25.53
C TYR BA 382 58.85 7.38 26.21
N ALA BA 383 57.53 7.21 26.26
CA ALA BA 383 56.91 6.10 26.96
C ALA BA 383 56.08 5.27 25.99
N PHE BA 384 56.06 3.95 26.21
CA PHE BA 384 55.23 2.99 25.49
C PHE BA 384 55.36 3.15 23.98
N PRO BA 385 56.50 2.77 23.41
CA PRO BA 385 56.66 2.89 21.95
C PRO BA 385 55.65 2.08 21.15
N LEU BA 386 55.17 0.96 21.70
CA LEU BA 386 54.24 0.09 20.99
C LEU BA 386 52.79 0.32 21.40
N GLY BA 387 52.50 1.48 21.99
CA GLY BA 387 51.14 1.74 22.40
C GLY BA 387 50.74 0.92 23.62
N ALA BA 388 49.43 0.84 23.84
CA ALA BA 388 48.89 0.14 24.99
C ALA BA 388 48.89 -1.37 24.74
N VAL BA 389 48.26 -2.12 25.64
CA VAL BA 389 48.21 -3.58 25.52
C VAL BA 389 47.33 -3.98 24.34
N ASN BA 390 46.14 -3.37 24.23
CA ASN BA 390 45.23 -3.66 23.13
C ASN BA 390 45.63 -2.84 21.91
N SER BA 391 46.70 -3.29 21.27
CA SER BA 391 47.31 -2.61 20.14
C SER BA 391 47.50 -3.60 19.01
N PRO BA 392 47.55 -3.10 17.76
CA PRO BA 392 47.75 -4.01 16.63
C PRO BA 392 49.12 -4.68 16.67
N THR BA 393 49.18 -5.86 16.07
CA THR BA 393 50.43 -6.63 16.02
C THR BA 393 51.42 -5.98 15.07
N ARG BA 394 52.70 -6.29 15.28
CA ARG BA 394 53.76 -5.85 14.38
C ARG BA 394 54.67 -7.03 14.02
N THR BA 395 55.72 -6.76 13.26
CA THR BA 395 56.75 -7.74 12.96
C THR BA 395 58.01 -7.42 13.76
N ALA BA 396 58.99 -8.31 13.65
CA ALA BA 396 60.25 -8.11 14.36
C ALA BA 396 60.93 -6.82 13.93
N THR BA 397 60.87 -6.51 12.64
CA THR BA 397 61.44 -5.27 12.15
C THR BA 397 60.63 -4.07 12.60
N GLU BA 398 59.30 -4.12 12.46
CA GLU BA 398 58.45 -3.00 12.77
C GLU BA 398 58.35 -2.74 14.27
N ALA BA 399 58.84 -3.65 15.10
CA ALA BA 399 58.90 -3.45 16.54
C ALA BA 399 60.29 -3.08 17.01
N GLU BA 400 61.33 -3.70 16.45
CA GLU BA 400 62.70 -3.32 16.78
C GLU BA 400 62.99 -1.89 16.35
N ILE BA 401 62.52 -1.50 15.17
CA ILE BA 401 62.78 -0.14 14.68
C ILE BA 401 62.05 0.89 15.54
N ARG BA 402 60.78 0.63 15.84
CA ARG BA 402 60.03 1.56 16.68
C ARG BA 402 60.54 1.59 18.11
N TYR BA 403 61.16 0.51 18.58
CA TYR BA 403 61.78 0.53 19.90
C TYR BA 403 63.09 1.32 19.88
N THR BA 404 63.89 1.18 18.83
CA THR BA 404 65.14 1.92 18.74
C THR BA 404 64.89 3.39 18.41
N GLU BA 405 63.79 3.71 17.74
CA GLU BA 405 63.44 5.10 17.51
C GLU BA 405 63.21 5.82 18.82
N ASN BA 406 62.48 5.18 19.74
CA ASN BA 406 62.20 5.80 21.03
C ASN BA 406 63.45 5.82 21.91
N LEU BA 407 64.24 4.76 21.89
CA LEU BA 407 65.44 4.70 22.72
C LEU BA 407 66.47 5.73 22.28
N GLU BA 408 66.64 5.89 20.96
CA GLU BA 408 67.62 6.85 20.46
C GLU BA 408 67.24 8.28 20.83
N SER BA 409 65.96 8.63 20.69
CA SER BA 409 65.53 9.98 21.03
C SER BA 409 65.69 10.26 22.53
N PHE BA 410 65.37 9.27 23.38
CA PHE BA 410 65.56 9.45 24.81
C PHE BA 410 67.03 9.65 25.16
N SER BA 411 67.92 8.85 24.57
CA SER BA 411 69.34 8.93 24.88
C SER BA 411 70.00 10.17 24.32
N ALA BA 412 69.30 10.95 23.50
CA ALA BA 412 69.86 12.15 22.90
C ALA BA 412 69.71 13.38 23.79
N MET BA 413 68.66 13.44 24.62
CA MET BA 413 68.39 14.63 25.41
C MET BA 413 68.90 14.53 26.84
N VAL BA 414 69.25 13.34 27.30
CA VAL BA 414 69.67 13.13 28.68
C VAL BA 414 71.10 13.58 28.95
N PRO BA 415 72.10 13.16 28.17
CA PRO BA 415 73.50 13.42 28.58
C PRO BA 415 73.85 14.89 28.75
N ARG BA 416 73.21 15.79 27.99
CA ARG BA 416 73.53 17.20 28.13
C ARG BA 416 73.19 17.76 29.51
N LEU BA 417 72.35 17.05 30.27
CA LEU BA 417 71.96 17.48 31.60
C LEU BA 417 72.86 16.91 32.69
N GLN BA 418 73.87 16.13 32.33
CA GLN BA 418 74.74 15.52 33.34
C GLN BA 418 75.54 16.56 34.10
N ASN BA 419 76.20 17.46 33.37
CA ASN BA 419 77.05 18.45 34.03
C ASN BA 419 76.20 19.50 34.75
N GLU BA 420 75.06 19.86 34.17
CA GLU BA 420 74.17 20.84 34.80
C GLU BA 420 73.65 20.33 36.14
N PHE BA 421 73.28 19.06 36.21
CA PHE BA 421 72.65 18.54 37.41
C PHE BA 421 73.67 18.12 38.46
N PHE BA 422 74.67 17.33 38.07
CA PHE BA 422 75.40 16.53 39.05
C PHE BA 422 76.81 16.99 39.35
N ILE BA 423 77.44 17.81 38.50
CA ILE BA 423 78.72 18.40 38.87
C ILE BA 423 78.60 19.31 40.09
N PRO BA 424 77.62 20.23 40.16
CA PRO BA 424 77.46 20.98 41.41
C PRO BA 424 77.15 20.10 42.62
N VAL BA 425 76.45 18.99 42.41
CA VAL BA 425 76.13 18.09 43.52
C VAL BA 425 77.39 17.44 44.06
N ILE BA 426 78.28 17.00 43.17
CA ILE BA 426 79.51 16.37 43.61
C ILE BA 426 80.40 17.36 44.34
N GLN BA 427 80.48 18.59 43.83
CA GLN BA 427 81.31 19.61 44.48
C GLN BA 427 80.80 19.93 45.88
N ARG BA 428 79.48 20.07 46.03
CA ARG BA 428 78.93 20.36 47.34
C ARG BA 428 79.07 19.18 48.29
N THR BA 429 79.00 17.95 47.76
CA THR BA 429 79.18 16.78 48.60
C THR BA 429 80.58 16.73 49.18
N LEU BA 430 81.61 17.04 48.38
CA LEU BA 430 82.97 17.06 48.90
C LEU BA 430 83.15 18.17 49.92
N TRP BA 431 82.50 19.31 49.72
CA TRP BA 431 82.55 20.39 50.70
C TRP BA 431 81.99 19.94 52.04
N VAL BA 432 80.86 19.22 52.01
CA VAL BA 432 80.26 18.74 53.25
C VAL BA 432 81.17 17.71 53.92
N ILE BA 433 81.75 16.79 53.13
CA ILE BA 433 82.64 15.78 53.69
C ILE BA 433 83.83 16.43 54.38
N ASN BA 434 84.39 17.48 53.79
CA ASN BA 434 85.50 18.17 54.42
C ASN BA 434 85.08 18.83 55.73
N LYS BA 435 83.87 19.40 55.78
CA LYS BA 435 83.40 20.05 56.98
C LYS BA 435 83.10 19.07 58.11
N VAL BA 436 82.46 17.94 57.79
CA VAL BA 436 82.05 16.98 58.80
C VAL BA 436 83.20 16.08 59.22
N LEU BA 437 84.09 15.74 58.29
CA LEU BA 437 85.24 14.88 58.56
C LEU BA 437 86.50 15.63 58.16
N PRO BA 438 86.94 16.58 58.99
CA PRO BA 438 88.07 17.43 58.58
C PRO BA 438 89.37 16.68 58.41
N GLU BA 439 89.50 15.47 58.97
CA GLU BA 439 90.74 14.72 58.83
C GLU BA 439 90.90 14.12 57.43
N THR BA 440 89.83 14.06 56.64
CA THR BA 440 89.96 13.50 55.29
C THR BA 440 90.82 14.38 54.39
N PHE BA 441 90.81 15.69 54.63
CA PHE BA 441 91.63 16.63 53.88
C PHE BA 441 92.70 17.25 54.77
N ALA BA 442 93.23 16.46 55.69
CA ALA BA 442 94.23 16.93 56.64
C ALA BA 442 95.64 16.86 56.04
N ASN BA 443 96.56 17.61 56.64
CA ASN BA 443 97.95 17.70 56.18
C ASN BA 443 98.02 18.15 54.72
N ILE BA 444 97.17 19.12 54.38
CA ILE BA 444 97.11 19.66 53.02
C ILE BA 444 97.15 21.19 53.13
N PRO BA 445 97.98 21.87 52.36
CA PRO BA 445 97.98 23.34 52.40
C PRO BA 445 96.61 23.89 52.06
N ASP BA 446 96.25 24.99 52.74
CA ASP BA 446 94.90 25.52 52.61
C ASP BA 446 94.60 25.96 51.18
N ASP BA 447 95.60 26.50 50.50
CA ASP BA 447 95.40 26.96 49.12
C ASP BA 447 95.00 25.80 48.22
N ILE BA 448 95.73 24.68 48.28
CA ILE BA 448 95.42 23.57 47.41
C ILE BA 448 94.22 22.80 47.92
N ARG BA 449 93.94 22.87 49.23
CA ARG BA 449 92.76 22.21 49.77
C ARG BA 449 91.49 22.79 49.19
N ASN BA 450 91.41 24.12 49.12
CA ASN BA 450 90.23 24.77 48.55
C ASN BA 450 90.10 24.49 47.07
N LYS BA 451 91.24 24.49 46.35
CA LYS BA 451 91.20 24.17 44.92
C LYS BA 451 90.84 22.71 44.69
N MET BA 452 91.10 21.85 45.68
CA MET BA 452 90.78 20.44 45.55
C MET BA 452 89.31 20.19 45.84
N ILE BA 453 88.78 20.83 46.89
CA ILE BA 453 87.37 20.67 47.24
C ILE BA 453 86.49 21.17 46.10
N SER BA 454 86.85 22.31 45.54
CA SER BA 454 86.21 22.79 44.30
C SER BA 454 86.72 21.93 43.16
N VAL BA 455 85.89 21.02 42.67
CA VAL BA 455 86.31 20.07 41.62
C VAL BA 455 86.13 20.80 40.31
N ASP BA 456 87.12 21.61 39.96
CA ASP BA 456 87.03 22.53 38.83
C ASP BA 456 88.00 22.19 37.71
N GLY BA 457 88.73 21.08 37.82
CA GLY BA 457 89.68 20.70 36.81
C GLY BA 457 91.08 21.21 37.01
N GLN BA 458 91.32 22.01 38.05
CA GLN BA 458 92.68 22.49 38.32
C GLN BA 458 93.50 21.41 39.02
N ILE BA 459 93.07 20.99 40.20
CA ILE BA 459 93.75 19.94 40.94
C ILE BA 459 92.98 18.63 40.75
N LEU BA 460 91.66 18.73 40.72
CA LEU BA 460 90.80 17.57 40.67
C LEU BA 460 89.75 17.76 39.58
N GLY BA 461 89.58 16.74 38.74
CA GLY BA 461 88.60 16.78 37.67
C GLY BA 461 87.58 15.66 37.82
N LEU BA 462 86.59 15.68 36.95
CA LEU BA 462 85.52 14.69 36.95
C LEU BA 462 85.40 14.07 35.57
N SER BA 463 84.85 12.85 35.55
CA SER BA 463 84.62 12.15 34.30
C SER BA 463 83.46 11.20 34.50
N PHE BA 464 82.40 11.38 33.72
CA PHE BA 464 81.18 10.59 33.90
C PHE BA 464 81.23 9.32 33.06
N ASP BA 465 80.65 8.25 33.61
CA ASP BA 465 80.58 6.94 32.96
C ASP BA 465 79.17 6.40 33.16
N THR BA 466 78.30 6.67 32.19
CA THR BA 466 76.89 6.33 32.24
C THR BA 466 76.53 5.41 31.08
N PRO BA 467 75.38 4.73 31.14
CA PRO BA 467 74.97 3.89 30.00
C PRO BA 467 74.81 4.65 28.69
N LEU BA 468 74.69 5.98 28.73
CA LEU BA 468 74.53 6.77 27.51
C LEU BA 468 75.85 7.34 26.99
N MET BA 469 76.95 7.14 27.71
CA MET BA 469 78.29 7.52 27.23
C MET BA 469 79.23 6.40 27.66
N THR BA 470 79.74 5.63 26.69
CA THR BA 470 80.35 4.34 27.06
C THR BA 470 81.72 4.51 27.71
N ALA BA 471 82.74 4.89 26.93
CA ALA BA 471 84.05 5.10 27.56
C ALA BA 471 84.87 6.27 27.03
N LYS BA 472 84.78 6.61 25.74
CA LYS BA 472 85.67 7.55 25.06
C LYS BA 472 87.11 7.01 25.00
N GLY BA 473 87.37 5.88 25.65
CA GLY BA 473 88.69 5.30 25.66
C GLY BA 473 88.72 4.02 24.87
N GLN BA 474 87.56 3.36 24.76
CA GLN BA 474 87.45 2.21 23.89
C GLN BA 474 87.69 2.59 22.43
N VAL BA 475 87.37 3.83 22.05
CA VAL BA 475 87.66 4.28 20.70
C VAL BA 475 89.15 4.38 20.46
N LYS BA 476 89.90 4.90 21.45
CA LYS BA 476 91.35 4.96 21.33
C LYS BA 476 91.96 3.57 21.23
N THR BA 477 91.49 2.64 22.07
CA THR BA 477 92.00 1.28 22.03
C THR BA 477 91.66 0.58 20.71
N ALA BA 478 90.43 0.77 20.23
CA ALA BA 478 90.01 0.11 19.00
C ALA BA 478 90.85 0.59 17.82
N ALA BA 479 91.16 1.89 17.77
CA ALA BA 479 92.03 2.39 16.71
C ALA BA 479 93.43 1.79 16.83
N LEU BA 480 93.93 1.65 18.05
CA LEU BA 480 95.25 1.05 18.25
C LEU BA 480 95.25 -0.41 17.81
N LEU BA 481 94.21 -1.16 18.12
CA LEU BA 481 94.13 -2.55 17.70
C LEU BA 481 93.95 -2.66 16.19
N GLY BA 482 93.19 -1.74 15.60
CA GLY BA 482 93.04 -1.75 14.15
C GLY BA 482 94.34 -1.45 13.43
N PHE BA 483 95.16 -0.56 13.99
CA PHE BA 483 96.46 -0.29 13.42
C PHE BA 483 97.36 -1.52 13.45
N TYR BA 484 97.33 -2.24 14.57
CA TYR BA 484 98.22 -3.40 14.70
C TYR BA 484 97.83 -4.51 13.73
N GLN BA 485 96.53 -4.75 13.55
CA GLN BA 485 96.10 -5.78 12.62
C GLN BA 485 96.59 -5.48 11.21
N ALA BA 486 96.49 -4.21 10.79
CA ALA BA 486 96.98 -3.84 9.47
C ALA BA 486 98.50 -3.97 9.39
N ALA BA 487 99.21 -3.53 10.42
CA ALA BA 487 100.67 -3.60 10.41
C ALA BA 487 101.15 -5.05 10.41
N ALA BA 488 100.52 -5.91 11.18
CA ALA BA 488 100.90 -7.31 11.23
C ALA BA 488 100.46 -8.07 9.98
N SER BA 489 99.53 -7.52 9.21
CA SER BA 489 99.19 -8.16 7.93
C SER BA 489 100.25 -7.89 6.88
N LEU BA 490 100.83 -6.68 6.88
CA LEU BA 490 101.80 -6.33 5.86
C LEU BA 490 103.21 -6.77 6.25
N LEU BA 491 103.55 -6.67 7.53
CA LEU BA 491 104.89 -6.93 7.99
C LEU BA 491 105.00 -8.15 8.90
N GLY BA 492 103.88 -8.76 9.28
CA GLY BA 492 103.90 -9.90 10.15
C GLY BA 492 104.09 -9.49 11.60
N PRO BA 493 103.83 -10.42 12.52
CA PRO BA 493 104.22 -10.19 13.91
C PRO BA 493 105.73 -10.19 14.05
N GLU BA 494 106.20 -9.76 15.21
CA GLU BA 494 107.61 -9.60 15.55
C GLU BA 494 108.20 -8.41 14.82
N ALA BA 495 107.45 -7.85 13.88
CA ALA BA 495 107.79 -6.61 13.20
C ALA BA 495 106.82 -5.49 13.53
N ALA BA 496 105.52 -5.78 13.55
CA ALA BA 496 104.55 -4.83 14.07
C ALA BA 496 104.75 -4.60 15.56
N THR BA 497 105.04 -5.67 16.31
CA THR BA 497 105.32 -5.53 17.73
C THR BA 497 106.61 -4.77 17.97
N ALA BA 498 107.63 -5.01 17.16
CA ALA BA 498 108.90 -4.32 17.32
C ALA BA 498 108.76 -2.82 17.08
N SER BA 499 107.83 -2.41 16.22
CA SER BA 499 107.62 -1.00 15.90
C SER BA 499 106.62 -0.36 16.86
N LEU BA 500 106.82 -0.57 18.15
CA LEU BA 500 105.92 -0.08 19.17
C LEU BA 500 106.73 0.40 20.35
N ASP BA 501 106.20 1.38 21.07
CA ASP BA 501 106.80 1.78 22.33
C ASP BA 501 106.05 1.03 23.43
N PRO BA 502 106.55 -0.13 23.87
CA PRO BA 502 105.75 -0.98 24.76
C PRO BA 502 105.39 -0.32 26.08
N VAL BA 503 106.29 0.49 26.64
CA VAL BA 503 105.97 1.16 27.90
C VAL BA 503 104.83 2.15 27.70
N GLU BA 504 104.88 2.94 26.63
CA GLU BA 504 103.81 3.88 26.34
C GLU BA 504 102.51 3.15 26.03
N VAL BA 505 102.59 2.04 25.30
CA VAL BA 505 101.39 1.29 24.93
C VAL BA 505 100.71 0.74 26.17
N LEU BA 506 101.48 0.17 27.10
CA LEU BA 506 100.90 -0.38 28.32
C LEU BA 506 100.22 0.70 29.14
N THR BA 507 100.89 1.83 29.33
CA THR BA 507 100.32 2.90 30.14
C THR BA 507 99.08 3.49 29.49
N ASN BA 508 99.08 3.65 28.17
CA ASN BA 508 97.92 4.22 27.50
C ASN BA 508 96.77 3.24 27.43
N LEU BA 509 97.05 1.94 27.31
CA LEU BA 509 95.98 0.95 27.36
C LEU BA 509 95.30 0.95 28.72
N ALA BA 510 96.08 1.09 29.79
CA ALA BA 510 95.49 1.14 31.12
C ALA BA 510 94.60 2.37 31.29
N ASP BA 511 95.06 3.52 30.80
CA ASP BA 511 94.25 4.73 30.88
C ASP BA 511 92.98 4.61 30.03
N ASN BA 512 93.11 4.04 28.83
CA ASN BA 512 91.95 3.94 27.94
C ASN BA 512 90.87 3.04 28.54
N GLN BA 513 91.29 1.95 29.17
CA GLN BA 513 90.33 1.03 29.79
C GLN BA 513 89.82 1.52 31.14
N GLY BA 514 90.38 2.61 31.66
CA GLY BA 514 89.98 3.07 32.98
C GLY BA 514 90.31 2.07 34.07
N ILE BA 515 91.47 1.48 33.98
CA ILE BA 515 91.87 0.39 34.87
C ILE BA 515 92.53 0.97 36.10
N ASP BA 516 92.52 0.21 37.19
CA ASP BA 516 93.18 0.64 38.42
C ASP BA 516 94.69 0.64 38.21
N VAL BA 517 95.34 1.72 38.62
CA VAL BA 517 96.77 1.89 38.35
C VAL BA 517 97.59 0.85 39.11
N ARG BA 518 97.16 0.49 40.32
CA ARG BA 518 97.91 -0.46 41.12
C ARG BA 518 98.01 -1.84 40.48
N ASN BA 519 97.13 -2.16 39.54
CA ASN BA 519 97.16 -3.47 38.90
C ASN BA 519 98.33 -3.63 37.93
N ILE BA 520 99.01 -2.56 37.57
CA ILE BA 520 100.08 -2.61 36.60
C ILE BA 520 101.33 -2.02 37.22
N LYS BA 521 102.49 -2.48 36.76
CA LYS BA 521 103.75 -1.96 37.25
C LYS BA 521 103.95 -0.52 36.82
N THR BA 522 104.77 0.21 37.58
CA THR BA 522 105.06 1.59 37.27
C THR BA 522 105.90 1.69 36.00
N ARG BA 523 106.04 2.91 35.49
CA ARG BA 523 106.81 3.12 34.27
C ARG BA 523 108.27 2.71 34.46
N GLU BA 524 108.85 3.06 35.61
CA GLU BA 524 110.24 2.68 35.87
C GLU BA 524 110.39 1.17 35.98
N GLU BA 525 109.43 0.49 36.61
CA GLU BA 525 109.48 -0.97 36.67
C GLU BA 525 109.34 -1.58 35.29
N LEU BA 526 108.45 -1.03 34.46
CA LEU BA 526 108.29 -1.52 33.10
C LEU BA 526 109.54 -1.27 32.27
N GLU BA 527 110.17 -0.12 32.46
CA GLU BA 527 111.40 0.19 31.74
C GLU BA 527 112.50 -0.79 32.10
N GLN BA 528 112.64 -1.12 33.38
CA GLN BA 528 113.64 -2.09 33.81
C GLN BA 528 113.36 -3.46 33.22
N LEU BA 529 112.08 -3.84 33.16
CA LEU BA 529 111.71 -5.11 32.55
C LEU BA 529 112.08 -5.13 31.06
N LEU BA 530 111.80 -4.04 30.35
CA LEU BA 530 112.15 -3.96 28.95
C LEU BA 530 113.66 -4.01 28.74
N GLN BA 531 114.41 -3.34 29.63
CA GLN BA 531 115.86 -3.39 29.54
C GLN BA 531 116.39 -4.81 29.71
N ALA BA 532 115.82 -5.56 30.67
CA ALA BA 532 116.23 -6.94 30.86
C ALA BA 532 115.83 -7.82 29.69
N ALA BA 533 114.68 -7.54 29.07
CA ALA BA 533 114.26 -8.31 27.91
C ALA BA 533 115.20 -8.12 26.73
N GLY BA 534 115.77 -6.92 26.60
CA GLY BA 534 116.76 -6.71 25.55
C GLY BA 534 118.05 -7.48 25.80
N GLN BA 535 118.47 -7.56 27.06
CA GLN BA 535 119.68 -8.31 27.40
C GLN BA 535 119.49 -9.80 27.19
N ILE BA 536 118.29 -10.32 27.45
CA ILE BA 536 118.02 -11.73 27.18
C ILE BA 536 118.13 -12.01 25.70
N ALA BA 537 117.60 -11.11 24.86
CA ALA BA 537 117.67 -11.31 23.42
C ALA BA 537 119.10 -11.28 22.92
N GLN BA 538 119.93 -10.39 23.47
CA GLN BA 538 121.33 -10.32 23.06
C GLN BA 538 122.05 -11.64 23.35
N GLN BA 539 121.84 -12.19 24.55
CA GLN BA 539 122.53 -13.42 24.91
C GLN BA 539 122.02 -14.60 24.10
N GLU BA 540 120.71 -14.70 23.91
CA GLU BA 540 120.16 -15.82 23.14
C GLU BA 540 120.59 -15.74 21.68
N ALA BA 541 120.63 -14.53 21.11
CA ALA BA 541 121.15 -14.39 19.75
C ALA BA 541 122.63 -14.70 19.68
N ALA BA 542 123.40 -14.28 20.70
CA ALA BA 542 124.83 -14.56 20.71
C ALA BA 542 125.13 -16.05 20.77
N GLN BA 543 124.24 -16.85 21.36
CA GLN BA 543 124.43 -18.29 21.40
C GLN BA 543 124.13 -18.95 20.05
N GLN BA 544 123.49 -18.24 19.13
CA GLN BA 544 123.25 -18.75 17.79
C GLN BA 544 124.23 -18.18 16.77
N GLY BA 545 125.24 -17.45 17.22
CA GLY BA 545 126.25 -16.91 16.33
C GLY BA 545 125.92 -15.57 15.69
N VAL BA 546 124.76 -14.99 16.00
CA VAL BA 546 124.36 -13.71 15.45
C VAL BA 546 124.48 -12.65 16.52
N ILE BA 547 125.13 -11.54 16.20
CA ILE BA 547 125.35 -10.44 17.13
C ILE BA 547 124.37 -9.32 16.80
N ILE BA 548 123.57 -8.91 17.80
CA ILE BA 548 122.60 -7.85 17.60
C ILE BA 548 123.24 -6.50 17.87
N VAL CA 30 79.44 57.19 18.17
CA VAL CA 30 78.25 56.82 18.91
C VAL CA 30 77.01 57.08 18.08
N ASN CA 31 77.00 58.22 17.38
CA ASN CA 31 75.87 58.53 16.51
C ASN CA 31 75.74 57.52 15.39
N ARG CA 32 76.89 57.09 14.84
CA ARG CA 32 76.86 56.03 13.83
C ARG CA 32 76.39 54.71 14.42
N LEU CA 33 76.76 54.44 15.67
CA LEU CA 33 76.31 53.23 16.34
C LEU CA 33 74.78 53.20 16.45
N CYS CA 34 74.18 54.33 16.80
CA CYS CA 34 72.74 54.38 16.96
C CYS CA 34 72.02 54.22 15.63
N ARG CA 35 72.59 54.75 14.54
CA ARG CA 35 71.98 54.54 13.23
C ARG CA 35 72.03 53.06 12.84
N MET CA 36 73.14 52.39 13.10
CA MET CA 36 73.24 50.97 12.79
C MET CA 36 72.27 50.16 13.65
N ARG CA 37 72.15 50.50 14.93
CA ARG CA 37 71.25 49.78 15.80
C ARG CA 37 69.80 49.95 15.39
N ASN CA 38 69.42 51.16 14.97
CA ASN CA 38 68.04 51.39 14.54
C ASN CA 38 67.72 50.62 13.27
N ASP CA 39 68.67 50.57 12.33
CA ASP CA 39 68.43 49.81 11.11
C ASP CA 39 68.34 48.32 11.39
N ALA CA 40 69.20 47.80 12.27
CA ALA CA 40 69.12 46.39 12.63
C ALA CA 40 67.84 46.09 13.40
N LYS CA 41 67.35 47.06 14.17
CA LYS CA 41 66.12 46.87 14.94
C LYS CA 41 64.91 46.80 14.02
N SER CA 42 64.90 47.56 12.93
CA SER CA 42 63.78 47.50 11.99
C SER CA 42 63.69 46.16 11.30
N ASP CA 43 64.82 45.54 10.99
CA ASP CA 43 64.79 44.20 10.40
C ASP CA 43 64.17 43.20 11.36
N LEU CA 44 64.51 43.29 12.65
CA LEU CA 44 63.92 42.40 13.63
C LEU CA 44 62.41 42.60 13.73
N ASP CA 45 61.95 43.85 13.64
CA ASP CA 45 60.52 44.12 13.69
C ASP CA 45 59.78 43.51 12.51
N MET CA 46 60.42 43.43 11.36
CA MET CA 46 59.80 42.80 10.20
C MET CA 46 59.77 41.28 10.29
N TRP CA 47 60.64 40.69 11.12
CA TRP CA 47 60.64 39.25 11.32
C TRP CA 47 59.73 38.78 12.42
N ARG CA 48 59.22 39.68 13.27
CA ARG CA 48 58.54 39.26 14.50
C ARG CA 48 57.29 38.45 14.20
N SER CA 49 56.51 38.86 13.20
CA SER CA 49 55.25 38.20 12.93
C SER CA 49 55.45 36.75 12.53
N ILE CA 50 56.34 36.50 11.57
CA ILE CA 50 56.52 35.14 11.08
C ILE CA 50 57.24 34.29 12.12
N LEU CA 51 58.19 34.87 12.86
CA LEU CA 51 58.96 34.07 13.80
C LEU CA 51 58.13 33.70 15.03
N GLN CA 52 57.32 34.63 15.53
CA GLN CA 52 56.46 34.29 16.66
C GLN CA 52 55.48 33.19 16.30
N THR CA 53 54.92 33.24 15.09
CA THR CA 53 54.03 32.18 14.64
C THR CA 53 54.78 30.85 14.50
N ALA CA 54 55.96 30.89 13.88
CA ALA CA 54 56.71 29.66 13.67
C ALA CA 54 57.13 29.01 14.99
N TYR CA 55 57.60 29.82 15.94
CA TYR CA 55 57.96 29.30 17.25
C TYR CA 55 56.74 28.77 17.99
N HIS CA 56 55.58 29.38 17.79
CA HIS CA 56 54.38 28.95 18.49
C HIS CA 56 54.02 27.51 18.13
N TYR CA 57 54.10 27.15 16.85
CA TYR CA 57 53.72 25.81 16.43
C TYR CA 57 54.82 24.78 16.61
N ALA CA 58 56.07 25.21 16.79
CA ALA CA 58 57.19 24.29 16.94
C ALA CA 58 57.65 24.14 18.39
N MET CA 59 57.83 25.25 19.11
CA MET CA 59 58.21 25.24 20.51
C MET CA 59 57.32 26.20 21.28
N PRO CA 60 56.07 25.83 21.53
CA PRO CA 60 55.13 26.78 22.15
C PRO CA 60 55.58 27.29 23.51
N ASP CA 61 56.22 26.46 24.33
CA ASP CA 61 56.59 26.85 25.68
C ASP CA 61 57.91 27.61 25.76
N TYR CA 62 58.70 27.60 24.70
CA TYR CA 62 60.01 28.26 24.70
C TYR CA 62 60.09 29.30 23.59
N ASN CA 63 59.00 30.04 23.40
CA ASN CA 63 58.90 31.01 22.32
C ASN CA 63 59.49 32.34 22.82
N PRO CA 64 60.67 32.75 22.35
CA PRO CA 64 61.26 33.98 22.86
C PRO CA 64 60.64 35.25 22.30
N PHE CA 65 59.78 35.15 21.29
CA PHE CA 65 59.13 36.31 20.71
C PHE CA 65 57.81 36.64 21.38
N GLU CA 66 57.39 35.86 22.37
CA GLU CA 66 56.11 36.12 23.02
C GLU CA 66 56.15 37.43 23.79
N ASN CA 67 54.98 38.06 23.92
CA ASN CA 67 54.85 39.34 24.60
C ASN CA 67 55.78 40.38 24.00
N TYR CA 68 55.85 40.40 22.67
CA TYR CA 68 56.68 41.35 21.92
C TYR CA 68 58.14 41.29 22.36
N GLY CA 69 58.65 40.08 22.54
CA GLY CA 69 60.04 39.87 22.88
C GLY CA 69 60.36 39.92 24.35
N LEU CA 70 59.44 40.41 25.19
CA LEU CA 70 59.70 40.43 26.63
C LEU CA 70 59.71 39.03 27.22
N ALA CA 71 58.95 38.11 26.63
CA ALA CA 71 58.89 36.71 27.06
C ALA CA 71 58.49 36.67 28.53
N GLY CA 72 59.26 36.04 29.42
CA GLY CA 72 58.92 35.94 30.81
C GLY CA 72 59.53 36.99 31.71
N PHE CA 73 60.14 38.04 31.16
CA PHE CA 73 60.76 39.06 32.00
C PHE CA 73 59.74 39.81 32.83
N LEU CA 74 58.59 40.15 32.23
CA LEU CA 74 57.58 40.92 32.95
C LEU CA 74 56.63 40.01 33.73
N THR CA 75 56.08 38.99 33.08
CA THR CA 75 55.10 38.09 33.70
C THR CA 75 55.54 36.65 33.51
N PRO CA 76 56.26 36.09 34.48
CA PRO CA 76 56.63 34.67 34.40
C PRO CA 76 55.43 33.78 34.73
N GLY CA 77 55.58 32.50 34.39
CA GLY CA 77 54.55 31.53 34.66
C GLY CA 77 53.32 31.63 33.79
N GLN CA 78 53.43 32.26 32.62
CA GLN CA 78 52.30 32.44 31.73
C GLN CA 78 52.07 31.17 30.91
N GLN CA 79 50.81 30.85 30.67
CA GLN CA 79 50.47 29.69 29.86
C GLN CA 79 50.58 30.05 28.38
N TYR CA 80 51.23 29.20 27.60
CA TYR CA 80 51.48 29.46 26.19
C TYR CA 80 50.96 28.39 25.26
N ASN CA 81 50.86 27.13 25.70
CA ASN CA 81 50.63 26.01 24.80
C ASN CA 81 49.21 25.46 24.88
N ALA CA 82 48.27 26.22 25.43
CA ALA CA 82 46.91 25.69 25.60
C ALA CA 82 46.22 25.46 24.25
N ASP CA 83 46.56 26.25 23.23
CA ASP CA 83 45.89 26.17 21.94
C ASP CA 83 46.68 25.35 20.92
N ILE CA 84 47.71 24.63 21.35
CA ILE CA 84 48.43 23.71 20.47
C ILE CA 84 47.83 22.33 20.71
N TYR CA 85 46.86 21.96 19.88
CA TYR CA 85 46.19 20.68 20.04
C TYR CA 85 46.99 19.53 19.46
N ASP CA 86 47.76 19.77 18.41
CA ASP CA 86 48.54 18.74 17.75
C ASP CA 86 50.01 18.91 18.09
N LEU CA 87 50.63 17.85 18.59
CA LEU CA 87 52.02 17.89 19.02
C LEU CA 87 52.97 17.27 17.99
N THR CA 88 52.50 17.02 16.78
CA THR CA 88 53.34 16.39 15.77
C THR CA 88 54.58 17.24 15.48
N LEU CA 89 54.39 18.52 15.15
CA LEU CA 89 55.55 19.36 14.87
C LEU CA 89 56.44 19.58 16.09
N PRO CA 90 55.92 19.90 17.28
CA PRO CA 90 56.83 20.04 18.43
C PRO CA 90 57.64 18.79 18.72
N ILE CA 91 57.06 17.61 18.56
CA ILE CA 91 57.80 16.38 18.83
C ILE CA 91 58.88 16.16 17.79
N ALA CA 92 58.53 16.28 16.51
CA ALA CA 92 59.50 16.06 15.44
C ALA CA 92 60.62 17.10 15.49
N HIS CA 93 60.26 18.34 15.79
CA HIS CA 93 61.25 19.41 15.87
C HIS CA 93 62.26 19.14 16.98
N LYS CA 94 61.78 18.73 18.16
CA LYS CA 94 62.68 18.45 19.27
C LYS CA 94 63.57 17.26 18.96
N ARG CA 95 63.00 16.19 18.39
CA ARG CA 95 63.79 15.00 18.11
C ARG CA 95 64.82 15.23 17.01
N LEU CA 96 64.50 16.08 16.03
CA LEU CA 96 65.47 16.40 15.00
C LEU CA 96 66.64 17.19 15.57
N ALA CA 97 66.36 18.17 16.42
CA ALA CA 97 67.44 18.94 17.03
C ALA CA 97 68.31 18.07 17.91
N ASP CA 98 67.71 17.17 18.68
CA ASP CA 98 68.48 16.25 19.50
C ASP CA 98 69.33 15.33 18.63
N LYS CA 99 68.76 14.86 17.52
CA LYS CA 99 69.49 13.98 16.62
C LYS CA 99 70.67 14.70 16.00
N MET CA 100 70.50 15.97 15.63
CA MET CA 100 71.62 16.73 15.06
C MET CA 100 72.73 16.90 16.09
N LEU CA 101 72.37 17.10 17.36
CA LEU CA 101 73.38 17.29 18.39
C LEU CA 101 74.24 16.05 18.57
N MET CA 102 73.62 14.87 18.56
CA MET CA 102 74.38 13.64 18.78
C MET CA 102 75.22 13.24 17.57
N ASN CA 103 74.88 13.73 16.38
CA ASN CA 103 75.61 13.37 15.18
C ASN CA 103 76.66 14.39 14.77
N MET CA 104 76.58 15.62 15.27
CA MET CA 104 77.58 16.64 14.99
C MET CA 104 78.60 16.79 16.11
N VAL CA 105 78.17 16.81 17.36
CA VAL CA 105 79.08 16.94 18.49
C VAL CA 105 78.74 15.87 19.52
N PRO CA 106 78.99 14.59 19.23
CA PRO CA 106 78.63 13.54 20.18
C PRO CA 106 79.38 13.70 21.50
N GLN CA 107 78.62 13.92 22.57
CA GLN CA 107 79.19 14.23 23.86
C GLN CA 107 79.98 13.03 24.40
N GLY CA 108 81.10 13.31 25.03
CA GLY CA 108 81.96 12.25 25.50
C GLY CA 108 82.74 11.57 24.41
N GLN CA 109 82.87 12.20 23.24
CA GLN CA 109 83.70 11.70 22.16
C GLN CA 109 84.56 12.83 21.64
N GLN CA 110 85.64 12.47 20.96
CA GLN CA 110 86.59 13.44 20.43
C GLN CA 110 86.23 13.73 18.98
N TRP CA 111 85.21 14.57 18.80
CA TRP CA 111 84.64 14.80 17.48
C TRP CA 111 85.43 15.80 16.65
N VAL CA 112 86.49 16.40 17.19
CA VAL CA 112 87.37 17.25 16.40
C VAL CA 112 88.80 17.03 16.89
N LYS CA 113 89.74 17.18 15.97
CA LYS CA 113 91.16 16.98 16.25
C LYS CA 113 91.95 18.17 15.72
N PHE CA 114 92.94 18.60 16.49
CA PHE CA 114 93.91 19.55 16.00
C PHE CA 114 95.02 18.82 15.25
N THR CA 115 95.41 19.36 14.11
CA THR CA 115 96.45 18.78 13.28
C THR CA 115 97.47 19.85 12.94
N PRO CA 116 98.71 19.46 12.65
CA PRO CA 116 99.71 20.46 12.26
C PRO CA 116 99.29 21.18 10.99
N GLY CA 117 99.57 22.49 10.94
CA GLY CA 117 99.22 23.29 9.81
C GLY CA 117 100.20 23.14 8.67
N ASP CA 118 99.94 23.89 7.60
CA ASP CA 118 100.74 23.78 6.38
C ASP CA 118 102.19 24.19 6.59
N GLU CA 119 102.48 24.97 7.63
CA GLU CA 119 103.85 25.42 7.86
C GLU CA 119 104.79 24.32 8.28
N PHE CA 120 104.27 23.15 8.67
CA PHE CA 120 105.11 22.04 9.12
C PHE CA 120 105.47 21.07 8.01
N GLY CA 121 105.06 21.34 6.78
CA GLY CA 121 105.47 20.53 5.65
C GLY CA 121 104.57 19.33 5.41
N GLU CA 122 105.08 18.41 4.62
CA GLU CA 122 104.31 17.23 4.25
C GLU CA 122 104.20 16.27 5.44
N PRO CA 123 103.07 15.61 5.62
CA PRO CA 123 102.92 14.66 6.72
C PRO CA 123 103.90 13.49 6.58
N GLY CA 124 104.31 12.97 7.72
CA GLY CA 124 105.18 11.81 7.78
C GLY CA 124 106.64 12.11 8.05
N THR CA 125 107.07 13.35 7.86
CA THR CA 125 108.46 13.71 8.11
C THR CA 125 108.73 13.73 9.61
N PRO CA 126 110.00 13.61 10.01
CA PRO CA 126 110.32 13.68 11.45
C PRO CA 126 109.86 14.96 12.11
N LEU CA 127 109.97 16.10 11.42
CA LEU CA 127 109.52 17.36 12.00
C LEU CA 127 108.00 17.38 12.16
N TYR CA 128 107.28 16.91 11.15
CA TYR CA 128 105.82 16.85 11.23
C TYR CA 128 105.37 15.91 12.35
N GLN CA 129 106.13 14.86 12.60
CA GLN CA 129 105.74 13.89 13.62
C GLN CA 129 105.74 14.52 15.01
N ARG CA 130 106.74 15.37 15.31
CA ARG CA 130 106.79 16.01 16.61
C ARG CA 130 105.65 17.02 16.78
N ALA CA 131 105.32 17.74 15.72
CA ALA CA 131 104.18 18.65 15.77
C ALA CA 131 102.88 17.89 15.93
N LEU CA 132 102.76 16.73 15.28
CA LEU CA 132 101.55 15.92 15.40
C LEU CA 132 101.38 15.43 16.84
N ASP CA 133 102.47 15.07 17.51
CA ASP CA 133 102.39 14.67 18.90
C ASP CA 133 101.92 15.83 19.78
N ALA CA 134 102.39 17.04 19.50
CA ALA CA 134 101.97 18.20 20.28
C ALA CA 134 100.49 18.51 20.10
N THR CA 135 100.00 18.46 18.86
CA THR CA 135 98.60 18.75 18.60
C THR CA 135 97.67 17.68 19.17
N GLN CA 136 98.15 16.44 19.29
CA GLN CA 136 97.34 15.41 19.94
C GLN CA 136 97.21 15.69 21.42
N ARG CA 137 98.27 16.21 22.05
CA ARG CA 137 98.16 16.65 23.44
C ARG CA 137 97.20 17.82 23.57
N MET CA 138 97.25 18.76 22.63
CA MET CA 138 96.35 19.91 22.67
C MET CA 138 94.90 19.47 22.53
N THR CA 139 94.63 18.49 21.67
CA THR CA 139 93.27 18.02 21.49
C THR CA 139 92.73 17.41 22.79
N ASP CA 140 93.55 16.63 23.49
CA ASP CA 140 93.13 16.02 24.73
C ASP CA 140 92.78 17.08 25.77
N HIS CA 141 93.64 18.09 25.90
CA HIS CA 141 93.39 19.13 26.90
C HIS CA 141 92.22 20.03 26.52
N PHE CA 142 92.03 20.26 25.22
CA PHE CA 142 90.91 21.07 24.77
C PHE CA 142 89.59 20.43 25.13
N PHE CA 143 89.48 19.10 24.98
CA PHE CA 143 88.23 18.43 25.27
C PHE CA 143 87.97 18.28 26.77
N LYS CA 144 89.01 18.26 27.60
CA LYS CA 144 88.79 18.26 29.03
C LYS CA 144 88.13 19.57 29.48
N ILE CA 145 88.54 20.69 28.90
CA ILE CA 145 87.94 21.97 29.23
C ILE CA 145 86.49 22.01 28.75
N ILE CA 146 86.24 21.55 27.52
CA ILE CA 146 84.89 21.60 26.97
C ILE CA 146 83.95 20.64 27.69
N ASP CA 147 84.45 19.47 28.10
CA ASP CA 147 83.59 18.47 28.72
C ASP CA 147 83.06 18.89 30.07
N ARG CA 148 83.74 19.79 30.78
CA ARG CA 148 83.26 20.25 32.08
C ARG CA 148 82.53 21.59 32.00
N SER CA 149 82.33 22.12 30.81
CA SER CA 149 81.60 23.36 30.64
C SER CA 149 80.15 23.05 30.25
N ASN CA 150 79.38 24.11 30.00
CA ASN CA 150 78.00 23.96 29.52
C ASN CA 150 77.91 24.06 28.01
N PHE CA 151 78.95 23.60 27.31
CA PHE CA 151 78.97 23.68 25.85
C PHE CA 151 77.80 22.92 25.23
N TYR CA 152 77.59 21.68 25.66
CA TYR CA 152 76.55 20.86 25.04
C TYR CA 152 75.16 21.36 25.40
N LEU CA 153 75.00 21.98 26.56
CA LEU CA 153 73.72 22.59 26.90
C LEU CA 153 73.42 23.78 26.00
N ALA CA 154 74.43 24.60 25.71
CA ALA CA 154 74.22 25.78 24.88
C ALA CA 154 74.00 25.38 23.42
N VAL CA 155 74.77 24.43 22.91
CA VAL CA 155 74.63 24.01 21.53
C VAL CA 155 73.26 23.36 21.31
N GLY CA 156 72.79 22.57 22.28
CA GLY CA 156 71.49 21.94 22.15
C GLY CA 156 70.37 22.95 22.00
N GLU CA 157 70.41 24.02 22.81
CA GLU CA 157 69.37 25.03 22.72
C GLU CA 157 69.46 25.83 21.42
N SER CA 158 70.67 26.13 20.97
CA SER CA 158 70.82 26.90 19.73
C SER CA 158 70.40 26.08 18.51
N LEU CA 159 70.58 24.76 18.55
CA LEU CA 159 70.15 23.94 17.43
C LEU CA 159 68.64 23.98 17.24
N GLN CA 160 67.90 24.04 18.35
CA GLN CA 160 66.46 24.19 18.24
C GLN CA 160 66.07 25.52 17.62
N ASP CA 161 66.88 26.56 17.85
CA ASP CA 161 66.61 27.85 17.23
C ASP CA 161 66.92 27.83 15.73
N VAL CA 162 68.01 27.18 15.34
CA VAL CA 162 68.40 27.18 13.94
C VAL CA 162 67.44 26.37 13.08
N LEU CA 163 66.70 25.42 13.67
CA LEU CA 163 65.69 24.70 12.91
C LEU CA 163 64.55 25.60 12.49
N ILE CA 164 64.39 26.75 13.12
CA ILE CA 164 63.34 27.68 12.73
C ILE CA 164 63.93 28.80 11.88
N SER CA 165 64.77 29.64 12.47
CA SER CA 165 65.44 30.65 11.65
C SER CA 165 66.96 30.67 11.80
N THR CA 166 67.43 30.86 13.03
CA THR CA 166 68.82 31.26 13.25
C THR CA 166 69.22 30.92 14.68
N GLY CA 167 70.42 30.38 14.84
CA GLY CA 167 70.98 30.10 16.15
C GLY CA 167 72.14 31.04 16.43
N ILE CA 168 72.28 31.44 17.69
CA ILE CA 168 73.37 32.31 18.13
C ILE CA 168 73.95 31.72 19.39
N ILE CA 169 75.27 31.59 19.43
CA ILE CA 169 75.99 31.11 20.62
C ILE CA 169 76.98 32.17 21.04
N ALA CA 170 76.93 32.56 22.31
CA ALA CA 170 77.87 33.50 22.89
C ALA CA 170 78.91 32.75 23.68
N ILE CA 171 80.18 33.01 23.38
CA ILE CA 171 81.31 32.34 24.02
C ILE CA 171 82.11 33.42 24.74
N ASN CA 172 82.02 33.44 26.07
CA ASN CA 172 82.56 34.53 26.85
C ASN CA 172 83.65 34.04 27.80
N GLU CA 173 84.50 34.98 28.20
CA GLU CA 173 85.53 34.67 29.18
C GLU CA 173 84.92 34.42 30.54
N GLY CA 174 85.52 33.53 31.30
CA GLY CA 174 85.11 33.30 32.67
C GLY CA 174 86.25 33.56 33.63
N ASN CA 175 86.48 32.64 34.56
CA ASN CA 175 87.61 32.73 35.47
C ASN CA 175 88.32 31.40 35.51
N ARG CA 176 89.29 31.22 36.41
CA ARG CA 176 90.06 29.99 36.42
C ARG CA 176 89.21 28.78 36.78
N LYS CA 177 88.12 28.99 37.53
CA LYS CA 177 87.23 27.88 37.84
C LYS CA 177 86.39 27.46 36.65
N ARG CA 178 85.84 28.44 35.91
CA ARG CA 178 85.07 28.19 34.71
C ARG CA 178 85.63 29.06 33.59
N PRO CA 179 86.67 28.59 32.90
CA PRO CA 179 87.35 29.44 31.91
C PRO CA 179 86.45 29.92 30.78
N VAL CA 180 85.54 29.08 30.29
CA VAL CA 180 84.72 29.40 29.13
C VAL CA 180 83.26 29.27 29.51
N ARG CA 181 82.47 30.28 29.15
CA ARG CA 181 81.02 30.27 29.37
C ARG CA 181 80.32 30.28 28.02
N TYR CA 182 79.37 29.38 27.83
CA TYR CA 182 78.58 29.32 26.61
C TYR CA 182 77.14 29.69 26.92
N GLU CA 183 76.45 30.24 25.92
CA GLU CA 183 75.06 30.64 26.09
C GLU CA 183 74.38 30.65 24.74
N ALA CA 184 73.17 30.11 24.69
CA ALA CA 184 72.34 30.21 23.49
C ALA CA 184 71.55 31.50 23.56
N VAL CA 185 71.98 32.50 22.79
CA VAL CA 185 71.33 33.80 22.82
C VAL CA 185 69.96 33.71 22.16
N PRO CA 186 68.89 34.13 22.81
CA PRO CA 186 67.57 34.09 22.18
C PRO CA 186 67.54 34.98 20.95
N PRO CA 187 66.96 34.50 19.85
CA PRO CA 187 66.96 35.28 18.61
C PRO CA 187 66.15 36.57 18.69
N ALA CA 188 65.22 36.68 19.63
CA ALA CA 188 64.42 37.89 19.76
C ALA CA 188 65.16 39.01 20.48
N GLN CA 189 66.36 38.75 21.00
CA GLN CA 189 67.12 39.75 21.74
C GLN CA 189 68.42 40.12 21.03
N VAL CA 190 68.61 39.71 19.79
CA VAL CA 190 69.78 40.09 19.00
C VAL CA 190 69.31 40.71 17.70
N MET CA 191 70.14 41.60 17.17
CA MET CA 191 69.90 42.28 15.91
C MET CA 191 71.18 42.23 15.09
N PHE CA 192 71.04 42.17 13.77
CA PHE CA 192 72.17 41.94 12.89
C PHE CA 192 72.25 43.01 11.82
N GLN CA 193 73.48 43.28 11.39
CA GLN CA 193 73.76 43.92 10.12
C GLN CA 193 74.58 42.94 9.29
N GLY CA 194 74.28 42.86 8.00
CA GLY CA 194 74.93 41.92 7.11
C GLY CA 194 75.73 42.64 6.05
N ASP CA 195 76.76 41.96 5.56
CA ASP CA 195 77.53 42.47 4.43
C ASP CA 195 76.86 42.06 3.14
N ALA CA 196 77.54 42.27 2.01
CA ALA CA 196 76.92 41.98 0.72
C ALA CA 196 76.82 40.49 0.43
N GLU CA 197 77.60 39.66 1.12
CA GLU CA 197 77.57 38.22 0.91
C GLU CA 197 76.67 37.48 1.87
N GLY CA 198 75.94 38.19 2.72
CA GLY CA 198 75.05 37.57 3.68
C GLY CA 198 75.67 37.26 5.03
N GLN CA 199 76.98 37.45 5.18
CA GLN CA 199 77.62 37.24 6.46
C GLN CA 199 77.31 38.39 7.42
N VAL CA 200 77.34 38.08 8.71
CA VAL CA 200 77.04 39.06 9.74
C VAL CA 200 78.31 39.87 10.02
N ASP CA 201 78.17 41.19 10.09
CA ASP CA 201 79.29 42.06 10.41
C ASP CA 201 78.97 43.09 11.49
N ALA CA 202 77.83 42.96 12.17
CA ALA CA 202 77.50 43.81 13.31
C ALA CA 202 76.38 43.16 14.09
N ILE CA 203 76.57 43.02 15.40
CA ILE CA 203 75.63 42.35 16.28
C ILE CA 203 75.29 43.29 17.44
N PHE CA 204 74.00 43.42 17.74
CA PHE CA 204 73.53 44.19 18.88
C PHE CA 204 72.66 43.29 19.74
N ARG CA 205 73.05 43.11 21.00
CA ARG CA 205 72.32 42.25 21.93
C ARG CA 205 71.76 43.11 23.05
N ASP CA 206 70.47 42.93 23.35
CA ASP CA 206 69.79 43.69 24.38
C ASP CA 206 69.75 42.90 25.69
N TRP CA 207 70.08 43.57 26.78
CA TRP CA 207 69.94 43.02 28.12
C TRP CA 207 68.88 43.84 28.85
N TYR CA 208 67.90 43.16 29.44
CA TYR CA 208 66.76 43.81 30.05
C TYR CA 208 66.91 43.82 31.56
N GLN CA 209 66.91 45.02 32.14
CA GLN CA 209 66.87 45.23 33.60
C GLN CA 209 67.95 44.40 34.31
N VAL CA 210 69.19 44.74 34.02
CA VAL CA 210 70.35 44.12 34.65
C VAL CA 210 70.71 44.92 35.90
N ARG CA 211 70.93 44.22 37.00
CA ARG CA 211 71.38 44.87 38.22
C ARG CA 211 72.81 45.37 38.05
N ILE CA 212 73.12 46.49 38.72
CA ILE CA 212 74.44 47.09 38.62
C ILE CA 212 75.50 46.13 39.12
N GLU CA 213 75.24 45.45 40.23
CA GLU CA 213 76.20 44.48 40.75
C GLU CA 213 76.44 43.35 39.76
N ASN CA 214 75.46 43.06 38.91
CA ASN CA 214 75.62 42.03 37.88
C ASN CA 214 76.51 42.51 36.74
N ILE CA 215 76.55 43.81 36.48
CA ILE CA 215 77.31 44.33 35.35
C ILE CA 215 78.80 44.03 35.52
N LYS CA 216 79.32 44.21 36.74
CA LYS CA 216 80.73 43.97 36.98
C LYS CA 216 81.10 42.49 36.84
N SER CA 217 80.17 41.58 37.13
CA SER CA 217 80.50 40.16 37.04
C SER CA 217 80.58 39.70 35.59
N MET CA 218 79.67 40.19 34.74
CA MET CA 218 79.71 39.82 33.33
C MET CA 218 80.85 40.54 32.60
N TRP CA 219 81.08 41.81 32.93
CA TRP CA 219 82.13 42.61 32.30
C TRP CA 219 83.02 43.17 33.39
N PRO CA 220 84.09 42.45 33.76
CA PRO CA 220 84.91 42.86 34.90
C PRO CA 220 85.53 44.24 34.77
N LYS CA 221 85.85 44.69 33.55
CA LYS CA 221 86.52 45.96 33.35
C LYS CA 221 85.56 47.10 33.03
N ALA CA 222 84.26 46.88 33.18
CA ALA CA 222 83.29 47.94 32.93
C ALA CA 222 83.41 49.05 33.97
N GLU CA 223 83.04 50.26 33.58
CA GLU CA 223 83.09 51.42 34.45
C GLU CA 223 81.68 51.70 34.94
N VAL CA 224 81.31 51.06 36.05
CA VAL CA 224 79.96 51.22 36.60
C VAL CA 224 79.90 52.31 37.65
N ALA CA 225 81.04 52.83 38.12
CA ALA CA 225 81.02 53.86 39.14
C ALA CA 225 80.38 55.15 38.63
N LYS CA 226 80.63 55.49 37.37
CA LYS CA 226 80.14 56.76 36.82
C LYS CA 226 78.62 56.83 36.77
N LEU CA 227 77.92 55.70 36.87
CA LEU CA 227 76.47 55.74 36.83
C LEU CA 227 75.89 56.27 38.14
N ASN CA 228 76.61 56.10 39.25
CA ASN CA 228 76.17 56.56 40.57
C ASN CA 228 74.82 55.94 40.94
N LYS CA 229 74.81 54.61 41.02
CA LYS CA 229 73.61 53.87 41.34
C LYS CA 229 73.92 52.81 42.39
N LYS CA 230 72.90 52.45 43.16
CA LYS CA 230 73.07 51.42 44.16
C LYS CA 230 73.24 50.06 43.49
N PRO CA 231 73.89 49.10 44.17
CA PRO CA 231 74.10 47.79 43.53
C PRO CA 231 72.88 46.90 43.60
N GLU CA 232 71.71 47.49 43.42
CA GLU CA 232 70.48 46.75 43.19
C GLU CA 232 69.60 47.39 42.14
N ASP CA 233 69.94 48.58 41.65
CA ASP CA 233 69.17 49.23 40.62
C ASP CA 233 69.28 48.48 39.30
N LYS CA 234 68.24 48.57 38.49
CA LYS CA 234 68.19 47.92 37.19
C LYS CA 234 68.47 48.93 36.09
N VAL CA 235 69.11 48.46 35.03
CA VAL CA 235 69.40 49.29 33.86
C VAL CA 235 69.41 48.41 32.63
N ASP CA 236 68.94 48.95 31.52
CA ASP CA 236 69.02 48.26 30.24
C ASP CA 236 70.40 48.44 29.64
N ILE CA 237 71.00 47.33 29.18
CA ILE CA 237 72.37 47.32 28.68
C ILE CA 237 72.35 46.94 27.20
N TRP CA 238 73.03 47.72 26.39
CA TRP CA 238 73.24 47.40 24.98
C TRP CA 238 74.67 46.90 24.80
N GLU CA 239 74.80 45.68 24.28
CA GLU CA 239 76.08 45.05 24.02
C GLU CA 239 76.26 45.02 22.50
N CYS CA 240 77.16 45.87 22.00
CA CYS CA 240 77.30 46.09 20.57
C CYS CA 240 78.69 45.66 20.10
N ALA CA 241 78.75 45.18 18.86
CA ALA CA 241 80.02 44.84 18.23
C ALA CA 241 79.87 44.94 16.72
N TRP CA 242 80.95 45.31 16.06
CA TRP CA 242 80.92 45.45 14.60
C TRP CA 242 82.31 45.28 14.05
N ILE CA 243 82.38 44.88 12.78
CA ILE CA 243 83.65 44.74 12.08
C ILE CA 243 84.12 46.10 11.60
N ASP CA 244 85.33 46.47 11.98
CA ASP CA 244 85.96 47.71 11.50
C ASP CA 244 86.83 47.35 10.31
N TYR CA 245 86.38 47.72 9.11
CA TYR CA 245 87.04 47.27 7.90
C TYR CA 245 88.41 47.92 7.70
N GLU CA 246 88.56 49.19 8.09
CA GLU CA 246 89.83 49.89 7.96
C GLU CA 246 90.65 49.77 9.25
N ALA CA 247 90.88 48.53 9.65
CA ALA CA 247 91.63 48.24 10.87
C ALA CA 247 92.45 46.98 10.65
N PRO CA 248 93.56 46.81 11.39
CA PRO CA 248 94.32 45.57 11.29
C PRO CA 248 93.55 44.41 11.89
N GLU CA 249 94.14 43.21 11.76
CA GLU CA 249 93.47 42.00 12.18
C GLU CA 249 93.22 41.98 13.69
N LYS CA 250 94.20 42.40 14.47
CA LYS CA 250 94.05 42.37 15.93
C LYS CA 250 93.09 43.43 16.44
N GLU CA 251 92.69 44.39 15.60
CA GLU CA 251 91.72 45.41 15.97
C GLU CA 251 90.44 45.30 15.15
N ARG CA 252 90.21 44.16 14.52
CA ARG CA 252 89.14 44.07 13.54
C ARG CA 252 87.76 44.20 14.15
N TYR CA 253 87.55 43.67 15.36
CA TYR CA 253 86.24 43.62 15.98
C TYR CA 253 86.15 44.67 17.08
N GLN CA 254 85.30 45.66 16.88
CA GLN CA 254 85.09 46.72 17.85
C GLN CA 254 83.94 46.32 18.77
N TYR CA 255 84.19 46.35 20.08
CA TYR CA 255 83.25 45.86 21.08
C TYR CA 255 82.92 46.97 22.06
N VAL CA 256 81.63 47.22 22.28
CA VAL CA 256 81.17 48.29 23.14
C VAL CA 256 80.03 47.78 24.01
N VAL CA 257 80.08 48.12 25.30
CA VAL CA 257 78.98 47.88 26.22
C VAL CA 257 78.52 49.23 26.75
N MET CA 258 77.22 49.50 26.67
CA MET CA 258 76.67 50.78 27.06
C MET CA 258 75.28 50.57 27.64
N THR CA 259 74.67 51.65 28.13
CA THR CA 259 73.32 51.61 28.64
C THR CA 259 72.35 52.20 27.62
N SER CA 260 71.06 52.03 27.89
CA SER CA 260 70.04 52.53 26.97
C SER CA 260 69.99 54.05 26.93
N SER CA 261 70.62 54.74 27.88
CA SER CA 261 70.76 56.18 27.86
C SER CA 261 72.10 56.64 27.32
N LYS CA 262 72.77 55.78 26.55
CA LYS CA 262 74.03 56.10 25.89
C LYS CA 262 75.14 56.47 26.87
N ASP CA 263 75.25 55.70 27.94
CA ASP CA 263 76.37 55.80 28.87
C ASP CA 263 77.33 54.65 28.56
N VAL CA 264 78.50 54.98 28.04
CA VAL CA 264 79.45 53.95 27.60
C VAL CA 264 80.17 53.39 28.82
N LEU CA 265 80.12 52.08 28.98
CA LEU CA 265 80.75 51.41 30.11
C LEU CA 265 82.04 50.69 29.74
N LEU CA 266 82.23 50.33 28.47
CA LEU CA 266 83.38 49.55 28.08
C LEU CA 266 83.58 49.68 26.57
N GLU CA 267 84.83 49.82 26.16
CA GLU CA 267 85.19 49.85 24.74
C GLU CA 267 86.45 49.01 24.54
N GLN CA 268 86.43 48.16 23.53
CA GLN CA 268 87.52 47.23 23.28
C GLN CA 268 87.67 47.02 21.78
N SER CA 269 88.82 46.45 21.40
CA SER CA 269 89.06 46.03 20.03
C SER CA 269 89.88 44.75 20.08
N ASN CA 270 89.35 43.69 19.49
CA ASN CA 270 89.95 42.37 19.58
C ASN CA 270 89.98 41.74 18.20
N SER CA 271 90.56 40.55 18.13
CA SER CA 271 90.58 39.76 16.90
C SER CA 271 89.33 38.91 16.73
N SER CA 272 88.40 38.95 17.69
CA SER CA 272 87.17 38.19 17.58
C SER CA 272 86.11 38.83 18.48
N TRP CA 273 84.87 38.44 18.25
CA TRP CA 273 83.74 38.85 19.07
C TRP CA 273 83.07 37.60 19.65
N PRO CA 274 82.28 37.75 20.72
CA PRO CA 274 81.80 36.56 21.45
C PRO CA 274 80.90 35.63 20.65
N TRP CA 275 80.24 36.11 19.59
CA TRP CA 275 79.11 35.38 19.04
C TRP CA 275 79.46 34.57 17.80
N VAL CA 276 78.74 33.47 17.61
CA VAL CA 276 78.73 32.69 16.39
C VAL CA 276 77.28 32.54 15.95
N VAL CA 277 77.01 32.80 14.67
CA VAL CA 277 75.66 32.81 14.13
C VAL CA 277 75.49 31.65 13.15
N TYR CA 278 74.43 30.87 13.34
CA TYR CA 278 74.13 29.68 12.57
C TYR CA 278 72.95 29.92 11.63
N ARG CA 279 73.06 29.41 10.41
CA ARG CA 279 71.93 29.33 9.49
C ARG CA 279 72.01 28.00 8.77
N MET CA 280 70.87 27.30 8.67
CA MET CA 280 70.82 26.10 7.86
C MET CA 280 70.64 26.43 6.38
N ARG CA 281 69.67 27.27 6.07
CA ARG CA 281 69.44 27.78 4.73
C ARG CA 281 69.11 29.26 4.83
N ARG CA 282 69.21 29.96 3.71
CA ARG CA 282 69.07 31.41 3.71
C ARG CA 282 68.48 31.89 2.40
N LEU CA 283 67.38 32.62 2.47
CA LEU CA 283 66.89 33.35 1.30
C LEU CA 283 67.82 34.51 1.02
N THR CA 284 68.10 34.75 -0.27
CA THR CA 284 69.04 35.79 -0.64
C THR CA 284 68.52 37.17 -0.23
N GLY CA 285 69.41 38.00 0.28
CA GLY CA 285 69.04 39.30 0.78
C GLY CA 285 68.61 39.33 2.23
N GLU CA 286 68.51 38.18 2.89
CA GLU CA 286 68.16 38.09 4.29
C GLU CA 286 69.36 37.59 5.09
N ILE CA 287 69.52 38.12 6.30
CA ILE CA 287 70.59 37.67 7.19
C ILE CA 287 70.15 36.47 8.01
N ARG CA 288 68.96 36.53 8.59
CA ARG CA 288 68.43 35.39 9.30
C ARG CA 288 68.06 34.29 8.31
N GLY CA 289 68.16 33.05 8.78
CA GLY CA 289 67.90 31.90 7.94
C GLY CA 289 66.45 31.45 7.98
N ARG CA 290 66.18 30.35 7.29
CA ARG CA 290 64.88 29.71 7.29
C ARG CA 290 65.09 28.21 7.37
N GLY CA 291 64.75 27.61 8.50
CA GLY CA 291 64.96 26.20 8.70
C GLY CA 291 63.74 25.39 8.34
N PRO CA 292 63.89 24.06 8.38
CA PRO CA 292 62.77 23.18 7.99
C PRO CA 292 61.54 23.34 8.84
N SER CA 293 61.67 23.69 10.12
CA SER CA 293 60.49 23.86 10.96
C SER CA 293 59.67 25.06 10.52
N LEU CA 294 60.31 26.07 9.93
CA LEU CA 294 59.56 27.18 9.38
C LEU CA 294 58.78 26.76 8.15
N SER CA 295 59.32 25.83 7.36
CA SER CA 295 58.58 25.30 6.21
C SER CA 295 57.37 24.49 6.62
N ALA CA 296 57.32 24.01 7.86
CA ALA CA 296 56.26 23.11 8.29
C ALA CA 296 55.11 23.80 9.00
N TYR CA 297 55.31 25.02 9.50
CA TYR CA 297 54.30 25.63 10.35
C TYR CA 297 52.96 25.85 9.64
N PRO CA 298 52.87 26.24 8.37
CA PRO CA 298 51.53 26.33 7.76
C PRO CA 298 50.79 25.01 7.76
N THR CA 299 51.49 23.89 7.56
CA THR CA 299 50.83 22.59 7.68
C THR CA 299 50.37 22.35 9.11
N ALA CA 300 51.20 22.72 10.09
CA ALA CA 300 50.81 22.55 11.49
C ALA CA 300 49.58 23.38 11.83
N ALA CA 301 49.48 24.59 11.28
CA ALA CA 301 48.34 25.44 11.56
C ALA CA 301 47.04 24.79 11.08
N THR CA 302 47.07 24.16 9.91
CA THR CA 302 45.87 23.48 9.41
C THR CA 302 45.48 22.31 10.29
N ILE CA 303 46.47 21.51 10.72
CA ILE CA 303 46.18 20.38 11.59
C ILE CA 303 45.56 20.83 12.90
N ASN CA 304 46.14 21.88 13.51
CA ASN CA 304 45.64 22.35 14.79
C ASN CA 304 44.21 22.86 14.68
N GLN CA 305 43.89 23.55 13.58
CA GLN CA 305 42.51 23.99 13.39
C GLN CA 305 41.58 22.80 13.18
N ALA CA 306 42.04 21.78 12.47
CA ALA CA 306 41.21 20.59 12.26
C ALA CA 306 40.95 19.87 13.58
N LEU CA 307 41.96 19.76 14.44
CA LEU CA 307 41.77 19.09 15.72
C LEU CA 307 40.87 19.90 16.65
N GLU CA 308 40.99 21.23 16.63
CA GLU CA 308 40.13 22.05 17.47
C GLU CA 308 38.67 21.87 17.08
N ASP CA 309 38.39 21.78 15.78
CA ASP CA 309 37.02 21.54 15.35
C ASP CA 309 36.51 20.18 15.83
N GLU CA 310 37.39 19.17 15.85
CA GLU CA 310 36.99 17.87 16.35
C GLU CA 310 36.64 17.91 17.83
N LEU CA 311 37.42 18.64 18.63
CA LEU CA 311 37.12 18.76 20.05
C LEU CA 311 35.79 19.46 20.27
N VAL CA 312 35.51 20.50 19.51
CA VAL CA 312 34.22 21.18 19.60
C VAL CA 312 33.10 20.25 19.19
N ALA CA 313 33.30 19.51 18.09
CA ALA CA 313 32.27 18.61 17.60
C ALA CA 313 32.00 17.48 18.58
N ALA CA 314 33.04 16.94 19.20
CA ALA CA 314 32.88 15.77 20.05
C ALA CA 314 32.01 16.05 21.27
N ALA CA 315 31.97 17.31 21.72
CA ALA CA 315 31.19 17.63 22.91
C ALA CA 315 29.70 17.41 22.70
N PHE CA 316 29.19 17.62 21.49
CA PHE CA 316 27.77 17.41 21.23
C PHE CA 316 27.49 16.34 20.18
N GLN CA 317 28.52 15.64 19.71
CA GLN CA 317 28.32 14.51 18.81
C GLN CA 317 28.68 13.18 19.45
N ALA CA 318 29.77 13.12 20.22
CA ALA CA 318 30.09 11.90 20.95
C ALA CA 318 29.20 11.73 22.17
N ASN CA 319 28.89 12.81 22.87
CA ASN CA 319 28.06 12.71 24.07
C ASN CA 319 26.60 12.45 23.70
N PRO CA 320 25.90 11.68 24.51
CA PRO CA 320 24.47 11.48 24.28
C PRO CA 320 23.66 12.72 24.62
N MET CA 321 23.14 13.41 23.61
CA MET CA 321 22.34 14.60 23.84
C MET CA 321 21.00 14.44 23.13
N TYR CA 322 20.04 15.26 23.52
CA TYR CA 322 18.68 15.14 23.03
C TYR CA 322 18.16 16.50 22.60
N MET CA 323 17.21 16.47 21.67
CA MET CA 323 16.49 17.64 21.22
C MET CA 323 15.04 17.53 21.66
N ALA CA 324 14.47 18.64 22.09
CA ALA CA 324 13.07 18.67 22.47
C ALA CA 324 12.60 20.12 22.39
N ALA CA 325 11.29 20.29 22.58
CA ALA CA 325 10.76 21.64 22.71
C ALA CA 325 11.32 22.35 23.93
N SER CA 326 11.56 21.62 25.01
CA SER CA 326 12.05 22.23 26.24
C SER CA 326 12.91 21.22 26.98
N ASP CA 327 13.88 21.74 27.74
CA ASP CA 327 14.67 20.89 28.61
C ASP CA 327 13.88 20.39 29.82
N SER CA 328 12.62 20.77 29.94
CA SER CA 328 11.72 20.24 30.96
C SER CA 328 11.12 18.90 30.58
N ALA CA 329 11.64 18.24 29.54
CA ALA CA 329 11.10 16.95 29.13
C ALA CA 329 11.27 15.91 30.23
N PHE CA 330 12.35 15.97 31.00
CA PHE CA 330 12.44 15.21 32.24
C PHE CA 330 13.08 16.07 33.31
N ASN CA 331 12.96 15.63 34.55
CA ASN CA 331 13.46 16.36 35.71
C ASN CA 331 14.92 15.98 35.92
N GLN CA 332 15.84 16.92 35.66
CA GLN CA 332 17.26 16.64 35.81
C GLN CA 332 17.64 16.37 37.26
N GLN CA 333 16.90 16.95 38.21
CA GLN CA 333 17.27 16.83 39.62
C GLN CA 333 16.90 15.46 40.20
N THR CA 334 15.81 14.86 39.73
CA THR CA 334 15.41 13.54 40.20
C THR CA 334 15.77 12.43 39.22
N PHE CA 335 16.46 12.75 38.13
CA PHE CA 335 16.90 11.74 37.18
C PHE CA 335 17.74 10.69 37.88
N THR CA 336 17.42 9.42 37.65
CA THR CA 336 18.01 8.30 38.39
C THR CA 336 18.66 7.33 37.42
N PRO CA 337 19.95 7.49 37.14
CA PRO CA 337 20.65 6.59 36.19
C PRO CA 337 21.10 5.28 36.84
N ARG CA 338 20.15 4.35 36.97
CA ARG CA 338 20.36 3.07 37.61
C ARG CA 338 19.84 1.95 36.71
N PRO CA 339 20.44 0.77 36.76
CA PRO CA 339 19.92 -0.33 35.94
C PRO CA 339 18.51 -0.72 36.36
N GLY CA 340 17.62 -0.79 35.39
CA GLY CA 340 16.22 -1.07 35.61
C GLY CA 340 15.38 0.13 35.96
N SER CA 341 15.96 1.32 36.03
CA SER CA 341 15.22 2.50 36.45
C SER CA 341 14.31 3.01 35.35
N ILE CA 342 13.12 3.44 35.74
CA ILE CA 342 12.19 4.12 34.83
C ILE CA 342 12.30 5.62 35.07
N VAL CA 343 12.56 6.37 34.02
CA VAL CA 343 12.62 7.82 34.08
C VAL CA 343 11.30 8.36 33.53
N PRO CA 344 10.56 9.16 34.29
CA PRO CA 344 9.40 9.85 33.74
C PRO CA 344 9.84 10.87 32.70
N VAL CA 345 9.32 10.74 31.48
CA VAL CA 345 9.72 11.59 30.37
C VAL CA 345 8.47 12.03 29.62
N GLN CA 346 8.34 13.34 29.37
CA GLN CA 346 7.33 13.83 28.46
C GLN CA 346 7.76 13.50 27.04
N MET CA 347 7.26 12.37 26.52
CA MET CA 347 7.79 11.85 25.26
C MET CA 347 7.35 12.67 24.06
N VAL CA 348 6.27 13.44 24.17
CA VAL CA 348 5.88 14.39 23.13
C VAL CA 348 5.51 15.69 23.81
N GLN CA 349 6.04 16.80 23.29
CA GLN CA 349 5.72 18.14 23.79
C GLN CA 349 5.18 18.96 22.62
N GLY CA 350 3.86 19.14 22.58
CA GLY CA 350 3.24 19.82 21.47
C GLY CA 350 3.38 19.05 20.17
N GLU CA 351 3.97 19.66 19.15
CA GLU CA 351 4.16 19.01 17.88
C GLU CA 351 5.43 18.17 17.81
N TRP CA 352 6.34 18.32 18.76
CA TRP CA 352 7.68 17.78 18.62
C TRP CA 352 7.94 16.71 19.66
N PRO CA 353 8.40 15.52 19.26
CA PRO CA 353 8.86 14.52 20.22
C PRO CA 353 10.32 14.72 20.58
N ILE CA 354 10.69 14.18 21.74
CA ILE CA 354 12.08 14.20 22.15
C ILE CA 354 12.83 13.09 21.42
N LYS CA 355 13.96 13.45 20.81
CA LYS CA 355 14.72 12.54 19.97
C LYS CA 355 16.20 12.79 20.20
N PRO CA 356 17.06 11.83 19.84
CA PRO CA 356 18.50 12.07 19.96
C PRO CA 356 18.93 13.24 19.09
N PHE CA 357 19.94 13.96 19.58
CA PHE CA 357 20.50 15.06 18.80
C PHE CA 357 21.03 14.54 17.47
N GLU CA 358 20.71 15.25 16.40
CA GLU CA 358 21.00 14.76 15.06
C GLU CA 358 22.50 14.64 14.83
N GLN CA 359 22.93 13.49 14.35
CA GLN CA 359 24.32 13.30 13.96
C GLN CA 359 24.58 13.96 12.62
N SER CA 360 25.72 14.63 12.51
CA SER CA 360 26.06 15.34 11.29
C SER CA 360 27.58 15.29 11.11
N GLY CA 361 28.00 15.48 9.88
CA GLY CA 361 29.42 15.51 9.61
C GLY CA 361 29.96 14.18 9.12
N ASN CA 362 31.26 14.20 8.82
CA ASN CA 362 31.96 13.10 8.17
C ASN CA 362 33.29 12.86 8.88
N ILE CA 363 33.23 12.50 10.16
CA ILE CA 363 34.39 12.30 11.03
C ILE CA 363 35.59 11.68 10.30
N GLN CA 364 35.35 10.67 9.47
CA GLN CA 364 36.46 10.02 8.76
C GLN CA 364 37.17 10.98 7.82
N PHE CA 365 36.44 11.89 7.19
CA PHE CA 365 37.05 12.88 6.31
C PHE CA 365 38.08 13.72 7.07
N ASN CA 366 37.71 14.19 8.26
CA ASN CA 366 38.64 15.01 9.03
C ASN CA 366 39.86 14.21 9.46
N ALA CA 367 39.67 12.98 9.90
CA ALA CA 367 40.81 12.13 10.22
C ALA CA 367 41.30 11.35 9.02
N LEU CA 368 41.43 12.04 7.89
CA LEU CA 368 42.11 11.52 6.71
C LEU CA 368 43.03 12.62 6.23
N LEU CA 369 42.60 13.86 6.41
CA LEU CA 369 43.46 15.01 6.17
C LEU CA 369 44.50 15.16 7.28
N VAL CA 370 44.08 14.97 8.53
CA VAL CA 370 44.99 15.12 9.65
C VAL CA 370 46.14 14.12 9.54
N ASN CA 371 45.82 12.86 9.23
CA ASN CA 371 46.87 11.86 9.09
C ASN CA 371 47.77 12.16 7.90
N ASP CA 372 47.19 12.60 6.79
CA ASP CA 372 47.99 12.91 5.61
C ASP CA 372 48.96 14.05 5.89
N PHE CA 373 48.50 15.12 6.55
CA PHE CA 373 49.37 16.25 6.82
C PHE CA 373 50.39 15.94 7.90
N ARG CA 374 50.05 15.07 8.85
CA ARG CA 374 51.01 14.68 9.89
C ARG CA 374 52.22 13.99 9.28
N GLN CA 375 52.00 13.13 8.30
CA GLN CA 375 53.12 12.42 7.68
C GLN CA 375 53.99 13.36 6.86
N GLN CA 376 53.42 14.40 6.26
CA GLN CA 376 54.22 15.36 5.53
C GLN CA 376 55.18 16.09 6.46
N ILE CA 377 54.70 16.48 7.64
CA ILE CA 377 55.57 17.11 8.63
C ILE CA 377 56.69 16.15 9.04
N ASN CA 378 56.35 14.88 9.26
CA ASN CA 378 57.34 13.91 9.70
C ASN CA 378 58.41 13.68 8.64
N GLU CA 379 58.02 13.58 7.38
CA GLU CA 379 59.01 13.43 6.31
C GLU CA 379 59.87 14.67 6.18
N LEU CA 380 59.28 15.85 6.38
CA LEU CA 380 60.02 17.09 6.29
C LEU CA 380 61.09 17.19 7.36
N LEU CA 381 60.85 16.60 8.53
CA LEU CA 381 61.77 16.70 9.66
C LEU CA 381 62.47 15.37 9.97
N TYR CA 382 62.48 14.43 9.03
CA TYR CA 382 63.20 13.17 9.16
C TYR CA 382 62.79 12.41 10.43
N ALA CA 383 61.49 12.38 10.70
CA ALA CA 383 60.96 11.80 11.92
C ALA CA 383 60.00 10.66 11.59
N PHE CA 384 59.99 9.65 12.44
CA PHE CA 384 59.07 8.51 12.38
C PHE CA 384 59.04 7.91 10.98
N PRO CA 385 60.11 7.23 10.55
CA PRO CA 385 60.16 6.72 9.18
C PRO CA 385 59.02 5.77 8.84
N LEU CA 386 58.52 5.01 9.80
CA LEU CA 386 57.38 4.13 9.57
C LEU CA 386 56.24 4.55 10.50
N GLY CA 387 55.52 5.59 10.10
CA GLY CA 387 54.28 6.01 10.71
C GLY CA 387 54.24 6.17 12.22
N ALA CA 388 53.03 6.23 12.76
CA ALA CA 388 52.79 6.32 14.19
C ALA CA 388 52.62 4.91 14.77
N VAL CA 389 52.12 4.84 16.00
CA VAL CA 389 51.89 3.54 16.64
C VAL CA 389 50.83 2.75 15.89
N ASN CA 390 49.75 3.41 15.48
CA ASN CA 390 48.68 2.75 14.73
C ASN CA 390 49.00 2.77 13.23
N SER CA 391 50.00 1.98 12.86
CA SER CA 391 50.47 1.93 11.49
C SER CA 391 50.47 0.50 10.98
N PRO CA 392 50.32 0.31 9.67
CA PRO CA 392 50.36 -1.05 9.12
C PRO CA 392 51.72 -1.69 9.28
N THR CA 393 51.71 -3.02 9.36
CA THR CA 393 52.91 -3.80 9.58
C THR CA 393 53.61 -4.07 8.26
N ARG CA 394 54.94 -3.98 8.28
CA ARG CA 394 55.78 -4.15 7.11
C ARG CA 394 56.61 -5.42 7.25
N THR CA 395 57.42 -5.68 6.23
CA THR CA 395 58.27 -6.86 6.21
C THR CA 395 59.68 -6.52 6.69
N ALA CA 396 60.49 -7.56 6.87
CA ALA CA 396 61.88 -7.38 7.30
C ALA CA 396 62.73 -6.67 6.27
N THR CA 397 62.19 -6.38 5.10
CA THR CA 397 62.89 -5.63 4.06
C THR CA 397 62.23 -4.28 3.75
N GLU CA 398 60.90 -4.24 3.67
CA GLU CA 398 60.24 -2.96 3.40
C GLU CA 398 60.49 -1.96 4.52
N ALA CA 399 60.35 -2.40 5.77
CA ALA CA 399 60.59 -1.50 6.89
C ALA CA 399 62.07 -1.20 7.05
N GLU CA 400 62.94 -2.16 6.73
CA GLU CA 400 64.37 -1.90 6.75
C GLU CA 400 64.76 -0.86 5.71
N ILE CA 401 64.20 -0.97 4.50
CA ILE CA 401 64.52 -0.02 3.44
C ILE CA 401 63.94 1.35 3.79
N ARG CA 402 62.68 1.39 4.21
CA ARG CA 402 62.05 2.66 4.56
C ARG CA 402 62.76 3.33 5.73
N TYR CA 403 63.35 2.54 6.63
CA TYR CA 403 64.16 3.12 7.70
C TYR CA 403 65.45 3.72 7.14
N THR CA 404 66.16 2.96 6.31
CA THR CA 404 67.42 3.45 5.76
C THR CA 404 67.23 4.61 4.80
N GLU CA 405 66.06 4.72 4.17
CA GLU CA 405 65.76 5.88 3.35
C GLU CA 405 65.74 7.15 4.18
N ASN CA 406 65.10 7.09 5.35
CA ASN CA 406 65.08 8.24 6.25
C ASN CA 406 66.46 8.55 6.78
N LEU CA 407 67.25 7.52 7.10
CA LEU CA 407 68.57 7.74 7.67
C LEU CA 407 69.54 8.29 6.65
N GLU CA 408 69.47 7.79 5.42
CA GLU CA 408 70.38 8.27 4.38
C GLU CA 408 70.10 9.72 4.02
N SER CA 409 68.82 10.12 4.01
CA SER CA 409 68.49 11.51 3.70
C SER CA 409 68.91 12.45 4.83
N PHE CA 410 68.73 12.02 6.08
CA PHE CA 410 69.18 12.83 7.21
C PHE CA 410 70.69 13.00 7.19
N SER CA 411 71.43 11.92 6.93
CA SER CA 411 72.89 11.98 6.97
C SER CA 411 73.46 12.76 5.80
N ALA CA 412 72.65 13.13 4.82
CA ALA CA 412 73.09 13.96 3.70
C ALA CA 412 72.97 15.45 3.99
N MET CA 413 72.00 15.84 4.82
CA MET CA 413 71.78 17.24 5.12
C MET CA 413 72.80 17.79 6.11
N VAL CA 414 73.24 16.98 7.06
CA VAL CA 414 73.94 17.44 8.25
C VAL CA 414 75.40 17.82 7.99
N PRO CA 415 76.24 16.96 7.40
CA PRO CA 415 77.70 17.21 7.45
C PRO CA 415 78.14 18.52 6.81
N ARG CA 416 77.37 19.08 5.88
CA ARG CA 416 77.78 20.34 5.25
C ARG CA 416 77.73 21.50 6.23
N LEU CA 417 77.07 21.34 7.36
CA LEU CA 417 76.94 22.40 8.36
C LEU CA 417 78.03 22.34 9.42
N GLN CA 418 78.97 21.39 9.32
CA GLN CA 418 80.02 21.29 10.33
C GLN CA 418 80.92 22.53 10.32
N ASN CA 419 81.41 22.92 9.14
CA ASN CA 419 82.32 24.05 9.07
C ASN CA 419 81.62 25.35 9.41
N GLU CA 420 80.37 25.52 8.97
CA GLU CA 420 79.63 26.74 9.26
C GLU CA 420 79.38 26.90 10.75
N PHE CA 421 79.04 25.81 11.44
CA PHE CA 421 78.62 25.91 12.82
C PHE CA 421 79.81 25.94 13.78
N PHE CA 422 80.71 24.95 13.69
CA PHE CA 422 81.58 24.64 14.80
C PHE CA 422 83.03 25.05 14.63
N ILE CA 423 83.51 25.31 13.43
CA ILE CA 423 84.86 25.87 13.28
C ILE CA 423 84.96 27.25 13.94
N PRO CA 424 84.05 28.20 13.72
CA PRO CA 424 84.14 29.46 14.47
C PRO CA 424 83.99 29.28 15.96
N VAL CA 425 83.25 28.27 16.41
CA VAL CA 425 83.11 28.02 17.84
C VAL CA 425 84.46 27.60 18.44
N ILE CA 426 85.18 26.72 17.75
CA ILE CA 426 86.48 26.27 18.24
C ILE CA 426 87.47 27.43 18.24
N GLN CA 427 87.46 28.26 17.19
CA GLN CA 427 88.40 29.37 17.13
C GLN CA 427 88.17 30.36 18.26
N ARG CA 428 86.90 30.67 18.55
CA ARG CA 428 86.60 31.58 19.65
C ARG CA 428 86.91 30.94 21.00
N THR CA 429 86.71 29.63 21.13
CA THR CA 429 87.03 28.95 22.38
C THR CA 429 88.52 29.02 22.70
N LEU CA 430 89.37 28.79 21.70
CA LEU CA 430 90.81 28.88 21.93
C LEU CA 430 91.21 30.31 22.28
N TRP CA 431 90.57 31.30 21.67
CA TRP CA 431 90.85 32.68 22.00
C TRP CA 431 90.50 32.98 23.46
N VAL CA 432 89.38 32.46 23.94
CA VAL CA 432 88.99 32.66 25.34
C VAL CA 432 89.98 31.97 26.27
N ILE CA 433 90.39 30.75 25.93
CA ILE CA 433 91.35 30.03 26.76
C ILE CA 433 92.66 30.80 26.88
N ASN CA 434 93.09 31.46 25.81
CA ASN CA 434 94.30 32.26 25.88
C ASN CA 434 94.12 33.44 26.83
N LYS CA 435 92.96 34.07 26.82
CA LYS CA 435 92.72 35.24 27.67
C LYS CA 435 92.60 34.88 29.14
N VAL CA 436 91.97 33.76 29.45
CA VAL CA 436 91.73 33.38 30.84
C VAL CA 436 92.90 32.59 31.42
N LEU CA 437 93.60 31.84 30.59
CA LEU CA 437 94.76 31.05 31.00
C LEU CA 437 95.94 31.44 30.11
N PRO CA 438 96.54 32.61 30.34
CA PRO CA 438 97.63 33.06 29.45
C PRO CA 438 98.85 32.15 29.49
N GLU CA 439 98.99 31.32 30.52
CA GLU CA 439 100.13 30.41 30.60
C GLU CA 439 100.10 29.34 29.52
N THR CA 440 98.92 29.01 29.00
CA THR CA 440 98.83 27.92 28.02
C THR CA 440 99.53 28.26 26.71
N PHE CA 441 99.52 29.52 26.32
CA PHE CA 441 100.20 29.97 25.10
C PHE CA 441 101.40 30.85 25.44
N ALA CA 442 102.09 30.51 26.53
CA ALA CA 442 103.28 31.24 26.96
C ALA CA 442 104.51 30.67 26.28
N ASN CA 443 105.60 31.44 26.34
CA ASN CA 443 106.87 31.07 25.73
C ASN CA 443 106.71 30.82 24.23
N ILE CA 444 105.87 31.62 23.60
CA ILE CA 444 105.58 31.51 22.17
C ILE CA 444 105.70 32.89 21.55
N PRO CA 445 106.37 33.03 20.41
CA PRO CA 445 106.41 34.34 19.74
C PRO CA 445 105.00 34.83 19.41
N ASP CA 446 104.80 36.14 19.56
CA ASP CA 446 103.45 36.69 19.40
C ASP CA 446 102.94 36.53 17.97
N ASP CA 447 103.85 36.56 16.99
CA ASP CA 447 103.44 36.42 15.61
C ASP CA 447 102.81 35.06 15.35
N ILE CA 448 103.44 33.99 15.86
CA ILE CA 448 102.90 32.66 15.62
C ILE CA 448 101.78 32.35 16.61
N ARG CA 449 101.75 33.04 17.75
CA ARG CA 449 100.69 32.81 18.72
C ARG CA 449 99.33 33.18 18.14
N ASN CA 450 99.26 34.31 17.44
CA ASN CA 450 98.01 34.72 16.81
C ASN CA 450 97.59 33.74 15.72
N LYS CA 451 98.54 33.26 14.93
CA LYS CA 451 98.22 32.27 13.90
C LYS CA 451 97.77 30.96 14.51
N MET CA 452 98.34 30.60 15.66
CA MET CA 452 98.00 29.33 16.30
C MET CA 452 96.59 29.39 16.89
N ILE CA 453 96.26 30.50 17.56
CA ILE CA 453 94.93 30.66 18.15
C ILE CA 453 93.87 30.68 17.07
N SER CA 454 94.11 31.41 15.99
CA SER CA 454 93.19 31.43 14.86
C SER CA 454 93.43 30.17 14.03
N VAL CA 455 92.58 29.17 14.21
CA VAL CA 455 92.81 27.87 13.60
C VAL CA 455 92.42 27.95 12.13
N ASP CA 456 93.39 28.32 11.29
CA ASP CA 456 93.14 28.60 9.89
C ASP CA 456 93.89 27.65 8.96
N GLY CA 457 94.61 26.67 9.49
CA GLY CA 457 95.37 25.75 8.69
C GLY CA 457 96.80 26.15 8.41
N GLN CA 458 97.23 27.32 8.86
CA GLN CA 458 98.62 27.72 8.68
C GLN CA 458 99.54 26.99 9.67
N ILE CA 459 99.30 27.19 10.96
CA ILE CA 459 100.10 26.54 12.00
C ILE CA 459 99.27 25.42 12.61
N LEU CA 460 97.96 25.62 12.70
CA LEU CA 460 97.07 24.67 13.36
C LEU CA 460 95.84 24.47 12.50
N GLY CA 461 95.46 23.21 12.27
CA GLY CA 461 94.30 22.86 11.50
C GLY CA 461 93.29 22.06 12.32
N LEU CA 462 92.19 21.73 11.65
CA LEU CA 462 91.11 20.97 12.27
C LEU CA 462 90.73 19.80 11.39
N SER CA 463 90.23 18.75 12.03
CA SER CA 463 89.74 17.57 11.31
C SER CA 463 88.60 16.98 12.12
N PHE CA 464 87.40 16.98 11.54
CA PHE CA 464 86.22 16.51 12.25
C PHE CA 464 86.06 15.00 12.10
N ASP CA 465 85.57 14.35 13.16
CA ASP CA 465 85.31 12.91 13.16
C ASP CA 465 83.94 12.71 13.81
N THR CA 466 82.93 12.46 12.99
CA THR CA 466 81.55 12.33 13.41
C THR CA 466 80.98 11.03 12.87
N PRO CA 467 79.86 10.56 13.42
CA PRO CA 467 79.23 9.34 12.88
C PRO CA 467 78.85 9.44 11.41
N LEU CA 468 78.90 10.61 10.79
CA LEU CA 468 78.52 10.78 9.39
C LEU CA 468 79.72 10.82 8.46
N MET CA 469 80.85 11.37 8.89
CA MET CA 469 82.10 11.31 8.15
C MET CA 469 83.03 10.35 8.89
N THR CA 470 83.18 9.13 8.38
CA THR CA 470 83.78 8.07 9.18
C THR CA 470 85.24 8.32 9.57
N ALA CA 471 86.18 8.16 8.63
CA ALA CA 471 87.57 8.43 8.97
C ALA CA 471 88.39 9.11 7.88
N LYS CA 472 88.10 8.87 6.60
CA LYS CA 472 88.90 9.32 5.45
C LYS CA 472 90.27 8.64 5.41
N GLY CA 473 90.62 7.90 6.45
CA GLY CA 473 91.90 7.22 6.51
C GLY CA 473 91.72 5.73 6.40
N GLN CA 474 90.53 5.25 6.73
CA GLN CA 474 90.21 3.84 6.54
C GLN CA 474 90.25 3.46 5.07
N VAL CA 475 89.96 4.40 4.17
CA VAL CA 475 90.03 4.11 2.74
C VAL CA 475 91.47 3.88 2.32
N LYS CA 476 92.40 4.71 2.80
CA LYS CA 476 93.80 4.53 2.46
C LYS CA 476 94.33 3.19 2.97
N THR CA 477 93.98 2.83 4.20
CA THR CA 477 94.43 1.56 4.76
C THR CA 477 93.82 0.38 4.00
N ALA CA 478 92.54 0.47 3.65
CA ALA CA 478 91.90 -0.63 2.95
C ALA CA 478 92.52 -0.85 1.58
N ALA CA 479 92.87 0.24 0.88
CA ALA CA 479 93.56 0.11 -0.40
C ALA CA 479 94.93 -0.51 -0.23
N LEU CA 480 95.62 -0.16 0.85
CA LEU CA 480 96.95 -0.71 1.11
C LEU CA 480 96.88 -2.20 1.42
N LEU CA 481 95.85 -2.63 2.16
CA LEU CA 481 95.68 -4.04 2.45
C LEU CA 481 95.25 -4.82 1.21
N GLY CA 482 94.41 -4.21 0.36
CA GLY CA 482 94.02 -4.87 -0.87
C GLY CA 482 95.18 -5.05 -1.83
N PHE CA 483 96.09 -4.08 -1.86
CA PHE CA 483 97.30 -4.22 -2.68
C PHE CA 483 98.16 -5.38 -2.19
N TYR CA 484 98.34 -5.49 -0.88
CA TYR CA 484 99.20 -6.55 -0.35
C TYR CA 484 98.60 -7.92 -0.59
N GLN CA 485 97.28 -8.06 -0.43
CA GLN CA 485 96.66 -9.36 -0.68
C GLN CA 485 96.85 -9.79 -2.13
N ALA CA 486 96.69 -8.88 -3.07
CA ALA CA 486 96.93 -9.21 -4.47
C ALA CA 486 98.41 -9.53 -4.72
N ALA CA 487 99.31 -8.74 -4.14
CA ALA CA 487 100.73 -8.97 -4.34
C ALA CA 487 101.17 -10.30 -3.72
N ALA CA 488 100.66 -10.63 -2.54
CA ALA CA 488 101.01 -11.89 -1.91
C ALA CA 488 100.41 -13.09 -2.64
N SER CA 489 99.28 -12.89 -3.33
CA SER CA 489 98.70 -13.99 -4.09
C SER CA 489 99.54 -14.33 -5.31
N LEU CA 490 100.21 -13.34 -5.90
CA LEU CA 490 100.97 -13.55 -7.12
C LEU CA 490 102.42 -13.91 -6.84
N LEU CA 491 103.07 -13.24 -5.89
CA LEU CA 491 104.48 -13.44 -5.61
C LEU CA 491 104.74 -14.13 -4.28
N GLY CA 492 103.70 -14.35 -3.48
CA GLY CA 492 103.87 -14.96 -2.19
C GLY CA 492 104.30 -13.95 -1.15
N PRO CA 493 104.17 -14.31 0.13
CA PRO CA 493 104.81 -13.52 1.18
C PRO CA 493 106.32 -13.60 1.05
N GLU CA 494 106.99 -12.72 1.80
CA GLU CA 494 108.45 -12.56 1.78
C GLU CA 494 108.89 -11.86 0.50
N ALA CA 495 107.98 -11.76 -0.46
CA ALA CA 495 108.21 -10.97 -1.67
C ALA CA 495 107.36 -9.72 -1.68
N ALA CA 496 106.07 -9.84 -1.35
CA ALA CA 496 105.24 -8.66 -1.18
C ALA CA 496 105.70 -7.82 -0.02
N THR CA 497 106.09 -8.46 1.09
CA THR CA 497 106.63 -7.72 2.22
C THR CA 497 107.98 -7.09 1.89
N ALA CA 498 108.81 -7.81 1.13
CA ALA CA 498 110.11 -7.25 0.76
C ALA CA 498 109.96 -6.07 -0.18
N SER CA 499 108.90 -6.04 -0.98
CA SER CA 499 108.66 -4.93 -1.90
C SER CA 499 107.86 -3.82 -1.23
N LEU CA 500 108.31 -3.41 -0.05
CA LEU CA 500 107.57 -2.47 0.77
C LEU CA 500 108.57 -1.62 1.53
N ASP CA 501 108.26 -0.35 1.70
CA ASP CA 501 109.06 0.53 2.54
C ASP CA 501 108.50 0.46 3.96
N PRO CA 502 109.10 -0.36 4.84
CA PRO CA 502 108.47 -0.58 6.14
C PRO CA 502 108.35 0.65 7.00
N VAL CA 503 109.33 1.56 6.95
CA VAL CA 503 109.25 2.77 7.76
C VAL CA 503 108.10 3.66 7.28
N GLU CA 504 107.97 3.83 5.96
CA GLU CA 504 106.87 4.62 5.41
C GLU CA 504 105.53 3.96 5.71
N VAL CA 505 105.45 2.64 5.57
CA VAL CA 505 104.20 1.93 5.80
C VAL CA 505 103.75 2.09 7.26
N LEU CA 506 104.69 1.93 8.19
CA LEU CA 506 104.36 2.07 9.60
C LEU CA 506 103.87 3.47 9.92
N THR CA 507 104.57 4.49 9.41
CA THR CA 507 104.20 5.85 9.71
C THR CA 507 102.85 6.22 9.09
N ASN CA 508 102.60 5.76 7.86
CA ASN CA 508 101.34 6.10 7.20
C ASN CA 508 100.17 5.34 7.80
N LEU CA 509 100.39 4.10 8.24
CA LEU CA 509 99.31 3.36 8.88
C LEU CA 509 98.89 4.03 10.19
N ALA CA 510 99.86 4.54 10.94
CA ALA CA 510 99.54 5.23 12.19
C ALA CA 510 98.74 6.49 11.94
N ASP CA 511 99.11 7.26 10.92
CA ASP CA 511 98.37 8.48 10.62
C ASP CA 511 97.00 8.18 10.03
N ASN CA 512 96.87 7.11 9.25
CA ASN CA 512 95.57 6.75 8.69
C ASN CA 512 94.59 6.35 9.78
N GLN CA 513 95.06 5.63 10.80
CA GLN CA 513 94.20 5.18 11.87
C GLN CA 513 93.96 6.24 12.94
N GLY CA 514 94.62 7.38 12.85
CA GLY CA 514 94.47 8.40 13.87
C GLY CA 514 95.08 8.00 15.20
N ILE CA 515 96.11 7.15 15.17
CA ILE CA 515 96.71 6.67 16.39
C ILE CA 515 97.58 7.76 17.02
N ASP CA 516 97.78 7.65 18.33
CA ASP CA 516 98.65 8.59 19.02
C ASP CA 516 100.10 8.30 18.66
N VAL CA 517 100.87 9.36 18.38
CA VAL CA 517 102.23 9.19 17.89
C VAL CA 517 103.12 8.56 18.97
N ARG CA 518 102.88 8.88 20.24
CA ARG CA 518 103.71 8.38 21.32
C ARG CA 518 103.69 6.86 21.42
N ASN CA 519 102.64 6.21 20.90
CA ASN CA 519 102.54 4.76 20.98
C ASN CA 519 103.48 4.04 20.03
N ILE CA 520 104.13 4.75 19.12
CA ILE CA 520 104.96 4.13 18.10
C ILE CA 520 106.32 4.80 18.10
N LYS CA 521 107.34 4.03 17.75
CA LYS CA 521 108.70 4.55 17.72
C LYS CA 521 108.85 5.58 16.61
N THR CA 522 109.79 6.51 16.83
CA THR CA 522 110.04 7.57 15.85
C THR CA 522 110.68 6.98 14.60
N ARG CA 523 110.78 7.81 13.56
CA ARG CA 523 111.36 7.36 12.30
C ARG CA 523 112.81 6.94 12.46
N GLU CA 524 113.58 7.71 13.24
CA GLU CA 524 114.99 7.38 13.44
C GLU CA 524 115.14 6.05 14.17
N GLU CA 525 114.28 5.80 15.17
CA GLU CA 525 114.32 4.52 15.87
C GLU CA 525 113.91 3.38 14.96
N LEU CA 526 112.90 3.60 14.11
CA LEU CA 526 112.47 2.55 13.20
C LEU CA 526 113.54 2.23 12.16
N GLU CA 527 114.23 3.26 11.66
CA GLU CA 527 115.30 3.03 10.70
C GLU CA 527 116.46 2.27 11.34
N GLN CA 528 116.80 2.59 12.58
CA GLN CA 528 117.83 1.84 13.28
C GLN CA 528 117.41 0.39 13.48
N LEU CA 529 116.14 0.16 13.81
CA LEU CA 529 115.62 -1.19 13.94
C LEU CA 529 115.68 -1.93 12.61
N LEU CA 530 115.33 -1.24 11.53
CA LEU CA 530 115.35 -1.87 10.21
C LEU CA 530 116.77 -2.25 9.81
N GLN CA 531 117.74 -1.38 10.09
CA GLN CA 531 119.13 -1.68 9.77
C GLN CA 531 119.63 -2.89 10.54
N ALA CA 532 119.26 -2.99 11.82
CA ALA CA 532 119.67 -4.14 12.62
C ALA CA 532 119.09 -5.42 12.08
N ALA CA 533 117.82 -5.40 11.66
CA ALA CA 533 117.20 -6.59 11.08
C ALA CA 533 117.89 -7.00 9.79
N GLY CA 534 118.45 -6.04 9.05
CA GLY CA 534 119.21 -6.38 7.87
C GLY CA 534 120.50 -7.13 8.22
N GLN CA 535 121.18 -6.68 9.27
CA GLN CA 535 122.41 -7.36 9.69
C GLN CA 535 122.13 -8.74 10.27
N ILE CA 536 120.98 -8.90 10.94
CA ILE CA 536 120.61 -10.21 11.47
C ILE CA 536 120.43 -11.21 10.33
N ALA CA 537 119.74 -10.79 9.26
CA ALA CA 537 119.56 -11.67 8.12
C ALA CA 537 120.87 -11.94 7.40
N GLN CA 538 121.77 -10.96 7.39
CA GLN CA 538 123.07 -11.15 6.74
C GLN CA 538 123.90 -12.20 7.46
N GLN CA 539 123.90 -12.18 8.79
CA GLN CA 539 124.64 -13.19 9.55
C GLN CA 539 123.92 -14.53 9.52
N GLU CA 540 122.59 -14.51 9.57
CA GLU CA 540 121.83 -15.77 9.52
C GLU CA 540 122.04 -16.48 8.20
N ALA CA 541 122.06 -15.74 7.09
CA ALA CA 541 122.32 -16.35 5.78
C ALA CA 541 123.75 -16.83 5.67
N ALA CA 542 124.70 -16.09 6.27
CA ALA CA 542 126.11 -16.48 6.19
C ALA CA 542 126.36 -17.83 6.86
N GLN CA 543 125.58 -18.17 7.87
CA GLN CA 543 125.73 -19.45 8.55
C GLN CA 543 125.13 -20.60 7.76
N GLN CA 544 124.43 -20.32 6.66
CA GLN CA 544 123.92 -21.37 5.77
C GLN CA 544 124.65 -21.37 4.44
N GLY CA 545 125.81 -20.71 4.37
CA GLY CA 545 126.58 -20.68 3.15
C GLY CA 545 126.08 -19.73 2.08
N VAL CA 546 125.21 -18.80 2.43
CA VAL CA 546 124.65 -17.84 1.47
C VAL CA 546 125.14 -16.46 1.84
N ILE CA 547 125.63 -15.71 0.85
CA ILE CA 547 126.12 -14.35 1.04
C ILE CA 547 125.11 -13.40 0.42
N ILE CA 548 124.55 -12.51 1.25
CA ILE CA 548 123.57 -11.55 0.77
C ILE CA 548 124.26 -10.43 0.00
N VAL DA 30 82.63 50.46 -23.26
CA VAL DA 30 81.55 50.60 -22.30
C VAL DA 30 80.21 50.59 -23.01
N ASN DA 31 80.16 51.25 -24.17
CA ASN DA 31 78.93 51.24 -24.95
C ASN DA 31 78.59 49.83 -25.41
N ARG DA 32 79.60 49.05 -25.78
CA ARG DA 32 79.37 47.65 -26.13
C ARG DA 32 78.94 46.84 -24.92
N LEU DA 33 79.49 47.16 -23.74
CA LEU DA 33 79.11 46.45 -22.53
C LEU DA 33 77.63 46.63 -22.22
N CYS DA 34 77.12 47.85 -22.39
CA CYS DA 34 75.72 48.11 -22.09
C CYS DA 34 74.80 47.35 -23.04
N ARG DA 35 75.17 47.24 -24.31
CA ARG DA 35 74.36 46.47 -25.24
C ARG DA 35 74.34 44.99 -24.85
N MET DA 36 75.50 44.43 -24.50
CA MET DA 36 75.55 43.03 -24.11
C MET DA 36 74.73 42.78 -22.85
N ARG DA 37 74.83 43.69 -21.87
CA ARG DA 37 74.12 43.50 -20.61
C ARG DA 37 72.62 43.64 -20.79
N ASN DA 38 72.18 44.55 -21.66
CA ASN DA 38 70.75 44.71 -21.90
C ASN DA 38 70.17 43.49 -22.61
N ASP DA 39 70.94 42.90 -23.53
CA ASP DA 39 70.49 41.66 -24.16
C ASP DA 39 70.39 40.53 -23.15
N ALA DA 40 71.38 40.41 -22.27
CA ALA DA 40 71.34 39.36 -21.25
C ALA DA 40 70.22 39.60 -20.26
N LYS DA 41 69.86 40.86 -20.02
CA LYS DA 41 68.76 41.15 -19.12
C LYS DA 41 67.42 40.79 -19.75
N SER DA 42 67.28 40.96 -21.06
CA SER DA 42 66.04 40.59 -21.73
C SER DA 42 65.80 39.09 -21.64
N ASP DA 43 66.85 38.28 -21.74
CA ASP DA 43 66.70 36.85 -21.59
C ASP DA 43 66.22 36.49 -20.19
N LEU DA 44 66.78 37.14 -19.17
CA LEU DA 44 66.35 36.87 -17.80
C LEU DA 44 64.89 37.24 -17.59
N ASP DA 45 64.46 38.37 -18.15
CA ASP DA 45 63.06 38.77 -18.03
C ASP DA 45 62.12 37.76 -18.68
N MET DA 46 62.57 37.12 -19.77
CA MET DA 46 61.74 36.10 -20.40
C MET DA 46 61.62 34.86 -19.53
N TRP DA 47 62.64 34.56 -18.72
CA TRP DA 47 62.64 33.38 -17.87
C TRP DA 47 61.94 33.59 -16.53
N ARG DA 48 61.65 34.83 -16.15
CA ARG DA 48 61.21 35.11 -14.78
C ARG DA 48 59.91 34.40 -14.45
N SER DA 49 58.96 34.39 -15.39
CA SER DA 49 57.64 33.85 -15.10
C SER DA 49 57.70 32.36 -14.78
N ILE DA 50 58.35 31.58 -15.64
CA ILE DA 50 58.38 30.13 -15.43
C ILE DA 50 59.29 29.76 -14.25
N LEU DA 51 60.38 30.49 -14.05
CA LEU DA 51 61.30 30.12 -12.97
C LEU DA 51 60.73 30.48 -11.61
N GLN DA 52 60.06 31.63 -11.52
CA GLN DA 52 59.41 31.96 -10.25
C GLN DA 52 58.32 30.95 -9.91
N THR DA 53 57.57 30.50 -10.91
CA THR DA 53 56.57 29.47 -10.68
C THR DA 53 57.22 28.16 -10.26
N ALA DA 54 58.27 27.75 -10.96
CA ALA DA 54 58.91 26.48 -10.66
C ALA DA 54 59.55 26.48 -9.28
N TYR DA 55 60.22 27.57 -8.92
CA TYR DA 55 60.79 27.68 -7.58
C TYR DA 55 59.72 27.71 -6.52
N HIS DA 56 58.54 28.25 -6.83
CA HIS DA 56 57.48 28.34 -5.85
C HIS DA 56 57.02 26.96 -5.40
N TYR DA 57 56.85 26.03 -6.35
CA TYR DA 57 56.36 24.70 -5.99
C TYR DA 57 57.46 23.79 -5.47
N ALA DA 58 58.72 24.10 -5.75
CA ALA DA 58 59.83 23.24 -5.36
C ALA DA 58 60.56 23.74 -4.11
N MET DA 59 60.89 25.02 -4.05
CA MET DA 59 61.56 25.63 -2.90
C MET DA 59 60.87 26.94 -2.54
N PRO DA 60 59.65 26.88 -2.01
CA PRO DA 60 58.88 28.11 -1.80
C PRO DA 60 59.58 29.13 -0.90
N ASP DA 61 60.30 28.68 0.12
CA ASP DA 61 60.94 29.61 1.05
C ASP DA 61 62.26 30.17 0.55
N TYR DA 62 62.85 29.58 -0.48
CA TYR DA 62 64.16 30.00 -0.97
C TYR DA 62 64.08 30.38 -2.44
N ASN DA 63 63.02 31.10 -2.79
CA ASN DA 63 62.77 31.49 -4.17
C ASN DA 63 63.48 32.80 -4.45
N PRO DA 64 64.56 32.81 -5.25
CA PRO DA 64 65.27 34.07 -5.49
C PRO DA 64 64.55 35.00 -6.44
N PHE DA 65 63.55 34.52 -7.17
CA PHE DA 65 62.82 35.33 -8.14
C PHE DA 65 61.66 36.09 -7.52
N GLU DA 66 61.41 35.89 -6.23
CA GLU DA 66 60.31 36.60 -5.58
C GLU DA 66 60.59 38.09 -5.50
N ASN DA 67 59.51 38.88 -5.52
CA ASN DA 67 59.60 40.34 -5.50
C ASN DA 67 60.47 40.87 -6.63
N TYR DA 68 60.28 40.31 -7.82
CA TYR DA 68 61.00 40.72 -9.03
C TYR DA 68 62.51 40.66 -8.83
N GLY DA 69 62.97 39.58 -8.20
CA GLY DA 69 64.38 39.31 -8.04
C GLY DA 69 65.01 39.91 -6.80
N LEU DA 70 64.35 40.86 -6.14
CA LEU DA 70 64.92 41.46 -4.95
C LEU DA 70 64.86 40.52 -3.76
N ALA DA 71 63.84 39.65 -3.71
CA ALA DA 71 63.70 38.62 -2.67
C ALA DA 71 63.66 39.33 -1.32
N GLY DA 72 64.59 39.07 -0.41
CA GLY DA 72 64.58 39.68 0.91
C GLY DA 72 65.34 40.97 1.05
N PHE DA 73 65.88 41.53 -0.03
CA PHE DA 73 66.64 42.77 0.08
C PHE DA 73 65.74 43.93 0.51
N LEU DA 74 64.50 43.97 0.00
CA LEU DA 74 63.59 45.04 0.35
C LEU DA 74 62.85 44.76 1.66
N THR DA 75 62.12 43.65 1.71
CA THR DA 75 61.31 43.30 2.88
C THR DA 75 61.69 41.93 3.40
N PRO DA 76 62.53 41.86 4.44
CA PRO DA 76 62.83 40.56 5.04
C PRO DA 76 61.65 40.02 5.83
N GLY DA 77 61.68 38.71 6.06
CA GLY DA 77 60.70 38.07 6.91
C GLY DA 77 59.32 37.92 6.32
N GLN DA 78 59.19 37.95 5.00
CA GLN DA 78 57.90 37.74 4.38
C GLN DA 78 57.52 36.26 4.39
N GLN DA 79 56.22 36.02 4.29
CA GLN DA 79 55.70 34.66 4.19
C GLN DA 79 55.58 34.26 2.73
N TYR DA 80 56.04 33.05 2.40
CA TYR DA 80 56.04 32.59 1.01
C TYR DA 80 55.36 31.26 0.80
N ASN DA 81 55.25 30.40 1.81
CA ASN DA 81 54.82 29.02 1.62
C ASN DA 81 53.44 28.74 2.18
N ALA DA 82 52.64 29.78 2.44
CA ALA DA 82 51.33 29.55 3.05
C ALA DA 82 50.39 28.83 2.11
N ASP DA 83 50.57 28.98 0.80
CA ASP DA 83 49.69 28.36 -0.19
C ASP DA 83 50.27 27.09 -0.80
N ILE DA 84 51.31 26.53 -0.19
CA ILE DA 84 51.88 25.26 -0.62
C ILE DA 84 51.30 24.19 0.31
N TYR DA 85 50.16 23.62 -0.09
CA TYR DA 85 49.49 22.64 0.74
C TYR DA 85 50.16 21.27 0.68
N ASP DA 86 50.72 20.91 -0.46
CA ASP DA 86 51.34 19.61 -0.65
C ASP DA 86 52.85 19.77 -0.72
N LEU DA 87 53.56 18.99 0.09
CA LEU DA 87 55.01 19.09 0.19
C LEU DA 87 55.73 17.96 -0.54
N THR DA 88 55.04 17.25 -1.43
CA THR DA 88 55.67 16.14 -2.13
C THR DA 88 56.85 16.61 -2.97
N LEU DA 89 56.65 17.64 -3.80
CA LEU DA 89 57.76 18.14 -4.61
C LEU DA 89 58.86 18.76 -3.76
N PRO DA 90 58.58 19.66 -2.80
CA PRO DA 90 59.69 20.21 -2.01
C PRO DA 90 60.50 19.16 -1.26
N ILE DA 91 59.86 18.11 -0.75
CA ILE DA 91 60.61 17.06 -0.06
C ILE DA 91 61.47 16.28 -1.03
N ALA DA 92 60.89 15.86 -2.16
CA ALA DA 92 61.64 15.08 -3.14
C ALA DA 92 62.75 15.89 -3.77
N HIS DA 93 62.51 17.19 -3.98
CA HIS DA 93 63.52 18.06 -4.56
C HIS DA 93 64.73 18.19 -3.63
N LYS DA 94 64.48 18.45 -2.35
CA LYS DA 94 65.58 18.62 -1.40
C LYS DA 94 66.34 17.32 -1.19
N ARG DA 95 65.64 16.19 -1.15
CA ARG DA 95 66.30 14.91 -0.95
C ARG DA 95 67.15 14.52 -2.15
N LEU DA 96 66.68 14.81 -3.36
CA LEU DA 96 67.46 14.49 -4.55
C LEU DA 96 68.73 15.33 -4.62
N ALA DA 97 68.62 16.63 -4.33
CA ALA DA 97 69.81 17.48 -4.32
C ALA DA 97 70.81 17.02 -3.27
N ASP DA 98 70.32 16.66 -2.08
CA ASP DA 98 71.20 16.14 -1.04
C ASP DA 98 71.84 14.84 -1.47
N LYS DA 99 71.08 13.98 -2.14
CA LYS DA 99 71.61 12.69 -2.60
C LYS DA 99 72.67 12.89 -3.67
N MET DA 100 72.48 13.85 -4.56
CA MET DA 100 73.49 14.15 -5.57
C MET DA 100 74.77 14.67 -4.95
N LEU DA 101 74.65 15.47 -3.89
CA LEU DA 101 75.83 16.02 -3.23
C LEU DA 101 76.69 14.91 -2.63
N MET DA 102 76.07 13.95 -1.96
CA MET DA 102 76.82 12.90 -1.28
C MET DA 102 77.39 11.88 -2.25
N ASN DA 103 76.86 11.79 -3.47
CA ASN DA 103 77.37 10.84 -4.45
C ASN DA 103 78.35 11.43 -5.43
N MET DA 104 78.39 12.75 -5.58
CA MET DA 104 79.34 13.40 -6.46
C MET DA 104 80.58 13.91 -5.73
N VAL DA 105 80.40 14.58 -4.60
CA VAL DA 105 81.51 15.09 -3.82
C VAL DA 105 81.31 14.66 -2.37
N PRO DA 106 81.47 13.38 -2.04
CA PRO DA 106 81.24 12.94 -0.66
C PRO DA 106 82.22 13.60 0.30
N GLN DA 107 81.68 14.41 1.21
CA GLN DA 107 82.51 15.20 2.11
C GLN DA 107 83.32 14.29 3.03
N GLY DA 108 84.55 14.69 3.30
CA GLY DA 108 85.42 13.86 4.10
C GLY DA 108 86.01 12.68 3.35
N GLN DA 109 85.92 12.67 2.03
CA GLN DA 109 86.54 11.64 1.22
C GLN DA 109 87.33 12.32 0.10
N GLN DA 110 88.19 11.54 -0.54
CA GLN DA 110 89.04 12.05 -1.62
C GLN DA 110 88.40 11.67 -2.96
N TRP DA 111 87.46 12.50 -3.39
CA TRP DA 111 86.64 12.19 -4.56
C TRP DA 111 87.30 12.59 -5.87
N VAL DA 112 88.49 13.17 -5.84
CA VAL DA 112 89.25 13.46 -7.05
C VAL DA 112 90.72 13.35 -6.73
N LYS DA 113 91.51 12.93 -7.71
CA LYS DA 113 92.94 12.74 -7.56
C LYS DA 113 93.67 13.46 -8.68
N PHE DA 114 94.78 14.10 -8.34
CA PHE DA 114 95.68 14.63 -9.35
C PHE DA 114 96.58 13.51 -9.87
N THR DA 115 96.79 13.49 -11.17
CA THR DA 115 97.64 12.49 -11.81
C THR DA 115 98.59 13.19 -12.76
N PRO DA 116 99.76 12.59 -13.03
CA PRO DA 116 100.67 13.20 -14.01
C PRO DA 116 100.03 13.28 -15.39
N GLY DA 117 100.37 14.35 -16.11
CA GLY DA 117 99.82 14.57 -17.43
C GLY DA 117 100.52 13.76 -18.49
N ASP DA 118 100.12 14.01 -19.74
CA ASP DA 118 100.67 13.27 -20.88
C ASP DA 118 102.15 13.57 -21.09
N GLU DA 119 102.66 14.67 -20.55
CA GLU DA 119 104.06 15.04 -20.76
C GLU DA 119 105.03 14.12 -20.04
N PHE DA 120 104.57 13.34 -19.07
CA PHE DA 120 105.44 12.50 -18.28
C PHE DA 120 105.60 11.09 -18.84
N GLY DA 121 105.00 10.81 -19.98
CA GLY DA 121 105.19 9.53 -20.62
C GLY DA 121 104.27 8.46 -20.09
N GLU DA 122 104.61 7.22 -20.43
CA GLU DA 122 103.77 6.08 -20.06
C GLU DA 122 103.86 5.83 -18.55
N PRO DA 123 102.75 5.45 -17.93
CA PRO DA 123 102.80 5.12 -16.50
C PRO DA 123 103.68 3.92 -16.22
N GLY DA 124 104.29 3.93 -15.04
CA GLY DA 124 105.14 2.86 -14.60
C GLY DA 124 106.62 3.10 -14.74
N THR DA 125 107.02 4.05 -15.58
CA THR DA 125 108.42 4.36 -15.72
C THR DA 125 108.95 5.07 -14.48
N PRO DA 126 110.26 5.00 -14.23
CA PRO DA 126 110.81 5.69 -13.04
C PRO DA 126 110.52 7.17 -13.01
N LEU DA 127 110.57 7.85 -14.17
CA LEU DA 127 110.28 9.28 -14.21
C LEU DA 127 108.82 9.55 -13.89
N TYR DA 128 107.91 8.73 -14.44
CA TYR DA 128 106.49 8.89 -14.14
C TYR DA 128 106.21 8.66 -12.66
N GLN DA 129 106.92 7.70 -12.06
CA GLN DA 129 106.66 7.34 -10.67
C GLN DA 129 107.03 8.48 -9.73
N ARG DA 130 108.02 9.30 -10.09
CA ARG DA 130 108.36 10.44 -9.26
C ARG DA 130 107.35 11.58 -9.42
N ALA DA 131 106.81 11.75 -10.62
CA ALA DA 131 105.74 12.72 -10.81
C ALA DA 131 104.48 12.29 -10.07
N LEU DA 132 104.20 10.98 -10.04
CA LEU DA 132 103.01 10.49 -9.36
C LEU DA 132 103.10 10.73 -7.86
N ASP DA 133 104.29 10.65 -7.29
CA ASP DA 133 104.46 10.96 -5.87
C ASP DA 133 104.14 12.43 -5.60
N ALA DA 134 104.57 13.32 -6.49
CA ALA DA 134 104.29 14.74 -6.30
C ALA DA 134 102.79 15.04 -6.40
N THR DA 135 102.10 14.44 -7.38
CA THR DA 135 100.68 14.72 -7.54
C THR DA 135 99.86 14.15 -6.39
N GLN DA 136 100.32 13.04 -5.80
CA GLN DA 136 99.65 12.51 -4.62
C GLN DA 136 99.80 13.45 -3.44
N ARG DA 137 100.97 14.08 -3.29
CA ARG DA 137 101.13 15.11 -2.28
C ARG DA 137 100.25 16.31 -2.57
N MET DA 138 100.13 16.69 -3.84
CA MET DA 138 99.27 17.82 -4.20
C MET DA 138 97.82 17.53 -3.88
N THR DA 139 97.37 16.30 -4.10
CA THR DA 139 95.99 15.94 -3.81
C THR DA 139 95.69 16.07 -2.32
N ASP DA 140 96.60 15.61 -1.46
CA ASP DA 140 96.38 15.71 -0.03
C ASP DA 140 96.27 17.16 0.41
N HIS DA 141 97.17 18.00 -0.07
CA HIS DA 141 97.15 19.41 0.31
C HIS DA 141 95.94 20.13 -0.28
N PHE DA 142 95.52 19.74 -1.48
CA PHE DA 142 94.35 20.36 -2.10
C PHE DA 142 93.10 20.13 -1.27
N PHE DA 143 92.93 18.92 -0.74
CA PHE DA 143 91.75 18.62 0.04
C PHE DA 143 91.79 19.21 1.44
N LYS DA 144 92.98 19.49 1.98
CA LYS DA 144 93.04 20.19 3.26
C LYS DA 144 92.49 21.60 3.14
N ILE DA 145 92.77 22.27 2.03
CA ILE DA 145 92.24 23.60 1.80
C ILE DA 145 90.73 23.55 1.58
N ILE DA 146 90.27 22.56 0.80
CA ILE DA 146 88.85 22.47 0.49
C ILE DA 146 88.04 22.09 1.72
N ASP DA 147 88.57 21.18 2.54
CA ASP DA 147 87.81 20.68 3.68
C ASP DA 147 87.58 21.74 4.75
N ARG DA 148 88.39 22.79 4.81
CA ARG DA 148 88.20 23.83 5.81
C ARG DA 148 87.49 25.06 5.25
N SER DA 149 87.05 25.01 4.00
CA SER DA 149 86.32 26.11 3.39
C SER DA 149 84.83 25.82 3.40
N ASN DA 150 84.06 26.72 2.78
CA ASN DA 150 82.62 26.54 2.63
C ASN DA 150 82.27 25.94 1.28
N PHE DA 151 83.12 25.05 0.77
CA PHE DA 151 82.89 24.45 -0.53
C PHE DA 151 81.60 23.63 -0.55
N TYR DA 152 81.42 22.75 0.44
CA TYR DA 152 80.27 21.86 0.41
C TYR DA 152 78.98 22.61 0.68
N LEU DA 153 79.04 23.70 1.44
CA LEU DA 153 77.85 24.52 1.63
C LEU DA 153 77.43 25.16 0.32
N ALA DA 154 78.39 25.67 -0.45
CA ALA DA 154 78.05 26.33 -1.70
C ALA DA 154 77.57 25.34 -2.75
N VAL DA 155 78.22 24.18 -2.85
CA VAL DA 155 77.81 23.20 -3.85
C VAL DA 155 76.42 22.67 -3.56
N GLY DA 156 76.11 22.42 -2.29
CA GLY DA 156 74.79 21.91 -1.94
C GLY DA 156 73.67 22.85 -2.33
N GLU DA 157 73.91 24.16 -2.20
CA GLU DA 157 72.89 25.13 -2.58
C GLU DA 157 72.78 25.26 -4.09
N SER DA 158 73.90 25.19 -4.81
CA SER DA 158 73.84 25.27 -6.27
C SER DA 158 73.18 24.02 -6.86
N LEU DA 159 73.32 22.86 -6.22
CA LEU DA 159 72.65 21.67 -6.71
C LEU DA 159 71.14 21.79 -6.62
N GLN DA 160 70.64 22.51 -5.62
CA GLN DA 160 69.20 22.74 -5.56
C GLN DA 160 68.74 23.66 -6.66
N ASP DA 161 69.60 24.58 -7.11
CA ASP DA 161 69.23 25.45 -8.22
C ASP DA 161 69.27 24.71 -9.55
N VAL DA 162 70.24 23.82 -9.74
CA VAL DA 162 70.39 23.14 -11.02
C VAL DA 162 69.24 22.15 -11.23
N LEU DA 163 68.65 21.64 -10.16
CA LEU DA 163 67.51 20.75 -10.31
C LEU DA 163 66.30 21.47 -10.91
N ILE DA 164 66.29 22.79 -10.88
CA ILE DA 164 65.22 23.53 -11.54
C ILE DA 164 65.68 24.04 -12.88
N SER DA 165 66.64 24.98 -12.89
CA SER DA 165 67.17 25.43 -14.16
C SER DA 165 68.69 25.35 -14.26
N THR DA 166 69.39 26.04 -13.36
CA THR DA 166 70.79 26.36 -13.55
C THR DA 166 71.43 26.68 -12.22
N GLY DA 167 72.60 26.10 -11.96
CA GLY DA 167 73.37 26.41 -10.77
C GLY DA 167 74.60 27.22 -11.14
N ILE DA 168 74.93 28.20 -10.30
CA ILE DA 168 76.10 29.05 -10.50
C ILE DA 168 76.91 29.05 -9.22
N ILE DA 169 78.22 28.83 -9.34
CA ILE DA 169 79.14 28.87 -8.22
C ILE DA 169 80.22 29.90 -8.53
N ALA DA 170 80.45 30.81 -7.59
CA ALA DA 170 81.50 31.81 -7.71
C ALA DA 170 82.67 31.39 -6.82
N ILE DA 171 83.86 31.35 -7.39
CA ILE DA 171 85.07 30.94 -6.70
C ILE DA 171 86.00 32.14 -6.67
N ASN DA 172 86.05 32.83 -5.54
CA ASN DA 172 86.75 34.11 -5.45
C ASN DA 172 87.99 33.99 -4.56
N GLU DA 173 88.90 34.93 -4.75
CA GLU DA 173 90.11 34.98 -3.94
C GLU DA 173 89.79 35.49 -2.54
N GLY DA 174 90.50 34.96 -1.56
CA GLY DA 174 90.42 35.46 -0.20
C GLY DA 174 91.76 35.96 0.28
N ASN DA 175 92.03 35.82 1.57
CA ASN DA 175 93.32 36.13 2.16
C ASN DA 175 93.95 34.85 2.69
N ARG DA 176 95.09 34.98 3.36
CA ARG DA 176 95.81 33.81 3.82
C ARG DA 176 95.06 33.04 4.91
N LYS DA 177 94.05 33.66 5.54
CA LYS DA 177 93.24 32.95 6.52
C LYS DA 177 92.16 32.11 5.85
N ARG DA 178 91.53 32.65 4.81
CA ARG DA 178 90.55 31.92 4.00
C ARG DA 178 90.92 32.11 2.53
N PRO DA 179 91.83 31.29 2.00
CA PRO DA 179 92.31 31.52 0.63
C PRO DA 179 91.23 31.46 -0.44
N VAL DA 180 90.22 30.59 -0.30
CA VAL DA 180 89.23 30.40 -1.34
C VAL DA 180 87.84 30.62 -0.74
N ARG DA 181 87.04 31.44 -1.40
CA ARG DA 181 85.66 31.70 -1.00
C ARG DA 181 84.72 31.17 -2.08
N TYR DA 182 83.78 30.33 -1.67
CA TYR DA 182 82.77 29.80 -2.57
C TYR DA 182 81.42 30.41 -2.25
N GLU DA 183 80.61 30.59 -3.29
CA GLU DA 183 79.27 31.15 -3.12
C GLU DA 183 78.36 30.62 -4.20
N ALA DA 184 77.18 30.16 -3.81
CA ALA DA 184 76.14 29.80 -4.76
C ALA DA 184 75.40 31.06 -5.18
N VAL DA 185 75.65 31.52 -6.39
CA VAL DA 185 75.03 32.76 -6.87
C VAL DA 185 73.56 32.49 -7.17
N PRO DA 186 72.63 33.28 -6.64
CA PRO DA 186 71.22 33.11 -6.98
C PRO DA 186 71.00 33.31 -8.46
N PRO DA 187 70.25 32.43 -9.11
CA PRO DA 187 70.07 32.54 -10.57
C PRO DA 187 69.34 33.80 -11.01
N ALA DA 188 68.59 34.45 -10.12
CA ALA DA 188 67.87 35.66 -10.50
C ALA DA 188 68.74 36.90 -10.50
N GLN DA 189 69.99 36.80 -10.06
CA GLN DA 189 70.89 37.94 -9.99
C GLN DA 189 72.05 37.85 -10.97
N VAL DA 190 72.07 36.83 -11.83
CA VAL DA 190 73.09 36.71 -12.87
C VAL DA 190 72.40 36.69 -14.22
N MET DA 191 73.12 37.17 -15.23
CA MET DA 191 72.64 37.21 -16.60
C MET DA 191 73.72 36.66 -17.51
N PHE DA 192 73.32 36.00 -18.59
CA PHE DA 192 74.24 35.26 -19.43
C PHE DA 192 74.13 35.69 -20.88
N GLN DA 193 75.25 35.60 -21.57
CA GLN DA 193 75.30 35.55 -23.02
C GLN DA 193 75.94 34.24 -23.43
N GLY DA 194 75.38 33.58 -24.43
CA GLY DA 194 75.83 32.27 -24.86
C GLY DA 194 76.45 32.32 -26.24
N ASP DA 195 77.40 31.41 -26.48
CA ASP DA 195 77.98 31.26 -27.80
C ASP DA 195 77.07 30.36 -28.64
N ALA DA 196 77.54 29.95 -29.82
CA ALA DA 196 76.69 29.19 -30.73
C ALA DA 196 76.47 27.75 -30.25
N GLU DA 197 77.30 27.25 -29.34
CA GLU DA 197 77.20 25.88 -28.87
C GLU DA 197 76.56 25.78 -27.49
N GLY DA 198 75.98 26.86 -26.99
CA GLY DA 198 75.29 26.84 -25.72
C GLY DA 198 76.15 27.14 -24.51
N GLN DA 199 77.46 27.31 -24.68
CA GLN DA 199 78.33 27.65 -23.57
C GLN DA 199 78.23 29.13 -23.25
N VAL DA 200 78.40 29.46 -21.97
CA VAL DA 200 78.35 30.85 -21.51
C VAL DA 200 79.66 31.53 -21.85
N ASP DA 201 79.58 32.72 -22.45
CA ASP DA 201 80.76 33.52 -22.75
C ASP DA 201 80.65 34.95 -22.26
N ALA DA 202 79.68 35.26 -21.41
CA ALA DA 202 79.58 36.58 -20.77
C ALA DA 202 78.64 36.46 -19.60
N ILE DA 203 79.05 36.97 -18.43
CA ILE DA 203 78.29 36.87 -17.20
C ILE DA 203 78.17 38.25 -16.58
N PHE DA 204 76.97 38.62 -16.15
CA PHE DA 204 76.73 39.89 -15.48
C PHE DA 204 76.01 39.61 -14.17
N ARG DA 205 76.65 39.97 -13.06
CA ARG DA 205 76.08 39.74 -11.74
C ARG DA 205 75.76 41.09 -11.10
N ASP DA 206 74.53 41.24 -10.62
CA ASP DA 206 74.07 42.48 -10.02
C ASP DA 206 74.21 42.42 -8.50
N TRP DA 207 74.78 43.49 -7.93
CA TRP DA 207 74.89 43.64 -6.48
C TRP DA 207 74.01 44.80 -6.04
N TYR DA 208 73.16 44.54 -5.07
CA TYR DA 208 72.14 45.50 -4.64
C TYR DA 208 72.57 46.16 -3.34
N GLN DA 209 72.78 47.47 -3.40
CA GLN DA 209 73.00 48.32 -2.22
C GLN DA 209 74.18 47.81 -1.37
N VAL DA 210 75.36 47.90 -1.96
CA VAL DA 210 76.59 47.51 -1.28
C VAL DA 210 77.22 48.73 -0.65
N ARG DA 211 77.63 48.60 0.62
CA ARG DA 211 78.30 49.70 1.29
C ARG DA 211 79.71 49.90 0.74
N ILE DA 212 80.20 51.14 0.81
CA ILE DA 212 81.49 51.47 0.24
C ILE DA 212 82.60 50.71 0.96
N GLU DA 213 82.54 50.64 2.29
CA GLU DA 213 83.54 49.89 3.04
C GLU DA 213 83.50 48.40 2.70
N ASN DA 214 82.37 47.91 2.21
CA ASN DA 214 82.26 46.51 1.82
C ASN DA 214 82.95 46.23 0.49
N ILE DA 215 83.03 47.24 -0.39
CA ILE DA 215 83.58 47.02 -1.73
C ILE DA 215 85.05 46.61 -1.65
N LYS DA 216 85.82 47.29 -0.80
CA LYS DA 216 87.24 47.01 -0.71
C LYS DA 216 87.54 45.61 -0.22
N SER DA 217 86.66 45.04 0.61
CA SER DA 217 86.93 43.70 1.12
C SER DA 217 86.67 42.63 0.06
N MET DA 218 85.66 42.82 -0.78
CA MET DA 218 85.39 41.86 -1.85
C MET DA 218 86.39 41.99 -2.98
N TRP DA 219 86.71 43.21 -3.39
CA TRP DA 219 87.65 43.49 -4.48
C TRP DA 219 88.75 44.38 -3.94
N PRO DA 220 89.85 43.82 -3.44
CA PRO DA 220 90.86 44.64 -2.75
C PRO DA 220 91.47 45.74 -3.60
N LYS DA 221 91.66 45.52 -4.89
CA LYS DA 221 92.34 46.50 -5.74
C LYS DA 221 91.39 47.45 -6.43
N ALA DA 222 90.13 47.51 -6.00
CA ALA DA 222 89.19 48.45 -6.58
C ALA DA 222 89.55 49.88 -6.21
N GLU DA 223 89.19 50.81 -7.10
CA GLU DA 223 89.45 52.23 -6.88
C GLU DA 223 88.19 52.85 -6.28
N VAL DA 224 88.03 52.66 -4.97
CA VAL DA 224 86.87 53.20 -4.28
C VAL DA 224 87.04 54.67 -3.93
N ALA DA 225 88.29 55.15 -3.81
CA ALA DA 225 88.52 56.51 -3.34
C ALA DA 225 87.98 57.56 -4.31
N LYS DA 226 88.01 57.28 -5.61
CA LYS DA 226 87.56 58.24 -6.59
C LYS DA 226 86.06 58.50 -6.54
N LEU DA 227 85.30 57.70 -5.81
CA LEU DA 227 83.86 57.90 -5.70
C LEU DA 227 83.50 59.07 -4.78
N ASN DA 228 84.37 59.41 -3.84
CA ASN DA 228 84.12 60.50 -2.88
C ASN DA 228 82.82 60.25 -2.10
N LYS DA 229 82.80 59.15 -1.36
CA LYS DA 229 81.65 58.77 -0.56
C LYS DA 229 82.10 58.31 0.81
N LYS DA 230 81.24 58.48 1.80
CA LYS DA 230 81.51 58.00 3.14
C LYS DA 230 81.43 56.47 3.17
N PRO DA 231 82.13 55.82 4.11
CA PRO DA 231 82.12 54.36 4.11
C PRO DA 231 80.88 53.77 4.75
N GLU DA 232 79.73 54.37 4.48
CA GLU DA 232 78.45 53.79 4.84
C GLU DA 232 77.38 53.98 3.78
N ASP DA 233 77.67 54.66 2.68
CA ASP DA 233 76.70 54.84 1.62
C ASP DA 233 76.58 53.57 0.78
N LYS DA 234 75.39 53.37 0.22
CA LYS DA 234 75.09 52.20 -0.58
C LYS DA 234 75.14 52.55 -2.07
N VAL DA 235 75.75 51.67 -2.85
CA VAL DA 235 75.83 51.83 -4.30
C VAL DA 235 75.60 50.48 -4.95
N ASP DA 236 74.84 50.47 -6.05
CA ASP DA 236 74.69 49.26 -6.83
C ASP DA 236 75.96 48.99 -7.63
N ILE DA 237 76.34 47.72 -7.72
CA ILE DA 237 77.57 47.30 -8.36
C ILE DA 237 77.25 46.28 -9.45
N TRP DA 238 77.86 46.46 -10.61
CA TRP DA 238 77.79 45.49 -11.70
C TRP DA 238 79.13 44.78 -11.81
N GLU DA 239 79.09 43.46 -11.81
CA GLU DA 239 80.26 42.61 -11.92
C GLU DA 239 80.17 41.90 -13.25
N CYS DA 240 80.92 42.38 -14.24
CA CYS DA 240 80.82 41.91 -15.62
C CYS DA 240 82.08 41.15 -16.00
N ALA DA 241 81.90 40.13 -16.84
CA ALA DA 241 83.01 39.39 -17.40
C ALA DA 241 82.59 38.80 -18.72
N TRP DA 242 83.52 38.74 -19.67
CA TRP DA 242 83.22 38.18 -20.98
C TRP DA 242 84.50 37.66 -21.60
N ILE DA 243 84.32 36.75 -22.56
CA ILE DA 243 85.45 36.17 -23.28
C ILE DA 243 85.84 37.10 -24.42
N ASP DA 244 87.11 37.48 -24.45
CA ASP DA 244 87.66 38.27 -25.54
C ASP DA 244 88.23 37.30 -26.57
N TYR DA 245 87.52 37.17 -27.71
CA TYR DA 245 87.87 36.11 -28.65
C TYR DA 245 89.19 36.36 -29.36
N GLU DA 246 89.51 37.62 -29.66
CA GLU DA 246 90.77 37.94 -30.33
C GLU DA 246 91.86 38.32 -29.32
N ALA DA 247 92.07 37.48 -28.32
CA ALA DA 247 93.05 37.74 -27.28
C ALA DA 247 93.79 36.45 -26.94
N PRO DA 248 95.02 36.55 -26.45
CA PRO DA 248 95.76 35.34 -26.06
C PRO DA 248 95.12 34.66 -24.87
N GLU DA 249 95.66 33.48 -24.55
CA GLU DA 249 95.08 32.64 -23.51
C GLU DA 249 95.09 33.31 -22.15
N LYS DA 250 96.18 34.00 -21.81
CA LYS DA 250 96.29 34.62 -20.49
C LYS DA 250 95.49 35.90 -20.35
N GLU DA 251 94.95 36.44 -21.45
CA GLU DA 251 94.08 37.60 -21.39
C GLU DA 251 92.67 37.27 -21.86
N ARG DA 252 92.31 36.00 -21.89
CA ARG DA 252 91.09 35.58 -22.57
C ARG DA 252 89.84 36.11 -21.87
N TYR DA 253 89.85 36.19 -20.56
CA TYR DA 253 88.66 36.55 -19.79
C TYR DA 253 88.79 37.98 -19.28
N GLN DA 254 88.01 38.89 -19.85
CA GLN DA 254 87.94 40.25 -19.37
C GLN DA 254 87.06 40.32 -18.14
N TYR DA 255 87.45 41.16 -17.18
CA TYR DA 255 86.76 41.24 -15.89
C TYR DA 255 86.67 42.69 -15.47
N VAL DA 256 85.45 43.19 -15.32
CA VAL DA 256 85.21 44.59 -15.01
C VAL DA 256 84.24 44.69 -13.84
N VAL DA 257 84.55 45.54 -12.87
CA VAL DA 257 83.64 45.88 -11.78
C VAL DA 257 83.36 47.37 -11.86
N MET DA 258 82.08 47.74 -11.80
CA MET DA 258 81.68 49.13 -11.97
C MET DA 258 80.38 49.37 -11.23
N THR DA 259 80.06 50.64 -11.02
CA THR DA 259 78.81 51.00 -10.36
C THR DA 259 77.69 51.11 -11.40
N SER DA 260 76.45 51.16 -10.90
CA SER DA 260 75.30 51.25 -11.78
C SER DA 260 75.24 52.56 -12.55
N SER DA 261 75.99 53.58 -12.13
CA SER DA 261 76.06 54.84 -12.85
C SER DA 261 77.26 54.90 -13.78
N LYS DA 262 77.80 53.75 -14.19
CA LYS DA 262 78.88 53.65 -15.16
C LYS DA 262 80.15 54.33 -14.64
N ASP DA 263 80.59 53.88 -13.47
CA ASP DA 263 81.85 54.33 -12.87
C ASP DA 263 82.73 53.11 -12.67
N VAL DA 264 83.76 52.98 -13.49
CA VAL DA 264 84.59 51.78 -13.49
C VAL DA 264 85.51 51.78 -12.29
N LEU DA 265 85.45 50.70 -11.50
CA LEU DA 265 86.27 50.56 -10.31
C LEU DA 265 87.40 49.55 -10.47
N LEU DA 266 87.33 48.65 -11.44
CA LEU DA 266 88.36 47.64 -11.60
C LEU DA 266 88.29 47.09 -13.02
N GLU DA 267 89.46 46.92 -13.63
CA GLU DA 267 89.59 46.28 -14.94
C GLU DA 267 90.73 45.28 -14.90
N GLN DA 268 90.48 44.07 -15.38
CA GLN DA 268 91.48 43.02 -15.41
C GLN DA 268 91.29 42.17 -16.66
N SER DA 269 92.25 41.28 -16.88
CA SER DA 269 92.15 40.31 -17.97
C SER DA 269 93.00 39.11 -17.58
N ASN DA 270 92.33 38.04 -17.15
CA ASN DA 270 92.98 36.85 -16.63
C ASN DA 270 92.71 35.67 -17.54
N SER DA 271 93.21 34.51 -17.13
CA SER DA 271 92.97 33.27 -17.83
C SER DA 271 91.74 32.52 -17.34
N SER DA 272 91.00 33.09 -16.39
CA SER DA 272 89.76 32.49 -15.92
C SER DA 272 88.90 33.56 -15.27
N TRP DA 273 87.63 33.25 -15.11
CA TRP DA 273 86.68 34.11 -14.41
C TRP DA 273 86.12 33.36 -13.21
N PRO DA 274 85.54 34.06 -12.23
CA PRO DA 274 85.15 33.40 -10.98
C PRO DA 274 84.13 32.28 -11.12
N TRP DA 275 83.22 32.35 -12.09
CA TRP DA 275 82.01 31.56 -12.04
C TRP DA 275 82.12 30.24 -12.79
N VAL DA 276 81.33 29.28 -12.35
CA VAL DA 276 81.10 28.02 -13.04
C VAL DA 276 79.60 27.82 -13.13
N VAL DA 277 79.10 27.51 -14.32
CA VAL DA 277 77.66 27.42 -14.59
C VAL DA 277 77.30 25.97 -14.87
N TYR DA 278 76.25 25.49 -14.21
CA TYR DA 278 75.80 24.10 -14.28
C TYR DA 278 74.47 24.00 -15.01
N ARG DA 279 74.33 22.99 -15.86
CA ARG DA 279 73.06 22.61 -16.44
C ARG DA 279 72.97 21.08 -16.45
N MET DA 280 71.82 20.56 -16.04
CA MET DA 280 71.60 19.12 -16.14
C MET DA 280 71.15 18.73 -17.54
N ARG DA 281 70.15 19.44 -18.07
CA ARG DA 281 69.71 19.29 -19.44
C ARG DA 281 69.46 20.67 -20.01
N ARG DA 282 69.41 20.76 -21.33
CA ARG DA 282 69.31 22.06 -21.99
C ARG DA 282 68.49 21.92 -23.27
N LEU DA 283 67.48 22.77 -23.41
CA LEU DA 283 66.79 22.89 -24.68
C LEU DA 283 67.64 23.72 -25.64
N THR DA 284 67.69 23.29 -26.90
CA THR DA 284 68.54 23.96 -27.86
C THR DA 284 68.10 25.41 -28.07
N GLY DA 285 69.08 26.30 -28.13
CA GLY DA 285 68.81 27.73 -28.24
C GLY DA 285 68.69 28.46 -26.93
N GLU DA 286 68.69 27.76 -25.81
CA GLU DA 286 68.60 28.36 -24.48
C GLU DA 286 69.92 28.16 -23.74
N ILE DA 287 70.32 29.16 -22.98
CA ILE DA 287 71.53 29.05 -22.17
C ILE DA 287 71.23 28.46 -20.81
N ARG DA 288 70.16 28.90 -20.16
CA ARG DA 288 69.73 28.28 -18.92
C ARG DA 288 69.16 26.90 -19.19
N GLY DA 289 69.37 25.99 -18.24
CA GLY DA 289 68.94 24.62 -18.39
C GLY DA 289 67.50 24.39 -17.95
N ARG DA 290 67.10 23.13 -18.04
CA ARG DA 290 65.80 22.69 -17.53
C ARG DA 290 66.02 21.38 -16.79
N GLY DA 291 65.75 21.37 -15.49
CA GLY DA 291 65.96 20.21 -14.67
C GLY DA 291 64.69 19.46 -14.36
N PRO DA 292 64.83 18.31 -13.70
CA PRO DA 292 63.64 17.49 -13.42
C PRO DA 292 62.60 18.17 -12.55
N SER DA 293 63.00 19.02 -11.62
CA SER DA 293 62.01 19.72 -10.80
C SER DA 293 61.17 20.69 -11.64
N LEU DA 294 61.74 21.21 -12.73
CA LEU DA 294 60.95 22.02 -13.63
C LEU DA 294 59.92 21.17 -14.37
N SER DA 295 60.27 19.92 -14.69
CA SER DA 295 59.33 19.03 -15.34
C SER DA 295 58.19 18.60 -14.43
N ALA DA 296 58.34 18.77 -13.13
CA ALA DA 296 57.37 18.25 -12.16
C ALA DA 296 56.37 19.28 -11.69
N TYR DA 297 56.61 20.57 -11.92
CA TYR DA 297 55.77 21.56 -11.25
C TYR DA 297 54.34 21.61 -11.78
N PRO DA 298 54.05 21.36 -13.06
CA PRO DA 298 52.63 21.29 -13.45
C PRO DA 298 51.87 20.22 -12.70
N THR DA 299 52.50 19.08 -12.42
CA THR DA 299 51.88 18.06 -11.58
C THR DA 299 51.66 18.57 -10.17
N ALA DA 300 52.66 19.28 -9.61
CA ALA DA 300 52.52 19.84 -8.28
C ALA DA 300 51.40 20.86 -8.23
N ALA DA 301 51.22 21.63 -9.30
CA ALA DA 301 50.16 22.63 -9.34
C ALA DA 301 48.78 21.98 -9.23
N THR DA 302 48.58 20.86 -9.92
CA THR DA 302 47.31 20.15 -9.81
C THR DA 302 47.08 19.60 -8.41
N ILE DA 303 48.11 19.00 -7.81
CA ILE DA 303 47.99 18.44 -6.47
C ILE DA 303 47.65 19.52 -5.46
N ASN DA 304 48.34 20.66 -5.54
CA ASN DA 304 48.07 21.74 -4.61
C ASN DA 304 46.65 22.26 -4.76
N GLN DA 305 46.16 22.37 -6.00
CA GLN DA 305 44.79 22.82 -6.20
C GLN DA 305 43.80 21.80 -5.66
N ALA DA 306 44.10 20.51 -5.82
CA ALA DA 306 43.22 19.47 -5.29
C ALA DA 306 43.16 19.52 -3.76
N LEU DA 307 44.31 19.71 -3.11
CA LEU DA 307 44.34 19.74 -1.66
C LEU DA 307 43.66 20.99 -1.11
N GLU DA 308 43.80 22.12 -1.79
CA GLU DA 308 43.12 23.33 -1.34
C GLU DA 308 41.61 23.14 -1.36
N ASP DA 309 41.10 22.45 -2.39
CA ASP DA 309 39.67 22.16 -2.43
C ASP DA 309 39.25 21.25 -1.28
N GLU DA 310 40.08 20.25 -0.95
CA GLU DA 310 39.75 19.37 0.17
C GLU DA 310 39.69 20.15 1.48
N LEU DA 311 40.61 21.09 1.68
CA LEU DA 311 40.57 21.91 2.88
C LEU DA 311 39.31 22.76 2.95
N VAL DA 312 38.92 23.35 1.81
CA VAL DA 312 37.68 24.13 1.77
C VAL DA 312 36.48 23.25 2.06
N ALA DA 313 36.46 22.06 1.44
CA ALA DA 313 35.32 21.16 1.61
C ALA DA 313 35.21 20.65 3.04
N ALA DA 314 36.35 20.33 3.66
CA ALA DA 314 36.33 19.69 4.97
C ALA DA 314 35.69 20.59 6.02
N ALA DA 315 35.80 21.91 5.88
CA ALA DA 315 35.28 22.80 6.90
C ALA DA 315 33.76 22.71 7.04
N PHE DA 316 33.06 22.34 5.98
CA PHE DA 316 31.60 22.21 6.06
C PHE DA 316 31.09 20.84 5.68
N GLN DA 317 31.97 19.88 5.42
CA GLN DA 317 31.57 18.49 5.22
C GLN DA 317 32.02 17.58 6.35
N ALA DA 318 33.23 17.79 6.88
CA ALA DA 318 33.67 17.02 8.03
C ALA DA 318 33.02 17.50 9.32
N ASN DA 319 32.86 18.81 9.47
CA ASN DA 319 32.26 19.34 10.68
C ASN DA 319 30.76 19.07 10.71
N PRO DA 320 30.19 18.88 11.89
CA PRO DA 320 28.74 18.76 12.00
C PRO DA 320 28.05 20.10 11.84
N MET DA 321 27.32 20.29 10.75
CA MET DA 321 26.60 21.53 10.51
C MET DA 321 25.16 21.20 10.18
N TYR DA 322 24.30 22.21 10.25
CA TYR DA 322 22.88 22.03 10.04
C TYR DA 322 22.35 23.08 9.08
N MET DA 323 21.28 22.70 8.38
CA MET DA 323 20.52 23.61 7.55
C MET DA 323 19.17 23.84 8.19
N ALA DA 324 18.73 25.09 8.17
CA ALA DA 324 17.42 25.43 8.71
C ALA DA 324 16.97 26.73 8.06
N ALA DA 325 15.72 27.10 8.34
CA ALA DA 325 15.23 28.40 7.88
C ALA DA 325 16.03 29.53 8.51
N SER DA 326 16.41 29.38 9.78
CA SER DA 326 17.11 30.43 10.50
C SER DA 326 18.06 29.81 11.49
N ASP DA 327 19.15 30.52 11.78
CA ASP DA 327 20.08 30.08 12.82
C ASP DA 327 19.51 30.27 14.22
N SER DA 328 18.30 30.83 14.35
CA SER DA 328 17.62 30.92 15.62
C SER DA 328 16.90 29.64 15.99
N ALA DA 329 17.21 28.52 15.31
CA ALA DA 329 16.58 27.25 15.64
C ALA DA 329 16.95 26.81 17.05
N PHE DA 330 18.16 27.10 17.51
CA PHE DA 330 18.48 26.99 18.92
C PHE DA 330 19.35 28.16 19.34
N ASN DA 331 19.38 28.38 20.65
CA ASN DA 331 20.11 29.50 21.26
C ASN DA 331 21.56 29.10 21.41
N GLN DA 332 22.44 29.71 20.59
CA GLN DA 332 23.87 29.39 20.66
C GLN DA 332 24.49 29.84 21.97
N GLN DA 333 23.94 30.88 22.60
CA GLN DA 333 24.53 31.40 23.83
C GLN DA 333 24.24 30.52 25.03
N THR DA 334 23.12 29.79 25.04
CA THR DA 334 22.80 28.90 26.14
C THR DA 334 22.94 27.42 25.76
N PHE DA 335 23.44 27.11 24.57
CA PHE DA 335 23.65 25.73 24.17
C PHE DA 335 24.57 25.02 25.15
N THR DA 336 24.13 23.86 25.64
CA THR DA 336 24.83 23.14 26.71
C THR DA 336 25.27 21.77 26.22
N PRO DA 337 26.52 21.62 25.76
CA PRO DA 337 26.99 20.31 25.25
C PRO DA 337 27.59 19.39 26.31
N ARG DA 338 26.71 18.76 27.09
CA ARG DA 338 27.09 17.80 28.12
C ARG DA 338 26.30 16.52 27.94
N PRO DA 339 26.82 15.38 28.39
CA PRO DA 339 26.07 14.14 28.27
C PRO DA 339 24.76 14.20 29.05
N GLY DA 340 23.69 13.74 28.41
CA GLY DA 340 22.36 13.78 28.99
C GLY DA 340 21.63 15.08 28.83
N SER DA 341 22.24 16.09 28.23
CA SER DA 341 21.62 17.40 28.12
C SER DA 341 20.51 17.41 27.07
N ILE DA 342 19.42 18.11 27.38
CA ILE DA 342 18.36 18.39 26.42
C ILE DA 342 18.57 19.80 25.90
N VAL DA 343 18.65 19.95 24.59
CA VAL DA 343 18.78 21.24 23.94
C VAL DA 343 17.42 21.63 23.39
N PRO DA 344 16.85 22.77 23.80
CA PRO DA 344 15.61 23.24 23.16
C PRO DA 344 15.88 23.60 21.70
N VAL DA 345 15.15 22.97 20.80
CA VAL DA 345 15.33 23.17 19.36
C VAL DA 345 13.97 23.36 18.72
N GLN DA 346 13.86 24.38 17.87
CA GLN DA 346 12.68 24.51 17.00
C GLN DA 346 12.87 23.51 15.88
N MET DA 347 12.32 22.31 16.06
CA MET DA 347 12.61 21.21 15.16
C MET DA 347 12.01 21.41 13.77
N VAL DA 348 10.99 22.25 13.63
CA VAL DA 348 10.45 22.64 12.33
C VAL DA 348 10.20 24.14 12.37
N GLN DA 349 10.64 24.85 11.34
CA GLN DA 349 10.40 26.28 11.21
C GLN DA 349 9.68 26.52 9.89
N GLY DA 350 8.42 26.92 9.96
CA GLY DA 350 7.62 27.04 8.75
C GLY DA 350 7.42 25.69 8.12
N GLU DA 351 7.86 25.56 6.86
CA GLU DA 351 7.77 24.31 6.14
C GLU DA 351 9.00 23.43 6.31
N TRP DA 352 10.13 24.00 6.72
CA TRP DA 352 11.41 23.35 6.61
C TRP DA 352 11.87 22.84 7.97
N PRO DA 353 12.10 21.55 8.14
CA PRO DA 353 12.72 21.05 9.37
C PRO DA 353 14.22 21.29 9.36
N ILE DA 354 14.81 21.27 10.55
CA ILE DA 354 16.26 21.36 10.67
C ILE DA 354 16.86 19.99 10.45
N LYS DA 355 17.89 19.93 9.61
CA LYS DA 355 18.49 18.67 9.19
C LYS DA 355 20.00 18.85 9.10
N PRO DA 356 20.76 17.76 9.08
CA PRO DA 356 22.19 17.88 8.86
C PRO DA 356 22.48 18.53 7.51
N PHE DA 357 23.56 19.29 7.45
CA PHE DA 357 23.98 19.88 6.19
C PHE DA 357 24.26 18.75 5.20
N GLU DA 358 23.71 18.88 4.00
CA GLU DA 358 23.68 17.76 3.07
C GLU DA 358 25.08 17.41 2.60
N GLN DA 359 25.41 16.12 2.68
CA GLN DA 359 26.70 15.63 2.21
C GLN DA 359 26.71 15.57 0.69
N SER DA 360 27.84 15.92 0.10
CA SER DA 360 27.96 15.96 -1.35
C SER DA 360 29.41 15.68 -1.71
N GLY DA 361 29.61 15.20 -2.93
CA GLY DA 361 30.95 14.98 -3.43
C GLY DA 361 31.38 13.53 -3.32
N ASN DA 362 32.62 13.31 -3.75
CA ASN DA 362 33.19 11.98 -3.93
C ASN DA 362 34.62 11.96 -3.37
N ILE DA 363 34.77 12.22 -2.07
CA ILE DA 363 36.05 12.29 -1.38
C ILE DA 363 37.07 11.27 -1.88
N GLN DA 364 36.63 10.03 -2.12
CA GLN DA 364 37.55 9.00 -2.59
C GLN DA 364 38.13 9.32 -3.97
N PHE DA 365 37.33 9.94 -4.85
CA PHE DA 365 37.82 10.33 -6.17
C PHE DA 365 38.99 11.31 -6.05
N ASN DA 366 38.86 12.32 -5.18
CA ASN DA 366 39.94 13.29 -5.03
C ASN DA 366 41.21 12.64 -4.48
N ALA DA 367 41.07 11.75 -3.50
CA ALA DA 367 42.23 11.02 -2.99
C ALA DA 367 42.45 9.73 -3.77
N LEU DA 368 42.40 9.81 -5.09
CA LEU DA 368 42.86 8.75 -5.97
C LEU DA 368 43.73 9.39 -7.03
N LEU DA 369 43.37 10.63 -7.39
CA LEU DA 369 44.21 11.44 -8.27
C LEU DA 369 45.42 12.00 -7.54
N VAL DA 370 45.21 12.45 -6.30
CA VAL DA 370 46.32 13.02 -5.53
C VAL DA 370 47.41 11.98 -5.32
N ASN DA 371 47.03 10.77 -4.92
CA ASN DA 371 48.03 9.72 -4.71
C ASN DA 371 48.70 9.34 -6.01
N ASP DA 372 47.95 9.30 -7.11
CA ASP DA 372 48.54 8.95 -8.40
C ASP DA 372 49.55 9.98 -8.87
N PHE DA 373 49.22 11.27 -8.71
CA PHE DA 373 50.14 12.31 -9.14
C PHE DA 373 51.34 12.44 -8.21
N ARG DA 374 51.16 12.14 -6.92
CA ARG DA 374 52.29 12.17 -5.99
C ARG DA 374 53.35 11.15 -6.38
N GLN DA 375 52.92 9.95 -6.79
CA GLN DA 375 53.90 8.93 -7.11
C GLN DA 375 54.64 9.25 -8.41
N GLN DA 376 53.98 9.93 -9.35
CA GLN DA 376 54.68 10.37 -10.55
C GLN DA 376 55.79 11.35 -10.22
N ILE DA 377 55.54 12.28 -9.30
CA ILE DA 377 56.58 13.21 -8.86
C ILE DA 377 57.71 12.45 -8.20
N ASN DA 378 57.39 11.47 -7.35
CA ASN DA 378 58.42 10.70 -6.67
C ASN DA 378 59.27 9.90 -7.67
N GLU DA 379 58.64 9.28 -8.67
CA GLU DA 379 59.41 8.55 -9.67
C GLU DA 379 60.26 9.48 -10.51
N LEU DA 380 59.76 10.67 -10.80
CA LEU DA 380 60.51 11.62 -11.62
C LEU DA 380 61.76 12.11 -10.91
N LEU DA 381 61.76 12.15 -9.59
CA LEU DA 381 62.87 12.66 -8.80
C LEU DA 381 63.58 11.57 -8.00
N TYR DA 382 63.36 10.30 -8.36
CA TYR DA 382 64.08 9.18 -7.75
C TYR DA 382 63.90 9.14 -6.23
N ALA DA 383 62.68 9.41 -5.77
CA ALA DA 383 62.38 9.48 -4.35
C ALA DA 383 61.31 8.47 -3.98
N PHE DA 384 61.42 7.93 -2.77
CA PHE DA 384 60.45 7.04 -2.16
C PHE DA 384 60.05 5.90 -3.09
N PRO DA 385 60.94 4.94 -3.33
CA PRO DA 385 60.58 3.80 -4.19
C PRO DA 385 59.39 3.01 -3.68
N LEU DA 386 59.21 2.93 -2.36
CA LEU DA 386 58.14 2.14 -1.76
C LEU DA 386 56.91 2.96 -1.43
N GLY DA 387 56.80 4.16 -1.98
CA GLY DA 387 55.65 5.00 -1.71
C GLY DA 387 55.70 5.63 -0.34
N ALA DA 388 54.54 6.14 0.08
CA ALA DA 388 54.41 6.82 1.35
C ALA DA 388 54.38 5.80 2.50
N VAL DA 389 54.20 6.31 3.72
CA VAL DA 389 54.20 5.45 4.90
C VAL DA 389 53.01 4.49 4.87
N ASN DA 390 51.82 5.01 4.58
CA ASN DA 390 50.62 4.18 4.53
C ASN DA 390 50.46 3.53 3.16
N SER DA 391 51.48 2.82 2.72
CA SER DA 391 51.51 2.20 1.42
C SER DA 391 51.06 0.74 1.50
N PRO DA 392 50.58 0.18 0.37
CA PRO DA 392 50.24 -1.24 0.35
C PRO DA 392 51.48 -2.13 0.37
N THR DA 393 51.97 -2.42 1.57
CA THR DA 393 53.21 -3.17 1.73
C THR DA 393 53.14 -4.52 1.02
N ARG DA 394 54.23 -4.88 0.37
CA ARG DA 394 54.36 -6.14 -0.35
C ARG DA 394 55.49 -6.96 0.29
N THR DA 395 55.81 -8.08 -0.34
CA THR DA 395 56.81 -8.99 0.22
C THR DA 395 58.21 -8.40 0.08
N ALA DA 396 59.19 -9.12 0.63
CA ALA DA 396 60.56 -8.62 0.65
C ALA DA 396 61.11 -8.45 -0.75
N THR DA 397 60.91 -9.43 -1.62
CA THR DA 397 61.50 -9.37 -2.95
C THR DA 397 60.86 -8.28 -3.81
N GLU DA 398 59.55 -8.10 -3.68
CA GLU DA 398 58.88 -7.02 -4.39
C GLU DA 398 59.30 -5.64 -3.89
N ALA DA 399 59.98 -5.58 -2.75
CA ALA DA 399 60.55 -4.33 -2.23
C ALA DA 399 62.02 -4.18 -2.58
N GLU DA 400 62.80 -5.25 -2.47
CA GLU DA 400 64.22 -5.19 -2.82
C GLU DA 400 64.40 -4.89 -4.30
N ILE DA 401 63.58 -5.50 -5.17
CA ILE DA 401 63.69 -5.25 -6.60
C ILE DA 401 63.36 -3.80 -6.92
N ARG DA 402 62.27 -3.30 -6.34
CA ARG DA 402 61.89 -1.91 -6.61
C ARG DA 402 62.88 -0.93 -6.03
N TYR DA 403 63.60 -1.31 -4.96
CA TYR DA 403 64.64 -0.46 -4.43
C TYR DA 403 65.83 -0.39 -5.38
N THR DA 404 66.23 -1.53 -5.95
CA THR DA 404 67.35 -1.53 -6.89
C THR DA 404 66.97 -0.91 -8.22
N GLU DA 405 65.69 -0.92 -8.58
CA GLU DA 405 65.25 -0.23 -9.79
C GLU DA 405 65.49 1.27 -9.67
N ASN DA 406 65.16 1.84 -8.51
CA ASN DA 406 65.32 3.27 -8.31
C ASN DA 406 66.79 3.65 -8.15
N LEU DA 407 67.57 2.82 -7.45
CA LEU DA 407 68.97 3.12 -7.25
C LEU DA 407 69.74 3.06 -8.57
N GLU DA 408 69.44 2.07 -9.40
CA GLU DA 408 70.14 1.95 -10.67
C GLU DA 408 69.83 3.12 -11.61
N SER DA 409 68.57 3.56 -11.65
CA SER DA 409 68.22 4.69 -12.50
C SER DA 409 68.89 5.96 -12.02
N PHE DA 410 68.95 6.18 -10.70
CA PHE DA 410 69.64 7.35 -10.17
C PHE DA 410 71.13 7.30 -10.49
N SER DA 411 71.75 6.14 -10.34
CA SER DA 411 73.19 6.02 -10.55
C SER DA 411 73.58 6.13 -12.01
N ALA DA 412 72.61 6.14 -12.92
CA ALA DA 412 72.89 6.32 -14.34
C ALA DA 412 72.89 7.78 -14.76
N MET DA 413 72.06 8.61 -14.11
CA MET DA 413 71.95 10.01 -14.49
C MET DA 413 73.15 10.81 -14.02
N VAL DA 414 73.61 10.57 -12.80
CA VAL DA 414 74.57 11.42 -12.11
C VAL DA 414 75.96 11.45 -12.76
N PRO DA 415 76.62 10.32 -13.04
CA PRO DA 415 78.05 10.38 -13.36
C PRO DA 415 78.41 11.25 -14.55
N ARG DA 416 77.52 11.37 -15.55
CA ARG DA 416 77.84 12.19 -16.72
C ARG DA 416 77.99 13.66 -16.39
N LEU DA 417 77.53 14.10 -15.22
CA LEU DA 417 77.61 15.50 -14.83
C LEU DA 417 78.87 15.82 -14.04
N GLN DA 418 79.73 14.82 -13.78
CA GLN DA 418 80.94 15.07 -13.00
C GLN DA 418 81.87 16.05 -13.72
N ASN DA 419 82.17 15.78 -14.98
CA ASN DA 419 83.11 16.63 -15.71
C ASN DA 419 82.53 18.02 -15.96
N GLU DA 420 81.23 18.09 -16.29
CA GLU DA 420 80.60 19.37 -16.55
C GLU DA 420 80.61 20.27 -15.32
N PHE DA 421 80.36 19.69 -14.15
CA PHE DA 421 80.23 20.51 -12.95
C PHE DA 421 81.58 20.82 -12.33
N PHE DA 422 82.39 19.80 -12.08
CA PHE DA 422 83.44 19.92 -11.07
C PHE DA 422 84.86 20.05 -11.62
N ILE DA 423 85.12 19.67 -12.87
CA ILE DA 423 86.43 19.95 -13.45
C ILE DA 423 86.69 21.46 -13.56
N PRO DA 424 85.76 22.29 -14.05
CA PRO DA 424 86.00 23.73 -14.00
C PRO DA 424 86.15 24.27 -12.58
N VAL DA 425 85.48 23.67 -11.60
CA VAL DA 425 85.62 24.11 -10.21
C VAL DA 425 87.02 23.84 -9.70
N ILE DA 426 87.56 22.65 -9.99
CA ILE DA 426 88.91 22.31 -9.54
C ILE DA 426 89.93 23.22 -10.21
N GLN DA 427 89.76 23.49 -11.51
CA GLN DA 427 90.71 24.34 -12.22
C GLN DA 427 90.72 25.75 -11.66
N ARG DA 428 89.54 26.30 -11.38
CA ARG DA 428 89.47 27.65 -10.82
C ARG DA 428 89.97 27.70 -9.39
N THR DA 429 89.77 26.63 -8.62
CA THR DA 429 90.30 26.58 -7.26
C THR DA 429 91.82 26.65 -7.25
N LEU DA 430 92.47 25.91 -8.16
CA LEU DA 430 93.92 25.97 -8.23
C LEU DA 430 94.41 27.34 -8.67
N TRP DA 431 93.66 27.99 -9.56
CA TRP DA 431 94.01 29.35 -9.98
C TRP DA 431 93.97 30.31 -8.80
N VAL DA 432 92.95 30.19 -7.96
CA VAL DA 432 92.84 31.06 -6.79
C VAL DA 432 93.96 30.77 -5.80
N ILE DA 433 94.27 29.49 -5.58
CA ILE DA 433 95.34 29.12 -4.66
C ILE DA 433 96.67 29.71 -5.10
N ASN DA 434 96.93 29.70 -6.40
CA ASN DA 434 98.17 30.28 -6.90
C ASN DA 434 98.21 31.79 -6.68
N LYS DA 435 97.07 32.46 -6.87
CA LYS DA 435 97.02 33.91 -6.72
C LYS DA 435 97.17 34.34 -5.27
N VAL DA 436 96.52 33.64 -4.33
CA VAL DA 436 96.54 34.02 -2.93
C VAL DA 436 97.80 33.52 -2.23
N LEU DA 437 98.31 32.36 -2.63
CA LEU DA 437 99.50 31.77 -2.05
C LEU DA 437 100.53 31.54 -3.16
N PRO DA 438 101.18 32.60 -3.63
CA PRO DA 438 102.07 32.45 -4.79
C PRO DA 438 103.25 31.55 -4.54
N GLU DA 439 103.60 31.27 -3.29
CA GLU DA 439 104.74 30.39 -3.02
C GLU DA 439 104.44 28.93 -3.29
N THR DA 440 103.16 28.55 -3.40
CA THR DA 440 102.83 27.16 -3.66
C THR DA 440 103.30 26.72 -5.05
N PHE DA 441 103.32 27.64 -6.01
CA PHE DA 441 103.80 27.37 -7.36
C PHE DA 441 105.08 28.14 -7.64
N ALA DA 442 105.92 28.29 -6.64
CA ALA DA 442 107.18 29.03 -6.77
C ALA DA 442 108.27 28.13 -7.33
N ASN DA 443 109.32 28.77 -7.85
CA ASN DA 443 110.46 28.08 -8.46
C ASN DA 443 110.00 27.18 -9.61
N ILE DA 444 109.05 27.67 -10.39
CA ILE DA 444 108.50 26.93 -11.53
C ILE DA 444 108.51 27.87 -12.73
N PRO DA 445 108.99 27.43 -13.89
CA PRO DA 445 108.95 28.29 -15.08
C PRO DA 445 107.52 28.69 -15.40
N ASP DA 446 107.35 29.92 -15.87
CA ASP DA 446 106.00 30.47 -16.06
C ASP DA 446 105.23 29.66 -17.10
N ASP DA 447 105.91 29.16 -18.13
CA ASP DA 447 105.23 28.39 -19.16
C ASP DA 447 104.58 27.13 -18.59
N ILE DA 448 105.34 26.38 -17.78
CA ILE DA 448 104.80 25.14 -17.23
C ILE DA 448 103.87 25.44 -16.05
N ARG DA 449 104.07 26.57 -15.38
CA ARG DA 449 103.18 26.95 -14.28
C ARG DA 449 101.76 27.15 -14.77
N ASN DA 450 101.60 27.84 -15.90
CA ASN DA 450 100.28 28.08 -16.46
C ASN DA 450 99.64 26.77 -16.95
N LYS DA 451 100.45 25.89 -17.55
CA LYS DA 451 99.92 24.59 -17.97
C LYS DA 451 99.58 23.72 -16.78
N MET DA 452 100.24 23.92 -15.65
CA MET DA 452 99.95 23.14 -14.47
C MET DA 452 98.69 23.64 -13.77
N ILE DA 453 98.52 24.96 -13.70
CA ILE DA 453 97.33 25.53 -13.07
C ILE DA 453 96.09 25.14 -13.86
N SER DA 454 96.16 25.22 -15.18
CA SER DA 454 95.11 24.68 -16.02
C SER DA 454 95.21 23.16 -16.03
N VAL DA 455 94.30 22.50 -15.33
CA VAL DA 455 94.38 21.03 -15.16
C VAL DA 455 93.72 20.44 -16.40
N ASP DA 456 94.51 20.37 -17.47
CA ASP DA 456 94.00 19.99 -18.79
C ASP DA 456 94.54 18.67 -19.29
N GLY DA 457 95.32 17.96 -18.48
CA GLY DA 457 95.89 16.69 -18.90
C GLY DA 457 97.24 16.78 -19.56
N GLN DA 458 97.77 17.98 -19.80
CA GLN DA 458 99.11 18.10 -20.37
C GLN DA 458 100.18 17.84 -19.31
N ILE DA 459 100.20 18.66 -18.26
CA ILE DA 459 101.11 18.46 -17.14
C ILE DA 459 100.40 17.83 -15.96
N LEU DA 460 99.15 18.22 -15.72
CA LEU DA 460 98.38 17.74 -14.58
C LEU DA 460 97.01 17.28 -15.07
N GLY DA 461 96.62 16.08 -14.66
CA GLY DA 461 95.32 15.53 -14.99
C GLY DA 461 94.49 15.28 -13.76
N LEU DA 462 93.25 14.85 -13.98
CA LEU DA 462 92.30 14.58 -12.93
C LEU DA 462 91.75 13.17 -13.08
N SER DA 463 91.25 12.63 -11.98
CA SER DA 463 90.64 11.30 -11.96
C SER DA 463 89.66 11.25 -10.81
N PHE DA 464 88.39 10.97 -11.09
CA PHE DA 464 87.35 11.00 -10.07
C PHE DA 464 87.15 9.63 -9.45
N ASP DA 465 86.82 9.62 -8.16
CA ASP DA 465 86.61 8.41 -7.38
C ASP DA 465 85.36 8.63 -6.53
N THR DA 466 84.21 8.24 -7.05
CA THR DA 466 82.91 8.47 -6.43
C THR DA 466 82.22 7.14 -6.14
N PRO DA 467 81.20 7.13 -5.28
CA PRO DA 467 80.47 5.89 -5.02
C PRO DA 467 79.80 5.29 -6.26
N LEU DA 468 79.79 5.99 -7.39
CA LEU DA 468 79.17 5.47 -8.61
C LEU DA 468 80.19 4.85 -9.55
N MET DA 469 81.36 5.47 -9.73
CA MET DA 469 82.46 4.90 -10.49
C MET DA 469 83.50 4.39 -9.50
N THR DA 470 83.54 3.06 -9.31
CA THR DA 470 84.30 2.51 -8.19
C THR DA 470 85.80 2.75 -8.28
N ALA DA 471 86.51 2.06 -9.19
CA ALA DA 471 87.94 2.31 -9.30
C ALA DA 471 88.52 2.27 -10.72
N LYS DA 472 87.99 1.45 -11.63
CA LYS DA 472 88.56 1.18 -12.95
C LYS DA 472 89.92 0.47 -12.86
N GLY DA 473 90.45 0.32 -11.66
CA GLY DA 473 91.72 -0.35 -11.48
C GLY DA 473 91.52 -1.72 -10.87
N GLN DA 474 90.43 -1.88 -10.13
CA GLN DA 474 90.08 -3.19 -9.60
C GLN DA 474 89.80 -4.18 -10.72
N VAL DA 475 89.33 -3.69 -11.88
CA VAL DA 475 89.11 -4.58 -13.02
C VAL DA 475 90.43 -5.12 -13.54
N LYS DA 476 91.44 -4.26 -13.64
CA LYS DA 476 92.76 -4.70 -14.08
C LYS DA 476 93.35 -5.72 -13.11
N THR DA 477 93.23 -5.46 -11.81
CA THR DA 477 93.77 -6.38 -10.82
C THR DA 477 93.02 -7.71 -10.82
N ALA DA 478 91.69 -7.66 -10.95
CA ALA DA 478 90.90 -8.89 -10.97
C ALA DA 478 91.26 -9.76 -12.16
N ALA DA 479 91.49 -9.14 -13.32
CA ALA DA 479 91.92 -9.90 -14.49
C ALA DA 479 93.29 -10.52 -14.26
N LEU DA 480 94.19 -9.78 -13.61
CA LEU DA 480 95.51 -10.31 -13.30
C LEU DA 480 95.43 -11.48 -12.31
N LEU DA 481 94.60 -11.36 -11.29
CA LEU DA 481 94.44 -12.44 -10.32
C LEU DA 481 93.77 -13.65 -10.94
N GLY DA 482 92.80 -13.42 -11.83
CA GLY DA 482 92.16 -14.53 -12.51
C GLY DA 482 93.10 -15.28 -13.43
N PHE DA 483 94.00 -14.55 -14.09
CA PHE DA 483 95.01 -15.20 -14.93
C PHE DA 483 95.94 -16.07 -14.10
N TYR DA 484 96.34 -15.60 -12.92
CA TYR DA 484 97.28 -16.36 -12.11
C TYR DA 484 96.63 -17.63 -11.57
N GLN DA 485 95.35 -17.57 -11.18
CA GLN DA 485 94.68 -18.76 -10.70
C GLN DA 485 94.62 -19.84 -11.77
N ALA DA 486 94.33 -19.45 -13.01
CA ALA DA 486 94.33 -20.40 -14.11
C ALA DA 486 95.73 -20.96 -14.37
N ALA DA 487 96.74 -20.09 -14.35
CA ALA DA 487 98.10 -20.55 -14.60
C ALA DA 487 98.59 -21.48 -13.51
N ALA DA 488 98.29 -21.16 -12.25
CA ALA DA 488 98.71 -22.01 -11.14
C ALA DA 488 97.91 -23.30 -11.07
N SER DA 489 96.74 -23.36 -11.70
CA SER DA 489 96.02 -24.62 -11.77
C SER DA 489 96.65 -25.57 -12.78
N LEU DA 490 97.11 -25.03 -13.91
CA LEU DA 490 97.65 -25.89 -14.96
C LEU DA 490 99.12 -26.22 -14.72
N LEU DA 491 99.88 -25.27 -14.19
CA LEU DA 491 101.31 -25.43 -14.04
C LEU DA 491 101.78 -25.46 -12.59
N GLY DA 492 100.92 -25.11 -11.64
CA GLY DA 492 101.31 -25.06 -10.26
C GLY DA 492 101.98 -23.76 -9.91
N PRO DA 493 102.09 -23.46 -8.62
CA PRO DA 493 102.93 -22.34 -8.20
C PRO DA 493 104.40 -22.66 -8.48
N GLU DA 494 105.22 -21.61 -8.35
CA GLU DA 494 106.66 -21.64 -8.64
C GLU DA 494 106.90 -21.72 -10.14
N ALA DA 495 105.84 -21.95 -10.90
CA ALA DA 495 105.87 -21.88 -12.36
C ALA DA 495 105.02 -20.75 -12.91
N ALA DA 496 103.82 -20.55 -12.36
CA ALA DA 496 103.05 -19.36 -12.66
C ALA DA 496 103.74 -18.11 -12.15
N THR DA 497 104.32 -18.17 -10.95
CA THR DA 497 105.07 -17.04 -10.42
C THR DA 497 106.33 -16.77 -11.23
N ALA DA 498 107.01 -17.83 -11.66
CA ALA DA 498 108.23 -17.65 -12.45
C ALA DA 498 107.95 -16.98 -13.78
N SER DA 499 106.77 -17.19 -14.34
CA SER DA 499 106.40 -16.59 -15.63
C SER DA 499 105.75 -15.22 -15.45
N LEU DA 500 106.39 -14.38 -14.65
CA LEU DA 500 105.86 -13.07 -14.32
C LEU DA 500 107.02 -12.09 -14.29
N ASP DA 501 106.73 -10.83 -14.62
CA ASP DA 501 107.72 -9.78 -14.44
C ASP DA 501 107.43 -9.11 -13.11
N PRO DA 502 108.10 -9.55 -12.03
CA PRO DA 502 107.68 -9.10 -10.68
C PRO DA 502 107.79 -7.60 -10.48
N VAL DA 503 108.79 -6.95 -11.07
CA VAL DA 503 108.90 -5.51 -10.92
C VAL DA 503 107.72 -4.81 -11.60
N GLU DA 504 107.35 -5.24 -12.80
CA GLU DA 504 106.20 -4.66 -13.48
C GLU DA 504 104.91 -4.97 -12.72
N VAL DA 505 104.80 -6.18 -12.18
CA VAL DA 505 103.58 -6.58 -11.47
C VAL DA 505 103.39 -5.70 -10.23
N LEU DA 506 104.46 -5.48 -9.47
CA LEU DA 506 104.36 -4.66 -8.27
C LEU DA 506 103.96 -3.23 -8.61
N THR DA 507 104.61 -2.65 -9.62
CA THR DA 507 104.31 -1.27 -9.99
C THR DA 507 102.90 -1.13 -10.52
N ASN DA 508 102.43 -2.08 -11.32
CA ASN DA 508 101.09 -1.98 -11.88
C ASN DA 508 100.03 -2.24 -10.83
N LEU DA 509 100.31 -3.15 -9.89
CA LEU DA 509 99.36 -3.37 -8.80
C LEU DA 509 99.21 -2.12 -7.94
N ALA DA 510 100.31 -1.43 -7.68
CA ALA DA 510 100.23 -0.20 -6.91
C ALA DA 510 99.40 0.86 -7.63
N ASP DA 511 99.61 1.01 -8.94
CA ASP DA 511 98.82 1.97 -9.70
C ASP DA 511 97.36 1.58 -9.76
N ASN DA 512 97.07 0.28 -9.94
CA ASN DA 512 95.68 -0.15 -10.05
C ASN DA 512 94.92 0.09 -8.76
N GLN DA 513 95.55 -0.16 -7.62
CA GLN DA 513 94.89 0.06 -6.34
C GLN DA 513 94.86 1.52 -5.92
N GLY DA 514 95.52 2.40 -6.67
CA GLY DA 514 95.57 3.79 -6.28
C GLY DA 514 96.30 4.01 -4.97
N ILE DA 515 97.38 3.27 -4.77
CA ILE DA 515 98.09 3.28 -3.51
C ILE DA 515 99.12 4.40 -3.51
N ASP DA 516 99.55 4.80 -2.31
CA ASP DA 516 100.57 5.82 -2.19
C ASP DA 516 101.91 5.28 -2.66
N VAL DA 517 102.59 6.05 -3.52
CA VAL DA 517 103.83 5.58 -4.13
C VAL DA 517 104.91 5.38 -3.08
N ARG DA 518 104.95 6.25 -2.07
CA ARG DA 518 105.99 6.16 -1.05
C ARG DA 518 105.94 4.88 -0.24
N ASN DA 519 104.79 4.19 -0.22
CA ASN DA 519 104.67 2.96 0.55
C ASN DA 519 105.42 1.79 -0.07
N ILE DA 520 105.90 1.93 -1.30
CA ILE DA 520 106.56 0.84 -2.01
C ILE DA 520 107.93 1.32 -2.48
N LYS DA 521 108.87 0.39 -2.59
CA LYS DA 521 110.21 0.71 -3.07
C LYS DA 521 110.17 1.10 -4.55
N THR DA 522 111.16 1.88 -4.95
CA THR DA 522 111.26 2.33 -6.33
C THR DA 522 111.61 1.17 -7.25
N ARG DA 523 111.52 1.42 -8.56
CA ARG DA 523 111.82 0.38 -9.54
C ARG DA 523 113.27 -0.06 -9.46
N GLU DA 524 114.19 0.88 -9.28
CA GLU DA 524 115.60 0.52 -9.16
C GLU DA 524 115.87 -0.28 -7.89
N GLU DA 525 115.20 0.06 -6.79
CA GLU DA 525 115.35 -0.72 -5.57
C GLU DA 525 114.76 -2.11 -5.73
N LEU DA 526 113.60 -2.22 -6.39
CA LEU DA 526 112.99 -3.53 -6.61
C LEU DA 526 113.85 -4.39 -7.51
N GLU DA 527 114.43 -3.79 -8.55
CA GLU DA 527 115.29 -4.56 -9.46
C GLU DA 527 116.54 -5.04 -8.75
N GLN DA 528 117.13 -4.21 -7.89
CA GLN DA 528 118.28 -4.65 -7.10
C GLN DA 528 117.88 -5.79 -6.16
N LEU DA 529 116.70 -5.70 -5.56
CA LEU DA 529 116.22 -6.78 -4.71
C LEU DA 529 116.03 -8.07 -5.49
N LEU DA 530 115.46 -7.97 -6.70
CA LEU DA 530 115.25 -9.16 -7.52
C LEU DA 530 116.58 -9.76 -7.95
N GLN DA 531 117.56 -8.93 -8.28
CA GLN DA 531 118.88 -9.44 -8.66
C GLN DA 531 119.53 -10.17 -7.50
N ALA DA 532 119.37 -9.65 -6.28
CA ALA DA 532 119.91 -10.34 -5.11
C ALA DA 532 119.20 -11.66 -4.87
N ALA DA 533 117.89 -11.70 -5.07
CA ALA DA 533 117.15 -12.94 -4.90
C ALA DA 533 117.58 -14.00 -5.91
N GLY DA 534 118.02 -13.58 -7.08
CA GLY DA 534 118.58 -14.52 -8.04
C GLY DA 534 119.88 -15.12 -7.56
N GLN DA 535 120.75 -14.30 -6.95
CA GLN DA 535 122.02 -14.79 -6.45
C GLN DA 535 121.84 -15.74 -5.28
N ILE DA 536 120.82 -15.50 -4.44
CA ILE DA 536 120.52 -16.42 -3.35
C ILE DA 536 120.12 -17.78 -3.90
N ALA DA 537 119.30 -17.79 -4.96
CA ALA DA 537 118.85 -19.06 -5.53
C ALA DA 537 120.02 -19.83 -6.13
N GLN DA 538 120.96 -19.14 -6.78
CA GLN DA 538 122.12 -19.81 -7.35
C GLN DA 538 122.95 -20.49 -6.28
N GLN DA 539 123.21 -19.79 -5.17
CA GLN DA 539 124.03 -20.37 -4.12
C GLN DA 539 123.32 -21.53 -3.43
N GLU DA 540 122.03 -21.39 -3.15
CA GLU DA 540 121.31 -22.46 -2.49
C GLU DA 540 121.19 -23.68 -3.40
N ALA DA 541 120.99 -23.47 -4.70
CA ALA DA 541 120.98 -24.59 -5.63
C ALA DA 541 122.36 -25.22 -5.77
N ALA DA 542 123.41 -24.39 -5.73
CA ALA DA 542 124.77 -24.93 -5.84
C ALA DA 542 125.13 -25.80 -4.65
N GLN DA 543 124.56 -25.53 -3.49
CA GLN DA 543 124.81 -26.36 -2.32
C GLN DA 543 124.11 -27.71 -2.40
N GLN DA 544 123.15 -27.88 -3.30
CA GLN DA 544 122.49 -29.16 -3.51
C GLN DA 544 123.03 -29.88 -4.74
N GLY DA 545 124.11 -29.39 -5.34
CA GLY DA 545 124.66 -30.00 -6.52
C GLY DA 545 124.02 -29.60 -7.83
N VAL DA 546 123.10 -28.64 -7.81
CA VAL DA 546 122.42 -28.18 -9.01
C VAL DA 546 123.03 -26.86 -9.43
N ILE DA 547 123.33 -26.72 -10.72
CA ILE DA 547 123.88 -25.50 -11.29
C ILE DA 547 122.79 -24.86 -12.15
N ILE DA 548 122.44 -23.61 -11.85
CA ILE DA 548 121.43 -22.90 -12.60
C ILE DA 548 122.07 -22.04 -13.68
N VAL EA 30 78.21 24.91 -56.44
CA VAL EA 30 77.39 25.65 -55.49
C VAL EA 30 75.92 25.50 -55.84
N ASN EA 31 75.61 25.57 -57.12
CA ASN EA 31 74.23 25.38 -57.55
C ASN EA 31 73.75 23.97 -57.25
N ARG EA 32 74.64 22.99 -57.40
CA ARG EA 32 74.30 21.62 -57.04
C ARG EA 32 74.12 21.48 -55.53
N LEU EA 33 74.91 22.22 -54.75
CA LEU EA 33 74.77 22.18 -53.30
C LEU EA 33 73.39 22.64 -52.87
N CYS EA 34 72.88 23.71 -53.48
CA CYS EA 34 71.56 24.23 -53.10
C CYS EA 34 70.44 23.27 -53.49
N ARG EA 35 70.58 22.57 -54.61
CA ARG EA 35 69.58 21.58 -54.97
C ARG EA 35 69.55 20.42 -53.98
N MET EA 36 70.73 19.96 -53.55
CA MET EA 36 70.78 18.91 -52.53
C MET EA 36 70.20 19.38 -51.21
N ARG EA 37 70.51 20.62 -50.82
CA ARG EA 37 70.02 21.14 -49.55
C ARG EA 37 68.51 21.30 -49.55
N ASN EA 38 67.95 21.75 -50.68
CA ASN EA 38 66.50 21.93 -50.77
C ASN EA 38 65.79 20.59 -50.72
N ASP EA 39 66.34 19.57 -51.39
CA ASP EA 39 65.73 18.24 -51.32
C ASP EA 39 65.80 17.67 -49.92
N ALA EA 40 66.94 17.84 -49.24
CA ALA EA 40 67.05 17.35 -47.86
C ALA EA 40 66.17 18.16 -46.92
N LYS EA 41 65.89 19.42 -47.25
CA LYS EA 41 65.02 20.24 -46.42
C LYS EA 41 63.56 19.79 -46.53
N SER EA 42 63.14 19.36 -47.71
CA SER EA 42 61.77 18.87 -47.89
C SER EA 42 61.52 17.59 -47.11
N ASP EA 43 62.52 16.72 -47.02
CA ASP EA 43 62.36 15.51 -46.21
C ASP EA 43 62.13 15.85 -44.74
N LEU EA 44 62.88 16.83 -44.23
CA LEU EA 44 62.70 17.25 -42.85
C LEU EA 44 61.31 17.83 -42.61
N ASP EA 45 60.80 18.60 -43.59
CA ASP EA 45 59.46 19.16 -43.46
C ASP EA 45 58.39 18.09 -43.40
N MET EA 46 58.60 16.97 -44.10
CA MET EA 46 57.64 15.88 -44.03
C MET EA 46 57.72 15.11 -42.72
N TRP EA 47 58.83 15.23 -41.98
CA TRP EA 47 58.98 14.58 -40.69
C TRP EA 47 58.53 15.45 -39.52
N ARG EA 48 58.30 16.75 -39.75
CA ARG EA 48 58.12 17.66 -38.62
C ARG EA 48 56.88 17.32 -37.81
N SER EA 49 55.79 16.96 -38.47
CA SER EA 49 54.53 16.74 -37.76
C SER EA 49 54.64 15.56 -36.80
N ILE EA 50 55.14 14.43 -37.28
CA ILE EA 50 55.20 13.24 -36.43
C ILE EA 50 56.29 13.37 -35.38
N LEU EA 51 57.41 14.02 -35.70
CA LEU EA 51 58.50 14.12 -34.74
C LEU EA 51 58.18 15.10 -33.63
N GLN EA 52 57.53 16.22 -33.96
CA GLN EA 52 57.14 17.16 -32.92
C GLN EA 52 56.14 16.51 -31.95
N THR EA 53 55.22 15.71 -32.49
CA THR EA 53 54.27 15.01 -31.62
C THR EA 53 54.95 13.96 -30.76
N ALA EA 54 55.86 13.18 -31.35
CA ALA EA 54 56.54 12.13 -30.58
C ALA EA 54 57.40 12.73 -29.48
N TYR EA 55 58.14 13.79 -29.79
CA TYR EA 55 58.96 14.44 -28.78
C TYR EA 55 58.11 15.05 -27.67
N HIS EA 56 56.93 15.56 -28.03
CA HIS EA 56 56.08 16.21 -27.04
C HIS EA 56 55.66 15.23 -25.95
N TYR EA 57 55.31 14.00 -26.33
CA TYR EA 57 54.86 13.03 -25.34
C TYR EA 57 56.00 12.31 -24.64
N ALA EA 58 57.22 12.38 -25.17
CA ALA EA 58 58.35 11.69 -24.58
C ALA EA 58 59.31 12.61 -23.84
N MET EA 59 59.68 13.73 -24.43
CA MET EA 59 60.53 14.74 -23.79
C MET EA 59 59.92 16.11 -24.01
N PRO EA 60 58.85 16.44 -23.28
CA PRO EA 60 58.15 17.70 -23.55
C PRO EA 60 59.01 18.95 -23.36
N ASP EA 61 59.94 18.94 -22.39
CA ASP EA 61 60.73 20.14 -22.13
C ASP EA 61 61.95 20.26 -23.05
N TYR EA 62 62.34 19.20 -23.73
CA TYR EA 62 63.52 19.21 -24.58
C TYR EA 62 63.15 18.89 -26.02
N ASN EA 63 62.04 19.44 -26.48
CA ASN EA 63 61.53 19.16 -27.82
C ASN EA 63 62.18 20.14 -28.79
N PRO EA 64 63.12 19.69 -29.64
CA PRO EA 64 63.79 20.62 -30.56
C PRO EA 64 62.95 21.03 -31.75
N PHE EA 65 61.81 20.40 -31.98
CA PHE EA 65 60.94 20.74 -33.09
C PHE EA 65 59.91 21.79 -32.73
N GLU EA 66 59.91 22.28 -31.50
CA GLU EA 66 58.93 23.27 -31.09
C GLU EA 66 59.18 24.60 -31.78
N ASN EA 67 58.10 25.36 -31.98
CA ASN EA 67 58.16 26.64 -32.67
C ASN EA 67 58.77 26.50 -34.06
N TYR EA 68 58.39 25.44 -34.77
CA TYR EA 68 58.84 25.17 -36.13
C TYR EA 68 60.37 25.11 -36.21
N GLY EA 69 60.98 24.47 -35.21
CA GLY EA 69 62.41 24.26 -35.20
C GLY EA 69 63.22 25.36 -34.55
N LEU EA 70 62.61 26.52 -34.30
CA LEU EA 70 63.35 27.59 -33.63
C LEU EA 70 63.60 27.28 -32.16
N ALA EA 71 62.76 26.42 -31.55
CA ALA EA 71 62.90 26.04 -30.15
C ALA EA 71 62.99 27.28 -29.26
N GLY EA 72 64.10 27.42 -28.55
CA GLY EA 72 64.30 28.54 -27.65
C GLY EA 72 65.13 29.68 -28.20
N PHE EA 73 65.43 29.68 -29.50
CA PHE EA 73 66.27 30.75 -30.05
C PHE EA 73 65.57 32.09 -30.01
N LEU EA 74 64.28 32.13 -30.31
CA LEU EA 74 63.55 33.40 -30.34
C LEU EA 74 62.96 33.75 -28.99
N THR EA 75 62.26 32.81 -28.35
CA THR EA 75 61.58 33.06 -27.07
C THR EA 75 62.00 32.01 -26.07
N PRO EA 76 63.06 32.26 -25.30
CA PRO EA 76 63.44 31.33 -24.23
C PRO EA 76 62.48 31.41 -23.05
N GLY EA 77 62.56 30.39 -22.20
CA GLY EA 77 61.74 30.38 -21.01
C GLY EA 77 60.28 30.08 -21.26
N GLN EA 78 59.95 29.43 -22.36
CA GLN EA 78 58.57 29.11 -22.69
C GLN EA 78 58.14 27.82 -22.00
N GLN EA 79 56.87 27.75 -21.63
CA GLN EA 79 56.32 26.57 -20.99
C GLN EA 79 55.88 25.56 -22.06
N TYR EA 80 56.29 24.31 -21.89
CA TYR EA 80 56.01 23.28 -22.88
C TYR EA 80 55.26 22.07 -22.34
N ASN EA 81 55.37 21.78 -21.05
CA ASN EA 81 54.90 20.50 -20.52
C ASN EA 81 53.61 20.63 -19.72
N ALA EA 82 52.88 21.74 -19.85
CA ALA EA 82 51.69 21.94 -19.03
C ALA EA 82 50.59 20.94 -19.37
N ASP EA 83 50.51 20.48 -20.61
CA ASP EA 83 49.45 19.58 -21.04
C ASP EA 83 49.90 18.12 -21.07
N ILE EA 84 51.02 17.80 -20.45
CA ILE EA 84 51.45 16.41 -20.28
C ILE EA 84 51.03 16.00 -18.88
N TYR EA 85 49.83 15.43 -18.79
CA TYR EA 85 49.28 15.02 -17.50
C TYR EA 85 49.90 13.72 -17.00
N ASP EA 86 50.24 12.81 -17.90
CA ASP EA 86 50.80 11.52 -17.54
C ASP EA 86 52.27 11.49 -17.88
N LEU EA 87 53.10 11.11 -16.90
CA LEU EA 87 54.54 11.10 -17.07
C LEU EA 87 55.09 9.70 -17.29
N THR EA 88 54.24 8.72 -17.59
CA THR EA 88 54.71 7.36 -17.77
C THR EA 88 55.74 7.26 -18.89
N LEU EA 89 55.39 7.76 -20.08
CA LEU EA 89 56.34 7.70 -21.20
C LEU EA 89 57.58 8.55 -20.95
N PRO EA 90 57.49 9.81 -20.51
CA PRO EA 90 58.73 10.56 -20.25
C PRO EA 90 59.66 9.90 -19.25
N ILE EA 91 59.11 9.28 -18.21
CA ILE EA 91 59.95 8.62 -17.21
C ILE EA 91 60.62 7.38 -17.80
N ALA EA 92 59.83 6.54 -18.48
CA ALA EA 92 60.39 5.33 -19.06
C ALA EA 92 61.39 5.64 -20.16
N HIS EA 93 61.12 6.67 -20.96
CA HIS EA 93 62.02 7.04 -22.05
C HIS EA 93 63.37 7.48 -21.50
N LYS EA 94 63.36 8.30 -20.46
CA LYS EA 94 64.62 8.78 -19.87
C LYS EA 94 65.40 7.65 -19.22
N ARG EA 95 64.71 6.77 -18.50
CA ARG EA 95 65.39 5.67 -17.83
C ARG EA 95 65.96 4.66 -18.80
N LEU EA 96 65.27 4.43 -19.93
CA LEU EA 96 65.81 3.54 -20.94
C LEU EA 96 67.07 4.12 -21.58
N ALA EA 97 67.06 5.42 -21.88
CA ALA EA 97 68.25 6.04 -22.48
C ALA EA 97 69.41 6.02 -21.50
N ASP EA 98 69.15 6.29 -20.22
CA ASP EA 98 70.21 6.22 -19.21
C ASP EA 98 70.73 4.80 -19.10
N LYS EA 99 69.83 3.81 -19.13
CA LYS EA 99 70.24 2.41 -19.03
C LYS EA 99 71.11 1.99 -20.22
N MET EA 100 70.77 2.46 -21.42
CA MET EA 100 71.57 2.14 -22.58
C MET EA 100 72.96 2.75 -22.48
N LEU EA 101 73.06 3.96 -21.91
CA LEU EA 101 74.35 4.61 -21.76
C LEU EA 101 75.27 3.83 -20.84
N MET EA 102 74.75 3.32 -19.73
CA MET EA 102 75.60 2.62 -18.77
C MET EA 102 76.00 1.24 -19.26
N ASN EA 103 75.19 0.63 -20.12
CA ASN EA 103 75.50 -0.71 -20.59
C ASN EA 103 76.30 -0.72 -21.89
N MET EA 104 76.35 0.39 -22.62
CA MET EA 104 77.12 0.47 -23.86
C MET EA 104 78.47 1.14 -23.65
N VAL EA 105 78.49 2.28 -22.98
CA VAL EA 105 79.73 2.99 -22.69
C VAL EA 105 79.80 3.29 -21.21
N PRO EA 106 80.02 2.30 -20.36
CA PRO EA 106 80.06 2.55 -18.91
C PRO EA 106 81.20 3.48 -18.53
N GLN EA 107 80.84 4.68 -18.06
CA GLN EA 107 81.84 5.70 -17.77
C GLN EA 107 82.77 5.23 -16.66
N GLY EA 108 84.05 5.57 -16.79
CA GLY EA 108 85.02 5.10 -15.84
C GLY EA 108 85.42 3.65 -16.01
N GLN EA 109 85.12 3.07 -17.16
CA GLN EA 109 85.57 1.72 -17.49
C GLN EA 109 86.16 1.73 -18.88
N GLN EA 110 86.91 0.67 -19.18
CA GLN EA 110 87.58 0.55 -20.48
C GLN EA 110 86.72 -0.32 -21.38
N TRP EA 111 85.69 0.29 -21.96
CA TRP EA 111 84.68 -0.44 -22.70
C TRP EA 111 85.08 -0.76 -24.13
N VAL EA 112 86.24 -0.30 -24.59
CA VAL EA 112 86.76 -0.70 -25.89
C VAL EA 112 88.26 -0.85 -25.79
N LYS EA 113 88.82 -1.72 -26.61
CA LYS EA 113 90.24 -2.00 -26.63
C LYS EA 113 90.75 -1.96 -28.06
N PHE EA 114 91.93 -1.36 -28.25
CA PHE EA 114 92.64 -1.49 -29.51
C PHE EA 114 93.44 -2.78 -29.52
N THR EA 115 93.42 -3.47 -30.65
CA THR EA 115 94.13 -4.73 -30.84
C THR EA 115 94.93 -4.65 -32.12
N PRO EA 116 96.01 -5.42 -32.22
CA PRO EA 116 96.77 -5.45 -33.48
C PRO EA 116 95.90 -5.94 -34.63
N GLY EA 117 96.08 -5.34 -35.79
CA GLY EA 117 95.31 -5.70 -36.96
C GLY EA 117 95.84 -6.96 -37.63
N ASP EA 118 95.20 -7.30 -38.76
CA ASP EA 118 95.53 -8.53 -39.47
C ASP EA 118 96.94 -8.52 -40.03
N GLU EA 119 97.54 -7.35 -40.21
CA GLU EA 119 98.88 -7.25 -40.79
C GLU EA 119 99.96 -7.81 -39.87
N PHE EA 120 99.66 -8.02 -38.59
CA PHE EA 120 100.66 -8.51 -37.64
C PHE EA 120 100.64 -10.02 -37.49
N GLY EA 121 99.80 -10.73 -38.24
CA GLY EA 121 99.81 -12.17 -38.22
C GLY EA 121 98.96 -12.76 -37.12
N GLU EA 122 99.21 -14.03 -36.85
CA GLU EA 122 98.41 -14.75 -35.87
C GLU EA 122 98.79 -14.31 -34.46
N PRO EA 123 97.82 -14.24 -33.55
CA PRO EA 123 98.13 -13.87 -32.17
C PRO EA 123 99.03 -14.91 -31.51
N GLY EA 124 99.85 -14.44 -30.58
CA GLY EA 124 100.71 -15.29 -29.80
C GLY EA 124 102.16 -15.31 -30.25
N THR EA 125 102.45 -14.87 -31.48
CA THR EA 125 103.81 -14.83 -31.95
C THR EA 125 104.58 -13.71 -31.26
N PRO EA 126 105.91 -13.79 -31.24
CA PRO EA 126 106.69 -12.70 -30.62
C PRO EA 126 106.43 -11.34 -31.27
N LEU EA 127 106.28 -11.30 -32.59
CA LEU EA 127 106.01 -10.03 -33.27
C LEU EA 127 104.65 -9.47 -32.88
N TYR EA 128 103.63 -10.33 -32.84
CA TYR EA 128 102.31 -9.88 -32.43
C TYR EA 128 102.30 -9.40 -30.98
N GLN EA 129 103.13 -10.01 -30.13
CA GLN EA 129 103.15 -9.64 -28.72
C GLN EA 129 103.62 -8.21 -28.53
N ARG EA 130 104.60 -7.77 -29.31
CA ARG EA 130 105.08 -6.40 -29.18
C ARG EA 130 104.04 -5.40 -29.68
N ALA EA 131 103.33 -5.73 -30.76
CA ALA EA 131 102.24 -4.87 -31.22
C ALA EA 131 101.11 -4.82 -30.20
N LEU EA 132 100.82 -5.95 -29.55
CA LEU EA 132 99.77 -5.97 -28.54
C LEU EA 132 100.12 -5.08 -27.36
N ASP EA 133 101.40 -5.04 -27.00
CA ASP EA 133 101.83 -4.14 -25.93
C ASP EA 133 101.61 -2.67 -26.32
N ALA EA 134 101.92 -2.33 -27.57
CA ALA EA 134 101.72 -0.95 -28.03
C ALA EA 134 100.25 -0.56 -28.05
N THR EA 135 99.38 -1.46 -28.53
CA THR EA 135 97.96 -1.14 -28.59
C THR EA 135 97.35 -1.02 -27.20
N GLN EA 136 97.89 -1.75 -26.23
CA GLN EA 136 97.41 -1.58 -24.85
C GLN EA 136 97.79 -0.21 -24.30
N ARG EA 137 98.97 0.28 -24.67
CA ARG EA 137 99.34 1.64 -24.31
C ARG EA 137 98.44 2.67 -24.99
N MET EA 138 98.10 2.44 -26.26
CA MET EA 138 97.22 3.36 -26.96
C MET EA 138 95.84 3.40 -26.32
N THR EA 139 95.34 2.24 -25.88
CA THR EA 139 94.02 2.20 -25.25
C THR EA 139 94.00 3.02 -23.96
N ASP EA 140 95.05 2.92 -23.16
CA ASP EA 140 95.12 3.72 -21.94
C ASP EA 140 95.12 5.20 -22.24
N HIS EA 141 95.91 5.63 -23.23
CA HIS EA 141 95.98 7.05 -23.57
C HIS EA 141 94.69 7.52 -24.19
N PHE EA 142 94.04 6.68 -24.99
CA PHE EA 142 92.79 7.06 -25.62
C PHE EA 142 91.72 7.36 -24.58
N PHE EA 143 91.63 6.55 -23.53
CA PHE EA 143 90.58 6.75 -22.54
C PHE EA 143 90.88 7.90 -21.61
N LYS EA 144 92.16 8.25 -21.41
CA LYS EA 144 92.46 9.45 -20.62
C LYS EA 144 91.94 10.70 -21.32
N ILE EA 145 92.05 10.75 -22.64
CA ILE EA 145 91.54 11.89 -23.40
C ILE EA 145 90.02 11.92 -23.33
N ILE EA 146 89.38 10.78 -23.55
CA ILE EA 146 87.92 10.73 -23.58
C ILE EA 146 87.32 10.99 -22.20
N ASP EA 147 87.97 10.52 -21.14
CA ASP EA 147 87.42 10.68 -19.80
C ASP EA 147 87.38 12.12 -19.33
N ARG EA 148 88.24 13.00 -19.87
CA ARG EA 148 88.24 14.40 -19.49
C ARG EA 148 87.46 15.28 -20.47
N SER EA 149 86.83 14.68 -21.47
CA SER EA 149 86.03 15.43 -22.42
C SER EA 149 84.55 15.39 -22.00
N ASN EA 150 83.70 15.98 -22.83
CA ASN EA 150 82.26 15.91 -22.63
C ASN EA 150 81.63 14.79 -23.44
N PHE EA 151 82.38 13.71 -23.67
CA PHE EA 151 81.89 12.60 -24.49
C PHE EA 151 80.63 12.00 -23.92
N TYR EA 152 80.63 11.69 -22.61
CA TYR EA 152 79.48 11.02 -22.02
C TYR EA 152 78.27 11.93 -21.93
N LEU EA 153 78.49 13.23 -21.77
CA LEU EA 153 77.37 14.17 -21.81
C LEU EA 153 76.74 14.22 -23.19
N ALA EA 154 77.56 14.19 -24.24
CA ALA EA 154 77.03 14.27 -25.59
C ALA EA 154 76.35 12.98 -26.01
N VAL EA 155 76.94 11.83 -25.65
CA VAL EA 155 76.34 10.55 -26.01
C VAL EA 155 75.01 10.37 -25.31
N GLY EA 156 74.93 10.76 -24.04
CA GLY EA 156 73.68 10.60 -23.30
C GLY EA 156 72.53 11.38 -23.93
N GLU EA 157 72.81 12.58 -24.42
CA GLU EA 157 71.77 13.37 -25.07
C GLU EA 157 71.38 12.77 -26.42
N SER EA 158 72.35 12.26 -27.17
CA SER EA 158 72.03 11.67 -28.47
C SER EA 158 71.24 10.37 -28.31
N LEU EA 159 71.47 9.62 -27.24
CA LEU EA 159 70.71 8.40 -27.02
C LEU EA 159 69.23 8.69 -26.79
N GLN EA 160 68.91 9.83 -26.15
CA GLN EA 160 67.52 10.19 -25.99
C GLN EA 160 66.88 10.55 -27.32
N ASP EA 161 67.67 11.05 -28.27
CA ASP EA 161 67.14 11.34 -29.60
C ASP EA 161 66.90 10.06 -30.38
N VAL EA 162 67.81 9.09 -30.28
CA VAL EA 162 67.69 7.87 -31.07
C VAL EA 162 66.52 7.01 -30.62
N LEU EA 163 66.09 7.15 -29.36
CA LEU EA 163 64.92 6.41 -28.91
C LEU EA 163 63.65 6.88 -29.61
N ILE EA 164 63.68 8.06 -30.23
CA ILE EA 164 62.51 8.54 -30.95
C ILE EA 164 62.71 8.34 -32.44
N SER EA 165 63.67 9.05 -33.03
CA SER EA 165 63.98 8.81 -34.43
C SER EA 165 65.45 8.54 -34.71
N THR EA 166 66.31 9.47 -34.35
CA THR EA 166 67.68 9.50 -34.88
C THR EA 166 68.54 10.35 -33.95
N GLY EA 167 69.74 9.86 -33.66
CA GLY EA 167 70.73 10.60 -32.90
C GLY EA 167 71.86 11.03 -33.82
N ILE EA 168 72.42 12.20 -33.56
CA ILE EA 168 73.54 12.73 -34.32
C ILE EA 168 74.58 13.27 -33.34
N ILE EA 169 75.82 12.86 -33.50
CA ILE EA 169 76.92 13.33 -32.66
C ILE EA 169 77.95 13.99 -33.56
N ALA EA 170 78.32 15.22 -33.23
CA ALA EA 170 79.36 15.94 -33.94
C ALA EA 170 80.65 15.89 -33.14
N ILE EA 171 81.72 15.46 -33.79
CA ILE EA 171 83.03 15.31 -33.17
C ILE EA 171 83.97 16.28 -33.89
N ASN EA 172 84.42 17.31 -33.19
CA ASN EA 172 85.14 18.40 -33.81
C ASN EA 172 86.51 18.57 -33.18
N GLU EA 173 87.40 19.20 -33.93
CA GLU EA 173 88.72 19.54 -33.41
C GLU EA 173 88.61 20.63 -32.37
N GLY EA 174 89.54 20.60 -31.42
CA GLY EA 174 89.64 21.66 -30.44
C GLY EA 174 91.01 22.27 -30.42
N ASN EA 175 91.62 22.36 -29.25
CA ASN EA 175 92.98 22.84 -29.09
C ASN EA 175 93.69 21.93 -28.09
N ARG EA 176 94.92 22.28 -27.74
CA ARG EA 176 95.70 21.42 -26.86
C ARG EA 176 95.09 21.28 -25.47
N LYS EA 177 94.23 22.21 -25.07
CA LYS EA 177 93.57 22.08 -23.78
C LYS EA 177 92.37 21.14 -23.85
N ARG EA 178 91.55 21.27 -24.89
CA ARG EA 178 90.42 20.37 -25.13
C ARG EA 178 90.54 19.85 -26.55
N PRO EA 179 91.31 18.79 -26.77
CA PRO EA 179 91.57 18.32 -28.14
C PRO EA 179 90.32 17.92 -28.91
N VAL EA 180 89.33 17.32 -28.24
CA VAL EA 180 88.16 16.78 -28.93
C VAL EA 180 86.91 17.39 -28.29
N ARG EA 181 86.01 17.89 -29.13
CA ARG EA 181 84.73 18.42 -28.69
C ARG EA 181 83.60 17.56 -29.22
N TYR EA 182 82.71 17.13 -28.35
CA TYR EA 182 81.55 16.36 -28.72
C TYR EA 182 80.28 17.18 -28.54
N GLU EA 183 79.28 16.91 -29.37
CA GLU EA 183 78.02 17.63 -29.28
C GLU EA 183 76.91 16.78 -29.85
N ALA EA 184 75.78 16.72 -29.15
CA ALA EA 184 74.59 16.06 -29.67
C ALA EA 184 73.84 17.06 -30.53
N VAL EA 185 73.90 16.90 -31.84
CA VAL EA 185 73.24 17.84 -32.74
C VAL EA 185 71.72 17.61 -32.68
N PRO EA 186 70.92 18.65 -32.47
CA PRO EA 186 69.47 18.47 -32.45
C PRO EA 186 68.98 17.97 -33.80
N PRO EA 187 68.07 16.98 -33.80
CA PRO EA 187 67.59 16.44 -35.08
C PRO EA 187 66.81 17.42 -35.93
N ALA EA 188 66.28 18.49 -35.35
CA ALA EA 188 65.52 19.46 -36.12
C ALA EA 188 66.41 20.46 -36.86
N GLN EA 189 67.72 20.45 -36.61
CA GLN EA 189 68.63 21.38 -37.24
C GLN EA 189 69.59 20.70 -38.22
N VAL EA 190 69.36 19.44 -38.56
CA VAL EA 190 70.16 18.73 -39.54
C VAL EA 190 69.24 18.15 -40.61
N MET EA 191 69.78 18.03 -41.81
CA MET EA 191 69.10 17.44 -42.95
C MET EA 191 70.03 16.44 -43.60
N PHE EA 192 69.45 15.41 -44.20
CA PHE EA 192 70.22 14.30 -44.72
C PHE EA 192 69.90 14.02 -46.18
N GLN EA 193 70.87 13.50 -46.88
CA GLN EA 193 70.67 12.76 -48.12
C GLN EA 193 71.17 11.35 -47.93
N GLY EA 194 70.44 10.37 -48.43
CA GLY EA 194 70.77 8.97 -48.24
C GLY EA 194 71.09 8.30 -49.56
N ASP EA 195 71.93 7.28 -49.49
CA ASP EA 195 72.25 6.48 -50.66
C ASP EA 195 71.18 5.39 -50.82
N ALA EA 196 71.43 4.44 -51.73
CA ALA EA 196 70.44 3.41 -52.00
C ALA EA 196 70.31 2.40 -50.87
N GLU EA 197 71.34 2.26 -50.04
CA GLU EA 197 71.32 1.30 -48.94
C GLU EA 197 70.82 1.90 -47.64
N GLY EA 198 70.41 3.16 -47.64
CA GLY EA 198 69.93 3.82 -46.43
C GLY EA 198 70.97 4.55 -45.64
N GLN EA 199 72.25 4.45 -46.00
CA GLN EA 199 73.30 5.18 -45.32
C GLN EA 199 73.28 6.65 -45.72
N VAL EA 200 73.80 7.50 -44.83
CA VAL EA 200 73.83 8.94 -45.06
C VAL EA 200 75.08 9.28 -45.87
N ASP EA 201 74.90 10.05 -46.95
CA ASP EA 201 76.03 10.50 -47.75
C ASP EA 201 76.05 12.01 -47.96
N ALA EA 202 75.20 12.76 -47.26
CA ALA EA 202 75.26 14.22 -47.30
C ALA EA 202 74.53 14.76 -46.08
N ILE EA 203 75.16 15.69 -45.37
CA ILE EA 203 74.61 16.27 -44.16
C ILE EA 203 74.63 17.78 -44.29
N PHE EA 204 73.52 18.42 -43.90
CA PHE EA 204 73.44 19.88 -43.87
C PHE EA 204 72.96 20.28 -42.48
N ARG EA 205 73.77 21.08 -41.79
CA ARG EA 205 73.45 21.54 -40.45
C ARG EA 205 73.28 23.05 -40.46
N ASP EA 206 72.20 23.53 -39.84
CA ASP EA 206 71.90 24.95 -39.80
C ASP EA 206 72.36 25.55 -38.48
N TRP EA 207 73.03 26.69 -38.56
CA TRP EA 207 73.39 27.48 -37.40
C TRP EA 207 72.62 28.79 -37.46
N TYR EA 208 71.91 29.12 -36.38
CA TYR EA 208 71.01 30.25 -36.37
C TYR EA 208 71.68 31.41 -35.63
N GLN EA 209 71.83 32.54 -36.32
CA GLN EA 209 72.28 33.80 -35.74
C GLN EA 209 73.56 33.64 -34.93
N VAL EA 210 74.62 33.30 -35.65
CA VAL EA 210 75.94 33.15 -35.07
C VAL EA 210 76.69 34.46 -35.19
N ARG EA 211 77.30 34.91 -34.10
CA ARG EA 211 78.12 36.12 -34.13
C ARG EA 211 79.39 35.88 -34.94
N ILE EA 212 79.87 36.95 -35.59
CA ILE EA 212 81.04 36.85 -36.44
C ILE EA 212 82.26 36.41 -35.64
N GLU EA 213 82.43 36.97 -34.44
CA GLU EA 213 83.55 36.57 -33.59
C GLU EA 213 83.47 35.10 -33.22
N ASN EA 214 82.26 34.55 -33.19
CA ASN EA 214 82.08 33.14 -32.88
C ASN EA 214 82.49 32.25 -34.03
N ILE EA 215 82.39 32.75 -35.27
CA ILE EA 215 82.69 31.93 -36.43
C ILE EA 215 84.16 31.51 -36.44
N LYS EA 216 85.05 32.43 -36.11
CA LYS EA 216 86.48 32.13 -36.12
C LYS EA 216 86.85 31.08 -35.06
N SER EA 217 86.14 31.06 -33.94
CA SER EA 217 86.49 30.10 -32.89
C SER EA 217 86.07 28.69 -33.26
N MET EA 218 84.91 28.54 -33.89
CA MET EA 218 84.46 27.22 -34.31
C MET EA 218 85.24 26.74 -35.54
N TRP EA 219 85.53 27.63 -36.47
CA TRP EA 219 86.25 27.31 -37.69
C TRP EA 219 87.44 28.25 -37.82
N PRO EA 220 88.60 27.88 -37.27
CA PRO EA 220 89.74 28.80 -37.24
C PRO EA 220 90.20 29.28 -38.61
N LYS EA 221 90.08 28.47 -39.65
CA LYS EA 221 90.56 28.82 -40.97
C LYS EA 221 89.50 29.46 -41.85
N ALA EA 222 88.33 29.79 -41.30
CA ALA EA 222 87.30 30.44 -42.07
C ALA EA 222 87.73 31.85 -42.46
N GLU EA 223 87.20 32.32 -43.59
CA GLU EA 223 87.51 33.66 -44.11
C GLU EA 223 86.36 34.58 -43.77
N VAL EA 224 86.42 35.18 -42.58
CA VAL EA 224 85.35 36.07 -42.14
C VAL EA 224 85.59 37.52 -42.53
N ALA EA 225 86.80 37.86 -42.99
CA ALA EA 225 87.08 39.25 -43.35
C ALA EA 225 86.25 39.70 -44.55
N LYS EA 226 86.02 38.81 -45.52
CA LYS EA 226 85.30 39.18 -46.73
C LYS EA 226 83.86 39.60 -46.44
N LEU EA 227 83.29 39.22 -45.30
CA LEU EA 227 81.93 39.60 -44.98
C LEU EA 227 81.81 41.08 -44.62
N ASN EA 228 82.89 41.69 -44.14
CA ASN EA 228 82.90 43.11 -43.77
C ASN EA 228 81.80 43.43 -42.76
N LYS EA 229 81.87 42.76 -41.62
CA LYS EA 229 80.89 42.94 -40.56
C LYS EA 229 81.59 43.09 -39.23
N LYS EA 230 80.93 43.79 -38.30
CA LYS EA 230 81.47 43.97 -36.97
C LYS EA 230 81.47 42.65 -36.21
N PRO EA 231 82.35 42.50 -35.22
CA PRO EA 231 82.41 41.21 -34.50
C PRO EA 231 81.34 41.09 -33.44
N GLU EA 232 80.14 41.57 -33.74
CA GLU EA 232 78.96 41.28 -32.95
C GLU EA 232 77.73 41.06 -33.81
N ASP EA 233 77.83 41.21 -35.12
CA ASP EA 233 76.71 40.97 -36.00
C ASP EA 233 76.38 39.48 -36.07
N LYS EA 234 75.12 39.17 -36.33
CA LYS EA 234 74.66 37.81 -36.43
C LYS EA 234 74.50 37.42 -37.90
N VAL EA 235 74.70 36.13 -38.17
CA VAL EA 235 74.53 35.61 -39.52
C VAL EA 235 74.17 34.13 -39.43
N ASP EA 236 73.32 33.68 -40.33
CA ASP EA 236 72.99 32.26 -40.42
C ASP EA 236 74.07 31.53 -41.19
N ILE EA 237 74.49 30.38 -40.67
CA ILE EA 237 75.60 29.62 -41.22
C ILE EA 237 75.09 28.24 -41.65
N TRP EA 238 75.43 27.83 -42.86
CA TRP EA 238 75.15 26.50 -43.36
C TRP EA 238 76.44 25.70 -43.36
N GLU EA 239 76.45 24.60 -42.62
CA GLU EA 239 77.59 23.70 -42.52
C GLU EA 239 77.25 22.45 -43.31
N CYS EA 240 77.85 22.31 -44.49
CA CYS EA 240 77.47 21.28 -45.44
C CYS EA 240 78.63 20.29 -45.64
N ALA EA 241 78.27 19.04 -45.91
CA ALA EA 241 79.25 18.03 -46.24
C ALA EA 241 78.58 16.94 -47.07
N TRP EA 242 79.36 16.31 -47.94
CA TRP EA 242 78.81 15.25 -48.77
C TRP EA 242 79.96 14.35 -49.22
N ILE EA 243 79.61 13.13 -49.59
CA ILE EA 243 80.58 12.17 -50.10
C ILE EA 243 80.80 12.43 -51.58
N ASP EA 244 82.05 12.62 -51.96
CA ASP EA 244 82.42 12.73 -53.37
C ASP EA 244 82.81 11.34 -53.86
N TYR EA 245 81.94 10.74 -54.68
CA TYR EA 245 82.14 9.36 -55.08
C TYR EA 245 83.31 9.19 -56.03
N GLU EA 246 83.55 10.16 -56.91
CA GLU EA 246 84.68 10.10 -57.84
C GLU EA 246 85.91 10.79 -57.27
N ALA EA 247 86.31 10.39 -56.08
CA ALA EA 247 87.47 10.97 -55.40
C ALA EA 247 88.21 9.88 -54.64
N PRO EA 248 89.50 10.06 -54.39
CA PRO EA 248 90.23 9.10 -53.57
C PRO EA 248 89.78 9.17 -52.12
N GLU EA 249 90.33 8.24 -51.32
CA GLU EA 249 89.90 8.10 -49.94
C GLU EA 249 90.19 9.35 -49.12
N LYS EA 250 91.38 9.93 -49.29
CA LYS EA 250 91.75 11.10 -48.52
C LYS EA 250 90.97 12.35 -48.91
N GLU EA 251 90.29 12.33 -50.05
CA GLU EA 251 89.48 13.46 -50.49
C GLU EA 251 88.00 13.10 -50.53
N ARG EA 252 87.61 12.03 -49.84
CA ARG EA 252 86.27 11.48 -50.03
C ARG EA 252 85.18 12.40 -49.51
N TYR EA 253 85.43 13.11 -48.41
CA TYR EA 253 84.41 13.91 -47.75
C TYR EA 253 84.65 15.39 -48.04
N GLN EA 254 83.74 15.99 -48.80
CA GLN EA 254 83.80 17.40 -49.13
C GLN EA 254 83.06 18.20 -48.06
N TYR EA 255 83.74 19.19 -47.50
CA TYR EA 255 83.23 19.95 -46.36
C TYR EA 255 83.23 21.42 -46.70
N VAL EA 256 82.10 22.09 -46.48
CA VAL EA 256 81.92 23.49 -46.85
C VAL EA 256 81.17 24.21 -45.72
N VAL EA 257 81.63 25.41 -45.40
CA VAL EA 257 80.94 26.31 -44.48
C VAL EA 257 80.63 27.59 -45.23
N MET EA 258 79.37 28.02 -45.18
CA MET EA 258 78.93 29.21 -45.90
C MET EA 258 77.82 29.88 -45.12
N THR EA 259 77.43 31.06 -45.59
CA THR EA 259 76.34 31.81 -44.99
C THR EA 259 75.05 31.59 -45.79
N SER EA 260 73.94 32.04 -45.23
CA SER EA 260 72.65 31.87 -45.88
C SER EA 260 72.52 32.67 -47.16
N SER EA 261 73.41 33.65 -47.39
CA SER EA 261 73.46 34.39 -48.64
C SER EA 261 74.52 33.83 -49.59
N LYS EA 262 74.90 32.56 -49.41
CA LYS EA 262 75.83 31.87 -50.29
C LYS EA 262 77.20 32.56 -50.35
N ASP EA 263 77.69 32.99 -49.20
CA ASP EA 263 79.06 33.47 -49.07
C ASP EA 263 79.90 32.34 -48.48
N VAL EA 264 80.76 31.75 -49.31
CA VAL EA 264 81.55 30.60 -48.88
C VAL EA 264 82.67 31.07 -47.97
N LEU EA 265 82.76 30.46 -46.80
CA LEU EA 265 83.76 30.82 -45.81
C LEU EA 265 84.88 29.81 -45.68
N LEU EA 266 84.65 28.56 -46.07
CA LEU EA 266 85.64 27.51 -45.88
C LEU EA 266 85.30 26.34 -46.79
N GLU EA 267 86.32 25.78 -47.43
CA GLU EA 267 86.18 24.59 -48.26
C GLU EA 267 87.31 23.63 -47.94
N GLN EA 268 86.98 22.36 -47.78
CA GLN EA 268 87.95 21.35 -47.38
C GLN EA 268 87.58 20.01 -48.00
N SER EA 269 88.55 19.11 -48.02
CA SER EA 269 88.33 17.73 -48.42
C SER EA 269 89.15 16.85 -47.49
N ASN EA 270 88.48 15.95 -46.77
CA ASN EA 270 89.14 15.12 -45.76
C ASN EA 270 88.73 13.68 -45.96
N SER EA 271 89.29 12.82 -45.11
CA SER EA 271 88.93 11.41 -45.11
C SER EA 271 87.74 11.10 -44.20
N SER EA 272 87.20 12.10 -43.52
CA SER EA 272 86.04 11.91 -42.65
C SER EA 272 85.34 13.24 -42.45
N TRP EA 273 84.10 13.17 -41.97
CA TRP EA 273 83.32 14.34 -41.62
C TRP EA 273 82.95 14.28 -40.14
N PRO EA 274 82.58 15.41 -39.54
CA PRO EA 274 82.42 15.44 -38.08
C PRO EA 274 81.34 14.54 -37.52
N TRP EA 275 80.34 14.15 -38.29
CA TRP EA 275 79.11 13.62 -37.72
C TRP EA 275 79.06 12.09 -37.75
N VAL EA 276 78.36 11.54 -36.77
CA VAL EA 276 77.97 10.13 -36.74
C VAL EA 276 76.46 10.08 -36.51
N VAL EA 277 75.76 9.32 -37.33
CA VAL EA 277 74.29 9.27 -37.31
C VAL EA 277 73.86 7.90 -36.81
N TYR EA 278 72.95 7.90 -35.83
CA TYR EA 278 72.47 6.69 -35.17
C TYR EA 278 71.03 6.40 -35.58
N ARG EA 279 70.74 5.13 -35.84
CA ARG EA 279 69.37 4.64 -35.95
C ARG EA 279 69.26 3.31 -35.22
N MET EA 280 68.19 3.13 -34.45
CA MET EA 280 67.93 1.83 -33.85
C MET EA 280 67.22 0.92 -34.84
N ARG EA 281 66.14 1.39 -35.42
CA ARG EA 281 65.43 0.68 -36.47
C ARG EA 281 65.07 1.68 -37.57
N ARG EA 282 64.80 1.16 -38.75
CA ARG EA 282 64.59 2.01 -39.92
C ARG EA 282 63.57 1.38 -40.84
N LEU EA 283 62.54 2.16 -41.20
CA LEU EA 283 61.63 1.75 -42.27
C LEU EA 283 62.31 1.97 -43.60
N THR EA 284 62.18 1.00 -44.50
CA THR EA 284 62.87 1.07 -45.77
C THR EA 284 62.43 2.28 -46.59
N GLY EA 285 63.38 2.91 -47.26
CA GLY EA 285 63.13 4.13 -47.99
C GLY EA 285 63.27 5.40 -47.18
N GLU EA 286 63.46 5.29 -45.87
CA GLU EA 286 63.64 6.45 -45.00
C GLU EA 286 65.06 6.46 -44.47
N ILE EA 287 65.59 7.66 -44.28
CA ILE EA 287 66.93 7.82 -43.72
C ILE EA 287 66.89 7.95 -42.20
N ARG EA 288 65.98 8.78 -41.69
CA ARG EA 288 65.76 8.85 -40.26
C ARG EA 288 65.12 7.57 -39.75
N GLY EA 289 65.50 7.17 -38.54
CA GLY EA 289 65.01 5.95 -37.96
C GLY EA 289 63.67 6.13 -37.27
N ARG EA 290 63.22 5.04 -36.64
CA ARG EA 290 62.02 5.04 -35.82
C ARG EA 290 62.30 4.19 -34.60
N GLY EA 291 62.31 4.83 -33.43
CA GLY EA 291 62.65 4.15 -32.20
C GLY EA 291 61.44 3.75 -31.39
N PRO EA 292 61.66 3.02 -30.30
CA PRO EA 292 60.53 2.53 -29.50
C PRO EA 292 59.66 3.63 -28.91
N SER EA 293 60.23 4.79 -28.58
CA SER EA 293 59.41 5.87 -28.04
C SER EA 293 58.44 6.42 -29.08
N LEU EA 294 58.79 6.30 -30.36
CA LEU EA 294 57.85 6.68 -31.40
C LEU EA 294 56.70 5.68 -31.49
N SER EA 295 56.97 4.41 -31.22
CA SER EA 295 55.91 3.41 -31.18
C SER EA 295 54.95 3.64 -30.01
N ALA EA 296 55.39 4.33 -28.96
CA ALA EA 296 54.59 4.47 -27.75
C ALA EA 296 53.70 5.69 -27.74
N TYR EA 297 53.93 6.66 -28.60
CA TYR EA 297 53.27 7.95 -28.41
C TYR EA 297 51.76 7.91 -28.66
N PRO EA 298 51.23 7.10 -29.60
CA PRO EA 298 49.77 7.00 -29.67
C PRO EA 298 49.13 6.50 -28.39
N THR EA 299 49.77 5.54 -27.71
CA THR EA 299 49.26 5.10 -26.42
C THR EA 299 49.34 6.22 -25.39
N ALA EA 300 50.43 6.98 -25.40
CA ALA EA 300 50.57 8.10 -24.48
C ALA EA 300 49.49 9.15 -24.74
N ALA EA 301 49.15 9.39 -26.00
CA ALA EA 301 48.13 10.37 -26.31
C ALA EA 301 46.78 9.97 -25.71
N THR EA 302 46.42 8.69 -25.79
CA THR EA 302 45.17 8.24 -25.20
C THR EA 302 45.18 8.39 -23.69
N ILE EA 303 46.29 8.05 -23.04
CA ILE EA 303 46.39 8.17 -21.59
C ILE EA 303 46.24 9.62 -21.16
N ASN EA 304 46.92 10.53 -21.84
CA ASN EA 304 46.86 11.94 -21.45
C ASN EA 304 45.46 12.51 -21.61
N GLN EA 305 44.76 12.10 -22.67
CA GLN EA 305 43.38 12.55 -22.82
C GLN EA 305 42.49 12.00 -21.70
N ALA EA 306 42.72 10.74 -21.30
CA ALA EA 306 41.94 10.17 -20.21
C ALA EA 306 42.17 10.91 -18.90
N LEU EA 307 43.42 11.24 -18.60
CA LEU EA 307 43.73 11.93 -17.36
C LEU EA 307 43.18 13.35 -17.37
N GLU EA 308 43.24 14.02 -18.52
CA GLU EA 308 42.67 15.36 -18.61
C GLU EA 308 41.18 15.34 -18.30
N ASP EA 309 40.46 14.33 -18.80
CA ASP EA 309 39.04 14.22 -18.50
C ASP EA 309 38.80 13.97 -17.02
N GLU EA 310 39.66 13.20 -16.37
CA GLU EA 310 39.51 12.97 -14.93
C GLU EA 310 39.71 14.26 -14.14
N LEU EA 311 40.68 15.07 -14.54
CA LEU EA 311 40.90 16.35 -13.87
C LEU EA 311 39.71 17.29 -14.05
N VAL EA 312 39.13 17.31 -15.25
CA VAL EA 312 37.94 18.10 -15.48
C VAL EA 312 36.78 17.56 -14.65
N ALA EA 313 36.61 16.24 -14.62
CA ALA EA 313 35.51 15.65 -13.88
C ALA EA 313 35.63 15.89 -12.37
N ALA EA 314 36.85 15.76 -11.84
CA ALA EA 314 37.04 15.83 -10.40
C ALA EA 314 36.66 17.19 -9.84
N ALA EA 315 36.71 18.24 -10.66
CA ALA EA 315 36.40 19.57 -10.17
C ALA EA 315 34.94 19.69 -9.73
N PHE EA 316 34.03 18.97 -10.39
CA PHE EA 316 32.63 19.04 -10.02
C PHE EA 316 32.05 17.69 -9.61
N GLN EA 317 32.85 16.65 -9.51
CA GLN EA 317 32.41 15.37 -8.96
C GLN EA 317 33.02 15.04 -7.62
N ALA EA 318 34.31 15.34 -7.44
CA ALA EA 318 34.92 15.14 -6.12
C ALA EA 318 34.52 16.22 -5.15
N ASN EA 319 34.43 17.47 -5.61
CA ASN EA 319 34.07 18.57 -4.74
C ASN EA 319 32.59 18.51 -4.37
N PRO EA 320 32.24 18.94 -3.16
CA PRO EA 320 30.83 19.03 -2.78
C PRO EA 320 30.14 20.19 -3.49
N MET EA 321 29.21 19.90 -4.37
CA MET EA 321 28.50 20.94 -5.09
C MET EA 321 27.01 20.65 -5.05
N TYR EA 322 26.21 21.68 -5.32
CA TYR EA 322 24.77 21.60 -5.16
C TYR EA 322 24.09 22.15 -6.41
N MET EA 323 22.89 21.64 -6.65
CA MET EA 323 22.01 22.13 -7.69
C MET EA 323 20.81 22.79 -7.04
N ALA EA 324 20.42 23.96 -7.54
CA ALA EA 324 19.23 24.64 -7.07
C ALA EA 324 18.71 25.51 -8.19
N ALA EA 325 17.52 26.08 -7.97
CA ALA EA 325 17.02 27.06 -8.92
C ALA EA 325 17.92 28.28 -9.00
N SER EA 326 18.56 28.67 -7.90
CA SER EA 326 19.41 29.84 -7.88
C SER EA 326 20.51 29.64 -6.85
N ASP EA 327 21.65 30.29 -7.09
CA ASP EA 327 22.73 30.28 -6.10
C ASP EA 327 22.43 31.14 -4.89
N SER EA 328 21.31 31.84 -4.86
CA SER EA 328 20.87 32.58 -3.69
C SER EA 328 20.19 31.68 -2.66
N ALA EA 329 20.31 30.36 -2.79
CA ALA EA 329 19.70 29.47 -1.81
C ALA EA 329 20.31 29.67 -0.43
N PHE EA 330 21.59 30.00 -0.34
CA PHE EA 330 22.15 30.52 0.89
C PHE EA 330 23.10 31.66 0.57
N ASN EA 331 23.45 32.43 1.59
CA ASN EA 331 24.28 33.61 1.45
C ASN EA 331 25.75 33.19 1.55
N GLN EA 332 26.48 33.30 0.44
CA GLN EA 332 27.88 32.88 0.43
C GLN EA 332 28.75 33.78 1.31
N GLN EA 333 28.36 35.05 1.48
CA GLN EA 333 29.19 35.98 2.23
C GLN EA 333 29.10 35.76 3.74
N THR EA 334 27.93 35.37 4.24
CA THR EA 334 27.76 35.13 5.67
C THR EA 334 27.82 33.64 6.02
N PHE EA 335 28.08 32.77 5.06
CA PHE EA 335 28.19 31.34 5.32
C PHE EA 335 29.28 31.07 6.35
N THR EA 336 28.94 30.31 7.39
CA THR EA 336 29.82 30.08 8.52
C THR EA 336 30.16 28.60 8.65
N PRO EA 337 31.31 28.16 8.16
CA PRO EA 337 31.70 26.73 8.26
C PRO EA 337 32.36 26.40 9.59
N ARG EA 338 31.54 26.25 10.63
CA ARG EA 338 31.99 25.97 11.97
C ARG EA 338 31.24 24.76 12.52
N PRO EA 339 31.87 23.97 13.39
CA PRO EA 339 31.14 22.85 14.00
C PRO EA 339 29.99 23.35 14.85
N GLY EA 340 28.82 22.76 14.63
CA GLY EA 340 27.60 23.19 15.30
C GLY EA 340 26.89 24.36 14.66
N SER EA 341 27.40 24.91 13.56
CA SER EA 341 26.81 26.09 12.97
C SER EA 341 25.54 25.74 12.20
N ILE EA 342 24.55 26.61 12.30
CA ILE EA 342 23.33 26.53 11.50
C ILE EA 342 23.45 27.51 10.35
N VAL EA 343 23.25 27.02 9.13
CA VAL EA 343 23.28 27.85 7.93
C VAL EA 343 21.84 28.09 7.49
N PRO EA 344 21.38 29.33 7.44
CA PRO EA 344 20.08 29.62 6.81
C PRO EA 344 20.11 29.23 5.35
N VAL EA 345 19.19 28.35 4.96
CA VAL EA 345 19.13 27.82 3.59
C VAL EA 345 17.68 27.81 3.14
N GLN EA 346 17.43 28.29 1.92
CA GLN EA 346 16.13 28.13 1.28
C GLN EA 346 16.05 26.71 0.74
N MET EA 347 15.47 25.81 1.53
CA MET EA 347 15.55 24.40 1.20
C MET EA 347 14.69 24.02 0.02
N VAL EA 348 13.66 24.81 -0.31
CA VAL EA 348 12.89 24.64 -1.53
C VAL EA 348 12.72 26.01 -2.18
N GLN EA 349 12.99 26.10 -3.47
CA GLN EA 349 12.79 27.33 -4.23
C GLN EA 349 11.88 27.01 -5.41
N GLY EA 350 10.62 27.45 -5.31
CA GLY EA 350 9.64 27.10 -6.32
C GLY EA 350 9.33 25.62 -6.36
N GLU EA 351 9.49 25.00 -7.53
CA GLU EA 351 9.25 23.58 -7.70
C GLU EA 351 10.44 22.70 -7.32
N TRP EA 352 11.62 23.27 -7.15
CA TRP EA 352 12.83 22.48 -7.07
C TRP EA 352 13.50 22.64 -5.72
N PRO EA 353 13.85 21.56 -5.04
CA PRO EA 353 14.66 21.65 -3.83
C PRO EA 353 16.14 21.66 -4.17
N ILE EA 354 16.92 22.18 -3.22
CA ILE EA 354 18.37 22.14 -3.35
C ILE EA 354 18.86 20.74 -2.98
N LYS EA 355 19.72 20.18 -3.81
CA LYS EA 355 20.17 18.80 -3.66
C LYS EA 355 21.64 18.74 -4.06
N PRO EA 356 22.34 17.68 -3.65
CA PRO EA 356 23.72 17.51 -4.12
C PRO EA 356 23.78 17.38 -5.62
N PHE EA 357 24.85 17.89 -6.21
CA PHE EA 357 25.07 17.75 -7.63
C PHE EA 357 25.13 16.27 -7.99
N GLU EA 358 24.43 15.89 -9.05
CA GLU EA 358 24.27 14.49 -9.38
C GLU EA 358 25.60 13.84 -9.70
N GLN EA 359 25.84 12.67 -9.13
CA GLN EA 359 27.01 11.88 -9.46
C GLN EA 359 26.76 11.10 -10.74
N SER EA 360 27.75 11.10 -11.62
CA SER EA 360 27.63 10.45 -12.91
C SER EA 360 28.97 9.86 -13.30
N GLY EA 361 28.93 8.91 -14.20
CA GLY EA 361 30.16 8.32 -14.70
C GLY EA 361 30.57 7.07 -13.97
N ASN EA 362 31.69 6.52 -14.42
CA ASN EA 362 32.19 5.22 -14.02
C ASN EA 362 33.69 5.29 -13.77
N ILE EA 363 34.09 6.11 -12.79
CA ILE EA 363 35.49 6.38 -12.46
C ILE EA 363 36.39 5.14 -12.59
N GLN EA 364 35.92 3.99 -12.13
CA GLN EA 364 36.73 2.78 -12.21
C GLN EA 364 37.05 2.39 -13.65
N PHE EA 365 36.09 2.56 -14.55
CA PHE EA 365 36.31 2.27 -15.97
C PHE EA 365 37.48 3.08 -16.51
N ASN EA 366 37.52 4.37 -16.20
CA ASN EA 366 38.62 5.20 -16.70
C ASN EA 366 39.95 4.76 -16.11
N ALA EA 367 40.00 4.49 -14.81
CA ALA EA 367 41.24 4.01 -14.21
C ALA EA 367 41.34 2.50 -14.27
N LEU EA 368 41.02 1.93 -15.43
CA LEU EA 368 41.28 0.54 -15.73
C LEU EA 368 41.92 0.52 -17.11
N LEU EA 369 41.51 1.47 -17.96
CA LEU EA 369 42.18 1.67 -19.23
C LEU EA 369 43.52 2.36 -19.04
N VAL EA 370 43.58 3.35 -18.14
CA VAL EA 370 44.82 4.07 -17.91
C VAL EA 370 45.90 3.11 -17.40
N ASN EA 371 45.54 2.27 -16.44
CA ASN EA 371 46.51 1.32 -15.90
C ASN EA 371 46.94 0.31 -16.96
N ASP EA 372 45.99 -0.18 -17.74
CA ASP EA 372 46.33 -1.15 -18.78
C ASP EA 372 47.28 -0.56 -19.82
N PHE EA 373 47.01 0.68 -20.24
CA PHE EA 373 47.86 1.29 -21.26
C PHE EA 373 49.22 1.70 -20.71
N ARG EA 374 49.28 2.05 -19.43
CA ARG EA 374 50.57 2.40 -18.83
C ARG EA 374 51.53 1.22 -18.86
N GLN EA 375 51.03 0.02 -18.58
CA GLN EA 375 51.89 -1.15 -18.55
C GLN EA 375 52.39 -1.51 -19.94
N GLN EA 376 51.59 -1.26 -20.98
CA GLN EA 376 52.07 -1.51 -22.34
C GLN EA 376 53.25 -0.61 -22.68
N ILE EA 377 53.19 0.66 -22.28
CA ILE EA 377 54.32 1.56 -22.48
C ILE EA 377 55.53 1.07 -21.70
N ASN EA 378 55.33 0.62 -20.46
CA ASN EA 378 56.44 0.16 -19.65
C ASN EA 378 57.10 -1.07 -20.24
N GLU EA 379 56.30 -2.01 -20.74
CA GLU EA 379 56.88 -3.21 -21.37
C GLU EA 379 57.56 -2.87 -22.69
N LEU EA 380 57.03 -1.90 -23.42
CA LEU EA 380 57.63 -1.50 -24.69
C LEU EA 380 59.01 -0.87 -24.49
N LEU EA 381 59.23 -0.23 -23.34
CA LEU EA 381 60.48 0.46 -23.07
C LEU EA 381 61.30 -0.21 -21.97
N TYR EA 382 61.03 -1.48 -21.66
CA TYR EA 382 61.80 -2.26 -20.70
C TYR EA 382 61.89 -1.58 -19.35
N ALA EA 383 60.78 -1.02 -18.88
CA ALA EA 383 60.74 -0.23 -17.67
C ALA EA 383 59.77 -0.84 -16.67
N PHE EA 384 60.11 -0.74 -15.38
CA PHE EA 384 59.27 -1.14 -14.26
C PHE EA 384 58.76 -2.56 -14.45
N PRO EA 385 59.63 -3.57 -14.32
CA PRO EA 385 59.21 -4.94 -14.64
C PRO EA 385 58.04 -5.44 -13.80
N LEU EA 386 57.88 -4.95 -12.58
CA LEU EA 386 56.75 -5.31 -11.74
C LEU EA 386 56.01 -4.04 -11.33
N GLY EA 387 55.18 -3.53 -12.25
CA GLY EA 387 54.23 -2.47 -11.98
C GLY EA 387 54.73 -1.22 -11.28
N ALA EA 388 53.78 -0.45 -10.76
CA ALA EA 388 54.06 0.77 -10.04
C ALA EA 388 54.17 0.46 -8.54
N VAL EA 389 54.15 1.51 -7.71
CA VAL EA 389 54.22 1.31 -6.27
C VAL EA 389 52.99 0.57 -5.75
N ASN EA 390 51.81 0.93 -6.25
CA ASN EA 390 50.57 0.28 -5.83
C ASN EA 390 50.31 -1.00 -6.63
N SER EA 391 51.28 -1.88 -6.67
CA SER EA 391 51.16 -3.10 -7.44
C SER EA 391 50.86 -4.28 -6.54
N PRO EA 392 50.18 -5.30 -7.06
CA PRO EA 392 49.91 -6.50 -6.26
C PRO EA 392 51.20 -7.20 -5.85
N THR EA 393 51.13 -7.87 -4.71
CA THR EA 393 52.29 -8.50 -4.11
C THR EA 393 52.69 -9.75 -4.89
N ARG EA 394 53.98 -9.91 -5.11
CA ARG EA 394 54.55 -11.08 -5.77
C ARG EA 394 55.73 -11.58 -4.95
N THR EA 395 55.81 -12.89 -4.76
CA THR EA 395 56.86 -13.47 -3.94
C THR EA 395 58.16 -13.52 -4.74
N ALA EA 396 59.17 -14.21 -4.19
CA ALA EA 396 60.47 -14.38 -4.84
C ALA EA 396 60.41 -15.20 -6.10
N THR EA 397 59.20 -15.59 -6.50
CA THR EA 397 58.96 -16.43 -7.67
C THR EA 397 58.45 -15.62 -8.86
N GLU EA 398 57.46 -14.77 -8.64
CA GLU EA 398 56.91 -13.93 -9.70
C GLU EA 398 57.58 -12.56 -9.76
N ALA EA 399 58.60 -12.33 -8.92
CA ALA EA 399 59.39 -11.11 -8.97
C ALA EA 399 60.78 -11.36 -9.54
N GLU EA 400 61.45 -12.43 -9.11
CA GLU EA 400 62.75 -12.77 -9.68
C GLU EA 400 62.64 -13.14 -11.15
N ILE EA 401 61.63 -13.92 -11.51
CA ILE EA 401 61.47 -14.34 -12.90
C ILE EA 401 61.08 -13.14 -13.77
N ARG EA 402 60.14 -12.32 -13.30
CA ARG EA 402 59.74 -11.15 -14.07
C ARG EA 402 60.87 -10.14 -14.21
N TYR EA 403 61.73 -10.04 -13.20
CA TYR EA 403 62.89 -9.16 -13.31
C TYR EA 403 63.84 -9.67 -14.39
N THR EA 404 64.15 -10.98 -14.37
CA THR EA 404 65.08 -11.54 -15.33
C THR EA 404 64.49 -11.57 -16.73
N GLU EA 405 63.17 -11.64 -16.84
CA GLU EA 405 62.52 -11.58 -18.15
C GLU EA 405 62.73 -10.21 -18.78
N ASN EA 406 62.53 -9.15 -18.01
CA ASN EA 406 62.77 -7.80 -18.50
C ASN EA 406 64.24 -7.57 -18.80
N LEU EA 407 65.13 -8.06 -17.94
CA LEU EA 407 66.56 -7.85 -18.14
C LEU EA 407 67.07 -8.60 -19.36
N GLU EA 408 66.61 -9.84 -19.58
CA GLU EA 408 67.08 -10.61 -20.72
C GLU EA 408 66.65 -9.98 -22.04
N SER EA 409 65.42 -9.47 -22.11
CA SER EA 409 64.95 -8.85 -23.34
C SER EA 409 65.70 -7.55 -23.63
N PHE EA 410 65.98 -6.75 -22.59
CA PHE EA 410 66.74 -5.54 -22.79
C PHE EA 410 68.16 -5.85 -23.28
N SER EA 411 68.80 -6.84 -22.68
CA SER EA 411 70.18 -7.19 -23.05
C SER EA 411 70.27 -7.84 -24.42
N ALA EA 412 69.14 -8.19 -25.03
CA ALA EA 412 69.12 -8.75 -26.38
C ALA EA 412 69.05 -7.68 -27.45
N MET EA 413 68.43 -6.55 -27.16
CA MET EA 413 68.27 -5.47 -28.13
C MET EA 413 69.56 -4.67 -28.30
N VAL EA 414 70.30 -4.47 -27.22
CA VAL EA 414 71.37 -3.47 -27.16
C VAL EA 414 72.63 -3.85 -27.95
N PRO EA 415 73.23 -5.02 -27.75
CA PRO EA 415 74.60 -5.22 -28.27
C PRO EA 415 74.74 -5.10 -29.77
N ARG EA 416 73.68 -5.34 -30.55
CA ARG EA 416 73.78 -5.22 -32.00
C ARG EA 416 74.02 -3.78 -32.44
N LEU EA 417 73.80 -2.80 -31.55
CA LEU EA 417 73.98 -1.39 -31.88
C LEU EA 417 75.37 -0.88 -31.51
N GLN EA 418 76.27 -1.74 -31.04
CA GLN EA 418 77.61 -1.29 -30.69
C GLN EA 418 78.39 -0.85 -31.92
N ASN EA 419 78.41 -1.69 -32.96
CA ASN EA 419 79.19 -1.36 -34.14
C ASN EA 419 78.59 -0.18 -34.90
N GLU EA 420 77.25 -0.11 -34.96
CA GLU EA 420 76.61 1.00 -35.65
C GLU EA 420 76.88 2.33 -34.97
N PHE EA 421 76.85 2.35 -33.64
CA PHE EA 421 76.93 3.61 -32.92
C PHE EA 421 78.37 4.07 -32.71
N PHE EA 422 79.23 3.19 -32.20
CA PHE EA 422 80.45 3.66 -31.57
C PHE EA 422 81.73 3.36 -32.32
N ILE EA 423 81.75 2.42 -33.26
CA ILE EA 423 82.92 2.26 -34.12
C ILE EA 423 83.19 3.51 -34.95
N PRO EA 424 82.20 4.11 -35.63
CA PRO EA 424 82.48 5.38 -36.32
C PRO EA 424 82.90 6.50 -35.37
N VAL EA 425 82.41 6.49 -34.13
CA VAL EA 425 82.77 7.53 -33.17
C VAL EA 425 84.25 7.39 -32.79
N ILE EA 426 84.71 6.17 -32.58
CA ILE EA 426 86.12 5.96 -32.24
C ILE EA 426 87.03 6.34 -33.40
N GLN EA 427 86.63 5.98 -34.62
CA GLN EA 427 87.45 6.31 -35.79
C GLN EA 427 87.58 7.82 -35.96
N ARG EA 428 86.47 8.55 -35.82
CA ARG EA 428 86.52 10.00 -35.96
C ARG EA 428 87.32 10.64 -34.83
N THR EA 429 87.25 10.07 -33.62
CA THR EA 429 88.01 10.60 -32.49
C THR EA 429 89.51 10.51 -32.74
N LEU EA 430 89.98 9.38 -33.26
CA LEU EA 430 91.40 9.24 -33.56
C LEU EA 430 91.84 10.20 -34.65
N TRP EA 431 90.97 10.44 -35.64
CA TRP EA 431 91.28 11.40 -36.68
C TRP EA 431 91.46 12.80 -36.11
N VAL EA 432 90.58 13.18 -35.17
CA VAL EA 432 90.70 14.49 -34.54
C VAL EA 432 91.98 14.59 -33.74
N ILE EA 433 92.32 13.54 -32.99
CA ILE EA 433 93.54 13.54 -32.19
C ILE EA 433 94.77 13.71 -33.06
N ASN EA 434 94.76 13.10 -34.25
CA ASN EA 434 95.88 13.29 -35.18
C ASN EA 434 95.98 14.74 -35.63
N LYS EA 435 94.85 15.39 -35.88
CA LYS EA 435 94.85 16.76 -36.36
C LYS EA 435 95.27 17.75 -35.28
N VAL EA 436 94.85 17.53 -34.03
CA VAL EA 436 95.11 18.47 -32.95
C VAL EA 436 96.46 18.20 -32.29
N LEU EA 437 96.88 16.94 -32.23
CA LEU EA 437 98.15 16.54 -31.64
C LEU EA 437 98.92 15.72 -32.66
N PRO EA 438 99.50 16.38 -33.68
CA PRO EA 438 100.19 15.63 -34.74
C PRO EA 438 101.38 14.82 -34.25
N GLU EA 439 101.93 15.16 -33.09
CA GLU EA 439 103.07 14.43 -32.54
C GLU EA 439 102.70 13.00 -32.16
N THR EA 440 101.43 12.71 -31.89
CA THR EA 440 101.04 11.38 -31.44
C THR EA 440 101.24 10.34 -32.54
N PHE EA 441 101.06 10.73 -33.80
CA PHE EA 441 101.24 9.83 -34.93
C PHE EA 441 102.46 10.24 -35.75
N ALA EA 442 103.48 10.75 -35.08
CA ALA EA 442 104.71 11.18 -35.74
C ALA EA 442 105.66 9.99 -35.92
N ASN EA 443 106.65 10.19 -36.78
CA ASN EA 443 107.65 9.17 -37.08
C ASN EA 443 106.99 7.90 -37.59
N ILE EA 444 105.96 8.06 -38.41
CA ILE EA 444 105.19 6.94 -38.97
C ILE EA 444 105.03 7.19 -40.46
N PRO EA 445 105.26 6.19 -41.31
CA PRO EA 445 105.01 6.38 -42.76
C PRO EA 445 103.55 6.76 -43.00
N ASP EA 446 103.33 7.65 -43.97
CA ASP EA 446 102.00 8.19 -44.20
C ASP EA 446 101.04 7.11 -44.67
N ASP EA 447 101.56 6.11 -45.38
CA ASP EA 447 100.69 5.03 -45.87
C ASP EA 447 100.08 4.25 -44.72
N ILE EA 448 100.89 3.87 -43.73
CA ILE EA 448 100.36 3.10 -42.62
C ILE EA 448 99.66 4.00 -41.62
N ARG EA 449 99.99 5.30 -41.61
CA ARG EA 449 99.34 6.22 -40.69
C ARG EA 449 97.85 6.34 -40.99
N ASN EA 450 97.49 6.43 -42.27
CA ASN EA 450 96.09 6.49 -42.64
C ASN EA 450 95.36 5.20 -42.30
N LYS EA 451 96.00 4.05 -42.52
CA LYS EA 451 95.40 2.78 -42.15
C LYS EA 451 95.24 2.67 -40.65
N MET EA 452 96.19 3.20 -39.89
CA MET EA 452 96.14 3.10 -38.44
C MET EA 452 95.02 3.96 -37.88
N ILE EA 453 94.90 5.20 -38.37
CA ILE EA 453 93.86 6.11 -37.88
C ILE EA 453 92.48 5.55 -38.20
N SER EA 454 92.30 5.04 -39.41
CA SER EA 454 91.04 4.41 -39.79
C SER EA 454 91.03 3.00 -39.22
N VAL EA 455 90.35 2.82 -38.09
CA VAL EA 455 90.42 1.55 -37.37
C VAL EA 455 89.54 0.54 -38.09
N ASP EA 456 90.13 -0.19 -39.04
CA ASP EA 456 89.39 -1.06 -39.92
C ASP EA 456 89.79 -2.52 -39.80
N GLY EA 457 90.77 -2.83 -38.96
CA GLY EA 457 91.24 -4.18 -38.79
C GLY EA 457 92.47 -4.55 -39.57
N GLN EA 458 92.97 -3.67 -40.44
CA GLN EA 458 94.20 -3.97 -41.16
C GLN EA 458 95.41 -3.83 -40.25
N ILE EA 459 95.64 -2.63 -39.72
CA ILE EA 459 96.72 -2.39 -38.77
C ILE EA 459 96.21 -2.28 -37.34
N LEU EA 460 95.01 -1.73 -37.13
CA LEU EA 460 94.46 -1.54 -35.80
C LEU EA 460 93.02 -2.04 -35.79
N GLY EA 461 92.66 -2.78 -34.75
CA GLY EA 461 91.33 -3.31 -34.60
C GLY EA 461 90.68 -2.85 -33.30
N LEU EA 462 89.42 -3.25 -33.13
CA LEU EA 462 88.64 -2.88 -31.96
C LEU EA 462 88.02 -4.13 -31.34
N SER EA 463 87.82 -4.07 -30.03
CA SER EA 463 87.18 -5.15 -29.29
C SER EA 463 86.42 -4.55 -28.13
N PHE EA 464 85.10 -4.65 -28.15
CA PHE EA 464 84.27 -4.05 -27.13
C PHE EA 464 84.14 -4.96 -25.91
N ASP EA 465 84.12 -4.36 -24.72
CA ASP EA 465 83.91 -5.07 -23.47
C ASP EA 465 82.84 -4.32 -22.68
N THR EA 466 81.63 -4.86 -22.64
CA THR EA 466 80.48 -4.24 -22.02
C THR EA 466 79.84 -5.24 -21.06
N PRO EA 467 79.00 -4.76 -20.13
CA PRO EA 467 78.30 -5.70 -19.23
C PRO EA 467 77.44 -6.73 -19.94
N LEU EA 468 77.21 -6.60 -21.24
CA LEU EA 468 76.37 -7.55 -21.97
C LEU EA 468 77.21 -8.64 -22.65
N MET EA 469 78.21 -8.23 -23.43
CA MET EA 469 79.17 -9.17 -24.02
C MET EA 469 80.32 -9.33 -23.04
N THR EA 470 80.33 -10.44 -22.30
CA THR EA 470 81.20 -10.53 -21.13
C THR EA 470 82.70 -10.48 -21.47
N ALA EA 471 83.26 -11.56 -22.03
CA ALA EA 471 84.68 -11.52 -22.38
C ALA EA 471 85.07 -12.22 -23.67
N LYS EA 472 84.38 -13.30 -24.06
CA LYS EA 472 84.74 -14.15 -25.21
C LYS EA 472 86.04 -14.91 -24.97
N GLY EA 473 86.75 -14.58 -23.89
CA GLY EA 473 88.01 -15.23 -23.58
C GLY EA 473 87.88 -16.10 -22.34
N GLN EA 474 86.85 -15.83 -21.54
CA GLN EA 474 86.56 -16.70 -20.41
C GLN EA 474 86.13 -18.09 -20.86
N VAL EA 475 85.51 -18.19 -22.04
CA VAL EA 475 85.10 -19.49 -22.55
C VAL EA 475 86.32 -20.33 -22.90
N LYS EA 476 87.31 -19.73 -23.57
CA LYS EA 476 88.52 -20.46 -23.91
C LYS EA 476 89.25 -20.93 -22.68
N THR EA 477 89.37 -20.06 -21.68
CA THR EA 477 90.04 -20.43 -20.44
C THR EA 477 89.29 -21.53 -19.71
N ALA EA 478 87.96 -21.43 -19.65
CA ALA EA 478 87.16 -22.41 -18.94
C ALA EA 478 87.26 -23.78 -19.60
N ALA EA 479 87.30 -23.82 -20.93
CA ALA EA 479 87.51 -25.08 -21.63
C ALA EA 479 88.88 -25.66 -21.34
N LEU EA 480 89.89 -24.80 -21.26
CA LEU EA 480 91.25 -25.26 -20.96
C LEU EA 480 91.33 -25.83 -19.55
N LEU EA 481 90.68 -25.17 -18.58
CA LEU EA 481 90.67 -25.69 -17.22
C LEU EA 481 89.86 -26.97 -17.11
N GLY EA 482 88.78 -27.09 -17.88
CA GLY EA 482 88.00 -28.31 -17.87
C GLY EA 482 88.76 -29.49 -18.44
N PHE EA 483 89.55 -29.24 -19.48
CA PHE EA 483 90.39 -30.31 -20.03
C PHE EA 483 91.40 -30.79 -19.02
N TYR EA 484 92.04 -29.88 -18.30
CA TYR EA 484 93.07 -30.27 -17.35
C TYR EA 484 92.50 -31.07 -16.19
N GLN EA 485 91.32 -30.69 -15.70
CA GLN EA 485 90.72 -31.43 -14.60
C GLN EA 485 90.43 -32.86 -15.00
N ALA EA 486 89.90 -33.07 -16.21
CA ALA EA 486 89.68 -34.42 -16.70
C ALA EA 486 90.99 -35.15 -16.91
N ALA EA 487 91.99 -34.47 -17.48
CA ALA EA 487 93.28 -35.11 -17.73
C ALA EA 487 93.97 -35.50 -16.42
N ALA EA 488 93.90 -34.64 -15.42
CA ALA EA 488 94.51 -34.95 -14.13
C ALA EA 488 93.73 -36.01 -13.37
N SER EA 489 92.44 -36.15 -13.64
CA SER EA 489 91.67 -37.20 -12.99
C SER EA 489 92.05 -38.58 -13.53
N LEU EA 490 92.41 -38.66 -14.80
CA LEU EA 490 92.71 -39.95 -15.44
C LEU EA 490 94.19 -40.32 -15.30
N LEU EA 491 95.09 -39.36 -15.49
CA LEU EA 491 96.52 -39.64 -15.50
C LEU EA 491 97.25 -39.02 -14.31
N GLY EA 492 96.58 -38.24 -13.48
CA GLY EA 492 97.21 -37.60 -12.35
C GLY EA 492 97.94 -36.35 -12.76
N PRO EA 493 98.28 -35.52 -11.79
CA PRO EA 493 99.22 -34.42 -12.05
C PRO EA 493 100.59 -34.97 -12.39
N GLU EA 494 101.46 -34.08 -12.88
CA GLU EA 494 102.80 -34.38 -13.36
C GLU EA 494 102.73 -35.09 -14.70
N ALA EA 495 101.55 -35.56 -15.08
CA ALA EA 495 101.31 -36.12 -16.40
C ALA EA 495 100.42 -35.24 -17.24
N ALA EA 496 99.34 -34.71 -16.66
CA ALA EA 496 98.54 -33.70 -17.34
C ALA EA 496 99.35 -32.43 -17.56
N THR EA 497 100.13 -32.03 -16.56
CA THR EA 497 100.99 -30.86 -16.71
C THR EA 497 102.11 -31.12 -17.71
N ALA EA 498 102.67 -32.33 -17.71
CA ALA EA 498 103.73 -32.64 -18.66
C ALA EA 498 103.21 -32.67 -20.10
N SER EA 499 101.94 -33.03 -20.29
CA SER EA 499 101.35 -33.08 -21.63
C SER EA 499 100.79 -31.72 -22.03
N LEU EA 500 101.59 -30.68 -21.84
CA LEU EA 500 101.15 -29.31 -22.09
C LEU EA 500 102.32 -28.54 -22.67
N ASP EA 501 102.00 -27.57 -23.51
CA ASP EA 501 103.01 -26.65 -24.03
C ASP EA 501 103.00 -25.42 -23.14
N PRO EA 502 103.87 -25.36 -22.13
CA PRO EA 502 103.74 -24.28 -21.13
C PRO EA 502 103.88 -22.88 -21.69
N VAL EA 503 104.75 -22.69 -22.68
CA VAL EA 503 104.91 -21.37 -23.27
C VAL EA 503 103.64 -20.95 -23.99
N GLU EA 504 103.06 -21.86 -24.78
CA GLU EA 504 101.81 -21.56 -25.47
C GLU EA 504 100.68 -21.32 -24.48
N VAL EA 505 100.61 -22.14 -23.42
CA VAL EA 505 99.54 -22.01 -22.44
C VAL EA 505 99.62 -20.67 -21.72
N LEU EA 506 100.83 -20.28 -21.30
CA LEU EA 506 101.01 -19.01 -20.61
C LEU EA 506 100.59 -17.85 -21.51
N THR EA 507 101.02 -17.86 -22.76
CA THR EA 507 100.72 -16.76 -23.67
C THR EA 507 99.23 -16.69 -23.98
N ASN EA 508 98.59 -17.84 -24.16
CA ASN EA 508 97.16 -17.84 -24.48
C ASN EA 508 96.30 -17.50 -23.28
N LEU EA 509 96.71 -17.90 -22.07
CA LEU EA 509 95.96 -17.52 -20.88
C LEU EA 509 96.00 -16.00 -20.69
N ALA EA 510 97.14 -15.38 -20.95
CA ALA EA 510 97.24 -13.93 -20.82
C ALA EA 510 96.35 -13.21 -21.80
N ASP EA 511 96.29 -13.69 -23.04
CA ASP EA 511 95.44 -13.06 -24.05
C ASP EA 511 93.97 -13.31 -23.77
N ASN EA 512 93.63 -14.50 -23.28
CA ASN EA 512 92.24 -14.81 -22.97
C ASN EA 512 91.71 -13.93 -21.85
N GLN EA 513 92.54 -13.65 -20.85
CA GLN EA 513 92.13 -12.81 -19.73
C GLN EA 513 92.23 -11.33 -20.02
N GLY EA 514 92.75 -10.94 -21.18
CA GLY EA 514 92.91 -9.53 -21.49
C GLY EA 514 93.91 -8.86 -20.58
N ILE EA 515 94.98 -9.53 -20.26
CA ILE EA 515 95.98 -9.05 -19.32
C ILE EA 515 96.98 -8.18 -20.04
N ASP EA 516 97.61 -7.27 -19.30
CA ASP EA 516 98.66 -6.44 -19.87
C ASP EA 516 99.89 -7.28 -20.18
N VAL EA 517 100.44 -7.10 -21.38
CA VAL EA 517 101.56 -7.92 -21.82
C VAL EA 517 102.79 -7.68 -20.97
N ARG EA 518 102.99 -6.43 -20.53
CA ARG EA 518 104.18 -6.07 -19.75
C ARG EA 518 104.25 -6.83 -18.43
N ASN EA 519 103.14 -7.36 -17.94
CA ASN EA 519 103.13 -8.08 -16.67
C ASN EA 519 103.71 -9.48 -16.76
N ILE EA 520 103.95 -9.99 -17.97
CA ILE EA 520 104.42 -11.35 -18.17
C ILE EA 520 105.67 -11.31 -19.03
N LYS EA 521 106.56 -12.27 -18.81
CA LYS EA 521 107.79 -12.34 -19.58
C LYS EA 521 107.50 -12.66 -21.04
N THR EA 522 108.42 -12.24 -21.91
CA THR EA 522 108.27 -12.50 -23.33
C THR EA 522 108.43 -13.99 -23.63
N ARG EA 523 108.13 -14.38 -24.87
CA ARG EA 523 108.24 -15.78 -25.25
C ARG EA 523 109.68 -16.27 -25.12
N GLU EA 524 110.65 -15.46 -25.55
CA GLU EA 524 112.05 -15.88 -25.49
C GLU EA 524 112.50 -16.07 -24.04
N GLU EA 525 112.06 -15.17 -23.15
CA GLU EA 525 112.40 -15.33 -21.73
C GLU EA 525 111.74 -16.57 -21.14
N LEU EA 526 110.52 -16.88 -21.57
CA LEU EA 526 109.83 -18.06 -21.07
C LEU EA 526 110.49 -19.33 -21.58
N GLU EA 527 110.94 -19.33 -22.83
CA GLU EA 527 111.65 -20.50 -23.37
C GLU EA 527 112.96 -20.73 -22.63
N GLN EA 528 113.70 -19.67 -22.35
CA GLN EA 528 114.94 -19.79 -21.59
C GLN EA 528 114.67 -20.33 -20.20
N LEU EA 529 113.59 -19.86 -19.57
CA LEU EA 529 113.19 -20.39 -18.27
C LEU EA 529 112.82 -21.86 -18.36
N LEU EA 530 112.10 -22.24 -19.41
CA LEU EA 530 111.69 -23.64 -19.57
C LEU EA 530 112.89 -24.54 -19.79
N GLN EA 531 113.87 -24.10 -20.57
CA GLN EA 531 115.06 -24.90 -20.80
C GLN EA 531 115.86 -25.07 -19.50
N ALA EA 532 115.96 -24.00 -18.71
CA ALA EA 532 116.66 -24.10 -17.44
C ALA EA 532 115.98 -25.09 -16.51
N ALA EA 533 114.64 -25.08 -16.47
CA ALA EA 533 113.92 -26.04 -15.65
C ALA EA 533 114.15 -27.47 -16.12
N GLY EA 534 114.39 -27.66 -17.42
CA GLY EA 534 114.73 -28.98 -17.91
C GLY EA 534 116.07 -29.47 -17.41
N GLN EA 535 117.05 -28.57 -17.35
CA GLN EA 535 118.38 -28.93 -16.85
C GLN EA 535 118.36 -29.16 -15.35
N ILE EA 536 117.55 -28.41 -14.61
CA ILE EA 536 117.44 -28.63 -13.17
C ILE EA 536 116.91 -30.03 -12.88
N ALA EA 537 115.87 -30.44 -13.60
CA ALA EA 537 115.33 -31.78 -13.41
C ALA EA 537 116.33 -32.85 -13.85
N GLN EA 538 117.12 -32.57 -14.89
CA GLN EA 538 118.11 -33.54 -15.34
C GLN EA 538 119.19 -33.76 -14.30
N GLN EA 539 119.64 -32.69 -13.65
CA GLN EA 539 120.65 -32.83 -12.59
C GLN EA 539 120.05 -33.43 -11.34
N GLU EA 540 118.82 -33.04 -10.98
CA GLU EA 540 118.17 -33.58 -9.80
C GLU EA 540 117.95 -35.08 -9.94
N ALA EA 541 117.53 -35.53 -11.13
CA ALA EA 541 117.33 -36.95 -11.35
C ALA EA 541 118.65 -37.70 -11.36
N ALA EA 542 119.72 -37.07 -11.87
CA ALA EA 542 121.02 -37.72 -11.93
C ALA EA 542 121.56 -38.03 -10.54
N GLN EA 543 121.18 -37.24 -9.53
CA GLN EA 543 121.62 -37.47 -8.17
C GLN EA 543 120.86 -38.60 -7.49
N GLN EA 544 119.80 -39.12 -8.11
CA GLN EA 544 119.06 -40.26 -7.59
C GLN EA 544 119.31 -41.51 -8.43
N GLY EA 545 120.31 -41.49 -9.29
CA GLY EA 545 120.61 -42.65 -10.12
C GLY EA 545 119.75 -42.81 -11.33
N VAL EA 546 118.90 -41.83 -11.65
CA VAL EA 546 118.01 -41.89 -12.80
C VAL EA 546 118.57 -40.98 -13.89
N ILE EA 547 118.62 -41.48 -15.11
CA ILE EA 547 119.15 -40.74 -16.25
C ILE EA 547 117.98 -40.43 -17.18
N ILE EA 548 117.77 -39.15 -17.46
CA ILE EA 548 116.70 -38.72 -18.34
C ILE EA 548 117.25 -38.39 -19.71
N VAL FA 30 67.06 -12.25 -72.50
CA VAL FA 30 66.37 -11.13 -71.89
C VAL FA 30 64.86 -11.34 -71.95
N ASN FA 31 64.39 -11.87 -73.08
CA ASN FA 31 62.97 -12.18 -73.21
C ASN FA 31 62.56 -13.25 -72.21
N ARG FA 32 63.43 -14.23 -71.97
CA ARG FA 32 63.17 -15.22 -70.94
C ARG FA 32 63.21 -14.59 -69.55
N LEU FA 33 64.13 -13.65 -69.34
CA LEU FA 33 64.21 -12.98 -68.05
C LEU FA 33 62.93 -12.23 -67.71
N CYS FA 34 62.34 -11.56 -68.71
CA CYS FA 34 61.12 -10.80 -68.47
C CYS FA 34 59.97 -11.72 -68.09
N ARG FA 35 59.87 -12.89 -68.72
CA ARG FA 35 58.81 -13.83 -68.34
C ARG FA 35 59.01 -14.33 -66.92
N MET FA 36 60.25 -14.67 -66.54
CA MET FA 36 60.50 -15.12 -65.18
C MET FA 36 60.20 -14.04 -64.16
N ARG FA 37 60.58 -12.80 -64.46
CA ARG FA 37 60.35 -11.71 -63.52
C ARG FA 37 58.87 -11.41 -63.38
N ASN FA 38 58.12 -11.44 -64.48
CA ASN FA 38 56.69 -11.19 -64.41
C ASN FA 38 55.96 -12.29 -63.64
N ASP FA 39 56.39 -13.53 -63.80
CA ASP FA 39 55.82 -14.61 -63.00
C ASP FA 39 56.11 -14.42 -61.52
N ALA FA 40 57.36 -14.07 -61.19
CA ALA FA 40 57.71 -13.84 -59.78
C ALA FA 40 56.96 -12.64 -59.22
N LYS FA 41 56.68 -11.64 -60.05
CA LYS FA 41 55.94 -10.47 -59.59
C LYS FA 41 54.49 -10.82 -59.28
N SER FA 42 53.91 -11.74 -60.05
CA SER FA 42 52.53 -12.13 -59.79
C SER FA 42 52.39 -12.81 -58.44
N ASP FA 43 53.37 -13.64 -58.06
CA ASP FA 43 53.33 -14.27 -56.74
C ASP FA 43 53.39 -13.23 -55.63
N LEU FA 44 54.24 -12.21 -55.79
CA LEU FA 44 54.33 -11.16 -54.79
C LEU FA 44 53.00 -10.41 -54.67
N ASP FA 45 52.33 -10.17 -55.80
CA ASP FA 45 51.04 -9.48 -55.75
C ASP FA 45 50.00 -10.30 -55.01
N MET FA 46 50.05 -11.64 -55.12
CA MET FA 46 49.11 -12.47 -54.38
C MET FA 46 49.38 -12.42 -52.88
N TRP FA 47 50.63 -12.21 -52.48
CA TRP FA 47 51.00 -12.20 -51.07
C TRP FA 47 50.79 -10.84 -50.41
N ARG FA 48 50.59 -9.77 -51.19
CA ARG FA 48 50.64 -8.43 -50.62
C ARG FA 48 49.54 -8.22 -49.57
N SER FA 49 48.34 -8.73 -49.83
CA SER FA 49 47.22 -8.46 -48.93
C SER FA 49 47.47 -9.05 -47.55
N ILE FA 50 47.83 -10.33 -47.49
CA ILE FA 50 48.00 -10.98 -46.18
C ILE FA 50 49.24 -10.46 -45.48
N LEU FA 51 50.31 -10.19 -46.22
CA LEU FA 51 51.56 -9.78 -45.58
C LEU FA 51 51.48 -8.36 -45.04
N GLN FA 52 50.84 -7.46 -45.78
CA GLN FA 52 50.67 -6.11 -45.27
C GLN FA 52 49.83 -6.10 -44.01
N THR FA 53 48.79 -6.93 -43.96
CA THR FA 53 47.98 -7.05 -42.75
C THR FA 53 48.79 -7.64 -41.60
N ALA FA 54 49.56 -8.70 -41.88
CA ALA FA 54 50.33 -9.35 -40.82
C ALA FA 54 51.39 -8.42 -40.27
N TYR FA 55 52.09 -7.70 -41.14
CA TYR FA 55 53.09 -6.73 -40.68
C TYR FA 55 52.45 -5.59 -39.92
N HIS FA 56 51.22 -5.20 -40.28
CA HIS FA 56 50.57 -4.10 -39.60
C HIS FA 56 50.33 -4.41 -38.13
N TYR FA 57 49.89 -5.63 -37.82
CA TYR FA 57 49.62 -5.99 -36.44
C TYR FA 57 50.86 -6.40 -35.67
N ALA FA 58 51.96 -6.71 -36.35
CA ALA FA 58 53.16 -7.19 -35.69
C ALA FA 58 54.25 -6.12 -35.60
N MET FA 59 54.55 -5.44 -36.71
CA MET FA 59 55.54 -4.36 -36.75
C MET FA 59 54.95 -3.19 -37.50
N PRO FA 60 54.00 -2.46 -36.90
CA PRO FA 60 53.29 -1.41 -37.65
C PRO FA 60 54.20 -0.33 -38.21
N ASP FA 61 55.27 0.03 -37.51
CA ASP FA 61 56.13 1.11 -37.96
C ASP FA 61 57.21 0.68 -38.95
N TYR FA 62 57.39 -0.61 -39.17
CA TYR FA 62 58.41 -1.12 -40.07
C TYR FA 62 57.80 -2.07 -41.08
N ASN FA 63 56.68 -1.66 -41.65
CA ASN FA 63 55.93 -2.46 -42.62
C ASN FA 63 56.41 -2.16 -44.03
N PRO FA 64 57.21 -3.03 -44.64
CA PRO FA 64 57.73 -2.74 -45.97
C PRO FA 64 56.68 -2.78 -47.07
N PHE FA 65 55.52 -3.36 -46.82
CA PHE FA 65 54.46 -3.47 -47.82
C PHE FA 65 53.56 -2.25 -47.87
N GLU FA 66 53.77 -1.27 -46.99
CA GLU FA 66 52.92 -0.09 -46.98
C GLU FA 66 53.14 0.72 -48.25
N ASN FA 67 52.07 1.42 -48.67
CA ASN FA 67 52.09 2.23 -49.88
C ASN FA 67 52.49 1.39 -51.10
N TYR FA 68 51.94 0.19 -51.19
CA TYR FA 68 52.18 -0.72 -52.30
C TYR FA 68 53.67 -1.00 -52.49
N GLY FA 69 54.35 -1.26 -51.37
CA GLY FA 69 55.73 -1.65 -51.40
C GLY FA 69 56.73 -0.51 -51.43
N LEU FA 70 56.28 0.72 -51.70
CA LEU FA 70 57.21 1.84 -51.74
C LEU FA 70 57.63 2.28 -50.35
N ALA FA 71 56.77 2.08 -49.35
CA ALA FA 71 57.06 2.37 -47.94
C ALA FA 71 57.44 3.85 -47.84
N GLY FA 72 58.63 4.20 -47.37
CA GLY FA 72 59.02 5.58 -47.21
C GLY FA 72 59.74 6.21 -48.38
N PHE FA 73 59.84 5.52 -49.52
CA PHE FA 73 60.53 6.09 -50.67
C PHE FA 73 59.80 7.29 -51.23
N LEU FA 74 58.46 7.30 -51.17
CA LEU FA 74 57.69 8.43 -51.69
C LEU FA 74 57.45 9.49 -50.62
N THR FA 75 56.84 9.11 -49.51
CA THR FA 75 56.51 10.04 -48.43
C THR FA 75 57.11 9.57 -47.12
N PRO FA 76 58.23 10.13 -46.70
CA PRO FA 76 58.78 9.79 -45.39
C PRO FA 76 57.99 10.44 -44.26
N GLY FA 77 58.23 9.95 -43.05
CA GLY FA 77 57.62 10.53 -41.87
C GLY FA 77 56.13 10.32 -41.75
N GLN FA 78 55.60 9.27 -42.37
CA GLN FA 78 54.18 9.00 -42.34
C GLN FA 78 53.81 8.25 -41.07
N GLN FA 79 52.60 8.51 -40.57
CA GLN FA 79 52.11 7.82 -39.39
C GLN FA 79 51.50 6.48 -39.79
N TYR FA 80 51.84 5.42 -39.04
CA TYR FA 80 51.39 4.08 -39.40
C TYR FA 80 50.69 3.36 -38.27
N ASN FA 81 51.07 3.66 -37.03
CA ASN FA 81 50.67 2.85 -35.88
C ASN FA 81 49.60 3.51 -35.02
N ALA FA 82 48.87 4.48 -35.56
CA ALA FA 82 47.87 5.17 -34.77
C ALA FA 82 46.69 4.28 -34.43
N ASP FA 83 46.36 3.31 -35.29
CA ASP FA 83 45.21 2.44 -35.10
C ASP FA 83 45.59 1.09 -34.49
N ILE FA 84 46.78 0.99 -33.88
CA ILE FA 84 47.20 -0.21 -33.17
C ILE FA 84 47.03 0.08 -31.68
N TYR FA 85 45.91 -0.36 -31.11
CA TYR FA 85 45.62 -0.06 -29.72
C TYR FA 85 46.26 -1.06 -28.76
N ASP FA 86 46.43 -2.30 -29.19
CA ASP FA 86 47.00 -3.34 -28.36
C ASP FA 86 48.40 -3.67 -28.85
N LEU FA 87 49.37 -3.58 -27.96
CA LEU FA 87 50.77 -3.80 -28.29
C LEU FA 87 51.25 -5.20 -27.92
N THR FA 88 50.33 -6.11 -27.58
CA THR FA 88 50.73 -7.44 -27.16
C THR FA 88 51.53 -8.16 -28.25
N LEU FA 89 50.97 -8.22 -29.47
CA LEU FA 89 51.69 -8.90 -30.54
C LEU FA 89 52.99 -8.17 -30.91
N PRO FA 90 53.01 -6.85 -31.09
CA PRO FA 90 54.31 -6.21 -31.39
C PRO FA 90 55.36 -6.44 -30.33
N ILE FA 91 55.00 -6.46 -29.05
CA ILE FA 91 55.98 -6.69 -28.00
C ILE FA 91 56.49 -8.12 -28.04
N ALA FA 92 55.58 -9.09 -28.11
CA ALA FA 92 55.98 -10.49 -28.13
C ALA FA 92 56.78 -10.82 -29.38
N HIS FA 93 56.39 -10.25 -30.51
CA HIS FA 93 57.10 -10.47 -31.76
C HIS FA 93 58.54 -9.97 -31.67
N LYS FA 94 58.73 -8.76 -31.15
CA LYS FA 94 60.07 -8.20 -31.06
C LYS FA 94 60.93 -8.99 -30.08
N ARG FA 95 60.35 -9.38 -28.94
CA ARG FA 95 61.13 -10.10 -27.94
C ARG FA 95 61.50 -11.50 -28.40
N LEU FA 96 60.64 -12.15 -29.19
CA LEU FA 96 60.98 -13.48 -29.71
C LEU FA 96 62.10 -13.39 -30.74
N ALA FA 97 62.06 -12.40 -31.62
CA ALA FA 97 63.13 -12.24 -32.60
C ALA FA 97 64.45 -11.92 -31.90
N ASP FA 98 64.41 -11.06 -30.89
CA ASP FA 98 65.63 -10.78 -30.12
C ASP FA 98 66.12 -12.03 -29.43
N LYS FA 99 65.21 -12.81 -28.86
CA LYS FA 99 65.60 -14.03 -28.16
C LYS FA 99 66.23 -15.05 -29.11
N MET FA 100 65.69 -15.17 -30.32
CA MET FA 100 66.27 -16.08 -31.30
C MET FA 100 67.67 -15.62 -31.70
N LEU FA 101 67.88 -14.32 -31.80
CA LEU FA 101 69.19 -13.80 -32.19
C LEU FA 101 70.26 -14.16 -31.17
N MET FA 102 69.96 -14.00 -29.88
CA MET FA 102 70.94 -14.27 -28.84
C MET FA 102 71.18 -15.75 -28.60
N ASN FA 103 70.29 -16.62 -29.10
CA ASN FA 103 70.44 -18.05 -28.90
C ASN FA 103 71.00 -18.77 -30.13
N MET FA 104 70.95 -18.16 -31.30
CA MET FA 104 71.49 -18.75 -32.52
C MET FA 104 72.87 -18.21 -32.86
N VAL FA 105 73.06 -16.90 -32.79
CA VAL FA 105 74.36 -16.28 -33.06
C VAL FA 105 74.69 -15.33 -31.93
N PRO FA 106 75.01 -15.83 -30.74
CA PRO FA 106 75.31 -14.93 -29.61
C PRO FA 106 76.52 -14.07 -29.90
N GLN FA 107 76.30 -12.76 -29.94
CA GLN FA 107 77.33 -11.81 -30.33
C GLN FA 107 78.48 -11.82 -29.33
N GLY FA 108 79.70 -11.68 -29.83
CA GLY FA 108 80.85 -11.75 -28.97
C GLY FA 108 81.18 -13.13 -28.49
N GLN FA 109 80.70 -14.16 -29.16
CA GLN FA 109 81.02 -15.54 -28.85
C GLN FA 109 81.32 -16.28 -30.14
N GLN FA 110 81.94 -17.46 -30.00
CA GLN FA 110 82.33 -18.26 -31.15
C GLN FA 110 81.28 -19.34 -31.35
N TRP FA 111 80.20 -18.97 -32.02
CA TRP FA 111 79.05 -19.86 -32.17
C TRP FA 111 79.19 -20.82 -33.35
N VAL FA 112 80.29 -20.78 -34.08
CA VAL FA 112 80.56 -21.76 -35.13
C VAL FA 112 82.07 -21.97 -35.20
N LYS FA 113 82.46 -23.18 -35.54
CA LYS FA 113 83.87 -23.56 -35.63
C LYS FA 113 84.13 -24.26 -36.94
N PHE FA 114 85.25 -23.92 -37.58
CA PHE FA 114 85.72 -24.69 -38.72
C PHE FA 114 86.45 -25.93 -38.23
N THR FA 115 86.20 -27.04 -38.91
CA THR FA 115 86.83 -28.32 -38.60
C THR FA 115 87.35 -28.93 -39.88
N PRO FA 116 88.37 -29.78 -39.80
CA PRO FA 116 88.85 -30.46 -41.02
C PRO FA 116 87.76 -31.32 -41.64
N GLY FA 117 87.76 -31.36 -42.96
CA GLY FA 117 86.77 -32.13 -43.68
C GLY FA 117 87.09 -33.61 -43.71
N ASP FA 118 86.28 -34.35 -44.46
CA ASP FA 118 86.43 -35.80 -44.55
C ASP FA 118 87.74 -36.21 -45.23
N GLU FA 119 88.35 -35.31 -46.01
CA GLU FA 119 89.56 -35.64 -46.74
C GLU FA 119 90.78 -35.81 -45.84
N PHE FA 120 90.71 -35.37 -44.59
CA PHE FA 120 91.85 -35.44 -43.68
C PHE FA 120 91.87 -36.70 -42.84
N GLY FA 121 90.95 -37.62 -43.06
CA GLY FA 121 90.98 -38.90 -42.38
C GLY FA 121 90.33 -38.86 -41.02
N GLU FA 122 90.60 -39.90 -40.25
CA GLU FA 122 90.00 -40.04 -38.94
C GLU FA 122 90.60 -39.02 -37.97
N PRO FA 123 89.79 -38.45 -37.08
CA PRO FA 123 90.32 -37.50 -36.10
C PRO FA 123 91.31 -38.15 -35.17
N GLY FA 124 92.28 -37.36 -34.72
CA GLY FA 124 93.28 -37.80 -33.79
C GLY FA 124 94.62 -38.16 -34.39
N THR FA 125 94.67 -38.43 -35.70
CA THR FA 125 95.93 -38.75 -36.35
C THR FA 125 96.82 -37.52 -36.42
N PRO FA 126 98.14 -37.71 -36.54
CA PRO FA 126 99.03 -36.54 -36.63
C PRO FA 126 98.70 -35.61 -37.78
N LEU FA 127 98.32 -36.17 -38.93
CA LEU FA 127 97.96 -35.32 -40.08
C LEU FA 127 96.69 -34.54 -39.81
N TYR FA 128 95.69 -35.19 -39.22
CA TYR FA 128 94.45 -34.50 -38.88
C TYR FA 128 94.71 -33.40 -37.86
N GLN FA 129 95.61 -33.64 -36.91
CA GLN FA 129 95.87 -32.68 -35.86
C GLN FA 129 96.49 -31.39 -36.39
N ARG FA 130 97.31 -31.48 -37.44
CA ARG FA 130 97.85 -30.27 -38.05
C ARG FA 130 96.77 -29.50 -38.80
N ALA FA 131 95.85 -30.21 -39.44
CA ALA FA 131 94.72 -29.54 -40.10
C ALA FA 131 93.81 -28.87 -39.07
N LEU FA 132 93.64 -29.50 -37.91
CA LEU FA 132 92.78 -28.92 -36.88
C LEU FA 132 93.36 -27.61 -36.36
N ASP FA 133 94.68 -27.53 -36.22
CA ASP FA 133 95.31 -26.28 -35.82
C ASP FA 133 95.06 -25.19 -36.84
N ALA FA 134 95.11 -25.54 -38.13
CA ALA FA 134 94.85 -24.55 -39.17
C ALA FA 134 93.42 -24.03 -39.13
N THR FA 135 92.44 -24.93 -38.96
CA THR FA 135 91.05 -24.48 -38.97
C THR FA 135 90.71 -23.69 -37.71
N GLN FA 136 91.40 -23.95 -36.61
CA GLN FA 136 91.20 -23.14 -35.42
C GLN FA 136 91.71 -21.73 -35.62
N ARG FA 137 92.82 -21.57 -36.33
CA ARG FA 137 93.27 -20.23 -36.70
C ARG FA 137 92.29 -19.56 -37.65
N MET FA 138 91.73 -20.33 -38.60
CA MET FA 138 90.77 -19.77 -39.52
C MET FA 138 89.51 -19.30 -38.79
N THR FA 139 89.07 -20.05 -37.78
CA THR FA 139 87.88 -19.66 -37.03
C THR FA 139 88.10 -18.34 -36.32
N ASP FA 140 89.28 -18.15 -35.71
CA ASP FA 140 89.56 -16.91 -35.02
C ASP FA 140 89.54 -15.72 -35.97
N HIS FA 141 90.19 -15.88 -37.13
CA HIS FA 141 90.25 -14.79 -38.10
C HIS FA 141 88.89 -14.52 -38.72
N PHE FA 142 88.10 -15.56 -38.94
CA PHE FA 142 86.77 -15.39 -39.50
C PHE FA 142 85.89 -14.56 -38.59
N PHE FA 143 85.96 -14.80 -37.28
CA PHE FA 143 85.12 -14.06 -36.35
C PHE FA 143 85.61 -12.63 -36.15
N LYS FA 144 86.90 -12.36 -36.35
CA LYS FA 144 87.37 -10.98 -36.30
C LYS FA 144 86.74 -10.15 -37.41
N ILE FA 145 86.61 -10.74 -38.60
CA ILE FA 145 85.98 -10.03 -39.71
C ILE FA 145 84.49 -9.84 -39.45
N ILE FA 146 83.82 -10.86 -38.92
CA ILE FA 146 82.39 -10.76 -38.67
C ILE FA 146 82.09 -9.79 -37.55
N ASP FA 147 82.93 -9.76 -36.52
CA ASP FA 147 82.63 -8.95 -35.34
C ASP FA 147 82.72 -7.45 -35.62
N ARG FA 148 83.47 -7.03 -36.63
CA ARG FA 148 83.55 -5.62 -36.96
C ARG FA 148 82.62 -5.20 -38.09
N SER FA 149 81.79 -6.11 -38.59
CA SER FA 149 80.85 -5.80 -39.64
C SER FA 149 79.46 -5.56 -39.05
N ASN FA 150 78.48 -5.34 -39.93
CA ASN FA 150 77.09 -5.18 -39.52
C ASN FA 150 76.32 -6.49 -39.63
N PHE FA 151 77.00 -7.62 -39.38
CA PHE FA 151 76.36 -8.93 -39.47
C PHE FA 151 75.18 -9.04 -38.51
N TYR FA 152 75.40 -8.70 -37.23
CA TYR FA 152 74.36 -8.88 -36.24
C TYR FA 152 73.22 -7.89 -36.44
N LEU FA 153 73.51 -6.70 -36.98
CA LEU FA 153 72.45 -5.77 -37.30
C LEU FA 153 71.55 -6.31 -38.40
N ALA FA 154 72.14 -6.92 -39.43
CA ALA FA 154 71.36 -7.45 -40.54
C ALA FA 154 70.57 -8.68 -40.13
N VAL FA 155 71.19 -9.57 -39.35
CA VAL FA 155 70.52 -10.79 -38.94
C VAL FA 155 69.36 -10.48 -38.01
N GLY FA 156 69.54 -9.48 -37.13
CA GLY FA 156 68.46 -9.11 -36.23
C GLY FA 156 67.22 -8.65 -36.95
N GLU FA 157 67.39 -7.90 -38.04
CA GLU FA 157 66.25 -7.42 -38.79
C GLU FA 157 65.63 -8.51 -39.67
N SER FA 158 66.44 -9.42 -40.21
CA SER FA 158 65.89 -10.51 -41.00
C SER FA 158 65.11 -11.48 -40.14
N LEU FA 159 65.51 -11.67 -38.88
CA LEU FA 159 64.76 -12.56 -37.99
C LEU FA 159 63.36 -12.03 -37.72
N GLN FA 160 63.22 -10.71 -37.61
CA GLN FA 160 61.89 -10.14 -37.43
C GLN FA 160 61.02 -10.37 -38.67
N ASP FA 161 61.63 -10.44 -39.85
CA ASP FA 161 60.87 -10.73 -41.06
C ASP FA 161 60.47 -12.19 -41.14
N VAL FA 162 61.36 -13.10 -40.73
CA VAL FA 162 61.07 -14.52 -40.84
C VAL FA 162 59.98 -14.95 -39.87
N LEU FA 163 59.79 -14.23 -38.77
CA LEU FA 163 58.70 -14.54 -37.86
C LEU FA 163 57.34 -14.30 -38.50
N ILE FA 164 57.29 -13.55 -39.59
CA ILE FA 164 56.03 -13.33 -40.29
C ILE FA 164 55.97 -14.24 -41.52
N SER FA 165 56.83 -13.99 -42.50
CA SER FA 165 56.87 -14.88 -43.65
C SER FA 165 58.25 -15.42 -43.98
N THR FA 166 59.20 -14.52 -44.24
CA THR FA 166 60.43 -14.88 -44.93
C THR FA 166 61.48 -13.81 -44.65
N GLY FA 167 62.70 -14.26 -44.38
CA GLY FA 167 63.83 -13.37 -44.20
C GLY FA 167 64.81 -13.51 -45.35
N ILE FA 168 65.39 -12.41 -45.78
CA ILE FA 168 66.37 -12.39 -46.86
C ILE FA 168 67.57 -11.58 -46.39
N ILE FA 169 68.76 -12.15 -46.53
CA ILE FA 169 70.00 -11.47 -46.19
C ILE FA 169 70.86 -11.42 -47.44
N ALA FA 170 71.35 -10.23 -47.77
CA ALA FA 170 72.26 -10.03 -48.89
C ALA FA 170 73.68 -9.87 -48.35
N ILE FA 171 74.60 -10.65 -48.91
CA ILE FA 171 75.99 -10.66 -48.47
C ILE FA 171 76.82 -10.24 -49.67
N ASN FA 172 77.25 -8.99 -49.71
CA ASN FA 172 77.89 -8.41 -50.88
C ASN FA 172 79.34 -8.07 -50.60
N GLU FA 173 80.10 -7.94 -51.68
CA GLU FA 173 81.51 -7.58 -51.58
C GLU FA 173 81.66 -6.12 -51.22
N GLY FA 174 82.70 -5.81 -50.45
CA GLY FA 174 83.06 -4.44 -50.17
C GLY FA 174 84.47 -4.14 -50.63
N ASN FA 175 85.16 -3.27 -49.91
CA ASN FA 175 86.55 -2.97 -50.17
C ASN FA 175 87.40 -3.48 -49.01
N ARG FA 176 88.69 -3.16 -49.03
CA ARG FA 176 89.58 -3.66 -47.98
C ARG FA 176 89.29 -3.04 -46.62
N LYS FA 177 88.54 -1.94 -46.57
CA LYS FA 177 88.16 -1.37 -45.29
C LYS FA 177 86.93 -2.06 -44.70
N ARG FA 178 85.97 -2.42 -45.54
CA ARG FA 178 84.78 -3.19 -45.14
C ARG FA 178 84.62 -4.33 -46.12
N PRO FA 179 85.31 -5.46 -45.90
CA PRO FA 179 85.28 -6.55 -46.91
C PRO FA 179 83.90 -7.12 -47.16
N VAL FA 180 83.04 -7.24 -46.14
CA VAL FA 180 81.75 -7.89 -46.28
C VAL FA 180 80.67 -6.91 -45.84
N ARG FA 181 79.64 -6.76 -46.68
CA ARG FA 181 78.49 -5.93 -46.37
C ARG FA 181 77.26 -6.82 -46.25
N TYR FA 182 76.57 -6.72 -45.12
CA TYR FA 182 75.34 -7.46 -44.90
C TYR FA 182 74.15 -6.51 -44.95
N GLU FA 183 73.01 -7.03 -45.38
CA GLU FA 183 71.80 -6.24 -45.49
C GLU FA 183 70.59 -7.13 -45.37
N ALA FA 184 69.61 -6.71 -44.57
CA ALA FA 184 68.33 -7.41 -44.49
C ALA FA 184 67.43 -6.85 -45.58
N VAL FA 185 67.25 -7.61 -46.65
CA VAL FA 185 66.46 -7.15 -47.79
C VAL FA 185 64.98 -7.13 -47.41
N PRO FA 186 64.27 -6.02 -47.58
CA PRO FA 186 62.85 -6.00 -47.28
C PRO FA 186 62.10 -6.98 -48.17
N PRO FA 187 61.23 -7.81 -47.58
CA PRO FA 187 60.55 -8.84 -48.38
C PRO FA 187 59.63 -8.30 -49.45
N ALA FA 188 59.19 -7.05 -49.34
CA ALA FA 188 58.33 -6.47 -50.36
C ALA FA 188 59.09 -6.03 -51.61
N GLN FA 189 60.42 -6.08 -51.59
CA GLN FA 189 61.23 -5.62 -52.70
C GLN FA 189 61.99 -6.76 -53.38
N VAL FA 190 61.73 -8.01 -53.01
CA VAL FA 190 62.33 -9.16 -53.67
C VAL FA 190 61.22 -10.04 -54.20
N MET FA 191 61.54 -10.79 -55.25
CA MET FA 191 60.63 -11.71 -55.89
C MET FA 191 61.35 -13.02 -56.14
N PHE FA 192 60.62 -14.12 -56.08
CA PHE FA 192 61.22 -15.44 -56.09
C PHE FA 192 60.61 -16.31 -57.17
N GLN FA 193 61.43 -17.25 -57.65
CA GLN FA 193 60.97 -18.42 -58.39
C GLN FA 193 61.48 -19.64 -57.64
N GLY FA 194 60.65 -20.67 -57.53
CA GLY FA 194 60.98 -21.84 -56.77
C GLY FA 194 61.10 -23.07 -57.64
N ASP FA 195 61.91 -24.03 -57.20
CA ASP FA 195 62.00 -25.32 -57.86
C ASP FA 195 60.90 -26.23 -57.29
N ALA FA 196 60.92 -27.51 -57.68
CA ALA FA 196 59.85 -28.41 -57.29
C ALA FA 196 59.89 -28.77 -55.82
N GLU FA 197 61.01 -28.55 -55.15
CA GLU FA 197 61.15 -28.90 -53.74
C GLU FA 197 61.03 -27.71 -52.81
N GLY FA 198 60.59 -26.56 -53.33
CA GLY FA 198 60.38 -25.38 -52.51
C GLY FA 198 61.60 -24.50 -52.33
N GLN FA 199 62.76 -24.90 -52.84
CA GLN FA 199 63.94 -24.07 -52.77
C GLN FA 199 63.90 -22.97 -53.81
N VAL FA 200 64.50 -21.84 -53.48
CA VAL FA 200 64.55 -20.70 -54.39
C VAL FA 200 65.62 -20.95 -55.45
N ASP FA 201 65.29 -20.65 -56.71
CA ASP FA 201 66.27 -20.76 -57.77
C ASP FA 201 66.27 -19.55 -58.71
N ALA FA 202 65.63 -18.45 -58.33
CA ALA FA 202 65.70 -17.20 -59.08
C ALA FA 202 65.22 -16.08 -58.18
N ILE FA 203 66.00 -15.01 -58.10
CA ILE FA 203 65.72 -13.89 -57.21
C ILE FA 203 65.78 -12.60 -58.01
N PHE FA 204 64.78 -11.74 -57.84
CA PHE FA 204 64.72 -10.44 -58.51
C PHE FA 204 64.51 -9.37 -57.45
N ARG FA 205 65.48 -8.47 -57.32
CA ARG FA 205 65.43 -7.40 -56.34
C ARG FA 205 65.30 -6.06 -57.07
N ASP FA 206 64.33 -5.26 -56.65
CA ASP FA 206 64.04 -3.97 -57.27
C ASP FA 206 64.70 -2.85 -56.48
N TRP FA 207 65.38 -1.95 -57.18
CA TRP FA 207 65.98 -0.77 -56.59
C TRP FA 207 65.26 0.46 -57.13
N TYR FA 208 64.79 1.30 -56.21
CA TYR FA 208 63.93 2.43 -56.57
C TYR FA 208 64.75 3.72 -56.55
N GLN FA 209 64.88 4.36 -57.71
CA GLN FA 209 65.44 5.71 -57.85
C GLN FA 209 66.86 5.79 -57.27
N VAL FA 210 67.77 5.08 -57.94
CA VAL FA 210 69.18 5.03 -57.56
C VAL FA 210 69.93 6.06 -58.38
N ARG FA 211 70.75 6.86 -57.72
CA ARG FA 211 71.59 7.82 -58.43
C ARG FA 211 72.70 7.11 -59.20
N ILE FA 212 73.10 7.73 -60.32
CA ILE FA 212 74.10 7.12 -61.19
C ILE FA 212 75.42 6.96 -60.46
N GLU FA 213 75.84 7.99 -59.72
CA GLU FA 213 77.08 7.90 -58.96
C GLU FA 213 77.01 6.81 -57.90
N ASN FA 214 75.80 6.48 -57.45
CA ASN FA 214 75.63 5.43 -56.45
C ASN FA 214 75.81 4.05 -57.05
N ILE FA 215 75.54 3.90 -58.35
CA ILE FA 215 75.60 2.59 -59.00
C ILE FA 215 77.00 2.02 -58.94
N LYS FA 216 78.00 2.86 -59.24
CA LYS FA 216 79.38 2.38 -59.29
C LYS FA 216 79.88 1.90 -57.93
N SER FA 217 79.38 2.46 -56.84
CA SER FA 217 79.85 2.05 -55.53
C SER FA 217 79.31 0.68 -55.14
N MET FA 218 78.05 0.39 -55.48
CA MET FA 218 77.48 -0.90 -55.16
C MET FA 218 78.01 -1.99 -56.09
N TRP FA 219 78.14 -1.68 -57.38
CA TRP FA 219 78.62 -2.64 -58.38
C TRP FA 219 79.79 -2.00 -59.11
N PRO FA 220 81.01 -2.21 -58.63
CA PRO FA 220 82.17 -1.48 -59.20
C PRO FA 220 82.40 -1.73 -60.68
N LYS FA 221 82.15 -2.94 -61.18
CA LYS FA 221 82.43 -3.26 -62.56
C LYS FA 221 81.25 -3.02 -63.49
N ALA FA 222 80.25 -2.26 -63.04
CA ALA FA 222 79.11 -1.96 -63.90
C ALA FA 222 79.52 -1.00 -65.00
N GLU FA 223 78.79 -1.06 -66.12
CA GLU FA 223 79.04 -0.19 -67.27
C GLU FA 223 78.07 0.97 -67.20
N VAL FA 224 78.38 1.94 -66.34
CA VAL FA 224 77.51 3.08 -66.16
C VAL FA 224 77.76 4.16 -67.22
N ALA FA 225 78.94 4.17 -67.84
CA ALA FA 225 79.28 5.23 -68.78
C ALA FA 225 78.38 5.21 -70.01
N LYS FA 226 77.97 4.03 -70.47
CA LYS FA 226 77.18 3.92 -71.69
C LYS FA 226 75.78 4.51 -71.54
N LEU FA 227 75.34 4.83 -70.32
CA LEU FA 227 74.02 5.39 -70.14
C LEU FA 227 73.95 6.85 -70.56
N ASN FA 228 75.08 7.57 -70.53
CA ASN FA 228 75.15 8.99 -70.86
C ASN FA 228 74.20 9.81 -69.97
N LYS FA 229 74.45 9.72 -68.66
CA LYS FA 229 73.65 10.44 -67.69
C LYS FA 229 74.56 11.15 -66.69
N LYS FA 230 74.09 12.28 -66.18
CA LYS FA 230 74.82 13.01 -65.15
C LYS FA 230 74.81 12.22 -63.85
N PRO FA 231 75.82 12.41 -62.99
CA PRO FA 231 75.90 11.59 -61.77
C PRO FA 231 74.98 12.09 -60.67
N GLU FA 232 73.78 12.51 -61.03
CA GLU FA 232 72.74 12.79 -60.05
C GLU FA 232 71.37 12.36 -60.52
N ASP FA 233 71.25 11.82 -61.73
CA ASP FA 233 69.97 11.35 -62.21
C ASP FA 233 69.60 10.03 -61.55
N LYS FA 234 68.30 9.78 -61.44
CA LYS FA 234 67.77 8.58 -60.79
C LYS FA 234 67.31 7.58 -61.84
N VAL FA 235 67.65 6.31 -61.61
CA VAL FA 235 67.25 5.23 -62.50
C VAL FA 235 66.85 4.03 -61.64
N ASP FA 236 65.79 3.34 -62.04
CA ASP FA 236 65.41 2.10 -61.41
C ASP FA 236 66.31 0.97 -61.89
N ILE FA 237 66.72 0.11 -60.96
CA ILE FA 237 67.69 -0.95 -61.21
C ILE FA 237 67.05 -2.28 -60.87
N TRP FA 238 67.19 -3.25 -61.78
CA TRP FA 238 66.77 -4.62 -61.56
C TRP FA 238 68.00 -5.48 -61.34
N GLU FA 239 68.08 -6.10 -60.16
CA GLU FA 239 69.17 -6.99 -59.80
C GLU FA 239 68.63 -8.41 -59.84
N CYS FA 240 68.97 -9.15 -60.89
CA CYS FA 240 68.41 -10.46 -61.16
C CYS FA 240 69.49 -11.53 -61.02
N ALA FA 241 69.07 -12.70 -60.54
CA ALA FA 241 69.96 -13.86 -60.47
C ALA FA 241 69.12 -15.11 -60.57
N TRP FA 242 69.68 -16.14 -61.19
CA TRP FA 242 68.97 -17.40 -61.34
C TRP FA 242 69.98 -18.54 -61.49
N ILE FA 243 69.52 -19.74 -61.19
CA ILE FA 243 70.35 -20.93 -61.34
C ILE FA 243 70.26 -21.42 -62.77
N ASP FA 244 71.42 -21.57 -63.41
CA ASP FA 244 71.51 -22.14 -64.74
C ASP FA 244 71.76 -23.63 -64.59
N TYR FA 245 70.73 -24.44 -64.90
CA TYR FA 245 70.78 -25.85 -64.57
C TYR FA 245 71.77 -26.61 -65.43
N GLU FA 246 71.92 -26.24 -66.70
CA GLU FA 246 72.85 -26.94 -67.59
C GLU FA 246 74.19 -26.19 -67.67
N ALA FA 247 74.80 -26.00 -66.50
CA ALA FA 247 76.06 -25.28 -66.39
C ALA FA 247 76.93 -25.94 -65.33
N PRO FA 248 78.25 -25.81 -65.44
CA PRO FA 248 79.14 -26.34 -64.41
C PRO FA 248 78.98 -25.61 -63.09
N GLU FA 249 79.57 -26.21 -62.04
CA GLU FA 249 79.38 -25.71 -60.68
C GLU FA 249 79.91 -24.29 -60.51
N LYS FA 250 80.94 -23.91 -61.26
CA LYS FA 250 81.52 -22.58 -61.12
C LYS FA 250 80.80 -21.52 -61.93
N GLU FA 251 79.86 -21.91 -62.79
CA GLU FA 251 79.03 -20.96 -63.52
C GLU FA 251 77.55 -21.14 -63.19
N ARG FA 252 77.26 -21.78 -62.05
CA ARG FA 252 75.89 -22.20 -61.78
C ARG FA 252 74.95 -21.03 -61.60
N TYR FA 253 75.40 -19.96 -60.96
CA TYR FA 253 74.55 -18.83 -60.62
C TYR FA 253 74.80 -17.68 -61.58
N GLN FA 254 73.82 -17.42 -62.44
CA GLN FA 254 73.88 -16.29 -63.35
C GLN FA 254 73.43 -15.03 -62.64
N TYR FA 255 74.20 -13.95 -62.78
CA TYR FA 255 73.95 -12.71 -62.06
C TYR FA 255 73.94 -11.56 -63.06
N VAL FA 256 72.86 -10.78 -63.05
CA VAL FA 256 72.67 -9.70 -64.01
C VAL FA 256 72.16 -8.46 -63.28
N VAL FA 257 72.73 -7.31 -63.59
CA VAL FA 257 72.25 -6.02 -63.13
C VAL FA 257 71.88 -5.19 -64.35
N MET FA 258 70.69 -4.62 -64.35
CA MET FA 258 70.19 -3.88 -65.50
C MET FA 258 69.25 -2.78 -65.01
N THR FA 259 68.88 -1.89 -65.92
CA THR FA 259 67.93 -0.83 -65.62
C THR FA 259 66.52 -1.25 -66.00
N SER FA 260 65.55 -0.52 -65.48
CA SER FA 260 64.15 -0.84 -65.73
C SER FA 260 63.77 -0.67 -67.21
N SER FA 261 64.57 0.04 -67.99
CA SER FA 261 64.35 0.17 -69.42
C SER FA 261 65.14 -0.85 -70.21
N LYS FA 262 65.52 -1.96 -69.59
CA LYS FA 262 66.19 -3.08 -70.25
C LYS FA 262 67.54 -2.66 -70.83
N ASP FA 263 68.39 -2.10 -69.98
CA ASP FA 263 69.76 -1.73 -70.34
C ASP FA 263 70.70 -2.48 -69.41
N VAL FA 264 71.43 -3.44 -69.96
CA VAL FA 264 72.26 -4.33 -69.15
C VAL FA 264 73.53 -3.60 -68.74
N LEU FA 265 73.81 -3.59 -67.43
CA LEU FA 265 74.99 -2.95 -66.90
C LEU FA 265 76.04 -3.93 -66.40
N LEU FA 266 75.68 -5.18 -66.16
CA LEU FA 266 76.63 -6.16 -65.63
C LEU FA 266 76.08 -7.56 -65.85
N GLU FA 267 76.97 -8.46 -66.26
CA GLU FA 267 76.65 -9.88 -66.40
C GLU FA 267 77.79 -10.70 -65.81
N GLN FA 268 77.44 -11.69 -64.99
CA GLN FA 268 78.43 -12.55 -64.36
C GLN FA 268 77.86 -13.96 -64.25
N SER FA 269 78.73 -14.89 -63.84
CA SER FA 269 78.31 -16.25 -63.57
C SER FA 269 79.30 -16.83 -62.56
N ASN FA 270 78.85 -16.97 -61.32
CA ASN FA 270 79.71 -17.38 -60.21
C ASN FA 270 79.20 -18.66 -59.60
N SER FA 271 79.88 -19.11 -58.54
CA SER FA 271 79.48 -20.29 -57.81
C SER FA 271 78.49 -19.98 -56.69
N SER FA 272 78.09 -18.72 -56.52
CA SER FA 272 77.11 -18.35 -55.51
C SER FA 272 76.49 -17.03 -55.91
N TRP FA 273 75.37 -16.71 -55.27
CA TRP FA 273 74.69 -15.44 -55.41
C TRP FA 273 74.59 -14.75 -54.05
N PRO FA 274 74.35 -13.44 -54.02
CA PRO FA 274 74.46 -12.71 -52.75
C PRO FA 274 73.50 -13.16 -51.66
N TRP FA 275 72.32 -13.65 -51.99
CA TRP FA 275 71.23 -13.73 -51.03
C TRP FA 275 71.13 -15.10 -50.36
N VAL FA 276 70.61 -15.09 -49.14
CA VAL FA 276 70.19 -16.29 -48.42
C VAL FA 276 68.77 -16.06 -47.93
N VAL FA 277 67.90 -17.04 -48.17
CA VAL FA 277 66.46 -16.91 -47.90
C VAL FA 277 66.09 -17.84 -46.75
N TYR FA 278 65.37 -17.30 -45.78
CA TYR FA 278 64.99 -17.99 -44.54
C TYR FA 278 63.50 -18.28 -44.54
N ARG FA 279 63.13 -19.48 -44.10
CA ARG FA 279 61.74 -19.80 -43.78
C ARG FA 279 61.71 -20.62 -42.50
N MET FA 280 60.81 -20.28 -41.59
CA MET FA 280 60.62 -21.11 -40.41
C MET FA 280 59.73 -22.31 -40.72
N ARG FA 281 58.58 -22.06 -41.33
CA ARG FA 281 57.70 -23.11 -41.81
C ARG FA 281 57.21 -22.71 -43.19
N ARG FA 282 56.66 -23.68 -43.92
CA ARG FA 282 56.29 -23.45 -45.30
C ARG FA 282 55.10 -24.33 -45.68
N LEU FA 283 54.04 -23.72 -46.18
CA LEU FA 283 52.96 -24.47 -46.80
C LEU FA 283 53.42 -25.04 -48.14
N THR FA 284 53.02 -26.26 -48.43
CA THR FA 284 53.45 -26.90 -49.66
C THR FA 284 52.91 -26.14 -50.88
N GLY FA 285 53.78 -25.95 -51.87
CA GLY FA 285 53.43 -25.18 -53.04
C GLY FA 285 53.74 -23.70 -52.97
N GLU FA 286 54.15 -23.20 -51.81
CA GLU FA 286 54.50 -21.80 -51.63
C GLU FA 286 55.99 -21.67 -51.40
N ILE FA 287 56.59 -20.59 -51.91
CA ILE FA 287 58.01 -20.34 -51.70
C ILE FA 287 58.23 -19.53 -50.42
N ARG FA 288 57.45 -18.48 -50.22
CA ARG FA 288 57.51 -17.73 -48.98
C ARG FA 288 56.92 -18.57 -47.84
N GLY FA 289 57.46 -18.36 -46.64
CA GLY FA 289 57.06 -19.13 -45.49
C GLY FA 289 55.89 -18.52 -44.73
N ARG FA 290 55.55 -19.16 -43.63
CA ARG FA 290 54.53 -18.65 -42.71
C ARG FA 290 55.06 -18.84 -41.30
N GLY FA 291 55.34 -17.74 -40.62
CA GLY FA 291 55.89 -17.78 -39.30
C GLY FA 291 54.83 -17.64 -38.22
N PRO FA 292 55.22 -17.82 -36.97
CA PRO FA 292 54.24 -17.76 -35.87
C PRO FA 292 53.51 -16.44 -35.75
N SER FA 293 54.16 -15.32 -36.08
CA SER FA 293 53.47 -14.03 -36.01
C SER FA 293 52.37 -13.92 -37.05
N LEU FA 294 52.45 -14.69 -38.14
CA LEU FA 294 51.34 -14.73 -39.07
C LEU FA 294 50.17 -15.52 -38.51
N SER FA 295 50.45 -16.55 -37.71
CA SER FA 295 49.39 -17.33 -37.09
C SER FA 295 48.65 -16.54 -36.00
N ALA FA 296 49.22 -15.43 -35.54
CA ALA FA 296 48.67 -14.72 -34.40
C ALA FA 296 47.87 -13.48 -34.78
N TYR FA 297 47.99 -13.00 -36.00
CA TYR FA 297 47.41 -11.70 -36.30
C TYR FA 297 45.88 -11.68 -36.30
N PRO FA 298 45.17 -12.76 -36.69
CA PRO FA 298 43.71 -12.71 -36.51
C PRO FA 298 43.29 -12.54 -35.06
N THR FA 299 44.02 -13.15 -34.13
CA THR FA 299 43.75 -12.90 -32.72
C THR FA 299 44.03 -11.45 -32.35
N ALA FA 300 45.12 -10.88 -32.87
CA ALA FA 300 45.42 -9.48 -32.60
C ALA FA 300 44.37 -8.55 -33.19
N ALA FA 301 43.80 -8.91 -34.33
CA ALA FA 301 42.75 -8.08 -34.91
C ALA FA 301 41.53 -7.99 -34.00
N THR FA 302 41.14 -9.11 -33.39
CA THR FA 302 40.01 -9.08 -32.48
C THR FA 302 40.30 -8.24 -31.25
N ILE FA 303 41.50 -8.38 -30.67
CA ILE FA 303 41.86 -7.59 -29.50
C ILE FA 303 41.86 -6.10 -29.82
N ASN FA 304 42.41 -5.73 -30.96
CA ASN FA 304 42.46 -4.32 -31.33
C ASN FA 304 41.06 -3.75 -31.52
N GLN FA 305 40.17 -4.52 -32.13
CA GLN FA 305 38.79 -4.06 -32.27
C GLN FA 305 38.10 -3.95 -30.92
N ALA FA 306 38.37 -4.88 -30.01
CA ALA FA 306 37.78 -4.82 -28.68
C ALA FA 306 38.26 -3.58 -27.92
N LEU FA 307 39.55 -3.26 -28.01
CA LEU FA 307 40.08 -2.10 -27.30
C LEU FA 307 39.56 -0.80 -27.89
N GLU FA 308 39.41 -0.74 -29.22
CA GLU FA 308 38.88 0.48 -29.83
C GLU FA 308 37.47 0.75 -29.35
N ASP FA 309 36.64 -0.29 -29.23
CA ASP FA 309 35.30 -0.11 -28.68
C ASP FA 309 35.35 0.36 -27.24
N GLU FA 310 36.31 -0.12 -26.47
CA GLU FA 310 36.44 0.34 -25.08
C GLU FA 310 36.79 1.82 -25.01
N LEU FA 311 37.68 2.29 -25.90
CA LEU FA 311 38.02 3.70 -25.92
C LEU FA 311 36.83 4.56 -26.30
N VAL FA 312 36.04 4.11 -27.29
CA VAL FA 312 34.83 4.84 -27.66
C VAL FA 312 33.84 4.84 -26.51
N ALA FA 313 33.67 3.70 -25.84
CA ALA FA 313 32.72 3.61 -24.75
C ALA FA 313 33.13 4.48 -23.57
N ALA FA 314 34.42 4.53 -23.27
CA ALA FA 314 34.88 5.23 -22.07
C ALA FA 314 34.61 6.72 -22.14
N ALA FA 315 34.58 7.29 -23.35
CA ALA FA 315 34.42 8.74 -23.48
C ALA FA 315 33.04 9.19 -22.97
N PHE FA 316 32.03 8.34 -23.07
CA PHE FA 316 30.71 8.72 -22.59
C PHE FA 316 30.17 7.80 -21.50
N GLN FA 317 30.93 6.81 -21.05
CA GLN FA 317 30.54 6.00 -19.90
C GLN FA 317 31.41 6.24 -18.68
N ALA FA 318 32.69 6.54 -18.86
CA ALA FA 318 33.54 6.87 -17.72
C ALA FA 318 33.38 8.33 -17.31
N ASN FA 319 33.25 9.23 -18.29
CA ASN FA 319 33.08 10.63 -17.98
C ASN FA 319 31.68 10.90 -17.41
N PRO FA 320 31.57 11.85 -16.50
CA PRO FA 320 30.23 12.23 -16.02
C PRO FA 320 29.47 13.04 -17.03
N MET FA 321 28.46 12.46 -17.66
CA MET FA 321 27.63 13.15 -18.62
C MET FA 321 26.18 13.10 -18.17
N TYR FA 322 25.36 13.95 -18.76
CA TYR FA 322 23.97 14.06 -18.37
C TYR FA 322 23.08 14.07 -19.60
N MET FA 323 21.86 13.59 -19.42
CA MET FA 323 20.82 13.65 -20.43
C MET FA 323 19.75 14.63 -19.98
N ALA FA 324 19.23 15.40 -20.93
CA ALA FA 324 18.18 16.36 -20.64
C ALA FA 324 17.48 16.67 -21.95
N ALA FA 325 16.38 17.42 -21.85
CA ALA FA 325 15.71 17.91 -23.04
C ALA FA 325 16.62 18.83 -23.85
N SER FA 326 17.46 19.61 -23.18
CA SER FA 326 18.30 20.57 -23.85
C SER FA 326 19.58 20.78 -23.05
N ASP FA 327 20.66 21.09 -23.75
CA ASP FA 327 21.91 21.44 -23.07
C ASP FA 327 21.84 22.80 -22.40
N SER FA 328 20.72 23.51 -22.53
CA SER FA 328 20.50 24.75 -21.80
C SER FA 328 20.03 24.53 -20.37
N ALA FA 329 20.17 23.31 -19.85
CA ALA FA 329 19.77 23.03 -18.47
C ALA FA 329 20.61 23.82 -17.47
N PHE FA 330 21.89 24.03 -17.76
CA PHE FA 330 22.67 25.00 -17.01
C PHE FA 330 23.58 25.76 -17.97
N ASN FA 331 24.08 26.90 -17.49
CA ASN FA 331 24.90 27.79 -18.29
C ASN FA 331 26.35 27.32 -18.22
N GLN FA 332 26.84 26.74 -19.32
CA GLN FA 332 28.21 26.24 -19.34
C GLN FA 332 29.23 27.35 -19.17
N GLN FA 333 28.88 28.58 -19.57
CA GLN FA 333 29.84 29.67 -19.51
C GLN FA 333 30.03 30.21 -18.10
N THR FA 334 29.00 30.14 -17.25
CA THR FA 334 29.12 30.61 -15.88
C THR FA 334 29.20 29.45 -14.87
N PHE FA 335 29.27 28.21 -15.34
CA PHE FA 335 29.41 27.07 -14.46
C PHE FA 335 30.64 27.23 -13.58
N THR FA 336 30.46 27.05 -12.27
CA THR FA 336 31.50 27.32 -11.29
C THR FA 336 31.80 26.06 -10.48
N PRO FA 337 32.81 25.28 -10.87
CA PRO FA 337 33.14 24.03 -10.15
C PRO FA 337 34.11 24.20 -8.98
N ARG FA 338 33.57 24.65 -7.85
CA ARG FA 338 34.32 24.86 -6.62
C ARG FA 338 33.59 24.20 -5.47
N PRO FA 339 34.30 23.80 -4.41
CA PRO FA 339 33.60 23.22 -3.26
C PRO FA 339 32.63 24.21 -2.64
N GLY FA 340 31.43 23.73 -2.35
CA GLY FA 340 30.38 24.55 -1.80
C GLY FA 340 29.58 25.34 -2.79
N SER FA 341 29.89 25.25 -4.08
CA SER FA 341 29.23 26.07 -5.09
C SER FA 341 27.83 25.55 -5.39
N ILE FA 342 26.89 26.47 -5.57
CA ILE FA 342 25.55 26.16 -6.06
C ILE FA 342 25.49 26.49 -7.53
N VAL FA 343 25.12 25.51 -8.34
CA VAL FA 343 24.94 25.70 -9.78
C VAL FA 343 23.45 25.86 -10.06
N PRO FA 344 23.03 26.95 -10.69
CA PRO FA 344 21.63 27.06 -11.11
C PRO FA 344 21.35 26.04 -12.22
N VAL FA 345 20.39 25.15 -11.98
CA VAL FA 345 20.08 24.08 -12.92
C VAL FA 345 18.56 24.01 -13.07
N GLN FA 346 18.10 23.96 -14.31
CA GLN FA 346 16.70 23.63 -14.59
C GLN FA 346 16.55 22.13 -14.38
N MET FA 347 16.11 21.75 -13.18
CA MET FA 347 16.14 20.35 -12.80
C MET FA 347 15.10 19.51 -13.55
N VAL FA 348 14.01 20.12 -14.01
CA VAL FA 348 13.04 19.46 -14.88
C VAL FA 348 12.74 20.39 -16.04
N GLN FA 349 12.77 19.86 -17.26
CA GLN FA 349 12.44 20.62 -18.46
C GLN FA 349 11.28 19.92 -19.16
N GLY FA 350 10.10 20.54 -19.12
CA GLY FA 350 8.90 19.92 -19.64
C GLY FA 350 8.54 18.68 -18.86
N GLU FA 351 8.63 17.52 -19.50
CA GLU FA 351 8.35 16.26 -18.85
C GLU FA 351 9.59 15.55 -18.33
N TRP FA 352 10.77 15.95 -18.79
CA TRP FA 352 11.98 15.16 -18.60
C TRP FA 352 12.89 15.81 -17.59
N PRO FA 353 13.22 15.15 -16.49
CA PRO FA 353 14.25 15.66 -15.59
C PRO FA 353 15.65 15.40 -16.15
N ILE FA 354 16.59 16.21 -15.69
CA ILE FA 354 17.99 15.98 -16.03
C ILE FA 354 18.54 14.88 -15.14
N LYS FA 355 19.19 13.90 -15.75
CA LYS FA 355 19.67 12.71 -15.07
C LYS FA 355 21.03 12.32 -15.61
N PRO FA 356 21.80 11.53 -14.88
CA PRO FA 356 23.06 11.04 -15.43
C PRO FA 356 22.83 10.22 -16.69
N PHE FA 357 23.79 10.31 -17.61
CA PHE FA 357 23.71 9.51 -18.83
C PHE FA 357 23.67 8.04 -18.45
N GLU FA 358 22.76 7.31 -19.08
CA GLU FA 358 22.44 5.97 -18.62
C GLU FA 358 23.60 5.01 -18.88
N GLN FA 359 24.03 4.31 -17.84
CA GLN FA 359 25.08 3.32 -17.98
C GLN FA 359 24.56 2.09 -18.71
N SER FA 360 25.40 1.52 -19.57
CA SER FA 360 25.02 0.35 -20.34
C SER FA 360 26.27 -0.46 -20.63
N GLY FA 361 26.06 -1.75 -20.90
CA GLY FA 361 27.17 -2.61 -21.25
C GLY FA 361 27.65 -3.44 -20.09
N ASN FA 362 28.67 -4.24 -20.38
CA ASN FA 362 29.20 -5.26 -19.48
C ASN FA 362 30.73 -5.21 -19.51
N ILE FA 363 31.31 -4.09 -19.11
CA ILE FA 363 32.75 -3.83 -19.12
C ILE FA 363 33.58 -5.06 -18.75
N GLN FA 364 33.14 -5.82 -17.76
CA GLN FA 364 33.90 -7.00 -17.34
C GLN FA 364 33.96 -8.05 -18.46
N PHE FA 365 32.88 -8.22 -19.21
CA PHE FA 365 32.85 -9.16 -20.33
C PHE FA 365 33.93 -8.81 -21.35
N ASN FA 366 34.05 -7.53 -21.71
CA ASN FA 366 35.05 -7.13 -22.69
C ASN FA 366 36.46 -7.39 -22.18
N ALA FA 367 36.72 -7.09 -20.91
CA ALA FA 367 38.03 -7.39 -20.33
C ALA FA 367 38.05 -8.77 -19.70
N LEU FA 368 37.54 -9.74 -20.44
CA LEU FA 368 37.69 -11.15 -20.11
C LEU FA 368 38.09 -11.88 -21.38
N LEU FA 369 37.57 -11.38 -22.51
CA LEU FA 369 38.03 -11.87 -23.81
C LEU FA 369 39.40 -11.31 -24.16
N VAL FA 370 39.64 -10.04 -23.84
CA VAL FA 370 40.91 -9.42 -24.17
C VAL FA 370 42.05 -10.12 -23.44
N ASN FA 371 41.88 -10.37 -22.14
CA ASN FA 371 42.93 -11.06 -21.39
C ASN FA 371 43.11 -12.49 -21.87
N ASP FA 372 42.02 -13.18 -22.21
CA ASP FA 372 42.13 -14.55 -22.68
C ASP FA 372 42.88 -14.62 -24.01
N PHE FA 373 42.56 -13.72 -24.94
CA PHE FA 373 43.22 -13.73 -26.24
C PHE FA 373 44.66 -13.25 -26.16
N ARG FA 374 44.96 -12.34 -25.23
CA ARG FA 374 46.34 -11.88 -25.07
C ARG FA 374 47.26 -13.01 -24.66
N GLN FA 375 46.80 -13.87 -23.75
CA GLN FA 375 47.65 -14.96 -23.30
C GLN FA 375 47.85 -16.00 -24.39
N GLN FA 376 46.88 -16.17 -25.29
CA GLN FA 376 47.06 -17.08 -26.41
C GLN FA 376 48.18 -16.59 -27.33
N ILE FA 377 48.23 -15.29 -27.59
CA ILE FA 377 49.32 -14.72 -28.38
C ILE FA 377 50.66 -14.93 -27.67
N ASN FA 378 50.67 -14.71 -26.35
CA ASN FA 378 51.92 -14.87 -25.59
C ASN FA 378 52.41 -16.31 -25.62
N GLU FA 379 51.51 -17.27 -25.46
CA GLU FA 379 51.92 -18.67 -25.53
C GLU FA 379 52.38 -19.04 -26.93
N LEU FA 380 51.76 -18.47 -27.95
CA LEU FA 380 52.15 -18.76 -29.32
C LEU FA 380 53.55 -18.27 -29.63
N LEU FA 381 53.99 -17.19 -29.00
CA LEU FA 381 55.29 -16.58 -29.27
C LEU FA 381 56.27 -16.75 -28.12
N TYR FA 382 56.00 -17.67 -27.20
CA TYR FA 382 56.92 -18.00 -26.11
C TYR FA 382 57.28 -16.77 -25.28
N ALA FA 383 56.29 -15.91 -25.03
CA ALA FA 383 56.51 -14.67 -24.30
C ALA FA 383 55.67 -14.66 -23.02
N PHE FA 384 56.23 -14.04 -21.98
CA PHE FA 384 55.57 -13.80 -20.71
C PHE FA 384 54.92 -15.06 -20.15
N PRO FA 385 55.71 -16.03 -19.69
CA PRO FA 385 55.11 -17.25 -19.11
C PRO FA 385 54.21 -16.97 -17.92
N LEU FA 386 54.53 -15.95 -17.12
CA LEU FA 386 53.76 -15.64 -15.92
C LEU FA 386 52.69 -14.57 -16.16
N GLY FA 387 52.32 -14.34 -17.42
CA GLY FA 387 51.30 -13.35 -17.69
C GLY FA 387 51.82 -11.93 -17.54
N ALA FA 388 50.88 -11.00 -17.46
CA ALA FA 388 51.21 -9.58 -17.37
C ALA FA 388 51.64 -9.23 -15.94
N VAL FA 389 51.82 -7.94 -15.68
CA VAL FA 389 52.24 -7.49 -14.36
C VAL FA 389 51.15 -7.74 -13.32
N ASN FA 390 49.90 -7.39 -13.65
CA ASN FA 390 48.78 -7.57 -12.73
C ASN FA 390 48.22 -8.98 -12.88
N SER FA 391 48.96 -9.94 -12.35
CA SER FA 391 48.60 -11.34 -12.44
C SER FA 391 48.65 -11.98 -11.05
N PRO FA 392 47.88 -13.04 -10.82
CA PRO FA 392 47.88 -13.69 -9.51
C PRO FA 392 49.25 -14.24 -9.15
N THR FA 393 49.55 -14.24 -7.85
CA THR FA 393 50.83 -14.71 -7.36
C THR FA 393 50.92 -16.23 -7.48
N ARG FA 394 52.16 -16.73 -7.48
CA ARG FA 394 52.42 -18.16 -7.55
C ARG FA 394 53.41 -18.55 -6.46
N THR FA 395 53.90 -19.78 -6.50
CA THR FA 395 54.90 -20.26 -5.56
C THR FA 395 56.19 -20.61 -6.28
N ALA FA 396 57.22 -20.90 -5.49
CA ALA FA 396 58.55 -21.23 -6.01
C ALA FA 396 58.60 -22.53 -6.76
N THR FA 397 57.47 -23.22 -6.89
CA THR FA 397 57.38 -24.44 -7.68
C THR FA 397 56.52 -24.27 -8.92
N GLU FA 398 55.31 -23.69 -8.78
CA GLU FA 398 54.48 -23.46 -9.95
C GLU FA 398 55.12 -22.46 -10.89
N ALA FA 399 55.64 -21.36 -10.35
CA ALA FA 399 56.29 -20.35 -11.20
C ALA FA 399 57.53 -20.92 -11.85
N GLU FA 400 58.32 -21.70 -11.11
CA GLU FA 400 59.51 -22.32 -11.68
C GLU FA 400 59.14 -23.30 -12.79
N ILE FA 401 58.09 -24.09 -12.59
CA ILE FA 401 57.68 -25.07 -13.58
C ILE FA 401 57.15 -24.38 -14.83
N ARG FA 402 56.27 -23.39 -14.66
CA ARG FA 402 55.71 -22.69 -15.80
C ARG FA 402 56.79 -21.92 -16.57
N TYR FA 403 57.87 -21.54 -15.89
CA TYR FA 403 58.98 -20.90 -16.58
C TYR FA 403 59.79 -21.91 -17.39
N THR FA 404 60.02 -23.09 -16.83
CA THR FA 404 60.77 -24.11 -17.56
C THR FA 404 59.95 -24.72 -18.68
N GLU FA 405 58.63 -24.72 -18.55
CA GLU FA 405 57.77 -25.19 -19.64
C GLU FA 405 57.95 -24.31 -20.87
N ASN FA 406 57.98 -23.00 -20.68
CA ASN FA 406 58.13 -22.08 -21.79
C ASN FA 406 59.54 -22.15 -22.38
N LEU FA 407 60.56 -22.25 -21.52
CA LEU FA 407 61.93 -22.30 -22.02
C LEU FA 407 62.20 -23.58 -22.80
N GLU FA 408 61.68 -24.71 -22.31
CA GLU FA 408 61.90 -25.98 -23.00
C GLU FA 408 61.25 -25.99 -24.37
N SER FA 409 60.04 -25.44 -24.48
CA SER FA 409 59.36 -25.40 -25.78
C SER FA 409 60.09 -24.49 -26.75
N PHE FA 410 60.57 -23.33 -26.28
CA PHE FA 410 61.34 -22.44 -27.13
C PHE FA 410 62.62 -23.09 -27.62
N SER FA 411 63.34 -23.77 -26.72
CA SER FA 411 64.62 -24.37 -27.07
C SER FA 411 64.49 -25.57 -27.99
N ALA FA 412 63.27 -26.05 -28.22
CA ALA FA 412 63.03 -27.14 -29.16
C ALA FA 412 62.83 -26.66 -30.59
N MET FA 413 62.24 -25.48 -30.76
CA MET FA 413 61.95 -24.96 -32.09
C MET FA 413 63.21 -24.45 -32.79
N VAL FA 414 64.07 -23.76 -32.06
CA VAL FA 414 65.18 -22.99 -32.63
C VAL FA 414 66.25 -23.84 -33.32
N PRO FA 415 66.82 -24.87 -32.67
CA PRO FA 415 68.05 -25.47 -33.23
C PRO FA 415 67.91 -26.05 -34.62
N ARG FA 416 66.72 -26.52 -35.01
CA ARG FA 416 66.55 -27.10 -36.34
C ARG FA 416 66.75 -26.07 -37.44
N LEU FA 417 66.70 -24.77 -37.12
CA LEU FA 417 66.86 -23.72 -38.11
C LEU FA 417 68.31 -23.26 -38.26
N GLN FA 418 69.24 -23.84 -37.50
CA GLN FA 418 70.63 -23.42 -37.57
C GLN FA 418 71.22 -23.66 -38.94
N ASN FA 419 71.08 -24.89 -39.45
CA ASN FA 419 71.67 -25.22 -40.74
C ASN FA 419 70.98 -24.49 -41.88
N GLU FA 420 69.65 -24.35 -41.80
CA GLU FA 420 68.90 -23.68 -42.86
C GLU FA 420 69.30 -22.21 -42.97
N PHE FA 421 69.50 -21.55 -41.83
CA PHE FA 421 69.76 -20.11 -41.86
C PHE FA 421 71.23 -19.80 -42.11
N PHE FA 422 72.13 -20.37 -41.30
CA PHE FA 422 73.45 -19.78 -41.16
C PHE FA 422 74.57 -20.52 -41.86
N ILE FA 423 74.40 -21.78 -42.26
CA ILE FA 423 75.40 -22.43 -43.09
C ILE FA 423 75.56 -21.75 -44.44
N PRO FA 424 74.48 -21.45 -45.19
CA PRO FA 424 74.68 -20.67 -46.42
C PRO FA 424 75.28 -19.30 -46.19
N VAL FA 425 75.00 -18.69 -45.04
CA VAL FA 425 75.59 -17.38 -44.73
C VAL FA 425 77.10 -17.50 -44.60
N ILE FA 426 77.56 -18.52 -43.89
CA ILE FA 426 79.00 -18.71 -43.69
C ILE FA 426 79.68 -19.02 -45.02
N GLN FA 427 79.05 -19.85 -45.85
CA GLN FA 427 79.65 -20.19 -47.14
C GLN FA 427 79.78 -18.97 -48.03
N ARG FA 428 78.73 -18.13 -48.07
CA ARG FA 428 78.80 -16.92 -48.88
C ARG FA 428 79.78 -15.91 -48.31
N THR FA 429 79.90 -15.85 -46.99
CA THR FA 429 80.85 -14.94 -46.37
C THR FA 429 82.29 -15.29 -46.75
N LEU FA 430 82.63 -16.58 -46.73
CA LEU FA 430 83.97 -17.00 -47.13
C LEU FA 430 84.20 -16.73 -48.60
N TRP FA 431 83.17 -16.89 -49.43
CA TRP FA 431 83.30 -16.56 -50.85
C TRP FA 431 83.62 -15.09 -51.04
N VAL FA 432 82.95 -14.20 -50.28
CA VAL FA 432 83.23 -12.77 -50.39
C VAL FA 432 84.63 -12.46 -49.90
N ILE FA 433 85.05 -13.08 -48.79
CA ILE FA 433 86.39 -12.84 -48.27
C ILE FA 433 87.46 -13.22 -49.28
N ASN FA 434 87.26 -14.33 -49.98
CA ASN FA 434 88.22 -14.73 -51.01
C ASN FA 434 88.27 -13.73 -52.15
N LYS FA 435 87.11 -13.20 -52.56
CA LYS FA 435 87.05 -12.26 -53.65
C LYS FA 435 87.68 -10.92 -53.31
N VAL FA 436 87.38 -10.39 -52.13
CA VAL FA 436 87.87 -9.07 -51.72
C VAL FA 436 89.32 -9.12 -51.24
N LEU FA 437 89.71 -10.21 -50.59
CA LEU FA 437 91.06 -10.39 -50.07
C LEU FA 437 91.65 -11.66 -50.70
N PRO FA 438 92.06 -11.59 -51.96
CA PRO FA 438 92.50 -12.80 -52.67
C PRO FA 438 93.74 -13.45 -52.07
N GLU FA 439 94.51 -12.72 -51.26
CA GLU FA 439 95.71 -13.29 -50.66
C GLU FA 439 95.39 -14.26 -49.52
N THR FA 440 94.18 -14.21 -48.97
CA THR FA 440 93.85 -15.11 -47.86
C THR FA 440 93.82 -16.57 -48.30
N PHE FA 441 93.46 -16.82 -49.56
CA PHE FA 441 93.44 -18.17 -50.11
C PHE FA 441 94.51 -18.32 -51.19
N ALA FA 442 95.65 -17.66 -51.00
CA ALA FA 442 96.73 -17.68 -51.97
C ALA FA 442 97.61 -18.91 -51.77
N ASN FA 443 98.38 -19.24 -52.81
CA ASN FA 443 99.26 -20.41 -52.81
C ASN FA 443 98.48 -21.70 -52.54
N ILE FA 444 97.30 -21.79 -53.14
CA ILE FA 444 96.41 -22.95 -52.98
C ILE FA 444 95.96 -23.39 -54.36
N PRO FA 445 96.03 -24.68 -54.69
CA PRO FA 445 95.54 -25.13 -55.99
C PRO FA 445 94.06 -24.78 -56.17
N ASP FA 446 93.69 -24.42 -57.40
CA ASP FA 446 92.34 -23.93 -57.64
C ASP FA 446 91.29 -24.98 -57.32
N ASP FA 447 91.61 -26.25 -57.55
CA ASP FA 447 90.64 -27.32 -57.28
C ASP FA 447 90.30 -27.39 -55.80
N ILE FA 448 91.30 -27.34 -54.93
CA ILE FA 448 91.04 -27.45 -53.50
C ILE FA 448 90.56 -26.11 -52.94
N ARG FA 449 90.93 -25.00 -53.58
CA ARG FA 449 90.46 -23.70 -53.13
C ARG FA 449 88.94 -23.60 -53.24
N ASN FA 450 88.38 -24.08 -54.35
CA ASN FA 450 86.93 -24.03 -54.53
C ASN FA 450 86.21 -24.93 -53.54
N LYS FA 451 86.77 -26.11 -53.26
CA LYS FA 451 86.16 -27.00 -52.28
C LYS FA 451 86.24 -26.41 -50.88
N MET FA 452 87.35 -25.75 -50.55
CA MET FA 452 87.53 -25.14 -49.24
C MET FA 452 86.54 -24.00 -49.04
N ILE FA 453 86.36 -23.16 -50.05
CA ILE FA 453 85.42 -22.05 -49.97
C ILE FA 453 83.99 -22.56 -49.84
N SER FA 454 83.71 -23.71 -50.45
CA SER FA 454 82.37 -24.27 -50.41
C SER FA 454 81.96 -24.64 -48.99
N VAL FA 455 82.91 -25.03 -48.15
CA VAL FA 455 82.66 -25.49 -46.78
C VAL FA 455 81.57 -26.55 -46.81
N ASP FA 456 81.77 -27.58 -47.62
CA ASP FA 456 80.77 -28.62 -47.82
C ASP FA 456 81.07 -29.88 -47.03
N GLY FA 457 82.07 -29.87 -46.17
CA GLY FA 457 82.46 -31.03 -45.41
C GLY FA 457 83.51 -31.89 -46.05
N GLN FA 458 83.89 -31.62 -47.30
CA GLN FA 458 84.95 -32.39 -47.93
C GLN FA 458 86.32 -31.94 -47.43
N ILE FA 459 86.67 -30.67 -47.66
CA ILE FA 459 87.90 -30.10 -47.15
C ILE FA 459 87.68 -29.38 -45.84
N LEU FA 460 86.56 -28.69 -45.70
CA LEU FA 460 86.28 -27.84 -44.55
C LEU FA 460 84.86 -28.08 -44.09
N GLY FA 461 84.70 -28.35 -42.80
CA GLY FA 461 83.40 -28.56 -42.21
C GLY FA 461 83.05 -27.44 -41.23
N LEU FA 462 81.85 -27.57 -40.67
CA LEU FA 462 81.33 -26.61 -39.70
C LEU FA 462 80.81 -27.36 -38.49
N SER FA 463 80.78 -26.66 -37.35
CA SER FA 463 80.26 -27.22 -36.12
C SER FA 463 79.74 -26.08 -35.26
N PHE FA 464 78.46 -26.12 -34.93
CA PHE FA 464 77.84 -25.03 -34.19
C PHE FA 464 77.93 -25.25 -32.68
N ASP FA 465 78.06 -24.14 -31.95
CA ASP FA 465 78.17 -24.16 -30.49
C ASP FA 465 77.31 -23.02 -29.95
N THR FA 466 76.06 -23.34 -29.61
CA THR FA 466 75.06 -22.38 -29.19
C THR FA 466 74.57 -22.71 -27.78
N PRO FA 467 73.92 -21.75 -27.10
CA PRO FA 467 73.38 -22.05 -25.77
C PRO FA 467 72.36 -23.19 -25.74
N LEU FA 468 71.92 -23.70 -26.90
CA LEU FA 468 70.97 -24.79 -26.93
C LEU FA 468 71.64 -26.15 -27.12
N MET FA 469 72.60 -26.24 -28.03
CA MET FA 469 73.41 -27.45 -28.20
C MET FA 469 74.74 -27.22 -27.50
N THR FA 470 74.90 -27.83 -26.32
CA THR FA 470 76.02 -27.47 -25.46
C THR FA 470 77.40 -27.80 -26.05
N ALA FA 471 77.77 -29.09 -26.11
CA ALA FA 471 79.07 -29.42 -26.70
C ALA FA 471 79.11 -30.69 -27.54
N LYS FA 472 78.33 -31.72 -27.22
CA LYS FA 472 78.41 -33.05 -27.83
C LYS FA 472 79.73 -33.75 -27.51
N GLY FA 473 80.65 -33.05 -26.86
CA GLY FA 473 81.93 -33.63 -26.51
C GLY FA 473 82.03 -33.84 -25.02
N GLN FA 474 81.28 -33.05 -24.25
CA GLN FA 474 81.21 -33.26 -22.82
C GLN FA 474 80.61 -34.62 -22.49
N VAL FA 475 79.74 -35.14 -23.36
CA VAL FA 475 79.17 -36.46 -23.13
C VAL FA 475 80.24 -37.53 -23.27
N LYS FA 476 81.12 -37.39 -24.27
CA LYS FA 476 82.22 -38.34 -24.42
C LYS FA 476 83.15 -38.32 -23.22
N THR FA 477 83.48 -37.12 -22.73
CA THR FA 477 84.37 -37.01 -21.59
C THR FA 477 83.72 -37.54 -20.32
N ALA FA 478 82.43 -37.26 -20.12
CA ALA FA 478 81.75 -37.72 -18.92
C ALA FA 478 81.70 -39.23 -18.87
N ALA FA 479 81.47 -39.88 -20.01
CA ALA FA 479 81.51 -41.33 -20.05
C ALA FA 479 82.90 -41.86 -19.73
N LEU FA 480 83.93 -41.18 -20.22
CA LEU FA 480 85.30 -41.58 -19.93
C LEU FA 480 85.62 -41.44 -18.45
N LEU FA 481 85.18 -40.34 -17.82
CA LEU FA 481 85.43 -40.15 -16.40
C LEU FA 481 84.63 -41.15 -15.56
N GLY FA 482 83.40 -41.45 -15.97
CA GLY FA 482 82.62 -42.44 -15.27
C GLY FA 482 83.23 -43.83 -15.35
N PHE FA 483 83.83 -44.15 -16.50
CA PHE FA 483 84.55 -45.42 -16.63
C PHE FA 483 85.72 -45.50 -15.68
N TYR FA 484 86.49 -44.41 -15.56
CA TYR FA 484 87.67 -44.44 -14.72
C TYR FA 484 87.30 -44.56 -13.24
N GLN FA 485 86.25 -43.86 -12.82
CA GLN FA 485 85.83 -43.96 -11.43
C GLN FA 485 85.43 -45.39 -11.08
N ALA FA 486 84.72 -46.06 -11.97
CA ALA FA 486 84.36 -47.46 -11.73
C ALA FA 486 85.59 -48.35 -11.70
N ALA FA 487 86.52 -48.15 -12.65
CA ALA FA 487 87.71 -48.99 -12.71
C ALA FA 487 88.60 -48.77 -11.50
N ALA FA 488 88.75 -47.52 -11.06
CA ALA FA 488 89.58 -47.23 -9.89
C ALA FA 488 88.93 -47.68 -8.60
N SER FA 489 87.61 -47.89 -8.59
CA SER FA 489 86.97 -48.45 -7.41
C SER FA 489 87.26 -49.94 -7.27
N LEU FA 490 87.25 -50.66 -8.39
CA LEU FA 490 87.44 -52.11 -8.34
C LEU FA 490 88.91 -52.48 -8.27
N LEU FA 491 89.76 -51.73 -8.97
CA LEU FA 491 91.16 -52.09 -9.10
C LEU FA 491 92.11 -51.08 -8.48
N GLY FA 492 91.62 -49.95 -8.01
CA GLY FA 492 92.46 -48.92 -7.45
C GLY FA 492 93.14 -48.11 -8.53
N PRO FA 493 93.69 -46.96 -8.17
CA PRO FA 493 94.57 -46.24 -9.08
C PRO FA 493 95.86 -47.03 -9.30
N GLU FA 494 96.65 -46.56 -10.27
CA GLU FA 494 97.90 -47.18 -10.71
C GLU FA 494 97.59 -48.46 -11.49
N ALA FA 495 96.34 -48.90 -11.46
CA ALA FA 495 95.86 -50.01 -12.27
C ALA FA 495 94.83 -49.56 -13.29
N ALA FA 496 93.89 -48.71 -12.90
CA ALA FA 496 93.00 -48.08 -13.86
C ALA FA 496 93.77 -47.16 -14.80
N THR FA 497 94.72 -46.40 -14.26
CA THR FA 497 95.57 -45.55 -15.10
C THR FA 497 96.45 -46.38 -16.01
N ALA FA 498 96.98 -47.49 -15.49
CA ALA FA 498 97.85 -48.35 -16.30
C ALA FA 498 97.10 -48.96 -17.47
N SER FA 499 95.80 -49.20 -17.32
CA SER FA 499 94.99 -49.78 -18.38
C SER FA 499 94.39 -48.71 -19.28
N LEU FA 500 95.22 -47.78 -19.73
CA LEU FA 500 94.79 -46.67 -20.55
C LEU FA 500 95.84 -46.42 -21.61
N ASP FA 501 95.39 -45.90 -22.74
CA ASP FA 501 96.32 -45.42 -23.76
C ASP FA 501 96.49 -43.92 -23.55
N PRO FA 502 97.52 -43.50 -22.80
CA PRO FA 502 97.58 -42.08 -22.41
C PRO FA 502 97.67 -41.12 -23.56
N VAL FA 503 98.37 -41.48 -24.64
CA VAL FA 503 98.47 -40.59 -25.78
C VAL FA 503 97.10 -40.40 -26.45
N GLU FA 504 96.37 -41.50 -26.64
CA GLU FA 504 95.02 -41.40 -27.19
C GLU FA 504 94.09 -40.65 -26.26
N VAL FA 505 94.22 -40.88 -24.95
CA VAL FA 505 93.34 -40.21 -24.00
C VAL FA 505 93.55 -38.71 -24.03
N LEU FA 506 94.82 -38.27 -24.06
CA LEU FA 506 95.11 -36.84 -24.10
C LEU FA 506 94.55 -36.20 -25.36
N THR FA 507 94.79 -36.82 -26.52
CA THR FA 507 94.33 -36.25 -27.77
C THR FA 507 92.80 -36.20 -27.84
N ASN FA 508 92.14 -37.25 -27.37
CA ASN FA 508 90.68 -37.27 -27.42
C ASN FA 508 90.07 -36.31 -26.41
N LEU FA 509 90.68 -36.15 -25.24
CA LEU FA 509 90.18 -35.18 -24.27
C LEU FA 509 90.25 -33.77 -24.84
N ALA FA 510 91.35 -33.44 -25.54
CA ALA FA 510 91.48 -32.13 -26.15
C ALA FA 510 90.41 -31.91 -27.20
N ASP FA 511 90.15 -32.92 -28.04
CA ASP FA 511 89.13 -32.80 -29.07
C ASP FA 511 87.74 -32.68 -28.45
N ASN FA 512 87.47 -33.46 -27.40
CA ASN FA 512 86.15 -33.42 -26.77
C ASN FA 512 85.87 -32.05 -26.16
N GLN FA 513 86.87 -31.45 -25.52
CA GLN FA 513 86.70 -30.14 -24.90
C GLN FA 513 86.75 -29.00 -25.90
N GLY FA 514 87.07 -29.27 -27.15
CA GLY FA 514 87.20 -28.20 -28.12
C GLY FA 514 88.34 -27.25 -27.79
N ILE FA 515 89.47 -27.79 -27.38
CA ILE FA 515 90.58 -26.99 -26.90
C ILE FA 515 91.50 -26.66 -28.07
N ASP FA 516 92.26 -25.58 -27.91
CA ASP FA 516 93.23 -25.19 -28.91
C ASP FA 516 94.34 -26.25 -29.00
N VAL FA 517 94.66 -26.65 -30.22
CA VAL FA 517 95.64 -27.73 -30.42
C VAL FA 517 97.02 -27.28 -29.95
N ARG FA 518 97.36 -26.01 -30.16
CA ARG FA 518 98.68 -25.52 -29.81
C ARG FA 518 98.95 -25.60 -28.31
N ASN FA 519 97.92 -25.67 -27.49
CA ASN FA 519 98.11 -25.72 -26.03
C ASN FA 519 98.65 -27.06 -25.55
N ILE FA 520 98.68 -28.08 -26.40
CA ILE FA 520 99.09 -29.41 -26.00
C ILE FA 520 100.20 -29.88 -26.94
N LYS FA 521 101.08 -30.72 -26.41
CA LYS FA 521 102.16 -31.27 -27.23
C LYS FA 521 101.60 -32.20 -28.29
N THR FA 522 102.35 -32.32 -29.39
CA THR FA 522 101.94 -33.17 -30.50
C THR FA 522 102.02 -34.64 -30.09
N ARG FA 523 101.43 -35.50 -30.93
CA ARG FA 523 101.43 -36.94 -30.64
C ARG FA 523 102.84 -37.49 -30.55
N GLU FA 524 103.71 -37.09 -31.48
CA GLU FA 524 105.09 -37.59 -31.46
C GLU FA 524 105.82 -37.13 -30.21
N GLU FA 525 105.58 -35.89 -29.78
CA GLU FA 525 106.18 -35.41 -28.54
C GLU FA 525 105.62 -36.16 -27.33
N LEU FA 526 104.32 -36.46 -27.34
CA LEU FA 526 103.73 -37.21 -26.24
C LEU FA 526 104.27 -38.62 -26.18
N GLU FA 527 104.44 -39.27 -27.34
CA GLU FA 527 105.00 -40.61 -27.36
C GLU FA 527 106.42 -40.63 -26.81
N GLN FA 528 107.22 -39.63 -27.17
CA GLN FA 528 108.58 -39.54 -26.64
C GLN FA 528 108.56 -39.35 -25.13
N LEU FA 529 107.65 -38.51 -24.64
CA LEU FA 529 107.53 -38.31 -23.20
C LEU FA 529 107.14 -39.60 -22.49
N LEU FA 530 106.18 -40.34 -23.05
CA LEU FA 530 105.76 -41.60 -22.46
C LEU FA 530 106.90 -42.62 -22.47
N GLN FA 531 107.67 -42.66 -23.56
CA GLN FA 531 108.79 -43.58 -23.63
C GLN FA 531 109.83 -43.27 -22.57
N ALA FA 532 110.10 -41.98 -22.34
CA ALA FA 532 111.04 -41.60 -21.28
C ALA FA 532 110.50 -41.97 -19.91
N ALA FA 533 109.20 -41.80 -19.68
CA ALA FA 533 108.61 -42.15 -18.40
C ALA FA 533 108.70 -43.65 -18.12
N GLY FA 534 108.69 -44.47 -19.18
CA GLY FA 534 108.91 -45.89 -18.99
C GLY FA 534 110.34 -46.20 -18.56
N GLN FA 535 111.30 -45.50 -19.13
CA GLN FA 535 112.70 -45.72 -18.76
C GLN FA 535 112.98 -45.27 -17.34
N ILE FA 536 112.31 -44.21 -16.88
CA ILE FA 536 112.46 -43.79 -15.49
C ILE FA 536 111.95 -44.86 -14.55
N ALA FA 537 110.82 -45.48 -14.89
CA ALA FA 537 110.27 -46.54 -14.04
C ALA FA 537 111.19 -47.74 -13.99
N GLN FA 538 111.81 -48.10 -15.11
CA GLN FA 538 112.73 -49.23 -15.11
C GLN FA 538 113.91 -48.99 -14.19
N GLN FA 539 114.50 -47.80 -14.26
CA GLN FA 539 115.67 -47.51 -13.43
C GLN FA 539 115.29 -47.42 -11.96
N GLU FA 540 114.18 -46.76 -11.65
CA GLU FA 540 113.77 -46.63 -10.25
C GLU FA 540 113.40 -48.00 -9.66
N ALA FA 541 112.74 -48.85 -10.46
CA ALA FA 541 112.45 -50.20 -9.99
C ALA FA 541 113.73 -51.02 -9.84
N ALA FA 542 114.69 -50.84 -10.75
CA ALA FA 542 115.94 -51.58 -10.66
C ALA FA 542 116.73 -51.22 -9.42
N GLN FA 543 116.62 -49.98 -8.96
CA GLN FA 543 117.30 -49.56 -7.74
C GLN FA 543 116.68 -50.17 -6.48
N GLN FA 544 115.47 -50.73 -6.58
CA GLN FA 544 114.85 -51.43 -5.47
C GLN FA 544 114.95 -52.94 -5.61
N GLY FA 545 115.72 -53.43 -6.57
CA GLY FA 545 115.88 -54.85 -6.78
C GLY FA 545 114.80 -55.49 -7.64
N VAL FA 546 113.87 -54.72 -8.18
CA VAL FA 546 112.80 -55.24 -9.02
C VAL FA 546 113.16 -54.99 -10.47
N ILE FA 547 113.00 -56.01 -11.30
CA ILE FA 547 113.25 -55.92 -12.74
C ILE FA 547 111.91 -55.96 -13.45
N ILE FA 548 111.63 -54.93 -14.24
CA ILE FA 548 110.38 -54.86 -14.98
C ILE FA 548 110.57 -55.41 -16.40
N VAL GA 30 52.59 -51.35 -67.23
CA VAL GA 30 52.10 -49.98 -67.13
C VAL GA 30 50.61 -49.97 -66.83
N ASN GA 31 49.87 -50.88 -67.49
CA ASN GA 31 48.44 -50.98 -67.22
C ASN GA 31 48.17 -51.39 -65.79
N ARG GA 32 49.00 -52.30 -65.25
CA ARG GA 32 48.85 -52.68 -63.85
C ARG GA 32 49.21 -51.52 -62.92
N LEU GA 33 50.20 -50.70 -63.31
CA LEU GA 33 50.55 -49.54 -62.51
C LEU GA 33 49.39 -48.59 -62.36
N CYS GA 34 48.67 -48.33 -63.45
CA CYS GA 34 47.54 -47.40 -63.40
C CYS GA 34 46.40 -47.96 -62.55
N ARG GA 35 46.17 -49.27 -62.59
CA ARG GA 35 45.14 -49.84 -61.73
C ARG GA 35 45.51 -49.68 -60.25
N MET GA 36 46.77 -49.93 -59.91
CA MET GA 36 47.20 -49.75 -58.52
C MET GA 36 47.09 -48.29 -58.11
N ARG GA 37 47.47 -47.38 -58.98
CA ARG GA 37 47.43 -45.96 -58.64
C ARG GA 37 46.00 -45.48 -58.46
N ASN GA 38 45.08 -45.96 -59.29
CA ASN GA 38 43.68 -45.55 -59.14
C ASN GA 38 43.08 -46.07 -57.83
N ASP GA 39 43.43 -47.28 -57.43
CA ASP GA 39 42.95 -47.80 -56.16
C ASP GA 39 43.54 -47.04 -54.98
N ALA GA 40 44.82 -46.70 -55.05
CA ALA GA 40 45.43 -45.90 -53.99
C ALA GA 40 44.88 -44.49 -53.98
N LYS GA 41 44.43 -43.99 -55.13
CA LYS GA 41 43.87 -42.65 -55.19
C LYS GA 41 42.49 -42.59 -54.56
N SER GA 42 41.70 -43.66 -54.69
CA SER GA 42 40.38 -43.70 -54.07
C SER GA 42 40.47 -43.74 -52.55
N ASP GA 43 41.50 -44.39 -52.02
CA ASP GA 43 41.70 -44.37 -50.57
C ASP GA 43 41.98 -42.96 -50.07
N LEU GA 44 42.81 -42.21 -50.80
CA LEU GA 44 43.12 -40.84 -50.42
C LEU GA 44 41.87 -39.97 -50.47
N ASP GA 45 41.04 -40.15 -51.49
CA ASP GA 45 39.81 -39.37 -51.60
C ASP GA 45 38.86 -39.64 -50.45
N MET GA 46 38.87 -40.86 -49.91
CA MET GA 46 38.03 -41.17 -48.75
C MET GA 46 38.59 -40.55 -47.47
N TRP GA 47 39.88 -40.26 -47.40
CA TRP GA 47 40.48 -39.64 -46.23
C TRP GA 47 40.42 -38.12 -46.25
N ARG GA 48 40.08 -37.50 -47.40
CA ARG GA 48 40.26 -36.07 -47.54
C ARG GA 48 39.42 -35.28 -46.56
N SER GA 49 38.17 -35.69 -46.34
CA SER GA 49 37.28 -34.90 -45.51
C SER GA 49 37.77 -34.85 -44.06
N ILE GA 50 38.09 -35.99 -43.48
CA ILE GA 50 38.48 -36.01 -42.07
C ILE GA 50 39.87 -35.41 -41.89
N LEU GA 51 40.77 -35.59 -42.85
CA LEU GA 51 42.12 -35.06 -42.69
C LEU GA 51 42.17 -33.56 -42.90
N GLN GA 52 41.40 -33.03 -43.85
CA GLN GA 52 41.35 -31.58 -44.01
C GLN GA 52 40.77 -30.93 -42.76
N THR GA 53 39.74 -31.54 -42.18
CA THR GA 53 39.17 -31.01 -40.93
C THR GA 53 40.18 -31.09 -39.79
N ALA GA 54 40.85 -32.23 -39.65
CA ALA GA 54 41.79 -32.40 -38.54
C ALA GA 54 42.97 -31.44 -38.67
N TYR GA 55 43.51 -31.28 -39.87
CA TYR GA 55 44.59 -30.33 -40.08
C TYR GA 55 44.14 -28.91 -39.85
N HIS GA 56 42.87 -28.60 -40.14
CA HIS GA 56 42.39 -27.24 -39.97
C HIS GA 56 42.46 -26.80 -38.52
N TYR GA 57 42.05 -27.67 -37.59
CA TYR GA 57 42.04 -27.28 -36.19
C TYR GA 57 43.40 -27.45 -35.52
N ALA GA 58 44.29 -28.25 -36.07
CA ALA GA 58 45.61 -28.47 -35.48
C ALA GA 58 46.71 -27.61 -36.11
N MET GA 59 46.76 -27.54 -37.43
CA MET GA 59 47.76 -26.73 -38.14
C MET GA 59 47.07 -25.93 -39.24
N PRO GA 60 46.29 -24.91 -38.89
CA PRO GA 60 45.49 -24.21 -39.91
C PRO GA 60 46.30 -23.62 -41.04
N ASP GA 61 47.50 -23.10 -40.77
CA ASP GA 61 48.28 -22.44 -41.81
C ASP GA 61 49.13 -23.39 -42.65
N TYR GA 62 49.29 -24.64 -42.22
CA TYR GA 62 50.12 -25.60 -42.92
C TYR GA 62 49.31 -26.83 -43.32
N ASN GA 63 48.08 -26.61 -43.73
CA ASN GA 63 47.15 -27.68 -44.09
C ASN GA 63 47.37 -28.06 -45.55
N PRO GA 64 47.97 -29.22 -45.82
CA PRO GA 64 48.25 -29.60 -47.21
C PRO GA 64 47.02 -30.05 -47.98
N PHE GA 65 45.92 -30.34 -47.31
CA PHE GA 65 44.69 -30.79 -47.97
C PHE GA 65 43.82 -29.64 -48.43
N GLU GA 66 44.22 -28.39 -48.16
CA GLU GA 66 43.40 -27.25 -48.54
C GLU GA 66 43.34 -27.12 -50.05
N ASN GA 67 42.22 -26.56 -50.53
CA ASN GA 67 41.96 -26.41 -51.96
C ASN GA 67 42.06 -27.73 -52.68
N TYR GA 68 41.48 -28.78 -52.08
CA TYR GA 68 41.46 -30.13 -52.65
C TYR GA 68 42.86 -30.63 -53.00
N GLY GA 69 43.80 -30.36 -52.11
CA GLY GA 69 45.16 -30.85 -52.25
C GLY GA 69 46.10 -29.93 -52.98
N LEU GA 70 45.58 -28.92 -53.69
CA LEU GA 70 46.45 -28.00 -54.41
C LEU GA 70 47.23 -27.11 -53.44
N ALA GA 71 46.63 -26.75 -52.31
CA ALA GA 71 47.27 -25.94 -51.27
C ALA GA 71 47.71 -24.62 -51.91
N GLY GA 72 48.97 -24.24 -51.85
CA GLY GA 72 49.43 -22.98 -52.39
C GLY GA 72 49.93 -23.01 -53.82
N PHE GA 73 49.78 -24.13 -54.52
CA PHE GA 73 50.30 -24.21 -55.89
C PHE GA 73 49.58 -23.25 -56.82
N LEU GA 74 48.26 -23.13 -56.70
CA LEU GA 74 47.50 -22.27 -57.60
C LEU GA 74 47.41 -20.85 -57.07
N THR GA 75 47.03 -20.67 -55.81
CA THR GA 75 46.83 -19.36 -55.21
C THR GA 75 47.63 -19.24 -53.92
N PRO GA 76 48.87 -18.78 -54.00
CA PRO GA 76 49.64 -18.54 -52.78
C PRO GA 76 49.14 -17.32 -52.03
N GLY GA 77 49.52 -17.24 -50.76
CA GLY GA 77 49.15 -16.10 -49.94
C GLY GA 77 47.73 -16.09 -49.45
N GLN GA 78 47.02 -17.21 -49.54
CA GLN GA 78 45.65 -17.29 -49.10
C GLN GA 78 45.58 -17.32 -47.57
N GLN GA 79 44.49 -16.77 -47.03
CA GLN GA 79 44.27 -16.78 -45.59
C GLN GA 79 43.54 -18.04 -45.18
N TYR GA 80 44.05 -18.73 -44.16
CA TYR GA 80 43.48 -20.00 -43.73
C TYR GA 80 43.03 -20.04 -42.29
N ASN GA 81 43.56 -19.20 -41.41
CA ASN GA 81 43.36 -19.37 -39.98
C ASN GA 81 42.45 -18.29 -39.37
N ALA GA 82 41.68 -17.58 -40.19
CA ALA GA 82 40.85 -16.50 -39.65
C ALA GA 82 39.73 -17.03 -38.77
N ASP GA 83 39.28 -18.25 -38.98
CA ASP GA 83 38.17 -18.81 -38.22
C ASP GA 83 38.63 -19.76 -37.13
N ILE GA 84 39.92 -19.76 -36.79
CA ILE GA 84 40.42 -20.53 -35.66
C ILE GA 84 40.53 -19.55 -34.50
N TYR GA 85 39.47 -19.45 -33.71
CA TYR GA 85 39.45 -18.50 -32.59
C TYR GA 85 40.24 -19.00 -31.40
N ASP GA 86 40.28 -20.31 -31.19
CA ASP GA 86 40.98 -20.90 -30.06
C ASP GA 86 42.24 -21.59 -30.53
N LEU GA 87 43.37 -21.28 -29.89
CA LEU GA 87 44.67 -21.81 -30.28
C LEU GA 87 45.17 -22.90 -29.35
N THR GA 88 44.28 -23.48 -28.53
CA THR GA 88 44.72 -24.51 -27.59
C THR GA 88 45.30 -25.72 -28.33
N LEU GA 89 44.55 -26.25 -29.30
CA LEU GA 89 45.06 -27.40 -30.05
C LEU GA 89 46.29 -27.07 -30.88
N PRO GA 90 46.31 -25.99 -31.68
CA PRO GA 90 47.55 -25.71 -32.44
C PRO GA 90 48.78 -25.52 -31.59
N ILE GA 91 48.65 -24.88 -30.42
CA ILE GA 91 49.82 -24.71 -29.55
C ILE GA 91 50.28 -26.04 -28.98
N ALA GA 92 49.34 -26.83 -28.46
CA ALA GA 92 49.71 -28.12 -27.86
C ALA GA 92 50.26 -29.07 -28.92
N HIS GA 93 49.70 -29.02 -30.13
CA HIS GA 93 50.16 -29.89 -31.20
C HIS GA 93 51.60 -29.58 -31.59
N LYS GA 94 51.91 -28.30 -31.78
CA LYS GA 94 53.26 -27.91 -32.16
C LYS GA 94 54.26 -28.21 -31.05
N ARG GA 95 53.88 -27.98 -29.80
CA ARG GA 95 54.79 -28.23 -28.69
C ARG GA 95 55.04 -29.72 -28.50
N LEU GA 96 54.01 -30.55 -28.71
CA LEU GA 96 54.22 -31.99 -28.59
C LEU GA 96 55.15 -32.51 -29.68
N ALA GA 97 54.98 -32.05 -30.91
CA ALA GA 97 55.87 -32.49 -31.99
C ALA GA 97 57.30 -32.04 -31.73
N ASP GA 98 57.48 -30.80 -31.25
CA ASP GA 98 58.82 -30.32 -30.92
C ASP GA 98 59.42 -31.14 -29.80
N LYS GA 99 58.62 -31.49 -28.80
CA LYS GA 99 59.10 -32.29 -27.68
C LYS GA 99 59.51 -33.69 -28.14
N MET GA 100 58.76 -34.28 -29.07
CA MET GA 100 59.13 -35.59 -29.59
C MET GA 100 60.42 -35.54 -30.37
N LEU GA 101 60.66 -34.44 -31.08
CA LEU GA 101 61.89 -34.31 -31.86
C LEU GA 101 63.11 -34.27 -30.95
N MET GA 102 63.04 -33.53 -29.84
CA MET GA 102 64.19 -33.39 -28.96
C MET GA 102 64.44 -34.62 -28.10
N ASN GA 103 63.45 -35.48 -27.93
CA ASN GA 103 63.61 -36.68 -27.11
C ASN GA 103 63.93 -37.92 -27.92
N MET GA 104 63.63 -37.93 -29.22
CA MET GA 104 63.95 -39.06 -30.08
C MET GA 104 65.25 -38.87 -30.85
N VAL GA 105 65.47 -37.68 -31.41
CA VAL GA 105 66.69 -37.40 -32.16
C VAL GA 105 67.26 -36.08 -31.68
N PRO GA 106 67.80 -36.01 -30.45
CA PRO GA 106 68.33 -34.74 -29.97
C PRO GA 106 69.48 -34.22 -30.82
N GLN GA 107 69.26 -33.09 -31.49
CA GLN GA 107 70.25 -32.56 -32.41
C GLN GA 107 71.53 -32.19 -31.67
N GLY GA 108 72.66 -32.45 -32.31
CA GLY GA 108 73.93 -32.23 -31.66
C GLY GA 108 74.30 -33.27 -30.63
N GLN GA 109 73.65 -34.43 -30.67
CA GLN GA 109 74.00 -35.55 -29.82
C GLN GA 109 74.08 -36.81 -30.68
N GLN GA 110 74.71 -37.84 -30.14
CA GLN GA 110 74.90 -39.10 -30.85
C GLN GA 110 73.82 -40.07 -30.38
N TRP GA 111 72.62 -39.91 -30.93
CA TRP GA 111 71.46 -40.64 -30.45
C TRP GA 111 71.36 -42.06 -30.98
N VAL GA 112 72.26 -42.47 -31.88
CA VAL GA 112 72.32 -43.85 -32.32
C VAL GA 112 73.78 -44.24 -32.51
N LYS GA 113 74.06 -45.52 -32.30
CA LYS GA 113 75.41 -46.06 -32.42
C LYS GA 113 75.39 -47.30 -33.30
N PHE GA 114 76.40 -47.41 -34.16
CA PHE GA 114 76.62 -48.65 -34.88
C PHE GA 114 77.43 -49.61 -34.02
N THR GA 115 77.02 -50.88 -34.03
CA THR GA 115 77.67 -51.91 -33.24
C THR GA 115 77.96 -53.11 -34.13
N PRO GA 116 78.97 -53.92 -33.79
CA PRO GA 116 79.25 -55.12 -34.57
C PRO GA 116 78.06 -56.07 -34.56
N GLY GA 117 77.82 -56.71 -35.69
CA GLY GA 117 76.72 -57.64 -35.82
C GLY GA 117 77.02 -58.98 -35.21
N ASP GA 118 76.06 -59.90 -35.35
CA ASP GA 118 76.18 -61.22 -34.75
C ASP GA 118 77.30 -62.04 -35.36
N GLU GA 119 77.75 -61.69 -36.57
CA GLU GA 119 78.80 -62.46 -37.22
C GLU GA 119 80.15 -62.34 -36.53
N PHE GA 120 80.34 -61.32 -35.70
CA PHE GA 120 81.63 -61.10 -35.04
C PHE GA 120 81.75 -61.81 -33.70
N GLY GA 121 80.75 -62.57 -33.30
CA GLY GA 121 80.84 -63.36 -32.09
C GLY GA 121 80.42 -62.59 -30.85
N GLU GA 122 80.78 -63.16 -29.71
CA GLU GA 122 80.39 -62.58 -28.44
C GLU GA 122 81.21 -61.31 -28.15
N PRO GA 123 80.60 -60.31 -27.51
CA PRO GA 123 81.35 -59.11 -27.16
C PRO GA 123 82.48 -59.42 -26.18
N GLY GA 124 83.55 -58.64 -26.29
CA GLY GA 124 84.67 -58.75 -25.38
C GLY GA 124 85.87 -59.50 -25.94
N THR GA 125 85.69 -60.27 -26.99
CA THR GA 125 86.81 -61.00 -27.59
C THR GA 125 87.71 -60.03 -28.36
N PRO GA 126 88.97 -60.40 -28.58
CA PRO GA 126 89.86 -59.51 -29.35
C PRO GA 126 89.34 -59.20 -30.74
N LEU GA 127 88.72 -60.18 -31.42
CA LEU GA 127 88.18 -59.93 -32.75
C LEU GA 127 87.01 -58.95 -32.70
N TYR GA 128 86.13 -59.12 -31.73
CA TYR GA 128 85.01 -58.20 -31.56
C TYR GA 128 85.49 -56.79 -31.23
N GLN GA 129 86.60 -56.68 -30.50
CA GLN GA 129 87.10 -55.37 -30.10
C GLN GA 129 87.54 -54.55 -31.30
N ARG GA 130 88.13 -55.20 -32.30
CA ARG GA 130 88.57 -54.47 -33.49
C ARG GA 130 87.38 -54.06 -34.36
N ALA GA 131 86.36 -54.90 -34.45
CA ALA GA 131 85.15 -54.51 -35.15
C ALA GA 131 84.45 -53.36 -34.43
N LEU GA 132 84.44 -53.39 -33.10
CA LEU GA 132 83.83 -52.33 -32.32
C LEU GA 132 84.54 -50.99 -32.54
N ASP GA 133 85.86 -51.03 -32.72
CA ASP GA 133 86.59 -49.81 -33.02
C ASP GA 133 86.18 -49.25 -34.38
N ALA GA 134 85.99 -50.11 -35.38
CA ALA GA 134 85.60 -49.65 -36.70
C ALA GA 134 84.20 -49.06 -36.70
N THR GA 135 83.26 -49.69 -35.99
CA THR GA 135 81.90 -49.18 -35.97
C THR GA 135 81.80 -47.87 -35.20
N GLN GA 136 82.67 -47.66 -34.22
CA GLN GA 136 82.70 -46.37 -33.54
C GLN GA 136 83.19 -45.27 -34.47
N ARG GA 137 84.15 -45.57 -35.33
CA ARG GA 137 84.55 -44.60 -36.36
C ARG GA 137 83.43 -44.35 -37.34
N MET GA 138 82.69 -45.39 -37.72
CA MET GA 138 81.57 -45.22 -38.64
C MET GA 138 80.49 -44.33 -38.04
N THR GA 139 80.22 -44.49 -36.74
CA THR GA 139 79.21 -43.67 -36.09
C THR GA 139 79.59 -42.20 -36.12
N ASP GA 140 80.85 -41.88 -35.86
CA ASP GA 140 81.29 -40.49 -35.88
C ASP GA 140 81.13 -39.88 -37.27
N HIS GA 141 81.53 -40.61 -38.31
CA HIS GA 141 81.41 -40.08 -39.66
C HIS GA 141 79.97 -40.00 -40.11
N PHE GA 142 79.13 -40.94 -39.67
CA PHE GA 142 77.72 -40.91 -40.04
C PHE GA 142 77.05 -39.65 -39.52
N PHE GA 143 77.37 -39.25 -38.29
CA PHE GA 143 76.73 -38.07 -37.72
C PHE GA 143 77.29 -36.77 -38.26
N LYS GA 144 78.53 -36.75 -38.76
CA LYS GA 144 79.02 -35.56 -39.42
C LYS GA 144 78.24 -35.27 -40.70
N ILE GA 145 77.89 -36.32 -41.44
CA ILE GA 145 77.09 -36.15 -42.65
C ILE GA 145 75.69 -35.68 -42.29
N ILE GA 146 75.08 -36.30 -41.29
CA ILE GA 146 73.70 -35.98 -40.94
C ILE GA 146 73.60 -34.57 -40.34
N ASP GA 147 74.61 -34.17 -39.55
CA ASP GA 147 74.55 -32.88 -38.88
C ASP GA 147 74.64 -31.70 -39.85
N ARG GA 148 75.20 -31.89 -41.04
CA ARG GA 148 75.27 -30.81 -42.01
C ARG GA 148 74.18 -30.89 -43.06
N SER GA 149 73.23 -31.82 -42.93
CA SER GA 149 72.13 -31.93 -43.86
C SER GA 149 70.89 -31.27 -43.26
N ASN GA 150 69.77 -31.39 -43.98
CA ASN GA 150 68.50 -30.88 -43.49
C ASN GA 150 67.67 -31.98 -42.83
N PHE GA 151 68.35 -32.93 -42.18
CA PHE GA 151 67.66 -34.07 -41.58
C PHE GA 151 66.69 -33.62 -40.50
N TYR GA 152 67.15 -32.76 -39.58
CA TYR GA 152 66.31 -32.38 -38.47
C TYR GA 152 65.16 -31.48 -38.89
N LEU GA 153 65.36 -30.69 -39.95
CA LEU GA 153 64.26 -29.90 -40.49
C LEU GA 153 63.19 -30.80 -41.07
N ALA GA 154 63.59 -31.86 -41.77
CA ALA GA 154 62.62 -32.77 -42.39
C ALA GA 154 61.90 -33.60 -41.33
N VAL GA 155 62.62 -34.10 -40.33
CA VAL GA 155 62.00 -34.93 -39.32
C VAL GA 155 61.00 -34.12 -38.51
N GLY GA 156 61.34 -32.88 -38.17
CA GLY GA 156 60.43 -32.05 -37.40
C GLY GA 156 59.11 -31.81 -38.10
N GLU GA 157 59.14 -31.58 -39.41
CA GLU GA 157 57.92 -31.38 -40.16
C GLU GA 157 57.09 -32.67 -40.23
N SER GA 158 57.75 -33.80 -40.43
CA SER GA 158 57.02 -35.06 -40.54
C SER GA 158 56.42 -35.48 -39.20
N LEU GA 159 57.04 -35.10 -38.09
CA LEU GA 159 56.46 -35.41 -36.78
C LEU GA 159 55.16 -34.66 -36.57
N GLN GA 160 55.03 -33.46 -37.13
CA GLN GA 160 53.75 -32.76 -37.06
C GLN GA 160 52.68 -33.46 -37.89
N ASP GA 161 53.08 -34.09 -38.99
CA ASP GA 161 52.12 -34.85 -39.79
C ASP GA 161 51.69 -36.12 -39.06
N VAL GA 162 52.62 -36.82 -38.42
CA VAL GA 162 52.29 -38.09 -37.79
C VAL GA 162 51.37 -37.89 -36.59
N LEU GA 163 51.43 -36.71 -35.96
CA LEU GA 163 50.52 -36.45 -34.84
C LEU GA 163 49.08 -36.41 -35.30
N ILE GA 164 48.82 -36.22 -36.59
CA ILE GA 164 47.44 -36.24 -37.07
C ILE GA 164 47.13 -37.59 -37.70
N SER GA 165 47.78 -37.92 -38.81
CA SER GA 165 47.59 -39.24 -39.39
C SER GA 165 48.89 -40.00 -39.64
N THR GA 166 49.78 -39.43 -40.44
CA THR GA 166 50.85 -40.19 -41.06
C THR GA 166 51.95 -39.24 -41.51
N GLY GA 167 53.19 -39.56 -41.18
CA GLY GA 167 54.35 -38.82 -41.64
C GLY GA 167 55.09 -39.60 -42.70
N ILE GA 168 55.64 -38.89 -43.68
CA ILE GA 168 56.41 -39.48 -44.76
C ILE GA 168 57.71 -38.69 -44.91
N ILE GA 169 58.82 -39.40 -45.00
CA ILE GA 169 60.13 -38.79 -45.23
C ILE GA 169 60.75 -39.41 -46.47
N ALA GA 170 61.17 -38.58 -47.40
CA ALA GA 170 61.85 -39.02 -48.60
C ALA GA 170 63.34 -38.77 -48.43
N ILE GA 171 64.14 -39.81 -48.62
CA ILE GA 171 65.60 -39.74 -48.50
C ILE GA 171 66.18 -40.02 -49.87
N ASN GA 172 66.79 -39.00 -50.47
CA ASN GA 172 67.19 -39.06 -51.86
C ASN GA 172 68.70 -38.83 -52.01
N GLU GA 173 69.23 -39.34 -53.10
CA GLU GA 173 70.63 -39.10 -53.43
C GLU GA 173 70.85 -37.65 -53.80
N GLY GA 174 72.02 -37.13 -53.44
CA GLY GA 174 72.41 -35.80 -53.83
C GLY GA 174 73.67 -35.80 -54.68
N ASN GA 175 74.71 -35.14 -54.21
CA ASN GA 175 76.00 -35.11 -54.90
C ASN GA 175 77.09 -34.97 -53.86
N ARG GA 176 78.30 -34.61 -54.31
CA ARG GA 176 79.43 -34.50 -53.39
C ARG GA 176 79.19 -33.44 -52.33
N LYS GA 177 78.60 -32.31 -52.70
CA LYS GA 177 78.41 -31.22 -51.75
C LYS GA 177 77.33 -31.57 -50.73
N ARG GA 178 76.21 -32.13 -51.18
CA ARG GA 178 75.12 -32.55 -50.31
C ARG GA 178 74.75 -33.98 -50.65
N PRO GA 179 75.43 -34.95 -50.04
CA PRO GA 179 75.19 -36.36 -50.40
C PRO GA 179 73.77 -36.84 -50.16
N VAL GA 180 73.11 -36.38 -49.10
CA VAL GA 180 71.80 -36.90 -48.73
C VAL GA 180 70.83 -35.73 -48.61
N ARG GA 181 69.67 -35.88 -49.24
CA ARG GA 181 68.60 -34.89 -49.18
C ARG GA 181 67.40 -35.50 -48.48
N TYR GA 182 66.84 -34.79 -47.52
CA TYR GA 182 65.65 -35.22 -46.80
C TYR GA 182 64.50 -34.28 -47.13
N GLU GA 183 63.29 -34.82 -47.11
CA GLU GA 183 62.10 -34.01 -47.36
C GLU GA 183 60.91 -34.65 -46.65
N ALA GA 184 60.14 -33.83 -45.96
CA ALA GA 184 58.87 -34.28 -45.39
C ALA GA 184 57.81 -34.19 -46.49
N VAL GA 185 57.41 -35.33 -47.02
CA VAL GA 185 56.43 -35.35 -48.11
C VAL GA 185 55.06 -35.03 -47.55
N PRO GA 186 54.33 -34.08 -48.12
CA PRO GA 186 52.97 -33.79 -47.66
C PRO GA 186 52.08 -35.01 -47.82
N PRO GA 187 51.24 -35.31 -46.82
CA PRO GA 187 50.38 -36.50 -46.91
C PRO GA 187 49.33 -36.41 -48.01
N ALA GA 188 48.99 -35.22 -48.48
CA ALA GA 188 47.96 -35.09 -49.51
C ALA GA 188 48.49 -35.35 -50.91
N GLN GA 189 49.81 -35.54 -51.07
CA GLN GA 189 50.41 -35.76 -52.37
C GLN GA 189 50.99 -37.16 -52.51
N VAL GA 190 50.73 -38.05 -51.55
CA VAL GA 190 51.18 -39.44 -51.62
C VAL GA 190 49.97 -40.34 -51.50
N MET GA 191 50.07 -41.52 -52.12
CA MET GA 191 49.06 -42.55 -52.07
C MET GA 191 49.73 -43.88 -51.78
N PHE GA 192 49.04 -44.75 -51.07
CA PHE GA 192 49.64 -45.98 -50.58
C PHE GA 192 48.80 -47.19 -51.00
N GLN GA 193 49.50 -48.29 -51.22
CA GLN GA 193 48.92 -49.62 -51.19
C GLN GA 193 49.53 -50.38 -50.03
N GLY GA 194 48.70 -51.13 -49.31
CA GLY GA 194 49.16 -51.84 -48.12
C GLY GA 194 49.03 -53.34 -48.30
N ASP GA 195 49.90 -54.08 -47.61
CA ASP GA 195 49.83 -55.53 -47.61
C ASP GA 195 48.81 -55.98 -46.57
N ALA GA 196 48.78 -57.29 -46.29
CA ALA GA 196 47.78 -57.82 -45.37
C ALA GA 196 48.07 -57.46 -43.92
N GLU GA 197 49.31 -57.11 -43.59
CA GLU GA 197 49.69 -56.77 -42.23
C GLU GA 197 49.67 -55.28 -41.95
N GLY GA 198 49.26 -54.46 -42.92
CA GLY GA 198 49.21 -53.03 -42.74
C GLY GA 198 50.45 -52.27 -43.17
N GLN GA 199 51.51 -52.97 -43.56
CA GLN GA 199 52.70 -52.31 -44.05
C GLN GA 199 52.49 -51.79 -45.46
N VAL GA 200 53.22 -50.74 -45.81
CA VAL GA 200 53.12 -50.14 -47.14
C VAL GA 200 53.99 -50.91 -48.11
N ASP GA 201 53.42 -51.28 -49.27
CA ASP GA 201 54.17 -51.97 -50.30
C ASP GA 201 54.03 -51.32 -51.68
N ALA GA 202 53.49 -50.11 -51.76
CA ALA GA 202 53.48 -49.34 -52.99
C ALA GA 202 53.18 -47.90 -52.66
N ILE GA 203 53.97 -46.98 -53.22
CA ILE GA 203 53.85 -45.56 -52.94
C ILE GA 203 53.78 -44.81 -54.26
N PHE GA 204 52.83 -43.90 -54.37
CA PHE GA 204 52.70 -43.03 -55.53
C PHE GA 204 52.72 -41.58 -55.07
N ARG GA 205 53.68 -40.81 -55.55
CA ARG GA 205 53.82 -39.41 -55.17
C ARG GA 205 53.59 -38.54 -56.39
N ASP GA 206 52.73 -37.53 -56.25
CA ASP GA 206 52.39 -36.63 -57.33
C ASP GA 206 53.25 -35.38 -57.26
N TRP GA 207 53.80 -34.99 -58.42
CA TRP GA 207 54.52 -33.73 -58.56
C TRP GA 207 53.71 -32.84 -59.51
N TYR GA 208 53.45 -31.61 -59.08
CA TYR GA 208 52.56 -30.72 -59.80
C TYR GA 208 53.39 -29.66 -60.53
N GLN GA 209 53.24 -29.62 -61.85
CA GLN GA 209 53.81 -28.58 -62.71
C GLN GA 209 55.30 -28.39 -62.45
N VAL GA 210 56.06 -29.44 -62.73
CA VAL GA 210 57.51 -29.40 -62.63
C VAL GA 210 58.09 -28.97 -63.96
N ARG GA 211 59.04 -28.03 -63.92
CA ARG GA 211 59.73 -27.62 -65.13
C ARG GA 211 60.63 -28.73 -65.65
N ILE GA 212 60.81 -28.76 -66.97
CA ILE GA 212 61.63 -29.80 -67.60
C ILE GA 212 63.07 -29.71 -67.11
N GLU GA 213 63.62 -28.50 -67.01
CA GLU GA 213 64.97 -28.35 -66.50
C GLU GA 213 65.09 -28.84 -65.06
N ASN GA 214 63.99 -28.81 -64.32
CA ASN GA 214 64.01 -29.30 -62.94
C ASN GA 214 64.04 -30.82 -62.88
N ILE GA 215 63.49 -31.49 -63.90
CA ILE GA 215 63.40 -32.95 -63.88
C ILE GA 215 64.78 -33.58 -63.85
N LYS GA 216 65.70 -33.06 -64.67
CA LYS GA 216 67.04 -33.63 -64.74
C LYS GA 216 67.80 -33.46 -63.43
N SER GA 217 67.51 -32.40 -62.67
CA SER GA 217 68.25 -32.19 -61.43
C SER GA 217 67.79 -33.15 -60.34
N MET GA 218 66.49 -33.44 -60.27
CA MET GA 218 65.99 -34.38 -59.27
C MET GA 218 66.33 -35.81 -59.65
N TRP GA 219 66.19 -36.16 -60.93
CA TRP GA 219 66.46 -37.51 -61.43
C TRP GA 219 67.50 -37.41 -62.55
N PRO GA 220 68.79 -37.49 -62.22
CA PRO GA 220 69.83 -37.24 -63.23
C PRO GA 220 69.78 -38.16 -64.43
N LYS GA 221 69.33 -39.40 -64.29
CA LYS GA 221 69.34 -40.36 -65.39
C LYS GA 221 68.02 -40.42 -66.12
N ALA GA 222 67.09 -39.51 -65.83
CA ALA GA 222 65.82 -39.48 -66.55
C ALA GA 222 66.02 -39.11 -68.01
N GLU GA 223 65.14 -39.61 -68.86
CA GLU GA 223 65.19 -39.35 -70.30
C GLU GA 223 64.16 -38.27 -70.60
N VAL GA 224 64.60 -37.02 -70.55
CA VAL GA 224 63.70 -35.89 -70.81
C VAL GA 224 63.70 -35.47 -72.27
N ALA GA 225 64.70 -35.88 -73.05
CA ALA GA 225 64.78 -35.44 -74.44
C ALA GA 225 63.60 -35.96 -75.27
N LYS GA 226 63.08 -37.13 -74.93
CA LYS GA 226 61.98 -37.71 -75.71
C LYS GA 226 60.71 -36.89 -75.62
N LEU GA 227 60.57 -36.03 -74.62
CA LEU GA 227 59.36 -35.23 -74.49
C LEU GA 227 59.32 -34.11 -75.51
N ASN GA 228 60.48 -33.64 -75.97
CA ASN GA 228 60.59 -32.56 -76.94
C ASN GA 228 59.87 -31.29 -76.45
N LYS GA 229 60.35 -30.79 -75.32
CA LYS GA 229 59.78 -29.60 -74.70
C LYS GA 229 60.90 -28.65 -74.32
N LYS GA 230 60.57 -27.36 -74.27
CA LYS GA 230 61.54 -26.36 -73.87
C LYS GA 230 61.87 -26.49 -72.39
N PRO GA 231 63.05 -26.04 -71.96
CA PRO GA 231 63.40 -26.20 -70.55
C PRO GA 231 62.76 -25.14 -69.66
N GLU GA 232 61.51 -24.80 -69.95
CA GLU GA 232 60.69 -24.03 -69.04
C GLU GA 232 59.25 -24.50 -69.03
N ASP GA 233 58.88 -25.50 -69.83
CA ASP GA 233 57.54 -26.03 -69.82
C ASP GA 233 57.28 -26.82 -68.55
N LYS GA 234 56.02 -26.84 -68.13
CA LYS GA 234 55.60 -27.57 -66.94
C LYS GA 234 54.96 -28.89 -67.33
N VAL GA 235 55.10 -29.87 -66.46
CA VAL GA 235 54.51 -31.18 -66.67
C VAL GA 235 54.27 -31.82 -65.31
N ASP GA 236 53.18 -32.59 -65.20
CA ASP GA 236 52.89 -33.33 -63.98
C ASP GA 236 53.65 -34.64 -64.00
N ILE GA 237 54.32 -34.96 -62.89
CA ILE GA 237 55.19 -36.12 -62.79
C ILE GA 237 54.62 -37.07 -61.75
N TRP GA 238 54.54 -38.35 -62.10
CA TRP GA 238 54.19 -39.41 -61.16
C TRP GA 238 55.45 -40.17 -60.78
N GLU GA 239 55.69 -40.28 -59.49
CA GLU GA 239 56.83 -41.00 -58.95
C GLU GA 239 56.29 -42.24 -58.24
N CYS GA 240 56.48 -43.40 -58.86
CA CYS GA 240 55.86 -44.63 -58.42
C CYS GA 240 56.92 -45.62 -57.95
N ALA GA 241 56.55 -46.45 -56.98
CA ALA GA 241 57.41 -47.52 -56.50
C ALA GA 241 56.56 -48.58 -55.85
N TRP GA 242 56.99 -49.83 -55.98
CA TRP GA 242 56.24 -50.94 -55.39
C TRP GA 242 57.18 -52.10 -55.14
N ILE GA 243 56.77 -52.96 -54.21
CA ILE GA 243 57.54 -54.15 -53.89
C ILE GA 243 57.22 -55.23 -54.91
N ASP GA 244 58.25 -55.77 -55.55
CA ASP GA 244 58.11 -56.89 -56.46
C ASP GA 244 58.36 -58.16 -55.66
N TYR GA 245 57.29 -58.91 -55.37
CA TYR GA 245 57.40 -60.04 -54.46
C TYR GA 245 58.19 -61.18 -55.08
N GLU GA 246 58.04 -61.41 -56.38
CA GLU GA 246 58.76 -62.49 -57.07
C GLU GA 246 60.09 -61.99 -57.64
N ALA GA 247 60.90 -61.36 -56.81
CA ALA GA 247 62.18 -60.81 -57.22
C ALA GA 247 63.20 -61.01 -56.11
N PRO GA 248 64.48 -61.07 -56.44
CA PRO GA 248 65.51 -61.16 -55.40
C PRO GA 248 65.59 -59.87 -54.60
N GLU GA 249 66.40 -59.92 -53.55
CA GLU GA 249 66.49 -58.80 -52.61
C GLU GA 249 67.01 -57.54 -53.29
N LYS GA 250 68.04 -57.68 -54.12
CA LYS GA 250 68.61 -56.52 -54.78
C LYS GA 250 67.69 -55.90 -55.83
N GLU GA 251 66.64 -56.60 -56.24
CA GLU GA 251 65.68 -56.08 -57.20
C GLU GA 251 64.30 -55.92 -56.57
N ARG GA 252 64.23 -55.89 -55.25
CA ARG GA 252 62.94 -56.01 -54.57
C ARG GA 252 62.05 -54.80 -54.82
N TYR GA 253 62.62 -53.61 -54.91
CA TYR GA 253 61.86 -52.39 -55.05
C TYR GA 253 61.93 -51.86 -56.47
N GLN GA 254 60.78 -51.82 -57.14
CA GLN GA 254 60.68 -51.31 -58.50
C GLN GA 254 60.33 -49.83 -58.45
N TYR GA 255 61.11 -49.02 -59.17
CA TYR GA 255 61.00 -47.57 -59.10
C TYR GA 255 60.80 -47.01 -60.51
N VAL GA 256 59.75 -46.22 -60.69
CA VAL GA 256 59.39 -45.68 -61.99
C VAL GA 256 59.06 -44.19 -61.84
N VAL GA 257 59.58 -43.38 -62.74
CA VAL GA 257 59.22 -41.98 -62.86
C VAL GA 257 58.61 -41.76 -64.24
N MET GA 258 57.44 -41.15 -64.27
CA MET GA 258 56.72 -40.96 -65.53
C MET GA 258 55.92 -39.67 -65.46
N THR GA 259 55.30 -39.31 -66.57
CA THR GA 259 54.44 -38.14 -66.64
C THR GA 259 52.97 -38.55 -66.57
N SER GA 260 52.10 -37.55 -66.41
CA SER GA 260 50.67 -37.81 -66.31
C SER GA 260 50.09 -38.33 -67.61
N SER GA 261 50.79 -38.17 -68.74
CA SER GA 261 50.39 -38.74 -70.01
C SER GA 261 51.06 -40.08 -70.28
N LYS GA 262 51.53 -40.75 -69.23
CA LYS GA 262 52.13 -42.08 -69.33
C LYS GA 262 53.35 -42.11 -70.24
N ASP GA 263 54.22 -41.13 -70.08
CA ASP GA 263 55.54 -41.12 -70.74
C ASP GA 263 56.57 -41.51 -69.71
N VAL GA 264 57.14 -42.70 -69.85
CA VAL GA 264 58.07 -43.23 -68.85
C VAL GA 264 59.42 -42.54 -69.02
N LEU GA 265 59.91 -41.94 -67.94
CA LEU GA 265 61.19 -41.22 -67.96
C LEU GA 265 62.31 -41.99 -67.31
N LEU GA 266 62.01 -42.93 -66.42
CA LEU GA 266 63.05 -43.63 -65.68
C LEU GA 266 62.47 -44.91 -65.08
N GLU GA 267 63.24 -45.98 -65.16
CA GLU GA 267 62.88 -47.26 -64.56
C GLU GA 267 64.09 -47.86 -63.88
N GLN GA 268 63.91 -48.32 -62.65
CA GLN GA 268 65.01 -48.84 -61.84
C GLN GA 268 64.50 -49.97 -60.97
N SER GA 269 65.44 -50.75 -60.45
CA SER GA 269 65.15 -51.77 -59.46
C SER GA 269 66.28 -51.77 -58.45
N ASN GA 270 65.96 -51.52 -57.18
CA ASN GA 270 66.96 -51.37 -56.14
C ASN GA 270 66.58 -52.23 -54.95
N SER GA 271 67.41 -52.17 -53.91
CA SER GA 271 67.13 -52.85 -52.65
C SER GA 271 66.36 -51.98 -51.68
N SER GA 272 66.03 -50.74 -52.05
CA SER GA 272 65.26 -49.86 -51.19
C SER GA 272 64.61 -48.78 -52.05
N TRP GA 273 63.63 -48.11 -51.47
CA TRP GA 273 62.95 -46.98 -52.07
C TRP GA 273 63.14 -45.75 -51.18
N PRO GA 274 62.95 -44.55 -51.72
CA PRO GA 274 63.32 -43.34 -50.97
C PRO GA 274 62.54 -43.13 -49.67
N TRP GA 275 61.34 -43.66 -49.53
CA TRP GA 275 60.42 -43.18 -48.50
C TRP GA 275 60.43 -44.05 -47.25
N VAL GA 276 60.15 -43.38 -46.13
CA VAL GA 276 59.85 -44.04 -44.86
C VAL GA 276 58.51 -43.48 -44.37
N VAL GA 277 57.62 -44.37 -43.95
CA VAL GA 277 56.26 -43.99 -43.58
C VAL GA 277 56.06 -44.24 -42.09
N TYR GA 278 55.56 -43.22 -41.39
CA TYR GA 278 55.37 -43.24 -39.95
C TYR GA 278 53.91 -43.35 -39.60
N ARG GA 279 53.60 -44.18 -38.59
CA ARG GA 279 52.29 -44.19 -37.95
C ARG GA 279 52.50 -44.33 -36.45
N MET GA 280 51.77 -43.52 -35.68
CA MET GA 280 51.80 -43.69 -34.23
C MET GA 280 50.85 -44.81 -33.80
N ARG GA 281 49.58 -44.71 -34.20
CA ARG GA 281 48.61 -45.76 -33.98
C ARG GA 281 47.85 -45.98 -35.29
N ARG GA 282 47.19 -47.13 -35.38
CA ARG GA 282 46.57 -47.52 -36.63
C ARG GA 282 45.30 -48.30 -36.35
N LEU GA 283 44.20 -47.90 -36.98
CA LEU GA 283 43.00 -48.72 -36.98
C LEU GA 283 43.15 -49.84 -38.00
N THR GA 284 42.74 -51.04 -37.62
CA THR GA 284 42.96 -52.20 -38.48
C THR GA 284 42.23 -52.04 -39.80
N GLY GA 285 42.88 -52.47 -40.87
CA GLY GA 285 42.34 -52.30 -42.21
C GLY GA 285 42.68 -50.99 -42.87
N GLU GA 286 43.31 -50.06 -42.16
CA GLU GA 286 43.71 -48.78 -42.70
C GLU GA 286 45.23 -48.70 -42.78
N ILE GA 287 45.74 -48.08 -43.83
CA ILE GA 287 47.18 -47.89 -43.96
C ILE GA 287 47.65 -46.61 -43.30
N ARG GA 288 46.92 -45.52 -43.49
CA ARG GA 288 47.21 -44.29 -42.77
C ARG GA 288 46.86 -44.44 -41.29
N GLY GA 289 47.63 -43.78 -40.45
CA GLY GA 289 47.44 -43.87 -39.01
C GLY GA 289 46.43 -42.87 -38.49
N ARG GA 290 46.28 -42.88 -37.17
CA ARG GA 290 45.44 -41.91 -36.47
C ARG GA 290 46.18 -41.49 -35.21
N GLY GA 291 46.56 -40.23 -35.13
CA GLY GA 291 47.33 -39.73 -34.01
C GLY GA 291 46.47 -38.99 -33.00
N PRO GA 292 47.08 -38.59 -31.89
CA PRO GA 292 46.31 -37.92 -30.83
C PRO GA 292 45.65 -36.62 -31.26
N SER GA 293 46.27 -35.86 -32.17
CA SER GA 293 45.64 -34.63 -32.63
C SER GA 293 44.35 -34.91 -33.38
N LEU GA 294 44.27 -36.04 -34.09
CA LEU GA 294 43.01 -36.41 -34.73
C LEU GA 294 41.94 -36.71 -33.70
N SER GA 295 42.33 -37.30 -32.57
CA SER GA 295 41.39 -37.56 -31.49
C SER GA 295 40.89 -36.28 -30.83
N ALA GA 296 41.63 -35.19 -30.95
CA ALA GA 296 41.30 -33.95 -30.25
C ALA GA 296 40.43 -33.00 -31.05
N TYR GA 297 40.29 -33.21 -32.36
CA TYR GA 297 39.69 -32.14 -33.15
C TYR GA 297 38.19 -31.97 -32.88
N PRO GA 298 37.40 -33.02 -32.59
CA PRO GA 298 36.00 -32.74 -32.21
C PRO GA 298 35.87 -31.84 -31.00
N THR GA 299 36.77 -31.98 -30.02
CA THR GA 299 36.78 -31.07 -28.89
C THR GA 299 37.15 -29.66 -29.33
N ALA GA 300 38.13 -29.55 -30.22
CA ALA GA 300 38.52 -28.23 -30.72
C ALA GA 300 37.37 -27.56 -31.48
N ALA GA 301 36.61 -28.34 -32.24
CA ALA GA 301 35.49 -27.78 -32.99
C ALA GA 301 34.46 -27.17 -32.05
N THR GA 302 34.16 -27.84 -30.94
CA THR GA 302 33.22 -27.30 -29.97
C THR GA 302 33.74 -26.01 -29.34
N ILE GA 303 35.02 -25.99 -28.97
CA ILE GA 303 35.60 -24.80 -28.34
C ILE GA 303 35.54 -23.62 -29.30
N ASN GA 304 35.92 -23.84 -30.56
CA ASN GA 304 35.93 -22.75 -31.52
C ASN GA 304 34.53 -22.20 -31.76
N GLN GA 305 33.52 -23.06 -31.79
CA GLN GA 305 32.16 -22.57 -31.95
C GLN GA 305 31.72 -21.80 -30.72
N ALA GA 306 32.14 -22.23 -29.52
CA ALA GA 306 31.81 -21.50 -28.31
C ALA GA 306 32.45 -20.13 -28.30
N LEU GA 307 33.72 -20.04 -28.72
CA LEU GA 307 34.40 -18.75 -28.72
C LEU GA 307 33.82 -17.82 -29.77
N GLU GA 308 33.42 -18.34 -30.93
CA GLU GA 308 32.83 -17.50 -31.95
C GLU GA 308 31.53 -16.89 -31.44
N ASP GA 309 30.74 -17.64 -30.68
CA ASP GA 309 29.51 -17.10 -30.10
C ASP GA 309 29.82 -15.99 -29.10
N GLU GA 310 30.87 -16.16 -28.30
CA GLU GA 310 31.24 -15.10 -27.35
C GLU GA 310 31.66 -13.83 -28.09
N LEU GA 311 32.40 -13.96 -29.18
CA LEU GA 311 32.78 -12.78 -29.97
C LEU GA 311 31.56 -12.08 -30.54
N VAL GA 312 30.60 -12.85 -31.06
CA VAL GA 312 29.37 -12.25 -31.57
C VAL GA 312 28.59 -11.58 -30.46
N ALA GA 313 28.51 -12.24 -29.30
CA ALA GA 313 27.75 -11.70 -28.18
C ALA GA 313 28.39 -10.43 -27.63
N ALA GA 314 29.72 -10.39 -27.56
CA ALA GA 314 30.40 -9.29 -26.91
C ALA GA 314 30.16 -7.96 -27.62
N ALA GA 315 29.89 -8.00 -28.93
CA ALA GA 315 29.71 -6.77 -29.69
C ALA GA 315 28.49 -5.99 -29.24
N PHE GA 316 27.44 -6.67 -28.80
CA PHE GA 316 26.23 -5.97 -28.34
C PHE GA 316 25.89 -6.24 -26.88
N GLN GA 317 26.74 -6.96 -26.16
CA GLN GA 317 26.56 -7.14 -24.72
C GLN GA 317 27.62 -6.42 -23.90
N ALA GA 318 28.88 -6.46 -24.34
CA ALA GA 318 29.91 -5.70 -23.64
C ALA GA 318 29.83 -4.22 -23.96
N ASN GA 319 29.49 -3.87 -25.19
CA ASN GA 319 29.42 -2.46 -25.57
C ASN GA 319 28.17 -1.80 -24.99
N PRO GA 320 28.25 -0.52 -24.66
CA PRO GA 320 27.05 0.23 -24.24
C PRO GA 320 26.14 0.46 -25.44
N MET GA 321 24.96 -0.12 -25.41
CA MET GA 321 24.00 0.06 -26.48
C MET GA 321 22.64 0.34 -25.88
N TYR GA 322 21.75 0.90 -26.69
CA TYR GA 322 20.45 1.36 -26.22
C TYR GA 322 19.36 0.87 -27.13
N MET GA 323 18.17 0.70 -26.55
CA MET GA 323 16.96 0.38 -27.29
C MET GA 323 16.04 1.59 -27.25
N ALA GA 324 15.42 1.89 -28.38
CA ALA GA 324 14.46 2.98 -28.44
C ALA GA 324 13.52 2.72 -29.60
N ALA GA 325 12.49 3.56 -29.69
CA ALA GA 325 11.62 3.52 -30.87
C ALA GA 325 12.40 3.86 -32.13
N SER GA 326 13.33 4.81 -32.04
CA SER GA 326 14.10 5.24 -33.20
C SER GA 326 15.50 5.63 -32.75
N ASP GA 327 16.46 5.47 -33.66
CA ASP GA 327 17.82 5.94 -33.39
C ASP GA 327 17.93 7.45 -33.46
N SER GA 328 16.85 8.16 -33.73
CA SER GA 328 16.83 9.62 -33.65
C SER GA 328 16.60 10.12 -32.24
N ALA GA 329 16.72 9.25 -31.23
CA ALA GA 329 16.55 9.68 -29.85
C ALA GA 329 17.58 10.74 -29.47
N PHE GA 330 18.79 10.67 -30.01
CA PHE GA 330 19.71 11.79 -29.96
C PHE GA 330 20.42 11.91 -31.29
N ASN GA 331 21.05 13.07 -31.49
CA ASN GA 331 21.75 13.40 -32.73
C ASN GA 331 23.16 12.84 -32.64
N GLN GA 332 23.45 11.80 -33.44
CA GLN GA 332 24.77 11.19 -33.43
C GLN GA 332 25.84 12.14 -33.95
N GLN GA 333 25.48 13.07 -34.82
CA GLN GA 333 26.47 13.97 -35.41
C GLN GA 333 26.92 15.06 -34.45
N THR GA 334 26.04 15.55 -33.58
CA THR GA 334 26.41 16.55 -32.61
C THR GA 334 26.64 15.99 -31.22
N PHE GA 335 26.58 14.67 -31.05
CA PHE GA 335 26.84 14.05 -29.76
C PHE GA 335 28.23 14.42 -29.27
N THR GA 336 28.32 14.88 -28.02
CA THR GA 336 29.53 15.45 -27.46
C THR GA 336 29.97 14.67 -26.23
N PRO GA 337 30.84 13.67 -26.39
CA PRO GA 337 31.30 12.88 -25.22
C PRO GA 337 32.43 13.58 -24.45
N ARG GA 338 32.04 14.51 -23.59
CA ARG GA 338 32.96 15.31 -22.80
C ARG GA 338 32.50 15.29 -21.35
N PRO GA 339 33.42 15.37 -20.39
CA PRO GA 339 33.01 15.42 -18.99
C PRO GA 339 32.21 16.69 -18.69
N GLY GA 340 31.07 16.50 -18.06
CA GLY GA 340 30.16 17.60 -17.79
C GLY GA 340 29.19 17.92 -18.91
N SER GA 341 29.28 17.22 -20.03
CA SER GA 341 28.45 17.55 -21.18
C SER GA 341 27.00 17.11 -20.97
N ILE GA 342 26.08 17.94 -21.42
CA ILE GA 342 24.66 17.60 -21.49
C ILE GA 342 24.33 17.19 -22.92
N VAL GA 343 23.78 16.01 -23.09
CA VAL GA 343 23.34 15.51 -24.39
C VAL GA 343 21.83 15.66 -24.47
N PRO GA 344 21.30 16.40 -25.45
CA PRO GA 344 19.85 16.43 -25.65
C PRO GA 344 19.35 15.06 -26.09
N VAL GA 345 18.41 14.50 -25.33
CA VAL GA 345 17.90 13.17 -25.59
C VAL GA 345 16.38 13.20 -25.51
N GLN GA 346 15.71 12.62 -26.50
CA GLN GA 346 14.28 12.37 -26.41
C GLN GA 346 14.09 11.19 -25.47
N MET GA 347 13.84 11.48 -24.20
CA MET GA 347 13.86 10.43 -23.19
C MET GA 347 12.65 9.50 -23.27
N VAL GA 348 11.58 9.92 -23.94
CA VAL GA 348 10.44 9.07 -24.24
C VAL GA 348 10.00 9.34 -25.67
N GLN GA 349 9.79 8.28 -26.45
CA GLN GA 349 9.28 8.41 -27.81
C GLN GA 349 8.02 7.56 -27.92
N GLY GA 350 6.86 8.20 -27.97
CA GLY GA 350 5.61 7.47 -27.99
C GLY GA 350 5.40 6.74 -26.68
N GLU GA 351 5.20 5.43 -26.77
CA GLU GA 351 4.97 4.61 -25.59
C GLU GA 351 6.25 4.09 -24.96
N TRP GA 352 7.38 4.20 -25.63
CA TRP GA 352 8.58 3.49 -25.22
C TRP GA 352 9.68 4.47 -24.81
N PRO GA 353 10.26 4.31 -23.63
CA PRO GA 353 11.43 5.11 -23.26
C PRO GA 353 12.72 4.46 -23.75
N ILE GA 354 13.74 5.29 -23.87
CA ILE GA 354 15.06 4.79 -24.24
C ILE GA 354 15.71 4.18 -23.00
N LYS GA 355 16.28 2.99 -23.17
CA LYS GA 355 16.81 2.24 -22.04
C LYS GA 355 18.04 1.49 -22.51
N PRO GA 356 18.88 1.02 -21.59
CA PRO GA 356 20.02 0.18 -22.01
C PRO GA 356 19.54 -1.07 -22.70
N PHE GA 357 20.34 -1.53 -23.66
CA PHE GA 357 20.05 -2.79 -24.33
C PHE GA 357 20.05 -3.92 -23.30
N GLU GA 358 19.02 -4.76 -23.36
CA GLU GA 358 18.82 -5.76 -22.33
C GLU GA 358 19.98 -6.74 -22.28
N GLN GA 359 20.46 -7.01 -21.06
CA GLN GA 359 21.48 -8.03 -20.86
C GLN GA 359 20.83 -9.40 -20.84
N SER GA 360 21.49 -10.37 -21.47
CA SER GA 360 20.94 -11.71 -21.56
C SER GA 360 22.09 -12.70 -21.59
N GLY GA 361 21.79 -13.93 -21.23
CA GLY GA 361 22.79 -14.98 -21.29
C GLY GA 361 23.47 -15.23 -19.97
N ASN GA 362 24.39 -16.17 -20.01
CA ASN GA 362 25.04 -16.72 -18.83
C ASN GA 362 26.55 -16.86 -19.09
N ILE GA 363 27.21 -15.74 -19.34
CA ILE GA 363 28.64 -15.70 -19.69
C ILE GA 363 29.49 -16.72 -18.93
N GLN GA 364 29.24 -16.88 -17.63
CA GLN GA 364 30.04 -17.83 -16.84
C GLN GA 364 29.84 -19.27 -17.30
N PHE GA 365 28.64 -19.61 -17.78
CA PHE GA 365 28.38 -20.94 -18.30
C PHE GA 365 29.29 -21.25 -19.47
N ASN GA 366 29.41 -20.31 -20.42
CA ASN GA 366 30.24 -20.56 -21.59
C ASN GA 366 31.70 -20.70 -21.22
N ALA GA 367 32.21 -19.83 -20.34
CA ALA GA 367 33.58 -19.98 -19.87
C ALA GA 367 33.67 -20.90 -18.68
N LEU GA 368 32.98 -22.05 -18.76
CA LEU GA 368 33.13 -23.14 -17.81
C LEU GA 368 33.31 -24.39 -18.63
N LEU GA 369 32.59 -24.45 -19.76
CA LEU GA 369 32.78 -25.51 -20.74
C LEU GA 369 34.06 -25.30 -21.53
N VAL GA 370 34.35 -24.06 -21.92
CA VAL GA 370 35.56 -23.78 -22.69
C VAL GA 370 36.80 -24.19 -21.91
N ASN GA 371 36.85 -23.81 -20.63
CA ASN GA 371 38.01 -24.18 -19.81
C ASN GA 371 38.09 -25.68 -19.59
N ASP GA 372 36.93 -26.34 -19.42
CA ASP GA 372 36.93 -27.78 -19.22
C ASP GA 372 37.44 -28.53 -20.45
N PHE GA 373 37.00 -28.10 -21.64
CA PHE GA 373 37.43 -28.78 -22.86
C PHE GA 373 38.87 -28.45 -23.20
N ARG GA 374 39.35 -27.25 -22.83
CA ARG GA 374 40.75 -26.91 -23.07
C ARG GA 374 41.68 -27.84 -22.30
N GLN GA 375 41.33 -28.17 -21.06
CA GLN GA 375 42.21 -29.02 -20.27
C GLN GA 375 42.23 -30.45 -20.79
N GLN GA 376 41.11 -30.93 -21.34
CA GLN GA 376 41.11 -32.26 -21.93
C GLN GA 376 42.05 -32.34 -23.13
N ILE GA 377 42.05 -31.29 -23.96
CA ILE GA 377 42.99 -31.25 -25.08
C ILE GA 377 44.42 -31.24 -24.58
N ASN GA 378 44.70 -30.46 -23.53
CA ASN GA 378 46.05 -30.38 -22.99
C ASN GA 378 46.50 -31.72 -22.43
N GLU GA 379 45.63 -32.41 -21.71
CA GLU GA 379 46.00 -33.72 -21.16
C GLU GA 379 46.18 -34.75 -22.26
N LEU GA 380 45.38 -34.66 -23.32
CA LEU GA 380 45.50 -35.60 -24.43
C LEU GA 380 46.82 -35.46 -25.15
N LEU GA 381 47.39 -34.25 -25.19
CA LEU GA 381 48.62 -33.97 -25.91
C LEU GA 381 49.80 -33.70 -24.98
N TYR GA 382 49.69 -34.11 -23.71
CA TYR GA 382 50.80 -34.01 -22.75
C TYR GA 382 51.33 -32.58 -22.65
N ALA GA 383 50.43 -31.61 -22.57
CA ALA GA 383 50.79 -30.21 -22.58
C ALA GA 383 50.21 -29.51 -21.36
N PHE GA 384 50.94 -28.51 -20.87
CA PHE GA 384 50.53 -27.62 -19.79
C PHE GA 384 49.99 -28.41 -18.60
N PRO GA 385 50.86 -29.13 -17.86
CA PRO GA 385 50.37 -29.94 -16.74
C PRO GA 385 49.81 -29.12 -15.59
N LEU GA 386 49.96 -27.80 -15.62
CA LEU GA 386 49.48 -26.93 -14.55
C LEU GA 386 48.40 -25.98 -15.03
N GLY GA 387 47.91 -26.14 -16.25
CA GLY GA 387 46.85 -25.29 -16.76
C GLY GA 387 47.39 -24.04 -17.43
N ALA GA 388 46.51 -23.04 -17.52
CA ALA GA 388 46.85 -21.77 -18.14
C ALA GA 388 47.47 -20.83 -17.10
N VAL GA 389 47.71 -19.58 -17.51
CA VAL GA 389 48.35 -18.61 -16.62
C VAL GA 389 47.46 -18.32 -15.42
N ASN GA 390 46.16 -18.16 -15.65
CA ASN GA 390 45.21 -17.91 -14.56
C ASN GA 390 44.77 -19.25 -13.94
N SER GA 391 45.69 -19.83 -13.19
CA SER GA 391 45.47 -21.13 -12.56
C SER GA 391 45.75 -21.05 -11.07
N PRO GA 392 45.09 -21.90 -10.27
CA PRO GA 392 45.37 -21.90 -8.83
C PRO GA 392 46.81 -22.31 -8.53
N THR GA 393 47.31 -21.81 -7.41
CA THR GA 393 48.70 -21.99 -7.02
C THR GA 393 48.83 -23.15 -6.03
N ARG GA 394 49.81 -24.01 -6.28
CA ARG GA 394 50.11 -25.11 -5.38
C ARG GA 394 51.62 -25.19 -5.16
N THR GA 395 52.01 -25.72 -4.00
CA THR GA 395 53.42 -25.87 -3.67
C THR GA 395 53.95 -27.11 -4.39
N ALA GA 396 55.13 -27.58 -3.98
CA ALA GA 396 55.71 -28.80 -4.54
C ALA GA 396 54.81 -30.01 -4.30
N THR GA 397 53.70 -29.81 -3.61
CA THR GA 397 52.70 -30.85 -3.42
C THR GA 397 52.01 -31.19 -4.73
N GLU GA 398 51.25 -30.25 -5.27
CA GLU GA 398 50.42 -30.49 -6.44
C GLU GA 398 51.06 -29.95 -7.72
N ALA GA 399 52.29 -29.48 -7.65
CA ALA GA 399 53.02 -29.01 -8.82
C ALA GA 399 54.14 -29.96 -9.22
N GLU GA 400 54.99 -30.35 -8.27
CA GLU GA 400 56.04 -31.32 -8.58
C GLU GA 400 55.46 -32.67 -8.96
N ILE GA 401 54.42 -33.12 -8.25
CA ILE GA 401 53.83 -34.41 -8.55
C ILE GA 401 53.12 -34.38 -9.90
N ARG GA 402 52.31 -33.34 -10.14
CA ARG GA 402 51.58 -33.27 -11.40
C ARG GA 402 52.51 -33.05 -12.58
N TYR GA 403 53.67 -32.42 -12.36
CA TYR GA 403 54.65 -32.31 -13.42
C TYR GA 403 55.20 -33.68 -13.80
N THR GA 404 55.63 -34.45 -12.79
CA THR GA 404 56.19 -35.77 -13.06
C THR GA 404 55.14 -36.75 -13.59
N GLU GA 405 53.86 -36.52 -13.28
CA GLU GA 405 52.80 -37.35 -13.85
C GLU GA 405 52.73 -37.15 -15.35
N ASN GA 406 52.77 -35.90 -15.80
CA ASN GA 406 52.75 -35.61 -17.23
C ASN GA 406 54.02 -36.09 -17.91
N LEU GA 407 55.17 -35.93 -17.25
CA LEU GA 407 56.44 -36.34 -17.85
C LEU GA 407 56.52 -37.85 -17.96
N GLU GA 408 56.07 -38.59 -16.94
CA GLU GA 408 56.14 -40.04 -16.99
C GLU GA 408 55.23 -40.61 -18.07
N SER GA 409 54.05 -40.03 -18.25
CA SER GA 409 53.14 -40.51 -19.29
C SER GA 409 53.69 -40.23 -20.68
N PHE GA 410 54.27 -39.06 -20.89
CA PHE GA 410 54.89 -38.75 -22.17
C PHE GA 410 56.04 -39.70 -22.48
N SER GA 411 56.89 -39.95 -21.49
CA SER GA 411 58.06 -40.80 -21.69
C SER GA 411 57.71 -42.26 -21.86
N ALA GA 412 56.44 -42.62 -21.64
CA ALA GA 412 55.98 -43.98 -21.88
C ALA GA 412 55.50 -44.20 -23.30
N MET GA 413 54.96 -43.16 -23.94
CA MET GA 413 54.43 -43.28 -25.29
C MET GA 413 55.53 -43.33 -26.34
N VAL GA 414 56.60 -42.57 -26.14
CA VAL GA 414 57.57 -42.25 -27.18
C VAL GA 414 58.49 -43.42 -27.54
N PRO GA 415 59.19 -44.07 -26.59
CA PRO GA 415 60.30 -44.94 -26.98
C PRO GA 415 59.92 -46.09 -27.91
N ARG GA 416 58.68 -46.56 -27.86
CA ARG GA 416 58.28 -47.67 -28.74
C ARG GA 416 58.27 -47.28 -30.22
N LEU GA 417 58.31 -45.99 -30.53
CA LEU GA 417 58.30 -45.52 -31.91
C LEU GA 417 59.70 -45.35 -32.50
N GLN GA 418 60.74 -45.66 -31.73
CA GLN GA 418 62.11 -45.53 -32.24
C GLN GA 418 62.36 -46.48 -33.40
N ASN GA 419 62.04 -47.77 -33.22
CA ASN GA 419 62.33 -48.74 -34.26
C ASN GA 419 61.48 -48.50 -35.50
N GLU GA 420 60.21 -48.15 -35.32
CA GLU GA 420 59.33 -47.90 -36.46
C GLU GA 420 59.78 -46.69 -37.26
N PHE GA 421 60.21 -45.63 -36.59
CA PHE GA 421 60.49 -44.38 -37.28
C PHE GA 421 61.89 -44.36 -37.88
N PHE GA 422 62.91 -44.67 -37.08
CA PHE GA 422 64.25 -44.23 -37.41
C PHE GA 422 65.21 -45.32 -37.85
N ILE GA 423 64.95 -46.60 -37.55
CA ILE GA 423 65.77 -47.66 -38.12
C ILE GA 423 65.67 -47.69 -39.64
N PRO GA 424 64.48 -47.62 -40.25
CA PRO GA 424 64.43 -47.51 -41.72
C PRO GA 424 65.10 -46.26 -42.25
N VAL GA 425 65.07 -45.16 -41.50
CA VAL GA 425 65.72 -43.93 -41.94
C VAL GA 425 67.23 -44.10 -41.99
N ILE GA 426 67.80 -44.73 -40.97
CA ILE GA 426 69.24 -44.97 -40.95
C ILE GA 426 69.65 -45.92 -42.06
N GLN GA 427 68.86 -46.97 -42.29
CA GLN GA 427 69.19 -47.94 -43.33
C GLN GA 427 69.19 -47.29 -44.71
N ARG GA 428 68.21 -46.43 -44.99
CA ARG GA 428 68.16 -45.77 -46.28
C ARG GA 428 69.26 -44.71 -46.41
N THR GA 429 69.63 -44.06 -45.31
CA THR GA 429 70.70 -43.08 -45.35
C THR GA 429 72.03 -43.73 -45.74
N LEU GA 430 72.33 -44.89 -45.16
CA LEU GA 430 73.56 -45.58 -45.51
C LEU GA 430 73.55 -46.03 -46.97
N TRP GA 431 72.38 -46.44 -47.46
CA TRP GA 431 72.27 -46.82 -48.87
C TRP GA 431 72.58 -45.65 -49.80
N VAL GA 432 72.06 -44.47 -49.45
CA VAL GA 432 72.33 -43.28 -50.25
C VAL GA 432 73.82 -42.91 -50.20
N ILE GA 433 74.42 -43.01 -49.01
CA ILE GA 433 75.83 -42.68 -48.85
C ILE GA 433 76.69 -43.60 -49.73
N ASN GA 434 76.31 -44.87 -49.85
CA ASN GA 434 77.04 -45.76 -50.74
C ASN GA 434 76.92 -45.33 -52.19
N LYS GA 435 75.72 -44.91 -52.61
CA LYS GA 435 75.50 -44.54 -53.99
C LYS GA 435 76.22 -43.25 -54.37
N VAL GA 436 76.27 -42.28 -53.47
CA VAL GA 436 76.86 -40.98 -53.77
C VAL GA 436 78.37 -40.98 -53.51
N LEU GA 437 78.82 -41.74 -52.52
CA LEU GA 437 80.23 -41.84 -52.16
C LEU GA 437 80.63 -43.31 -52.18
N PRO GA 438 80.79 -43.90 -53.36
CA PRO GA 438 81.10 -45.34 -53.43
C PRO GA 438 82.42 -45.72 -52.78
N GLU GA 439 83.33 -44.76 -52.60
CA GLU GA 439 84.61 -45.04 -51.98
C GLU GA 439 84.47 -45.45 -50.51
N THR GA 440 83.39 -45.06 -49.85
CA THR GA 440 83.23 -45.36 -48.43
C THR GA 440 83.07 -46.86 -48.19
N PHE GA 441 82.45 -47.58 -49.10
CA PHE GA 441 82.27 -49.02 -49.00
C PHE GA 441 83.09 -49.75 -50.05
N ALA GA 442 84.26 -49.21 -50.37
CA ALA GA 442 85.17 -49.80 -51.34
C ALA GA 442 86.05 -50.85 -50.66
N ASN GA 443 86.68 -51.68 -51.49
CA ASN GA 443 87.56 -52.75 -51.01
C ASN GA 443 86.82 -53.69 -50.06
N ILE GA 444 85.56 -53.95 -50.36
CA ILE GA 444 84.71 -54.81 -49.54
C ILE GA 444 84.03 -55.81 -50.47
N PRO GA 445 83.97 -57.10 -50.12
CA PRO GA 445 83.23 -58.05 -50.95
C PRO GA 445 81.77 -57.64 -51.07
N ASP GA 446 81.21 -57.84 -52.26
CA ASP GA 446 79.85 -57.37 -52.52
C ASP GA 446 78.83 -58.09 -51.65
N ASP GA 447 79.11 -59.35 -51.29
CA ASP GA 447 78.18 -60.11 -50.46
C ASP GA 447 78.03 -59.47 -49.09
N ILE GA 448 79.15 -59.11 -48.45
CA ILE GA 448 79.08 -58.54 -47.12
C ILE GA 448 78.74 -57.05 -47.19
N ARG GA 449 79.00 -56.41 -48.34
CA ARG GA 449 78.67 -55.00 -48.49
C ARG GA 449 77.17 -54.77 -48.39
N ASN GA 450 76.38 -55.64 -49.03
CA ASN GA 450 74.93 -55.53 -48.95
C ASN GA 450 74.43 -55.78 -47.53
N LYS GA 451 75.02 -56.76 -46.83
CA LYS GA 451 74.63 -57.01 -45.45
C LYS GA 451 75.01 -55.84 -44.55
N MET GA 452 76.13 -55.18 -44.85
CA MET GA 452 76.60 -54.08 -44.02
C MET GA 452 75.71 -52.86 -44.19
N ILE GA 453 75.37 -52.53 -45.44
CA ILE GA 453 74.52 -51.38 -45.71
C ILE GA 453 73.15 -51.56 -45.08
N SER GA 454 72.57 -52.74 -45.23
CA SER GA 454 71.30 -53.07 -44.60
C SER GA 454 71.56 -53.40 -43.13
N VAL GA 455 71.32 -52.43 -42.25
CA VAL GA 455 71.69 -52.61 -40.85
C VAL GA 455 70.65 -53.50 -40.19
N ASP GA 456 70.89 -54.80 -40.23
CA ASP GA 456 69.92 -55.79 -39.77
C ASP GA 456 70.41 -56.59 -38.59
N GLY GA 457 71.63 -56.35 -38.12
CA GLY GA 457 72.19 -57.09 -37.00
C GLY GA 457 73.09 -58.24 -37.38
N GLN GA 458 73.26 -58.52 -38.68
CA GLN GA 458 74.17 -59.59 -39.08
C GLN GA 458 75.62 -59.12 -39.02
N ILE GA 459 75.94 -58.07 -39.76
CA ILE GA 459 77.31 -57.53 -39.79
C ILE GA 459 77.32 -56.21 -39.03
N LEU GA 460 76.22 -55.46 -39.11
CA LEU GA 460 76.13 -54.16 -38.47
C LEU GA 460 74.80 -54.05 -37.74
N GLY GA 461 74.85 -53.55 -36.51
CA GLY GA 461 73.67 -53.36 -35.69
C GLY GA 461 73.51 -51.92 -35.25
N LEU GA 462 72.41 -51.66 -34.55
CA LEU GA 462 72.08 -50.34 -34.06
C LEU GA 462 71.79 -50.39 -32.57
N SER GA 463 72.04 -49.27 -31.90
CA SER GA 463 71.73 -49.12 -30.48
C SER GA 463 71.39 -47.67 -30.23
N PHE GA 464 70.18 -47.40 -29.78
CA PHE GA 464 69.73 -46.04 -29.57
C PHE GA 464 70.07 -45.56 -28.16
N ASP GA 465 70.36 -44.26 -28.05
CA ASP GA 465 70.66 -43.62 -26.76
C ASP GA 465 69.92 -42.28 -26.75
N THR GA 466 68.82 -42.21 -26.02
CA THR GA 466 67.94 -41.06 -25.97
C THR GA 466 67.71 -40.69 -24.51
N PRO GA 467 67.21 -39.48 -24.25
CA PRO GA 467 66.90 -39.10 -22.86
C PRO GA 467 65.88 -40.00 -22.17
N LEU GA 468 65.24 -40.91 -22.89
CA LEU GA 468 64.24 -41.81 -22.31
C LEU GA 468 64.82 -43.18 -21.96
N MET GA 469 65.54 -43.81 -22.87
CA MET GA 469 66.27 -45.04 -22.59
C MET GA 469 67.71 -44.67 -22.23
N THR GA 470 68.04 -44.72 -20.94
CA THR GA 470 69.27 -44.10 -20.48
C THR GA 470 70.54 -44.73 -21.04
N ALA GA 471 70.92 -45.92 -20.57
CA ALA GA 471 72.12 -46.55 -21.11
C ALA GA 471 72.05 -48.07 -21.28
N LYS GA 472 71.31 -48.79 -20.44
CA LYS GA 472 71.26 -50.25 -20.41
C LYS GA 472 72.59 -50.85 -19.94
N GLY GA 473 73.63 -50.03 -19.80
CA GLY GA 473 74.93 -50.50 -19.38
C GLY GA 473 75.28 -49.97 -18.01
N GLN GA 474 74.63 -48.87 -17.62
CA GLN GA 474 74.79 -48.36 -16.27
C GLN GA 474 74.28 -49.35 -15.23
N VAL GA 475 73.28 -50.15 -15.59
CA VAL GA 475 72.78 -51.16 -14.67
C VAL GA 475 73.83 -52.23 -14.41
N LYS GA 476 74.51 -52.69 -15.46
CA LYS GA 476 75.55 -53.69 -15.29
C LYS GA 476 76.69 -53.16 -14.44
N THR GA 477 77.11 -51.92 -14.69
CA THR GA 477 78.18 -51.32 -13.90
C THR GA 477 77.77 -51.15 -12.45
N ALA GA 478 76.52 -50.71 -12.21
CA ALA GA 478 76.06 -50.53 -10.85
C ALA GA 478 76.00 -51.85 -10.09
N ALA GA 479 75.58 -52.91 -10.76
CA ALA GA 479 75.58 -54.23 -10.13
C ALA GA 479 76.99 -54.69 -9.80
N LEU GA 480 77.94 -54.41 -10.70
CA LEU GA 480 79.32 -54.80 -10.45
C LEU GA 480 79.93 -54.01 -9.28
N LEU GA 481 79.63 -52.71 -9.20
CA LEU GA 481 80.12 -51.91 -8.08
C LEU GA 481 79.46 -52.30 -6.77
N GLY GA 482 78.18 -52.67 -6.81
CA GLY GA 482 77.52 -53.13 -5.60
C GLY GA 482 78.07 -54.44 -5.08
N PHE GA 483 78.44 -55.35 -6.00
CA PHE GA 483 79.06 -56.59 -5.60
C PHE GA 483 80.40 -56.35 -4.93
N TYR GA 484 81.20 -55.43 -5.48
CA TYR GA 484 82.52 -55.18 -4.91
C TYR GA 484 82.43 -54.57 -3.52
N GLN GA 485 81.47 -53.67 -3.30
CA GLN GA 485 81.32 -53.06 -1.98
C GLN GA 485 80.98 -54.12 -0.93
N ALA GA 486 80.08 -55.04 -1.26
CA ALA GA 486 79.76 -56.12 -0.34
C ALA GA 486 80.95 -57.05 -0.13
N ALA GA 487 81.68 -57.35 -1.20
CA ALA GA 487 82.84 -58.22 -1.09
C ALA GA 487 83.93 -57.57 -0.25
N ALA GA 488 84.17 -56.26 -0.45
CA ALA GA 488 85.19 -55.57 0.33
C ALA GA 488 84.78 -55.38 1.78
N SER GA 489 83.48 -55.32 2.06
CA SER GA 489 83.04 -55.22 3.45
C SER GA 489 83.26 -56.52 4.20
N LEU GA 490 83.15 -57.66 3.51
CA LEU GA 490 83.26 -58.96 4.16
C LEU GA 490 84.70 -59.46 4.23
N LEU GA 491 85.46 -59.27 3.16
CA LEU GA 491 86.82 -59.80 3.09
C LEU GA 491 87.89 -58.73 3.04
N GLY GA 492 87.51 -57.46 2.91
CA GLY GA 492 88.47 -56.40 2.80
C GLY GA 492 88.97 -56.24 1.38
N PRO GA 493 89.58 -55.10 1.08
CA PRO GA 493 90.32 -54.98 -0.17
C PRO GA 493 91.52 -55.92 -0.18
N GLU GA 494 92.13 -56.04 -1.36
CA GLU GA 494 93.23 -56.95 -1.66
C GLU GA 494 92.71 -58.39 -1.72
N ALA GA 495 91.48 -58.61 -1.28
CA ALA GA 495 90.81 -59.89 -1.42
C ALA GA 495 89.65 -59.82 -2.39
N ALA GA 496 88.82 -58.77 -2.30
CA ALA GA 496 87.80 -58.54 -3.30
C ALA GA 496 88.43 -58.24 -4.65
N THR GA 497 89.49 -57.44 -4.67
CA THR GA 497 90.20 -57.17 -5.92
C THR GA 497 90.89 -58.41 -6.45
N ALA GA 498 91.46 -59.22 -5.56
CA ALA GA 498 92.13 -60.44 -6.01
C ALA GA 498 91.15 -61.44 -6.59
N SER GA 499 89.91 -61.44 -6.11
CA SER GA 499 88.88 -62.34 -6.63
C SER GA 499 88.16 -61.74 -7.82
N LEU GA 500 88.93 -61.26 -8.78
CA LEU GA 500 88.40 -60.53 -9.92
C LEU GA 500 89.25 -60.87 -11.13
N ASP GA 501 88.64 -60.93 -12.29
CA ASP GA 501 89.37 -61.10 -13.54
C ASP GA 501 89.60 -59.70 -14.12
N PRO GA 502 90.77 -59.10 -13.86
CA PRO GA 502 90.94 -57.68 -14.21
C PRO GA 502 90.81 -57.39 -15.70
N VAL GA 503 91.30 -58.28 -16.57
CA VAL GA 503 91.17 -58.05 -17.99
C VAL GA 503 89.71 -58.05 -18.41
N GLU GA 504 88.93 -59.02 -17.90
CA GLU GA 504 87.50 -59.05 -18.20
C GLU GA 504 86.79 -57.83 -17.65
N VAL GA 505 87.15 -57.42 -16.43
CA VAL GA 505 86.49 -56.28 -15.80
C VAL GA 505 86.74 -55.00 -16.58
N LEU GA 506 87.99 -54.78 -17.00
CA LEU GA 506 88.31 -53.58 -17.76
C LEU GA 506 87.54 -53.56 -19.09
N THR GA 507 87.52 -54.69 -19.79
CA THR GA 507 86.85 -54.74 -21.08
C THR GA 507 85.34 -54.56 -20.95
N ASN GA 508 84.74 -55.17 -19.92
CA ASN GA 508 83.30 -55.06 -19.75
C ASN GA 508 82.90 -53.68 -19.25
N LEU GA 509 83.70 -53.07 -18.38
CA LEU GA 509 83.42 -51.71 -17.94
C LEU GA 509 83.50 -50.74 -19.10
N ALA GA 510 84.45 -50.94 -20.01
CA ALA GA 510 84.57 -50.09 -21.17
C ALA GA 510 83.33 -50.17 -22.06
N ASP GA 511 82.83 -51.39 -22.29
CA ASP GA 511 81.67 -51.55 -23.14
C ASP GA 511 80.39 -51.08 -22.46
N ASN GA 512 80.29 -51.25 -21.14
CA ASN GA 512 79.10 -50.80 -20.43
C ASN GA 512 78.97 -49.28 -20.48
N GLN GA 513 80.09 -48.57 -20.35
CA GLN GA 513 80.07 -47.11 -20.37
C GLN GA 513 80.01 -46.53 -21.76
N GLY GA 514 80.14 -47.34 -22.80
CA GLY GA 514 80.15 -46.80 -24.15
C GLY GA 514 81.38 -46.02 -24.50
N ILE GA 515 82.49 -46.28 -23.81
CA ILE GA 515 83.73 -45.56 -24.07
C ILE GA 515 84.29 -45.98 -25.43
N ASP GA 516 85.09 -45.09 -26.01
CA ASP GA 516 85.79 -45.43 -27.24
C ASP GA 516 86.87 -46.45 -26.97
N VAL GA 517 86.97 -47.45 -27.86
CA VAL GA 517 87.90 -48.55 -27.63
C VAL GA 517 89.34 -48.08 -27.66
N ARG GA 518 89.65 -47.10 -28.52
CA ARG GA 518 91.01 -46.62 -28.67
C ARG GA 518 91.57 -46.02 -27.39
N ASN GA 519 90.70 -45.59 -26.46
CA ASN GA 519 91.18 -44.99 -25.21
C ASN GA 519 91.77 -46.00 -24.24
N ILE GA 520 91.59 -47.28 -24.49
CA ILE GA 520 92.03 -48.32 -23.56
C ILE GA 520 92.90 -49.31 -24.33
N LYS GA 521 93.82 -49.93 -23.60
CA LYS GA 521 94.71 -50.91 -24.20
C LYS GA 521 93.95 -52.16 -24.61
N THR GA 522 94.50 -52.87 -25.60
CA THR GA 522 93.87 -54.09 -26.08
C THR GA 522 94.00 -55.21 -25.05
N ARG GA 523 93.31 -56.32 -25.31
CA ARG GA 523 93.34 -57.44 -24.39
C ARG GA 523 94.74 -58.02 -24.25
N GLU GA 524 95.47 -58.14 -25.35
CA GLU GA 524 96.83 -58.69 -25.29
C GLU GA 524 97.75 -57.77 -24.50
N GLU GA 525 97.61 -56.45 -24.67
CA GLU GA 525 98.42 -55.52 -23.89
C GLU GA 525 98.08 -55.57 -22.42
N LEU GA 526 96.79 -55.70 -22.09
CA LEU GA 526 96.39 -55.78 -20.69
C LEU GA 526 96.88 -57.07 -20.04
N GLU GA 527 96.83 -58.18 -20.78
CA GLU GA 527 97.33 -59.44 -20.24
C GLU GA 527 98.83 -59.39 -20.02
N GLN GA 528 99.57 -58.78 -20.94
CA GLN GA 528 101.01 -58.60 -20.73
C GLN GA 528 101.28 -57.73 -19.52
N LEU GA 529 100.48 -56.66 -19.35
CA LEU GA 529 100.61 -55.82 -18.18
C LEU GA 529 100.30 -56.59 -16.90
N LEU GA 530 99.27 -57.43 -16.94
CA LEU GA 530 98.91 -58.21 -15.76
C LEU GA 530 100.00 -59.20 -15.39
N GLN GA 531 100.61 -59.85 -16.38
CA GLN GA 531 101.70 -60.78 -16.09
C GLN GA 531 102.89 -60.06 -15.48
N ALA GA 532 103.21 -58.86 -15.98
CA ALA GA 532 104.31 -58.10 -15.41
C ALA GA 532 104.05 -57.74 -13.96
N ALA GA 533 102.83 -57.32 -13.64
CA ALA GA 533 102.49 -57.03 -12.26
C ALA GA 533 102.58 -58.27 -11.38
N GLY GA 534 102.37 -59.45 -11.95
CA GLY GA 534 102.58 -60.67 -11.19
C GLY GA 534 104.03 -60.90 -10.85
N GLN GA 535 104.93 -60.64 -11.80
CA GLN GA 535 106.36 -60.80 -11.55
C GLN GA 535 106.88 -59.77 -10.56
N ILE GA 536 106.33 -58.56 -10.59
CA ILE GA 536 106.72 -57.54 -9.62
C ILE GA 536 106.37 -58.00 -8.21
N ALA GA 537 105.18 -58.60 -8.04
CA ALA GA 537 104.79 -59.08 -6.72
C ALA GA 537 105.70 -60.19 -6.24
N GLN GA 538 106.13 -61.09 -7.14
CA GLN GA 538 107.01 -62.18 -6.74
C GLN GA 538 108.35 -61.65 -6.26
N GLN GA 539 108.92 -60.68 -6.97
CA GLN GA 539 110.21 -60.12 -6.56
C GLN GA 539 110.08 -59.30 -5.29
N GLU GA 540 108.99 -58.52 -5.17
CA GLU GA 540 108.78 -57.74 -3.97
C GLU GA 540 108.59 -58.62 -2.75
N ALA GA 541 107.85 -59.71 -2.89
CA ALA GA 541 107.65 -60.63 -1.78
C ALA GA 541 108.93 -61.40 -1.44
N ALA GA 542 109.73 -61.72 -2.46
CA ALA GA 542 110.98 -62.44 -2.22
C ALA GA 542 111.93 -61.64 -1.35
N GLN GA 543 112.00 -60.33 -1.56
CA GLN GA 543 112.85 -59.47 -0.74
C GLN GA 543 112.39 -59.37 0.71
N GLN GA 544 111.17 -59.80 1.02
CA GLN GA 544 110.68 -59.85 2.39
C GLN GA 544 110.69 -61.27 2.93
N GLY GA 545 111.35 -62.20 2.24
CA GLY GA 545 111.43 -63.57 2.70
C GLY GA 545 110.17 -64.38 2.52
N VAL GA 546 109.29 -63.97 1.61
CA VAL GA 546 108.04 -64.67 1.34
C VAL GA 546 108.10 -65.20 -0.09
N ILE GA 547 107.77 -66.47 -0.26
CA ILE GA 547 107.80 -67.14 -1.55
C ILE GA 547 106.37 -67.35 -2.00
N ILE GA 548 106.02 -66.78 -3.16
CA ILE GA 548 104.69 -66.92 -3.70
C ILE GA 548 104.66 -68.00 -4.78
N VAL HA 30 38.22 -81.83 -41.91
CA VAL HA 30 37.75 -80.54 -42.41
C VAL HA 30 36.33 -80.27 -41.94
N ASN HA 31 35.50 -81.31 -41.97
CA ASN HA 31 34.14 -81.17 -41.46
C ASN HA 31 34.15 -80.86 -39.97
N ARG HA 32 35.10 -81.45 -39.23
CA ARG HA 32 35.23 -81.12 -37.82
C ARG HA 32 35.74 -79.69 -37.64
N LEU HA 33 36.61 -79.24 -38.53
CA LEU HA 33 37.11 -77.86 -38.45
C LEU HA 33 35.98 -76.85 -38.60
N CYS HA 34 35.05 -77.11 -39.52
CA CYS HA 34 33.95 -76.17 -39.73
C CYS HA 34 33.05 -76.09 -38.50
N ARG HA 35 32.81 -77.22 -37.83
CA ARG HA 35 32.01 -77.18 -36.61
C ARG HA 35 32.71 -76.39 -35.51
N MET HA 36 34.01 -76.59 -35.34
CA MET HA 36 34.75 -75.85 -34.33
C MET HA 36 34.76 -74.35 -34.64
N ARG HA 37 34.96 -74.00 -35.91
CA ARG HA 37 35.03 -72.59 -36.29
C ARG HA 37 33.67 -71.92 -36.14
N ASN HA 38 32.59 -72.62 -36.48
CA ASN HA 38 31.26 -72.03 -36.35
C ASN HA 38 30.88 -71.84 -34.88
N ASP HA 39 31.29 -72.77 -34.02
CA ASP HA 39 31.06 -72.59 -32.58
C ASP HA 39 31.84 -71.41 -32.06
N ALA HA 40 33.11 -71.28 -32.47
CA ALA HA 40 33.92 -70.15 -32.02
C ALA HA 40 33.39 -68.83 -32.58
N LYS HA 41 32.77 -68.86 -33.76
CA LYS HA 41 32.19 -67.64 -34.32
C LYS HA 41 30.96 -67.22 -33.55
N SER HA 42 30.17 -68.18 -33.06
CA SER HA 42 28.99 -67.85 -32.29
C SER HA 42 29.35 -67.14 -30.99
N ASP HA 43 30.45 -67.56 -30.35
CA ASP HA 43 30.89 -66.88 -29.13
C ASP HA 43 31.27 -65.43 -29.42
N LEU HA 44 31.97 -65.19 -30.52
CA LEU HA 44 32.36 -63.83 -30.86
C LEU HA 44 31.13 -62.96 -31.12
N ASP HA 45 30.11 -63.51 -31.78
CA ASP HA 45 28.89 -62.74 -32.02
C ASP HA 45 28.20 -62.35 -30.73
N MET HA 46 28.27 -63.20 -29.70
CA MET HA 46 27.69 -62.84 -28.42
C MET HA 46 28.46 -61.71 -27.74
N TRP HA 47 29.75 -61.60 -28.01
CA TRP HA 47 30.59 -60.57 -27.41
C TRP HA 47 30.58 -59.25 -28.17
N ARG HA 48 30.08 -59.24 -29.41
CA ARG HA 48 30.25 -58.07 -30.27
C ARG HA 48 29.58 -56.84 -29.68
N SER HA 49 28.39 -57.00 -29.10
CA SER HA 49 27.63 -55.85 -28.63
C SER HA 49 28.36 -55.13 -27.51
N ILE HA 50 28.79 -55.87 -26.49
CA ILE HA 50 29.40 -55.23 -25.33
C ILE HA 50 30.81 -54.73 -25.66
N LEU HA 51 31.55 -55.47 -26.49
CA LEU HA 51 32.92 -55.08 -26.77
C LEU HA 51 32.98 -53.85 -27.67
N GLN HA 52 32.07 -53.74 -28.64
CA GLN HA 52 32.03 -52.55 -29.46
C GLN HA 52 31.68 -51.32 -28.61
N THR HA 53 30.77 -51.48 -27.65
CA THR HA 53 30.44 -50.38 -26.77
C THR HA 53 31.60 -50.00 -25.87
N ALA HA 54 32.28 -51.00 -25.29
CA ALA HA 54 33.40 -50.70 -24.40
C ALA HA 54 34.55 -50.04 -25.14
N TYR HA 55 34.85 -50.52 -26.35
CA TYR HA 55 35.91 -49.90 -27.15
C TYR HA 55 35.53 -48.49 -27.56
N HIS HA 56 34.24 -48.25 -27.81
CA HIS HA 56 33.81 -46.93 -28.25
C HIS HA 56 34.10 -45.88 -27.18
N TYR HA 57 33.86 -46.20 -25.92
CA TYR HA 57 34.09 -45.23 -24.86
C TYR HA 57 35.54 -45.18 -24.41
N ALA HA 58 36.35 -46.18 -24.76
CA ALA HA 58 37.73 -46.24 -24.30
C ALA HA 58 38.74 -45.86 -25.38
N MET HA 59 38.62 -46.45 -26.58
CA MET HA 59 39.47 -46.14 -27.71
C MET HA 59 38.61 -45.92 -28.94
N PRO HA 60 37.91 -44.78 -29.01
CA PRO HA 60 36.94 -44.58 -30.09
C PRO HA 60 37.53 -44.66 -31.49
N ASP HA 61 38.76 -44.19 -31.68
CA ASP HA 61 39.35 -44.18 -33.02
C ASP HA 61 40.00 -45.51 -33.40
N TYR HA 62 40.22 -46.41 -32.45
CA TYR HA 62 40.88 -47.68 -32.71
C TYR HA 62 39.98 -48.84 -32.34
N ASN HA 63 38.71 -48.74 -32.70
CA ASN HA 63 37.71 -49.74 -32.35
C ASN HA 63 37.69 -50.80 -33.45
N PRO HA 64 38.18 -52.02 -33.20
CA PRO HA 64 38.20 -53.03 -34.25
C PRO HA 64 36.86 -53.70 -34.51
N PHE HA 65 35.87 -53.49 -33.65
CA PHE HA 65 34.55 -54.07 -33.83
C PHE HA 65 33.64 -53.20 -34.66
N GLU HA 66 34.09 -52.02 -35.07
CA GLU HA 66 33.26 -51.14 -35.88
C GLU HA 66 32.99 -51.76 -37.25
N ASN HA 67 31.84 -51.42 -37.82
CA ASN HA 67 31.42 -51.94 -39.11
C ASN HA 67 31.41 -53.46 -39.14
N TYR HA 68 30.89 -54.04 -38.06
CA TYR HA 68 30.77 -55.49 -37.92
C TYR HA 68 32.11 -56.20 -38.12
N GLY HA 69 33.16 -55.64 -37.51
CA GLY HA 69 34.47 -56.24 -37.53
C GLY HA 69 35.33 -55.88 -38.71
N LEU HA 70 34.75 -55.31 -39.77
CA LEU HA 70 35.55 -54.93 -40.93
C LEU HA 70 36.40 -53.70 -40.63
N ALA HA 71 35.93 -52.81 -39.75
CA ALA HA 71 36.67 -51.62 -39.33
C ALA HA 71 37.01 -50.80 -40.57
N GLY HA 72 38.28 -50.59 -40.89
CA GLY HA 72 38.66 -49.79 -42.04
C GLY HA 72 38.88 -50.56 -43.32
N PHE HA 73 38.63 -51.87 -43.34
CA PHE HA 73 38.82 -52.63 -44.57
C PHE HA 73 37.88 -52.18 -45.66
N LEU HA 74 36.63 -51.88 -45.32
CA LEU HA 74 35.67 -51.44 -46.33
C LEU HA 74 35.82 -49.96 -46.64
N THR HA 75 35.63 -49.10 -45.64
CA THR HA 75 35.67 -47.66 -45.84
C THR HA 75 36.70 -47.02 -44.92
N PRO HA 76 37.88 -46.67 -45.44
CA PRO HA 76 38.87 -45.96 -44.61
C PRO HA 76 38.48 -44.51 -44.40
N GLY HA 77 39.17 -43.88 -43.46
CA GLY HA 77 38.98 -42.46 -43.22
C GLY HA 77 37.64 -42.08 -42.64
N GLN HA 78 37.01 -42.99 -41.91
CA GLN HA 78 35.69 -42.74 -41.33
C GLN HA 78 35.84 -42.05 -39.98
N GLN HA 79 34.84 -41.24 -39.64
CA GLN HA 79 34.82 -40.56 -38.35
C GLN HA 79 34.17 -41.45 -37.31
N TYR HA 80 34.78 -41.53 -36.13
CA TYR HA 80 34.29 -42.45 -35.10
C TYR HA 80 34.07 -41.76 -33.75
N ASN HA 81 34.84 -40.71 -33.47
CA ASN HA 81 34.92 -40.15 -32.12
C ASN HA 81 34.17 -38.83 -31.98
N ALA HA 82 33.25 -38.52 -32.90
CA ALA HA 82 32.56 -37.23 -32.84
C ALA HA 82 31.63 -37.14 -31.64
N ASP HA 83 31.08 -38.26 -31.18
CA ASP HA 83 30.13 -38.27 -30.09
C ASP HA 83 30.76 -38.65 -28.76
N ILE HA 84 32.09 -38.58 -28.64
CA ILE HA 84 32.78 -38.80 -27.37
C ILE HA 84 33.13 -37.41 -26.84
N TYR HA 85 32.23 -36.87 -26.02
CA TYR HA 85 32.41 -35.53 -25.47
C TYR HA 85 33.40 -35.51 -24.33
N ASP HA 86 33.46 -36.56 -23.53
CA ASP HA 86 34.34 -36.63 -22.38
C ASP HA 86 35.49 -37.59 -22.66
N LEU HA 87 36.71 -37.13 -22.47
CA LEU HA 87 37.90 -37.91 -22.77
C LEU HA 87 38.54 -38.51 -21.54
N THR HA 88 37.83 -38.51 -20.40
CA THR HA 88 38.42 -39.04 -19.17
C THR HA 88 38.83 -40.49 -19.32
N LEU HA 89 37.89 -41.34 -19.76
CA LEU HA 89 38.22 -42.75 -19.92
C LEU HA 89 39.27 -42.97 -21.01
N PRO HA 90 39.17 -42.39 -22.21
CA PRO HA 90 40.23 -42.61 -23.21
C PRO HA 90 41.61 -42.19 -22.74
N ILE HA 91 41.71 -41.10 -21.97
CA ILE HA 91 43.01 -40.66 -21.49
C ILE HA 91 43.54 -41.61 -20.42
N ALA HA 92 42.70 -41.98 -19.46
CA ALA HA 92 43.14 -42.86 -18.39
C ALA HA 92 43.46 -44.26 -18.92
N HIS HA 93 42.68 -44.73 -19.89
CA HIS HA 93 42.93 -46.05 -20.48
C HIS HA 93 44.28 -46.09 -21.17
N LYS HA 94 44.59 -45.05 -21.94
CA LYS HA 94 45.86 -45.04 -22.66
C LYS HA 94 47.04 -44.92 -21.72
N ARG HA 95 46.92 -44.08 -20.68
CA ARG HA 95 48.02 -43.90 -19.75
C ARG HA 95 48.27 -45.14 -18.90
N LEU HA 96 47.22 -45.89 -18.58
CA LEU HA 96 47.42 -47.12 -17.83
C LEU HA 96 48.09 -48.19 -18.67
N ALA HA 97 47.71 -48.32 -19.94
CA ALA HA 97 48.37 -49.27 -20.81
C ALA HA 97 49.83 -48.90 -21.03
N ASP HA 98 50.11 -47.61 -21.22
CA ASP HA 98 51.49 -47.15 -21.33
C ASP HA 98 52.27 -47.44 -20.04
N LYS HA 99 51.64 -47.21 -18.90
CA LYS HA 99 52.32 -47.43 -17.62
C LYS HA 99 52.61 -48.92 -17.41
N MET HA 100 51.69 -49.79 -17.81
CA MET HA 100 51.93 -51.22 -17.69
C MET HA 100 53.08 -51.66 -18.58
N LEU HA 101 53.20 -51.08 -19.77
CA LEU HA 101 54.27 -51.44 -20.68
C LEU HA 101 55.64 -51.11 -20.09
N MET HA 102 55.78 -49.93 -19.51
CA MET HA 102 57.08 -49.50 -18.99
C MET HA 102 57.46 -50.21 -17.71
N ASN HA 103 56.50 -50.79 -17.00
CA ASN HA 103 56.77 -51.49 -15.75
C ASN HA 103 56.91 -52.99 -15.91
N MET HA 104 56.42 -53.57 -17.00
CA MET HA 104 56.55 -54.99 -17.25
C MET HA 104 57.69 -55.33 -18.21
N VAL HA 105 57.80 -54.62 -19.32
CA VAL HA 105 58.89 -54.82 -20.26
C VAL HA 105 59.55 -53.48 -20.53
N PRO HA 106 60.30 -52.94 -19.58
CA PRO HA 106 60.94 -51.63 -19.80
C PRO HA 106 61.94 -51.67 -20.95
N GLN HA 107 61.63 -50.97 -22.02
CA GLN HA 107 62.44 -51.02 -23.23
C GLN HA 107 63.85 -50.49 -22.96
N GLY HA 108 64.83 -51.14 -23.57
CA GLY HA 108 66.21 -50.79 -23.32
C GLY HA 108 66.76 -51.29 -22.01
N GLN HA 109 66.08 -52.22 -21.36
CA GLN HA 109 66.57 -52.84 -20.13
C GLN HA 109 66.44 -54.35 -20.27
N GLN HA 110 67.12 -55.07 -19.36
CA GLN HA 110 67.13 -56.52 -19.39
C GLN HA 110 66.13 -57.03 -18.36
N TRP HA 111 64.87 -57.07 -18.77
CA TRP HA 111 63.76 -57.38 -17.87
C TRP HA 111 63.53 -58.88 -17.69
N VAL HA 112 64.30 -59.73 -18.37
CA VAL HA 112 64.24 -61.17 -18.13
C VAL HA 112 65.63 -61.73 -18.35
N LYS HA 113 65.95 -62.78 -17.60
CA LYS HA 113 67.26 -63.43 -17.65
C LYS HA 113 67.08 -64.93 -17.79
N PHE HA 114 67.87 -65.53 -18.66
CA PHE HA 114 67.96 -66.99 -18.71
C PHE HA 114 68.86 -67.48 -17.60
N THR HA 115 68.46 -68.55 -16.96
CA THR HA 115 69.21 -69.19 -15.88
C THR HA 115 69.29 -70.68 -16.15
N PRO HA 116 70.31 -71.35 -15.63
CA PRO HA 116 70.38 -72.81 -15.78
C PRO HA 116 69.17 -73.48 -15.12
N GLY HA 117 68.71 -74.56 -15.73
CA GLY HA 117 67.57 -75.30 -15.24
C GLY HA 117 67.94 -76.23 -14.12
N ASP HA 118 66.95 -77.03 -13.70
CA ASP HA 118 67.13 -77.97 -12.60
C ASP HA 118 68.13 -79.07 -12.94
N GLU HA 119 68.40 -79.33 -14.22
CA GLU HA 119 69.29 -80.39 -14.61
C GLU HA 119 70.75 -80.12 -14.26
N PHE HA 120 71.11 -78.88 -13.96
CA PHE HA 120 72.50 -78.54 -13.68
C PHE HA 120 72.85 -78.57 -12.20
N GLY HA 121 71.91 -78.98 -11.35
CA GLY HA 121 72.22 -79.15 -9.94
C GLY HA 121 72.11 -77.87 -9.15
N GLU HA 122 72.71 -77.90 -7.97
CA GLU HA 122 72.62 -76.78 -7.07
C GLU HA 122 73.47 -75.62 -7.57
N PRO HA 123 73.00 -74.38 -7.41
CA PRO HA 123 73.81 -73.23 -7.82
C PRO HA 123 75.07 -73.11 -6.99
N GLY HA 124 76.12 -72.58 -7.63
CA GLY HA 124 77.39 -72.36 -6.98
C GLY HA 124 78.44 -73.41 -7.28
N THR HA 125 78.05 -74.58 -7.75
CA THR HA 125 79.01 -75.61 -8.11
C THR HA 125 79.76 -75.21 -9.38
N PRO HA 126 80.96 -75.75 -9.59
CA PRO HA 126 81.71 -75.40 -10.82
C PRO HA 126 80.96 -75.74 -12.09
N LEU HA 127 80.23 -76.85 -12.12
CA LEU HA 127 79.47 -77.23 -13.31
C LEU HA 127 78.33 -76.26 -13.56
N TYR HA 128 77.61 -75.88 -12.50
CA TYR HA 128 76.54 -74.90 -12.63
C TYR HA 128 77.09 -73.56 -13.09
N GLN HA 129 78.26 -73.18 -12.59
CA GLN HA 129 78.83 -71.87 -12.91
C GLN HA 129 79.18 -71.75 -14.39
N ARG HA 130 79.55 -72.85 -15.04
CA ARG HA 130 79.82 -72.80 -16.47
C ARG HA 130 78.52 -72.68 -17.27
N ALA HA 131 77.44 -73.31 -16.80
CA ALA HA 131 76.15 -73.14 -17.46
C ALA HA 131 75.61 -71.72 -17.27
N LEU HA 132 75.87 -71.11 -16.11
CA LEU HA 132 75.40 -69.75 -15.88
C LEU HA 132 76.08 -68.77 -16.82
N ASP HA 133 77.35 -68.99 -17.13
CA ASP HA 133 78.02 -68.14 -18.11
C ASP HA 133 77.38 -68.26 -19.47
N ALA HA 134 77.00 -69.48 -19.86
CA ALA HA 134 76.33 -69.67 -21.15
C ALA HA 134 74.98 -68.99 -21.19
N THR HA 135 74.17 -69.11 -20.13
CA THR HA 135 72.85 -68.50 -20.15
C THR HA 135 72.92 -66.99 -20.13
N GLN HA 136 73.96 -66.43 -19.50
CA GLN HA 136 74.15 -64.98 -19.53
C GLN HA 136 74.50 -64.51 -20.94
N ARG HA 137 75.27 -65.30 -21.68
CA ARG HA 137 75.52 -64.99 -23.08
C ARG HA 137 74.25 -65.10 -23.91
N MET HA 138 73.41 -66.10 -23.63
CA MET HA 138 72.16 -66.24 -24.35
C MET HA 138 71.24 -65.05 -24.10
N THR HA 139 71.22 -64.55 -22.87
CA THR HA 139 70.36 -63.41 -22.55
C THR HA 139 70.77 -62.18 -23.33
N ASP HA 140 72.06 -61.91 -23.44
CA ASP HA 140 72.53 -60.75 -24.20
C ASP HA 140 72.13 -60.87 -25.66
N HIS HA 141 72.31 -62.05 -26.25
CA HIS HA 141 71.97 -62.25 -27.65
C HIS HA 141 70.46 -62.19 -27.87
N PHE HA 142 69.69 -62.72 -26.91
CA PHE HA 142 68.24 -62.70 -27.03
C PHE HA 142 67.71 -61.29 -27.09
N PHE HA 143 68.24 -60.40 -26.25
CA PHE HA 143 67.74 -59.02 -26.22
C PHE HA 143 68.22 -58.21 -27.41
N LYS HA 144 69.35 -58.58 -28.02
CA LYS HA 144 69.76 -57.90 -29.24
C LYS HA 144 68.76 -58.15 -30.35
N ILE HA 145 68.22 -59.36 -30.44
CA ILE HA 145 67.21 -59.67 -31.44
C ILE HA 145 65.91 -58.95 -31.13
N ILE HA 146 65.50 -58.94 -29.86
CA ILE HA 146 64.24 -58.31 -29.48
C ILE HA 146 64.30 -56.80 -29.64
N ASP HA 147 65.43 -56.20 -29.30
CA ASP HA 147 65.54 -54.74 -29.31
C ASP HA 147 65.46 -54.15 -30.72
N ARG HA 148 65.76 -54.92 -31.75
CA ARG HA 148 65.69 -54.41 -33.12
C ARG HA 148 64.43 -54.84 -33.84
N SER HA 149 63.51 -55.52 -33.16
CA SER HA 149 62.24 -55.93 -33.76
C SER HA 149 61.15 -54.94 -33.37
N ASN HA 150 59.92 -55.25 -33.76
CA ASN HA 150 58.75 -54.47 -33.38
C ASN HA 150 58.04 -55.06 -32.17
N PHE HA 151 58.82 -55.67 -31.27
CA PHE HA 151 58.23 -56.32 -30.09
C PHE HA 151 57.48 -55.30 -29.22
N TYR HA 152 58.11 -54.17 -28.92
CA TYR HA 152 57.49 -53.21 -28.02
C TYR HA 152 56.31 -52.52 -28.66
N LEU HA 153 56.34 -52.34 -29.98
CA LEU HA 153 55.17 -51.79 -30.67
C LEU HA 153 53.98 -52.75 -30.56
N ALA HA 154 54.22 -54.04 -30.75
CA ALA HA 154 53.13 -55.01 -30.71
C ALA HA 154 52.60 -55.20 -29.30
N VAL HA 155 53.48 -55.25 -28.31
CA VAL HA 155 53.03 -55.45 -26.93
C VAL HA 155 52.23 -54.25 -26.45
N GLY HA 156 52.67 -53.04 -26.81
CA GLY HA 156 51.96 -51.85 -26.39
C GLY HA 156 50.54 -51.79 -26.91
N GLU HA 157 50.30 -52.29 -28.12
CA GLU HA 157 48.96 -52.31 -28.67
C GLU HA 157 48.11 -53.43 -28.06
N SER HA 158 48.73 -54.58 -27.77
CA SER HA 158 47.97 -55.65 -27.15
C SER HA 158 47.59 -55.30 -25.71
N LEU HA 159 48.42 -54.53 -25.02
CA LEU HA 159 48.07 -54.12 -23.66
C LEU HA 159 46.83 -53.22 -23.64
N GLN HA 160 46.64 -52.41 -24.68
CA GLN HA 160 45.43 -51.60 -24.74
C GLN HA 160 44.20 -52.47 -24.97
N ASP HA 161 44.36 -53.61 -25.64
CA ASP HA 161 43.24 -54.52 -25.82
C ASP HA 161 42.90 -55.26 -24.53
N VAL HA 162 43.92 -55.70 -23.79
CA VAL HA 162 43.68 -56.49 -22.59
C VAL HA 162 43.03 -55.66 -21.49
N LEU HA 163 43.20 -54.34 -21.51
CA LEU HA 163 42.52 -53.51 -20.53
C LEU HA 163 41.02 -53.50 -20.73
N ILE HA 164 40.54 -53.94 -21.89
CA ILE HA 164 39.11 -54.04 -22.12
C ILE HA 164 38.66 -55.49 -22.00
N SER HA 165 39.11 -56.35 -22.92
CA SER HA 165 38.79 -57.76 -22.76
C SER HA 165 40.01 -58.68 -22.81
N THR HA 166 40.77 -58.62 -23.90
CA THR HA 166 41.70 -59.68 -24.24
C THR HA 166 42.74 -59.13 -25.22
N GLY HA 167 44.00 -59.46 -24.98
CA GLY HA 167 45.08 -59.14 -25.90
C GLY HA 167 45.58 -60.40 -26.58
N ILE HA 168 45.91 -60.30 -27.86
CA ILE HA 168 46.44 -61.42 -28.62
C ILE HA 168 47.69 -60.93 -29.36
N ILE HA 169 48.79 -61.66 -29.21
CA ILE HA 169 50.04 -61.35 -29.87
C ILE HA 169 50.42 -62.54 -30.75
N ALA HA 170 50.71 -62.27 -32.01
CA ALA HA 170 51.17 -63.29 -32.94
C ALA HA 170 52.67 -63.15 -33.13
N ILE HA 171 53.38 -64.27 -33.00
CA ILE HA 171 54.83 -64.31 -33.10
C ILE HA 171 55.17 -65.24 -34.24
N ASN HA 172 55.48 -64.67 -35.40
CA ASN HA 172 55.66 -65.44 -36.63
C ASN HA 172 57.11 -65.44 -37.06
N GLU HA 173 57.45 -66.39 -37.91
CA GLU HA 173 58.79 -66.47 -38.46
C GLU HA 173 59.00 -65.41 -39.53
N GLY HA 174 60.25 -65.00 -39.69
CA GLY HA 174 60.66 -64.11 -40.75
C GLY HA 174 61.80 -64.70 -41.54
N ASN HA 175 62.62 -63.83 -42.09
CA ASN HA 175 63.85 -64.22 -42.78
C ASN HA 175 65.04 -63.76 -41.94
N ARG HA 176 66.24 -63.96 -42.49
CA ARG HA 176 67.45 -63.63 -41.75
C ARG HA 176 67.61 -62.13 -41.51
N LYS HA 177 66.85 -61.29 -42.22
CA LYS HA 177 66.92 -59.86 -41.97
C LYS HA 177 66.01 -59.44 -40.81
N ARG HA 178 64.83 -60.05 -40.73
CA ARG HA 178 63.91 -59.85 -39.61
C ARG HA 178 63.46 -61.22 -39.13
N PRO HA 179 64.23 -61.85 -38.24
CA PRO HA 179 63.91 -63.23 -37.84
C PRO HA 179 62.55 -63.40 -37.17
N VAL HA 180 62.10 -62.43 -36.39
CA VAL HA 180 60.88 -62.56 -35.61
C VAL HA 180 59.95 -61.40 -35.93
N ARG HA 181 58.69 -61.71 -36.24
CA ARG HA 181 57.67 -60.70 -36.50
C ARG HA 181 56.62 -60.76 -35.41
N TYR HA 182 56.37 -59.63 -34.76
CA TYR HA 182 55.33 -59.53 -33.74
C TYR HA 182 54.16 -58.72 -34.28
N GLU HA 183 52.96 -59.08 -33.84
CA GLU HA 183 51.77 -58.39 -34.28
C GLU HA 183 50.69 -58.49 -33.22
N ALA HA 184 50.06 -57.36 -32.89
CA ALA HA 184 48.90 -57.36 -32.02
C ALA HA 184 47.66 -57.68 -32.85
N VAL HA 185 47.14 -58.89 -32.72
CA VAL HA 185 45.99 -59.29 -33.53
C VAL HA 185 44.74 -58.59 -33.00
N PRO HA 186 43.97 -57.91 -33.84
CA PRO HA 186 42.73 -57.29 -33.37
C PRO HA 186 41.79 -58.33 -32.81
N PRO HA 187 41.22 -58.07 -31.62
CA PRO HA 187 40.35 -59.08 -30.99
C PRO HA 187 39.10 -59.40 -31.77
N ALA HA 188 38.67 -58.53 -32.70
CA ALA HA 188 37.47 -58.81 -33.48
C ALA HA 188 37.73 -59.74 -34.65
N GLN HA 189 38.98 -60.09 -34.93
CA GLN HA 189 39.33 -60.94 -36.07
C GLN HA 189 39.85 -62.31 -35.64
N VAL HA 190 39.77 -62.64 -34.36
CA VAL HA 190 40.17 -63.95 -33.87
C VAL HA 190 38.99 -64.57 -33.12
N MET HA 191 38.94 -65.90 -33.17
CA MET HA 191 37.90 -66.68 -32.50
C MET HA 191 38.58 -67.78 -31.70
N PHE HA 192 37.96 -68.17 -30.59
CA PHE HA 192 38.58 -69.07 -29.64
C PHE HA 192 37.69 -70.25 -29.33
N GLN HA 193 38.33 -71.36 -28.97
CA GLN HA 193 37.70 -72.44 -28.24
C GLN HA 193 38.50 -72.66 -26.97
N GLY HA 194 37.81 -72.86 -25.85
CA GLY HA 194 38.43 -73.01 -24.56
C GLY HA 194 38.26 -74.40 -24.01
N ASP HA 195 39.22 -74.85 -23.20
CA ASP HA 195 39.11 -76.11 -22.49
C ASP HA 195 38.33 -75.88 -21.20
N ALA HA 196 38.29 -76.89 -20.33
CA ALA HA 196 37.47 -76.80 -19.13
C ALA HA 196 38.04 -75.83 -18.10
N GLU HA 197 39.32 -75.50 -18.18
CA GLU HA 197 39.96 -74.63 -17.21
C GLU HA 197 40.12 -73.21 -17.70
N GLY HA 198 39.48 -72.86 -18.82
CA GLY HA 198 39.53 -71.51 -19.34
C GLY HA 198 40.68 -71.20 -20.28
N GLN HA 199 41.57 -72.15 -20.52
CA GLN HA 199 42.67 -71.95 -21.45
C GLN HA 199 42.21 -72.15 -22.88
N VAL HA 200 42.85 -71.41 -23.79
CA VAL HA 200 42.52 -71.52 -25.21
C VAL HA 200 43.18 -72.77 -25.78
N ASP HA 201 42.41 -73.54 -26.54
CA ASP HA 201 42.95 -74.72 -27.23
C ASP HA 201 42.59 -74.76 -28.70
N ALA HA 202 42.06 -73.68 -29.26
CA ALA HA 202 41.81 -73.59 -30.69
C ALA HA 202 41.64 -72.12 -31.04
N ILE HA 203 42.33 -71.68 -32.09
CA ILE HA 203 42.33 -70.28 -32.51
C ILE HA 203 42.03 -70.23 -34.00
N PHE HA 204 41.14 -69.31 -34.39
CA PHE HA 204 40.79 -69.10 -35.79
C PHE HA 204 40.92 -67.62 -36.10
N ARG HA 205 41.84 -67.28 -37.00
CA ARG HA 205 42.08 -65.89 -37.38
C ARG HA 205 41.66 -65.70 -38.83
N ASP HA 206 40.85 -64.68 -39.08
CA ASP HA 206 40.32 -64.38 -40.40
C ASP HA 206 41.15 -63.30 -41.08
N TRP HA 207 41.52 -63.53 -42.34
CA TRP HA 207 42.21 -62.55 -43.15
C TRP HA 207 41.30 -62.11 -44.28
N TYR HA 208 41.12 -60.80 -44.41
CA TYR HA 208 40.14 -60.24 -45.34
C TYR HA 208 40.87 -59.74 -46.58
N GLN HA 209 40.54 -60.33 -47.73
CA GLN HA 209 40.96 -59.86 -49.06
C GLN HA 209 42.48 -59.73 -49.15
N VAL HA 210 43.14 -60.88 -49.11
CA VAL HA 210 44.58 -60.98 -49.21
C VAL HA 210 44.96 -61.25 -50.66
N ARG HA 211 45.92 -60.49 -51.18
CA ARG HA 211 46.42 -60.73 -52.52
C ARG HA 211 47.25 -62.00 -52.58
N ILE HA 212 47.21 -62.66 -53.74
CA ILE HA 212 47.88 -63.95 -53.88
C ILE HA 212 49.38 -63.80 -53.69
N GLU HA 213 49.98 -62.76 -54.26
CA GLU HA 213 51.41 -62.53 -54.08
C GLU HA 213 51.75 -62.27 -52.63
N ASN HA 214 50.79 -61.81 -51.83
CA ASN HA 214 51.01 -61.57 -50.41
C ASN HA 214 51.05 -62.86 -49.61
N ILE HA 215 50.35 -63.90 -50.07
CA ILE HA 215 50.25 -65.14 -49.32
C ILE HA 215 51.61 -65.78 -49.15
N LYS HA 216 52.41 -65.82 -50.23
CA LYS HA 216 53.70 -66.49 -50.17
C LYS HA 216 54.65 -65.82 -49.18
N SER HA 217 54.56 -64.50 -49.04
CA SER HA 217 55.48 -63.82 -48.13
C SER HA 217 55.15 -64.13 -46.67
N MET HA 218 53.86 -64.21 -46.33
CA MET HA 218 53.48 -64.53 -44.96
C MET HA 218 53.72 -66.00 -44.64
N TRP HA 219 53.37 -66.90 -45.56
CA TRP HA 219 53.53 -68.34 -45.39
C TRP HA 219 54.36 -68.86 -46.56
N PRO HA 220 55.69 -68.94 -46.40
CA PRO HA 220 56.55 -69.29 -47.55
C PRO HA 220 56.26 -70.64 -48.18
N LYS HA 221 55.85 -71.64 -47.40
CA LYS HA 221 55.66 -72.98 -47.93
C LYS HA 221 54.23 -73.26 -48.34
N ALA HA 222 53.37 -72.25 -48.40
CA ALA HA 222 52.00 -72.45 -48.84
C ALA HA 222 51.96 -72.85 -50.31
N GLU HA 223 50.95 -73.63 -50.67
CA GLU HA 223 50.75 -74.08 -52.05
C GLU HA 223 49.79 -73.12 -52.73
N VAL HA 224 50.34 -71.99 -53.17
CA VAL HA 224 49.53 -70.98 -53.84
C VAL HA 224 49.32 -71.30 -55.32
N ALA HA 225 50.21 -72.08 -55.92
CA ALA HA 225 50.14 -72.33 -57.36
C ALA HA 225 48.88 -73.09 -57.74
N LYS HA 226 48.41 -73.99 -56.88
CA LYS HA 226 47.24 -74.81 -57.20
C LYS HA 226 45.96 -74.00 -57.32
N LEU HA 227 45.95 -72.75 -56.87
CA LEU HA 227 44.75 -71.92 -56.96
C LEU HA 227 44.47 -71.42 -58.36
N ASN HA 228 45.48 -71.36 -59.23
CA ASN HA 228 45.34 -70.86 -60.59
C ASN HA 228 44.77 -69.45 -60.60
N LYS HA 229 45.49 -68.53 -59.99
CA LYS HA 229 45.07 -67.14 -59.91
C LYS HA 229 46.26 -66.23 -60.19
N LYS HA 230 45.95 -65.03 -60.68
CA LYS HA 230 46.96 -64.03 -60.94
C LYS HA 230 47.42 -63.40 -59.62
N PRO HA 231 48.65 -62.88 -59.56
CA PRO HA 231 49.16 -62.37 -58.28
C PRO HA 231 48.65 -60.98 -57.94
N GLU HA 232 47.38 -60.73 -58.22
CA GLU HA 232 46.71 -59.53 -57.74
C GLU HA 232 45.28 -59.78 -57.31
N ASP HA 233 44.77 -61.00 -57.45
CA ASP HA 233 43.43 -61.31 -56.98
C ASP HA 233 43.39 -61.41 -55.47
N LYS HA 234 42.23 -61.11 -54.90
CA LYS HA 234 42.03 -61.13 -53.46
C LYS HA 234 41.26 -62.37 -53.05
N VAL HA 235 41.72 -63.02 -51.98
CA VAL HA 235 41.08 -64.20 -51.44
C VAL HA 235 41.06 -64.12 -49.92
N ASP HA 236 39.94 -64.49 -49.32
CA ASP HA 236 39.86 -64.59 -47.87
C ASP HA 236 40.62 -65.83 -47.39
N ILE HA 237 41.32 -65.68 -46.27
CA ILE HA 237 42.17 -66.75 -45.73
C ILE HA 237 41.76 -67.03 -44.30
N TRP HA 238 41.64 -68.31 -43.96
CA TRP HA 238 41.40 -68.76 -42.60
C TRP HA 238 42.67 -69.40 -42.07
N GLU HA 239 43.18 -68.86 -40.98
CA GLU HA 239 44.38 -69.36 -40.32
C GLU HA 239 43.93 -70.04 -39.04
N CYS HA 240 43.91 -71.37 -39.05
CA CYS HA 240 43.34 -72.16 -37.96
C CYS HA 240 44.43 -72.93 -37.25
N ALA HA 241 44.25 -73.11 -35.95
CA ALA HA 241 45.14 -73.96 -35.17
C ALA HA 241 44.37 -74.51 -33.98
N TRP HA 242 44.75 -75.70 -33.55
CA TRP HA 242 44.10 -76.32 -32.41
C TRP HA 242 45.05 -77.33 -31.79
N ILE HA 243 44.76 -77.67 -30.54
CA ILE HA 243 45.56 -78.66 -29.82
C ILE HA 243 45.01 -80.05 -30.14
N ASP HA 244 45.89 -80.93 -30.60
CA ASP HA 244 45.55 -82.33 -30.82
C ASP HA 244 45.88 -83.09 -29.54
N TYR HA 245 44.85 -83.48 -28.79
CA TYR HA 245 45.06 -84.01 -27.45
C TYR HA 245 45.71 -85.39 -27.48
N GLU HA 246 45.39 -86.22 -28.46
CA GLU HA 246 45.99 -87.55 -28.56
C GLU HA 246 47.20 -87.56 -29.50
N ALA HA 247 48.15 -86.67 -29.25
CA ALA HA 247 49.34 -86.55 -30.08
C ALA HA 247 50.54 -86.28 -29.19
N PRO HA 248 51.74 -86.65 -29.65
CA PRO HA 248 52.94 -86.36 -28.85
C PRO HA 248 53.21 -84.87 -28.76
N GLU HA 249 54.21 -84.53 -27.95
CA GLU HA 249 54.52 -83.13 -27.67
C GLU HA 249 54.94 -82.38 -28.92
N LYS HA 250 55.74 -83.01 -29.78
CA LYS HA 250 56.24 -82.33 -30.97
C LYS HA 250 55.19 -82.16 -32.05
N GLU HA 251 54.04 -82.84 -31.93
CA GLU HA 251 52.95 -82.69 -32.89
C GLU HA 251 51.70 -82.14 -32.23
N ARG HA 252 51.85 -81.49 -31.07
CA ARG HA 252 50.69 -81.15 -30.25
C ARG HA 252 49.80 -80.12 -30.94
N TYR HA 253 50.39 -79.15 -31.62
CA TYR HA 253 49.65 -78.02 -32.17
C TYR HA 253 49.49 -78.19 -33.68
N GLN HA 254 48.27 -78.52 -34.10
CA GLN HA 254 47.96 -78.60 -35.51
C GLN HA 254 47.75 -77.20 -36.07
N TYR HA 255 48.28 -76.95 -37.27
CA TYR HA 255 48.26 -75.63 -37.87
C TYR HA 255 47.87 -75.76 -39.34
N VAL HA 256 46.82 -75.05 -39.73
CA VAL HA 256 46.25 -75.15 -41.07
C VAL HA 256 45.97 -73.75 -41.61
N VAL HA 257 46.34 -73.52 -42.87
CA VAL HA 257 46.00 -72.30 -43.58
C VAL HA 257 45.19 -72.69 -44.81
N MET HA 258 44.05 -72.05 -45.01
CA MET HA 258 43.15 -72.40 -46.09
C MET HA 258 42.37 -71.18 -46.52
N THR HA 259 41.79 -71.24 -47.71
CA THR HA 259 40.95 -70.16 -48.19
C THR HA 259 39.53 -70.33 -47.67
N SER HA 260 38.73 -69.26 -47.82
CA SER HA 260 37.36 -69.30 -47.33
C SER HA 260 36.49 -70.27 -48.09
N SER HA 261 36.91 -70.73 -49.27
CA SER HA 261 36.17 -71.74 -50.01
C SER HA 261 36.71 -73.14 -49.76
N LYS HA 262 37.37 -73.36 -48.62
CA LYS HA 262 37.85 -74.67 -48.18
C LYS HA 262 38.87 -75.24 -49.17
N ASP HA 263 39.93 -74.47 -49.39
CA ASP HA 263 41.06 -74.88 -50.22
C ASP HA 263 42.31 -74.85 -49.35
N VAL HA 264 42.78 -76.04 -48.94
CA VAL HA 264 43.87 -76.10 -47.98
C VAL HA 264 45.18 -75.74 -48.66
N LEU HA 265 45.89 -74.78 -48.08
CA LEU HA 265 47.16 -74.31 -48.61
C LEU HA 265 48.37 -74.74 -47.81
N LEU HA 266 48.18 -75.13 -46.55
CA LEU HA 266 49.30 -75.51 -45.69
C LEU HA 266 48.79 -76.32 -44.52
N GLU HA 267 49.51 -77.39 -44.19
CA GLU HA 267 49.22 -78.21 -43.02
C GLU HA 267 50.51 -78.51 -42.30
N GLN HA 268 50.52 -78.31 -40.99
CA GLN HA 268 51.69 -78.55 -40.16
C GLN HA 268 51.26 -79.08 -38.81
N SER HA 269 52.24 -79.52 -38.03
CA SER HA 269 52.01 -79.94 -36.65
C SER HA 269 53.31 -79.72 -35.89
N ASN HA 270 53.35 -78.67 -35.08
CA ASN HA 270 54.55 -78.25 -34.37
C ASN HA 270 54.32 -78.37 -32.86
N SER HA 271 55.34 -77.97 -32.10
CA SER HA 271 55.25 -77.96 -30.66
C SER HA 271 54.72 -76.64 -30.10
N SER HA 272 54.36 -75.69 -30.96
CA SER HA 272 53.80 -74.42 -30.52
C SER HA 272 53.02 -73.81 -31.67
N TRP HA 273 52.19 -72.83 -31.34
CA TRP HA 273 51.45 -72.06 -32.33
C TRP HA 273 51.81 -70.58 -32.19
N PRO HA 274 51.52 -69.77 -33.21
CA PRO HA 274 52.02 -68.38 -33.20
C PRO HA 274 51.52 -67.52 -32.05
N TRP HA 275 50.33 -67.77 -31.52
CA TRP HA 275 49.64 -66.76 -30.72
C TRP HA 275 49.84 -66.96 -29.23
N VAL HA 276 49.77 -65.84 -28.51
CA VAL HA 276 49.68 -65.82 -27.06
C VAL HA 276 48.49 -64.94 -26.68
N VAL HA 277 47.64 -65.44 -25.79
CA VAL HA 277 46.39 -64.78 -25.43
C VAL HA 277 46.49 -64.29 -23.98
N TYR HA 278 46.12 -63.04 -23.76
CA TYR HA 278 46.21 -62.37 -22.47
C TYR HA 278 44.83 -62.11 -21.88
N ARG HA 279 44.69 -62.34 -20.58
CA ARG HA 279 43.52 -61.90 -19.84
C ARG HA 279 43.99 -61.35 -18.49
N MET HA 280 43.43 -60.20 -18.10
CA MET HA 280 43.71 -59.68 -16.77
C MET HA 280 42.82 -60.34 -15.72
N ARG HA 281 41.52 -60.39 -15.99
CA ARG HA 281 40.56 -61.10 -15.17
C ARG HA 281 39.60 -61.83 -16.09
N ARG HA 282 38.93 -62.84 -15.55
CA ARG HA 282 38.08 -63.69 -16.37
C ARG HA 282 36.89 -64.15 -15.56
N LEU HA 283 35.68 -63.89 -16.07
CA LEU HA 283 34.49 -64.49 -15.50
C LEU HA 283 34.45 -65.98 -15.86
N THR HA 284 34.06 -66.80 -14.89
CA THR HA 284 34.06 -68.24 -15.12
C THR HA 284 33.08 -68.62 -16.21
N GLY HA 285 33.49 -69.55 -17.06
CA GLY HA 285 32.71 -69.96 -18.21
C GLY HA 285 33.00 -69.18 -19.47
N GLU HA 286 33.77 -68.11 -19.40
CA GLU HA 286 34.11 -67.29 -20.56
C GLU HA 286 35.59 -67.44 -20.88
N ILE HA 287 35.91 -67.38 -22.16
CA ILE HA 287 37.31 -67.45 -22.59
C ILE HA 287 37.93 -66.07 -22.68
N ARG HA 288 37.22 -65.13 -23.28
CA ARG HA 288 37.67 -63.74 -23.29
C ARG HA 288 37.56 -63.14 -21.90
N GLY HA 289 38.51 -62.27 -21.57
CA GLY HA 289 38.57 -61.67 -20.26
C GLY HA 289 37.68 -60.46 -20.13
N ARG HA 290 37.74 -59.85 -18.94
CA ARG HA 290 37.08 -58.59 -18.67
C ARG HA 290 38.05 -57.71 -17.89
N GLY HA 291 38.44 -56.59 -18.49
CA GLY HA 291 39.43 -55.72 -17.91
C GLY HA 291 38.83 -54.49 -17.27
N PRO HA 292 39.67 -53.70 -16.59
CA PRO HA 292 39.15 -52.53 -15.86
C PRO HA 292 38.46 -51.50 -16.74
N SER HA 293 38.89 -51.33 -17.98
CA SER HA 293 38.20 -50.38 -18.86
C SER HA 293 36.82 -50.85 -19.23
N LEU HA 294 36.56 -52.16 -19.17
CA LEU HA 294 35.19 -52.63 -19.33
C LEU HA 294 34.34 -52.28 -18.12
N SER HA 295 34.92 -52.30 -16.93
CA SER HA 295 34.18 -51.92 -15.73
C SER HA 295 33.84 -50.43 -15.71
N ALA HA 296 34.52 -49.62 -16.51
CA ALA HA 296 34.37 -48.17 -16.42
C ALA HA 296 33.39 -47.59 -17.41
N TYR HA 297 33.03 -48.34 -18.45
CA TYR HA 297 32.31 -47.71 -19.55
C TYR HA 297 30.87 -47.30 -19.21
N PRO HA 298 30.14 -48.00 -18.33
CA PRO HA 298 28.83 -47.46 -17.94
C PRO HA 298 28.93 -46.10 -17.27
N THR HA 299 29.97 -45.89 -16.46
CA THR HA 299 30.20 -44.57 -15.89
C THR HA 299 30.52 -43.55 -16.98
N ALA HA 300 31.33 -43.95 -17.95
CA ALA HA 300 31.66 -43.04 -19.06
C ALA HA 300 30.41 -42.70 -19.86
N ALA HA 301 29.50 -43.65 -20.03
CA ALA HA 301 28.28 -43.39 -20.78
C ALA HA 301 27.44 -42.30 -20.11
N THR HA 302 27.33 -42.34 -18.78
CA THR HA 302 26.58 -41.31 -18.07
C THR HA 302 27.26 -39.95 -18.21
N ILE HA 303 28.58 -39.91 -18.09
CA ILE HA 303 29.31 -38.65 -18.22
C ILE HA 303 29.13 -38.05 -19.60
N ASN HA 304 29.23 -38.87 -20.64
CA ASN HA 304 29.09 -38.37 -21.99
C ASN HA 304 27.68 -37.83 -22.24
N GLN HA 305 26.67 -38.49 -21.69
CA GLN HA 305 25.30 -37.99 -21.82
C GLN HA 305 25.13 -36.65 -21.10
N ALA HA 306 25.75 -36.52 -19.92
CA ALA HA 306 25.66 -35.26 -19.19
C ALA HA 306 26.31 -34.12 -19.96
N LEU HA 307 27.48 -34.36 -20.54
CA LEU HA 307 28.16 -33.30 -21.28
C LEU HA 307 27.43 -32.94 -22.57
N GLU HA 308 26.81 -33.91 -23.23
CA GLU HA 308 26.04 -33.60 -24.43
C GLU HA 308 24.87 -32.68 -24.09
N ASP HA 309 24.21 -32.92 -22.96
CA ASP HA 309 23.12 -32.04 -22.54
C ASP HA 309 23.64 -30.65 -22.21
N GLU HA 310 24.84 -30.55 -21.63
CA GLU HA 310 25.40 -29.24 -21.34
C GLU HA 310 25.68 -28.46 -22.62
N LEU HA 311 26.19 -29.13 -23.65
CA LEU HA 311 26.44 -28.46 -24.92
C LEU HA 311 25.14 -28.01 -25.57
N VAL HA 312 24.09 -28.84 -25.48
CA VAL HA 312 22.79 -28.42 -26.00
C VAL HA 312 22.27 -27.23 -25.21
N ALA HA 313 22.40 -27.28 -23.89
CA ALA HA 313 21.89 -26.20 -23.05
C ALA HA 313 22.63 -24.89 -23.28
N ALA HA 314 23.96 -24.96 -23.42
CA ALA HA 314 24.76 -23.74 -23.51
C ALA HA 314 24.43 -22.92 -24.75
N ALA HA 315 23.94 -23.58 -25.81
CA ALA HA 315 23.65 -22.85 -27.04
C ALA HA 315 22.55 -21.82 -26.85
N PHE HA 316 21.61 -22.06 -25.94
CA PHE HA 316 20.54 -21.10 -25.71
C PHE HA 316 20.46 -20.60 -24.27
N GLN HA 317 21.36 -21.03 -23.40
CA GLN HA 317 21.44 -20.47 -22.05
C GLN HA 317 22.66 -19.59 -21.85
N ALA HA 318 23.81 -19.95 -22.42
CA ALA HA 318 24.98 -19.09 -22.35
C ALA HA 318 24.88 -17.91 -23.30
N ASN HA 319 24.36 -18.14 -24.51
CA ASN HA 319 24.25 -17.08 -25.49
C ASN HA 319 23.14 -16.11 -25.12
N PRO HA 320 23.30 -14.84 -25.44
CA PRO HA 320 22.22 -13.87 -25.21
C PRO HA 320 21.10 -14.02 -26.22
N MET HA 321 19.95 -14.51 -25.79
CA MET HA 321 18.81 -14.69 -26.67
C MET HA 321 17.60 -14.00 -26.07
N TYR HA 322 16.58 -13.81 -26.89
CA TYR HA 322 15.40 -13.07 -26.49
C TYR HA 322 14.15 -13.82 -26.89
N MET HA 323 13.09 -13.62 -26.12
CA MET HA 323 11.76 -14.10 -26.45
C MET HA 323 10.88 -12.92 -26.79
N ALA HA 324 10.10 -13.05 -27.86
CA ALA HA 324 9.16 -12.03 -28.25
C ALA HA 324 8.05 -12.70 -29.03
N ALA HA 325 7.00 -11.92 -29.32
CA ALA HA 325 5.94 -12.44 -30.17
C ALA HA 325 6.46 -12.77 -31.56
N SER HA 326 7.45 -12.04 -32.04
CA SER HA 326 7.97 -12.25 -33.39
C SER HA 326 9.42 -11.82 -33.43
N ASP HA 327 10.18 -12.45 -34.32
CA ASP HA 327 11.58 -12.05 -34.53
C ASP HA 327 11.69 -10.73 -35.29
N SER HA 328 10.58 -10.16 -35.75
CA SER HA 328 10.59 -8.84 -36.36
C SER HA 328 10.63 -7.72 -35.33
N ALA HA 329 10.94 -8.04 -34.07
CA ALA HA 329 11.04 -7.00 -33.05
C ALA HA 329 12.16 -6.01 -33.35
N PHE HA 330 13.25 -6.48 -33.95
CA PHE HA 330 14.21 -5.56 -34.54
C PHE HA 330 14.71 -6.15 -35.86
N ASN HA 331 15.28 -5.28 -36.67
CA ASN HA 331 15.74 -5.63 -38.01
C ASN HA 331 17.14 -6.22 -37.92
N GLN HA 332 17.26 -7.53 -38.17
CA GLN HA 332 18.56 -8.18 -38.08
C GLN HA 332 19.53 -7.70 -39.15
N GLN HA 333 19.01 -7.24 -40.28
CA GLN HA 333 19.90 -6.81 -41.38
C GLN HA 333 20.54 -5.46 -41.11
N THR HA 334 19.85 -4.56 -40.44
CA THR HA 334 20.39 -3.24 -40.14
C THR HA 334 20.87 -3.10 -38.71
N PHE HA 335 20.83 -4.17 -37.92
CA PHE HA 335 21.30 -4.14 -36.54
C PHE HA 335 22.76 -3.70 -36.50
N THR HA 336 23.05 -2.68 -35.69
CA THR HA 336 24.38 -2.08 -35.62
C THR HA 336 24.97 -2.27 -34.24
N PRO HA 337 25.81 -3.28 -34.02
CA PRO HA 337 26.44 -3.52 -32.70
C PRO HA 337 27.70 -2.70 -32.48
N ARG HA 338 27.51 -1.43 -32.11
CA ARG HA 338 28.57 -0.47 -31.90
C ARG HA 338 28.39 0.18 -30.53
N PRO HA 339 29.47 0.63 -29.90
CA PRO HA 339 29.33 1.39 -28.66
C PRO HA 339 28.59 2.69 -28.91
N GLY HA 340 27.58 2.96 -28.09
CA GLY HA 340 26.76 4.13 -28.24
C GLY HA 340 25.63 4.01 -29.24
N SER HA 341 25.46 2.84 -29.86
CA SER HA 341 24.45 2.68 -30.89
C SER HA 341 23.06 2.54 -30.30
N ILE HA 342 22.08 3.15 -30.96
CA ILE HA 342 20.67 2.95 -30.64
C ILE HA 342 20.08 1.99 -31.65
N VAL HA 343 19.48 0.92 -31.16
CA VAL HA 343 18.82 -0.07 -32.01
C VAL HA 343 17.32 0.17 -31.96
N PRO HA 344 16.68 0.46 -33.09
CA PRO HA 344 15.21 0.51 -33.10
C PRO HA 344 14.63 -0.86 -32.74
N VAL HA 345 13.83 -0.89 -31.69
CA VAL HA 345 13.25 -2.13 -31.18
C VAL HA 345 11.78 -1.89 -30.87
N GLN HA 346 10.92 -2.82 -31.29
CA GLN HA 346 9.54 -2.84 -30.85
C GLN HA 346 9.52 -3.46 -29.46
N MET HA 347 9.55 -2.62 -28.44
CA MET HA 347 9.78 -3.10 -27.08
C MET HA 347 8.59 -3.89 -26.54
N VAL HA 348 7.38 -3.60 -27.02
CA VAL HA 348 6.21 -4.40 -26.72
C VAL HA 348 5.48 -4.69 -28.03
N GLN HA 349 5.12 -5.95 -28.24
CA GLN HA 349 4.35 -6.36 -29.42
C GLN HA 349 3.06 -7.00 -28.95
N GLY HA 350 1.94 -6.32 -29.17
CA GLY HA 350 0.67 -6.79 -28.67
C GLY HA 350 0.62 -6.74 -27.16
N GLU HA 351 0.56 -7.91 -26.52
CA GLU HA 351 0.54 -8.00 -25.07
C GLU HA 351 1.91 -8.29 -24.47
N TRP HA 352 2.85 -8.80 -25.26
CA TRP HA 352 4.06 -9.38 -24.73
C TRP HA 352 5.25 -8.48 -24.99
N PRO HA 353 5.99 -8.08 -23.95
CA PRO HA 353 7.25 -7.38 -24.17
C PRO HA 353 8.35 -8.35 -24.57
N ILE HA 354 9.37 -7.82 -25.23
CA ILE HA 354 10.56 -8.59 -25.53
C ILE HA 354 11.43 -8.64 -24.28
N LYS HA 355 11.89 -9.84 -23.94
CA LYS HA 355 12.62 -10.07 -22.71
C LYS HA 355 13.73 -11.07 -22.96
N PRO HA 356 14.73 -11.13 -22.08
CA PRO HA 356 15.76 -12.16 -22.24
C PRO HA 356 15.15 -13.54 -22.16
N PHE HA 357 15.71 -14.48 -22.93
CA PHE HA 357 15.27 -15.86 -22.87
C PHE HA 357 15.43 -16.38 -21.45
N GLU HA 358 14.39 -17.01 -20.93
CA GLU HA 358 14.32 -17.29 -19.50
C GLU HA 358 15.35 -18.34 -19.11
N GLN HA 359 16.15 -18.02 -18.10
CA GLN HA 359 17.13 -18.96 -17.58
C GLN HA 359 16.45 -20.08 -16.80
N SER HA 360 16.97 -21.29 -16.95
CA SER HA 360 16.37 -22.44 -16.30
C SER HA 360 17.48 -23.45 -16.02
N GLY HA 361 17.21 -24.35 -15.08
CA GLY HA 361 18.17 -25.39 -14.78
C GLY HA 361 19.08 -25.08 -13.62
N ASN HA 362 19.96 -26.03 -13.36
CA ASN HA 362 20.83 -26.04 -12.19
C ASN HA 362 22.25 -26.45 -12.60
N ILE HA 363 22.86 -25.64 -13.46
CA ILE HA 363 24.20 -25.89 -14.01
C ILE HA 363 25.16 -26.52 -13.00
N GLN HA 364 25.14 -26.04 -11.76
CA GLN HA 364 26.04 -26.58 -10.74
C GLN HA 364 25.76 -28.06 -10.46
N PHE HA 365 24.49 -28.44 -10.44
CA PHE HA 365 24.12 -29.83 -10.20
C PHE HA 365 24.73 -30.74 -11.26
N ASN HA 366 24.66 -30.34 -12.53
CA ASN HA 366 25.23 -31.16 -13.59
C ASN HA 366 26.74 -31.29 -13.44
N ALA HA 367 27.43 -30.19 -13.11
CA ALA HA 367 28.87 -30.24 -12.87
C ALA HA 367 29.20 -30.50 -11.42
N LEU HA 368 28.52 -31.46 -10.82
CA LEU HA 368 28.86 -32.01 -9.52
C LEU HA 368 28.83 -33.52 -9.66
N LEU HA 369 27.93 -33.99 -10.52
CA LEU HA 369 27.89 -35.41 -10.89
C LEU HA 369 29.02 -35.76 -11.85
N VAL HA 370 29.31 -34.88 -12.81
CA VAL HA 370 30.36 -35.14 -13.78
C VAL HA 370 31.71 -35.27 -13.08
N ASN HA 371 32.01 -34.34 -12.17
CA ASN HA 371 33.27 -34.40 -11.46
C ASN HA 371 33.35 -35.63 -10.57
N ASP HA 372 32.25 -35.98 -9.90
CA ASP HA 372 32.25 -37.16 -9.05
C ASP HA 372 32.49 -38.43 -9.84
N PHE HA 373 31.83 -38.56 -11.00
CA PHE HA 373 31.98 -39.76 -11.80
C PHE HA 373 33.34 -39.82 -12.48
N ARG HA 374 33.91 -38.67 -12.83
CA ARG HA 374 35.24 -38.67 -13.45
C ARG HA 374 36.29 -39.24 -12.51
N GLN HA 375 36.22 -38.88 -11.23
CA GLN HA 375 37.23 -39.35 -10.30
C GLN HA 375 37.08 -40.84 -10.01
N GLN HA 376 35.87 -41.37 -10.11
CA GLN HA 376 35.69 -42.82 -9.99
C GLN HA 376 36.41 -43.55 -11.12
N ILE HA 377 36.30 -43.04 -12.34
CA ILE HA 377 37.02 -43.62 -13.46
C ILE HA 377 38.53 -43.51 -13.23
N ASN HA 378 38.99 -42.36 -12.74
CA ASN HA 378 40.41 -42.16 -12.50
C ASN HA 378 40.94 -43.12 -11.44
N GLU HA 379 40.18 -43.33 -10.36
CA GLU HA 379 40.62 -44.26 -9.33
C GLU HA 379 40.57 -45.70 -9.82
N LEU HA 380 39.61 -46.03 -10.68
CA LEU HA 380 39.50 -47.38 -11.20
C LEU HA 380 40.68 -47.75 -12.09
N LEU HA 381 41.28 -46.76 -12.76
CA LEU HA 381 42.37 -47.00 -13.69
C LEU HA 381 43.69 -46.45 -13.19
N TYR HA 382 43.81 -46.15 -11.90
CA TYR HA 382 45.06 -45.72 -11.28
C TYR HA 382 45.64 -44.49 -11.96
N ALA HA 383 44.77 -43.54 -12.31
CA ALA HA 383 45.16 -42.35 -13.03
C ALA HA 383 44.81 -41.10 -12.23
N PHE HA 384 45.67 -40.08 -12.34
CA PHE HA 384 45.46 -38.76 -11.77
C PHE HA 384 45.10 -38.82 -10.30
N PRO HA 385 46.04 -39.20 -9.42
CA PRO HA 385 45.72 -39.26 -7.99
C PRO HA 385 45.26 -37.93 -7.41
N LEU HA 386 45.77 -36.81 -7.92
CA LEU HA 386 45.45 -35.49 -7.39
C LEU HA 386 44.33 -34.81 -8.16
N GLY HA 387 43.53 -35.56 -8.90
CA GLY HA 387 42.46 -34.94 -9.66
C GLY HA 387 42.99 -34.17 -10.87
N ALA HA 388 42.13 -33.31 -11.40
CA ALA HA 388 42.45 -32.52 -12.58
C ALA HA 388 43.33 -31.34 -12.20
N VAL HA 389 43.62 -30.48 -13.18
CA VAL HA 389 44.46 -29.31 -12.94
C VAL HA 389 43.76 -28.33 -12.00
N ASN HA 390 42.48 -28.07 -12.24
CA ASN HA 390 41.71 -27.14 -11.41
C ASN HA 390 41.15 -27.86 -10.17
N SER HA 391 42.08 -28.27 -9.30
CA SER HA 391 41.73 -28.99 -8.09
C SER HA 391 42.33 -28.32 -6.87
N PRO HA 392 41.72 -28.49 -5.70
CA PRO HA 392 42.24 -27.83 -4.49
C PRO HA 392 43.62 -28.34 -4.11
N THR HA 393 44.40 -27.46 -3.48
CA THR HA 393 45.71 -27.80 -2.97
C THR HA 393 45.61 -28.13 -1.48
N ARG HA 394 46.30 -29.18 -1.05
CA ARG HA 394 46.14 -29.73 0.29
C ARG HA 394 47.48 -30.08 0.92
N THR HA 395 48.47 -29.19 0.78
CA THR HA 395 49.76 -29.30 1.44
C THR HA 395 50.55 -30.52 0.94
N ALA HA 396 51.85 -30.56 1.24
CA ALA HA 396 52.71 -31.61 0.70
C ALA HA 396 52.32 -32.99 1.20
N THR HA 397 52.04 -33.12 2.49
CA THR HA 397 51.88 -34.44 3.09
C THR HA 397 50.65 -35.15 2.56
N GLU HA 398 49.53 -34.44 2.45
CA GLU HA 398 48.29 -35.07 2.00
C GLU HA 398 48.42 -35.55 0.56
N ALA HA 399 49.09 -34.78 -0.30
CA ALA HA 399 49.27 -35.19 -1.68
C ALA HA 399 50.32 -36.28 -1.81
N GLU HA 400 51.40 -36.19 -1.01
CA GLU HA 400 52.46 -37.20 -1.09
C GLU HA 400 51.94 -38.57 -0.68
N ILE HA 401 51.15 -38.64 0.39
CA ILE HA 401 50.60 -39.92 0.81
C ILE HA 401 49.61 -40.44 -0.23
N ARG HA 402 48.77 -39.56 -0.76
CA ARG HA 402 47.82 -39.97 -1.80
C ARG HA 402 48.51 -40.38 -3.09
N TYR HA 403 49.73 -39.92 -3.33
CA TYR HA 403 50.48 -40.38 -4.49
C TYR HA 403 51.00 -41.79 -4.27
N THR HA 404 51.49 -42.09 -3.07
CA THR HA 404 51.95 -43.45 -2.78
C THR HA 404 50.80 -44.43 -2.62
N GLU HA 405 49.62 -43.94 -2.26
CA GLU HA 405 48.45 -44.82 -2.22
C GLU HA 405 48.13 -45.35 -3.62
N ASN HA 406 48.18 -44.48 -4.62
CA ASN HA 406 47.90 -44.89 -5.99
C ASN HA 406 49.02 -45.75 -6.56
N LEU HA 407 50.27 -45.41 -6.26
CA LEU HA 407 51.39 -46.18 -6.79
C LEU HA 407 51.42 -47.59 -6.19
N GLU HA 408 51.13 -47.71 -4.89
CA GLU HA 408 51.15 -49.02 -4.25
C GLU HA 408 50.07 -49.93 -4.82
N SER HA 409 48.86 -49.40 -5.03
CA SER HA 409 47.79 -50.23 -5.58
C SER HA 409 48.08 -50.66 -7.00
N PHE HA 410 48.66 -49.77 -7.81
CA PHE HA 410 49.04 -50.14 -9.18
C PHE HA 410 50.09 -51.24 -9.18
N SER HA 411 51.11 -51.12 -8.32
CA SER HA 411 52.19 -52.09 -8.30
C SER HA 411 51.79 -53.42 -7.70
N ALA HA 412 50.58 -53.53 -7.14
CA ALA HA 412 50.12 -54.76 -6.53
C ALA HA 412 49.45 -55.70 -7.53
N MET HA 413 48.83 -55.16 -8.58
CA MET HA 413 48.08 -55.98 -9.52
C MET HA 413 48.86 -56.35 -10.78
N VAL HA 414 49.97 -55.68 -11.04
CA VAL HA 414 50.73 -55.89 -12.26
C VAL HA 414 51.59 -57.16 -12.21
N PRO HA 415 52.42 -57.38 -11.18
CA PRO HA 415 53.40 -58.49 -11.27
C PRO HA 415 52.78 -59.87 -11.47
N ARG HA 416 51.57 -60.11 -10.97
CA ARG HA 416 50.96 -61.42 -11.13
C ARG HA 416 50.70 -61.75 -12.60
N LEU HA 417 50.64 -60.75 -13.46
CA LEU HA 417 50.41 -60.95 -14.89
C LEU HA 417 51.69 -61.15 -15.68
N GLN HA 418 52.85 -61.11 -15.03
CA GLN HA 418 54.11 -61.22 -15.75
C GLN HA 418 54.28 -62.60 -16.37
N ASN HA 419 54.08 -63.65 -15.58
CA ASN HA 419 54.26 -65.00 -16.09
C ASN HA 419 53.16 -65.38 -17.07
N GLU HA 420 51.93 -64.91 -16.83
CA GLU HA 420 50.82 -65.21 -17.72
C GLU HA 420 51.05 -64.61 -19.11
N PHE HA 421 51.57 -63.38 -19.16
CA PHE HA 421 51.70 -62.70 -20.44
C PHE HA 421 52.96 -63.09 -21.18
N PHE HA 422 54.11 -63.07 -20.49
CA PHE HA 422 55.38 -62.97 -21.19
C PHE HA 422 56.22 -64.24 -21.20
N ILE HA 423 55.98 -65.19 -20.30
CA ILE HA 423 56.66 -66.48 -20.40
C ILE HA 423 56.30 -67.22 -21.69
N PRO HA 424 55.02 -67.33 -22.07
CA PRO HA 424 54.73 -67.92 -23.39
C PRO HA 424 55.32 -67.15 -24.54
N VAL HA 425 55.43 -65.83 -24.43
CA VAL HA 425 56.02 -65.03 -25.49
C VAL HA 425 57.49 -65.34 -25.66
N ILE HA 426 58.23 -65.48 -24.55
CA ILE HA 426 59.65 -65.79 -24.62
C ILE HA 426 59.86 -67.18 -25.20
N GLN HA 427 59.04 -68.14 -24.80
CA GLN HA 427 59.18 -69.50 -25.32
C GLN HA 427 58.94 -69.56 -26.81
N ARG HA 428 57.90 -68.87 -27.29
CA ARG HA 428 57.62 -68.85 -28.72
C ARG HA 428 58.69 -68.10 -29.50
N THR HA 429 59.27 -67.05 -28.90
CA THR HA 429 60.33 -66.32 -29.56
C THR HA 429 61.55 -67.21 -29.79
N LEU HA 430 61.93 -68.02 -28.80
CA LEU HA 430 63.05 -68.92 -28.98
C LEU HA 430 62.75 -69.99 -30.02
N TRP HA 431 61.50 -70.45 -30.08
CA TRP HA 431 61.12 -71.41 -31.10
C TRP HA 431 61.29 -70.82 -32.50
N VAL HA 432 60.88 -69.56 -32.68
CA VAL HA 432 61.03 -68.91 -33.98
C VAL HA 432 62.51 -68.74 -34.32
N ILE HA 433 63.32 -68.31 -33.34
CA ILE HA 433 64.75 -68.12 -33.59
C ILE HA 433 65.40 -69.43 -34.02
N ASN HA 434 65.02 -70.54 -33.41
CA ASN HA 434 65.57 -71.82 -33.81
C ASN HA 434 65.17 -72.18 -35.24
N LYS HA 435 63.92 -71.88 -35.61
CA LYS HA 435 63.45 -72.20 -36.95
C LYS HA 435 64.10 -71.35 -38.03
N VAL HA 436 64.25 -70.05 -37.77
CA VAL HA 436 64.78 -69.13 -38.77
C VAL HA 436 66.30 -69.17 -38.83
N LEU HA 437 66.96 -69.38 -37.69
CA LEU HA 437 68.41 -69.44 -37.60
C LEU HA 437 68.80 -70.77 -36.98
N PRO HA 438 68.73 -71.86 -37.74
CA PRO HA 438 68.95 -73.19 -37.17
C PRO HA 438 70.35 -73.40 -36.62
N GLU HA 439 71.33 -72.58 -37.03
CA GLU HA 439 72.68 -72.75 -36.52
C GLU HA 439 72.84 -72.27 -35.09
N THR HA 440 71.89 -71.49 -34.57
CA THR HA 440 72.01 -71.02 -33.19
C THR HA 440 71.89 -72.17 -32.19
N PHE HA 441 71.13 -73.20 -32.53
CA PHE HA 441 70.98 -74.38 -31.70
C PHE HA 441 71.61 -75.60 -32.36
N ALA HA 442 72.72 -75.40 -33.06
CA ALA HA 442 73.40 -76.47 -33.78
C ALA HA 442 74.34 -77.22 -32.85
N ASN HA 443 74.71 -78.43 -33.27
CA ASN HA 443 75.59 -79.33 -32.51
C ASN HA 443 75.01 -79.61 -31.12
N ILE HA 444 73.70 -79.80 -31.07
CA ILE HA 444 72.99 -80.07 -29.82
C ILE HA 444 72.11 -81.29 -30.04
N PRO HA 445 72.12 -82.28 -29.15
CA PRO HA 445 71.22 -83.43 -29.32
C PRO HA 445 69.77 -82.98 -29.37
N ASP HA 446 68.98 -83.67 -30.20
CA ASP HA 446 67.61 -83.23 -30.44
C ASP HA 446 66.77 -83.26 -29.17
N ASP HA 447 67.02 -84.26 -28.31
CA ASP HA 447 66.26 -84.36 -27.07
C ASP HA 447 66.46 -83.14 -26.19
N ILE HA 448 67.71 -82.74 -25.99
CA ILE HA 448 67.98 -81.60 -25.12
C ILE HA 448 67.67 -80.29 -25.83
N ARG HA 449 67.74 -80.28 -27.17
CA ARG HA 449 67.40 -79.09 -27.92
C ARG HA 449 65.95 -78.70 -27.71
N ASN HA 450 65.04 -79.68 -27.79
CA ASN HA 450 63.62 -79.40 -27.58
C ASN HA 450 63.34 -78.98 -26.15
N LYS HA 451 64.01 -79.62 -25.18
CA LYS HA 451 63.84 -79.22 -23.78
C LYS HA 451 64.42 -77.84 -23.53
N MET HA 452 65.41 -77.44 -24.31
CA MET HA 452 66.01 -76.12 -24.15
C MET HA 452 65.13 -75.04 -24.76
N ILE HA 453 64.58 -75.31 -25.94
CA ILE HA 453 63.71 -74.33 -26.60
C ILE HA 453 62.47 -74.08 -25.76
N SER HA 454 61.88 -75.15 -25.23
CA SER HA 454 60.82 -75.01 -24.23
C SER HA 454 61.45 -74.56 -22.92
N VAL HA 455 61.28 -73.29 -22.59
CA VAL HA 455 61.94 -72.72 -21.40
C VAL HA 455 61.04 -73.06 -20.22
N ASP HA 456 61.20 -74.29 -19.72
CA ASP HA 456 60.30 -74.84 -18.72
C ASP HA 456 60.97 -75.10 -17.38
N GLY HA 457 62.23 -74.69 -17.22
CA GLY HA 457 62.94 -74.89 -15.99
C GLY HA 457 63.72 -76.19 -15.91
N GLN HA 458 63.62 -77.06 -16.91
CA GLN HA 458 64.41 -78.29 -16.90
C GLN HA 458 65.86 -78.02 -17.29
N ILE HA 459 66.08 -77.52 -18.50
CA ILE HA 459 67.43 -77.19 -18.95
C ILE HA 459 67.62 -75.68 -18.84
N LEU HA 460 66.56 -74.93 -19.13
CA LEU HA 460 66.63 -73.48 -19.19
C LEU HA 460 65.48 -72.89 -18.40
N GLY HA 461 65.77 -71.92 -17.54
CA GLY HA 461 64.77 -71.25 -16.76
C GLY HA 461 64.75 -69.76 -17.05
N LEU HA 462 63.78 -69.08 -16.44
CA LEU HA 462 63.58 -67.65 -16.61
C LEU HA 462 63.57 -66.96 -15.25
N SER HA 463 63.88 -65.67 -15.26
CA SER HA 463 63.86 -64.88 -14.03
C SER HA 463 63.63 -63.42 -14.43
N PHE HA 464 62.53 -62.84 -13.95
CA PHE HA 464 62.17 -61.50 -14.35
C PHE HA 464 62.78 -60.46 -13.42
N ASP HA 465 63.14 -59.31 -13.99
CA ASP HA 465 63.75 -58.20 -13.27
C ASP HA 465 63.07 -56.92 -13.75
N THR HA 466 62.01 -56.51 -13.05
CA THR HA 466 61.19 -55.38 -13.40
C THR HA 466 61.23 -54.34 -12.29
N PRO HA 467 60.81 -53.09 -12.56
CA PRO HA 467 60.75 -52.09 -11.49
C PRO HA 467 59.85 -52.47 -10.32
N LEU HA 468 58.95 -53.43 -10.49
CA LEU HA 468 58.05 -53.84 -9.43
C LEU HA 468 58.55 -55.07 -8.65
N MET HA 469 59.67 -55.65 -9.07
CA MET HA 469 60.33 -56.74 -8.33
C MET HA 469 61.82 -56.49 -8.42
N THR HA 470 62.46 -56.12 -7.30
CA THR HA 470 63.78 -55.53 -7.39
C THR HA 470 64.87 -56.56 -7.70
N ALA HA 471 65.21 -57.43 -6.74
CA ALA HA 471 66.20 -58.45 -7.06
C ALA HA 471 65.96 -59.83 -6.45
N LYS HA 472 65.37 -59.94 -5.25
CA LYS HA 472 65.30 -61.16 -4.47
C LYS HA 472 66.69 -61.63 -4.02
N GLY HA 473 67.74 -60.96 -4.49
CA GLY HA 473 69.09 -61.33 -4.14
C GLY HA 473 69.72 -60.28 -3.25
N GLN HA 474 69.24 -59.05 -3.37
CA GLN HA 474 69.66 -58.00 -2.45
C GLN HA 474 69.25 -58.33 -1.02
N VAL HA 475 68.16 -59.07 -0.84
CA VAL HA 475 67.77 -59.48 0.50
C VAL HA 475 68.77 -60.46 1.08
N LYS HA 476 69.24 -61.42 0.26
CA LYS HA 476 70.26 -62.36 0.72
C LYS HA 476 71.56 -61.64 1.07
N THR HA 477 71.97 -60.69 0.23
CA THR HA 477 73.20 -59.95 0.51
C THR HA 477 73.06 -59.08 1.76
N ALA HA 478 71.91 -58.42 1.92
CA ALA HA 478 71.71 -57.55 3.06
C ALA HA 478 71.75 -58.34 4.37
N ALA HA 479 71.18 -59.54 4.38
CA ALA HA 479 71.26 -60.38 5.57
C ALA HA 479 72.70 -60.79 5.84
N LEU HA 480 73.46 -61.10 4.79
CA LEU HA 480 74.87 -61.46 4.96
C LEU HA 480 75.67 -60.29 5.51
N LEU HA 481 75.42 -59.08 5.02
CA LEU HA 481 76.13 -57.91 5.53
C LEU HA 481 75.70 -57.59 6.96
N GLY HA 482 74.42 -57.78 7.27
CA GLY HA 482 73.97 -57.56 8.63
C GLY HA 482 74.58 -58.54 9.62
N PHE HA 483 74.77 -59.79 9.20
CA PHE HA 483 75.45 -60.77 10.04
C PHE HA 483 76.89 -60.36 10.32
N TYR HA 484 77.58 -59.88 9.29
CA TYR HA 484 78.99 -59.53 9.47
C TYR HA 484 79.16 -58.35 10.41
N GLN HA 485 78.30 -57.34 10.30
CA GLN HA 485 78.39 -56.19 11.19
C GLN HA 485 78.23 -56.62 12.64
N ALA HA 486 77.27 -57.50 12.92
CA ALA HA 486 77.10 -57.99 14.27
C ALA HA 486 78.29 -58.81 14.72
N ALA HA 487 78.80 -59.68 13.86
CA ALA HA 487 79.93 -60.54 14.23
C ALA HA 487 81.19 -59.71 14.47
N ALA HA 488 81.43 -58.70 13.64
CA ALA HA 488 82.60 -57.86 13.81
C ALA HA 488 82.44 -56.88 14.97
N SER HA 489 81.22 -56.67 15.45
CA SER HA 489 81.06 -55.86 16.66
C SER HA 489 81.44 -56.63 17.91
N LEU HA 490 81.12 -57.94 17.94
CA LEU HA 490 81.38 -58.73 19.13
C LEU HA 490 82.80 -59.29 19.13
N LEU HA 491 83.30 -59.68 17.96
CA LEU HA 491 84.57 -60.35 17.86
C LEU HA 491 85.62 -59.55 17.10
N GLY HA 492 85.26 -58.41 16.52
CA GLY HA 492 86.19 -57.61 15.78
C GLY HA 492 86.42 -58.16 14.39
N PRO HA 493 87.02 -57.37 13.52
CA PRO HA 493 87.51 -57.90 12.24
C PRO HA 493 88.66 -58.85 12.47
N GLU HA 494 89.02 -59.57 11.42
CA GLU HA 494 90.07 -60.60 11.42
C GLU HA 494 89.59 -61.84 12.17
N ALA HA 495 88.46 -61.72 12.85
CA ALA HA 495 87.78 -62.84 13.48
C ALA HA 495 86.44 -63.15 12.83
N ALA HA 496 85.66 -62.11 12.53
CA ALA HA 496 84.46 -62.30 11.72
C ALA HA 496 84.83 -62.72 10.30
N THR HA 497 85.88 -62.13 9.74
CA THR HA 497 86.35 -62.54 8.41
C THR HA 497 86.89 -63.95 8.43
N ALA HA 498 87.61 -64.33 9.48
CA ALA HA 498 88.17 -65.67 9.56
C ALA HA 498 87.08 -66.73 9.63
N SER HA 499 85.93 -66.40 10.21
CA SER HA 499 84.82 -67.36 10.34
C SER HA 499 83.90 -67.32 9.13
N LEU HA 500 84.49 -67.37 7.95
CA LEU HA 500 83.75 -67.28 6.70
C LEU HA 500 84.34 -68.26 5.71
N ASP HA 501 83.51 -68.75 4.81
CA ASP HA 501 84.01 -69.54 3.70
C ASP HA 501 84.18 -68.59 2.51
N PRO HA 502 85.37 -68.03 2.32
CA PRO HA 502 85.51 -66.94 1.33
C PRO HA 502 85.16 -67.35 -0.09
N VAL HA 503 85.46 -68.58 -0.49
CA VAL HA 503 85.10 -69.02 -1.83
C VAL HA 503 83.59 -69.07 -2.00
N GLU HA 504 82.88 -69.62 -1.01
CA GLU HA 504 81.43 -69.67 -1.07
C GLU HA 504 80.84 -68.26 -1.02
N VAL HA 505 81.41 -67.38 -0.20
CA VAL HA 505 80.90 -66.02 -0.07
C VAL HA 505 81.02 -65.28 -1.38
N LEU HA 506 82.17 -65.39 -2.04
CA LEU HA 506 82.37 -64.71 -3.32
C LEU HA 506 81.39 -65.20 -4.37
N THR HA 507 81.23 -66.51 -4.48
CA THR HA 507 80.34 -67.06 -5.49
C THR HA 507 78.89 -66.68 -5.22
N ASN HA 508 78.47 -66.71 -3.95
CA ASN HA 508 77.09 -66.38 -3.63
C ASN HA 508 76.83 -64.89 -3.75
N LEU HA 509 77.81 -64.04 -3.45
CA LEU HA 509 77.65 -62.61 -3.67
C LEU HA 509 77.45 -62.31 -5.15
N ALA HA 510 78.21 -62.99 -6.02
CA ALA HA 510 78.06 -62.78 -7.45
C ALA HA 510 76.67 -63.19 -7.92
N ASP HA 511 76.18 -64.33 -7.43
CA ASP HA 511 74.84 -64.78 -7.81
C ASP HA 511 73.76 -63.84 -7.28
N ASN HA 512 73.92 -63.36 -6.04
CA ASN HA 512 72.91 -62.50 -5.45
C ASN HA 512 72.81 -61.17 -6.20
N GLN HA 513 73.95 -60.63 -6.63
CA GLN HA 513 73.95 -59.38 -7.37
C GLN HA 513 73.58 -59.56 -8.84
N GLY HA 514 73.45 -60.79 -9.31
CA GLY HA 514 73.18 -61.02 -10.72
C GLY HA 514 74.31 -60.53 -11.61
N ILE HA 515 75.52 -60.78 -11.20
CA ILE HA 515 76.70 -60.26 -11.88
C ILE HA 515 77.13 -61.23 -12.95
N ASP HA 516 77.86 -60.72 -13.95
CA ASP HA 516 78.38 -61.57 -15.01
C ASP HA 516 79.46 -62.48 -14.45
N VAL HA 517 79.37 -63.77 -14.79
CA VAL HA 517 80.26 -64.77 -14.20
C VAL HA 517 81.70 -64.52 -14.65
N ARG HA 518 81.89 -64.08 -15.89
CA ARG HA 518 83.24 -63.87 -16.41
C ARG HA 518 84.02 -62.80 -15.65
N ASN HA 519 83.33 -61.93 -14.92
CA ASN HA 519 84.02 -60.87 -14.18
C ASN HA 519 84.76 -61.39 -12.96
N ILE HA 520 84.51 -62.62 -12.53
CA ILE HA 520 85.12 -63.17 -11.33
C ILE HA 520 85.83 -64.45 -11.69
N LYS HA 521 86.88 -64.78 -10.93
CA LYS HA 521 87.61 -66.00 -11.15
C LYS HA 521 86.76 -67.21 -10.80
N THR HA 522 87.10 -68.35 -11.40
CA THR HA 522 86.39 -69.58 -11.15
C THR HA 522 86.65 -70.07 -9.73
N ARG HA 523 85.88 -71.06 -9.30
CA ARG HA 523 86.03 -71.61 -7.96
C ARG HA 523 87.42 -72.21 -7.77
N GLU HA 524 87.92 -72.94 -8.77
CA GLU HA 524 89.25 -73.53 -8.66
C GLU HA 524 90.33 -72.45 -8.59
N GLU HA 525 90.18 -71.38 -9.38
CA GLU HA 525 91.14 -70.28 -9.31
C GLU HA 525 91.08 -69.59 -7.94
N LEU HA 526 89.88 -69.40 -7.41
CA LEU HA 526 89.74 -68.80 -6.08
C LEU HA 526 90.32 -69.70 -5.01
N GLU HA 527 90.12 -71.01 -5.14
CA GLU HA 527 90.67 -71.95 -4.16
C GLU HA 527 92.19 -71.91 -4.17
N GLN HA 528 92.79 -71.85 -5.35
CA GLN HA 528 94.25 -71.75 -5.43
C GLN HA 528 94.76 -70.45 -4.82
N LEU HA 529 94.02 -69.36 -5.04
CA LEU HA 529 94.39 -68.09 -4.43
C LEU HA 529 94.32 -68.16 -2.91
N LEU HA 530 93.25 -68.76 -2.39
CA LEU HA 530 93.10 -68.89 -0.95
C LEU HA 530 94.20 -69.77 -0.35
N GLN HA 531 94.53 -70.86 -1.04
CA GLN HA 531 95.59 -71.74 -0.55
C GLN HA 531 96.94 -71.04 -0.53
N ALA HA 532 97.21 -70.21 -1.54
CA ALA HA 532 98.44 -69.44 -1.55
C ALA HA 532 98.44 -68.38 -0.46
N ALA HA 533 97.28 -67.79 -0.16
CA ALA HA 533 97.21 -66.80 0.91
C ALA HA 533 97.49 -67.44 2.27
N GLY HA 534 97.16 -68.71 2.44
CA GLY HA 534 97.51 -69.40 3.67
C GLY HA 534 99.01 -69.60 3.82
N GLN HA 535 99.69 -69.92 2.71
CA GLN HA 535 101.12 -70.11 2.74
C GLN HA 535 101.86 -68.80 3.02
N ILE HA 536 101.34 -67.68 2.52
CA ILE HA 536 101.94 -66.39 2.83
C ILE HA 536 101.84 -66.10 4.32
N ALA HA 537 100.69 -66.40 4.91
CA ALA HA 537 100.51 -66.17 6.35
C ALA HA 537 101.44 -67.04 7.17
N GLN HA 538 101.65 -68.29 6.75
CA GLN HA 538 102.55 -69.17 7.48
C GLN HA 538 103.96 -68.63 7.48
N GLN HA 539 104.44 -68.18 6.33
CA GLN HA 539 105.81 -67.68 6.23
C GLN HA 539 105.98 -66.37 7.01
N GLU HA 540 105.01 -65.46 6.89
CA GLU HA 540 105.11 -64.19 7.59
C GLU HA 540 105.04 -64.39 9.11
N ALA HA 541 104.20 -65.31 9.56
CA ALA HA 541 104.15 -65.64 10.99
C ALA HA 541 105.45 -66.32 11.43
N ALA HA 542 106.01 -67.19 10.59
CA ALA HA 542 107.25 -67.88 10.95
C ALA HA 542 108.41 -66.91 11.09
N GLN HA 543 108.37 -65.79 10.37
CA GLN HA 543 109.40 -64.78 10.51
C GLN HA 543 109.28 -63.97 11.79
N GLN HA 544 108.14 -64.05 12.47
CA GLN HA 544 107.97 -63.39 13.75
C GLN HA 544 108.10 -64.35 14.92
N GLY HA 545 108.48 -65.59 14.66
CA GLY HA 545 108.69 -66.57 15.71
C GLY HA 545 107.45 -67.31 16.17
N VAL HA 546 106.32 -67.14 15.49
CA VAL HA 546 105.08 -67.83 15.83
C VAL HA 546 104.77 -68.82 14.71
N ILE HA 547 104.49 -70.07 15.08
CA ILE HA 547 104.25 -71.15 14.14
C ILE HA 547 102.75 -71.38 14.05
N ILE HA 548 102.21 -71.34 12.84
CA ILE HA 548 100.79 -71.62 12.61
C ILE HA 548 100.63 -73.04 12.07
N VAL IA 30 28.20 -95.42 -3.48
CA VAL IA 30 27.71 -94.45 -4.46
C VAL IA 30 26.43 -93.82 -3.97
N ASN IA 31 25.54 -94.64 -3.40
CA ASN IA 31 24.30 -94.10 -2.84
C ASN IA 31 24.57 -93.14 -1.70
N ARG IA 32 25.56 -93.47 -0.86
CA ARG IA 32 25.96 -92.55 0.20
C ARG IA 32 26.56 -91.28 -0.38
N LEU IA 33 27.31 -91.40 -1.48
CA LEU IA 33 27.88 -90.23 -2.12
C LEU IA 33 26.79 -89.27 -2.59
N CYS IA 34 25.72 -89.81 -3.17
CA CYS IA 34 24.64 -88.96 -3.67
C CYS IA 34 23.89 -88.28 -2.54
N ARG IA 35 23.73 -88.95 -1.40
CA ARG IA 35 23.10 -88.30 -0.25
C ARG IA 35 23.95 -87.15 0.26
N MET IA 36 25.27 -87.34 0.33
CA MET IA 36 26.14 -86.26 0.77
C MET IA 36 26.12 -85.11 -0.22
N ARG IA 37 26.13 -85.41 -1.52
CA ARG IA 37 26.11 -84.36 -2.52
C ARG IA 37 24.83 -83.56 -2.48
N ASN IA 38 23.69 -84.23 -2.27
CA ASN IA 38 22.42 -83.52 -2.20
C ASN IA 38 22.35 -82.61 -0.98
N ASP IA 39 22.86 -83.08 0.15
CA ASP IA 39 22.87 -82.24 1.35
C ASP IA 39 23.79 -81.04 1.18
N ALA IA 40 24.97 -81.24 0.58
CA ALA IA 40 25.87 -80.12 0.32
C ALA IA 40 25.28 -79.16 -0.70
N LYS IA 41 24.50 -79.68 -1.64
CA LYS IA 41 23.88 -78.83 -2.66
C LYS IA 41 22.80 -77.95 -2.06
N SER IA 42 22.07 -78.44 -1.06
CA SER IA 42 21.04 -77.63 -0.42
C SER IA 42 21.64 -76.46 0.34
N ASP IA 43 22.80 -76.66 0.96
CA ASP IA 43 23.47 -75.54 1.64
C ASP IA 43 23.85 -74.45 0.64
N LEU IA 44 24.35 -74.85 -0.52
CA LEU IA 44 24.70 -73.87 -1.54
C LEU IA 44 23.47 -73.10 -2.01
N ASP IA 45 22.33 -73.78 -2.14
CA ASP IA 45 21.10 -73.11 -2.56
C ASP IA 45 20.65 -72.08 -1.54
N MET IA 46 20.90 -72.31 -0.26
CA MET IA 46 20.55 -71.34 0.77
C MET IA 46 21.50 -70.15 0.78
N TRP IA 47 22.71 -70.29 0.25
CA TRP IA 47 23.65 -69.19 0.18
C TRP IA 47 23.52 -68.34 -1.07
N ARG IA 48 22.79 -68.80 -2.08
CA ARG IA 48 22.84 -68.16 -3.39
C ARG IA 48 22.33 -66.73 -3.34
N SER IA 49 21.26 -66.48 -2.59
CA SER IA 49 20.65 -65.16 -2.57
C SER IA 49 21.61 -64.12 -2.02
N ILE IA 50 22.20 -64.40 -0.85
CA ILE IA 50 23.07 -63.40 -0.23
C ILE IA 50 24.38 -63.27 -0.99
N LEU IA 51 24.91 -64.38 -1.53
CA LEU IA 51 26.20 -64.31 -2.19
C LEU IA 51 26.11 -63.62 -3.54
N GLN IA 52 25.04 -63.88 -4.29
CA GLN IA 52 24.88 -63.18 -5.56
C GLN IA 52 24.74 -61.68 -5.35
N THR IA 53 24.01 -61.28 -4.32
CA THR IA 53 23.89 -59.85 -4.01
C THR IA 53 25.24 -59.27 -3.58
N ALA IA 54 25.96 -59.98 -2.71
CA ALA IA 54 27.23 -59.47 -2.21
C ALA IA 54 28.25 -59.34 -3.34
N TYR IA 55 28.33 -60.34 -4.22
CA TYR IA 55 29.23 -60.27 -5.35
C TYR IA 55 28.83 -59.16 -6.32
N HIS IA 56 27.54 -58.90 -6.45
CA HIS IA 56 27.07 -57.88 -7.38
C HIS IA 56 27.62 -56.50 -6.99
N TYR IA 57 27.59 -56.17 -5.71
CA TYR IA 57 28.03 -54.85 -5.28
C TYR IA 57 29.55 -54.74 -5.10
N ALA IA 58 30.25 -55.87 -5.02
CA ALA IA 58 31.69 -55.86 -4.82
C ALA IA 58 32.48 -56.15 -6.10
N MET IA 59 32.09 -57.18 -6.84
CA MET IA 59 32.72 -57.53 -8.11
C MET IA 59 31.65 -57.80 -9.15
N PRO IA 60 31.00 -56.75 -9.66
CA PRO IA 60 29.85 -56.96 -10.56
C PRO IA 60 30.19 -57.76 -11.81
N ASP IA 61 31.38 -57.57 -12.38
CA ASP IA 61 31.74 -58.22 -13.63
C ASP IA 61 32.27 -59.64 -13.45
N TYR IA 62 32.62 -60.04 -12.24
CA TYR IA 62 33.19 -61.35 -11.99
C TYR IA 62 32.34 -62.12 -10.98
N ASN IA 63 31.02 -62.01 -11.12
CA ASN IA 63 30.09 -62.62 -10.18
C ASN IA 63 29.82 -64.05 -10.64
N PRO IA 64 30.34 -65.07 -9.93
CA PRO IA 64 30.14 -66.44 -10.39
C PRO IA 64 28.75 -67.00 -10.11
N PHE IA 65 27.93 -66.30 -9.32
CA PHE IA 65 26.59 -66.75 -9.02
C PHE IA 65 25.55 -66.24 -10.01
N GLU IA 66 25.96 -65.46 -11.00
CA GLU IA 66 24.99 -64.92 -11.95
C GLU IA 66 24.40 -66.04 -12.80
N ASN IA 67 23.16 -65.81 -13.26
CA ASN IA 67 22.43 -66.79 -14.07
C ASN IA 67 22.34 -68.13 -13.35
N TYR IA 68 22.07 -68.08 -12.04
CA TYR IA 68 21.91 -69.27 -11.20
C TYR IA 68 23.15 -70.16 -11.27
N GLY IA 69 24.32 -69.55 -11.22
CA GLY IA 69 25.57 -70.27 -11.20
C GLY IA 69 26.13 -70.64 -12.55
N LEU IA 70 25.34 -70.52 -13.62
CA LEU IA 70 25.87 -70.82 -14.95
C LEU IA 70 26.88 -69.79 -15.41
N ALA IA 71 26.75 -68.54 -14.94
CA ALA IA 71 27.67 -67.45 -15.25
C ALA IA 71 27.75 -67.30 -16.76
N GLY IA 72 28.92 -67.36 -17.39
CA GLY IA 72 29.06 -67.19 -18.80
C GLY IA 72 29.08 -68.47 -19.62
N PHE IA 73 28.76 -69.61 -19.03
CA PHE IA 73 28.79 -70.86 -19.78
C PHE IA 73 27.75 -70.89 -20.89
N LEU IA 74 26.54 -70.39 -20.62
CA LEU IA 74 25.48 -70.42 -21.62
C LEU IA 74 25.52 -69.19 -22.52
N THR IA 75 25.60 -68.00 -21.94
CA THR IA 75 25.57 -66.74 -22.70
C THR IA 75 26.74 -65.87 -22.28
N PRO IA 76 27.86 -65.96 -23.00
CA PRO IA 76 29.00 -65.08 -22.72
C PRO IA 76 28.73 -63.67 -23.25
N GLY IA 77 29.56 -62.74 -22.77
CA GLY IA 77 29.45 -61.36 -23.20
C GLY IA 77 28.27 -60.61 -22.66
N GLN IA 78 27.68 -61.07 -21.56
CA GLN IA 78 26.51 -60.43 -20.98
C GLN IA 78 26.93 -59.23 -20.14
N GLN IA 79 26.13 -58.18 -20.17
CA GLN IA 79 26.40 -57.00 -19.37
C GLN IA 79 25.91 -57.21 -17.95
N TYR IA 80 26.74 -56.89 -16.96
CA TYR IA 80 26.43 -57.13 -15.56
C TYR IA 80 26.48 -55.89 -14.69
N ASN IA 81 27.29 -54.89 -15.04
CA ASN IA 81 27.59 -53.79 -14.13
C ASN IA 81 26.91 -52.50 -14.50
N ALA IA 82 25.86 -52.55 -15.31
CA ALA IA 82 25.22 -51.31 -15.76
C ALA IA 82 24.52 -50.60 -14.61
N ASP IA 83 24.04 -51.33 -13.61
CA ASP IA 83 23.28 -50.74 -12.51
C ASP IA 83 24.12 -50.51 -11.26
N ILE IA 84 25.45 -50.61 -11.37
CA ILE IA 84 26.35 -50.26 -10.27
C ILE IA 84 26.82 -48.84 -10.52
N TYR IA 85 26.13 -47.87 -9.91
CA TYR IA 85 26.46 -46.47 -10.13
C TYR IA 85 27.63 -46.02 -9.28
N ASP IA 86 27.81 -46.60 -8.11
CA ASP IA 86 28.88 -46.22 -7.19
C ASP IA 86 29.95 -47.31 -7.19
N LEU IA 87 31.18 -46.91 -7.43
CA LEU IA 87 32.30 -47.83 -7.51
C LEU IA 87 33.14 -47.85 -6.25
N THR IA 88 32.66 -47.27 -5.16
CA THR IA 88 33.44 -47.21 -3.93
C THR IA 88 33.77 -48.61 -3.42
N LEU IA 89 32.76 -49.47 -3.26
CA LEU IA 89 33.03 -50.82 -2.78
C LEU IA 89 33.86 -51.65 -3.77
N PRO IA 90 33.55 -51.67 -5.07
CA PRO IA 90 34.42 -52.44 -5.98
C PRO IA 90 35.87 -52.00 -5.97
N ILE IA 91 36.13 -50.70 -5.84
CA ILE IA 91 37.51 -50.22 -5.83
C ILE IA 91 38.20 -50.64 -4.54
N ALA IA 92 37.56 -50.41 -3.40
CA ALA IA 92 38.18 -50.75 -2.12
C ALA IA 92 38.37 -52.26 -1.98
N HIS IA 93 37.40 -53.03 -2.46
CA HIS IA 93 37.50 -54.48 -2.40
C HIS IA 93 38.69 -54.99 -3.21
N LYS IA 94 38.86 -54.47 -4.42
CA LYS IA 94 39.97 -54.91 -5.26
C LYS IA 94 41.31 -54.50 -4.65
N ARG IA 95 41.41 -53.28 -4.14
CA ARG IA 95 42.67 -52.81 -3.59
C ARG IA 95 43.03 -53.54 -2.30
N LEU IA 96 42.04 -53.92 -1.50
CA LEU IA 96 42.32 -54.68 -0.29
C LEU IA 96 42.83 -56.07 -0.63
N ALA IA 97 42.22 -56.73 -1.61
CA ALA IA 97 42.69 -58.05 -2.01
C ALA IA 97 44.10 -57.99 -2.57
N ASP IA 98 44.38 -56.98 -3.39
CA ASP IA 98 45.73 -56.81 -3.92
C ASP IA 98 46.72 -56.55 -2.79
N LYS IA 99 46.33 -55.73 -1.82
CA LYS IA 99 47.20 -55.42 -0.70
C LYS IA 99 47.49 -56.67 0.12
N MET IA 100 46.49 -57.51 0.33
CA MET IA 100 46.72 -58.76 1.08
C MET IA 100 47.68 -59.67 0.34
N LEU IA 101 47.59 -59.70 -0.99
CA LEU IA 101 48.48 -60.57 -1.77
C LEU IA 101 49.93 -60.14 -1.63
N MET IA 102 50.21 -58.84 -1.67
CA MET IA 102 51.59 -58.37 -1.60
C MET IA 102 52.17 -58.48 -0.20
N ASN IA 103 51.33 -58.55 0.84
CA ASN IA 103 51.81 -58.62 2.20
C ASN IA 103 51.86 -60.04 2.76
N MET IA 104 51.16 -60.99 2.15
CA MET IA 104 51.21 -62.38 2.57
C MET IA 104 52.15 -63.22 1.73
N VAL IA 105 52.11 -63.08 0.42
CA VAL IA 105 52.98 -63.84 -0.47
C VAL IA 105 53.64 -62.88 -1.46
N PRO IA 106 54.55 -62.01 -1.01
CA PRO IA 106 55.16 -61.05 -1.93
C PRO IA 106 55.93 -61.76 -3.04
N GLN IA 107 55.48 -61.54 -4.27
CA GLN IA 107 56.03 -62.25 -5.42
C GLN IA 107 57.48 -61.85 -5.63
N GLY IA 108 58.30 -62.82 -6.01
CA GLY IA 108 59.71 -62.56 -6.16
C GLY IA 108 60.46 -62.42 -4.86
N GLN IA 109 59.89 -62.90 -3.77
CA GLN IA 109 60.56 -62.93 -2.48
C GLN IA 109 60.37 -64.31 -1.86
N GLN IA 110 61.24 -64.64 -0.92
CA GLN IA 110 61.22 -65.95 -0.27
C GLN IA 110 60.42 -65.83 1.03
N TRP IA 111 59.10 -65.81 0.89
CA TRP IA 111 58.21 -65.53 2.00
C TRP IA 111 58.00 -66.72 2.92
N VAL IA 112 58.52 -67.90 2.59
CA VAL IA 112 58.47 -69.05 3.48
C VAL IA 112 59.80 -69.79 3.38
N LYS IA 113 60.19 -70.42 4.48
CA LYS IA 113 61.43 -71.17 4.57
C LYS IA 113 61.17 -72.54 5.16
N PHE IA 114 61.83 -73.56 4.62
CA PHE IA 114 61.85 -74.87 5.25
C PHE IA 114 62.95 -74.91 6.30
N THR IA 115 62.63 -75.48 7.45
CA THR IA 115 63.57 -75.61 8.55
C THR IA 115 63.59 -77.05 9.03
N PRO IA 116 64.70 -77.50 9.64
CA PRO IA 116 64.73 -78.86 10.18
C PRO IA 116 63.66 -79.05 11.25
N GLY IA 117 63.06 -80.23 11.24
CA GLY IA 117 62.03 -80.56 12.19
C GLY IA 117 62.58 -80.95 13.54
N ASP IA 118 61.66 -81.28 14.45
CA ASP IA 118 62.03 -81.58 15.83
C ASP IA 118 62.92 -82.82 15.93
N GLU IA 119 62.90 -83.70 14.93
CA GLU IA 119 63.69 -84.92 14.99
C GLU IA 119 65.18 -84.68 14.90
N PHE IA 120 65.61 -83.48 14.51
CA PHE IA 120 67.03 -83.18 14.36
C PHE IA 120 67.63 -82.55 15.61
N GLY IA 121 66.88 -82.40 16.68
CA GLY IA 121 67.42 -81.93 17.93
C GLY IA 121 67.42 -80.41 18.05
N GLU IA 122 68.19 -79.95 19.02
CA GLU IA 122 68.26 -78.51 19.29
C GLU IA 122 69.05 -77.81 18.20
N PRO IA 123 68.65 -76.59 17.81
CA PRO IA 123 69.40 -75.86 16.79
C PRO IA 123 70.81 -75.54 17.26
N GLY IA 124 71.73 -75.49 16.30
CA GLY IA 124 73.11 -75.13 16.54
C GLY IA 124 74.08 -76.28 16.61
N THR IA 125 73.59 -77.51 16.78
CA THR IA 125 74.46 -78.67 16.84
C THR IA 125 75.01 -78.98 15.46
N PRO IA 126 76.13 -79.72 15.38
CA PRO IA 126 76.66 -80.08 14.06
C PRO IA 126 75.68 -80.86 13.20
N LEU IA 127 74.89 -81.76 13.80
CA LEU IA 127 73.91 -82.51 13.03
C LEU IA 127 72.81 -81.59 12.51
N TYR IA 128 72.32 -80.69 13.35
CA TYR IA 128 71.28 -79.75 12.93
C TYR IA 128 71.79 -78.83 11.82
N GLN IA 129 73.07 -78.50 11.85
CA GLN IA 129 73.63 -77.59 10.84
C GLN IA 129 73.57 -78.20 9.45
N ARG IA 130 73.86 -79.50 9.33
CA ARG IA 130 73.81 -80.15 8.03
C ARG IA 130 72.38 -80.23 7.51
N ALA IA 131 71.43 -80.51 8.40
CA ALA IA 131 70.02 -80.52 8.00
C ALA IA 131 69.56 -79.12 7.59
N LEU IA 132 70.03 -78.10 8.30
CA LEU IA 132 69.67 -76.73 7.95
C LEU IA 132 70.18 -76.36 6.57
N ASP IA 133 71.38 -76.82 6.21
CA ASP IA 133 71.90 -76.57 4.88
C ASP IA 133 71.04 -77.25 3.82
N ALA IA 134 70.57 -78.47 4.09
CA ALA IA 134 69.73 -79.18 3.14
C ALA IA 134 68.39 -78.48 2.94
N THR IA 135 67.76 -78.04 4.03
CA THR IA 135 66.47 -77.37 3.91
C THR IA 135 66.57 -76.01 3.25
N GLN IA 136 67.72 -75.35 3.34
CA GLN IA 136 67.91 -74.10 2.61
C GLN IA 136 68.00 -74.36 1.12
N ARG IA 137 68.62 -75.48 0.72
CA ARG IA 137 68.59 -75.87 -0.69
C ARG IA 137 67.18 -76.20 -1.15
N MET IA 138 66.41 -76.89 -0.31
CA MET IA 138 65.04 -77.21 -0.66
C MET IA 138 64.19 -75.97 -0.83
N THR IA 139 64.40 -74.97 0.03
CA THR IA 139 63.63 -73.74 -0.09
C THR IA 139 63.91 -73.03 -1.42
N ASP IA 140 65.18 -73.00 -1.83
CA ASP IA 140 65.53 -72.37 -3.09
C ASP IA 140 64.86 -73.07 -4.26
N HIS IA 141 64.91 -74.40 -4.28
CA HIS IA 141 64.31 -75.14 -5.38
C HIS IA 141 62.79 -75.08 -5.37
N PHE IA 142 62.20 -75.03 -4.18
CA PHE IA 142 60.75 -74.94 -4.08
C PHE IA 142 60.25 -73.64 -4.69
N PHE IA 143 60.95 -72.53 -4.45
CA PHE IA 143 60.50 -71.25 -4.98
C PHE IA 143 60.76 -71.10 -6.48
N LYS IA 144 61.75 -71.80 -7.03
CA LYS IA 144 61.93 -71.78 -8.47
C LYS IA 144 60.73 -72.44 -9.17
N ILE IA 145 60.20 -73.52 -8.61
CA ILE IA 145 59.03 -74.17 -9.18
C ILE IA 145 57.81 -73.25 -9.06
N ILE IA 146 57.63 -72.64 -7.90
CA ILE IA 146 56.45 -71.80 -7.68
C ILE IA 146 56.52 -70.53 -8.52
N ASP IA 147 57.72 -69.96 -8.70
CA ASP IA 147 57.83 -68.70 -9.42
C ASP IA 147 57.50 -68.81 -10.90
N ARG IA 148 57.62 -70.00 -11.50
CA ARG IA 148 57.28 -70.17 -12.90
C ARG IA 148 55.90 -70.75 -13.11
N SER IA 149 55.13 -70.94 -12.05
CA SER IA 149 53.77 -71.44 -12.17
C SER IA 149 52.79 -70.26 -12.11
N ASN IA 150 51.50 -70.59 -12.14
CA ASN IA 150 50.45 -69.58 -12.00
C ASN IA 150 49.96 -69.47 -10.57
N PHE IA 151 50.85 -69.69 -9.60
CA PHE IA 151 50.47 -69.65 -8.20
C PHE IA 151 49.92 -68.28 -7.80
N TYR IA 152 50.64 -67.21 -8.17
CA TYR IA 152 50.22 -65.88 -7.74
C TYR IA 152 48.96 -65.43 -8.47
N LEU IA 153 48.72 -65.92 -9.68
CA LEU IA 153 47.48 -65.63 -10.37
C LEU IA 153 46.30 -66.29 -9.67
N ALA IA 154 46.47 -67.54 -9.22
CA ALA IA 154 45.39 -68.26 -8.56
C ALA IA 154 45.12 -67.69 -7.17
N VAL IA 155 46.17 -67.37 -6.41
CA VAL IA 155 45.99 -66.84 -5.07
C VAL IA 155 45.32 -65.47 -5.13
N GLY IA 156 45.69 -64.65 -6.11
CA GLY IA 156 45.07 -63.34 -6.24
C GLY IA 156 43.58 -63.42 -6.46
N GLU IA 157 43.14 -64.35 -7.31
CA GLU IA 157 41.71 -64.48 -7.56
C GLU IA 157 40.97 -65.05 -6.35
N SER IA 158 41.59 -66.00 -5.65
CA SER IA 158 40.92 -66.58 -4.49
C SER IA 158 40.83 -65.59 -3.34
N LEU IA 159 41.79 -64.67 -3.22
CA LEU IA 159 41.71 -63.67 -2.16
C LEU IA 159 40.51 -62.75 -2.35
N GLN IA 160 40.19 -62.43 -3.60
CA GLN IA 160 39.00 -61.63 -3.85
C GLN IA 160 37.73 -62.38 -3.46
N ASP IA 161 37.74 -63.71 -3.57
CA ASP IA 161 36.60 -64.51 -3.15
C ASP IA 161 36.48 -64.55 -1.63
N VAL IA 162 37.61 -64.69 -0.93
CA VAL IA 162 37.56 -64.81 0.52
C VAL IA 162 37.14 -63.51 1.19
N LEU IA 163 37.32 -62.36 0.52
CA LEU IA 163 36.83 -61.11 1.07
C LEU IA 163 35.32 -61.07 1.14
N ILE IA 164 34.64 -61.92 0.39
CA ILE IA 164 33.18 -61.96 0.44
C ILE IA 164 32.72 -63.13 1.31
N SER IA 165 32.97 -64.35 0.86
CA SER IA 165 32.65 -65.49 1.73
C SER IA 165 33.81 -66.45 1.94
N THR IA 166 34.34 -67.01 0.85
CA THR IA 166 35.18 -68.20 0.94
C THR IA 166 36.03 -68.30 -0.32
N GLY IA 167 37.30 -68.64 -0.14
CA GLY IA 167 38.20 -68.87 -1.26
C GLY IA 167 38.55 -70.35 -1.33
N ILE IA 168 38.71 -70.86 -2.54
CA ILE IA 168 39.09 -72.25 -2.77
C ILE IA 168 40.19 -72.26 -3.82
N ILE IA 169 41.27 -72.98 -3.53
CA ILE IA 169 42.39 -73.15 -4.47
C ILE IA 169 42.57 -74.63 -4.73
N ALA IA 170 42.59 -75.01 -6.00
CA ALA IA 170 42.84 -76.37 -6.42
C ALA IA 170 44.28 -76.50 -6.88
N ILE IA 171 45.00 -77.46 -6.31
CA ILE IA 171 46.41 -77.70 -6.60
C ILE IA 171 46.51 -79.09 -7.19
N ASN IA 172 46.75 -79.17 -8.50
CA ASN IA 172 46.66 -80.42 -9.22
C ASN IA 172 48.00 -80.79 -9.84
N GLU IA 173 48.15 -82.09 -10.10
CA GLU IA 173 49.35 -82.57 -10.78
C GLU IA 173 49.37 -82.11 -12.22
N GLY IA 174 50.55 -81.85 -12.73
CA GLY IA 174 50.72 -81.54 -14.14
C GLY IA 174 51.63 -82.53 -14.82
N ASN IA 175 52.59 -82.03 -15.59
CA ASN IA 175 53.60 -82.88 -16.21
C ASN IA 175 54.97 -82.28 -15.96
N ARG IA 176 56.02 -82.83 -16.58
CA ARG IA 176 57.36 -82.34 -16.31
C ARG IA 176 57.56 -80.90 -16.75
N LYS IA 177 56.80 -80.45 -17.76
CA LYS IA 177 56.90 -79.07 -18.18
C LYS IA 177 56.24 -78.12 -17.19
N ARG IA 178 55.05 -78.48 -16.69
CA ARG IA 178 54.34 -77.70 -15.69
C ARG IA 178 53.96 -78.64 -14.55
N PRO IA 179 54.86 -78.85 -13.59
CA PRO IA 179 54.60 -79.85 -12.54
C PRO IA 179 53.36 -79.57 -11.70
N VAL IA 180 53.08 -78.31 -11.38
CA VAL IA 180 51.99 -77.96 -10.48
C VAL IA 180 51.08 -76.97 -11.18
N ARG IA 181 49.78 -77.24 -11.11
CA ARG IA 181 48.75 -76.36 -11.66
C ARG IA 181 47.90 -75.82 -10.52
N TYR IA 182 47.70 -74.51 -10.49
CA TYR IA 182 46.86 -73.87 -9.50
C TYR IA 182 45.63 -73.29 -10.17
N GLU IA 183 44.54 -73.21 -9.42
CA GLU IA 183 43.29 -72.67 -9.95
C GLU IA 183 42.46 -72.14 -8.80
N ALA IA 184 41.86 -70.97 -8.99
CA ALA IA 184 40.91 -70.43 -8.04
C ALA IA 184 39.53 -70.95 -8.41
N VAL IA 185 39.05 -71.93 -7.64
CA VAL IA 185 37.76 -72.54 -7.94
C VAL IA 185 36.64 -71.57 -7.62
N PRO IA 186 35.73 -71.28 -8.54
CA PRO IA 186 34.62 -70.39 -8.24
C PRO IA 186 33.75 -70.96 -7.13
N PRO IA 187 33.35 -70.12 -6.16
CA PRO IA 187 32.57 -70.63 -5.03
C PRO IA 187 31.19 -71.14 -5.41
N ALA IA 188 30.65 -70.73 -6.55
CA ALA IA 188 29.33 -71.19 -6.97
C ALA IA 188 29.36 -72.58 -7.58
N GLN IA 189 30.54 -73.16 -7.78
CA GLN IA 189 30.67 -74.48 -8.40
C GLN IA 189 31.24 -75.52 -7.44
N VAL IA 190 31.34 -75.20 -6.15
CA VAL IA 190 31.79 -76.16 -5.15
C VAL IA 190 30.74 -76.25 -4.05
N MET IA 191 30.68 -77.41 -3.41
CA MET IA 191 29.78 -77.68 -2.31
C MET IA 191 30.58 -78.37 -1.21
N PHE IA 192 30.19 -78.12 0.04
CA PHE IA 192 30.97 -78.57 1.18
C PHE IA 192 30.12 -79.36 2.14
N GLN IA 193 30.76 -80.30 2.83
CA GLN IA 193 30.27 -80.87 4.07
C GLN IA 193 31.29 -80.54 5.15
N GLY IA 194 30.81 -80.18 6.33
CA GLY IA 194 31.66 -79.77 7.43
C GLY IA 194 31.56 -80.74 8.59
N ASP IA 195 32.64 -80.82 9.37
CA ASP IA 195 32.63 -81.59 10.60
C ASP IA 195 32.07 -80.74 11.73
N ALA IA 196 32.19 -81.22 12.96
CA ALA IA 196 31.60 -80.52 14.09
C ALA IA 196 32.38 -79.27 14.47
N GLU IA 197 33.64 -79.16 14.05
CA GLU IA 197 34.47 -78.01 14.37
C GLU IA 197 34.47 -76.95 13.29
N GLY IA 198 33.68 -77.12 12.24
CA GLY IA 198 33.63 -76.17 11.15
C GLY IA 198 34.61 -76.42 10.02
N GLN IA 199 35.51 -77.40 10.16
CA GLN IA 199 36.43 -77.74 9.10
C GLN IA 199 35.71 -78.52 8.01
N VAL IA 200 36.23 -78.41 6.79
CA VAL IA 200 35.65 -79.08 5.64
C VAL IA 200 36.16 -80.52 5.59
N ASP IA 201 35.25 -81.48 5.38
CA ASP IA 201 35.62 -82.87 5.27
C ASP IA 201 35.00 -83.57 4.06
N ALA IA 202 34.39 -82.82 3.14
CA ALA IA 202 33.90 -83.37 1.89
C ALA IA 202 33.65 -82.23 0.92
N ILE IA 203 34.19 -82.36 -0.29
CA ILE IA 203 34.11 -81.33 -1.31
C ILE IA 203 33.55 -81.94 -2.59
N PHE IA 204 32.58 -81.27 -3.20
CA PHE IA 204 32.02 -81.68 -4.48
C PHE IA 204 32.13 -80.51 -5.45
N ARG IA 205 32.84 -80.71 -6.56
CA ARG IA 205 33.04 -79.67 -7.56
C ARG IA 205 32.36 -80.09 -8.85
N ASP IA 206 31.58 -79.17 -9.43
CA ASP IA 206 30.84 -79.43 -10.66
C ASP IA 206 31.61 -78.90 -11.86
N TRP IA 207 31.71 -79.72 -12.90
CA TRP IA 207 32.25 -79.31 -14.18
C TRP IA 207 31.14 -79.36 -15.20
N TYR IA 208 30.96 -78.27 -15.94
CA TYR IA 208 29.85 -78.12 -16.86
C TYR IA 208 30.32 -78.35 -18.29
N GLN IA 209 29.72 -79.34 -18.95
CA GLN IA 209 29.90 -79.60 -20.37
C GLN IA 209 31.39 -79.69 -20.74
N VAL IA 210 32.05 -80.70 -20.20
CA VAL IA 210 33.44 -80.98 -20.49
C VAL IA 210 33.52 -81.93 -21.68
N ARG IA 211 34.38 -81.62 -22.64
CA ARG IA 211 34.60 -82.51 -23.76
C ARG IA 211 35.32 -83.78 -23.31
N ILE IA 212 35.01 -84.89 -23.98
CA ILE IA 212 35.60 -86.17 -23.61
C ILE IA 212 37.11 -86.13 -23.76
N GLU IA 213 37.60 -85.52 -24.84
CA GLU IA 213 39.05 -85.41 -25.03
C GLU IA 213 39.69 -84.59 -23.92
N ASN IA 214 38.93 -83.69 -23.30
CA ASN IA 214 39.45 -82.89 -22.19
C ASN IA 214 39.55 -83.72 -20.91
N ILE IA 215 38.70 -84.74 -20.76
CA ILE IA 215 38.68 -85.53 -19.52
C ILE IA 215 40.02 -86.22 -19.31
N LYS IA 216 40.59 -86.79 -20.38
CA LYS IA 216 41.85 -87.50 -20.26
C LYS IA 216 43.01 -86.57 -19.91
N SER IA 217 42.95 -85.31 -20.33
CA SER IA 217 44.06 -84.40 -20.04
C SER IA 217 44.05 -83.96 -18.58
N MET IA 218 42.87 -83.71 -18.02
CA MET IA 218 42.79 -83.33 -16.62
C MET IA 218 43.02 -84.53 -15.70
N TRP IA 219 42.49 -85.69 -16.07
CA TRP IA 219 42.62 -86.91 -15.28
C TRP IA 219 43.20 -88.00 -16.17
N PRO IA 220 44.53 -88.13 -16.21
CA PRO IA 220 45.16 -89.06 -17.15
C PRO IA 220 44.74 -90.51 -17.00
N LYS IA 221 44.41 -90.95 -15.78
CA LYS IA 221 44.07 -92.34 -15.53
C LYS IA 221 42.57 -92.60 -15.55
N ALA IA 222 41.78 -91.64 -15.99
CA ALA IA 222 40.33 -91.85 -16.06
C ALA IA 222 39.99 -92.86 -17.14
N GLU IA 223 38.86 -93.55 -16.95
CA GLU IA 223 38.38 -94.56 -17.87
C GLU IA 223 37.27 -93.95 -18.72
N VAL IA 224 37.66 -93.31 -19.82
CA VAL IA 224 36.69 -92.65 -20.69
C VAL IA 224 36.21 -93.54 -21.81
N ALA IA 225 36.85 -94.70 -22.04
CA ALA IA 225 36.44 -95.58 -23.12
C ALA IA 225 35.04 -96.14 -22.88
N LYS IA 226 34.72 -96.45 -21.62
CA LYS IA 226 33.43 -97.09 -21.33
C LYS IA 226 32.24 -96.20 -21.65
N LEU IA 227 32.45 -94.90 -21.82
CA LEU IA 227 31.33 -94.02 -22.13
C LEU IA 227 30.88 -94.18 -23.58
N ASN IA 228 31.78 -94.60 -24.46
CA ASN IA 228 31.49 -94.79 -25.88
C ASN IA 228 30.95 -93.51 -26.51
N LYS IA 229 31.79 -92.47 -26.47
CA LYS IA 229 31.42 -91.17 -27.01
C LYS IA 229 32.56 -90.63 -27.86
N LYS IA 230 32.22 -89.78 -28.82
CA LYS IA 230 33.21 -89.16 -29.67
C LYS IA 230 34.03 -88.16 -28.86
N PRO IA 231 35.27 -87.87 -29.28
CA PRO IA 231 36.08 -86.93 -28.50
C PRO IA 231 35.74 -85.47 -28.78
N GLU IA 232 34.45 -85.19 -28.94
CA GLU IA 232 33.95 -83.83 -28.94
C GLU IA 232 32.64 -83.70 -28.19
N ASP IA 233 32.04 -84.80 -27.74
CA ASP IA 233 30.81 -84.74 -26.98
C ASP IA 233 31.05 -84.12 -25.61
N LYS IA 234 30.02 -83.47 -25.08
CA LYS IA 234 30.08 -82.82 -23.79
C LYS IA 234 29.40 -83.69 -22.74
N VAL IA 235 29.92 -83.63 -21.52
CA VAL IA 235 29.34 -84.35 -20.39
C VAL IA 235 29.60 -83.57 -19.12
N ASP IA 236 28.65 -83.61 -18.20
CA ASP IA 236 28.83 -83.01 -16.89
C ASP IA 236 29.61 -83.96 -16.00
N ILE IA 237 30.63 -83.43 -15.31
CA ILE IA 237 31.54 -84.22 -14.50
C ILE IA 237 31.41 -83.79 -13.05
N TRP IA 238 31.24 -84.76 -12.16
CA TRP IA 238 31.26 -84.52 -10.72
C TRP IA 238 32.60 -85.00 -10.16
N GLU IA 239 33.33 -84.08 -9.53
CA GLU IA 239 34.61 -84.36 -8.92
C GLU IA 239 34.41 -84.32 -7.40
N CYS IA 240 34.43 -85.49 -6.77
CA CYS IA 240 34.06 -85.64 -5.38
C CYS IA 240 35.25 -86.12 -4.56
N ALA IA 241 35.30 -85.69 -3.30
CA ALA IA 241 36.30 -86.16 -2.36
C ALA IA 241 35.77 -86.01 -0.95
N TRP IA 242 36.19 -86.91 -0.07
CA TRP IA 242 35.74 -86.87 1.31
C TRP IA 242 36.75 -87.56 2.21
N ILE IA 243 36.74 -87.20 3.48
CA ILE IA 243 37.62 -87.81 4.47
C ILE IA 243 37.00 -89.12 4.93
N ASP IA 244 37.76 -90.20 4.82
CA ASP IA 244 37.36 -91.50 5.32
C ASP IA 244 37.94 -91.66 6.72
N TYR IA 245 37.08 -91.56 7.73
CA TYR IA 245 37.56 -91.52 9.11
C TYR IA 245 38.13 -92.86 9.56
N GLU IA 246 37.55 -93.98 9.11
CA GLU IA 246 38.04 -95.30 9.48
C GLU IA 246 39.06 -95.82 8.47
N ALA IA 247 40.09 -95.02 8.20
CA ALA IA 247 41.13 -95.39 7.24
C ALA IA 247 42.47 -94.88 7.75
N PRO IA 248 43.57 -95.51 7.33
CA PRO IA 248 44.89 -95.01 7.71
C PRO IA 248 45.19 -93.68 7.02
N GLU IA 249 46.34 -93.10 7.40
CA GLU IA 249 46.69 -91.77 6.93
C GLU IA 249 46.86 -91.73 5.42
N LYS IA 250 47.52 -92.73 4.85
CA LYS IA 250 47.77 -92.74 3.41
C LYS IA 250 46.51 -93.02 2.60
N GLU IA 251 45.42 -93.42 3.24
CA GLU IA 251 44.15 -93.67 2.56
C GLU IA 251 43.06 -92.72 3.05
N ARG IA 252 43.45 -91.62 3.70
CA ARG IA 252 42.47 -90.82 4.42
C ARG IA 252 41.51 -90.10 3.48
N TYR IA 253 41.98 -89.68 2.32
CA TYR IA 253 41.18 -88.88 1.39
C TYR IA 253 40.73 -89.73 0.22
N GLN IA 254 39.42 -89.96 0.13
CA GLN IA 254 38.84 -90.73 -0.94
C GLN IA 254 38.45 -89.79 -2.08
N TYR IA 255 38.93 -90.08 -3.29
CA TYR IA 255 38.77 -89.19 -4.43
C TYR IA 255 38.07 -89.94 -5.56
N VAL IA 256 37.00 -89.35 -6.09
CA VAL IA 256 36.20 -89.97 -7.13
C VAL IA 256 35.87 -88.94 -8.20
N VAL IA 257 36.01 -89.35 -9.46
CA VAL IA 257 35.55 -88.55 -10.60
C VAL IA 257 34.49 -89.37 -11.33
N MET IA 258 33.34 -88.76 -11.58
CA MET IA 258 32.22 -89.46 -12.21
C MET IA 258 31.46 -88.48 -13.08
N THR IA 259 30.45 -88.98 -13.79
CA THR IA 259 29.58 -88.15 -14.60
C THR IA 259 28.25 -87.93 -13.90
N SER IA 260 27.46 -87.02 -14.45
CA SER IA 260 26.16 -86.70 -13.85
C SER IA 260 25.17 -87.85 -13.95
N SER IA 261 25.45 -88.86 -14.78
CA SER IA 261 24.64 -90.06 -14.84
C SER IA 261 25.24 -91.21 -14.04
N LYS IA 262 26.09 -90.89 -13.06
CA LYS IA 262 26.67 -91.87 -12.15
C LYS IA 262 27.51 -92.93 -12.86
N ASP IA 263 28.32 -92.48 -13.81
CA ASP IA 263 29.32 -93.33 -14.45
C ASP IA 263 30.67 -93.00 -13.83
N VAL IA 264 31.23 -93.94 -13.07
CA VAL IA 264 32.46 -93.69 -12.33
C VAL IA 264 33.64 -93.81 -13.29
N LEU IA 265 34.46 -92.77 -13.35
CA LEU IA 265 35.61 -92.73 -14.24
C LEU IA 265 36.93 -92.94 -13.51
N LEU IA 266 36.99 -92.67 -12.21
CA LEU IA 266 38.24 -92.75 -11.49
C LEU IA 266 37.96 -92.83 -9.99
N GLU IA 267 38.70 -93.69 -9.30
CA GLU IA 267 38.62 -93.82 -7.85
C GLU IA 267 40.03 -93.93 -7.29
N GLN IA 268 40.31 -93.16 -6.24
CA GLN IA 268 41.64 -93.10 -5.66
C GLN IA 268 41.52 -92.90 -4.16
N SER IA 269 42.64 -93.14 -3.47
CA SER IA 269 42.75 -92.84 -2.05
C SER IA 269 44.16 -92.36 -1.79
N ASN IA 270 44.29 -91.15 -1.25
CA ASN IA 270 45.58 -90.50 -1.09
C ASN IA 270 45.67 -89.90 0.31
N SER IA 271 46.82 -89.34 0.61
CA SER IA 271 47.03 -88.63 1.87
C SER IA 271 46.58 -87.18 1.81
N SER IA 272 46.10 -86.71 0.67
CA SER IA 272 45.63 -85.34 0.53
C SER IA 272 44.66 -85.27 -0.64
N TRP IA 273 43.91 -84.17 -0.68
CA TRP IA 273 43.01 -83.86 -1.78
C TRP IA 273 43.42 -82.52 -2.41
N PRO IA 274 42.99 -82.24 -3.63
CA PRO IA 274 43.54 -81.08 -4.35
C PRO IA 274 43.25 -79.73 -3.71
N TRP IA 275 42.21 -79.59 -2.89
CA TRP IA 275 41.69 -78.28 -2.56
C TRP IA 275 42.16 -77.77 -1.21
N VAL IA 276 42.25 -76.44 -1.11
CA VAL IA 276 42.45 -75.72 0.14
C VAL IA 276 41.35 -74.68 0.24
N VAL IA 277 40.69 -74.60 1.39
CA VAL IA 277 39.54 -73.72 1.58
C VAL IA 277 39.90 -72.63 2.59
N TYR IA 278 39.63 -71.38 2.22
CA TYR IA 278 39.96 -70.20 3.00
C TYR IA 278 38.71 -69.58 3.60
N ARG IA 279 38.81 -69.14 4.85
CA ARG IA 279 37.81 -68.30 5.48
C ARG IA 279 38.52 -67.25 6.31
N MET IA 280 38.08 -66.00 6.19
CA MET IA 280 38.59 -64.96 7.07
C MET IA 280 37.90 -64.98 8.43
N ARG IA 281 36.57 -65.01 8.42
CA ARG IA 281 35.77 -65.15 9.62
C ARG IA 281 34.63 -66.10 9.33
N ARG IA 282 34.00 -66.62 10.37
CA ARG IA 282 33.00 -67.66 10.21
C ARG IA 282 31.95 -67.55 11.30
N LEU IA 283 30.69 -67.45 10.91
CA LEU IA 283 29.59 -67.62 11.86
C LEU IA 283 29.50 -69.08 12.26
N THR IA 284 29.25 -69.32 13.55
CA THR IA 284 29.22 -70.69 14.04
C THR IA 284 28.08 -71.47 13.41
N GLY IA 285 28.35 -72.72 13.06
CA GLY IA 285 27.38 -73.55 12.37
C GLY IA 285 27.39 -73.43 10.86
N GLU IA 286 28.18 -72.52 10.30
CA GLU IA 286 28.31 -72.35 8.87
C GLU IA 286 29.71 -72.77 8.43
N ILE IA 287 29.79 -73.38 7.25
CA ILE IA 287 31.07 -73.79 6.68
C ILE IA 287 31.69 -72.65 5.88
N ARG IA 288 30.90 -72.00 5.03
CA ARG IA 288 31.38 -70.84 4.32
C ARG IA 288 31.56 -69.67 5.28
N GLY IA 289 32.51 -68.80 4.95
CA GLY IA 289 32.83 -67.67 5.80
C GLY IA 289 32.04 -66.42 5.45
N ARG IA 290 32.36 -65.34 6.16
CA ARG IA 290 31.78 -64.03 5.89
C ARG IA 290 32.90 -63.01 6.00
N GLY IA 291 33.27 -62.42 4.87
CA GLY IA 291 34.35 -61.47 4.84
C GLY IA 291 33.86 -60.05 4.98
N PRO IA 292 34.80 -59.11 5.08
CA PRO IA 292 34.42 -57.70 5.27
C PRO IA 292 33.60 -57.13 4.14
N SER IA 293 33.79 -57.59 2.90
CA SER IA 293 33.00 -57.06 1.80
C SER IA 293 31.54 -57.46 1.92
N LEU IA 294 31.25 -58.59 2.56
CA LEU IA 294 29.87 -58.95 2.82
C LEU IA 294 29.25 -58.02 3.86
N SER IA 295 30.05 -57.56 4.84
CA SER IA 295 29.55 -56.60 5.81
C SER IA 295 29.25 -55.25 5.19
N ALA IA 296 29.80 -54.95 4.02
CA ALA IA 296 29.67 -53.62 3.43
C ALA IA 296 28.55 -53.52 2.41
N TYR IA 297 28.07 -54.63 1.88
CA TYR IA 297 27.13 -54.55 0.76
C TYR IA 297 25.83 -53.83 1.10
N PRO IA 298 25.22 -53.97 2.28
CA PRO IA 298 24.02 -53.16 2.55
C PRO IA 298 24.28 -51.67 2.48
N THR IA 299 25.45 -51.21 2.94
CA THR IA 299 25.80 -49.80 2.77
C THR IA 299 25.94 -49.45 1.30
N ALA IA 300 26.56 -50.33 0.52
CA ALA IA 300 26.70 -50.08 -0.91
C ALA IA 300 25.35 -50.00 -1.60
N ALA IA 301 24.40 -50.83 -1.20
CA ALA IA 301 23.08 -50.81 -1.82
C ALA IA 301 22.41 -49.46 -1.61
N THR IA 302 22.54 -48.88 -0.41
CA THR IA 302 21.94 -47.57 -0.16
C THR IA 302 22.59 -46.48 -1.01
N ILE IA 303 23.92 -46.51 -1.12
CA ILE IA 303 24.62 -45.52 -1.93
C ILE IA 303 24.19 -45.61 -3.39
N ASN IA 304 24.12 -46.83 -3.92
CA ASN IA 304 23.76 -47.00 -5.32
C ASN IA 304 22.35 -46.50 -5.60
N GLN IA 305 21.42 -46.74 -4.68
CA GLN IA 305 20.07 -46.21 -4.85
C GLN IA 305 20.06 -44.69 -4.77
N ALA IA 306 20.87 -44.12 -3.88
CA ALA IA 306 20.93 -42.66 -3.78
C ALA IA 306 21.50 -42.05 -5.06
N LEU IA 307 22.53 -42.67 -5.64
CA LEU IA 307 23.11 -42.14 -6.87
C LEU IA 307 22.15 -42.29 -8.05
N GLU IA 308 21.42 -43.39 -8.11
CA GLU IA 308 20.46 -43.58 -9.20
C GLU IA 308 19.39 -42.49 -9.16
N ASP IA 309 18.93 -42.14 -7.97
CA ASP IA 309 17.95 -41.06 -7.85
C ASP IA 309 18.54 -39.73 -8.32
N GLU IA 310 19.82 -39.49 -8.04
CA GLU IA 310 20.45 -38.26 -8.52
C GLU IA 310 20.51 -38.20 -10.03
N LEU IA 311 20.83 -39.33 -10.68
CA LEU IA 311 20.87 -39.35 -12.13
C LEU IA 311 19.50 -39.09 -12.74
N VAL IA 312 18.46 -39.67 -12.14
CA VAL IA 312 17.10 -39.41 -12.61
C VAL IA 312 16.74 -37.95 -12.39
N ALA IA 313 17.08 -37.41 -11.22
CA ALA IA 313 16.75 -36.02 -10.91
C ALA IA 313 17.49 -35.05 -11.83
N ALA IA 314 18.75 -35.34 -12.14
CA ALA IA 314 19.56 -34.39 -12.90
C ALA IA 314 19.03 -34.18 -14.30
N ALA IA 315 18.32 -35.17 -14.86
CA ALA IA 315 17.83 -35.04 -16.22
C ALA IA 315 16.80 -33.92 -16.36
N PHE IA 316 16.00 -33.67 -15.32
CA PHE IA 316 15.01 -32.60 -15.39
C PHE IA 316 15.21 -31.50 -14.36
N GLN IA 317 16.30 -31.55 -13.59
CA GLN IA 317 16.64 -30.48 -12.68
C GLN IA 317 17.89 -29.72 -13.08
N ALA IA 318 18.92 -30.41 -13.58
CA ALA IA 318 20.09 -29.72 -14.10
C ALA IA 318 19.82 -29.14 -15.48
N ASN IA 319 19.09 -29.85 -16.33
CA ASN IA 319 18.81 -29.36 -17.67
C ASN IA 319 17.80 -28.22 -17.64
N PRO IA 320 17.94 -27.26 -18.53
CA PRO IA 320 16.95 -26.19 -18.63
C PRO IA 320 15.65 -26.69 -19.25
N MET IA 321 14.59 -26.82 -18.47
CA MET IA 321 13.31 -27.26 -18.97
C MET IA 321 12.24 -26.25 -18.59
N TYR IA 322 11.11 -26.33 -19.27
CA TYR IA 322 10.06 -25.34 -19.11
C TYR IA 322 8.71 -26.04 -18.94
N MET IA 323 7.81 -25.35 -18.26
CA MET IA 323 6.44 -25.78 -18.09
C MET IA 323 5.53 -24.83 -18.85
N ALA IA 324 4.51 -25.38 -19.51
CA ALA IA 324 3.54 -24.57 -20.22
C ALA IA 324 2.27 -25.39 -20.37
N ALA IA 325 1.23 -24.74 -20.88
CA ALA IA 325 0.02 -25.47 -21.23
C ALA IA 325 0.29 -26.48 -22.34
N SER IA 326 1.19 -26.15 -23.26
CA SER IA 326 1.47 -27.03 -24.39
C SER IA 326 2.91 -26.84 -24.83
N ASP IA 327 3.50 -27.90 -25.37
CA ASP IA 327 4.82 -27.80 -25.97
C ASP IA 327 4.82 -27.03 -27.26
N SER IA 328 3.68 -26.56 -27.72
CA SER IA 328 3.58 -25.68 -28.87
C SER IA 328 3.87 -24.22 -28.53
N ALA IA 329 4.42 -23.95 -27.35
CA ALA IA 329 4.72 -22.57 -26.97
C ALA IA 329 5.75 -21.95 -27.91
N PHE IA 330 6.71 -22.74 -28.40
CA PHE IA 330 7.54 -22.31 -29.51
C PHE IA 330 7.75 -23.47 -30.47
N ASN IA 331 8.21 -23.15 -31.66
CA ASN IA 331 8.42 -24.13 -32.73
C ASN IA 331 9.80 -24.76 -32.54
N GLN IA 332 9.83 -26.04 -32.15
CA GLN IA 332 11.11 -26.71 -31.94
C GLN IA 332 11.90 -26.87 -33.24
N GLN IA 333 11.22 -26.94 -34.37
CA GLN IA 333 11.90 -27.19 -35.64
C GLN IA 333 12.61 -25.94 -36.17
N THR IA 334 12.06 -24.76 -35.94
CA THR IA 334 12.69 -23.52 -36.37
C THR IA 334 13.42 -22.80 -35.24
N PHE IA 335 13.47 -23.39 -34.05
CA PHE IA 335 14.20 -22.79 -32.93
C PHE IA 335 15.65 -22.56 -33.32
N THR IA 336 16.14 -21.34 -33.07
CA THR IA 336 17.46 -20.90 -33.55
C THR IA 336 18.31 -20.46 -32.37
N PRO IA 337 19.11 -21.36 -31.81
CA PRO IA 337 19.96 -21.01 -30.65
C PRO IA 337 21.27 -20.32 -31.06
N ARG IA 338 21.17 -19.03 -31.33
CA ARG IA 338 22.27 -18.21 -31.80
C ARG IA 338 22.36 -16.95 -30.95
N PRO IA 339 23.55 -16.39 -30.76
CA PRO IA 339 23.66 -15.15 -29.99
C PRO IA 339 22.95 -14.00 -30.70
N GLY IA 340 22.09 -13.32 -29.97
CA GLY IA 340 21.27 -12.25 -30.50
C GLY IA 340 19.98 -12.69 -31.14
N SER IA 341 19.69 -13.99 -31.17
CA SER IA 341 18.51 -14.48 -31.85
C SER IA 341 17.25 -14.22 -31.04
N ILE IA 342 16.18 -13.85 -31.74
CA ILE IA 342 14.85 -13.73 -31.14
C ILE IA 342 14.06 -14.98 -31.48
N VAL IA 343 13.55 -15.65 -30.46
CA VAL IA 343 12.70 -16.81 -30.62
C VAL IA 343 11.25 -16.37 -30.46
N PRO IA 344 10.38 -16.60 -31.43
CA PRO IA 344 8.95 -16.37 -31.23
C PRO IA 344 8.40 -17.35 -30.21
N VAL IA 345 7.80 -16.82 -29.15
CA VAL IA 345 7.30 -17.64 -28.04
C VAL IA 345 5.92 -17.14 -27.65
N GLN IA 346 4.96 -18.06 -27.55
CA GLN IA 346 3.67 -17.74 -26.96
C GLN IA 346 3.86 -17.63 -25.46
N MET IA 347 4.07 -16.40 -24.97
CA MET IA 347 4.49 -16.21 -23.59
C MET IA 347 3.37 -16.48 -22.60
N VAL IA 348 2.11 -16.41 -23.02
CA VAL IA 348 0.98 -16.82 -22.19
C VAL IA 348 0.05 -17.67 -23.05
N GLN IA 349 -0.38 -18.81 -22.50
CA GLN IA 349 -1.32 -19.69 -23.18
C GLN IA 349 -2.52 -19.91 -22.25
N GLY IA 350 -3.62 -19.23 -22.54
CA GLY IA 350 -4.78 -19.31 -21.67
C GLY IA 350 -4.49 -18.66 -20.34
N GLU IA 351 -4.67 -19.42 -19.26
CA GLU IA 351 -4.43 -18.91 -17.91
C GLU IA 351 -2.97 -19.03 -17.48
N TRP IA 352 -2.16 -19.81 -18.20
CA TRP IA 352 -0.86 -20.21 -17.70
C TRP IA 352 0.25 -19.62 -18.55
N PRO IA 353 1.24 -18.95 -17.95
CA PRO IA 353 2.43 -18.53 -18.69
C PRO IA 353 3.48 -19.62 -18.70
N ILE IA 354 4.37 -19.53 -19.68
CA ILE IA 354 5.50 -20.44 -19.75
C ILE IA 354 6.57 -19.98 -18.77
N LYS IA 355 7.05 -20.91 -17.95
CA LYS IA 355 7.98 -20.61 -16.87
C LYS IA 355 8.99 -21.73 -16.77
N PRO IA 356 10.13 -21.49 -16.13
CA PRO IA 356 11.09 -22.57 -15.93
C PRO IA 356 10.48 -23.68 -15.08
N PHE IA 357 10.90 -24.91 -15.37
CA PHE IA 357 10.45 -26.05 -14.58
C PHE IA 357 10.86 -25.86 -13.12
N GLU IA 358 9.92 -26.12 -12.22
CA GLU IA 358 10.12 -25.80 -10.82
C GLU IA 358 11.26 -26.63 -10.22
N GLN IA 359 12.18 -25.96 -9.56
CA GLN IA 359 13.24 -26.64 -8.83
C GLN IA 359 12.69 -27.21 -7.54
N SER IA 360 13.13 -28.42 -7.21
CA SER IA 360 12.65 -29.09 -6.00
C SER IA 360 13.76 -29.97 -5.47
N GLY IA 361 13.68 -30.29 -4.19
CA GLY IA 361 14.65 -31.17 -3.59
C GLY IA 361 15.75 -30.42 -2.88
N ASN IA 362 16.64 -31.22 -2.28
CA ASN IA 362 17.69 -30.75 -1.39
C ASN IA 362 19.01 -31.44 -1.74
N ILE IA 363 19.49 -31.22 -2.97
CA ILE IA 363 20.69 -31.86 -3.50
C ILE IA 363 21.80 -32.06 -2.47
N GLN IA 364 22.05 -31.05 -1.64
CA GLN IA 364 23.11 -31.18 -0.64
C GLN IA 364 22.82 -32.29 0.37
N PHE IA 365 21.56 -32.49 0.72
CA PHE IA 365 21.19 -33.57 1.64
C PHE IA 365 21.62 -34.92 1.08
N ASN IA 366 21.33 -35.16 -0.21
CA ASN IA 366 21.71 -36.44 -0.80
C ASN IA 366 23.22 -36.62 -0.86
N ALA IA 367 23.95 -35.57 -1.23
CA ALA IA 367 25.41 -35.64 -1.19
C ALA IA 367 25.96 -35.24 0.16
N LEU IA 368 25.37 -35.76 1.23
CA LEU IA 368 25.91 -35.67 2.57
C LEU IA 368 25.80 -37.07 3.16
N LEU IA 369 24.76 -37.79 2.78
CA LEU IA 369 24.64 -39.20 3.12
C LEU IA 369 25.57 -40.04 2.28
N VAL IA 370 25.68 -39.74 0.99
CA VAL IA 370 26.54 -40.52 0.11
C VAL IA 370 27.99 -40.45 0.57
N ASN IA 371 28.45 -39.24 0.91
CA ASN IA 371 29.82 -39.09 1.38
C ASN IA 371 30.02 -39.79 2.71
N ASP IA 372 29.05 -39.69 3.61
CA ASP IA 372 29.18 -40.32 4.92
C ASP IA 372 29.26 -41.83 4.78
N PHE IA 373 28.41 -42.43 3.95
CA PHE IA 373 28.42 -43.88 3.79
C PHE IA 373 29.64 -44.37 3.02
N ARG IA 374 30.15 -43.55 2.09
CA ARG IA 374 31.36 -43.94 1.35
C ARG IA 374 32.54 -44.10 2.28
N GLN IA 375 32.68 -43.20 3.27
CA GLN IA 375 33.81 -43.30 4.18
C GLN IA 375 33.69 -44.49 5.10
N GLN IA 376 32.47 -44.90 5.46
CA GLN IA 376 32.30 -46.09 6.28
C GLN IA 376 32.78 -47.33 5.54
N ILE IA 377 32.47 -47.44 4.24
CA ILE IA 377 32.96 -48.55 3.44
C ILE IA 377 34.49 -48.53 3.40
N ASN IA 378 35.07 -47.35 3.20
CA ASN IA 378 36.52 -47.25 3.10
C ASN IA 378 37.21 -47.65 4.40
N GLU IA 379 36.67 -47.21 5.54
CA GLU IA 379 37.25 -47.62 6.83
C GLU IA 379 37.10 -49.11 7.05
N LEU IA 380 35.96 -49.67 6.62
CA LEU IA 380 35.74 -51.10 6.78
C LEU IA 380 36.73 -51.93 5.98
N LEU IA 381 37.20 -51.42 4.85
CA LEU IA 381 38.09 -52.16 3.96
C LEU IA 381 39.50 -51.59 3.94
N TYR IA 382 39.86 -50.78 4.94
CA TYR IA 382 41.22 -50.25 5.09
C TYR IA 382 41.69 -49.51 3.84
N ALA IA 383 40.80 -48.72 3.25
CA ALA IA 383 41.07 -48.02 2.01
C ALA IA 383 40.94 -46.52 2.20
N PHE IA 384 41.76 -45.77 1.45
CA PHE IA 384 41.73 -44.32 1.38
C PHE IA 384 41.68 -43.70 2.77
N PRO IA 385 42.77 -43.78 3.54
CA PRO IA 385 42.74 -43.23 4.90
C PRO IA 385 42.53 -41.73 4.94
N LEU IA 386 42.76 -41.03 3.84
CA LEU IA 386 42.64 -39.57 3.79
C LEU IA 386 41.42 -39.12 2.99
N GLY IA 387 40.56 -40.05 2.59
CA GLY IA 387 39.38 -39.69 1.84
C GLY IA 387 39.64 -39.63 0.35
N ALA IA 388 38.67 -39.03 -0.35
CA ALA IA 388 38.72 -38.91 -1.80
C ALA IA 388 39.62 -37.75 -2.19
N VAL IA 389 39.59 -37.38 -3.49
CA VAL IA 389 40.43 -36.31 -3.98
C VAL IA 389 39.96 -34.96 -3.45
N ASN IA 390 38.64 -34.76 -3.38
CA ASN IA 390 38.10 -33.51 -2.87
C ASN IA 390 38.02 -33.52 -1.34
N SER IA 391 39.15 -33.81 -0.68
CA SER IA 391 39.18 -33.91 0.77
C SER IA 391 39.88 -32.70 1.38
N PRO IA 392 39.52 -32.34 2.61
CA PRO IA 392 40.21 -31.21 3.27
C PRO IA 392 41.66 -31.52 3.56
N THR IA 393 42.45 -30.46 3.69
CA THR IA 393 43.88 -30.58 3.86
C THR IA 393 44.23 -31.03 5.28
N ARG IA 394 45.47 -31.49 5.44
CA ARG IA 394 45.98 -31.96 6.72
C ARG IA 394 47.43 -31.52 6.87
N THR IA 395 47.88 -31.47 8.11
CA THR IA 395 49.25 -31.09 8.40
C THR IA 395 50.21 -32.23 8.07
N ALA IA 396 51.49 -32.02 8.37
CA ALA IA 396 52.52 -33.03 8.13
C ALA IA 396 52.47 -34.17 9.13
N THR IA 397 51.61 -34.10 10.13
CA THR IA 397 51.54 -35.15 11.14
C THR IA 397 50.14 -35.73 11.31
N GLU IA 398 49.09 -34.94 11.11
CA GLU IA 398 47.74 -35.52 11.16
C GLU IA 398 47.56 -36.55 10.07
N ALA IA 399 48.00 -36.23 8.85
CA ALA IA 399 47.94 -37.20 7.77
C ALA IA 399 48.89 -38.36 8.01
N GLU IA 400 50.04 -38.11 8.64
CA GLU IA 400 50.94 -39.19 9.01
C GLU IA 400 50.30 -40.12 10.02
N ILE IA 401 49.60 -39.56 11.02
CA ILE IA 401 48.96 -40.38 12.03
C ILE IA 401 47.81 -41.17 11.42
N ARG IA 402 46.99 -40.52 10.60
CA ARG IA 402 45.86 -41.21 9.98
C ARG IA 402 46.34 -42.30 9.04
N TYR IA 403 47.46 -42.08 8.34
CA TYR IA 403 48.01 -43.12 7.50
C TYR IA 403 48.47 -44.31 8.34
N THR IA 404 49.20 -44.03 9.42
CA THR IA 404 49.70 -45.12 10.27
C THR IA 404 48.57 -45.80 11.03
N GLU IA 405 47.48 -45.08 11.30
CA GLU IA 405 46.33 -45.69 11.93
C GLU IA 405 45.70 -46.74 11.02
N ASN IA 406 45.55 -46.40 9.74
CA ASN IA 406 45.02 -47.36 8.78
C ASN IA 406 45.99 -48.52 8.56
N LEU IA 407 47.28 -48.22 8.53
CA LEU IA 407 48.27 -49.26 8.27
C LEU IA 407 48.41 -50.22 9.45
N GLU IA 408 48.38 -49.68 10.67
CA GLU IA 408 48.50 -50.53 11.85
C GLU IA 408 47.30 -51.46 11.99
N SER IA 409 46.09 -50.96 11.68
CA SER IA 409 44.91 -51.80 11.77
C SER IA 409 44.90 -52.88 10.70
N PHE IA 410 45.33 -52.54 9.48
CA PHE IA 410 45.44 -53.54 8.43
C PHE IA 410 46.46 -54.62 8.78
N SER IA 411 47.62 -54.21 9.31
CA SER IA 411 48.67 -55.15 9.62
C SER IA 411 48.35 -56.03 10.83
N ALA IA 412 47.28 -55.73 11.54
CA ALA IA 412 46.83 -56.55 12.66
C ALA IA 412 45.89 -57.66 12.23
N MET IA 413 45.12 -57.43 11.16
CA MET IA 413 44.15 -58.41 10.69
C MET IA 413 44.81 -59.57 9.93
N VAL IA 414 45.87 -59.28 9.19
CA VAL IA 414 46.39 -60.17 8.17
C VAL IA 414 47.18 -61.35 8.73
N PRO IA 415 48.20 -61.16 9.58
CA PRO IA 415 49.14 -62.26 9.85
C PRO IA 415 48.51 -63.50 10.47
N ARG IA 416 47.37 -63.38 11.14
CA ARG IA 416 46.74 -64.56 11.74
C ARG IA 416 46.22 -65.52 10.68
N LEU IA 417 46.09 -65.08 9.44
CA LEU IA 417 45.58 -65.91 8.36
C LEU IA 417 46.68 -66.63 7.59
N GLN IA 418 47.95 -66.46 7.99
CA GLN IA 418 49.04 -67.13 7.28
C GLN IA 418 48.94 -68.64 7.40
N ASN IA 419 48.78 -69.15 8.62
CA ASN IA 419 48.75 -70.59 8.81
C ASN IA 419 47.50 -71.21 8.20
N GLU IA 420 46.36 -70.52 8.32
CA GLU IA 420 45.11 -71.04 7.76
C GLU IA 420 45.18 -71.14 6.24
N PHE IA 421 45.77 -70.13 5.59
CA PHE IA 421 45.72 -70.06 4.14
C PHE IA 421 46.82 -70.91 3.50
N PHE IA 422 48.07 -70.68 3.88
CA PHE IA 422 49.19 -71.08 3.04
C PHE IA 422 49.98 -72.29 3.50
N ILE IA 423 49.88 -72.69 4.77
CA ILE IA 423 50.51 -73.95 5.18
C ILE IA 423 49.90 -75.14 4.46
N PRO IA 424 48.57 -75.30 4.37
CA PRO IA 424 48.03 -76.40 3.56
C PRO IA 424 48.39 -76.29 2.10
N VAL IA 425 48.57 -75.09 1.57
CA VAL IA 425 48.96 -74.92 0.18
C VAL IA 425 50.37 -75.48 -0.04
N ILE IA 426 51.29 -75.18 0.86
CA ILE IA 426 52.66 -75.69 0.75
C ILE IA 426 52.68 -77.21 0.88
N GLN IA 427 51.91 -77.76 1.83
CA GLN IA 427 51.90 -79.20 2.01
C GLN IA 427 51.39 -79.92 0.77
N ARG IA 428 50.32 -79.40 0.17
CA ARG IA 428 49.79 -80.02 -1.05
C ARG IA 428 50.74 -79.83 -2.22
N THR IA 429 51.44 -78.69 -2.28
CA THR IA 429 52.39 -78.47 -3.36
C THR IA 429 53.54 -79.47 -3.32
N LEU IA 430 54.07 -79.74 -2.13
CA LEU IA 430 55.15 -80.72 -2.02
C LEU IA 430 54.66 -82.11 -2.38
N TRP IA 431 53.41 -82.43 -2.03
CA TRP IA 431 52.84 -83.71 -2.40
C TRP IA 431 52.74 -83.85 -3.92
N VAL IA 432 52.34 -82.79 -4.61
CA VAL IA 432 52.26 -82.83 -6.07
C VAL IA 432 53.65 -82.99 -6.67
N ILE IA 433 54.64 -82.26 -6.14
CA ILE IA 433 56.00 -82.36 -6.65
C ILE IA 433 56.52 -83.78 -6.53
N ASN IA 434 56.18 -84.47 -5.44
CA ASN IA 434 56.60 -85.86 -5.30
C ASN IA 434 55.97 -86.74 -6.36
N LYS IA 435 54.70 -86.52 -6.68
CA LYS IA 435 54.00 -87.36 -7.65
C LYS IA 435 54.48 -87.13 -9.07
N VAL IA 436 54.78 -85.88 -9.43
CA VAL IA 436 55.17 -85.55 -10.80
C VAL IA 436 56.67 -85.72 -11.01
N LEU IA 437 57.47 -85.48 -9.98
CA LEU IA 437 58.92 -85.63 -10.04
C LEU IA 437 59.35 -86.59 -8.93
N PRO IA 438 59.13 -87.89 -9.10
CA PRO IA 438 59.46 -88.84 -8.03
C PRO IA 438 60.93 -88.89 -7.69
N GLU IA 439 61.81 -88.43 -8.58
CA GLU IA 439 63.24 -88.43 -8.32
C GLU IA 439 63.62 -87.49 -7.19
N THR IA 440 62.82 -86.45 -6.93
CA THR IA 440 63.19 -85.46 -5.92
C THR IA 440 63.20 -86.06 -4.52
N PHE IA 441 62.31 -87.00 -4.24
CA PHE IA 441 62.24 -87.66 -2.94
C PHE IA 441 62.68 -89.12 -3.06
N ALA IA 442 63.66 -89.38 -3.91
CA ALA IA 442 64.19 -90.72 -4.11
C ALA IA 442 65.32 -90.98 -3.11
N ASN IA 443 65.66 -92.26 -2.98
CA ASN IA 443 66.70 -92.71 -2.05
C ASN IA 443 66.38 -92.29 -0.62
N ILE IA 444 65.10 -92.34 -0.27
CA ILE IA 444 64.61 -91.95 1.05
C ILE IA 444 63.70 -93.05 1.56
N PRO IA 445 63.84 -93.48 2.81
CA PRO IA 445 62.90 -94.47 3.36
C PRO IA 445 61.47 -93.95 3.30
N ASP IA 446 60.53 -94.86 2.99
CA ASP IA 446 59.15 -94.44 2.78
C ASP IA 446 58.53 -93.87 4.06
N ASP IA 447 58.96 -94.38 5.22
CA ASP IA 447 58.41 -93.90 6.47
C ASP IA 447 58.72 -92.42 6.69
N ILE IA 448 59.97 -92.03 6.43
CA ILE IA 448 60.34 -90.64 6.65
C ILE IA 448 59.93 -89.78 5.45
N ARG IA 449 59.75 -90.39 4.28
CA ARG IA 449 59.33 -89.64 3.11
C ARG IA 449 57.95 -89.03 3.31
N ASN IA 450 57.02 -89.82 3.88
CA ASN IA 450 55.69 -89.31 4.16
C ASN IA 450 55.72 -88.18 5.19
N LYS IA 451 56.54 -88.34 6.23
CA LYS IA 451 56.68 -87.28 7.23
C LYS IA 451 57.30 -86.03 6.64
N MET IA 452 58.22 -86.20 5.70
CA MET IA 452 58.90 -85.06 5.09
C MET IA 452 57.95 -84.29 4.19
N ILE IA 453 57.18 -85.00 3.38
CA ILE IA 453 56.23 -84.34 2.47
C ILE IA 453 55.16 -83.60 3.26
N SER IA 454 54.64 -84.24 4.30
CA SER IA 454 53.67 -83.59 5.18
C SER IA 454 54.43 -82.68 6.14
N VAL IA 455 54.45 -81.39 5.85
CA VAL IA 455 55.29 -80.46 6.59
C VAL IA 455 54.60 -80.16 7.93
N ASP IA 456 54.89 -80.98 8.93
CA ASP IA 456 54.21 -80.93 10.21
C ASP IA 456 55.12 -80.58 11.37
N GLY IA 457 56.41 -80.34 11.11
CA GLY IA 457 57.35 -80.02 12.16
C GLY IA 457 58.10 -81.20 12.73
N GLN IA 458 57.78 -82.43 12.33
CA GLN IA 458 58.54 -83.57 12.80
C GLN IA 458 59.90 -83.65 12.12
N ILE IA 459 59.90 -83.81 10.80
CA ILE IA 459 61.13 -83.81 10.03
C ILE IA 459 61.35 -82.49 9.30
N LEU IA 460 60.30 -81.83 8.85
CA LEU IA 460 60.40 -80.59 8.10
C LEU IA 460 59.41 -79.59 8.66
N GLY IA 461 59.87 -78.36 8.90
CA GLY IA 461 59.02 -77.30 9.41
C GLY IA 461 58.95 -76.13 8.45
N LEU IA 462 58.18 -75.12 8.86
CA LEU IA 462 57.98 -73.92 8.07
C LEU IA 462 58.22 -72.69 8.93
N SER IA 463 58.63 -71.61 8.28
CA SER IA 463 58.83 -70.33 8.95
C SER IA 463 58.54 -69.23 7.95
N PHE IA 464 57.51 -68.43 8.22
CA PHE IA 464 57.09 -67.39 7.31
C PHE IA 464 57.88 -66.11 7.54
N ASP IA 465 58.18 -65.41 6.45
CA ASP IA 465 58.87 -64.11 6.50
C ASP IA 465 58.12 -63.16 5.57
N THR IA 466 57.33 -62.27 6.15
CA THR IA 466 56.47 -61.35 5.42
C THR IA 466 56.73 -59.94 5.91
N PRO IA 467 56.31 -58.92 5.15
CA PRO IA 467 56.48 -57.54 5.62
C PRO IA 467 55.79 -57.24 6.95
N LEU IA 468 54.95 -58.13 7.46
CA LEU IA 468 54.24 -57.91 8.71
C LEU IA 468 54.90 -58.59 9.91
N MET IA 469 55.44 -59.79 9.73
CA MET IA 469 56.26 -60.45 10.75
C MET IA 469 57.72 -60.35 10.32
N THR IA 470 58.47 -59.45 10.96
CA THR IA 470 59.76 -59.04 10.41
C THR IA 470 60.78 -60.17 10.36
N ALA IA 471 61.35 -60.57 11.50
CA ALA IA 471 62.32 -61.66 11.48
C ALA IA 471 62.25 -62.62 12.67
N LYS IA 472 61.89 -62.14 13.88
CA LYS IA 472 61.94 -62.90 15.12
C LYS IA 472 63.37 -63.21 15.54
N GLY IA 473 64.34 -62.93 14.69
CA GLY IA 473 65.73 -63.20 14.99
C GLY IA 473 66.51 -61.91 15.17
N GLN IA 474 65.98 -60.83 14.62
CA GLN IA 474 66.58 -59.52 14.86
C GLN IA 474 66.50 -59.12 16.32
N VAL IA 475 65.48 -59.59 17.03
CA VAL IA 475 65.37 -59.30 18.46
C VAL IA 475 66.49 -59.98 19.23
N LYS IA 476 66.78 -61.23 18.91
CA LYS IA 476 67.86 -61.94 19.59
C LYS IA 476 69.20 -61.27 19.34
N THR IA 477 69.46 -60.87 18.10
CA THR IA 477 70.72 -60.21 17.77
C THR IA 477 70.82 -58.85 18.46
N ALA IA 478 69.72 -58.09 18.49
CA ALA IA 478 69.75 -56.78 19.11
C ALA IA 478 70.03 -56.88 20.60
N ALA IA 479 69.45 -57.89 21.26
CA ALA IA 479 69.74 -58.10 22.68
C ALA IA 479 71.18 -58.49 22.89
N LEU IA 480 71.74 -59.28 21.98
CA LEU IA 480 73.14 -59.70 22.10
C LEU IA 480 74.08 -58.51 21.91
N LEU IA 481 73.76 -57.61 20.98
CA LEU IA 481 74.58 -56.43 20.78
C LEU IA 481 74.44 -55.44 21.94
N GLY IA 482 73.23 -55.34 22.51
CA GLY IA 482 73.06 -54.47 23.66
C GLY IA 482 73.81 -54.97 24.88
N PHE IA 483 73.88 -56.29 25.05
CA PHE IA 483 74.67 -56.86 26.14
C PHE IA 483 76.14 -56.51 25.97
N TYR IA 484 76.67 -56.66 24.75
CA TYR IA 484 78.08 -56.41 24.54
C TYR IA 484 78.44 -54.95 24.75
N GLN IA 485 77.58 -54.04 24.30
CA GLN IA 485 77.86 -52.62 24.48
C GLN IA 485 77.94 -52.27 25.97
N ALA IA 486 77.02 -52.81 26.77
CA ALA IA 486 77.07 -52.59 28.21
C ALA IA 486 78.31 -53.23 28.83
N ALA IA 487 78.64 -54.46 28.41
CA ALA IA 487 79.79 -55.14 28.97
C ALA IA 487 81.09 -54.43 28.59
N ALA IA 488 81.20 -53.95 27.35
CA ALA IA 488 82.39 -53.24 26.93
C ALA IA 488 82.51 -51.88 27.59
N SER IA 489 81.38 -51.27 27.97
CA SER IA 489 81.45 -49.99 28.66
C SER IA 489 81.99 -50.15 30.08
N LEU IA 490 81.74 -51.28 30.73
CA LEU IA 490 82.14 -51.49 32.11
C LEU IA 490 83.52 -52.13 32.21
N LEU IA 491 83.82 -53.13 31.38
CA LEU IA 491 85.06 -53.87 31.47
C LEU IA 491 86.00 -53.61 30.30
N GLY IA 492 85.55 -52.87 29.30
CA GLY IA 492 86.36 -52.60 28.14
C GLY IA 492 86.31 -53.74 27.15
N PRO IA 493 86.74 -53.49 25.91
CA PRO IA 493 86.97 -54.59 24.98
C PRO IA 493 88.13 -55.46 25.48
N GLU IA 494 88.26 -56.62 24.84
CA GLU IA 494 89.24 -57.65 25.18
C GLU IA 494 88.84 -58.36 26.47
N ALA IA 495 87.86 -57.79 27.18
CA ALA IA 495 87.26 -58.44 28.34
C ALA IA 495 85.84 -58.90 28.04
N ALA IA 496 85.03 -58.03 27.42
CA ALA IA 496 83.72 -58.44 26.96
C ALA IA 496 83.82 -59.49 25.87
N THR IA 497 84.77 -59.32 24.95
CA THR IA 497 84.98 -60.33 23.92
C THR IA 497 85.52 -61.63 24.51
N ALA IA 498 86.41 -61.52 25.50
CA ALA IA 498 86.95 -62.73 26.12
C ALA IA 498 85.89 -63.48 26.90
N SER IA 499 84.89 -62.79 27.42
CA SER IA 499 83.79 -63.43 28.16
C SER IA 499 82.66 -63.85 27.22
N LEU IA 500 83.03 -64.53 26.15
CA LEU IA 500 82.08 -64.89 25.11
C LEU IA 500 82.48 -66.23 24.53
N ASP IA 501 81.50 -67.05 24.19
CA ASP IA 501 81.76 -68.30 23.49
C ASP IA 501 81.73 -68.01 22.00
N PRO IA 502 82.88 -67.82 21.35
CA PRO IA 502 82.86 -67.35 19.96
C PRO IA 502 82.21 -68.33 18.99
N VAL IA 503 82.37 -69.63 19.20
CA VAL IA 503 81.74 -70.59 18.29
C VAL IA 503 80.23 -70.54 18.42
N GLU IA 504 79.71 -70.49 19.64
CA GLU IA 504 78.27 -70.37 19.85
C GLU IA 504 77.75 -69.05 19.29
N VAL IA 505 78.49 -67.97 19.52
CA VAL IA 505 78.03 -66.65 19.06
C VAL IA 505 77.95 -66.62 17.53
N LEU IA 506 78.98 -67.15 16.87
CA LEU IA 506 78.97 -67.18 15.41
C LEU IA 506 77.82 -67.99 14.87
N THR IA 507 77.58 -69.18 15.44
CA THR IA 507 76.53 -70.04 14.95
C THR IA 507 75.15 -69.45 15.20
N ASN IA 508 74.95 -68.82 16.36
CA ASN IA 508 73.65 -68.25 16.67
C ASN IA 508 73.39 -66.98 15.88
N LEU IA 509 74.42 -66.18 15.61
CA LEU IA 509 74.23 -64.99 14.79
C LEU IA 509 73.81 -65.36 13.37
N ALA IA 510 74.40 -66.43 12.84
CA ALA IA 510 74.04 -66.86 11.49
C ALA IA 510 72.59 -67.33 11.43
N ASP IA 511 72.15 -68.08 12.45
CA ASP IA 511 70.77 -68.54 12.45
C ASP IA 511 69.79 -67.41 12.72
N ASN IA 512 70.17 -66.43 13.54
CA ASN IA 512 69.28 -65.29 13.79
C ASN IA 512 69.06 -64.47 12.54
N GLN IA 513 70.10 -64.28 11.73
CA GLN IA 513 69.99 -63.49 10.53
C GLN IA 513 69.41 -64.26 9.35
N GLY IA 514 69.18 -65.55 9.50
CA GLY IA 514 68.68 -66.34 8.38
C GLY IA 514 69.69 -66.53 7.28
N ILE IA 515 70.98 -66.49 7.63
CA ILE IA 515 72.03 -66.59 6.63
C ILE IA 515 72.15 -68.03 6.14
N ASP IA 516 72.66 -68.19 4.92
CA ASP IA 516 72.91 -69.52 4.39
C ASP IA 516 74.09 -70.16 5.09
N VAL IA 517 73.93 -71.43 5.46
CA VAL IA 517 74.95 -72.11 6.28
C VAL IA 517 76.25 -72.26 5.50
N ARG IA 518 76.16 -72.47 4.19
CA ARG IA 518 77.36 -72.69 3.38
C ARG IA 518 78.31 -71.50 3.41
N ASN IA 519 77.81 -70.30 3.72
CA ASN IA 519 78.65 -69.11 3.74
C ASN IA 519 79.58 -69.05 4.94
N ILE IA 520 79.40 -69.92 5.93
CA ILE IA 520 80.16 -69.87 7.16
C ILE IA 520 80.77 -71.24 7.42
N LYS IA 521 81.94 -71.24 8.06
CA LYS IA 521 82.62 -72.48 8.37
C LYS IA 521 81.83 -73.29 9.39
N THR IA 522 81.98 -74.61 9.31
CA THR IA 522 81.29 -75.51 10.21
C THR IA 522 81.83 -75.36 11.64
N ARG IA 523 81.13 -75.98 12.60
CA ARG IA 523 81.55 -75.87 13.98
C ARG IA 523 82.92 -76.46 14.20
N GLU IA 524 83.20 -77.62 13.59
CA GLU IA 524 84.51 -78.25 13.77
C GLU IA 524 85.63 -77.38 13.22
N GLU IA 525 85.39 -76.75 12.07
CA GLU IA 525 86.39 -75.83 11.52
C GLU IA 525 86.57 -74.60 12.41
N LEU IA 526 85.47 -74.10 12.98
CA LEU IA 526 85.56 -72.93 13.84
C LEU IA 526 86.31 -73.25 15.13
N GLU IA 527 86.08 -74.43 15.71
CA GLU IA 527 86.80 -74.81 16.92
C GLU IA 527 88.29 -74.95 16.65
N GLN IA 528 88.65 -75.54 15.50
CA GLN IA 528 90.05 -75.66 15.13
C GLN IA 528 90.69 -74.30 14.93
N LEU IA 529 89.94 -73.37 14.32
CA LEU IA 529 90.43 -72.00 14.17
C LEU IA 529 90.62 -71.34 15.52
N LEU IA 530 89.68 -71.56 16.45
CA LEU IA 530 89.78 -70.97 17.78
C LEU IA 530 90.98 -71.52 18.53
N GLN IA 531 91.24 -72.83 18.42
CA GLN IA 531 92.38 -73.43 19.09
C GLN IA 531 93.69 -72.86 18.56
N ALA IA 532 93.77 -72.67 17.24
CA ALA IA 532 94.99 -72.10 16.66
C ALA IA 532 95.23 -70.68 17.17
N ALA IA 533 94.16 -69.88 17.26
CA ALA IA 533 94.32 -68.52 17.78
C ALA IA 533 94.77 -68.52 19.23
N GLY IA 534 94.41 -69.57 19.99
CA GLY IA 534 94.92 -69.69 21.33
C GLY IA 534 96.42 -69.94 21.38
N GLN IA 535 96.91 -70.80 20.48
CA GLN IA 535 98.34 -71.08 20.43
C GLN IA 535 99.13 -69.88 19.94
N ILE IA 536 98.55 -69.08 19.03
CA ILE IA 536 99.20 -67.86 18.59
C ILE IA 536 99.39 -66.90 19.76
N ALA IA 537 98.38 -66.79 20.61
CA ALA IA 537 98.50 -65.91 21.78
C ALA IA 537 99.56 -66.40 22.75
N GLN IA 538 99.68 -67.72 22.91
CA GLN IA 538 100.69 -68.26 23.82
C GLN IA 538 102.10 -67.94 23.34
N GLN IA 539 102.35 -68.13 22.04
CA GLN IA 539 103.67 -67.83 21.49
C GLN IA 539 103.94 -66.33 21.48
N GLU IA 540 102.93 -65.53 21.15
CA GLU IA 540 103.09 -64.09 21.15
C GLU IA 540 103.39 -63.56 22.54
N ALA IA 541 102.69 -64.08 23.56
CA ALA IA 541 102.94 -63.65 24.93
C ALA IA 541 104.28 -64.13 25.44
N ALA IA 542 104.71 -65.33 25.01
CA ALA IA 542 105.98 -65.86 25.46
C ALA IA 542 107.15 -64.99 25.01
N GLN IA 543 107.08 -64.43 23.81
CA GLN IA 543 108.12 -63.55 23.31
C GLN IA 543 108.20 -62.24 24.08
N GLN IA 544 107.17 -61.89 24.85
CA GLN IA 544 107.19 -60.72 25.71
C GLN IA 544 107.46 -61.10 27.16
N GLY IA 545 107.88 -62.32 27.42
CA GLY IA 545 108.19 -62.75 28.77
C GLY IA 545 106.99 -63.00 29.64
N VAL IA 546 105.82 -63.28 29.04
CA VAL IA 546 104.60 -63.55 29.78
C VAL IA 546 104.17 -64.97 29.48
N ILE IA 547 103.87 -65.73 30.52
CA ILE IA 547 103.46 -67.13 30.41
C ILE IA 547 101.96 -67.19 30.68
N ILE IA 548 101.20 -67.67 29.70
CA ILE IA 548 99.76 -67.77 29.84
C ILE IA 548 99.31 -69.22 29.75
N VAL JA 30 24.88 -88.65 37.91
CA VAL JA 30 24.21 -88.16 36.72
C VAL JA 30 23.05 -87.26 37.09
N ASN JA 31 22.33 -87.64 38.14
CA ASN JA 31 21.23 -86.82 38.62
C ASN JA 31 21.74 -85.47 39.10
N ARG JA 32 22.90 -85.45 39.76
CA ARG JA 32 23.51 -84.19 40.16
C ARG JA 32 23.97 -83.39 38.96
N LEU JA 33 24.47 -84.08 37.92
CA LEU JA 33 24.91 -83.38 36.72
C LEU JA 33 23.77 -82.64 36.05
N CYS JA 34 22.59 -83.27 36.00
CA CYS JA 34 21.46 -82.62 35.35
C CYS JA 34 21.01 -81.38 36.11
N ARG JA 35 21.06 -81.41 37.43
CA ARG JA 35 20.71 -80.23 38.21
C ARG JA 35 21.70 -79.10 37.95
N MET JA 36 23.00 -79.42 37.94
CA MET JA 36 24.00 -78.39 37.69
C MET JA 36 23.85 -77.79 36.30
N ARG JA 37 23.58 -78.64 35.29
CA ARG JA 37 23.47 -78.16 33.92
C ARG JA 37 22.22 -77.32 33.73
N ASN JA 38 21.12 -77.69 34.39
CA ASN JA 38 19.90 -76.90 34.27
C ASN JA 38 20.05 -75.54 34.92
N ASP JA 39 20.78 -75.47 36.04
CA ASP JA 39 21.06 -74.18 36.64
C ASP JA 39 21.93 -73.31 35.74
N ALA JA 40 22.95 -73.91 35.14
CA ALA JA 40 23.82 -73.15 34.23
C ALA JA 40 23.07 -72.73 32.98
N LYS JA 41 22.07 -73.51 32.56
CA LYS JA 41 21.28 -73.13 31.40
C LYS JA 41 20.36 -71.96 31.72
N SER JA 42 19.84 -71.90 32.95
CA SER JA 42 18.98 -70.78 33.33
C SER JA 42 19.75 -69.48 33.31
N ASP JA 43 21.01 -69.49 33.72
CA ASP JA 43 21.82 -68.28 33.67
C ASP JA 43 22.02 -67.83 32.22
N LEU JA 44 22.28 -68.77 31.32
CA LEU JA 44 22.45 -68.41 29.91
C LEU JA 44 21.18 -67.81 29.33
N ASP JA 45 20.03 -68.37 29.68
CA ASP JA 45 18.77 -67.83 29.19
C ASP JA 45 18.53 -66.41 29.69
N MET JA 46 19.00 -66.09 30.90
CA MET JA 46 18.87 -64.73 31.39
C MET JA 46 19.76 -63.76 30.63
N TRP JA 47 20.89 -64.23 30.11
CA TRP JA 47 21.83 -63.38 29.39
C TRP JA 47 21.49 -63.23 27.92
N ARG JA 48 20.60 -64.04 27.37
CA ARG JA 48 20.43 -64.10 25.91
C ARG JA 48 19.97 -62.77 25.35
N SER JA 49 19.05 -62.09 26.03
CA SER JA 49 18.47 -60.88 25.48
C SER JA 49 19.51 -59.78 25.32
N ILE JA 50 20.28 -59.51 26.36
CA ILE JA 50 21.24 -58.41 26.29
C ILE JA 50 22.43 -58.78 25.40
N LEU JA 51 22.85 -60.05 25.40
CA LEU JA 51 24.02 -60.42 24.61
C LEU JA 51 23.70 -60.46 23.13
N GLN JA 52 22.50 -60.95 22.78
CA GLN JA 52 22.12 -60.91 21.37
C GLN JA 52 22.01 -59.48 20.87
N THR JA 53 21.49 -58.58 21.69
CA THR JA 53 21.43 -57.17 21.32
C THR JA 53 22.83 -56.59 21.18
N ALA JA 54 23.70 -56.87 22.15
CA ALA JA 54 25.05 -56.30 22.12
C ALA JA 54 25.85 -56.81 20.93
N TYR JA 55 25.76 -58.11 20.65
CA TYR JA 55 26.44 -58.66 19.48
C TYR JA 55 25.87 -58.10 18.19
N HIS JA 56 24.58 -57.77 18.17
CA HIS JA 56 23.96 -57.27 16.96
C HIS JA 56 24.59 -55.94 16.54
N TYR JA 57 24.81 -55.03 17.49
CA TYR JA 57 25.35 -53.73 17.14
C TYR JA 57 26.86 -53.74 16.97
N ALA JA 58 27.55 -54.74 17.52
CA ALA JA 58 29.01 -54.79 17.48
C ALA JA 58 29.54 -55.73 16.40
N MET JA 59 29.00 -56.95 16.31
CA MET JA 59 29.40 -57.93 15.31
C MET JA 59 28.16 -58.56 14.68
N PRO JA 60 27.41 -57.80 13.89
CA PRO JA 60 26.12 -58.30 13.39
C PRO JA 60 26.23 -59.60 12.61
N ASP JA 61 27.29 -59.79 11.83
CA ASP JA 61 27.41 -60.98 11.00
C ASP JA 61 27.93 -62.20 11.75
N TYR JA 62 28.49 -62.02 12.94
CA TYR JA 62 29.09 -63.12 13.69
C TYR JA 62 28.44 -63.24 15.06
N ASN JA 63 27.12 -63.12 15.09
CA ASN JA 63 26.37 -63.14 16.33
C ASN JA 63 26.01 -64.59 16.66
N PRO JA 64 26.63 -65.19 17.69
CA PRO JA 64 26.32 -66.60 17.98
C PRO JA 64 24.98 -66.80 18.66
N PHE JA 65 24.35 -65.74 19.16
CA PHE JA 65 23.08 -65.84 19.86
C PHE JA 65 21.88 -65.77 18.92
N GLU JA 66 22.12 -65.56 17.63
CA GLU JA 66 21.02 -65.48 16.68
C GLU JA 66 20.32 -66.82 16.54
N ASN JA 67 19.03 -66.77 16.23
CA ASN JA 67 18.19 -67.97 16.11
C ASN JA 67 18.24 -68.82 17.37
N TYR JA 68 18.15 -68.16 18.53
CA TYR JA 68 18.16 -68.83 19.83
C TYR JA 68 19.37 -69.74 20.00
N GLY JA 69 20.54 -69.24 19.60
CA GLY JA 69 21.79 -69.92 19.80
C GLY JA 69 22.19 -70.86 18.69
N LEU JA 70 21.26 -71.26 17.82
CA LEU JA 70 21.60 -72.19 16.76
C LEU JA 70 22.42 -71.52 15.68
N ALA JA 71 22.22 -70.21 15.45
CA ALA JA 71 23.00 -69.41 14.50
C ALA JA 71 22.84 -70.05 13.12
N GLY JA 72 23.92 -70.52 12.49
CA GLY JA 72 23.85 -71.08 11.16
C GLY JA 72 23.65 -72.58 11.09
N PHE JA 73 23.46 -73.25 12.22
CA PHE JA 73 23.27 -74.70 12.18
C PHE JA 73 21.98 -75.08 11.46
N LEU JA 74 20.91 -74.30 11.65
CA LEU JA 74 19.64 -74.60 11.01
C LEU JA 74 19.58 -74.03 9.60
N THR JA 75 19.74 -72.72 9.46
CA THR JA 75 19.62 -72.05 8.16
C THR JA 75 20.89 -71.26 7.86
N PRO JA 76 21.80 -71.81 7.06
CA PRO JA 76 22.98 -71.03 6.67
C PRO JA 76 22.62 -69.95 5.67
N GLY JA 77 23.51 -68.96 5.56
CA GLY JA 77 23.37 -67.93 4.56
C GLY JA 77 22.30 -66.90 4.82
N GLN JA 78 21.87 -66.74 6.06
CA GLN JA 78 20.88 -65.72 6.37
C GLN JA 78 21.52 -64.33 6.39
N GLN JA 79 20.69 -63.32 6.20
CA GLN JA 79 21.12 -61.93 6.28
C GLN JA 79 20.92 -61.43 7.71
N TYR JA 80 21.94 -60.75 8.24
CA TYR JA 80 21.89 -60.26 9.62
C TYR JA 80 22.15 -58.78 9.78
N ASN JA 81 22.85 -58.13 8.84
CA ASN JA 81 23.34 -56.78 9.04
C ASN JA 81 22.61 -55.75 8.19
N ALA JA 82 21.44 -56.07 7.67
CA ALA JA 82 20.74 -55.15 6.78
C ALA JA 82 20.25 -53.92 7.53
N ASP JA 83 19.99 -54.03 8.83
CA ASP JA 83 19.48 -52.93 9.63
C ASP JA 83 20.56 -52.25 10.46
N ILE JA 84 21.83 -52.50 10.16
CA ILE JA 84 22.94 -51.83 10.83
C ILE JA 84 23.39 -50.72 9.88
N TYR JA 85 22.80 -49.53 10.04
CA TYR JA 85 23.10 -48.42 9.16
C TYR JA 85 24.44 -47.76 9.49
N ASP JA 86 24.81 -47.74 10.77
CA ASP JA 86 26.04 -47.09 11.21
C ASP JA 86 27.05 -48.15 11.62
N LEU JA 87 28.25 -48.04 11.07
CA LEU JA 87 29.30 -49.03 11.31
C LEU JA 87 30.36 -48.53 12.28
N THR JA 88 30.08 -47.48 13.04
CA THR JA 88 31.07 -46.95 13.97
C THR JA 88 31.46 -47.98 15.02
N LEU JA 89 30.47 -48.58 15.69
CA LEU JA 89 30.80 -49.59 16.69
C LEU JA 89 31.44 -50.83 16.08
N PRO JA 90 30.90 -51.43 15.01
CA PRO JA 90 31.58 -52.61 14.45
C PRO JA 90 33.01 -52.37 14.02
N ILE JA 91 33.31 -51.20 13.45
CA ILE JA 91 34.68 -50.90 13.06
C ILE JA 91 35.58 -50.74 14.27
N ALA JA 92 35.13 -49.97 15.26
CA ALA JA 92 35.95 -49.74 16.45
C ALA JA 92 36.12 -51.01 17.26
N HIS JA 93 35.09 -51.86 17.29
CA HIS JA 93 35.17 -53.11 18.02
C HIS JA 93 36.21 -54.04 17.40
N LYS JA 94 36.17 -54.20 16.08
CA LYS JA 94 37.11 -55.09 15.41
C LYS JA 94 38.54 -54.56 15.50
N ARG JA 95 38.72 -53.25 15.39
CA ARG JA 95 40.06 -52.68 15.46
C ARG JA 95 40.65 -52.80 16.86
N LEU JA 96 39.83 -52.63 17.89
CA LEU JA 96 40.33 -52.77 19.25
C LEU JA 96 40.73 -54.21 19.56
N ALA JA 97 39.92 -55.18 19.13
CA ALA JA 97 40.28 -56.58 19.34
C ALA JA 97 41.56 -56.93 18.60
N ASP JA 98 41.70 -56.45 17.36
CA ASP JA 98 42.93 -56.68 16.61
C ASP JA 98 44.12 -56.02 17.29
N LYS JA 99 43.93 -54.82 17.83
CA LYS JA 99 45.01 -54.11 18.51
C LYS JA 99 45.42 -54.83 19.78
N MET JA 100 44.47 -55.39 20.51
CA MET JA 100 44.80 -56.16 21.71
C MET JA 100 45.58 -57.41 21.37
N LEU JA 101 45.24 -58.05 20.24
CA LEU JA 101 45.95 -59.27 19.84
C LEU JA 101 47.42 -58.99 19.57
N MET JA 102 47.71 -57.90 18.85
CA MET JA 102 49.09 -57.61 18.46
C MET JA 102 49.92 -57.09 19.62
N ASN JA 103 49.28 -56.59 20.68
CA ASN JA 103 50.01 -56.08 21.82
C ASN JA 103 50.15 -57.07 22.96
N MET JA 104 49.33 -58.11 23.00
CA MET JA 104 49.42 -59.13 24.03
C MET JA 104 50.21 -60.36 23.58
N VAL JA 105 49.92 -60.86 22.38
CA VAL JA 105 50.62 -62.02 21.84
C VAL JA 105 51.08 -61.68 20.43
N PRO JA 106 52.08 -60.81 20.26
CA PRO JA 106 52.51 -60.44 18.91
C PRO JA 106 53.07 -61.65 18.16
N GLN JA 107 52.38 -62.02 17.08
CA GLN JA 107 52.71 -63.22 16.34
C GLN JA 107 54.09 -63.09 15.72
N GLY JA 108 54.84 -64.20 15.72
CA GLY JA 108 56.20 -64.17 15.24
C GLY JA 108 57.19 -63.55 16.19
N GLN JA 109 56.82 -63.35 17.44
CA GLN JA 109 57.73 -62.87 18.47
C GLN JA 109 57.63 -63.79 19.67
N GLN JA 110 58.60 -63.66 20.57
CA GLN JA 110 58.66 -64.51 21.76
C GLN JA 110 58.10 -63.70 22.94
N TRP JA 111 56.78 -63.73 23.07
CA TRP JA 111 56.09 -62.88 24.03
C TRP JA 111 56.01 -63.49 25.42
N VAL JA 112 56.55 -64.69 25.62
CA VAL JA 112 56.64 -65.28 26.95
C VAL JA 112 57.89 -66.14 27.00
N LYS JA 113 58.51 -66.21 28.18
CA LYS JA 113 59.73 -66.96 28.39
C LYS JA 113 59.56 -67.88 29.59
N PHE JA 114 60.07 -69.09 29.47
CA PHE JA 114 60.18 -69.98 30.62
C PHE JA 114 61.42 -69.63 31.41
N THR JA 115 61.29 -69.63 32.73
CA THR JA 115 62.38 -69.32 33.64
C THR JA 115 62.44 -70.38 34.73
N PRO JA 116 63.61 -70.61 35.32
CA PRO JA 116 63.69 -71.57 36.43
C PRO JA 116 62.83 -71.11 37.60
N GLY JA 117 62.24 -72.09 38.29
CA GLY JA 117 61.38 -71.82 39.42
C GLY JA 117 62.16 -71.53 40.69
N ASP JA 118 61.40 -71.37 41.77
CA ASP JA 118 62.00 -71.05 43.07
C ASP JA 118 62.88 -72.18 43.61
N GLU JA 119 62.70 -73.41 43.11
CA GLU JA 119 63.46 -74.53 43.62
C GLU JA 119 64.94 -74.48 43.23
N PHE JA 120 65.30 -73.67 42.24
CA PHE JA 120 66.68 -73.63 41.76
C PHE JA 120 67.53 -72.57 42.46
N GLY JA 121 66.98 -71.89 43.45
CA GLY JA 121 67.77 -70.95 44.22
C GLY JA 121 67.87 -69.59 43.57
N GLU JA 122 68.81 -68.81 44.08
CA GLU JA 122 68.98 -67.44 43.62
C GLU JA 122 69.56 -67.42 42.21
N PRO JA 123 69.12 -66.48 41.37
CA PRO JA 123 69.69 -66.38 40.03
C PRO JA 123 71.16 -66.02 40.06
N GLY JA 124 71.90 -66.51 39.07
CA GLY JA 124 73.30 -66.23 38.94
C GLY JA 124 74.22 -67.33 39.41
N THR JA 125 73.73 -68.25 40.24
CA THR JA 125 74.55 -69.35 40.70
C THR JA 125 74.80 -70.33 39.55
N PRO JA 126 75.88 -71.11 39.62
CA PRO JA 126 76.15 -72.08 38.55
C PRO JA 126 75.02 -73.07 38.32
N LEU JA 127 74.37 -73.53 39.40
CA LEU JA 127 73.25 -74.46 39.25
C LEU JA 127 72.07 -73.78 38.56
N TYR JA 128 71.76 -72.54 38.95
CA TYR JA 128 70.68 -71.81 38.30
C TYR JA 128 70.97 -71.57 36.83
N GLN JA 129 72.24 -71.32 36.50
CA GLN JA 129 72.59 -71.01 35.13
C GLN JA 129 72.39 -72.20 34.21
N ARG JA 130 72.54 -73.42 34.72
CA ARG JA 130 72.26 -74.60 33.90
C ARG JA 130 70.78 -74.84 33.73
N ALA JA 131 69.97 -74.54 34.74
CA ALA JA 131 68.53 -74.61 34.58
C ALA JA 131 68.03 -73.56 33.60
N LEU JA 132 68.64 -72.38 33.62
CA LEU JA 132 68.22 -71.31 32.72
C LEU JA 132 68.49 -71.67 31.26
N ASP JA 133 69.58 -72.40 31.01
CA ASP JA 133 69.84 -72.87 29.65
C ASP JA 133 68.76 -73.83 29.19
N ALA JA 134 68.31 -74.72 30.07
CA ALA JA 134 67.27 -75.67 29.71
C ALA JA 134 65.94 -74.97 29.42
N THR JA 135 65.56 -73.99 30.25
CA THR JA 135 64.29 -73.31 30.04
C THR JA 135 64.31 -72.44 28.79
N GLN JA 136 65.48 -71.92 28.42
CA GLN JA 136 65.59 -71.19 27.16
C GLN JA 136 65.41 -72.12 25.96
N ARG JA 137 65.92 -73.35 26.06
CA ARG JA 137 65.64 -74.34 25.03
C ARG JA 137 64.16 -74.71 25.00
N MET JA 138 63.53 -74.83 26.17
CA MET JA 138 62.11 -75.13 26.21
C MET JA 138 61.29 -74.03 25.58
N THR JA 139 61.66 -72.78 25.79
CA THR JA 139 60.91 -71.67 25.21
C THR JA 139 60.97 -71.71 23.69
N ASP JA 140 62.14 -71.98 23.12
CA ASP JA 140 62.26 -72.05 21.67
C ASP JA 140 61.38 -73.14 21.09
N HIS JA 141 61.41 -74.32 21.70
CA HIS JA 141 60.61 -75.44 21.22
C HIS JA 141 59.13 -75.20 21.43
N PHE JA 142 58.76 -74.54 22.53
CA PHE JA 142 57.36 -74.24 22.79
C PHE JA 142 56.77 -73.36 21.71
N PHE JA 143 57.52 -72.35 21.26
CA PHE JA 143 57.00 -71.45 20.25
C PHE JA 143 57.00 -72.05 18.86
N LYS JA 144 57.85 -73.05 18.59
CA LYS JA 144 57.76 -73.75 17.32
C LYS JA 144 56.45 -74.49 17.17
N ILE JA 145 55.98 -75.10 18.26
CA ILE JA 145 54.70 -75.79 18.24
C ILE JA 145 53.55 -74.79 18.10
N ILE JA 146 53.64 -73.67 18.83
CA ILE JA 146 52.55 -72.69 18.80
C ILE JA 146 52.48 -71.99 17.45
N ASP JA 147 53.64 -71.69 16.86
CA ASP JA 147 53.65 -70.92 15.62
C ASP JA 147 53.08 -71.69 14.43
N ARG JA 148 53.05 -73.02 14.48
CA ARG JA 148 52.49 -73.80 13.38
C ARG JA 148 51.07 -74.27 13.65
N SER JA 149 50.47 -73.85 14.76
CA SER JA 149 49.10 -74.20 15.08
C SER JA 149 48.16 -73.05 14.74
N ASN JA 150 46.89 -73.23 15.08
CA ASN JA 150 45.89 -72.18 14.90
C ASN JA 150 45.68 -71.37 16.18
N PHE JA 151 46.74 -71.18 16.94
CA PHE JA 151 46.64 -70.45 18.20
C PHE JA 151 46.17 -69.01 17.98
N TYR JA 152 46.82 -68.30 17.06
CA TYR JA 152 46.51 -66.88 16.89
C TYR JA 152 45.15 -66.69 16.25
N LEU JA 153 44.70 -67.64 15.44
CA LEU JA 153 43.34 -67.56 14.90
C LEU JA 153 42.31 -67.69 16.01
N ALA JA 154 42.53 -68.61 16.95
CA ALA JA 154 41.57 -68.82 18.02
C ALA JA 154 41.57 -67.65 19.00
N VAL JA 155 42.76 -67.14 19.35
CA VAL JA 155 42.82 -66.04 20.31
C VAL JA 155 42.18 -64.79 19.74
N GLY JA 156 42.41 -64.51 18.46
CA GLY JA 156 41.82 -63.32 17.85
C GLY JA 156 40.31 -63.33 17.88
N GLU JA 157 39.71 -64.51 17.71
CA GLU JA 157 38.25 -64.60 17.74
C GLU JA 157 37.72 -64.51 19.17
N SER JA 158 38.43 -65.09 20.13
CA SER JA 158 37.99 -64.98 21.53
C SER JA 158 38.13 -63.56 22.05
N LEU JA 159 39.11 -62.79 21.56
CA LEU JA 159 39.23 -61.41 21.98
C LEU JA 159 38.05 -60.57 21.52
N GLN JA 160 37.47 -60.90 20.37
CA GLN JA 160 36.27 -60.20 19.95
C GLN JA 160 35.09 -60.54 20.83
N ASP JA 161 35.06 -61.74 21.38
CA ASP JA 161 33.98 -62.10 22.30
C ASP JA 161 34.15 -61.44 23.66
N VAL JA 162 35.38 -61.33 24.15
CA VAL JA 162 35.61 -60.78 25.48
C VAL JA 162 35.32 -59.28 25.50
N LEU JA 163 35.44 -58.61 24.36
CA LEU JA 163 35.10 -57.20 24.31
C LEU JA 163 33.62 -56.96 24.54
N ILE JA 164 32.79 -57.98 24.40
CA ILE JA 164 31.38 -57.84 24.72
C ILE JA 164 31.08 -58.41 26.08
N SER JA 165 31.21 -59.73 26.24
CA SER JA 165 31.03 -60.31 27.56
C SER JA 165 32.19 -61.18 28.02
N THR JA 166 32.50 -62.22 27.26
CA THR JA 166 33.30 -63.33 27.76
C THR JA 166 33.90 -64.09 26.59
N GLY JA 167 35.19 -64.39 26.67
CA GLY JA 167 35.86 -65.20 25.67
C GLY JA 167 36.19 -66.57 26.25
N ILE JA 168 36.03 -67.61 25.44
CA ILE JA 168 36.33 -68.98 25.84
C ILE JA 168 37.24 -69.59 24.79
N ILE JA 169 38.32 -70.22 25.24
CA ILE JA 169 39.26 -70.91 24.37
C ILE JA 169 39.35 -72.37 24.84
N ALA JA 170 39.18 -73.30 23.91
CA ALA JA 170 39.32 -74.72 24.19
C ALA JA 170 40.66 -75.19 23.65
N ILE JA 171 41.44 -75.85 24.49
CA ILE JA 171 42.76 -76.34 24.13
C ILE JA 171 42.73 -77.85 24.23
N ASN JA 172 42.60 -78.53 23.09
CA ASN JA 172 42.35 -79.96 23.06
C ASN JA 172 43.56 -80.71 22.51
N GLU JA 173 43.62 -81.99 22.83
CA GLU JA 173 44.68 -82.85 22.33
C GLU JA 173 44.46 -83.16 20.86
N GLY JA 174 45.55 -83.28 20.12
CA GLY JA 174 45.50 -83.74 18.74
C GLY JA 174 46.32 -84.99 18.56
N ASN JA 175 46.91 -85.15 17.38
CA ASN JA 175 47.81 -86.26 17.09
C ASN JA 175 49.21 -85.69 16.84
N ARG JA 176 50.14 -86.56 16.45
CA ARG JA 176 51.52 -86.13 16.27
C ARG JA 176 51.68 -85.16 15.10
N LYS JA 177 50.70 -85.07 14.21
CA LYS JA 177 50.78 -84.09 13.13
C LYS JA 177 50.32 -82.71 13.59
N ARG JA 178 49.26 -82.65 14.40
CA ARG JA 178 48.80 -81.41 15.01
C ARG JA 178 48.60 -81.66 16.50
N PRO JA 179 49.67 -81.54 17.30
CA PRO JA 179 49.56 -81.90 18.72
C PRO JA 179 48.54 -81.10 19.51
N VAL JA 180 48.36 -79.81 19.20
CA VAL JA 180 47.48 -78.95 19.99
C VAL JA 180 46.46 -78.31 19.06
N ARG JA 181 45.19 -78.39 19.44
CA ARG JA 181 44.09 -77.78 18.70
C ARG JA 181 43.46 -76.70 19.56
N TYR JA 182 43.38 -75.49 19.02
CA TYR JA 182 42.74 -74.37 19.69
C TYR JA 182 41.42 -74.04 19.01
N GLU JA 183 40.46 -73.59 19.80
CA GLU JA 183 39.15 -73.21 19.28
C GLU JA 183 38.55 -72.14 20.15
N ALA JA 184 38.04 -71.08 19.52
CA ALA JA 184 37.26 -70.07 20.23
C ALA JA 184 35.83 -70.56 20.35
N VAL JA 185 35.44 -70.97 21.55
CA VAL JA 185 34.09 -71.51 21.75
C VAL JA 185 33.09 -70.37 21.72
N PRO JA 186 32.04 -70.45 20.92
CA PRO JA 186 31.00 -69.42 20.93
C PRO JA 186 30.36 -69.31 22.29
N PRO JA 187 30.20 -68.10 22.82
CA PRO JA 187 29.64 -67.96 24.18
C PRO JA 187 28.21 -68.44 24.31
N ALA JA 188 27.46 -68.56 23.23
CA ALA JA 188 26.09 -69.03 23.32
C ALA JA 188 25.96 -70.53 23.42
N GLN JA 189 27.06 -71.26 23.30
CA GLN JA 189 27.04 -72.72 23.35
C GLN JA 189 27.73 -73.28 24.58
N VAL JA 190 28.17 -72.43 25.51
CA VAL JA 190 28.76 -72.88 26.76
C VAL JA 190 27.94 -72.33 27.91
N MET JA 191 27.94 -73.06 29.02
CA MET JA 191 27.23 -72.67 30.22
C MET JA 191 28.17 -72.85 31.41
N PHE JA 192 28.01 -71.99 32.41
CA PHE JA 192 28.96 -71.91 33.51
C PHE JA 192 28.26 -72.05 34.84
N GLN JA 193 28.99 -72.62 35.79
CA GLN JA 193 28.71 -72.49 37.21
C GLN JA 193 29.91 -71.83 37.87
N GLY JA 194 29.66 -70.89 38.76
CA GLY JA 194 30.71 -70.11 39.39
C GLY JA 194 30.82 -70.42 40.88
N ASP JA 195 32.03 -70.28 41.41
CA ASP JA 195 32.24 -70.41 42.84
C ASP JA 195 31.93 -69.07 43.51
N ALA JA 196 32.23 -68.95 44.80
CA ALA JA 196 31.87 -67.74 45.54
C ALA JA 196 32.70 -66.54 45.15
N GLU JA 197 33.85 -66.74 44.51
CA GLU JA 197 34.73 -65.64 44.14
C GLU JA 197 34.64 -65.27 42.67
N GLY JA 198 33.66 -65.80 41.95
CA GLY JA 198 33.47 -65.46 40.56
C GLY JA 198 34.22 -66.34 39.57
N GLN JA 199 35.04 -67.27 40.03
CA GLN JA 199 35.75 -68.16 39.13
C GLN JA 199 34.83 -69.29 38.67
N VAL JA 200 35.06 -69.75 37.45
CA VAL JA 200 34.27 -70.84 36.87
C VAL JA 200 34.75 -72.16 37.46
N ASP JA 201 33.80 -72.98 37.92
CA ASP JA 201 34.13 -74.32 38.42
C ASP JA 201 33.26 -75.41 37.80
N ALA JA 202 32.55 -75.12 36.72
CA ALA JA 202 31.82 -76.14 35.97
C ALA JA 202 31.46 -75.56 34.62
N ILE JA 203 31.73 -76.32 33.55
CA ILE JA 203 31.52 -75.87 32.18
C ILE JA 203 30.72 -76.93 31.43
N PHE JA 204 29.70 -76.50 30.71
CA PHE JA 204 28.89 -77.40 29.89
C PHE JA 204 28.83 -76.85 28.47
N ARG JA 205 29.35 -77.61 27.52
CA ARG JA 205 29.38 -77.20 26.12
C ARG JA 205 28.46 -78.10 25.32
N ASP JA 206 27.56 -77.50 24.54
CA ASP JA 206 26.60 -78.23 23.75
C ASP JA 206 27.10 -78.40 22.32
N TRP JA 207 27.00 -79.63 21.81
CA TRP JA 207 27.33 -79.95 20.43
C TRP JA 207 26.06 -80.34 19.70
N TYR JA 208 25.81 -79.69 18.57
CA TYR JA 208 24.57 -79.84 17.83
C TYR JA 208 24.79 -80.74 16.62
N GLN JA 209 24.11 -81.89 16.61
CA GLN JA 209 24.03 -82.78 15.46
C GLN JA 209 25.42 -83.18 14.96
N VAL JA 210 26.12 -83.93 15.80
CA VAL JA 210 27.45 -84.45 15.47
C VAL JA 210 27.30 -85.85 14.91
N ARG JA 211 27.99 -86.11 13.80
CA ARG JA 211 27.99 -87.44 13.21
C ARG JA 211 28.78 -88.42 14.06
N ILE JA 212 28.38 -89.69 14.00
CA ILE JA 212 29.01 -90.72 14.83
C ILE JA 212 30.48 -90.87 14.46
N GLU JA 213 30.79 -90.89 13.17
CA GLU JA 213 32.18 -90.99 12.75
C GLU JA 213 33.00 -89.78 13.19
N ASN JA 214 32.34 -88.65 13.44
CA ASN JA 214 33.03 -87.46 13.91
C ASN JA 214 33.40 -87.56 15.38
N ILE JA 215 32.63 -88.31 16.17
CA ILE JA 215 32.86 -88.37 17.62
C ILE JA 215 34.23 -88.97 17.92
N LYS JA 216 34.59 -90.04 17.23
CA LYS JA 216 35.84 -90.73 17.51
C LYS JA 216 37.06 -89.86 17.22
N SER JA 217 36.95 -88.94 16.25
CA SER JA 217 38.10 -88.10 15.94
C SER JA 217 38.32 -87.02 16.99
N MET JA 218 37.23 -86.47 17.54
CA MET JA 218 37.38 -85.46 18.59
C MET JA 218 37.78 -86.08 19.92
N TRP JA 219 37.16 -87.20 20.29
CA TRP JA 219 37.44 -87.91 21.54
C TRP JA 219 37.83 -89.34 21.21
N PRO JA 220 39.13 -89.61 21.03
CA PRO JA 220 39.54 -90.94 20.54
C PRO JA 220 39.11 -92.10 21.41
N LYS JA 221 39.08 -91.95 22.74
CA LYS JA 221 38.78 -93.05 23.62
C LYS JA 221 37.31 -93.15 23.99
N ALA JA 222 36.44 -92.48 23.26
CA ALA JA 222 35.01 -92.57 23.53
C ALA JA 222 34.48 -93.94 23.14
N GLU JA 223 33.41 -94.35 23.81
CA GLU JA 223 32.78 -95.64 23.55
C GLU JA 223 31.59 -95.40 22.61
N VAL JA 224 31.90 -95.26 21.33
CA VAL JA 224 30.86 -95.02 20.34
C VAL JA 224 30.18 -96.30 19.90
N ALA JA 225 30.84 -97.45 20.06
CA ALA JA 225 30.28 -98.70 19.55
C ALA JA 225 28.99 -99.10 20.27
N LYS JA 226 28.88 -98.79 21.56
CA LYS JA 226 27.70 -99.18 22.33
C LYS JA 226 26.43 -98.46 21.89
N LEU JA 227 26.55 -97.42 21.07
CA LEU JA 227 25.37 -96.70 20.60
C LEU JA 227 24.59 -97.46 19.53
N ASN JA 228 25.25 -98.36 18.79
CA ASN JA 228 24.63 -99.12 17.71
C ASN JA 228 24.00 -98.19 16.68
N LYS JA 229 24.84 -97.38 16.04
CA LYS JA 229 24.40 -96.44 15.03
C LYS JA 229 25.36 -96.47 13.85
N LYS JA 230 24.84 -96.15 12.67
CA LYS JA 230 25.66 -96.06 11.48
C LYS JA 230 26.55 -94.82 11.56
N PRO JA 231 27.70 -94.82 10.88
CA PRO JA 231 28.61 -93.67 10.99
C PRO JA 231 28.20 -92.51 10.13
N GLU JA 232 26.89 -92.24 10.06
CA GLU JA 232 26.38 -91.02 9.45
C GLU JA 232 25.22 -90.43 10.21
N ASP JA 233 24.75 -91.04 11.29
CA ASP JA 233 23.67 -90.49 12.07
C ASP JA 233 24.17 -89.35 12.95
N LYS JA 234 23.27 -88.42 13.24
CA LYS JA 234 23.58 -87.25 14.06
C LYS JA 234 23.04 -87.42 15.46
N VAL JA 235 23.86 -87.05 16.45
CA VAL JA 235 23.47 -87.10 17.85
C VAL JA 235 23.98 -85.84 18.55
N ASP JA 236 23.16 -85.28 19.42
CA ASP JA 236 23.61 -84.17 20.24
C ASP JA 236 24.54 -84.68 21.34
N ILE JA 237 25.59 -83.92 21.62
CA ILE JA 237 26.61 -84.31 22.58
C ILE JA 237 26.76 -83.22 23.64
N TRP JA 238 26.81 -83.63 24.90
CA TRP JA 238 27.10 -82.75 26.01
C TRP JA 238 28.52 -83.01 26.50
N GLU JA 239 29.31 -81.96 26.60
CA GLU JA 239 30.69 -82.01 27.06
C GLU JA 239 30.74 -81.29 28.39
N CYS JA 240 30.77 -82.04 29.47
CA CYS JA 240 30.66 -81.50 30.82
C CYS JA 240 31.98 -81.65 31.56
N ALA JA 241 32.27 -80.68 32.42
CA ALA JA 241 33.44 -80.75 33.28
C ALA JA 241 33.17 -79.91 34.52
N TRP JA 242 33.67 -80.36 35.66
CA TRP JA 242 33.49 -79.63 36.90
C TRP JA 242 34.62 -79.96 37.86
N ILE JA 243 34.82 -79.07 38.81
CA ILE JA 243 35.85 -79.25 39.83
C ILE JA 243 35.30 -80.12 40.94
N ASP JA 244 36.01 -81.20 41.24
CA ASP JA 244 35.66 -82.07 42.37
C ASP JA 244 36.44 -81.58 43.58
N TYR JA 245 35.73 -80.94 44.52
CA TYR JA 245 36.41 -80.25 45.61
C TYR JA 245 37.07 -81.20 46.59
N GLU JA 246 36.47 -82.36 46.84
CA GLU JA 246 37.05 -83.33 47.76
C GLU JA 246 37.86 -84.39 47.02
N ALA JA 247 38.79 -83.95 46.18
CA ALA JA 247 39.60 -84.85 45.37
C ALA JA 247 41.03 -84.34 45.33
N PRO JA 248 42.01 -85.22 45.14
CA PRO JA 248 43.40 -84.77 45.05
C PRO JA 248 43.63 -83.93 43.79
N GLU JA 249 44.85 -83.38 43.71
CA GLU JA 249 45.18 -82.45 42.64
C GLU JA 249 45.10 -83.10 41.27
N LYS JA 250 45.56 -84.34 41.15
CA LYS JA 250 45.59 -85.01 39.85
C LYS JA 250 44.22 -85.51 39.41
N GLU JA 251 43.22 -85.50 40.30
CA GLU JA 251 41.86 -85.88 39.94
C GLU JA 251 40.90 -84.71 40.08
N ARG JA 252 41.41 -83.49 40.13
CA ARG JA 252 40.60 -82.35 40.54
C ARG JA 252 39.50 -82.05 39.52
N TYR JA 253 39.78 -82.23 38.24
CA TYR JA 253 38.85 -81.84 37.19
C TYR JA 253 38.18 -83.07 36.60
N GLN JA 254 36.90 -83.25 36.89
CA GLN JA 254 36.11 -84.31 36.29
C GLN JA 254 35.70 -83.92 34.89
N TYR JA 255 35.71 -84.90 33.98
CA TYR JA 255 35.45 -84.63 32.57
C TYR JA 255 34.58 -85.75 32.01
N VAL JA 256 33.39 -85.40 31.53
CA VAL JA 256 32.42 -86.37 31.05
C VAL JA 256 31.91 -85.94 29.68
N VAL JA 257 31.84 -86.88 28.75
CA VAL JA 257 31.22 -86.68 27.45
C VAL JA 257 30.06 -87.66 27.34
N MET JA 258 28.90 -87.15 26.94
CA MET JA 258 27.70 -87.97 26.89
C MET JA 258 26.75 -87.42 25.84
N THR JA 259 25.77 -88.23 25.46
CA THR JA 259 24.76 -87.78 24.50
C THR JA 259 23.62 -87.08 25.22
N SER JA 260 22.78 -86.41 24.43
CA SER JA 260 21.65 -85.68 25.01
C SER JA 260 20.61 -86.60 25.62
N SER JA 261 20.63 -87.89 25.31
CA SER JA 261 19.74 -88.85 25.93
C SER JA 261 20.38 -89.58 27.10
N LYS JA 262 21.40 -88.98 27.71
CA LYS JA 262 22.03 -89.49 28.92
C LYS JA 262 22.69 -90.85 28.67
N ASP JA 263 23.57 -90.88 27.68
CA ASP JA 263 24.38 -92.05 27.36
C ASP JA 263 25.84 -91.67 27.48
N VAL JA 264 26.50 -92.14 28.52
CA VAL JA 264 27.86 -91.71 28.83
C VAL JA 264 28.83 -92.39 27.89
N LEU JA 265 29.64 -91.58 27.20
CA LEU JA 265 30.63 -92.07 26.25
C LEU JA 265 32.06 -91.98 26.76
N LEU JA 266 32.33 -91.15 27.76
CA LEU JA 266 33.69 -90.99 28.25
C LEU JA 266 33.65 -90.39 29.65
N GLU JA 267 34.48 -90.93 30.54
CA GLU JA 267 34.66 -90.40 31.89
C GLU JA 267 36.14 -90.34 32.21
N GLN JA 268 36.59 -89.19 32.71
CA GLN JA 268 37.98 -88.99 33.07
C GLN JA 268 38.07 -88.12 34.31
N SER JA 269 39.28 -87.99 34.83
CA SER JA 269 39.55 -87.09 35.94
C SER JA 269 41.02 -86.71 35.87
N ASN JA 270 41.29 -85.50 35.38
CA ASN JA 270 42.64 -85.02 35.13
C ASN JA 270 42.95 -83.85 36.05
N SER JA 271 44.14 -83.29 35.86
CA SER JA 271 44.57 -82.11 36.60
C SER JA 271 44.23 -80.81 35.89
N SER JA 272 43.55 -80.87 34.75
CA SER JA 272 43.11 -79.68 34.04
C SER JA 272 41.96 -80.04 33.12
N TRP JA 273 41.23 -79.02 32.69
CA TRP JA 273 40.16 -79.16 31.71
C TRP JA 273 40.50 -78.32 30.48
N PRO JA 274 39.86 -78.60 29.34
CA PRO JA 274 40.28 -77.95 28.09
C PRO JA 274 40.17 -76.43 28.08
N TRP JA 275 39.22 -75.84 28.79
CA TRP JA 275 38.82 -74.47 28.52
C TRP JA 275 39.54 -73.45 29.39
N VAL JA 276 39.66 -72.24 28.85
CA VAL JA 276 40.10 -71.06 29.58
C VAL JA 276 39.08 -69.97 29.32
N VAL JA 277 38.62 -69.32 30.38
CA VAL JA 277 37.53 -68.33 30.31
C VAL JA 277 38.10 -66.95 30.61
N TYR JA 278 37.77 -65.98 29.76
CA TYR JA 278 38.28 -64.61 29.84
C TYR JA 278 37.17 -63.65 30.24
N ARG JA 279 37.50 -62.70 31.11
CA ARG JA 279 36.64 -61.57 31.40
C ARG JA 279 37.52 -60.32 31.53
N MET JA 280 37.08 -59.23 30.89
CA MET JA 280 37.79 -57.97 31.06
C MET JA 280 37.35 -57.27 32.34
N ARG JA 281 36.04 -57.15 32.56
CA ARG JA 281 35.48 -56.65 33.79
C ARG JA 281 34.30 -57.52 34.16
N ARG JA 282 33.89 -57.45 35.42
CA ARG JA 282 32.86 -58.34 35.92
C ARG JA 282 32.03 -57.62 36.98
N LEU JA 283 30.71 -57.64 36.81
CA LEU JA 283 29.81 -57.20 37.86
C LEU JA 283 29.71 -58.29 38.92
N THR JA 284 29.71 -57.88 40.18
CA THR JA 284 29.70 -58.86 41.27
C THR JA 284 28.42 -59.69 41.23
N GLY JA 285 28.58 -60.99 41.45
CA GLY JA 285 27.47 -61.92 41.38
C GLY JA 285 27.25 -62.53 40.02
N GLU JA 286 27.95 -62.07 38.99
CA GLU JA 286 27.82 -62.60 37.64
C GLU JA 286 29.11 -63.33 37.25
N ILE JA 287 28.97 -64.43 36.53
CA ILE JA 287 30.13 -65.17 36.04
C ILE JA 287 30.61 -64.63 34.70
N ARG JA 288 29.69 -64.36 33.78
CA ARG JA 288 30.05 -63.73 32.53
C ARG JA 288 30.41 -62.26 32.77
N GLY JA 289 31.36 -61.76 31.98
CA GLY JA 289 31.85 -60.41 32.14
C GLY JA 289 31.02 -59.39 31.40
N ARG JA 290 31.47 -58.14 31.49
CA ARG JA 290 30.91 -57.03 30.72
C ARG JA 290 32.05 -56.20 30.18
N GLY JA 291 32.16 -56.15 28.85
CA GLY JA 291 33.24 -55.45 28.21
C GLY JA 291 32.84 -54.10 27.66
N PRO JA 292 33.81 -53.34 27.15
CA PRO JA 292 33.50 -51.99 26.67
C PRO JA 292 32.50 -51.94 25.53
N SER JA 293 32.50 -52.94 24.65
CA SER JA 293 31.52 -52.94 23.56
C SER JA 293 30.09 -53.10 24.09
N LEU JA 294 29.94 -53.77 25.24
CA LEU JA 294 28.62 -53.83 25.85
C LEU JA 294 28.21 -52.47 26.39
N SER JA 295 29.17 -51.68 26.89
CA SER JA 295 28.87 -50.35 27.38
C SER JA 295 28.50 -49.39 26.26
N ALA JA 296 28.82 -49.72 25.02
CA ALA JA 296 28.64 -48.80 23.90
C ALA JA 296 27.36 -49.02 23.11
N TYR JA 297 26.69 -50.15 23.29
CA TYR JA 297 25.61 -50.45 22.35
C TYR JA 297 24.38 -49.57 22.52
N PRO JA 298 24.02 -49.09 23.72
CA PRO JA 298 22.91 -48.12 23.75
C PRO JA 298 23.18 -46.86 22.93
N THR JA 299 24.43 -46.41 22.91
CA THR JA 299 24.79 -45.29 22.04
C THR JA 299 24.66 -45.68 20.57
N ALA JA 300 25.09 -46.89 20.22
CA ALA JA 300 24.96 -47.35 18.85
C ALA JA 300 23.50 -47.46 18.45
N ALA JA 301 22.63 -47.86 19.38
CA ALA JA 301 21.22 -47.98 19.07
C ALA JA 301 20.61 -46.62 18.69
N THR JA 302 20.99 -45.56 19.41
CA THR JA 302 20.50 -44.23 19.07
C THR JA 302 21.01 -43.79 17.70
N ILE JA 303 22.29 -44.01 17.42
CA ILE JA 303 22.87 -43.60 16.14
C ILE JA 303 22.19 -44.32 14.99
N ASN JA 304 21.98 -45.63 15.13
CA ASN JA 304 21.33 -46.38 14.08
C ASN JA 304 19.91 -45.90 13.84
N GLN JA 305 19.18 -45.58 14.91
CA GLN JA 305 17.82 -45.06 14.75
C GLN JA 305 17.85 -43.69 14.07
N ALA JA 306 18.83 -42.86 14.41
CA ALA JA 306 18.95 -41.55 13.77
C ALA JA 306 19.24 -41.69 12.28
N LEU JA 307 20.13 -42.60 11.91
CA LEU JA 307 20.48 -42.76 10.50
C LEU JA 307 19.33 -43.36 9.70
N GLU JA 308 18.57 -44.27 10.31
CA GLU JA 308 17.43 -44.84 9.60
C GLU JA 308 16.40 -43.76 9.28
N ASP JA 309 16.19 -42.81 10.20
CA ASP JA 309 15.30 -41.69 9.93
C ASP JA 309 15.83 -40.81 8.82
N GLU JA 310 17.14 -40.58 8.77
CA GLU JA 310 17.71 -39.79 7.68
C GLU JA 310 17.50 -40.46 6.33
N LEU JA 311 17.65 -41.79 6.28
CA LEU JA 311 17.40 -42.50 5.04
C LEU JA 311 15.95 -42.38 4.60
N VAL JA 312 15.02 -42.51 5.55
CA VAL JA 312 13.60 -42.34 5.23
C VAL JA 312 13.32 -40.93 4.75
N ALA JA 313 13.88 -39.94 5.43
CA ALA JA 313 13.64 -38.55 5.08
C ALA JA 313 14.23 -38.21 3.71
N ALA JA 314 15.42 -38.72 3.40
CA ALA JA 314 16.11 -38.33 2.18
C ALA JA 314 15.33 -38.71 0.94
N ALA JA 315 14.55 -39.79 0.99
CA ALA JA 315 13.85 -40.25 -0.20
C ALA JA 315 12.81 -39.25 -0.68
N PHE JA 316 12.25 -38.43 0.20
CA PHE JA 316 11.27 -37.44 -0.21
C PHE JA 316 11.65 -36.02 0.15
N GLN JA 317 12.85 -35.79 0.69
CA GLN JA 317 13.36 -34.45 0.91
C GLN JA 317 14.53 -34.11 0.00
N ALA JA 318 15.42 -35.07 -0.24
CA ALA JA 318 16.51 -34.84 -1.18
C ALA JA 318 16.03 -34.93 -2.62
N ASN JA 319 15.14 -35.86 -2.92
CA ASN JA 319 14.65 -36.00 -4.28
C ASN JA 319 13.70 -34.87 -4.65
N PRO JA 320 13.68 -34.46 -5.91
CA PRO JA 320 12.69 -33.47 -6.35
C PRO JA 320 11.30 -34.09 -6.47
N MET JA 321 10.38 -33.67 -5.61
CA MET JA 321 9.02 -34.17 -5.67
C MET JA 321 8.07 -33.00 -5.65
N TYR JA 322 6.81 -33.26 -6.00
CA TYR JA 322 5.82 -32.21 -6.12
C TYR JA 322 4.54 -32.63 -5.42
N MET JA 323 3.81 -31.62 -4.95
CA MET JA 323 2.48 -31.79 -4.41
C MET JA 323 1.48 -31.18 -5.37
N ALA JA 324 0.37 -31.88 -5.58
CA ALA JA 324 -0.69 -31.37 -6.43
C ALA JA 324 -1.99 -32.05 -6.02
N ALA JA 325 -3.09 -31.59 -6.61
CA ALA JA 325 -4.36 -32.26 -6.40
C ALA JA 325 -4.32 -33.69 -6.91
N SER JA 326 -3.64 -33.92 -8.04
CA SER JA 326 -3.60 -35.23 -8.65
C SER JA 326 -2.26 -35.42 -9.34
N ASP JA 327 -1.82 -36.67 -9.42
CA ASP JA 327 -0.61 -36.99 -10.16
C ASP JA 327 -0.82 -36.91 -11.67
N SER JA 328 -2.03 -36.61 -12.12
CA SER JA 328 -2.30 -36.37 -13.53
C SER JA 328 -1.95 -34.94 -13.95
N ALA JA 329 -1.19 -34.21 -13.13
CA ALA JA 329 -0.79 -32.86 -13.49
C ALA JA 329 0.09 -32.86 -14.73
N PHE JA 330 0.92 -33.88 -14.91
CA PHE JA 330 1.57 -34.11 -16.19
C PHE JA 330 1.60 -35.60 -16.49
N ASN JA 331 1.79 -35.90 -17.77
CA ASN JA 331 1.79 -37.27 -18.26
C ASN JA 331 3.17 -37.88 -18.03
N GLN JA 332 3.25 -38.83 -17.09
CA GLN JA 332 4.52 -39.47 -16.79
C GLN JA 332 5.02 -40.32 -17.94
N GLN JA 333 4.11 -40.84 -18.77
CA GLN JA 333 4.52 -41.70 -19.87
C GLN JA 333 5.14 -40.94 -21.02
N THR JA 334 4.76 -39.69 -21.23
CA THR JA 334 5.33 -38.88 -22.31
C THR JA 334 6.27 -37.79 -21.79
N PHE JA 335 6.54 -37.76 -20.49
CA PHE JA 335 7.46 -36.78 -19.93
C PHE JA 335 8.83 -36.87 -20.60
N THR JA 336 9.34 -35.75 -21.08
CA THR JA 336 10.56 -35.72 -21.88
C THR JA 336 11.62 -34.88 -21.18
N PRO JA 337 12.53 -35.49 -20.44
CA PRO JA 337 13.59 -34.74 -19.73
C PRO JA 337 14.85 -34.49 -20.55
N ARG JA 338 14.79 -33.50 -21.43
CA ARG JA 338 15.92 -33.09 -22.24
C ARG JA 338 16.06 -31.57 -22.18
N PRO JA 339 17.26 -31.04 -22.38
CA PRO JA 339 17.43 -29.58 -22.33
C PRO JA 339 16.60 -28.90 -23.41
N GLY JA 340 15.94 -27.82 -23.01
CA GLY JA 340 15.07 -27.08 -23.90
C GLY JA 340 13.66 -27.62 -24.02
N SER JA 341 13.35 -28.73 -23.37
CA SER JA 341 12.04 -29.35 -23.53
C SER JA 341 10.96 -28.58 -22.78
N ILE JA 342 9.79 -28.49 -23.39
CA ILE JA 342 8.59 -27.96 -22.74
C ILE JA 342 7.75 -29.15 -22.31
N VAL JA 343 7.42 -29.21 -21.03
CA VAL JA 343 6.55 -30.25 -20.48
C VAL JA 343 5.16 -29.66 -20.30
N PRO JA 344 4.13 -30.22 -20.93
CA PRO JA 344 2.76 -29.77 -20.65
C PRO JA 344 2.39 -30.09 -19.21
N VAL JA 345 2.02 -29.07 -18.46
CA VAL JA 345 1.69 -29.23 -17.04
C VAL JA 345 0.40 -28.47 -16.77
N GLN JA 346 -0.52 -29.12 -16.05
CA GLN JA 346 -1.68 -28.42 -15.50
C GLN JA 346 -1.18 -27.66 -14.28
N MET JA 347 -0.81 -26.40 -14.49
CA MET JA 347 -0.13 -25.64 -13.46
C MET JA 347 -1.03 -25.31 -12.27
N VAL JA 348 -2.34 -25.32 -12.45
CA VAL JA 348 -3.30 -25.18 -11.36
C VAL JA 348 -4.41 -26.20 -11.58
N GLN JA 349 -4.76 -26.94 -10.53
CA GLN JA 349 -5.87 -27.89 -10.59
C GLN JA 349 -6.87 -27.52 -9.51
N GLY JA 350 -8.04 -27.06 -9.91
CA GLY JA 350 -9.00 -26.56 -8.95
C GLY JA 350 -8.46 -25.32 -8.26
N GLU JA 351 -8.35 -25.39 -6.94
CA GLU JA 351 -7.82 -24.30 -6.15
C GLU JA 351 -6.32 -24.39 -5.94
N TRP JA 352 -5.73 -25.58 -6.12
CA TRP JA 352 -4.38 -25.84 -5.65
C TRP JA 352 -3.41 -25.85 -6.82
N PRO JA 353 -2.39 -24.99 -6.81
CA PRO JA 353 -1.33 -25.10 -7.82
C PRO JA 353 -0.36 -26.22 -7.46
N ILE JA 354 0.38 -26.66 -8.48
CA ILE JA 354 1.43 -27.65 -8.26
C ILE JA 354 2.68 -26.93 -7.78
N LYS JA 355 3.30 -27.45 -6.72
CA LYS JA 355 4.42 -26.81 -6.06
C LYS JA 355 5.41 -27.88 -5.63
N PRO JA 356 6.65 -27.50 -5.34
CA PRO JA 356 7.60 -28.46 -4.79
C PRO JA 356 7.09 -29.03 -3.48
N PHE JA 357 7.41 -30.30 -3.24
CA PHE JA 357 7.06 -30.90 -1.96
C PHE JA 357 7.73 -30.12 -0.84
N GLU JA 358 6.95 -29.78 0.18
CA GLU JA 358 7.40 -28.80 1.17
C GLU JA 358 8.56 -29.35 1.99
N GLN JA 359 9.63 -28.56 2.10
CA GLN JA 359 10.77 -28.94 2.91
C GLN JA 359 10.46 -28.77 4.38
N SER JA 360 10.94 -29.70 5.19
CA SER JA 360 10.67 -29.68 6.62
C SER JA 360 11.84 -30.33 7.34
N GLY JA 361 11.99 -29.97 8.61
CA GLY JA 361 13.01 -30.59 9.43
C GLY JA 361 14.26 -29.74 9.55
N ASN JA 362 15.22 -30.30 10.28
CA ASN JA 362 16.43 -29.60 10.70
C ASN JA 362 17.64 -30.52 10.50
N ILE JA 363 17.90 -30.92 9.26
CA ILE JA 363 18.98 -31.83 8.88
C ILE JA 363 20.25 -31.63 9.70
N GLN JA 364 20.63 -30.38 9.94
CA GLN JA 364 21.85 -30.10 10.70
C GLN JA 364 21.76 -30.58 12.14
N PHE JA 365 20.57 -30.51 12.75
CA PHE JA 365 20.38 -31.00 14.11
C PHE JA 365 20.68 -32.50 14.19
N ASN JA 366 20.17 -33.28 13.23
CA ASN JA 366 20.40 -34.72 13.27
C ASN JA 366 21.88 -35.05 13.10
N ALA JA 367 22.56 -34.35 12.19
CA ALA JA 367 24.00 -34.55 12.02
C ALA JA 367 24.79 -33.61 12.92
N LEU JA 368 24.38 -33.55 14.18
CA LEU JA 368 25.15 -32.92 15.23
C LEU JA 368 25.14 -33.87 16.42
N LEU JA 369 24.03 -34.58 16.58
CA LEU JA 369 23.95 -35.65 17.56
C LEU JA 369 24.68 -36.89 17.10
N VAL JA 370 24.57 -37.23 15.81
CA VAL JA 370 25.21 -38.42 15.29
C VAL JA 370 26.73 -38.32 15.42
N ASN JA 371 27.28 -37.17 15.05
CA ASN JA 371 28.73 -36.99 15.17
C ASN JA 371 29.16 -36.99 16.63
N ASP JA 372 28.36 -36.40 17.52
CA ASP JA 372 28.71 -36.37 18.93
C ASP JA 372 28.71 -37.77 19.54
N PHE JA 373 27.71 -38.58 19.20
CA PHE JA 373 27.64 -39.94 19.75
C PHE JA 373 28.68 -40.86 19.12
N ARG JA 374 29.04 -40.62 17.86
CA ARG JA 374 30.08 -41.42 17.23
C ARG JA 374 31.42 -41.26 17.94
N GLN JA 375 31.75 -40.02 18.34
CA GLN JA 375 33.03 -39.80 18.97
C GLN JA 375 33.08 -40.40 20.38
N GLN JA 376 31.94 -40.45 21.07
CA GLN JA 376 31.90 -41.12 22.36
C GLN JA 376 32.20 -42.61 22.23
N ILE JA 377 31.66 -43.24 21.20
CA ILE JA 377 31.97 -44.64 20.94
C ILE JA 377 33.45 -44.82 20.64
N ASN JA 378 34.01 -43.93 19.82
CA ASN JA 378 35.42 -44.03 19.48
C ASN JA 378 36.31 -43.85 20.71
N GLU JA 379 35.99 -42.89 21.58
CA GLU JA 379 36.78 -42.71 22.79
C GLU JA 379 36.63 -43.90 23.73
N LEU JA 380 35.45 -44.50 23.79
CA LEU JA 380 35.23 -45.62 24.68
C LEU JA 380 36.03 -46.85 24.26
N LEU JA 381 36.32 -46.98 22.97
CA LEU JA 381 37.02 -48.13 22.43
C LEU JA 381 38.42 -47.79 21.91
N TYR JA 382 38.95 -46.64 22.31
CA TYR JA 382 40.33 -46.26 21.98
C TYR JA 382 40.58 -46.26 20.47
N ALA JA 383 39.62 -45.74 19.72
CA ALA JA 383 39.69 -45.74 18.27
C ALA JA 383 39.60 -44.33 17.72
N PHE JA 384 40.29 -44.10 16.61
CA PHE JA 384 40.26 -42.86 15.85
C PHE JA 384 40.45 -41.63 16.74
N PRO JA 385 41.64 -41.42 17.30
CA PRO JA 385 41.84 -40.23 18.13
C PRO JA 385 41.58 -38.92 17.41
N LEU JA 386 41.97 -38.83 16.13
CA LEU JA 386 41.79 -37.59 15.36
C LEU JA 386 40.50 -37.63 14.55
N GLY JA 387 39.39 -37.98 15.20
CA GLY JA 387 38.10 -38.02 14.54
C GLY JA 387 38.04 -38.82 13.26
N ALA JA 388 37.13 -38.46 12.36
CA ALA JA 388 36.95 -39.15 11.09
C ALA JA 388 37.81 -38.47 10.02
N VAL JA 389 37.58 -38.83 8.76
CA VAL JA 389 38.33 -38.24 7.65
C VAL JA 389 37.96 -36.77 7.48
N ASN JA 390 36.66 -36.46 7.51
CA ASN JA 390 36.20 -35.08 7.36
C ASN JA 390 36.19 -34.43 8.75
N SER JA 391 37.37 -34.08 9.22
CA SER JA 391 37.59 -33.52 10.55
C SER JA 391 38.48 -32.31 10.45
N PRO JA 392 38.47 -31.43 11.46
CA PRO JA 392 39.39 -30.28 11.46
C PRO JA 392 40.85 -30.70 11.50
N THR JA 393 41.75 -29.72 11.44
CA THR JA 393 43.17 -29.98 11.32
C THR JA 393 43.94 -29.19 12.38
N ARG JA 394 44.90 -29.86 13.03
CA ARG JA 394 45.78 -29.23 13.99
C ARG JA 394 47.21 -29.66 13.71
N THR JA 395 48.16 -28.85 14.16
CA THR JA 395 49.56 -29.11 13.87
C THR JA 395 50.07 -30.29 14.70
N ALA JA 396 51.36 -30.58 14.56
CA ALA JA 396 51.98 -31.65 15.32
C ALA JA 396 51.90 -31.41 16.82
N THR JA 397 51.71 -30.16 17.24
CA THR JA 397 51.62 -29.86 18.67
C THR JA 397 50.40 -30.52 19.29
N GLU JA 398 49.25 -30.43 18.61
CA GLU JA 398 48.02 -30.99 19.14
C GLU JA 398 47.77 -32.41 18.66
N ALA JA 399 48.19 -32.73 17.42
CA ALA JA 399 48.01 -34.09 16.91
C ALA JA 399 48.82 -35.10 17.72
N GLU JA 400 50.07 -34.76 18.05
CA GLU JA 400 50.90 -35.69 18.81
C GLU JA 400 50.34 -35.92 20.21
N ILE JA 401 49.90 -34.86 20.88
CA ILE JA 401 49.37 -35.00 22.23
C ILE JA 401 48.06 -35.77 22.21
N ARG JA 402 47.19 -35.47 21.26
CA ARG JA 402 45.93 -36.20 21.14
C ARG JA 402 46.17 -37.67 20.85
N TYR JA 403 47.15 -37.97 20.01
CA TYR JA 403 47.48 -39.36 19.70
C TYR JA 403 48.07 -40.06 20.92
N THR JA 404 48.95 -39.38 21.66
CA THR JA 404 49.55 -40.01 22.84
C THR JA 404 48.57 -40.14 23.99
N GLU JA 405 47.53 -39.30 24.04
CA GLU JA 405 46.50 -39.47 25.05
C GLU JA 405 45.78 -40.79 24.86
N ASN JA 406 45.43 -41.12 23.62
CA ASN JA 406 44.74 -42.38 23.34
C ASN JA 406 45.67 -43.57 23.49
N LEU JA 407 46.93 -43.41 23.08
CA LEU JA 407 47.89 -44.51 23.19
C LEU JA 407 48.16 -44.87 24.64
N GLU JA 408 48.33 -43.87 25.51
CA GLU JA 408 48.63 -44.12 26.91
C GLU JA 408 47.45 -44.78 27.62
N SER JA 409 46.24 -44.34 27.33
CA SER JA 409 45.06 -44.93 27.96
C SER JA 409 44.89 -46.38 27.55
N PHE JA 410 45.12 -46.69 26.26
CA PHE JA 410 45.05 -48.08 25.81
C PHE JA 410 46.11 -48.94 26.49
N SER JA 411 47.33 -48.43 26.58
CA SER JA 411 48.43 -49.20 27.14
C SER JA 411 48.31 -49.41 28.64
N ALA JA 412 47.37 -48.75 29.29
CA ALA JA 412 47.12 -48.94 30.71
C ALA JA 412 46.12 -50.04 30.98
N MET JA 413 45.14 -50.22 30.10
CA MET JA 413 44.09 -51.22 30.32
C MET JA 413 44.61 -52.63 30.09
N VAL JA 414 45.38 -52.83 29.03
CA VAL JA 414 45.75 -54.15 28.52
C VAL JA 414 46.60 -54.98 29.48
N PRO JA 415 47.73 -54.48 30.00
CA PRO JA 415 48.70 -55.38 30.65
C PRO JA 415 48.14 -56.18 31.82
N ARG JA 416 47.15 -55.65 32.56
CA ARG JA 416 46.61 -56.37 33.69
C ARG JA 416 45.88 -57.65 33.28
N LEU JA 417 45.55 -57.81 32.01
CA LEU JA 417 44.84 -58.98 31.53
C LEU JA 417 45.77 -60.09 31.04
N GLN JA 418 47.09 -59.87 31.08
CA GLN JA 418 48.02 -60.88 30.60
C GLN JA 418 47.95 -62.15 31.43
N ASN JA 419 48.03 -62.03 32.74
CA ASN JA 419 48.04 -63.22 33.61
C ASN JA 419 46.68 -63.91 33.59
N GLU JA 420 45.59 -63.13 33.59
CA GLU JA 420 44.26 -63.71 33.59
C GLU JA 420 44.00 -64.52 32.32
N PHE JA 421 44.45 -64.02 31.18
CA PHE JA 421 44.13 -64.68 29.91
C PHE JA 421 45.09 -65.81 29.60
N PHE JA 422 46.40 -65.53 29.65
CA PHE JA 422 47.34 -66.37 28.92
C PHE JA 422 48.19 -67.30 29.77
N ILE JA 423 48.32 -67.06 31.07
CA ILE JA 423 48.99 -68.05 31.93
C ILE JA 423 48.22 -69.37 31.96
N PRO JA 424 46.89 -69.40 32.15
CA PRO JA 424 46.19 -70.68 32.03
C PRO JA 424 46.31 -71.31 30.65
N VAL JA 425 46.41 -70.51 29.60
CA VAL JA 425 46.57 -71.06 28.25
C VAL JA 425 47.91 -71.76 28.11
N ILE JA 426 48.98 -71.14 28.62
CA ILE JA 426 50.31 -71.76 28.54
C ILE JA 426 50.35 -73.04 29.35
N GLN JA 427 49.75 -73.03 30.54
CA GLN JA 427 49.76 -74.22 31.38
C GLN JA 427 49.02 -75.38 30.72
N ARG JA 428 47.87 -75.10 30.12
CA ARG JA 428 47.11 -76.15 29.45
C ARG JA 428 47.79 -76.62 28.19
N THR JA 429 48.49 -75.73 27.49
CA THR JA 429 49.24 -76.14 26.30
C THR JA 429 50.33 -77.14 26.65
N LEU JA 430 51.06 -76.89 27.74
CA LEU JA 430 52.10 -77.83 28.15
C LEU JA 430 51.51 -79.15 28.58
N TRP JA 431 50.33 -79.13 29.21
CA TRP JA 431 49.66 -80.36 29.58
C TRP JA 431 49.30 -81.19 28.35
N VAL JA 432 48.81 -80.54 27.29
CA VAL JA 432 48.47 -81.25 26.07
C VAL JA 432 49.73 -81.80 25.40
N ILE JA 433 50.80 -81.01 25.37
CA ILE JA 433 52.05 -81.46 24.77
C ILE JA 433 52.57 -82.71 25.46
N ASN JA 434 52.48 -82.76 26.78
CA ASN JA 434 52.92 -83.93 27.51
C ASN JA 434 52.06 -85.15 27.18
N LYS JA 435 50.75 -84.95 27.04
CA LYS JA 435 49.84 -86.06 26.76
C LYS JA 435 50.04 -86.62 25.35
N VAL JA 436 50.21 -85.75 24.36
CA VAL JA 436 50.32 -86.18 22.97
C VAL JA 436 51.74 -86.63 22.63
N LEU JA 437 52.74 -86.01 23.24
CA LEU JA 437 54.15 -86.34 23.01
C LEU JA 437 54.78 -86.70 24.35
N PRO JA 438 54.50 -87.89 24.87
CA PRO JA 438 54.98 -88.24 26.22
C PRO JA 438 56.48 -88.28 26.35
N GLU JA 439 57.22 -88.39 25.24
CA GLU JA 439 58.68 -88.44 25.32
C GLU JA 439 59.29 -87.09 25.63
N THR JA 440 58.54 -85.99 25.47
CA THR JA 440 59.11 -84.68 25.77
C THR JA 440 59.39 -84.51 27.25
N PHE JA 441 58.62 -85.15 28.10
CA PHE JA 441 58.82 -85.12 29.55
C PHE JA 441 59.22 -86.49 30.07
N ALA JA 442 60.00 -87.23 29.27
CA ALA JA 442 60.45 -88.56 29.63
C ALA JA 442 61.69 -88.50 30.52
N ASN JA 443 61.95 -89.60 31.22
CA ASN JA 443 63.08 -89.72 32.14
C ASN JA 443 63.03 -88.64 33.22
N ILE JA 444 61.82 -88.35 33.70
CA ILE JA 444 61.60 -87.35 34.74
C ILE JA 444 60.73 -87.98 35.83
N PRO JA 445 61.10 -87.84 37.10
CA PRO JA 445 60.25 -88.38 38.17
C PRO JA 445 58.85 -87.77 38.10
N ASP JA 446 57.85 -88.59 38.41
CA ASP JA 446 56.47 -88.17 38.23
C ASP JA 446 56.13 -86.97 39.11
N ASP JA 447 56.71 -86.91 40.32
CA ASP JA 447 56.43 -85.81 41.23
C ASP JA 447 56.87 -84.48 40.63
N ILE JA 448 58.10 -84.42 40.08
CA ILE JA 448 58.58 -83.16 39.52
C ILE JA 448 58.00 -82.92 38.15
N ARG JA 449 57.60 -83.99 37.44
CA ARG JA 449 56.97 -83.82 36.13
C ARG JA 449 55.66 -83.06 36.24
N ASN JA 450 54.85 -83.40 37.26
CA ASN JA 450 53.58 -82.70 37.45
C ASN JA 450 53.81 -81.27 37.88
N LYS JA 451 54.80 -81.02 38.73
CA LYS JA 451 55.12 -79.65 39.14
C LYS JA 451 55.69 -78.85 37.99
N MET JA 452 56.29 -79.53 37.01
CA MET JA 452 56.86 -78.84 35.86
C MET JA 452 55.77 -78.50 34.83
N ILE JA 453 54.85 -79.43 34.61
CA ILE JA 453 53.75 -79.19 33.67
C ILE JA 453 52.88 -78.05 34.17
N SER JA 454 52.58 -78.05 35.46
CA SER JA 454 51.93 -76.90 36.08
C SER JA 454 52.95 -75.78 36.23
N VAL JA 455 52.85 -74.76 35.40
CA VAL JA 455 53.86 -73.69 35.38
C VAL JA 455 53.43 -72.71 36.48
N ASP JA 456 53.81 -73.04 37.71
CA ASP JA 456 53.35 -72.33 38.89
C ASP JA 456 54.46 -71.59 39.62
N GLY JA 457 55.67 -71.58 39.08
CA GLY JA 457 56.77 -70.91 39.72
C GLY JA 457 57.58 -71.76 40.68
N GLN JA 458 57.17 -73.01 40.94
CA GLN JA 458 57.96 -73.88 41.80
C GLN JA 458 59.17 -74.43 41.04
N ILE JA 459 58.93 -75.18 39.97
CA ILE JA 459 60.00 -75.68 39.12
C ILE JA 459 60.15 -74.84 37.86
N LEU JA 460 59.02 -74.40 37.29
CA LEU JA 460 59.02 -73.64 36.05
C LEU JA 460 58.17 -72.39 36.24
N GLY JA 461 58.71 -71.25 35.85
CA GLY JA 461 58.01 -69.98 35.91
C GLY JA 461 57.83 -69.37 34.54
N LEU JA 462 57.12 -68.26 34.50
CA LEU JA 462 56.84 -67.54 33.27
C LEU JA 462 57.26 -66.09 33.40
N SER JA 463 57.48 -65.45 32.26
CA SER JA 463 57.84 -64.03 32.22
C SER JA 463 57.43 -63.49 30.87
N PHE JA 464 56.58 -62.46 30.87
CA PHE JA 464 56.03 -61.92 29.64
C PHE JA 464 56.89 -60.78 29.10
N ASP JA 465 56.95 -60.69 27.77
CA ASP JA 465 57.73 -59.67 27.07
C ASP JA 465 56.86 -59.15 25.93
N THR JA 466 56.12 -58.08 26.19
CA THR JA 466 55.16 -57.50 25.27
C THR JA 466 55.53 -56.07 24.94
N PRO JA 467 54.98 -55.50 23.86
CA PRO JA 467 55.27 -54.09 23.54
C PRO JA 467 54.85 -53.11 24.63
N LEU JA 468 54.14 -53.55 25.66
CA LEU JA 468 53.70 -52.66 26.74
C LEU JA 468 54.63 -52.73 27.95
N MET JA 469 55.07 -53.92 28.34
CA MET JA 469 56.06 -54.10 29.39
C MET JA 469 57.40 -54.43 28.72
N THR JA 470 58.29 -53.43 28.66
CA THR JA 470 59.47 -53.57 27.81
C THR JA 470 60.42 -54.68 28.24
N ALA JA 471 61.17 -54.49 29.34
CA ALA JA 471 62.06 -55.58 29.77
C ALA JA 471 62.17 -55.79 31.28
N LYS JA 472 62.07 -54.73 32.10
CA LYS JA 472 62.35 -54.77 33.54
C LYS JA 472 63.82 -55.07 33.83
N GLY JA 473 64.60 -55.38 32.81
CA GLY JA 473 66.01 -55.66 32.99
C GLY JA 473 66.85 -54.53 32.48
N GLN JA 474 66.32 -53.79 31.51
CA GLN JA 474 66.99 -52.59 31.03
C GLN JA 474 67.13 -51.56 32.13
N VAL JA 475 66.20 -51.54 33.10
CA VAL JA 475 66.31 -50.62 34.22
C VAL JA 475 67.51 -50.97 35.09
N LYS JA 476 67.71 -52.26 35.35
CA LYS JA 476 68.87 -52.70 36.13
C LYS JA 476 70.17 -52.36 35.42
N THR JA 477 70.23 -52.59 34.11
CA THR JA 477 71.43 -52.29 33.36
C THR JA 477 71.70 -50.79 33.29
N ALA JA 478 70.65 -49.99 33.09
CA ALA JA 478 70.82 -48.54 33.03
C ALA JA 478 71.34 -47.99 34.34
N ALA JA 479 70.85 -48.51 35.47
CA ALA JA 479 71.37 -48.09 36.76
C ALA JA 479 72.83 -48.47 36.92
N LEU JA 480 73.20 -49.67 36.45
CA LEU JA 480 74.59 -50.09 36.50
C LEU JA 480 75.49 -49.22 35.63
N LEU JA 481 75.03 -48.89 34.43
CA LEU JA 481 75.82 -48.03 33.55
C LEU JA 481 75.92 -46.62 34.09
N GLY JA 482 74.84 -46.12 34.70
CA GLY JA 482 74.89 -44.79 35.30
C GLY JA 482 75.84 -44.72 36.48
N PHE JA 483 75.91 -45.79 37.27
CA PHE JA 483 76.86 -45.84 38.38
C PHE JA 483 78.29 -45.81 37.86
N TYR JA 484 78.58 -46.52 36.79
CA TYR JA 484 79.94 -46.58 36.28
C TYR JA 484 80.38 -45.24 35.72
N GLN JA 485 79.48 -44.52 35.03
CA GLN JA 485 79.83 -43.21 34.51
C GLN JA 485 80.20 -42.25 35.62
N ALA JA 486 79.45 -42.27 36.71
CA ALA JA 486 79.77 -41.43 37.86
C ALA JA 486 81.10 -41.84 38.49
N ALA JA 487 81.32 -43.15 38.64
CA ALA JA 487 82.56 -43.62 39.25
C ALA JA 487 83.77 -43.29 38.39
N ALA JA 488 83.64 -43.45 37.07
CA ALA JA 488 84.75 -43.14 36.17
C ALA JA 488 84.97 -41.65 36.02
N SER JA 489 83.98 -40.82 36.36
CA SER JA 489 84.21 -39.38 36.36
C SER JA 489 85.03 -38.96 37.56
N LEU JA 490 84.77 -39.56 38.73
CA LEU JA 490 85.45 -39.14 39.94
C LEU JA 490 86.81 -39.81 40.09
N LEU JA 491 86.92 -41.07 39.68
CA LEU JA 491 88.13 -41.84 39.88
C LEU JA 491 88.84 -42.24 38.60
N GLY JA 492 88.21 -42.06 37.44
CA GLY JA 492 88.79 -42.45 36.19
C GLY JA 492 88.57 -43.91 35.91
N PRO JA 493 88.78 -44.33 34.66
CA PRO JA 493 88.81 -45.75 34.35
C PRO JA 493 90.04 -46.40 35.00
N GLU JA 494 90.03 -47.73 34.99
CA GLU JA 494 91.05 -48.58 35.61
C GLU JA 494 90.92 -48.54 37.13
N ALA JA 495 90.09 -47.63 37.63
CA ALA JA 495 89.73 -47.58 39.04
C ALA JA 495 88.26 -47.89 39.28
N ALA JA 496 87.38 -47.35 38.44
CA ALA JA 496 85.98 -47.77 38.46
C ALA JA 496 85.85 -49.22 38.02
N THR JA 497 86.60 -49.63 37.00
CA THR JA 497 86.58 -51.03 36.56
C THR JA 497 87.17 -51.95 37.63
N ALA JA 498 88.23 -51.50 38.29
CA ALA JA 498 88.84 -52.34 39.33
C ALA JA 498 87.90 -52.58 40.50
N SER JA 499 87.01 -51.63 40.78
CA SER JA 499 86.07 -51.76 41.89
C SER JA 499 84.78 -52.44 41.44
N LEU JA 500 84.92 -53.57 40.75
CA LEU JA 500 83.79 -54.28 40.20
C LEU JA 500 84.05 -55.77 40.35
N ASP JA 501 82.98 -56.54 40.50
CA ASP JA 501 83.10 -57.98 40.47
C ASP JA 501 82.80 -58.45 39.06
N PRO JA 502 83.82 -58.61 38.21
CA PRO JA 502 83.55 -58.82 36.77
C PRO JA 502 82.74 -60.07 36.48
N VAL JA 503 82.95 -61.15 37.22
CA VAL JA 503 82.17 -62.35 36.99
C VAL JA 503 80.70 -62.10 37.30
N GLU JA 504 80.41 -61.44 38.41
CA GLU JA 504 79.02 -61.11 38.75
C GLU JA 504 78.44 -60.14 37.73
N VAL JA 505 79.23 -59.17 37.29
CA VAL JA 505 78.73 -58.17 36.34
C VAL JA 505 78.34 -58.84 35.02
N LEU JA 506 79.19 -59.74 34.52
CA LEU JA 506 78.89 -60.42 33.27
C LEU JA 506 77.63 -61.27 33.38
N THR JA 507 77.51 -62.03 34.46
CA THR JA 507 76.35 -62.89 34.63
C THR JA 507 75.07 -62.07 34.79
N ASN JA 508 75.12 -60.97 35.55
CA ASN JA 508 73.92 -60.18 35.76
C ASN JA 508 73.55 -59.40 34.51
N LEU JA 509 74.54 -58.95 33.74
CA LEU JA 509 74.23 -58.28 32.48
C LEU JA 509 73.55 -59.23 31.50
N ALA JA 510 74.00 -60.48 31.46
CA ALA JA 510 73.36 -61.45 30.59
C ALA JA 510 71.91 -61.70 31.00
N ASP JA 511 71.67 -61.83 32.30
CA ASP JA 511 70.30 -62.03 32.78
C ASP JA 511 69.43 -60.81 32.51
N ASN JA 512 69.98 -59.61 32.73
CA ASN JA 512 69.18 -58.40 32.55
C ASN JA 512 68.77 -58.22 31.09
N GLN JA 513 69.67 -58.51 30.16
CA GLN JA 513 69.35 -58.39 28.74
C GLN JA 513 68.52 -59.55 28.21
N GLY JA 514 68.29 -60.57 29.01
CA GLY JA 514 67.55 -61.72 28.53
C GLY JA 514 68.28 -62.46 27.42
N ILE JA 515 69.59 -62.57 27.54
CA ILE JA 515 70.42 -63.13 26.49
C ILE JA 515 70.49 -64.64 26.65
N ASP JA 516 70.85 -65.31 25.56
CA ASP JA 516 71.00 -66.75 25.59
C ASP JA 516 72.23 -67.12 26.42
N VAL JA 517 72.05 -68.07 27.34
CA VAL JA 517 73.13 -68.42 28.27
C VAL JA 517 74.31 -69.03 27.53
N ARG JA 518 74.04 -69.82 26.48
CA ARG JA 518 75.12 -70.48 25.75
C ARG JA 518 76.07 -69.51 25.07
N ASN JA 519 75.64 -68.27 24.83
CA ASN JA 519 76.50 -67.30 24.17
C ASN JA 519 77.63 -66.80 25.04
N ILE JA 520 77.62 -67.10 26.34
CA ILE JA 520 78.62 -66.60 27.27
C ILE JA 520 79.23 -67.79 28.00
N LYS JA 521 80.48 -67.63 28.42
CA LYS JA 521 81.16 -68.67 29.17
C LYS JA 521 80.55 -68.83 30.55
N THR JA 522 80.71 -70.02 31.12
CA THR JA 522 80.17 -70.32 32.43
C THR JA 522 80.93 -69.56 33.51
N ARG JA 523 80.38 -69.59 34.73
CA ARG JA 523 81.02 -68.88 35.84
C ARG JA 523 82.41 -69.44 36.13
N GLU JA 524 82.55 -70.76 36.11
CA GLU JA 524 83.85 -71.36 36.38
C GLU JA 524 84.85 -71.00 35.29
N GLU JA 525 84.41 -70.95 34.03
CA GLU JA 525 85.30 -70.54 32.95
C GLU JA 525 85.68 -69.06 33.09
N LEU JA 526 84.73 -68.22 33.48
CA LEU JA 526 85.04 -66.80 33.67
C LEU JA 526 86.00 -66.59 34.82
N GLU JA 527 85.82 -67.32 35.91
CA GLU JA 527 86.73 -67.20 37.05
C GLU JA 527 88.14 -67.65 36.67
N GLN JA 528 88.26 -68.73 35.91
CA GLN JA 528 89.57 -69.16 35.44
C GLN JA 528 90.21 -68.11 34.54
N LEU JA 529 89.40 -67.48 33.67
CA LEU JA 529 89.92 -66.43 32.82
C LEU JA 529 90.38 -65.23 33.64
N LEU JA 530 89.60 -64.84 34.65
CA LEU JA 530 89.98 -63.71 35.50
C LEU JA 530 91.24 -64.02 36.28
N GLN JA 531 91.37 -65.23 36.80
CA GLN JA 531 92.56 -65.62 37.55
C GLN JA 531 93.79 -65.61 36.65
N ALA JA 532 93.64 -66.02 35.40
CA ALA JA 532 94.75 -65.94 34.44
C ALA JA 532 95.12 -64.50 34.14
N ALA JA 533 94.12 -63.62 34.01
CA ALA JA 533 94.40 -62.22 33.75
C ALA JA 533 95.12 -61.56 34.92
N GLY JA 534 94.92 -62.07 36.14
CA GLY JA 534 95.70 -61.58 37.26
C GLY JA 534 97.16 -61.95 37.16
N GLN JA 535 97.44 -63.18 36.73
CA GLN JA 535 98.82 -63.63 36.57
C GLN JA 535 99.54 -62.87 35.47
N ILE JA 536 98.83 -62.50 34.40
CA ILE JA 536 99.43 -61.69 33.36
C ILE JA 536 99.85 -60.33 33.91
N ALA JA 537 98.99 -59.73 34.73
CA ALA JA 537 99.30 -58.42 35.29
C ALA JA 537 100.51 -58.49 36.21
N GLN JA 538 100.62 -59.56 36.99
CA GLN JA 538 101.77 -59.70 37.90
C GLN JA 538 103.08 -59.78 37.11
N GLN JA 539 103.10 -60.57 36.05
CA GLN JA 539 104.33 -60.73 35.27
C GLN JA 539 104.68 -59.44 34.53
N GLU JA 540 103.68 -58.77 33.95
CA GLU JA 540 103.97 -57.53 33.23
C GLU JA 540 104.42 -56.43 34.17
N ALA JA 541 103.85 -56.38 35.38
CA ALA JA 541 104.30 -55.42 36.37
C ALA JA 541 105.68 -55.78 36.89
N ALA JA 542 105.98 -57.07 37.02
CA ALA JA 542 107.29 -57.50 37.50
C ALA JA 542 108.39 -57.14 36.51
N GLN JA 543 108.07 -57.08 35.22
CA GLN JA 543 109.05 -56.68 34.22
C GLN JA 543 109.35 -55.19 34.26
N GLN JA 544 108.54 -54.40 34.94
CA GLN JA 544 108.80 -52.97 35.11
C GLN JA 544 109.33 -52.63 36.49
N GLY JA 545 109.70 -53.64 37.28
CA GLY JA 545 110.21 -53.41 38.61
C GLY JA 545 109.15 -53.17 39.67
N VAL JA 546 107.88 -53.45 39.37
CA VAL JA 546 106.79 -53.28 40.31
C VAL JA 546 106.32 -54.66 40.76
N ILE JA 547 106.14 -54.83 42.07
CA ILE JA 547 105.68 -56.08 42.65
C ILE JA 547 104.26 -55.89 43.14
N ILE JA 548 103.34 -56.74 42.68
CA ILE JA 548 101.96 -56.69 43.13
C ILE JA 548 101.68 -57.86 44.06
N MET KA 1 -10.16 -32.76 -54.53
CA MET KA 1 -10.10 -31.32 -54.76
C MET KA 1 -9.57 -30.59 -53.54
N ILE KA 2 -9.36 -29.30 -53.68
CA ILE KA 2 -8.86 -28.45 -52.60
C ILE KA 2 -10.04 -27.89 -51.83
N GLU KA 3 -9.96 -27.96 -50.50
CA GLU KA 3 -10.99 -27.37 -49.66
C GLU KA 3 -10.89 -25.86 -49.72
N LEU KA 4 -12.02 -25.20 -49.92
CA LEU KA 4 -12.06 -23.75 -49.90
C LEU KA 4 -12.13 -23.25 -48.46
N THR KA 5 -11.36 -22.20 -48.18
CA THR KA 5 -11.36 -21.64 -46.84
C THR KA 5 -12.68 -20.96 -46.53
N SER KA 6 -13.08 -21.05 -45.26
CA SER KA 6 -14.22 -20.30 -44.76
C SER KA 6 -13.84 -18.99 -44.11
N ALA KA 7 -12.54 -18.73 -43.93
CA ALA KA 7 -12.07 -17.46 -43.42
C ALA KA 7 -12.31 -16.35 -44.45
N PRO KA 8 -12.33 -15.09 -44.03
CA PRO KA 8 -12.59 -14.01 -44.97
C PRO KA 8 -11.57 -13.99 -46.11
N THR KA 9 -12.05 -13.65 -47.30
CA THR KA 9 -11.21 -13.58 -48.49
C THR KA 9 -11.27 -12.23 -49.19
N THR KA 10 -12.12 -11.31 -48.74
CA THR KA 10 -12.23 -10.00 -49.36
C THR KA 10 -12.26 -8.94 -48.28
N LYS KA 11 -11.94 -7.70 -48.68
CA LYS KA 11 -11.97 -6.61 -47.72
C LYS KA 11 -13.39 -6.30 -47.26
N ILE KA 12 -14.39 -6.61 -48.07
CA ILE KA 12 -15.77 -6.40 -47.64
C ILE KA 12 -16.14 -7.36 -46.52
N GLU KA 13 -15.64 -8.58 -46.57
CA GLU KA 13 -15.91 -9.53 -45.49
C GLU KA 13 -15.19 -9.15 -44.21
N ILE KA 14 -14.00 -8.55 -44.31
CA ILE KA 14 -13.32 -8.03 -43.13
C ILE KA 14 -14.15 -6.90 -42.53
N ILE KA 15 -14.62 -6.00 -43.37
CA ILE KA 15 -15.36 -4.83 -42.89
C ILE KA 15 -16.68 -5.27 -42.24
N SER KA 16 -17.40 -6.17 -42.90
CA SER KA 16 -18.69 -6.59 -42.37
C SER KA 16 -18.55 -7.36 -41.06
N ALA KA 17 -17.45 -8.11 -40.91
CA ALA KA 17 -17.19 -8.76 -39.62
C ALA KA 17 -16.93 -7.74 -38.53
N ALA KA 18 -16.17 -6.68 -38.85
CA ALA KA 18 -15.92 -5.63 -37.87
C ALA KA 18 -17.21 -4.91 -37.49
N ILE KA 19 -18.11 -4.72 -38.44
CA ILE KA 19 -19.39 -4.08 -38.15
C ILE KA 19 -20.26 -4.98 -37.27
N SER KA 20 -20.23 -6.29 -37.52
CA SER KA 20 -20.99 -7.20 -36.67
C SER KA 20 -20.40 -7.29 -35.28
N MET KA 21 -19.09 -7.11 -35.14
CA MET KA 21 -18.48 -7.17 -33.82
C MET KA 21 -19.02 -6.08 -32.91
N VAL KA 22 -19.23 -4.87 -33.45
CA VAL KA 22 -19.79 -3.79 -32.65
C VAL KA 22 -21.31 -3.82 -32.59
N GLY KA 23 -21.95 -4.81 -33.20
CA GLY KA 23 -23.33 -5.12 -32.90
C GLY KA 23 -24.32 -5.08 -34.05
N LYS KA 24 -23.95 -4.59 -35.24
CA LYS KA 24 -24.92 -4.40 -36.31
C LYS KA 24 -24.90 -5.55 -37.29
N GLN KA 25 -26.08 -5.97 -37.72
CA GLN KA 25 -26.18 -6.94 -38.82
C GLN KA 25 -25.69 -6.30 -40.10
N GLN KA 26 -25.04 -7.10 -40.95
CA GLN KA 26 -24.48 -6.56 -42.18
C GLN KA 26 -24.22 -7.69 -43.15
N THR KA 27 -24.76 -7.60 -44.35
CA THR KA 27 -24.43 -8.52 -45.42
C THR KA 27 -23.50 -7.82 -46.41
N VAL KA 28 -22.74 -8.63 -47.16
CA VAL KA 28 -21.78 -8.05 -48.10
C VAL KA 28 -22.49 -7.32 -49.23
N ASN KA 29 -23.65 -7.80 -49.66
CA ASN KA 29 -24.30 -7.23 -50.83
C ASN KA 29 -25.09 -5.96 -50.52
N THR KA 30 -25.26 -5.60 -49.24
CA THR KA 30 -25.90 -4.34 -48.88
C THR KA 30 -24.94 -3.45 -48.09
N ILE KA 31 -23.63 -3.60 -48.33
CA ILE KA 31 -22.65 -2.77 -47.63
C ILE KA 31 -22.76 -1.31 -48.03
N ASP KA 32 -23.22 -1.04 -49.26
CA ASP KA 32 -23.34 0.35 -49.71
C ASP KA 32 -24.40 1.12 -48.96
N GLY KA 33 -25.36 0.44 -48.35
CA GLY KA 33 -26.38 1.12 -47.56
C GLY KA 33 -26.21 0.90 -46.08
N GLY KA 34 -24.98 0.72 -45.63
CA GLY KA 34 -24.71 0.39 -44.24
C GLY KA 34 -24.70 1.54 -43.27
N GLY KA 35 -24.98 2.75 -43.71
CA GLY KA 35 -25.10 3.87 -42.77
C GLY KA 35 -23.75 4.34 -42.26
N ALA KA 36 -23.78 4.91 -41.05
CA ALA KA 36 -22.58 5.52 -40.49
C ALA KA 36 -21.47 4.50 -40.24
N LEU KA 37 -21.85 3.29 -39.81
CA LEU KA 37 -20.84 2.27 -39.57
C LEU KA 37 -20.11 1.91 -40.85
N ALA KA 38 -20.83 1.76 -41.95
CA ALA KA 38 -20.19 1.44 -43.22
C ALA KA 38 -19.37 2.62 -43.75
N ILE KA 39 -19.83 3.85 -43.52
CA ILE KA 39 -19.07 5.02 -43.96
C ILE KA 39 -17.70 5.03 -43.30
N ASP KA 40 -17.67 4.87 -41.98
CA ASP KA 40 -16.41 4.96 -41.25
C ASP KA 40 -15.54 3.74 -41.51
N ALA KA 41 -16.14 2.56 -41.56
CA ALA KA 41 -15.35 1.36 -41.78
C ALA KA 41 -14.63 1.40 -43.13
N GLU KA 42 -15.31 1.87 -44.17
CA GLU KA 42 -14.67 2.00 -45.48
C GLU KA 42 -13.57 3.05 -45.45
N LYS KA 43 -13.82 4.19 -44.81
CA LYS KA 43 -12.83 5.26 -44.77
C LYS KA 43 -11.58 4.83 -44.01
N LEU KA 44 -11.76 4.16 -42.88
CA LEU KA 44 -10.64 3.83 -42.01
C LEU KA 44 -9.93 2.55 -42.37
N TYR KA 45 -10.53 1.70 -43.21
CA TYR KA 45 -9.94 0.39 -43.51
C TYR KA 45 -8.58 0.55 -44.19
N ASP KA 46 -8.52 1.36 -45.25
CA ASP KA 46 -7.28 1.49 -46.01
C ASP KA 46 -6.17 2.09 -45.16
N THR KA 47 -6.49 3.09 -44.34
CA THR KA 47 -5.48 3.70 -43.49
C THR KA 47 -4.96 2.74 -42.45
N LEU KA 48 -5.84 1.97 -41.81
CA LEU KA 48 -5.42 1.03 -40.78
C LEU KA 48 -4.54 -0.07 -41.37
N VAL KA 49 -5.00 -0.69 -42.46
CA VAL KA 49 -4.28 -1.83 -43.02
C VAL KA 49 -2.90 -1.40 -43.52
N SER KA 50 -2.84 -0.29 -44.23
CA SER KA 50 -1.56 0.20 -44.74
C SER KA 50 -0.60 0.52 -43.61
N ALA KA 51 -1.10 1.12 -42.54
CA ALA KA 51 -0.26 1.43 -41.39
C ALA KA 51 0.25 0.16 -40.70
N GLU KA 52 -0.60 -0.87 -40.62
CA GLU KA 52 -0.20 -2.10 -39.95
C GLU KA 52 0.85 -2.85 -40.76
N LEU KA 53 0.62 -3.02 -42.06
CA LEU KA 53 1.58 -3.70 -42.91
C LEU KA 53 2.82 -2.85 -43.16
N GLY KA 54 2.73 -1.55 -42.96
CA GLY KA 54 3.85 -0.65 -43.13
C GLY KA 54 4.67 -0.39 -41.89
N SER KA 55 4.39 -1.09 -40.79
CA SER KA 55 5.06 -0.83 -39.52
C SER KA 55 5.76 -2.05 -38.95
N ASN KA 56 5.66 -3.20 -39.60
CA ASN KA 56 6.20 -4.43 -39.05
C ASN KA 56 6.53 -5.36 -40.20
N ARG KA 57 7.54 -6.19 -40.01
CA ARG KA 57 7.90 -7.16 -41.03
C ARG KA 57 6.96 -8.36 -40.91
N TRP KA 58 5.90 -8.35 -41.70
CA TRP KA 58 5.03 -9.52 -41.84
C TRP KA 58 5.52 -10.32 -43.04
N ARG KA 59 5.74 -11.63 -42.83
CA ARG KA 59 6.30 -12.46 -43.89
C ARG KA 59 5.41 -12.49 -45.11
N PHE KA 60 4.09 -12.62 -44.91
CA PHE KA 60 3.18 -12.70 -46.04
C PHE KA 60 3.12 -11.42 -46.85
N ALA KA 61 3.57 -10.30 -46.28
CA ALA KA 61 3.52 -9.02 -46.97
C ALA KA 61 4.86 -8.61 -47.56
N GLN KA 62 5.83 -9.51 -47.62
CA GLN KA 62 7.15 -9.17 -48.13
C GLN KA 62 7.22 -9.29 -49.65
N ALA KA 63 8.15 -8.53 -50.23
CA ALA KA 63 8.35 -8.50 -51.67
C ALA KA 63 9.75 -7.98 -51.94
N PHE KA 64 10.19 -8.13 -53.19
CA PHE KA 64 11.49 -7.60 -53.58
C PHE KA 64 11.44 -7.13 -55.03
N GLN KA 65 12.34 -6.23 -55.37
CA GLN KA 65 12.44 -5.65 -56.70
C GLN KA 65 13.77 -4.91 -56.83
N GLN KA 66 14.27 -4.81 -58.07
CA GLN KA 66 15.46 -4.02 -58.34
C GLN KA 66 15.14 -2.52 -58.29
N ILE KA 67 16.07 -1.74 -57.74
CA ILE KA 67 15.91 -0.30 -57.66
C ILE KA 67 16.74 0.35 -58.76
N SER KA 68 16.43 1.60 -59.06
CA SER KA 68 16.96 2.28 -60.24
C SER KA 68 17.63 3.59 -59.88
N ILE KA 69 18.82 3.83 -60.42
CA ILE KA 69 19.50 5.11 -60.27
C ILE KA 69 18.74 6.18 -61.05
N ILE KA 70 18.52 7.32 -60.42
CA ILE KA 70 17.87 8.46 -61.06
C ILE KA 70 18.94 9.39 -61.61
N THR KA 71 18.81 9.76 -62.88
CA THR KA 71 19.82 10.61 -63.51
C THR KA 71 19.69 12.06 -63.02
N THR KA 72 20.81 12.79 -63.12
CA THR KA 72 20.99 14.20 -62.81
C THR KA 72 20.85 14.53 -61.33
N LEU KA 73 20.60 13.56 -60.47
CA LEU KA 73 20.48 13.78 -59.03
C LEU KA 73 21.75 13.32 -58.35
N ASN KA 74 22.44 14.24 -57.69
CA ASN KA 74 23.74 13.96 -57.08
C ASN KA 74 23.77 14.42 -55.64
N PRO KA 75 23.80 13.49 -54.67
CA PRO KA 75 24.04 13.91 -53.28
C PRO KA 75 25.42 14.50 -53.14
N THR KA 76 25.56 15.46 -52.23
CA THR KA 76 26.83 16.14 -52.02
C THR KA 76 27.35 16.00 -50.61
N PHE KA 77 26.92 14.98 -49.87
CA PHE KA 77 27.30 14.85 -48.48
C PHE KA 77 27.60 13.38 -48.16
N ASP KA 78 28.54 13.19 -47.24
CA ASP KA 78 28.89 11.88 -46.68
C ASP KA 78 29.34 10.88 -47.73
N GLY KA 79 29.77 11.35 -48.89
CA GLY KA 79 30.27 10.44 -49.90
C GLY KA 79 29.24 9.71 -50.71
N TRP KA 80 27.95 10.02 -50.53
CA TRP KA 80 26.92 9.39 -51.34
C TRP KA 80 26.99 9.88 -52.78
N LEU KA 81 26.77 8.98 -53.72
CA LEU KA 81 26.92 9.29 -55.14
C LEU KA 81 25.63 9.23 -55.93
N TYR KA 82 24.68 8.36 -55.58
CA TYR KA 82 23.49 8.14 -56.39
C TYR KA 82 22.24 8.17 -55.53
N GLU KA 83 21.14 8.62 -56.13
CA GLU KA 83 19.82 8.55 -55.54
C GLU KA 83 18.99 7.55 -56.33
N CYS KA 84 18.37 6.61 -55.65
CA CYS KA 84 17.66 5.51 -56.28
C CYS KA 84 16.18 5.57 -55.97
N GLN KA 85 15.37 5.16 -56.94
CA GLN KA 85 13.92 5.19 -56.81
C GLN KA 85 13.43 3.97 -56.04
N ILE KA 86 12.59 4.22 -55.04
CA ILE KA 86 11.93 3.17 -54.27
C ILE KA 86 10.75 2.62 -55.08
N PRO KA 87 10.51 1.31 -55.08
CA PRO KA 87 9.42 0.76 -55.89
C PRO KA 87 8.05 1.31 -55.52
N ALA KA 88 7.14 1.29 -56.49
CA ALA KA 88 5.86 1.97 -56.36
C ALA KA 88 5.00 1.37 -55.26
N ASP KA 89 5.01 0.06 -55.12
CA ASP KA 89 4.20 -0.61 -54.12
C ASP KA 89 4.88 -0.72 -52.77
N CYS KA 90 6.07 -0.15 -52.62
CA CYS KA 90 6.78 -0.26 -51.36
C CYS KA 90 6.09 0.55 -50.28
N ILE KA 91 5.82 -0.10 -49.16
CA ILE KA 91 5.15 0.53 -48.04
C ILE KA 91 6.06 0.65 -46.81
N MET KA 92 7.11 -0.16 -46.73
CA MET KA 92 8.12 -0.04 -45.68
C MET KA 92 9.41 -0.67 -46.18
N VAL KA 93 10.47 0.11 -46.25
CA VAL KA 93 11.78 -0.41 -46.66
C VAL KA 93 12.35 -1.27 -45.53
N GLN KA 94 12.86 -2.45 -45.87
CA GLN KA 94 13.44 -3.34 -44.87
C GLN KA 94 14.95 -3.46 -45.00
N TYR KA 95 15.47 -3.87 -46.15
CA TYR KA 95 16.92 -3.90 -46.34
C TYR KA 95 17.21 -4.07 -47.83
N LEU KA 96 18.49 -4.01 -48.16
CA LEU KA 96 18.98 -4.06 -49.53
C LEU KA 96 19.84 -5.29 -49.71
N TYR KA 97 19.89 -5.81 -50.93
CA TYR KA 97 20.78 -6.91 -51.28
C TYR KA 97 21.56 -6.52 -52.53
N PRO KA 98 22.89 -6.67 -52.55
CA PRO KA 98 23.76 -7.21 -51.50
C PRO KA 98 23.97 -6.27 -50.31
N ASN KA 99 24.72 -6.74 -49.32
CA ASN KA 99 25.06 -5.95 -48.14
C ASN KA 99 26.10 -4.90 -48.46
N ILE KA 100 25.66 -3.73 -48.92
CA ILE KA 100 26.54 -2.62 -49.24
C ILE KA 100 26.06 -1.40 -48.45
N GLN KA 101 26.85 -0.34 -48.49
CA GLN KA 101 26.47 0.88 -47.81
C GLN KA 101 25.27 1.53 -48.49
N TYR KA 102 24.27 1.90 -47.68
CA TYR KA 102 23.12 2.62 -48.18
C TYR KA 102 22.43 3.29 -46.99
N ILE KA 103 21.65 4.32 -47.29
CA ILE KA 103 20.73 4.91 -46.32
C ILE KA 103 19.45 5.28 -47.03
N VAL KA 104 18.37 5.35 -46.26
CA VAL KA 104 17.11 5.91 -46.74
C VAL KA 104 17.12 7.39 -46.37
N PHE KA 105 16.98 8.25 -47.37
CA PHE KA 105 17.11 9.69 -47.19
C PHE KA 105 16.04 10.36 -48.02
N GLY KA 106 15.13 11.07 -47.35
CA GLY KA 106 13.94 11.52 -48.05
C GLY KA 106 13.13 10.33 -48.52
N ASP KA 107 12.67 10.38 -49.76
CA ASP KA 107 11.99 9.25 -50.38
C ASP KA 107 12.89 8.49 -51.35
N LYS KA 108 14.21 8.60 -51.19
CA LYS KA 108 15.17 7.92 -52.03
C LYS KA 108 16.03 6.98 -51.21
N ILE KA 109 16.81 6.17 -51.89
CA ILE KA 109 17.85 5.36 -51.27
C ILE KA 109 19.18 5.81 -51.85
N LEU KA 110 20.08 6.24 -50.98
CA LEU KA 110 21.39 6.71 -51.42
C LEU KA 110 22.38 5.57 -51.41
N THR KA 111 23.19 5.49 -52.46
CA THR KA 111 24.21 4.45 -52.58
C THR KA 111 25.51 5.07 -53.04
N LYS KA 112 26.58 4.29 -52.93
CA LYS KA 112 27.90 4.69 -53.39
C LYS KA 112 28.37 3.89 -54.59
N SER KA 113 27.51 3.07 -55.17
CA SER KA 113 27.87 2.16 -56.24
C SER KA 113 26.74 2.09 -57.25
N ASN KA 114 27.08 1.73 -58.48
CA ASN KA 114 26.11 1.63 -59.56
C ASN KA 114 25.86 0.19 -59.99
N GLN KA 115 26.07 -0.77 -59.10
CA GLN KA 115 25.73 -2.14 -59.41
C GLN KA 115 24.24 -2.37 -59.20
N THR KA 116 23.78 -3.57 -59.52
CA THR KA 116 22.37 -3.91 -59.36
C THR KA 116 22.04 -4.14 -57.89
N PHE KA 117 21.05 -3.41 -57.40
CA PHE KA 117 20.59 -3.53 -56.02
C PHE KA 117 19.14 -3.97 -56.00
N THR KA 118 18.82 -4.87 -55.09
CA THR KA 118 17.47 -5.36 -54.89
C THR KA 118 16.98 -4.92 -53.51
N LEU KA 119 15.78 -4.36 -53.45
CA LEU KA 119 15.19 -3.91 -52.19
C LEU KA 119 14.21 -4.96 -51.69
N ILE KA 120 14.29 -5.28 -50.41
CA ILE KA 120 13.31 -6.10 -49.72
C ILE KA 120 12.39 -5.17 -48.94
N TYR KA 121 11.09 -5.32 -49.12
CA TYR KA 121 10.16 -4.34 -48.56
C TYR KA 121 8.81 -4.98 -48.30
N SER KA 122 7.97 -4.27 -47.55
CA SER KA 122 6.58 -4.63 -47.33
C SER KA 122 5.70 -3.99 -48.39
N ARG KA 123 4.54 -4.60 -48.60
CA ARG KA 123 3.56 -4.08 -49.55
C ARG KA 123 2.17 -4.47 -49.08
N ASN KA 124 1.18 -3.74 -49.58
CA ASN KA 124 -0.20 -4.16 -49.41
C ASN KA 124 -0.45 -5.42 -50.21
N VAL KA 125 -1.18 -6.37 -49.61
CA VAL KA 125 -1.60 -7.57 -50.31
C VAL KA 125 -3.09 -7.75 -50.07
N PRO KA 126 -3.81 -8.40 -50.97
CA PRO KA 126 -5.25 -8.58 -50.77
C PRO KA 126 -5.55 -9.55 -49.63
N VAL KA 127 -6.80 -9.49 -49.16
CA VAL KA 127 -7.21 -10.26 -47.98
C VAL KA 127 -7.02 -11.75 -48.19
N SER KA 128 -7.21 -12.24 -49.43
CA SER KA 128 -7.07 -13.67 -49.67
C SER KA 128 -5.66 -14.17 -49.42
N LYS KA 129 -4.68 -13.28 -49.36
CA LYS KA 129 -3.31 -13.64 -49.00
C LYS KA 129 -3.03 -13.57 -47.51
N TRP KA 130 -3.97 -13.08 -46.71
CA TRP KA 130 -3.73 -12.88 -45.29
C TRP KA 130 -3.81 -14.20 -44.53
N PRO KA 131 -2.96 -14.39 -43.52
CA PRO KA 131 -3.18 -15.48 -42.58
C PRO KA 131 -4.42 -15.22 -41.76
N PRO KA 132 -5.17 -16.26 -41.41
CA PRO KA 132 -6.41 -16.08 -40.65
C PRO KA 132 -6.20 -15.38 -39.32
N PRO KA 133 -5.12 -15.65 -38.58
CA PRO KA 133 -4.92 -14.87 -37.34
C PRO KA 133 -4.79 -13.38 -37.57
N PHE KA 134 -4.13 -12.99 -38.67
CA PHE KA 134 -4.01 -11.58 -38.98
C PHE KA 134 -5.35 -10.98 -39.34
N SER KA 135 -6.20 -11.73 -40.04
CA SER KA 135 -7.52 -11.23 -40.39
C SER KA 135 -8.36 -10.93 -39.17
N LEU KA 136 -8.35 -11.83 -38.18
CA LEU KA 136 -9.11 -11.58 -36.96
C LEU KA 136 -8.55 -10.41 -36.17
N TYR KA 137 -7.22 -10.25 -36.19
CA TYR KA 137 -6.62 -9.09 -35.54
C TYR KA 137 -7.09 -7.80 -36.19
N ILE KA 138 -7.16 -7.77 -37.52
CA ILE KA 138 -7.63 -6.57 -38.22
C ILE KA 138 -9.09 -6.31 -37.90
N VAL KA 139 -9.90 -7.38 -37.77
CA VAL KA 139 -11.31 -7.22 -37.43
C VAL KA 139 -11.44 -6.54 -36.08
N TYR KA 140 -10.69 -7.01 -35.09
CA TYR KA 140 -10.72 -6.41 -33.76
C TYR KA 140 -10.24 -4.96 -33.80
N HIS KA 141 -9.14 -4.71 -34.50
CA HIS KA 141 -8.56 -3.38 -34.53
C HIS KA 141 -9.49 -2.40 -35.23
N LEU KA 142 -10.07 -2.81 -36.36
CA LEU KA 142 -11.02 -1.97 -37.06
C LEU KA 142 -12.28 -1.74 -36.23
N ALA KA 143 -12.77 -2.78 -35.54
CA ALA KA 143 -13.92 -2.61 -34.67
C ALA KA 143 -13.62 -1.64 -33.54
N SER KA 144 -12.38 -1.66 -33.04
CA SER KA 144 -11.98 -0.70 -32.03
C SER KA 144 -12.09 0.72 -32.54
N MET KA 145 -11.66 0.97 -33.79
CA MET KA 145 -11.78 2.29 -34.37
C MET KA 145 -13.23 2.67 -34.63
N LEU KA 146 -14.09 1.68 -34.93
CA LEU KA 146 -15.51 1.95 -35.07
C LEU KA 146 -16.14 2.32 -33.74
N GLY KA 147 -15.64 1.75 -32.65
CA GLY KA 147 -16.13 2.16 -31.33
C GLY KA 147 -15.86 3.62 -31.03
N ILE KA 148 -14.68 4.10 -31.41
CA ILE KA 148 -14.35 5.51 -31.18
C ILE KA 148 -15.13 6.40 -32.13
N SER KA 149 -15.19 6.03 -33.41
CA SER KA 149 -15.75 6.91 -34.42
C SER KA 149 -17.27 6.94 -34.41
N VAL KA 150 -17.94 5.84 -34.04
CA VAL KA 150 -19.39 5.76 -34.19
C VAL KA 150 -20.11 5.58 -32.87
N THR KA 151 -19.78 4.51 -32.14
CA THR KA 151 -20.60 4.16 -30.99
C THR KA 151 -20.48 5.16 -29.84
N ASN KA 152 -19.30 5.80 -29.71
CA ASN KA 152 -19.04 6.74 -28.63
C ASN KA 152 -19.22 6.09 -27.26
N SER KA 153 -18.92 4.81 -27.15
CA SER KA 153 -19.15 4.04 -25.93
C SER KA 153 -17.82 3.66 -25.31
N ASP KA 154 -17.56 4.15 -24.10
CA ASP KA 154 -16.37 3.73 -23.37
C ASP KA 154 -16.43 2.26 -23.01
N ARG KA 155 -17.63 1.77 -22.72
CA ARG KA 155 -17.80 0.36 -22.36
C ARG KA 155 -17.39 -0.55 -23.51
N MET KA 156 -17.79 -0.21 -24.73
CA MET KA 156 -17.43 -1.01 -25.89
C MET KA 156 -15.94 -1.02 -26.12
N LEU KA 157 -15.28 0.13 -25.96
CA LEU KA 157 -13.84 0.20 -26.17
C LEU KA 157 -13.10 -0.68 -25.17
N ALA KA 158 -13.55 -0.72 -23.92
CA ALA KA 158 -12.90 -1.55 -22.92
C ALA KA 158 -13.05 -3.03 -23.26
N ARG KA 159 -14.22 -3.44 -23.76
CA ARG KA 159 -14.46 -4.84 -24.06
C ARG KA 159 -13.64 -5.31 -25.26
N ILE KA 160 -13.44 -4.44 -26.25
CA ILE KA 160 -12.73 -4.84 -27.46
C ILE KA 160 -11.23 -4.89 -27.24
N SER KA 161 -10.71 -4.12 -26.27
CA SER KA 161 -9.28 -3.92 -26.17
C SER KA 161 -8.54 -5.22 -25.86
N GLN KA 162 -9.11 -6.08 -25.01
CA GLN KA 162 -8.42 -7.31 -24.63
C GLN KA 162 -8.22 -8.22 -25.84
N GLY KA 163 -9.26 -8.43 -26.63
CA GLY KA 163 -9.14 -9.29 -27.79
C GLY KA 163 -8.22 -8.72 -28.85
N MET KA 164 -8.21 -7.40 -29.02
CA MET KA 164 -7.36 -6.79 -30.04
C MET KA 164 -5.89 -7.06 -29.76
N GLU KA 165 -5.46 -6.90 -28.51
CA GLU KA 165 -4.05 -7.09 -28.19
C GLU KA 165 -3.67 -8.57 -28.15
N MET KA 166 -4.58 -9.42 -27.71
CA MET KA 166 -4.31 -10.86 -27.71
C MET KA 166 -4.05 -11.37 -29.13
N TRP KA 167 -4.89 -10.97 -30.08
CA TRP KA 167 -4.76 -11.48 -31.43
C TRP KA 167 -3.64 -10.80 -32.20
N GLU KA 168 -3.14 -9.66 -31.73
CA GLU KA 168 -1.94 -9.11 -32.34
C GLU KA 168 -0.73 -9.99 -32.05
N SER KA 169 -0.58 -10.41 -30.80
CA SER KA 169 0.54 -11.28 -30.43
C SER KA 169 0.42 -12.64 -31.12
N ARG KA 170 -0.79 -13.20 -31.15
CA ARG KA 170 -0.97 -14.50 -31.78
C ARG KA 170 -0.70 -14.45 -33.27
N ALA KA 171 -1.15 -13.39 -33.94
CA ALA KA 171 -0.87 -13.25 -35.37
C ALA KA 171 0.62 -13.09 -35.62
N LEU KA 172 1.31 -12.31 -34.79
CA LEU KA 172 2.75 -12.14 -34.93
C LEU KA 172 3.49 -13.44 -34.72
N PHE KA 173 3.08 -14.23 -33.72
CA PHE KA 173 3.73 -15.51 -33.48
C PHE KA 173 3.49 -16.47 -34.64
N ALA KA 174 2.26 -16.55 -35.14
CA ALA KA 174 1.96 -17.46 -36.23
C ALA KA 174 2.75 -17.10 -37.47
N ASP KA 175 2.94 -15.82 -37.73
CA ASP KA 175 3.71 -15.40 -38.89
C ASP KA 175 5.19 -15.71 -38.71
N ALA KA 176 5.73 -15.43 -37.53
CA ALA KA 176 7.17 -15.49 -37.33
C ALA KA 176 7.68 -16.93 -37.20
N GLN KA 177 6.92 -17.80 -36.55
CA GLN KA 177 7.45 -19.08 -36.12
C GLN KA 177 7.72 -20.04 -37.27
N SER KA 178 7.21 -19.77 -38.46
CA SER KA 178 7.32 -20.71 -39.57
C SER KA 178 8.73 -20.79 -40.15
N SER KA 179 9.62 -19.85 -39.83
CA SER KA 179 10.95 -19.84 -40.42
C SER KA 179 12.00 -19.58 -39.35
N VAL KA 180 13.23 -19.93 -39.69
CA VAL KA 180 14.38 -19.72 -38.81
C VAL KA 180 14.68 -18.23 -38.69
N THR KA 181 15.20 -17.82 -37.53
CA THR KA 181 15.67 -16.45 -37.33
C THR KA 181 17.01 -16.26 -38.01
N LEU KA 182 17.11 -15.20 -38.81
CA LEU KA 182 18.32 -14.91 -39.57
C LEU KA 182 19.39 -14.25 -38.69
N PRO KA 183 20.66 -14.47 -38.99
CA PRO KA 183 21.73 -13.87 -38.20
C PRO KA 183 21.95 -12.40 -38.53
N PHE KA 184 22.71 -11.74 -37.66
CA PHE KA 184 23.06 -10.34 -37.88
C PHE KA 184 23.96 -10.20 -39.10
N ARG KA 185 23.76 -9.11 -39.82
CA ARG KA 185 24.62 -8.84 -40.97
C ARG KA 185 25.98 -8.28 -40.57
N HIS KA 186 26.07 -7.62 -39.42
CA HIS KA 186 27.30 -7.00 -38.97
C HIS KA 186 27.73 -7.64 -37.66
N ASN KA 187 28.91 -8.26 -37.66
CA ASN KA 187 29.49 -8.90 -36.47
C ASN KA 187 30.94 -8.44 -36.34
N PRO KA 188 31.16 -7.24 -35.80
CA PRO KA 188 32.48 -6.60 -35.94
C PRO KA 188 33.66 -7.36 -35.34
N TYR KA 189 33.49 -8.04 -34.21
CA TYR KA 189 34.63 -8.71 -33.62
C TYR KA 189 35.06 -9.94 -34.43
N VAL KA 190 34.18 -10.47 -35.25
CA VAL KA 190 34.52 -11.57 -36.14
C VAL KA 190 34.93 -11.06 -37.52
N ASP KA 191 34.24 -10.04 -38.03
CA ASP KA 191 34.50 -9.56 -39.39
C ASP KA 191 35.89 -8.97 -39.52
N VAL KA 192 36.43 -8.38 -38.45
CA VAL KA 192 37.73 -7.73 -38.51
C VAL KA 192 38.85 -8.71 -38.80
N ARG KA 193 38.63 -9.99 -38.54
CA ARG KA 193 39.69 -11.00 -38.65
C ARG KA 193 40.02 -11.31 -40.11
N MET LA 1 3.28 47.46 -39.01
CA MET LA 1 4.57 47.31 -39.68
C MET LA 1 5.33 46.12 -39.10
N ILE LA 2 6.41 46.40 -38.38
CA ILE LA 2 7.19 45.35 -37.75
C ILE LA 2 6.43 44.78 -36.57
N GLU LA 3 6.43 43.46 -36.45
CA GLU LA 3 5.79 42.79 -35.32
C GLU LA 3 6.63 42.99 -34.07
N LEU LA 4 6.05 43.60 -33.04
CA LEU LA 4 6.76 43.89 -31.81
C LEU LA 4 6.03 43.26 -30.63
N THR LA 5 6.81 42.68 -29.71
CA THR LA 5 6.28 42.08 -28.50
C THR LA 5 7.24 42.37 -27.36
N SER LA 6 6.69 42.71 -26.19
CA SER LA 6 7.53 43.11 -25.07
C SER LA 6 6.85 42.76 -23.76
N ALA LA 7 7.64 42.70 -22.71
CA ALA LA 7 7.20 42.38 -21.37
C ALA LA 7 6.50 43.57 -20.73
N PRO LA 8 5.72 43.34 -19.67
CA PRO LA 8 5.09 44.46 -18.96
C PRO LA 8 6.13 45.43 -18.41
N THR LA 9 5.80 46.71 -18.41
CA THR LA 9 6.64 47.74 -17.85
C THR LA 9 5.95 48.60 -16.81
N THR LA 10 4.69 48.31 -16.47
CA THR LA 10 3.96 49.15 -15.54
C THR LA 10 3.23 48.29 -14.52
N LYS LA 11 2.94 48.90 -13.38
CA LYS LA 11 2.19 48.24 -12.32
C LYS LA 11 0.81 47.83 -12.80
N ILE LA 12 0.16 48.66 -13.61
CA ILE LA 12 -1.19 48.35 -14.06
C ILE LA 12 -1.20 47.08 -14.91
N GLU LA 13 -0.17 46.89 -15.73
CA GLU LA 13 -0.10 45.69 -16.56
C GLU LA 13 -0.03 44.43 -15.71
N ILE LA 14 0.73 44.47 -14.61
CA ILE LA 14 0.82 43.32 -13.72
C ILE LA 14 -0.53 43.05 -13.07
N ILE LA 15 -1.16 44.09 -12.53
CA ILE LA 15 -2.40 43.90 -11.78
C ILE LA 15 -3.53 43.46 -12.69
N SER LA 16 -3.65 44.08 -13.87
CA SER LA 16 -4.73 43.71 -14.78
C SER LA 16 -4.56 42.27 -15.27
N ALA LA 17 -3.32 41.85 -15.53
CA ALA LA 17 -3.10 40.47 -15.92
C ALA LA 17 -3.44 39.50 -14.79
N ALA LA 18 -3.09 39.86 -13.55
CA ALA LA 18 -3.38 38.98 -12.43
C ALA LA 18 -4.89 38.80 -12.24
N ILE LA 19 -5.66 39.87 -12.42
CA ILE LA 19 -7.11 39.77 -12.31
C ILE LA 19 -7.67 38.88 -13.42
N SER LA 20 -7.07 38.92 -14.61
CA SER LA 20 -7.47 37.99 -15.66
C SER LA 20 -7.19 36.55 -15.26
N MET LA 21 -6.06 36.31 -14.60
CA MET LA 21 -5.66 34.95 -14.27
C MET LA 21 -6.47 34.35 -13.11
N VAL LA 22 -7.29 35.12 -12.41
CA VAL LA 22 -8.23 34.53 -11.46
C VAL LA 22 -9.58 34.37 -12.14
N GLY LA 23 -9.60 34.51 -13.46
CA GLY LA 23 -10.80 34.24 -14.24
C GLY LA 23 -11.93 35.21 -14.04
N LYS LA 24 -11.63 36.48 -13.81
CA LYS LA 24 -12.64 37.52 -13.69
C LYS LA 24 -12.58 38.41 -14.92
N GLN LA 25 -13.72 38.62 -15.56
CA GLN LA 25 -13.77 39.31 -16.85
C GLN LA 25 -13.98 40.81 -16.74
N GLN LA 26 -14.17 41.34 -15.53
CA GLN LA 26 -14.46 42.76 -15.40
C GLN LA 26 -13.28 43.60 -15.88
N THR LA 27 -13.59 44.71 -16.54
CA THR LA 27 -12.57 45.51 -17.20
C THR LA 27 -11.72 46.26 -16.17
N VAL LA 28 -10.41 46.17 -16.31
CA VAL LA 28 -9.47 46.93 -15.49
C VAL LA 28 -8.50 47.61 -16.44
N ASN LA 29 -8.86 48.80 -16.92
CA ASN LA 29 -7.91 49.63 -17.64
C ASN LA 29 -7.08 50.47 -16.68
N THR LA 30 -7.65 50.80 -15.54
CA THR LA 30 -7.01 51.59 -14.51
C THR LA 30 -7.46 51.02 -13.17
N ILE LA 31 -6.65 51.25 -12.13
CA ILE LA 31 -7.06 50.85 -10.79
C ILE LA 31 -8.33 51.59 -10.38
N ASP LA 32 -8.42 52.87 -10.72
CA ASP LA 32 -9.59 53.67 -10.35
C ASP LA 32 -10.85 53.14 -11.00
N GLY LA 33 -10.77 52.71 -12.25
CA GLY LA 33 -11.92 52.17 -12.94
C GLY LA 33 -12.15 50.70 -12.76
N GLY LA 34 -11.34 50.02 -11.97
CA GLY LA 34 -11.46 48.59 -11.80
C GLY LA 34 -12.38 48.13 -10.68
N GLY LA 35 -12.99 49.04 -9.94
CA GLY LA 35 -13.92 48.66 -8.90
C GLY LA 35 -13.23 48.16 -7.64
N ALA LA 36 -14.02 47.45 -6.83
CA ALA LA 36 -13.54 46.97 -5.53
C ALA LA 36 -12.44 45.93 -5.68
N LEU LA 37 -12.54 45.07 -6.70
CA LEU LA 37 -11.54 44.03 -6.88
C LEU LA 37 -10.17 44.61 -7.21
N ALA LA 38 -10.13 45.64 -8.06
CA ALA LA 38 -8.85 46.24 -8.43
C ALA LA 38 -8.19 46.90 -7.24
N ILE LA 39 -8.97 47.53 -6.37
CA ILE LA 39 -8.41 48.20 -5.20
C ILE LA 39 -7.80 47.19 -4.25
N ASP LA 40 -8.48 46.08 -4.00
CA ASP LA 40 -7.91 45.03 -3.15
C ASP LA 40 -6.68 44.40 -3.79
N ALA LA 41 -6.70 44.23 -5.12
CA ALA LA 41 -5.53 43.69 -5.81
C ALA LA 41 -4.34 44.63 -5.69
N GLU LA 42 -4.58 45.94 -5.75
CA GLU LA 42 -3.49 46.89 -5.59
C GLU LA 42 -2.93 46.86 -4.17
N LYS LA 43 -3.81 46.72 -3.18
CA LYS LA 43 -3.36 46.66 -1.79
C LYS LA 43 -2.49 45.43 -1.55
N LEU LA 44 -2.89 44.28 -2.07
CA LEU LA 44 -2.08 43.08 -1.91
C LEU LA 44 -0.82 43.14 -2.76
N TYR LA 45 -0.85 43.87 -3.86
CA TYR LA 45 0.34 44.02 -4.71
C TYR LA 45 1.47 44.69 -3.94
N ASP LA 46 1.16 45.75 -3.18
CA ASP LA 46 2.20 46.47 -2.45
C ASP LA 46 2.87 45.56 -1.42
N THR LA 47 2.08 44.77 -0.70
CA THR LA 47 2.66 43.86 0.28
C THR LA 47 3.49 42.77 -0.38
N LEU LA 48 2.99 42.21 -1.47
CA LEU LA 48 3.63 41.05 -2.09
C LEU LA 48 4.98 41.40 -2.70
N VAL LA 49 5.07 42.54 -3.40
CA VAL LA 49 6.28 42.86 -4.14
C VAL LA 49 7.45 43.09 -3.20
N SER LA 50 7.25 43.91 -2.17
CA SER LA 50 8.32 44.16 -1.21
C SER LA 50 8.71 42.90 -0.47
N ALA LA 51 7.74 42.06 -0.13
CA ALA LA 51 8.05 40.80 0.53
C ALA LA 51 8.89 39.90 -0.35
N GLU LA 52 8.58 39.86 -1.65
CA GLU LA 52 9.31 39.00 -2.57
C GLU LA 52 10.73 39.49 -2.78
N LEU LA 53 10.90 40.78 -3.04
CA LEU LA 53 12.24 41.32 -3.25
C LEU LA 53 13.03 41.40 -1.95
N GLY LA 54 12.36 41.37 -0.81
CA GLY LA 54 12.99 41.45 0.48
C GLY LA 54 13.34 40.14 1.14
N SER LA 55 13.14 39.01 0.47
CA SER LA 55 13.39 37.71 1.08
C SER LA 55 14.31 36.83 0.25
N ASN LA 56 14.87 37.34 -0.84
CA ASN LA 56 15.73 36.55 -1.70
C ASN LA 56 16.68 37.50 -2.42
N ARG LA 57 17.86 36.99 -2.77
CA ARG LA 57 18.83 37.79 -3.50
C ARG LA 57 18.50 37.69 -4.99
N TRP LA 58 17.69 38.63 -5.46
CA TRP LA 58 17.50 38.82 -6.90
C TRP LA 58 18.57 39.78 -7.40
N ARG LA 59 19.25 39.40 -8.47
CA ARG LA 59 20.32 40.26 -8.99
C ARG LA 59 19.78 41.61 -9.43
N PHE LA 60 18.63 41.63 -10.09
CA PHE LA 60 18.11 42.89 -10.61
C PHE LA 60 17.66 43.84 -9.51
N ALA LA 61 17.43 43.35 -8.30
CA ALA LA 61 17.02 44.18 -7.18
C ALA LA 61 18.16 44.55 -6.26
N GLN LA 62 19.39 44.19 -6.61
CA GLN LA 62 20.53 44.52 -5.76
C GLN LA 62 20.95 45.97 -5.92
N ALA LA 63 21.52 46.52 -4.84
CA ALA LA 63 21.98 47.89 -4.81
C ALA LA 63 23.08 48.01 -3.76
N PHE LA 64 23.84 49.09 -3.84
CA PHE LA 64 24.91 49.34 -2.89
C PHE LA 64 24.86 50.79 -2.43
N GLN LA 65 25.40 51.03 -1.25
CA GLN LA 65 25.39 52.37 -0.66
C GLN LA 65 26.47 52.47 0.40
N GLN LA 66 27.27 53.52 0.34
CA GLN LA 66 28.28 53.75 1.36
C GLN LA 66 27.66 54.29 2.64
N ILE LA 67 28.12 53.78 3.77
CA ILE LA 67 27.68 54.20 5.09
C ILE LA 67 28.84 54.92 5.76
N SER LA 68 28.60 56.16 6.18
CA SER LA 68 29.64 56.96 6.82
C SER LA 68 29.27 57.50 8.19
N ILE LA 69 27.99 57.63 8.52
CA ILE LA 69 27.57 58.10 9.82
C ILE LA 69 27.58 56.94 10.80
N ILE LA 70 28.70 56.75 11.48
CA ILE LA 70 28.91 55.63 12.38
C ILE LA 70 29.23 56.19 13.76
N THR LA 71 28.33 56.01 14.71
CA THR LA 71 28.41 56.68 16.01
C THR LA 71 28.67 55.70 17.13
N THR LA 72 29.27 56.22 18.21
CA THR LA 72 29.61 55.40 19.36
C THR LA 72 28.37 54.78 19.99
N LEU LA 73 28.49 53.50 20.35
CA LEU LA 73 27.44 52.77 21.05
C LEU LA 73 27.79 52.75 22.53
N ASN LA 74 26.99 53.45 23.34
CA ASN LA 74 27.27 53.46 24.77
C ASN LA 74 25.98 53.66 25.56
N PRO LA 75 25.63 52.75 26.48
CA PRO LA 75 26.34 51.51 26.86
C PRO LA 75 26.24 50.46 25.77
N THR LA 76 26.97 49.35 25.87
CA THR LA 76 27.07 48.40 24.77
C THR LA 76 27.14 46.98 25.35
N PHE LA 77 27.36 46.01 24.46
CA PHE LA 77 27.42 44.61 24.83
C PHE LA 77 28.28 43.88 23.81
N ASP LA 78 28.77 42.71 24.22
CA ASP LA 78 29.48 41.77 23.34
C ASP LA 78 30.67 42.40 22.63
N GLY LA 79 31.20 43.49 23.15
CA GLY LA 79 32.35 44.12 22.54
C GLY LA 79 32.06 45.02 21.35
N TRP LA 80 30.80 45.19 20.97
CA TRP LA 80 30.47 46.13 19.90
C TRP LA 80 30.77 47.55 20.34
N LEU LA 81 31.23 48.36 19.40
CA LEU LA 81 31.66 49.72 19.73
C LEU LA 81 30.87 50.81 19.02
N TYR LA 82 30.35 50.53 17.83
CA TYR LA 82 29.67 51.55 17.05
C TYR LA 82 28.38 50.98 16.46
N GLU LA 83 27.48 51.88 16.10
CA GLU LA 83 26.24 51.51 15.43
C GLU LA 83 25.98 52.48 14.29
N CYS LA 84 25.26 52.01 13.28
CA CYS LA 84 24.87 52.85 12.16
C CYS LA 84 23.47 52.48 11.73
N GLN LA 85 22.73 53.47 11.26
CA GLN LA 85 21.35 53.25 10.85
C GLN LA 85 21.32 52.52 9.51
N ILE LA 86 20.48 51.49 9.44
CA ILE LA 86 20.23 50.80 8.17
C ILE LA 86 19.41 51.76 7.31
N PRO LA 87 19.87 52.07 6.09
CA PRO LA 87 19.18 53.09 5.29
C PRO LA 87 17.73 52.71 5.01
N ALA LA 88 16.89 53.74 4.88
CA ALA LA 88 15.45 53.53 4.83
C ALA LA 88 15.02 52.75 3.59
N ASP LA 89 15.74 52.89 2.49
CA ASP LA 89 15.39 52.18 1.28
C ASP LA 89 15.97 50.78 1.22
N CYS LA 90 16.72 50.36 2.24
CA CYS LA 90 17.22 49.00 2.31
C CYS LA 90 16.08 48.07 2.72
N ILE LA 91 15.83 47.05 1.92
CA ILE LA 91 14.74 46.12 2.17
C ILE LA 91 15.24 44.77 2.66
N MET LA 92 16.51 44.43 2.43
CA MET LA 92 17.12 43.22 2.99
C MET LA 92 18.62 43.40 2.96
N VAL LA 93 19.25 43.37 4.13
CA VAL LA 93 20.71 43.44 4.20
C VAL LA 93 21.29 42.13 3.69
N GLN LA 94 22.29 42.24 2.82
CA GLN LA 94 22.94 41.05 2.26
C GLN LA 94 24.37 40.88 2.77
N TYR LA 95 25.24 41.87 2.60
CA TYR LA 95 26.57 41.80 3.20
C TYR LA 95 27.24 43.17 3.12
N LEU LA 96 28.42 43.26 3.72
CA LEU LA 96 29.19 44.48 3.81
C LEU LA 96 30.52 44.32 3.11
N TYR LA 97 31.04 45.43 2.58
CA TYR LA 97 32.39 45.47 2.06
C TYR LA 97 33.12 46.67 2.69
N PRO LA 98 34.35 46.49 3.18
CA PRO LA 98 35.15 45.25 3.19
C PRO LA 98 34.66 44.26 4.24
N ASN LA 99 35.39 43.18 4.46
CA ASN LA 99 34.95 42.09 5.33
C ASN LA 99 35.26 42.44 6.78
N ILE LA 100 34.41 43.28 7.36
CA ILE LA 100 34.54 43.69 8.73
C ILE LA 100 33.55 42.88 9.58
N GLN LA 101 33.83 42.81 10.87
CA GLN LA 101 32.90 42.17 11.80
C GLN LA 101 31.67 43.05 12.01
N TYR LA 102 30.50 42.43 11.98
CA TYR LA 102 29.26 43.16 12.15
C TYR LA 102 28.14 42.20 12.50
N ILE LA 103 27.06 42.76 13.04
CA ILE LA 103 25.78 42.06 13.16
C ILE LA 103 24.68 43.05 12.88
N VAL LA 104 23.57 42.53 12.36
CA VAL LA 104 22.33 43.29 12.29
C VAL LA 104 21.59 43.09 13.60
N PHE LA 105 21.27 44.20 14.27
CA PHE LA 105 20.69 44.15 15.61
C PHE LA 105 19.65 45.24 15.72
N GLY LA 106 18.39 44.85 15.89
CA GLY LA 106 17.32 45.83 15.80
C GLY LA 106 17.28 46.41 14.41
N ASP LA 107 17.29 47.75 14.33
CA ASP LA 107 17.32 48.45 13.07
C ASP LA 107 18.69 49.06 12.78
N LYS LA 108 19.73 48.55 13.44
CA LYS LA 108 21.09 49.07 13.31
C LYS LA 108 22.02 47.98 12.80
N ILE LA 109 23.20 48.42 12.39
CA ILE LA 109 24.33 47.54 12.13
C ILE LA 109 25.39 47.90 13.16
N LEU LA 110 25.80 46.91 13.95
CA LEU LA 110 26.81 47.12 14.98
C LEU LA 110 28.17 46.68 14.46
N THR LA 111 29.19 47.51 14.70
CA THR LA 111 30.52 47.23 14.20
C THR LA 111 31.55 47.48 15.29
N LYS LA 112 32.72 46.89 15.10
CA LYS LA 112 33.87 47.16 15.96
C LYS LA 112 34.83 48.16 15.33
N SER LA 113 34.50 48.71 14.17
CA SER LA 113 35.37 49.65 13.48
C SER LA 113 34.57 50.88 13.10
N ASN LA 114 35.29 51.96 12.83
CA ASN LA 114 34.69 53.27 12.62
C ASN LA 114 34.77 53.75 11.18
N GLN LA 115 35.44 53.01 10.30
CA GLN LA 115 35.70 53.47 8.95
C GLN LA 115 34.47 53.27 8.06
N THR LA 116 34.41 54.07 7.00
CA THR LA 116 33.32 53.97 6.03
C THR LA 116 33.34 52.61 5.35
N PHE LA 117 32.18 51.99 5.25
CA PHE LA 117 32.02 50.74 4.54
C PHE LA 117 30.86 50.85 3.56
N THR LA 118 30.68 49.82 2.76
CA THR LA 118 29.62 49.76 1.77
C THR LA 118 28.64 48.66 2.14
N LEU LA 119 27.36 48.97 2.04
CA LEU LA 119 26.30 48.01 2.30
C LEU LA 119 25.75 47.50 0.98
N ILE LA 120 25.74 46.19 0.82
CA ILE LA 120 25.11 45.53 -0.33
C ILE LA 120 23.76 45.02 0.14
N TYR LA 121 22.70 45.45 -0.52
CA TYR LA 121 21.36 45.18 -0.03
C TYR LA 121 20.40 45.04 -1.21
N SER LA 122 19.19 44.61 -0.89
CA SER LA 122 18.11 44.51 -1.85
C SER LA 122 17.18 45.71 -1.69
N ARG LA 123 16.56 46.13 -2.79
CA ARG LA 123 15.71 47.30 -2.78
C ARG LA 123 14.50 47.05 -3.66
N ASN LA 124 13.45 47.83 -3.42
CA ASN LA 124 12.28 47.83 -4.30
C ASN LA 124 12.65 48.48 -5.63
N VAL LA 125 12.17 47.90 -6.72
CA VAL LA 125 12.44 48.44 -8.05
C VAL LA 125 11.16 48.52 -8.87
N PRO LA 126 11.02 49.48 -9.77
CA PRO LA 126 9.80 49.57 -10.58
C PRO LA 126 9.70 48.45 -11.61
N VAL LA 127 8.48 48.25 -12.09
CA VAL LA 127 8.20 47.16 -13.03
C VAL LA 127 9.03 47.31 -14.30
N SER LA 128 9.40 48.53 -14.67
CA SER LA 128 10.20 48.74 -15.86
C SER LA 128 11.59 48.12 -15.77
N LYS LA 129 12.02 47.72 -14.58
CA LYS LA 129 13.29 47.04 -14.40
C LYS LA 129 13.16 45.54 -14.16
N TRP LA 130 11.94 45.01 -14.15
CA TRP LA 130 11.73 43.60 -13.84
C TRP LA 130 12.09 42.73 -15.03
N PRO LA 131 12.78 41.60 -14.80
CA PRO LA 131 12.92 40.59 -15.86
C PRO LA 131 11.56 40.01 -16.20
N PRO LA 132 11.34 39.65 -17.46
CA PRO LA 132 10.03 39.14 -17.88
C PRO LA 132 9.59 37.89 -17.14
N PRO LA 133 10.48 36.92 -16.87
CA PRO LA 133 10.04 35.76 -16.06
C PRO LA 133 9.56 36.15 -14.68
N PHE LA 134 10.20 37.14 -14.06
CA PHE LA 134 9.78 37.59 -12.74
C PHE LA 134 8.40 38.24 -12.81
N SER LA 135 8.11 38.98 -13.88
CA SER LA 135 6.81 39.62 -14.02
C SER LA 135 5.69 38.60 -14.06
N LEU LA 136 5.87 37.52 -14.84
CA LEU LA 136 4.84 36.49 -14.92
C LEU LA 136 4.72 35.74 -13.60
N TYR LA 137 5.82 35.57 -12.87
CA TYR LA 137 5.75 34.98 -11.55
C TYR LA 137 4.92 35.82 -10.60
N ILE LA 138 5.09 37.13 -10.64
CA ILE LA 138 4.29 38.01 -9.78
C ILE LA 138 2.82 37.97 -10.19
N VAL LA 139 2.55 37.85 -11.50
CA VAL LA 139 1.17 37.78 -11.97
C VAL LA 139 0.46 36.57 -11.37
N TYR LA 140 1.12 35.41 -11.42
CA TYR LA 140 0.55 34.20 -10.86
C TYR LA 140 0.46 34.29 -9.34
N HIS LA 141 1.48 34.84 -8.69
CA HIS LA 141 1.49 34.92 -7.24
C HIS LA 141 0.38 35.82 -6.73
N LEU LA 142 0.22 36.99 -7.36
CA LEU LA 142 -0.87 37.89 -6.99
C LEU LA 142 -2.22 37.25 -7.26
N ALA LA 143 -2.35 36.56 -8.40
CA ALA LA 143 -3.58 35.84 -8.68
C ALA LA 143 -3.85 34.77 -7.63
N SER LA 144 -2.80 34.13 -7.14
CA SER LA 144 -2.96 33.11 -6.12
C SER LA 144 -3.49 33.69 -4.82
N MET LA 145 -3.07 34.91 -4.47
CA MET LA 145 -3.56 35.55 -3.25
C MET LA 145 -5.01 35.99 -3.41
N LEU LA 146 -5.35 36.58 -4.55
CA LEU LA 146 -6.74 36.96 -4.80
C LEU LA 146 -7.64 35.74 -4.85
N GLY LA 147 -7.15 34.66 -5.46
CA GLY LA 147 -7.96 33.46 -5.64
C GLY LA 147 -8.31 32.76 -4.35
N ILE LA 148 -7.68 33.13 -3.23
CA ILE LA 148 -8.04 32.54 -1.96
C ILE LA 148 -9.51 32.77 -1.65
N SER LA 149 -10.02 33.95 -2.00
CA SER LA 149 -11.39 34.30 -1.69
C SER LA 149 -12.34 34.21 -2.87
N VAL LA 150 -11.86 34.33 -4.11
CA VAL LA 150 -12.75 34.50 -5.25
C VAL LA 150 -12.65 33.37 -6.28
N THR LA 151 -11.75 32.42 -6.12
CA THR LA 151 -11.69 31.31 -7.06
C THR LA 151 -12.71 30.25 -6.68
N ASN LA 152 -13.53 29.83 -7.66
CA ASN LA 152 -14.63 28.93 -7.36
C ASN LA 152 -14.14 27.55 -6.96
N SER LA 153 -13.21 26.98 -7.72
CA SER LA 153 -12.84 25.58 -7.57
C SER LA 153 -11.48 25.44 -6.89
N ASP LA 154 -11.40 24.47 -5.96
CA ASP LA 154 -10.11 24.17 -5.34
C ASP LA 154 -9.12 23.64 -6.36
N ARG LA 155 -9.60 22.90 -7.36
CA ARG LA 155 -8.72 22.41 -8.42
C ARG LA 155 -8.15 23.56 -9.24
N MET LA 156 -8.97 24.56 -9.56
CA MET LA 156 -8.48 25.71 -10.30
C MET LA 156 -7.46 26.50 -9.50
N LEU LA 157 -7.69 26.66 -8.19
CA LEU LA 157 -6.73 27.37 -7.36
C LEU LA 157 -5.39 26.64 -7.31
N ALA LA 158 -5.43 25.30 -7.20
CA ALA LA 158 -4.20 24.54 -7.24
C ALA LA 158 -3.46 24.73 -8.55
N ARG LA 159 -4.20 24.85 -9.65
CA ARG LA 159 -3.58 25.11 -10.94
C ARG LA 159 -2.87 26.45 -10.95
N ILE LA 160 -3.51 27.49 -10.39
CA ILE LA 160 -2.88 28.80 -10.32
C ILE LA 160 -1.64 28.76 -9.44
N SER LA 161 -1.73 28.08 -8.29
CA SER LA 161 -0.58 27.97 -7.41
C SER LA 161 0.55 27.19 -8.05
N GLN LA 162 0.21 26.17 -8.85
CA GLN LA 162 1.24 25.44 -9.59
C GLN LA 162 1.95 26.36 -10.57
N GLY LA 163 1.19 27.22 -11.25
CA GLY LA 163 1.80 28.18 -12.14
C GLY LA 163 2.71 29.16 -11.43
N MET LA 164 2.34 29.54 -10.20
CA MET LA 164 3.20 30.42 -9.41
C MET LA 164 4.52 29.75 -9.07
N GLU LA 165 4.48 28.50 -8.62
CA GLU LA 165 5.70 27.80 -8.26
C GLU LA 165 6.55 27.49 -9.49
N MET LA 166 5.92 27.21 -10.62
CA MET LA 166 6.68 26.92 -11.83
C MET LA 166 7.45 28.14 -12.30
N TRP LA 167 6.83 29.31 -12.30
CA TRP LA 167 7.51 30.51 -12.77
C TRP LA 167 8.45 31.09 -11.72
N GLU LA 168 8.30 30.71 -10.46
CA GLU LA 168 9.28 31.11 -9.46
C GLU LA 168 10.63 30.46 -9.72
N SER LA 169 10.62 29.15 -10.02
CA SER LA 169 11.88 28.46 -10.30
C SER LA 169 12.52 28.98 -11.58
N ARG LA 170 11.73 29.17 -12.63
CA ARG LA 170 12.28 29.64 -13.89
C ARG LA 170 12.80 31.06 -13.78
N ALA LA 171 12.09 31.92 -13.05
CA ALA LA 171 12.59 33.28 -12.82
C ALA LA 171 13.87 33.26 -12.00
N LEU LA 172 13.92 32.41 -10.98
CA LEU LA 172 15.13 32.30 -10.16
C LEU LA 172 16.31 31.80 -10.98
N PHE LA 173 16.07 30.80 -11.84
CA PHE LA 173 17.15 30.30 -12.69
C PHE LA 173 17.63 31.36 -13.66
N ALA LA 174 16.71 32.02 -14.36
CA ALA LA 174 17.08 33.03 -15.34
C ALA LA 174 17.89 34.15 -14.69
N ASP LA 175 17.52 34.54 -13.47
CA ASP LA 175 18.27 35.57 -12.77
C ASP LA 175 19.66 35.07 -12.36
N ALA LA 176 19.75 33.83 -11.89
CA ALA LA 176 20.98 33.35 -11.27
C ALA LA 176 22.05 32.97 -12.29
N GLN LA 177 21.65 32.39 -13.43
CA GLN LA 177 22.62 31.80 -14.34
C GLN LA 177 23.46 32.84 -15.08
N SER LA 178 23.14 34.12 -14.96
CA SER LA 178 23.85 35.16 -15.71
C SER LA 178 25.29 35.31 -15.26
N SER LA 179 25.60 34.99 -14.01
CA SER LA 179 26.91 35.28 -13.43
C SER LA 179 27.44 34.05 -12.70
N VAL LA 180 28.74 34.07 -12.43
CA VAL LA 180 29.36 32.97 -11.71
C VAL LA 180 28.92 32.97 -10.26
N THR LA 181 29.17 31.86 -9.58
CA THR LA 181 28.87 31.71 -8.17
C THR LA 181 30.06 32.21 -7.35
N LEU LA 182 29.81 33.14 -6.45
CA LEU LA 182 30.87 33.71 -5.63
C LEU LA 182 31.31 32.74 -4.54
N PRO LA 183 32.59 32.75 -4.17
CA PRO LA 183 33.08 31.84 -3.15
C PRO LA 183 32.70 32.29 -1.74
N PHE LA 184 32.83 31.35 -0.81
CA PHE LA 184 32.67 31.68 0.60
C PHE LA 184 33.75 32.66 1.03
N ARG LA 185 33.38 33.60 1.88
CA ARG LA 185 34.36 34.55 2.41
C ARG LA 185 35.12 34.01 3.62
N HIS LA 186 34.62 32.95 4.25
CA HIS LA 186 35.27 32.37 5.41
C HIS LA 186 35.62 30.92 5.11
N ASN LA 187 36.92 30.61 5.08
CA ASN LA 187 37.42 29.27 4.81
C ASN LA 187 38.43 28.92 5.89
N PRO LA 188 37.97 28.38 7.03
CA PRO LA 188 38.84 28.30 8.21
C PRO LA 188 40.13 27.52 8.04
N TYR LA 189 40.10 26.38 7.35
CA TYR LA 189 41.30 25.56 7.27
C TYR LA 189 42.36 26.17 6.37
N VAL LA 190 41.96 27.07 5.47
CA VAL LA 190 42.91 27.81 4.63
C VAL LA 190 43.32 29.11 5.30
N ASP LA 191 42.35 29.83 5.87
CA ASP LA 191 42.62 31.15 6.43
C ASP LA 191 43.59 31.07 7.60
N VAL LA 192 43.57 29.97 8.36
CA VAL LA 192 44.43 29.85 9.52
C VAL LA 192 45.90 29.83 9.13
N ARG LA 193 46.22 29.50 7.89
CA ARG LA 193 47.61 29.46 7.44
C ARG LA 193 48.16 30.88 7.30
N MET MA 1 13.30 28.23 -56.14
CA MET MA 1 11.97 28.70 -55.76
C MET MA 1 11.56 28.08 -54.43
N ILE MA 2 11.62 28.89 -53.37
CA ILE MA 2 11.37 28.39 -52.03
C ILE MA 2 9.89 28.10 -51.85
N GLU MA 3 9.59 26.98 -51.21
CA GLU MA 3 8.21 26.67 -50.85
C GLU MA 3 7.87 27.33 -49.52
N LEU MA 4 6.75 28.06 -49.51
CA LEU MA 4 6.36 28.80 -48.31
C LEU MA 4 5.87 27.87 -47.22
N THR MA 5 6.19 28.20 -45.98
CA THR MA 5 5.77 27.40 -44.85
C THR MA 5 4.27 27.57 -44.61
N SER MA 6 3.64 26.49 -44.17
CA SER MA 6 2.26 26.53 -43.71
C SER MA 6 2.15 26.70 -42.20
N ALA MA 7 3.28 26.71 -41.49
CA ALA MA 7 3.29 26.96 -40.06
C ALA MA 7 2.94 28.42 -39.77
N PRO MA 8 2.53 28.74 -38.55
CA PRO MA 8 2.20 30.13 -38.22
C PRO MA 8 3.41 31.04 -38.43
N THR MA 9 3.15 32.23 -38.97
CA THR MA 9 4.18 33.21 -39.23
C THR MA 9 3.92 34.56 -38.58
N THR MA 10 2.76 34.75 -37.96
CA THR MA 10 2.43 36.02 -37.33
C THR MA 10 1.94 35.78 -35.92
N LYS MA 11 1.98 36.85 -35.13
CA LYS MA 11 1.50 36.81 -33.76
C LYS MA 11 0.00 36.50 -33.71
N ILE MA 12 -0.76 37.03 -34.68
CA ILE MA 12 -2.20 36.79 -34.71
C ILE MA 12 -2.51 35.32 -34.99
N GLU MA 13 -1.73 34.68 -35.85
CA GLU MA 13 -1.97 33.27 -36.15
C GLU MA 13 -1.71 32.37 -34.95
N ILE MA 14 -0.73 32.72 -34.12
CA ILE MA 14 -0.52 31.98 -32.87
C ILE MA 14 -1.72 32.15 -31.96
N ILE MA 15 -2.23 33.37 -31.84
CA ILE MA 15 -3.35 33.64 -30.96
C ILE MA 15 -4.60 32.91 -31.43
N SER MA 16 -4.89 32.98 -32.73
CA SER MA 16 -6.10 32.35 -33.24
C SER MA 16 -6.04 30.84 -33.15
N ALA MA 17 -4.84 30.25 -33.21
CA ALA MA 17 -4.71 28.81 -33.00
C ALA MA 17 -5.03 28.43 -31.56
N ALA MA 18 -4.56 29.22 -30.60
CA ALA MA 18 -4.85 28.95 -29.20
C ALA MA 18 -6.33 29.10 -28.89
N ILE MA 19 -7.00 30.07 -29.53
CA ILE MA 19 -8.42 30.26 -29.32
C ILE MA 19 -9.21 29.09 -29.90
N SER MA 20 -8.77 28.56 -31.04
CA SER MA 20 -9.43 27.38 -31.60
C SER MA 20 -9.18 26.14 -30.76
N MET MA 21 -8.03 26.08 -30.08
CA MET MA 21 -7.74 24.93 -29.25
C MET MA 21 -8.73 24.81 -28.10
N VAL MA 22 -9.15 25.94 -27.54
CA VAL MA 22 -10.11 25.91 -26.44
C VAL MA 22 -11.53 25.89 -26.98
N GLY MA 23 -11.69 25.83 -28.29
CA GLY MA 23 -12.94 25.43 -28.91
C GLY MA 23 -13.65 26.47 -29.75
N LYS MA 24 -13.15 27.69 -29.88
CA LYS MA 24 -13.89 28.76 -30.56
C LYS MA 24 -13.32 29.01 -31.96
N GLN MA 25 -14.22 29.12 -32.94
CA GLN MA 25 -13.83 29.51 -34.28
C GLN MA 25 -13.24 30.92 -34.26
N GLN MA 26 -12.21 31.14 -35.06
CA GLN MA 26 -11.55 32.44 -35.07
C GLN MA 26 -10.83 32.64 -36.38
N THR MA 27 -11.09 33.77 -37.04
CA THR MA 27 -10.36 34.16 -38.23
C THR MA 27 -9.40 35.29 -37.88
N VAL MA 28 -8.32 35.39 -38.66
CA VAL MA 28 -7.33 36.42 -38.38
C VAL MA 28 -7.91 37.82 -38.61
N ASN MA 29 -8.78 37.98 -39.60
CA ASN MA 29 -9.29 39.31 -39.92
C ASN MA 29 -10.44 39.75 -39.03
N THR MA 30 -10.98 38.87 -38.19
CA THR MA 30 -12.00 39.25 -37.21
C THR MA 30 -11.49 39.12 -35.78
N ILE MA 31 -10.17 39.21 -35.58
CA ILE MA 31 -9.61 39.04 -34.24
C ILE MA 31 -10.02 40.20 -33.33
N ASP MA 32 -10.27 41.38 -33.90
CA ASP MA 32 -10.64 42.53 -33.09
C ASP MA 32 -12.03 42.40 -32.49
N GLY MA 33 -12.85 41.47 -32.97
CA GLY MA 33 -14.17 41.26 -32.39
C GLY MA 33 -14.33 39.89 -31.77
N GLY MA 34 -13.23 39.36 -31.23
CA GLY MA 34 -13.22 38.02 -30.68
C GLY MA 34 -13.72 37.86 -29.27
N GLY MA 35 -14.20 38.94 -28.63
CA GLY MA 35 -14.79 38.78 -27.31
C GLY MA 35 -13.76 38.55 -26.23
N ALA MA 36 -14.20 37.88 -25.16
CA ALA MA 36 -13.35 37.68 -23.98
C ALA MA 36 -12.11 36.85 -24.31
N LEU MA 37 -12.26 35.83 -25.16
CA LEU MA 37 -11.12 35.00 -25.51
C LEU MA 37 -10.05 35.81 -26.23
N ALA MA 38 -10.46 36.73 -27.10
CA ALA MA 38 -9.48 37.56 -27.81
C ALA MA 38 -8.88 38.61 -26.89
N ILE MA 39 -9.68 39.14 -25.95
CA ILE MA 39 -9.16 40.14 -25.02
C ILE MA 39 -8.05 39.55 -24.15
N ASP MA 40 -8.29 38.36 -23.61
CA ASP MA 40 -7.31 37.74 -22.73
C ASP MA 40 -6.11 37.24 -23.50
N ALA MA 41 -6.31 36.71 -24.70
CA ALA MA 41 -5.19 36.22 -25.49
C ALA MA 41 -4.22 37.34 -25.84
N GLU MA 42 -4.75 38.49 -26.24
CA GLU MA 42 -3.89 39.62 -26.58
C GLU MA 42 -3.13 40.11 -25.35
N LYS MA 43 -3.81 40.20 -24.21
CA LYS MA 43 -3.17 40.67 -23.00
C LYS MA 43 -2.07 39.73 -22.54
N LEU MA 44 -2.31 38.43 -22.61
CA LEU MA 44 -1.40 37.45 -22.04
C LEU MA 44 -0.32 36.97 -23.01
N TYR MA 45 -0.48 37.22 -24.31
CA TYR MA 45 0.50 36.72 -25.27
C TYR MA 45 1.88 37.32 -25.03
N ASP MA 46 1.94 38.65 -24.89
CA ASP MA 46 3.24 39.31 -24.74
C ASP MA 46 3.94 38.90 -23.45
N THR MA 47 3.19 38.81 -22.35
CA THR MA 47 3.80 38.43 -21.08
C THR MA 47 4.32 36.99 -21.14
N LEU MA 48 3.55 36.08 -21.74
CA LEU MA 48 3.97 34.68 -21.81
C LEU MA 48 5.20 34.52 -22.69
N VAL MA 49 5.18 35.12 -23.88
CA VAL MA 49 6.28 34.92 -24.83
C VAL MA 49 7.57 35.51 -24.28
N SER MA 50 7.50 36.70 -23.70
CA SER MA 50 8.69 37.32 -23.12
C SER MA 50 9.21 36.50 -21.95
N ALA MA 51 8.32 35.97 -21.11
CA ALA MA 51 8.75 35.16 -19.99
C ALA MA 51 9.44 33.88 -20.45
N GLU MA 52 8.91 33.26 -21.50
CA GLU MA 52 9.48 32.02 -22.00
C GLU MA 52 10.85 32.25 -22.62
N LEU MA 53 10.98 33.26 -23.48
CA LEU MA 53 12.26 33.55 -24.11
C LEU MA 53 13.24 34.18 -23.14
N GLY MA 54 12.76 34.73 -22.03
CA GLY MA 54 13.60 35.34 -21.03
C GLY MA 54 14.07 34.44 -19.92
N SER MA 55 13.79 33.14 -19.99
CA SER MA 55 14.13 32.23 -18.91
C SER MA 55 14.81 30.96 -19.40
N ASN MA 56 15.21 30.89 -20.66
CA ASN MA 56 15.88 29.72 -21.20
C ASN MA 56 16.68 30.15 -22.41
N ARG MA 57 17.82 29.49 -22.62
CA ARG MA 57 18.65 29.77 -23.79
C ARG MA 57 18.06 29.01 -24.98
N TRP MA 58 17.22 29.70 -25.75
CA TRP MA 58 16.77 29.22 -27.04
C TRP MA 58 17.71 29.75 -28.11
N ARG MA 59 18.24 28.85 -28.95
CA ARG MA 59 19.22 29.26 -29.94
C ARG MA 59 18.65 30.30 -30.91
N PHE MA 60 17.40 30.11 -31.33
CA PHE MA 60 16.83 31.04 -32.30
C PHE MA 60 16.62 32.43 -31.74
N ALA MA 61 16.63 32.59 -30.41
CA ALA MA 61 16.41 33.88 -29.77
C ALA MA 61 17.69 34.54 -29.31
N GLN MA 62 18.85 34.00 -29.64
CA GLN MA 62 20.11 34.55 -29.17
C GLN MA 62 20.55 35.74 -30.03
N ALA MA 63 21.33 36.62 -29.42
CA ALA MA 63 21.86 37.81 -30.08
C ALA MA 63 23.09 38.28 -29.32
N PHE MA 64 23.84 39.20 -29.92
CA PHE MA 64 24.99 39.76 -29.25
C PHE MA 64 25.15 41.22 -29.63
N GLN MA 65 25.82 41.97 -28.76
CA GLN MA 65 26.05 43.39 -28.96
C GLN MA 65 27.14 43.85 -28.00
N GLN MA 66 27.84 44.91 -28.39
CA GLN MA 66 28.84 45.51 -27.51
C GLN MA 66 28.18 46.25 -26.36
N ILE MA 67 28.88 46.31 -25.23
CA ILE MA 67 28.40 46.95 -24.01
C ILE MA 67 29.15 48.26 -23.82
N SER MA 68 28.46 49.24 -23.23
CA SER MA 68 29.00 50.60 -23.08
C SER MA 68 29.15 50.94 -21.61
N ILE MA 69 30.31 51.49 -21.25
CA ILE MA 69 30.56 51.94 -19.89
C ILE MA 69 29.86 53.28 -19.65
N ILE MA 70 29.13 53.38 -18.55
CA ILE MA 70 28.39 54.59 -18.20
C ILE MA 70 29.31 55.50 -17.37
N THR MA 71 29.37 56.77 -17.75
CA THR MA 71 30.22 57.72 -17.05
C THR MA 71 29.62 58.12 -15.70
N THR MA 72 30.51 58.59 -14.82
CA THR MA 72 30.21 59.12 -13.48
C THR MA 72 29.63 58.07 -12.52
N LEU MA 73 29.52 56.83 -12.96
CA LEU MA 73 29.02 55.75 -12.11
C LEU MA 73 30.20 54.90 -11.64
N ASN MA 74 30.36 54.79 -10.33
CA ASN MA 74 31.51 54.10 -9.77
C ASN MA 74 31.10 53.15 -8.64
N PRO MA 75 31.15 51.84 -8.86
CA PRO MA 75 30.96 50.93 -7.73
C PRO MA 75 32.08 51.07 -6.72
N THR MA 76 31.75 50.83 -5.46
CA THR MA 76 32.72 50.97 -4.38
C THR MA 76 32.93 49.68 -3.59
N PHE MA 77 32.56 48.53 -4.17
CA PHE MA 77 32.63 47.27 -3.45
C PHE MA 77 33.26 46.20 -4.33
N ASP MA 78 33.99 45.29 -3.69
CA ASP MA 78 34.55 44.09 -4.30
C ASP MA 78 35.48 44.39 -5.47
N GLY MA 79 36.01 45.61 -5.55
CA GLY MA 79 36.96 45.93 -6.59
C GLY MA 79 36.36 46.19 -7.95
N TRP MA 80 35.03 46.27 -8.07
CA TRP MA 80 34.42 46.61 -9.34
C TRP MA 80 34.67 48.07 -9.66
N LEU MA 81 35.03 48.35 -10.90
CA LEU MA 81 35.41 49.69 -11.31
C LEU MA 81 34.40 50.38 -12.22
N TYR MA 82 33.67 49.63 -13.05
CA TYR MA 82 32.82 50.24 -14.06
C TYR MA 82 31.43 49.64 -14.02
N GLU MA 83 30.45 50.48 -14.35
CA GLU MA 83 29.06 50.10 -14.47
C GLU MA 83 28.67 50.31 -15.93
N CYS MA 84 28.18 49.26 -16.59
CA CYS MA 84 27.96 49.34 -18.02
C CYS MA 84 26.54 48.92 -18.37
N GLN MA 85 26.04 49.48 -19.47
CA GLN MA 85 24.64 49.41 -19.84
C GLN MA 85 24.31 48.14 -20.60
N ILE MA 86 23.21 47.51 -20.21
CA ILE MA 86 22.68 46.31 -20.86
C ILE MA 86 21.93 46.73 -22.13
N PRO MA 87 22.00 45.95 -23.22
CA PRO MA 87 21.31 46.34 -24.45
C PRO MA 87 19.80 46.48 -24.27
N ALA MA 88 19.21 47.34 -25.11
CA ALA MA 88 17.80 47.68 -24.97
C ALA MA 88 16.89 46.48 -25.22
N ASP MA 89 17.24 45.65 -26.18
CA ASP MA 89 16.43 44.48 -26.49
C ASP MA 89 16.80 43.26 -25.65
N CYS MA 90 17.74 43.40 -24.72
CA CYS MA 90 18.15 42.26 -23.91
C CYS MA 90 17.03 41.84 -22.98
N ILE MA 91 16.70 40.56 -23.00
CA ILE MA 91 15.66 40.01 -22.16
C ILE MA 91 16.17 38.99 -21.16
N MET MA 92 17.36 38.43 -21.38
CA MET MA 92 18.03 37.58 -20.40
C MET MA 92 19.51 37.57 -20.70
N VAL MA 93 20.33 38.06 -19.78
CA VAL MA 93 21.78 38.02 -19.93
C VAL MA 93 22.26 36.58 -19.83
N GLN MA 94 23.15 36.17 -20.74
CA GLN MA 94 23.71 34.83 -20.72
C GLN MA 94 25.18 34.80 -20.36
N TYR MA 95 26.03 35.50 -21.12
CA TYR MA 95 27.44 35.58 -20.75
C TYR MA 95 28.11 36.68 -21.56
N LEU MA 96 29.37 36.93 -21.23
CA LEU MA 96 30.15 38.01 -21.80
C LEU MA 96 31.33 37.42 -22.57
N TYR MA 97 31.77 38.13 -23.61
CA TYR MA 97 32.97 37.77 -24.34
C TYR MA 97 33.89 38.98 -24.39
N PRO MA 98 35.18 38.83 -24.06
CA PRO MA 98 35.88 37.60 -23.66
C PRO MA 98 35.62 37.19 -22.21
N ASN MA 99 36.23 36.09 -21.79
CA ASN MA 99 36.09 35.54 -20.44
C ASN MA 99 36.85 36.37 -19.43
N ILE MA 100 36.19 37.34 -18.80
CA ILE MA 100 36.79 38.18 -17.79
C ILE MA 100 35.87 38.20 -16.57
N GLN MA 101 36.29 38.93 -15.55
CA GLN MA 101 35.46 39.08 -14.37
C GLN MA 101 34.30 40.02 -14.65
N TYR MA 102 33.09 39.61 -14.27
CA TYR MA 102 31.91 40.45 -14.37
C TYR MA 102 30.84 39.86 -13.47
N ILE MA 103 29.88 40.71 -13.09
CA ILE MA 103 28.66 40.27 -12.43
C ILE MA 103 27.51 41.13 -12.91
N VAL MA 104 26.32 40.54 -12.93
CA VAL MA 104 25.10 41.29 -13.15
C VAL MA 104 24.65 41.83 -11.80
N PHE MA 105 24.57 43.15 -11.69
CA PHE MA 105 24.24 43.81 -10.43
C PHE MA 105 23.22 44.89 -10.73
N GLY MA 106 22.02 44.74 -10.16
CA GLY MA 106 20.93 45.61 -10.56
C GLY MA 106 20.60 45.39 -12.02
N ASP MA 107 20.40 46.48 -12.75
CA ASP MA 107 20.18 46.43 -14.19
C ASP MA 107 21.46 46.77 -14.96
N LYS MA 108 22.62 46.56 -14.36
CA LYS MA 108 23.90 46.88 -14.97
C LYS MA 108 24.78 45.64 -14.96
N ILE MA 109 25.90 45.74 -15.67
CA ILE MA 109 26.97 44.75 -15.60
C ILE MA 109 28.20 45.47 -15.04
N LEU MA 110 28.83 44.86 -14.04
CA LEU MA 110 30.00 45.45 -13.43
C LEU MA 110 31.26 44.77 -13.97
N THR MA 111 32.25 45.57 -14.31
CA THR MA 111 33.52 45.06 -14.82
C THR MA 111 34.67 45.77 -14.13
N LYS MA 112 35.86 45.18 -14.26
CA LYS MA 112 37.09 45.78 -13.74
C LYS MA 112 38.00 46.29 -14.85
N SER MA 113 37.56 46.24 -16.10
CA SER MA 113 38.38 46.61 -17.23
C SER MA 113 37.57 47.48 -18.18
N ASN MA 114 38.26 48.31 -18.95
CA ASN MA 114 37.60 49.21 -19.90
C ASN MA 114 37.84 48.79 -21.35
N GLN MA 115 38.08 47.50 -21.58
CA GLN MA 115 38.20 47.01 -22.95
C GLN MA 115 36.81 46.79 -23.53
N THR MA 116 36.76 46.32 -24.77
CA THR MA 116 35.50 46.09 -25.45
C THR MA 116 34.91 44.75 -25.01
N PHE MA 117 33.69 44.77 -24.49
CA PHE MA 117 32.98 43.58 -24.09
C PHE MA 117 31.75 43.40 -24.98
N THR MA 118 31.44 42.15 -25.29
CA THR MA 118 30.26 41.78 -26.06
C THR MA 118 29.39 40.88 -25.21
N LEU MA 119 28.10 41.19 -25.16
CA LEU MA 119 27.15 40.43 -24.36
C LEU MA 119 26.37 39.47 -25.25
N ILE MA 120 26.23 38.24 -24.79
CA ILE MA 120 25.37 37.24 -25.43
C ILE MA 120 24.09 37.15 -24.62
N TYR MA 121 22.94 37.27 -25.28
CA TYR MA 121 21.70 37.40 -24.54
C TYR MA 121 20.52 36.90 -25.38
N SER MA 122 19.38 36.73 -24.70
CA SER MA 122 18.13 36.41 -25.36
C SER MA 122 17.39 37.68 -25.74
N ARG MA 123 16.54 37.59 -26.75
CA ARG MA 123 15.72 38.71 -27.16
C ARG MA 123 14.42 38.18 -27.72
N ASN MA 124 13.41 39.05 -27.74
CA ASN MA 124 12.18 38.74 -28.46
C ASN MA 124 12.45 38.70 -29.95
N VAL MA 125 11.88 37.70 -30.63
CA VAL MA 125 11.96 37.61 -32.08
C VAL MA 125 10.56 37.38 -32.63
N PRO MA 126 10.26 37.84 -33.83
CA PRO MA 126 8.92 37.64 -34.39
C PRO MA 126 8.65 36.17 -34.68
N VAL MA 127 7.36 35.87 -34.85
CA VAL MA 127 6.90 34.49 -34.99
C VAL MA 127 7.52 33.82 -36.21
N SER MA 128 7.76 34.58 -37.28
CA SER MA 128 8.34 34.00 -38.48
C SER MA 128 9.74 33.45 -38.25
N LYS MA 129 10.39 33.84 -37.16
CA LYS MA 129 11.69 33.31 -36.79
C LYS MA 129 11.59 32.11 -35.83
N TRP MA 130 10.39 31.71 -35.43
CA TRP MA 130 10.26 30.63 -34.47
C TRP MA 130 10.35 29.28 -35.17
N PRO MA 131 10.98 28.30 -34.52
CA PRO MA 131 10.86 26.91 -34.97
C PRO MA 131 9.43 26.42 -34.80
N PRO MA 132 8.93 25.60 -35.72
CA PRO MA 132 7.55 25.10 -35.62
C PRO MA 132 7.27 24.39 -34.31
N PRO MA 133 8.19 23.58 -33.76
CA PRO MA 133 7.90 22.98 -32.45
C PRO MA 133 7.66 24.01 -31.36
N PHE MA 134 8.42 25.10 -31.36
CA PHE MA 134 8.23 26.16 -30.38
C PHE MA 134 6.87 26.82 -30.54
N SER MA 135 6.45 27.04 -31.78
CA SER MA 135 5.15 27.69 -32.02
C SER MA 135 4.00 26.85 -31.47
N LEU MA 136 4.03 25.54 -31.67
CA LEU MA 136 2.98 24.70 -31.12
C LEU MA 136 3.03 24.66 -29.60
N TYR MA 137 4.23 24.72 -29.02
CA TYR MA 137 4.34 24.78 -27.57
C TYR MA 137 3.70 26.05 -27.02
N ILE MA 138 3.92 27.19 -27.69
CA ILE MA 138 3.31 28.44 -27.24
C ILE MA 138 1.79 28.38 -27.39
N VAL MA 139 1.31 27.74 -28.45
CA VAL MA 139 -0.14 27.60 -28.63
C VAL MA 139 -0.76 26.85 -27.47
N TYR MA 140 -0.14 25.74 -27.06
CA TYR MA 140 -0.63 24.97 -25.93
C TYR MA 140 -0.56 25.78 -24.64
N HIS MA 141 0.56 26.45 -24.40
CA HIS MA 141 0.73 27.18 -23.16
C HIS MA 141 -0.23 28.36 -23.09
N LEU MA 142 -0.40 29.08 -24.20
CA LEU MA 142 -1.35 30.19 -24.23
C LEU MA 142 -2.79 29.68 -24.06
N ALA MA 143 -3.12 28.55 -24.68
CA ALA MA 143 -4.45 27.98 -24.49
C ALA MA 143 -4.67 27.54 -23.05
N SER MA 144 -3.60 27.10 -22.38
CA SER MA 144 -3.71 26.76 -20.97
C SER MA 144 -4.08 27.99 -20.14
N MET MA 145 -3.48 29.14 -20.44
CA MET MA 145 -3.82 30.36 -19.73
C MET MA 145 -5.22 30.84 -20.07
N LEU MA 146 -5.66 30.66 -21.31
CA LEU MA 146 -7.05 30.96 -21.66
C LEU MA 146 -8.02 30.07 -20.92
N GLY MA 147 -7.65 28.81 -20.70
CA GLY MA 147 -8.50 27.93 -19.90
C GLY MA 147 -8.71 28.45 -18.49
N ILE MA 148 -7.66 28.98 -17.88
CA ILE MA 148 -7.78 29.55 -16.54
C ILE MA 148 -8.56 30.86 -16.58
N SER MA 149 -8.23 31.73 -17.52
CA SER MA 149 -8.75 33.09 -17.49
C SER MA 149 -10.20 33.18 -17.98
N VAL MA 150 -10.62 32.30 -18.90
CA VAL MA 150 -11.91 32.49 -19.54
C VAL MA 150 -12.84 31.31 -19.28
N THR MA 151 -12.41 30.10 -19.64
CA THR MA 151 -13.35 28.97 -19.64
C THR MA 151 -13.75 28.56 -18.23
N ASN MA 152 -12.87 28.75 -17.25
CA ASN MA 152 -13.12 28.36 -15.86
C ASN MA 152 -13.43 26.88 -15.74
N SER MA 153 -12.80 26.05 -16.57
CA SER MA 153 -13.10 24.63 -16.64
C SER MA 153 -11.89 23.84 -16.18
N ASP MA 154 -12.04 23.10 -15.07
CA ASP MA 154 -10.97 22.21 -14.62
C ASP MA 154 -10.74 21.10 -15.63
N ARG MA 155 -11.80 20.63 -16.28
CA ARG MA 155 -11.69 19.58 -17.27
C ARG MA 155 -10.80 20.00 -18.43
N MET MA 156 -10.98 21.23 -18.92
CA MET MA 156 -10.14 21.73 -20.01
C MET MA 156 -8.69 21.82 -19.58
N LEU MA 157 -8.43 22.29 -18.37
CA LEU MA 157 -7.05 22.42 -17.90
C LEU MA 157 -6.37 21.05 -17.84
N ALA MA 158 -7.09 20.02 -17.40
CA ALA MA 158 -6.51 18.70 -17.34
C ALA MA 158 -6.16 18.17 -18.73
N ARG MA 159 -6.99 18.46 -19.72
CA ARG MA 159 -6.75 17.95 -21.06
C ARG MA 159 -5.58 18.65 -21.75
N ILE MA 160 -5.43 19.96 -21.50
CA ILE MA 160 -4.39 20.71 -22.18
C ILE MA 160 -3.02 20.43 -21.59
N SER MA 161 -2.95 20.05 -20.31
CA SER MA 161 -1.68 20.00 -19.60
C SER MA 161 -0.73 18.97 -20.21
N GLN MA 162 -1.24 17.81 -20.62
CA GLN MA 162 -0.37 16.77 -21.15
C GLN MA 162 0.34 17.23 -22.42
N GLY MA 163 -0.41 17.85 -23.33
CA GLY MA 163 0.20 18.32 -24.57
C GLY MA 163 1.18 19.46 -24.35
N MET MA 164 0.88 20.35 -23.40
CA MET MA 164 1.75 21.48 -23.14
C MET MA 164 3.13 21.05 -22.67
N GLU MA 165 3.18 20.08 -21.75
CA GLU MA 165 4.48 19.62 -21.24
C GLU MA 165 5.23 18.81 -22.29
N MET MA 166 4.52 18.01 -23.09
CA MET MA 166 5.18 17.21 -24.11
C MET MA 166 5.86 18.09 -25.16
N TRP MA 167 5.15 19.10 -25.66
CA TRP MA 167 5.73 19.92 -26.71
C TRP MA 167 6.79 20.86 -26.17
N GLU MA 168 6.82 21.12 -24.87
CA GLU MA 168 7.94 21.88 -24.32
C GLU MA 168 9.23 21.10 -24.42
N SER MA 169 9.20 19.81 -24.07
CA SER MA 169 10.39 18.97 -24.15
C SER MA 169 10.82 18.79 -25.59
N ARG MA 170 9.86 18.58 -26.50
CA ARG MA 170 10.20 18.38 -27.90
C ARG MA 170 10.78 19.65 -28.51
N ALA MA 171 10.21 20.81 -28.18
CA ALA MA 171 10.75 22.06 -28.68
C ALA MA 171 12.17 22.30 -28.17
N LEU MA 172 12.41 22.01 -26.90
CA LEU MA 172 13.75 22.17 -26.35
C LEU MA 172 14.74 21.24 -27.02
N PHE MA 173 14.35 20.00 -27.27
CA PHE MA 173 15.25 19.05 -27.93
C PHE MA 173 15.55 19.49 -29.36
N ALA MA 174 14.53 19.88 -30.11
CA ALA MA 174 14.75 20.28 -31.49
C ALA MA 174 15.68 21.49 -31.58
N ASP MA 175 15.57 22.41 -30.64
CA ASP MA 175 16.44 23.57 -30.64
C ASP MA 175 17.86 23.21 -30.22
N ALA MA 176 18.00 22.34 -29.22
CA ALA MA 176 19.31 22.06 -28.64
C ALA MA 176 20.17 21.16 -29.52
N GLN MA 177 19.56 20.17 -30.17
CA GLN MA 177 20.33 19.09 -30.77
C GLN MA 177 21.07 19.50 -32.04
N SER MA 178 20.73 20.65 -32.63
CA SER MA 178 21.34 21.05 -33.89
C SER MA 178 22.81 21.42 -33.76
N SER MA 179 23.30 21.67 -32.55
CA SER MA 179 24.66 22.14 -32.37
C SER MA 179 25.35 21.35 -31.26
N VAL MA 180 26.68 21.39 -31.30
CA VAL MA 180 27.51 20.70 -30.34
C VAL MA 180 27.38 21.37 -28.97
N THR MA 181 27.71 20.62 -27.91
CA THR MA 181 27.68 21.17 -26.57
C THR MA 181 29.03 21.81 -26.23
N LEU MA 182 28.99 23.05 -25.78
CA LEU MA 182 30.21 23.80 -25.50
C LEU MA 182 30.81 23.38 -24.16
N PRO MA 183 32.13 23.46 -24.02
CA PRO MA 183 32.78 23.07 -22.76
C PRO MA 183 32.63 24.15 -21.69
N PHE MA 184 32.94 23.76 -20.47
CA PHE MA 184 32.97 24.70 -19.36
C PHE MA 184 34.05 25.75 -19.56
N ARG MA 185 33.75 26.97 -19.16
CA ARG MA 185 34.72 28.04 -19.24
C ARG MA 185 35.77 27.95 -18.13
N HIS MA 186 35.41 27.40 -16.98
CA HIS MA 186 36.33 27.30 -15.84
C HIS MA 186 36.59 25.82 -15.55
N ASN MA 187 37.87 25.44 -15.58
CA ASN MA 187 38.29 24.07 -15.29
C ASN MA 187 39.49 24.12 -14.36
N PRO MA 188 39.27 24.31 -13.06
CA PRO MA 188 40.37 24.72 -12.16
C PRO MA 188 41.53 23.75 -12.07
N TYR MA 189 41.30 22.43 -12.09
CA TYR MA 189 42.42 21.51 -11.94
C TYR MA 189 43.31 21.48 -13.16
N VAL MA 190 42.83 21.98 -14.30
CA VAL MA 190 43.64 22.10 -15.50
C VAL MA 190 44.20 23.51 -15.65
N ASP MA 191 43.40 24.53 -15.35
CA ASP MA 191 43.84 25.90 -15.54
C ASP MA 191 45.02 26.26 -14.64
N VAL MA 192 45.11 25.64 -13.46
CA VAL MA 192 46.18 25.96 -12.54
C VAL MA 192 47.55 25.60 -13.10
N ARG MA 193 47.61 24.65 -14.02
CA ARG MA 193 48.88 24.15 -14.55
C ARG MA 193 49.60 25.17 -15.43
N MET NA 1 -12.54 -5.55 -60.44
CA MET NA 1 -11.30 -6.23 -60.79
C MET NA 1 -10.51 -6.60 -59.55
N ILE NA 2 -9.21 -6.32 -59.55
CA ILE NA 2 -8.39 -6.69 -58.40
C ILE NA 2 -8.72 -5.80 -57.21
N GLU NA 3 -8.35 -6.28 -56.02
CA GLU NA 3 -8.60 -5.58 -54.78
C GLU NA 3 -7.48 -4.57 -54.53
N LEU NA 4 -7.85 -3.31 -54.34
CA LEU NA 4 -6.90 -2.24 -54.14
C LEU NA 4 -7.00 -1.68 -52.73
N THR NA 5 -5.85 -1.47 -52.09
CA THR NA 5 -5.77 -0.86 -50.78
C THR NA 5 -4.52 0.00 -50.73
N SER NA 6 -4.68 1.26 -50.32
CA SER NA 6 -3.53 2.16 -50.30
C SER NA 6 -3.72 3.21 -49.21
N ALA NA 7 -2.60 3.80 -48.82
CA ALA NA 7 -2.55 4.78 -47.75
C ALA NA 7 -3.06 6.14 -48.23
N PRO NA 8 -3.40 7.04 -47.30
CA PRO NA 8 -3.78 8.40 -47.71
C PRO NA 8 -2.66 9.09 -48.45
N THR NA 9 -3.06 9.90 -49.44
CA THR NA 9 -2.11 10.68 -50.23
C THR NA 9 -2.44 12.17 -50.26
N THR NA 10 -3.48 12.61 -49.59
CA THR NA 10 -3.88 14.02 -49.65
C THR NA 10 -4.18 14.53 -48.25
N LYS NA 11 -4.06 15.84 -48.10
CA LYS NA 11 -4.35 16.50 -46.84
C LYS NA 11 -5.80 16.29 -46.41
N ILE NA 12 -6.72 16.28 -47.37
CA ILE NA 12 -8.14 16.12 -47.03
C ILE NA 12 -8.40 14.75 -46.43
N GLU NA 13 -7.70 13.72 -46.89
CA GLU NA 13 -7.89 12.38 -46.33
C GLU NA 13 -7.47 12.33 -44.87
N ILE NA 14 -6.38 13.02 -44.52
CA ILE NA 14 -5.94 13.06 -43.13
C ILE NA 14 -6.97 13.77 -42.26
N ILE NA 15 -7.42 14.94 -42.70
CA ILE NA 15 -8.31 15.75 -41.88
C ILE NA 15 -9.67 15.09 -41.73
N SER NA 16 -10.20 14.53 -42.83
CA SER NA 16 -11.51 13.88 -42.75
C SER NA 16 -11.45 12.64 -41.86
N ALA NA 17 -10.34 11.90 -41.89
CA ALA NA 17 -10.18 10.77 -40.99
C ALA NA 17 -10.10 11.22 -39.53
N ALA NA 18 -9.36 12.29 -39.25
CA ALA NA 18 -9.22 12.76 -37.88
C ALA NA 18 -10.55 13.21 -37.31
N ILE NA 19 -11.39 13.85 -38.13
CA ILE NA 19 -12.70 14.28 -37.66
C ILE NA 19 -13.56 13.06 -37.35
N SER NA 20 -13.41 11.98 -38.11
CA SER NA 20 -14.11 10.74 -37.76
C SER NA 20 -13.63 10.19 -36.43
N MET NA 21 -12.35 10.33 -36.12
CA MET NA 21 -11.79 9.74 -34.92
C MET NA 21 -12.12 10.53 -33.65
N VAL NA 22 -12.70 11.72 -33.76
CA VAL NA 22 -13.24 12.38 -32.57
C VAL NA 22 -14.71 12.06 -32.46
N GLY NA 23 -15.19 11.15 -33.30
CA GLY NA 23 -16.56 10.68 -33.21
C GLY NA 23 -17.61 11.66 -33.68
N LYS NA 24 -17.30 12.49 -34.67
CA LYS NA 24 -18.25 13.43 -35.24
C LYS NA 24 -18.66 12.93 -36.62
N GLN NA 25 -19.96 12.86 -36.86
CA GLN NA 25 -20.49 12.23 -38.05
C GLN NA 25 -20.73 13.20 -39.20
N GLN NA 26 -20.50 14.49 -39.01
CA GLN NA 26 -20.81 15.46 -40.05
C GLN NA 26 -19.90 15.23 -41.26
N THR NA 27 -20.47 15.40 -42.45
CA THR NA 27 -19.78 15.05 -43.67
C THR NA 27 -18.68 16.05 -43.97
N VAL NA 28 -17.47 15.55 -44.25
CA VAL NA 28 -16.35 16.37 -44.66
C VAL NA 28 -15.80 15.74 -45.94
N ASN NA 29 -16.35 16.13 -47.08
CA ASN NA 29 -15.76 15.76 -48.36
C ASN NA 29 -14.69 16.75 -48.76
N THR NA 30 -14.81 17.98 -48.29
CA THR NA 30 -13.89 19.07 -48.58
C THR NA 30 -13.83 19.95 -47.35
N ILE NA 31 -12.73 20.68 -47.19
CA ILE NA 31 -12.64 21.62 -46.08
C ILE NA 31 -13.72 22.69 -46.22
N ASP NA 32 -13.98 23.14 -47.45
CA ASP NA 32 -14.98 24.18 -47.67
C ASP NA 32 -16.37 23.71 -47.26
N GLY NA 33 -16.70 22.47 -47.54
CA GLY NA 33 -18.00 21.92 -47.20
C GLY NA 33 -18.10 21.30 -45.83
N GLY NA 34 -17.07 21.40 -45.01
CA GLY NA 34 -17.06 20.78 -43.70
C GLY NA 34 -17.47 21.66 -42.54
N GLY NA 35 -17.85 22.91 -42.78
CA GLY NA 35 -18.31 23.75 -41.70
C GLY NA 35 -17.18 24.26 -40.81
N ALA NA 36 -17.58 24.75 -39.64
CA ALA NA 36 -16.63 25.38 -38.73
C ALA NA 36 -15.62 24.36 -38.20
N LEU NA 37 -16.05 23.13 -37.95
CA LEU NA 37 -15.13 22.11 -37.43
C LEU NA 37 -14.01 21.82 -38.41
N ALA NA 38 -14.32 21.74 -39.70
CA ALA NA 38 -13.32 21.39 -40.69
C ALA NA 38 -12.27 22.49 -40.83
N ILE NA 39 -12.67 23.75 -40.76
CA ILE NA 39 -11.69 24.82 -40.92
C ILE NA 39 -10.82 24.93 -39.68
N ASP NA 40 -11.36 24.65 -38.49
CA ASP NA 40 -10.53 24.61 -37.30
C ASP NA 40 -9.58 23.42 -37.33
N ALA NA 41 -10.03 22.28 -37.84
CA ALA NA 41 -9.14 21.13 -37.99
C ALA NA 41 -8.02 21.43 -38.97
N GLU NA 42 -8.32 22.15 -40.05
CA GLU NA 42 -7.28 22.53 -41.00
C GLU NA 42 -6.27 23.48 -40.38
N LYS NA 43 -6.75 24.43 -39.58
CA LYS NA 43 -5.84 25.38 -38.93
C LYS NA 43 -4.90 24.66 -37.97
N LEU NA 44 -5.42 23.71 -37.18
CA LEU NA 44 -4.55 22.97 -36.28
C LEU NA 44 -3.66 22.00 -37.05
N TYR NA 45 -4.11 21.53 -38.21
CA TYR NA 45 -3.29 20.64 -39.02
C TYR NA 45 -1.99 21.31 -39.46
N ASP NA 46 -2.07 22.57 -39.90
CA ASP NA 46 -0.88 23.28 -40.36
C ASP NA 46 0.14 23.44 -39.24
N THR NA 47 -0.32 23.76 -38.04
CA THR NA 47 0.60 23.92 -36.91
C THR NA 47 1.20 22.59 -36.50
N LEU NA 48 0.39 21.52 -36.52
CA LEU NA 48 0.85 20.24 -36.00
C LEU NA 48 1.89 19.59 -36.90
N VAL NA 49 1.67 19.61 -38.22
CA VAL NA 49 2.52 18.86 -39.12
C VAL NA 49 3.93 19.41 -39.12
N SER NA 50 4.07 20.73 -39.20
CA SER NA 50 5.40 21.32 -39.18
C SER NA 50 6.09 21.12 -37.83
N ALA NA 51 5.32 21.17 -36.75
CA ALA NA 51 5.89 20.92 -35.43
C ALA NA 51 6.42 19.51 -35.32
N GLU NA 52 5.68 18.53 -35.84
CA GLU NA 52 6.12 17.15 -35.78
C GLU NA 52 7.37 16.92 -36.62
N LEU NA 53 7.35 17.36 -37.87
CA LEU NA 53 8.50 17.17 -38.75
C LEU NA 53 9.68 18.05 -38.34
N GLY NA 54 9.45 19.07 -37.52
CA GLY NA 54 10.50 19.93 -37.03
C GLY NA 54 11.06 19.55 -35.68
N SER NA 55 10.64 18.42 -35.10
CA SER NA 55 11.08 18.02 -33.77
C SER NA 55 11.93 16.78 -33.77
N ASN NA 56 11.96 16.01 -34.85
CA ASN NA 56 12.53 14.68 -34.83
C ASN NA 56 13.13 14.39 -36.20
N ARG NA 57 14.15 13.55 -36.23
CA ARG NA 57 14.76 13.16 -37.50
C ARG NA 57 13.93 12.04 -38.11
N TRP NA 58 12.92 12.42 -38.87
CA TRP NA 58 12.22 11.46 -39.73
C TRP NA 58 13.01 11.33 -41.03
N ARG NA 59 13.32 10.09 -41.40
CA ARG NA 59 14.12 9.88 -42.61
C ARG NA 59 13.41 10.41 -43.84
N PHE NA 60 12.11 10.20 -43.94
CA PHE NA 60 11.38 10.62 -45.13
C PHE NA 60 11.28 12.14 -45.27
N ALA NA 61 11.53 12.88 -44.20
CA ALA NA 61 11.48 14.34 -44.24
C ALA NA 61 12.85 14.98 -44.34
N GLN NA 62 13.91 14.20 -44.49
CA GLN NA 62 15.25 14.75 -44.57
C GLN NA 62 15.52 15.34 -45.95
N ALA NA 63 16.41 16.33 -45.97
CA ALA NA 63 16.79 16.99 -47.21
C ALA NA 63 18.18 17.59 -47.04
N PHE NA 64 18.81 17.90 -48.17
CA PHE NA 64 20.14 18.49 -48.15
C PHE NA 64 20.19 19.66 -49.13
N GLN NA 65 21.10 20.59 -48.85
CA GLN NA 65 21.23 21.79 -49.67
C GLN NA 65 22.61 22.37 -49.45
N GLN NA 66 23.25 22.79 -50.54
CA GLN NA 66 24.55 23.45 -50.43
C GLN NA 66 24.39 24.92 -50.07
N ILE NA 67 25.22 25.37 -49.14
CA ILE NA 67 25.26 26.77 -48.71
C ILE NA 67 26.55 27.37 -49.24
N SER NA 68 26.43 28.45 -50.01
CA SER NA 68 27.59 29.11 -50.57
C SER NA 68 27.69 30.59 -50.22
N ILE NA 69 26.59 31.25 -49.91
CA ILE NA 69 26.62 32.67 -49.54
C ILE NA 69 27.03 32.78 -48.09
N ILE NA 70 28.32 32.94 -47.85
CA ILE NA 70 28.89 32.98 -46.51
C ILE NA 70 29.64 34.29 -46.36
N THR NA 71 29.16 35.15 -45.48
CA THR NA 71 29.62 36.53 -45.40
C THR NA 71 30.32 36.80 -44.07
N THR NA 72 31.19 37.80 -44.08
CA THR NA 72 31.97 38.15 -42.90
C THR NA 72 31.07 38.65 -41.78
N LEU NA 73 31.37 38.22 -40.56
CA LEU NA 73 30.68 38.65 -39.35
C LEU NA 73 31.51 39.75 -38.69
N ASN NA 74 30.97 40.95 -38.61
CA ASN NA 74 31.72 42.03 -37.98
C ASN NA 74 30.77 43.09 -37.44
N PRO NA 75 30.83 43.40 -36.13
CA PRO NA 75 31.69 42.81 -35.10
C PRO NA 75 31.27 41.39 -34.75
N THR NA 76 32.05 40.65 -33.98
CA THR NA 76 31.79 39.23 -33.78
C THR NA 76 32.12 38.86 -32.34
N PHE NA 77 32.06 37.57 -32.03
CA PHE NA 77 32.31 37.05 -30.70
C PHE NA 77 32.80 35.62 -30.81
N ASP NA 78 33.45 35.15 -29.74
CA ASP NA 78 33.87 33.76 -29.58
C ASP NA 78 34.71 33.24 -30.74
N GLY NA 79 35.34 34.12 -31.51
CA GLY NA 79 36.17 33.69 -32.61
C GLY NA 79 35.43 33.30 -33.88
N TRP NA 80 34.11 33.43 -33.92
CA TRP NA 80 33.39 33.20 -35.16
C TRP NA 80 33.76 34.26 -36.17
N LEU NA 81 33.82 33.88 -37.44
CA LEU NA 81 34.27 34.78 -38.49
C LEU NA 81 33.24 35.00 -39.58
N TYR NA 82 32.34 34.06 -39.81
CA TYR NA 82 31.40 34.15 -40.92
C TYR NA 82 30.01 33.74 -40.45
N GLU NA 83 29.00 34.21 -41.17
CA GLU NA 83 27.62 33.84 -40.93
C GLU NA 83 26.95 33.53 -42.26
N CYS NA 84 25.97 32.63 -42.21
CA CYS NA 84 25.17 32.32 -43.38
C CYS NA 84 23.72 32.16 -42.97
N GLN NA 85 22.82 32.57 -43.84
CA GLN NA 85 21.40 32.49 -43.55
C GLN NA 85 20.92 31.05 -43.63
N ILE NA 86 20.17 30.63 -42.62
CA ILE NA 86 19.54 29.32 -42.69
C ILE NA 86 18.43 29.36 -43.74
N PRO NA 87 18.43 28.44 -44.70
CA PRO NA 87 17.45 28.53 -45.80
C PRO NA 87 16.02 28.49 -45.29
N ALA NA 88 15.14 29.18 -46.02
CA ALA NA 88 13.78 29.41 -45.55
C ALA NA 88 12.98 28.12 -45.44
N ASP NA 89 13.25 27.14 -46.28
CA ASP NA 89 12.54 25.88 -46.24
C ASP NA 89 13.11 24.91 -45.21
N CYS NA 90 14.19 25.27 -44.52
CA CYS NA 90 14.72 24.44 -43.46
C CYS NA 90 13.85 24.57 -42.22
N ILE NA 91 13.40 23.43 -41.71
CA ILE NA 91 12.51 23.40 -40.57
C ILE NA 91 13.21 22.91 -39.30
N MET NA 92 14.32 22.18 -39.42
CA MET NA 92 15.14 21.81 -38.28
C MET NA 92 16.53 21.48 -38.79
N VAL NA 93 17.53 22.22 -38.30
CA VAL NA 93 18.91 21.92 -38.65
C VAL NA 93 19.34 20.63 -37.97
N GLN NA 94 19.99 19.74 -38.70
CA GLN NA 94 20.48 18.49 -38.13
C GLN NA 94 22.00 18.45 -38.07
N TYR NA 95 22.70 18.61 -39.18
CA TYR NA 95 24.16 18.65 -39.15
C TYR NA 95 24.68 19.14 -40.48
N LEU NA 96 25.99 19.35 -40.53
CA LEU NA 96 26.69 19.92 -41.67
C LEU NA 96 27.71 18.92 -42.21
N TYR NA 97 27.97 19.00 -43.51
CA TYR NA 97 29.05 18.26 -44.13
C TYR NA 97 29.87 19.23 -44.97
N PRO NA 98 31.20 19.20 -44.89
CA PRO NA 98 32.03 18.34 -44.03
C PRO NA 98 31.98 18.77 -42.56
N ASN NA 99 32.77 18.12 -41.70
CA ASN NA 99 32.69 18.32 -40.26
C ASN NA 99 33.47 19.56 -39.87
N ILE NA 100 32.84 20.72 -40.05
CA ILE NA 100 33.44 22.00 -39.70
C ILE NA 100 32.85 22.48 -38.38
N GLN NA 101 33.57 23.36 -37.71
CA GLN NA 101 33.05 23.99 -36.50
C GLN NA 101 31.94 24.97 -36.85
N TYR NA 102 30.85 24.90 -36.10
CA TYR NA 102 29.72 25.77 -36.36
C TYR NA 102 28.82 25.80 -35.13
N ILE NA 103 27.96 26.81 -35.09
CA ILE NA 103 26.84 26.86 -34.15
C ILE NA 103 25.65 27.48 -34.86
N VAL NA 104 24.46 27.07 -34.45
CA VAL NA 104 23.23 27.76 -34.82
C VAL NA 104 23.02 28.89 -33.83
N PHE NA 105 22.90 30.12 -34.32
CA PHE NA 105 22.84 31.30 -33.47
C PHE NA 105 21.85 32.25 -34.09
N GLY NA 106 20.74 32.51 -33.40
CA GLY NA 106 19.67 33.27 -34.00
C GLY NA 106 19.11 32.52 -35.19
N ASP NA 107 19.02 33.20 -36.33
CA ASP NA 107 18.59 32.58 -37.58
C ASP NA 107 19.76 32.34 -38.52
N LYS NA 108 20.98 32.33 -38.00
CA LYS NA 108 22.18 32.16 -38.79
C LYS NA 108 22.92 30.90 -38.38
N ILE NA 109 23.86 30.49 -39.22
CA ILE NA 109 24.86 29.50 -38.88
C ILE NA 109 26.21 30.22 -38.91
N LEU NA 110 26.91 30.19 -37.79
CA LEU NA 110 28.21 30.84 -37.66
C LEU NA 110 29.32 29.82 -37.87
N THR NA 111 30.32 30.19 -38.65
CA THR NA 111 31.41 29.30 -38.97
C THR NA 111 32.74 30.03 -38.84
N LYS NA 112 33.81 29.24 -38.76
CA LYS NA 112 35.16 29.78 -38.79
C LYS NA 112 35.80 29.64 -40.17
N SER NA 113 35.04 29.18 -41.17
CA SER NA 113 35.53 29.05 -42.53
C SER NA 113 34.43 29.47 -43.50
N ASN NA 114 34.83 29.90 -44.70
CA ASN NA 114 33.88 30.38 -45.70
C ASN NA 114 33.82 29.48 -46.93
N GLN NA 115 34.26 28.24 -46.80
CA GLN NA 115 34.10 27.27 -47.88
C GLN NA 115 32.66 26.79 -47.96
N THR NA 116 32.24 26.39 -49.16
CA THR NA 116 30.91 25.85 -49.35
C THR NA 116 30.75 24.56 -48.57
N PHE NA 117 29.62 24.42 -47.89
CA PHE NA 117 29.29 23.21 -47.15
C PHE NA 117 27.85 22.81 -47.47
N THR NA 118 27.46 21.64 -47.00
CA THR NA 118 26.13 21.10 -47.18
C THR NA 118 25.40 21.06 -45.85
N LEU NA 119 24.16 21.51 -45.86
CA LEU NA 119 23.30 21.46 -44.69
C LEU NA 119 22.35 20.27 -44.81
N ILE NA 120 22.34 19.41 -43.81
CA ILE NA 120 21.38 18.33 -43.70
C ILE NA 120 20.30 18.79 -42.74
N TYR NA 121 19.05 18.80 -43.19
CA TYR NA 121 17.98 19.39 -42.40
C TYR NA 121 16.68 18.63 -42.63
N SER NA 122 15.68 19.01 -41.86
CA SER NA 122 14.33 18.48 -41.99
C SER NA 122 13.45 19.51 -42.69
N ARG NA 123 12.50 19.02 -43.49
CA ARG NA 123 11.62 19.91 -44.24
C ARG NA 123 10.21 19.38 -44.18
N ASN NA 124 9.25 20.26 -44.48
CA ASN NA 124 7.87 19.85 -44.65
C ASN NA 124 7.72 19.08 -45.97
N VAL NA 125 6.92 18.03 -45.94
CA VAL NA 125 6.68 17.23 -47.14
C VAL NA 125 5.19 16.96 -47.30
N PRO NA 126 4.69 16.81 -48.52
CA PRO NA 126 3.26 16.55 -48.71
C PRO NA 126 2.88 15.13 -48.33
N VAL NA 127 1.57 14.94 -48.14
CA VAL NA 127 1.05 13.66 -47.66
C VAL NA 127 1.38 12.53 -48.61
N SER NA 128 1.53 12.82 -49.90
CA SER NA 128 1.87 11.78 -50.86
C SER NA 128 3.23 11.14 -50.58
N LYS NA 129 4.08 11.80 -49.79
CA LYS NA 129 5.37 11.25 -49.41
C LYS NA 129 5.40 10.66 -48.01
N TRP NA 130 4.28 10.66 -47.31
CA TRP NA 130 4.25 10.18 -45.93
C TRP NA 130 4.21 8.65 -45.89
N PRO NA 131 4.98 8.03 -45.00
CA PRO NA 131 4.79 6.61 -44.74
C PRO NA 131 3.43 6.37 -44.12
N PRO NA 132 2.80 5.24 -44.41
CA PRO NA 132 1.45 4.97 -43.89
C PRO NA 132 1.37 5.00 -42.37
N PRO NA 133 2.33 4.42 -41.64
CA PRO NA 133 2.24 4.52 -40.17
C PRO NA 133 2.26 5.95 -39.68
N PHE NA 134 3.04 6.82 -40.32
CA PHE NA 134 3.07 8.23 -39.94
C PHE NA 134 1.73 8.90 -40.22
N SER NA 135 1.07 8.51 -41.31
CA SER NA 135 -0.23 9.10 -41.63
C SER NA 135 -1.26 8.80 -40.54
N LEU NA 136 -1.31 7.55 -40.09
CA LEU NA 136 -2.26 7.19 -39.04
C LEU NA 136 -1.89 7.84 -37.71
N TYR NA 137 -0.59 8.06 -37.46
CA TYR NA 137 -0.19 8.78 -36.26
C TYR NA 137 -0.68 10.21 -36.29
N ILE NA 138 -0.60 10.88 -37.44
CA ILE NA 138 -1.09 12.25 -37.55
C ILE NA 138 -2.60 12.29 -37.36
N VAL NA 139 -3.30 11.27 -37.87
CA VAL NA 139 -4.76 11.23 -37.73
C VAL NA 139 -5.15 11.20 -36.27
N TYR NA 140 -4.50 10.33 -35.49
CA TYR NA 140 -4.78 10.28 -34.05
C TYR NA 140 -4.35 11.54 -33.34
N HIS NA 141 -3.17 12.06 -33.68
CA HIS NA 141 -2.68 13.25 -32.98
C HIS NA 141 -3.57 14.45 -33.24
N LEU NA 142 -4.01 14.64 -34.48
CA LEU NA 142 -4.93 15.73 -34.79
C LEU NA 142 -6.27 15.51 -34.10
N ALA NA 143 -6.75 14.28 -34.07
CA ALA NA 143 -7.98 13.98 -33.34
C ALA NA 143 -7.83 14.30 -31.86
N SER NA 144 -6.65 14.04 -31.30
CA SER NA 144 -6.39 14.36 -29.91
C SER NA 144 -6.47 15.86 -29.64
N MET NA 145 -5.97 16.67 -30.57
CA MET NA 145 -6.03 18.12 -30.39
C MET NA 145 -7.46 18.64 -30.51
N LEU NA 146 -8.22 18.14 -31.48
CA LEU NA 146 -9.62 18.53 -31.60
C LEU NA 146 -10.43 18.06 -30.40
N GLY NA 147 -10.14 16.85 -29.91
CA GLY NA 147 -10.90 16.27 -28.83
C GLY NA 147 -10.75 16.98 -27.50
N ILE NA 148 -9.79 17.88 -27.38
CA ILE NA 148 -9.66 18.66 -26.16
C ILE NA 148 -10.95 19.40 -25.87
N SER NA 149 -11.60 19.94 -26.90
CA SER NA 149 -12.80 20.73 -26.71
C SER NA 149 -14.09 20.00 -27.06
N VAL NA 150 -14.05 18.95 -27.89
CA VAL NA 150 -15.27 18.37 -28.41
C VAL NA 150 -15.51 16.93 -27.98
N THR NA 151 -14.54 16.24 -27.39
CA THR NA 151 -14.77 14.88 -26.92
C THR NA 151 -15.56 14.92 -25.61
N ASN NA 152 -16.64 14.13 -25.55
CA ASN NA 152 -17.52 14.17 -24.39
C ASN NA 152 -16.85 13.56 -23.15
N SER NA 153 -16.25 12.39 -23.29
CA SER NA 153 -15.80 11.61 -22.15
C SER NA 153 -14.29 11.72 -21.98
N ASP NA 154 -13.84 11.85 -20.73
CA ASP NA 154 -12.41 11.83 -20.46
C ASP NA 154 -11.81 10.47 -20.78
N ARG NA 155 -12.56 9.39 -20.53
CA ARG NA 155 -12.07 8.06 -20.87
C ARG NA 155 -11.90 7.89 -22.37
N MET NA 156 -12.81 8.46 -23.15
CA MET NA 156 -12.68 8.38 -24.61
C MET NA 156 -11.49 9.19 -25.10
N LEU NA 157 -11.26 10.37 -24.53
CA LEU NA 157 -10.11 11.17 -24.93
C LEU NA 157 -8.81 10.47 -24.57
N ALA NA 158 -8.77 9.79 -23.42
CA ALA NA 158 -7.58 9.05 -23.05
C ALA NA 158 -7.26 7.97 -24.07
N ARG NA 159 -8.29 7.30 -24.59
CA ARG NA 159 -8.05 6.25 -25.57
C ARG NA 159 -7.56 6.81 -26.89
N ILE NA 160 -8.06 7.99 -27.29
CA ILE NA 160 -7.55 8.63 -28.49
C ILE NA 160 -6.09 9.00 -28.32
N SER NA 161 -5.72 9.53 -27.14
CA SER NA 161 -4.33 9.83 -26.86
C SER NA 161 -3.48 8.56 -26.82
N GLN NA 162 -4.04 7.45 -26.32
CA GLN NA 162 -3.31 6.19 -26.33
C GLN NA 162 -3.02 5.73 -27.75
N GLY NA 163 -4.00 5.88 -28.65
CA GLY NA 163 -3.76 5.57 -30.04
C GLY NA 163 -2.72 6.45 -30.68
N MET NA 164 -2.66 7.72 -30.28
CA MET NA 164 -1.64 8.62 -30.78
C MET NA 164 -0.24 8.14 -30.39
N GLU NA 165 -0.06 7.80 -29.12
CA GLU NA 165 1.26 7.38 -28.64
C GLU NA 165 1.65 6.03 -29.22
N MET NA 166 0.69 5.13 -29.39
CA MET NA 166 0.99 3.82 -29.95
C MET NA 166 1.50 3.94 -31.38
N TRP NA 167 0.81 4.72 -32.21
CA TRP NA 167 1.24 4.85 -33.59
C TRP NA 167 2.46 5.74 -33.73
N GLU NA 168 2.76 6.58 -32.75
CA GLU NA 168 4.00 7.34 -32.79
C GLU NA 168 5.20 6.41 -32.68
N SER NA 169 5.16 5.47 -31.74
CA SER NA 169 6.27 4.53 -31.60
C SER NA 169 6.40 3.63 -32.81
N ARG NA 170 5.29 3.12 -33.34
CA ARG NA 170 5.36 2.25 -34.50
C ARG NA 170 5.83 3.01 -35.73
N ALA NA 171 5.36 4.23 -35.92
CA ALA NA 171 5.85 5.04 -37.03
C ALA NA 171 7.34 5.33 -36.88
N LEU NA 172 7.78 5.64 -35.67
CA LEU NA 172 9.20 5.90 -35.45
C LEU NA 172 10.05 4.67 -35.72
N PHE NA 173 9.60 3.50 -35.25
CA PHE NA 173 10.33 2.28 -35.51
C PHE NA 173 10.40 1.98 -36.99
N ALA NA 174 9.27 2.10 -37.69
CA ALA NA 174 9.23 1.77 -39.11
C ALA NA 174 10.15 2.66 -39.91
N ASP NA 175 10.22 3.94 -39.55
CA ASP NA 175 11.11 4.86 -40.23
C ASP NA 175 12.57 4.57 -39.93
N ALA NA 176 12.87 4.18 -38.69
CA ALA NA 176 14.26 4.08 -38.24
C ALA NA 176 14.92 2.77 -38.65
N GLN NA 177 14.16 1.66 -38.67
CA GLN NA 177 14.79 0.35 -38.83
C GLN NA 177 15.29 0.08 -40.24
N SER NA 178 14.97 0.93 -41.21
CA SER NA 178 15.33 0.67 -42.60
C SER NA 178 16.81 0.88 -42.89
N SER NA 179 17.55 1.55 -42.03
CA SER NA 179 18.95 1.85 -42.29
C SER NA 179 19.77 1.65 -41.03
N VAL NA 180 21.09 1.54 -41.20
CA VAL NA 180 21.97 1.32 -40.06
C VAL NA 180 22.07 2.59 -39.23
N THR NA 181 22.56 2.43 -38.00
CA THR NA 181 22.80 3.55 -37.11
C THR NA 181 24.18 4.13 -37.39
N LEU NA 182 24.23 5.42 -37.63
CA LEU NA 182 25.49 6.10 -37.90
C LEU NA 182 26.31 6.27 -36.62
N PRO NA 183 27.64 6.25 -36.73
CA PRO NA 183 28.48 6.42 -35.54
C PRO NA 183 28.58 7.88 -35.12
N PHE NA 184 29.08 8.08 -33.91
CA PHE NA 184 29.40 9.43 -33.45
C PHE NA 184 30.52 10.02 -34.29
N ARG NA 185 30.43 11.33 -34.54
CA ARG NA 185 31.49 11.99 -35.28
C ARG NA 185 32.63 12.45 -34.38
N HIS NA 186 32.45 12.45 -33.06
CA HIS NA 186 33.48 12.89 -32.14
C HIS NA 186 33.78 11.75 -31.17
N ASN NA 187 35.00 11.24 -31.22
CA ASN NA 187 35.46 10.14 -30.37
C ASN NA 187 36.80 10.53 -29.77
N PRO NA 188 36.80 11.24 -28.63
CA PRO NA 188 38.04 11.88 -28.15
C PRO NA 188 39.20 10.94 -27.89
N TYR NA 189 38.96 9.75 -27.32
CA TYR NA 189 40.07 8.89 -26.96
C TYR NA 189 40.69 8.20 -28.17
N VAL NA 190 39.98 8.17 -29.29
CA VAL NA 190 40.55 7.67 -30.54
C VAL NA 190 41.11 8.81 -31.38
N ASP NA 191 40.38 9.93 -31.46
CA ASP NA 191 40.79 11.03 -32.32
C ASP NA 191 42.10 11.67 -31.85
N VAL NA 192 42.38 11.62 -30.56
CA VAL NA 192 43.58 12.26 -30.04
C VAL NA 192 44.84 11.59 -30.57
N ARG NA 193 44.76 10.34 -31.00
CA ARG NA 193 45.91 9.64 -31.56
C ARG NA 193 46.31 10.23 -32.89
N MET OA 1 -21.56 -24.76 55.46
CA MET OA 1 -22.43 -25.04 54.33
C MET OA 1 -21.88 -24.42 53.06
N ILE OA 2 -22.08 -25.11 51.94
CA ILE OA 2 -21.56 -24.67 50.66
C ILE OA 2 -22.43 -23.55 50.11
N GLU OA 3 -21.79 -22.54 49.53
CA GLU OA 3 -22.51 -21.48 48.84
C GLU OA 3 -22.86 -21.95 47.43
N LEU OA 4 -24.14 -21.94 47.11
CA LEU OA 4 -24.60 -22.41 45.81
C LEU OA 4 -24.16 -21.45 44.71
N THR OA 5 -23.81 -22.00 43.56
CA THR OA 5 -23.36 -21.18 42.44
C THR OA 5 -24.54 -20.40 41.85
N SER OA 6 -24.24 -19.21 41.34
CA SER OA 6 -25.19 -18.43 40.58
C SER OA 6 -25.01 -18.59 39.07
N ALA OA 7 -24.02 -19.38 38.64
CA ALA OA 7 -23.83 -19.68 37.24
C ALA OA 7 -24.93 -20.63 36.76
N PRO OA 8 -25.14 -20.73 35.44
CA PRO OA 8 -26.16 -21.64 34.93
C PRO OA 8 -25.90 -23.08 35.35
N THR OA 9 -26.97 -23.79 35.69
CA THR OA 9 -26.86 -25.19 36.10
C THR OA 9 -27.74 -26.13 35.29
N THR OA 10 -28.56 -25.62 34.39
CA THR OA 10 -29.42 -26.46 33.55
C THR OA 10 -29.30 -25.99 32.11
N LYS OA 11 -29.66 -26.88 31.19
CA LYS OA 11 -29.62 -26.51 29.78
C LYS OA 11 -30.65 -25.44 29.44
N ILE OA 12 -31.74 -25.37 30.20
CA ILE OA 12 -32.73 -24.33 29.96
C ILE OA 12 -32.16 -22.96 30.29
N GLU OA 13 -31.34 -22.88 31.34
CA GLU OA 13 -30.73 -21.60 31.70
C GLU OA 13 -29.68 -21.18 30.67
N ILE OA 14 -28.97 -22.14 30.07
CA ILE OA 14 -28.06 -21.82 28.97
C ILE OA 14 -28.84 -21.27 27.78
N ILE OA 15 -29.96 -21.93 27.45
CA ILE OA 15 -30.75 -21.53 26.30
C ILE OA 15 -31.36 -20.14 26.53
N SER OA 16 -31.92 -19.91 27.71
CA SER OA 16 -32.56 -18.62 27.97
C SER OA 16 -31.54 -17.49 28.02
N ALA OA 17 -30.31 -17.77 28.42
CA ALA OA 17 -29.26 -16.75 28.37
C ALA OA 17 -28.92 -16.38 26.93
N ALA OA 18 -28.83 -17.37 26.04
CA ALA OA 18 -28.55 -17.10 24.64
C ALA OA 18 -29.68 -16.32 23.98
N ILE OA 19 -30.92 -16.60 24.36
CA ILE OA 19 -32.06 -15.90 23.80
C ILE OA 19 -32.05 -14.43 24.27
N SER OA 20 -31.67 -14.20 25.52
CA SER OA 20 -31.57 -12.82 26.00
C SER OA 20 -30.41 -12.08 25.36
N MET OA 21 -29.35 -12.81 24.98
CA MET OA 21 -28.22 -12.16 24.34
C MET OA 21 -28.61 -11.55 23.00
N VAL OA 22 -29.50 -12.21 22.26
CA VAL OA 22 -29.93 -11.69 20.97
C VAL OA 22 -31.11 -10.74 21.16
N GLY OA 23 -31.50 -10.50 22.40
CA GLY OA 23 -32.34 -9.36 22.75
C GLY OA 23 -33.71 -9.66 23.29
N LYS OA 24 -34.14 -10.91 23.45
CA LYS OA 24 -35.51 -11.21 23.84
C LYS OA 24 -35.58 -11.64 25.30
N GLN OA 25 -36.55 -11.09 26.02
CA GLN OA 25 -36.83 -11.53 27.37
C GLN OA 25 -37.25 -12.99 27.38
N GLN OA 26 -36.85 -13.72 28.41
CA GLN OA 26 -37.16 -15.14 28.48
C GLN OA 26 -36.96 -15.63 29.90
N THR OA 27 -37.97 -16.28 30.45
CA THR OA 27 -37.85 -16.96 31.73
C THR OA 27 -37.85 -18.47 31.50
N VAL OA 28 -37.33 -19.19 32.48
CA VAL OA 28 -37.20 -20.64 32.33
C VAL OA 28 -38.56 -21.32 32.31
N ASN OA 29 -39.55 -20.74 33.00
CA ASN OA 29 -40.84 -21.41 33.12
C ASN OA 29 -41.77 -21.14 31.95
N THR OA 30 -41.42 -20.24 31.02
CA THR OA 30 -42.21 -19.99 29.84
C THR OA 30 -41.47 -20.35 28.56
N ILE OA 31 -40.44 -21.20 28.67
CA ILE OA 31 -39.63 -21.55 27.51
C ILE OA 31 -40.43 -22.30 26.45
N ASP OA 32 -41.52 -22.94 26.83
CA ASP OA 32 -42.35 -23.64 25.84
C ASP OA 32 -43.03 -22.69 24.88
N GLY OA 33 -43.32 -21.47 25.32
CA GLY OA 33 -43.98 -20.50 24.46
C GLY OA 33 -43.05 -19.45 23.89
N GLY OA 34 -41.77 -19.81 23.73
CA GLY OA 34 -40.77 -18.85 23.31
C GLY OA 34 -40.71 -18.53 21.84
N GLY OA 35 -41.57 -19.13 21.02
CA GLY OA 35 -41.62 -18.76 19.62
C GLY OA 35 -40.45 -19.31 18.82
N ALA OA 36 -40.10 -18.60 17.75
CA ALA OA 36 -39.06 -19.07 16.84
C ALA OA 36 -37.70 -19.16 17.52
N LEU OA 37 -37.39 -18.20 18.40
CA LEU OA 37 -36.10 -18.23 19.08
C LEU OA 37 -35.96 -19.47 19.96
N ALA OA 38 -37.04 -19.85 20.65
CA ALA OA 38 -36.98 -21.03 21.50
C ALA OA 38 -36.95 -22.31 20.68
N ILE OA 39 -37.66 -22.33 19.55
CA ILE OA 39 -37.69 -23.52 18.71
C ILE OA 39 -36.30 -23.81 18.15
N ASP OA 40 -35.64 -22.77 17.63
CA ASP OA 40 -34.31 -22.96 17.06
C ASP OA 40 -33.28 -23.26 18.14
N ALA OA 41 -33.39 -22.62 19.30
CA ALA OA 41 -32.44 -22.85 20.36
C ALA OA 41 -32.49 -24.30 20.84
N GLU OA 42 -33.69 -24.84 21.02
CA GLU OA 42 -33.83 -26.22 21.47
C GLU OA 42 -33.27 -27.19 20.44
N LYS OA 43 -33.56 -26.95 19.16
CA LYS OA 43 -33.08 -27.83 18.11
C LYS OA 43 -31.56 -27.80 18.00
N LEU OA 44 -30.97 -26.61 18.07
CA LEU OA 44 -29.54 -26.46 17.83
C LEU OA 44 -28.67 -26.67 19.05
N TYR OA 45 -29.25 -26.66 20.26
CA TYR OA 45 -28.44 -26.80 21.46
C TYR OA 45 -27.72 -28.14 21.50
N ASP OA 46 -28.46 -29.23 21.28
CA ASP OA 46 -27.87 -30.56 21.39
C ASP OA 46 -26.79 -30.79 20.34
N THR OA 47 -27.03 -30.35 19.11
CA THR OA 47 -26.04 -30.52 18.06
C THR OA 47 -24.78 -29.74 18.35
N LEU OA 48 -24.92 -28.50 18.83
CA LEU OA 48 -23.77 -27.67 19.11
C LEU OA 48 -22.95 -28.22 20.27
N VAL OA 49 -23.61 -28.58 21.37
CA VAL OA 49 -22.90 -29.02 22.56
C VAL OA 49 -22.16 -30.33 22.30
N SER OA 50 -22.82 -31.26 21.61
CA SER OA 50 -22.18 -32.53 21.29
C SER OA 50 -21.00 -32.32 20.34
N ALA OA 51 -21.15 -31.42 19.37
CA ALA OA 51 -20.05 -31.15 18.45
C ALA OA 51 -18.85 -30.55 19.17
N GLU OA 52 -19.10 -29.64 20.11
CA GLU OA 52 -18.03 -28.98 20.83
C GLU OA 52 -17.29 -29.96 21.73
N LEU OA 53 -18.03 -30.75 22.51
CA LEU OA 53 -17.41 -31.72 23.40
C LEU OA 53 -16.84 -32.91 22.65
N GLY OA 54 -17.27 -33.13 21.42
CA GLY OA 54 -16.78 -34.21 20.60
C GLY OA 54 -15.61 -33.89 19.71
N SER OA 55 -15.03 -32.70 19.82
CA SER OA 55 -13.95 -32.29 18.94
C SER OA 55 -12.77 -31.69 19.68
N ASN OA 56 -12.73 -31.78 21.01
CA ASN OA 56 -11.63 -31.24 21.77
C ASN OA 56 -11.58 -31.96 23.11
N ARG OA 57 -10.37 -32.14 23.63
CA ARG OA 57 -10.21 -32.77 24.94
C ARG OA 57 -10.46 -31.72 26.01
N TRP OA 58 -11.70 -31.67 26.50
CA TRP OA 58 -12.05 -30.90 27.69
C TRP OA 58 -11.93 -31.80 28.90
N ARG OA 59 -11.18 -31.36 29.91
CA ARG OA 59 -10.93 -32.21 31.07
C ARG OA 59 -12.23 -32.58 31.79
N PHE OA 60 -13.15 -31.62 31.92
CA PHE OA 60 -14.39 -31.91 32.64
C PHE OA 60 -15.27 -32.92 31.92
N ALA OA 61 -15.05 -33.16 30.63
CA ALA OA 61 -15.86 -34.08 29.85
C ALA OA 61 -15.20 -35.43 29.64
N GLN OA 62 -14.08 -35.70 30.31
CA GLN OA 62 -13.37 -36.95 30.11
C GLN OA 62 -13.98 -38.08 30.93
N ALA OA 63 -13.80 -39.31 30.45
CA ALA OA 63 -14.30 -40.51 31.11
C ALA OA 63 -13.48 -41.69 30.62
N PHE OA 64 -13.64 -42.82 31.31
CA PHE OA 64 -12.96 -44.04 30.88
C PHE OA 64 -13.84 -45.25 31.17
N GLN OA 65 -13.58 -46.32 30.44
CA GLN OA 65 -14.33 -47.57 30.55
C GLN OA 65 -13.58 -48.67 29.83
N GLN OA 66 -13.76 -49.90 30.29
CA GLN OA 66 -13.22 -51.06 29.60
C GLN OA 66 -13.99 -51.31 28.30
N ILE OA 67 -13.27 -51.79 27.29
CA ILE OA 67 -13.88 -52.12 26.01
C ILE OA 67 -13.96 -53.64 25.88
N SER OA 68 -14.87 -54.09 25.02
CA SER OA 68 -15.20 -55.50 24.90
C SER OA 68 -14.94 -55.99 23.49
N ILE OA 69 -14.34 -57.17 23.38
CA ILE OA 69 -14.12 -57.80 22.08
C ILE OA 69 -15.43 -58.42 21.60
N ILE OA 70 -15.79 -58.11 20.36
CA ILE OA 70 -17.00 -58.63 19.75
C ILE OA 70 -16.70 -59.97 19.10
N THR OA 71 -17.52 -60.98 19.39
CA THR OA 71 -17.30 -62.30 18.82
C THR OA 71 -17.70 -62.35 17.35
N THR OA 72 -17.11 -63.32 16.64
CA THR OA 72 -17.31 -63.67 15.23
C THR OA 72 -16.84 -62.60 14.25
N LEU OA 73 -16.31 -61.48 14.72
CA LEU OA 73 -15.80 -60.43 13.83
C LEU OA 73 -14.28 -60.54 13.78
N ASN OA 74 -13.74 -60.70 12.58
CA ASN OA 74 -12.31 -60.92 12.39
C ASN OA 74 -11.78 -60.03 11.28
N PRO OA 75 -10.99 -59.01 11.60
CA PRO OA 75 -10.31 -58.25 10.54
C PRO OA 75 -9.31 -59.15 9.82
N THR OA 76 -9.12 -58.87 8.52
CA THR OA 76 -8.22 -59.67 7.70
C THR OA 76 -7.08 -58.85 7.11
N PHE OA 77 -6.78 -57.69 7.68
CA PHE OA 77 -5.77 -56.80 7.11
C PHE OA 77 -4.85 -56.29 8.20
N ASP OA 78 -3.59 -56.09 7.84
CA ASP OA 78 -2.57 -55.45 8.67
C ASP OA 78 -2.34 -56.16 9.99
N GLY OA 79 -2.72 -57.43 10.10
CA GLY OA 79 -2.47 -58.18 11.31
C GLY OA 79 -3.41 -57.90 12.46
N TRP OA 80 -4.46 -57.14 12.25
CA TRP OA 80 -5.44 -56.92 13.31
C TRP OA 80 -6.25 -58.20 13.55
N LEU OA 81 -6.52 -58.48 14.82
CA LEU OA 81 -7.16 -59.72 15.20
C LEU OA 81 -8.56 -59.56 15.76
N TYR OA 82 -8.86 -58.46 16.44
CA TYR OA 82 -10.13 -58.30 17.13
C TYR OA 82 -10.76 -56.95 16.83
N GLU OA 83 -12.08 -56.92 16.82
CA GLU OA 83 -12.85 -55.68 16.76
C GLU OA 83 -13.56 -55.49 18.10
N CYS OA 84 -13.39 -54.31 18.69
CA CYS OA 84 -13.86 -54.04 20.03
C CYS OA 84 -14.94 -52.95 20.00
N GLN OA 85 -15.93 -53.09 20.87
CA GLN OA 85 -17.04 -52.16 20.92
C GLN OA 85 -16.64 -50.89 21.65
N ILE OA 86 -16.99 -49.74 21.08
CA ILE OA 86 -16.77 -48.44 21.69
C ILE OA 86 -17.89 -48.18 22.69
N PRO OA 87 -17.61 -47.52 23.82
CA PRO OA 87 -18.66 -47.28 24.82
C PRO OA 87 -19.82 -46.47 24.27
N ALA OA 88 -21.00 -46.71 24.86
CA ALA OA 88 -22.23 -46.11 24.36
C ALA OA 88 -22.22 -44.59 24.49
N ASP OA 89 -21.68 -44.07 25.58
CA ASP OA 89 -21.63 -42.63 25.79
C ASP OA 89 -20.40 -41.99 25.16
N CYS OA 90 -19.56 -42.75 24.47
CA CYS OA 90 -18.36 -42.18 23.88
C CYS OA 90 -18.73 -41.25 22.75
N ILE OA 91 -18.17 -40.04 22.80
CA ILE OA 91 -18.41 -39.03 21.79
C ILE OA 91 -17.15 -38.64 21.03
N MET OA 92 -15.97 -38.93 21.57
CA MET OA 92 -14.71 -38.76 20.85
C MET OA 92 -13.67 -39.65 21.50
N VAL OA 93 -13.13 -40.61 20.75
CA VAL OA 93 -12.06 -41.46 21.25
C VAL OA 93 -10.78 -40.65 21.39
N GLN OA 94 -10.09 -40.81 22.52
CA GLN OA 94 -8.83 -40.11 22.74
C GLN OA 94 -7.64 -41.04 22.75
N TYR OA 95 -7.61 -42.04 23.63
CA TYR OA 95 -6.52 -43.01 23.60
C TYR OA 95 -6.90 -44.21 24.46
N LEU OA 96 -6.03 -45.22 24.42
CA LEU OA 96 -6.25 -46.49 25.07
C LEU OA 96 -5.19 -46.71 26.13
N TYR OA 97 -5.55 -47.45 27.18
CA TYR OA 97 -4.61 -47.85 28.21
C TYR OA 97 -4.68 -49.36 28.37
N PRO OA 98 -3.55 -50.08 28.38
CA PRO OA 98 -2.17 -49.59 28.26
C PRO OA 98 -1.76 -49.22 26.84
N ASN OA 99 -0.51 -48.77 26.68
CA ASN OA 99 0.05 -48.36 25.40
C ASN OA 99 0.34 -49.58 24.55
N ILE OA 100 -0.57 -49.91 23.64
CA ILE OA 100 -0.42 -51.05 22.75
C ILE OA 100 -0.82 -50.61 21.35
N GLN OA 101 -0.82 -51.56 20.43
CA GLN OA 101 -1.23 -51.28 19.06
C GLN OA 101 -2.75 -51.27 18.95
N TYR OA 102 -3.29 -50.21 18.36
CA TYR OA 102 -4.71 -50.13 18.09
C TYR OA 102 -4.93 -49.09 17.01
N ILE OA 103 -6.07 -49.18 16.34
CA ILE OA 103 -6.55 -48.13 15.45
C ILE OA 103 -8.05 -48.04 15.56
N VAL OA 104 -8.57 -46.84 15.36
CA VAL OA 104 -10.01 -46.65 15.21
C VAL OA 104 -10.36 -46.91 13.75
N PHE OA 105 -11.21 -47.90 13.51
CA PHE OA 105 -11.56 -48.32 12.17
C PHE OA 105 -13.07 -48.50 12.12
N GLY OA 106 -13.73 -47.70 11.29
CA GLY OA 106 -15.18 -47.66 11.34
C GLY OA 106 -15.64 -47.16 12.70
N ASP OA 107 -16.61 -47.86 13.28
CA ASP OA 107 -17.06 -47.56 14.64
C ASP OA 107 -16.52 -48.56 15.66
N LYS OA 108 -15.40 -49.19 15.36
CA LYS OA 108 -14.77 -50.17 16.21
C LYS OA 108 -13.35 -49.75 16.54
N ILE OA 109 -12.74 -50.45 17.49
CA ILE OA 109 -11.33 -50.33 17.80
C ILE OA 109 -10.68 -51.68 17.52
N LEU OA 110 -9.71 -51.71 16.63
CA LEU OA 110 -9.03 -52.95 16.29
C LEU OA 110 -7.81 -53.12 17.18
N THR OA 111 -7.60 -54.34 17.66
CA THR OA 111 -6.46 -54.67 18.50
C THR OA 111 -5.88 -56.00 18.05
N LYS OA 112 -4.66 -56.27 18.52
CA LYS OA 112 -3.98 -57.53 18.27
C LYS OA 112 -3.88 -58.40 19.51
N SER OA 113 -4.47 -57.99 20.62
CA SER OA 113 -4.36 -58.69 21.89
C SER OA 113 -5.74 -58.79 22.52
N ASN OA 114 -5.92 -59.80 23.37
CA ASN OA 114 -7.18 -60.02 24.05
C ASN OA 114 -7.10 -59.71 25.55
N GLN OA 115 -6.17 -58.85 25.94
CA GLN OA 115 -6.10 -58.43 27.32
C GLN OA 115 -7.15 -57.33 27.58
N THR OA 116 -7.18 -56.82 28.80
CA THR OA 116 -8.15 -55.80 29.17
C THR OA 116 -7.65 -54.43 28.73
N PHE OA 117 -8.45 -53.74 27.93
CA PHE OA 117 -8.14 -52.39 27.48
C PHE OA 117 -9.15 -51.42 28.06
N THR OA 118 -8.67 -50.22 28.41
CA THR OA 118 -9.52 -49.15 28.90
C THR OA 118 -9.42 -47.98 27.94
N LEU OA 119 -10.56 -47.42 27.55
CA LEU OA 119 -10.61 -46.32 26.61
C LEU OA 119 -10.82 -45.01 27.36
N ILE OA 120 -10.04 -43.99 27.01
CA ILE OA 120 -10.22 -42.63 27.50
C ILE OA 120 -10.93 -41.84 26.42
N TYR OA 121 -12.00 -41.15 26.77
CA TYR OA 121 -12.85 -40.55 25.75
C TYR OA 121 -13.61 -39.36 26.32
N SER OA 122 -14.19 -38.58 25.41
CA SER OA 122 -15.08 -37.49 25.78
C SER OA 122 -16.53 -38.00 25.86
N ARG OA 123 -17.34 -37.31 26.64
CA ARG OA 123 -18.74 -37.64 26.75
C ARG OA 123 -19.53 -36.37 27.02
N ASN OA 124 -20.82 -36.42 26.73
CA ASN OA 124 -21.71 -35.36 27.16
C ASN OA 124 -21.85 -35.36 28.67
N VAL OA 125 -21.82 -34.18 29.27
CA VAL OA 125 -22.04 -34.04 30.71
C VAL OA 125 -23.08 -32.94 30.92
N PRO OA 126 -23.88 -33.01 31.97
CA PRO OA 126 -24.88 -31.97 32.21
C PRO OA 126 -24.25 -30.63 32.55
N VAL OA 127 -25.07 -29.58 32.44
CA VAL OA 127 -24.57 -28.22 32.58
C VAL OA 127 -24.00 -27.97 33.96
N SER OA 128 -24.54 -28.63 34.99
CA SER OA 128 -24.03 -28.42 36.34
C SER OA 128 -22.59 -28.89 36.50
N LYS OA 129 -22.09 -29.69 35.56
CA LYS OA 129 -20.69 -30.10 35.56
C LYS OA 129 -19.81 -29.20 34.71
N TRP OA 130 -20.36 -28.17 34.08
CA TRP OA 130 -19.55 -27.32 33.21
C TRP OA 130 -18.80 -26.27 34.01
N PRO OA 131 -17.58 -25.94 33.62
CA PRO OA 131 -16.92 -24.75 34.14
C PRO OA 131 -17.63 -23.50 33.68
N PRO OA 132 -17.71 -22.47 34.51
CA PRO OA 132 -18.41 -21.24 34.13
C PRO OA 132 -17.87 -20.62 32.85
N PRO OA 133 -16.56 -20.60 32.60
CA PRO OA 133 -16.10 -20.06 31.32
C PRO OA 133 -16.64 -20.81 30.12
N PHE OA 134 -16.76 -22.13 30.22
CA PHE OA 134 -17.32 -22.92 29.14
C PHE OA 134 -18.78 -22.58 28.92
N SER OA 135 -19.54 -22.39 29.99
CA SER OA 135 -20.96 -22.08 29.86
C SER OA 135 -21.17 -20.76 29.12
N LEU OA 136 -20.38 -19.74 29.44
CA LEU OA 136 -20.52 -18.48 28.73
C LEU OA 136 -20.10 -18.60 27.28
N TYR OA 137 -19.10 -19.44 26.99
CA TYR OA 137 -18.72 -19.68 25.61
C TYR OA 137 -19.85 -20.32 24.82
N ILE OA 138 -20.54 -21.29 25.43
CA ILE OA 138 -21.67 -21.92 24.73
C ILE OA 138 -22.80 -20.93 24.52
N VAL OA 139 -23.02 -20.03 25.49
CA VAL OA 139 -24.06 -19.01 25.33
C VAL OA 139 -23.78 -18.14 24.12
N TYR OA 140 -22.53 -17.69 23.98
CA TYR OA 140 -22.15 -16.88 22.82
C TYR OA 140 -22.30 -17.66 21.53
N HIS OA 141 -21.81 -18.90 21.51
CA HIS OA 141 -21.84 -19.69 20.28
C HIS OA 141 -23.27 -20.01 19.89
N LEU OA 142 -24.11 -20.38 20.86
CA LEU OA 142 -25.52 -20.64 20.56
C LEU OA 142 -26.23 -19.38 20.10
N ALA OA 143 -25.93 -18.24 20.71
CA ALA OA 143 -26.52 -16.99 20.27
C ALA OA 143 -26.07 -16.63 18.86
N SER OA 144 -24.84 -17.00 18.50
CA SER OA 144 -24.38 -16.79 17.14
C SER OA 144 -25.22 -17.59 16.15
N MET OA 145 -25.57 -18.83 16.49
CA MET OA 145 -26.40 -19.64 15.60
C MET OA 145 -27.83 -19.11 15.56
N LEU OA 146 -28.32 -18.59 16.68
CA LEU OA 146 -29.63 -17.94 16.67
C LEU OA 146 -29.64 -16.70 15.78
N GLY OA 147 -28.53 -15.96 15.76
CA GLY OA 147 -28.43 -14.82 14.86
C GLY OA 147 -28.58 -15.22 13.41
N ILE OA 148 -27.96 -16.33 13.02
CA ILE OA 148 -28.09 -16.82 11.65
C ILE OA 148 -29.49 -17.34 11.39
N SER OA 149 -30.01 -18.16 12.31
CA SER OA 149 -31.24 -18.89 12.04
C SER OA 149 -32.49 -18.02 12.16
N VAL OA 150 -32.48 -17.01 13.01
CA VAL OA 150 -33.71 -16.29 13.32
C VAL OA 150 -33.62 -14.81 12.93
N THR OA 151 -32.64 -14.10 13.49
CA THR OA 151 -32.63 -12.65 13.37
C THR OA 151 -32.34 -12.20 11.94
N ASN OA 152 -31.56 -12.97 11.19
CA ASN OA 152 -31.18 -12.63 9.82
C ASN OA 152 -30.45 -11.29 9.75
N SER OA 153 -29.69 -10.96 10.78
CA SER OA 153 -29.04 -9.67 10.89
C SER OA 153 -27.53 -9.84 10.80
N ASP OA 154 -26.93 -9.26 9.76
CA ASP OA 154 -25.48 -9.27 9.65
C ASP OA 154 -24.84 -8.47 10.79
N ARG OA 155 -25.51 -7.38 11.18
CA ARG OA 155 -24.99 -6.54 12.26
C ARG OA 155 -24.88 -7.32 13.56
N MET OA 156 -25.90 -8.11 13.89
CA MET OA 156 -25.85 -8.92 15.10
C MET OA 156 -24.72 -9.94 15.05
N LEU OA 157 -24.53 -10.58 13.89
CA LEU OA 157 -23.48 -11.58 13.76
C LEU OA 157 -22.11 -10.96 13.97
N ALA OA 158 -21.90 -9.75 13.46
CA ALA OA 158 -20.61 -9.08 13.64
C ALA OA 158 -20.35 -8.77 15.10
N ARG OA 159 -21.39 -8.39 15.85
CA ARG OA 159 -21.21 -8.01 17.25
C ARG OA 159 -20.93 -9.22 18.13
N ILE OA 160 -21.54 -10.36 17.83
CA ILE OA 160 -21.37 -11.55 18.67
C ILE OA 160 -20.03 -12.23 18.44
N SER OA 161 -19.43 -12.06 17.25
CA SER OA 161 -18.30 -12.90 16.86
C SER OA 161 -17.09 -12.72 17.78
N GLN OA 162 -16.76 -11.47 18.14
CA GLN OA 162 -15.56 -11.25 18.93
C GLN OA 162 -15.69 -11.86 20.33
N GLY OA 163 -16.86 -11.73 20.95
CA GLY OA 163 -17.05 -12.34 22.25
C GLY OA 163 -17.02 -13.86 22.19
N MET OA 164 -17.55 -14.44 21.12
CA MET OA 164 -17.53 -15.88 20.98
C MET OA 164 -16.11 -16.42 20.88
N GLU OA 165 -15.25 -15.75 20.09
CA GLU OA 165 -13.88 -16.22 19.94
C GLU OA 165 -13.08 -16.00 21.22
N MET OA 166 -13.30 -14.88 21.91
CA MET OA 166 -12.53 -14.60 23.13
C MET OA 166 -12.82 -15.61 24.22
N TRP OA 167 -14.10 -15.90 24.45
CA TRP OA 167 -14.45 -16.82 25.53
C TRP OA 167 -14.11 -18.26 25.19
N GLU OA 168 -13.94 -18.59 23.91
CA GLU OA 168 -13.45 -19.92 23.58
C GLU OA 168 -12.02 -20.10 24.04
N SER OA 169 -11.16 -19.11 23.79
CA SER OA 169 -9.77 -19.20 24.22
C SER OA 169 -9.66 -19.20 25.74
N ARG OA 170 -10.45 -18.37 26.42
CA ARG OA 170 -10.37 -18.30 27.88
C ARG OA 170 -10.93 -19.57 28.52
N ALA OA 171 -11.98 -20.15 27.94
CA ALA OA 171 -12.49 -21.42 28.45
C ALA OA 171 -11.47 -22.53 28.27
N LEU OA 172 -10.79 -22.58 27.12
CA LEU OA 172 -9.77 -23.59 26.90
C LEU OA 172 -8.60 -23.42 27.86
N PHE OA 173 -8.19 -22.18 28.11
CA PHE OA 173 -7.09 -21.95 29.05
C PHE OA 173 -7.46 -22.37 30.46
N ALA OA 174 -8.66 -21.98 30.90
CA ALA OA 174 -9.08 -22.31 32.26
C ALA OA 174 -9.14 -23.81 32.48
N ASP OA 175 -9.59 -24.55 31.46
CA ASP OA 175 -9.65 -26.00 31.57
C ASP OA 175 -8.26 -26.62 31.53
N ALA OA 176 -7.38 -26.12 30.67
CA ALA OA 176 -6.09 -26.75 30.45
C ALA OA 176 -5.10 -26.51 31.58
N GLN OA 177 -5.08 -25.30 32.14
CA GLN OA 177 -3.99 -24.89 33.00
C GLN OA 177 -3.99 -25.56 34.37
N SER OA 178 -5.09 -26.21 34.75
CA SER OA 178 -5.19 -26.79 36.09
C SER OA 178 -4.28 -28.00 36.29
N SER OA 179 -3.78 -28.60 35.21
CA SER OA 179 -3.00 -29.82 35.32
C SER OA 179 -1.74 -29.72 34.49
N VAL OA 180 -0.78 -30.57 34.85
CA VAL OA 180 0.49 -30.64 34.15
C VAL OA 180 0.28 -31.20 32.74
N THR OA 181 1.25 -30.93 31.87
CA THR OA 181 1.22 -31.44 30.50
C THR OA 181 1.90 -32.79 30.45
N LEU OA 182 1.22 -33.79 29.91
CA LEU OA 182 1.72 -35.15 29.85
C LEU OA 182 2.75 -35.31 28.74
N PRO OA 183 3.73 -36.19 28.92
CA PRO OA 183 4.75 -36.40 27.88
C PRO OA 183 4.22 -37.24 26.72
N PHE OA 184 5.00 -37.24 25.64
CA PHE OA 184 4.69 -38.07 24.50
C PHE OA 184 4.80 -39.55 24.86
N ARG OA 185 3.91 -40.35 24.30
CA ARG OA 185 3.96 -41.78 24.52
C ARG OA 185 5.06 -42.45 23.70
N HIS OA 186 5.41 -41.90 22.55
CA HIS OA 186 6.43 -42.48 21.68
C HIS OA 186 7.61 -41.52 21.58
N ASN OA 187 8.80 -42.01 21.95
CA ASN OA 187 10.03 -41.23 21.88
C ASN OA 187 11.12 -42.10 21.27
N PRO OA 188 11.14 -42.21 19.94
CA PRO OA 188 11.92 -43.29 19.30
C PRO OA 188 13.42 -43.26 19.57
N TYR OA 189 14.06 -42.09 19.64
CA TYR OA 189 15.50 -42.08 19.83
C TYR OA 189 15.89 -42.51 21.24
N VAL OA 190 14.96 -42.50 22.18
CA VAL OA 190 15.20 -42.99 23.53
C VAL OA 190 14.71 -44.43 23.69
N ASP OA 191 13.55 -44.75 23.12
CA ASP OA 191 12.98 -46.08 23.29
C ASP OA 191 13.85 -47.16 22.68
N VAL OA 192 14.59 -46.84 21.60
CA VAL OA 192 15.41 -47.83 20.94
C VAL OA 192 16.52 -48.35 21.84
N ARG OA 193 16.93 -47.57 22.83
CA ARG OA 193 18.07 -47.93 23.69
C ARG OA 193 17.76 -49.10 24.62
N MET PA 1 -32.27 -48.14 -20.83
CA MET PA 1 -31.44 -48.24 -22.03
C MET PA 1 -30.07 -47.65 -21.77
N ILE PA 2 -29.13 -47.88 -22.68
CA ILE PA 2 -27.77 -47.42 -22.51
C ILE PA 2 -27.75 -45.90 -22.41
N GLU PA 3 -27.06 -45.39 -21.39
CA GLU PA 3 -26.88 -43.95 -21.23
C GLU PA 3 -25.78 -43.48 -22.17
N LEU PA 4 -26.11 -42.59 -23.10
CA LEU PA 4 -25.17 -42.11 -24.10
C LEU PA 4 -24.86 -40.63 -23.86
N THR PA 5 -23.59 -40.29 -23.87
CA THR PA 5 -23.14 -38.91 -23.80
C THR PA 5 -21.94 -38.75 -24.73
N SER PA 6 -21.94 -37.68 -25.51
CA SER PA 6 -20.89 -37.48 -26.50
C SER PA 6 -20.71 -36.00 -26.79
N ALA PA 7 -19.58 -35.69 -27.39
CA ALA PA 7 -19.19 -34.31 -27.68
C ALA PA 7 -19.88 -33.80 -28.94
N PRO PA 8 -19.91 -32.48 -29.13
CA PRO PA 8 -20.46 -31.94 -30.38
C PRO PA 8 -19.71 -32.45 -31.60
N THR PA 9 -20.46 -32.67 -32.68
CA THR PA 9 -19.87 -33.11 -33.94
C THR PA 9 -20.27 -32.23 -35.12
N THR PA 10 -21.03 -31.17 -34.90
CA THR PA 10 -21.48 -30.32 -35.99
C THR PA 10 -21.31 -28.86 -35.63
N LYS PA 11 -21.19 -28.04 -36.66
CA LYS PA 11 -21.04 -26.59 -36.49
C LYS PA 11 -22.25 -26.00 -35.79
N ILE PA 12 -23.46 -26.50 -36.07
CA ILE PA 12 -24.65 -25.96 -35.46
C ILE PA 12 -24.65 -26.19 -33.95
N GLU PA 13 -24.10 -27.32 -33.49
CA GLU PA 13 -24.03 -27.57 -32.06
C GLU PA 13 -23.13 -26.55 -31.36
N ILE PA 14 -22.02 -26.19 -31.99
CA ILE PA 14 -21.12 -25.19 -31.40
C ILE PA 14 -21.81 -23.84 -31.31
N ILE PA 15 -22.44 -23.42 -32.41
CA ILE PA 15 -23.01 -22.08 -32.46
C ILE PA 15 -24.19 -21.95 -31.52
N SER PA 16 -25.07 -22.96 -31.48
CA SER PA 16 -26.23 -22.88 -30.60
C SER PA 16 -25.82 -22.86 -29.14
N ALA PA 17 -24.80 -23.64 -28.77
CA ALA PA 17 -24.29 -23.59 -27.40
C ALA PA 17 -23.69 -22.23 -27.09
N ALA PA 18 -22.94 -21.66 -28.03
CA ALA PA 18 -22.33 -20.35 -27.80
C ALA PA 18 -23.39 -19.27 -27.59
N ILE PA 19 -24.50 -19.36 -28.32
CA ILE PA 19 -25.59 -18.41 -28.14
C ILE PA 19 -26.24 -18.60 -26.77
N SER PA 20 -26.32 -19.83 -26.28
CA SER PA 20 -26.80 -20.05 -24.92
C SER PA 20 -25.88 -19.43 -23.89
N MET PA 21 -24.56 -19.51 -24.12
CA MET PA 21 -23.61 -19.02 -23.14
C MET PA 21 -23.52 -17.50 -23.07
N VAL PA 22 -24.14 -16.77 -24.00
CA VAL PA 22 -24.26 -15.32 -23.84
C VAL PA 22 -25.60 -15.00 -23.21
N GLY PA 23 -26.27 -16.02 -22.69
CA GLY PA 23 -27.51 -15.84 -21.96
C GLY PA 23 -28.68 -15.35 -22.80
N LYS PA 24 -28.80 -15.81 -24.04
CA LYS PA 24 -29.92 -15.47 -24.89
C LYS PA 24 -30.77 -16.71 -25.09
N GLN PA 25 -32.08 -16.58 -24.85
CA GLN PA 25 -32.97 -17.73 -24.82
C GLN PA 25 -33.61 -18.03 -26.17
N GLN PA 26 -33.41 -17.19 -27.19
CA GLN PA 26 -34.08 -17.40 -28.46
C GLN PA 26 -33.63 -18.73 -29.07
N THR PA 27 -34.58 -19.42 -29.70
CA THR PA 27 -34.34 -20.78 -30.17
C THR PA 27 -33.44 -20.76 -31.41
N VAL PA 28 -32.40 -21.58 -31.40
CA VAL PA 28 -31.53 -21.76 -32.56
C VAL PA 28 -31.42 -23.27 -32.79
N ASN PA 29 -32.34 -23.82 -33.58
CA ASN PA 29 -32.20 -25.17 -34.07
C ASN PA 29 -31.39 -25.23 -35.34
N THR PA 30 -31.50 -24.20 -36.17
CA THR PA 30 -30.74 -24.05 -37.39
C THR PA 30 -30.27 -22.61 -37.47
N ILE PA 31 -29.25 -22.37 -38.28
CA ILE PA 31 -28.83 -21.00 -38.52
C ILE PA 31 -29.93 -20.22 -39.23
N ASP PA 32 -30.61 -20.86 -40.18
CA ASP PA 32 -31.68 -20.20 -40.91
C ASP PA 32 -32.81 -19.75 -39.99
N GLY PA 33 -33.16 -20.59 -39.03
CA GLY PA 33 -34.21 -20.28 -38.09
C GLY PA 33 -33.79 -19.50 -36.87
N GLY PA 34 -32.52 -19.13 -36.75
CA GLY PA 34 -32.03 -18.44 -35.59
C GLY PA 34 -32.10 -16.93 -35.62
N GLY PA 35 -32.60 -16.34 -36.70
CA GLY PA 35 -32.71 -14.89 -36.74
C GLY PA 35 -31.38 -14.19 -36.96
N ALA PA 36 -31.39 -12.89 -36.65
CA ALA PA 36 -30.22 -12.05 -36.91
C ALA PA 36 -29.03 -12.45 -36.05
N LEU PA 37 -29.28 -12.87 -34.81
CA LEU PA 37 -28.17 -13.24 -33.93
C LEU PA 37 -27.42 -14.46 -34.46
N ALA PA 38 -28.15 -15.47 -34.94
CA ALA PA 38 -27.50 -16.68 -35.41
C ALA PA 38 -26.66 -16.40 -36.66
N ILE PA 39 -27.12 -15.52 -37.53
CA ILE PA 39 -26.36 -15.18 -38.73
C ILE PA 39 -25.05 -14.49 -38.35
N ASP PA 40 -25.10 -13.53 -37.42
CA ASP PA 40 -23.89 -12.88 -36.97
C ASP PA 40 -22.96 -13.86 -36.25
N ALA PA 41 -23.53 -14.77 -35.46
CA ALA PA 41 -22.73 -15.77 -34.77
C ALA PA 41 -22.02 -16.68 -35.76
N GLU PA 42 -22.70 -17.05 -36.85
CA GLU PA 42 -22.07 -17.88 -37.87
C GLU PA 42 -20.96 -17.14 -38.58
N LYS PA 43 -21.16 -15.86 -38.86
CA LYS PA 43 -20.11 -15.07 -39.52
C LYS PA 43 -18.87 -14.97 -38.66
N LEU PA 44 -19.03 -14.72 -37.37
CA LEU PA 44 -17.88 -14.64 -36.48
C LEU PA 44 -17.26 -16.01 -36.25
N TYR PA 45 -18.06 -17.07 -36.33
CA TYR PA 45 -17.54 -18.42 -36.19
C TYR PA 45 -16.51 -18.73 -37.28
N ASP PA 46 -16.80 -18.34 -38.51
CA ASP PA 46 -15.89 -18.64 -39.62
C ASP PA 46 -14.54 -17.97 -39.43
N THR PA 47 -14.54 -16.71 -38.99
CA THR PA 47 -13.28 -16.02 -38.75
C THR PA 47 -12.52 -16.63 -37.58
N LEU PA 48 -13.23 -16.95 -36.51
CA LEU PA 48 -12.57 -17.39 -35.27
C LEU PA 48 -11.90 -18.75 -35.45
N VAL PA 49 -12.59 -19.71 -36.07
CA VAL PA 49 -12.08 -21.08 -36.10
C VAL PA 49 -10.78 -21.15 -36.88
N SER PA 50 -10.74 -20.52 -38.05
CA SER PA 50 -9.52 -20.53 -38.85
C SER PA 50 -8.41 -19.74 -38.17
N ALA PA 51 -8.76 -18.64 -37.49
CA ALA PA 51 -7.75 -17.88 -36.76
C ALA PA 51 -7.14 -18.70 -35.63
N GLU PA 52 -7.96 -19.51 -34.97
CA GLU PA 52 -7.48 -20.31 -33.85
C GLU PA 52 -6.60 -21.46 -34.34
N LEU PA 53 -7.03 -22.16 -35.38
CA LEU PA 53 -6.23 -23.26 -35.91
C LEU PA 53 -5.02 -22.77 -36.67
N GLY PA 54 -5.01 -21.52 -37.12
CA GLY PA 54 -3.91 -20.94 -37.84
C GLY PA 54 -2.88 -20.23 -37.02
N SER PA 55 -2.95 -20.28 -35.69
CA SER PA 55 -2.01 -19.55 -34.86
C SER PA 55 -1.36 -20.41 -33.78
N ASN PA 56 -1.57 -21.72 -33.81
CA ASN PA 56 -1.01 -22.62 -32.81
C ASN PA 56 -0.93 -24.01 -33.39
N ARG PA 57 0.06 -24.77 -32.94
CA ARG PA 57 0.22 -26.15 -33.39
C ARG PA 57 -0.70 -27.03 -32.56
N TRP PA 58 -1.92 -27.22 -33.04
CA TRP PA 58 -2.82 -28.24 -32.51
C TRP PA 58 -2.53 -29.55 -33.22
N ARG PA 59 -2.32 -30.61 -32.45
CA ARG PA 59 -2.00 -31.90 -33.06
C ARG PA 59 -3.12 -32.37 -33.96
N PHE PA 60 -4.38 -32.20 -33.54
CA PHE PA 60 -5.49 -32.70 -34.33
C PHE PA 60 -5.68 -31.94 -35.64
N ALA PA 61 -5.10 -30.75 -35.76
CA ALA PA 61 -5.22 -29.95 -36.97
C ALA PA 61 -4.00 -30.04 -37.88
N GLN PA 62 -3.04 -30.89 -37.56
CA GLN PA 62 -1.84 -31.01 -38.37
C GLN PA 62 -2.09 -31.85 -39.61
N ALA PA 63 -1.31 -31.57 -40.66
CA ALA PA 63 -1.42 -32.29 -41.92
C ALA PA 63 -0.08 -32.18 -42.65
N PHE PA 64 0.10 -33.05 -43.62
CA PHE PA 64 1.31 -33.06 -44.43
C PHE PA 64 0.97 -33.17 -45.90
N GLN PA 65 1.88 -32.69 -46.74
CA GLN PA 65 1.66 -32.68 -48.19
C GLN PA 65 3.00 -32.53 -48.89
N GLN PA 66 3.25 -33.39 -49.87
CA GLN PA 66 4.47 -33.29 -50.65
C GLN PA 66 4.37 -32.13 -51.65
N ILE PA 67 5.42 -31.34 -51.73
CA ILE PA 67 5.54 -30.25 -52.69
C ILE PA 67 6.53 -30.68 -53.76
N SER PA 68 6.12 -30.62 -55.01
CA SER PA 68 6.97 -31.03 -56.12
C SER PA 68 7.12 -30.00 -57.23
N ILE PA 69 6.19 -29.04 -57.36
CA ILE PA 69 6.31 -28.00 -58.37
C ILE PA 69 7.19 -26.88 -57.84
N ILE PA 70 8.48 -26.96 -58.12
CA ILE PA 70 9.47 -26.02 -57.60
C ILE PA 70 10.16 -25.38 -58.80
N THR PA 71 9.98 -24.08 -58.96
CA THR PA 71 10.40 -23.39 -60.18
C THR PA 71 11.48 -22.36 -59.89
N THR PA 72 12.25 -22.04 -60.92
CA THR PA 72 13.36 -21.11 -60.80
C THR PA 72 12.88 -19.72 -60.39
N LEU PA 73 13.62 -19.10 -59.46
CA LEU PA 73 13.36 -17.74 -59.02
C LEU PA 73 14.33 -16.82 -59.75
N ASN PA 74 13.81 -16.02 -60.67
CA ASN PA 74 14.68 -15.11 -61.40
C ASN PA 74 13.92 -13.86 -61.83
N PRO PA 75 14.38 -12.67 -61.45
CA PRO PA 75 15.56 -12.35 -60.63
C PRO PA 75 15.36 -12.72 -59.16
N THR PA 76 16.40 -12.75 -58.35
CA THR PA 76 16.30 -13.31 -57.01
C THR PA 76 17.12 -12.45 -56.04
N PHE PA 77 17.22 -12.92 -54.80
CA PHE PA 77 17.95 -12.22 -53.76
C PHE PA 77 18.42 -13.22 -52.73
N ASP PA 78 19.42 -12.80 -51.95
CA ASP PA 78 19.93 -13.54 -50.79
C ASP PA 78 20.35 -14.97 -51.14
N GLY PA 79 20.63 -15.25 -52.41
CA GLY PA 79 21.07 -16.56 -52.80
C GLY PA 79 19.96 -17.59 -52.96
N TRP PA 80 18.71 -17.21 -52.79
CA TRP PA 80 17.62 -18.15 -53.04
C TRP PA 80 17.54 -18.48 -54.52
N LEU PA 81 17.21 -19.71 -54.83
CA LEU PA 81 17.22 -20.18 -56.21
C LEU PA 81 15.86 -20.61 -56.72
N TYR PA 82 14.97 -21.09 -55.86
CA TYR PA 82 13.69 -21.62 -56.31
C TYR PA 82 12.59 -21.12 -55.40
N GLU PA 83 11.37 -21.15 -55.92
CA GLU PA 83 10.18 -20.80 -55.17
C GLU PA 83 9.11 -21.84 -55.44
N CYS PA 84 8.22 -22.02 -54.46
CA CYS PA 84 7.08 -22.92 -54.62
C CYS PA 84 5.87 -22.31 -53.94
N GLN PA 85 4.71 -22.55 -54.51
CA GLN PA 85 3.48 -21.98 -53.98
C GLN PA 85 3.07 -22.71 -52.72
N ILE PA 86 2.74 -21.95 -51.68
CA ILE PA 86 2.17 -22.56 -50.47
C ILE PA 86 0.77 -23.06 -50.80
N PRO PA 87 0.46 -24.33 -50.52
CA PRO PA 87 -0.85 -24.88 -50.91
C PRO PA 87 -2.00 -24.11 -50.29
N ALA PA 88 -3.12 -24.07 -51.02
CA ALA PA 88 -4.24 -23.22 -50.66
C ALA PA 88 -4.90 -23.66 -49.35
N ASP PA 89 -4.88 -24.95 -49.05
CA ASP PA 89 -5.47 -25.41 -47.80
C ASP PA 89 -4.52 -25.29 -46.62
N CYS PA 90 -3.28 -24.84 -46.84
CA CYS PA 90 -2.35 -24.61 -45.74
C CYS PA 90 -2.74 -23.32 -45.02
N ILE PA 91 -2.98 -23.44 -43.72
CA ILE PA 91 -3.40 -22.29 -42.92
C ILE PA 91 -2.29 -21.76 -42.03
N MET PA 92 -1.26 -22.55 -41.75
CA MET PA 92 -0.08 -22.08 -41.04
C MET PA 92 1.07 -23.04 -41.33
N VAL PA 93 2.11 -22.54 -41.99
CA VAL PA 93 3.32 -23.34 -42.21
C VAL PA 93 4.00 -23.60 -40.88
N GLN PA 94 4.40 -24.84 -40.64
CA GLN PA 94 5.09 -25.21 -39.41
C GLN PA 94 6.53 -25.59 -39.66
N TYR PA 95 6.81 -26.58 -40.51
CA TYR PA 95 8.20 -26.88 -40.85
C TYR PA 95 8.22 -27.79 -42.07
N LEU PA 96 9.43 -28.04 -42.57
CA LEU PA 96 9.67 -28.81 -43.77
C LEU PA 96 10.48 -30.05 -43.43
N TYR PA 97 10.26 -31.12 -44.20
CA TYR PA 97 11.10 -32.30 -44.17
C TYR PA 97 11.51 -32.65 -45.58
N PRO PA 98 12.79 -32.99 -45.81
CA PRO PA 98 13.90 -33.02 -44.85
C PRO PA 98 14.37 -31.63 -44.47
N ASN PA 99 15.41 -31.53 -43.65
CA ASN PA 99 15.85 -30.25 -43.09
C ASN PA 99 16.66 -29.49 -44.11
N ILE PA 100 15.94 -28.81 -45.01
CA ILE PA 100 16.56 -27.98 -46.03
C ILE PA 100 16.41 -26.52 -45.63
N GLN PA 101 17.29 -25.69 -46.18
CA GLN PA 101 17.18 -24.25 -45.97
C GLN PA 101 15.97 -23.70 -46.71
N TYR PA 102 15.25 -22.78 -46.06
CA TYR PA 102 14.07 -22.20 -46.66
C TYR PA 102 13.66 -20.97 -45.86
N ILE PA 103 12.84 -20.13 -46.47
CA ILE PA 103 12.12 -19.08 -45.77
C ILE PA 103 10.73 -18.95 -46.38
N VAL PA 104 9.77 -18.58 -45.54
CA VAL PA 104 8.46 -18.17 -46.03
C VAL PA 104 8.55 -16.71 -46.43
N PHE PA 105 8.25 -16.41 -47.69
CA PHE PA 105 8.40 -15.07 -48.24
C PHE PA 105 7.19 -14.78 -49.10
N GLY PA 106 6.39 -13.81 -48.69
CA GLY PA 106 5.13 -13.58 -49.38
C GLY PA 106 4.23 -14.78 -49.23
N ASP PA 107 3.70 -15.27 -50.36
CA ASP PA 107 2.91 -16.49 -50.37
C ASP PA 107 3.71 -17.67 -50.92
N LYS PA 108 5.03 -17.58 -50.92
CA LYS PA 108 5.90 -18.60 -51.47
C LYS PA 108 6.81 -19.16 -50.38
N ILE PA 109 7.38 -20.31 -50.67
CA ILE PA 109 8.49 -20.87 -49.91
C ILE PA 109 9.71 -20.85 -50.82
N LEU PA 110 10.75 -20.16 -50.40
CA LEU PA 110 11.97 -20.03 -51.17
C LEU PA 110 12.99 -21.05 -50.69
N THR PA 111 13.65 -21.72 -51.63
CA THR PA 111 14.61 -22.77 -51.31
C THR PA 111 15.86 -22.61 -52.15
N LYS PA 112 16.91 -23.31 -51.75
CA LYS PA 112 18.13 -23.42 -52.51
C LYS PA 112 18.26 -24.76 -53.23
N SER PA 113 17.20 -25.57 -53.22
CA SER PA 113 17.20 -26.86 -53.91
C SER PA 113 15.82 -27.09 -54.49
N ASN PA 114 15.75 -27.93 -55.52
CA ASN PA 114 14.50 -28.21 -56.21
C ASN PA 114 14.06 -29.66 -56.06
N GLN PA 115 14.59 -30.37 -55.06
CA GLN PA 115 14.11 -31.71 -54.78
C GLN PA 115 12.77 -31.66 -54.07
N THR PA 116 11.95 -32.68 -54.29
CA THR PA 116 10.66 -32.77 -53.63
C THR PA 116 10.84 -32.84 -52.12
N PHE PA 117 10.03 -32.06 -51.40
CA PHE PA 117 10.04 -32.07 -49.94
C PHE PA 117 8.60 -32.15 -49.45
N THR PA 118 8.47 -32.32 -48.14
CA THR PA 118 7.17 -32.43 -47.49
C THR PA 118 6.94 -31.21 -46.61
N LEU PA 119 5.74 -30.64 -46.70
CA LEU PA 119 5.35 -29.52 -45.88
C LEU PA 119 4.48 -30.02 -44.73
N ILE PA 120 4.86 -29.68 -43.50
CA ILE PA 120 4.05 -29.94 -42.32
C ILE PA 120 3.34 -28.65 -41.94
N TYR PA 121 2.02 -28.68 -41.88
CA TYR PA 121 1.27 -27.45 -41.73
C TYR PA 121 0.01 -27.71 -40.91
N SER PA 122 -0.69 -26.62 -40.61
CA SER PA 122 -1.98 -26.67 -39.94
C SER PA 122 -3.09 -26.43 -40.97
N ARG PA 123 -4.22 -27.08 -40.76
CA ARG PA 123 -5.34 -26.97 -41.69
C ARG PA 123 -6.65 -26.85 -40.90
N ASN PA 124 -7.65 -26.28 -41.56
CA ASN PA 124 -9.00 -26.28 -41.02
C ASN PA 124 -9.56 -27.69 -41.01
N VAL PA 125 -10.27 -28.04 -39.94
CA VAL PA 125 -10.87 -29.37 -39.83
C VAL PA 125 -12.31 -29.25 -39.36
N PRO PA 126 -13.19 -30.18 -39.71
CA PRO PA 126 -14.58 -30.10 -39.27
C PRO PA 126 -14.75 -30.46 -37.80
N VAL PA 127 -15.91 -30.07 -37.26
CA VAL PA 127 -16.18 -30.27 -35.84
C VAL PA 127 -16.16 -31.74 -35.46
N SER PA 128 -16.46 -32.63 -36.40
CA SER PA 128 -16.44 -34.05 -36.12
C SER PA 128 -15.04 -34.56 -35.76
N LYS PA 129 -14.00 -33.78 -36.03
CA LYS PA 129 -12.63 -34.14 -35.68
C LYS PA 129 -12.09 -33.37 -34.48
N TRP PA 130 -12.90 -32.51 -33.86
CA TRP PA 130 -12.41 -31.68 -32.76
C TRP PA 130 -12.36 -32.49 -31.46
N PRO PA 131 -11.32 -32.33 -30.66
CA PRO PA 131 -11.34 -32.88 -29.30
C PRO PA 131 -12.39 -32.16 -28.47
N PRO PA 132 -13.03 -32.85 -27.54
CA PRO PA 132 -14.11 -32.24 -26.75
C PRO PA 132 -13.66 -31.00 -25.98
N PRO PA 133 -12.46 -30.98 -25.36
CA PRO PA 133 -12.03 -29.74 -24.69
C PRO PA 133 -11.91 -28.56 -25.63
N PHE PA 134 -11.47 -28.81 -26.87
CA PHE PA 134 -11.37 -27.74 -27.85
C PHE PA 134 -12.76 -27.21 -28.21
N SER PA 135 -13.75 -28.09 -28.33
CA SER PA 135 -15.09 -27.68 -28.68
C SER PA 135 -15.66 -26.73 -27.63
N LEU PA 136 -15.49 -27.06 -26.35
CA LEU PA 136 -15.99 -26.18 -25.30
C LEU PA 136 -15.22 -24.88 -25.25
N TYR PA 137 -13.93 -24.91 -25.57
CA TYR PA 137 -13.15 -23.68 -25.65
C TYR PA 137 -13.69 -22.77 -26.74
N ILE PA 138 -14.01 -23.32 -27.91
CA ILE PA 138 -14.57 -22.51 -28.98
C ILE PA 138 -15.94 -21.95 -28.59
N VAL PA 139 -16.73 -22.74 -27.87
CA VAL PA 139 -18.05 -22.27 -27.43
C VAL PA 139 -17.90 -21.02 -26.58
N TYR PA 140 -17.00 -21.05 -25.60
CA TYR PA 140 -16.77 -19.89 -24.76
C TYR PA 140 -16.16 -18.73 -25.54
N HIS PA 141 -15.21 -19.01 -26.43
CA HIS PA 141 -14.56 -17.95 -27.18
C HIS PA 141 -15.54 -17.23 -28.08
N LEU PA 142 -16.39 -17.99 -28.78
CA LEU PA 142 -17.39 -17.39 -29.64
C LEU PA 142 -18.40 -16.60 -28.83
N ALA PA 143 -18.79 -17.12 -27.66
CA ALA PA 143 -19.67 -16.36 -26.78
C ALA PA 143 -19.01 -15.08 -26.31
N SER PA 144 -17.69 -15.10 -26.11
CA SER PA 144 -16.99 -13.89 -25.70
C SER PA 144 -17.04 -12.83 -26.80
N MET PA 145 -16.96 -13.25 -28.07
CA MET PA 145 -17.02 -12.29 -29.16
C MET PA 145 -18.41 -11.70 -29.33
N LEU PA 146 -19.44 -12.54 -29.23
CA LEU PA 146 -20.81 -12.04 -29.28
C LEU PA 146 -21.13 -11.18 -28.07
N GLY PA 147 -20.60 -11.55 -26.90
CA GLY PA 147 -20.91 -10.82 -25.68
C GLY PA 147 -20.36 -9.41 -25.64
N ILE PA 148 -19.47 -9.06 -26.56
CA ILE PA 148 -18.96 -7.69 -26.63
C ILE PA 148 -20.11 -6.71 -26.82
N SER PA 149 -21.09 -7.08 -27.62
CA SER PA 149 -22.20 -6.18 -27.90
C SER PA 149 -23.48 -6.51 -27.15
N VAL PA 150 -23.70 -7.75 -26.73
CA VAL PA 150 -25.01 -8.15 -26.22
C VAL PA 150 -25.02 -8.53 -24.74
N THR PA 151 -23.87 -8.67 -24.09
CA THR PA 151 -23.86 -9.00 -22.68
C THR PA 151 -24.16 -7.77 -21.84
N ASN PA 152 -25.12 -7.89 -20.92
CA ASN PA 152 -25.56 -6.72 -20.16
C ASN PA 152 -24.47 -6.23 -19.21
N SER PA 153 -23.85 -7.14 -18.46
CA SER PA 153 -22.99 -6.79 -17.34
C SER PA 153 -21.53 -7.02 -17.69
N ASP PA 154 -20.68 -6.08 -17.27
CA ASP PA 154 -19.23 -6.26 -17.45
C ASP PA 154 -18.72 -7.43 -16.62
N ARG PA 155 -19.29 -7.63 -15.43
CA ARG PA 155 -18.88 -8.76 -14.61
C ARG PA 155 -19.24 -10.08 -15.26
N MET PA 156 -20.41 -10.15 -15.90
CA MET PA 156 -20.80 -11.36 -16.61
C MET PA 156 -19.88 -11.63 -17.79
N LEU PA 157 -19.51 -10.59 -18.54
CA LEU PA 157 -18.60 -10.78 -19.66
C LEU PA 157 -17.24 -11.27 -19.19
N ALA PA 158 -16.76 -10.74 -18.06
CA ALA PA 158 -15.50 -11.22 -17.51
C ALA PA 158 -15.59 -12.69 -17.14
N ARG PA 159 -16.74 -13.12 -16.63
CA ARG PA 159 -16.94 -14.53 -16.32
C ARG PA 159 -16.83 -15.39 -17.57
N ILE PA 160 -17.44 -14.94 -18.67
CA ILE PA 160 -17.37 -15.68 -19.92
C ILE PA 160 -15.94 -15.71 -20.44
N SER PA 161 -15.24 -14.58 -20.35
CA SER PA 161 -13.84 -14.54 -20.80
C SER PA 161 -12.96 -15.45 -19.95
N GLN PA 162 -13.23 -15.51 -18.65
CA GLN PA 162 -12.48 -16.41 -17.78
C GLN PA 162 -12.70 -17.87 -18.19
N GLY PA 163 -13.94 -18.22 -18.52
CA GLY PA 163 -14.20 -19.56 -19.00
C GLY PA 163 -13.49 -19.87 -20.30
N MET PA 164 -13.35 -18.87 -21.18
CA MET PA 164 -12.61 -19.07 -22.41
C MET PA 164 -11.14 -19.36 -22.14
N GLU PA 165 -10.52 -18.59 -21.24
CA GLU PA 165 -9.11 -18.79 -20.94
C GLU PA 165 -8.87 -20.09 -20.19
N MET PA 166 -9.82 -20.49 -19.34
CA MET PA 166 -9.67 -21.72 -18.59
C MET PA 166 -9.67 -22.93 -19.51
N TRP PA 167 -10.62 -22.99 -20.44
CA TRP PA 167 -10.71 -24.12 -21.35
C TRP PA 167 -9.65 -24.07 -22.44
N GLU PA 168 -9.08 -22.90 -22.71
CA GLU PA 168 -7.97 -22.85 -23.66
C GLU PA 168 -6.76 -23.58 -23.10
N SER PA 169 -6.42 -23.35 -21.83
CA SER PA 169 -5.29 -24.04 -21.22
C SER PA 169 -5.54 -25.53 -21.12
N ARG PA 170 -6.75 -25.94 -20.74
CA ARG PA 170 -7.04 -27.36 -20.60
C ARG PA 170 -7.07 -28.05 -21.95
N ALA PA 171 -7.62 -27.40 -22.98
CA ALA PA 171 -7.58 -27.98 -24.31
C ALA PA 171 -6.16 -28.10 -24.83
N LEU PA 172 -5.34 -27.07 -24.60
CA LEU PA 172 -3.94 -27.12 -25.03
C LEU PA 172 -3.18 -28.23 -24.33
N PHE PA 173 -3.42 -28.40 -23.02
CA PHE PA 173 -2.77 -29.48 -22.29
C PHE PA 173 -3.20 -30.83 -22.82
N ALA PA 174 -4.51 -31.05 -22.94
CA ALA PA 174 -5.02 -32.35 -23.40
C ALA PA 174 -4.47 -32.69 -24.78
N ASP PA 175 -4.34 -31.70 -25.65
CA ASP PA 175 -3.77 -31.93 -26.97
C ASP PA 175 -2.28 -32.25 -26.89
N ALA PA 176 -1.54 -31.54 -26.04
CA ALA PA 176 -0.09 -31.63 -26.04
C ALA PA 176 0.43 -32.86 -25.31
N GLN PA 177 -0.22 -33.30 -24.24
CA GLN PA 177 0.37 -34.32 -23.37
C GLN PA 177 0.38 -35.70 -23.99
N SER PA 178 -0.33 -35.93 -25.09
CA SER PA 178 -0.45 -37.28 -25.64
C SER PA 178 0.83 -37.77 -26.31
N SER PA 179 1.79 -36.89 -26.57
CA SER PA 179 3.00 -37.28 -27.29
C SER PA 179 4.21 -36.63 -26.64
N VAL PA 180 5.38 -37.18 -26.95
CA VAL PA 180 6.62 -36.64 -26.39
C VAL PA 180 6.97 -35.32 -27.06
N THR PA 181 7.84 -34.56 -26.41
CA THR PA 181 8.34 -33.31 -26.97
C THR PA 181 9.49 -33.61 -27.93
N LEU PA 182 9.41 -33.06 -29.12
CA LEU PA 182 10.45 -33.26 -30.12
C LEU PA 182 11.67 -32.39 -29.82
N PRO PA 183 12.86 -32.86 -30.15
CA PRO PA 183 14.07 -32.07 -29.90
C PRO PA 183 14.23 -30.93 -30.91
N PHE PA 184 15.08 -29.98 -30.54
CA PHE PA 184 15.50 -28.95 -31.48
C PHE PA 184 16.23 -29.58 -32.66
N ARG PA 185 16.00 -29.03 -33.84
CA ARG PA 185 16.71 -29.51 -35.02
C ARG PA 185 18.07 -28.85 -35.22
N HIS PA 186 18.35 -27.76 -34.52
CA HIS PA 186 19.62 -27.06 -34.61
C HIS PA 186 20.27 -27.05 -33.25
N ASN PA 187 21.45 -27.67 -33.13
CA ASN PA 187 22.20 -27.74 -31.88
C ASN PA 187 23.66 -27.41 -32.19
N PRO PA 188 24.01 -26.13 -32.24
CA PRO PA 188 25.29 -25.74 -32.84
C PRO PA 188 26.53 -26.33 -32.18
N TYR PA 189 26.58 -26.41 -30.85
CA TYR PA 189 27.80 -26.90 -30.21
C TYR PA 189 28.00 -28.39 -30.41
N VAL PA 190 26.97 -29.10 -30.84
CA VAL PA 190 27.07 -30.51 -31.19
C VAL PA 190 27.25 -30.71 -32.69
N ASP PA 191 26.48 -29.97 -33.49
CA ASP PA 191 26.53 -30.13 -34.95
C ASP PA 191 27.89 -29.77 -35.51
N VAL PA 192 28.61 -28.85 -34.87
CA VAL PA 192 29.90 -28.41 -35.38
C VAL PA 192 30.91 -29.55 -35.40
N ARG PA 193 30.73 -30.55 -34.55
CA ARG PA 193 31.61 -31.71 -34.54
C ARG PA 193 31.44 -32.54 -35.81
N MET QA 1 -27.00 -58.50 1.79
CA MET QA 1 -27.07 -57.93 0.46
C MET QA 1 -26.22 -56.67 0.36
N ILE QA 2 -26.10 -56.14 -0.86
CA ILE QA 2 -25.34 -54.92 -1.11
C ILE QA 2 -26.25 -53.73 -0.90
N GLU QA 3 -25.76 -52.74 -0.17
CA GLU QA 3 -26.52 -51.51 0.04
C GLU QA 3 -26.39 -50.59 -1.15
N LEU QA 4 -27.52 -50.19 -1.72
CA LEU QA 4 -27.51 -49.35 -2.91
C LEU QA 4 -27.11 -47.93 -2.57
N THR QA 5 -26.37 -47.30 -3.46
CA THR QA 5 -25.91 -45.94 -3.25
C THR QA 5 -27.08 -44.96 -3.36
N SER QA 6 -27.02 -43.91 -2.54
CA SER QA 6 -27.95 -42.80 -2.63
C SER QA 6 -27.41 -41.65 -3.48
N ALA QA 7 -26.16 -41.74 -3.92
CA ALA QA 7 -25.58 -40.75 -4.82
C ALA QA 7 -26.23 -40.86 -6.19
N PRO QA 8 -26.13 -39.82 -7.01
CA PRO QA 8 -26.75 -39.87 -8.34
C PRO QA 8 -26.20 -41.00 -9.17
N THR QA 9 -27.08 -41.64 -9.94
CA THR QA 9 -26.70 -42.77 -10.77
C THR QA 9 -27.07 -42.59 -12.24
N THR QA 10 -27.78 -41.53 -12.59
CA THR QA 10 -28.15 -41.26 -13.97
C THR QA 10 -27.85 -39.80 -14.30
N LYS QA 11 -27.75 -39.53 -15.59
CA LYS QA 11 -27.48 -38.15 -16.02
C LYS QA 11 -28.65 -37.23 -15.71
N ILE QA 12 -29.87 -37.77 -15.67
CA ILE QA 12 -31.03 -36.94 -15.33
C ILE QA 12 -30.93 -36.46 -13.89
N GLU QA 13 -30.42 -37.31 -12.99
CA GLU QA 13 -30.25 -36.91 -11.60
C GLU QA 13 -29.14 -35.88 -11.44
N ILE QA 14 -28.09 -35.96 -12.27
CA ILE QA 14 -27.08 -34.91 -12.27
C ILE QA 14 -27.68 -33.59 -12.70
N ILE QA 15 -28.48 -33.62 -13.77
CA ILE QA 15 -29.08 -32.40 -14.30
C ILE QA 15 -30.06 -31.80 -13.31
N SER QA 16 -30.91 -32.64 -12.71
CA SER QA 16 -31.92 -32.12 -11.80
C SER QA 16 -31.28 -31.55 -10.53
N ALA QA 17 -30.15 -32.11 -10.09
CA ALA QA 17 -29.45 -31.54 -8.95
C ALA QA 17 -28.89 -30.15 -9.28
N ALA QA 18 -28.33 -29.98 -10.48
CA ALA QA 18 -27.81 -28.67 -10.88
C ALA QA 18 -28.93 -27.64 -10.97
N ILE QA 19 -30.09 -28.04 -11.48
CA ILE QA 19 -31.23 -27.13 -11.57
C ILE QA 19 -31.71 -26.74 -10.17
N SER QA 20 -31.70 -27.69 -9.24
CA SER QA 20 -32.05 -27.35 -7.86
C SER QA 20 -31.02 -26.44 -7.21
N MET QA 21 -29.75 -26.55 -7.61
CA MET QA 21 -28.73 -25.70 -7.02
C MET QA 21 -28.97 -24.23 -7.35
N VAL QA 22 -29.48 -23.94 -8.55
CA VAL QA 22 -29.74 -22.57 -8.94
C VAL QA 22 -31.15 -22.17 -8.53
N GLY QA 23 -31.84 -23.05 -7.79
CA GLY QA 23 -33.02 -22.66 -7.03
C GLY QA 23 -34.35 -23.20 -7.49
N LYS QA 24 -34.42 -24.01 -8.54
CA LYS QA 24 -35.70 -24.46 -9.06
C LYS QA 24 -35.99 -25.90 -8.65
N GLN QA 25 -37.22 -26.14 -8.20
CA GLN QA 25 -37.67 -27.50 -7.95
C GLN QA 25 -37.69 -28.29 -9.25
N GLN QA 26 -37.37 -29.59 -9.17
CA GLN QA 26 -37.31 -30.41 -10.36
C GLN QA 26 -37.35 -31.88 -9.96
N THR QA 27 -38.24 -32.64 -10.59
CA THR QA 27 -38.24 -34.09 -10.46
C THR QA 27 -37.75 -34.72 -11.75
N VAL QA 28 -37.28 -35.96 -11.64
CA VAL QA 28 -36.73 -36.63 -12.82
C VAL QA 28 -37.81 -36.91 -13.85
N ASN QA 29 -39.04 -37.16 -13.41
CA ASN QA 29 -40.10 -37.56 -14.33
C ASN QA 29 -40.78 -36.39 -15.03
N THR QA 30 -40.49 -35.15 -14.65
CA THR QA 30 -41.02 -33.98 -15.33
C THR QA 30 -39.91 -33.12 -15.92
N ILE QA 31 -38.76 -33.74 -16.21
CA ILE QA 31 -37.63 -33.02 -16.79
C ILE QA 31 -37.95 -32.49 -18.17
N ASP QA 32 -38.90 -33.10 -18.88
CA ASP QA 32 -39.25 -32.63 -20.22
C ASP QA 32 -39.94 -31.27 -20.18
N GLY QA 33 -40.69 -30.99 -19.12
CA GLY QA 33 -41.38 -29.72 -19.02
C GLY QA 33 -40.64 -28.72 -18.15
N GLY QA 34 -39.32 -28.86 -18.06
CA GLY QA 34 -38.52 -28.03 -17.18
C GLY QA 34 -38.22 -26.63 -17.68
N GLY QA 35 -38.67 -26.26 -18.88
CA GLY QA 35 -38.50 -24.90 -19.33
C GLY QA 35 -37.07 -24.58 -19.73
N ALA QA 36 -36.70 -23.30 -19.57
CA ALA QA 36 -35.40 -22.83 -20.03
C ALA QA 36 -34.26 -23.52 -19.30
N LEU QA 37 -34.41 -23.73 -17.99
CA LEU QA 37 -33.34 -24.37 -17.23
C LEU QA 37 -33.09 -25.79 -17.74
N ALA QA 38 -34.15 -26.53 -18.03
CA ALA QA 38 -33.98 -27.89 -18.53
C ALA QA 38 -33.44 -27.89 -19.96
N ILE QA 39 -33.85 -26.92 -20.77
CA ILE QA 39 -33.35 -26.83 -22.14
C ILE QA 39 -31.84 -26.65 -22.14
N ASP QA 40 -31.35 -25.70 -21.33
CA ASP QA 40 -29.93 -25.40 -21.33
C ASP QA 40 -29.13 -26.50 -20.63
N ALA QA 41 -29.68 -27.08 -19.56
CA ALA QA 41 -28.96 -28.14 -18.86
C ALA QA 41 -28.74 -29.34 -19.76
N GLU QA 42 -29.76 -29.72 -20.53
CA GLU QA 42 -29.61 -30.85 -21.44
C GLU QA 42 -28.60 -30.54 -22.54
N LYS QA 43 -28.67 -29.34 -23.11
CA LYS QA 43 -27.76 -28.96 -24.19
C LYS QA 43 -26.32 -28.91 -23.71
N LEU QA 44 -26.08 -28.36 -22.52
CA LEU QA 44 -24.73 -28.14 -22.05
C LEU QA 44 -24.13 -29.32 -21.30
N TYR QA 45 -24.95 -30.28 -20.87
CA TYR QA 45 -24.43 -31.38 -20.07
C TYR QA 45 -23.38 -32.18 -20.85
N ASP QA 46 -23.73 -32.61 -22.07
CA ASP QA 46 -22.84 -33.47 -22.84
C ASP QA 46 -21.53 -32.76 -23.17
N THR QA 47 -21.61 -31.50 -23.55
CA THR QA 47 -20.40 -30.75 -23.89
C THR QA 47 -19.50 -30.58 -22.67
N LEU QA 48 -20.08 -30.29 -21.51
CA LEU QA 48 -19.27 -30.11 -20.30
C LEU QA 48 -18.61 -31.42 -19.88
N VAL QA 49 -19.38 -32.51 -19.87
CA VAL QA 49 -18.86 -33.77 -19.35
C VAL QA 49 -17.77 -34.31 -20.26
N SER QA 50 -18.00 -34.29 -21.57
CA SER QA 50 -17.00 -34.77 -22.51
C SER QA 50 -15.72 -33.92 -22.43
N ALA QA 51 -15.88 -32.61 -22.31
CA ALA QA 51 -14.71 -31.73 -22.20
C ALA QA 51 -13.92 -32.04 -20.94
N GLU QA 52 -14.61 -32.28 -19.83
CA GLU QA 52 -13.92 -32.56 -18.57
C GLU QA 52 -13.18 -33.89 -18.62
N LEU QA 53 -13.86 -34.95 -19.03
CA LEU QA 53 -13.23 -36.26 -19.12
C LEU QA 53 -12.21 -36.35 -20.26
N GLY QA 54 -12.23 -35.39 -21.18
CA GLY QA 54 -11.30 -35.35 -22.28
C GLY QA 54 -10.08 -34.47 -22.07
N SER QA 55 -9.88 -33.93 -20.87
CA SER QA 55 -8.78 -33.02 -20.63
C SER QA 55 -8.00 -33.35 -19.37
N ASN QA 56 -8.21 -34.52 -18.78
CA ASN QA 56 -7.51 -34.91 -17.57
C ASN QA 56 -7.59 -36.43 -17.43
N ARG QA 57 -6.55 -37.02 -16.87
CA ARG QA 57 -6.52 -38.46 -16.66
C ARG QA 57 -7.31 -38.77 -15.39
N TRP QA 58 -8.59 -39.06 -15.55
CA TRP QA 58 -9.42 -39.60 -14.49
C TRP QA 58 -9.34 -41.12 -14.54
N ARG QA 59 -8.96 -41.73 -13.42
CA ARG QA 59 -8.75 -43.18 -13.41
C ARG QA 59 -10.02 -43.92 -13.78
N PHE QA 60 -11.17 -43.49 -13.25
CA PHE QA 60 -12.41 -44.20 -13.51
C PHE QA 60 -12.83 -44.13 -14.98
N ALA QA 61 -12.27 -43.21 -15.76
CA ALA QA 61 -12.62 -43.05 -17.15
C ALA QA 61 -11.60 -43.65 -18.11
N GLN QA 62 -10.63 -44.39 -17.61
CA GLN QA 62 -9.59 -44.94 -18.47
C GLN QA 62 -10.06 -46.21 -19.16
N ALA QA 63 -9.44 -46.50 -20.30
CA ALA QA 63 -9.74 -47.68 -21.10
C ALA QA 63 -8.55 -47.98 -21.99
N PHE QA 64 -8.56 -49.17 -22.59
CA PHE QA 64 -7.50 -49.52 -23.53
C PHE QA 64 -8.07 -50.40 -24.63
N GLN QA 65 -7.37 -50.40 -25.77
CA GLN QA 65 -7.78 -51.15 -26.95
C GLN QA 65 -6.60 -51.20 -27.92
N GLN QA 66 -6.55 -52.25 -28.72
CA GLN QA 66 -5.56 -52.33 -29.79
C GLN QA 66 -5.92 -51.38 -30.93
N ILE QA 67 -4.90 -50.79 -31.54
CA ILE QA 67 -5.10 -49.89 -32.66
C ILE QA 67 -4.74 -50.62 -33.95
N SER QA 68 -5.21 -50.09 -35.08
CA SER QA 68 -5.11 -50.77 -36.37
C SER QA 68 -4.44 -49.88 -37.39
N ILE QA 69 -3.54 -50.47 -38.18
CA ILE QA 69 -2.88 -49.76 -39.27
C ILE QA 69 -3.84 -49.65 -40.44
N ILE QA 70 -3.97 -48.45 -40.99
CA ILE QA 70 -4.84 -48.19 -42.13
C ILE QA 70 -4.06 -48.39 -43.42
N THR QA 71 -4.62 -49.19 -44.33
CA THR QA 71 -3.93 -49.47 -45.58
C THR QA 71 -3.95 -48.24 -46.50
N THR QA 72 -2.98 -48.21 -47.40
CA THR QA 72 -2.78 -47.22 -48.48
C THR QA 72 -2.43 -45.82 -47.97
N LEU QA 73 -2.14 -45.66 -46.68
CA LEU QA 73 -1.78 -44.35 -46.12
C LEU QA 73 -0.31 -44.39 -45.70
N ASN QA 74 0.46 -43.43 -46.21
CA ASN QA 74 1.91 -43.39 -45.97
C ASN QA 74 2.34 -42.01 -45.51
N PRO QA 75 2.81 -41.86 -44.27
CA PRO QA 75 3.11 -40.53 -43.75
C PRO QA 75 4.20 -39.76 -44.49
N THR QA 76 5.24 -40.43 -45.01
CA THR QA 76 6.22 -39.83 -45.91
C THR QA 76 7.17 -38.81 -45.25
N PHE QA 77 6.98 -38.45 -43.99
CA PHE QA 77 7.85 -37.47 -43.34
C PHE QA 77 8.36 -38.00 -42.01
N ASP QA 78 9.56 -37.54 -41.65
CA ASP QA 78 10.21 -37.83 -40.37
C ASP QA 78 10.39 -39.32 -40.11
N GLY QA 79 10.38 -40.14 -41.16
CA GLY QA 79 10.57 -41.56 -41.00
C GLY QA 79 9.35 -42.34 -40.54
N TRP QA 80 8.20 -41.69 -40.37
CA TRP QA 80 6.99 -42.42 -40.01
C TRP QA 80 6.53 -43.29 -41.16
N LEU QA 81 6.05 -44.49 -40.83
CA LEU QA 81 5.69 -45.47 -41.85
C LEU QA 81 4.21 -45.78 -41.93
N TYR QA 82 3.48 -45.72 -40.81
CA TYR QA 82 2.10 -46.18 -40.77
C TYR QA 82 1.21 -45.16 -40.08
N GLU QA 83 -0.04 -45.10 -40.52
CA GLU QA 83 -1.08 -44.31 -39.88
C GLU QA 83 -2.10 -45.25 -39.26
N CYS QA 84 -2.37 -45.05 -37.97
CA CYS QA 84 -3.19 -45.97 -37.20
C CYS QA 84 -4.49 -45.30 -36.76
N GLN QA 85 -5.57 -46.05 -36.78
CA GLN QA 85 -6.87 -45.55 -36.38
C GLN QA 85 -6.99 -45.48 -34.87
N ILE QA 86 -7.52 -44.38 -34.38
CA ILE QA 86 -7.80 -44.16 -32.96
C ILE QA 86 -9.14 -44.80 -32.63
N PRO QA 87 -9.31 -45.39 -31.44
CA PRO QA 87 -10.59 -46.03 -31.11
C PRO QA 87 -11.77 -45.07 -31.18
N ALA QA 88 -12.94 -45.64 -31.49
CA ALA QA 88 -14.14 -44.84 -31.70
C ALA QA 88 -14.55 -44.09 -30.45
N ASP QA 89 -14.44 -44.73 -29.29
CA ASP QA 89 -14.83 -44.10 -28.03
C ASP QA 89 -13.69 -43.32 -27.39
N CYS QA 90 -12.55 -43.19 -28.06
CA CYS QA 90 -11.44 -42.44 -27.49
C CYS QA 90 -11.76 -40.95 -27.48
N ILE QA 91 -11.59 -40.34 -26.33
CA ILE QA 91 -11.87 -38.92 -26.13
C ILE QA 91 -10.62 -38.14 -25.79
N MET QA 92 -9.54 -38.81 -25.38
CA MET QA 92 -8.27 -38.18 -25.07
C MET QA 92 -7.20 -39.25 -25.09
N VAL QA 93 -6.24 -39.14 -26.00
CA VAL QA 93 -5.13 -40.08 -26.05
C VAL QA 93 -4.18 -39.82 -24.90
N GLN QA 94 -3.73 -40.88 -24.24
CA GLN QA 94 -2.80 -40.75 -23.12
C GLN QA 94 -1.43 -41.33 -23.44
N TYR QA 95 -1.32 -42.60 -23.81
CA TYR QA 95 -0.04 -43.16 -24.20
C TYR QA 95 -0.28 -44.52 -24.86
N LEU QA 96 0.81 -45.12 -25.32
CA LEU QA 96 0.80 -46.35 -26.09
C LEU QA 96 1.59 -47.42 -25.35
N TYR QA 97 1.21 -48.67 -25.55
CA TYR QA 97 1.95 -49.81 -25.03
C TYR QA 97 2.19 -50.81 -26.16
N PRO QA 98 3.42 -51.27 -26.38
CA PRO QA 98 4.66 -50.89 -25.69
C PRO QA 98 5.04 -49.46 -26.00
N ASN QA 99 5.78 -48.80 -25.11
CA ASN QA 99 6.14 -47.40 -25.32
C ASN QA 99 7.30 -47.37 -26.31
N ILE QA 100 6.95 -47.22 -27.58
CA ILE QA 100 7.91 -47.10 -28.67
C ILE QA 100 7.66 -45.75 -29.32
N GLN QA 101 8.37 -45.46 -30.41
CA GLN QA 101 8.19 -44.18 -31.09
C GLN QA 101 6.80 -44.07 -31.68
N TYR QA 102 6.10 -42.98 -31.35
CA TYR QA 102 4.82 -42.67 -31.93
C TYR QA 102 4.55 -41.19 -31.72
N ILE QA 103 3.67 -40.64 -32.55
CA ILE QA 103 3.13 -39.31 -32.34
C ILE QA 103 1.66 -39.30 -32.74
N VAL QA 104 0.90 -38.41 -32.12
CA VAL QA 104 -0.46 -38.13 -32.56
C VAL QA 104 -0.38 -37.02 -33.60
N PHE QA 105 -0.89 -37.30 -34.80
CA PHE QA 105 -0.77 -36.38 -35.92
C PHE QA 105 -2.11 -36.38 -36.64
N GLY QA 106 -2.79 -35.23 -36.65
CA GLY QA 106 -4.16 -35.20 -37.08
C GLY QA 106 -5.02 -36.05 -36.15
N ASP QA 107 -5.90 -36.84 -36.74
CA ASP QA 107 -6.70 -37.79 -35.98
C ASP QA 107 -6.14 -39.21 -36.06
N LYS QA 108 -4.86 -39.36 -36.37
CA LYS QA 108 -4.22 -40.65 -36.49
C LYS QA 108 -3.08 -40.75 -35.49
N ILE QA 109 -2.55 -41.95 -35.35
CA ILE QA 109 -1.33 -42.21 -34.58
C ILE QA 109 -0.30 -42.77 -35.55
N LEU QA 110 0.83 -42.09 -35.67
CA LEU QA 110 1.88 -42.51 -36.58
C LEU QA 110 2.88 -43.39 -35.84
N THR QA 111 3.26 -44.50 -36.45
CA THR QA 111 4.23 -45.42 -35.90
C THR QA 111 5.25 -45.80 -36.97
N LYS QA 112 6.35 -46.39 -36.52
CA LYS QA 112 7.39 -46.88 -37.43
C LYS QA 112 7.43 -48.40 -37.48
N SER QA 113 6.49 -49.08 -36.85
CA SER QA 113 6.51 -50.54 -36.72
C SER QA 113 5.10 -51.08 -36.92
N ASN QA 114 5.02 -52.34 -37.33
CA ASN QA 114 3.75 -53.00 -37.57
C ASN QA 114 3.44 -54.08 -36.54
N GLN QA 115 3.93 -53.93 -35.32
CA GLN QA 115 3.57 -54.84 -34.25
C GLN QA 115 2.27 -54.41 -33.60
N THR QA 116 1.77 -55.21 -32.68
CA THR QA 116 0.52 -54.90 -32.00
C THR QA 116 0.73 -53.78 -30.99
N PHE QA 117 -0.07 -52.73 -31.10
CA PHE QA 117 -0.01 -51.59 -30.19
C PHE QA 117 -1.34 -51.43 -29.48
N THR QA 118 -1.27 -51.13 -28.19
CA THR QA 118 -2.46 -50.89 -27.37
C THR QA 118 -2.44 -49.44 -26.90
N LEU QA 119 -3.58 -48.76 -27.04
CA LEU QA 119 -3.70 -47.37 -26.66
C LEU QA 119 -4.41 -47.25 -25.32
N ILE QA 120 -3.86 -46.41 -24.44
CA ILE QA 120 -4.49 -46.04 -23.19
C ILE QA 120 -5.13 -44.68 -23.38
N TYR QA 121 -6.40 -44.54 -23.02
CA TYR QA 121 -7.12 -43.33 -23.37
C TYR QA 121 -8.29 -43.12 -22.40
N SER QA 122 -8.83 -41.90 -22.44
CA SER QA 122 -10.03 -41.55 -21.71
C SER QA 122 -11.27 -41.80 -22.56
N ARG QA 123 -12.39 -42.02 -21.89
CA ARG QA 123 -13.66 -42.21 -22.59
C ARG QA 123 -14.79 -41.71 -21.71
N ASN QA 124 -15.92 -41.44 -22.34
CA ASN QA 124 -17.14 -41.19 -21.58
C ASN QA 124 -17.60 -42.47 -20.89
N VAL QA 125 -18.03 -42.34 -19.64
CA VAL QA 125 -18.62 -43.46 -18.92
C VAL QA 125 -19.93 -42.97 -18.30
N PRO QA 126 -20.91 -43.83 -18.08
CA PRO QA 126 -22.17 -43.39 -17.49
C PRO QA 126 -22.00 -42.94 -16.04
N VAL QA 127 -23.01 -42.21 -15.56
CA VAL QA 127 -22.94 -41.61 -14.23
C VAL QA 127 -22.80 -42.66 -13.14
N SER QA 128 -23.35 -43.86 -13.36
CA SER QA 128 -23.24 -44.90 -12.36
C SER QA 128 -21.80 -45.34 -12.13
N LYS QA 129 -20.89 -45.00 -13.04
CA LYS QA 129 -19.48 -45.30 -12.87
C LYS QA 129 -18.70 -44.15 -12.23
N TRP QA 130 -19.33 -43.00 -12.00
CA TRP QA 130 -18.62 -41.83 -11.49
C TRP QA 130 -18.37 -41.96 -9.99
N PRO QA 131 -17.21 -41.50 -9.50
CA PRO QA 131 -17.06 -41.33 -8.07
C PRO QA 131 -17.98 -40.23 -7.58
N PRO QA 132 -18.49 -40.35 -6.36
CA PRO QA 132 -19.40 -39.32 -5.84
C PRO QA 132 -18.78 -37.94 -5.78
N PRO QA 133 -17.49 -37.79 -5.41
CA PRO QA 133 -16.90 -36.45 -5.47
C PRO QA 133 -16.92 -35.83 -6.86
N PHE QA 134 -16.70 -36.64 -7.88
CA PHE QA 134 -16.76 -36.14 -9.25
C PHE QA 134 -18.17 -35.75 -9.63
N SER QA 135 -19.17 -36.48 -9.14
CA SER QA 135 -20.55 -36.13 -9.45
C SER QA 135 -20.93 -34.76 -8.90
N LEU QA 136 -20.52 -34.47 -7.66
CA LEU QA 136 -20.83 -33.16 -7.10
C LEU QA 136 -20.06 -32.05 -7.79
N TYR QA 137 -18.84 -32.32 -8.26
CA TYR QA 137 -18.11 -31.33 -9.04
C TYR QA 137 -18.85 -31.01 -10.34
N ILE QA 138 -19.38 -32.03 -11.01
CA ILE QA 138 -20.12 -31.79 -12.24
C ILE QA 138 -21.39 -31.00 -11.95
N VAL QA 139 -22.04 -31.27 -10.81
CA VAL QA 139 -23.25 -30.54 -10.45
C VAL QA 139 -22.95 -29.06 -10.27
N TYR QA 140 -21.86 -28.74 -9.57
CA TYR QA 140 -21.47 -27.34 -9.40
C TYR QA 140 -21.12 -26.69 -10.73
N HIS QA 141 -20.31 -27.39 -11.53
CA HIS QA 141 -19.85 -26.80 -12.79
C HIS QA 141 -21.01 -26.58 -13.75
N LEU QA 142 -21.92 -27.55 -13.84
CA LEU QA 142 -23.09 -27.39 -14.69
C LEU QA 142 -23.98 -26.26 -14.20
N ALA QA 143 -24.16 -26.15 -12.88
CA ALA QA 143 -24.94 -25.06 -12.33
C ALA QA 143 -24.29 -23.71 -12.64
N SER QA 144 -22.96 -23.67 -12.66
CA SER QA 144 -22.27 -22.44 -13.03
C SER QA 144 -22.63 -22.01 -14.43
N MET QA 145 -22.70 -22.96 -15.37
CA MET QA 145 -23.08 -22.64 -16.73
C MET QA 145 -24.56 -22.28 -16.83
N LEU QA 146 -25.40 -22.88 -15.98
CA LEU QA 146 -26.80 -22.46 -15.93
C LEU QA 146 -26.95 -21.05 -15.41
N GLY QA 147 -26.07 -20.63 -14.49
CA GLY QA 147 -26.09 -19.26 -14.03
C GLY QA 147 -25.79 -18.27 -15.14
N ILE QA 148 -24.81 -18.60 -15.98
CA ILE QA 148 -24.48 -17.73 -17.10
C ILE QA 148 -25.60 -17.72 -18.13
N SER QA 149 -26.10 -18.90 -18.50
CA SER QA 149 -27.02 -19.00 -19.61
C SER QA 149 -28.43 -18.56 -19.27
N VAL QA 150 -28.88 -18.78 -18.04
CA VAL QA 150 -30.30 -18.57 -17.73
C VAL QA 150 -30.51 -17.46 -16.71
N THR QA 151 -29.91 -17.58 -15.53
CA THR QA 151 -30.23 -16.65 -14.45
C THR QA 151 -29.78 -15.24 -14.75
N ASN QA 152 -28.67 -15.09 -15.50
CA ASN QA 152 -28.08 -13.80 -15.80
C ASN QA 152 -27.75 -13.02 -14.53
N SER QA 153 -27.36 -13.73 -13.48
CA SER QA 153 -27.12 -13.12 -12.17
C SER QA 153 -25.64 -13.20 -11.83
N ASP QA 154 -25.00 -12.04 -11.70
CA ASP QA 154 -23.61 -12.01 -11.25
C ASP QA 154 -23.48 -12.49 -9.82
N ARG QA 155 -24.50 -12.24 -9.00
CA ARG QA 155 -24.48 -12.70 -7.62
C ARG QA 155 -24.44 -14.23 -7.54
N MET QA 156 -25.25 -14.89 -8.38
CA MET QA 156 -25.27 -16.35 -8.38
C MET QA 156 -23.92 -16.92 -8.81
N LEU QA 157 -23.31 -16.34 -9.85
CA LEU QA 157 -22.02 -16.84 -10.31
C LEU QA 157 -20.96 -16.73 -9.24
N ALA QA 158 -20.96 -15.62 -8.49
CA ALA QA 158 -19.99 -15.46 -7.41
C ALA QA 158 -20.16 -16.53 -6.34
N ARG QA 159 -21.41 -16.84 -5.99
CA ARG QA 159 -21.67 -17.80 -4.93
C ARG QA 159 -21.31 -19.22 -5.33
N ILE QA 160 -21.50 -19.57 -6.60
CA ILE QA 160 -21.24 -20.94 -7.04
C ILE QA 160 -19.75 -21.19 -7.23
N SER QA 161 -18.96 -20.14 -7.50
CA SER QA 161 -17.59 -20.33 -7.95
C SER QA 161 -16.73 -20.99 -6.87
N GLN QA 162 -16.93 -20.63 -5.61
CA GLN QA 162 -16.10 -21.18 -4.55
C GLN QA 162 -16.27 -22.69 -4.42
N GLY QA 163 -17.53 -23.14 -4.44
CA GLY QA 163 -17.78 -24.57 -4.33
C GLY QA 163 -17.30 -25.35 -5.53
N MET QA 164 -17.42 -24.77 -6.73
CA MET QA 164 -17.00 -25.46 -7.93
C MET QA 164 -15.50 -25.77 -7.91
N GLU QA 165 -14.69 -24.79 -7.52
CA GLU QA 165 -13.24 -25.00 -7.51
C GLU QA 165 -12.83 -25.95 -6.39
N MET QA 166 -13.49 -25.87 -5.23
CA MET QA 166 -13.15 -26.74 -4.11
C MET QA 166 -13.40 -28.20 -4.45
N TRP QA 167 -14.55 -28.50 -5.05
CA TRP QA 167 -14.88 -29.89 -5.34
C TRP QA 167 -14.10 -30.43 -6.53
N GLU QA 168 -13.55 -29.56 -7.38
CA GLU QA 168 -12.67 -30.05 -8.43
C GLU QA 168 -11.39 -30.62 -7.83
N SER QA 169 -10.78 -29.90 -6.90
CA SER QA 169 -9.57 -30.38 -6.25
C SER QA 169 -9.83 -31.64 -5.44
N ARG QA 170 -10.94 -31.67 -4.70
CA ARG QA 170 -11.27 -32.85 -3.91
C ARG QA 170 -11.54 -34.06 -4.79
N ALA QA 171 -12.26 -33.86 -5.90
CA ALA QA 171 -12.50 -34.97 -6.81
C ALA QA 171 -11.20 -35.48 -7.41
N LEU QA 172 -10.29 -34.58 -7.75
CA LEU QA 172 -9.00 -34.99 -8.30
C LEU QA 172 -8.18 -35.76 -7.27
N PHE QA 173 -8.16 -35.28 -6.03
CA PHE QA 173 -7.42 -35.98 -4.99
C PHE QA 173 -8.00 -37.37 -4.75
N ALA QA 174 -9.32 -37.48 -4.69
CA ALA QA 174 -9.94 -38.77 -4.40
C ALA QA 174 -9.64 -39.78 -5.50
N ASP QA 175 -9.63 -39.33 -6.75
CA ASP QA 175 -9.32 -40.22 -7.85
C ASP QA 175 -7.85 -40.63 -7.86
N ALA QA 176 -6.96 -39.67 -7.59
CA ALA QA 176 -5.53 -39.93 -7.75
C ALA QA 176 -4.96 -40.77 -6.62
N GLN QA 177 -5.40 -40.54 -5.38
CA GLN QA 177 -4.69 -41.08 -4.22
C GLN QA 177 -4.82 -42.59 -4.08
N SER QA 178 -5.71 -43.23 -4.83
CA SER QA 178 -5.96 -44.65 -4.65
C SER QA 178 -4.83 -45.54 -5.15
N SER QA 179 -3.94 -45.02 -5.99
CA SER QA 179 -2.91 -45.84 -6.61
C SER QA 179 -1.57 -45.12 -6.55
N VAL QA 180 -0.50 -45.92 -6.70
CA VAL QA 180 0.85 -45.40 -6.68
C VAL QA 180 1.12 -44.56 -7.93
N THR QA 181 1.97 -43.55 -7.78
CA THR QA 181 2.43 -42.76 -8.92
C THR QA 181 3.44 -43.56 -9.73
N LEU QA 182 3.23 -43.63 -11.04
CA LEU QA 182 4.10 -44.36 -11.94
C LEU QA 182 5.37 -43.57 -12.26
N PRO QA 183 6.48 -44.25 -12.53
CA PRO QA 183 7.73 -43.55 -12.88
C PRO QA 183 7.72 -43.06 -14.32
N PHE QA 184 8.71 -42.23 -14.61
CA PHE QA 184 8.91 -41.74 -15.97
C PHE QA 184 9.33 -42.88 -16.90
N ARG QA 185 8.84 -42.83 -18.13
CA ARG QA 185 9.25 -43.81 -19.13
C ARG QA 185 10.64 -43.52 -19.67
N HIS QA 186 11.06 -42.26 -19.73
CA HIS QA 186 12.35 -41.87 -20.27
C HIS QA 186 13.23 -41.31 -19.17
N ASN QA 187 14.38 -41.95 -18.95
CA ASN QA 187 15.36 -41.51 -17.94
C ASN QA 187 16.74 -41.54 -18.57
N PRO QA 188 17.11 -40.48 -19.30
CA PRO QA 188 18.28 -40.56 -20.19
C PRO QA 188 19.62 -40.84 -19.49
N TYR QA 189 19.86 -40.32 -18.30
CA TYR QA 189 21.16 -40.55 -17.68
C TYR QA 189 21.32 -41.97 -17.15
N VAL QA 190 20.22 -42.68 -16.96
CA VAL QA 190 20.28 -44.09 -16.58
C VAL QA 190 20.19 -44.99 -17.80
N ASP QA 191 19.32 -44.65 -18.74
CA ASP QA 191 19.09 -45.51 -19.90
C ASP QA 191 20.31 -45.62 -20.79
N VAL QA 192 21.16 -44.59 -20.81
CA VAL QA 192 22.33 -44.59 -21.69
C VAL QA 192 23.32 -45.68 -21.30
N ARG QA 193 23.25 -46.18 -20.07
CA ARG QA 193 24.24 -47.14 -19.57
C ARG QA 193 24.04 -48.54 -20.12
N MET RA 1 -36.29 -35.77 34.51
CA MET RA 1 -35.39 -36.40 35.46
C MET RA 1 -33.94 -35.97 35.19
N ILE RA 2 -33.13 -36.92 34.72
CA ILE RA 2 -31.75 -36.62 34.39
C ILE RA 2 -31.68 -35.80 33.11
N GLU RA 3 -30.80 -34.81 33.09
CA GLU RA 3 -30.62 -33.97 31.91
C GLU RA 3 -29.92 -34.78 30.81
N LEU RA 4 -30.56 -34.87 29.65
CA LEU RA 4 -30.05 -35.64 28.53
C LEU RA 4 -29.73 -34.72 27.36
N THR RA 5 -28.60 -34.99 26.70
CA THR RA 5 -28.22 -34.25 25.50
C THR RA 5 -27.41 -35.19 24.62
N SER RA 6 -27.74 -35.22 23.34
CA SER RA 6 -27.10 -36.15 22.42
C SER RA 6 -27.09 -35.57 21.01
N ALA RA 7 -26.20 -36.12 20.19
CA ALA RA 7 -26.01 -35.70 18.82
C ALA RA 7 -27.12 -36.25 17.92
N PRO RA 8 -27.30 -35.68 16.73
CA PRO RA 8 -28.31 -36.23 15.80
C PRO RA 8 -27.98 -37.67 15.42
N THR RA 9 -29.04 -38.46 15.24
CA THR RA 9 -28.90 -39.83 14.81
C THR RA 9 -29.72 -40.16 13.56
N THR RA 10 -30.40 -39.18 12.96
CA THR RA 10 -31.24 -39.47 11.82
C THR RA 10 -31.00 -38.43 10.73
N LYS RA 11 -31.32 -38.84 9.50
CA LYS RA 11 -31.21 -37.94 8.36
C LYS RA 11 -32.12 -36.72 8.51
N ILE RA 12 -33.32 -36.91 9.05
CA ILE RA 12 -34.25 -35.80 9.19
C ILE RA 12 -33.71 -34.74 10.14
N GLU RA 13 -32.99 -35.15 11.18
CA GLU RA 13 -32.41 -34.18 12.10
C GLU RA 13 -31.37 -33.31 11.41
N ILE RA 14 -30.56 -33.90 10.54
CA ILE RA 14 -29.56 -33.14 9.81
C ILE RA 14 -30.23 -32.13 8.88
N ILE RA 15 -31.22 -32.59 8.11
CA ILE RA 15 -31.84 -31.75 7.10
C ILE RA 15 -32.63 -30.63 7.76
N SER RA 16 -33.39 -30.93 8.82
CA SER RA 16 -34.18 -29.90 9.47
C SER RA 16 -33.28 -28.85 10.11
N ALA RA 17 -32.15 -29.26 10.69
CA ALA RA 17 -31.22 -28.28 11.24
C ALA RA 17 -30.61 -27.41 10.14
N ALA RA 18 -30.27 -28.01 9.00
CA ALA RA 18 -29.68 -27.24 7.92
C ALA RA 18 -30.64 -26.19 7.40
N ILE RA 19 -31.93 -26.53 7.30
CA ILE RA 19 -32.92 -25.55 6.86
C ILE RA 19 -33.05 -24.42 7.87
N SER RA 20 -32.91 -24.72 9.16
CA SER RA 20 -32.89 -23.66 10.15
C SER RA 20 -31.68 -22.75 9.96
N MET RA 21 -30.53 -23.32 9.61
CA MET RA 21 -29.32 -22.52 9.48
C MET RA 21 -29.28 -21.67 8.23
N VAL RA 22 -30.20 -21.82 7.29
CA VAL RA 22 -30.31 -20.86 6.19
C VAL RA 22 -31.36 -19.82 6.55
N GLY RA 23 -31.81 -19.83 7.80
CA GLY RA 23 -32.69 -18.79 8.28
C GLY RA 23 -34.11 -18.86 7.78
N LYS RA 24 -34.61 -20.05 7.49
CA LYS RA 24 -35.99 -20.24 7.05
C LYS RA 24 -36.78 -20.87 8.19
N GLN RA 25 -37.92 -20.28 8.52
CA GLN RA 25 -38.69 -20.67 9.69
C GLN RA 25 -39.75 -21.73 9.41
N GLN RA 26 -39.93 -22.13 8.15
CA GLN RA 26 -41.01 -23.06 7.83
C GLN RA 26 -40.76 -24.41 8.51
N THR RA 27 -41.84 -25.03 8.97
CA THR RA 27 -41.73 -26.23 9.78
C THR RA 27 -41.33 -27.42 8.93
N VAL RA 28 -40.31 -28.15 9.38
CA VAL RA 28 -39.89 -29.40 8.75
C VAL RA 28 -39.81 -30.45 9.85
N ASN RA 29 -40.94 -31.11 10.12
CA ASN RA 29 -40.91 -32.29 10.98
C ASN RA 29 -40.57 -33.53 10.18
N THR RA 30 -40.95 -33.54 8.90
CA THR RA 30 -40.70 -34.64 8.00
C THR RA 30 -40.38 -34.04 6.63
N ILE RA 31 -39.67 -34.81 5.80
CA ILE RA 31 -39.43 -34.38 4.44
C ILE RA 31 -40.75 -34.22 3.69
N ASP RA 32 -41.68 -35.13 3.91
CA ASP RA 32 -42.97 -35.07 3.22
C ASP RA 32 -43.71 -33.80 3.56
N GLY RA 33 -43.68 -33.38 4.83
CA GLY RA 33 -44.37 -32.19 5.26
C GLY RA 33 -43.58 -30.91 5.16
N GLY RA 34 -42.36 -30.95 4.64
CA GLY RA 34 -41.52 -29.78 4.56
C GLY RA 34 -41.66 -28.94 3.31
N GLY RA 35 -42.50 -29.34 2.37
CA GLY RA 35 -42.71 -28.55 1.17
C GLY RA 35 -41.58 -28.68 0.16
N ALA RA 36 -41.54 -27.71 -0.75
CA ALA RA 36 -40.58 -27.75 -1.85
C ALA RA 36 -39.15 -27.61 -1.35
N LEU RA 37 -38.93 -26.79 -0.32
CA LEU RA 37 -37.58 -26.59 0.18
C LEU RA 37 -37.00 -27.86 0.77
N ALA RA 38 -37.81 -28.61 1.52
CA ALA RA 38 -37.31 -29.84 2.14
C ALA RA 38 -36.94 -30.87 1.08
N ILE RA 39 -37.71 -30.95 0.00
CA ILE RA 39 -37.43 -31.92 -1.05
C ILE RA 39 -36.11 -31.60 -1.74
N ASP RA 40 -35.88 -30.32 -2.05
CA ASP RA 40 -34.61 -29.94 -2.65
C ASP RA 40 -33.44 -30.15 -1.68
N ALA RA 41 -33.67 -29.89 -0.39
CA ALA RA 41 -32.63 -30.14 0.60
C ALA RA 41 -32.29 -31.62 0.69
N GLU RA 42 -33.30 -32.49 0.59
CA GLU RA 42 -33.03 -33.92 0.61
C GLU RA 42 -32.26 -34.36 -0.63
N LYS RA 43 -32.60 -33.80 -1.79
CA LYS RA 43 -31.88 -34.15 -3.01
C LYS RA 43 -30.41 -33.75 -2.94
N LEU RA 44 -30.13 -32.55 -2.43
CA LEU RA 44 -28.74 -32.13 -2.29
C LEU RA 44 -28.03 -32.90 -1.17
N TYR RA 45 -28.78 -33.36 -0.18
CA TYR RA 45 -28.18 -34.14 0.91
C TYR RA 45 -27.58 -35.43 0.38
N ASP RA 46 -28.28 -36.12 -0.51
CA ASP RA 46 -27.77 -37.39 -1.04
C ASP RA 46 -26.47 -37.18 -1.80
N THR RA 47 -26.39 -36.14 -2.61
CA THR RA 47 -25.16 -35.87 -3.35
C THR RA 47 -24.02 -35.48 -2.42
N LEU RA 48 -24.31 -34.64 -1.43
CA LEU RA 48 -23.25 -34.08 -0.59
C LEU RA 48 -22.61 -35.14 0.29
N VAL RA 49 -23.42 -36.02 0.89
CA VAL RA 49 -22.88 -36.96 1.88
C VAL RA 49 -21.92 -37.95 1.23
N SER RA 50 -22.33 -38.55 0.11
CA SER RA 50 -21.46 -39.50 -0.57
C SER RA 50 -20.21 -38.82 -1.10
N ALA RA 51 -20.34 -37.58 -1.58
CA ALA RA 51 -19.17 -36.85 -2.04
C ALA RA 51 -18.20 -36.60 -0.91
N GLU RA 52 -18.71 -36.26 0.28
CA GLU RA 52 -17.85 -35.97 1.42
C GLU RA 52 -17.14 -37.23 1.91
N LEU RA 53 -17.88 -38.32 2.09
CA LEU RA 53 -17.27 -39.56 2.57
C LEU RA 53 -16.43 -40.24 1.49
N GLY RA 54 -16.59 -39.83 0.23
CA GLY RA 54 -15.85 -40.41 -0.87
C GLY RA 54 -14.64 -39.64 -1.34
N SER RA 55 -14.26 -38.56 -0.65
CA SER RA 55 -13.13 -37.76 -1.07
C SER RA 55 -12.07 -37.58 0.00
N ASN RA 56 -12.24 -38.22 1.15
CA ASN RA 56 -11.29 -38.09 2.25
C ASN RA 56 -11.44 -39.36 3.10
N ARG RA 57 -10.34 -39.79 3.71
CA ARG RA 57 -10.43 -40.98 4.54
C ARG RA 57 -10.86 -40.52 5.94
N TRP RA 58 -12.13 -40.75 6.25
CA TRP RA 58 -12.65 -40.59 7.59
C TRP RA 58 -12.58 -41.95 8.27
N ARG RA 59 -12.08 -41.97 9.50
CA ARG RA 59 -11.93 -43.26 10.19
C ARG RA 59 -13.29 -43.93 10.36
N PHE RA 60 -14.32 -43.18 10.71
CA PHE RA 60 -15.62 -43.78 10.97
C PHE RA 60 -16.27 -44.33 9.71
N ALA RA 61 -15.84 -43.91 8.53
CA ALA RA 61 -16.41 -44.38 7.28
C ALA RA 61 -15.56 -45.47 6.62
N GLN RA 62 -14.51 -45.93 7.28
CA GLN RA 62 -13.65 -46.96 6.70
C GLN RA 62 -14.28 -48.34 6.83
N ALA RA 63 -13.94 -49.21 5.88
CA ALA RA 63 -14.44 -50.57 5.84
C ALA RA 63 -13.44 -51.43 5.08
N PHE RA 64 -13.57 -52.74 5.25
CA PHE RA 64 -12.69 -53.68 4.56
C PHE RA 64 -13.52 -54.81 3.98
N GLN RA 65 -12.98 -55.44 2.94
CA GLN RA 65 -13.68 -56.53 2.26
C GLN RA 65 -12.68 -57.37 1.48
N GLN RA 66 -12.75 -58.68 1.64
CA GLN RA 66 -11.90 -59.57 0.88
C GLN RA 66 -12.39 -59.71 -0.56
N ILE RA 67 -11.46 -59.70 -1.50
CA ILE RA 67 -11.74 -59.86 -2.91
C ILE RA 67 -11.16 -61.20 -3.34
N SER RA 68 -12.01 -62.06 -3.92
CA SER RA 68 -11.57 -63.37 -4.35
C SER RA 68 -11.86 -63.68 -5.81
N ILE RA 69 -12.82 -63.02 -6.45
CA ILE RA 69 -13.11 -63.24 -7.85
C ILE RA 69 -12.15 -62.43 -8.70
N ILE RA 70 -11.03 -63.03 -9.07
CA ILE RA 70 -9.96 -62.36 -9.80
C ILE RA 70 -9.75 -63.12 -11.10
N THR RA 71 -10.08 -62.49 -12.22
CA THR RA 71 -10.13 -63.18 -13.51
C THR RA 71 -9.05 -62.67 -14.46
N THR RA 72 -8.68 -63.53 -15.40
CA THR RA 72 -7.64 -63.21 -16.36
C THR RA 72 -8.03 -62.01 -17.21
N LEU RA 73 -7.06 -61.11 -17.42
CA LEU RA 73 -7.22 -59.95 -18.29
C LEU RA 73 -6.61 -60.28 -19.64
N ASN RA 74 -7.43 -60.40 -20.67
CA ASN RA 74 -6.91 -60.70 -22.00
C ASN RA 74 -7.80 -60.12 -23.08
N PRO RA 75 -7.27 -59.27 -23.97
CA PRO RA 75 -5.88 -58.78 -24.06
C PRO RA 75 -5.55 -57.82 -22.94
N THR RA 76 -4.30 -57.40 -22.79
CA THR RA 76 -3.91 -56.63 -21.61
C THR RA 76 -2.83 -55.62 -22.03
N PHE RA 77 -2.29 -54.92 -21.04
CA PHE RA 77 -1.27 -53.89 -21.26
C PHE RA 77 -0.42 -53.77 -20.02
N ASP RA 78 0.77 -53.20 -20.19
CA ASP RA 78 1.67 -52.83 -19.10
C ASP RA 78 2.00 -54.00 -18.18
N GLY RA 79 1.84 -55.23 -18.64
CA GLY RA 79 2.16 -56.38 -17.83
C GLY RA 79 1.11 -56.80 -16.82
N TRP RA 80 -0.03 -56.12 -16.77
CA TRP RA 80 -1.11 -56.55 -15.89
C TRP RA 80 -1.66 -57.89 -16.37
N LEU RA 81 -2.05 -58.73 -15.42
CA LEU RA 81 -2.49 -60.08 -15.75
C LEU RA 81 -3.93 -60.38 -15.34
N TYR RA 82 -4.43 -59.74 -14.29
CA TYR RA 82 -5.75 -60.04 -13.77
C TYR RA 82 -6.50 -58.76 -13.48
N GLU RA 83 -7.82 -58.87 -13.42
CA GLU RA 83 -8.68 -57.75 -13.04
C GLU RA 83 -9.75 -58.25 -12.08
N CYS RA 84 -10.23 -57.35 -11.23
CA CYS RA 84 -11.31 -57.67 -10.31
C CYS RA 84 -12.23 -56.47 -10.19
N GLN RA 85 -13.50 -56.73 -9.99
CA GLN RA 85 -14.50 -55.69 -9.91
C GLN RA 85 -14.40 -54.97 -8.57
N ILE RA 86 -14.40 -53.65 -8.60
CA ILE RA 86 -14.46 -52.85 -7.38
C ILE RA 86 -15.87 -53.01 -6.81
N PRO RA 87 -16.01 -53.45 -5.56
CA PRO RA 87 -17.35 -53.74 -5.04
C PRO RA 87 -18.26 -52.52 -5.07
N ALA RA 88 -19.56 -52.80 -5.25
CA ALA RA 88 -20.52 -51.73 -5.52
C ALA RA 88 -20.65 -50.75 -4.36
N ASP RA 89 -20.46 -51.22 -3.13
CA ASP RA 89 -20.57 -50.33 -1.98
C ASP RA 89 -19.28 -49.59 -1.68
N CYS RA 90 -18.22 -49.82 -2.44
CA CYS RA 90 -16.98 -49.07 -2.27
C CYS RA 90 -17.15 -47.69 -2.87
N ILE RA 91 -16.91 -46.66 -2.06
CA ILE RA 91 -17.08 -45.29 -2.49
C ILE RA 91 -15.76 -44.59 -2.73
N MET RA 92 -14.65 -45.09 -2.17
CA MET RA 92 -13.31 -44.57 -2.47
C MET RA 92 -12.30 -45.64 -2.10
N VAL RA 93 -11.54 -46.11 -3.08
CA VAL RA 93 -10.48 -47.08 -2.81
C VAL RA 93 -9.36 -46.37 -2.05
N GLN RA 94 -8.87 -47.01 -0.99
CA GLN RA 94 -7.77 -46.44 -0.20
C GLN RA 94 -6.48 -47.24 -0.35
N TYR RA 95 -6.49 -48.54 -0.06
CA TYR RA 95 -5.32 -49.37 -0.31
C TYR RA 95 -5.69 -50.83 -0.17
N LEU RA 96 -4.73 -51.69 -0.50
CA LEU RA 96 -4.88 -53.13 -0.50
C LEU RA 96 -3.96 -53.77 0.52
N TYR RA 97 -4.38 -54.91 1.05
CA TYR RA 97 -3.53 -55.74 1.89
C TYR RA 97 -3.57 -57.16 1.34
N PRO RA 98 -2.43 -57.83 1.18
CA PRO RA 98 -1.07 -57.37 1.46
C PRO RA 98 -0.56 -56.38 0.42
N ASN RA 99 0.72 -56.02 0.48
CA ASN RA 99 1.28 -54.98 -0.37
C ASN RA 99 1.63 -55.56 -1.74
N ILE RA 100 0.61 -55.71 -2.57
CA ILE RA 100 0.78 -56.22 -3.92
C ILE RA 100 0.74 -55.05 -4.90
N GLN RA 101 1.31 -55.28 -6.08
CA GLN RA 101 1.23 -54.28 -7.14
C GLN RA 101 -0.18 -54.23 -7.71
N TYR RA 102 -0.68 -53.01 -7.92
CA TYR RA 102 -2.03 -52.83 -8.43
C TYR RA 102 -2.18 -51.42 -8.96
N ILE RA 103 -3.20 -51.23 -9.79
CA ILE RA 103 -3.70 -49.91 -10.14
C ILE RA 103 -5.21 -49.97 -10.22
N VAL RA 104 -5.84 -48.83 -9.94
CA VAL RA 104 -7.25 -48.64 -10.23
C VAL RA 104 -7.37 -48.15 -11.66
N PHE RA 105 -8.13 -48.86 -12.48
CA PHE RA 105 -8.20 -48.58 -13.92
C PHE RA 105 -9.65 -48.79 -14.36
N GLY RA 106 -10.30 -47.73 -14.80
CA GLY RA 106 -11.73 -47.80 -15.04
C GLY RA 106 -12.45 -48.13 -13.75
N ASP RA 107 -13.30 -49.17 -13.79
CA ASP RA 107 -14.00 -49.63 -12.61
C ASP RA 107 -13.43 -50.93 -12.06
N LYS RA 108 -12.19 -51.23 -12.41
CA LYS RA 108 -11.52 -52.47 -12.00
C LYS RA 108 -10.28 -52.15 -11.19
N ILE RA 109 -9.75 -53.20 -10.55
CA ILE RA 109 -8.43 -53.19 -9.96
C ILE RA 109 -7.61 -54.21 -10.73
N LEU RA 110 -6.50 -53.77 -11.31
CA LEU RA 110 -5.63 -54.64 -12.09
C LEU RA 110 -4.47 -55.10 -11.22
N THR RA 111 -4.15 -56.39 -11.29
CA THR RA 111 -3.11 -56.97 -10.46
C THR RA 111 -2.25 -57.90 -11.30
N LYS RA 112 -1.06 -58.19 -10.78
CA LYS RA 112 -0.17 -59.17 -11.36
C LYS RA 112 -0.24 -60.52 -10.64
N SER RA 113 -1.16 -60.67 -9.70
CA SER RA 113 -1.35 -61.91 -8.96
C SER RA 113 -2.84 -62.14 -8.77
N ASN RA 114 -3.22 -63.41 -8.57
CA ASN RA 114 -4.62 -63.76 -8.44
C ASN RA 114 -4.94 -64.39 -7.08
N GLN RA 115 -4.10 -64.14 -6.07
CA GLN RA 115 -4.40 -64.56 -4.72
C GLN RA 115 -5.38 -63.59 -4.08
N THR RA 116 -6.18 -64.11 -3.14
CA THR RA 116 -7.15 -63.28 -2.45
C THR RA 116 -6.45 -62.17 -1.67
N PHE RA 117 -6.97 -60.95 -1.80
CA PHE RA 117 -6.48 -59.81 -1.05
C PHE RA 117 -7.65 -59.09 -0.40
N THR RA 118 -7.34 -58.11 0.43
CA THR RA 118 -8.32 -57.33 1.14
C THR RA 118 -8.29 -55.89 0.65
N LEU RA 119 -9.47 -55.31 0.43
CA LEU RA 119 -9.61 -53.94 0.00
C LEU RA 119 -10.02 -53.07 1.19
N ILE RA 120 -9.27 -52.01 1.44
CA ILE RA 120 -9.60 -51.01 2.44
C ILE RA 120 -10.19 -49.81 1.71
N TYR RA 121 -11.39 -49.38 2.11
CA TYR RA 121 -12.12 -48.40 1.32
C TYR RA 121 -13.05 -47.61 2.22
N SER RA 122 -13.54 -46.50 1.68
CA SER RA 122 -14.58 -45.70 2.30
C SER RA 122 -15.95 -46.19 1.86
N ARG RA 123 -16.94 -46.02 2.74
CA ARG RA 123 -18.30 -46.42 2.44
C ARG RA 123 -19.27 -45.40 3.01
N ASN RA 124 -20.46 -45.35 2.44
CA ASN RA 124 -21.53 -44.55 3.01
C ASN RA 124 -21.97 -45.17 4.35
N VAL RA 125 -22.20 -44.32 5.34
CA VAL RA 125 -22.64 -44.80 6.64
C VAL RA 125 -23.84 -43.98 7.11
N PRO RA 126 -24.76 -44.56 7.87
CA PRO RA 126 -25.93 -43.81 8.33
C PRO RA 126 -25.57 -42.81 9.42
N VAL RA 127 -26.47 -41.85 9.63
CA VAL RA 127 -26.24 -40.77 10.57
C VAL RA 127 -26.02 -41.29 11.99
N SER RA 128 -26.58 -42.45 12.31
CA SER RA 128 -26.40 -43.01 13.64
C SER RA 128 -24.96 -43.38 13.94
N LYS RA 129 -24.10 -43.44 12.94
CA LYS RA 129 -22.68 -43.70 13.14
C LYS RA 129 -21.80 -42.46 13.00
N TRP RA 130 -22.38 -41.30 12.73
CA TRP RA 130 -21.59 -40.09 12.49
C TRP RA 130 -21.05 -39.53 13.81
N PRO RA 131 -19.80 -39.11 13.85
CA PRO RA 131 -19.32 -38.32 14.99
C PRO RA 131 -20.05 -36.98 15.05
N PRO RA 132 -20.30 -36.47 16.25
CA PRO RA 132 -21.06 -35.22 16.39
C PRO RA 132 -20.43 -34.04 15.66
N PRO RA 133 -19.09 -33.86 15.69
CA PRO RA 133 -18.52 -32.75 14.91
C PRO RA 133 -18.78 -32.87 13.43
N PHE RA 134 -18.77 -34.10 12.89
CA PHE RA 134 -19.06 -34.30 11.48
C PHE RA 134 -20.50 -33.94 11.16
N SER RA 135 -21.43 -34.25 12.07
CA SER RA 135 -22.84 -33.93 11.84
C SER RA 135 -23.05 -32.43 11.70
N LEU RA 136 -22.44 -31.64 12.58
CA LEU RA 136 -22.59 -30.19 12.49
C LEU RA 136 -21.90 -29.65 11.25
N TYR RA 137 -20.79 -30.26 10.83
CA TYR RA 137 -20.16 -29.86 9.59
C TYR RA 137 -21.07 -30.07 8.40
N ILE RA 138 -21.77 -31.21 8.37
CA ILE RA 138 -22.71 -31.47 7.27
C ILE RA 138 -23.88 -30.49 7.32
N VAL RA 139 -24.32 -30.12 8.53
CA VAL RA 139 -25.42 -29.17 8.66
C VAL RA 139 -25.05 -27.83 8.02
N TYR RA 140 -23.86 -27.33 8.33
CA TYR RA 140 -23.41 -26.08 7.74
C TYR RA 140 -23.16 -26.23 6.24
N HIS RA 141 -22.58 -27.35 5.81
CA HIS RA 141 -22.28 -27.53 4.40
C HIS RA 141 -23.55 -27.60 3.58
N LEU RA 142 -24.55 -28.35 4.05
CA LEU RA 142 -25.83 -28.41 3.35
C LEU RA 142 -26.50 -27.05 3.35
N ALA RA 143 -26.45 -26.33 4.47
CA ALA RA 143 -27.01 -24.99 4.52
C ALA RA 143 -26.28 -24.08 3.53
N SER RA 144 -24.98 -24.28 3.36
CA SER RA 144 -24.23 -23.45 2.42
C SER RA 144 -24.68 -23.70 0.98
N MET RA 145 -25.02 -24.95 0.64
CA MET RA 145 -25.49 -25.23 -0.72
C MET RA 145 -26.89 -24.67 -0.94
N LEU RA 146 -27.78 -24.82 0.04
CA LEU RA 146 -29.11 -24.23 -0.09
C LEU RA 146 -29.03 -22.71 -0.15
N GLY RA 147 -28.15 -22.12 0.65
CA GLY RA 147 -28.04 -20.68 0.73
C GLY RA 147 -27.57 -20.02 -0.54
N ILE RA 148 -27.06 -20.78 -1.51
CA ILE RA 148 -26.66 -20.20 -2.78
C ILE RA 148 -27.83 -19.51 -3.44
N SER RA 149 -29.02 -20.08 -3.33
CA SER RA 149 -30.19 -19.53 -3.98
C SER RA 149 -31.13 -18.77 -3.05
N VAL RA 150 -31.14 -19.07 -1.75
CA VAL RA 150 -32.18 -18.55 -0.88
C VAL RA 150 -31.66 -17.64 0.24
N THR RA 151 -30.36 -17.47 0.38
CA THR RA 151 -29.84 -16.56 1.40
C THR RA 151 -29.86 -15.13 0.87
N ASN RA 152 -30.44 -14.22 1.66
CA ASN RA 152 -30.63 -12.85 1.19
C ASN RA 152 -29.31 -12.12 1.03
N SER RA 153 -28.45 -12.18 2.04
CA SER RA 153 -27.27 -11.34 2.10
C SER RA 153 -26.01 -12.11 1.76
N ASP RA 154 -25.14 -11.51 0.96
CA ASP RA 154 -23.83 -12.12 0.70
C ASP RA 154 -23.01 -12.23 1.97
N ARG RA 155 -23.16 -11.27 2.88
CA ARG RA 155 -22.45 -11.35 4.16
C ARG RA 155 -22.92 -12.53 4.99
N MET RA 156 -24.23 -12.77 5.02
CA MET RA 156 -24.74 -13.91 5.77
C MET RA 156 -24.28 -15.23 5.18
N LEU RA 157 -24.25 -15.33 3.85
CA LEU RA 157 -23.76 -16.55 3.21
C LEU RA 157 -22.30 -16.79 3.54
N ALA RA 158 -21.49 -15.74 3.58
CA ALA RA 158 -20.09 -15.90 3.95
C ALA RA 158 -19.94 -16.45 5.35
N ARG RA 159 -20.79 -16.01 6.28
CA ARG RA 159 -20.72 -16.51 7.65
C ARG RA 159 -21.11 -17.99 7.71
N ILE RA 160 -22.10 -18.40 6.92
CA ILE RA 160 -22.47 -19.80 6.87
C ILE RA 160 -21.33 -20.62 6.30
N SER RA 161 -20.69 -20.13 5.24
CA SER RA 161 -19.55 -20.83 4.66
C SER RA 161 -18.37 -20.87 5.63
N GLN RA 162 -18.17 -19.80 6.40
CA GLN RA 162 -17.13 -19.81 7.42
C GLN RA 162 -17.41 -20.87 8.47
N GLY RA 163 -18.67 -21.02 8.87
CA GLY RA 163 -19.03 -22.07 9.79
C GLY RA 163 -18.80 -23.46 9.23
N MET RA 164 -19.01 -23.63 7.92
CA MET RA 164 -18.73 -24.91 7.30
C MET RA 164 -17.25 -25.24 7.33
N GLU RA 165 -16.39 -24.27 7.00
CA GLU RA 165 -14.96 -24.51 7.01
C GLU RA 165 -14.43 -24.69 8.42
N MET RA 166 -14.99 -23.98 9.39
CA MET RA 166 -14.54 -24.14 10.76
C MET RA 166 -14.83 -25.54 11.29
N TRP RA 167 -16.02 -26.06 11.05
CA TRP RA 167 -16.36 -27.37 11.57
C TRP RA 167 -15.77 -28.49 10.72
N GLU RA 168 -15.34 -28.21 9.50
CA GLU RA 168 -14.63 -29.21 8.73
C GLU RA 168 -13.27 -29.52 9.36
N SER RA 169 -12.54 -28.48 9.76
CA SER RA 169 -11.24 -28.69 10.39
C SER RA 169 -11.39 -29.38 11.74
N ARG RA 170 -12.35 -28.95 12.55
CA ARG RA 170 -12.53 -29.55 13.86
C ARG RA 170 -13.00 -31.00 13.75
N ALA RA 171 -13.89 -31.29 12.80
CA ALA RA 171 -14.30 -32.67 12.59
C ALA RA 171 -13.13 -33.53 12.10
N LEU RA 172 -12.32 -32.98 11.19
CA LEU RA 172 -11.15 -33.73 10.71
C LEU RA 172 -10.16 -33.99 11.82
N PHE RA 173 -9.93 -32.99 12.68
CA PHE RA 173 -9.01 -33.19 13.80
C PHE RA 173 -9.54 -34.23 14.77
N ALA RA 174 -10.81 -34.11 15.17
CA ALA RA 174 -11.39 -35.05 16.12
C ALA RA 174 -11.33 -36.47 15.59
N ASP RA 175 -11.53 -36.65 14.28
CA ASP RA 175 -11.47 -37.98 13.71
C ASP RA 175 -10.03 -38.49 13.67
N ALA RA 176 -9.07 -37.63 13.38
CA ALA RA 176 -7.72 -38.07 13.10
C ALA RA 176 -6.90 -38.33 14.37
N GLN RA 177 -7.12 -37.55 15.42
CA GLN RA 177 -6.25 -37.61 16.59
C GLN RA 177 -6.43 -38.88 17.41
N SER RA 178 -7.44 -39.70 17.10
CA SER RA 178 -7.73 -40.88 17.91
C SER RA 178 -6.64 -41.94 17.80
N SER RA 179 -5.91 -41.98 16.69
CA SER RA 179 -4.99 -43.07 16.42
C SER RA 179 -3.65 -42.50 15.95
N VAL RA 180 -2.62 -43.35 16.00
CA VAL RA 180 -1.30 -42.93 15.54
C VAL RA 180 -1.30 -42.78 14.03
N THR RA 181 -0.26 -42.12 13.53
CA THR RA 181 -0.05 -41.94 12.10
C THR RA 181 0.72 -43.14 11.55
N LEU RA 182 0.16 -43.79 10.53
CA LEU RA 182 0.79 -44.97 9.96
C LEU RA 182 2.01 -44.57 9.13
N PRO RA 183 3.04 -45.41 9.10
CA PRO RA 183 4.25 -45.09 8.33
C PRO RA 183 4.04 -45.28 6.84
N PHE RA 184 4.96 -44.70 6.07
CA PHE RA 184 4.98 -44.90 4.63
C PHE RA 184 5.20 -46.37 4.31
N ARG RA 185 4.50 -46.86 3.29
CA ARG RA 185 4.63 -48.25 2.89
C ARG RA 185 5.90 -48.48 2.07
N HIS RA 186 6.35 -47.48 1.31
CA HIS RA 186 7.53 -47.60 0.47
C HIS RA 186 8.62 -46.66 0.97
N ASN RA 187 9.78 -47.22 1.29
CA ASN RA 187 10.92 -46.45 1.77
C ASN RA 187 12.16 -46.90 1.01
N PRO RA 188 12.43 -46.29 -0.15
CA PRO RA 188 13.42 -46.87 -1.09
C PRO RA 188 14.82 -47.03 -0.55
N TYR RA 189 15.34 -46.08 0.22
CA TYR RA 189 16.73 -46.18 0.65
C TYR RA 189 16.92 -47.24 1.72
N VAL RA 190 15.86 -47.61 2.42
CA VAL RA 190 15.91 -48.70 3.39
C VAL RA 190 15.56 -50.02 2.73
N ASP RA 191 14.53 -50.03 1.89
CA ASP RA 191 14.05 -51.28 1.30
C ASP RA 191 15.10 -51.92 0.40
N VAL RA 192 15.95 -51.11 -0.24
CA VAL RA 192 16.95 -51.64 -1.14
C VAL RA 192 17.97 -52.51 -0.42
N ARG RA 193 18.11 -52.34 0.89
CA ARG RA 193 19.06 -53.13 1.67
C ARG RA 193 18.57 -54.56 1.81
N MET SA 1 -20.43 16.97 55.55
CA MET SA 1 -19.22 17.13 56.34
C MET SA 1 -17.99 16.75 55.53
N ILE SA 2 -17.33 15.66 55.92
CA ILE SA 2 -16.16 15.17 55.20
C ILE SA 2 -16.60 14.61 53.85
N GLU SA 3 -15.82 14.91 52.82
CA GLU SA 3 -16.11 14.39 51.48
C GLU SA 3 -15.81 12.90 51.42
N LEU SA 4 -16.79 12.11 50.99
CA LEU SA 4 -16.68 10.67 50.94
C LEU SA 4 -16.83 10.17 49.50
N THR SA 5 -15.99 9.23 49.12
CA THR SA 5 -16.08 8.58 47.81
C THR SA 5 -15.56 7.16 47.95
N SER SA 6 -16.30 6.20 47.41
CA SER SA 6 -15.92 4.80 47.57
C SER SA 6 -16.48 3.98 46.42
N ALA SA 7 -15.92 2.78 46.27
CA ALA SA 7 -16.25 1.89 45.17
C ALA SA 7 -17.59 1.19 45.41
N PRO SA 8 -18.18 0.63 44.36
CA PRO SA 8 -19.42 -0.16 44.55
C PRO SA 8 -19.19 -1.33 45.48
N THR SA 9 -20.21 -1.65 46.27
CA THR SA 9 -20.18 -2.77 47.19
C THR SA 9 -21.35 -3.72 47.03
N THR SA 10 -22.25 -3.48 46.08
CA THR SA 10 -23.43 -4.32 45.93
C THR SA 10 -23.64 -4.65 44.45
N LYS SA 11 -24.34 -5.76 44.23
CA LYS SA 11 -24.65 -6.20 42.88
C LYS SA 11 -25.50 -5.17 42.14
N ILE SA 12 -26.42 -4.51 42.84
CA ILE SA 12 -27.30 -3.55 42.19
C ILE SA 12 -26.50 -2.37 41.66
N GLU SA 13 -25.45 -1.95 42.35
CA GLU SA 13 -24.63 -0.85 41.88
C GLU SA 13 -23.94 -1.19 40.57
N ILE SA 14 -23.46 -2.42 40.44
CA ILE SA 14 -22.81 -2.85 39.21
C ILE SA 14 -23.81 -2.84 38.05
N ILE SA 15 -24.99 -3.44 38.28
CA ILE SA 15 -25.96 -3.57 37.20
C ILE SA 15 -26.53 -2.22 36.79
N SER SA 16 -26.84 -1.37 37.76
CA SER SA 16 -27.40 -0.06 37.43
C SER SA 16 -26.37 0.80 36.69
N ALA SA 17 -25.09 0.68 37.06
CA ALA SA 17 -24.06 1.39 36.32
C ALA SA 17 -23.93 0.87 34.89
N ALA SA 18 -23.98 -0.45 34.70
CA ALA SA 18 -23.84 -1.02 33.37
C ALA SA 18 -24.97 -0.59 32.46
N ILE SA 19 -26.19 -0.51 33.00
CA ILE SA 19 -27.33 -0.06 32.20
C ILE SA 19 -27.14 1.39 31.80
N SER SA 20 -26.53 2.20 32.65
CA SER SA 20 -26.20 3.58 32.26
C SER SA 20 -25.19 3.59 31.12
N MET SA 21 -24.23 2.66 31.13
CA MET SA 21 -23.17 2.68 30.14
C MET SA 21 -23.61 2.17 28.77
N VAL SA 22 -24.81 1.60 28.64
CA VAL SA 22 -25.34 1.33 27.30
C VAL SA 22 -26.24 2.48 26.89
N GLY SA 23 -26.19 3.57 27.65
CA GLY SA 23 -26.91 4.78 27.30
C GLY SA 23 -28.41 4.67 27.39
N LYS SA 24 -28.93 3.93 28.37
CA LYS SA 24 -30.36 3.84 28.61
C LYS SA 24 -30.69 4.60 29.88
N GLN SA 25 -31.68 5.48 29.81
CA GLN SA 25 -31.98 6.40 30.89
C GLN SA 25 -33.02 5.89 31.87
N GLN SA 26 -33.60 4.72 31.63
CA GLN SA 26 -34.67 4.25 32.49
C GLN SA 26 -34.15 3.96 33.89
N THR SA 27 -34.96 4.29 34.89
CA THR SA 27 -34.52 4.24 36.28
C THR SA 27 -34.39 2.79 36.74
N VAL SA 28 -33.25 2.46 37.33
CA VAL SA 28 -33.01 1.16 37.94
C VAL SA 28 -32.52 1.42 39.35
N ASN SA 29 -33.44 1.56 40.30
CA ASN SA 29 -33.07 1.58 41.71
C ASN SA 29 -32.97 0.17 42.26
N THR SA 30 -33.80 -0.73 41.76
CA THR SA 30 -33.80 -2.13 42.12
C THR SA 30 -33.96 -2.94 40.85
N ILE SA 31 -33.57 -4.22 40.91
CA ILE SA 31 -33.83 -5.11 39.78
C ILE SA 31 -35.32 -5.26 39.56
N ASP SA 32 -36.09 -5.36 40.64
CA ASP SA 32 -37.54 -5.54 40.52
C ASP SA 32 -38.19 -4.36 39.82
N GLY SA 33 -37.75 -3.14 40.12
CA GLY SA 33 -38.31 -1.96 39.51
C GLY SA 33 -37.65 -1.53 38.21
N GLY SA 34 -36.72 -2.30 37.68
CA GLY SA 34 -36.02 -1.94 36.47
C GLY SA 34 -36.61 -2.44 35.17
N GLY SA 35 -37.74 -3.15 35.23
CA GLY SA 35 -38.35 -3.61 33.99
C GLY SA 35 -37.62 -4.80 33.37
N ALA SA 36 -37.93 -5.02 32.08
CA ALA SA 36 -37.38 -6.16 31.37
C ALA SA 36 -35.88 -6.04 31.18
N LEU SA 37 -35.38 -4.83 30.95
CA LEU SA 37 -33.95 -4.65 30.74
C LEU SA 37 -33.14 -5.04 31.96
N ALA SA 38 -33.60 -4.64 33.15
CA ALA SA 38 -32.87 -4.96 34.37
C ALA SA 38 -32.89 -6.45 34.67
N ILE SA 39 -33.96 -7.14 34.31
CA ILE SA 39 -34.03 -8.58 34.53
C ILE SA 39 -33.05 -9.31 33.62
N ASP SA 40 -32.98 -8.92 32.35
CA ASP SA 40 -32.02 -9.53 31.44
C ASP SA 40 -30.59 -9.19 31.84
N ALA SA 41 -30.36 -7.96 32.32
CA ALA SA 41 -29.03 -7.58 32.77
C ALA SA 41 -28.59 -8.43 33.97
N GLU SA 42 -29.52 -8.71 34.89
CA GLU SA 42 -29.20 -9.56 36.02
C GLU SA 42 -28.87 -10.99 35.58
N LYS SA 43 -29.63 -11.51 34.61
CA LYS SA 43 -29.39 -12.87 34.13
C LYS SA 43 -28.01 -12.97 33.48
N LEU SA 44 -27.62 -11.98 32.68
CA LEU SA 44 -26.30 -12.01 32.07
C LEU SA 44 -25.22 -11.75 33.11
N TYR SA 45 -25.53 -11.01 34.16
CA TYR SA 45 -24.57 -10.75 35.22
C TYR SA 45 -24.12 -12.03 35.90
N ASP SA 46 -25.06 -12.93 36.19
CA ASP SA 46 -24.72 -14.19 36.86
C ASP SA 46 -23.79 -15.04 36.01
N THR SA 47 -24.05 -15.11 34.71
CA THR SA 47 -23.19 -15.90 33.83
C THR SA 47 -21.82 -15.27 33.69
N LEU SA 48 -21.76 -13.93 33.61
CA LEU SA 48 -20.50 -13.26 33.32
C LEU SA 48 -19.54 -13.34 34.50
N VAL SA 49 -20.03 -13.09 35.72
CA VAL SA 49 -19.14 -12.95 36.86
C VAL SA 49 -18.42 -14.27 37.15
N SER SA 50 -19.17 -15.38 37.14
CA SER SA 50 -18.54 -16.67 37.39
C SER SA 50 -17.58 -17.04 36.28
N ALA SA 51 -17.91 -16.71 35.03
CA ALA SA 51 -17.01 -16.99 33.92
C ALA SA 51 -15.71 -16.20 34.07
N GLU SA 52 -15.81 -14.94 34.50
CA GLU SA 52 -14.62 -14.13 34.68
C GLU SA 52 -13.73 -14.68 35.79
N LEU SA 53 -14.30 -14.91 36.97
CA LEU SA 53 -13.53 -15.41 38.09
C LEU SA 53 -13.10 -16.86 37.92
N GLY SA 54 -13.69 -17.58 36.97
CA GLY SA 54 -13.34 -18.95 36.71
C GLY SA 54 -12.37 -19.18 35.57
N SER SA 55 -11.79 -18.13 35.01
CA SER SA 55 -10.91 -18.29 33.86
C SER SA 55 -9.57 -17.58 34.04
N ASN SA 56 -9.28 -17.05 35.22
CA ASN SA 56 -8.06 -16.31 35.45
C ASN SA 56 -7.76 -16.32 36.94
N ARG SA 57 -6.48 -16.28 37.28
CA ARG SA 57 -6.08 -16.25 38.69
C ARG SA 57 -6.15 -14.81 39.18
N TRP SA 58 -7.32 -14.40 39.64
CA TRP SA 58 -7.45 -13.16 40.39
C TRP SA 58 -7.08 -13.44 41.84
N ARG SA 59 -6.17 -12.63 42.38
CA ARG SA 59 -5.74 -12.86 43.76
C ARG SA 59 -6.89 -12.74 44.74
N PHE SA 60 -7.76 -11.75 44.54
CA PHE SA 60 -8.85 -11.52 45.48
C PHE SA 60 -9.89 -12.63 45.47
N ALA SA 61 -9.91 -13.46 44.43
CA ALA SA 61 -10.86 -14.56 44.32
C ALA SA 61 -10.26 -15.90 44.69
N GLN SA 62 -9.02 -15.94 45.15
CA GLN SA 62 -8.38 -17.19 45.51
C GLN SA 62 -8.87 -17.70 46.85
N ALA SA 63 -8.82 -19.03 47.02
CA ALA SA 63 -9.24 -19.67 48.25
C ALA SA 63 -8.54 -21.01 48.36
N PHE SA 64 -8.53 -21.56 49.57
CA PHE SA 64 -7.91 -22.85 49.83
C PHE SA 64 -8.84 -23.70 50.68
N GLN SA 65 -8.66 -25.01 50.56
CA GLN SA 65 -9.50 -25.96 51.27
C GLN SA 65 -8.78 -27.29 51.34
N GLN SA 66 -8.81 -27.93 52.51
CA GLN SA 66 -8.23 -29.25 52.66
C GLN SA 66 -9.17 -30.33 52.15
N ILE SA 67 -8.61 -31.27 51.40
CA ILE SA 67 -9.34 -32.42 50.88
C ILE SA 67 -8.88 -33.66 51.64
N SER SA 68 -9.82 -34.34 52.27
CA SER SA 68 -9.50 -35.54 53.04
C SER SA 68 -10.26 -36.78 52.60
N ILE SA 69 -11.42 -36.64 51.98
CA ILE SA 69 -12.18 -37.79 51.51
C ILE SA 69 -11.60 -38.26 50.19
N ILE SA 70 -10.68 -39.21 50.26
CA ILE SA 70 -9.96 -39.70 49.09
C ILE SA 70 -10.18 -41.20 49.01
N THR SA 71 -10.87 -41.65 47.98
CA THR SA 71 -11.35 -43.03 47.89
C THR SA 71 -10.69 -43.78 46.75
N THR SA 72 -10.65 -45.09 46.89
CA THR SA 72 -10.00 -45.95 45.90
C THR SA 72 -10.73 -45.89 44.55
N LEU SA 73 -9.93 -45.81 43.48
CA LEU SA 73 -10.44 -45.84 42.11
C LEU SA 73 -10.34 -47.26 41.59
N ASN SA 74 -11.47 -47.87 41.27
CA ASN SA 74 -11.43 -49.22 40.76
C ASN SA 74 -12.66 -49.52 39.91
N PRO SA 75 -12.50 -49.90 38.64
CA PRO SA 75 -11.25 -50.07 37.89
C PRO SA 75 -10.60 -48.73 37.57
N THR SA 76 -9.37 -48.70 37.07
CA THR SA 76 -8.64 -47.45 36.94
C THR SA 76 -7.81 -47.49 35.65
N PHE SA 77 -6.98 -46.48 35.46
CA PHE SA 77 -6.16 -46.34 34.27
C PHE SA 77 -4.94 -45.51 34.61
N ASP SA 78 -3.90 -45.66 33.78
CA ASP SA 78 -2.69 -44.82 33.83
C ASP SA 78 -2.02 -44.84 35.21
N GLY SA 79 -2.28 -45.86 36.02
CA GLY SA 79 -1.66 -45.95 37.32
C GLY SA 79 -2.26 -45.08 38.40
N TRP SA 80 -3.34 -44.36 38.12
CA TRP SA 80 -4.03 -43.62 39.16
C TRP SA 80 -4.66 -44.61 40.14
N LEU SA 81 -4.67 -44.23 41.42
CA LEU SA 81 -5.15 -45.12 42.46
C LEU SA 81 -6.32 -44.57 43.26
N TYR SA 82 -6.46 -43.25 43.34
CA TYR SA 82 -7.48 -42.65 44.18
C TYR SA 82 -8.15 -41.51 43.43
N GLU SA 83 -9.37 -41.19 43.85
CA GLU SA 83 -10.11 -40.06 43.31
C GLU SA 83 -10.74 -39.29 44.47
N CYS SA 84 -10.91 -37.98 44.26
CA CYS SA 84 -11.59 -37.15 45.23
C CYS SA 84 -12.46 -36.16 44.50
N GLN SA 85 -13.61 -35.84 45.10
CA GLN SA 85 -14.55 -34.93 44.48
C GLN SA 85 -14.03 -33.50 44.57
N ILE SA 86 -14.09 -32.79 43.45
CA ILE SA 86 -13.77 -31.37 43.48
C ILE SA 86 -14.87 -30.62 44.23
N PRO SA 87 -14.53 -29.82 45.24
CA PRO SA 87 -15.58 -29.19 46.06
C PRO SA 87 -16.50 -28.32 45.23
N ALA SA 88 -17.77 -28.25 45.66
CA ALA SA 88 -18.81 -27.63 44.87
C ALA SA 88 -18.58 -26.13 44.68
N ASP SA 89 -17.97 -25.46 45.65
CA ASP SA 89 -17.71 -24.04 45.53
C ASP SA 89 -16.43 -23.73 44.76
N CYS SA 90 -15.70 -24.75 44.32
CA CYS SA 90 -14.53 -24.52 43.49
C CYS SA 90 -14.96 -24.17 42.08
N ILE SA 91 -14.47 -23.05 41.58
CA ILE SA 91 -14.83 -22.56 40.26
C ILE SA 91 -13.71 -22.71 39.24
N MET SA 92 -12.46 -22.84 39.68
CA MET SA 92 -11.35 -23.16 38.80
C MET SA 92 -10.22 -23.72 39.65
N VAL SA 93 -9.82 -24.96 39.36
CA VAL SA 93 -8.68 -25.54 40.05
C VAL SA 93 -7.40 -24.86 39.58
N GLN SA 94 -6.53 -24.52 40.53
CA GLN SA 94 -5.25 -23.90 40.21
C GLN SA 94 -4.08 -24.83 40.50
N TYR SA 95 -3.92 -25.30 41.74
CA TYR SA 95 -2.85 -26.24 42.05
C TYR SA 95 -3.08 -26.83 43.43
N LEU SA 96 -2.24 -27.80 43.77
CA LEU SA 96 -2.34 -28.58 44.99
C LEU SA 96 -1.09 -28.39 45.84
N TYR SA 97 -1.26 -28.48 47.16
CA TYR SA 97 -0.14 -28.53 48.08
C TYR SA 97 -0.33 -29.72 49.01
N PRO SA 98 0.70 -30.53 49.24
CA PRO SA 98 2.06 -30.45 48.68
C PRO SA 98 2.10 -30.87 47.22
N ASN SA 99 3.30 -30.94 46.63
CA ASN SA 99 3.46 -31.16 45.20
C ASN SA 99 3.37 -32.64 44.89
N ILE SA 100 2.14 -33.14 44.82
CA ILE SA 100 1.88 -34.54 44.52
C ILE SA 100 1.45 -34.66 43.06
N GLN SA 101 1.60 -35.86 42.51
CA GLN SA 101 1.11 -36.12 41.16
C GLN SA 101 -0.41 -36.16 41.15
N TYR SA 102 -1.01 -35.50 40.17
CA TYR SA 102 -2.45 -35.45 40.08
C TYR SA 102 -2.85 -35.03 38.68
N ILE SA 103 -4.11 -35.28 38.34
CA ILE SA 103 -4.75 -34.71 37.16
C ILE SA 103 -6.20 -34.38 37.52
N VAL SA 104 -6.73 -33.37 36.87
CA VAL SA 104 -8.17 -33.10 36.88
C VAL SA 104 -8.79 -33.94 35.77
N PHE SA 105 -9.75 -34.79 36.12
CA PHE SA 105 -10.33 -35.74 35.19
C PHE SA 105 -11.82 -35.82 35.46
N GLY SA 106 -12.63 -35.39 34.50
CA GLY SA 106 -14.05 -35.27 34.76
C GLY SA 106 -14.29 -34.23 35.84
N ASP SA 107 -15.05 -34.61 36.87
CA ASP SA 107 -15.28 -33.76 38.02
C ASP SA 107 -14.48 -34.22 39.24
N LYS SA 108 -13.44 -35.01 39.03
CA LYS SA 108 -12.63 -35.56 40.11
C LYS SA 108 -11.19 -35.06 39.98
N ILE SA 109 -10.45 -35.27 41.05
CA ILE SA 109 -8.99 -35.14 41.05
C ILE SA 109 -8.44 -36.53 41.33
N LEU SA 110 -7.63 -37.04 40.43
CA LEU SA 110 -7.04 -38.37 40.55
C LEU SA 110 -5.62 -38.24 41.10
N THR SA 111 -5.30 -39.08 42.07
CA THR SA 111 -3.99 -39.04 42.71
C THR SA 111 -3.43 -40.45 42.84
N LYS SA 112 -2.12 -40.52 43.00
CA LYS SA 112 -1.44 -41.77 43.35
C LYS SA 112 -1.18 -41.90 44.84
N SER SA 113 -1.65 -40.95 45.65
CA SER SA 113 -1.39 -40.95 47.08
C SER SA 113 -2.71 -40.72 47.83
N ASN SA 114 -2.71 -41.13 49.09
CA ASN SA 114 -3.93 -41.17 49.88
C ASN SA 114 -4.00 -40.10 50.96
N GLN SA 115 -2.94 -39.32 51.16
CA GLN SA 115 -2.88 -38.40 52.27
C GLN SA 115 -3.65 -37.11 51.97
N THR SA 116 -4.02 -36.41 53.04
CA THR SA 116 -4.72 -35.15 52.92
C THR SA 116 -3.84 -34.12 52.23
N PHE SA 117 -4.43 -33.36 51.31
CA PHE SA 117 -3.76 -32.27 50.62
C PHE SA 117 -4.66 -31.05 50.62
N THR SA 118 -4.12 -29.93 50.16
CA THR SA 118 -4.82 -28.68 50.07
C THR SA 118 -5.02 -28.30 48.61
N LEU SA 119 -6.23 -27.86 48.29
CA LEU SA 119 -6.56 -27.38 46.96
C LEU SA 119 -6.57 -25.86 46.96
N ILE SA 120 -5.83 -25.26 46.04
CA ILE SA 120 -5.87 -23.83 45.79
C ILE SA 120 -6.72 -23.58 44.56
N TYR SA 121 -7.73 -22.73 44.68
CA TYR SA 121 -8.72 -22.61 43.63
C TYR SA 121 -9.33 -21.22 43.62
N SER SA 122 -10.04 -20.92 42.54
CA SER SA 122 -10.83 -19.71 42.41
C SER SA 122 -12.24 -19.96 42.90
N ARG SA 123 -12.86 -18.91 43.44
CA ARG SA 123 -14.23 -18.99 43.92
C ARG SA 123 -14.95 -17.70 43.57
N ASN SA 124 -16.28 -17.79 43.53
CA ASN SA 124 -17.11 -16.60 43.40
C ASN SA 124 -17.05 -15.80 44.69
N VAL SA 125 -16.99 -14.47 44.56
CA VAL SA 125 -16.95 -13.60 45.73
C VAL SA 125 -17.93 -12.45 45.56
N PRO SA 126 -18.49 -11.91 46.64
CA PRO SA 126 -19.44 -10.81 46.51
C PRO SA 126 -18.76 -9.50 46.17
N VAL SA 127 -19.57 -8.55 45.68
CA VAL SA 127 -19.06 -7.27 45.20
C VAL SA 127 -18.33 -6.51 46.30
N SER SA 128 -18.70 -6.73 47.57
CA SER SA 128 -18.03 -6.04 48.65
C SER SA 128 -16.55 -6.42 48.76
N LYS SA 129 -16.14 -7.51 48.14
CA LYS SA 129 -14.75 -7.93 48.13
C LYS SA 129 -14.03 -7.60 46.82
N TRP SA 130 -14.69 -6.95 45.88
CA TRP SA 130 -14.09 -6.68 44.59
C TRP SA 130 -13.15 -5.48 44.67
N PRO SA 131 -11.98 -5.55 44.04
CA PRO SA 131 -11.18 -4.34 43.86
C PRO SA 131 -11.90 -3.35 42.95
N PRO SA 132 -11.74 -2.05 43.19
CA PRO SA 132 -12.47 -1.06 42.39
C PRO SA 132 -12.18 -1.16 40.90
N PRO SA 133 -10.92 -1.37 40.46
CA PRO SA 133 -10.70 -1.52 39.01
C PRO SA 133 -11.46 -2.68 38.42
N PHE SA 134 -11.57 -3.79 39.16
CA PHE SA 134 -12.33 -4.94 38.68
C PHE SA 134 -13.82 -4.61 38.57
N SER SA 135 -14.33 -3.80 39.51
CA SER SA 135 -15.74 -3.43 39.45
C SER SA 135 -16.06 -2.65 38.18
N LEU SA 136 -15.21 -1.69 37.84
CA LEU SA 136 -15.45 -0.90 36.62
C LEU SA 136 -15.26 -1.75 35.37
N TYR SA 137 -14.37 -2.75 35.42
CA TYR SA 137 -14.23 -3.66 34.30
C TYR SA 137 -15.50 -4.47 34.08
N ILE SA 138 -16.11 -4.95 35.16
CA ILE SA 138 -17.36 -5.70 35.03
C ILE SA 138 -18.47 -4.81 34.49
N VAL SA 139 -18.49 -3.54 34.90
CA VAL SA 139 -19.51 -2.61 34.42
C VAL SA 139 -19.44 -2.47 32.91
N TYR SA 140 -18.23 -2.26 32.38
CA TYR SA 140 -18.06 -2.15 30.93
C TYR SA 140 -18.35 -3.48 30.23
N HIS SA 141 -17.88 -4.59 30.80
CA HIS SA 141 -18.08 -5.88 30.15
C HIS SA 141 -19.56 -6.24 30.08
N LEU SA 142 -20.30 -6.01 31.16
CA LEU SA 142 -21.74 -6.26 31.15
C LEU SA 142 -22.44 -5.32 30.19
N ALA SA 143 -22.02 -4.06 30.14
CA ALA SA 143 -22.59 -3.13 29.17
C ALA SA 143 -22.31 -3.60 27.74
N SER SA 144 -21.14 -4.17 27.51
CA SER SA 144 -20.81 -4.70 26.19
C SER SA 144 -21.74 -5.84 25.79
N MET SA 145 -22.09 -6.71 26.74
CA MET SA 145 -22.99 -7.82 26.43
C MET SA 145 -24.41 -7.32 26.16
N LEU SA 146 -24.90 -6.38 26.96
CA LEU SA 146 -26.22 -5.80 26.71
C LEU SA 146 -26.24 -5.04 25.40
N GLY SA 147 -25.16 -4.32 25.10
CA GLY SA 147 -25.11 -3.48 23.92
C GLY SA 147 -25.13 -4.24 22.61
N ILE SA 148 -24.94 -5.55 22.65
CA ILE SA 148 -25.03 -6.35 21.43
C ILE SA 148 -26.39 -6.14 20.77
N SER SA 149 -27.44 -6.07 21.57
CA SER SA 149 -28.79 -5.96 21.03
C SER SA 149 -29.38 -4.56 21.13
N VAL SA 150 -28.90 -3.70 22.03
CA VAL SA 150 -29.58 -2.43 22.29
C VAL SA 150 -28.76 -1.21 21.94
N THR SA 151 -27.47 -1.32 21.66
CA THR SA 151 -26.68 -0.16 21.27
C THR SA 151 -26.99 0.19 19.81
N ASN SA 152 -27.28 1.47 19.56
CA ASN SA 152 -27.69 1.88 18.22
C ASN SA 152 -26.53 1.84 17.24
N SER SA 153 -25.38 2.39 17.61
CA SER SA 153 -24.29 2.62 16.68
C SER SA 153 -23.18 1.59 16.87
N ASP SA 154 -22.64 1.10 15.76
CA ASP SA 154 -21.49 0.21 15.84
C ASP SA 154 -20.28 0.92 16.41
N ARG SA 155 -20.11 2.21 16.08
CA ARG SA 155 -18.99 2.97 16.63
C ARG SA 155 -19.12 3.12 18.14
N MET SA 156 -20.34 3.31 18.63
CA MET SA 156 -20.54 3.42 20.08
C MET SA 156 -20.26 2.09 20.77
N LEU SA 157 -20.70 0.98 20.17
CA LEU SA 157 -20.42 -0.32 20.76
C LEU SA 157 -18.94 -0.61 20.79
N ALA SA 158 -18.21 -0.20 19.74
CA ALA SA 158 -16.77 -0.40 19.72
C ALA SA 158 -16.10 0.33 20.87
N ARG SA 159 -16.56 1.55 21.18
CA ARG SA 159 -15.96 2.30 22.27
C ARG SA 159 -16.26 1.67 23.62
N ILE SA 160 -17.46 1.11 23.78
CA ILE SA 160 -17.78 0.39 25.02
C ILE SA 160 -16.87 -0.82 25.17
N SER SA 161 -16.66 -1.56 24.08
CA SER SA 161 -15.73 -2.69 24.13
C SER SA 161 -14.30 -2.24 24.39
N GLN SA 162 -13.92 -1.07 23.88
CA GLN SA 162 -12.59 -0.55 24.17
C GLN SA 162 -12.43 -0.24 25.64
N GLY SA 163 -13.47 0.31 26.27
CA GLY SA 163 -13.43 0.54 27.70
C GLY SA 163 -13.35 -0.75 28.49
N MET SA 164 -14.00 -1.81 28.01
CA MET SA 164 -13.91 -3.11 28.66
C MET SA 164 -12.48 -3.63 28.66
N GLU SA 165 -11.82 -3.58 27.50
CA GLU SA 165 -10.47 -4.12 27.39
C GLU SA 165 -9.48 -3.26 28.16
N MET SA 166 -9.67 -1.94 28.17
CA MET SA 166 -8.77 -1.06 28.89
C MET SA 166 -8.80 -1.35 30.38
N TRP SA 167 -10.00 -1.46 30.95
CA TRP SA 167 -10.09 -1.70 32.39
C TRP SA 167 -9.76 -3.14 32.74
N GLU SA 168 -9.83 -4.07 31.78
CA GLU SA 168 -9.38 -5.43 32.06
C GLU SA 168 -7.88 -5.46 32.31
N SER SA 169 -7.10 -4.78 31.48
CA SER SA 169 -5.66 -4.75 31.68
C SER SA 169 -5.29 -4.03 32.96
N ARG SA 170 -5.93 -2.90 33.25
CA ARG SA 170 -5.61 -2.16 34.46
C ARG SA 170 -6.03 -2.94 35.71
N ALA SA 171 -7.18 -3.59 35.67
CA ALA SA 171 -7.58 -4.43 36.79
C ALA SA 171 -6.62 -5.59 36.98
N LEU SA 172 -6.18 -6.21 35.89
CA LEU SA 172 -5.23 -7.31 35.99
C LEU SA 172 -3.91 -6.86 36.56
N PHE SA 173 -3.40 -5.70 36.09
CA PHE SA 173 -2.16 -5.18 36.62
C PHE SA 173 -2.28 -4.87 38.10
N ALA SA 174 -3.36 -4.20 38.50
CA ALA SA 174 -3.52 -3.79 39.88
C ALA SA 174 -3.58 -4.99 40.81
N ASP SA 175 -4.23 -6.07 40.37
CA ASP SA 175 -4.31 -7.28 41.16
C ASP SA 175 -2.96 -7.98 41.24
N ALA SA 176 -2.20 -7.96 40.15
CA ALA SA 176 -0.99 -8.79 40.05
C ALA SA 176 0.22 -8.14 40.73
N GLN SA 177 0.33 -6.82 40.64
CA GLN SA 177 1.58 -6.17 41.06
C GLN SA 177 1.78 -6.15 42.57
N SER SA 178 0.78 -6.54 43.36
CA SER SA 178 0.89 -6.43 44.81
C SER SA 178 1.80 -7.48 45.43
N SER SA 179 2.14 -8.54 44.72
CA SER SA 179 2.93 -9.62 45.28
C SER SA 179 3.97 -10.08 44.26
N VAL SA 180 4.98 -10.80 44.76
CA VAL SA 180 6.04 -11.27 43.88
C VAL SA 180 5.53 -12.39 42.99
N THR SA 181 6.29 -12.67 41.94
CA THR SA 181 6.00 -13.77 41.03
C THR SA 181 6.60 -15.05 41.59
N LEU SA 182 5.78 -16.08 41.72
CA LEU SA 182 6.23 -17.36 42.22
C LEU SA 182 7.03 -18.11 41.17
N PRO SA 183 8.01 -18.90 41.59
CA PRO SA 183 8.82 -19.67 40.63
C PRO SA 183 8.09 -20.91 40.13
N PHE SA 184 8.63 -21.48 39.06
CA PHE SA 184 8.15 -22.76 38.57
C PHE SA 184 8.41 -23.85 39.60
N ARG SA 185 7.47 -24.79 39.71
CA ARG SA 185 7.67 -25.90 40.62
C ARG SA 185 8.46 -27.04 40.00
N HIS SA 186 8.63 -27.04 38.68
CA HIS SA 186 9.36 -28.10 37.98
C HIS SA 186 10.51 -27.48 37.22
N ASN SA 187 11.74 -27.84 37.60
CA ASN SA 187 12.95 -27.34 36.98
C ASN SA 187 13.87 -28.52 36.68
N PRO SA 188 13.69 -29.17 35.52
CA PRO SA 188 14.33 -30.47 35.29
C PRO SA 188 15.84 -30.48 35.38
N TYR SA 189 16.54 -29.46 34.88
CA TYR SA 189 18.00 -29.51 34.87
C TYR SA 189 18.60 -29.26 36.25
N VAL SA 190 17.82 -28.71 37.17
CA VAL SA 190 18.25 -28.56 38.56
C VAL SA 190 17.76 -29.73 39.41
N ASP SA 191 16.51 -30.14 39.22
CA ASP SA 191 15.93 -31.17 40.06
C ASP SA 191 16.62 -32.52 39.87
N VAL SA 192 17.17 -32.77 38.68
CA VAL SA 192 17.80 -34.06 38.41
C VAL SA 192 19.03 -34.27 39.28
N ARG SA 193 19.63 -33.21 39.79
CA ARG SA 193 20.80 -33.33 40.66
C ARG SA 193 20.40 -33.93 41.99
N MET TA 1 0.71 35.68 53.27
CA MET TA 1 -0.62 35.17 52.95
C MET TA 1 -0.57 34.10 51.89
N ILE TA 2 -1.38 33.06 52.06
CA ILE TA 2 -1.44 31.96 51.12
C ILE TA 2 -2.47 32.30 50.05
N GLU TA 3 -2.08 32.16 48.79
CA GLU TA 3 -3.03 32.32 47.70
C GLU TA 3 -3.91 31.09 47.61
N LEU TA 4 -5.22 31.31 47.58
CA LEU TA 4 -6.15 30.20 47.43
C LEU TA 4 -6.19 29.75 45.98
N THR TA 5 -6.17 28.43 45.78
CA THR TA 5 -6.20 27.88 44.44
C THR TA 5 -7.54 28.14 43.78
N SER TA 6 -7.50 28.35 42.46
CA SER TA 6 -8.71 28.44 41.66
C SER TA 6 -9.07 27.12 40.99
N ALA TA 7 -8.22 26.10 41.10
CA ALA TA 7 -8.54 24.77 40.61
C ALA TA 7 -9.65 24.15 41.46
N PRO TA 8 -10.34 23.14 40.93
CA PRO TA 8 -11.44 22.54 41.70
C PRO TA 8 -10.96 21.98 43.03
N THR TA 9 -11.81 22.14 44.05
CA THR TA 9 -11.51 21.65 45.39
C THR TA 9 -12.55 20.69 45.94
N THR TA 10 -13.65 20.46 45.23
CA THR TA 10 -14.70 19.57 45.69
C THR TA 10 -15.12 18.66 44.55
N LYS TA 11 -15.75 17.54 44.90
CA LYS TA 11 -16.21 16.62 43.88
C LYS TA 11 -17.35 17.22 43.07
N ILE TA 12 -18.10 18.16 43.63
CA ILE TA 12 -19.17 18.81 42.88
C ILE TA 12 -18.58 19.69 41.78
N GLU TA 13 -17.46 20.34 42.05
CA GLU TA 13 -16.81 21.15 41.03
C GLU TA 13 -16.21 20.30 39.92
N ILE TA 14 -15.70 19.11 40.27
CA ILE TA 14 -15.25 18.18 39.23
C ILE TA 14 -16.42 17.77 38.35
N ILE TA 15 -17.54 17.42 38.98
CA ILE TA 15 -18.70 16.93 38.24
C ILE TA 15 -19.26 18.03 37.35
N SER TA 16 -19.40 19.24 37.88
CA SER TA 16 -19.97 20.32 37.09
C SER TA 16 -19.07 20.72 35.93
N ALA TA 17 -17.76 20.62 36.11
CA ALA TA 17 -16.86 20.85 34.99
C ALA TA 17 -17.03 19.79 33.90
N ALA TA 18 -17.20 18.53 34.30
CA ALA TA 18 -17.43 17.47 33.32
C ALA TA 18 -18.75 17.68 32.58
N ILE TA 19 -19.77 18.17 33.28
CA ILE TA 19 -21.05 18.43 32.64
C ILE TA 19 -20.93 19.60 31.66
N SER TA 20 -20.16 20.63 32.01
CA SER TA 20 -19.95 21.73 31.09
C SER TA 20 -19.13 21.33 29.89
N MET TA 21 -18.23 20.37 30.05
CA MET TA 21 -17.42 19.92 28.93
C MET TA 21 -18.28 19.32 27.82
N VAL TA 22 -19.32 18.56 28.19
CA VAL TA 22 -20.22 18.00 27.19
C VAL TA 22 -21.32 18.95 26.78
N GLY TA 23 -21.33 20.18 27.30
CA GLY TA 23 -22.10 21.26 26.71
C GLY TA 23 -23.14 21.93 27.58
N LYS TA 24 -23.44 21.43 28.77
CA LYS TA 24 -24.54 21.96 29.56
C LYS TA 24 -24.03 22.94 30.61
N GLN TA 25 -24.76 24.04 30.78
CA GLN TA 25 -24.51 24.93 31.90
C GLN TA 25 -24.84 24.24 33.21
N GLN TA 26 -24.04 24.50 34.24
CA GLN TA 26 -24.26 23.84 35.52
C GLN TA 26 -23.63 24.66 36.63
N THR TA 27 -24.42 24.95 37.65
CA THR TA 27 -23.92 25.60 38.85
C THR TA 27 -23.84 24.57 39.97
N VAL TA 28 -22.94 24.81 40.92
CA VAL TA 28 -22.75 23.84 42.01
C VAL TA 28 -24.00 23.79 42.90
N ASN TA 29 -24.67 24.92 43.10
CA ASN TA 29 -25.81 24.95 44.00
C ASN TA 29 -27.10 24.46 43.37
N THR TA 30 -27.12 24.21 42.06
CA THR TA 30 -28.28 23.62 41.39
C THR TA 30 -27.97 22.24 40.82
N ILE TA 31 -26.96 21.56 41.37
CA ILE TA 31 -26.60 20.23 40.88
C ILE TA 31 -27.70 19.22 41.14
N ASP TA 32 -28.56 19.45 42.14
CA ASP TA 32 -29.64 18.51 42.43
C ASP TA 32 -30.63 18.43 41.27
N GLY TA 33 -30.94 19.56 40.64
CA GLY TA 33 -31.87 19.56 39.53
C GLY TA 33 -31.18 19.51 38.18
N GLY TA 34 -30.05 18.81 38.12
CA GLY TA 34 -29.26 18.75 36.91
C GLY TA 34 -29.73 17.78 35.85
N GLY TA 35 -30.81 17.05 36.08
CA GLY TA 35 -31.35 16.19 35.05
C GLY TA 35 -30.52 14.93 34.84
N ALA TA 36 -30.60 14.40 33.62
CA ALA TA 36 -29.96 13.12 33.32
C ALA TA 36 -28.44 13.22 33.42
N LEU TA 37 -27.86 14.35 33.03
CA LEU TA 37 -26.42 14.51 33.12
C LEU TA 37 -25.94 14.44 34.56
N ALA TA 38 -26.66 15.09 35.47
CA ALA TA 38 -26.28 15.06 36.88
C ALA TA 38 -26.52 13.68 37.49
N ILE TA 39 -27.58 13.00 37.06
CA ILE TA 39 -27.85 11.65 37.56
C ILE TA 39 -26.69 10.73 37.25
N ASP TA 40 -26.25 10.72 35.99
CA ASP TA 40 -25.18 9.81 35.59
C ASP TA 40 -23.84 10.25 36.13
N ALA TA 41 -23.58 11.55 36.17
CA ALA TA 41 -22.29 12.03 36.65
C ALA TA 41 -22.05 11.64 38.10
N GLU TA 42 -23.06 11.76 38.95
CA GLU TA 42 -22.87 11.41 40.36
C GLU TA 42 -22.82 9.90 40.56
N LYS TA 43 -23.53 9.14 39.72
CA LYS TA 43 -23.47 7.69 39.84
C LYS TA 43 -22.11 7.16 39.41
N LEU TA 44 -21.56 7.68 38.32
CA LEU TA 44 -20.32 7.16 37.77
C LEU TA 44 -19.08 7.75 38.41
N TYR TA 45 -19.21 8.86 39.14
CA TYR TA 45 -18.03 9.53 39.68
C TYR TA 45 -17.28 8.63 40.66
N ASP TA 46 -18.00 8.05 41.63
CA ASP TA 46 -17.33 7.25 42.65
C ASP TA 46 -16.67 6.02 42.05
N THR TA 47 -17.33 5.37 41.09
CA THR TA 47 -16.76 4.19 40.45
C THR TA 47 -15.51 4.53 39.66
N LEU TA 48 -15.55 5.63 38.90
CA LEU TA 48 -14.41 6.01 38.08
C LEU TA 48 -13.21 6.37 38.95
N VAL TA 49 -13.43 7.23 39.95
CA VAL TA 49 -12.30 7.72 40.76
C VAL TA 49 -11.67 6.58 41.54
N SER TA 50 -12.50 5.72 42.15
CA SER TA 50 -11.96 4.60 42.91
C SER TA 50 -11.17 3.65 42.03
N ALA TA 51 -11.67 3.39 40.81
CA ALA TA 51 -10.93 2.54 39.88
C ALA TA 51 -9.63 3.17 39.44
N GLU TA 52 -9.61 4.50 39.28
CA GLU TA 52 -8.40 5.17 38.83
C GLU TA 52 -7.32 5.15 39.91
N LEU TA 53 -7.69 5.52 41.13
CA LEU TA 53 -6.74 5.52 42.23
C LEU TA 53 -6.41 4.10 42.70
N GLY TA 54 -7.23 3.13 42.37
CA GLY TA 54 -7.00 1.75 42.71
C GLY TA 54 -6.26 0.94 41.67
N SER TA 55 -5.77 1.57 40.61
CA SER TA 55 -5.13 0.85 39.51
C SER TA 55 -3.72 1.32 39.23
N ASN TA 56 -3.23 2.32 39.94
CA ASN TA 56 -1.93 2.90 39.64
C ASN TA 56 -1.38 3.53 40.90
N ARG TA 57 -0.07 3.54 41.03
CA ARG TA 57 0.56 4.16 42.19
C ARG TA 57 0.64 5.66 41.95
N TRP TA 58 -0.35 6.38 42.46
CA TRP TA 58 -0.30 7.84 42.49
C TRP TA 58 0.28 8.26 43.83
N ARG TA 59 1.30 9.13 43.79
CA ARG TA 59 1.98 9.51 45.02
C ARG TA 59 1.04 10.21 45.99
N PHE TA 60 0.18 11.10 45.49
CA PHE TA 60 -0.72 11.83 46.38
C PHE TA 60 -1.75 10.93 47.04
N ALA TA 61 -1.97 9.74 46.50
CA ALA TA 61 -2.97 8.82 47.04
C ALA TA 61 -2.36 7.72 47.90
N GLN TA 62 -1.09 7.83 48.27
CA GLN TA 62 -0.43 6.78 49.04
C GLN TA 62 -0.67 6.96 50.54
N ALA TA 63 -0.59 5.84 51.26
CA ALA TA 63 -0.80 5.82 52.70
C ALA TA 63 -0.15 4.57 53.25
N PHE TA 64 -0.02 4.52 54.58
CA PHE TA 64 0.52 3.33 55.22
C PHE TA 64 -0.14 3.12 56.57
N GLN TA 65 -0.11 1.88 57.04
CA GLN TA 65 -0.71 1.48 58.30
C GLN TA 65 -0.21 0.10 58.68
N GLN TA 66 -0.21 -0.19 59.98
CA GLN TA 66 0.14 -1.51 60.46
C GLN TA 66 -1.02 -2.49 60.22
N ILE TA 67 -0.67 -3.72 59.83
CA ILE TA 67 -1.67 -4.75 59.61
C ILE TA 67 -1.70 -5.68 60.81
N SER TA 68 -2.79 -6.45 60.94
CA SER TA 68 -3.08 -7.19 62.15
C SER TA 68 -3.31 -8.67 61.83
N ILE TA 69 -2.68 -9.55 62.59
CA ILE TA 69 -2.93 -10.98 62.47
C ILE TA 69 -4.31 -11.31 63.01
N ILE TA 70 -5.08 -12.07 62.24
CA ILE TA 70 -6.43 -12.50 62.63
C ILE TA 70 -6.33 -13.85 63.33
N THR TA 71 -6.97 -13.96 64.50
CA THR TA 71 -6.91 -15.20 65.26
C THR TA 71 -7.78 -16.28 64.63
N THR TA 72 -7.42 -17.54 64.92
CA THR TA 72 -8.10 -18.78 64.55
C THR TA 72 -8.07 -19.09 63.05
N LEU TA 73 -7.35 -18.32 62.24
CA LEU TA 73 -7.25 -18.59 60.81
C LEU TA 73 -5.85 -19.07 60.49
N ASN TA 74 -5.75 -20.23 59.86
CA ASN TA 74 -4.47 -20.87 59.56
C ASN TA 74 -4.40 -21.24 58.09
N PRO TA 75 -3.50 -20.61 57.31
CA PRO TA 75 -3.50 -20.83 55.86
C PRO TA 75 -3.26 -22.27 55.42
N THR TA 76 -2.42 -23.04 56.12
CA THR TA 76 -2.22 -24.48 55.94
C THR TA 76 -1.52 -24.88 54.63
N PHE TA 77 -1.21 -23.96 53.73
CA PHE TA 77 -0.55 -24.31 52.47
C PHE TA 77 0.68 -23.44 52.24
N ASP TA 78 1.66 -24.00 51.53
CA ASP TA 78 2.88 -23.32 51.11
C ASP TA 78 3.67 -22.74 52.26
N GLY TA 79 3.47 -23.23 53.48
CA GLY TA 79 4.22 -22.72 54.61
C GLY TA 79 3.72 -21.43 55.20
N TRP TA 80 2.62 -20.88 54.71
CA TRP TA 80 2.06 -19.67 55.29
C TRP TA 80 1.45 -19.97 56.65
N LEU TA 81 1.65 -19.05 57.59
CA LEU TA 81 1.23 -19.27 58.98
C LEU TA 81 0.11 -18.36 59.45
N TYR TA 82 0.04 -17.13 58.96
CA TYR TA 82 -0.92 -16.16 59.47
C TYR TA 82 -1.67 -15.47 58.34
N GLU TA 83 -2.90 -15.06 58.62
CA GLU TA 83 -3.69 -14.24 57.73
C GLU TA 83 -3.93 -12.89 58.40
N CYS TA 84 -3.64 -11.82 57.66
CA CYS TA 84 -3.65 -10.48 58.22
C CYS TA 84 -4.72 -9.64 57.55
N GLN TA 85 -5.29 -8.72 58.32
CA GLN TA 85 -6.36 -7.85 57.84
C GLN TA 85 -5.79 -6.68 57.07
N ILE TA 86 -6.35 -6.42 55.90
CA ILE TA 86 -6.00 -5.28 55.06
C ILE TA 86 -6.70 -4.03 55.60
N PRO TA 87 -6.07 -2.87 55.57
CA PRO TA 87 -6.71 -1.66 56.11
C PRO TA 87 -8.03 -1.34 55.45
N ALA TA 88 -8.91 -0.68 56.21
CA ALA TA 88 -10.27 -0.42 55.76
C ALA TA 88 -10.29 0.50 54.54
N ASP TA 89 -9.44 1.51 54.52
CA ASP TA 89 -9.39 2.45 53.40
C ASP TA 89 -8.49 1.99 52.27
N CYS TA 90 -7.91 0.81 52.37
CA CYS TA 90 -7.02 0.34 51.33
C CYS TA 90 -7.78 0.05 50.05
N ILE TA 91 -7.31 0.63 48.95
CA ILE TA 91 -7.93 0.45 47.66
C ILE TA 91 -7.03 -0.29 46.68
N MET TA 92 -5.72 -0.34 46.92
CA MET TA 92 -4.80 -1.14 46.13
C MET TA 92 -3.56 -1.40 46.98
N VAL TA 93 -3.26 -2.68 47.24
CA VAL TA 93 -2.06 -3.04 47.98
C VAL TA 93 -0.84 -2.82 47.10
N GLN TA 94 0.19 -2.20 47.67
CA GLN TA 94 1.41 -1.94 46.91
C GLN TA 94 2.59 -2.77 47.40
N TYR TA 95 2.96 -2.69 48.68
CA TYR TA 95 4.01 -3.54 49.21
C TYR TA 95 3.99 -3.46 50.73
N LEU TA 96 4.83 -4.26 51.36
CA LEU TA 96 4.90 -4.42 52.80
C LEU TA 96 6.27 -3.97 53.30
N TYR TA 97 6.31 -3.45 54.52
CA TYR TA 97 7.57 -3.10 55.17
C TYR TA 97 7.63 -3.75 56.55
N PRO TA 98 8.72 -4.44 56.88
CA PRO TA 98 9.90 -4.71 56.06
C PRO TA 98 9.57 -5.72 54.97
N ASN TA 99 10.32 -5.72 53.87
CA ASN TA 99 10.02 -6.59 52.75
C ASN TA 99 10.47 -8.01 53.09
N ILE TA 100 9.53 -8.79 53.59
CA ILE TA 100 9.71 -10.19 53.93
C ILE TA 100 8.80 -11.00 53.02
N GLN TA 101 8.77 -12.31 53.20
CA GLN TA 101 7.85 -13.14 52.42
C GLN TA 101 6.41 -12.80 52.77
N TYR TA 102 5.62 -12.53 51.74
CA TYR TA 102 4.18 -12.33 51.89
C TYR TA 102 3.53 -12.52 50.54
N ILE TA 103 2.23 -12.79 50.55
CA ILE TA 103 1.41 -12.77 49.35
C ILE TA 103 0.04 -12.20 49.69
N VAL TA 104 -0.62 -11.64 48.69
CA VAL TA 104 -2.02 -11.27 48.80
C VAL TA 104 -2.84 -12.47 48.32
N PHE TA 105 -3.71 -12.96 49.19
CA PHE TA 105 -4.47 -14.18 48.92
C PHE TA 105 -5.89 -13.97 49.40
N GLY TA 106 -6.85 -14.02 48.48
CA GLY TA 106 -8.18 -13.57 48.84
C GLY TA 106 -8.17 -12.10 49.19
N ASP TA 107 -8.83 -11.76 50.29
CA ASP TA 107 -8.79 -10.39 50.81
C ASP TA 107 -7.87 -10.27 52.02
N LYS TA 108 -6.91 -11.19 52.18
CA LYS TA 108 -5.98 -11.18 53.29
C LYS TA 108 -4.56 -11.05 52.77
N ILE TA 109 -3.64 -10.85 53.70
CA ILE TA 109 -2.21 -10.91 53.41
C ILE TA 109 -1.62 -12.03 54.24
N LEU TA 110 -1.02 -13.01 53.59
CA LEU TA 110 -0.44 -14.15 54.27
C LEU TA 110 1.01 -13.88 54.60
N THR TA 111 1.42 -14.22 55.82
CA THR TA 111 2.80 -14.03 56.26
C THR TA 111 3.27 -15.29 56.97
N LYS TA 112 4.59 -15.36 57.18
CA LYS TA 112 5.21 -16.46 57.90
C LYS TA 112 5.76 -16.01 59.25
N SER TA 113 5.49 -14.78 59.67
CA SER TA 113 6.09 -14.21 60.87
C SER TA 113 5.03 -13.37 61.58
N ASN TA 114 5.23 -13.20 62.89
CA ASN TA 114 4.29 -12.44 63.72
C ASN TA 114 4.89 -11.12 64.20
N GLN TA 115 5.85 -10.57 63.47
CA GLN TA 115 6.37 -9.27 63.81
C GLN TA 115 5.45 -8.18 63.25
N THR TA 116 5.78 -6.92 63.53
CA THR TA 116 4.97 -5.81 63.07
C THR TA 116 5.23 -5.55 61.60
N PHE TA 117 4.17 -5.53 60.81
CA PHE TA 117 4.23 -5.26 59.38
C PHE TA 117 3.43 -4.01 59.06
N THR TA 118 3.96 -3.19 58.19
CA THR TA 118 3.29 -1.99 57.71
C THR TA 118 2.99 -2.14 56.23
N LEU TA 119 1.75 -1.87 55.84
CA LEU TA 119 1.33 -1.97 54.45
C LEU TA 119 1.36 -0.57 53.82
N ILE TA 120 1.94 -0.49 52.62
CA ILE TA 120 1.88 0.70 51.79
C ILE TA 120 0.80 0.48 50.74
N TYR TA 121 -0.12 1.43 50.61
CA TYR TA 121 -1.29 1.19 49.77
C TYR TA 121 -1.84 2.51 49.25
N SER TA 122 -2.73 2.40 48.26
CA SER TA 122 -3.49 3.53 47.75
C SER TA 122 -4.80 3.67 48.51
N ARG TA 123 -5.34 4.88 48.49
CA ARG TA 123 -6.62 5.17 49.12
C ARG TA 123 -7.30 6.29 48.38
N ASN TA 124 -8.61 6.38 48.57
CA ASN TA 124 -9.34 7.55 48.11
C ASN TA 124 -8.94 8.76 48.92
N VAL TA 125 -8.76 9.89 48.25
CA VAL TA 125 -8.49 11.15 48.94
C VAL TA 125 -9.44 12.20 48.37
N PRO TA 126 -9.79 13.23 49.12
CA PRO TA 126 -10.70 14.25 48.60
C PRO TA 126 -10.05 15.09 47.51
N VAL TA 127 -10.91 15.78 46.74
CA VAL TA 127 -10.46 16.54 45.57
C VAL TA 127 -9.44 17.59 45.95
N SER TA 128 -9.57 18.20 47.14
CA SER TA 128 -8.64 19.25 47.52
C SER TA 128 -7.21 18.74 47.67
N LYS TA 129 -7.03 17.43 47.76
CA LYS TA 129 -5.70 16.84 47.77
C LYS TA 129 -5.17 16.48 46.39
N TRP TA 130 -5.98 16.61 45.35
CA TRP TA 130 -5.59 16.18 44.02
C TRP TA 130 -4.65 17.20 43.38
N PRO TA 131 -3.65 16.74 42.62
CA PRO TA 131 -2.92 17.64 41.75
C PRO TA 131 -3.82 18.15 40.63
N PRO TA 132 -3.64 19.39 40.21
CA PRO TA 132 -4.50 19.96 39.16
C PRO TA 132 -4.46 19.17 37.86
N PRO TA 133 -3.31 18.64 37.43
CA PRO TA 133 -3.35 17.81 36.21
C PRO TA 133 -4.23 16.58 36.34
N PHE TA 134 -4.24 15.96 37.53
CA PHE TA 134 -5.10 14.81 37.74
C PHE TA 134 -6.57 15.21 37.71
N SER TA 135 -6.90 16.38 38.25
CA SER TA 135 -8.28 16.84 38.24
C SER TA 135 -8.81 17.02 36.83
N LEU TA 136 -8.00 17.63 35.95
CA LEU TA 136 -8.43 17.81 34.57
C LEU TA 136 -8.55 16.48 33.84
N TYR TA 137 -7.67 15.53 34.16
CA TYR TA 137 -7.78 14.20 33.58
C TYR TA 137 -9.09 13.54 33.99
N ILE TA 138 -9.47 13.67 35.25
CA ILE TA 138 -10.74 13.09 35.71
C ILE TA 138 -11.91 13.77 35.03
N VAL TA 139 -11.82 15.09 34.81
CA VAL TA 139 -12.89 15.81 34.13
C VAL TA 139 -13.09 15.25 32.73
N TYR TA 140 -12.00 15.07 31.99
CA TYR TA 140 -12.08 14.50 30.65
C TYR TA 140 -12.63 13.08 30.68
N HIS TA 141 -12.13 12.26 31.60
CA HIS TA 141 -12.53 10.87 31.65
C HIS TA 141 -14.00 10.73 32.03
N LEU TA 142 -14.44 11.52 33.01
CA LEU TA 142 -15.84 11.52 33.39
C LEU TA 142 -16.73 12.04 32.27
N ALA TA 143 -16.29 13.10 31.58
CA ALA TA 143 -17.04 13.61 30.45
C ALA TA 143 -17.16 12.56 29.34
N SER TA 144 -16.10 11.77 29.16
CA SER TA 144 -16.15 10.69 28.19
C SER TA 144 -17.23 9.69 28.55
N MET TA 145 -17.36 9.34 29.83
CA MET TA 145 -18.42 8.43 30.25
C MET TA 145 -19.79 9.06 30.13
N LEU TA 146 -19.89 10.39 30.29
CA LEU TA 146 -21.16 11.07 30.07
C LEU TA 146 -21.54 11.06 28.60
N GLY TA 147 -20.56 11.10 27.71
CA GLY TA 147 -20.86 10.98 26.29
C GLY TA 147 -21.50 9.65 25.95
N ILE TA 148 -21.00 8.57 26.54
CA ILE TA 148 -21.57 7.25 26.28
C ILE TA 148 -22.93 7.12 26.94
N SER TA 149 -23.05 7.55 28.20
CA SER TA 149 -24.26 7.29 28.96
C SER TA 149 -25.41 8.22 28.58
N VAL TA 150 -25.14 9.45 28.17
CA VAL TA 150 -26.21 10.43 27.97
C VAL TA 150 -26.32 10.91 26.53
N THR TA 151 -25.24 11.47 26.00
CA THR TA 151 -25.36 12.16 24.72
C THR TA 151 -25.61 11.21 23.56
N ASN TA 152 -25.10 9.98 23.65
CA ASN TA 152 -25.23 8.98 22.58
C ASN TA 152 -24.64 9.48 21.26
N SER TA 153 -23.59 10.29 21.34
CA SER TA 153 -23.00 10.92 20.18
C SER TA 153 -21.62 10.34 19.93
N ASP TA 154 -21.45 9.68 18.78
CA ASP TA 154 -20.12 9.20 18.40
C ASP TA 154 -19.17 10.36 18.15
N ARG TA 155 -19.69 11.47 17.63
CA ARG TA 155 -18.87 12.63 17.36
C ARG TA 155 -18.27 13.19 18.65
N MET TA 156 -19.07 13.29 19.71
CA MET TA 156 -18.57 13.79 20.98
C MET TA 156 -17.50 12.89 21.56
N LEU TA 157 -17.70 11.58 21.47
CA LEU TA 157 -16.71 10.65 22.00
C LEU TA 157 -15.37 10.79 21.29
N ALA TA 158 -15.39 10.98 19.97
CA ALA TA 158 -14.16 11.16 19.23
C ALA TA 158 -13.43 12.43 19.64
N ARG TA 159 -14.18 13.50 19.89
CA ARG TA 159 -13.55 14.78 20.23
C ARG TA 159 -12.98 14.78 21.63
N ILE TA 160 -13.55 14.00 22.56
CA ILE TA 160 -13.06 14.00 23.94
C ILE TA 160 -11.85 13.08 24.09
N SER TA 161 -11.71 12.08 23.21
CA SER TA 161 -10.74 11.02 23.44
C SER TA 161 -9.30 11.56 23.43
N GLN TA 162 -9.00 12.50 22.55
CA GLN TA 162 -7.64 13.00 22.44
C GLN TA 162 -7.20 13.69 23.74
N GLY TA 163 -8.04 14.57 24.27
CA GLY TA 163 -7.69 15.26 25.50
C GLY TA 163 -7.61 14.34 26.70
N MET TA 164 -8.46 13.32 26.75
CA MET TA 164 -8.45 12.40 27.88
C MET TA 164 -7.11 11.68 27.99
N GLU TA 165 -6.59 11.18 26.87
CA GLU TA 165 -5.34 10.43 26.91
C GLU TA 165 -4.14 11.34 27.09
N MET TA 166 -4.18 12.53 26.52
CA MET TA 166 -3.08 13.49 26.70
C MET TA 166 -2.91 13.84 28.18
N TRP TA 167 -4.02 14.14 28.86
CA TRP TA 167 -3.92 14.56 30.25
C TRP TA 167 -3.69 13.41 31.20
N GLU TA 168 -3.92 12.17 30.77
CA GLU TA 168 -3.51 11.04 31.60
C GLU TA 168 -1.99 10.95 31.68
N SER TA 169 -1.32 11.08 30.54
CA SER TA 169 0.15 11.04 30.52
C SER TA 169 0.73 12.23 31.27
N ARG TA 170 0.18 13.42 31.06
CA ARG TA 170 0.70 14.60 31.74
C ARG TA 170 0.52 14.51 33.25
N ALA TA 171 -0.64 14.02 33.70
CA ALA TA 171 -0.86 13.87 35.13
C ALA TA 171 0.10 12.84 35.72
N LEU TA 172 0.33 11.73 35.01
CA LEU TA 172 1.26 10.71 35.48
C LEU TA 172 2.67 11.25 35.57
N PHE TA 173 3.10 12.04 34.56
CA PHE TA 173 4.43 12.61 34.59
C PHE TA 173 4.57 13.60 35.74
N ALA TA 174 3.58 14.47 35.93
CA ALA TA 174 3.66 15.46 36.99
C ALA TA 174 3.73 14.80 38.36
N ASP TA 175 3.02 13.70 38.55
CA ASP TA 175 3.05 13.00 39.82
C ASP TA 175 4.39 12.30 40.02
N ALA TA 176 4.91 11.65 38.98
CA ALA TA 176 6.07 10.79 39.14
C ALA TA 176 7.37 11.58 39.25
N GLN TA 177 7.50 12.67 38.52
CA GLN TA 177 8.80 13.31 38.33
C GLN TA 177 9.32 13.99 39.59
N SER TA 178 8.49 14.20 40.60
CA SER TA 178 8.89 14.95 41.78
C SER TA 178 9.86 14.19 42.69
N SER TA 179 10.01 12.88 42.51
CA SER TA 179 10.86 12.09 43.39
C SER TA 179 11.73 11.15 42.58
N VAL TA 180 12.80 10.69 43.24
CA VAL TA 180 13.73 9.73 42.64
C VAL TA 180 13.05 8.38 42.48
N THR TA 181 13.47 7.64 41.44
CA THR TA 181 13.02 6.27 41.24
C THR TA 181 13.73 5.34 42.21
N LEU TA 182 12.96 4.51 42.91
CA LEU TA 182 13.52 3.61 43.91
C LEU TA 182 14.10 2.35 43.26
N PRO TA 183 15.11 1.75 43.88
CA PRO TA 183 15.72 0.54 43.32
C PRO TA 183 14.89 -0.71 43.58
N PHE TA 184 15.24 -1.77 42.88
CA PHE TA 184 14.59 -3.06 43.07
C PHE TA 184 14.90 -3.61 44.45
N ARG TA 185 13.91 -4.28 45.05
CA ARG TA 185 14.13 -4.93 46.32
C ARG TA 185 14.90 -6.23 46.18
N HIS TA 186 14.79 -6.91 45.03
CA HIS TA 186 15.46 -8.18 44.81
C HIS TA 186 16.48 -8.03 43.70
N ASN TA 187 17.74 -8.31 44.02
CA ASN TA 187 18.85 -8.28 43.07
C ASN TA 187 19.68 -9.54 43.25
N PRO TA 188 19.24 -10.66 42.68
CA PRO TA 188 19.80 -11.96 43.08
C PRO TA 188 21.28 -12.15 42.83
N TYR TA 189 21.85 -11.61 41.76
CA TYR TA 189 23.27 -11.85 41.52
C TYR TA 189 24.15 -11.09 42.51
N VAL TA 190 23.62 -10.05 43.14
CA VAL TA 190 24.35 -9.33 44.17
C VAL TA 190 24.02 -9.87 45.56
N ASP TA 191 22.75 -10.20 45.81
CA ASP TA 191 22.32 -10.62 47.14
C ASP TA 191 22.96 -11.93 47.55
N VAL TA 192 23.25 -12.81 46.59
CA VAL TA 192 23.80 -14.13 46.90
C VAL TA 192 25.18 -14.03 47.53
N ARG TA 193 25.87 -12.91 47.34
CA ARG TA 193 27.26 -12.78 47.79
C ARG TA 193 27.36 -12.62 49.30
N MET UA 1 -0.41 58.82 18.36
CA MET UA 1 1.00 59.02 18.69
C MET UA 1 1.81 57.77 18.40
N ILE UA 2 2.53 57.30 19.43
CA ILE UA 2 3.32 56.09 19.29
C ILE UA 2 2.41 54.90 19.04
N GLU UA 3 2.80 54.04 18.09
CA GLU UA 3 2.10 52.80 17.85
C GLU UA 3 2.42 51.82 18.97
N LEU UA 4 1.41 51.38 19.70
CA LEU UA 4 1.57 50.50 20.85
C LEU UA 4 0.96 49.13 20.56
N THR UA 5 1.68 48.07 20.89
CA THR UA 5 1.17 46.72 20.81
C THR UA 5 1.74 45.92 21.97
N SER UA 6 0.89 45.16 22.64
CA SER UA 6 1.33 44.43 23.83
C SER UA 6 0.47 43.20 24.04
N ALA UA 7 0.99 42.29 24.86
CA ALA UA 7 0.35 41.00 25.12
C ALA UA 7 -0.78 41.14 26.12
N PRO UA 8 -1.67 40.14 26.19
CA PRO UA 8 -2.71 40.16 27.22
C PRO UA 8 -2.12 40.20 28.62
N THR UA 9 -2.80 40.92 29.51
CA THR UA 9 -2.40 41.01 30.90
C THR UA 9 -3.52 40.67 31.87
N THR UA 10 -4.69 40.31 31.38
CA THR UA 10 -5.82 40.03 32.27
C THR UA 10 -6.52 38.75 31.83
N LYS UA 11 -7.18 38.11 32.79
CA LYS UA 11 -7.92 36.89 32.54
C LYS UA 11 -9.02 37.11 31.51
N ILE UA 12 -9.64 38.29 31.52
CA ILE UA 12 -10.74 38.56 30.59
C ILE UA 12 -10.23 38.57 29.16
N GLU UA 13 -9.01 39.08 28.94
CA GLU UA 13 -8.46 39.10 27.59
C GLU UA 13 -8.26 37.69 27.05
N ILE UA 14 -7.81 36.77 27.89
CA ILE UA 14 -7.63 35.39 27.46
C ILE UA 14 -8.97 34.76 27.11
N ILE UA 15 -9.96 34.93 27.98
CA ILE UA 15 -11.23 34.24 27.79
C ILE UA 15 -11.98 34.79 26.59
N SER UA 16 -11.99 36.12 26.42
CA SER UA 16 -12.70 36.70 25.29
C SER UA 16 -12.05 36.31 23.96
N ALA UA 17 -10.72 36.25 23.92
CA ALA UA 17 -10.04 35.78 22.71
C ALA UA 17 -10.36 34.32 22.44
N ALA UA 18 -10.39 33.49 23.49
CA ALA UA 18 -10.69 32.08 23.30
C ALA UA 18 -12.09 31.88 22.75
N ILE UA 19 -13.05 32.68 23.20
CA ILE UA 19 -14.40 32.60 22.67
C ILE UA 19 -14.45 33.04 21.22
N SER UA 20 -13.62 34.01 20.83
CA SER UA 20 -13.53 34.37 19.42
C SER UA 20 -12.98 33.22 18.59
N MET UA 21 -12.01 32.49 19.13
CA MET UA 21 -11.36 31.43 18.38
C MET UA 21 -12.22 30.18 18.21
N VAL UA 22 -13.36 30.07 18.89
CA VAL UA 22 -14.30 29.00 18.58
C VAL UA 22 -15.36 29.55 17.63
N GLY UA 23 -15.09 30.71 17.05
CA GLY UA 23 -15.96 31.27 16.04
C GLY UA 23 -17.34 31.69 16.52
N LYS UA 24 -17.44 32.23 17.73
CA LYS UA 24 -18.69 32.73 18.26
C LYS UA 24 -18.61 34.24 18.36
N GLN UA 25 -19.60 34.93 17.80
CA GLN UA 25 -19.55 36.38 17.66
C GLN UA 25 -20.16 37.12 18.83
N GLN UA 26 -20.78 36.43 19.79
CA GLN UA 26 -21.45 37.12 20.88
C GLN UA 26 -20.44 37.93 21.69
N THR UA 27 -20.86 39.11 22.12
CA THR UA 27 -19.96 40.06 22.76
C THR UA 27 -19.60 39.59 24.17
N VAL UA 28 -18.30 39.58 24.47
CA VAL UA 28 -17.81 39.28 25.82
C VAL UA 28 -16.85 40.42 26.19
N ASN UA 29 -17.39 41.47 26.79
CA ASN UA 29 -16.56 42.49 27.41
C ASN UA 29 -16.26 42.14 28.86
N THR UA 30 -17.14 41.38 29.49
CA THR UA 30 -16.99 40.93 30.86
C THR UA 30 -17.57 39.54 30.94
N ILE UA 31 -17.12 38.78 31.94
CA ILE UA 31 -17.71 37.46 32.16
C ILE UA 31 -19.18 37.60 32.51
N ASP UA 32 -19.52 38.58 33.34
CA ASP UA 32 -20.91 38.78 33.73
C ASP UA 32 -21.79 39.12 32.53
N GLY UA 33 -21.29 39.92 31.61
CA GLY UA 33 -22.04 40.28 30.43
C GLY UA 33 -21.94 39.29 29.28
N GLY UA 34 -21.20 38.20 29.44
CA GLY UA 34 -21.00 37.27 28.36
C GLY UA 34 -21.99 36.14 28.24
N GLY UA 35 -22.99 36.07 29.13
CA GLY UA 35 -23.98 35.02 29.01
C GLY UA 35 -23.47 33.66 29.47
N ALA UA 36 -24.21 32.62 29.07
CA ALA UA 36 -23.92 31.27 29.52
C ALA UA 36 -22.59 30.76 28.98
N LEU UA 37 -22.19 31.16 27.78
CA LEU UA 37 -20.93 30.70 27.23
C LEU UA 37 -19.75 31.23 28.04
N ALA UA 38 -19.81 32.48 28.46
CA ALA UA 38 -18.68 33.09 29.17
C ALA UA 38 -18.45 32.43 30.52
N ILE UA 39 -19.51 32.12 31.26
CA ILE UA 39 -19.33 31.51 32.57
C ILE UA 39 -18.77 30.10 32.43
N ASP UA 40 -19.25 29.34 31.44
CA ASP UA 40 -18.67 28.02 31.19
C ASP UA 40 -17.21 28.13 30.77
N ALA UA 41 -16.88 29.13 29.96
CA ALA UA 41 -15.49 29.33 29.56
C ALA UA 41 -14.63 29.68 30.77
N GLU UA 42 -15.17 30.48 31.69
CA GLU UA 42 -14.41 30.84 32.89
C GLU UA 42 -14.21 29.62 33.79
N LYS UA 43 -15.22 28.77 33.91
CA LYS UA 43 -15.09 27.58 34.72
C LYS UA 43 -14.02 26.65 34.18
N LEU UA 44 -13.99 26.45 32.86
CA LEU UA 44 -12.97 25.59 32.27
C LEU UA 44 -11.60 26.25 32.32
N TYR UA 45 -11.56 27.59 32.29
CA TYR UA 45 -10.30 28.30 32.39
C TYR UA 45 -9.60 28.00 33.72
N ASP UA 46 -10.35 27.98 34.81
CA ASP UA 46 -9.75 27.75 36.12
C ASP UA 46 -9.10 26.37 36.20
N THR UA 47 -9.79 25.35 35.67
CA THR UA 47 -9.22 24.01 35.68
C THR UA 47 -7.99 23.92 34.78
N LEU UA 48 -8.07 24.52 33.60
CA LEU UA 48 -7.01 24.35 32.60
C LEU UA 48 -5.70 25.00 33.05
N VAL UA 49 -5.78 26.23 33.56
CA VAL UA 49 -4.55 26.99 33.83
C VAL UA 49 -3.72 26.30 34.90
N SER UA 50 -4.36 25.88 35.99
CA SER UA 50 -3.63 25.19 37.06
C SER UA 50 -3.13 23.83 36.60
N ALA UA 51 -3.91 23.14 35.76
CA ALA UA 51 -3.46 21.86 35.23
C ALA UA 51 -2.23 22.03 34.36
N GLU UA 52 -2.18 23.11 33.59
CA GLU UA 52 -1.06 23.34 32.69
C GLU UA 52 0.20 23.73 33.46
N LEU UA 53 0.07 24.63 34.43
CA LEU UA 53 1.22 25.04 35.22
C LEU UA 53 1.64 23.97 36.21
N GLY UA 54 0.76 23.03 36.54
CA GLY UA 54 1.06 21.95 37.45
C GLY UA 54 1.58 20.69 36.84
N SER UA 55 1.87 20.66 35.54
CA SER UA 55 2.32 19.44 34.90
C SER UA 55 3.60 19.62 34.08
N ASN UA 56 4.25 20.77 34.18
CA ASN UA 56 5.45 21.04 33.42
C ASN UA 56 6.25 22.12 34.12
N ARG UA 57 7.56 22.06 33.98
CA ARG UA 57 8.43 23.08 34.57
C ARG UA 57 8.49 24.27 33.62
N TRP UA 58 7.58 25.21 33.81
CA TRP UA 58 7.67 26.51 33.16
C TRP UA 58 8.52 27.42 34.04
N ARG UA 59 9.53 28.05 33.43
CA ARG UA 59 10.42 28.91 34.21
C ARG UA 59 9.66 30.05 34.86
N PHE UA 60 8.71 30.66 34.13
CA PHE UA 60 8.00 31.81 34.68
C PHE UA 60 7.07 31.44 35.83
N ALA UA 61 6.75 30.16 35.98
CA ALA UA 61 5.87 29.72 37.05
C ALA UA 61 6.62 29.11 38.23
N GLN UA 62 7.94 29.14 38.22
CA GLN UA 62 8.72 28.55 39.31
C GLN UA 62 8.76 29.48 40.52
N ALA UA 63 8.91 28.87 41.69
CA ALA UA 63 8.98 29.59 42.95
C ALA UA 63 9.73 28.76 43.96
N PHE UA 64 10.18 29.40 45.04
CA PHE UA 64 10.90 28.72 46.09
C PHE UA 64 10.37 29.15 47.45
N GLN UA 65 10.53 28.27 48.44
CA GLN UA 65 10.02 28.52 49.77
C GLN UA 65 10.77 27.64 50.77
N GLN UA 66 11.26 28.24 51.85
CA GLN UA 66 11.92 27.47 52.89
C GLN UA 66 10.89 26.71 53.73
N ILE UA 67 11.17 25.45 53.99
CA ILE UA 67 10.35 24.61 54.86
C ILE UA 67 11.10 24.42 56.16
N SER UA 68 10.46 24.74 57.27
CA SER UA 68 11.08 24.62 58.57
C SER UA 68 10.29 23.81 59.59
N ILE UA 69 8.98 23.66 59.43
CA ILE UA 69 8.17 22.87 60.35
C ILE UA 69 8.27 21.40 59.95
N ILE UA 70 9.21 20.68 60.54
CA ILE UA 70 9.48 19.29 60.18
C ILE UA 70 9.33 18.47 61.46
N THR UA 71 8.34 17.57 61.48
CA THR UA 71 7.94 16.88 62.68
C THR UA 71 8.18 15.38 62.57
N THR UA 72 8.31 14.74 63.72
CA THR UA 72 8.59 13.32 63.79
C THR UA 72 7.47 12.50 63.17
N LEU UA 73 7.85 11.48 62.39
CA LEU UA 73 6.92 10.54 61.79
C LEU UA 73 6.90 9.28 62.65
N ASN UA 74 5.79 9.06 63.35
CA ASN UA 74 5.71 7.87 64.19
C ASN UA 74 4.26 7.41 64.31
N PRO UA 75 3.95 6.16 63.95
CA PRO UA 75 4.84 5.10 63.41
C PRO UA 75 5.27 5.39 61.98
N THR UA 76 6.26 4.70 61.44
CA THR UA 76 6.85 5.09 60.17
C THR UA 76 7.16 3.83 59.36
N PHE UA 77 7.83 4.02 58.22
CA PHE UA 77 8.18 2.94 57.33
C PHE UA 77 9.40 3.34 56.52
N ASP UA 78 10.07 2.33 55.96
CA ASP UA 78 11.19 2.50 55.03
C ASP UA 78 12.30 3.38 55.59
N GLY UA 79 12.39 3.52 56.91
CA GLY UA 79 13.43 4.31 57.51
C GLY UA 79 13.21 5.81 57.49
N TRP UA 80 12.07 6.28 56.99
CA TRP UA 80 11.78 7.71 57.05
C TRP UA 80 11.58 8.13 58.49
N LEU UA 81 12.02 9.33 58.82
CA LEU UA 81 11.99 9.81 60.19
C LEU UA 81 11.12 11.03 60.41
N TYR UA 82 10.96 11.88 59.40
CA TYR UA 82 10.23 13.13 59.57
C TYR UA 82 9.31 13.34 58.39
N GLU UA 83 8.29 14.17 58.60
CA GLU UA 83 7.36 14.57 57.56
C GLU UA 83 7.14 16.07 57.66
N CYS UA 84 6.82 16.68 56.51
CA CYS UA 84 6.50 18.09 56.47
C CYS UA 84 5.37 18.31 55.47
N GLN UA 85 4.52 19.27 55.78
CA GLN UA 85 3.37 19.54 54.91
C GLN UA 85 3.82 20.26 53.66
N ILE UA 86 3.35 19.79 52.51
CA ILE UA 86 3.58 20.51 51.26
C ILE UA 86 2.78 21.80 51.28
N PRO UA 87 3.39 22.96 51.04
CA PRO UA 87 2.67 24.23 51.16
C PRO UA 87 1.47 24.29 50.22
N ALA UA 88 0.44 25.02 50.66
CA ALA UA 88 -0.84 25.01 49.95
C ALA UA 88 -0.74 25.65 48.58
N ASP UA 89 0.14 26.63 48.40
CA ASP UA 89 0.29 27.25 47.09
C ASP UA 89 1.20 26.46 46.17
N CYS UA 90 1.80 25.37 46.63
CA CYS UA 90 2.61 24.51 45.78
C CYS UA 90 1.69 23.69 44.88
N ILE UA 91 1.89 23.82 43.57
CA ILE UA 91 1.06 23.12 42.60
C ILE UA 91 1.77 21.94 41.96
N MET UA 92 3.10 21.90 42.00
CA MET UA 92 3.86 20.74 41.55
C MET UA 92 5.24 20.80 42.20
N VAL UA 93 5.56 19.82 43.03
CA VAL UA 93 6.90 19.71 43.60
C VAL UA 93 7.89 19.38 42.50
N GLN UA 94 9.01 20.08 42.47
CA GLN UA 94 10.05 19.83 41.48
C GLN UA 94 11.31 19.25 42.09
N TYR UA 95 11.92 19.91 43.07
CA TYR UA 95 13.07 19.33 43.75
C TYR UA 95 13.36 20.13 45.02
N LEU UA 96 14.30 19.61 45.81
CA LEU UA 96 14.67 20.17 47.09
C LEU UA 96 16.12 20.60 47.06
N TYR UA 97 16.44 21.63 47.84
CA TYR UA 97 17.81 22.03 48.11
C TYR UA 97 18.00 22.17 49.60
N PRO UA 98 19.11 21.66 50.16
CA PRO UA 98 20.19 20.92 49.50
C PRO UA 98 19.76 19.51 49.12
N ASN UA 99 20.67 18.71 48.58
CA ASN UA 99 20.35 17.40 48.01
C ASN UA 99 20.23 16.39 49.16
N ILE UA 100 19.06 16.37 49.79
CA ILE UA 100 18.76 15.44 50.85
C ILE UA 100 17.84 14.36 50.31
N GLN UA 101 17.85 13.21 50.97
CA GLN UA 101 16.92 12.14 50.62
C GLN UA 101 15.50 12.52 51.00
N TYR UA 102 14.55 12.19 50.13
CA TYR UA 102 13.16 12.53 50.38
C TYR UA 102 12.29 11.75 49.40
N ILE UA 103 11.01 11.67 49.72
CA ILE UA 103 9.98 11.23 48.80
C ILE UA 103 8.72 12.04 49.03
N VAL UA 104 7.98 12.28 47.96
CA VAL UA 104 6.62 12.81 48.09
C VAL UA 104 5.69 11.65 48.37
N PHE UA 105 4.98 11.71 49.49
CA PHE UA 105 4.13 10.62 49.95
C PHE UA 105 2.84 11.21 50.47
N GLY UA 106 1.73 10.92 49.80
CA GLY UA 106 0.49 11.58 50.14
C GLY UA 106 0.60 13.06 49.89
N ASP UA 107 0.24 13.87 50.89
CA ASP UA 107 0.40 15.31 50.82
C ASP UA 107 1.59 15.78 51.64
N LYS UA 108 2.53 14.89 51.95
CA LYS UA 108 3.68 15.19 52.78
C LYS UA 108 4.96 14.98 51.99
N ILE UA 109 6.04 15.56 52.50
CA ILE UA 109 7.39 15.23 52.08
C ILE UA 109 8.07 14.54 53.24
N LEU UA 110 8.53 13.31 53.03
CA LEU UA 110 9.18 12.52 54.07
C LEU UA 110 10.68 12.64 53.92
N THR UA 111 11.37 12.84 55.04
CA THR UA 111 12.81 13.04 55.04
C THR UA 111 13.45 12.20 56.14
N LYS UA 112 14.76 12.02 56.02
CA LYS UA 112 15.57 11.40 57.05
C LYS UA 112 16.35 12.43 57.86
N SER UA 113 16.13 13.71 57.63
CA SER UA 113 16.86 14.76 58.32
C SER UA 113 15.89 15.83 58.80
N ASN UA 114 16.33 16.60 59.78
CA ASN UA 114 15.49 17.57 60.47
C ASN UA 114 15.80 19.02 60.11
N GLN UA 115 16.82 19.27 59.29
CA GLN UA 115 17.25 20.63 59.02
C GLN UA 115 16.32 21.32 58.04
N THR UA 116 16.27 22.65 58.14
CA THR UA 116 15.51 23.45 57.19
C THR UA 116 16.04 23.26 55.78
N PHE UA 117 15.13 23.10 54.84
CA PHE UA 117 15.48 22.98 53.43
C PHE UA 117 14.59 23.90 52.62
N THR UA 118 14.91 24.02 51.33
CA THR UA 118 14.15 24.85 50.40
C THR UA 118 13.44 23.97 49.39
N LEU UA 119 12.17 24.28 49.14
CA LEU UA 119 11.37 23.58 48.16
C LEU UA 119 11.31 24.41 46.88
N ILE UA 120 11.67 23.80 45.76
CA ILE UA 120 11.52 24.42 44.44
C ILE UA 120 10.27 23.81 43.80
N TYR UA 121 9.32 24.65 43.43
CA TYR UA 121 8.03 24.15 43.00
C TYR UA 121 7.45 25.05 41.93
N SER UA 122 6.32 24.62 41.38
CA SER UA 122 5.54 25.40 40.43
C SER UA 122 4.33 25.99 41.14
N ARG UA 123 3.93 27.18 40.72
CA ARG UA 123 2.81 27.87 41.34
C ARG UA 123 1.95 28.51 40.26
N ASN UA 124 0.69 28.76 40.61
CA ASN UA 124 -0.19 29.54 39.76
C ASN UA 124 0.26 30.99 39.74
N VAL UA 125 0.21 31.62 38.56
CA VAL UA 125 0.61 33.01 38.43
C VAL UA 125 -0.44 33.78 37.62
N PRO UA 126 -0.60 35.07 37.83
CA PRO UA 126 -1.59 35.84 37.07
C PRO UA 126 -1.13 36.10 35.63
N VAL UA 127 -2.11 36.47 34.80
CA VAL UA 127 -1.85 36.67 33.38
C VAL UA 127 -0.84 37.78 33.14
N SER UA 128 -0.73 38.73 34.06
CA SER UA 128 0.24 39.80 33.91
C SER UA 128 1.68 39.31 33.94
N LYS UA 129 1.91 38.07 34.38
CA LYS UA 129 3.24 37.48 34.40
C LYS UA 129 3.46 36.43 33.31
N TRP UA 130 2.47 36.20 32.45
CA TRP UA 130 2.58 35.17 31.43
C TRP UA 130 3.42 35.67 30.25
N PRO UA 131 4.31 34.82 29.71
CA PRO UA 131 4.94 35.15 28.44
C PRO UA 131 3.91 35.17 27.32
N PRO UA 132 4.08 36.03 26.32
CA PRO UA 132 3.09 36.15 25.24
C PRO UA 132 2.84 34.84 24.50
N PRO UA 133 3.87 34.03 24.19
CA PRO UA 133 3.58 32.74 23.54
C PRO UA 133 2.71 31.84 24.39
N PHE UA 134 2.90 31.85 25.70
CA PHE UA 134 2.07 31.04 26.58
C PHE UA 134 0.62 31.52 26.56
N SER UA 135 0.41 32.83 26.51
CA SER UA 135 -0.94 33.37 26.49
C SER UA 135 -1.70 32.89 25.26
N LEU UA 136 -1.06 32.94 24.09
CA LEU UA 136 -1.74 32.47 22.89
C LEU UA 136 -1.95 30.98 22.91
N TYR UA 137 -1.05 30.23 23.53
CA TYR UA 137 -1.25 28.79 23.69
C TYR UA 137 -2.47 28.50 24.53
N ILE UA 138 -2.65 29.24 25.63
CA ILE UA 138 -3.83 29.04 26.47
C ILE UA 138 -5.10 29.42 25.71
N VAL UA 139 -5.03 30.48 24.90
CA VAL UA 139 -6.21 30.88 24.12
C VAL UA 139 -6.67 29.74 23.23
N TYR UA 140 -5.74 29.13 22.50
CA TYR UA 140 -6.09 28.00 21.64
C TYR UA 140 -6.54 26.79 22.44
N HIS UA 141 -5.87 26.50 23.55
CA HIS UA 141 -6.22 25.33 24.34
C HIS UA 141 -7.61 25.46 24.93
N LEU UA 142 -7.93 26.62 25.47
CA LEU UA 142 -9.27 26.86 26.01
C LEU UA 142 -10.32 26.79 24.91
N ALA UA 143 -10.01 27.34 23.74
CA ALA UA 143 -10.91 27.22 22.60
C ALA UA 143 -11.12 25.77 22.20
N SER UA 144 -10.08 24.96 22.32
CA SER UA 144 -10.20 23.53 21.99
C SER UA 144 -11.16 22.84 22.95
N MET UA 145 -11.14 23.23 24.24
CA MET UA 145 -12.04 22.61 25.21
C MET UA 145 -13.49 23.03 24.99
N LEU UA 146 -13.71 24.31 24.71
CA LEU UA 146 -15.05 24.78 24.39
C LEU UA 146 -15.54 24.20 23.07
N GLY UA 147 -14.64 24.06 22.10
CA GLY UA 147 -15.02 23.58 20.78
C GLY UA 147 -15.48 22.15 20.75
N ILE UA 148 -15.25 21.40 21.82
CA ILE UA 148 -15.73 20.02 21.89
C ILE UA 148 -17.25 19.98 21.71
N SER UA 149 -17.95 20.95 22.29
CA SER UA 149 -19.40 20.96 22.23
C SER UA 149 -19.98 21.94 21.22
N VAL UA 150 -19.28 23.01 20.87
CA VAL UA 150 -19.89 24.09 20.09
C VAL UA 150 -19.31 24.26 18.69
N THR UA 151 -18.20 23.60 18.36
CA THR UA 151 -17.64 23.75 17.01
C THR UA 151 -18.45 22.91 16.03
N ASN UA 152 -18.84 23.51 14.90
CA ASN UA 152 -19.71 22.81 13.96
C ASN UA 152 -18.98 21.68 13.26
N SER UA 153 -17.77 21.93 12.77
CA SER UA 153 -17.08 21.03 11.86
C SER UA 153 -15.93 20.32 12.56
N ASP UA 154 -15.77 19.03 12.27
CA ASP UA 154 -14.64 18.28 12.80
C ASP UA 154 -13.32 18.82 12.25
N ARG UA 155 -13.30 19.20 10.98
CA ARG UA 155 -12.09 19.76 10.39
C ARG UA 155 -11.71 21.08 11.04
N MET UA 156 -12.70 21.91 11.38
CA MET UA 156 -12.43 23.15 12.06
C MET UA 156 -11.87 22.91 13.46
N LEU UA 157 -12.41 21.93 14.18
CA LEU UA 157 -11.90 21.63 15.50
C LEU UA 157 -10.47 21.11 15.42
N ALA UA 158 -10.18 20.28 14.43
CA ALA UA 158 -8.81 19.80 14.23
C ALA UA 158 -7.87 20.97 13.97
N ARG UA 159 -8.33 21.98 13.23
CA ARG UA 159 -7.51 23.16 12.98
C ARG UA 159 -7.21 23.90 14.28
N ILE UA 160 -8.21 24.03 15.15
CA ILE UA 160 -7.99 24.68 16.44
C ILE UA 160 -7.02 23.87 17.28
N SER UA 161 -7.19 22.54 17.28
CA SER UA 161 -6.28 21.69 18.05
C SER UA 161 -4.86 21.77 17.51
N GLN UA 162 -4.70 21.88 16.19
CA GLN UA 162 -3.38 22.05 15.62
C GLN UA 162 -2.73 23.35 16.08
N GLY UA 163 -3.52 24.42 16.14
CA GLY UA 163 -3.00 25.67 16.65
C GLY UA 163 -2.59 25.59 18.11
N MET UA 164 -3.31 24.79 18.90
CA MET UA 164 -2.94 24.58 20.29
C MET UA 164 -1.58 23.88 20.40
N GLU UA 165 -1.39 22.82 19.62
CA GLU UA 165 -0.14 22.07 19.68
C GLU UA 165 1.03 22.88 19.12
N MET UA 166 0.76 23.70 18.11
CA MET UA 166 1.83 24.51 17.52
C MET UA 166 2.35 25.53 18.51
N TRP UA 167 1.46 26.25 19.19
CA TRP UA 167 1.88 27.25 20.14
C TRP UA 167 2.37 26.65 21.45
N GLU UA 168 2.01 25.41 21.75
CA GLU UA 168 2.58 24.76 22.92
C GLU UA 168 4.08 24.53 22.73
N SER UA 169 4.49 24.04 21.57
CA SER UA 169 5.90 23.82 21.31
C SER UA 169 6.67 25.13 21.27
N ARG UA 170 6.11 26.16 20.65
CA ARG UA 170 6.80 27.44 20.57
C ARG UA 170 6.89 28.11 21.93
N ALA UA 171 5.83 28.03 22.74
CA ALA UA 171 5.91 28.57 24.08
C ALA UA 171 6.91 27.83 24.94
N LEU UA 172 6.95 26.49 24.82
CA LEU UA 172 7.92 25.71 25.57
C LEU UA 172 9.34 26.04 25.17
N PHE UA 173 9.58 26.21 23.87
CA PHE UA 173 10.91 26.58 23.40
C PHE UA 173 11.30 27.95 23.93
N ALA UA 174 10.43 28.94 23.75
CA ALA UA 174 10.74 30.31 24.18
C ALA UA 174 11.04 30.36 25.67
N ASP UA 175 10.31 29.57 26.47
CA ASP UA 175 10.57 29.52 27.90
C ASP UA 175 11.90 28.84 28.20
N ALA UA 176 12.21 27.75 27.49
CA ALA UA 176 13.35 26.92 27.85
C ALA UA 176 14.68 27.49 27.37
N GLN UA 177 14.72 28.14 26.21
CA GLN UA 177 16.00 28.50 25.61
C GLN UA 177 16.72 29.63 26.33
N SER UA 178 16.06 30.34 27.24
CA SER UA 178 16.68 31.50 27.86
C SER UA 178 17.78 31.16 28.85
N SER UA 179 17.90 29.90 29.26
CA SER UA 179 18.87 29.51 30.27
C SER UA 179 19.52 28.20 29.88
N VAL UA 180 20.66 27.92 30.50
CA VAL UA 180 21.39 26.69 30.21
C VAL UA 180 20.67 25.50 30.83
N THR UA 181 21.01 24.32 30.34
CA THR UA 181 20.47 23.08 30.91
C THR UA 181 21.29 22.68 32.13
N LEU UA 182 20.60 22.40 33.21
CA LEU UA 182 21.27 22.00 34.45
C LEU UA 182 21.71 20.54 34.37
N PRO UA 183 22.81 20.19 35.02
CA PRO UA 183 23.29 18.80 35.00
C PRO UA 183 22.46 17.90 35.91
N PHE UA 184 22.59 16.60 35.68
CA PHE UA 184 22.04 15.62 36.60
C PHE UA 184 22.70 15.75 37.97
N ARG UA 185 21.90 15.57 39.01
CA ARG UA 185 22.44 15.60 40.36
C ARG UA 185 23.01 14.27 40.82
N HIS UA 186 22.71 13.18 40.12
CA HIS UA 186 23.21 11.86 40.47
C HIS UA 186 24.01 11.32 39.29
N ASN UA 187 25.30 11.08 39.52
CA ASN UA 187 26.20 10.55 38.49
C ASN UA 187 27.01 9.42 39.10
N PRO UA 188 26.47 8.20 39.13
CA PRO UA 188 27.05 7.15 39.98
C PRO UA 188 28.49 6.79 39.69
N TYR UA 189 28.89 6.71 38.42
CA TYR UA 189 30.26 6.28 38.13
C TYR UA 189 31.29 7.33 38.49
N VAL UA 190 30.87 8.57 38.72
CA VAL UA 190 31.74 9.63 39.20
C VAL UA 190 31.62 9.80 40.72
N ASP UA 191 30.39 9.76 41.24
CA ASP UA 191 30.18 9.99 42.66
C ASP UA 191 30.84 8.91 43.51
N VAL UA 192 30.96 7.69 42.99
CA VAL UA 192 31.53 6.60 43.76
C VAL UA 192 32.98 6.86 44.11
N ARG UA 193 33.68 7.68 43.35
CA ARG UA 193 35.06 8.03 43.64
C ARG UA 193 35.14 8.90 44.89
N MET VA 1 16.71 62.38 -2.83
CA MET VA 1 15.78 62.01 -1.78
C MET VA 1 15.64 60.50 -1.67
N ILE VA 2 15.06 60.05 -0.57
CA ILE VA 2 14.85 58.63 -0.32
C ILE VA 2 13.44 58.26 -0.77
N GLU VA 3 13.33 57.13 -1.47
CA GLU VA 3 12.02 56.66 -1.92
C GLU VA 3 11.31 55.95 -0.78
N LEU VA 4 10.08 56.38 -0.51
CA LEU VA 4 9.29 55.76 0.55
C LEU VA 4 8.85 54.36 0.14
N THR VA 5 8.76 53.47 1.13
CA THR VA 5 8.32 52.12 0.86
C THR VA 5 6.81 52.08 0.59
N SER VA 6 6.42 51.18 -0.30
CA SER VA 6 5.01 50.90 -0.51
C SER VA 6 4.51 49.76 0.36
N ALA VA 7 5.40 49.08 1.07
CA ALA VA 7 5.01 48.04 2.00
C ALA VA 7 4.27 48.65 3.20
N PRO VA 8 3.49 47.84 3.92
CA PRO VA 8 2.75 48.38 5.07
C PRO VA 8 3.68 49.00 6.10
N THR VA 9 3.24 50.12 6.69
CA THR VA 9 4.02 50.83 7.68
C THR VA 9 3.29 51.04 8.99
N THR VA 10 2.01 50.68 9.08
CA THR VA 10 1.24 50.81 10.30
C THR VA 10 0.48 49.52 10.56
N LYS VA 11 0.07 49.35 11.82
CA LYS VA 11 -0.68 48.15 12.18
C LYS VA 11 -2.05 48.13 11.52
N ILE VA 12 -2.62 49.31 11.24
CA ILE VA 12 -3.92 49.35 10.56
C ILE VA 12 -3.80 48.79 9.15
N GLU VA 13 -2.68 49.06 8.48
CA GLU VA 13 -2.47 48.53 7.14
C GLU VA 13 -2.24 47.02 7.16
N ILE VA 14 -1.61 46.51 8.22
CA ILE VA 14 -1.49 45.06 8.37
C ILE VA 14 -2.87 44.44 8.53
N ILE VA 15 -3.70 45.05 9.38
CA ILE VA 15 -5.03 44.51 9.65
C ILE VA 15 -5.90 44.57 8.41
N SER VA 16 -5.88 45.70 7.70
CA SER VA 16 -6.73 45.84 6.51
C SER VA 16 -6.30 44.89 5.40
N ALA VA 17 -5.01 44.59 5.29
CA ALA VA 17 -4.57 43.62 4.31
C ALA VA 17 -5.09 42.22 4.65
N ALA VA 18 -5.06 41.84 5.92
CA ALA VA 18 -5.58 40.53 6.32
C ALA VA 18 -7.08 40.43 6.06
N ILE VA 19 -7.82 41.50 6.31
CA ILE VA 19 -9.25 41.51 6.04
C ILE VA 19 -9.52 41.38 4.54
N SER VA 20 -8.71 42.04 3.72
CA SER VA 20 -8.84 41.87 2.28
C SER VA 20 -8.49 40.47 1.82
N MET VA 21 -7.57 39.81 2.52
CA MET VA 21 -7.19 38.45 2.12
C MET VA 21 -8.37 37.49 2.26
N VAL VA 22 -9.21 37.68 3.28
CA VAL VA 22 -10.35 36.80 3.47
C VAL VA 22 -11.55 37.34 2.71
N GLY VA 23 -11.35 38.38 1.91
CA GLY VA 23 -12.29 38.74 0.86
C GLY VA 23 -13.06 40.02 1.03
N LYS VA 24 -12.86 40.79 2.09
CA LYS VA 24 -13.67 41.98 2.33
C LYS VA 24 -12.90 43.24 1.97
N GLN VA 25 -13.54 44.16 1.26
CA GLN VA 25 -12.97 45.47 1.04
C GLN VA 25 -12.80 46.21 2.37
N GLN VA 26 -11.72 46.97 2.48
CA GLN VA 26 -11.45 47.68 3.73
C GLN VA 26 -10.53 48.85 3.46
N THR VA 27 -10.87 50.01 3.99
CA THR VA 27 -10.03 51.19 3.94
C THR VA 27 -9.53 51.49 5.34
N VAL VA 28 -8.36 52.14 5.41
CA VAL VA 28 -7.79 52.44 6.73
C VAL VA 28 -8.66 53.42 7.50
N ASN VA 29 -9.30 54.37 6.83
CA ASN VA 29 -10.05 55.39 7.52
C ASN VA 29 -11.47 54.95 7.89
N THR VA 30 -11.91 53.77 7.45
CA THR VA 30 -13.19 53.22 7.85
C THR VA 30 -13.04 51.92 8.66
N ILE VA 31 -11.87 51.73 9.27
CA ILE VA 31 -11.63 50.51 10.05
C ILE VA 31 -12.53 50.43 11.27
N ASP VA 32 -13.00 51.56 11.78
CA ASP VA 32 -13.88 51.54 12.96
C ASP VA 32 -15.20 50.83 12.65
N GLY VA 33 -15.77 51.07 11.48
CA GLY VA 33 -17.02 50.45 11.13
C GLY VA 33 -16.84 49.17 10.33
N GLY VA 34 -15.78 48.43 10.60
CA GLY VA 34 -15.49 47.22 9.86
C GLY VA 34 -16.25 45.98 10.27
N GLY VA 35 -17.12 46.07 11.27
CA GLY VA 35 -17.94 44.93 11.62
C GLY VA 35 -17.16 43.83 12.33
N ALA VA 36 -17.63 42.59 12.15
CA ALA VA 36 -17.06 41.46 12.88
C ALA VA 36 -15.60 41.23 12.50
N LEU VA 37 -15.26 41.36 11.21
CA LEU VA 37 -13.89 41.14 10.79
C LEU VA 37 -12.94 42.13 11.46
N ALA VA 38 -13.35 43.39 11.55
CA ALA VA 38 -12.49 44.39 12.19
C ALA VA 38 -12.43 44.19 13.70
N ILE VA 39 -13.54 43.76 14.30
CA ILE VA 39 -13.54 43.49 15.74
C ILE VA 39 -12.53 42.41 16.09
N ASP VA 40 -12.58 41.30 15.35
CA ASP VA 40 -11.69 40.18 15.65
C ASP VA 40 -10.24 40.49 15.27
N ALA VA 41 -10.04 41.18 14.15
CA ALA VA 41 -8.68 41.49 13.73
C ALA VA 41 -7.98 42.38 14.76
N GLU VA 42 -8.69 43.37 15.29
CA GLU VA 42 -8.09 44.24 16.30
C GLU VA 42 -7.79 43.46 17.58
N LYS VA 43 -8.73 42.62 18.01
CA LYS VA 43 -8.53 41.85 19.24
C LYS VA 43 -7.38 40.87 19.12
N LEU VA 44 -7.26 40.20 17.98
CA LEU VA 44 -6.27 39.15 17.82
C LEU VA 44 -4.92 39.64 17.34
N TYR VA 45 -4.83 40.86 16.83
CA TYR VA 45 -3.56 41.34 16.28
C TYR VA 45 -2.48 41.38 17.35
N ASP VA 46 -2.76 42.02 18.48
CA ASP VA 46 -1.75 42.21 19.51
C ASP VA 46 -1.28 40.87 20.07
N THR VA 47 -2.22 39.95 20.30
CA THR VA 47 -1.86 38.64 20.86
C THR VA 47 -1.00 37.85 19.88
N LEU VA 48 -1.33 37.89 18.59
CA LEU VA 48 -0.55 37.15 17.60
C LEU VA 48 0.85 37.73 17.46
N VAL VA 49 0.96 39.04 17.34
CA VAL VA 49 2.25 39.66 17.08
C VAL VA 49 3.18 39.49 18.27
N SER VA 50 2.69 39.73 19.48
CA SER VA 50 3.51 39.56 20.67
C SER VA 50 3.95 38.10 20.82
N ALA VA 51 3.05 37.16 20.56
CA ALA VA 51 3.41 35.75 20.66
C ALA VA 51 4.50 35.38 19.65
N GLU VA 52 4.39 35.91 18.44
CA GLU VA 52 5.37 35.59 17.40
C GLU VA 52 6.74 36.17 17.74
N LEU VA 53 6.79 37.46 18.07
CA LEU VA 53 8.06 38.09 18.42
C LEU VA 53 8.59 37.63 19.76
N GLY VA 54 7.77 36.97 20.58
CA GLY VA 54 8.18 36.45 21.85
C GLY VA 54 8.60 35.00 21.87
N SER VA 55 8.69 34.35 20.71
CA SER VA 55 9.01 32.93 20.66
C SER VA 55 10.10 32.60 19.65
N ASN VA 56 10.81 33.60 19.14
CA ASN VA 56 11.86 33.37 18.16
C ASN VA 56 12.78 34.58 18.14
N ARG VA 57 14.05 34.35 17.90
CA ARG VA 57 15.02 35.45 17.82
C ARG VA 57 14.93 36.07 16.43
N TRP VA 58 14.11 37.10 16.30
CA TRP VA 58 14.08 37.94 15.12
C TRP VA 58 15.07 39.08 15.32
N ARG VA 59 16.00 39.23 14.38
CA ARG VA 59 17.06 40.22 14.54
C ARG VA 59 16.48 41.63 14.66
N PHE VA 60 15.48 41.96 13.84
CA PHE VA 60 14.93 43.31 13.86
C PHE VA 60 14.22 43.63 15.17
N ALA VA 61 13.89 42.63 15.98
CA ALA VA 61 13.18 42.84 17.23
C ALA VA 61 14.10 42.76 18.45
N GLN VA 62 15.40 42.69 18.26
CA GLN VA 62 16.31 42.55 19.39
C GLN VA 62 16.59 43.89 20.05
N ALA VA 63 16.96 43.83 21.33
CA ALA VA 63 17.28 45.00 22.12
C ALA VA 63 18.15 44.57 23.30
N PHE VA 64 18.73 45.56 23.98
CA PHE VA 64 19.51 45.26 25.17
C PHE VA 64 19.37 46.39 26.17
N GLN VA 65 19.61 46.05 27.45
CA GLN VA 65 19.50 46.98 28.56
C GLN VA 65 20.18 46.37 29.77
N GLN VA 66 20.68 47.23 30.65
CA GLN VA 66 21.22 46.77 31.93
C GLN VA 66 20.08 46.35 32.87
N ILE VA 67 20.33 45.31 33.65
CA ILE VA 67 19.36 44.83 34.61
C ILE VA 67 19.78 45.28 36.01
N SER VA 68 18.82 45.26 36.94
CA SER VA 68 19.00 45.83 38.26
C SER VA 68 18.72 44.81 39.34
N ILE VA 69 19.57 44.77 40.36
CA ILE VA 69 19.36 43.91 41.51
C ILE VA 69 18.30 44.51 42.42
N ILE VA 70 17.33 43.71 42.80
CA ILE VA 70 16.24 44.14 43.67
C ILE VA 70 16.64 43.94 45.12
N THR VA 71 16.51 44.98 45.94
CA THR VA 71 16.89 44.88 47.34
C THR VA 71 15.90 44.02 48.12
N THR VA 72 16.39 43.46 49.22
CA THR VA 72 15.68 42.66 50.22
C THR VA 72 15.22 41.30 49.71
N LEU VA 73 15.44 40.97 48.45
CA LEU VA 73 15.08 39.66 47.91
C LEU VA 73 16.31 38.78 47.85
N ASN VA 74 16.27 37.64 48.54
CA ASN VA 74 17.42 36.75 48.66
C ASN VA 74 17.03 35.32 48.33
N PRO VA 75 17.46 34.77 47.20
CA PRO VA 75 17.26 33.34 46.96
C PRO VA 75 18.04 32.53 47.97
N THR VA 76 17.51 31.35 48.31
CA THR VA 76 18.12 30.49 49.30
C THR VA 76 18.49 29.12 48.75
N PHE VA 77 18.59 28.97 47.43
CA PHE VA 77 18.82 27.68 46.83
C PHE VA 77 19.89 27.78 45.74
N ASP VA 78 20.67 26.71 45.61
CA ASP VA 78 21.65 26.52 44.55
C ASP VA 78 22.71 27.62 44.51
N GLY VA 79 22.90 28.32 45.62
CA GLY VA 79 23.93 29.34 45.68
C GLY VA 79 23.60 30.65 45.03
N TRP VA 80 22.39 30.84 44.54
CA TRP VA 80 22.00 32.12 43.97
C TRP VA 80 21.93 33.18 45.06
N LEU VA 81 22.38 34.39 44.73
CA LEU VA 81 22.48 35.47 45.70
C LEU VA 81 21.55 36.64 45.44
N TYR VA 82 21.24 36.94 44.18
CA TYR VA 82 20.50 38.16 43.85
C TYR VA 82 19.37 37.86 42.89
N GLU VA 83 18.29 38.62 43.02
CA GLU VA 83 17.17 38.60 42.08
C GLU VA 83 17.16 39.91 41.31
N CYS VA 84 17.13 39.82 39.98
CA CYS VA 84 17.28 40.98 39.12
C CYS VA 84 15.99 41.21 38.33
N GLN VA 85 15.64 42.47 38.16
CA GLN VA 85 14.45 42.86 37.41
C GLN VA 85 14.68 42.75 35.92
N ILE VA 86 13.72 42.18 35.23
CA ILE VA 86 13.72 42.06 33.76
C ILE VA 86 13.19 43.36 33.18
N PRO VA 87 13.71 43.83 32.04
CA PRO VA 87 13.23 45.09 31.47
C PRO VA 87 11.74 45.08 31.18
N ALA VA 88 11.15 46.28 31.24
CA ALA VA 88 9.70 46.42 31.09
C ALA VA 88 9.23 45.98 29.72
N ASP VA 89 9.98 46.31 28.68
CA ASP VA 89 9.60 45.95 27.32
C ASP VA 89 10.13 44.58 26.90
N CYS VA 90 10.73 43.83 27.81
CA CYS VA 90 11.23 42.51 27.47
C CYS VA 90 10.07 41.55 27.25
N ILE VA 91 10.09 40.88 26.12
CA ILE VA 91 9.05 39.92 25.76
C ILE VA 91 9.58 38.51 25.64
N MET VA 92 10.90 38.33 25.57
CA MET VA 92 11.53 37.02 25.51
C MET VA 92 13.00 37.19 25.88
N VAL VA 93 13.43 36.59 26.98
CA VAL VA 93 14.83 36.64 27.38
C VAL VA 93 15.65 35.74 26.46
N GLN VA 94 16.80 36.24 26.02
CA GLN VA 94 17.69 35.46 25.16
C GLN VA 94 18.99 35.09 25.84
N TYR VA 95 19.76 36.05 26.33
CA TYR VA 95 20.98 35.72 27.05
C TYR VA 95 21.49 36.99 27.76
N LEU VA 96 22.56 36.81 28.52
CA LEU VA 96 23.13 37.85 29.36
C LEU VA 96 24.55 38.12 28.92
N TYR VA 97 25.00 39.37 29.10
CA TYR VA 97 26.38 39.74 28.87
C TYR VA 97 26.93 40.46 30.09
N PRO VA 98 28.11 40.08 30.59
CA PRO VA 98 28.94 38.96 30.16
C PRO VA 98 28.31 37.64 30.53
N ASN VA 99 28.59 36.57 29.79
CA ASN VA 99 27.95 35.28 30.04
C ASN VA 99 28.58 34.65 31.27
N ILE VA 100 27.92 34.85 32.41
CA ILE VA 100 28.32 34.24 33.67
C ILE VA 100 27.13 33.40 34.12
N GLN VA 101 27.21 32.81 35.30
CA GLN VA 101 26.12 31.98 35.79
C GLN VA 101 24.87 32.81 36.01
N TYR VA 102 23.76 32.36 35.44
CA TYR VA 102 22.46 32.98 35.67
C TYR VA 102 21.40 31.97 35.27
N ILE VA 103 20.20 32.16 35.80
CA ILE VA 103 19.02 31.44 35.36
C ILE VA 103 17.82 32.38 35.40
N VAL VA 104 16.85 32.11 34.54
CA VAL VA 104 15.54 32.76 34.62
C VAL VA 104 14.67 31.94 35.55
N PHE VA 105 14.19 32.57 36.61
CA PHE VA 105 13.44 31.89 37.66
C PHE VA 105 12.26 32.77 38.03
N GLY VA 106 11.04 32.30 37.78
CA GLY VA 106 9.89 33.17 37.87
C GLY VA 106 10.00 34.27 36.83
N ASP VA 107 9.69 35.50 37.26
CA ASP VA 107 9.87 36.67 36.41
C ASP VA 107 11.14 37.43 36.74
N LYS VA 108 12.11 36.78 37.36
CA LYS VA 108 13.37 37.40 37.74
C LYS VA 108 14.53 36.68 37.05
N ILE VA 109 15.70 37.28 37.14
CA ILE VA 109 16.95 36.66 36.72
C ILE VA 109 17.83 36.54 37.94
N LEU VA 110 18.25 35.33 38.26
CA LEU VA 110 19.08 35.07 39.44
C LEU VA 110 20.54 35.07 39.03
N THR VA 111 21.36 35.76 39.81
CA THR VA 111 22.80 35.82 39.58
C THR VA 111 23.54 35.57 40.88
N LYS VA 112 24.84 35.35 40.78
CA LYS VA 112 25.71 35.16 41.93
C LYS VA 112 26.67 36.32 42.13
N SER VA 113 26.55 37.39 41.36
CA SER VA 113 27.48 38.50 41.39
C SER VA 113 26.71 39.81 41.27
N ASN VA 114 27.32 40.90 41.77
CA ASN VA 114 26.70 42.21 41.73
C ASN VA 114 27.40 43.15 40.76
N GLN VA 115 27.96 42.62 39.68
CA GLN VA 115 28.52 43.46 38.63
C GLN VA 115 27.42 43.85 37.64
N THR VA 116 27.79 44.73 36.71
CA THR VA 116 26.82 45.19 35.72
C THR VA 116 26.53 44.10 34.70
N PHE VA 117 25.25 43.78 34.54
CA PHE VA 117 24.80 42.77 33.58
C PHE VA 117 23.88 43.43 32.56
N THR VA 118 24.05 43.04 31.30
CA THR VA 118 23.21 43.51 30.20
C THR VA 118 22.44 42.34 29.63
N LEU VA 119 21.14 42.53 29.44
CA LEU VA 119 20.27 41.48 28.92
C LEU VA 119 19.99 41.72 27.44
N ILE VA 120 20.09 40.66 26.65
CA ILE VA 120 19.68 40.65 25.25
C ILE VA 120 18.31 39.99 25.18
N TYR VA 121 17.37 40.64 24.52
CA TYR VA 121 15.99 40.18 24.58
C TYR VA 121 15.22 40.65 23.35
N SER VA 122 14.05 40.04 23.16
CA SER VA 122 13.11 40.46 22.13
C SER VA 122 12.14 41.49 22.68
N ARG VA 123 11.59 42.30 21.78
CA ARG VA 123 10.60 43.29 22.17
C ARG VA 123 9.66 43.53 21.01
N ASN VA 124 8.49 44.07 21.32
CA ASN VA 124 7.60 44.57 20.28
C ASN VA 124 8.22 45.79 19.61
N VAL VA 125 8.12 45.86 18.29
CA VAL VA 125 8.54 47.04 17.54
C VAL VA 125 7.41 47.41 16.59
N PRO VA 126 7.27 48.67 16.22
CA PRO VA 126 6.18 49.06 15.30
C PRO VA 126 6.38 48.49 13.91
N VAL VA 127 5.30 48.50 13.14
CA VAL VA 127 5.29 47.88 11.82
C VAL VA 127 6.30 48.52 10.89
N SER VA 128 6.58 49.81 11.07
CA SER VA 128 7.55 50.47 10.22
C SER VA 128 8.95 49.90 10.38
N LYS VA 129 9.20 49.15 11.44
CA LYS VA 129 10.48 48.49 11.64
C LYS VA 129 10.50 47.06 11.12
N TRP VA 130 9.37 46.53 10.65
CA TRP VA 130 9.30 45.14 10.22
C TRP VA 130 9.93 44.96 8.84
N PRO VA 131 10.62 43.84 8.60
CA PRO VA 131 10.98 43.49 7.24
C PRO VA 131 9.72 43.16 6.44
N PRO VA 132 9.70 43.47 5.16
CA PRO VA 132 8.51 43.18 4.35
C PRO VA 132 8.13 41.72 4.33
N PRO VA 133 9.09 40.77 4.26
CA PRO VA 133 8.68 39.36 4.34
C PRO VA 133 7.96 39.02 5.62
N PHE VA 134 8.39 39.60 6.75
CA PHE VA 134 7.70 39.36 8.01
C PHE VA 134 6.31 39.96 8.01
N SER VA 135 6.12 41.11 7.36
CA SER VA 135 4.81 41.72 7.31
C SER VA 135 3.81 40.84 6.56
N LEU VA 136 4.23 40.25 5.44
CA LEU VA 136 3.32 39.37 4.71
C LEU VA 136 3.04 38.09 5.47
N TYR VA 137 4.01 37.59 6.24
CA TYR VA 137 3.75 36.43 7.08
C TYR VA 137 2.70 36.74 8.14
N ILE VA 138 2.77 37.93 8.74
CA ILE VA 138 1.77 38.30 9.74
C ILE VA 138 0.41 38.45 9.08
N VAL VA 139 0.36 38.97 7.85
CA VAL VA 139 -0.91 39.12 7.15
C VAL VA 139 -1.57 37.76 6.93
N TYR VA 140 -0.79 36.79 6.48
CA TYR VA 140 -1.32 35.43 6.29
C TYR VA 140 -1.77 34.82 7.61
N HIS VA 141 -0.94 34.93 8.64
CA HIS VA 141 -1.25 34.30 9.91
C HIS VA 141 -2.48 34.92 10.55
N LEU VA 142 -2.58 36.25 10.50
CA LEU VA 142 -3.76 36.92 11.03
C LEU VA 142 -5.00 36.55 10.24
N ALA VA 143 -4.90 36.47 8.92
CA ALA VA 143 -6.03 36.05 8.11
C ALA VA 143 -6.45 34.63 8.45
N SER VA 144 -5.49 33.76 8.78
CA SER VA 144 -5.82 32.41 9.20
C SER VA 144 -6.69 32.42 10.44
N MET VA 145 -6.38 33.28 11.41
CA MET VA 145 -7.19 33.38 12.60
C MET VA 145 -8.54 34.04 12.32
N LEU VA 146 -8.59 34.95 11.34
CA LEU VA 146 -9.88 35.49 10.93
C LEU VA 146 -10.75 34.43 10.28
N GLY VA 147 -10.13 33.49 9.55
CA GLY VA 147 -10.89 32.39 8.99
C GLY VA 147 -11.54 31.53 10.05
N ILE VA 148 -10.81 31.25 11.13
CA ILE VA 148 -11.37 30.46 12.21
C ILE VA 148 -12.45 31.23 12.94
N SER VA 149 -12.18 32.49 13.28
CA SER VA 149 -13.07 33.24 14.15
C SER VA 149 -14.31 33.74 13.44
N VAL VA 150 -14.23 34.09 12.16
CA VAL VA 150 -15.34 34.77 11.51
C VAL VA 150 -15.95 33.96 10.37
N THR VA 151 -15.14 33.58 9.39
CA THR VA 151 -15.70 32.96 8.18
C THR VA 151 -16.30 31.60 8.47
N ASN VA 152 -15.75 30.86 9.44
CA ASN VA 152 -16.19 29.52 9.76
C ASN VA 152 -16.12 28.59 8.54
N SER VA 153 -15.14 28.82 7.68
CA SER VA 153 -15.02 28.09 6.42
C SER VA 153 -13.79 27.20 6.45
N ASP VA 154 -14.00 25.89 6.38
CA ASP VA 154 -12.87 24.96 6.28
C ASP VA 154 -12.14 25.14 4.96
N ARG VA 155 -12.86 25.51 3.90
CA ARG VA 155 -12.22 25.73 2.61
C ARG VA 155 -11.23 26.90 2.68
N MET VA 156 -11.61 27.98 3.35
CA MET VA 156 -10.73 29.13 3.47
C MET VA 156 -9.47 28.78 4.26
N LEU VA 157 -9.62 28.04 5.36
CA LEU VA 157 -8.46 27.67 6.16
C LEU VA 157 -7.48 26.83 5.36
N ALA VA 158 -7.99 25.90 4.54
CA ALA VA 158 -7.10 25.08 3.73
C ALA VA 158 -6.32 25.93 2.73
N ARG VA 159 -6.98 26.92 2.13
CA ARG VA 159 -6.32 27.74 1.11
C ARG VA 159 -5.26 28.66 1.70
N ILE VA 160 -5.46 29.13 2.94
CA ILE VA 160 -4.52 30.08 3.51
C ILE VA 160 -3.30 29.38 4.10
N SER VA 161 -3.44 28.12 4.50
CA SER VA 161 -2.41 27.47 5.31
C SER VA 161 -1.09 27.34 4.56
N GLN VA 162 -1.14 27.00 3.27
CA GLN VA 162 0.10 26.80 2.53
C GLN VA 162 0.89 28.09 2.39
N GLY VA 163 0.22 29.21 2.11
CA GLY VA 163 0.91 30.47 2.02
C GLY VA 163 1.47 30.93 3.35
N MET VA 164 0.74 30.66 4.44
CA MET VA 164 1.21 31.06 5.76
C MET VA 164 2.51 30.38 6.13
N GLU VA 165 2.62 29.08 5.88
CA GLU VA 165 3.83 28.35 6.24
C GLU VA 165 5.00 28.73 5.32
N MET VA 166 4.73 28.98 4.04
CA MET VA 166 5.78 29.36 3.11
C MET VA 166 6.42 30.67 3.50
N TRP VA 167 5.61 31.67 3.83
CA TRP VA 167 6.16 32.98 4.15
C TRP VA 167 6.79 33.03 5.53
N GLU VA 168 6.46 32.08 6.41
CA GLU VA 168 7.17 32.00 7.68
C GLU VA 168 8.62 31.60 7.46
N SER VA 169 8.85 30.58 6.63
CA SER VA 169 10.21 30.15 6.34
C SER VA 169 10.98 31.23 5.60
N ARG VA 170 10.35 31.88 4.62
CA ARG VA 170 11.03 32.93 3.87
C ARG VA 170 11.37 34.12 4.77
N ALA VA 171 10.44 34.51 5.65
CA ALA VA 171 10.74 35.60 6.57
C ALA VA 171 11.88 35.24 7.50
N LEU VA 172 11.92 34.00 7.98
CA LEU VA 172 13.01 33.56 8.85
C LEU VA 172 14.34 33.57 8.11
N PHE VA 173 14.36 33.07 6.87
CA PHE VA 173 15.60 33.08 6.10
C PHE VA 173 16.09 34.50 5.85
N ALA VA 174 15.18 35.40 5.49
CA ALA VA 174 15.58 36.77 5.17
C ALA VA 174 16.17 37.46 6.39
N ASP VA 175 15.60 37.21 7.56
CA ASP VA 175 16.12 37.82 8.78
C ASP VA 175 17.47 37.21 9.17
N ALA VA 176 17.61 35.89 9.05
CA ALA VA 176 18.79 35.22 9.56
C ALA VA 176 20.01 35.42 8.67
N GLN VA 177 19.83 35.41 7.35
CA GLN VA 177 20.96 35.30 6.44
C GLN VA 177 21.84 36.55 6.41
N SER VA 178 21.38 37.67 6.96
CA SER VA 178 22.12 38.92 6.85
C SER VA 178 23.39 38.95 7.68
N SER VA 179 23.53 38.09 8.68
CA SER VA 179 24.66 38.13 9.58
C SER VA 179 25.26 36.74 9.77
N VAL VA 180 26.50 36.73 10.24
CA VAL VA 180 27.22 35.49 10.49
C VAL VA 180 26.58 34.75 11.66
N THR VA 181 26.83 33.44 11.71
CA THR VA 181 26.35 32.61 12.81
C THR VA 181 27.37 32.62 13.95
N LEU VA 182 26.91 32.96 15.14
CA LEU VA 182 27.79 33.06 16.30
C LEU VA 182 28.15 31.68 16.85
N PRO VA 183 29.34 31.54 17.43
CA PRO VA 183 29.76 30.25 18.00
C PRO VA 183 29.10 29.99 19.34
N PHE VA 184 29.24 28.75 19.80
CA PHE VA 184 28.75 28.36 21.11
C PHE VA 184 29.51 29.07 22.22
N ARG VA 185 28.79 29.38 23.29
CA ARG VA 185 29.43 29.98 24.46
C ARG VA 185 30.23 28.96 25.25
N HIS VA 186 29.76 27.72 25.32
CA HIS VA 186 30.40 26.68 26.13
C HIS VA 186 30.96 25.60 25.21
N ASN VA 187 32.27 25.37 25.31
CA ASN VA 187 32.96 24.34 24.52
C ASN VA 187 33.86 23.55 25.47
N PRO VA 188 33.29 22.57 26.18
CA PRO VA 188 34.02 21.97 27.32
C PRO VA 188 35.35 21.32 26.99
N TYR VA 189 35.50 20.66 25.85
CA TYR VA 189 36.76 19.98 25.58
C TYR VA 189 37.89 20.94 25.22
N VAL VA 190 37.56 22.16 24.84
CA VAL VA 190 38.56 23.19 24.60
C VAL VA 190 38.76 24.06 25.84
N ASP VA 191 37.67 24.41 26.52
CA ASP VA 191 37.75 25.32 27.65
C ASP VA 191 38.52 24.71 28.81
N VAL VA 192 38.51 23.39 28.94
CA VAL VA 192 39.18 22.75 30.08
C VAL VA 192 40.69 22.94 30.03
N ARG VA 193 41.25 23.27 28.87
CA ARG VA 193 42.69 23.36 28.70
C ARG VA 193 43.28 24.64 29.32
#